data_6E2X
#
_entry.id   6E2X
#
_cell.length_a   1
_cell.length_b   1
_cell.length_c   1
_cell.angle_alpha   90
_cell.angle_beta   90
_cell.angle_gamma   90
#
_symmetry.space_group_name_H-M   'P 1'
#
loop_
_entity.id
_entity.type
_entity.pdbx_description
1 polymer 'Capsid protein of PCV2'
2 branched '2-O-sulfo-alpha-L-idopyranuronic acid-(1-4)-2-deoxy-6-O-sulfo-2-(sulfoamino)-alpha-D-glucopyranose-(1-4)-2-O-sulfo-alpha-L-idopyranuronic acid-(1-4)-2-deoxy-6-O-sulfo-2-(sulfoamino)-alpha-D-glucopyranose'
#
_entity_poly.entity_id   1
_entity_poly.type   'polypeptide(L)'
_entity_poly.pdbx_seq_one_letter_code
;MTYPRRRYRRRRHRPRSHLGQILRRRPWLVHPRHRYRWRRKNGIFNTRLSRTFGYTIKRTTVKTPSWAVDMMRFNINDFL
PPGGGSNPRSVPFEYYRIRKVKVEFWPCSPITQGDRGVGSSAVILDDNFVTKATALTYDPYVNYSSRHTITQPFSYHSRY
FTPKPVLDSTIDYFQPNNKRNQLWLRLQTAGNVDHVGLGTAFENSIYDQEYNIRVTMYVQFREFNLKDPPLNP
;
_entity_poly.pdbx_strand_id   A1,A2,A3,A4,A5,A6,A7,A8,A9,AA,AB,AC,AD,AE,AF,AG,AH,AI,AJ,AK,AL,AM,AN,AO,AP,AQ,AR,AS,AT,AU,AV,AW,AX,AY,AZ,Aa,Ab,Ac,Ad,Ae,Af,Ag,Ah,Ai,Aj,Ak,Al,Am,An,Ao,Ap,Aq,Ar,As,At,Au,Av,Aw,Ax,Ay
#
loop_
_chem_comp.id
_chem_comp.type
_chem_comp.name
_chem_comp.formula
IDS L-saccharide, alpha linking '2-O-sulfo-alpha-L-idopyranuronic acid' 'C6 H10 O10 S'
SGN D-saccharide, alpha linking 2-deoxy-6-O-sulfo-2-(sulfoamino)-alpha-D-glucopyranose 'C6 H13 N O11 S2'
#
# COMPACT_ATOMS: atom_id res chain seq x y z
N GLY A 43 47.76 -14.78 51.42
CA GLY A 43 47.74 -13.52 52.16
C GLY A 43 48.70 -12.49 51.59
N ILE A 44 48.32 -11.93 50.45
CA ILE A 44 49.19 -11.02 49.71
C ILE A 44 49.26 -9.68 50.44
N PHE A 45 50.41 -9.02 50.32
CA PHE A 45 50.58 -7.67 50.86
C PHE A 45 51.64 -6.95 50.04
N ASN A 46 51.19 -6.12 49.11
CA ASN A 46 52.10 -5.24 48.39
C ASN A 46 52.42 -4.03 49.27
N THR A 47 53.67 -3.58 49.19
CA THR A 47 54.09 -2.43 49.97
C THR A 47 55.34 -1.83 49.35
N ARG A 48 56.01 -0.96 50.10
CA ARG A 48 57.13 -0.19 49.62
C ARG A 48 58.13 -0.02 50.74
N LEU A 49 59.41 -0.29 50.44
CA LEU A 49 60.49 -0.13 51.39
C LEU A 49 61.59 0.70 50.74
N SER A 50 62.34 1.42 51.57
CA SER A 50 63.32 2.37 51.08
C SER A 50 64.54 2.39 51.99
N ARG A 51 65.55 3.13 51.56
CA ARG A 51 66.84 3.22 52.22
C ARG A 51 67.63 4.34 51.56
N THR A 52 68.58 4.90 52.31
CA THR A 52 69.37 6.03 51.84
C THR A 52 70.83 5.82 52.22
N PHE A 53 71.72 6.15 51.29
CA PHE A 53 73.15 6.11 51.55
C PHE A 53 73.86 7.03 50.57
N GLY A 54 75.14 7.23 50.81
CA GLY A 54 75.93 8.18 50.06
C GLY A 54 76.90 7.51 49.11
N TYR A 55 77.25 8.25 48.06
CA TYR A 55 78.21 7.79 47.07
C TYR A 55 78.94 9.01 46.54
N THR A 56 80.26 8.95 46.51
CA THR A 56 81.09 10.06 46.09
C THR A 56 82.03 9.62 44.99
N ILE A 57 82.47 10.59 44.20
CA ILE A 57 83.38 10.38 43.08
C ILE A 57 84.53 11.36 43.29
N LYS A 58 85.64 10.86 43.81
CA LYS A 58 86.75 11.73 44.15
C LYS A 58 87.35 12.35 42.89
N ARG A 59 87.91 13.54 43.07
CA ARG A 59 88.46 14.27 41.96
C ARG A 59 89.65 13.53 41.36
N THR A 60 90.04 13.97 40.16
CA THR A 60 91.17 13.41 39.46
C THR A 60 91.91 14.53 38.74
N THR A 61 93.24 14.52 38.88
CA THR A 61 94.09 15.45 38.14
C THR A 61 94.26 15.04 36.69
N VAL A 62 93.72 13.90 36.28
CA VAL A 62 93.84 13.46 34.89
C VAL A 62 93.15 14.45 33.98
N LYS A 63 93.75 14.69 32.82
CA LYS A 63 93.22 15.65 31.87
C LYS A 63 92.24 15.00 30.90
N THR A 64 92.47 13.74 30.56
CA THR A 64 91.64 13.07 29.60
C THR A 64 90.24 12.84 30.18
N PRO A 65 89.24 12.63 29.33
CA PRO A 65 87.95 12.15 29.84
C PRO A 65 88.05 10.71 30.28
N SER A 66 88.04 10.51 31.61
CA SER A 66 88.03 9.19 32.21
C SER A 66 86.76 9.02 33.01
N TRP A 67 86.37 7.77 33.21
CA TRP A 67 85.16 7.42 33.93
C TRP A 67 85.49 6.54 35.13
N ALA A 68 84.58 6.53 36.09
CA ALA A 68 84.70 5.74 37.31
C ALA A 68 83.55 4.75 37.35
N VAL A 69 83.88 3.48 37.55
CA VAL A 69 82.92 2.39 37.47
C VAL A 69 82.63 1.88 38.86
N ASP A 70 81.39 1.46 39.08
CA ASP A 70 80.99 0.83 40.33
C ASP A 70 79.67 0.12 40.09
N MET A 71 79.44 -0.95 40.84
CA MET A 71 78.25 -1.76 40.75
C MET A 71 77.28 -1.38 41.85
N MET A 72 76.15 -2.08 41.89
CA MET A 72 75.16 -1.89 42.94
C MET A 72 74.35 -3.16 43.06
N ARG A 73 74.32 -3.72 44.26
CA ARG A 73 73.53 -4.89 44.59
C ARG A 73 72.34 -4.46 45.43
N PHE A 74 71.43 -5.41 45.65
CA PHE A 74 70.21 -5.16 46.41
C PHE A 74 69.91 -6.37 47.26
N ASN A 75 69.89 -6.18 48.58
CA ASN A 75 69.52 -7.21 49.52
C ASN A 75 68.46 -6.66 50.46
N ILE A 76 67.54 -7.54 50.85
CA ILE A 76 66.40 -7.13 51.67
C ILE A 76 66.77 -6.94 53.13
N ASN A 77 67.84 -7.57 53.61
CA ASN A 77 68.24 -7.39 54.99
C ASN A 77 68.58 -5.94 55.30
N ASP A 78 69.10 -5.20 54.32
CA ASP A 78 69.39 -3.79 54.49
C ASP A 78 68.14 -2.94 54.67
N PHE A 79 67.01 -3.39 54.11
CA PHE A 79 65.76 -2.65 54.18
C PHE A 79 64.84 -3.10 55.31
N LEU A 80 64.93 -4.37 55.69
CA LEU A 80 64.00 -4.97 56.64
C LEU A 80 64.75 -5.38 57.90
N PRO A 81 64.65 -4.68 59.01
CA PRO A 81 65.39 -5.05 60.19
C PRO A 81 64.87 -6.36 60.77
N PRO A 82 65.57 -6.93 61.75
CA PRO A 82 65.03 -8.09 62.44
C PRO A 82 63.92 -7.70 63.40
N GLY A 83 63.02 -8.65 63.64
CA GLY A 83 61.90 -8.40 64.53
C GLY A 83 62.26 -8.57 65.98
N GLY A 84 61.40 -9.24 66.73
CA GLY A 84 61.65 -9.48 68.14
C GLY A 84 60.79 -10.60 68.69
N GLY A 85 61.41 -11.48 69.48
CA GLY A 85 60.69 -12.58 70.08
C GLY A 85 60.55 -13.76 69.17
N SER A 86 59.38 -14.40 69.19
CA SER A 86 59.14 -15.54 68.30
C SER A 86 59.16 -15.12 66.83
N ASN A 87 58.88 -13.86 66.54
CA ASN A 87 58.84 -13.37 65.17
C ASN A 87 60.25 -12.91 64.79
N PRO A 88 60.98 -13.63 63.94
CA PRO A 88 62.36 -13.22 63.64
C PRO A 88 62.44 -11.91 62.89
N ARG A 89 61.43 -11.57 62.10
CA ARG A 89 61.42 -10.37 61.28
C ARG A 89 60.29 -9.44 61.73
N SER A 90 60.52 -8.15 61.49
CA SER A 90 59.55 -7.14 61.87
C SER A 90 58.25 -7.23 61.08
N VAL A 91 58.33 -7.64 59.81
CA VAL A 91 57.16 -7.75 58.94
C VAL A 91 56.74 -9.23 58.94
N PRO A 92 55.64 -9.60 59.60
CA PRO A 92 55.31 -11.03 59.71
C PRO A 92 54.71 -11.66 58.45
N PHE A 93 55.61 -12.11 57.57
CA PHE A 93 55.23 -12.99 56.48
C PHE A 93 56.36 -13.99 56.28
N GLU A 94 56.06 -15.05 55.52
CA GLU A 94 57.07 -16.04 55.17
C GLU A 94 57.80 -15.68 53.89
N TYR A 95 57.07 -15.25 52.88
CA TYR A 95 57.56 -15.19 51.51
C TYR A 95 57.67 -13.76 51.01
N TYR A 96 58.41 -13.62 49.92
CA TYR A 96 58.48 -12.35 49.22
C TYR A 96 58.91 -12.61 47.79
N ARG A 97 58.68 -11.62 46.93
CA ARG A 97 59.27 -11.61 45.61
C ARG A 97 59.25 -10.18 45.09
N ILE A 98 60.43 -9.67 44.77
CA ILE A 98 60.59 -8.26 44.44
C ILE A 98 59.95 -8.01 43.08
N ARG A 99 59.16 -6.96 42.99
CA ARG A 99 58.57 -6.57 41.72
C ARG A 99 59.45 -5.56 41.00
N LYS A 100 59.75 -4.45 41.64
CA LYS A 100 60.47 -3.36 40.99
C LYS A 100 61.42 -2.72 42.00
N VAL A 101 62.38 -1.98 41.46
CA VAL A 101 63.30 -1.19 42.24
C VAL A 101 63.40 0.18 41.58
N LYS A 102 63.50 1.22 42.41
CA LYS A 102 63.62 2.59 41.93
C LYS A 102 64.85 3.21 42.58
N VAL A 103 65.92 3.32 41.82
CA VAL A 103 67.15 3.94 42.28
C VAL A 103 67.04 5.42 41.96
N GLU A 104 67.43 6.27 42.93
CA GLU A 104 67.35 7.71 42.80
C GLU A 104 68.71 8.31 43.14
N PHE A 105 69.35 8.92 42.15
CA PHE A 105 70.58 9.67 42.37
C PHE A 105 70.21 11.11 42.66
N TRP A 106 70.12 11.47 43.94
CA TRP A 106 69.86 12.84 44.33
C TRP A 106 71.19 13.59 44.45
N PRO A 107 71.45 14.62 43.64
CA PRO A 107 72.71 15.33 43.77
C PRO A 107 72.81 16.07 45.09
N CYS A 108 74.05 16.19 45.56
CA CYS A 108 74.40 17.04 46.69
C CYS A 108 75.08 18.33 46.26
N SER A 109 75.36 18.49 44.97
CA SER A 109 76.18 19.57 44.47
C SER A 109 75.34 20.76 44.05
N PRO A 110 75.93 21.95 43.94
CA PRO A 110 75.18 23.09 43.43
C PRO A 110 75.05 23.04 41.92
N ILE A 111 74.21 23.92 41.41
CA ILE A 111 74.00 24.02 39.97
C ILE A 111 75.07 24.84 39.28
N THR A 112 75.89 25.57 40.03
CA THR A 112 76.92 26.43 39.48
C THR A 112 78.22 25.69 39.20
N GLN A 113 78.33 24.43 39.61
CA GLN A 113 79.56 23.67 39.47
C GLN A 113 79.90 23.50 38.00
N GLY A 114 81.17 23.69 37.66
CA GLY A 114 81.67 23.52 36.32
C GLY A 114 82.32 22.17 36.12
N ASP A 115 83.06 22.06 35.01
CA ASP A 115 83.69 20.80 34.63
C ASP A 115 82.65 19.70 34.49
N ARG A 116 81.52 20.04 33.89
CA ARG A 116 80.44 19.09 33.71
C ARG A 116 80.91 17.93 32.85
N GLY A 117 80.20 16.81 32.98
CA GLY A 117 80.53 15.60 32.26
C GLY A 117 79.27 14.85 31.87
N VAL A 118 79.42 13.57 31.55
CA VAL A 118 78.29 12.76 31.14
C VAL A 118 78.66 11.29 31.33
N GLY A 119 77.70 10.50 31.78
CA GLY A 119 77.92 9.11 32.09
C GLY A 119 76.80 8.20 31.66
N SER A 120 76.76 6.99 32.21
CA SER A 120 75.80 5.99 31.79
C SER A 120 75.56 4.99 32.91
N SER A 121 74.37 4.40 32.90
CA SER A 121 74.01 3.30 33.79
C SER A 121 73.32 2.22 32.98
N ALA A 122 73.40 0.98 33.44
CA ALA A 122 72.81 -0.14 32.73
C ALA A 122 72.39 -1.22 33.71
N VAL A 123 71.45 -2.04 33.26
CA VAL A 123 70.89 -3.13 34.05
C VAL A 123 71.72 -4.38 33.77
N ILE A 124 72.14 -5.06 34.84
CA ILE A 124 73.03 -6.21 34.77
C ILE A 124 72.46 -7.22 35.77
N LEU A 125 71.97 -8.36 35.25
CA LEU A 125 71.19 -9.29 36.06
C LEU A 125 71.92 -10.60 36.32
N ASP A 126 73.25 -10.56 36.54
CA ASP A 126 74.01 -11.78 36.77
C ASP A 126 75.07 -11.68 37.86
N ASP A 127 75.27 -10.53 38.48
CA ASP A 127 76.33 -10.34 39.46
C ASP A 127 77.71 -10.62 38.87
N ASN A 128 77.89 -10.32 37.58
CA ASN A 128 79.19 -10.29 36.93
C ASN A 128 79.27 -8.96 36.20
N PHE A 129 79.67 -7.92 36.92
CA PHE A 129 79.75 -6.58 36.40
C PHE A 129 81.07 -6.34 35.70
N VAL A 130 81.17 -5.17 35.07
CA VAL A 130 82.47 -4.64 34.68
C VAL A 130 83.28 -4.48 35.96
N THR A 131 84.60 -4.67 35.83
CA THR A 131 85.48 -4.50 36.98
C THR A 131 85.39 -3.08 37.50
N LYS A 132 85.40 -2.94 38.81
CA LYS A 132 85.44 -1.61 39.43
C LYS A 132 86.72 -0.90 39.02
N ALA A 133 86.58 0.37 38.63
CA ALA A 133 87.70 1.15 38.16
C ALA A 133 87.57 2.59 38.62
N THR A 134 88.72 3.24 38.80
CA THR A 134 88.80 4.63 39.19
C THR A 134 88.71 5.54 37.98
N ALA A 135 89.58 5.32 37.00
CA ALA A 135 89.67 6.19 35.82
C ALA A 135 89.92 5.30 34.61
N LEU A 136 88.85 4.99 33.89
CA LEU A 136 88.91 4.17 32.69
C LEU A 136 88.76 5.05 31.46
N THR A 137 89.48 4.69 30.40
CA THR A 137 89.61 5.54 29.22
C THR A 137 88.39 5.50 28.31
N TYR A 138 87.40 4.68 28.62
CA TYR A 138 86.17 4.63 27.82
C TYR A 138 85.01 4.38 28.77
N ASP A 139 83.80 4.47 28.22
CA ASP A 139 82.59 4.18 28.96
C ASP A 139 82.13 2.77 28.60
N PRO A 140 82.28 1.77 29.49
CA PRO A 140 81.82 0.43 29.13
C PRO A 140 80.32 0.34 28.93
N TYR A 141 79.54 1.05 29.75
CA TYR A 141 78.10 0.90 29.78
C TYR A 141 77.38 1.77 28.75
N VAL A 142 78.10 2.26 27.75
CA VAL A 142 77.49 3.21 26.81
C VAL A 142 76.66 2.48 25.76
N ASN A 143 77.17 1.38 25.21
CA ASN A 143 76.53 0.71 24.10
C ASN A 143 75.49 -0.33 24.54
N TYR A 144 75.34 -0.55 25.84
CA TYR A 144 74.35 -1.50 26.31
C TYR A 144 72.95 -1.03 25.99
N SER A 145 72.10 -1.98 25.58
CA SER A 145 70.74 -1.66 25.19
C SER A 145 69.95 -1.02 26.33
N SER A 146 70.30 -1.32 27.57
CA SER A 146 69.64 -0.76 28.73
C SER A 146 70.33 0.50 29.23
N ARG A 147 70.99 1.23 28.35
CA ARG A 147 71.69 2.44 28.74
C ARG A 147 70.72 3.61 28.84
N HIS A 148 70.78 4.32 29.96
CA HIS A 148 70.19 5.64 30.09
C HIS A 148 71.29 6.63 30.41
N THR A 149 71.30 7.75 29.68
CA THR A 149 72.34 8.75 29.84
C THR A 149 72.26 9.36 31.23
N ILE A 150 73.43 9.78 31.74
CA ILE A 150 73.52 10.48 33.01
C ILE A 150 74.18 11.82 32.75
N THR A 151 73.43 12.89 32.98
CA THR A 151 74.00 14.22 33.07
C THR A 151 74.64 14.38 34.44
N GLN A 152 75.73 15.13 34.49
CA GLN A 152 76.46 15.40 35.71
C GLN A 152 76.70 16.90 35.88
N PRO A 153 77.02 17.35 37.10
CA PRO A 153 77.00 16.70 38.40
C PRO A 153 75.76 16.99 39.22
N PHE A 154 74.96 17.96 38.79
CA PHE A 154 73.88 18.51 39.61
C PHE A 154 72.51 18.08 39.13
N SER A 155 72.43 16.97 38.40
CA SER A 155 71.21 16.55 37.74
C SER A 155 70.65 15.28 38.36
N TYR A 156 69.34 15.17 38.33
CA TYR A 156 68.64 14.02 38.87
C TYR A 156 68.63 12.88 37.87
N HIS A 157 68.75 11.65 38.37
CA HIS A 157 68.77 10.46 37.53
C HIS A 157 68.03 9.35 38.26
N SER A 158 67.20 8.61 37.51
CA SER A 158 66.39 7.55 38.07
C SER A 158 66.34 6.37 37.12
N ARG A 159 66.17 5.18 37.70
CA ARG A 159 65.98 3.95 36.93
C ARG A 159 64.94 3.11 37.63
N TYR A 160 64.04 2.52 36.84
CA TYR A 160 62.89 1.77 37.35
C TYR A 160 62.82 0.47 36.57
N PHE A 161 63.13 -0.65 37.23
CA PHE A 161 63.27 -1.92 36.54
C PHE A 161 62.94 -3.05 37.49
N THR A 162 62.98 -4.26 36.94
CA THR A 162 62.80 -5.51 37.69
C THR A 162 64.17 -6.12 37.96
N PRO A 163 64.63 -6.23 39.19
CA PRO A 163 65.89 -6.93 39.43
C PRO A 163 65.68 -8.43 39.31
N LYS A 164 66.74 -9.18 39.57
CA LYS A 164 66.65 -10.62 39.61
C LYS A 164 67.52 -11.14 40.75
N PRO A 165 67.20 -12.32 41.29
CA PRO A 165 68.06 -12.90 42.33
C PRO A 165 69.26 -13.64 41.77
N VAL A 166 70.12 -14.04 42.69
CA VAL A 166 71.33 -14.81 42.37
C VAL A 166 71.10 -16.21 42.95
N LEU A 167 70.59 -17.10 42.10
CA LEU A 167 70.37 -18.48 42.53
C LEU A 167 71.64 -19.29 42.45
N ASP A 168 72.36 -19.18 41.33
CA ASP A 168 73.59 -19.93 41.10
C ASP A 168 74.58 -19.00 40.42
N SER A 169 75.55 -18.50 41.19
CA SER A 169 76.52 -17.57 40.65
C SER A 169 77.39 -18.20 39.57
N THR A 170 77.47 -19.53 39.53
CA THR A 170 78.26 -20.21 38.52
C THR A 170 77.60 -20.11 37.14
N ILE A 171 76.29 -20.36 37.08
CA ILE A 171 75.59 -20.48 35.80
C ILE A 171 74.93 -19.16 35.46
N ASP A 172 74.45 -18.44 36.47
CA ASP A 172 73.90 -17.09 36.31
C ASP A 172 72.69 -17.09 35.36
N TYR A 173 71.65 -17.77 35.81
CA TYR A 173 70.39 -17.89 35.08
C TYR A 173 69.27 -17.16 35.81
N PHE A 174 68.24 -16.78 35.05
CA PHE A 174 67.06 -16.16 35.63
C PHE A 174 65.90 -16.30 34.66
N GLN A 175 64.76 -15.67 35.04
CA GLN A 175 63.50 -15.74 34.31
C GLN A 175 63.21 -14.44 33.59
N PRO A 176 62.54 -14.46 32.43
CA PRO A 176 62.07 -13.21 31.84
C PRO A 176 60.99 -12.59 32.71
N ASN A 177 60.71 -11.33 32.44
CA ASN A 177 59.73 -10.58 33.22
C ASN A 177 58.35 -11.19 33.06
N ASN A 178 57.78 -11.67 34.15
CA ASN A 178 56.43 -12.21 34.15
C ASN A 178 55.89 -12.12 35.57
N LYS A 179 54.80 -11.39 35.75
CA LYS A 179 54.28 -11.19 37.10
C LYS A 179 53.66 -12.45 37.66
N ARG A 180 53.14 -13.33 36.80
CA ARG A 180 52.43 -14.53 37.26
C ARG A 180 53.38 -15.68 37.56
N ASN A 181 54.48 -15.81 36.81
CA ASN A 181 55.40 -16.93 36.94
C ASN A 181 56.65 -16.60 37.74
N GLN A 182 56.72 -15.43 38.35
CA GLN A 182 57.86 -15.09 39.20
C GLN A 182 57.90 -16.03 40.39
N LEU A 183 59.11 -16.30 40.88
CA LEU A 183 59.27 -17.23 41.98
C LEU A 183 58.96 -16.56 43.31
N TRP A 184 58.66 -17.38 44.32
CA TRP A 184 58.52 -16.93 45.69
C TRP A 184 59.73 -17.39 46.49
N LEU A 185 60.46 -16.43 47.04
CA LEU A 185 61.60 -16.71 47.90
C LEU A 185 61.15 -16.75 49.35
N ARG A 186 61.98 -17.37 50.18
CA ARG A 186 61.73 -17.44 51.61
C ARG A 186 62.41 -16.28 52.31
N LEU A 187 61.74 -15.77 53.35
CA LEU A 187 62.26 -14.69 54.19
C LEU A 187 63.06 -15.32 55.32
N GLN A 188 64.37 -15.39 55.11
CA GLN A 188 65.24 -16.06 56.05
C GLN A 188 65.43 -15.20 57.30
N THR A 189 66.21 -15.72 58.23
CA THR A 189 66.44 -15.02 59.49
C THR A 189 67.62 -14.05 59.36
N ALA A 190 68.76 -14.52 58.85
CA ALA A 190 69.93 -13.68 58.62
C ALA A 190 70.71 -14.10 57.37
N GLY A 191 70.05 -14.70 56.37
CA GLY A 191 70.74 -15.26 55.22
C GLY A 191 70.06 -15.05 53.89
N ASN A 192 69.35 -13.94 53.73
CA ASN A 192 68.66 -13.69 52.48
C ASN A 192 69.67 -13.47 51.34
N VAL A 193 69.19 -13.68 50.13
CA VAL A 193 70.01 -13.67 48.93
C VAL A 193 70.14 -12.26 48.40
N ASP A 194 71.27 -11.99 47.75
CA ASP A 194 71.50 -10.69 47.12
C ASP A 194 70.85 -10.66 45.75
N HIS A 195 70.05 -9.63 45.52
CA HIS A 195 69.55 -9.31 44.20
C HIS A 195 70.47 -8.31 43.53
N VAL A 196 70.27 -8.14 42.23
CA VAL A 196 71.22 -7.45 41.37
C VAL A 196 70.42 -6.73 40.29
N GLY A 197 71.12 -5.93 39.47
CA GLY A 197 70.45 -5.18 38.44
C GLY A 197 70.91 -3.78 38.10
N LEU A 198 72.04 -3.31 38.63
CA LEU A 198 72.52 -1.99 38.21
C LEU A 198 74.03 -1.89 38.27
N GLY A 199 74.59 -1.29 37.23
CA GLY A 199 75.98 -0.89 37.24
C GLY A 199 76.11 0.45 36.54
N THR A 200 77.14 1.20 36.92
CA THR A 200 77.24 2.61 36.57
C THR A 200 78.61 2.94 36.00
N ALA A 201 78.70 4.17 35.49
CA ALA A 201 79.96 4.71 34.98
C ALA A 201 79.84 6.23 35.02
N PHE A 202 80.69 6.87 35.82
CA PHE A 202 80.64 8.31 36.02
C PHE A 202 81.94 8.96 35.55
N GLU A 203 81.79 10.00 34.75
CA GLU A 203 82.93 10.76 34.26
C GLU A 203 83.57 11.52 35.40
N ASN A 204 84.90 11.42 35.51
CA ASN A 204 85.62 12.08 36.57
C ASN A 204 85.69 13.59 36.32
N SER A 205 86.15 14.31 37.34
CA SER A 205 86.19 15.76 37.28
C SER A 205 87.24 16.28 38.24
N ILE A 206 87.46 17.60 38.19
CA ILE A 206 88.42 18.25 39.07
C ILE A 206 87.83 18.38 40.47
N TYR A 207 86.50 18.38 40.59
CA TYR A 207 85.80 18.55 41.85
C TYR A 207 85.18 17.23 42.29
N ASP A 208 84.89 17.14 43.57
CA ASP A 208 84.28 15.95 44.12
C ASP A 208 82.78 15.98 43.89
N GLN A 209 82.26 14.91 43.30
CA GLN A 209 80.84 14.77 43.01
C GLN A 209 80.23 13.83 44.03
N GLU A 210 79.36 14.38 44.88
CA GLU A 210 78.69 13.62 45.93
C GLU A 210 77.20 13.51 45.64
N TYR A 211 76.67 12.30 45.80
CA TYR A 211 75.26 12.02 45.60
C TYR A 211 74.71 11.34 46.84
N ASN A 212 73.44 11.59 47.10
CA ASN A 212 72.67 10.85 48.10
C ASN A 212 71.77 9.89 47.34
N ILE A 213 72.06 8.60 47.46
CA ILE A 213 71.34 7.57 46.73
C ILE A 213 70.21 7.09 47.61
N ARG A 214 68.99 7.16 47.07
CA ARG A 214 67.80 6.57 47.68
C ARG A 214 67.38 5.40 46.82
N VAL A 215 67.18 4.26 47.47
CA VAL A 215 66.61 3.08 46.84
C VAL A 215 65.19 2.95 47.33
N THR A 216 64.32 2.41 46.49
CA THR A 216 62.95 2.09 46.86
C THR A 216 62.59 0.74 46.23
N MET A 217 62.10 -0.17 47.04
CA MET A 217 61.71 -1.50 46.59
C MET A 217 60.20 -1.63 46.65
N TYR A 218 59.63 -2.28 45.64
CA TYR A 218 58.23 -2.65 45.63
C TYR A 218 58.16 -4.18 45.70
N VAL A 219 57.77 -4.69 46.86
CA VAL A 219 57.78 -6.11 47.13
C VAL A 219 56.35 -6.60 47.27
N GLN A 220 56.21 -7.90 47.50
CA GLN A 220 54.92 -8.54 47.61
C GLN A 220 55.08 -9.78 48.49
N PHE A 221 54.54 -9.71 49.69
CA PHE A 221 54.66 -10.78 50.67
C PHE A 221 53.49 -11.75 50.55
N ARG A 222 53.54 -12.80 51.37
CA ARG A 222 52.55 -13.85 51.32
C ARG A 222 52.63 -14.65 52.61
N GLU A 223 51.52 -15.29 52.98
CA GLU A 223 51.46 -16.23 54.08
C GLU A 223 51.82 -15.56 55.41
N PHE A 224 50.91 -14.67 55.82
CA PHE A 224 50.92 -14.06 57.14
C PHE A 224 51.16 -15.10 58.23
N ASN A 225 52.25 -14.92 58.98
CA ASN A 225 52.78 -15.94 59.87
C ASN A 225 53.01 -15.42 61.27
N LEU A 226 52.06 -14.66 61.80
CA LEU A 226 52.24 -14.09 63.12
C LEU A 226 52.09 -15.16 64.19
N LYS A 227 52.78 -14.96 65.30
CA LYS A 227 52.80 -15.90 66.40
C LYS A 227 52.53 -15.16 67.70
N ASP A 228 51.54 -15.63 68.45
CA ASP A 228 51.05 -14.98 69.67
C ASP A 228 51.25 -15.92 70.86
N PRO A 229 52.43 -15.91 71.46
CA PRO A 229 52.59 -16.61 72.73
C PRO A 229 51.94 -15.81 73.85
N PRO A 230 51.62 -16.44 74.99
CA PRO A 230 51.11 -15.65 76.11
C PRO A 230 52.17 -14.74 76.72
N LEU A 231 51.79 -14.02 77.77
CA LEU A 231 52.71 -13.13 78.48
C LEU A 231 52.66 -13.37 79.98
N GLY B 43 70.68 -11.01 5.49
CA GLY B 43 70.66 -11.06 6.95
C GLY B 43 70.88 -9.71 7.58
N ILE B 44 69.81 -8.95 7.67
CA ILE B 44 69.87 -7.57 8.10
C ILE B 44 69.96 -7.51 9.62
N PHE B 45 70.72 -6.53 10.11
CA PHE B 45 70.83 -6.27 11.54
C PHE B 45 71.08 -4.78 11.71
N ASN B 46 70.04 -4.06 12.08
CA ASN B 46 70.16 -2.65 12.41
C ASN B 46 70.57 -2.51 13.86
N THR B 47 71.64 -1.75 14.10
CA THR B 47 72.11 -1.50 15.44
C THR B 47 72.58 -0.06 15.55
N ARG B 48 73.29 0.23 16.64
CA ARG B 48 73.68 1.57 17.02
C ARG B 48 75.05 1.52 17.65
N LEU B 49 75.97 2.32 17.12
CA LEU B 49 77.35 2.37 17.58
C LEU B 49 77.68 3.80 17.94
N SER B 50 78.39 3.97 19.05
CA SER B 50 78.70 5.27 19.62
C SER B 50 80.20 5.41 19.86
N ARG B 51 80.58 6.64 20.17
CA ARG B 51 81.97 7.05 20.31
C ARG B 51 81.95 8.46 20.89
N THR B 52 82.88 8.73 21.78
CA THR B 52 82.93 10.00 22.52
C THR B 52 84.34 10.56 22.47
N PHE B 53 84.43 11.87 22.27
CA PHE B 53 85.71 12.55 22.19
C PHE B 53 85.50 14.02 22.49
N GLY B 54 86.61 14.73 22.68
CA GLY B 54 86.59 16.11 23.06
C GLY B 54 86.90 17.11 21.97
N TYR B 55 86.43 18.35 22.17
CA TYR B 55 86.70 19.45 21.27
C TYR B 55 86.70 20.73 22.11
N THR B 56 87.74 21.54 21.93
CA THR B 56 87.90 22.77 22.67
C THR B 56 88.13 23.93 21.71
N ILE B 57 87.48 25.05 22.03
CA ILE B 57 87.69 26.31 21.34
C ILE B 57 88.48 27.17 22.30
N LYS B 58 89.76 27.35 22.01
CA LYS B 58 90.66 28.10 22.88
C LYS B 58 90.27 29.57 22.91
N ARG B 59 90.70 30.23 23.97
CA ARG B 59 90.41 31.64 24.19
C ARG B 59 91.20 32.51 23.23
N THR B 60 90.71 33.74 23.05
CA THR B 60 91.36 34.74 22.20
C THR B 60 91.22 36.11 22.84
N THR B 61 92.29 36.89 22.78
CA THR B 61 92.27 38.28 23.21
C THR B 61 91.63 39.20 22.18
N VAL B 62 91.27 38.68 21.00
CA VAL B 62 90.65 39.50 19.96
C VAL B 62 89.34 40.07 20.49
N LYS B 63 89.11 41.35 20.19
CA LYS B 63 87.91 42.03 20.68
C LYS B 63 86.71 41.79 19.79
N THR B 64 86.93 41.70 18.48
CA THR B 64 85.84 41.56 17.54
C THR B 64 85.12 40.24 17.73
N PRO B 65 83.92 40.09 17.14
CA PRO B 65 83.32 38.77 17.06
C PRO B 65 83.94 37.98 15.92
N SER B 66 84.76 37.00 16.27
CA SER B 66 85.35 36.09 15.32
C SER B 66 84.87 34.67 15.60
N TRP B 67 84.92 33.84 14.58
CA TRP B 67 84.46 32.47 14.65
C TRP B 67 85.59 31.50 14.38
N ALA B 68 85.49 30.34 15.02
CA ALA B 68 86.44 29.24 14.86
C ALA B 68 85.78 28.15 14.05
N VAL B 69 86.38 27.81 12.93
CA VAL B 69 85.82 26.87 11.98
C VAL B 69 86.56 25.56 12.09
N ASP B 70 85.83 24.47 11.97
CA ASP B 70 86.40 23.14 12.01
C ASP B 70 85.46 22.19 11.29
N MET B 71 85.97 21.00 11.02
CA MET B 71 85.28 19.98 10.25
C MET B 71 85.09 18.72 11.09
N MET B 72 84.27 17.83 10.57
CA MET B 72 83.94 16.59 11.28
C MET B 72 83.58 15.52 10.26
N ARG B 73 84.40 14.49 10.17
CA ARG B 73 84.17 13.31 9.36
C ARG B 73 83.80 12.14 10.26
N PHE B 74 83.29 11.08 9.63
CA PHE B 74 82.86 9.88 10.34
C PHE B 74 83.38 8.66 9.60
N ASN B 75 84.10 7.80 10.32
CA ASN B 75 84.57 6.53 9.81
C ASN B 75 84.17 5.42 10.77
N ILE B 76 83.93 4.25 10.21
CA ILE B 76 83.45 3.11 11.00
C ILE B 76 84.56 2.40 11.75
N ASN B 77 85.83 2.67 11.41
CA ASN B 77 86.92 2.08 12.19
C ASN B 77 86.94 2.62 13.61
N ASP B 78 86.52 3.87 13.79
CA ASP B 78 86.50 4.49 15.10
C ASP B 78 85.35 4.01 15.97
N PHE B 79 84.37 3.33 15.40
CA PHE B 79 83.23 2.79 16.13
C PHE B 79 83.26 1.28 16.26
N LEU B 80 83.83 0.60 15.28
CA LEU B 80 83.88 -0.85 15.22
C LEU B 80 85.33 -1.33 15.34
N PRO B 81 85.74 -1.97 16.43
CA PRO B 81 87.13 -2.36 16.54
C PRO B 81 87.43 -3.57 15.69
N PRO B 82 88.70 -3.94 15.57
CA PRO B 82 89.03 -5.19 14.90
C PRO B 82 88.67 -6.38 15.77
N GLY B 83 88.31 -7.47 15.10
CA GLY B 83 87.91 -8.66 15.80
C GLY B 83 89.08 -9.51 16.22
N GLY B 84 88.92 -10.82 16.11
CA GLY B 84 89.96 -11.75 16.46
C GLY B 84 89.82 -13.08 15.78
N GLY B 85 90.91 -13.58 15.21
CA GLY B 85 90.89 -14.85 14.53
C GLY B 85 90.45 -14.76 13.09
N SER B 86 89.66 -15.74 12.66
CA SER B 86 89.18 -15.77 11.30
C SER B 86 88.16 -14.68 11.01
N ASN B 87 87.59 -14.08 12.04
CA ASN B 87 86.67 -12.97 11.88
C ASN B 87 87.45 -11.67 11.99
N PRO B 88 87.64 -10.91 10.91
CA PRO B 88 88.50 -9.73 11.01
C PRO B 88 87.91 -8.59 11.81
N ARG B 89 86.59 -8.54 11.95
CA ARG B 89 85.90 -7.49 12.67
C ARG B 89 85.07 -8.09 13.80
N SER B 90 84.69 -7.23 14.73
CA SER B 90 84.01 -7.67 15.94
C SER B 90 82.53 -7.90 15.72
N VAL B 91 81.95 -7.26 14.71
CA VAL B 91 80.57 -7.50 14.29
C VAL B 91 80.62 -8.39 13.05
N PRO B 92 80.21 -9.65 13.12
CA PRO B 92 80.45 -10.55 12.00
C PRO B 92 79.48 -10.39 10.84
N PHE B 93 79.73 -9.37 10.03
CA PHE B 93 78.95 -9.10 8.85
C PHE B 93 79.88 -8.64 7.75
N GLU B 94 79.40 -8.74 6.51
CA GLU B 94 80.18 -8.41 5.32
C GLU B 94 79.96 -6.98 4.85
N TYR B 95 78.72 -6.58 4.71
CA TYR B 95 78.36 -5.29 4.13
C TYR B 95 77.76 -4.39 5.19
N TYR B 96 77.76 -3.09 4.89
CA TYR B 96 77.18 -2.11 5.77
C TYR B 96 76.75 -0.89 4.97
N ARG B 97 75.90 -0.09 5.59
CA ARG B 97 75.56 1.21 5.05
C ARG B 97 75.04 2.06 6.20
N ILE B 98 75.59 3.25 6.35
CA ILE B 98 75.25 4.12 7.46
C ILE B 98 73.95 4.85 7.12
N ARG B 99 72.96 4.68 7.99
CA ARG B 99 71.63 5.25 7.78
C ARG B 99 71.54 6.67 8.32
N LYS B 100 72.00 6.88 9.55
CA LYS B 100 71.91 8.16 10.21
C LYS B 100 73.09 8.33 11.13
N VAL B 101 73.37 9.58 11.49
CA VAL B 101 74.34 9.93 12.51
C VAL B 101 73.72 10.99 13.40
N LYS B 102 74.01 10.89 14.70
CA LYS B 102 73.60 11.86 15.69
C LYS B 102 74.85 12.39 16.36
N VAL B 103 75.18 13.63 16.06
CA VAL B 103 76.27 14.34 16.71
C VAL B 103 75.70 15.16 17.83
N GLU B 104 76.20 14.96 19.04
CA GLU B 104 75.75 15.63 20.24
C GLU B 104 76.92 16.39 20.83
N PHE B 105 76.79 17.71 20.91
CA PHE B 105 77.75 18.57 21.60
C PHE B 105 77.27 18.71 23.02
N TRP B 106 77.85 17.92 23.91
CA TRP B 106 77.56 18.00 25.32
C TRP B 106 78.49 19.02 25.95
N PRO B 107 78.00 20.10 26.54
CA PRO B 107 78.91 21.11 27.06
C PRO B 107 79.65 20.64 28.29
N CYS B 108 80.80 21.29 28.49
CA CYS B 108 81.64 21.08 29.65
C CYS B 108 81.72 22.30 30.53
N SER B 109 81.02 23.37 30.20
CA SER B 109 81.17 24.67 30.81
C SER B 109 79.98 24.96 31.71
N PRO B 110 80.18 25.73 32.78
CA PRO B 110 79.08 26.00 33.69
C PRO B 110 78.08 26.97 33.09
N ILE B 111 76.87 26.95 33.68
CA ILE B 111 75.83 27.86 33.23
C ILE B 111 76.05 29.29 33.67
N THR B 112 77.06 29.55 34.50
CA THR B 112 77.43 30.89 34.92
C THR B 112 78.47 31.53 34.02
N GLN B 113 78.93 30.85 32.98
CA GLN B 113 79.99 31.38 32.14
C GLN B 113 79.44 32.47 31.24
N GLY B 114 80.16 33.57 31.17
CA GLY B 114 79.77 34.70 30.36
C GLY B 114 80.47 34.73 29.03
N ASP B 115 80.41 35.90 28.39
CA ASP B 115 80.94 36.10 27.04
C ASP B 115 80.32 35.10 26.08
N ARG B 116 79.01 34.91 26.22
CA ARG B 116 78.30 33.97 25.39
C ARG B 116 78.34 34.39 23.93
N GLY B 117 77.97 33.44 23.08
CA GLY B 117 78.07 33.63 21.65
C GLY B 117 77.04 32.86 20.87
N VAL B 118 77.16 32.89 19.56
CA VAL B 118 76.19 32.24 18.68
C VAL B 118 76.92 31.77 17.44
N GLY B 119 76.74 30.49 17.12
CA GLY B 119 77.41 29.85 16.01
C GLY B 119 76.46 29.11 15.10
N SER B 120 77.01 28.21 14.29
CA SER B 120 76.24 27.55 13.27
C SER B 120 76.87 26.20 12.95
N SER B 121 76.01 25.20 12.75
CA SER B 121 76.42 23.88 12.30
C SER B 121 75.67 23.55 11.02
N ALA B 122 76.40 23.12 10.01
CA ALA B 122 75.84 22.81 8.71
C ALA B 122 76.28 21.42 8.27
N VAL B 123 75.53 20.88 7.31
CA VAL B 123 75.73 19.53 6.81
C VAL B 123 76.42 19.61 5.46
N ILE B 124 77.59 19.00 5.36
CA ILE B 124 78.47 19.12 4.21
C ILE B 124 78.80 17.72 3.72
N LEU B 125 78.11 17.29 2.67
CA LEU B 125 78.13 15.90 2.23
C LEU B 125 79.14 15.63 1.12
N ASP B 126 80.23 16.39 1.03
CA ASP B 126 81.10 16.30 -0.14
C ASP B 126 82.59 16.45 0.12
N ASP B 127 83.04 16.58 1.36
CA ASP B 127 84.46 16.58 1.69
C ASP B 127 85.17 17.82 1.18
N ASN B 128 84.44 18.92 1.04
CA ASN B 128 85.03 20.23 0.77
C ASN B 128 84.40 21.18 1.77
N PHE B 129 85.07 21.31 2.91
CA PHE B 129 84.65 22.16 4.00
C PHE B 129 85.26 23.54 3.82
N VAL B 130 84.68 24.51 4.53
CA VAL B 130 85.35 25.78 4.71
C VAL B 130 86.65 25.53 5.43
N THR B 131 87.69 26.26 5.02
CA THR B 131 89.01 26.03 5.58
C THR B 131 89.02 26.25 7.07
N LYS B 132 89.76 25.40 7.77
CA LYS B 132 89.88 25.52 9.22
C LYS B 132 90.52 26.84 9.59
N ALA B 133 89.86 27.56 10.49
CA ALA B 133 90.27 28.89 10.89
C ALA B 133 90.17 29.01 12.40
N THR B 134 91.04 29.83 12.96
CA THR B 134 91.06 30.10 14.40
C THR B 134 90.16 31.27 14.75
N ALA B 135 90.31 32.40 14.04
CA ALA B 135 89.51 33.59 14.28
C ALA B 135 89.16 34.19 12.92
N LEU B 136 88.05 33.74 12.35
CA LEU B 136 87.52 34.27 11.11
C LEU B 136 86.49 35.34 11.40
N THR B 137 86.48 36.39 10.58
CA THR B 137 85.69 37.59 10.84
C THR B 137 84.21 37.40 10.54
N TYR B 138 83.74 36.19 10.25
CA TYR B 138 82.33 35.98 9.95
C TYR B 138 82.03 34.50 10.14
N ASP B 139 80.74 34.20 10.18
CA ASP B 139 80.25 32.83 10.29
C ASP B 139 79.97 32.31 8.89
N PRO B 140 80.80 31.42 8.34
CA PRO B 140 80.56 31.00 6.95
C PRO B 140 79.33 30.13 6.80
N TYR B 141 78.99 29.34 7.81
CA TYR B 141 77.91 28.39 7.73
C TYR B 141 76.57 29.01 8.12
N VAL B 142 76.46 30.32 8.13
CA VAL B 142 75.26 30.97 8.65
C VAL B 142 74.15 30.97 7.61
N ASN B 143 74.49 31.21 6.35
CA ASN B 143 73.50 31.27 5.29
C ASN B 143 73.24 29.93 4.64
N TYR B 144 73.83 28.86 5.15
CA TYR B 144 73.58 27.53 4.62
C TYR B 144 72.16 27.09 4.93
N SER B 145 71.57 26.38 3.98
CA SER B 145 70.22 25.88 4.14
C SER B 145 70.09 24.87 5.25
N SER B 146 71.19 24.22 5.63
CA SER B 146 71.21 23.24 6.71
C SER B 146 71.79 23.81 7.99
N ARG B 147 71.75 25.12 8.16
CA ARG B 147 72.31 25.74 9.35
C ARG B 147 71.34 25.60 10.51
N HIS B 148 71.88 25.15 11.64
CA HIS B 148 71.21 25.23 12.92
C HIS B 148 72.06 26.10 13.82
N THR B 149 71.41 26.95 14.59
CA THR B 149 72.11 27.84 15.49
C THR B 149 72.69 27.08 16.67
N ILE B 150 73.94 27.41 16.99
CA ILE B 150 74.61 26.89 18.18
C ILE B 150 74.64 28.02 19.19
N THR B 151 73.85 27.87 20.24
CA THR B 151 74.01 28.69 21.42
C THR B 151 75.21 28.19 22.21
N GLN B 152 76.03 29.11 22.67
CA GLN B 152 77.27 28.83 23.36
C GLN B 152 77.27 29.50 24.71
N PRO B 153 78.07 29.02 25.67
CA PRO B 153 78.91 27.83 25.72
C PRO B 153 78.29 26.64 26.43
N PHE B 154 77.22 26.87 27.17
CA PHE B 154 76.67 25.90 28.10
C PHE B 154 75.38 25.26 27.60
N SER B 155 75.22 25.16 26.30
CA SER B 155 73.99 24.68 25.70
C SER B 155 74.25 23.48 24.82
N TYR B 156 73.30 22.57 24.83
CA TYR B 156 73.37 21.33 24.08
C TYR B 156 72.93 21.54 22.64
N HIS B 157 73.65 20.90 21.72
CA HIS B 157 73.39 21.00 20.30
C HIS B 157 73.44 19.61 19.70
N SER B 158 72.35 19.21 19.06
CA SER B 158 72.26 17.93 18.37
C SER B 158 72.03 18.17 16.89
N ARG B 159 72.54 17.26 16.08
CA ARG B 159 72.30 17.23 14.64
C ARG B 159 72.10 15.79 14.24
N TYR B 160 70.99 15.52 13.56
CA TYR B 160 70.59 14.17 13.15
C TYR B 160 70.36 14.19 11.65
N PHE B 161 71.18 13.45 10.92
CA PHE B 161 71.19 13.53 9.47
C PHE B 161 71.73 12.23 8.91
N THR B 162 71.68 12.13 7.59
CA THR B 162 72.14 10.96 6.85
C THR B 162 73.44 11.30 6.13
N PRO B 163 74.58 10.72 6.52
CA PRO B 163 75.82 11.08 5.84
C PRO B 163 75.94 10.41 4.49
N LYS B 164 77.03 10.70 3.79
CA LYS B 164 77.30 10.16 2.48
C LYS B 164 78.76 9.74 2.42
N PRO B 165 79.08 8.65 1.73
CA PRO B 165 80.48 8.24 1.64
C PRO B 165 81.25 8.97 0.56
N VAL B 166 82.57 8.99 0.74
CA VAL B 166 83.48 9.65 -0.18
C VAL B 166 83.92 8.58 -1.17
N LEU B 167 83.16 8.45 -2.25
CA LEU B 167 83.46 7.49 -3.29
C LEU B 167 84.52 8.02 -4.25
N ASP B 168 84.39 9.27 -4.66
CA ASP B 168 85.38 9.93 -5.51
C ASP B 168 85.52 11.35 -5.02
N SER B 169 86.66 11.66 -4.40
CA SER B 169 86.91 12.99 -3.89
C SER B 169 87.18 13.99 -5.01
N THR B 170 87.51 13.52 -6.21
CA THR B 170 87.75 14.42 -7.33
C THR B 170 86.45 15.00 -7.88
N ILE B 171 85.42 14.17 -7.96
CA ILE B 171 84.14 14.57 -8.54
C ILE B 171 83.15 14.91 -7.44
N ASP B 172 83.25 14.18 -6.31
CA ASP B 172 82.44 14.42 -5.14
C ASP B 172 80.95 14.29 -5.46
N TYR B 173 80.57 13.07 -5.82
CA TYR B 173 79.18 12.75 -6.12
C TYR B 173 78.59 11.93 -4.98
N PHE B 174 77.29 12.12 -4.75
CA PHE B 174 76.59 11.41 -3.70
C PHE B 174 75.13 11.20 -4.11
N GLN B 175 74.52 10.34 -3.44
CA GLN B 175 73.14 9.94 -3.67
C GLN B 175 72.17 10.76 -2.83
N PRO B 176 70.96 11.00 -3.31
CA PRO B 176 69.96 11.55 -2.42
C PRO B 176 69.43 10.52 -1.44
N ASN B 177 68.61 10.97 -0.51
CA ASN B 177 68.14 10.11 0.56
C ASN B 177 67.10 9.15 0.03
N ASN B 178 67.42 7.86 0.08
CA ASN B 178 66.50 6.82 -0.32
C ASN B 178 66.90 5.57 0.44
N LYS B 179 66.04 5.11 1.35
CA LYS B 179 66.41 3.95 2.14
C LYS B 179 66.52 2.69 1.30
N ARG B 180 65.76 2.61 0.22
CA ARG B 180 65.71 1.40 -0.59
C ARG B 180 66.85 1.31 -1.58
N ASN B 181 67.40 2.46 -2.00
CA ASN B 181 68.42 2.52 -3.02
C ASN B 181 69.80 2.87 -2.49
N GLN B 182 69.96 3.00 -1.18
CA GLN B 182 71.24 3.35 -0.62
C GLN B 182 72.25 2.24 -0.85
N LEU B 183 73.44 2.64 -1.27
CA LEU B 183 74.49 1.69 -1.59
C LEU B 183 74.94 0.94 -0.36
N TRP B 184 75.28 -0.33 -0.57
CA TRP B 184 75.95 -1.15 0.42
C TRP B 184 77.44 -1.07 0.18
N LEU B 185 78.18 -0.70 1.20
CA LEU B 185 79.63 -0.76 1.19
C LEU B 185 80.09 -2.03 1.86
N ARG B 186 81.35 -2.36 1.65
CA ARG B 186 81.98 -3.49 2.30
C ARG B 186 82.62 -3.04 3.60
N LEU B 187 82.46 -3.85 4.63
CA LEU B 187 83.12 -3.67 5.90
C LEU B 187 84.54 -4.21 5.76
N GLN B 188 85.44 -3.32 5.40
CA GLN B 188 86.83 -3.68 5.22
C GLN B 188 87.47 -4.03 6.55
N THR B 189 88.71 -4.51 6.48
CA THR B 189 89.43 -4.91 7.67
C THR B 189 90.06 -3.71 8.38
N ALA B 190 90.84 -2.90 7.65
CA ALA B 190 91.46 -1.71 8.22
C ALA B 190 91.50 -0.52 7.28
N GLY B 191 90.58 -0.44 6.32
CA GLY B 191 90.64 0.58 5.29
C GLY B 191 89.32 1.15 4.86
N ASN B 192 88.38 1.23 5.78
CA ASN B 192 87.04 1.70 5.44
C ASN B 192 87.07 3.17 5.01
N VAL B 193 86.05 3.54 4.26
CA VAL B 193 85.96 4.84 3.62
C VAL B 193 85.33 5.85 4.57
N ASP B 194 85.77 7.09 4.48
CA ASP B 194 85.31 8.13 5.37
C ASP B 194 83.95 8.64 4.92
N HIS B 195 83.01 8.69 5.86
CA HIS B 195 81.76 9.38 5.66
C HIS B 195 81.88 10.80 6.18
N VAL B 196 81.03 11.66 5.64
CA VAL B 196 81.18 13.10 5.78
C VAL B 196 79.80 13.70 5.95
N GLY B 197 79.76 14.95 6.42
CA GLY B 197 78.49 15.56 6.71
C GLY B 197 78.31 16.54 7.85
N LEU B 198 79.38 17.04 8.47
CA LEU B 198 79.17 18.14 9.41
C LEU B 198 80.34 19.10 9.47
N GLY B 199 80.00 20.38 9.42
CA GLY B 199 80.96 21.43 9.66
C GLY B 199 80.36 22.46 10.59
N THR B 200 81.23 23.06 11.41
CA THR B 200 80.84 23.90 12.52
C THR B 200 81.53 25.24 12.46
N ALA B 201 80.95 26.21 13.17
CA ALA B 201 81.56 27.52 13.37
C ALA B 201 81.17 27.98 14.76
N PHE B 202 82.15 28.06 15.65
CA PHE B 202 81.96 28.49 17.02
C PHE B 202 82.53 29.88 17.22
N GLU B 203 81.77 30.72 17.91
CA GLU B 203 82.21 32.06 18.22
C GLU B 203 83.19 32.02 19.38
N ASN B 204 84.34 32.66 19.18
CA ASN B 204 85.38 32.63 20.18
C ASN B 204 85.00 33.47 21.39
N SER B 205 85.77 33.30 22.46
CA SER B 205 85.46 33.91 23.74
C SER B 205 86.74 34.13 24.52
N ILE B 206 86.62 34.91 25.60
CA ILE B 206 87.75 35.13 26.49
C ILE B 206 88.08 33.87 27.26
N TYR B 207 87.09 33.03 27.52
CA TYR B 207 87.25 31.79 28.24
C TYR B 207 87.28 30.62 27.27
N ASP B 208 87.91 29.54 27.73
CA ASP B 208 87.95 28.32 26.93
C ASP B 208 86.60 27.62 26.95
N GLN B 209 86.15 27.20 25.78
CA GLN B 209 84.88 26.50 25.61
C GLN B 209 85.17 25.05 25.24
N GLU B 210 84.93 24.14 26.18
CA GLU B 210 85.16 22.72 25.99
C GLU B 210 83.84 22.00 25.75
N TYR B 211 83.92 20.92 24.99
CA TYR B 211 82.77 20.09 24.66
C TYR B 211 83.19 18.63 24.64
N ASN B 212 82.27 17.77 25.04
CA ASN B 212 82.40 16.33 24.89
C ASN B 212 81.44 15.89 23.79
N ILE B 213 81.99 15.50 22.65
CA ILE B 213 81.18 15.22 21.48
C ILE B 213 80.95 13.72 21.40
N ARG B 214 79.68 13.33 21.36
CA ARG B 214 79.27 11.94 21.28
C ARG B 214 78.60 11.73 19.93
N VAL B 215 79.25 10.97 19.06
CA VAL B 215 78.72 10.61 17.76
C VAL B 215 78.12 9.21 17.87
N THR B 216 76.90 9.07 17.38
CA THR B 216 76.18 7.82 17.34
C THR B 216 75.80 7.55 15.91
N MET B 217 76.29 6.43 15.37
CA MET B 217 75.97 6.00 14.02
C MET B 217 74.97 4.86 14.05
N TYR B 218 73.89 5.03 13.30
CA TYR B 218 72.87 4.02 13.13
C TYR B 218 73.12 3.29 11.83
N VAL B 219 73.61 2.06 11.93
CA VAL B 219 74.12 1.31 10.79
C VAL B 219 73.20 0.14 10.51
N GLN B 220 73.41 -0.46 9.34
CA GLN B 220 72.61 -1.58 8.87
C GLN B 220 73.58 -2.52 8.17
N PHE B 221 73.75 -3.70 8.71
CA PHE B 221 74.66 -4.70 8.18
C PHE B 221 73.89 -5.74 7.37
N ARG B 222 74.66 -6.61 6.70
CA ARG B 222 74.10 -7.62 5.83
C ARG B 222 75.07 -8.78 5.71
N GLU B 223 74.53 -9.97 5.52
CA GLU B 223 75.28 -11.18 5.23
C GLU B 223 76.23 -11.54 6.39
N PHE B 224 75.59 -11.97 7.47
CA PHE B 224 76.25 -12.66 8.58
C PHE B 224 77.24 -13.68 8.07
N ASN B 225 78.50 -13.53 8.45
CA ASN B 225 79.60 -14.29 7.87
C ASN B 225 80.53 -14.84 8.94
N LEU B 226 79.97 -15.36 10.02
CA LEU B 226 80.79 -15.90 11.08
C LEU B 226 81.52 -17.13 10.59
N LYS B 227 82.76 -17.29 11.05
CA LYS B 227 83.60 -18.42 10.72
C LYS B 227 83.96 -19.16 12.01
N ASP B 228 83.72 -20.47 12.01
CA ASP B 228 83.85 -21.30 13.20
C ASP B 228 84.81 -22.44 12.91
N PRO B 229 86.11 -22.20 13.05
CA PRO B 229 87.07 -23.28 12.93
C PRO B 229 87.04 -24.17 14.16
N PRO B 230 87.64 -25.35 14.11
CA PRO B 230 87.75 -26.16 15.33
C PRO B 230 88.70 -25.57 16.34
N LEU B 231 88.88 -26.26 17.47
CA LEU B 231 89.73 -25.80 18.55
C LEU B 231 90.50 -26.95 19.18
N GLY C 43 61.42 35.71 -12.51
CA GLY C 43 62.27 34.71 -11.91
C GLY C 43 62.49 34.93 -10.43
N ILE C 44 61.53 34.48 -9.64
CA ILE C 44 61.52 34.76 -8.22
C ILE C 44 62.47 33.83 -7.50
N PHE C 45 63.11 34.35 -6.46
CA PHE C 45 63.97 33.57 -5.59
C PHE C 45 63.90 34.18 -4.20
N ASN C 46 63.14 33.55 -3.32
CA ASN C 46 63.09 33.94 -1.94
C ASN C 46 64.24 33.29 -1.18
N THR C 47 65.02 34.09 -0.47
CA THR C 47 66.11 33.58 0.33
C THR C 47 66.19 34.35 1.64
N ARG C 48 67.31 34.18 2.33
CA ARG C 48 67.52 34.70 3.67
C ARG C 48 68.97 35.13 3.82
N LEU C 49 69.17 36.37 4.24
CA LEU C 49 70.49 36.95 4.40
C LEU C 49 70.62 37.48 5.81
N SER C 50 71.77 37.24 6.41
CA SER C 50 72.03 37.56 7.80
C SER C 50 73.31 38.39 7.94
N ARG C 51 73.48 38.90 9.14
CA ARG C 51 74.54 39.84 9.49
C ARG C 51 74.53 39.98 11.00
N THR C 52 75.72 40.07 11.59
CA THR C 52 75.88 40.10 13.04
C THR C 52 76.81 41.24 13.43
N PHE C 53 76.44 41.94 14.49
CA PHE C 53 77.22 43.06 14.99
C PHE C 53 76.88 43.29 16.45
N GLY C 54 77.68 44.15 17.08
CA GLY C 54 77.56 44.41 18.50
C GLY C 54 76.91 45.72 18.87
N TYR C 55 76.37 45.76 20.09
CA TYR C 55 75.78 46.96 20.67
C TYR C 55 75.97 46.89 22.17
N THR C 56 76.47 47.98 22.74
CA THR C 56 76.74 48.06 24.17
C THR C 56 76.07 49.29 24.76
N ILE C 57 75.50 49.10 25.93
CA ILE C 57 74.94 50.18 26.75
C ILE C 57 75.92 50.37 27.89
N LYS C 58 76.69 51.45 27.83
CA LYS C 58 77.71 51.70 28.83
C LYS C 58 77.08 52.01 30.19
N ARG C 59 77.88 51.82 31.22
CA ARG C 59 77.44 52.03 32.59
C ARG C 59 77.28 53.52 32.88
N THR C 60 76.50 53.81 33.94
CA THR C 60 76.26 55.16 34.40
C THR C 60 76.19 55.17 35.91
N THR C 61 76.81 56.19 36.52
CA THR C 61 76.71 56.43 37.96
C THR C 61 75.38 57.06 38.35
N VAL C 62 74.54 57.44 37.38
CA VAL C 62 73.26 58.04 37.69
C VAL C 62 72.41 57.08 38.52
N LYS C 63 71.76 57.62 39.54
CA LYS C 63 70.97 56.81 40.45
C LYS C 63 69.56 56.55 39.91
N THR C 64 68.98 57.53 39.23
CA THR C 64 67.63 57.42 38.76
C THR C 64 67.49 56.33 37.70
N PRO C 65 66.27 55.91 37.39
CA PRO C 65 66.07 55.08 36.22
C PRO C 65 66.06 55.92 34.97
N SER C 66 67.14 55.83 34.20
CA SER C 66 67.25 56.50 32.91
C SER C 66 67.39 55.46 31.81
N TRP C 67 67.03 55.87 30.60
CA TRP C 67 67.04 54.99 29.45
C TRP C 67 67.98 55.52 28.38
N ALA C 68 68.56 54.58 27.64
CA ALA C 68 69.47 54.87 26.53
C ALA C 68 68.73 54.57 25.24
N VAL C 69 68.61 55.58 24.40
CA VAL C 69 67.84 55.50 23.17
C VAL C 69 68.80 55.39 22.00
N ASP C 70 68.43 54.57 21.02
CA ASP C 70 69.21 54.41 19.82
C ASP C 70 68.28 53.93 18.71
N MET C 71 68.80 53.98 17.49
CA MET C 71 68.06 53.67 16.29
C MET C 71 68.71 52.50 15.56
N MET C 72 67.98 51.98 14.58
CA MET C 72 68.45 50.83 13.81
C MET C 72 67.82 50.87 12.42
N ARG C 73 68.66 51.06 11.41
CA ARG C 73 68.27 50.99 10.01
C ARG C 73 68.80 49.72 9.39
N PHE C 74 68.30 49.40 8.20
CA PHE C 74 68.67 48.18 7.48
C PHE C 74 68.93 48.53 6.03
N ASN C 75 70.12 48.19 5.54
CA ASN C 75 70.48 48.35 4.14
C ASN C 75 71.00 47.02 3.62
N ILE C 76 70.77 46.78 2.33
CA ILE C 76 71.14 45.52 1.70
C ILE C 76 72.61 45.45 1.34
N ASN C 77 73.32 46.58 1.34
CA ASN C 77 74.76 46.52 1.09
C ASN C 77 75.49 45.79 2.20
N ASP C 78 74.97 45.88 3.42
CA ASP C 78 75.58 45.23 4.57
C ASP C 78 75.32 43.73 4.61
N PHE C 79 74.38 43.23 3.81
CA PHE C 79 74.08 41.82 3.74
C PHE C 79 74.53 41.17 2.44
N LEU C 80 74.55 41.93 1.35
CA LEU C 80 74.91 41.43 0.03
C LEU C 80 76.20 42.09 -0.43
N PRO C 81 77.32 41.37 -0.55
CA PRO C 81 78.55 42.03 -0.94
C PRO C 81 78.57 42.32 -2.42
N PRO C 82 79.57 43.07 -2.87
CA PRO C 82 79.73 43.24 -4.31
C PRO C 82 80.25 41.98 -4.96
N GLY C 83 79.84 41.77 -6.21
CA GLY C 83 80.23 40.60 -6.93
C GLY C 83 81.58 40.73 -7.58
N GLY C 84 81.70 40.19 -8.79
CA GLY C 84 82.94 40.26 -9.52
C GLY C 84 82.74 40.11 -11.01
N GLY C 85 83.36 40.99 -11.78
CA GLY C 85 83.27 40.95 -13.22
C GLY C 85 82.05 41.67 -13.75
N SER C 86 81.42 41.08 -14.76
CA SER C 86 80.26 41.70 -15.38
C SER C 86 79.04 41.65 -14.47
N ASN C 87 79.06 40.82 -13.43
CA ASN C 87 77.99 40.78 -12.45
C ASN C 87 78.34 41.70 -11.29
N PRO C 88 77.68 42.85 -11.12
CA PRO C 88 78.12 43.77 -10.08
C PRO C 88 77.86 43.30 -8.67
N ARG C 89 76.92 42.39 -8.48
CA ARG C 89 76.55 41.87 -7.17
C ARG C 89 76.72 40.36 -7.14
N SER C 90 76.77 39.83 -5.92
CA SER C 90 77.06 38.41 -5.73
C SER C 90 75.84 37.53 -5.94
N VAL C 91 74.65 38.09 -5.78
CA VAL C 91 73.40 37.40 -6.09
C VAL C 91 72.92 37.93 -7.44
N PRO C 92 72.94 37.13 -8.52
CA PRO C 92 72.68 37.70 -9.84
C PRO C 92 71.21 37.92 -10.15
N PHE C 93 70.68 39.01 -9.61
CA PHE C 93 69.32 39.42 -9.85
C PHE C 93 69.28 40.94 -10.00
N GLU C 94 68.21 41.42 -10.61
CA GLU C 94 68.02 42.83 -10.91
C GLU C 94 67.25 43.56 -9.83
N TYR C 95 66.10 43.03 -9.44
CA TYR C 95 65.17 43.68 -8.53
C TYR C 95 65.12 42.94 -7.22
N TYR C 96 64.63 43.64 -6.20
CA TYR C 96 64.47 43.04 -4.88
C TYR C 96 63.37 43.79 -4.13
N ARG C 97 62.88 43.15 -3.08
CA ARG C 97 62.00 43.79 -2.13
C ARG C 97 62.07 43.02 -0.83
N ILE C 98 62.30 43.72 0.26
CA ILE C 98 62.47 43.09 1.55
C ILE C 98 61.11 42.78 2.14
N ARG C 99 60.89 41.50 2.44
CA ARG C 99 59.61 41.02 2.95
C ARG C 99 59.52 41.15 4.46
N LYS C 100 60.54 40.70 5.16
CA LYS C 100 60.56 40.68 6.62
C LYS C 100 61.97 40.88 7.10
N VAL C 101 62.10 41.30 8.35
CA VAL C 101 63.37 41.35 9.05
C VAL C 101 63.16 40.78 10.45
N LYS C 102 64.17 40.06 10.91
CA LYS C 102 64.21 39.49 12.26
C LYS C 102 65.44 40.04 12.94
N VAL C 103 65.22 40.93 13.89
CA VAL C 103 66.28 41.45 14.74
C VAL C 103 66.30 40.66 16.03
N GLU C 104 67.46 40.09 16.34
CA GLU C 104 67.65 39.25 17.52
C GLU C 104 68.71 39.89 18.37
N PHE C 105 68.33 40.26 19.59
CA PHE C 105 69.28 40.74 20.60
C PHE C 105 69.73 39.52 21.41
N TRP C 106 70.89 39.00 21.05
CA TRP C 106 71.47 37.89 21.78
C TRP C 106 72.32 38.45 22.91
N PRO C 107 72.03 38.16 24.17
CA PRO C 107 72.79 38.78 25.25
C PRO C 107 74.21 38.25 25.33
N CYS C 108 75.06 39.08 25.92
CA CYS C 108 76.43 38.75 26.20
C CYS C 108 76.73 38.68 27.69
N SER C 109 75.73 38.87 28.53
CA SER C 109 75.89 39.05 29.95
C SER C 109 75.44 37.80 30.69
N PRO C 110 76.04 37.52 31.85
CA PRO C 110 75.66 36.31 32.57
C PRO C 110 74.30 36.43 33.22
N ILE C 111 73.72 35.28 33.55
CA ILE C 111 72.43 35.28 34.23
C ILE C 111 72.52 35.68 35.69
N THR C 112 73.73 35.85 36.22
CA THR C 112 73.93 36.32 37.59
C THR C 112 74.06 37.83 37.68
N GLN C 113 73.96 38.56 36.57
CA GLN C 113 74.17 39.99 36.60
C GLN C 113 72.95 40.66 37.21
N GLY C 114 73.19 41.59 38.12
CA GLY C 114 72.15 42.32 38.79
C GLY C 114 71.89 43.68 38.17
N ASP C 115 71.19 44.51 38.93
CA ASP C 115 70.76 45.83 38.47
C ASP C 115 69.95 45.70 37.19
N ARG C 116 69.07 44.72 37.17
CA ARG C 116 68.25 44.46 36.00
C ARG C 116 67.33 45.62 35.72
N GLY C 117 66.75 45.60 34.52
CA GLY C 117 65.96 46.69 34.03
C GLY C 117 64.88 46.26 33.08
N VAL C 118 64.20 47.24 32.50
CA VAL C 118 63.09 46.96 31.60
C VAL C 118 63.03 48.08 30.56
N GLY C 119 63.01 47.68 29.30
CA GLY C 119 63.03 48.61 28.18
C GLY C 119 61.93 48.34 27.18
N SER C 120 62.09 48.88 25.99
CA SER C 120 61.05 48.83 24.98
C SER C 120 61.68 48.91 23.60
N SER C 121 61.13 48.13 22.67
CA SER C 121 61.50 48.17 21.27
C SER C 121 60.25 48.43 20.45
N ALA C 122 60.32 49.41 19.56
CA ALA C 122 59.19 49.81 18.73
C ALA C 122 59.61 49.85 17.27
N VAL C 123 58.60 49.82 16.41
CA VAL C 123 58.77 49.76 14.96
C VAL C 123 58.48 51.13 14.39
N ILE C 124 59.47 51.70 13.72
CA ILE C 124 59.46 53.09 13.26
C ILE C 124 59.75 53.08 11.77
N LEU C 125 58.70 53.18 10.96
CA LEU C 125 58.80 52.96 9.53
C LEU C 125 58.98 54.24 8.72
N ASP C 126 59.59 55.29 9.28
CA ASP C 126 59.60 56.59 8.63
C ASP C 126 60.86 57.42 8.77
N ASP C 127 61.91 56.91 9.42
CA ASP C 127 63.20 57.59 9.47
C ASP C 127 63.15 58.86 10.31
N ASN C 128 62.24 58.91 11.28
CA ASN C 128 62.22 59.97 12.28
C ASN C 128 62.10 59.27 13.62
N PHE C 129 63.24 58.98 14.19
CA PHE C 129 63.37 58.31 15.47
C PHE C 129 63.41 59.34 16.59
N VAL C 130 63.15 58.87 17.81
CA VAL C 130 63.46 59.66 18.98
C VAL C 130 64.96 59.90 18.99
N THR C 131 65.34 61.11 19.38
CA THR C 131 66.73 61.51 19.34
C THR C 131 67.58 60.58 20.20
N LYS C 132 68.76 60.26 19.71
CA LYS C 132 69.67 59.40 20.45
C LYS C 132 70.07 60.07 21.76
N ALA C 133 69.92 59.33 22.85
CA ALA C 133 70.16 59.82 24.19
C ALA C 133 70.94 58.78 24.98
N THR C 134 71.75 59.28 25.91
CA THR C 134 72.54 58.43 26.79
C THR C 134 71.78 58.08 28.05
N ALA C 135 71.21 59.08 28.72
CA ALA C 135 70.43 58.87 29.95
C ALA C 135 69.23 59.80 29.89
N LEU C 136 68.14 59.30 29.31
CA LEU C 136 66.88 60.00 29.26
C LEU C 136 65.99 59.57 30.43
N THR C 137 65.25 60.51 30.98
CA THR C 137 64.51 60.30 32.21
C THR C 137 63.22 59.49 32.03
N TYR C 138 62.99 58.93 30.85
CA TYR C 138 61.78 58.16 30.61
C TYR C 138 62.02 57.27 29.40
N ASP C 139 61.12 56.31 29.23
CA ASP C 139 61.14 55.41 28.09
C ASP C 139 60.22 55.96 27.01
N PRO C 140 60.74 56.51 25.92
CA PRO C 140 59.84 57.13 24.94
C PRO C 140 59.01 56.12 24.18
N TYR C 141 59.54 54.93 23.95
CA TYR C 141 58.88 53.92 23.15
C TYR C 141 57.93 53.06 23.94
N VAL C 142 57.53 53.48 25.14
CA VAL C 142 56.76 52.62 26.03
C VAL C 142 55.29 52.62 25.63
N ASN C 143 54.75 53.77 25.25
CA ASN C 143 53.35 53.88 24.90
C ASN C 143 53.09 53.64 23.43
N TYR C 144 54.10 53.26 22.67
CA TYR C 144 53.91 52.95 21.27
C TYR C 144 53.11 51.67 21.10
N SER C 145 52.26 51.66 20.09
CA SER C 145 51.43 50.51 19.80
C SER C 145 52.24 49.29 19.41
N SER C 146 53.46 49.47 18.92
CA SER C 146 54.34 48.40 18.54
C SER C 146 55.41 48.11 19.58
N ARG C 147 55.17 48.48 20.82
CA ARG C 147 56.15 48.27 21.87
C ARG C 147 56.13 46.83 22.33
N HIS C 148 57.30 46.24 22.40
CA HIS C 148 57.54 44.97 23.09
C HIS C 148 58.51 45.26 24.21
N THR C 149 58.26 44.65 25.36
CA THR C 149 59.11 44.84 26.51
C THR C 149 60.44 44.12 26.32
N ILE C 150 61.51 44.81 26.67
CA ILE C 150 62.86 44.24 26.69
C ILE C 150 63.19 44.01 28.15
N THR C 151 63.24 42.76 28.55
CA THR C 151 63.87 42.38 29.80
C THR C 151 65.38 42.40 29.63
N GLN C 152 66.06 42.98 30.61
CA GLN C 152 67.50 43.20 30.58
C GLN C 152 68.13 42.55 31.79
N PRO C 153 69.43 42.22 31.73
CA PRO C 153 70.39 42.26 30.63
C PRO C 153 70.62 40.94 29.93
N PHE C 154 70.16 39.84 30.54
CA PHE C 154 70.53 38.49 30.12
C PHE C 154 69.40 37.77 29.42
N SER C 155 68.53 38.51 28.76
CA SER C 155 67.34 37.95 28.16
C SER C 155 67.31 38.25 26.66
N TYR C 156 66.80 37.29 25.91
CA TYR C 156 66.71 37.36 24.47
C TYR C 156 65.48 38.12 24.05
N HIS C 157 65.63 38.95 23.02
CA HIS C 157 64.57 39.78 22.48
C HIS C 157 64.59 39.68 20.97
N SER C 158 63.48 39.27 20.39
CA SER C 158 63.30 39.19 18.96
C SER C 158 62.19 40.12 18.51
N ARG C 159 62.33 40.64 17.30
CA ARG C 159 61.30 41.45 16.65
C ARG C 159 61.25 41.03 15.20
N TYR C 160 60.07 40.67 14.73
CA TYR C 160 59.83 40.19 13.38
C TYR C 160 58.77 41.06 12.73
N PHE C 161 59.15 41.78 11.70
CA PHE C 161 58.29 42.78 11.12
C PHE C 161 58.69 43.00 9.67
N THR C 162 57.90 43.83 8.98
CA THR C 162 58.08 44.17 7.59
C THR C 162 58.58 45.60 7.48
N PRO C 163 59.83 45.84 7.06
CA PRO C 163 60.30 47.22 6.99
C PRO C 163 59.76 47.95 5.78
N LYS C 164 60.11 49.21 5.66
CA LYS C 164 59.68 50.06 4.57
C LYS C 164 60.87 50.86 4.07
N PRO C 165 60.98 51.11 2.78
CA PRO C 165 62.10 51.90 2.28
C PRO C 165 61.87 53.40 2.39
N VAL C 166 63.00 54.11 2.40
CA VAL C 166 63.00 55.56 2.51
C VAL C 166 63.02 56.10 1.09
N LEU C 167 61.82 56.29 0.54
CA LEU C 167 61.67 56.81 -0.80
C LEU C 167 61.78 58.33 -0.83
N ASP C 168 61.14 59.00 0.11
CA ASP C 168 61.25 60.45 0.25
C ASP C 168 61.31 60.76 1.74
N SER C 169 62.48 61.18 2.21
CA SER C 169 62.66 61.52 3.62
C SER C 169 61.96 62.82 3.98
N THR C 170 61.62 63.65 3.01
CA THR C 170 60.94 64.91 3.29
C THR C 170 59.47 64.68 3.64
N ILE C 171 58.82 63.76 2.94
CA ILE C 171 57.40 63.49 3.11
C ILE C 171 57.22 62.25 3.97
N ASP C 172 58.12 61.29 3.83
CA ASP C 172 58.13 60.07 4.62
C ASP C 172 56.82 59.30 4.45
N TYR C 173 56.60 58.82 3.23
CA TYR C 173 55.44 58.02 2.89
C TYR C 173 55.85 56.57 2.73
N PHE C 174 54.94 55.66 3.08
CA PHE C 174 55.18 54.25 2.95
C PHE C 174 53.88 53.52 2.70
N GLN C 175 54.01 52.34 2.27
CA GLN C 175 52.91 51.48 1.89
C GLN C 175 52.46 50.62 3.06
N PRO C 176 51.18 50.26 3.14
CA PRO C 176 50.78 49.23 4.10
C PRO C 176 51.22 47.85 3.66
N ASN C 177 51.02 46.88 4.53
CA ASN C 177 51.50 45.54 4.27
C ASN C 177 50.62 44.86 3.24
N ASN C 178 51.20 44.52 2.10
CA ASN C 178 50.50 43.81 1.05
C ASN C 178 51.55 43.08 0.25
N LYS C 179 51.54 41.75 0.30
CA LYS C 179 52.57 41.01 -0.40
C LYS C 179 52.45 41.15 -1.90
N ARG C 180 51.25 41.38 -2.41
CA ARG C 180 51.03 41.41 -3.85
C ARG C 180 51.35 42.77 -4.44
N ASN C 181 51.25 43.83 -3.64
CA ASN C 181 51.41 45.20 -4.12
C ASN C 181 52.71 45.84 -3.67
N GLN C 182 53.57 45.12 -2.97
CA GLN C 182 54.81 45.69 -2.48
C GLN C 182 55.72 46.06 -3.65
N LEU C 183 56.30 47.25 -3.56
CA LEU C 183 57.14 47.76 -4.62
C LEU C 183 58.40 46.94 -4.77
N TRP C 184 58.84 46.79 -6.01
CA TRP C 184 60.14 46.23 -6.34
C TRP C 184 61.12 47.38 -6.49
N LEU C 185 62.21 47.30 -5.74
CA LEU C 185 63.33 48.21 -5.89
C LEU C 185 64.38 47.55 -6.76
N ARG C 186 65.31 48.38 -7.23
CA ARG C 186 66.45 47.89 -7.98
C ARG C 186 67.61 47.61 -7.04
N LEU C 187 68.28 46.50 -7.30
CA LEU C 187 69.49 46.13 -6.61
C LEU C 187 70.64 46.91 -7.24
N GLN C 188 70.92 48.07 -6.67
CA GLN C 188 71.96 48.94 -7.17
C GLN C 188 73.33 48.30 -6.92
N THR C 189 74.35 48.96 -7.47
CA THR C 189 75.71 48.46 -7.33
C THR C 189 76.31 48.84 -5.99
N ALA C 190 76.29 50.14 -5.65
CA ALA C 190 76.83 50.61 -4.37
C ALA C 190 76.01 51.71 -3.73
N GLY C 191 74.73 51.82 -4.03
CA GLY C 191 73.92 52.94 -3.59
C GLY C 191 72.51 52.60 -3.18
N ASN C 192 72.30 51.43 -2.64
CA ASN C 192 70.97 50.99 -2.28
C ASN C 192 70.38 51.85 -1.16
N VAL C 193 69.06 51.85 -1.10
CA VAL C 193 68.32 52.73 -0.22
C VAL C 193 68.14 52.07 1.14
N ASP C 194 68.13 52.89 2.18
CA ASP C 194 68.05 52.40 3.54
C ASP C 194 66.62 52.04 3.89
N HIS C 195 66.43 50.84 4.40
CA HIS C 195 65.18 50.44 5.01
C HIS C 195 65.24 50.71 6.50
N VAL C 196 64.06 50.87 7.08
CA VAL C 196 63.92 51.43 8.41
C VAL C 196 62.80 50.67 9.13
N GLY C 197 62.75 50.81 10.46
CA GLY C 197 61.79 50.04 11.20
C GLY C 197 62.10 49.56 12.60
N LEU C 198 63.16 49.99 13.26
CA LEU C 198 63.30 49.65 14.66
C LEU C 198 64.01 50.73 15.47
N GLY C 199 63.42 51.04 16.62
CA GLY C 199 64.04 51.88 17.61
C GLY C 199 63.88 51.28 18.98
N THR C 200 64.89 51.52 19.81
CA THR C 200 65.03 50.84 21.09
C THR C 200 65.21 51.84 22.21
N ALA C 201 64.96 51.36 23.43
CA ALA C 201 65.23 52.11 24.64
C ALA C 201 65.64 51.12 25.72
N PHE C 202 66.90 51.17 26.12
CA PHE C 202 67.46 50.28 27.12
C PHE C 202 67.69 51.05 28.42
N GLU C 203 67.31 50.42 29.52
CA GLU C 203 67.50 51.02 30.84
C GLU C 203 68.95 50.84 31.25
N ASN C 204 69.57 51.94 31.65
CA ASN C 204 70.96 51.93 32.00
C ASN C 204 71.18 51.19 33.32
N SER C 205 72.45 50.90 33.61
CA SER C 205 72.81 50.07 34.74
C SER C 205 74.22 50.44 35.20
N ILE C 206 74.57 49.95 36.38
CA ILE C 206 75.91 50.14 36.91
C ILE C 206 76.93 49.35 36.11
N TYR C 207 76.51 48.23 35.53
CA TYR C 207 77.37 47.37 34.75
C TYR C 207 77.10 47.58 33.26
N ASP C 208 78.11 47.27 32.46
CA ASP C 208 77.96 47.36 31.02
C ASP C 208 77.10 46.23 30.49
N GLN C 209 76.16 46.56 29.62
CA GLN C 209 75.25 45.59 29.01
C GLN C 209 75.61 45.48 27.54
N GLU C 210 76.19 44.35 27.16
CA GLU C 210 76.59 44.08 25.79
C GLU C 210 75.61 43.12 25.13
N TYR C 211 75.48 43.27 23.82
CA TYR C 211 74.60 42.45 23.01
C TYR C 211 75.26 42.16 21.67
N ASN C 212 74.99 40.97 21.14
CA ASN C 212 75.36 40.60 19.77
C ASN C 212 74.06 40.57 18.97
N ILE C 213 73.91 41.53 18.07
CA ILE C 213 72.67 41.70 17.35
C ILE C 213 72.80 41.03 15.99
N ARG C 214 71.89 40.10 15.70
CA ARG C 214 71.85 39.36 14.45
C ARG C 214 70.59 39.76 13.70
N VAL C 215 70.77 40.46 12.60
CA VAL C 215 69.69 40.86 11.73
C VAL C 215 69.62 39.88 10.57
N THR C 216 68.42 39.38 10.31
CA THR C 216 68.15 38.46 9.22
C THR C 216 67.06 39.09 8.35
N MET C 217 67.39 39.33 7.09
CA MET C 217 66.45 39.87 6.13
C MET C 217 65.97 38.77 5.20
N TYR C 218 64.66 38.66 5.07
CA TYR C 218 64.01 37.73 4.16
C TYR C 218 63.61 38.49 2.91
N VAL C 219 64.35 38.26 1.83
CA VAL C 219 64.25 39.07 0.62
C VAL C 219 63.65 38.22 -0.49
N GLN C 220 63.27 38.90 -1.56
CA GLN C 220 62.65 38.29 -2.72
C GLN C 220 63.19 39.01 -3.93
N PHE C 221 63.93 38.30 -4.76
CA PHE C 221 64.56 38.84 -5.94
C PHE C 221 63.75 38.51 -7.19
N ARG C 222 64.16 39.10 -8.31
CA ARG C 222 63.45 38.95 -9.57
C ARG C 222 64.41 39.20 -10.71
N GLU C 223 64.15 38.52 -11.83
CA GLU C 223 64.86 38.73 -13.09
C GLU C 223 66.35 38.41 -12.96
N PHE C 224 66.61 37.12 -12.81
CA PHE C 224 67.93 36.52 -12.97
C PHE C 224 68.64 37.10 -14.18
N ASN C 225 69.81 37.70 -13.95
CA ASN C 225 70.49 38.49 -14.96
C ASN C 225 71.96 38.16 -15.04
N LEU C 226 72.29 36.87 -14.96
CA LEU C 226 73.68 36.47 -15.03
C LEU C 226 74.25 36.79 -16.40
N LYS C 227 75.52 37.20 -16.41
CA LYS C 227 76.25 37.53 -17.63
C LYS C 227 77.46 36.60 -17.73
N ASP C 228 77.59 35.95 -18.88
CA ASP C 228 78.59 34.91 -19.10
C ASP C 228 79.44 35.28 -20.31
N PRO C 229 80.46 36.10 -20.12
CA PRO C 229 81.39 36.36 -21.21
C PRO C 229 82.31 35.18 -21.43
N PRO C 230 83.02 35.13 -22.55
CA PRO C 230 84.01 34.07 -22.74
C PRO C 230 85.21 34.23 -21.82
N LEU C 231 86.17 33.32 -21.95
CA LEU C 231 87.36 33.31 -21.10
C LEU C 231 88.60 32.94 -21.90
N GLY D 43 32.32 60.51 21.49
CA GLY D 43 33.57 60.22 20.80
C GLY D 43 34.55 59.45 21.64
N ILE D 44 34.36 58.15 21.69
CA ILE D 44 35.12 57.29 22.57
C ILE D 44 36.49 57.01 21.99
N PHE D 45 37.48 56.92 22.86
CA PHE D 45 38.83 56.56 22.47
C PHE D 45 39.46 55.82 23.65
N ASN D 46 39.52 54.50 23.55
CA ASN D 46 40.22 53.69 24.53
C ASN D 46 41.68 53.63 24.18
N THR D 47 42.54 53.95 25.15
CA THR D 47 43.98 53.88 24.95
C THR D 47 44.63 53.37 26.22
N ARG D 48 45.95 53.53 26.28
CA ARG D 48 46.79 52.95 27.32
C ARG D 48 47.90 53.92 27.64
N LEU D 49 48.04 54.26 28.91
CA LEU D 49 49.03 55.21 29.40
C LEU D 49 49.86 54.54 30.47
N SER D 50 51.16 54.76 30.43
CA SER D 50 52.11 54.12 31.32
C SER D 50 53.00 55.14 31.99
N ARG D 51 53.73 54.65 32.99
CA ARG D 51 54.55 55.44 33.88
C ARG D 51 55.40 54.47 34.69
N THR D 52 56.66 54.84 34.93
CA THR D 52 57.62 53.98 35.59
C THR D 52 58.32 54.76 36.69
N PHE D 53 58.52 54.09 37.83
CA PHE D 53 59.17 54.69 38.97
C PHE D 53 59.70 53.58 39.86
N GLY D 54 60.52 53.99 40.84
CA GLY D 54 61.20 53.06 41.71
C GLY D 54 60.62 52.94 43.11
N TYR D 55 60.90 51.81 43.74
CA TYR D 55 60.52 51.53 45.12
C TYR D 55 61.57 50.61 45.72
N THR D 56 62.06 50.97 46.90
CA THR D 56 63.09 50.21 47.59
C THR D 56 62.64 49.89 48.99
N ILE D 57 62.92 48.66 49.41
CA ILE D 57 62.73 48.20 50.78
C ILE D 57 64.12 48.11 51.38
N LYS D 58 64.45 49.07 52.25
CA LYS D 58 65.78 49.13 52.83
C LYS D 58 66.01 47.95 53.76
N ARG D 59 67.29 47.66 54.00
CA ARG D 59 67.70 46.56 54.84
C ARG D 59 67.42 46.86 56.31
N THR D 60 67.36 45.78 57.10
CA THR D 60 67.16 45.87 58.53
C THR D 60 67.99 44.81 59.23
N THR D 61 68.60 45.19 60.35
CA THR D 61 69.31 44.25 61.21
C THR D 61 68.38 43.41 62.07
N VAL D 62 67.08 43.71 62.05
CA VAL D 62 66.11 42.95 62.84
C VAL D 62 66.14 41.49 62.43
N LYS D 63 66.12 40.60 63.43
CA LYS D 63 66.21 39.17 63.18
C LYS D 63 64.86 38.57 62.84
N THR D 64 63.80 39.06 63.45
CA THR D 64 62.48 38.49 63.26
C THR D 64 61.99 38.69 61.84
N PRO D 65 60.95 37.97 61.44
CA PRO D 65 60.28 38.30 60.18
C PRO D 65 59.37 39.48 60.37
N SER D 66 59.77 40.62 59.85
CA SER D 66 58.97 41.84 59.85
C SER D 66 58.65 42.24 58.43
N TRP D 67 57.57 43.00 58.28
CA TRP D 67 57.10 43.43 56.98
C TRP D 67 57.08 44.94 56.89
N ALA D 68 57.32 45.43 55.67
CA ALA D 68 57.31 46.85 55.34
C ALA D 68 56.04 47.15 54.57
N VAL D 69 55.24 48.05 55.09
CA VAL D 69 53.93 48.37 54.55
C VAL D 69 54.02 49.71 53.84
N ASP D 70 53.33 49.80 52.71
CA ASP D 70 53.26 51.04 51.94
C ASP D 70 52.01 51.01 51.10
N MET D 71 51.69 52.18 50.56
CA MET D 71 50.47 52.42 49.80
C MET D 71 50.80 52.84 48.38
N MET D 72 49.77 52.84 47.54
CA MET D 72 49.94 53.18 46.13
C MET D 72 48.63 53.74 45.60
N ARG D 73 48.64 55.02 45.24
CA ARG D 73 47.54 55.71 44.59
C ARG D 73 47.87 55.93 43.12
N PHE D 74 46.84 56.29 42.36
CA PHE D 74 46.97 56.52 40.93
C PHE D 74 46.26 57.81 40.56
N ASN D 75 46.97 58.73 39.93
CA ASN D 75 46.40 59.96 39.41
C ASN D 75 46.78 60.10 37.95
N ILE D 76 45.90 60.74 37.18
CA ILE D 76 46.09 60.87 35.74
C ILE D 76 47.04 62.01 35.38
N ASN D 77 47.36 62.90 36.31
CA ASN D 77 48.34 63.93 36.03
C ASN D 77 49.72 63.34 35.82
N ASP D 78 50.01 62.22 36.49
CA ASP D 78 51.30 61.57 36.37
C ASP D 78 51.45 60.79 35.09
N PHE D 79 50.37 60.55 34.36
CA PHE D 79 50.39 59.83 33.10
C PHE D 79 50.13 60.73 31.91
N LEU D 80 49.35 61.78 32.08
CA LEU D 80 48.95 62.69 31.02
C LEU D 80 49.55 64.07 31.27
N PRO D 81 50.51 64.55 30.49
CA PRO D 81 51.10 65.83 30.79
C PRO D 81 50.19 66.97 30.38
N PRO D 82 50.53 68.20 30.76
CA PRO D 82 49.78 69.34 30.25
C PRO D 82 50.08 69.59 28.78
N GLY D 83 49.07 70.09 28.09
CA GLY D 83 49.21 70.35 26.67
C GLY D 83 49.85 71.68 26.38
N GLY D 84 49.36 72.35 25.36
CA GLY D 84 49.88 73.64 24.98
C GLY D 84 48.89 74.46 24.19
N GLY D 85 48.73 75.72 24.58
CA GLY D 85 47.82 76.62 23.91
C GLY D 85 46.41 76.51 24.42
N SER D 86 45.45 76.57 23.50
CA SER D 86 44.05 76.51 23.86
C SER D 86 43.63 75.13 24.34
N ASN D 87 44.45 74.10 24.08
CA ASN D 87 44.18 72.76 24.56
C ASN D 87 44.95 72.57 25.87
N PRO D 88 44.28 72.49 27.03
CA PRO D 88 45.02 72.44 28.28
C PRO D 88 45.76 71.14 28.51
N ARG D 89 45.32 70.06 27.88
CA ARG D 89 45.93 68.75 28.04
C ARG D 89 46.40 68.22 26.69
N SER D 90 47.27 67.22 26.75
CA SER D 90 47.92 66.70 25.56
C SER D 90 47.03 65.73 24.79
N VAL D 91 46.07 65.11 25.46
CA VAL D 91 45.07 64.27 24.82
C VAL D 91 43.78 65.09 24.73
N PRO D 92 43.34 65.51 23.53
CA PRO D 92 42.25 66.48 23.48
C PRO D 92 40.87 65.87 23.67
N PHE D 93 40.54 65.61 24.91
CA PHE D 93 39.23 65.09 25.30
C PHE D 93 38.80 65.78 26.58
N GLU D 94 37.49 65.72 26.83
CA GLU D 94 36.86 66.37 27.97
C GLU D 94 36.74 65.45 29.18
N TYR D 95 36.18 64.27 28.98
CA TYR D 95 35.84 63.35 30.04
C TYR D 95 36.74 62.12 29.98
N TYR D 96 36.80 61.42 31.11
CA TYR D 96 37.57 60.19 31.18
C TYR D 96 36.99 59.31 32.27
N ARG D 97 37.38 58.04 32.21
CA ARG D 97 37.09 57.12 33.30
C ARG D 97 38.08 55.97 33.17
N ILE D 98 38.74 55.65 34.28
CA ILE D 98 39.79 54.64 34.28
C ILE D 98 39.12 53.27 34.38
N ARG D 99 39.40 52.42 33.41
CA ARG D 99 38.82 51.10 33.32
C ARG D 99 39.59 50.06 34.12
N LYS D 100 40.91 50.04 33.95
CA LYS D 100 41.77 49.07 34.58
C LYS D 100 43.12 49.70 34.85
N VAL D 101 43.86 49.10 35.77
CA VAL D 101 45.25 49.43 36.03
C VAL D 101 46.03 48.14 36.16
N LYS D 102 47.24 48.15 35.63
CA LYS D 102 48.18 47.04 35.73
C LYS D 102 49.43 47.57 36.42
N VAL D 103 49.63 47.14 37.65
CA VAL D 103 50.83 47.43 38.41
C VAL D 103 51.77 46.26 38.27
N GLU D 104 52.99 46.53 37.80
CA GLU D 104 54.01 45.52 37.57
C GLU D 104 55.20 45.86 38.43
N PHE D 105 55.54 44.96 39.34
CA PHE D 105 56.76 45.05 40.13
C PHE D 105 57.85 44.30 39.38
N TRP D 106 58.66 45.04 38.65
CA TRP D 106 59.78 44.46 37.94
C TRP D 106 61.00 44.46 38.86
N PRO D 107 61.57 43.30 39.20
CA PRO D 107 62.66 43.30 40.17
C PRO D 107 63.93 43.90 39.61
N CYS D 108 64.75 44.37 40.54
CA CYS D 108 66.07 44.90 40.25
C CYS D 108 67.18 44.05 40.83
N SER D 109 66.85 42.94 41.47
CA SER D 109 67.77 42.16 42.25
C SER D 109 68.12 40.87 41.51
N PRO D 110 69.33 40.35 41.71
CA PRO D 110 69.73 39.15 41.00
C PRO D 110 69.02 37.91 41.53
N ILE D 111 69.01 36.87 40.71
CA ILE D 111 68.40 35.61 41.12
C ILE D 111 69.24 34.84 42.12
N THR D 112 70.45 35.30 42.41
CA THR D 112 71.31 34.70 43.41
C THR D 112 71.14 35.31 44.78
N GLN D 113 70.25 36.30 44.95
CA GLN D 113 70.12 36.98 46.22
C GLN D 113 69.38 36.09 47.20
N GLY D 114 69.89 35.99 48.41
CA GLY D 114 69.32 35.19 49.46
C GLY D 114 68.46 35.99 50.40
N ASP D 115 68.17 35.38 51.55
CA ASP D 115 67.28 35.96 52.56
C ASP D 115 65.93 36.28 51.93
N ARG D 116 65.43 35.35 51.13
CA ARG D 116 64.18 35.51 50.44
C ARG D 116 63.03 35.61 51.44
N GLY D 117 61.89 36.05 50.92
CA GLY D 117 60.75 36.32 51.75
C GLY D 117 59.44 36.14 51.03
N VAL D 118 58.35 36.49 51.71
CA VAL D 118 57.02 36.31 51.16
C VAL D 118 56.13 37.42 51.69
N GLY D 119 55.45 38.10 50.77
CA GLY D 119 54.62 39.23 51.08
C GLY D 119 53.23 39.12 50.51
N SER D 120 52.54 40.25 50.43
CA SER D 120 51.15 40.27 50.01
C SER D 120 50.80 41.61 49.42
N SER D 121 50.01 41.59 48.36
CA SER D 121 49.46 42.77 47.74
C SER D 121 47.95 42.66 47.70
N ALA D 122 47.27 43.70 48.18
CA ALA D 122 45.82 43.72 48.27
C ALA D 122 45.28 44.98 47.61
N VAL D 123 44.00 44.92 47.28
CA VAL D 123 43.31 45.98 46.56
C VAL D 123 42.44 46.74 47.55
N ILE D 124 42.69 48.04 47.66
CA ILE D 124 42.11 48.90 48.69
C ILE D 124 41.47 50.08 48.00
N LEU D 125 40.15 50.02 47.81
CA LEU D 125 39.43 50.96 46.97
C LEU D 125 38.82 52.13 47.72
N ASP D 126 39.40 52.54 48.86
CA ASP D 126 38.73 53.52 49.72
C ASP D 126 39.64 54.54 50.40
N ASP D 127 40.93 54.55 50.14
CA ASP D 127 41.82 55.59 50.66
C ASP D 127 42.00 55.50 52.18
N ASN D 128 41.84 54.30 52.74
CA ASN D 128 42.18 54.04 54.13
C ASN D 128 43.03 52.78 54.12
N PHE D 129 44.33 52.98 54.01
CA PHE D 129 45.31 51.93 53.99
C PHE D 129 45.78 51.61 55.40
N VAL D 130 46.39 50.44 55.54
CA VAL D 130 47.14 50.17 56.75
C VAL D 130 48.27 51.18 56.84
N THR D 131 48.53 51.63 58.06
CA THR D 131 49.51 52.69 58.26
C THR D 131 50.87 52.25 57.75
N LYS D 132 51.59 53.19 57.13
CA LYS D 132 52.92 52.90 56.63
C LYS D 132 53.84 52.53 57.77
N ALA D 133 54.54 51.41 57.61
CA ALA D 133 55.40 50.86 58.64
C ALA D 133 56.69 50.38 58.01
N THR D 134 57.77 50.46 58.79
CA THR D 134 59.08 50.01 58.36
C THR D 134 59.31 48.54 58.67
N ALA D 135 59.04 48.14 59.92
CA ALA D 135 59.19 46.76 60.35
C ALA D 135 58.02 46.41 61.26
N LEU D 136 56.94 45.94 60.65
CA LEU D 136 55.77 45.48 61.37
C LEU D 136 55.86 43.97 61.58
N THR D 137 55.40 43.51 62.73
CA THR D 137 55.58 42.13 63.17
C THR D 137 54.65 41.14 62.48
N TYR D 138 53.90 41.57 61.47
CA TYR D 138 52.98 40.68 60.78
C TYR D 138 52.66 41.27 59.43
N ASP D 139 52.06 40.45 58.58
CA ASP D 139 51.60 40.86 57.26
C ASP D 139 50.13 41.25 57.36
N PRO D 140 49.78 42.53 57.31
CA PRO D 140 48.37 42.88 57.50
C PRO D 140 47.50 42.47 56.33
N TYR D 141 48.03 42.47 55.12
CA TYR D 141 47.26 42.20 53.92
C TYR D 141 47.17 40.73 53.59
N VAL D 142 47.48 39.84 54.54
CA VAL D 142 47.58 38.42 54.25
C VAL D 142 46.20 37.78 54.20
N ASN D 143 45.31 38.16 55.10
CA ASN D 143 43.99 37.58 55.17
C ASN D 143 42.97 38.31 54.32
N TYR D 144 43.40 39.30 53.55
CA TYR D 144 42.50 40.00 52.66
C TYR D 144 42.06 39.11 51.52
N SER D 145 40.79 39.26 51.13
CA SER D 145 40.22 38.48 50.05
C SER D 145 40.89 38.75 48.72
N SER D 146 41.53 39.91 48.56
CA SER D 146 42.23 40.28 47.34
C SER D 146 43.73 40.13 47.46
N ARG D 147 44.19 39.28 48.37
CA ARG D 147 45.61 39.10 48.57
C ARG D 147 46.19 38.20 47.49
N HIS D 148 47.28 38.64 46.90
CA HIS D 148 48.13 37.82 46.07
C HIS D 148 49.49 37.77 46.73
N THR D 149 50.10 36.59 46.73
CA THR D 149 51.40 36.42 47.33
C THR D 149 52.48 37.08 46.49
N ILE D 150 53.37 37.79 47.17
CA ILE D 150 54.56 38.38 46.56
C ILE D 150 55.72 37.51 46.98
N THR D 151 56.28 36.77 46.02
CA THR D 151 57.57 36.16 46.21
C THR D 151 58.65 37.22 46.02
N GLN D 152 59.62 37.21 46.91
CA GLN D 152 60.68 38.21 46.95
C GLN D 152 62.02 37.52 46.87
N PRO D 153 63.08 38.23 46.44
CA PRO D 153 63.19 39.58 45.89
C PRO D 153 63.23 39.66 44.38
N PHE D 154 63.47 38.53 43.72
CA PHE D 154 63.82 38.50 42.31
C PHE D 154 62.68 37.98 41.45
N SER D 155 61.45 38.19 41.88
CA SER D 155 60.28 37.64 41.21
C SER D 155 59.32 38.74 40.81
N TYR D 156 58.69 38.54 39.68
CA TYR D 156 57.76 39.49 39.09
C TYR D 156 56.38 39.32 39.70
N HIS D 157 55.72 40.45 39.95
CA HIS D 157 54.40 40.49 40.55
C HIS D 157 53.55 41.47 39.77
N SER D 158 52.43 41.01 39.25
CA SER D 158 51.47 41.85 38.54
C SER D 158 50.14 41.82 39.28
N ARG D 159 49.43 42.94 39.18
CA ARG D 159 48.07 43.06 39.70
C ARG D 159 47.27 43.85 38.68
N TYR D 160 46.14 43.28 38.27
CA TYR D 160 45.28 43.86 37.24
C TYR D 160 43.88 43.98 37.82
N PHE D 161 43.41 45.21 37.96
CA PHE D 161 42.18 45.48 38.68
C PHE D 161 41.59 46.78 38.18
N THR D 162 40.41 47.08 38.68
CA THR D 162 39.65 48.28 38.34
C THR D 162 39.66 49.25 39.52
N PRO D 163 40.34 50.39 39.44
CA PRO D 163 40.37 51.28 40.59
C PRO D 163 39.08 52.06 40.74
N LYS D 164 39.01 52.88 41.78
CA LYS D 164 37.85 53.68 42.08
C LYS D 164 38.31 55.07 42.47
N PRO D 165 37.58 56.12 42.10
CA PRO D 165 37.99 57.46 42.47
C PRO D 165 37.56 57.85 43.87
N VAL D 166 38.28 58.82 44.42
CA VAL D 166 38.04 59.34 45.76
C VAL D 166 37.09 60.52 45.59
N LEU D 167 35.80 60.23 45.63
CA LEU D 167 34.79 61.25 45.49
C LEU D 167 34.54 61.95 46.82
N ASP D 168 34.43 61.19 47.91
CA ASP D 168 34.29 61.75 49.25
C ASP D 168 35.14 60.91 50.19
N SER D 169 36.24 61.49 50.66
CA SER D 169 37.11 60.77 51.58
C SER D 169 36.51 60.62 52.96
N THR D 170 35.49 61.40 53.30
CA THR D 170 34.84 61.29 54.60
C THR D 170 33.96 60.05 54.68
N ILE D 171 33.24 59.76 53.61
CA ILE D 171 32.28 58.66 53.57
C ILE D 171 32.91 57.46 52.87
N ASP D 172 33.75 57.73 51.87
CA ASP D 172 34.49 56.71 51.14
C ASP D 172 33.54 55.71 50.50
N TYR D 173 32.75 56.20 49.55
CA TYR D 173 31.83 55.39 48.79
C TYR D 173 32.36 55.17 47.38
N PHE D 174 32.05 54.00 46.82
CA PHE D 174 32.48 53.67 45.48
C PHE D 174 31.46 52.74 44.83
N GLN D 175 31.57 52.64 43.58
CA GLN D 175 30.68 51.87 42.74
C GLN D 175 31.20 50.45 42.54
N PRO D 176 30.33 49.46 42.38
CA PRO D 176 30.81 48.17 41.93
C PRO D 176 31.19 48.17 40.46
N ASN D 177 31.76 47.07 40.00
CA ASN D 177 32.27 47.00 38.65
C ASN D 177 31.13 46.87 37.66
N ASN D 178 30.99 47.87 36.81
CA ASN D 178 29.98 47.86 35.76
C ASN D 178 30.49 48.76 34.65
N LYS D 179 30.80 48.19 33.51
CA LYS D 179 31.36 48.98 32.43
C LYS D 179 30.35 49.99 31.90
N ARG D 180 29.06 49.67 31.97
CA ARG D 180 28.05 50.53 31.38
C ARG D 180 27.64 51.68 32.30
N ASN D 181 27.81 51.50 33.60
CA ASN D 181 27.36 52.47 34.60
C ASN D 181 28.50 53.22 35.25
N GLN D 182 29.74 53.00 34.85
CA GLN D 182 30.87 53.67 35.46
C GLN D 182 30.81 55.16 35.19
N LEU D 183 31.06 55.94 36.22
CA LEU D 183 30.98 57.38 36.14
C LEU D 183 32.06 57.93 35.22
N TRP D 184 31.70 58.98 34.51
CA TRP D 184 32.65 59.78 33.75
C TRP D 184 33.08 60.95 34.61
N LEU D 185 34.37 61.09 34.78
CA LEU D 185 34.97 62.25 35.42
C LEU D 185 35.42 63.23 34.35
N ARG D 186 35.70 64.45 34.78
CA ARG D 186 36.26 65.47 33.93
C ARG D 186 37.77 65.42 33.98
N LEU D 187 38.38 65.57 32.82
CA LEU D 187 39.82 65.71 32.70
C LEU D 187 40.17 67.16 33.00
N GLN D 188 40.47 67.41 34.27
CA GLN D 188 40.80 68.75 34.72
C GLN D 188 42.15 69.17 34.15
N THR D 189 42.49 70.44 34.39
CA THR D 189 43.74 70.99 33.89
C THR D 189 44.91 70.61 34.79
N ALA D 190 44.81 70.89 36.10
CA ALA D 190 45.88 70.55 37.02
C ALA D 190 45.37 70.06 38.38
N GLY D 191 44.16 69.50 38.45
CA GLY D 191 43.56 69.16 39.72
C GLY D 191 42.77 67.87 39.73
N ASN D 192 43.18 66.90 38.94
CA ASN D 192 42.44 65.66 38.83
C ASN D 192 42.45 64.89 40.15
N VAL D 193 41.46 64.03 40.30
CA VAL D 193 41.20 63.33 41.55
C VAL D 193 42.01 62.04 41.58
N ASP D 194 42.42 61.66 42.78
CA ASP D 194 43.26 60.50 42.96
C ASP D 194 42.43 59.24 42.92
N HIS D 195 42.84 58.29 42.10
CA HIS D 195 42.31 56.95 42.13
C HIS D 195 43.17 56.08 43.05
N VAL D 196 42.56 55.02 43.54
CA VAL D 196 43.10 54.26 44.65
C VAL D 196 42.82 52.78 44.39
N GLY D 197 43.53 51.91 45.11
CA GLY D 197 43.39 50.50 44.85
C GLY D 197 44.55 49.55 45.02
N LEU D 198 45.66 49.94 45.62
CA LEU D 198 46.68 48.94 45.93
C LEU D 198 47.46 49.26 47.19
N GLY D 199 47.61 48.25 48.02
CA GLY D 199 48.49 48.31 49.17
C GLY D 199 49.31 47.05 49.26
N THR D 200 50.53 47.20 49.76
CA THR D 200 51.53 46.15 49.71
C THR D 200 52.12 45.91 51.09
N ALA D 201 52.73 44.74 51.24
CA ALA D 201 53.50 44.39 52.42
C ALA D 201 54.65 43.52 51.98
N PHE D 202 55.86 44.05 52.10
CA PHE D 202 57.08 43.37 51.71
C PHE D 202 57.85 42.94 52.96
N GLU D 203 58.34 41.71 52.93
CA GLU D 203 59.13 41.18 54.02
C GLU D 203 60.54 41.73 53.93
N ASN D 204 61.03 42.28 55.03
CA ASN D 204 62.33 42.91 55.05
C ASN D 204 63.43 41.85 54.97
N SER D 205 64.64 42.33 54.73
CA SER D 205 65.78 41.46 54.46
C SER D 205 67.06 42.16 54.88
N ILE D 206 68.14 41.38 54.94
CA ILE D 206 69.45 41.94 55.23
C ILE D 206 69.94 42.78 54.08
N TYR D 207 69.53 42.46 52.86
CA TYR D 207 69.92 43.18 51.66
C TYR D 207 68.80 44.10 51.21
N ASP D 208 69.17 45.14 50.48
CA ASP D 208 68.20 46.06 49.93
C ASP D 208 67.47 45.42 48.76
N GLN D 209 66.15 45.56 48.75
CA GLN D 209 65.28 45.03 47.70
C GLN D 209 64.74 46.19 46.89
N GLU D 210 65.21 46.35 45.67
CA GLU D 210 64.79 47.41 44.79
C GLU D 210 63.84 46.87 43.73
N TYR D 211 62.94 47.74 43.27
CA TYR D 211 61.96 47.41 42.26
C TYR D 211 61.76 48.61 41.34
N ASN D 212 61.49 48.32 40.08
CA ASN D 212 61.05 49.31 39.10
C ASN D 212 59.58 49.05 38.83
N ILE D 213 58.72 49.94 39.29
CA ILE D 213 57.29 49.73 39.23
C ILE D 213 56.75 50.46 38.01
N ARG D 214 56.07 49.71 37.14
CA ARG D 214 55.47 50.23 35.92
C ARG D 214 53.96 50.12 36.06
N VAL D 215 53.31 51.26 36.16
CA VAL D 215 51.85 51.34 36.23
C VAL D 215 51.34 51.68 34.84
N THR D 216 50.36 50.92 34.39
CA THR D 216 49.71 51.11 33.11
C THR D 216 48.22 51.29 33.37
N MET D 217 47.68 52.43 32.98
CA MET D 217 46.26 52.72 33.12
C MET D 217 45.57 52.61 31.77
N TYR D 218 44.51 51.83 31.73
CA TYR D 218 43.68 51.67 30.56
C TYR D 218 42.46 52.58 30.70
N VAL D 219 42.46 53.67 29.94
CA VAL D 219 41.50 54.74 30.13
C VAL D 219 40.56 54.78 28.94
N GLN D 220 39.50 55.55 29.09
CA GLN D 220 38.45 55.70 28.08
C GLN D 220 38.02 57.14 28.13
N PHE D 221 38.26 57.88 27.06
CA PHE D 221 37.94 59.28 26.95
C PHE D 221 36.65 59.48 26.17
N ARG D 222 36.18 60.73 26.16
CA ARG D 222 34.92 61.07 25.52
C ARG D 222 34.94 62.55 25.14
N GLU D 223 34.24 62.86 24.07
CA GLU D 223 34.01 64.24 23.62
C GLU D 223 35.32 64.95 23.25
N PHE D 224 35.89 64.49 22.16
CA PHE D 224 36.95 65.17 21.44
C PHE D 224 36.68 66.66 21.35
N ASN D 225 37.59 67.47 21.87
CA ASN D 225 37.36 68.89 22.07
C ASN D 225 38.54 69.72 21.61
N LEU D 226 39.11 69.36 20.47
CA LEU D 226 40.24 70.10 19.95
C LEU D 226 39.83 71.51 19.57
N LYS D 227 40.72 72.47 19.82
CA LYS D 227 40.51 73.86 19.50
C LYS D 227 41.59 74.31 18.53
N ASP D 228 41.16 74.91 17.42
CA ASP D 228 42.04 75.25 16.30
C ASP D 228 41.91 76.74 16.01
N PRO D 229 42.64 77.58 16.74
CA PRO D 229 42.67 78.99 16.41
C PRO D 229 43.51 79.24 15.17
N PRO D 230 43.43 80.42 14.56
CA PRO D 230 44.33 80.73 13.45
C PRO D 230 45.76 80.91 13.90
N LEU D 231 46.64 81.23 12.94
CA LEU D 231 48.06 81.38 13.21
C LEU D 231 48.65 82.55 12.41
N GLY E 43 24.24 29.15 61.03
CA GLY E 43 24.86 30.28 60.37
C GLY E 43 26.30 30.02 59.98
N ILE E 44 26.47 29.35 58.86
CA ILE E 44 27.78 28.87 58.44
C ILE E 44 28.56 30.01 57.82
N PHE E 45 29.87 30.01 58.05
CA PHE E 45 30.79 30.95 57.44
C PHE E 45 32.13 30.25 57.28
N ASN E 46 32.41 29.82 56.06
CA ASN E 46 33.71 29.27 55.73
C ASN E 46 34.68 30.39 55.40
N THR E 47 35.82 30.40 56.06
CA THR E 47 36.84 31.39 55.79
C THR E 47 38.22 30.74 55.87
N ARG E 48 39.25 31.58 55.92
CA ARG E 48 40.63 31.16 55.82
C ARG E 48 41.47 32.04 56.73
N LEU E 49 42.24 31.41 57.61
CA LEU E 49 43.08 32.08 58.58
C LEU E 49 44.50 31.59 58.42
N SER E 50 45.45 32.52 58.48
CA SER E 50 46.85 32.26 58.23
C SER E 50 47.70 32.76 59.39
N ARG E 51 48.96 32.35 59.34
CA ARG E 51 49.94 32.57 60.38
C ARG E 51 51.30 32.17 59.82
N THR E 52 52.33 32.94 60.17
CA THR E 52 53.67 32.74 59.62
C THR E 52 54.68 32.75 60.75
N PHE E 53 55.64 31.83 60.66
CA PHE E 53 56.68 31.71 61.67
C PHE E 53 57.88 31.00 61.05
N GLY E 54 58.98 31.01 61.79
CA GLY E 54 60.23 30.48 61.32
C GLY E 54 60.63 29.12 61.88
N TYR E 55 61.48 28.42 61.14
CA TYR E 55 62.04 27.14 61.56
C TYR E 55 63.41 27.02 60.93
N THR E 56 64.40 26.68 61.75
CA THR E 56 65.78 26.55 61.31
C THR E 56 66.33 25.19 61.70
N ILE E 57 67.07 24.59 60.78
CA ILE E 57 67.82 23.37 61.01
C ILE E 57 69.28 23.78 61.10
N LYS E 58 69.81 23.80 62.31
CA LYS E 58 71.18 24.25 62.52
C LYS E 58 72.18 23.29 61.88
N ARG E 59 73.37 23.81 61.63
CA ARG E 59 74.43 23.05 61.00
C ARG E 59 75.01 22.01 61.96
N THR E 60 75.67 21.02 61.37
CA THR E 60 76.32 19.95 62.12
C THR E 60 77.63 19.58 61.43
N THR E 61 78.66 19.36 62.24
CA THR E 61 79.93 18.84 61.74
C THR E 61 79.89 17.34 61.47
N VAL E 62 78.80 16.67 61.82
CA VAL E 62 78.69 15.23 61.58
C VAL E 62 78.81 14.94 60.09
N LYS E 63 79.57 13.90 59.78
CA LYS E 63 79.82 13.54 58.39
C LYS E 63 78.71 12.69 57.80
N THR E 64 78.12 11.81 58.60
CA THR E 64 77.12 10.89 58.13
C THR E 64 75.87 11.63 57.68
N PRO E 65 74.98 10.97 56.95
CA PRO E 65 73.65 11.53 56.72
C PRO E 65 72.78 11.31 57.94
N SER E 66 72.52 12.37 58.68
CA SER E 66 71.62 12.35 59.82
C SER E 66 70.45 13.29 59.55
N TRP E 67 69.35 13.02 60.24
CA TRP E 67 68.12 13.78 60.08
C TRP E 67 67.72 14.44 61.38
N ALA E 68 67.09 15.60 61.23
CA ALA E 68 66.55 16.38 62.33
C ALA E 68 65.05 16.24 62.36
N VAL E 69 64.53 15.75 63.46
CA VAL E 69 63.12 15.45 63.60
C VAL E 69 62.46 16.51 64.45
N ASP E 70 61.25 16.88 64.08
CA ASP E 70 60.47 17.86 64.83
C ASP E 70 59.00 17.63 64.53
N MET E 71 58.17 18.27 65.34
CA MET E 71 56.73 18.11 65.30
C MET E 71 56.06 19.44 65.00
N MET E 72 54.77 19.38 64.70
CA MET E 72 54.00 20.57 64.35
C MET E 72 52.55 20.33 64.72
N ARG E 73 52.06 21.11 65.68
CA ARG E 73 50.66 21.13 66.07
C ARG E 73 50.01 22.41 65.58
N PHE E 74 48.68 22.44 65.64
CA PHE E 74 47.89 23.58 65.18
C PHE E 74 46.82 23.89 66.20
N ASN E 75 46.80 25.14 66.67
CA ASN E 75 45.78 25.63 67.57
C ASN E 75 45.20 26.91 67.00
N ILE E 76 43.91 27.13 67.29
CA ILE E 76 43.20 28.27 66.74
C ILE E 76 43.47 29.56 67.49
N ASN E 77 44.05 29.48 68.69
CA ASN E 77 44.41 30.70 69.39
C ASN E 77 45.51 31.46 68.66
N ASP E 78 46.37 30.75 67.96
CA ASP E 78 47.46 31.36 67.22
C ASP E 78 47.01 32.00 65.92
N PHE E 79 45.79 31.71 65.46
CA PHE E 79 45.24 32.29 64.26
C PHE E 79 44.13 33.31 64.52
N LEU E 80 43.39 33.11 65.60
CA LEU E 80 42.25 33.95 65.96
C LEU E 80 42.56 34.71 67.25
N PRO E 81 42.74 36.02 67.23
CA PRO E 81 43.08 36.71 68.46
C PRO E 81 41.87 36.87 69.36
N PRO E 82 42.08 37.33 70.59
CA PRO E 82 40.94 37.67 71.43
C PRO E 82 40.26 38.93 70.96
N GLY E 83 38.95 38.99 71.17
CA GLY E 83 38.18 40.13 70.74
C GLY E 83 38.21 41.26 71.73
N GLY E 84 37.07 41.90 71.90
CA GLY E 84 36.96 43.01 72.83
C GLY E 84 35.54 43.25 73.27
N GLY E 85 35.36 43.40 74.59
CA GLY E 85 34.05 43.65 75.14
C GLY E 85 33.27 42.39 75.39
N SER E 86 31.97 42.44 75.11
CA SER E 86 31.10 41.30 75.34
C SER E 86 31.37 40.16 74.36
N ASN E 87 32.08 40.43 73.27
CA ASN E 87 32.47 39.39 72.33
C ASN E 87 33.88 38.91 72.68
N PRO E 88 34.05 37.69 73.20
CA PRO E 88 35.37 37.30 73.67
C PRO E 88 36.37 37.06 72.56
N ARG E 89 35.91 36.78 71.35
CA ARG E 89 36.77 36.52 70.21
C ARG E 89 36.47 37.51 69.09
N SER E 90 37.42 37.60 68.15
CA SER E 90 37.35 38.60 67.10
C SER E 90 36.43 38.18 65.96
N VAL E 91 36.22 36.88 65.80
CA VAL E 91 35.25 36.35 64.85
C VAL E 91 34.01 35.94 65.63
N PRO E 92 32.87 36.65 65.49
CA PRO E 92 31.77 36.39 66.41
C PRO E 92 30.93 35.17 66.07
N PHE E 93 31.47 34.01 66.44
CA PHE E 93 30.79 32.74 66.26
C PHE E 93 31.04 31.88 67.49
N GLU E 94 30.18 30.88 67.66
CA GLU E 94 30.21 29.99 68.81
C GLU E 94 31.02 28.73 68.56
N TYR E 95 30.74 28.05 67.47
CA TYR E 95 31.31 26.74 67.17
C TYR E 95 32.26 26.85 65.98
N TYR E 96 33.11 25.85 65.85
CA TYR E 96 34.04 25.78 64.75
C TYR E 96 34.42 24.32 64.50
N ARG E 97 34.98 24.09 63.33
CA ARG E 97 35.60 22.82 63.02
C ARG E 97 36.56 23.04 61.87
N ILE E 98 37.80 22.59 62.04
CA ILE E 98 38.84 22.82 61.07
C ILE E 98 38.69 21.79 59.95
N ARG E 99 38.54 22.28 58.73
CA ARG E 99 38.34 21.44 57.56
C ARG E 99 39.64 20.97 56.94
N LYS E 100 40.58 21.89 56.75
CA LYS E 100 41.84 21.60 56.09
C LYS E 100 42.90 22.52 56.68
N VAL E 101 44.16 22.12 56.50
CA VAL E 101 45.31 22.94 56.80
C VAL E 101 46.28 22.81 55.65
N LYS E 102 46.93 23.93 55.32
CA LYS E 102 47.97 24.00 54.31
C LYS E 102 49.23 24.51 54.98
N VAL E 103 50.19 23.64 55.15
CA VAL E 103 51.50 23.99 55.66
C VAL E 103 52.43 24.19 54.48
N GLU E 104 53.04 25.37 54.41
CA GLU E 104 53.93 25.76 53.33
C GLU E 104 55.29 26.06 53.91
N PHE E 105 56.29 25.29 53.51
CA PHE E 105 57.69 25.56 53.85
C PHE E 105 58.26 26.43 52.75
N TRP E 106 58.30 27.73 53.01
CA TRP E 106 58.89 28.67 52.08
C TRP E 106 60.37 28.80 52.40
N PRO E 107 61.28 28.45 51.49
CA PRO E 107 62.70 28.49 51.83
C PRO E 107 63.22 29.89 52.01
N CYS E 108 64.31 29.96 52.77
CA CYS E 108 65.04 31.18 53.01
C CYS E 108 66.44 31.14 52.43
N SER E 109 66.80 30.07 51.77
CA SER E 109 68.16 29.79 51.36
C SER E 109 68.30 29.99 49.85
N PRO E 110 69.48 30.39 49.38
CA PRO E 110 69.65 30.63 47.96
C PRO E 110 69.69 29.34 47.17
N ILE E 111 69.43 29.46 45.86
CA ILE E 111 69.49 28.31 44.99
C ILE E 111 70.91 27.85 44.69
N THR E 112 71.92 28.59 45.13
CA THR E 112 73.31 28.19 44.99
C THR E 112 73.84 27.41 46.18
N GLN E 113 73.01 27.15 47.19
CA GLN E 113 73.49 26.49 48.38
C GLN E 113 73.69 25.01 48.11
N GLY E 114 74.82 24.48 48.54
CA GLY E 114 75.15 23.10 48.35
C GLY E 114 74.85 22.25 49.57
N ASP E 115 75.44 21.06 49.57
CA ASP E 115 75.19 20.06 50.60
C ASP E 115 73.71 19.77 50.72
N ARG E 116 73.07 19.63 49.56
CA ARG E 116 71.65 19.38 49.50
C ARG E 116 71.31 18.03 50.13
N GLY E 117 70.03 17.84 50.38
CA GLY E 117 69.55 16.69 51.10
C GLY E 117 68.16 16.28 50.71
N VAL E 118 67.62 15.30 51.41
CA VAL E 118 66.30 14.77 51.12
C VAL E 118 65.66 14.31 52.41
N GLY E 119 64.44 14.78 52.65
CA GLY E 119 63.72 14.51 53.86
C GLY E 119 62.32 13.99 53.62
N SER E 120 61.48 14.07 54.64
CA SER E 120 60.16 13.49 54.57
C SER E 120 59.24 14.22 55.53
N SER E 121 58.00 14.44 55.08
CA SER E 121 56.93 15.00 55.90
C SER E 121 55.77 14.02 55.91
N ALA E 122 55.27 13.71 57.10
CA ALA E 122 54.19 12.77 57.27
C ALA E 122 53.10 13.37 58.13
N VAL E 123 51.92 12.77 58.03
CA VAL E 123 50.71 13.25 58.70
C VAL E 123 50.44 12.36 59.90
N ILE E 124 50.41 12.96 61.08
CA ILE E 124 50.37 12.26 62.35
C ILE E 124 49.19 12.81 63.14
N LEU E 125 48.06 12.09 63.11
CA LEU E 125 46.80 12.58 63.61
C LEU E 125 46.50 12.18 65.05
N ASP E 126 47.51 11.93 65.89
CA ASP E 126 47.28 11.34 67.19
C ASP E 126 48.14 11.84 68.34
N ASP E 127 49.00 12.83 68.12
CA ASP E 127 49.76 13.45 69.21
C ASP E 127 50.80 12.51 69.80
N ASN E 128 51.27 11.55 69.01
CA ASN E 128 52.42 10.71 69.39
C ASN E 128 53.35 10.74 68.19
N PHE E 129 54.25 11.70 68.23
CA PHE E 129 55.25 11.91 67.20
C PHE E 129 56.51 11.11 67.52
N VAL E 130 57.34 10.92 66.50
CA VAL E 130 58.70 10.46 66.74
C VAL E 130 59.39 11.52 67.60
N THR E 131 60.20 11.05 68.53
CA THR E 131 60.85 11.94 69.48
C THR E 131 61.71 12.96 68.75
N LYS E 132 61.70 14.19 69.24
CA LYS E 132 62.50 15.24 68.65
C LYS E 132 63.98 14.90 68.77
N ALA E 133 64.68 14.98 67.64
CA ALA E 133 66.07 14.60 67.54
C ALA E 133 66.83 15.64 66.74
N THR E 134 68.10 15.81 67.07
CA THR E 134 68.97 16.74 66.37
C THR E 134 69.67 16.06 65.20
N ALA E 135 70.28 14.91 65.43
CA ALA E 135 70.97 14.15 64.39
C ALA E 135 70.66 12.68 64.59
N LEU E 136 69.57 12.23 63.98
CA LEU E 136 69.19 10.82 64.00
C LEU E 136 69.72 10.13 62.75
N THR E 137 70.14 8.88 62.91
CA THR E 137 70.85 8.15 61.87
C THR E 137 69.94 7.64 60.76
N TYR E 138 68.67 8.02 60.73
CA TYR E 138 67.76 7.55 59.70
C TYR E 138 66.58 8.50 59.64
N ASP E 139 65.81 8.37 58.56
CA ASP E 139 64.59 9.14 58.37
C ASP E 139 63.41 8.32 58.88
N PRO E 140 62.82 8.65 60.03
CA PRO E 140 61.75 7.79 60.53
C PRO E 140 60.48 7.87 59.71
N TYR E 141 60.19 9.01 59.11
CA TYR E 141 58.96 9.24 58.39
C TYR E 141 59.03 8.80 56.94
N VAL E 142 60.02 8.00 56.57
CA VAL E 142 60.26 7.69 55.17
C VAL E 142 59.30 6.61 54.69
N ASN E 143 59.04 5.60 55.51
CA ASN E 143 58.19 4.50 55.13
C ASN E 143 56.72 4.74 55.47
N TYR E 144 56.39 5.92 55.96
CA TYR E 144 55.01 6.25 56.25
C TYR E 144 54.20 6.38 54.98
N SER E 145 52.95 5.92 55.04
CA SER E 145 52.07 5.97 53.90
C SER E 145 51.75 7.39 53.48
N SER E 146 51.89 8.36 54.38
CA SER E 146 51.63 9.76 54.10
C SER E 146 52.91 10.55 53.90
N ARG E 147 54.00 9.89 53.52
CA ARG E 147 55.27 10.57 53.34
C ARG E 147 55.28 11.27 51.99
N HIS E 148 55.69 12.53 52.03
CA HIS E 148 56.05 13.29 50.85
C HIS E 148 57.52 13.67 51.00
N THR E 149 58.26 13.57 49.91
CA THR E 149 59.66 13.90 49.93
C THR E 149 59.87 15.41 50.03
N ILE E 150 60.80 15.79 50.90
CA ILE E 150 61.23 17.17 51.04
C ILE E 150 62.59 17.26 50.36
N THR E 151 62.62 17.94 49.23
CA THR E 151 63.89 18.39 48.67
C THR E 151 64.37 19.61 49.44
N GLN E 152 65.65 19.61 49.76
CA GLN E 152 66.27 20.64 50.57
C GLN E 152 67.43 21.26 49.82
N PRO E 153 67.85 22.48 50.17
CA PRO E 153 67.30 23.46 51.11
C PRO E 153 66.43 24.54 50.48
N PHE E 154 66.50 24.68 49.17
CA PHE E 154 65.95 25.81 48.46
C PHE E 154 64.68 25.48 47.70
N SER E 155 63.91 24.51 48.18
CA SER E 155 62.75 24.01 47.48
C SER E 155 61.52 24.14 48.36
N TYR E 156 60.40 24.43 47.71
CA TYR E 156 59.12 24.63 48.37
C TYR E 156 58.44 23.30 48.60
N HIS E 157 57.81 23.17 49.77
CA HIS E 157 57.13 21.97 50.19
C HIS E 157 55.79 22.36 50.79
N SER E 158 54.71 21.83 50.22
CA SER E 158 53.37 22.04 50.71
C SER E 158 52.76 20.71 51.14
N ARG E 159 51.89 20.79 52.14
CA ARG E 159 51.11 19.65 52.59
C ARG E 159 49.71 20.16 52.90
N TYR E 160 48.71 19.51 52.30
CA TYR E 160 47.31 19.90 52.41
C TYR E 160 46.54 18.69 52.89
N PHE E 161 45.97 18.80 54.09
CA PHE E 161 45.36 17.65 54.75
C PHE E 161 44.32 18.15 55.73
N THR E 162 43.61 17.20 56.33
CA THR E 162 42.55 17.45 57.29
C THR E 162 43.03 17.06 58.68
N PRO E 163 43.25 17.99 59.60
CA PRO E 163 43.73 17.59 60.92
C PRO E 163 42.64 17.00 61.77
N LYS E 164 43.00 16.59 62.98
CA LYS E 164 42.09 15.99 63.92
C LYS E 164 42.36 16.58 65.30
N PRO E 165 41.34 16.79 66.12
CA PRO E 165 41.57 17.35 67.44
C PRO E 165 41.95 16.29 68.46
N VAL E 166 42.62 16.77 69.51
CA VAL E 166 43.09 15.92 70.60
C VAL E 166 42.00 15.92 71.65
N LEU E 167 41.07 14.97 71.51
CA LEU E 167 39.96 14.84 72.45
C LEU E 167 40.38 14.08 73.69
N ASP E 168 41.10 12.98 73.52
CA ASP E 168 41.65 12.21 74.63
C ASP E 168 43.04 11.77 74.25
N SER E 169 44.05 12.36 74.89
CA SER E 169 45.43 12.01 74.61
C SER E 169 45.81 10.64 75.15
N THR E 170 45.03 10.10 76.08
CA THR E 170 45.30 8.78 76.63
C THR E 170 44.94 7.67 75.65
N ILE E 171 43.83 7.82 74.94
CA ILE E 171 43.31 6.82 74.02
C ILE E 171 43.67 7.19 72.60
N ASP E 172 43.67 8.49 72.32
CA ASP E 172 44.07 9.03 71.02
C ASP E 172 43.17 8.47 69.91
N TYR E 173 41.89 8.82 69.98
CA TYR E 173 40.91 8.43 68.99
C TYR E 173 40.56 9.62 68.11
N PHE E 174 40.26 9.33 66.85
CA PHE E 174 39.89 10.37 65.90
C PHE E 174 38.93 9.80 64.87
N GLN E 175 38.31 10.66 64.20
CA GLN E 175 37.31 10.36 63.20
C GLN E 175 37.92 10.25 61.81
N PRO E 176 37.36 9.43 60.94
CA PRO E 176 37.77 9.49 59.53
C PRO E 176 37.22 10.72 58.84
N ASN E 177 37.64 10.94 57.61
CA ASN E 177 37.27 12.15 56.89
C ASN E 177 35.83 12.04 56.42
N ASN E 178 34.99 12.93 56.92
CA ASN E 178 33.59 13.01 56.53
C ASN E 178 33.15 14.44 56.78
N LYS E 179 32.85 15.17 55.71
CA LYS E 179 32.48 16.56 55.89
C LYS E 179 31.16 16.69 56.62
N ARG E 180 30.27 15.72 56.47
CA ARG E 180 28.94 15.83 57.05
C ARG E 180 28.89 15.43 58.51
N ASN E 181 29.82 14.58 58.95
CA ASN E 181 29.83 14.03 60.29
C ASN E 181 30.92 14.59 61.17
N GLN E 182 31.71 15.55 60.68
CA GLN E 182 32.79 16.11 61.47
C GLN E 182 32.25 16.86 62.66
N LEU E 183 32.87 16.62 63.81
CA LEU E 183 32.44 17.21 65.05
C LEU E 183 32.61 18.72 65.03
N TRP E 184 31.67 19.41 65.67
CA TRP E 184 31.78 20.82 65.96
C TRP E 184 32.36 20.99 67.34
N LEU E 185 33.44 21.74 67.44
CA LEU E 185 34.01 22.14 68.72
C LEU E 185 33.52 23.53 69.06
N ARG E 186 33.71 23.90 70.32
CA ARG E 186 33.41 25.24 70.78
C ARG E 186 34.63 26.13 70.64
N LEU E 187 34.40 27.34 70.19
CA LEU E 187 35.42 28.37 70.15
C LEU E 187 35.54 28.97 71.54
N GLN E 188 36.45 28.41 72.32
CA GLN E 188 36.67 28.85 73.68
C GLN E 188 37.29 30.24 73.68
N THR E 189 37.41 30.80 74.88
CA THR E 189 37.97 32.13 75.04
C THR E 189 39.49 32.11 75.02
N ALA E 190 40.10 31.28 75.87
CA ALA E 190 41.56 31.17 75.90
C ALA E 190 42.07 29.75 76.13
N GLY E 191 41.30 28.74 75.77
CA GLY E 191 41.63 27.36 76.09
C GLY E 191 41.31 26.35 75.03
N ASN E 192 41.40 26.75 73.76
CA ASN E 192 41.06 25.85 72.68
C ASN E 192 42.00 24.66 72.60
N VAL E 193 41.51 23.60 71.99
CA VAL E 193 42.19 22.32 71.95
C VAL E 193 43.13 22.28 70.77
N ASP E 194 44.25 21.57 70.95
CA ASP E 194 45.28 21.50 69.92
C ASP E 194 44.89 20.51 68.85
N HIS E 195 44.95 20.93 67.61
CA HIS E 195 44.87 20.04 66.47
C HIS E 195 46.25 19.61 66.05
N VAL E 196 46.32 18.46 65.40
CA VAL E 196 47.57 17.76 65.18
C VAL E 196 47.53 17.16 63.78
N GLY E 197 48.70 16.75 63.28
CA GLY E 197 48.75 16.28 61.92
C GLY E 197 49.98 16.50 61.07
N LEU E 198 51.11 16.96 61.60
CA LEU E 198 52.30 16.96 60.76
C LEU E 198 53.57 16.74 61.56
N GLY E 199 54.41 15.86 61.03
CA GLY E 199 55.75 15.66 61.53
C GLY E 199 56.72 15.60 60.39
N THR E 200 57.94 16.08 60.65
CA THR E 200 58.93 16.31 59.62
C THR E 200 60.25 15.65 60.00
N ALA E 201 61.07 15.46 58.97
CA ALA E 201 62.44 15.00 59.14
C ALA E 201 63.29 15.66 58.07
N PHE E 202 64.18 16.55 58.49
CA PHE E 202 65.07 17.28 57.62
C PHE E 202 66.48 16.75 57.74
N GLU E 203 67.13 16.57 56.59
CA GLU E 203 68.50 16.12 56.56
C GLU E 203 69.43 17.28 56.89
N ASN E 204 70.32 17.06 57.85
CA ASN E 204 71.22 18.10 58.30
C ASN E 204 72.25 18.41 57.24
N SER E 205 72.95 19.53 57.45
CA SER E 205 73.88 20.05 56.47
C SER E 205 74.96 20.85 57.18
N ILE E 206 76.02 21.17 56.42
CA ILE E 206 77.09 22.01 56.95
C ILE E 206 76.60 23.44 57.13
N TYR E 207 75.65 23.87 56.33
CA TYR E 207 75.10 25.21 56.38
C TYR E 207 73.74 25.19 57.09
N ASP E 208 73.38 26.34 57.64
CA ASP E 208 72.08 26.47 58.28
C ASP E 208 70.98 26.54 57.24
N GLN E 209 69.91 25.79 57.47
CA GLN E 209 68.75 25.75 56.59
C GLN E 209 67.58 26.41 57.30
N GLU E 210 67.20 27.60 56.84
CA GLU E 210 66.11 28.35 57.41
C GLU E 210 64.88 28.26 56.52
N TYR E 211 63.71 28.35 57.16
CA TYR E 211 62.43 28.29 56.48
C TYR E 211 61.47 29.27 57.14
N ASN E 212 60.59 29.83 56.34
CA ASN E 212 59.45 30.62 56.81
C ASN E 212 58.21 29.79 56.57
N ILE E 213 57.60 29.30 57.64
CA ILE E 213 56.49 28.38 57.54
C ILE E 213 55.20 29.15 57.67
N ARG E 214 54.34 29.02 56.67
CA ARG E 214 53.04 29.68 56.62
C ARG E 214 51.96 28.60 56.71
N VAL E 215 51.25 28.58 57.83
CA VAL E 215 50.14 27.67 58.05
C VAL E 215 48.86 28.42 57.75
N THR E 216 48.00 27.81 56.95
CA THR E 216 46.70 28.35 56.59
C THR E 216 45.65 27.32 56.98
N MET E 217 44.76 27.71 57.87
CA MET E 217 43.66 26.85 58.30
C MET E 217 42.36 27.29 57.64
N TYR E 218 41.68 26.33 57.03
CA TYR E 218 40.38 26.55 56.41
C TYR E 218 39.32 26.07 57.39
N VAL E 219 38.62 27.01 58.01
CA VAL E 219 37.73 26.73 59.12
C VAL E 219 36.29 26.96 58.68
N GLN E 220 35.38 26.50 59.52
CA GLN E 220 33.95 26.60 59.27
C GLN E 220 33.30 26.88 60.62
N PHE E 221 32.71 28.05 60.75
CA PHE E 221 32.07 28.48 61.97
C PHE E 221 30.56 28.29 61.90
N ARG E 222 29.91 28.51 63.04
CA ARG E 222 28.47 28.29 63.16
C ARG E 222 27.94 29.16 64.29
N GLU E 223 26.68 29.57 64.14
CA GLU E 223 25.93 30.28 65.17
C GLU E 223 26.59 31.62 65.53
N PHE E 224 26.49 32.53 64.57
CA PHE E 224 26.75 33.96 64.77
C PHE E 224 26.15 34.44 66.07
N ASN E 225 26.98 34.98 66.94
CA ASN E 225 26.57 35.29 68.31
C ASN E 225 27.05 36.66 68.73
N LEU E 226 26.91 37.64 67.86
CA LEU E 226 27.33 38.99 68.19
C LEU E 226 26.45 39.55 69.30
N LYS E 227 27.08 40.31 70.18
CA LYS E 227 26.41 40.97 71.29
C LYS E 227 26.58 42.47 71.15
N ASP E 228 25.46 43.19 71.21
CA ASP E 228 25.42 44.63 70.94
C ASP E 228 24.81 45.34 72.13
N PRO E 229 25.61 45.64 73.15
CA PRO E 229 25.12 46.46 74.25
C PRO E 229 24.99 47.91 73.83
N PRO E 230 24.31 48.74 74.61
CA PRO E 230 24.30 50.17 74.30
C PRO E 230 25.63 50.84 74.54
N LEU E 231 25.68 52.15 74.32
CA LEU E 231 26.91 52.93 74.47
C LEU E 231 26.64 54.29 75.08
N GLY F 43 47.22 3.01 54.06
CA GLY F 43 47.76 1.69 53.81
C GLY F 43 47.02 0.61 54.57
N ILE F 44 45.90 0.18 54.02
CA ILE F 44 45.01 -0.73 54.70
C ILE F 44 45.53 -2.15 54.60
N PHE F 45 45.32 -2.92 55.66
CA PHE F 45 45.66 -4.32 55.69
C PHE F 45 44.66 -5.02 56.61
N ASN F 46 43.69 -5.68 56.02
CA ASN F 46 42.76 -6.51 56.78
C ASN F 46 43.37 -7.88 57.00
N THR F 47 43.39 -8.32 58.25
CA THR F 47 43.89 -9.63 58.59
C THR F 47 43.03 -10.23 59.70
N ARG F 48 43.54 -11.30 60.29
CA ARG F 48 42.81 -12.13 61.25
C ARG F 48 43.78 -12.61 62.31
N LEU F 49 43.43 -12.36 63.57
CA LEU F 49 44.25 -12.71 64.72
C LEU F 49 43.43 -13.56 65.65
N SER F 50 44.03 -14.60 66.19
CA SER F 50 43.36 -15.59 67.02
C SER F 50 44.10 -15.78 68.33
N ARG F 51 43.44 -16.49 69.23
CA ARG F 51 43.87 -16.69 70.60
C ARG F 51 42.95 -17.74 71.20
N THR F 52 43.52 -18.63 72.01
CA THR F 52 42.80 -19.75 72.58
C THR F 52 43.06 -19.84 74.08
N PHE F 53 42.00 -20.12 74.83
CA PHE F 53 42.10 -20.23 76.27
C PHE F 53 40.93 -21.06 76.78
N GLY F 54 41.01 -21.42 78.05
CA GLY F 54 40.04 -22.29 78.67
C GLY F 54 39.03 -21.62 79.57
N TYR F 55 37.89 -22.28 79.75
CA TYR F 55 36.84 -21.84 80.66
C TYR F 55 36.13 -23.08 81.18
N THR F 56 35.96 -23.15 82.49
CA THR F 56 35.33 -24.28 83.15
C THR F 56 34.20 -23.81 84.04
N ILE F 57 33.10 -24.55 84.00
CA ILE F 57 31.97 -24.37 84.89
C ILE F 57 32.02 -25.52 85.87
N LYS F 58 32.45 -25.24 87.10
CA LYS F 58 32.61 -26.27 88.11
C LYS F 58 31.26 -26.87 88.51
N ARG F 59 31.32 -28.07 89.06
CA ARG F 59 30.15 -28.79 89.47
C ARG F 59 29.53 -28.17 90.71
N THR F 60 28.25 -28.49 90.93
CA THR F 60 27.50 -28.03 92.09
C THR F 60 26.57 -29.13 92.56
N THR F 61 26.49 -29.30 93.88
CA THR F 61 25.52 -30.21 94.50
C THR F 61 24.12 -29.62 94.53
N VAL F 62 23.94 -28.36 94.15
CA VAL F 62 22.62 -27.75 94.16
C VAL F 62 21.69 -28.52 93.24
N LYS F 63 20.46 -28.73 93.72
CA LYS F 63 19.48 -29.50 92.96
C LYS F 63 18.75 -28.66 91.93
N THR F 64 18.48 -27.40 92.27
CA THR F 64 17.71 -26.54 91.39
C THR F 64 18.45 -26.26 90.09
N PRO F 65 17.75 -25.75 89.08
CA PRO F 65 18.46 -25.22 87.92
C PRO F 65 19.00 -23.84 88.22
N SER F 66 20.32 -23.75 88.38
CA SER F 66 21.01 -22.50 88.58
C SER F 66 21.98 -22.28 87.42
N TRP F 67 22.31 -21.01 87.20
CA TRP F 67 23.18 -20.61 86.11
C TRP F 67 24.42 -19.92 86.64
N ALA F 68 25.51 -20.10 85.89
CA ALA F 68 26.80 -19.50 86.19
C ALA F 68 27.04 -18.38 85.19
N VAL F 69 27.22 -17.19 85.70
CA VAL F 69 27.35 -15.99 84.88
C VAL F 69 28.80 -15.56 84.86
N ASP F 70 29.25 -15.11 83.70
CA ASP F 70 30.60 -14.61 83.52
C ASP F 70 30.62 -13.65 82.34
N MET F 71 31.72 -12.93 82.25
CA MET F 71 31.91 -11.88 81.25
C MET F 71 33.10 -12.22 80.35
N MET F 72 33.20 -11.46 79.26
CA MET F 72 34.26 -11.67 78.28
C MET F 72 34.56 -10.36 77.58
N ARG F 73 35.77 -9.85 77.80
CA ARG F 73 36.29 -8.68 77.11
C ARG F 73 37.34 -9.10 76.10
N PHE F 74 37.70 -8.17 75.22
CA PHE F 74 38.67 -8.41 74.16
C PHE F 74 39.64 -7.25 74.10
N ASN F 75 40.93 -7.57 74.21
CA ASN F 75 41.99 -6.59 74.05
C ASN F 75 42.99 -7.10 73.03
N ILE F 76 43.61 -6.16 72.31
CA ILE F 76 44.52 -6.51 71.23
C ILE F 76 45.90 -6.88 71.73
N ASN F 77 46.24 -6.59 72.98
CA ASN F 77 47.52 -7.02 73.52
C ASN F 77 47.59 -8.53 73.62
N ASP F 78 46.45 -9.19 73.84
CA ASP F 78 46.41 -10.63 73.95
C ASP F 78 46.50 -11.34 72.61
N PHE F 79 46.34 -10.61 71.51
CA PHE F 79 46.43 -11.17 70.17
C PHE F 79 47.68 -10.73 69.43
N LEU F 80 48.17 -9.54 69.71
CA LEU F 80 49.33 -8.94 69.04
C LEU F 80 50.48 -8.80 70.02
N PRO F 81 51.56 -9.55 69.92
CA PRO F 81 52.63 -9.42 70.89
C PRO F 81 53.44 -8.18 70.68
N PRO F 82 54.33 -7.85 71.60
CA PRO F 82 55.26 -6.75 71.36
C PRO F 82 56.31 -7.15 70.35
N GLY F 83 56.76 -6.15 69.59
CA GLY F 83 57.74 -6.39 68.55
C GLY F 83 59.15 -6.39 69.08
N GLY F 84 60.06 -5.81 68.30
CA GLY F 84 61.44 -5.74 68.69
C GLY F 84 62.18 -4.63 68.00
N GLY F 85 62.93 -3.85 68.77
CA GLY F 85 63.70 -2.76 68.23
C GLY F 85 62.90 -1.48 68.09
N SER F 86 63.12 -0.77 66.99
CA SER F 86 62.43 0.48 66.76
C SER F 86 60.95 0.29 66.45
N ASN F 87 60.54 -0.93 66.12
CA ASN F 87 59.14 -1.24 65.90
C ASN F 87 58.55 -1.77 67.20
N PRO F 88 57.68 -1.03 67.89
CA PRO F 88 57.23 -1.50 69.20
C PRO F 88 56.31 -2.70 69.14
N ARG F 89 55.64 -2.92 68.02
CA ARG F 89 54.71 -4.02 67.84
C ARG F 89 55.14 -4.90 66.68
N SER F 90 54.58 -6.11 66.65
CA SER F 90 55.00 -7.11 65.68
C SER F 90 54.35 -6.91 64.32
N VAL F 91 53.21 -6.24 64.28
CA VAL F 91 52.55 -5.84 63.04
C VAL F 91 52.85 -4.37 62.82
N PRO F 92 53.65 -3.99 61.82
CA PRO F 92 54.10 -2.60 61.76
C PRO F 92 53.08 -1.64 61.16
N PHE F 93 52.12 -1.27 61.99
CA PHE F 93 51.10 -0.31 61.62
C PHE F 93 50.84 0.60 62.81
N GLU F 94 50.25 1.76 62.52
CA GLU F 94 49.98 2.79 63.51
C GLU F 94 48.59 2.68 64.10
N TYR F 95 47.58 2.60 63.26
CA TYR F 95 46.19 2.64 63.66
C TYR F 95 45.53 1.30 63.45
N TYR F 96 44.40 1.10 64.13
CA TYR F 96 43.64 -0.12 63.99
C TYR F 96 42.18 0.16 64.34
N ARG F 97 41.32 -0.77 63.92
CA ARG F 97 39.95 -0.77 64.35
C ARG F 97 39.41 -2.18 64.16
N ILE F 98 38.79 -2.72 65.21
CA ILE F 98 38.31 -4.09 65.18
C ILE F 98 36.98 -4.12 64.48
N ARG F 99 36.89 -4.92 63.43
CA ARG F 99 35.70 -5.02 62.60
C ARG F 99 34.72 -6.04 63.15
N LYS F 100 35.21 -7.23 63.48
CA LYS F 100 34.38 -8.33 63.94
C LYS F 100 35.17 -9.17 64.91
N VAL F 101 34.45 -9.94 65.72
CA VAL F 101 35.02 -10.96 66.58
C VAL F 101 34.17 -12.21 66.45
N LYS F 102 34.85 -13.36 66.47
CA LYS F 102 34.21 -14.67 66.44
C LYS F 102 34.67 -15.40 67.69
N VAL F 103 33.75 -15.56 68.63
CA VAL F 103 33.98 -16.35 69.82
C VAL F 103 33.42 -17.75 69.59
N GLU F 104 34.27 -18.75 69.75
CA GLU F 104 33.91 -20.14 69.52
C GLU F 104 34.11 -20.90 70.82
N PHE F 105 33.02 -21.46 71.35
CA PHE F 105 33.08 -22.35 72.50
C PHE F 105 33.22 -23.77 71.97
N TRP F 106 34.44 -24.25 71.94
CA TRP F 106 34.71 -25.61 71.54
C TRP F 106 34.62 -26.53 72.75
N PRO F 107 33.70 -27.49 72.78
CA PRO F 107 33.56 -28.30 73.99
C PRO F 107 34.73 -29.22 74.23
N CYS F 108 34.87 -29.57 75.50
CA CYS F 108 35.87 -30.53 75.96
C CYS F 108 35.25 -31.80 76.51
N SER F 109 33.93 -31.91 76.49
CA SER F 109 33.20 -32.94 77.17
C SER F 109 32.67 -33.96 76.16
N PRO F 110 32.53 -35.22 76.56
CA PRO F 110 32.07 -36.23 75.62
C PRO F 110 30.60 -36.09 75.33
N ILE F 111 30.19 -36.70 74.21
CA ILE F 111 28.79 -36.68 73.83
C ILE F 111 27.92 -37.60 74.67
N THR F 112 28.53 -38.40 75.54
CA THR F 112 27.80 -39.26 76.46
C THR F 112 27.51 -38.60 77.80
N GLN F 113 27.94 -37.36 78.00
CA GLN F 113 27.77 -36.72 79.30
C GLN F 113 26.33 -36.31 79.48
N GLY F 114 25.79 -36.61 80.66
CA GLY F 114 24.43 -36.30 80.99
C GLY F 114 24.29 -35.03 81.80
N ASP F 115 23.13 -34.86 82.41
CA ASP F 115 22.79 -33.66 83.16
C ASP F 115 22.92 -32.44 82.26
N ARG F 116 22.44 -32.56 81.03
CA ARG F 116 22.54 -31.50 80.07
C ARG F 116 21.73 -30.29 80.51
N GLY F 117 21.98 -29.17 79.84
CA GLY F 117 21.41 -27.91 80.23
C GLY F 117 21.21 -26.97 79.07
N VAL F 118 20.79 -25.75 79.37
CA VAL F 118 20.51 -24.76 78.35
C VAL F 118 20.84 -23.38 78.91
N GLY F 119 21.64 -22.64 78.17
CA GLY F 119 22.11 -21.34 78.58
C GLY F 119 21.88 -20.27 77.53
N SER F 120 22.59 -19.16 77.67
CA SER F 120 22.37 -18.01 76.81
C SER F 120 23.65 -17.19 76.73
N SER F 121 23.92 -16.68 75.54
CA SER F 121 25.01 -15.76 75.29
C SER F 121 24.46 -14.50 74.66
N ALA F 122 24.81 -13.35 75.22
CA ALA F 122 24.33 -12.06 74.76
C ALA F 122 25.50 -11.12 74.53
N VAL F 123 25.21 -10.08 73.75
CA VAL F 123 26.20 -9.10 73.31
C VAL F 123 26.02 -7.83 74.13
N ILE F 124 27.07 -7.45 74.85
CA ILE F 124 27.04 -6.37 75.84
C ILE F 124 28.14 -5.39 75.48
N LEU F 125 27.76 -4.30 74.83
CA LEU F 125 28.71 -3.38 74.22
C LEU F 125 29.06 -2.18 75.10
N ASP F 126 28.99 -2.31 76.44
CA ASP F 126 29.10 -1.14 77.30
C ASP F 126 29.83 -1.35 78.63
N ASP F 127 30.39 -2.53 78.88
CA ASP F 127 31.23 -2.74 80.06
C ASP F 127 30.44 -2.69 81.36
N ASN F 128 29.15 -3.01 81.29
CA ASN F 128 28.33 -3.20 82.48
C ASN F 128 27.60 -4.51 82.27
N PHE F 129 28.23 -5.57 82.75
CA PHE F 129 27.72 -6.92 82.67
C PHE F 129 26.89 -7.23 83.90
N VAL F 130 26.08 -8.28 83.78
CA VAL F 130 25.46 -8.87 84.96
C VAL F 130 26.58 -9.37 85.85
N THR F 131 26.40 -9.20 87.15
CA THR F 131 27.44 -9.53 88.10
C THR F 131 27.79 -11.01 88.00
N LYS F 132 29.08 -11.31 88.12
CA LYS F 132 29.54 -12.68 88.08
C LYS F 132 28.96 -13.48 89.23
N ALA F 133 28.37 -14.62 88.90
CA ALA F 133 27.67 -15.46 89.85
C ALA F 133 28.04 -16.90 89.61
N THR F 134 28.03 -17.68 90.69
CA THR F 134 28.32 -19.10 90.63
C THR F 134 27.06 -19.91 90.40
N ALA F 135 26.01 -19.66 91.18
CA ALA F 135 24.73 -20.37 91.04
C ALA F 135 23.62 -19.35 91.24
N LEU F 136 23.21 -18.71 90.14
CA LEU F 136 22.09 -17.79 90.13
C LEU F 136 20.82 -18.52 89.74
N THR F 137 19.71 -18.14 90.35
CA THR F 137 18.45 -18.86 90.23
C THR F 137 17.73 -18.61 88.91
N TYR F 138 18.35 -17.94 87.96
CA TYR F 138 17.70 -17.65 86.69
C TYR F 138 18.77 -17.31 85.67
N ASP F 139 18.37 -17.31 84.41
CA ASP F 139 19.24 -16.94 83.30
C ASP F 139 19.03 -15.46 82.99
N PRO F 140 19.95 -14.58 83.34
CA PRO F 140 19.69 -13.16 83.11
C PRO F 140 19.69 -12.77 81.66
N TYR F 141 20.49 -13.44 80.84
CA TYR F 141 20.65 -13.09 79.44
C TYR F 141 19.62 -13.74 78.54
N VAL F 142 18.52 -14.25 79.10
CA VAL F 142 17.59 -15.04 78.31
C VAL F 142 16.66 -14.14 77.51
N ASN F 143 16.22 -13.03 78.10
CA ASN F 143 15.29 -12.13 77.43
C ASN F 143 16.00 -11.05 76.63
N TYR F 144 17.31 -11.10 76.54
CA TYR F 144 18.05 -10.14 75.75
C TYR F 144 17.79 -10.34 74.27
N SER F 145 17.71 -9.23 73.54
CA SER F 145 17.46 -9.27 72.12
C SER F 145 18.58 -9.96 71.34
N SER F 146 19.79 -10.01 71.91
CA SER F 146 20.94 -10.65 71.29
C SER F 146 21.23 -12.01 71.89
N ARG F 147 20.24 -12.65 72.48
CA ARG F 147 20.44 -13.95 73.10
C ARG F 147 20.46 -15.03 72.04
N HIS F 148 21.47 -15.89 72.12
CA HIS F 148 21.52 -17.15 71.41
C HIS F 148 21.57 -18.24 72.45
N THR F 149 20.83 -19.31 72.20
CA THR F 149 20.79 -20.43 73.11
C THR F 149 22.10 -21.21 73.07
N ILE F 150 22.59 -21.55 74.25
CA ILE F 150 23.75 -22.42 74.41
C ILE F 150 23.21 -23.77 74.85
N THR F 151 23.30 -24.74 73.95
CA THR F 151 23.13 -26.13 74.34
C THR F 151 24.42 -26.61 75.00
N GLN F 152 24.26 -27.33 76.10
CA GLN F 152 25.36 -27.78 76.92
C GLN F 152 25.29 -29.29 77.07
N PRO F 153 26.41 -29.95 77.38
CA PRO F 153 27.80 -29.51 77.50
C PRO F 153 28.67 -29.77 76.29
N PHE F 154 28.19 -30.61 75.37
CA PHE F 154 28.99 -31.15 74.29
C PHE F 154 28.67 -30.54 72.95
N SER F 155 28.22 -29.29 72.94
CA SER F 155 27.75 -28.63 71.73
C SER F 155 28.54 -27.37 71.49
N TYR F 156 28.77 -27.09 70.22
CA TYR F 156 29.53 -25.94 69.77
C TYR F 156 28.63 -24.71 69.70
N HIS F 157 29.20 -23.58 70.12
CA HIS F 157 28.50 -22.30 70.15
C HIS F 157 29.41 -21.24 69.58
N SER F 158 28.96 -20.56 68.55
CA SER F 158 29.67 -19.46 67.94
C SER F 158 28.86 -18.19 68.06
N ARG F 159 29.56 -17.06 68.16
CA ARG F 159 28.96 -15.74 68.14
C ARG F 159 29.86 -14.84 67.31
N TYR F 160 29.27 -14.19 66.32
CA TYR F 160 29.98 -13.34 65.37
C TYR F 160 29.33 -11.97 65.39
N PHE F 161 30.09 -10.97 65.83
CA PHE F 161 29.53 -9.65 66.08
C PHE F 161 30.64 -8.63 65.98
N THR F 162 30.24 -7.37 66.08
CA THR F 162 31.13 -6.22 66.00
C THR F 162 31.29 -5.60 67.37
N PRO F 163 32.45 -5.68 68.02
CA PRO F 163 32.58 -5.10 69.34
C PRO F 163 32.70 -3.60 69.31
N LYS F 164 32.79 -2.99 70.48
CA LYS F 164 32.90 -1.56 70.63
C LYS F 164 33.96 -1.26 71.68
N PRO F 165 34.74 -0.20 71.52
CA PRO F 165 35.75 0.12 72.54
C PRO F 165 35.19 0.91 73.70
N VAL F 166 35.91 0.81 74.81
CA VAL F 166 35.55 1.47 76.05
C VAL F 166 36.27 2.82 76.04
N LEU F 167 35.61 3.82 75.47
CA LEU F 167 36.16 5.16 75.40
C LEU F 167 35.95 5.91 76.70
N ASP F 168 34.75 5.84 77.27
CA ASP F 168 34.46 6.43 78.56
C ASP F 168 33.58 5.46 79.32
N SER F 169 34.13 4.84 80.36
CA SER F 169 33.38 3.90 81.17
C SER F 169 32.35 4.58 82.06
N THR F 170 32.47 5.90 82.27
CA THR F 170 31.50 6.62 83.08
C THR F 170 30.19 6.84 82.33
N ILE F 171 30.29 7.16 81.04
CA ILE F 171 29.12 7.47 80.22
C ILE F 171 28.74 6.26 79.39
N ASP F 172 29.74 5.49 78.96
CA ASP F 172 29.54 4.27 78.21
C ASP F 172 28.77 4.52 76.93
N TYR F 173 29.41 5.28 76.04
CA TYR F 173 28.87 5.60 74.72
C TYR F 173 29.59 4.80 73.66
N PHE F 174 28.86 4.44 72.60
CA PHE F 174 29.43 3.69 71.51
C PHE F 174 28.70 4.04 70.22
N GLN F 175 29.30 3.70 69.17
CA GLN F 175 28.83 3.99 67.83
C GLN F 175 27.98 2.85 67.28
N PRO F 176 27.01 3.14 66.43
CA PRO F 176 26.36 2.05 65.70
C PRO F 176 27.24 1.47 64.62
N ASN F 177 26.79 0.40 64.00
CA ASN F 177 27.60 -0.31 63.03
C ASN F 177 27.64 0.48 61.73
N ASN F 178 28.84 0.92 61.35
CA ASN F 178 29.05 1.62 60.11
C ASN F 178 30.50 1.39 59.72
N LYS F 179 30.73 0.68 58.64
CA LYS F 179 32.11 0.38 58.27
C LYS F 179 32.86 1.63 57.85
N ARG F 180 32.17 2.63 57.31
CA ARG F 180 32.82 3.81 56.79
C ARG F 180 33.12 4.83 57.86
N ASN F 181 32.37 4.83 58.96
CA ASN F 181 32.48 5.82 60.01
C ASN F 181 33.10 5.29 61.28
N GLN F 182 33.53 4.03 61.31
CA GLN F 182 34.10 3.46 62.51
C GLN F 182 35.41 4.14 62.85
N LEU F 183 35.56 4.45 64.13
CA LEU F 183 36.74 5.16 64.60
C LEU F 183 37.98 4.32 64.45
N TRP F 184 39.08 5.00 64.13
CA TRP F 184 40.41 4.42 64.17
C TRP F 184 41.02 4.71 65.51
N LEU F 185 41.46 3.67 66.20
CA LEU F 185 42.24 3.79 67.41
C LEU F 185 43.71 3.67 67.08
N ARG F 186 44.55 4.06 68.03
CA ARG F 186 45.98 3.89 67.91
C ARG F 186 46.40 2.56 68.51
N LEU F 187 47.31 1.90 67.82
CA LEU F 187 47.94 0.69 68.30
C LEU F 187 49.04 1.10 69.26
N GLN F 188 48.69 1.17 70.54
CA GLN F 188 49.61 1.55 71.57
C GLN F 188 50.68 0.48 71.77
N THR F 189 51.66 0.80 72.59
CA THR F 189 52.76 -0.12 72.85
C THR F 189 52.36 -1.18 73.88
N ALA F 190 51.88 -0.75 75.05
CA ALA F 190 51.46 -1.68 76.10
C ALA F 190 50.21 -1.24 76.85
N GLY F 191 49.35 -0.43 76.24
CA GLY F 191 48.23 0.15 76.94
C GLY F 191 46.95 0.26 76.15
N ASN F 192 46.73 -0.68 75.25
CA ASN F 192 45.56 -0.62 74.39
C ASN F 192 44.27 -0.76 75.20
N VAL F 193 43.20 -0.26 74.61
CA VAL F 193 41.90 -0.15 75.27
C VAL F 193 41.12 -1.44 75.09
N ASP F 194 40.33 -1.78 76.10
CA ASP F 194 39.58 -3.02 76.09
C ASP F 194 38.33 -2.87 75.25
N HIS F 195 38.14 -3.81 74.33
CA HIS F 195 36.88 -3.95 73.62
C HIS F 195 36.00 -4.94 74.35
N VAL F 196 34.71 -4.82 74.13
CA VAL F 196 33.70 -5.46 74.95
C VAL F 196 32.57 -5.93 74.04
N GLY F 197 31.73 -6.83 74.56
CA GLY F 197 30.70 -7.39 73.72
C GLY F 197 30.23 -8.81 73.91
N LEU F 198 30.60 -9.52 74.98
CA LEU F 198 29.95 -10.81 75.21
C LEU F 198 29.82 -11.14 76.69
N GLY F 199 28.62 -11.59 77.04
CA GLY F 199 28.36 -12.14 78.34
C GLY F 199 27.57 -13.42 78.21
N THR F 200 27.82 -14.34 79.14
CA THR F 200 27.33 -15.70 79.06
C THR F 200 26.61 -16.10 80.33
N ALA F 201 25.80 -17.14 80.21
CA ALA F 201 25.15 -17.77 81.34
C ALA F 201 25.06 -19.26 81.06
N PHE F 202 25.81 -20.05 81.82
CA PHE F 202 25.85 -21.49 81.66
C PHE F 202 25.11 -22.16 82.81
N GLU F 203 24.30 -23.15 82.48
CA GLU F 203 23.57 -23.90 83.48
C GLU F 203 24.51 -24.91 84.14
N ASN F 204 24.52 -24.88 85.46
CA ASN F 204 25.42 -25.74 86.21
C ASN F 204 24.98 -27.19 86.13
N SER F 205 25.86 -28.08 86.55
CA SER F 205 25.67 -29.50 86.40
C SER F 205 26.43 -30.23 87.51
N ILE F 206 26.12 -31.53 87.65
CA ILE F 206 26.83 -32.38 88.59
C ILE F 206 28.26 -32.61 88.14
N TYR F 207 28.50 -32.59 86.84
CA TYR F 207 29.81 -32.81 86.27
C TYR F 207 30.42 -31.48 85.85
N ASP F 208 31.75 -31.45 85.78
CA ASP F 208 32.45 -30.26 85.33
C ASP F 208 32.31 -30.12 83.83
N GLN F 209 32.01 -28.90 83.39
CA GLN F 209 31.86 -28.57 81.98
C GLN F 209 33.02 -27.67 81.56
N GLU F 210 33.94 -28.23 80.77
CA GLU F 210 35.10 -27.51 80.30
C GLU F 210 34.92 -27.10 78.84
N TYR F 211 35.55 -25.99 78.48
CA TYR F 211 35.50 -25.46 77.14
C TYR F 211 36.87 -24.89 76.78
N ASN F 212 37.21 -24.99 75.50
CA ASN F 212 38.36 -24.31 74.92
C ASN F 212 37.83 -23.20 74.04
N ILE F 213 38.02 -21.96 74.47
CA ILE F 213 37.43 -20.81 73.80
C ILE F 213 38.46 -20.20 72.88
N ARG F 214 38.12 -20.11 71.59
CA ARG F 214 38.97 -19.54 70.56
C ARG F 214 38.32 -18.25 70.08
N VAL F 215 38.97 -17.14 70.38
CA VAL F 215 38.53 -15.82 69.93
C VAL F 215 39.37 -15.45 68.72
N THR F 216 38.68 -15.01 67.67
CA THR F 216 39.29 -14.57 66.43
C THR F 216 38.82 -13.15 66.18
N MET F 217 39.76 -12.21 66.11
CA MET F 217 39.46 -10.83 65.82
C MET F 217 39.85 -10.50 64.39
N TYR F 218 38.92 -9.92 63.66
CA TYR F 218 39.14 -9.47 62.29
C TYR F 218 39.40 -7.97 62.34
N VAL F 219 40.65 -7.58 62.14
CA VAL F 219 41.10 -6.22 62.37
C VAL F 219 41.45 -5.58 61.04
N GLN F 220 41.63 -4.27 61.08
CA GLN F 220 41.95 -3.46 59.91
C GLN F 220 42.94 -2.41 60.37
N PHE F 221 44.15 -2.47 59.86
CA PHE F 221 45.22 -1.56 60.21
C PHE F 221 45.37 -0.47 59.16
N ARG F 222 46.22 0.51 59.48
CA ARG F 222 46.42 1.67 58.62
C ARG F 222 47.79 2.26 58.90
N GLU F 223 48.38 2.84 57.87
CA GLU F 223 49.63 3.60 57.95
C GLU F 223 50.79 2.72 58.41
N PHE F 224 51.18 1.83 57.52
CA PHE F 224 52.44 1.09 57.57
C PHE F 224 53.57 2.00 58.00
N ASN F 225 54.24 1.66 59.10
CA ASN F 225 55.20 2.54 59.74
C ASN F 225 56.46 1.81 60.12
N LEU F 226 56.95 0.96 59.23
CA LEU F 226 58.17 0.23 59.52
C LEU F 226 59.35 1.18 59.60
N LYS F 227 60.26 0.87 60.52
CA LYS F 227 61.47 1.65 60.74
C LYS F 227 62.67 0.75 60.50
N ASP F 228 63.59 1.21 59.65
CA ASP F 228 64.72 0.42 59.18
C ASP F 228 66.00 1.16 59.48
N PRO F 229 66.53 1.04 60.69
CA PRO F 229 67.83 1.60 60.99
C PRO F 229 68.94 0.77 60.36
N PRO F 230 70.16 1.29 60.29
CA PRO F 230 71.27 0.47 59.81
C PRO F 230 71.64 -0.64 60.78
N LEU F 231 72.67 -1.42 60.43
CA LEU F 231 73.10 -2.54 61.24
C LEU F 231 74.62 -2.66 61.25
N GLY G 43 -1.19 2.21 71.69
CA GLY G 43 0.25 2.08 71.81
C GLY G 43 0.69 0.64 71.91
N ILE G 44 0.80 0.00 70.77
CA ILE G 44 1.07 -1.42 70.70
C ILE G 44 2.55 -1.69 70.92
N PHE G 45 2.84 -2.80 71.60
CA PHE G 45 4.19 -3.26 71.81
C PHE G 45 4.16 -4.77 71.88
N ASN G 46 4.55 -5.41 70.78
CA ASN G 46 4.70 -6.86 70.77
C ASN G 46 6.07 -7.23 71.29
N THR G 47 6.10 -8.13 72.27
CA THR G 47 7.36 -8.61 72.83
C THR G 47 7.24 -10.10 73.13
N ARG G 48 8.21 -10.60 73.89
CA ARG G 48 8.38 -12.02 74.14
C ARG G 48 8.85 -12.20 75.57
N LEU G 49 8.14 -13.02 76.33
CA LEU G 49 8.44 -13.29 77.72
C LEU G 49 8.59 -14.79 77.91
N SER G 50 9.59 -15.18 78.68
CA SER G 50 9.96 -16.56 78.89
C SER G 50 10.03 -16.89 80.36
N ARG G 51 10.15 -18.19 80.63
CA ARG G 51 10.08 -18.77 81.95
C ARG G 51 10.49 -20.23 81.81
N THR G 52 11.24 -20.73 82.78
CA THR G 52 11.81 -22.07 82.74
C THR G 52 11.55 -22.78 84.06
N PHE G 53 11.18 -24.05 83.97
CA PHE G 53 10.90 -24.86 85.15
C PHE G 53 11.03 -26.33 84.78
N GLY G 54 11.01 -27.17 85.80
CA GLY G 54 11.23 -28.58 85.64
C GLY G 54 10.00 -29.45 85.72
N TYR G 55 10.09 -30.63 85.12
CA TYR G 55 9.05 -31.65 85.17
C TYR G 55 9.72 -33.00 85.09
N THR G 56 9.34 -33.90 86.00
CA THR G 56 9.91 -35.24 86.07
C THR G 56 8.81 -36.27 86.06
N ILE G 57 9.05 -37.34 85.32
CA ILE G 57 8.21 -38.53 85.29
C ILE G 57 8.96 -39.59 86.07
N LYS G 58 8.51 -39.87 87.28
CA LYS G 58 9.19 -40.81 88.14
C LYS G 58 9.09 -42.23 87.59
N ARG G 59 10.01 -43.07 88.03
CA ARG G 59 10.09 -44.45 87.59
C ARG G 59 8.95 -45.27 88.17
N THR G 60 8.68 -46.40 87.52
CA THR G 60 7.66 -47.34 87.95
C THR G 60 8.13 -48.76 87.70
N THR G 61 7.87 -49.64 88.67
CA THR G 61 8.13 -51.07 88.51
C THR G 61 7.07 -51.77 87.66
N VAL G 62 6.00 -51.07 87.27
CA VAL G 62 4.96 -51.66 86.46
C VAL G 62 5.55 -52.14 85.14
N LYS G 63 5.13 -53.34 84.72
CA LYS G 63 5.66 -53.95 83.50
C LYS G 63 4.94 -53.45 82.27
N THR G 64 3.64 -53.22 82.37
CA THR G 64 2.84 -52.84 81.23
C THR G 64 3.26 -51.47 80.70
N PRO G 65 2.82 -51.13 79.48
CA PRO G 65 2.96 -49.74 79.04
C PRO G 65 1.87 -48.88 79.64
N SER G 66 2.24 -48.06 80.60
CA SER G 66 1.35 -47.11 81.22
C SER G 66 1.84 -45.70 80.95
N TRP G 67 0.93 -44.74 81.01
CA TRP G 67 1.22 -43.35 80.73
C TRP G 67 0.93 -42.48 81.94
N ALA G 68 1.72 -41.41 82.05
CA ALA G 68 1.59 -40.42 83.11
C ALA G 68 0.99 -39.16 82.51
N VAL G 69 -0.14 -38.76 83.05
CA VAL G 69 -0.91 -37.64 82.52
C VAL G 69 -0.73 -36.45 83.43
N ASP G 70 -0.62 -35.27 82.83
CA ASP G 70 -0.49 -34.03 83.56
C ASP G 70 -0.99 -32.90 82.68
N MET G 71 -1.18 -31.74 83.32
CA MET G 71 -1.75 -30.56 82.69
C MET G 71 -0.74 -29.42 82.74
N MET G 72 -1.05 -28.37 81.98
CA MET G 72 -0.17 -27.21 81.89
C MET G 72 -1.02 -25.98 81.57
N ARG G 73 -1.07 -25.05 82.50
CA ARG G 73 -1.71 -23.76 82.34
C ARG G 73 -0.64 -22.68 82.20
N PHE G 74 -1.07 -21.49 81.78
CA PHE G 74 -0.19 -20.35 81.56
C PHE G 74 -0.82 -19.11 82.16
N ASN G 75 -0.09 -18.45 83.04
CA ASN G 75 -0.50 -17.18 83.62
C ASN G 75 0.63 -16.17 83.45
N ILE G 76 0.24 -14.90 83.31
CA ILE G 76 1.20 -13.84 83.05
C ILE G 76 1.91 -13.37 84.31
N ASN G 77 1.42 -13.72 85.50
CA ASN G 77 2.13 -13.37 86.71
C ASN G 77 3.46 -14.09 86.80
N ASP G 78 3.54 -15.29 86.24
CA ASP G 78 4.76 -16.07 86.27
C ASP G 78 5.80 -15.59 85.28
N PHE G 79 5.42 -14.74 84.34
CA PHE G 79 6.34 -14.17 83.35
C PHE G 79 6.63 -12.70 83.59
N LEU G 80 5.68 -11.97 84.14
CA LEU G 80 5.80 -10.54 84.36
C LEU G 80 5.82 -10.24 85.85
N PRO G 81 6.93 -9.80 86.44
CA PRO G 81 6.93 -9.59 87.88
C PRO G 81 6.20 -8.31 88.25
N PRO G 82 5.99 -8.09 89.54
CA PRO G 82 5.45 -6.80 89.97
C PRO G 82 6.49 -5.71 89.84
N GLY G 83 6.00 -4.50 89.55
CA GLY G 83 6.87 -3.37 89.37
C GLY G 83 7.25 -2.72 90.67
N GLY G 84 7.32 -1.40 90.66
CA GLY G 84 7.67 -0.65 91.84
C GLY G 84 7.17 0.77 91.79
N GLY G 85 6.55 1.21 92.89
CA GLY G 85 6.04 2.56 92.97
C GLY G 85 4.66 2.70 92.39
N SER G 86 4.43 3.81 91.69
CA SER G 86 3.13 4.08 91.10
C SER G 86 2.83 3.17 89.92
N ASN G 87 3.84 2.49 89.38
CA ASN G 87 3.64 1.53 88.32
C ASN G 87 3.51 0.14 88.93
N PRO G 88 2.34 -0.49 88.93
CA PRO G 88 2.20 -1.75 89.66
C PRO G 88 2.92 -2.91 88.99
N ARG G 89 3.19 -2.83 87.70
CA ARG G 89 3.85 -3.89 86.95
C ARG G 89 5.12 -3.35 86.30
N SER G 90 5.99 -4.29 85.91
CA SER G 90 7.30 -3.93 85.41
C SER G 90 7.27 -3.50 83.95
N VAL G 91 6.26 -3.93 83.20
CA VAL G 91 6.02 -3.49 81.83
C VAL G 91 4.90 -2.46 81.88
N PRO G 92 5.16 -1.18 81.62
CA PRO G 92 4.13 -0.17 81.88
C PRO G 92 3.07 -0.07 80.79
N PHE G 93 2.14 -1.01 80.84
CA PHE G 93 1.01 -1.03 79.93
C PHE G 93 -0.23 -1.44 80.69
N GLU G 94 -1.39 -1.13 80.12
CA GLU G 94 -2.69 -1.38 80.73
C GLU G 94 -3.29 -2.70 80.30
N TYR G 95 -3.35 -2.95 79.01
CA TYR G 95 -4.04 -4.09 78.44
C TYR G 95 -3.03 -5.06 77.84
N TYR G 96 -3.48 -6.30 77.64
CA TYR G 96 -2.66 -7.31 77.02
C TYR G 96 -3.55 -8.35 76.38
N ARG G 97 -2.95 -9.14 75.50
CA ARG G 97 -3.60 -10.32 74.94
C ARG G 97 -2.51 -11.23 74.43
N ILE G 98 -2.57 -12.49 74.84
CA ILE G 98 -1.54 -13.45 74.49
C ILE G 98 -1.81 -13.97 73.09
N ARG G 99 -0.84 -13.81 72.21
CA ARG G 99 -0.96 -14.20 70.82
C ARG G 99 -0.60 -15.66 70.59
N LYS G 100 0.54 -16.08 71.14
CA LYS G 100 1.06 -17.42 70.94
C LYS G 100 1.83 -17.84 72.18
N VAL G 101 1.99 -19.14 72.33
CA VAL G 101 2.86 -19.73 73.35
C VAL G 101 3.67 -20.82 72.68
N LYS G 102 4.93 -20.93 73.10
CA LYS G 102 5.85 -21.97 72.66
C LYS G 102 6.31 -22.72 73.90
N VAL G 103 5.83 -23.93 74.03
CA VAL G 103 6.27 -24.83 75.09
C VAL G 103 7.35 -25.74 74.52
N GLU G 104 8.50 -25.74 75.16
CA GLU G 104 9.66 -26.52 74.73
C GLU G 104 10.02 -27.47 75.84
N PHE G 105 9.95 -28.76 75.56
CA PHE G 105 10.44 -29.81 76.46
C PHE G 105 11.88 -30.09 76.12
N TRP G 106 12.78 -29.48 76.86
CA TRP G 106 14.20 -29.72 76.68
C TRP G 106 14.62 -30.91 77.55
N PRO G 107 15.11 -31.99 76.97
CA PRO G 107 15.41 -33.16 77.79
C PRO G 107 16.59 -32.95 78.71
N CYS G 108 16.60 -33.74 79.78
CA CYS G 108 17.68 -33.78 80.73
C CYS G 108 18.40 -35.11 80.74
N SER G 109 18.01 -36.04 79.90
CA SER G 109 18.45 -37.41 79.93
C SER G 109 19.43 -37.69 78.80
N PRO G 110 20.37 -38.60 79.00
CA PRO G 110 21.36 -38.87 77.96
C PRO G 110 20.75 -39.63 76.80
N ILE G 111 21.46 -39.55 75.66
CA ILE G 111 21.02 -40.27 74.48
C ILE G 111 21.26 -41.77 74.57
N THR G 112 21.94 -42.23 75.60
CA THR G 112 22.15 -43.66 75.84
C THR G 112 21.09 -44.29 76.70
N GLN G 113 20.08 -43.53 77.15
CA GLN G 113 19.09 -44.06 78.05
C GLN G 113 18.13 -44.95 77.29
N GLY G 114 17.85 -46.12 77.85
CA GLY G 114 16.96 -47.08 77.26
C GLY G 114 15.56 -47.02 77.82
N ASP G 115 14.80 -48.07 77.56
CA ASP G 115 13.39 -48.15 77.94
C ASP G 115 12.63 -46.97 77.36
N ARG G 116 12.92 -46.66 76.11
CA ARG G 116 12.30 -45.54 75.43
C ARG G 116 10.79 -45.76 75.30
N GLY G 117 10.11 -44.68 74.96
CA GLY G 117 8.67 -44.69 74.92
C GLY G 117 8.11 -43.72 73.91
N VAL G 118 6.78 -43.59 73.91
CA VAL G 118 6.10 -42.73 72.96
C VAL G 118 4.85 -42.17 73.62
N GLY G 119 4.70 -40.86 73.57
CA GLY G 119 3.62 -40.15 74.22
C GLY G 119 2.90 -39.21 73.28
N SER G 120 2.16 -38.29 73.87
CA SER G 120 1.31 -37.40 73.09
C SER G 120 1.10 -36.11 73.85
N SER G 121 1.10 -35.00 73.11
CA SER G 121 0.78 -33.68 73.63
C SER G 121 -0.36 -33.11 72.82
N ALA G 122 -1.40 -32.63 73.50
CA ALA G 122 -2.58 -32.09 72.86
C ALA G 122 -2.90 -30.72 73.44
N VAL G 123 -3.71 -29.98 72.68
CA VAL G 123 -4.06 -28.61 72.99
C VAL G 123 -5.48 -28.58 73.53
N ILE G 124 -5.63 -28.09 74.76
CA ILE G 124 -6.87 -28.17 75.52
C ILE G 124 -7.22 -26.76 75.97
N LEU G 125 -8.13 -26.12 75.24
CA LEU G 125 -8.40 -24.70 75.40
C LEU G 125 -9.58 -24.39 76.32
N ASP G 126 -9.88 -25.26 77.31
CA ASP G 126 -11.11 -25.12 78.07
C ASP G 126 -11.03 -25.46 79.55
N ASP G 127 -9.87 -25.80 80.08
CA ASP G 127 -9.69 -26.00 81.52
C ASP G 127 -10.41 -27.24 82.02
N ASN G 128 -10.60 -28.23 81.15
CA ASN G 128 -11.10 -29.55 81.54
C ASN G 128 -10.16 -30.54 80.89
N PHE G 129 -9.12 -30.89 81.63
CA PHE G 129 -8.11 -31.82 81.22
C PHE G 129 -8.50 -33.23 81.64
N VAL G 130 -7.85 -34.21 81.01
CA VAL G 130 -7.90 -35.56 81.52
C VAL G 130 -7.30 -35.56 82.91
N THR G 131 -7.89 -36.33 83.81
CA THR G 131 -7.47 -36.34 85.20
C THR G 131 -6.01 -36.74 85.31
N LYS G 132 -5.30 -36.09 86.22
CA LYS G 132 -3.91 -36.40 86.44
C LYS G 132 -3.76 -37.82 86.95
N ALA G 133 -2.89 -38.58 86.30
CA ALA G 133 -2.69 -39.99 86.58
C ALA G 133 -1.21 -40.29 86.59
N THR G 134 -0.84 -41.27 87.41
CA THR G 134 0.53 -41.73 87.52
C THR G 134 0.84 -42.83 86.51
N ALA G 135 0.00 -43.86 86.47
CA ALA G 135 0.18 -44.97 85.53
C ALA G 135 -1.20 -45.35 85.00
N LEU G 136 -1.59 -44.71 83.91
CA LEU G 136 -2.83 -45.01 83.21
C LEU G 136 -2.55 -45.98 82.08
N THR G 137 -3.49 -46.91 81.86
CA THR G 137 -3.30 -48.02 80.95
C THR G 137 -3.41 -47.65 79.48
N TYR G 138 -3.49 -46.37 79.15
CA TYR G 138 -3.62 -45.95 77.76
C TYR G 138 -3.22 -44.50 77.67
N ASP G 139 -3.01 -44.05 76.43
CA ASP G 139 -2.69 -42.67 76.13
C ASP G 139 -3.98 -41.93 75.79
N PRO G 140 -4.51 -41.08 76.67
CA PRO G 140 -5.79 -40.46 76.35
C PRO G 140 -5.71 -39.45 75.23
N TYR G 141 -4.59 -38.77 75.09
CA TYR G 141 -4.43 -37.70 74.13
C TYR G 141 -3.98 -38.20 72.75
N VAL G 142 -4.11 -39.49 72.49
CA VAL G 142 -3.55 -40.05 71.26
C VAL G 142 -4.45 -39.79 70.08
N ASN G 143 -5.77 -39.90 70.27
CA ASN G 143 -6.72 -39.72 69.19
C ASN G 143 -7.17 -38.28 69.04
N TYR G 144 -6.60 -37.37 69.80
CA TYR G 144 -6.94 -35.96 69.67
C TYR G 144 -6.43 -35.40 68.36
N SER G 145 -7.22 -34.51 67.77
CA SER G 145 -6.87 -33.89 66.52
C SER G 145 -5.62 -33.02 66.62
N SER G 146 -5.29 -32.56 67.82
CA SER G 146 -4.11 -31.74 68.05
C SER G 146 -2.98 -32.53 68.68
N ARG G 147 -2.96 -33.84 68.50
CA ARG G 147 -1.92 -34.67 69.07
C ARG G 147 -0.66 -34.56 68.25
N HIS G 148 0.46 -34.34 68.93
CA HIS G 148 1.78 -34.50 68.38
C HIS G 148 2.47 -35.58 69.20
N THR G 149 3.20 -36.45 68.52
CA THR G 149 3.91 -37.53 69.18
C THR G 149 5.10 -36.99 69.96
N ILE G 150 5.25 -37.49 71.18
CA ILE G 150 6.40 -37.21 72.02
C ILE G 150 7.26 -38.46 71.99
N THR G 151 8.41 -38.36 71.33
CA THR G 151 9.46 -39.34 71.49
C THR G 151 10.17 -39.09 72.81
N GLN G 152 10.42 -40.15 73.55
CA GLN G 152 11.01 -40.10 74.88
C GLN G 152 12.26 -40.95 74.92
N PRO G 153 13.18 -40.68 75.86
CA PRO G 153 13.29 -39.61 76.84
C PRO G 153 14.19 -38.45 76.44
N PHE G 154 15.01 -38.66 75.42
CA PHE G 154 16.11 -37.76 75.08
C PHE G 154 15.82 -36.92 73.85
N SER G 155 14.57 -36.63 73.57
CA SER G 155 14.17 -35.96 72.36
C SER G 155 13.41 -34.68 72.70
N TYR G 156 13.62 -33.68 71.87
CA TYR G 156 13.03 -32.37 72.03
C TYR G 156 11.63 -32.34 71.44
N HIS G 157 10.73 -31.67 72.13
CA HIS G 157 9.33 -31.55 71.74
C HIS G 157 8.90 -30.11 71.91
N SER G 158 8.43 -29.50 70.83
CA SER G 158 7.91 -28.15 70.83
C SER G 158 6.44 -28.16 70.43
N ARG G 159 5.70 -27.21 70.97
CA ARG G 159 4.31 -26.97 70.61
C ARG G 159 4.11 -25.48 70.55
N TYR G 160 3.59 -25.00 69.44
CA TYR G 160 3.39 -23.58 69.17
C TYR G 160 1.93 -23.37 68.80
N PHE G 161 1.21 -22.64 69.64
CA PHE G 161 -0.23 -22.53 69.50
C PHE G 161 -0.68 -21.23 70.15
N THR G 162 -1.98 -20.96 70.00
CA THR G 162 -2.62 -19.77 70.52
C THR G 162 -3.50 -20.14 71.70
N PRO G 163 -3.18 -19.77 72.92
CA PRO G 163 -4.02 -20.16 74.04
C PRO G 163 -5.29 -19.33 74.13
N LYS G 164 -6.13 -19.65 75.10
CA LYS G 164 -7.38 -18.98 75.32
C LYS G 164 -7.55 -18.72 76.80
N PRO G 165 -8.14 -17.60 77.20
CA PRO G 165 -8.32 -17.33 78.63
C PRO G 165 -9.57 -18.00 79.19
N VAL G 166 -9.52 -18.19 80.50
CA VAL G 166 -10.61 -18.81 81.24
C VAL G 166 -11.51 -17.69 81.72
N LEU G 167 -12.48 -17.34 80.89
CA LEU G 167 -13.42 -16.29 81.21
C LEU G 167 -14.55 -16.80 82.09
N ASP G 168 -15.09 -17.97 81.78
CA ASP G 168 -16.10 -18.61 82.60
C ASP G 168 -15.81 -20.10 82.61
N SER G 169 -15.35 -20.60 83.75
CA SER G 169 -15.04 -22.02 83.88
C SER G 169 -16.29 -22.89 83.91
N THR G 170 -17.46 -22.30 84.18
CA THR G 170 -18.70 -23.07 84.21
C THR G 170 -19.16 -23.42 82.81
N ILE G 171 -19.04 -22.48 81.87
CA ILE G 171 -19.52 -22.65 80.51
C ILE G 171 -18.36 -23.02 79.60
N ASP G 172 -17.19 -22.46 79.89
CA ASP G 172 -15.96 -22.76 79.16
C ASP G 172 -16.11 -22.42 77.68
N TYR G 173 -16.28 -21.14 77.42
CA TYR G 173 -16.39 -20.61 76.06
C TYR G 173 -15.10 -19.89 75.67
N PHE G 174 -14.75 -19.97 74.40
CA PHE G 174 -13.56 -19.32 73.89
C PHE G 174 -13.79 -18.90 72.44
N GLN G 175 -12.94 -18.08 72.00
CA GLN G 175 -12.99 -17.49 70.67
C GLN G 175 -12.16 -18.30 69.69
N PRO G 176 -12.53 -18.34 68.42
CA PRO G 176 -11.61 -18.89 67.43
C PRO G 176 -10.45 -17.95 67.14
N ASN G 177 -9.51 -18.42 66.36
CA ASN G 177 -8.30 -17.66 66.10
C ASN G 177 -8.60 -16.51 65.14
N ASN G 178 -8.42 -15.30 65.62
CA ASN G 178 -8.60 -14.10 64.80
C ASN G 178 -7.74 -13.02 65.43
N LYS G 179 -6.71 -12.59 64.72
CA LYS G 179 -5.82 -11.60 65.30
C LYS G 179 -6.51 -10.27 65.48
N ARG G 180 -7.49 -9.95 64.65
CA ARG G 180 -8.14 -8.65 64.67
C ARG G 180 -9.23 -8.57 65.72
N ASN G 181 -9.84 -9.69 66.08
CA ASN G 181 -10.97 -9.74 66.98
C ASN G 181 -10.63 -10.30 68.36
N GLN G 182 -9.37 -10.62 68.62
CA GLN G 182 -8.99 -11.19 69.90
C GLN G 182 -9.19 -10.18 71.00
N LEU G 183 -9.78 -10.65 72.10
CA LEU G 183 -10.10 -9.80 73.22
C LEU G 183 -8.84 -9.26 73.88
N TRP G 184 -8.94 -8.03 74.35
CA TRP G 184 -7.93 -7.42 75.20
C TRP G 184 -8.34 -7.63 76.64
N LEU G 185 -7.46 -8.22 77.42
CA LEU G 185 -7.62 -8.32 78.86
C LEU G 185 -6.85 -7.20 79.53
N ARG G 186 -7.16 -6.99 80.81
CA ARG G 186 -6.44 -6.04 81.62
C ARG G 186 -5.28 -6.73 82.32
N LEU G 187 -4.15 -6.03 82.35
CA LEU G 187 -2.99 -6.46 83.10
C LEU G 187 -3.21 -6.07 84.55
N GLN G 188 -3.76 -7.00 85.32
CA GLN G 188 -4.06 -6.77 86.72
C GLN G 188 -2.76 -6.67 87.50
N THR G 189 -2.91 -6.33 88.78
CA THR G 189 -1.76 -6.17 89.66
C THR G 189 -1.28 -7.52 90.19
N ALA G 190 -2.19 -8.31 90.79
CA ALA G 190 -1.82 -9.62 91.31
C ALA G 190 -2.90 -10.68 91.11
N GLY G 191 -3.75 -10.53 90.11
CA GLY G 191 -4.90 -11.40 89.95
C GLY G 191 -5.25 -11.76 88.53
N ASN G 192 -4.25 -11.86 87.67
CA ASN G 192 -4.49 -12.13 86.27
C ASN G 192 -5.10 -13.52 86.06
N VAL G 193 -5.77 -13.68 84.94
CA VAL G 193 -6.55 -14.87 84.64
C VAL G 193 -5.66 -15.91 83.98
N ASP G 194 -5.95 -17.17 84.24
CA ASP G 194 -5.14 -18.26 83.74
C ASP G 194 -5.50 -18.56 82.30
N HIS G 195 -4.49 -18.62 81.46
CA HIS G 195 -4.63 -19.13 80.11
C HIS G 195 -4.30 -20.61 80.09
N VAL G 196 -4.84 -21.29 79.10
CA VAL G 196 -4.89 -22.74 79.09
C VAL G 196 -4.64 -23.21 77.66
N GLY G 197 -4.33 -24.49 77.51
CA GLY G 197 -3.98 -24.98 76.20
C GLY G 197 -2.96 -26.09 76.01
N LEU G 198 -2.51 -26.78 77.05
CA LEU G 198 -1.69 -27.95 76.80
C LEU G 198 -1.88 -29.04 77.84
N GLY G 199 -2.04 -30.26 77.35
CA GLY G 199 -2.03 -31.45 78.18
C GLY G 199 -1.15 -32.50 77.56
N THR G 200 -0.52 -33.29 78.41
CA THR G 200 0.52 -34.23 78.01
C THR G 200 0.22 -35.62 78.54
N ALA G 201 0.87 -36.59 77.91
CA ALA G 201 0.85 -37.98 78.35
C ALA G 201 2.20 -38.59 78.04
N PHE G 202 2.96 -38.88 79.09
CA PHE G 202 4.29 -39.45 78.98
C PHE G 202 4.26 -40.92 79.38
N GLU G 203 4.93 -41.75 78.60
CA GLU G 203 5.03 -43.17 78.89
C GLU G 203 6.07 -43.38 79.96
N ASN G 204 5.68 -44.12 81.00
CA ASN G 204 6.55 -44.34 82.13
C ASN G 204 7.68 -45.28 81.75
N SER G 205 8.68 -45.34 82.63
CA SER G 205 9.91 -46.07 82.37
C SER G 205 10.52 -46.53 83.68
N ILE G 206 11.49 -47.42 83.56
CA ILE G 206 12.23 -47.89 84.74
C ILE G 206 13.10 -46.79 85.29
N TYR G 207 13.56 -45.88 84.44
CA TYR G 207 14.41 -44.77 84.83
C TYR G 207 13.60 -43.49 84.91
N ASP G 208 14.10 -42.56 85.70
CA ASP G 208 13.45 -41.26 85.82
C ASP G 208 13.71 -40.42 84.58
N GLN G 209 12.65 -39.80 84.07
CA GLN G 209 12.69 -38.95 82.89
C GLN G 209 12.47 -37.51 83.33
N GLU G 210 13.53 -36.71 83.28
CA GLU G 210 13.48 -35.31 83.67
C GLU G 210 13.48 -34.42 82.44
N TYR G 211 12.85 -33.26 82.58
CA TYR G 211 12.74 -32.28 81.52
C TYR G 211 12.86 -30.89 82.12
N ASN G 212 13.45 -29.98 81.35
CA ASN G 212 13.46 -28.55 81.65
C ASN G 212 12.53 -27.89 80.65
N ILE G 213 11.39 -27.41 81.13
CA ILE G 213 10.35 -26.89 80.26
C ILE G 213 10.48 -25.38 80.22
N ARG G 214 10.62 -24.83 79.00
CA ARG G 214 10.75 -23.41 78.76
C ARG G 214 9.51 -22.96 78.00
N VAL G 215 8.68 -22.16 78.67
CA VAL G 215 7.50 -21.58 78.07
C VAL G 215 7.84 -20.16 77.66
N THR G 216 7.49 -19.81 76.43
CA THR G 216 7.69 -18.49 75.87
C THR G 216 6.34 -17.99 75.40
N MET G 217 5.89 -16.88 75.96
CA MET G 217 4.64 -16.25 75.58
C MET G 217 4.91 -15.02 74.73
N TYR G 218 4.27 -14.96 73.58
CA TYR G 218 4.34 -13.83 72.69
C TYR G 218 3.10 -12.97 72.90
N VAL G 219 3.30 -11.82 73.55
CA VAL G 219 2.21 -11.00 74.05
C VAL G 219 2.17 -9.71 73.25
N GLN G 220 1.07 -8.99 73.43
CA GLN G 220 0.82 -7.73 72.74
C GLN G 220 0.13 -6.82 73.73
N PHE G 221 0.79 -5.74 74.11
CA PHE G 221 0.29 -4.80 75.08
C PHE G 221 -0.31 -3.57 74.39
N ARG G 222 -0.93 -2.72 75.19
CA ARG G 222 -1.62 -1.55 74.67
C ARG G 222 -1.70 -0.50 75.77
N GLU G 223 -1.70 0.76 75.36
CA GLU G 223 -1.92 1.91 76.23
C GLU G 223 -0.84 2.01 77.32
N PHE G 224 0.35 2.36 76.85
CA PHE G 224 1.46 2.82 77.67
C PHE G 224 0.96 3.78 78.74
N ASN G 225 1.19 3.44 80.00
CA ASN G 225 0.60 4.15 81.13
C ASN G 225 1.61 4.44 82.21
N LEU G 226 2.80 4.87 81.81
CA LEU G 226 3.83 5.17 82.80
C LEU G 226 3.41 6.38 83.63
N LYS G 227 3.76 6.32 84.92
CA LYS G 227 3.48 7.39 85.86
C LYS G 227 4.79 7.91 86.42
N ASP G 228 4.98 9.22 86.35
CA ASP G 228 6.24 9.87 86.69
C ASP G 228 5.98 10.93 87.76
N PRO G 229 5.95 10.53 89.02
CA PRO G 229 5.86 11.51 90.09
C PRO G 229 7.19 12.21 90.28
N PRO G 230 7.21 13.32 91.02
CA PRO G 230 8.50 13.95 91.34
C PRO G 230 9.33 13.12 92.31
N LEU G 231 10.51 13.64 92.66
CA LEU G 231 11.43 12.95 93.54
C LEU G 231 12.10 13.92 94.52
N GLY H 43 -23.09 -40.34 54.67
CA GLY H 43 -22.48 -39.50 55.68
C GLY H 43 -21.06 -39.93 56.03
N ILE H 44 -20.12 -39.52 55.20
CA ILE H 44 -18.75 -39.97 55.29
C ILE H 44 -18.03 -39.22 56.40
N PHE H 45 -17.14 -39.94 57.09
CA PHE H 45 -16.29 -39.35 58.10
C PHE H 45 -14.98 -40.13 58.11
N ASN H 46 -13.96 -39.56 57.51
CA ASN H 46 -12.63 -40.12 57.56
C ASN H 46 -11.93 -39.67 58.83
N THR H 47 -11.42 -40.62 59.59
CA THR H 47 -10.69 -40.32 60.81
C THR H 47 -9.50 -41.27 60.94
N ARG H 48 -8.91 -41.29 62.13
CA ARG H 48 -7.68 -41.99 62.41
C ARG H 48 -7.75 -42.55 63.82
N LEU H 49 -7.51 -43.86 63.94
CA LEU H 49 -7.57 -44.58 65.19
C LEU H 49 -6.24 -45.28 65.41
N SER H 50 -5.75 -45.23 66.64
CA SER H 50 -4.45 -45.75 67.01
C SER H 50 -4.56 -46.70 68.19
N ARG H 51 -3.45 -47.38 68.43
CA ARG H 51 -3.34 -48.45 69.41
C ARG H 51 -1.87 -48.77 69.54
N THR H 52 -1.42 -49.06 70.77
CA THR H 52 -0.03 -49.29 71.06
C THR H 52 0.12 -50.54 71.91
N PHE H 53 1.14 -51.33 71.59
CA PHE H 53 1.40 -52.58 72.30
C PHE H 53 2.85 -52.97 72.08
N GLY H 54 3.29 -53.96 72.83
CA GLY H 54 4.66 -54.40 72.83
C GLY H 54 4.95 -55.68 72.10
N TYR H 55 6.20 -55.84 71.68
CA TYR H 55 6.70 -57.05 71.03
C TYR H 55 8.16 -57.19 71.37
N THR H 56 8.55 -58.38 71.82
CA THR H 56 9.92 -58.67 72.22
C THR H 56 10.42 -59.90 71.50
N ILE H 57 11.67 -59.82 71.05
CA ILE H 57 12.39 -60.93 70.48
C ILE H 57 13.40 -61.36 71.54
N LYS H 58 13.12 -62.48 72.19
CA LYS H 58 13.96 -62.96 73.27
C LYS H 58 15.33 -63.38 72.74
N ARG H 59 16.29 -63.41 73.66
CA ARG H 59 17.66 -63.75 73.34
C ARG H 59 17.79 -65.24 73.05
N THR H 60 18.87 -65.59 72.36
CA THR H 60 19.20 -66.97 72.03
C THR H 60 20.70 -67.18 72.12
N THR H 61 21.10 -68.31 72.68
CA THR H 61 22.50 -68.73 72.70
C THR H 61 22.97 -69.29 71.37
N VAL H 62 22.06 -69.46 70.40
CA VAL H 62 22.44 -69.99 69.10
C VAL H 62 23.45 -69.08 68.43
N LYS H 63 24.48 -69.68 67.84
CA LYS H 63 25.56 -68.92 67.22
C LYS H 63 25.21 -68.47 65.82
N THR H 64 24.49 -69.30 65.06
CA THR H 64 24.18 -69.01 63.69
C THR H 64 23.29 -67.79 63.56
N PRO H 65 23.17 -67.23 62.36
CA PRO H 65 22.13 -66.23 62.13
C PRO H 65 20.80 -66.90 61.92
N SER H 66 19.93 -66.81 62.91
CA SER H 66 18.57 -67.30 62.83
C SER H 66 17.60 -66.15 62.96
N TRP H 67 16.40 -66.36 62.44
CA TRP H 67 15.36 -65.35 62.44
C TRP H 67 14.13 -65.81 63.20
N ALA H 68 13.46 -64.84 63.79
CA ALA H 68 12.23 -65.06 64.55
C ALA H 68 11.07 -64.54 63.73
N VAL H 69 10.14 -65.41 63.44
CA VAL H 69 9.02 -65.11 62.56
C VAL H 69 7.77 -64.93 63.39
N ASP H 70 6.95 -63.96 63.01
CA ASP H 70 5.68 -63.71 63.69
C ASP H 70 4.75 -63.01 62.71
N MET H 71 3.49 -62.95 63.10
CA MET H 71 2.41 -62.42 62.28
C MET H 71 1.77 -61.23 62.97
N MET H 72 0.95 -60.52 62.21
CA MET H 72 0.27 -59.32 62.71
C MET H 72 -1.03 -59.13 61.94
N ARG H 73 -2.14 -59.26 62.65
CA ARG H 73 -3.47 -58.98 62.14
C ARG H 73 -3.98 -57.67 62.73
N PHE H 74 -5.07 -57.17 62.14
CA PHE H 74 -5.68 -55.91 62.56
C PHE H 74 -7.18 -56.09 62.64
N ASN H 75 -7.74 -55.79 63.80
CA ASN H 75 -9.18 -55.79 64.01
C ASN H 75 -9.60 -54.45 64.61
N ILE H 76 -10.83 -54.05 64.27
CA ILE H 76 -11.33 -52.74 64.71
C ILE H 76 -11.84 -52.74 66.13
N ASN H 77 -12.05 -53.92 66.72
CA ASN H 77 -12.45 -53.96 68.13
C ASN H 77 -11.35 -53.46 69.03
N ASP H 78 -10.09 -53.65 68.62
CA ASP H 78 -8.95 -53.22 69.41
C ASP H 78 -8.72 -51.72 69.31
N PHE H 79 -9.33 -51.04 68.35
CA PHE H 79 -9.20 -49.60 68.18
C PHE H 79 -10.45 -48.83 68.58
N LEU H 80 -11.62 -49.44 68.42
CA LEU H 80 -12.90 -48.82 68.68
C LEU H 80 -13.59 -49.51 69.86
N PRO H 81 -13.73 -48.89 71.03
CA PRO H 81 -14.33 -49.60 72.14
C PRO H 81 -15.84 -49.70 71.99
N PRO H 82 -16.49 -50.46 72.85
CA PRO H 82 -17.94 -50.46 72.86
C PRO H 82 -18.49 -49.17 73.43
N GLY H 83 -19.64 -48.78 72.92
CA GLY H 83 -20.26 -47.55 73.36
C GLY H 83 -21.06 -47.71 74.61
N GLY H 84 -22.21 -47.04 74.67
CA GLY H 84 -23.07 -47.12 75.81
C GLY H 84 -24.51 -46.76 75.48
N GLY H 85 -25.43 -47.59 75.94
CA GLY H 85 -26.84 -47.35 75.70
C GLY H 85 -27.31 -47.88 74.37
N SER H 86 -28.17 -47.11 73.71
CA SER H 86 -28.73 -47.54 72.44
C SER H 86 -27.69 -47.51 71.32
N ASN H 87 -26.56 -46.83 71.53
CA ASN H 87 -25.48 -46.82 70.57
C ASN H 87 -24.48 -47.90 70.95
N PRO H 88 -24.37 -49.00 70.18
CA PRO H 88 -23.51 -50.10 70.63
C PRO H 88 -22.04 -49.78 70.56
N ARG H 89 -21.62 -48.83 69.73
CA ARG H 89 -20.24 -48.45 69.56
C ARG H 89 -20.04 -46.99 69.88
N SER H 90 -18.79 -46.62 70.10
CA SER H 90 -18.46 -45.28 70.56
C SER H 90 -18.43 -44.27 69.41
N VAL H 91 -18.20 -44.74 68.20
CA VAL H 91 -18.29 -43.91 66.99
C VAL H 91 -19.63 -44.20 66.33
N PRO H 92 -20.60 -43.28 66.33
CA PRO H 92 -21.94 -43.65 65.89
C PRO H 92 -22.11 -43.71 64.38
N PHE H 93 -21.64 -44.80 63.80
CA PHE H 93 -21.79 -45.05 62.38
C PHE H 93 -22.11 -46.52 62.17
N GLU H 94 -22.65 -46.82 61.00
CA GLU H 94 -23.09 -48.16 60.64
C GLU H 94 -22.03 -48.96 59.91
N TYR H 95 -21.46 -48.39 58.87
CA TYR H 95 -20.55 -49.06 57.97
C TYR H 95 -19.15 -48.50 58.13
N TYR H 96 -18.17 -49.28 57.68
CA TYR H 96 -16.79 -48.85 57.69
C TYR H 96 -16.01 -49.59 56.62
N ARG H 97 -14.85 -49.04 56.31
CA ARG H 97 -13.89 -49.73 55.45
C ARG H 97 -12.52 -49.14 55.73
N ILE H 98 -11.56 -50.00 55.99
CA ILE H 98 -10.22 -49.56 56.37
C ILE H 98 -9.46 -49.21 55.09
N ARG H 99 -8.98 -47.97 55.03
CA ARG H 99 -8.29 -47.45 53.87
C ARG H 99 -6.80 -47.75 53.92
N LYS H 100 -6.15 -47.49 55.05
CA LYS H 100 -4.73 -47.67 55.21
C LYS H 100 -4.43 -48.05 56.64
N VAL H 101 -3.26 -48.64 56.84
CA VAL H 101 -2.71 -48.91 58.17
C VAL H 101 -1.25 -48.50 58.16
N LYS H 102 -0.81 -47.93 59.27
CA LYS H 102 0.57 -47.54 59.50
C LYS H 102 1.06 -48.30 60.74
N VAL H 103 1.91 -49.28 60.52
CA VAL H 103 2.56 -50.00 61.59
C VAL H 103 3.93 -49.37 61.82
N GLU H 104 4.17 -48.96 63.05
CA GLU H 104 5.41 -48.30 63.45
C GLU H 104 6.07 -49.14 64.52
N PHE H 105 7.27 -49.63 64.23
CA PHE H 105 8.10 -50.31 65.22
C PHE H 105 8.99 -49.26 65.87
N TRP H 106 8.57 -48.80 67.02
CA TRP H 106 9.36 -47.85 67.79
C TRP H 106 10.32 -48.62 68.69
N PRO H 107 11.63 -48.48 68.55
CA PRO H 107 12.54 -49.29 69.36
C PRO H 107 12.52 -48.91 70.82
N CYS H 108 12.91 -49.88 71.63
CA CYS H 108 13.07 -49.72 73.05
C CYS H 108 14.51 -49.87 73.51
N SER H 109 15.43 -50.08 72.58
CA SER H 109 16.79 -50.46 72.86
C SER H 109 17.73 -49.29 72.61
N PRO H 110 18.83 -49.19 73.35
CA PRO H 110 19.73 -48.06 73.17
C PRO H 110 20.51 -48.16 71.87
N ILE H 111 21.04 -47.01 71.45
CA ILE H 111 21.85 -46.98 70.24
C ILE H 111 23.23 -47.57 70.44
N THR H 112 23.60 -47.93 71.66
CA THR H 112 24.86 -48.58 71.95
C THR H 112 24.78 -50.09 71.94
N GLN H 113 23.60 -50.66 71.66
CA GLN H 113 23.44 -52.10 71.72
C GLN H 113 24.09 -52.73 70.49
N GLY H 114 24.84 -53.79 70.74
CA GLY H 114 25.53 -54.50 69.70
C GLY H 114 24.79 -55.74 69.25
N ASP H 115 25.52 -56.60 68.54
CA ASP H 115 24.95 -57.80 67.94
C ASP H 115 23.79 -57.44 67.03
N ARG H 116 23.99 -56.39 66.24
CA ARG H 116 22.96 -55.91 65.35
C ARG H 116 22.64 -56.94 64.28
N GLY H 117 21.53 -56.71 63.60
CA GLY H 117 21.01 -57.66 62.65
C GLY H 117 20.23 -57.01 61.54
N VAL H 118 19.62 -57.83 60.70
CA VAL H 118 18.88 -57.36 59.55
C VAL H 118 17.73 -58.32 59.27
N GLY H 119 16.53 -57.77 59.16
CA GLY H 119 15.32 -58.53 58.98
C GLY H 119 14.49 -58.03 57.82
N SER H 120 13.23 -58.43 57.81
CA SER H 120 12.36 -58.15 56.69
C SER H 120 10.91 -58.11 57.16
N SER H 121 10.16 -57.17 56.62
CA SER H 121 8.72 -57.06 56.83
C SER H 121 8.02 -57.09 55.48
N ALA H 122 7.03 -57.96 55.36
CA ALA H 122 6.28 -58.15 54.13
C ALA H 122 4.79 -58.04 54.39
N VAL H 123 4.06 -57.80 53.31
CA VAL H 123 2.62 -57.56 53.35
C VAL H 123 1.92 -58.82 52.87
N ILE H 124 1.07 -59.39 53.73
CA ILE H 124 0.46 -60.69 53.52
C ILE H 124 -1.05 -60.52 53.66
N LEU H 125 -1.74 -60.41 52.54
CA LEU H 125 -3.14 -60.02 52.51
C LEU H 125 -4.11 -61.20 52.48
N ASP H 126 -3.75 -62.36 53.04
CA ASP H 126 -4.55 -63.56 52.84
C ASP H 126 -4.64 -64.51 54.03
N ASP H 127 -4.07 -64.18 55.18
CA ASP H 127 -4.24 -64.98 56.39
C ASP H 127 -3.55 -66.33 56.30
N ASN H 128 -2.51 -66.43 55.49
CA ASN H 128 -1.65 -67.61 55.46
C ASN H 128 -0.23 -67.07 55.54
N PHE H 129 0.25 -66.96 56.77
CA PHE H 129 1.58 -66.48 57.08
C PHE H 129 2.56 -67.65 57.13
N VAL H 130 3.84 -67.31 57.04
CA VAL H 130 4.86 -68.29 57.38
C VAL H 130 4.68 -68.66 58.84
N THR H 131 4.88 -69.93 59.14
CA THR H 131 4.63 -70.44 60.47
C THR H 131 5.51 -69.71 61.48
N LYS H 132 4.93 -69.43 62.64
CA LYS H 132 5.66 -68.77 63.70
C LYS H 132 6.83 -69.63 64.15
N ALA H 133 8.01 -69.02 64.20
CA ALA H 133 9.24 -69.70 64.51
C ALA H 133 10.06 -68.86 65.46
N THR H 134 10.83 -69.54 66.32
CA THR H 134 11.70 -68.88 67.26
C THR H 134 13.09 -68.63 66.67
N ALA H 135 13.69 -69.66 66.07
CA ALA H 135 15.01 -69.54 65.45
C ALA H 135 14.98 -70.34 64.15
N LEU H 136 14.59 -69.68 63.07
CA LEU H 136 14.60 -70.26 61.74
C LEU H 136 15.88 -69.91 61.03
N THR H 137 16.41 -70.84 60.25
CA THR H 137 17.73 -70.73 59.66
C THR H 137 17.78 -69.80 58.46
N TYR H 138 16.72 -69.07 58.17
CA TYR H 138 16.70 -68.17 57.02
C TYR H 138 15.60 -67.15 57.23
N ASP H 139 15.64 -66.10 56.41
CA ASP H 139 14.63 -65.06 56.41
C ASP H 139 13.59 -65.39 55.34
N PRO H 140 12.39 -65.84 55.70
CA PRO H 140 11.45 -66.23 54.65
C PRO H 140 10.91 -65.07 53.85
N TYR H 141 10.77 -63.91 54.47
CA TYR H 141 10.18 -62.75 53.84
C TYR H 141 11.17 -61.91 53.06
N VAL H 142 12.34 -62.46 52.75
CA VAL H 142 13.41 -61.65 52.16
C VAL H 142 13.18 -61.47 50.66
N ASN H 143 12.73 -62.51 49.98
CA ASN H 143 12.53 -62.46 48.54
C ASN H 143 11.13 -62.00 48.16
N TYR H 144 10.32 -61.61 49.14
CA TYR H 144 8.99 -61.11 48.83
C TYR H 144 9.07 -59.76 48.15
N SER H 145 8.16 -59.55 47.21
CA SER H 145 8.11 -58.30 46.48
C SER H 145 7.78 -57.11 47.36
N SER H 146 7.14 -57.34 48.50
CA SER H 146 6.80 -56.29 49.46
C SER H 146 7.73 -56.24 50.64
N ARG H 147 8.95 -56.75 50.49
CA ARG H 147 9.90 -56.77 51.58
C ARG H 147 10.53 -55.39 51.75
N HIS H 148 10.54 -54.93 52.99
CA HIS H 148 11.34 -53.79 53.41
C HIS H 148 12.31 -54.30 54.46
N THR H 149 13.54 -53.83 54.39
CA THR H 149 14.56 -54.24 55.33
C THR H 149 14.31 -53.63 56.70
N ILE H 150 14.46 -54.44 57.72
CA ILE H 150 14.40 -54.01 59.11
C ILE H 150 15.83 -54.00 59.61
N THR H 151 16.36 -52.81 59.83
CA THR H 151 17.58 -52.67 60.61
C THR H 151 17.24 -52.80 62.08
N GLN H 152 18.06 -53.55 62.80
CA GLN H 152 17.83 -53.89 64.19
C GLN H 152 19.04 -53.46 65.00
N PRO H 153 18.88 -53.25 66.31
CA PRO H 153 17.69 -53.23 67.16
C PRO H 153 17.12 -51.85 67.44
N PHE H 154 17.92 -50.81 67.17
CA PHE H 154 17.63 -49.46 67.62
C PHE H 154 17.15 -48.55 66.51
N SER H 155 16.49 -49.11 65.50
CA SER H 155 16.10 -48.37 64.32
C SER H 155 14.59 -48.47 64.12
N TYR H 156 14.03 -47.38 63.64
CA TYR H 156 12.61 -47.26 63.40
C TYR H 156 12.24 -47.85 62.06
N HIS H 157 11.10 -48.54 62.03
CA HIS H 157 10.59 -49.20 60.84
C HIS H 157 9.11 -48.91 60.73
N SER H 158 8.72 -48.33 59.60
CA SER H 158 7.33 -48.04 59.30
C SER H 158 6.90 -48.81 58.06
N ARG H 159 5.62 -49.18 58.02
CA ARG H 159 5.00 -49.80 56.86
C ARG H 159 3.62 -49.19 56.71
N TYR H 160 3.33 -48.68 55.52
CA TYR H 160 2.08 -48.00 55.21
C TYR H 160 1.47 -48.68 54.01
N PHE H 161 0.31 -49.29 54.21
CA PHE H 161 -0.29 -50.13 53.20
C PHE H 161 -1.79 -50.20 53.42
N THR H 162 -2.46 -50.86 52.49
CA THR H 162 -3.91 -51.02 52.51
C THR H 162 -4.25 -52.46 52.84
N PRO H 163 -4.82 -52.76 54.00
CA PRO H 163 -5.11 -54.15 54.33
C PRO H 163 -6.33 -54.66 53.60
N LYS H 164 -6.65 -55.93 53.81
CA LYS H 164 -7.78 -56.59 53.19
C LYS H 164 -8.49 -57.42 54.24
N PRO H 165 -9.81 -57.51 54.19
CA PRO H 165 -10.52 -58.32 55.17
C PRO H 165 -10.58 -59.79 54.81
N VAL H 166 -10.77 -60.59 55.85
CA VAL H 166 -10.83 -62.04 55.72
C VAL H 166 -12.30 -62.39 55.53
N LEU H 167 -12.73 -62.40 54.28
CA LEU H 167 -14.11 -62.73 53.94
C LEU H 167 -14.33 -64.23 53.90
N ASP H 168 -13.41 -64.97 53.29
CA ASP H 168 -13.46 -66.43 53.26
C ASP H 168 -12.04 -66.93 53.44
N SER H 169 -11.75 -67.51 54.60
CA SER H 169 -10.43 -68.03 54.88
C SER H 169 -10.14 -69.31 54.10
N THR H 170 -11.16 -69.98 53.58
CA THR H 170 -10.96 -71.19 52.80
C THR H 170 -10.42 -70.88 51.41
N ILE H 171 -10.93 -69.83 50.78
CA ILE H 171 -10.58 -69.46 49.41
C ILE H 171 -9.55 -68.33 49.45
N ASP H 172 -9.69 -67.45 50.43
CA ASP H 172 -8.76 -66.35 50.64
C ASP H 172 -8.68 -65.45 49.41
N TYR H 173 -9.81 -64.80 49.11
CA TYR H 173 -9.91 -63.86 48.02
C TYR H 173 -9.96 -62.44 48.54
N PHE H 174 -9.40 -61.51 47.78
CA PHE H 174 -9.37 -60.11 48.15
C PHE H 174 -9.40 -59.25 46.90
N GLN H 175 -9.69 -58.03 47.11
CA GLN H 175 -9.84 -57.05 46.06
C GLN H 175 -8.52 -56.31 45.83
N PRO H 176 -8.26 -55.85 44.61
CA PRO H 176 -7.16 -54.93 44.42
C PRO H 176 -7.47 -53.55 44.94
N ASN H 177 -6.47 -52.68 44.94
CA ASN H 177 -6.62 -51.36 45.53
C ASN H 177 -7.45 -50.48 44.61
N ASN H 178 -8.60 -50.05 45.11
CA ASN H 178 -9.48 -49.15 44.38
C ASN H 178 -10.30 -48.41 45.42
N LYS H 179 -10.09 -47.12 45.55
CA LYS H 179 -10.79 -46.38 46.57
C LYS H 179 -12.29 -46.32 46.29
N ARG H 180 -12.69 -46.35 45.03
CA ARG H 180 -14.08 -46.19 44.66
C ARG H 180 -14.86 -47.48 44.78
N ASN H 181 -14.20 -48.63 44.66
CA ASN H 181 -14.85 -49.93 44.63
C ASN H 181 -14.62 -50.74 45.90
N GLN H 182 -13.94 -50.19 46.90
CA GLN H 182 -13.67 -50.93 48.12
C GLN H 182 -14.96 -51.22 48.85
N LEU H 183 -15.08 -52.45 49.32
CA LEU H 183 -16.28 -52.90 50.00
C LEU H 183 -16.47 -52.16 51.31
N TRP H 184 -17.73 -51.92 51.64
CA TRP H 184 -18.13 -51.43 52.94
C TRP H 184 -18.52 -52.62 53.79
N LEU H 185 -17.90 -52.74 54.95
CA LEU H 185 -18.28 -53.71 55.95
C LEU H 185 -19.18 -53.05 56.98
N ARG H 186 -19.84 -53.88 57.76
CA ARG H 186 -20.64 -53.41 58.88
C ARG H 186 -19.81 -53.35 60.13
N LEU H 187 -20.00 -52.28 60.89
CA LEU H 187 -19.41 -52.11 62.20
C LEU H 187 -20.26 -52.90 63.19
N GLN H 188 -19.87 -54.15 63.40
CA GLN H 188 -20.58 -55.03 64.30
C GLN H 188 -20.41 -54.56 65.74
N THR H 189 -21.15 -55.22 66.64
CA THR H 189 -21.10 -54.86 68.04
C THR H 189 -19.88 -55.47 68.74
N ALA H 190 -19.70 -56.80 68.61
CA ALA H 190 -18.56 -57.47 69.23
C ALA H 190 -17.97 -58.58 68.37
N GLY H 191 -18.14 -58.53 67.06
CA GLY H 191 -17.75 -59.62 66.19
C GLY H 191 -17.15 -59.22 64.87
N ASN H 192 -16.44 -58.10 64.83
CA ASN H 192 -15.89 -57.61 63.59
C ASN H 192 -14.83 -58.55 63.03
N VAL H 193 -14.63 -58.45 61.74
CA VAL H 193 -13.78 -59.37 60.99
C VAL H 193 -12.34 -58.87 61.03
N ASP H 194 -11.41 -59.82 61.03
CA ASP H 194 -10.00 -59.51 61.13
C ASP H 194 -9.46 -59.07 59.78
N HIS H 195 -8.79 -57.93 59.78
CA HIS H 195 -7.99 -57.51 58.64
C HIS H 195 -6.57 -57.99 58.80
N VAL H 196 -5.88 -58.11 57.68
CA VAL H 196 -4.62 -58.82 57.62
C VAL H 196 -3.70 -58.06 56.66
N GLY H 197 -2.40 -58.37 56.73
CA GLY H 197 -1.47 -57.62 55.93
C GLY H 197 -0.05 -57.35 56.42
N LEU H 198 0.42 -57.96 57.50
CA LEU H 198 1.84 -57.82 57.81
C LEU H 198 2.42 -59.05 58.47
N GLY H 199 3.58 -59.45 57.97
CA GLY H 199 4.38 -60.47 58.60
C GLY H 199 5.82 -60.03 58.65
N THR H 200 6.52 -60.47 59.71
CA THR H 200 7.84 -59.98 60.03
C THR H 200 8.81 -61.13 60.23
N ALA H 201 10.09 -60.80 60.14
CA ALA H 201 11.17 -61.72 60.45
C ALA H 201 12.30 -60.91 61.06
N PHE H 202 12.55 -61.12 62.35
CA PHE H 202 13.57 -60.44 63.09
C PHE H 202 14.74 -61.38 63.37
N GLU H 203 15.95 -60.87 63.17
CA GLU H 203 17.16 -61.64 63.42
C GLU H 203 17.43 -61.66 64.92
N ASN H 204 17.62 -62.85 65.46
CA ASN H 204 17.82 -63.00 66.89
C ASN H 204 19.18 -62.47 67.30
N SER H 205 19.36 -62.32 68.61
CA SER H 205 20.53 -61.68 69.17
C SER H 205 20.79 -62.24 70.56
N ILE H 206 21.97 -61.93 71.08
CA ILE H 206 22.32 -62.32 72.44
C ILE H 206 21.52 -61.52 73.44
N TYR H 207 21.13 -60.30 73.10
CA TYR H 207 20.37 -59.43 73.95
C TYR H 207 18.90 -59.42 73.52
N ASP H 208 18.03 -59.08 74.46
CA ASP H 208 16.61 -58.98 74.17
C ASP H 208 16.34 -57.71 73.38
N GLN H 209 15.54 -57.85 72.33
CA GLN H 209 15.14 -56.74 71.47
C GLN H 209 13.67 -56.46 71.69
N GLU H 210 13.37 -55.34 72.34
CA GLU H 210 12.00 -54.94 72.62
C GLU H 210 11.58 -53.82 71.69
N TYR H 211 10.28 -53.78 71.42
CA TYR H 211 9.68 -52.79 70.55
C TYR H 211 8.32 -52.39 71.11
N ASN H 212 7.96 -51.13 70.90
CA ASN H 212 6.62 -50.61 71.16
C ASN H 212 5.98 -50.36 69.81
N ILE H 213 5.00 -51.17 69.47
CA ILE H 213 4.39 -51.14 68.15
C ILE H 213 3.12 -50.31 68.22
N ARG H 214 3.05 -49.28 67.38
CA ARG H 214 1.91 -48.38 67.30
C ARG H 214 1.27 -48.57 65.94
N VAL H 215 0.07 -49.13 65.94
CA VAL H 215 -0.72 -49.31 64.74
C VAL H 215 -1.73 -48.19 64.65
N THR H 216 -1.80 -47.57 63.49
CA THR H 216 -2.73 -46.49 63.21
C THR H 216 -3.54 -46.90 61.99
N MET H 217 -4.85 -47.00 62.15
CA MET H 217 -5.76 -47.32 61.07
C MET H 217 -6.50 -46.08 60.61
N TYR H 218 -6.46 -45.84 59.32
CA TYR H 218 -7.17 -44.74 58.69
C TYR H 218 -8.45 -45.30 58.09
N VAL H 219 -9.57 -44.99 58.73
CA VAL H 219 -10.85 -45.61 58.43
C VAL H 219 -11.78 -44.59 57.82
N GLN H 220 -12.88 -45.08 57.27
CA GLN H 220 -13.88 -44.27 56.59
C GLN H 220 -15.23 -44.88 56.94
N PHE H 221 -16.04 -44.13 57.67
CA PHE H 221 -17.34 -44.57 58.12
C PHE H 221 -18.44 -44.01 57.23
N ARG H 222 -19.65 -44.47 57.46
CA ARG H 222 -20.80 -44.10 56.64
C ARG H 222 -22.06 -44.29 57.46
N GLU H 223 -23.06 -43.45 57.16
CA GLU H 223 -24.41 -43.56 57.72
C GLU H 223 -24.40 -43.39 59.24
N PHE H 224 -24.13 -42.14 59.64
CA PHE H 224 -24.36 -41.66 60.98
C PHE H 224 -25.70 -42.14 61.51
N ASN H 225 -25.68 -42.85 62.63
CA ASN H 225 -26.85 -43.56 63.13
C ASN H 225 -27.04 -43.35 64.61
N LEU H 226 -26.86 -42.13 65.07
CA LEU H 226 -27.04 -41.85 66.49
C LEU H 226 -28.48 -42.03 66.89
N LYS H 227 -28.68 -42.54 68.10
CA LYS H 227 -30.00 -42.77 68.67
C LYS H 227 -30.13 -41.96 69.94
N ASP H 228 -31.19 -41.17 70.03
CA ASP H 228 -31.40 -40.21 71.10
C ASP H 228 -32.73 -40.49 71.78
N PRO H 229 -32.76 -41.42 72.73
CA PRO H 229 -33.96 -41.61 73.51
C PRO H 229 -34.14 -40.50 74.52
N PRO H 230 -35.32 -40.37 75.12
CA PRO H 230 -35.49 -39.39 76.19
C PRO H 230 -34.73 -39.76 77.45
N LEU H 231 -34.85 -38.93 78.49
CA LEU H 231 -34.15 -39.13 79.74
C LEU H 231 -35.03 -38.77 80.93
N GLY I 43 10.98 -65.93 26.62
CA GLY I 43 10.19 -65.70 27.82
C GLY I 43 10.99 -65.16 28.96
N ILE I 44 11.21 -63.85 28.94
CA ILE I 44 12.10 -63.20 29.89
C ILE I 44 11.38 -63.00 31.22
N PHE I 45 12.14 -63.13 32.30
CA PHE I 45 11.65 -62.87 33.64
C PHE I 45 12.83 -62.37 34.46
N ASN I 46 12.87 -61.06 34.67
CA ASN I 46 13.85 -60.46 35.56
C ASN I 46 13.35 -60.52 36.99
N THR I 47 14.16 -61.06 37.88
CA THR I 47 13.82 -61.13 39.28
C THR I 47 15.06 -60.86 40.13
N ARG I 48 14.95 -61.16 41.42
CA ARG I 48 15.95 -60.82 42.41
C ARG I 48 16.03 -61.94 43.43
N LEU I 49 17.22 -62.46 43.65
CA LEU I 49 17.48 -63.55 44.56
C LEU I 49 18.52 -63.13 45.56
N SER I 50 18.31 -63.48 46.82
CA SER I 50 19.15 -63.06 47.92
C SER I 50 19.61 -64.25 48.75
N ARG I 51 20.55 -63.98 49.63
CA ARG I 51 21.25 -64.96 50.43
C ARG I 51 22.06 -64.20 51.46
N THR I 52 22.11 -64.73 52.68
CA THR I 52 22.75 -64.08 53.81
C THR I 52 23.68 -65.05 54.51
N PHE I 53 24.85 -64.56 54.90
CA PHE I 53 25.84 -65.37 55.59
C PHE I 53 26.79 -64.46 56.34
N GLY I 54 27.60 -65.07 57.19
CA GLY I 54 28.50 -64.34 58.06
C GLY I 54 29.95 -64.33 57.64
N TYR I 55 30.67 -63.33 58.13
CA TYR I 55 32.11 -63.19 57.93
C TYR I 55 32.68 -62.48 59.12
N THR I 56 33.76 -63.03 59.69
CA THR I 56 34.41 -62.48 60.87
C THR I 56 35.88 -62.30 60.60
N ILE I 57 36.41 -61.18 61.08
CA ILE I 57 37.83 -60.87 61.08
C ILE I 57 38.27 -61.01 62.52
N LYS I 58 38.97 -62.09 62.82
CA LYS I 58 39.40 -62.38 64.18
C LYS I 58 40.42 -61.36 64.65
N ARG I 59 40.54 -61.25 65.96
CA ARG I 59 41.45 -60.32 66.60
C ARG I 59 42.89 -60.76 66.43
N THR I 60 43.81 -59.80 66.58
CA THR I 60 45.24 -60.04 66.51
C THR I 60 45.95 -59.18 67.54
N THR I 61 46.94 -59.77 68.20
CA THR I 61 47.82 -59.03 69.10
C THR I 61 48.87 -58.22 68.37
N VAL I 62 48.96 -58.35 67.05
CA VAL I 62 49.94 -57.60 66.28
C VAL I 62 49.70 -56.10 66.45
N LYS I 63 50.78 -55.36 66.62
CA LYS I 63 50.70 -53.93 66.86
C LYS I 63 50.58 -53.14 65.58
N THR I 64 51.26 -53.59 64.52
CA THR I 64 51.28 -52.86 63.27
C THR I 64 49.91 -52.81 62.63
N PRO I 65 49.72 -51.93 61.64
CA PRO I 65 48.51 -52.03 60.82
C PRO I 65 48.67 -53.12 59.78
N SER I 66 47.98 -54.23 59.99
CA SER I 66 47.94 -55.33 59.05
C SER I 66 46.52 -55.51 58.54
N TRP I 67 46.40 -56.12 57.38
CA TRP I 67 45.13 -56.34 56.73
C TRP I 67 44.87 -57.82 56.51
N ALA I 68 43.59 -58.16 56.56
CA ALA I 68 43.10 -59.52 56.34
C ALA I 68 42.44 -59.58 54.99
N VAL I 69 42.96 -60.45 54.13
CA VAL I 69 42.52 -60.55 52.75
C VAL I 69 41.66 -61.78 52.59
N ASP I 70 40.62 -61.66 51.79
CA ASP I 70 39.73 -62.77 51.51
C ASP I 70 39.04 -62.51 50.17
N MET I 71 38.41 -63.56 49.66
CA MET I 71 37.78 -63.56 48.35
C MET I 71 36.29 -63.83 48.49
N MET I 72 35.57 -63.61 47.39
CA MET I 72 34.13 -63.78 47.37
C MET I 72 33.69 -64.12 45.96
N ARG I 73 33.18 -65.33 45.78
CA ARG I 73 32.59 -65.80 44.54
C ARG I 73 31.08 -65.88 44.69
N PHE I 74 30.40 -66.03 43.56
CA PHE I 74 28.94 -66.09 43.52
C PHE I 74 28.51 -67.23 42.61
N ASN I 75 27.71 -68.13 43.14
CA ASN I 75 27.11 -69.21 42.38
C ASN I 75 25.62 -69.21 42.59
N ILE I 76 24.89 -69.65 41.56
CA ILE I 76 23.43 -69.62 41.59
C ILE I 76 22.84 -70.79 42.36
N ASN I 77 23.62 -71.83 42.66
CA ASN I 77 23.11 -72.92 43.46
C ASN I 77 22.81 -72.46 44.88
N ASP I 78 23.57 -71.47 45.37
CA ASP I 78 23.37 -70.96 46.71
C ASP I 78 22.18 -70.04 46.84
N PHE I 79 21.62 -69.59 45.72
CA PHE I 79 20.44 -68.73 45.70
C PHE I 79 19.20 -69.43 45.21
N LEU I 80 19.34 -70.41 44.33
CA LEU I 80 18.23 -71.13 43.72
C LEU I 80 18.26 -72.58 44.16
N PRO I 81 17.32 -73.06 44.98
CA PRO I 81 17.40 -74.43 45.44
C PRO I 81 16.97 -75.40 44.35
N PRO I 82 17.17 -76.69 44.57
CA PRO I 82 16.63 -77.67 43.64
C PRO I 82 15.11 -77.77 43.76
N GLY I 83 14.48 -78.06 42.64
CA GLY I 83 13.04 -78.15 42.60
C GLY I 83 12.52 -79.49 43.05
N GLY I 84 11.49 -79.97 42.37
CA GLY I 84 10.92 -81.25 42.69
C GLY I 84 10.16 -81.85 41.52
N GLY I 85 10.41 -83.13 41.26
CA GLY I 85 9.75 -83.82 40.18
C GLY I 85 10.42 -83.63 38.84
N SER I 86 9.62 -83.46 37.80
CA SER I 86 10.14 -83.29 36.46
C SER I 86 10.82 -81.95 36.27
N ASN I 87 10.59 -80.99 37.17
CA ASN I 87 11.25 -79.71 37.14
C ASN I 87 12.48 -79.76 38.04
N PRO I 88 13.70 -79.77 37.50
CA PRO I 88 14.86 -79.96 38.37
C PRO I 88 15.16 -78.78 39.27
N ARG I 89 14.71 -77.59 38.91
CA ARG I 89 14.94 -76.38 39.69
C ARG I 89 13.62 -75.74 40.09
N SER I 90 13.69 -74.86 41.08
CA SER I 90 12.50 -74.27 41.66
C SER I 90 11.95 -73.12 40.83
N VAL I 91 12.80 -72.49 40.02
CA VAL I 91 12.38 -71.47 39.06
C VAL I 91 12.33 -72.12 37.69
N PRO I 92 11.16 -72.33 37.09
CA PRO I 92 11.11 -73.16 35.88
C PRO I 92 11.53 -72.42 34.61
N PHE I 93 12.84 -72.29 34.44
CA PHE I 93 13.42 -71.69 33.26
C PHE I 93 14.66 -72.48 32.87
N GLU I 94 15.06 -72.31 31.61
CA GLU I 94 16.18 -73.03 31.04
C GLU I 94 17.48 -72.27 31.14
N TYR I 95 17.49 -71.02 30.71
CA TYR I 95 18.68 -70.21 30.60
C TYR I 95 18.67 -69.09 31.63
N TYR I 96 19.84 -68.54 31.89
CA TYR I 96 19.97 -67.43 32.81
C TYR I 96 21.22 -66.64 32.45
N ARG I 97 21.26 -65.42 32.98
CA ARG I 97 22.46 -64.61 32.92
C ARG I 97 22.37 -63.57 34.03
N ILE I 98 23.42 -63.48 34.83
CA ILE I 98 23.42 -62.59 35.98
C ILE I 98 23.75 -61.19 35.51
N ARG I 99 22.86 -60.25 35.79
CA ARG I 99 22.99 -58.87 35.36
C ARG I 99 23.80 -58.05 36.35
N LYS I 100 23.48 -58.15 37.63
CA LYS I 100 24.12 -57.36 38.67
C LYS I 100 24.17 -58.16 39.94
N VAL I 101 25.06 -57.77 40.84
CA VAL I 101 25.12 -58.29 42.20
C VAL I 101 25.30 -57.11 43.14
N LYS I 102 24.65 -57.19 44.29
CA LYS I 102 24.76 -56.22 45.36
C LYS I 102 25.25 -56.95 46.60
N VAL I 103 26.49 -56.71 46.97
CA VAL I 103 27.05 -57.24 48.19
C VAL I 103 26.95 -56.16 49.26
N GLU I 104 26.32 -56.51 50.37
CA GLU I 104 26.09 -55.59 51.47
C GLU I 104 26.76 -56.16 52.70
N PHE I 105 27.73 -55.43 53.24
CA PHE I 105 28.35 -55.76 54.52
C PHE I 105 27.57 -55.04 55.61
N TRP I 106 26.68 -55.76 56.24
CA TRP I 106 25.91 -55.23 57.35
C TRP I 106 26.70 -55.48 58.64
N PRO I 107 27.09 -54.44 59.37
CA PRO I 107 27.91 -54.68 60.55
C PRO I 107 27.15 -55.34 61.67
N CYS I 108 27.92 -56.01 62.52
CA CYS I 108 27.43 -56.65 63.73
C CYS I 108 27.97 -56.00 64.99
N SER I 109 28.76 -54.96 64.87
CA SER I 109 29.52 -54.38 65.95
C SER I 109 28.90 -53.07 66.39
N PRO I 110 29.02 -52.71 67.66
CA PRO I 110 28.41 -51.47 68.13
C PRO I 110 29.16 -50.25 67.63
N ILE I 111 28.47 -49.12 67.67
CA ILE I 111 29.08 -47.86 67.27
C ILE I 111 30.07 -47.32 68.29
N THR I 112 30.16 -47.95 69.46
CA THR I 112 31.12 -47.56 70.48
C THR I 112 32.43 -48.34 70.37
N GLN I 113 32.58 -49.22 69.40
CA GLN I 113 33.77 -50.04 69.30
C GLN I 113 34.93 -49.20 68.78
N GLY I 114 36.07 -49.34 69.42
CA GLY I 114 37.26 -48.61 69.06
C GLY I 114 38.20 -49.42 68.20
N ASP I 115 39.43 -48.94 68.10
CA ASP I 115 40.46 -49.53 67.26
C ASP I 115 39.96 -49.62 65.83
N ARG I 116 39.34 -48.54 65.37
CA ARG I 116 38.77 -48.48 64.04
C ARG I 116 39.88 -48.58 62.99
N GLY I 117 39.45 -48.82 61.76
CA GLY I 117 40.37 -49.07 60.68
C GLY I 117 39.84 -48.66 59.34
N VAL I 118 40.58 -48.97 58.29
CA VAL I 118 40.21 -48.57 56.94
C VAL I 118 40.71 -49.63 55.98
N GLY I 119 39.80 -50.12 55.13
CA GLY I 119 40.08 -51.17 54.20
C GLY I 119 39.68 -50.84 52.79
N SER I 120 39.55 -51.87 51.96
CA SER I 120 39.30 -51.67 50.54
C SER I 120 38.60 -52.89 49.98
N SER I 121 37.64 -52.64 49.09
CA SER I 121 36.95 -53.68 48.34
C SER I 121 37.11 -53.39 46.86
N ALA I 122 37.53 -54.40 46.11
CA ALA I 122 37.78 -54.27 44.69
C ALA I 122 37.06 -55.37 43.93
N VAL I 123 36.88 -55.12 42.64
CA VAL I 123 36.13 -56.00 41.74
C VAL I 123 37.11 -56.78 40.90
N ILE I 124 37.05 -58.11 41.01
CA ILE I 124 38.03 -59.02 40.42
C ILE I 124 37.28 -60.03 39.57
N LEU I 125 37.26 -59.80 38.27
CA LEU I 125 36.39 -60.53 37.36
C LEU I 125 37.08 -61.72 36.69
N ASP I 126 38.09 -62.34 37.31
CA ASP I 126 38.90 -63.34 36.63
C ASP I 126 39.36 -64.53 37.46
N ASP I 127 38.96 -64.65 38.71
CA ASP I 127 39.24 -65.83 39.51
C ASP I 127 40.72 -65.95 39.86
N ASN I 128 41.43 -64.83 39.90
CA ASN I 128 42.80 -64.78 40.40
C ASN I 128 42.83 -63.63 41.39
N PHE I 129 42.56 -63.97 42.64
CA PHE I 129 42.54 -63.03 43.74
C PHE I 129 43.92 -62.95 44.38
N VAL I 130 44.13 -61.88 45.14
CA VAL I 130 45.27 -61.84 46.04
C VAL I 130 45.11 -62.99 47.04
N THR I 131 46.23 -63.62 47.36
CA THR I 131 46.19 -64.79 48.22
C THR I 131 45.59 -64.44 49.58
N LYS I 132 44.79 -65.36 50.09
CA LYS I 132 44.18 -65.16 51.40
C LYS I 132 45.24 -65.06 52.47
N ALA I 133 45.14 -64.00 53.27
CA ALA I 133 46.11 -63.68 54.29
C ALA I 133 45.39 -63.27 55.56
N THR I 134 46.03 -63.57 56.70
CA THR I 134 45.51 -63.22 58.00
C THR I 134 45.97 -61.83 58.44
N ALA I 135 47.27 -61.57 58.35
CA ALA I 135 47.84 -60.27 58.72
C ALA I 135 48.91 -59.92 57.69
N LEU I 136 48.49 -59.26 56.62
CA LEU I 136 49.39 -58.76 55.60
C LEU I 136 49.74 -57.32 55.89
N THR I 137 51.00 -56.96 55.61
CA THR I 137 51.56 -55.68 55.99
C THR I 137 51.09 -54.51 55.14
N TYR I 138 50.14 -54.71 54.24
CA TYR I 138 49.67 -53.65 53.37
C TYR I 138 48.30 -54.02 52.85
N ASP I 139 47.62 -53.04 52.27
CA ASP I 139 46.33 -53.23 51.63
C ASP I 139 46.55 -53.47 50.16
N PRO I 140 46.40 -54.68 49.64
CA PRO I 140 46.70 -54.89 48.23
C PRO I 140 45.70 -54.26 47.30
N TYR I 141 44.44 -54.15 47.71
CA TYR I 141 43.38 -53.66 46.86
C TYR I 141 43.23 -52.14 46.92
N VAL I 142 44.23 -51.43 47.43
CA VAL I 142 44.09 -50.01 47.67
C VAL I 142 44.27 -49.22 46.38
N ASN I 143 45.22 -49.61 45.55
CA ASN I 143 45.51 -48.89 44.32
C ASN I 143 44.69 -49.39 43.15
N TYR I 144 43.77 -50.32 43.37
CA TYR I 144 42.92 -50.80 42.31
C TYR I 144 41.95 -49.73 41.85
N SER I 145 41.69 -49.69 40.55
CA SER I 145 40.78 -48.71 39.98
C SER I 145 39.36 -48.89 40.48
N SER I 146 39.00 -50.08 40.94
CA SER I 146 37.67 -50.37 41.47
C SER I 146 37.64 -50.40 42.98
N ARG I 147 38.58 -49.73 43.63
CA ARG I 147 38.63 -49.73 45.09
C ARG I 147 37.61 -48.77 45.64
N HIS I 148 36.85 -49.25 46.61
CA HIS I 148 36.02 -48.43 47.47
C HIS I 148 36.54 -48.61 48.89
N THR I 149 36.60 -47.53 49.63
CA THR I 149 37.07 -47.57 51.00
C THR I 149 36.04 -48.24 51.90
N ILE I 150 36.51 -49.12 52.76
CA ILE I 150 35.72 -49.75 53.80
C ILE I 150 36.10 -49.06 55.10
N THR I 151 35.18 -48.28 55.64
CA THR I 151 35.28 -47.85 57.01
C THR I 151 34.85 -48.99 57.93
N GLN I 152 35.62 -49.21 58.98
CA GLN I 152 35.42 -50.31 59.91
C GLN I 152 35.26 -49.77 61.31
N PRO I 153 34.64 -50.53 62.22
CA PRO I 153 33.93 -51.80 62.10
C PRO I 153 32.42 -51.70 61.99
N PHE I 154 31.88 -50.53 62.30
CA PHE I 154 30.45 -50.35 62.50
C PHE I 154 29.79 -49.60 61.35
N SER I 155 30.33 -49.73 60.15
CA SER I 155 29.87 -48.96 59.01
C SER I 155 29.46 -49.90 57.89
N TYR I 156 28.43 -49.50 57.18
CA TYR I 156 27.85 -50.25 56.09
C TYR I 156 28.63 -50.00 54.80
N HIS I 157 28.82 -51.08 54.03
CA HIS I 157 29.56 -51.05 52.79
C HIS I 157 28.77 -51.83 51.75
N SER I 158 28.44 -51.18 50.65
CA SER I 158 27.77 -51.81 49.53
C SER I 158 28.64 -51.74 48.29
N ARG I 159 28.49 -52.73 47.43
CA ARG I 159 29.15 -52.79 46.14
C ARG I 159 28.14 -53.34 45.15
N TYR I 160 27.92 -52.61 44.06
CA TYR I 160 26.95 -52.95 43.04
C TYR I 160 27.66 -52.99 41.70
N PHE I 161 27.72 -54.17 41.10
CA PHE I 161 28.53 -54.38 39.92
C PHE I 161 27.96 -55.55 39.13
N THR I 162 28.56 -55.77 37.97
CA THR I 162 28.16 -56.82 37.04
C THR I 162 29.22 -57.93 37.05
N PRO I 163 28.93 -59.11 37.58
CA PRO I 163 29.96 -60.15 37.61
C PRO I 163 30.17 -60.79 36.26
N LYS I 164 31.11 -61.72 36.18
CA LYS I 164 31.44 -62.42 34.97
C LYS I 164 31.61 -63.90 35.30
N PRO I 165 31.21 -64.79 34.40
CA PRO I 165 31.38 -66.22 34.68
C PRO I 165 32.77 -66.73 34.34
N VAL I 166 33.11 -67.84 35.00
CA VAL I 166 34.40 -68.49 34.83
C VAL I 166 34.22 -69.53 33.73
N LEU I 167 34.42 -69.10 32.49
CA LEU I 167 34.30 -69.98 31.34
C LEU I 167 35.56 -70.82 31.14
N ASP I 168 36.72 -70.20 31.25
CA ASP I 168 38.00 -70.90 31.17
C ASP I 168 38.92 -70.28 32.20
N SER I 169 39.20 -71.02 33.27
CA SER I 169 40.08 -70.54 34.31
C SER I 169 41.54 -70.50 33.88
N THR I 170 41.90 -71.20 32.80
CA THR I 170 43.27 -71.19 32.31
C THR I 170 43.59 -69.88 31.60
N ILE I 171 42.65 -69.37 30.82
CA ILE I 171 42.85 -68.18 30.01
C ILE I 171 42.22 -66.98 30.70
N ASP I 172 41.11 -67.21 31.40
CA ASP I 172 40.42 -66.19 32.18
C ASP I 172 40.01 -65.02 31.31
N TYR I 173 39.11 -65.30 30.37
CA TYR I 173 38.55 -64.29 29.48
C TYR I 173 37.13 -63.96 29.89
N PHE I 174 36.74 -62.71 29.69
CA PHE I 174 35.42 -62.26 30.01
C PHE I 174 34.99 -61.15 29.06
N GLN I 175 33.76 -60.89 29.05
CA GLN I 175 33.12 -59.92 28.18
C GLN I 175 33.03 -58.56 28.85
N PRO I 176 33.08 -57.48 28.09
CA PRO I 176 32.73 -56.19 28.69
C PRO I 176 31.24 -56.05 28.91
N ASN I 177 30.84 -54.97 29.56
CA ASN I 177 29.46 -54.79 29.94
C ASN I 177 28.64 -54.42 28.73
N ASN I 178 27.68 -55.27 28.39
CA ASN I 178 26.77 -55.02 27.28
C ASN I 178 25.52 -55.82 27.58
N LYS I 179 24.41 -55.14 27.83
CA LYS I 179 23.20 -55.86 28.18
C LYS I 179 22.67 -56.67 27.01
N ARG I 180 22.93 -56.22 25.78
CA ARG I 180 22.36 -56.88 24.62
C ARG I 180 23.18 -58.07 24.17
N ASN I 181 24.47 -58.10 24.48
CA ASN I 181 25.39 -59.13 24.02
C ASN I 181 25.83 -60.08 25.11
N GLN I 182 25.31 -59.94 26.32
CA GLN I 182 25.71 -60.80 27.42
C GLN I 182 25.28 -62.24 27.15
N LEU I 183 26.19 -63.16 27.41
CA LEU I 183 25.94 -64.56 27.15
C LEU I 183 24.85 -65.11 28.04
N TRP I 184 24.06 -66.01 27.49
CA TRP I 184 23.12 -66.81 28.24
C TRP I 184 23.78 -68.11 28.62
N LEU I 185 23.79 -68.42 29.90
CA LEU I 185 24.22 -69.71 30.41
C LEU I 185 23.01 -70.59 30.63
N ARG I 186 23.26 -71.88 30.80
CA ARG I 186 22.22 -72.83 31.13
C ARG I 186 22.12 -72.97 32.64
N LEU I 187 20.88 -73.03 33.11
CA LEU I 187 20.59 -73.31 34.50
C LEU I 187 20.68 -74.81 34.70
N GLN I 188 21.87 -75.26 35.09
CA GLN I 188 22.12 -76.67 35.30
C GLN I 188 21.36 -77.16 36.52
N THR I 189 21.41 -78.47 36.72
CA THR I 189 20.71 -79.09 37.84
C THR I 189 21.50 -78.96 39.13
N ALA I 190 22.77 -79.38 39.12
CA ALA I 190 23.61 -79.29 40.31
C ALA I 190 25.06 -78.93 40.01
N GLY I 191 25.33 -78.25 38.90
CA GLY I 191 26.69 -78.01 38.46
C GLY I 191 26.93 -76.66 37.84
N ASN I 192 26.22 -75.64 38.30
CA ASN I 192 26.34 -74.32 37.70
C ASN I 192 27.73 -73.74 37.94
N VAL I 193 28.09 -72.80 37.07
CA VAL I 193 29.43 -72.23 37.03
C VAL I 193 29.52 -71.06 37.99
N ASP I 194 30.70 -70.89 38.57
CA ASP I 194 30.92 -69.85 39.56
C ASP I 194 31.12 -68.50 38.89
N HIS I 195 30.37 -67.51 39.34
CA HIS I 195 30.61 -66.14 38.99
C HIS I 195 31.51 -65.49 40.02
N VAL I 196 32.20 -64.45 39.60
CA VAL I 196 33.31 -63.90 40.35
C VAL I 196 33.27 -62.38 40.22
N GLY I 197 34.00 -61.69 41.10
CA GLY I 197 33.92 -60.25 41.11
C GLY I 197 34.06 -59.46 42.39
N LEU I 198 34.47 -60.05 43.51
CA LEU I 198 34.78 -59.22 44.66
C LEU I 198 35.89 -59.78 45.51
N GLY I 199 36.82 -58.90 45.87
CA GLY I 199 37.85 -59.20 46.84
C GLY I 199 37.98 -58.06 47.82
N THR I 200 38.32 -58.41 49.06
CA THR I 200 38.28 -57.48 50.17
C THR I 200 39.60 -57.49 50.91
N ALA I 201 39.81 -56.41 51.68
CA ALA I 201 40.93 -56.31 52.60
C ALA I 201 40.46 -55.52 53.81
N PHE I 202 40.38 -56.20 54.94
CA PHE I 202 39.95 -55.60 56.19
C PHE I 202 41.13 -55.42 57.12
N GLU I 203 41.19 -54.26 57.75
CA GLU I 203 42.24 -53.97 58.72
C GLU I 203 41.92 -54.65 60.03
N ASN I 204 42.89 -55.38 60.55
CA ASN I 204 42.70 -56.15 61.75
C ASN I 204 42.61 -55.22 62.96
N SER I 205 42.17 -55.79 64.09
CA SER I 205 41.89 -55.03 65.28
C SER I 205 42.07 -55.92 66.50
N ILE I 206 42.09 -55.28 67.67
CA ILE I 206 42.17 -56.00 68.93
C ILE I 206 40.88 -56.75 69.20
N TYR I 207 39.76 -56.22 68.71
CA TYR I 207 38.45 -56.83 68.89
C TYR I 207 38.03 -57.55 67.62
N ASP I 208 37.15 -58.53 67.79
CA ASP I 208 36.61 -59.25 66.66
C ASP I 208 35.61 -58.39 65.90
N GLN I 209 35.73 -58.39 64.58
CA GLN I 209 34.86 -57.64 63.69
C GLN I 209 33.99 -58.61 62.91
N GLU I 210 32.71 -58.67 63.25
CA GLU I 210 31.77 -59.56 62.61
C GLU I 210 30.89 -58.79 61.63
N TYR I 211 30.45 -59.48 60.59
CA TYR I 211 29.59 -58.92 59.56
C TYR I 211 28.58 -59.96 59.12
N ASN I 212 27.39 -59.49 58.76
CA ASN I 212 26.37 -60.29 58.12
C ASN I 212 26.29 -59.84 56.68
N ILE I 213 26.74 -60.68 55.76
CA ILE I 213 26.87 -60.31 54.36
C ILE I 213 25.65 -60.81 53.62
N ARG I 214 24.94 -59.89 52.96
CA ARG I 214 23.76 -60.19 52.18
C ARG I 214 24.07 -59.93 50.72
N VAL I 215 24.12 -61.00 49.93
CA VAL I 215 24.34 -60.92 48.51
C VAL I 215 23.00 -61.02 47.82
N THR I 216 22.75 -60.10 46.89
CA THR I 216 21.53 -60.07 46.10
C THR I 216 21.94 -60.10 44.64
N MET I 217 21.49 -61.12 43.93
CA MET I 217 21.75 -61.26 42.51
C MET I 217 20.51 -60.91 41.71
N TYR I 218 20.68 -60.03 40.74
CA TYR I 218 19.64 -59.63 39.82
C TYR I 218 19.82 -60.41 38.54
N VAL I 219 18.95 -61.38 38.31
CA VAL I 219 19.11 -62.36 37.25
C VAL I 219 18.03 -62.15 36.20
N GLN I 220 18.22 -62.79 35.06
CA GLN I 220 17.33 -62.71 33.92
C GLN I 220 17.26 -64.09 33.31
N PHE I 221 16.09 -64.69 33.36
CA PHE I 221 15.86 -66.03 32.86
C PHE I 221 15.21 -65.99 31.48
N ARG I 222 15.12 -67.17 30.87
CA ARG I 222 14.59 -67.29 29.52
C ARG I 222 14.05 -68.70 29.33
N GLU I 223 13.03 -68.79 28.48
CA GLU I 223 12.45 -70.06 28.04
C GLU I 223 11.88 -70.86 29.21
N PHE I 224 10.77 -70.33 29.71
CA PHE I 224 9.86 -71.03 30.61
C PHE I 224 9.64 -72.46 30.15
N ASN I 225 9.96 -73.41 31.01
CA ASN I 225 10.00 -74.82 30.62
C ASN I 225 9.33 -75.71 31.64
N LEU I 226 8.17 -75.27 32.13
CA LEU I 226 7.46 -76.06 33.11
C LEU I 226 6.97 -77.36 32.48
N LYS I 227 7.01 -78.43 33.27
CA LYS I 227 6.55 -79.74 32.86
C LYS I 227 5.42 -80.18 33.77
N ASP I 228 4.30 -80.58 33.16
CA ASP I 228 3.06 -80.88 33.88
C ASP I 228 2.62 -82.29 33.54
N PRO I 229 3.16 -83.29 34.23
CA PRO I 229 2.66 -84.64 34.05
C PRO I 229 1.32 -84.81 34.73
N PRO I 230 0.59 -85.91 34.44
CA PRO I 230 -0.64 -86.16 35.18
C PRO I 230 -0.39 -86.55 36.62
N LEU I 231 -1.46 -86.83 37.35
CA LEU I 231 -1.38 -87.19 38.77
C LEU I 231 -2.37 -88.29 39.11
N GLY J 43 54.39 -39.06 26.35
CA GLY J 43 53.55 -40.17 26.76
C GLY J 43 53.04 -40.03 28.17
N ILE J 44 51.97 -39.27 28.31
CA ILE J 44 51.44 -38.90 29.62
C ILE J 44 50.63 -40.05 30.18
N PHE J 45 50.72 -40.21 31.50
CA PHE J 45 49.92 -41.18 32.22
C PHE J 45 49.66 -40.62 33.62
N ASN J 46 48.46 -40.10 33.82
CA ASN J 46 48.04 -39.67 35.14
C ASN J 46 47.50 -40.85 35.92
N THR J 47 48.01 -41.05 37.12
CA THR J 47 47.54 -42.12 37.98
C THR J 47 47.51 -41.62 39.43
N ARG J 48 47.37 -42.58 40.35
CA ARG J 48 47.15 -42.31 41.75
C ARG J 48 47.88 -43.36 42.56
N LEU J 49 48.71 -42.91 43.50
CA LEU J 49 49.52 -43.78 44.34
C LEU J 49 49.23 -43.43 45.79
N SER J 50 49.10 -44.46 46.62
CA SER J 50 48.72 -44.33 48.01
C SER J 50 49.71 -45.03 48.91
N ARG J 51 49.55 -44.77 50.20
CA ARG J 51 50.46 -45.21 51.26
C ARG J 51 49.78 -44.90 52.57
N THR J 52 49.93 -45.81 53.54
CA THR J 52 49.26 -45.70 54.82
C THR J 52 50.25 -45.93 55.95
N PHE J 53 50.14 -45.14 57.00
CA PHE J 53 51.02 -45.23 58.14
C PHE J 53 50.34 -44.59 59.34
N GLY J 54 50.94 -44.80 60.50
CA GLY J 54 50.38 -44.36 61.76
C GLY J 54 51.02 -43.13 62.37
N TYR J 55 50.26 -42.45 63.21
CA TYR J 55 50.72 -41.29 63.97
C TYR J 55 49.95 -41.26 65.27
N THR J 56 50.67 -41.11 66.38
CA THR J 56 50.08 -41.09 67.71
C THR J 56 50.54 -39.85 68.45
N ILE J 57 49.60 -39.24 69.16
CA ILE J 57 49.85 -38.14 70.08
C ILE J 57 49.73 -38.72 71.48
N LYS J 58 50.86 -38.92 72.14
CA LYS J 58 50.87 -39.54 73.44
C LYS J 58 50.21 -38.63 74.47
N ARG J 59 49.78 -39.26 75.56
CA ARG J 59 49.11 -38.56 76.64
C ARG J 59 50.08 -37.69 77.43
N THR J 60 49.51 -36.72 78.14
CA THR J 60 50.27 -35.82 79.00
C THR J 60 49.47 -35.52 80.26
N THR J 61 50.17 -35.50 81.40
CA THR J 61 49.58 -35.08 82.66
C THR J 61 49.45 -33.56 82.77
N VAL J 62 49.98 -32.81 81.81
CA VAL J 62 49.90 -31.36 81.85
C VAL J 62 48.44 -30.92 81.85
N LYS J 63 48.13 -29.95 82.69
CA LYS J 63 46.75 -29.48 82.84
C LYS J 63 46.38 -28.45 81.77
N THR J 64 47.33 -27.60 81.40
CA THR J 64 47.06 -26.54 80.46
C THR J 64 46.70 -27.09 79.08
N PRO J 65 46.13 -26.24 78.22
CA PRO J 65 46.01 -26.64 76.82
C PRO J 65 47.33 -26.44 76.10
N SER J 66 48.00 -27.55 75.81
CA SER J 66 49.23 -27.56 75.04
C SER J 66 49.02 -28.31 73.75
N TRP J 67 49.85 -28.01 72.76
CA TRP J 67 49.76 -28.60 71.44
C TRP J 67 51.03 -29.34 71.09
N ALA J 68 50.86 -30.40 70.31
CA ALA J 68 51.94 -31.24 69.82
C ALA J 68 52.14 -30.93 68.35
N VAL J 69 53.34 -30.51 68.01
CA VAL J 69 53.67 -30.06 66.66
C VAL J 69 54.50 -31.13 65.98
N ASP J 70 54.24 -31.33 64.68
CA ASP J 70 54.97 -32.28 63.89
C ASP J 70 54.88 -31.87 62.43
N MET J 71 55.72 -32.48 61.62
CA MET J 71 55.85 -32.17 60.21
C MET J 71 55.51 -33.39 59.37
N MET J 72 55.38 -33.14 58.06
CA MET J 72 55.00 -34.20 57.12
C MET J 72 55.55 -33.84 55.75
N ARG J 73 56.49 -34.64 55.27
CA ARG J 73 57.05 -34.57 53.93
C ARG J 73 56.52 -35.71 53.09
N PHE J 74 56.73 -35.59 51.78
CA PHE J 74 56.25 -36.58 50.82
C PHE J 74 57.36 -36.88 49.82
N ASN J 75 57.72 -38.16 49.71
CA ASN J 75 58.68 -38.62 48.73
C ASN J 75 58.07 -39.77 47.93
N ILE J 76 58.48 -39.87 46.67
CA ILE J 76 57.92 -40.87 45.77
C ILE J 76 58.51 -42.25 45.96
N ASN J 77 59.63 -42.37 46.68
CA ASN J 77 60.18 -43.69 46.96
C ASN J 77 59.26 -44.48 47.87
N ASP J 78 58.53 -43.79 48.74
CA ASP J 78 57.61 -44.45 49.66
C ASP J 78 56.33 -44.90 49.00
N PHE J 79 56.04 -44.43 47.79
CA PHE J 79 54.86 -44.81 47.04
C PHE J 79 55.16 -45.72 45.86
N LEU J 80 56.33 -45.56 45.25
CA LEU J 80 56.74 -46.30 44.07
C LEU J 80 57.90 -47.22 44.41
N PRO J 81 57.75 -48.54 44.43
CA PRO J 81 58.86 -49.38 44.81
C PRO J 81 59.88 -49.50 43.70
N PRO J 82 61.03 -50.10 43.97
CA PRO J 82 61.97 -50.39 42.90
C PRO J 82 61.46 -51.53 42.02
N GLY J 83 61.81 -51.46 40.75
CA GLY J 83 61.37 -52.45 39.80
C GLY J 83 62.25 -53.68 39.79
N GLY J 84 62.49 -54.21 38.61
CA GLY J 84 63.31 -55.39 38.47
C GLY J 84 63.91 -55.52 37.08
N GLY J 85 65.20 -55.78 37.02
CA GLY J 85 65.88 -55.94 35.76
C GLY J 85 66.34 -54.63 35.17
N SER J 86 66.20 -54.51 33.85
CA SER J 86 66.63 -53.31 33.16
C SER J 86 65.74 -52.11 33.46
N ASN J 87 64.55 -52.35 34.02
CA ASN J 87 63.67 -51.27 34.43
C ASN J 87 63.90 -50.97 35.90
N PRO J 88 64.51 -49.84 36.27
CA PRO J 88 64.85 -49.64 37.68
C PRO J 88 63.67 -49.41 38.58
N ARG J 89 62.53 -48.97 38.03
CA ARG J 89 61.33 -48.68 38.79
C ARG J 89 60.18 -49.50 38.27
N SER J 90 59.14 -49.61 39.09
CA SER J 90 58.01 -50.48 38.79
C SER J 90 57.03 -49.84 37.82
N VAL J 91 57.01 -48.52 37.74
CA VAL J 91 56.23 -47.78 36.75
C VAL J 91 57.19 -47.33 35.66
N PRO J 92 57.12 -47.89 34.44
CA PRO J 92 58.18 -47.60 33.47
C PRO J 92 58.04 -46.26 32.76
N PHE J 93 58.45 -45.22 33.47
CA PHE J 93 58.48 -43.87 32.94
C PHE J 93 59.74 -43.18 33.41
N GLU J 94 60.10 -42.11 32.71
CA GLU J 94 61.31 -41.36 32.96
C GLU J 94 61.09 -40.17 33.89
N TYR J 95 60.09 -39.35 33.58
CA TYR J 95 59.86 -38.10 34.27
C TYR J 95 58.56 -38.18 35.06
N TYR J 96 58.44 -37.27 36.01
CA TYR J 96 57.23 -37.19 36.83
C TYR J 96 57.09 -35.78 37.36
N ARG J 97 55.88 -35.48 37.82
CA ARG J 97 55.61 -34.26 38.55
C ARG J 97 54.35 -34.47 39.35
N ILE J 98 54.43 -34.17 40.64
CA ILE J 98 53.30 -34.41 41.54
C ILE J 98 52.32 -33.27 41.41
N ARG J 99 51.08 -33.60 41.07
CA ARG J 99 50.03 -32.63 40.84
C ARG J 99 49.32 -32.24 42.13
N LYS J 100 48.92 -33.24 42.91
CA LYS J 100 48.16 -33.03 44.13
C LYS J 100 48.52 -34.10 45.13
N VAL J 101 48.24 -33.82 46.39
CA VAL J 101 48.33 -34.79 47.47
C VAL J 101 47.08 -34.66 48.33
N LYS J 102 46.59 -35.80 48.79
CA LYS J 102 45.45 -35.88 49.71
C LYS J 102 45.93 -36.60 50.95
N VAL J 103 46.07 -35.85 52.03
CA VAL J 103 46.39 -36.41 53.34
C VAL J 103 45.09 -36.59 54.11
N GLU J 104 44.85 -37.81 54.56
CA GLU J 104 43.63 -38.17 55.27
C GLU J 104 44.04 -38.68 56.64
N PHE J 105 43.58 -37.99 57.68
CA PHE J 105 43.74 -38.44 59.06
C PHE J 105 42.50 -39.25 59.41
N TRP J 106 42.64 -40.56 59.32
CA TRP J 106 41.56 -41.46 59.69
C TRP J 106 41.69 -41.78 61.17
N PRO J 107 40.71 -41.46 62.01
CA PRO J 107 40.89 -41.67 63.44
C PRO J 107 40.89 -43.14 63.81
N CYS J 108 41.51 -43.41 64.95
CA CYS J 108 41.54 -44.72 65.55
C CYS J 108 40.81 -44.78 66.87
N SER J 109 40.21 -43.69 67.31
CA SER J 109 39.67 -43.52 68.63
C SER J 109 38.15 -43.58 68.59
N PRO J 110 37.51 -44.06 69.65
CA PRO J 110 36.06 -44.16 69.63
C PRO J 110 35.39 -42.80 69.75
N ILE J 111 34.12 -42.77 69.35
CA ILE J 111 33.35 -41.53 69.45
C ILE J 111 32.94 -41.20 70.87
N THR J 112 33.19 -42.09 71.82
CA THR J 112 32.92 -41.85 73.23
C THR J 112 34.10 -41.25 73.97
N GLN J 113 35.23 -41.01 73.30
CA GLN J 113 36.42 -40.53 73.98
C GLN J 113 36.24 -39.07 74.32
N GLY J 114 36.59 -38.71 75.55
CA GLY J 114 36.49 -37.36 76.03
C GLY J 114 37.81 -36.62 75.96
N ASP J 115 37.86 -35.50 76.68
CA ASP J 115 39.00 -34.60 76.68
C ASP J 115 39.31 -34.15 75.25
N ARG J 116 38.26 -33.83 74.52
CA ARG J 116 38.39 -33.42 73.14
C ARG J 116 39.16 -32.12 73.03
N GLY J 117 39.58 -31.81 71.81
CA GLY J 117 40.44 -30.70 71.56
C GLY J 117 40.27 -30.10 70.19
N VAL J 118 41.12 -29.14 69.85
CA VAL J 118 41.02 -28.44 68.58
C VAL J 118 42.42 -28.06 68.14
N GLY J 119 42.75 -28.41 66.91
CA GLY J 119 44.07 -28.19 66.35
C GLY J 119 44.02 -27.49 65.01
N SER J 120 45.13 -27.59 64.29
CA SER J 120 45.27 -26.86 63.03
C SER J 120 46.25 -27.59 62.13
N SER J 121 45.94 -27.62 60.84
CA SER J 121 46.82 -28.14 59.81
C SER J 121 47.05 -27.04 58.77
N ALA J 122 48.31 -26.80 58.46
CA ALA J 122 48.69 -25.77 57.52
C ALA J 122 49.62 -26.33 56.45
N VAL J 123 49.72 -25.61 55.35
CA VAL J 123 50.46 -26.02 54.17
C VAL J 123 51.77 -25.23 54.14
N ILE J 124 52.88 -25.95 54.17
CA ILE J 124 54.22 -25.37 54.33
C ILE J 124 55.08 -25.87 53.17
N LEU J 125 55.25 -25.03 52.16
CA LEU J 125 55.84 -25.44 50.90
C LEU J 125 57.33 -25.14 50.80
N ASP J 126 58.07 -25.12 51.92
CA ASP J 126 59.44 -24.63 51.90
C ASP J 126 60.43 -25.35 52.81
N ASP J 127 60.03 -26.40 53.52
CA ASP J 127 60.95 -27.20 54.31
C ASP J 127 61.50 -26.44 55.51
N ASN J 128 60.76 -25.47 56.01
CA ASN J 128 61.07 -24.81 57.27
C ASN J 128 59.77 -24.81 58.07
N PHE J 129 59.62 -25.87 58.85
CA PHE J 129 58.47 -26.07 59.71
C PHE J 129 58.72 -25.47 61.07
N VAL J 130 57.63 -25.26 61.81
CA VAL J 130 57.75 -24.98 63.23
C VAL J 130 58.42 -26.19 63.88
N THR J 131 59.29 -25.92 64.83
CA THR J 131 60.07 -26.96 65.46
C THR J 131 59.15 -27.99 66.12
N LYS J 132 59.53 -29.25 66.00
CA LYS J 132 58.76 -30.32 66.61
C LYS J 132 58.74 -30.15 68.11
N ALA J 133 57.53 -30.19 68.69
CA ALA J 133 57.32 -29.97 70.10
C ALA J 133 56.33 -30.99 70.63
N THR J 134 56.50 -31.34 71.90
CA THR J 134 55.62 -32.27 72.57
C THR J 134 54.44 -31.56 73.23
N ALA J 135 54.71 -30.51 73.99
CA ALA J 135 53.67 -29.73 74.66
C ALA J 135 54.03 -28.26 74.55
N LEU J 136 53.60 -27.63 73.47
CA LEU J 136 53.79 -26.20 73.26
C LEU J 136 52.56 -25.45 73.73
N THR J 137 52.78 -24.28 74.32
CA THR J 137 51.73 -23.52 74.99
C THR J 137 50.79 -22.80 74.04
N TYR J 138 50.88 -23.04 72.75
CA TYR J 138 50.00 -22.37 71.79
C TYR J 138 49.99 -23.16 70.51
N ASP J 139 49.04 -22.84 69.65
CA ASP J 139 48.91 -23.44 68.33
C ASP J 139 49.62 -22.56 67.33
N PRO J 140 50.79 -22.94 66.82
CA PRO J 140 51.49 -22.03 65.92
C PRO J 140 50.83 -21.87 64.58
N TYR J 141 50.16 -22.92 64.09
CA TYR J 141 49.57 -22.93 62.77
C TYR J 141 48.16 -22.35 62.75
N VAL J 142 47.76 -21.63 63.78
CA VAL J 142 46.37 -21.20 63.89
C VAL J 142 46.11 -19.98 63.04
N ASN J 143 47.05 -19.04 62.99
CA ASN J 143 46.87 -17.82 62.24
C ASN J 143 47.36 -17.93 60.80
N TYR J 144 47.77 -19.11 60.38
CA TYR J 144 48.20 -19.31 59.00
C TYR J 144 47.01 -19.22 58.05
N SER J 145 47.25 -18.63 56.89
CA SER J 145 46.23 -18.47 55.89
C SER J 145 45.71 -19.80 55.36
N SER J 146 46.50 -20.86 55.46
CA SER J 146 46.12 -22.19 55.02
C SER J 146 45.71 -23.09 56.17
N ARG J 147 45.27 -22.51 57.27
CA ARG J 147 44.88 -23.30 58.43
C ARG J 147 43.49 -23.86 58.22
N HIS J 148 43.36 -25.16 58.48
CA HIS J 148 42.08 -25.82 58.62
C HIS J 148 42.03 -26.37 60.03
N THR J 149 40.88 -26.24 60.66
CA THR J 149 40.69 -26.74 62.02
C THR J 149 40.64 -28.25 62.04
N ILE J 150 41.35 -28.83 63.01
CA ILE J 150 41.32 -30.25 63.28
C ILE J 150 40.48 -30.42 64.54
N THR J 151 39.31 -30.98 64.38
CA THR J 151 38.56 -31.50 65.50
C THR J 151 39.15 -32.84 65.91
N GLN J 152 39.31 -33.02 67.21
CA GLN J 152 39.96 -34.18 67.79
C GLN J 152 39.01 -34.84 68.78
N PRO J 153 39.20 -36.14 69.07
CA PRO J 153 40.11 -37.14 68.52
C PRO J 153 39.49 -38.04 67.46
N PHE J 154 38.16 -38.05 67.38
CA PHE J 154 37.43 -39.05 66.62
C PHE J 154 36.86 -38.50 65.32
N SER J 155 37.51 -37.51 64.74
CA SER J 155 36.99 -36.81 63.58
C SER J 155 38.00 -36.89 62.44
N TYR J 156 37.46 -37.00 61.24
CA TYR J 156 38.24 -37.11 60.02
C TYR J 156 38.67 -35.75 59.53
N HIS J 157 39.91 -35.67 59.04
CA HIS J 157 40.51 -34.45 58.56
C HIS J 157 41.22 -34.76 57.25
N SER J 158 40.83 -34.05 56.20
CA SER J 158 41.46 -34.16 54.89
C SER J 158 42.07 -32.83 54.50
N ARG J 159 43.16 -32.91 53.74
CA ARG J 159 43.80 -31.75 53.15
C ARG J 159 44.21 -32.12 51.74
N TYR J 160 43.80 -31.32 50.77
CA TYR J 160 44.03 -31.55 49.35
C TYR J 160 44.71 -30.33 48.78
N PHE J 161 45.95 -30.49 48.33
CA PHE J 161 46.78 -29.36 47.95
C PHE J 161 47.83 -29.85 46.96
N THR J 162 48.58 -28.88 46.44
CA THR J 162 49.63 -29.12 45.46
C THR J 162 50.98 -28.93 46.13
N PRO J 163 51.79 -29.96 46.33
CA PRO J 163 53.07 -29.78 46.99
C PRO J 163 54.10 -29.16 46.07
N LYS J 164 55.29 -28.91 46.61
CA LYS J 164 56.38 -28.32 45.87
C LYS J 164 57.66 -29.07 46.22
N PRO J 165 58.56 -29.25 45.26
CA PRO J 165 59.81 -29.96 45.56
C PRO J 165 60.86 -29.07 46.19
N VAL J 166 61.77 -29.72 46.89
CA VAL J 166 62.87 -29.05 47.56
C VAL J 166 64.04 -29.04 46.60
N LEU J 167 64.09 -28.00 45.78
CA LEU J 167 65.16 -27.84 44.80
C LEU J 167 66.41 -27.26 45.44
N ASP J 168 66.26 -26.23 46.27
CA ASP J 168 67.38 -25.65 47.01
C ASP J 168 66.86 -25.33 48.41
N SER J 169 67.32 -26.09 49.40
CA SER J 169 66.92 -25.86 50.78
C SER J 169 67.54 -24.60 51.36
N THR J 170 68.61 -24.08 50.75
CA THR J 170 69.24 -22.86 51.25
C THR J 170 68.40 -21.64 50.92
N ILE J 171 67.83 -21.58 49.73
CA ILE J 171 67.07 -20.43 49.25
C ILE J 171 65.59 -20.70 49.40
N ASP J 172 65.19 -21.96 49.23
CA ASP J 172 63.81 -22.39 49.40
C ASP J 172 62.87 -21.63 48.48
N TYR J 173 63.05 -21.84 47.18
CA TYR J 173 62.22 -21.24 46.15
C TYR J 173 61.28 -22.29 45.57
N PHE J 174 60.10 -21.84 45.18
CA PHE J 174 59.11 -22.72 44.59
C PHE J 174 58.25 -21.95 43.60
N GLN J 175 57.58 -22.66 42.82
CA GLN J 175 56.74 -22.15 41.75
C GLN J 175 55.30 -21.97 42.23
N PRO J 176 54.58 -20.99 41.69
CA PRO J 176 53.14 -20.97 41.94
C PRO J 176 52.41 -22.04 41.17
N ASN J 177 51.12 -22.18 41.43
CA ASN J 177 50.34 -23.25 40.85
C ASN J 177 50.05 -22.94 39.39
N ASN J 178 50.57 -23.79 38.51
CA ASN J 178 50.33 -23.66 37.08
C ASN J 178 50.50 -25.05 36.50
N LYS J 179 49.41 -25.63 35.99
CA LYS J 179 49.50 -26.98 35.48
C LYS J 179 50.36 -27.05 34.24
N ARG J 180 50.41 -25.97 33.46
CA ARG J 180 51.12 -25.99 32.19
C ARG J 180 52.61 -25.75 32.35
N ASN J 181 53.01 -25.05 33.42
CA ASN J 181 54.39 -24.65 33.63
C ASN J 181 55.08 -25.43 34.74
N GLN J 182 54.42 -26.40 35.34
CA GLN J 182 55.02 -27.15 36.42
C GLN J 182 56.20 -27.96 35.93
N LEU J 183 57.28 -27.91 36.69
CA LEU J 183 58.51 -28.59 36.31
C LEU J 183 58.33 -30.09 36.30
N TRP J 184 59.01 -30.74 35.36
CA TRP J 184 59.14 -32.17 35.32
C TRP J 184 60.43 -32.55 36.02
N LEU J 185 60.34 -33.41 37.01
CA LEU J 185 61.49 -34.00 37.65
C LEU J 185 61.76 -35.37 37.03
N ARG J 186 62.95 -35.89 37.31
CA ARG J 186 63.32 -37.22 36.90
C ARG J 186 62.97 -38.21 37.99
N LEU J 187 62.43 -39.35 37.56
CA LEU J 187 62.18 -40.47 38.44
C LEU J 187 63.49 -41.21 38.63
N GLN J 188 64.20 -40.85 39.69
CA GLN J 188 65.48 -41.44 39.98
C GLN J 188 65.29 -42.89 40.43
N THR J 189 66.41 -43.58 40.61
CA THR J 189 66.38 -44.98 41.01
C THR J 189 66.18 -45.12 42.51
N ALA J 190 67.04 -44.45 43.31
CA ALA J 190 66.91 -44.52 44.77
C ALA J 190 67.20 -43.20 45.47
N GLY J 191 67.03 -42.06 44.78
CA GLY J 191 67.43 -40.78 45.32
C GLY J 191 66.52 -39.63 45.02
N ASN J 192 65.22 -39.90 44.92
CA ASN J 192 64.26 -38.87 44.57
C ASN J 192 64.19 -37.78 45.64
N VAL J 193 63.74 -36.62 45.22
CA VAL J 193 63.74 -35.41 46.04
C VAL J 193 62.46 -35.35 46.86
N ASP J 194 62.57 -34.80 48.05
CA ASP J 194 61.44 -34.75 48.98
C ASP J 194 60.53 -33.60 48.61
N HIS J 195 59.24 -33.90 48.48
CA HIS J 195 58.21 -32.89 48.39
C HIS J 195 57.68 -32.57 49.77
N VAL J 196 57.12 -31.38 49.90
CA VAL J 196 56.83 -30.80 51.19
C VAL J 196 55.51 -30.05 51.09
N GLY J 197 54.91 -29.74 52.24
CA GLY J 197 53.61 -29.13 52.21
C GLY J 197 52.59 -29.40 53.30
N LEU J 198 52.94 -30.02 54.42
CA LEU J 198 51.98 -30.08 55.50
C LEU J 198 52.65 -30.08 56.88
N GLY J 199 52.10 -29.23 57.75
CA GLY J 199 52.47 -29.24 59.15
C GLY J 199 51.22 -29.17 60.00
N THR J 200 51.30 -29.81 61.16
CA THR J 200 50.15 -30.04 62.01
C THR J 200 50.42 -29.57 63.43
N ALA J 201 49.33 -29.37 64.16
CA ALA J 201 49.38 -29.07 65.59
C ALA J 201 48.16 -29.72 66.23
N PHE J 202 48.40 -30.74 67.05
CA PHE J 202 47.36 -31.47 67.74
C PHE J 202 47.37 -31.11 69.21
N GLU J 203 46.18 -30.89 69.76
CA GLU J 203 46.03 -30.59 71.16
C GLU J 203 46.14 -31.87 71.97
N ASN J 204 47.01 -31.85 72.98
CA ASN J 204 47.25 -33.03 73.77
C ASN J 204 46.06 -33.34 74.66
N SER J 205 46.08 -34.55 75.23
CA SER J 205 44.96 -35.06 75.98
C SER J 205 45.46 -36.04 77.03
N ILE J 206 44.57 -36.40 77.95
CA ILE J 206 44.88 -37.40 78.96
C ILE J 206 44.98 -38.78 78.33
N TYR J 207 44.26 -39.01 77.26
CA TYR J 207 44.26 -40.28 76.55
C TYR J 207 45.11 -40.18 75.29
N ASP J 208 45.60 -41.33 74.85
CA ASP J 208 46.37 -41.39 73.62
C ASP J 208 45.47 -41.24 72.41
N GLN J 209 45.88 -40.40 71.48
CA GLN J 209 45.15 -40.13 70.24
C GLN J 209 45.92 -40.73 69.08
N GLU J 210 45.40 -41.81 68.52
CA GLU J 210 46.03 -42.50 67.41
C GLU J 210 45.30 -42.18 66.11
N TYR J 211 46.06 -42.21 65.02
CA TYR J 211 45.54 -41.95 63.69
C TYR J 211 46.22 -42.87 62.69
N ASN J 212 45.47 -43.25 61.66
CA ASN J 212 46.00 -43.95 60.50
C ASN J 212 45.98 -42.97 59.35
N ILE J 213 47.15 -42.53 58.92
CA ILE J 213 47.26 -41.48 57.93
C ILE J 213 47.48 -42.11 56.57
N ARG J 214 46.60 -41.79 55.63
CA ARG J 214 46.65 -42.30 54.26
C ARG J 214 46.95 -41.12 53.34
N VAL J 215 48.14 -41.13 52.76
CA VAL J 215 48.56 -40.14 51.79
C VAL J 215 48.35 -40.71 50.40
N THR J 216 47.72 -39.92 49.55
CA THR J 216 47.47 -40.28 48.16
C THR J 216 48.06 -39.18 47.30
N MET J 217 49.01 -39.55 46.45
CA MET J 217 49.65 -38.64 45.52
C MET J 217 49.11 -38.86 44.12
N TYR J 218 48.66 -37.78 43.49
CA TYR J 218 48.19 -37.78 42.12
C TYR J 218 49.32 -37.29 41.24
N VAL J 219 49.92 -38.21 40.50
CA VAL J 219 51.15 -37.95 39.77
C VAL J 219 50.87 -37.98 38.28
N GLN J 220 51.85 -37.50 37.51
CA GLN J 220 51.76 -37.42 36.07
C GLN J 220 53.14 -37.77 35.54
N PHE J 221 53.23 -38.86 34.82
CA PHE J 221 54.48 -39.36 34.28
C PHE J 221 54.60 -39.00 32.80
N ARG J 222 55.78 -39.26 32.24
CA ARG J 222 56.08 -38.89 30.87
C ARG J 222 57.18 -39.81 30.35
N GLU J 223 57.14 -40.07 29.05
CA GLU J 223 58.18 -40.80 28.32
C GLU J 223 58.34 -42.23 28.85
N PHE J 224 57.32 -43.02 28.54
CA PHE J 224 57.35 -44.47 28.64
C PHE J 224 58.66 -45.02 28.12
N ASN J 225 59.38 -45.74 28.98
CA ASN J 225 60.75 -46.14 28.69
C ASN J 225 61.00 -47.59 29.02
N LEU J 226 60.05 -48.45 28.68
CA LEU J 226 60.21 -49.86 28.97
C LEU J 226 61.36 -50.44 28.14
N LYS J 227 62.09 -51.36 28.76
CA LYS J 227 63.20 -52.04 28.14
C LYS J 227 62.91 -53.54 28.11
N ASP J 228 63.03 -54.13 26.93
CA ASP J 228 62.64 -55.52 26.69
C ASP J 228 63.82 -56.28 26.12
N PRO J 229 64.71 -56.78 26.98
CA PRO J 229 65.77 -57.64 26.51
C PRO J 229 65.24 -59.02 26.17
N PRO J 230 66.02 -59.85 25.47
CA PRO J 230 65.59 -61.23 25.24
C PRO J 230 65.61 -62.06 26.52
N LEU J 231 65.26 -63.33 26.38
CA LEU J 231 65.19 -64.25 27.52
C LEU J 231 65.70 -65.63 27.15
N GLY K 43 -54.32 4.83 -46.91
CA GLY K 43 -53.48 4.66 -48.09
C GLY K 43 -52.97 5.98 -48.63
N ILE K 44 -51.91 6.48 -48.02
CA ILE K 44 -51.39 7.80 -48.30
C ILE K 44 -50.57 7.77 -49.58
N PHE K 45 -50.65 8.86 -50.34
CA PHE K 45 -49.86 9.04 -51.54
C PHE K 45 -49.61 10.53 -51.70
N ASN K 46 -48.41 10.96 -51.33
CA ASN K 46 -48.00 12.34 -51.57
C ASN K 46 -47.45 12.47 -52.97
N THR K 47 -47.97 13.43 -53.72
CA THR K 47 -47.50 13.70 -55.06
C THR K 47 -47.48 15.20 -55.31
N ARG K 48 -47.33 15.56 -56.58
CA ARG K 48 -47.12 16.94 -57.00
C ARG K 48 -47.84 17.15 -58.33
N LEU K 49 -48.68 18.18 -58.36
CA LEU K 49 -49.48 18.51 -59.53
C LEU K 49 -49.21 19.95 -59.90
N SER K 50 -49.08 20.20 -61.20
CA SER K 50 -48.71 21.50 -61.73
C SER K 50 -49.69 21.95 -62.79
N ARG K 51 -49.54 23.21 -63.16
CA ARG K 51 -50.44 23.93 -64.05
C ARG K 51 -49.77 25.25 -64.39
N THR K 52 -49.92 25.67 -65.64
CA THR K 52 -49.26 26.86 -66.16
C THR K 52 -50.25 27.73 -66.89
N PHE K 53 -50.14 29.04 -66.68
CA PHE K 53 -51.04 29.99 -67.31
C PHE K 53 -50.36 31.36 -67.30
N GLY K 54 -50.96 32.28 -68.05
CA GLY K 54 -50.41 33.60 -68.24
C GLY K 54 -51.06 34.71 -67.44
N TYR K 55 -50.30 35.78 -67.23
CA TYR K 55 -50.78 36.99 -66.58
C TYR K 55 -50.02 38.17 -67.15
N THR K 56 -50.74 39.20 -67.55
CA THR K 56 -50.16 40.39 -68.15
C THR K 56 -50.62 41.63 -67.41
N ILE K 57 -49.69 42.55 -67.20
CA ILE K 57 -49.96 43.87 -66.66
C ILE K 57 -49.83 44.83 -67.84
N LYS K 58 -50.96 45.31 -68.32
CA LYS K 58 -50.98 46.17 -69.49
C LYS K 58 -50.32 47.52 -69.17
N ARG K 59 -49.89 48.18 -70.24
CA ARG K 59 -49.23 49.47 -70.12
C ARG K 59 -50.21 50.57 -69.72
N THR K 60 -49.65 51.66 -69.20
CA THR K 60 -50.41 52.83 -68.81
C THR K 60 -49.63 54.09 -69.14
N THR K 61 -50.33 55.09 -69.66
CA THR K 61 -49.75 56.41 -69.88
C THR K 61 -49.63 57.23 -68.60
N VAL K 62 -50.16 56.72 -67.48
CA VAL K 62 -50.08 57.45 -66.22
C VAL K 62 -48.63 57.66 -65.84
N LYS K 63 -48.33 58.87 -65.36
CA LYS K 63 -46.96 59.23 -65.01
C LYS K 63 -46.59 58.77 -63.60
N THR K 64 -47.53 58.83 -62.68
CA THR K 64 -47.27 58.51 -61.30
C THR K 64 -46.90 57.04 -61.13
N PRO K 65 -46.33 56.67 -59.98
CA PRO K 65 -46.21 55.25 -59.67
C PRO K 65 -47.53 54.71 -59.17
N SER K 66 -48.19 53.92 -60.00
CA SER K 66 -49.42 53.24 -59.65
C SER K 66 -49.19 51.74 -59.71
N TRP K 67 -50.02 51.00 -58.98
CA TRP K 67 -49.92 49.57 -58.88
C TRP K 67 -51.19 48.90 -59.38
N ALA K 68 -51.00 47.71 -59.95
CA ALA K 68 -52.08 46.88 -60.45
C ALA K 68 -52.29 45.71 -59.50
N VAL K 69 -53.49 45.62 -58.96
CA VAL K 69 -53.81 44.64 -57.93
C VAL K 69 -54.63 43.52 -58.56
N ASP K 70 -54.36 42.30 -58.13
CA ASP K 70 -55.09 41.14 -58.59
C ASP K 70 -54.99 40.05 -57.54
N MET K 71 -55.82 39.03 -57.71
CA MET K 71 -55.95 37.93 -56.78
C MET K 71 -55.60 36.61 -57.44
N MET K 72 -55.46 35.58 -56.62
CA MET K 72 -55.08 34.26 -57.10
C MET K 72 -55.63 33.22 -56.15
N ARG K 73 -56.56 32.41 -56.64
CA ARG K 73 -57.11 31.27 -55.93
C ARG K 73 -56.56 29.98 -56.55
N PHE K 74 -56.77 28.87 -55.84
CA PHE K 74 -56.29 27.56 -56.24
C PHE K 74 -57.40 26.54 -56.05
N ASN K 75 -57.75 25.84 -57.12
CA ASN K 75 -58.70 24.74 -57.08
C ASN K 75 -58.08 23.51 -57.71
N ILE K 76 -58.48 22.35 -57.21
CA ILE K 76 -57.91 21.09 -57.66
C ILE K 76 -58.50 20.60 -58.98
N ASN K 77 -59.62 21.17 -59.42
CA ASN K 77 -60.16 20.80 -60.72
C ASN K 77 -59.24 21.23 -61.83
N ASP K 78 -58.51 22.32 -61.65
CA ASP K 78 -57.61 22.84 -62.64
C ASP K 78 -56.31 22.05 -62.73
N PHE K 79 -56.02 21.20 -61.75
CA PHE K 79 -54.83 20.37 -61.72
C PHE K 79 -55.13 18.90 -61.97
N LEU K 80 -56.29 18.44 -61.56
CA LEU K 80 -56.69 17.04 -61.66
C LEU K 80 -57.85 16.91 -62.62
N PRO K 81 -57.70 16.30 -63.80
CA PRO K 81 -58.81 16.24 -64.73
C PRO K 81 -59.81 15.18 -64.31
N PRO K 82 -60.96 15.14 -64.97
CA PRO K 82 -61.89 14.05 -64.73
C PRO K 82 -61.38 12.75 -65.32
N GLY K 83 -61.72 11.65 -64.65
CA GLY K 83 -61.27 10.35 -65.08
C GLY K 83 -62.14 9.77 -66.17
N GLY K 84 -62.37 8.47 -66.08
CA GLY K 84 -63.20 7.78 -67.05
C GLY K 84 -63.78 6.49 -66.51
N GLY K 85 -65.07 6.31 -66.73
CA GLY K 85 -65.74 5.11 -66.28
C GLY K 85 -66.21 5.21 -64.85
N SER K 86 -66.07 4.10 -64.12
CA SER K 86 -66.50 4.05 -62.73
C SER K 86 -65.62 4.89 -61.82
N ASN K 87 -64.43 5.27 -62.28
CA ASN K 87 -63.55 6.15 -61.52
C ASN K 87 -63.80 7.59 -61.96
N PRO K 88 -64.42 8.44 -61.13
CA PRO K 88 -64.77 9.78 -61.62
C PRO K 88 -63.58 10.69 -61.83
N ARG K 89 -62.45 10.42 -61.18
CA ARG K 89 -61.26 11.24 -61.28
C ARG K 89 -60.09 10.39 -61.77
N SER K 90 -59.05 11.08 -62.23
CA SER K 90 -57.91 10.41 -62.86
C SER K 90 -56.94 9.86 -61.83
N VAL K 91 -56.92 10.41 -60.63
CA VAL K 91 -56.15 9.89 -59.51
C VAL K 91 -57.10 9.13 -58.60
N PRO K 92 -57.03 7.79 -58.52
CA PRO K 92 -58.09 7.06 -57.82
C PRO K 92 -57.95 7.08 -56.30
N PHE K 93 -58.37 8.18 -55.72
CA PHE K 93 -58.40 8.35 -54.29
C PHE K 93 -59.67 9.08 -53.90
N GLU K 94 -60.03 8.97 -52.62
CA GLU K 94 -61.25 9.53 -52.08
C GLU K 94 -61.04 10.91 -51.46
N TYR K 95 -60.06 11.03 -50.59
CA TYR K 95 -59.82 12.23 -49.81
C TYR K 95 -58.54 12.90 -50.25
N TYR K 96 -58.42 14.17 -49.90
CA TYR K 96 -57.21 14.93 -50.20
C TYR K 96 -57.08 16.06 -49.21
N ARG K 97 -55.87 16.61 -49.15
CA ARG K 97 -55.62 17.84 -48.42
C ARG K 97 -54.35 18.46 -48.98
N ILE K 98 -54.43 19.74 -49.33
CA ILE K 98 -53.32 20.43 -49.96
C ILE K 98 -52.34 20.84 -48.88
N ARG K 99 -51.10 20.41 -49.01
CA ARG K 99 -50.05 20.66 -48.04
C ARG K 99 -49.35 21.98 -48.31
N LYS K 100 -48.94 22.21 -49.55
CA LYS K 100 -48.19 23.39 -49.93
C LYS K 100 -48.55 23.76 -51.36
N VAL K 101 -48.27 25.02 -51.71
CA VAL K 101 -48.36 25.50 -53.07
C VAL K 101 -47.13 26.33 -53.35
N LYS K 102 -46.62 26.22 -54.57
CA LYS K 102 -45.49 26.98 -55.07
C LYS K 102 -45.97 27.74 -56.29
N VAL K 103 -46.11 29.04 -56.13
CA VAL K 103 -46.44 29.93 -57.24
C VAL K 103 -45.14 30.53 -57.76
N GLU K 104 -44.89 30.36 -59.05
CA GLU K 104 -43.68 30.83 -59.70
C GLU K 104 -44.08 31.79 -60.79
N PHE K 105 -43.64 33.04 -60.67
CA PHE K 105 -43.79 34.04 -61.72
C PHE K 105 -42.56 33.98 -62.61
N TRP K 106 -42.69 33.28 -63.71
CA TRP K 106 -41.61 33.20 -64.68
C TRP K 106 -41.74 34.34 -65.66
N PRO K 107 -40.76 35.25 -65.76
CA PRO K 107 -40.95 36.40 -66.63
C PRO K 107 -40.93 36.04 -68.10
N CYS K 108 -41.55 36.91 -68.87
CA CYS K 108 -41.59 36.82 -70.32
C CYS K 108 -40.86 37.97 -70.99
N SER K 109 -40.27 38.88 -70.22
CA SER K 109 -39.73 40.12 -70.69
C SER K 109 -38.21 40.07 -70.72
N PRO K 110 -37.58 40.78 -71.64
CA PRO K 110 -36.13 40.74 -71.72
C PRO K 110 -35.46 41.48 -70.57
N ILE K 111 -34.20 41.15 -70.34
CA ILE K 111 -33.43 41.82 -69.31
C ILE K 111 -33.02 43.24 -69.69
N THR K 112 -33.27 43.65 -70.92
CA THR K 112 -33.01 45.02 -71.36
C THR K 112 -34.20 45.94 -71.19
N GLN K 113 -35.33 45.45 -70.67
CA GLN K 113 -36.52 46.27 -70.57
C GLN K 113 -36.36 47.26 -69.42
N GLY K 114 -36.71 48.51 -69.69
CA GLY K 114 -36.62 49.57 -68.73
C GLY K 114 -37.95 49.85 -68.04
N ASP K 115 -37.99 51.01 -67.40
CA ASP K 115 -39.15 51.43 -66.61
C ASP K 115 -39.46 50.37 -65.55
N ARG K 116 -38.40 49.89 -64.91
CA ARG K 116 -38.53 48.86 -63.89
C ARG K 116 -39.32 49.37 -62.70
N GLY K 117 -39.73 48.44 -61.87
CA GLY K 117 -40.61 48.74 -60.76
C GLY K 117 -40.42 47.80 -59.59
N VAL K 118 -41.27 47.96 -58.59
CA VAL K 118 -41.17 47.17 -57.37
C VAL K 118 -42.57 46.96 -56.82
N GLY K 119 -42.90 45.70 -56.56
CA GLY K 119 -44.21 45.30 -56.10
C GLY K 119 -44.17 44.44 -54.87
N SER K 120 -45.26 43.75 -54.61
CA SER K 120 -45.42 42.99 -53.38
C SER K 120 -46.38 41.85 -53.60
N SER K 121 -46.07 40.70 -53.01
CA SER K 121 -46.94 39.53 -52.99
C SER K 121 -47.18 39.14 -51.55
N ALA K 122 -48.43 38.96 -51.18
CA ALA K 122 -48.83 38.61 -49.83
C ALA K 122 -49.74 37.40 -49.83
N VAL K 123 -49.84 36.77 -48.67
CA VAL K 123 -50.58 35.54 -48.48
C VAL K 123 -51.89 35.87 -47.78
N ILE K 124 -53.00 35.54 -48.42
CA ILE K 124 -54.33 35.95 -48.00
C ILE K 124 -55.19 34.70 -47.90
N LEU K 125 -55.36 34.19 -46.69
CA LEU K 125 -55.94 32.88 -46.45
C LEU K 125 -57.43 32.92 -46.15
N ASP K 126 -58.17 33.93 -46.65
CA ASP K 126 -59.55 34.12 -46.22
C ASP K 126 -60.53 34.59 -47.28
N ASP K 127 -60.13 34.73 -48.54
CA ASP K 127 -61.06 35.03 -49.63
C ASP K 127 -61.62 36.44 -49.52
N ASN K 128 -60.88 37.36 -48.91
CA ASN K 128 -61.20 38.77 -48.92
C ASN K 128 -59.92 39.48 -49.29
N PHE K 129 -59.75 39.68 -50.58
CA PHE K 129 -58.61 40.34 -51.16
C PHE K 129 -58.86 41.83 -51.27
N VAL K 130 -57.77 42.58 -51.43
CA VAL K 130 -57.90 43.97 -51.86
C VAL K 130 -58.56 43.97 -53.23
N THR K 131 -59.45 44.94 -53.44
CA THR K 131 -60.22 44.99 -54.67
C THR K 131 -59.30 45.09 -55.86
N LYS K 132 -59.67 44.40 -56.93
CA LYS K 132 -58.89 44.44 -58.16
C LYS K 132 -58.88 45.84 -58.72
N ALA K 133 -57.68 46.33 -59.01
CA ALA K 133 -57.46 47.68 -59.48
C ALA K 133 -56.47 47.68 -60.63
N THR K 134 -56.66 48.64 -61.53
CA THR K 134 -55.77 48.80 -62.68
C THR K 134 -54.59 49.71 -62.35
N ALA K 135 -54.87 50.88 -61.78
CA ALA K 135 -53.83 51.84 -61.41
C ALA K 135 -54.22 52.44 -60.06
N LEU K 136 -53.78 51.79 -58.99
CA LEU K 136 -53.97 52.27 -57.64
C LEU K 136 -52.75 53.05 -57.18
N THR K 137 -52.98 54.11 -56.43
CA THR K 137 -51.95 55.08 -56.08
C THR K 137 -50.99 54.59 -55.00
N TYR K 138 -51.08 53.32 -54.59
CA TYR K 138 -50.20 52.80 -53.55
C TYR K 138 -50.19 51.29 -53.65
N ASP K 139 -49.23 50.69 -52.96
CA ASP K 139 -49.09 49.25 -52.87
C ASP K 139 -49.81 48.78 -51.62
N PRO K 140 -50.97 48.14 -51.72
CA PRO K 140 -51.68 47.77 -50.50
C PRO K 140 -51.01 46.66 -49.72
N TYR K 141 -50.33 45.74 -50.41
CA TYR K 141 -49.74 44.58 -49.79
C TYR K 141 -48.33 44.83 -49.28
N VAL K 142 -47.93 46.10 -49.13
CA VAL K 142 -46.55 46.40 -48.80
C VAL K 142 -46.29 46.21 -47.31
N ASN K 143 -47.24 46.62 -46.47
CA ASN K 143 -47.06 46.53 -45.03
C ASN K 143 -47.54 45.21 -44.45
N TYR K 144 -47.95 44.27 -45.30
CA TYR K 144 -48.37 42.97 -44.83
C TYR K 144 -47.18 42.19 -44.30
N SER K 145 -47.43 41.43 -43.24
CA SER K 145 -46.39 40.62 -42.61
C SER K 145 -45.87 39.53 -43.53
N SER K 146 -46.66 39.13 -44.53
CA SER K 146 -46.26 38.11 -45.50
C SER K 146 -45.85 38.70 -46.83
N ARG K 147 -45.43 39.95 -46.84
CA ARG K 147 -45.02 40.60 -48.07
C ARG K 147 -43.63 40.16 -48.46
N HIS K 148 -43.49 39.78 -49.73
CA HIS K 148 -42.21 39.61 -50.39
C HIS K 148 -42.16 40.59 -51.52
N THR K 149 -41.01 41.22 -51.71
CA THR K 149 -40.83 42.18 -52.78
C THR K 149 -40.77 41.48 -54.12
N ILE K 150 -41.48 42.07 -55.08
CA ILE K 150 -41.44 41.63 -56.47
C ILE K 150 -40.61 42.67 -57.21
N THR K 151 -39.42 42.28 -57.62
CA THR K 151 -38.68 43.03 -58.61
C THR K 151 -39.26 42.76 -59.99
N GLN K 152 -39.44 43.81 -60.76
CA GLN K 152 -40.07 43.77 -62.06
C GLN K 152 -39.13 44.34 -63.10
N PRO K 153 -39.32 43.99 -64.38
CA PRO K 153 -40.20 43.02 -65.01
C PRO K 153 -39.59 41.67 -65.31
N PHE K 154 -38.26 41.60 -65.27
CA PHE K 154 -37.52 40.47 -65.79
C PHE K 154 -36.94 39.59 -64.70
N SER K 155 -37.60 39.54 -63.55
CA SER K 155 -37.08 38.84 -62.39
C SER K 155 -38.07 37.79 -61.93
N TYR K 156 -37.53 36.68 -61.45
CA TYR K 156 -38.31 35.55 -60.98
C TYR K 156 -38.75 35.76 -59.55
N HIS K 157 -39.98 35.36 -59.26
CA HIS K 157 -40.59 35.50 -57.95
C HIS K 157 -41.28 34.20 -57.61
N SER K 158 -40.90 33.60 -56.49
CA SER K 158 -41.52 32.39 -55.98
C SER K 158 -42.15 32.66 -54.62
N ARG K 159 -43.23 31.95 -54.34
CA ARG K 159 -43.88 31.97 -53.04
C ARG K 159 -44.27 30.55 -52.71
N TYR K 160 -43.87 30.08 -51.53
CA TYR K 160 -44.10 28.72 -51.08
C TYR K 160 -44.78 28.78 -49.73
N PHE K 161 -46.01 28.31 -49.67
CA PHE K 161 -46.85 28.48 -48.50
C PHE K 161 -47.89 27.38 -48.46
N THR K 162 -48.65 27.37 -47.37
CA THR K 162 -49.69 26.39 -47.12
C THR K 162 -51.06 27.06 -47.27
N PRO K 163 -51.85 26.75 -48.29
CA PRO K 163 -53.13 27.42 -48.42
C PRO K 163 -54.16 26.89 -47.45
N LYS K 164 -55.35 27.47 -47.49
CA LYS K 164 -56.45 27.09 -46.62
C LYS K 164 -57.71 27.03 -47.47
N PRO K 165 -58.62 26.10 -47.17
CA PRO K 165 -59.86 26.03 -47.94
C PRO K 165 -60.93 26.98 -47.45
N VAL K 166 -61.84 27.29 -48.36
CA VAL K 166 -62.94 28.21 -48.09
C VAL K 166 -64.10 27.35 -47.63
N LEU K 167 -64.17 27.12 -46.33
CA LEU K 167 -65.23 26.32 -45.72
C LEU K 167 -66.49 27.15 -45.52
N ASP K 168 -66.34 28.36 -45.00
CA ASP K 168 -67.46 29.29 -44.85
C ASP K 168 -66.96 30.67 -45.21
N SER K 169 -67.42 31.18 -46.36
CA SER K 169 -67.02 32.50 -46.80
C SER K 169 -67.65 33.61 -45.97
N THR K 170 -68.72 33.32 -45.22
CA THR K 170 -69.35 34.32 -44.39
C THR K 170 -68.53 34.61 -43.14
N ILE K 171 -67.94 33.59 -42.54
CA ILE K 171 -67.20 33.72 -41.30
C ILE K 171 -65.71 33.73 -41.60
N ASP K 172 -65.30 32.99 -42.62
CA ASP K 172 -63.93 32.95 -43.09
C ASP K 172 -62.98 32.50 -41.97
N TYR K 173 -63.17 31.26 -41.55
CA TYR K 173 -62.33 30.63 -40.54
C TYR K 173 -61.39 29.63 -41.18
N PHE K 174 -60.19 29.50 -40.60
CA PHE K 174 -59.20 28.58 -41.10
C PHE K 174 -58.35 28.07 -39.95
N GLN K 175 -57.67 27.04 -40.21
CA GLN K 175 -56.83 26.36 -39.25
C GLN K 175 -55.39 26.88 -39.30
N PRO K 176 -54.68 26.86 -38.20
CA PRO K 176 -53.23 27.10 -38.28
C PRO K 176 -52.49 25.92 -38.86
N ASN K 177 -51.21 26.10 -39.10
CA ASN K 177 -50.41 25.08 -39.77
C ASN K 177 -50.12 23.95 -38.81
N ASN K 178 -50.63 22.76 -39.15
CA ASN K 178 -50.39 21.56 -38.36
C ASN K 178 -50.54 20.39 -39.31
N LYS K 179 -49.46 19.69 -39.58
CA LYS K 179 -49.53 18.59 -40.54
C LYS K 179 -50.39 17.46 -40.01
N ARG K 180 -50.45 17.28 -38.71
CA ARG K 180 -51.15 16.14 -38.12
C ARG K 180 -52.64 16.39 -37.98
N ASN K 181 -53.05 17.65 -37.87
CA ASN K 181 -54.43 18.03 -37.62
C ASN K 181 -55.12 18.63 -38.83
N GLN K 182 -54.46 18.71 -39.97
CA GLN K 182 -55.06 19.32 -41.15
C GLN K 182 -56.23 18.48 -41.63
N LEU K 183 -57.31 19.17 -41.95
CA LEU K 183 -58.54 18.51 -42.37
C LEU K 183 -58.35 17.80 -43.69
N TRP K 184 -59.02 16.66 -43.82
CA TRP K 184 -59.15 15.96 -45.08
C TRP K 184 -60.44 16.39 -45.74
N LEU K 185 -60.34 16.85 -46.97
CA LEU K 185 -61.49 17.13 -47.79
C LEU K 185 -61.75 15.95 -48.70
N ARG K 186 -62.94 15.94 -49.30
CA ARG K 186 -63.30 14.94 -50.28
C ARG K 186 -62.95 15.44 -51.67
N LEU K 187 -62.41 14.54 -52.47
CA LEU K 187 -62.14 14.78 -53.88
C LEU K 187 -63.45 14.59 -54.63
N GLN K 188 -64.17 15.69 -54.80
CA GLN K 188 -65.45 15.66 -55.48
C GLN K 188 -65.25 15.39 -56.96
N THR K 189 -66.38 15.20 -57.65
CA THR K 189 -66.33 14.91 -59.07
C THR K 189 -66.14 16.16 -59.90
N ALA K 190 -66.99 17.19 -59.70
CA ALA K 190 -66.88 18.43 -60.44
C ALA K 190 -67.18 19.67 -59.60
N GLY K 191 -67.01 19.60 -58.29
CA GLY K 191 -67.42 20.67 -57.40
C GLY K 191 -66.50 20.96 -56.24
N ASN K 192 -65.21 20.75 -56.43
CA ASN K 192 -64.27 20.93 -55.35
C ASN K 192 -64.20 22.38 -54.90
N VAL K 193 -63.75 22.56 -53.67
CA VAL K 193 -63.76 23.86 -53.00
C VAL K 193 -62.49 24.61 -53.33
N ASP K 194 -62.61 25.93 -53.41
CA ASP K 194 -61.48 26.78 -53.79
C ASP K 194 -60.57 26.99 -52.60
N HIS K 195 -59.28 26.75 -52.79
CA HIS K 195 -58.26 27.15 -51.86
C HIS K 195 -57.74 28.52 -52.23
N VAL K 196 -57.18 29.19 -51.23
CA VAL K 196 -56.90 30.62 -51.31
C VAL K 196 -55.58 30.88 -50.61
N GLY K 197 -54.99 32.05 -50.87
CA GLY K 197 -53.69 32.32 -50.32
C GLY K 197 -52.68 33.16 -51.05
N LEU K 198 -53.03 33.85 -52.14
CA LEU K 198 -52.07 34.79 -52.70
C LEU K 198 -52.75 36.00 -53.35
N GLY K 199 -52.21 37.17 -53.02
CA GLY K 199 -52.58 38.40 -53.68
C GLY K 199 -51.33 39.18 -54.01
N THR K 200 -51.42 39.91 -55.12
CA THR K 200 -50.27 40.56 -55.72
C THR K 200 -50.55 42.03 -55.97
N ALA K 201 -49.46 42.78 -56.14
CA ALA K 201 -49.52 44.18 -56.55
C ALA K 201 -48.31 44.45 -57.42
N PHE K 202 -48.54 44.68 -58.69
CA PHE K 202 -47.50 44.96 -59.67
C PHE K 202 -47.52 46.43 -60.05
N GLU K 203 -46.33 47.02 -60.11
CA GLU K 203 -46.18 48.40 -60.50
C GLU K 203 -46.29 48.52 -62.01
N ASN K 204 -47.15 49.40 -62.47
CA ASN K 204 -47.40 49.56 -63.88
C ASN K 204 -46.21 50.19 -64.58
N SER K 205 -46.23 50.13 -65.90
CA SER K 205 -45.09 50.56 -66.71
C SER K 205 -45.60 51.02 -68.07
N ILE K 206 -44.71 51.67 -68.82
CA ILE K 206 -45.01 52.09 -70.17
C ILE K 206 -45.12 50.88 -71.09
N TYR K 207 -44.38 49.83 -70.79
CA TYR K 207 -44.37 48.61 -71.57
C TYR K 207 -45.22 47.55 -70.90
N ASP K 208 -45.69 46.60 -71.70
CA ASP K 208 -46.47 45.49 -71.19
C ASP K 208 -45.55 44.50 -70.48
N GLN K 209 -45.98 44.06 -69.30
CA GLN K 209 -45.23 43.11 -68.48
C GLN K 209 -46.01 41.80 -68.47
N GLU K 210 -45.47 40.80 -69.16
CA GLU K 210 -46.10 39.49 -69.24
C GLU K 210 -45.37 38.50 -68.35
N TYR K 211 -46.11 37.52 -67.86
CA TYR K 211 -45.60 36.46 -67.00
C TYR K 211 -46.27 35.15 -67.36
N ASN K 212 -45.51 34.07 -67.20
CA ASN K 212 -46.02 32.71 -67.27
C ASN K 212 -46.01 32.15 -65.86
N ILE K 213 -47.18 31.98 -65.27
CA ILE K 213 -47.31 31.59 -63.88
C ILE K 213 -47.50 30.10 -63.81
N ARG K 214 -46.62 29.42 -63.07
CA ARG K 214 -46.66 27.98 -62.87
C ARG K 214 -46.97 27.71 -61.41
N VAL K 215 -48.15 27.19 -61.15
CA VAL K 215 -48.59 26.81 -59.82
C VAL K 215 -48.37 25.32 -59.67
N THR K 216 -47.73 24.93 -58.57
CA THR K 216 -47.47 23.54 -58.22
C THR K 216 -48.07 23.29 -56.86
N MET K 217 -49.02 22.36 -56.79
CA MET K 217 -49.65 21.97 -55.55
C MET K 217 -49.11 20.63 -55.08
N TYR K 218 -48.67 20.59 -53.84
CA TYR K 218 -48.18 19.38 -53.20
C TYR K 218 -49.31 18.83 -52.34
N VAL K 219 -49.91 17.73 -52.80
CA VAL K 219 -51.14 17.21 -52.24
C VAL K 219 -50.85 15.88 -51.56
N GLN K 220 -51.82 15.43 -50.79
CA GLN K 220 -51.74 14.19 -50.03
C GLN K 220 -53.10 13.55 -50.09
N PHE K 221 -53.19 12.39 -50.73
CA PHE K 221 -54.43 11.67 -50.91
C PHE K 221 -54.55 10.54 -49.89
N ARG K 222 -55.72 9.92 -49.86
CA ARG K 222 -56.03 8.87 -48.91
C ARG K 222 -57.12 7.99 -49.47
N GLU K 223 -57.07 6.72 -49.08
CA GLU K 223 -58.11 5.72 -49.39
C GLU K 223 -58.26 5.51 -50.90
N PHE K 224 -57.23 4.87 -51.44
CA PHE K 224 -57.25 4.28 -52.78
C PHE K 224 -58.56 3.55 -53.02
N ASN K 225 -59.28 3.97 -54.06
CA ASN K 225 -60.65 3.52 -54.28
C ASN K 225 -60.89 3.13 -55.73
N LEU K 226 -59.93 2.43 -56.31
CA LEU K 226 -60.09 2.01 -57.69
C LEU K 226 -61.22 1.02 -57.83
N LYS K 227 -61.95 1.12 -58.93
CA LYS K 227 -63.06 0.23 -59.25
C LYS K 227 -62.76 -0.49 -60.55
N ASP K 228 -62.88 -1.81 -60.51
CA ASP K 228 -62.47 -2.67 -61.63
C ASP K 228 -63.65 -3.54 -62.04
N PRO K 229 -64.54 -3.01 -62.88
CA PRO K 229 -65.60 -3.84 -63.43
C PRO K 229 -65.05 -4.78 -64.48
N PRO K 230 -65.82 -5.80 -64.89
CA PRO K 230 -65.37 -6.64 -65.99
C PRO K 230 -65.40 -5.92 -67.33
N LEU K 231 -65.05 -6.63 -68.39
CA LEU K 231 -64.97 -6.06 -69.73
C LEU K 231 -65.48 -7.04 -70.78
N GLY L 43 -47.20 49.41 -22.65
CA GLY L 43 -47.72 48.56 -23.70
C GLY L 43 -46.98 48.73 -25.01
N ILE L 44 -45.86 48.05 -25.12
CA ILE L 44 -44.96 48.23 -26.24
C ILE L 44 -45.47 47.46 -27.44
N PHE L 45 -45.26 48.04 -28.62
CA PHE L 45 -45.59 47.40 -29.88
C PHE L 45 -44.59 47.89 -30.92
N ASN L 46 -43.61 47.07 -31.23
CA ASN L 46 -42.68 47.35 -32.30
C ASN L 46 -43.27 46.89 -33.61
N THR L 47 -43.29 47.79 -34.59
CA THR L 47 -43.80 47.47 -35.92
C THR L 47 -42.94 48.17 -36.96
N ARG L 48 -43.44 48.17 -38.20
CA ARG L 48 -42.72 48.64 -39.36
C ARG L 48 -43.68 49.34 -40.29
N LEU L 49 -43.33 50.57 -40.67
CA LEU L 49 -44.16 51.40 -41.53
C LEU L 49 -43.33 51.84 -42.71
N SER L 50 -43.93 51.81 -43.89
CA SER L 50 -43.26 52.08 -45.14
C SER L 50 -44.01 53.15 -45.93
N ARG L 51 -43.34 53.61 -46.98
CA ARG L 51 -43.78 54.73 -47.81
C ARG L 51 -42.85 54.76 -49.01
N THR L 52 -43.41 55.06 -50.18
CA THR L 52 -42.68 55.03 -51.44
C THR L 52 -42.97 56.31 -52.22
N PHE L 53 -41.91 56.84 -52.83
CA PHE L 53 -42.01 58.07 -53.60
C PHE L 53 -40.83 58.13 -54.56
N GLY L 54 -40.91 59.08 -55.48
CA GLY L 54 -39.94 59.23 -56.54
C GLY L 54 -38.94 60.35 -56.36
N TYR L 55 -37.80 60.20 -57.02
CA TYR L 55 -36.76 61.22 -57.07
C TYR L 55 -36.04 61.09 -58.40
N THR L 56 -35.88 62.22 -59.08
CA THR L 56 -35.24 62.27 -60.39
C THR L 56 -34.12 63.29 -60.39
N ILE L 57 -33.01 62.91 -61.01
CA ILE L 57 -31.88 63.80 -61.26
C ILE L 57 -31.94 64.11 -62.75
N LYS L 58 -32.36 65.33 -63.07
CA LYS L 58 -32.53 65.72 -64.46
C LYS L 58 -31.18 65.80 -65.16
N ARG L 59 -31.23 65.72 -66.48
CA ARG L 59 -30.05 65.76 -67.32
C ARG L 59 -29.44 67.15 -67.36
N THR L 60 -28.16 67.20 -67.73
CA THR L 60 -27.42 68.45 -67.87
C THR L 60 -26.49 68.35 -69.06
N THR L 61 -26.41 69.43 -69.83
CA THR L 61 -25.44 69.56 -70.92
C THR L 61 -24.04 69.88 -70.43
N VAL L 62 -23.87 70.13 -69.12
CA VAL L 62 -22.56 70.45 -68.57
C VAL L 62 -21.61 69.28 -68.82
N LYS L 63 -20.39 69.61 -69.22
CA LYS L 63 -19.39 68.59 -69.54
C LYS L 63 -18.67 68.09 -68.32
N THR L 64 -18.41 68.97 -67.36
CA THR L 64 -17.64 68.61 -66.18
C THR L 64 -18.38 67.60 -65.33
N PRO L 65 -17.68 66.95 -64.39
CA PRO L 65 -18.38 66.17 -63.38
C PRO L 65 -18.94 67.08 -62.31
N SER L 66 -20.25 67.25 -62.32
CA SER L 66 -20.96 68.01 -61.31
C SER L 66 -21.92 67.10 -60.57
N TRP L 67 -22.26 67.49 -59.36
CA TRP L 67 -23.13 66.72 -58.49
C TRP L 67 -24.38 67.49 -58.14
N ALA L 68 -25.46 66.74 -57.95
CA ALA L 68 -26.75 67.27 -57.56
C ALA L 68 -27.00 66.92 -56.11
N VAL L 69 -27.20 67.93 -55.29
CA VAL L 69 -27.33 67.78 -53.85
C VAL L 69 -28.78 67.95 -53.47
N ASP L 70 -29.22 67.13 -52.52
CA ASP L 70 -30.59 67.21 -52.02
C ASP L 70 -30.61 66.62 -50.62
N MET L 71 -31.72 66.86 -49.94
CA MET L 71 -31.91 66.47 -48.54
C MET L 71 -33.09 65.51 -48.41
N MET L 72 -33.19 64.92 -47.24
CA MET L 72 -34.24 63.94 -46.98
C MET L 72 -34.55 63.94 -45.48
N ARG L 73 -35.76 64.36 -45.13
CA ARG L 73 -36.29 64.30 -43.79
C ARG L 73 -37.33 63.20 -43.69
N PHE L 74 -37.69 62.87 -42.44
CA PHE L 74 -38.65 61.81 -42.17
C PHE L 74 -39.64 62.29 -41.13
N ASN L 75 -40.92 62.22 -41.45
CA ASN L 75 -41.99 62.53 -40.52
C ASN L 75 -42.98 61.39 -40.49
N ILE L 76 -43.61 61.20 -39.33
CA ILE L 76 -44.51 60.07 -39.13
C ILE L 76 -45.89 60.32 -39.70
N ASN L 77 -46.24 61.57 -40.04
CA ASN L 77 -47.51 61.82 -40.68
C ASN L 77 -47.58 61.20 -42.06
N ASP L 78 -46.43 61.10 -42.74
CA ASP L 78 -46.38 60.51 -44.07
C ASP L 78 -46.45 58.99 -44.05
N PHE L 79 -46.29 58.36 -42.89
CA PHE L 79 -46.38 56.92 -42.75
C PHE L 79 -47.63 56.47 -42.02
N LEU L 80 -48.13 57.28 -41.10
CA LEU L 80 -49.28 56.95 -40.27
C LEU L 80 -50.44 57.88 -40.61
N PRO L 81 -51.52 57.42 -41.23
CA PRO L 81 -52.58 58.34 -41.58
C PRO L 81 -53.41 58.73 -40.38
N PRO L 82 -54.31 59.70 -40.54
CA PRO L 82 -55.25 59.99 -39.46
C PRO L 82 -56.28 58.90 -39.33
N GLY L 83 -56.73 58.70 -38.10
CA GLY L 83 -57.70 57.67 -37.82
C GLY L 83 -59.12 58.12 -38.08
N GLY L 84 -60.03 57.70 -37.21
CA GLY L 84 -61.42 58.06 -37.34
C GLY L 84 -62.16 57.97 -36.03
N GLY L 85 -62.92 59.01 -35.71
CA GLY L 85 -63.69 59.05 -34.49
C GLY L 85 -62.91 59.53 -33.31
N SER L 86 -63.14 58.90 -32.16
CA SER L 86 -62.45 59.29 -30.94
C SER L 86 -60.97 58.94 -30.96
N ASN L 87 -60.55 58.07 -31.87
CA ASN L 87 -59.14 57.75 -32.04
C ASN L 87 -58.56 58.64 -33.12
N PRO L 88 -57.70 59.61 -32.79
CA PRO L 88 -57.25 60.55 -33.82
C PRO L 88 -56.31 59.94 -34.84
N ARG L 89 -55.64 58.85 -34.50
CA ARG L 89 -54.70 58.18 -35.39
C ARG L 89 -55.12 56.74 -35.61
N SER L 90 -54.55 56.15 -36.66
CA SER L 90 -54.95 54.81 -37.09
C SER L 90 -54.31 53.72 -36.27
N VAL L 91 -53.16 54.01 -35.66
CA VAL L 91 -52.50 53.11 -34.72
C VAL L 91 -52.80 53.60 -33.32
N PRO L 92 -53.61 52.90 -32.52
CA PRO L 92 -54.07 53.49 -31.26
C PRO L 92 -53.06 53.43 -30.13
N PHE L 93 -52.10 54.34 -30.18
CA PHE L 93 -51.08 54.48 -29.16
C PHE L 93 -50.84 55.96 -28.92
N GLU L 94 -50.25 56.25 -27.75
CA GLU L 94 -50.00 57.61 -27.32
C GLU L 94 -48.61 58.10 -27.68
N TYR L 95 -47.59 57.32 -27.35
CA TYR L 95 -46.20 57.71 -27.50
C TYR L 95 -45.53 56.89 -28.59
N TYR L 96 -44.42 57.41 -29.07
CA TYR L 96 -43.64 56.72 -30.08
C TYR L 96 -42.19 57.17 -30.00
N ARG L 97 -41.32 56.37 -30.61
CA ARG L 97 -39.94 56.76 -30.81
C ARG L 97 -39.40 55.93 -31.94
N ILE L 98 -38.78 56.60 -32.92
CA ILE L 98 -38.30 55.94 -34.11
C ILE L 98 -36.95 55.32 -33.80
N ARG L 99 -36.85 54.01 -34.01
CA ARG L 99 -35.65 53.25 -33.70
C ARG L 99 -34.67 53.24 -34.86
N LYS L 100 -35.15 52.97 -36.07
CA LYS L 100 -34.31 52.87 -37.25
C LYS L 100 -35.10 53.32 -38.45
N VAL L 101 -34.38 53.67 -39.51
CA VAL L 101 -34.95 53.95 -40.81
C VAL L 101 -34.09 53.25 -41.86
N LYS L 102 -34.76 52.72 -42.88
CA LYS L 102 -34.11 52.09 -44.03
C LYS L 102 -34.57 52.85 -45.26
N VAL L 103 -33.66 53.60 -45.84
CA VAL L 103 -33.89 54.27 -47.11
C VAL L 103 -33.31 53.41 -48.21
N GLU L 104 -34.15 53.09 -49.18
CA GLU L 104 -33.78 52.22 -50.30
C GLU L 104 -33.98 53.01 -51.58
N PHE L 105 -32.90 53.22 -52.32
CA PHE L 105 -32.95 53.81 -53.64
C PHE L 105 -33.07 52.67 -54.65
N TRP L 106 -34.30 52.42 -55.07
CA TRP L 106 -34.55 51.41 -56.08
C TRP L 106 -34.45 52.06 -57.46
N PRO L 107 -33.53 51.64 -58.32
CA PRO L 107 -33.38 52.32 -59.59
C PRO L 107 -34.55 52.09 -60.52
N CYS L 108 -34.70 53.03 -61.44
CA CYS L 108 -35.69 52.98 -62.50
C CYS L 108 -35.06 52.88 -63.87
N SER L 109 -33.74 52.81 -63.96
CA SER L 109 -33.01 52.93 -65.18
C SER L 109 -32.47 51.57 -65.61
N PRO L 110 -32.33 51.33 -66.91
CA PRO L 110 -31.85 50.03 -67.36
C PRO L 110 -30.37 49.84 -67.08
N ILE L 111 -29.96 48.57 -67.09
CA ILE L 111 -28.55 48.26 -66.88
C ILE L 111 -27.69 48.57 -68.10
N THR L 112 -28.29 48.96 -69.21
CA THR L 112 -27.55 49.36 -70.39
C THR L 112 -27.29 50.86 -70.45
N GLN L 113 -27.71 51.62 -69.45
CA GLN L 113 -27.56 53.06 -69.49
C GLN L 113 -26.12 53.43 -69.22
N GLY L 114 -25.59 54.34 -70.03
CA GLY L 114 -24.23 54.79 -69.91
C GLY L 114 -24.11 56.10 -69.16
N ASP L 115 -22.95 56.73 -69.31
CA ASP L 115 -22.62 57.95 -68.60
C ASP L 115 -22.77 57.74 -67.10
N ARG L 116 -22.28 56.61 -66.63
CA ARG L 116 -22.37 56.25 -65.23
C ARG L 116 -21.57 57.22 -64.37
N GLY L 117 -21.84 57.15 -63.07
CA GLY L 117 -21.27 58.10 -62.14
C GLY L 117 -21.08 57.52 -60.76
N VAL L 118 -20.68 58.36 -59.83
CA VAL L 118 -20.39 57.94 -58.47
C VAL L 118 -20.73 59.08 -57.53
N GLY L 119 -21.53 58.76 -56.52
CA GLY L 119 -22.01 59.74 -55.56
C GLY L 119 -21.79 59.32 -54.13
N SER L 120 -22.51 59.96 -53.22
CA SER L 120 -22.30 59.75 -51.81
C SER L 120 -23.58 60.05 -51.05
N SER L 121 -23.85 59.24 -50.04
CA SER L 121 -24.95 59.44 -49.11
C SER L 121 -24.40 59.50 -47.70
N ALA L 122 -24.78 60.52 -46.96
CA ALA L 122 -24.29 60.74 -45.60
C ALA L 122 -25.46 60.96 -44.67
N VAL L 123 -25.19 60.77 -43.38
CA VAL L 123 -26.18 60.83 -42.32
C VAL L 123 -26.02 62.15 -41.59
N ILE L 124 -27.08 62.96 -41.58
CA ILE L 124 -27.05 64.33 -41.11
C ILE L 124 -28.16 64.48 -40.08
N LEU L 125 -27.78 64.43 -38.81
CA LEU L 125 -28.74 64.32 -37.72
C LEU L 125 -29.09 65.65 -37.08
N ASP L 126 -29.03 66.77 -37.82
CA ASP L 126 -29.16 68.09 -37.20
C ASP L 126 -29.90 69.15 -38.01
N ASP L 127 -30.45 68.82 -39.17
CA ASP L 127 -31.29 69.74 -39.92
C ASP L 127 -30.51 70.92 -40.48
N ASN L 128 -29.21 70.72 -40.72
CA ASN L 128 -28.39 71.69 -41.45
C ASN L 128 -27.65 70.89 -42.50
N PHE L 129 -28.28 70.80 -43.66
CA PHE L 129 -27.76 70.10 -44.82
C PHE L 129 -26.94 71.04 -45.67
N VAL L 130 -26.11 70.45 -46.53
CA VAL L 130 -25.50 71.22 -47.61
C VAL L 130 -26.62 71.75 -48.47
N THR L 131 -26.45 72.99 -48.93
CA THR L 131 -27.49 73.66 -49.69
C THR L 131 -27.83 72.88 -50.94
N LYS L 132 -29.12 72.83 -51.26
CA LYS L 132 -29.57 72.14 -52.46
C LYS L 132 -28.98 72.78 -53.70
N ALA L 133 -28.37 71.96 -54.54
CA ALA L 133 -27.68 72.41 -55.73
C ALA L 133 -28.03 71.51 -56.89
N THR L 134 -28.02 72.09 -58.09
CA THR L 134 -28.31 71.37 -59.32
C THR L 134 -27.03 70.79 -59.92
N ALA L 135 -25.99 71.61 -60.06
CA ALA L 135 -24.72 71.17 -60.61
C ALA L 135 -23.60 71.82 -59.80
N LEU L 136 -23.20 71.16 -58.72
CA LEU L 136 -22.09 71.59 -57.90
C LEU L 136 -20.81 70.91 -58.34
N THR L 137 -19.70 71.65 -58.30
CA THR L 137 -18.44 71.21 -58.86
C THR L 137 -17.71 70.17 -58.03
N TYR L 138 -18.33 69.65 -56.98
CA TYR L 138 -17.68 68.66 -56.12
C TYR L 138 -18.75 67.91 -55.36
N ASP L 139 -18.35 66.80 -54.75
CA ASP L 139 -19.21 66.00 -53.90
C ASP L 139 -19.01 66.43 -52.46
N PRO L 140 -19.94 67.14 -51.85
CA PRO L 140 -19.69 67.61 -50.48
C PRO L 140 -19.68 66.52 -49.45
N TYR L 141 -20.47 65.47 -49.66
CA TYR L 141 -20.63 64.40 -48.70
C TYR L 141 -19.58 63.31 -48.84
N VAL L 142 -18.50 63.57 -49.55
CA VAL L 142 -17.55 62.51 -49.87
C VAL L 142 -16.62 62.24 -48.69
N ASN L 143 -16.19 63.28 -47.99
CA ASN L 143 -15.27 63.12 -46.88
C ASN L 143 -15.97 62.92 -45.56
N TYR L 144 -17.30 62.81 -45.56
CA TYR L 144 -18.03 62.56 -44.35
C TYR L 144 -17.76 61.16 -43.83
N SER L 145 -17.69 61.04 -42.50
CA SER L 145 -17.43 59.77 -41.86
C SER L 145 -18.54 58.76 -42.11
N SER L 146 -19.75 59.23 -42.42
CA SER L 146 -20.89 58.37 -42.70
C SER L 146 -21.17 58.25 -44.19
N ARG L 147 -20.18 58.47 -45.03
CA ARG L 147 -20.38 58.41 -46.46
C ARG L 147 -20.39 56.96 -46.91
N HIS L 148 -21.39 56.62 -47.71
CA HIS L 148 -21.42 55.39 -48.49
C HIS L 148 -21.47 55.79 -49.95
N THR L 149 -20.72 55.08 -50.77
CA THR L 149 -20.69 55.36 -52.18
C THR L 149 -21.98 54.95 -52.86
N ILE L 150 -22.47 55.81 -53.72
CA ILE L 150 -23.63 55.53 -54.57
C ILE L 150 -23.08 55.28 -55.96
N THR L 151 -23.16 54.04 -56.40
CA THR L 151 -22.99 53.73 -57.80
C THR L 151 -24.26 54.08 -58.54
N GLN L 152 -24.11 54.71 -59.69
CA GLN L 152 -25.22 55.22 -60.49
C GLN L 152 -25.13 54.63 -61.89
N PRO L 153 -26.25 54.59 -62.63
CA PRO L 153 -27.64 54.89 -62.30
C PRO L 153 -28.50 53.68 -61.95
N PHE L 154 -28.00 52.48 -62.26
CA PHE L 154 -28.81 51.27 -62.23
C PHE L 154 -28.48 50.38 -61.06
N SER L 155 -28.03 50.96 -59.95
CA SER L 155 -27.57 50.21 -58.81
C SER L 155 -28.37 50.59 -57.57
N TYR L 156 -28.60 49.60 -56.72
CA TYR L 156 -29.36 49.74 -55.51
C TYR L 156 -28.47 50.27 -54.38
N HIS L 157 -29.04 51.16 -53.59
CA HIS L 157 -28.35 51.81 -52.48
C HIS L 157 -29.28 51.79 -51.28
N SER L 158 -28.82 51.20 -50.18
CA SER L 158 -29.54 51.18 -48.92
C SER L 158 -28.74 51.89 -47.85
N ARG L 159 -29.45 52.51 -46.93
CA ARG L 159 -28.87 53.13 -45.74
C ARG L 159 -29.76 52.81 -44.56
N TYR L 160 -29.18 52.25 -43.51
CA TYR L 160 -29.89 51.80 -42.32
C TYR L 160 -29.25 52.47 -41.12
N PHE L 161 -30.01 53.33 -40.45
CA PHE L 161 -29.47 54.17 -39.41
C PHE L 161 -30.59 54.55 -38.46
N THR L 162 -30.20 55.25 -37.40
CA THR L 162 -31.10 55.70 -36.35
C THR L 162 -31.26 57.21 -36.45
N PRO L 163 -32.43 57.74 -36.83
CA PRO L 163 -32.57 59.18 -36.94
C PRO L 163 -32.70 59.85 -35.60
N LYS L 164 -32.80 61.18 -35.62
CA LYS L 164 -32.93 61.98 -34.42
C LYS L 164 -33.99 63.04 -34.67
N PRO L 165 -34.78 63.39 -33.66
CA PRO L 165 -35.79 64.42 -33.86
C PRO L 165 -35.25 65.83 -33.72
N VAL L 166 -35.97 66.75 -34.34
CA VAL L 166 -35.62 68.16 -34.33
C VAL L 166 -36.35 68.78 -33.15
N LEU L 167 -35.70 68.76 -31.99
CA LEU L 167 -36.26 69.33 -30.78
C LEU L 167 -36.07 70.83 -30.73
N ASP L 168 -34.87 71.30 -31.06
CA ASP L 168 -34.59 72.73 -31.13
C ASP L 168 -33.70 72.95 -32.35
N SER L 169 -34.26 73.57 -33.38
CA SER L 169 -33.49 73.84 -34.59
C SER L 169 -32.47 74.95 -34.40
N THR L 170 -32.61 75.76 -33.35
CA THR L 170 -31.65 76.82 -33.09
C THR L 170 -30.35 76.27 -32.53
N ILE L 171 -30.42 75.29 -31.66
CA ILE L 171 -29.27 74.72 -30.98
C ILE L 171 -28.87 73.43 -31.65
N ASP L 172 -29.86 72.68 -32.13
CA ASP L 172 -29.65 71.44 -32.86
C ASP L 172 -28.87 70.43 -32.02
N TYR L 173 -29.52 70.00 -30.93
CA TYR L 173 -28.97 68.99 -30.04
C TYR L 173 -29.68 67.67 -30.24
N PHE L 174 -28.94 66.58 -30.06
CA PHE L 174 -29.49 65.25 -30.20
C PHE L 174 -28.77 64.28 -29.27
N GLN L 175 -29.35 63.19 -29.08
CA GLN L 175 -28.89 62.16 -28.20
C GLN L 175 -28.03 61.14 -28.94
N PRO L 176 -27.05 60.53 -28.28
CA PRO L 176 -26.39 59.39 -28.89
C PRO L 176 -27.27 58.16 -28.90
N ASN L 177 -26.80 57.10 -29.55
CA ASN L 177 -27.60 55.91 -29.71
C ASN L 177 -27.64 55.13 -28.41
N ASN L 178 -28.84 54.99 -27.85
CA ASN L 178 -29.05 54.23 -26.64
C ASN L 178 -30.50 53.78 -26.66
N LYS L 179 -30.72 52.48 -26.79
CA LYS L 179 -32.08 52.00 -26.88
C LYS L 179 -32.85 52.22 -25.59
N ARG L 180 -32.16 52.22 -24.46
CA ARG L 180 -32.82 52.31 -23.17
C ARG L 180 -33.14 53.73 -22.77
N ASN L 181 -32.39 54.70 -23.28
CA ASN L 181 -32.51 56.09 -22.91
C ASN L 181 -33.13 56.96 -23.99
N GLN L 182 -33.55 56.39 -25.11
CA GLN L 182 -34.13 57.17 -26.19
C GLN L 182 -35.44 57.79 -25.75
N LEU L 183 -35.60 59.06 -26.08
CA LEU L 183 -36.78 59.80 -25.68
C LEU L 183 -38.02 59.26 -26.35
N TRP L 184 -39.12 59.30 -25.62
CA TRP L 184 -40.44 59.04 -26.15
C TRP L 184 -41.07 60.36 -26.53
N LEU L 185 -41.51 60.47 -27.77
CA LEU L 185 -42.29 61.59 -28.24
C LEU L 185 -43.77 61.22 -28.20
N ARG L 186 -44.60 62.24 -28.31
CA ARG L 186 -46.03 62.05 -28.41
C ARG L 186 -46.44 61.95 -29.86
N LEU L 187 -47.35 61.01 -30.11
CA LEU L 187 -47.97 60.86 -31.42
C LEU L 187 -49.08 61.90 -31.52
N GLN L 188 -48.73 63.05 -32.07
CA GLN L 188 -49.66 64.14 -32.21
C GLN L 188 -50.72 63.80 -33.25
N THR L 189 -51.71 64.67 -33.37
CA THR L 189 -52.80 64.46 -34.30
C THR L 189 -52.41 64.87 -35.72
N ALA L 190 -51.93 66.11 -35.89
CA ALA L 190 -51.51 66.59 -37.21
C ALA L 190 -50.27 67.47 -37.17
N GLY L 191 -49.42 67.32 -36.16
CA GLY L 191 -48.30 68.23 -35.97
C GLY L 191 -47.02 67.59 -35.49
N ASN L 192 -46.78 66.35 -35.90
CA ASN L 192 -45.60 65.63 -35.43
C ASN L 192 -44.32 66.29 -35.93
N VAL L 193 -43.24 66.01 -35.21
CA VAL L 193 -41.96 66.66 -35.42
C VAL L 193 -41.16 65.90 -36.46
N ASP L 194 -40.37 66.64 -37.24
CA ASP L 194 -39.62 66.05 -38.33
C ASP L 194 -38.36 65.38 -37.79
N HIS L 195 -38.16 64.14 -38.18
CA HIS L 195 -36.90 63.45 -37.98
C HIS L 195 -36.02 63.64 -39.19
N VAL L 196 -34.72 63.51 -38.96
CA VAL L 196 -33.72 63.94 -39.92
C VAL L 196 -32.58 62.92 -39.89
N GLY L 197 -31.74 62.97 -40.93
CA GLY L 197 -30.70 61.97 -41.03
C GLY L 197 -30.21 61.47 -42.36
N LEU L 198 -30.57 62.08 -43.49
CA LEU L 198 -29.93 61.68 -44.74
C LEU L 198 -29.79 62.82 -45.71
N GLY L 199 -28.60 62.93 -46.28
CA GLY L 199 -28.33 63.82 -47.38
C GLY L 199 -27.54 63.11 -48.45
N THR L 200 -27.79 63.49 -49.69
CA THR L 200 -27.28 62.78 -50.84
C THR L 200 -26.57 63.72 -51.80
N ALA L 201 -25.75 63.12 -52.67
CA ALA L 201 -25.10 63.83 -53.75
C ALA L 201 -24.99 62.88 -54.93
N PHE L 202 -25.74 63.17 -55.98
CA PHE L 202 -25.77 62.35 -57.18
C PHE L 202 -25.04 63.06 -58.31
N GLU L 203 -24.22 62.31 -59.02
CA GLU L 203 -23.49 62.84 -60.16
C GLU L 203 -24.41 62.94 -61.36
N ASN L 204 -24.44 64.12 -61.96
CA ASN L 204 -25.33 64.37 -63.07
C ASN L 204 -24.88 63.60 -64.31
N SER L 205 -25.76 63.56 -65.30
CA SER L 205 -25.56 62.75 -66.48
C SER L 205 -26.31 63.37 -67.65
N ILE L 206 -25.99 62.88 -68.85
CA ILE L 206 -26.70 63.32 -70.05
C ILE L 206 -28.12 62.80 -70.05
N TYR L 207 -28.36 61.66 -69.43
CA TYR L 207 -29.67 61.04 -69.35
C TYR L 207 -30.29 61.29 -67.98
N ASP L 208 -31.61 61.24 -67.93
CA ASP L 208 -32.32 61.39 -66.68
C ASP L 208 -32.18 60.14 -65.84
N GLN L 209 -31.88 60.33 -64.55
CA GLN L 209 -31.72 59.25 -63.59
C GLN L 209 -32.90 59.30 -62.63
N GLU L 210 -33.79 58.33 -62.74
CA GLU L 210 -34.97 58.24 -61.88
C GLU L 210 -34.78 57.15 -60.84
N TYR L 211 -35.43 57.35 -59.70
CA TYR L 211 -35.38 56.42 -58.58
C TYR L 211 -36.73 56.35 -57.92
N ASN L 212 -37.07 55.18 -57.40
CA ASN L 212 -38.23 54.98 -56.54
C ASN L 212 -37.70 54.73 -55.14
N ILE L 213 -37.91 55.69 -54.26
CA ILE L 213 -37.32 55.65 -52.93
C ILE L 213 -38.36 55.11 -51.96
N ARG L 214 -38.00 54.04 -51.27
CA ARG L 214 -38.85 53.39 -50.28
C ARG L 214 -38.21 53.57 -48.92
N VAL L 215 -38.87 54.36 -48.08
CA VAL L 215 -38.45 54.59 -46.70
C VAL L 215 -39.26 53.68 -45.80
N THR L 216 -38.58 52.98 -44.92
CA THR L 216 -39.19 52.09 -43.95
C THR L 216 -38.73 52.53 -42.57
N MET L 217 -39.68 52.91 -41.73
CA MET L 217 -39.39 53.31 -40.36
C MET L 217 -39.78 52.21 -39.40
N TYR L 218 -38.85 51.84 -38.54
CA TYR L 218 -39.06 50.85 -37.50
C TYR L 218 -39.33 51.59 -36.20
N VAL L 219 -40.58 51.59 -35.76
CA VAL L 219 -41.05 52.42 -34.68
C VAL L 219 -41.40 51.55 -33.49
N GLN L 220 -41.59 52.21 -32.35
CA GLN L 220 -41.91 51.56 -31.09
C GLN L 220 -42.90 52.46 -30.39
N PHE L 221 -44.11 51.96 -30.21
CA PHE L 221 -45.19 52.69 -29.57
C PHE L 221 -45.35 52.28 -28.11
N ARG L 222 -46.21 53.01 -27.40
CA ARG L 222 -46.41 52.80 -25.99
C ARG L 222 -47.79 53.31 -25.61
N GLU L 223 -48.37 52.68 -24.60
CA GLU L 223 -49.62 53.10 -23.98
C GLU L 223 -50.79 53.09 -24.99
N PHE L 224 -51.17 51.87 -25.34
CA PHE L 224 -52.41 51.57 -26.03
C PHE L 224 -53.56 52.35 -25.43
N ASN L 225 -54.22 53.15 -26.25
CA ASN L 225 -55.19 54.14 -25.78
C ASN L 225 -56.46 54.12 -26.61
N LEU L 226 -56.94 52.92 -26.94
CA LEU L 226 -58.15 52.82 -27.73
C LEU L 226 -59.34 53.34 -26.94
N LYS L 227 -60.25 54.00 -27.65
CA LYS L 227 -61.47 54.54 -27.07
C LYS L 227 -62.66 53.89 -27.75
N ASP L 228 -63.58 53.36 -26.94
CA ASP L 228 -64.70 52.56 -27.43
C ASP L 228 -66.00 53.17 -26.92
N PRO L 229 -66.52 54.17 -27.61
CA PRO L 229 -67.83 54.68 -27.26
C PRO L 229 -68.92 53.73 -27.70
N PRO L 230 -70.16 53.91 -27.22
CA PRO L 230 -71.26 53.09 -27.72
C PRO L 230 -71.62 53.41 -29.15
N LEU L 231 -72.64 52.73 -29.68
CA LEU L 231 -73.08 52.92 -31.06
C LEU L 231 -74.59 52.85 -31.16
N GLY M 43 0.73 64.29 -32.01
CA GLY M 43 -0.70 64.34 -32.19
C GLY M 43 -1.16 63.75 -33.50
N ILE M 44 -1.27 62.43 -33.53
CA ILE M 44 -1.54 61.71 -34.75
C ILE M 44 -3.02 61.78 -35.09
N PHE M 45 -3.31 61.85 -36.38
CA PHE M 45 -4.67 61.82 -36.88
C PHE M 45 -4.64 61.16 -38.25
N ASN M 46 -5.02 59.90 -38.30
CA ASN M 46 -5.18 59.20 -39.56
C ASN M 46 -6.55 59.49 -40.15
N THR M 47 -6.59 59.93 -41.40
CA THR M 47 -7.84 60.20 -42.08
C THR M 47 -7.73 59.75 -43.53
N ARG M 48 -8.70 60.18 -44.33
CA ARG M 48 -8.87 59.74 -45.70
C ARG M 48 -9.36 60.92 -46.53
N LEU M 49 -8.64 61.19 -47.61
CA LEU M 49 -8.95 62.30 -48.51
C LEU M 49 -9.10 61.76 -49.92
N SER M 50 -10.10 62.26 -50.62
CA SER M 50 -10.47 61.78 -51.93
C SER M 50 -10.56 62.94 -52.93
N ARG M 51 -10.66 62.56 -54.20
CA ARG M 51 -10.61 63.45 -55.33
C ARG M 51 -11.02 62.64 -56.55
N THR M 52 -11.78 63.26 -57.45
CA THR M 52 -12.34 62.59 -58.61
C THR M 52 -12.09 63.42 -59.85
N PHE M 53 -11.73 62.74 -60.94
CA PHE M 53 -11.44 63.40 -62.20
C PHE M 53 -11.59 62.38 -63.32
N GLY M 54 -11.57 62.89 -64.54
CA GLY M 54 -11.79 62.08 -65.71
C GLY M 54 -10.56 61.74 -66.52
N TYR M 55 -10.66 60.66 -67.29
CA TYR M 55 -9.62 60.21 -68.20
C TYR M 55 -10.29 59.51 -69.36
N THR M 56 -9.92 59.88 -70.59
CA THR M 56 -10.49 59.33 -71.79
C THR M 56 -9.39 58.83 -72.71
N ILE M 57 -9.63 57.67 -73.30
CA ILE M 57 -8.79 57.09 -74.33
C ILE M 57 -9.55 57.26 -75.64
N LYS M 58 -9.11 58.21 -76.45
CA LYS M 58 -9.79 58.52 -77.70
C LYS M 58 -9.68 57.37 -78.68
N ARG M 59 -10.61 57.35 -79.62
CA ARG M 59 -10.69 56.32 -80.63
C ARG M 59 -9.55 56.44 -81.64
N THR M 60 -9.28 55.34 -82.33
CA THR M 60 -8.27 55.27 -83.37
C THR M 60 -8.75 54.38 -84.50
N THR M 61 -8.50 54.82 -85.73
CA THR M 61 -8.76 54.01 -86.92
C THR M 61 -7.70 52.93 -87.13
N VAL M 62 -6.63 52.92 -86.33
CA VAL M 62 -5.58 51.92 -86.48
C VAL M 62 -6.17 50.53 -86.27
N LYS M 63 -5.76 49.60 -87.14
CA LYS M 63 -6.28 48.25 -87.10
C LYS M 63 -5.56 47.38 -86.08
N THR M 64 -4.25 47.58 -85.93
CA THR M 64 -3.46 46.76 -85.06
C THR M 64 -3.86 46.93 -83.60
N PRO M 65 -3.43 46.02 -82.72
CA PRO M 65 -3.57 46.29 -81.29
C PRO M 65 -2.47 47.22 -80.83
N SER M 66 -2.84 48.46 -80.55
CA SER M 66 -1.95 49.45 -80.00
C SER M 66 -2.44 49.87 -78.63
N TRP M 67 -1.52 50.38 -77.82
CA TRP M 67 -1.82 50.79 -76.46
C TRP M 67 -1.52 52.26 -76.26
N ALA M 68 -2.30 52.87 -75.37
CA ALA M 68 -2.18 54.26 -75.00
C ALA M 68 -1.57 54.34 -73.61
N VAL M 69 -0.44 55.00 -73.51
CA VAL M 69 0.33 55.06 -72.28
C VAL M 69 0.15 56.43 -71.65
N ASP M 70 0.05 56.45 -70.33
CA ASP M 70 -0.08 57.68 -69.58
C ASP M 70 0.42 57.44 -68.17
N MET M 71 0.62 58.54 -67.45
CA MET M 71 1.18 58.55 -66.11
C MET M 71 0.18 59.13 -65.12
N MET M 72 0.50 58.96 -63.84
CA MET M 72 -0.37 59.42 -62.77
C MET M 72 0.48 59.72 -61.54
N ARG M 73 0.53 60.99 -61.16
CA ARG M 73 1.17 61.44 -59.94
C ARG M 73 0.11 61.83 -58.92
N PHE M 74 0.54 62.02 -57.68
CA PHE M 74 -0.34 62.36 -56.57
C PHE M 74 0.29 63.48 -55.76
N ASN M 75 -0.44 64.57 -55.60
CA ASN M 75 -0.03 65.67 -54.75
C ASN M 75 -1.15 66.00 -53.77
N ILE M 76 -0.76 66.47 -52.59
CA ILE M 76 -1.72 66.74 -51.53
C ILE M 76 -2.43 68.08 -51.70
N ASN M 77 -1.94 68.96 -52.57
CA ASN M 77 -2.65 70.19 -52.83
C ASN M 77 -3.99 69.94 -53.51
N ASP M 78 -4.06 68.88 -54.30
CA ASP M 78 -5.29 68.53 -55.01
C ASP M 78 -6.33 67.89 -54.11
N PHE M 79 -5.94 67.46 -52.91
CA PHE M 79 -6.85 66.85 -51.94
C PHE M 79 -7.15 67.75 -50.76
N LEU M 80 -6.20 68.59 -50.37
CA LEU M 80 -6.31 69.46 -49.21
C LEU M 80 -6.34 70.91 -49.66
N PRO M 81 -7.44 71.64 -49.54
CA PRO M 81 -7.44 73.00 -50.03
C PRO M 81 -6.72 73.94 -49.09
N PRO M 82 -6.50 75.18 -49.50
CA PRO M 82 -5.96 76.16 -48.57
C PRO M 82 -6.98 76.57 -47.53
N GLY M 83 -6.49 76.88 -46.34
CA GLY M 83 -7.38 77.25 -45.26
C GLY M 83 -7.76 78.71 -45.29
N GLY M 84 -7.81 79.32 -44.12
CA GLY M 84 -8.17 80.72 -44.02
C GLY M 84 -7.66 81.35 -42.74
N GLY M 85 -7.04 82.51 -42.87
CA GLY M 85 -6.52 83.23 -41.73
C GLY M 85 -5.14 82.78 -41.32
N SER M 86 -4.92 82.69 -40.02
CA SER M 86 -3.61 82.28 -39.51
C SER M 86 -3.31 80.83 -39.76
N ASN M 87 -4.33 80.03 -40.10
CA ASN M 87 -4.13 78.63 -40.45
C ASN M 87 -4.01 78.53 -41.96
N PRO M 88 -2.83 78.23 -42.51
CA PRO M 88 -2.70 78.27 -43.97
C PRO M 88 -3.42 77.14 -44.68
N ARG M 89 -3.69 76.03 -44.00
CA ARG M 89 -4.35 74.88 -44.57
C ARG M 89 -5.61 74.56 -43.80
N SER M 90 -6.48 73.77 -44.43
CA SER M 90 -7.80 73.49 -43.87
C SER M 90 -7.76 72.40 -42.81
N VAL M 91 -6.76 71.54 -42.85
CA VAL M 91 -6.51 70.54 -41.81
C VAL M 91 -5.39 71.08 -40.93
N PRO M 92 -5.65 71.45 -39.68
CA PRO M 92 -4.60 72.16 -38.92
C PRO M 92 -3.55 71.25 -38.31
N PHE M 93 -2.62 70.85 -39.16
CA PHE M 93 -1.49 70.03 -38.76
C PHE M 93 -0.25 70.51 -39.48
N GLU M 94 0.91 70.15 -38.94
CA GLU M 94 2.20 70.58 -39.45
C GLU M 94 2.80 69.57 -40.42
N TYR M 95 2.87 68.31 -40.03
CA TYR M 95 3.55 67.27 -40.77
C TYR M 95 2.55 66.29 -41.33
N TYR M 96 2.99 65.53 -42.33
CA TYR M 96 2.17 64.51 -42.93
C TYR M 96 3.07 63.45 -43.55
N ARG M 97 2.46 62.31 -43.82
CA ARG M 97 3.10 61.27 -44.61
C ARG M 97 2.01 60.38 -45.18
N ILE M 98 2.06 60.15 -46.48
CA ILE M 98 1.03 59.39 -47.16
C ILE M 98 1.31 57.91 -46.96
N ARG M 99 0.34 57.20 -46.40
CA ARG M 99 0.47 55.79 -46.09
C ARG M 99 0.09 54.90 -47.26
N LYS M 100 -1.06 55.18 -47.89
CA LYS M 100 -1.56 54.38 -48.98
C LYS M 100 -2.33 55.28 -49.93
N VAL M 101 -2.51 54.79 -51.15
CA VAL M 101 -3.38 55.41 -52.15
C VAL M 101 -4.20 54.31 -52.79
N LYS M 102 -5.45 54.62 -53.07
CA LYS M 102 -6.38 53.75 -53.78
C LYS M 102 -6.84 54.49 -55.03
N VAL M 103 -6.36 54.04 -56.17
CA VAL M 103 -6.81 54.54 -57.46
C VAL M 103 -7.88 53.61 -57.99
N GLU M 104 -9.05 54.17 -58.28
CA GLU M 104 -10.20 53.43 -58.76
C GLU M 104 -10.57 53.96 -60.13
N PHE M 105 -10.49 53.10 -61.14
CA PHE M 105 -10.98 53.41 -62.48
C PHE M 105 -12.43 52.97 -62.55
N TRP M 106 -13.33 53.92 -62.37
CA TRP M 106 -14.74 53.65 -62.49
C TRP M 106 -15.16 53.84 -63.94
N PRO M 107 -15.66 52.82 -64.63
CA PRO M 107 -15.97 53.00 -66.05
C PRO M 107 -17.16 53.91 -66.28
N CYS M 108 -17.16 54.48 -67.48
CA CYS M 108 -18.24 55.31 -67.97
C CYS M 108 -18.97 54.68 -69.15
N SER M 109 -18.58 53.50 -69.56
CA SER M 109 -19.01 52.88 -70.79
C SER M 109 -20.00 51.75 -70.50
N PRO M 110 -20.94 51.50 -71.40
CA PRO M 110 -21.93 50.46 -71.14
C PRO M 110 -21.32 49.07 -71.26
N ILE M 111 -22.02 48.11 -70.66
CA ILE M 111 -21.59 46.73 -70.73
C ILE M 111 -21.83 46.09 -72.09
N THR M 112 -22.52 46.79 -72.99
CA THR M 112 -22.74 46.32 -74.36
C THR M 112 -21.67 46.79 -75.33
N GLN M 113 -20.68 47.55 -74.87
CA GLN M 113 -19.67 48.10 -75.78
C GLN M 113 -18.71 47.00 -76.20
N GLY M 114 -18.44 46.95 -77.49
CA GLY M 114 -17.55 45.97 -78.06
C GLY M 114 -16.16 46.49 -78.28
N ASP M 115 -15.40 45.77 -79.08
CA ASP M 115 -13.99 46.06 -79.34
C ASP M 115 -13.23 46.11 -78.03
N ARG M 116 -13.50 45.14 -77.16
CA ARG M 116 -12.88 45.09 -75.86
C ARG M 116 -11.38 44.85 -76.00
N GLY M 117 -10.69 45.08 -74.89
CA GLY M 117 -9.25 45.03 -74.88
C GLY M 117 -8.69 44.61 -73.55
N VAL M 118 -7.36 44.67 -73.44
CA VAL M 118 -6.68 44.22 -72.23
C VAL M 118 -5.42 45.08 -72.07
N GLY M 119 -5.28 45.64 -70.88
CA GLY M 119 -4.19 46.54 -70.56
C GLY M 119 -3.47 46.17 -69.29
N SER M 120 -2.72 47.13 -68.75
CA SER M 120 -1.87 46.86 -67.60
C SER M 120 -1.66 48.14 -66.83
N SER M 121 -1.66 48.01 -65.50
CA SER M 121 -1.32 49.09 -64.59
C SER M 121 -0.18 48.64 -63.70
N ALA M 122 0.85 49.47 -63.61
CA ALA M 122 2.04 49.16 -62.84
C ALA M 122 2.36 50.31 -61.89
N VAL M 123 3.16 49.99 -60.88
CA VAL M 123 3.52 50.92 -59.82
C VAL M 123 4.93 51.40 -60.06
N ILE M 124 5.08 52.72 -60.21
CA ILE M 124 6.33 53.35 -60.64
C ILE M 124 6.68 54.41 -59.60
N LEU M 125 7.59 54.07 -58.70
CA LEU M 125 7.87 54.88 -57.53
C LEU M 125 9.05 55.84 -57.70
N ASP M 126 9.34 56.30 -58.92
CA ASP M 126 10.57 57.03 -59.16
C ASP M 126 10.49 58.17 -60.16
N ASP M 127 9.32 58.50 -60.71
CA ASP M 127 9.15 59.67 -61.56
C ASP M 127 9.86 59.52 -62.89
N ASN M 128 10.06 58.29 -63.35
CA ASN M 128 10.54 58.01 -64.71
C ASN M 128 9.60 56.97 -65.27
N PHE M 129 8.56 57.46 -65.93
CA PHE M 129 7.54 56.66 -66.56
C PHE M 129 7.93 56.36 -68.00
N VAL M 130 7.28 55.35 -68.55
CA VAL M 130 7.33 55.16 -69.99
C VAL M 130 6.72 56.39 -70.64
N THR M 131 7.31 56.82 -71.75
CA THR M 131 6.90 58.04 -72.41
C THR M 131 5.44 57.95 -72.81
N LYS M 132 4.72 59.05 -72.65
CA LYS M 132 3.32 59.11 -73.03
C LYS M 132 3.18 58.88 -74.53
N ALA M 133 2.31 57.95 -74.89
CA ALA M 133 2.10 57.53 -76.25
C ALA M 133 0.62 57.40 -76.53
N THR M 134 0.25 57.66 -77.78
CA THR M 134 -1.13 57.54 -78.23
C THR M 134 -1.44 56.14 -78.72
N ALA M 135 -0.60 55.60 -79.61
CA ALA M 135 -0.78 54.26 -80.16
C ALA M 135 0.60 53.61 -80.24
N LEU M 136 1.00 52.95 -79.16
CA LEU M 136 2.23 52.19 -79.10
C LEU M 136 1.95 50.74 -79.43
N THR M 137 2.88 50.11 -80.14
CA THR M 137 2.69 48.78 -80.70
C THR M 137 2.81 47.66 -79.67
N TYR M 138 2.90 47.97 -78.39
CA TYR M 138 3.03 46.95 -77.37
C TYR M 138 2.63 47.55 -76.03
N ASP M 139 2.43 46.67 -75.06
CA ASP M 139 2.11 47.06 -73.69
C ASP M 139 3.40 47.10 -72.90
N PRO M 140 3.93 48.28 -72.56
CA PRO M 140 5.22 48.30 -71.86
C PRO M 140 5.14 47.78 -70.45
N TYR M 141 4.02 47.98 -69.77
CA TYR M 141 3.87 47.62 -68.38
C TYR M 141 3.42 46.19 -68.17
N VAL M 142 3.55 45.34 -69.19
CA VAL M 142 2.99 44.00 -69.11
C VAL M 142 3.89 43.08 -68.32
N ASN M 143 5.21 43.19 -68.50
CA ASN M 143 6.15 42.33 -67.84
C ASN M 143 6.62 42.87 -66.50
N TYR M 144 6.04 43.98 -66.05
CA TYR M 144 6.39 44.53 -64.75
C TYR M 144 5.88 43.63 -63.64
N SER M 145 6.67 43.53 -62.58
CA SER M 145 6.34 42.71 -61.44
C SER M 145 5.08 43.21 -60.73
N SER M 146 4.75 44.49 -60.87
CA SER M 146 3.57 45.08 -60.27
C SER M 146 2.43 45.26 -61.25
N ARG M 147 2.41 44.48 -62.31
CA ARG M 147 1.38 44.60 -63.32
C ARG M 147 0.11 43.91 -62.83
N HIS M 148 -1.00 44.63 -62.96
CA HIS M 148 -2.33 44.08 -62.84
C HIS M 148 -3.02 44.28 -64.16
N THR M 149 -3.75 43.28 -64.62
CA THR M 149 -4.47 43.35 -65.87
C THR M 149 -5.66 44.29 -65.76
N ILE M 150 -5.81 45.13 -66.78
CA ILE M 150 -6.96 46.00 -66.92
C ILE M 150 -7.83 45.38 -68.00
N THR M 151 -8.97 44.85 -67.61
CA THR M 151 -10.02 44.53 -68.55
C THR M 151 -10.74 45.81 -68.94
N GLN M 152 -11.00 45.97 -70.23
CA GLN M 152 -11.58 47.17 -70.80
C GLN M 152 -12.83 46.79 -71.56
N PRO M 153 -13.75 47.75 -71.78
CA PRO M 153 -13.85 49.12 -71.29
C PRO M 153 -14.76 49.31 -70.08
N PHE M 154 -15.58 48.31 -69.78
CA PHE M 154 -16.67 48.44 -68.82
C PHE M 154 -16.39 47.74 -67.51
N SER M 155 -15.13 47.64 -67.13
CA SER M 155 -14.72 46.89 -65.96
C SER M 155 -13.97 47.79 -64.99
N TYR M 156 -14.18 47.53 -63.71
CA TYR M 156 -13.57 48.29 -62.63
C TYR M 156 -12.18 47.78 -62.34
N HIS M 157 -11.27 48.72 -62.08
CA HIS M 157 -9.87 48.42 -61.79
C HIS M 157 -9.45 49.25 -60.60
N SER M 158 -8.97 48.58 -59.56
CA SER M 158 -8.45 49.21 -58.37
C SER M 158 -6.98 48.86 -58.19
N ARG M 159 -6.23 49.80 -57.62
CA ARG M 159 -4.85 49.59 -57.24
C ARG M 159 -4.64 50.24 -55.89
N TYR M 160 -4.12 49.48 -54.94
CA TYR M 160 -3.91 49.91 -53.56
C TYR M 160 -2.45 49.68 -53.22
N PHE M 161 -1.73 50.76 -52.96
CA PHE M 161 -0.29 50.70 -52.81
C PHE M 161 0.17 51.88 -51.97
N THR M 162 1.45 51.88 -51.66
CA THR M 162 2.10 52.90 -50.87
C THR M 162 2.99 53.76 -51.75
N PRO M 163 2.66 55.02 -51.99
CA PRO M 163 3.50 55.83 -52.87
C PRO M 163 4.77 56.29 -52.19
N LYS M 164 5.61 57.00 -52.93
CA LYS M 164 6.87 57.51 -52.44
C LYS M 164 7.03 58.94 -52.92
N PRO M 165 7.62 59.81 -52.11
CA PRO M 165 7.80 61.19 -52.55
C PRO M 165 9.04 61.38 -53.40
N VAL M 166 9.00 62.45 -54.20
CA VAL M 166 10.08 62.81 -55.10
C VAL M 166 10.98 63.76 -54.33
N LEU M 167 11.95 63.18 -53.63
CA LEU M 167 12.90 63.97 -52.85
C LEU M 167 14.02 64.51 -53.73
N ASP M 168 14.57 63.68 -54.61
CA ASP M 168 15.58 64.10 -55.57
C ASP M 168 15.27 63.40 -56.88
N SER M 169 14.81 64.17 -57.86
CA SER M 169 14.51 63.62 -59.18
C SER M 169 15.74 63.24 -59.97
N THR M 170 16.91 63.76 -59.58
CA THR M 170 18.15 63.42 -60.28
C THR M 170 18.63 62.02 -59.92
N ILE M 171 18.50 61.64 -58.66
CA ILE M 171 18.99 60.35 -58.16
C ILE M 171 17.83 59.38 -58.05
N ASP M 172 16.65 59.89 -57.69
CA ASP M 172 15.43 59.11 -57.61
C ASP M 172 15.58 57.97 -56.61
N TYR M 173 15.76 58.34 -55.35
CA TYR M 173 15.86 57.40 -54.25
C TYR M 173 14.58 57.39 -53.44
N PHE M 174 14.23 56.22 -52.90
CA PHE M 174 13.05 56.08 -52.09
C PHE M 174 13.27 55.01 -51.04
N GLN M 175 12.44 55.01 -50.09
CA GLN M 175 12.48 54.10 -48.96
C GLN M 175 11.65 52.86 -49.21
N PRO M 176 12.02 51.73 -48.64
CA PRO M 176 11.11 50.59 -48.65
C PRO M 176 9.95 50.78 -47.69
N ASN M 177 9.00 49.87 -47.73
CA ASN M 177 7.80 50.00 -46.93
C ASN M 177 8.10 49.69 -45.48
N ASN M 178 7.93 50.69 -44.62
CA ASN M 178 8.11 50.52 -43.18
C ASN M 178 7.26 51.59 -42.53
N LYS M 179 6.22 51.17 -41.81
CA LYS M 179 5.34 52.14 -41.21
C LYS M 179 6.03 52.94 -40.12
N ARG M 180 7.02 52.34 -39.45
CA ARG M 180 7.65 52.99 -38.32
C ARG M 180 8.76 53.95 -38.74
N ASN M 181 9.35 53.73 -39.91
CA ASN M 181 10.48 54.51 -40.38
C ASN M 181 10.14 55.46 -41.52
N GLN M 182 8.88 55.53 -41.92
CA GLN M 182 8.50 56.40 -43.02
C GLN M 182 8.71 57.85 -42.66
N LEU M 183 9.29 58.59 -43.58
CA LEU M 183 9.61 59.99 -43.36
C LEU M 183 8.36 60.81 -43.19
N TRP M 184 8.45 61.81 -42.33
CA TRP M 184 7.44 62.85 -42.20
C TRP M 184 7.85 64.03 -43.05
N LEU M 185 6.96 64.44 -43.93
CA LEU M 185 7.12 65.65 -44.71
C LEU M 185 6.35 66.78 -44.04
N ARG M 186 6.66 67.99 -44.45
CA ARG M 186 5.95 69.16 -44.00
C ARG M 186 4.78 69.46 -44.93
N LEU M 187 3.66 69.80 -44.32
CA LEU M 187 2.49 70.27 -45.05
C LEU M 187 2.71 71.73 -45.39
N GLN M 188 3.26 71.97 -46.57
CA GLN M 188 3.55 73.31 -47.03
C GLN M 188 2.26 74.05 -47.32
N THR M 189 2.41 75.34 -47.61
CA THR M 189 1.25 76.18 -47.89
C THR M 189 0.77 76.02 -49.33
N ALA M 190 1.67 76.17 -50.31
CA ALA M 190 1.29 76.02 -51.71
C ALA M 190 2.37 75.35 -52.55
N GLY M 191 3.24 74.54 -51.95
CA GLY M 191 4.38 73.99 -52.65
C GLY M 191 4.73 72.56 -52.30
N ASN M 192 3.73 71.75 -51.97
CA ASN M 192 3.98 70.38 -51.55
C ASN M 192 4.58 69.56 -52.69
N VAL M 193 5.25 68.49 -52.29
CA VAL M 193 6.03 67.67 -53.21
C VAL M 193 5.14 66.59 -53.80
N ASP M 194 5.42 66.24 -55.05
CA ASP M 194 4.61 65.27 -55.77
C ASP M 194 4.98 63.86 -55.35
N HIS M 195 3.96 63.09 -55.00
CA HIS M 195 4.11 61.66 -54.82
C HIS M 195 3.77 60.95 -56.12
N VAL M 196 4.31 59.75 -56.25
CA VAL M 196 4.36 59.05 -57.52
C VAL M 196 4.11 57.58 -57.27
N GLY M 197 3.79 56.84 -58.33
CA GLY M 197 3.44 55.45 -58.14
C GLY M 197 2.42 54.77 -59.02
N LEU M 198 1.97 55.36 -60.13
CA LEU M 198 1.15 54.58 -61.04
C LEU M 198 1.32 54.99 -62.49
N GLY M 199 1.48 53.98 -63.33
CA GLY M 199 1.47 54.16 -64.76
C GLY M 199 0.60 53.10 -65.40
N THR M 200 -0.03 53.48 -66.51
CA THR M 200 -1.07 52.69 -67.13
C THR M 200 -0.78 52.50 -68.61
N ALA M 201 -1.44 51.49 -69.17
CA ALA M 201 -1.42 51.23 -70.60
C ALA M 201 -2.78 50.67 -70.99
N PHE M 202 -3.54 51.45 -71.74
CA PHE M 202 -4.87 51.08 -72.19
C PHE M 202 -4.85 50.75 -73.66
N GLU M 203 -5.51 49.66 -74.03
CA GLU M 203 -5.61 49.24 -75.41
C GLU M 203 -6.66 50.09 -76.12
N ASN M 204 -6.27 50.66 -77.24
CA ASN M 204 -7.14 51.56 -77.97
C ASN M 204 -8.28 50.78 -78.63
N SER M 205 -9.28 51.53 -79.09
CA SER M 205 -10.51 50.95 -79.60
C SER M 205 -11.11 51.89 -80.62
N ILE M 206 -12.10 51.36 -81.36
CA ILE M 206 -12.84 52.17 -82.32
C ILE M 206 -13.71 53.19 -81.60
N TYR M 207 -14.16 52.86 -80.41
CA TYR M 207 -15.01 53.73 -79.60
C TYR M 207 -14.19 54.40 -78.51
N ASP M 208 -14.69 55.55 -78.06
CA ASP M 208 -14.04 56.27 -76.98
C ASP M 208 -14.29 55.56 -75.66
N GLN M 209 -13.23 55.40 -74.87
CA GLN M 209 -13.27 54.77 -73.56
C GLN M 209 -13.05 55.83 -72.50
N GLU M 210 -14.11 56.17 -71.77
CA GLU M 210 -14.05 57.16 -70.72
C GLU M 210 -14.05 56.50 -69.35
N TYR M 211 -13.41 57.18 -68.40
CA TYR M 211 -13.30 56.70 -67.03
C TYR M 211 -13.42 57.88 -66.09
N ASN M 212 -14.00 57.63 -64.92
CA ASN M 212 -14.01 58.57 -63.80
C ASN M 212 -13.08 58.01 -62.75
N ILE M 213 -11.94 58.65 -62.55
CA ILE M 213 -10.90 58.13 -61.69
C ILE M 213 -11.02 58.81 -60.33
N ARG M 214 -11.16 57.99 -59.29
CA ARG M 214 -11.29 58.45 -57.92
C ARG M 214 -10.05 58.00 -57.15
N VAL M 215 -9.22 58.95 -56.78
CA VAL M 215 -8.03 58.71 -55.99
C VAL M 215 -8.36 59.02 -54.54
N THR M 216 -8.01 58.09 -53.66
CA THR M 216 -8.20 58.22 -52.23
C THR M 216 -6.85 58.04 -51.56
N MET M 217 -6.40 59.06 -50.85
CA MET M 217 -5.16 59.02 -50.12
C MET M 217 -5.41 58.85 -48.64
N TYR M 218 -4.77 57.87 -48.04
CA TYR M 218 -4.84 57.60 -46.62
C TYR M 218 -3.60 58.21 -45.96
N VAL M 219 -3.80 59.31 -45.26
CA VAL M 219 -2.71 60.13 -44.77
C VAL M 219 -2.66 60.05 -43.25
N GLN M 220 -1.56 60.54 -42.71
CA GLN M 220 -1.31 60.53 -41.27
C GLN M 220 -0.61 61.84 -40.95
N PHE M 221 -1.28 62.67 -40.17
CA PHE M 221 -0.78 63.98 -39.79
C PHE M 221 -0.17 63.95 -38.39
N ARG M 222 0.47 65.05 -38.01
CA ARG M 222 1.15 65.15 -36.74
C ARG M 222 1.23 66.61 -36.34
N GLU M 223 1.23 66.84 -35.03
CA GLU M 223 1.45 68.16 -34.43
C GLU M 223 0.37 69.16 -34.84
N PHE M 224 -0.82 68.91 -34.31
CA PHE M 224 -1.92 69.86 -34.30
C PHE M 224 -1.43 71.25 -33.95
N ASN M 225 -1.67 72.20 -34.84
CA ASN M 225 -1.07 73.52 -34.76
C ASN M 225 -2.09 74.62 -35.01
N LEU M 226 -3.27 74.48 -34.44
CA LEU M 226 -4.29 75.48 -34.63
C LEU M 226 -3.88 76.79 -33.96
N LYS M 227 -4.23 77.88 -34.62
CA LYS M 227 -3.95 79.22 -34.12
C LYS M 227 -5.26 79.97 -33.93
N ASP M 228 -5.44 80.52 -32.73
CA ASP M 228 -6.70 81.14 -32.31
C ASP M 228 -6.44 82.57 -31.89
N PRO M 229 -6.41 83.50 -32.83
CA PRO M 229 -6.33 84.91 -32.48
C PRO M 229 -7.66 85.40 -31.94
N PRO M 230 -7.68 86.58 -31.31
CA PRO M 230 -8.96 87.15 -30.90
C PRO M 230 -9.79 87.61 -32.08
N LEU M 231 -10.96 88.17 -31.79
CA LEU M 231 -11.89 88.63 -32.82
C LEU M 231 -12.57 89.94 -32.42
N GLY N 43 23.35 29.24 -61.37
CA GLY N 43 22.73 30.54 -61.12
C GLY N 43 21.32 30.63 -61.67
N ILE N 44 20.38 30.10 -60.91
CA ILE N 44 19.00 29.96 -61.36
C ILE N 44 18.28 31.29 -61.24
N PHE N 45 17.40 31.55 -62.20
CA PHE N 45 16.54 32.72 -62.17
C PHE N 45 15.24 32.35 -62.87
N ASN N 46 14.22 32.09 -62.08
CA ASN N 46 12.88 31.87 -62.61
C ASN N 46 12.20 33.20 -62.83
N THR N 47 11.68 33.40 -64.03
CA THR N 47 10.95 34.62 -64.35
C THR N 47 9.77 34.27 -65.25
N ARG N 48 9.18 35.31 -65.84
CA ARG N 48 7.95 35.23 -66.60
C ARG N 48 8.02 36.19 -67.76
N LEU N 49 7.79 35.67 -68.97
CA LEU N 49 7.85 36.43 -70.20
C LEU N 49 6.54 36.28 -70.93
N SER N 50 6.04 37.39 -71.48
CA SER N 50 4.75 37.45 -72.11
C SER N 50 4.86 38.03 -73.51
N ARG N 51 3.76 37.92 -74.23
CA ARG N 51 3.66 38.27 -75.64
C ARG N 51 2.18 38.22 -76.01
N THR N 52 1.74 39.16 -76.83
CA THR N 52 0.34 39.31 -77.19
C THR N 52 0.20 39.45 -78.69
N PHE N 53 -0.81 38.79 -79.25
CA PHE N 53 -1.06 38.82 -80.67
C PHE N 53 -2.51 38.43 -80.91
N GLY N 54 -2.94 38.62 -82.15
CA GLY N 54 -4.32 38.41 -82.54
C GLY N 54 -4.60 37.14 -83.31
N TYR N 55 -5.85 36.70 -83.26
CA TYR N 55 -6.33 35.56 -84.01
C TYR N 55 -7.80 35.78 -84.31
N THR N 56 -8.18 35.61 -85.57
CA THR N 56 -9.54 35.81 -86.02
C THR N 56 -10.04 34.58 -86.75
N ILE N 57 -11.28 34.24 -86.48
CA ILE N 57 -12.01 33.19 -87.19
C ILE N 57 -13.02 33.92 -88.08
N LYS N 58 -12.73 33.95 -89.37
CA LYS N 58 -13.56 34.67 -90.31
C LYS N 58 -14.94 34.01 -90.44
N ARG N 59 -15.90 34.79 -90.90
CA ARG N 59 -17.26 34.35 -91.07
C ARG N 59 -17.39 33.38 -92.24
N THR N 60 -18.47 32.60 -92.22
CA THR N 60 -18.78 31.66 -93.27
C THR N 60 -20.28 31.63 -93.50
N THR N 61 -20.68 31.58 -94.77
CA THR N 61 -22.07 31.39 -95.15
C THR N 61 -22.54 29.95 -95.00
N VAL N 62 -21.64 29.03 -94.69
CA VAL N 62 -22.00 27.63 -94.53
C VAL N 62 -23.03 27.48 -93.42
N LYS N 63 -24.05 26.66 -93.66
CA LYS N 63 -25.13 26.48 -92.71
C LYS N 63 -24.79 25.47 -91.64
N THR N 64 -24.07 24.42 -92.01
CA THR N 64 -23.76 23.34 -91.10
C THR N 64 -22.87 23.82 -89.96
N PRO N 65 -22.77 23.03 -88.89
CA PRO N 65 -21.72 23.31 -87.89
C PRO N 65 -20.39 22.80 -88.38
N SER N 66 -19.52 23.72 -88.75
CA SER N 66 -18.16 23.42 -89.16
C SER N 66 -17.19 24.09 -88.20
N TRP N 67 -15.99 23.54 -88.13
CA TRP N 67 -14.96 24.01 -87.23
C TRP N 67 -13.73 24.47 -88.00
N ALA N 68 -13.06 25.46 -87.43
CA ALA N 68 -11.83 26.02 -87.97
C ALA N 68 -10.67 25.55 -87.12
N VAL N 69 -9.73 24.87 -87.74
CA VAL N 69 -8.62 24.24 -87.04
C VAL N 69 -7.37 25.07 -87.28
N ASP N 70 -6.55 25.20 -86.25
CA ASP N 70 -5.29 25.91 -86.34
C ASP N 70 -4.36 25.39 -85.25
N MET N 71 -3.10 25.76 -85.38
CA MET N 71 -2.03 25.31 -84.51
C MET N 71 -1.39 26.48 -83.79
N MET N 72 -0.57 26.15 -82.80
CA MET N 72 0.10 27.17 -81.99
C MET N 72 1.39 26.59 -81.45
N ARG N 73 2.51 27.15 -81.89
CA ARG N 73 3.84 26.84 -81.40
C ARG N 73 4.35 27.99 -80.53
N PHE N 74 5.42 27.72 -79.81
CA PHE N 74 6.03 28.68 -78.89
C PHE N 74 7.53 28.67 -79.08
N ASN N 75 8.09 29.84 -79.38
CA ASN N 75 9.54 30.02 -79.47
C ASN N 75 9.95 31.18 -78.58
N ILE N 76 11.17 31.10 -78.05
CA ILE N 76 11.66 32.09 -77.11
C ILE N 76 12.18 33.34 -77.81
N ASN N 77 12.40 33.31 -79.11
CA ASN N 77 12.80 34.52 -79.81
C ASN N 77 11.69 35.55 -79.82
N ASP N 78 10.44 35.10 -79.80
CA ASP N 78 9.29 35.99 -79.80
C ASP N 78 9.04 36.63 -78.44
N PHE N 79 9.66 36.11 -77.38
CA PHE N 79 9.52 36.66 -76.03
C PHE N 79 10.77 37.37 -75.55
N LEU N 80 11.94 36.94 -76.00
CA LEU N 80 13.22 37.48 -75.56
C LEU N 80 13.90 38.17 -76.73
N PRO N 81 14.05 39.50 -76.74
CA PRO N 81 14.65 40.13 -77.90
C PRO N 81 16.15 39.96 -77.90
N PRO N 82 16.81 40.35 -78.99
CA PRO N 82 18.27 40.35 -78.98
C PRO N 82 18.81 41.48 -78.12
N GLY N 83 19.96 41.22 -77.53
CA GLY N 83 20.58 42.20 -76.65
C GLY N 83 21.38 43.23 -77.39
N GLY N 84 22.51 43.60 -76.83
CA GLY N 84 23.39 44.56 -77.44
C GLY N 84 24.81 44.45 -76.96
N GLY N 85 25.75 44.45 -77.90
CA GLY N 85 27.15 44.37 -77.57
C GLY N 85 27.63 42.94 -77.40
N SER N 86 28.48 42.74 -76.41
CA SER N 86 29.03 41.41 -76.16
C SER N 86 28.01 40.45 -75.60
N ASN N 87 26.87 40.95 -75.12
CA ASN N 87 25.78 40.11 -74.65
C ASN N 87 24.80 39.92 -75.79
N PRO N 88 24.69 38.72 -76.39
CA PRO N 88 23.84 38.59 -77.57
C PRO N 88 22.36 38.67 -77.27
N ARG N 89 21.94 38.41 -76.04
CA ARG N 89 20.55 38.43 -75.64
C ARG N 89 20.35 39.41 -74.49
N SER N 90 19.09 39.79 -74.28
CA SER N 90 18.76 40.82 -73.33
C SER N 90 18.72 40.30 -71.89
N VAL N 91 18.50 39.01 -71.71
CA VAL N 91 18.58 38.35 -70.42
C VAL N 91 19.92 37.63 -70.35
N PRO N 92 20.88 38.07 -69.54
CA PRO N 92 22.23 37.51 -69.65
C PRO N 92 22.40 36.15 -68.96
N PHE N 93 21.94 35.13 -69.66
CA PHE N 93 22.08 33.76 -69.20
C PHE N 93 22.41 32.87 -70.39
N GLU N 94 22.95 31.70 -70.09
CA GLU N 94 23.39 30.75 -71.10
C GLU N 94 22.34 29.72 -71.45
N TYR N 95 21.76 29.08 -70.44
CA TYR N 95 20.86 27.97 -70.62
C TYR N 95 19.44 28.37 -70.20
N TYR N 96 18.48 27.60 -70.67
CA TYR N 96 17.09 27.82 -70.31
C TYR N 96 16.33 26.51 -70.45
N ARG N 97 15.15 26.49 -69.83
CA ARG N 97 14.20 25.42 -70.02
C ARG N 97 12.84 25.95 -69.64
N ILE N 98 11.87 25.76 -70.53
CA ILE N 98 10.53 26.29 -70.34
C ILE N 98 9.76 25.35 -69.42
N ARG N 99 9.28 25.89 -68.30
CA ARG N 99 8.58 25.12 -67.30
C ARG N 99 7.09 25.01 -67.60
N LYS N 100 6.45 26.12 -67.91
CA LYS N 100 5.03 26.17 -68.15
C LYS N 100 4.73 27.25 -69.17
N VAL N 101 3.56 27.14 -69.79
CA VAL N 101 3.02 28.17 -70.66
C VAL N 101 1.56 28.36 -70.30
N LYS N 102 1.11 29.60 -70.34
CA LYS N 102 -0.27 29.99 -70.13
C LYS N 102 -0.74 30.71 -71.37
N VAL N 103 -1.60 30.06 -72.13
CA VAL N 103 -2.25 30.65 -73.29
C VAL N 103 -3.61 31.15 -72.86
N GLU N 104 -3.87 32.43 -73.09
CA GLU N 104 -5.10 33.09 -72.70
C GLU N 104 -5.76 33.63 -73.95
N PHE N 105 -6.95 33.14 -74.26
CA PHE N 105 -7.78 33.68 -75.33
C PHE N 105 -8.67 34.74 -74.72
N TRP N 106 -8.26 35.98 -74.86
CA TRP N 106 -9.06 37.10 -74.40
C TRP N 106 -10.00 37.52 -75.52
N PRO N 107 -11.31 37.46 -75.33
CA PRO N 107 -12.21 37.78 -76.43
C PRO N 107 -12.21 39.25 -76.79
N CYS N 108 -12.59 39.50 -78.04
CA CYS N 108 -12.75 40.83 -78.58
C CYS N 108 -14.19 41.14 -78.93
N SER N 109 -15.10 40.23 -78.68
CA SER N 109 -16.46 40.29 -79.15
C SER N 109 -17.41 40.64 -78.01
N PRO N 110 -18.51 41.32 -78.29
CA PRO N 110 -19.42 41.71 -77.22
C PRO N 110 -20.20 40.52 -76.69
N ILE N 111 -20.73 40.70 -75.48
CA ILE N 111 -21.54 39.65 -74.88
C ILE N 111 -22.93 39.54 -75.49
N THR N 112 -23.28 40.44 -76.39
CA THR N 112 -24.55 40.38 -77.11
C THR N 112 -24.45 39.64 -78.43
N GLN N 113 -23.28 39.13 -78.79
CA GLN N 113 -23.11 38.48 -80.08
C GLN N 113 -23.75 37.12 -80.06
N GLY N 114 -24.50 36.82 -81.11
CA GLY N 114 -25.19 35.56 -81.24
C GLY N 114 -24.43 34.57 -82.11
N ASP N 115 -25.16 33.54 -82.53
CA ASP N 115 -24.58 32.43 -83.29
C ASP N 115 -23.43 31.82 -82.53
N ARG N 116 -23.63 31.62 -81.23
CA ARG N 116 -22.61 31.08 -80.38
C ARG N 116 -22.28 29.65 -80.77
N GLY N 117 -21.18 29.17 -80.23
CA GLY N 117 -20.64 27.88 -80.61
C GLY N 117 -19.87 27.21 -79.51
N VAL N 118 -19.26 26.08 -79.84
CA VAL N 118 -18.52 25.29 -78.85
C VAL N 118 -17.37 24.60 -79.55
N GLY N 119 -16.18 24.78 -79.01
CA GLY N 119 -14.96 24.25 -79.58
C GLY N 119 -14.13 23.47 -78.60
N SER N 120 -12.86 23.28 -78.93
CA SER N 120 -11.99 22.42 -78.14
C SER N 120 -10.56 22.86 -78.33
N SER N 121 -9.80 22.84 -77.23
CA SER N 121 -8.37 23.08 -77.24
C SER N 121 -7.67 21.88 -76.62
N ALA N 122 -6.66 21.36 -77.32
CA ALA N 122 -5.93 20.19 -76.89
C ALA N 122 -4.43 20.47 -76.91
N VAL N 123 -3.70 19.64 -76.18
CA VAL N 123 -2.27 19.79 -75.98
C VAL N 123 -1.56 18.77 -76.85
N ILE N 124 -0.71 19.25 -77.75
CA ILE N 124 -0.09 18.45 -78.80
C ILE N 124 1.41 18.66 -78.71
N LEU N 125 2.10 17.72 -78.07
CA LEU N 125 3.50 17.89 -77.70
C LEU N 125 4.48 17.31 -78.72
N ASP N 126 4.12 17.23 -80.01
CA ASP N 126 4.93 16.48 -80.97
C ASP N 126 5.04 17.08 -82.37
N ASP N 127 4.46 18.24 -82.64
CA ASP N 127 4.64 18.92 -83.91
C ASP N 127 3.96 18.19 -85.05
N ASN N 128 2.91 17.43 -84.77
CA ASN N 128 2.05 16.84 -85.78
C ASN N 128 0.64 17.16 -85.36
N PHE N 129 0.16 18.29 -85.85
CA PHE N 129 -1.17 18.79 -85.60
C PHE N 129 -2.14 18.27 -86.64
N VAL N 130 -3.43 18.36 -86.32
CA VAL N 130 -4.45 18.19 -87.33
C VAL N 130 -4.26 19.29 -88.35
N THR N 131 -4.45 18.94 -89.62
CA THR N 131 -4.21 19.88 -90.71
C THR N 131 -5.08 21.11 -90.55
N LYS N 132 -4.50 22.27 -90.86
CA LYS N 132 -5.24 23.51 -90.79
C LYS N 132 -6.40 23.49 -91.77
N ALA N 133 -7.59 23.81 -91.26
CA ALA N 133 -8.82 23.76 -92.03
C ALA N 133 -9.65 25.00 -91.74
N THR N 134 -10.40 25.42 -92.75
CA THR N 134 -11.29 26.57 -92.63
C THR N 134 -12.67 26.17 -92.13
N ALA N 135 -13.26 25.14 -92.74
CA ALA N 135 -14.59 24.65 -92.35
C ALA N 135 -14.55 23.13 -92.44
N LEU N 136 -14.17 22.50 -91.34
CA LEU N 136 -14.16 21.05 -91.21
C LEU N 136 -15.46 20.60 -90.56
N THR N 137 -15.98 19.47 -91.02
CA THR N 137 -17.30 18.99 -90.64
C THR N 137 -17.36 18.39 -89.24
N TYR N 138 -16.30 18.48 -88.45
CA TYR N 138 -16.29 17.91 -87.12
C TYR N 138 -15.19 18.58 -86.32
N ASP N 139 -15.23 18.36 -85.01
CA ASP N 139 -14.23 18.86 -84.09
C ASP N 139 -13.20 17.77 -83.86
N PRO N 140 -11.99 17.86 -84.42
CA PRO N 140 -11.06 16.75 -84.26
C PRO N 140 -10.52 16.62 -82.86
N TYR N 141 -10.39 17.71 -82.13
CA TYR N 141 -9.79 17.71 -80.81
C TYR N 141 -10.80 17.43 -79.70
N VAL N 142 -11.97 16.90 -80.04
CA VAL N 142 -13.03 16.76 -79.06
C VAL N 142 -12.80 15.54 -78.17
N ASN N 143 -12.35 14.44 -78.76
CA ASN N 143 -12.15 13.21 -78.02
C ASN N 143 -10.76 13.10 -77.43
N TYR N 144 -9.94 14.13 -77.56
CA TYR N 144 -8.62 14.12 -76.97
C TYR N 144 -8.71 14.16 -75.45
N SER N 145 -7.80 13.45 -74.80
CA SER N 145 -7.76 13.39 -73.36
C SER N 145 -7.43 14.74 -72.74
N SER N 146 -6.80 15.64 -73.48
CA SER N 146 -6.45 16.97 -73.02
C SER N 146 -7.39 18.04 -73.56
N ARG N 147 -8.60 17.66 -73.93
CA ARG N 147 -9.55 18.60 -74.47
C ARG N 147 -10.18 19.40 -73.35
N HIS N 148 -10.21 20.72 -73.53
CA HIS N 148 -11.01 21.63 -72.74
C HIS N 148 -11.97 22.31 -73.69
N THR N 149 -13.21 22.46 -73.25
CA THR N 149 -14.23 23.09 -74.07
C THR N 149 -13.98 24.59 -74.18
N ILE N 150 -14.12 25.10 -75.39
CA ILE N 150 -14.06 26.52 -75.67
C ILE N 150 -15.50 26.96 -75.91
N THR N 151 -16.03 27.73 -74.98
CA THR N 151 -17.25 28.47 -75.23
C THR N 151 -16.91 29.71 -76.05
N GLN N 152 -17.71 29.97 -77.06
CA GLN N 152 -17.50 31.04 -78.02
C GLN N 152 -18.71 31.95 -78.04
N PRO N 153 -18.55 33.20 -78.48
CA PRO N 153 -17.35 33.97 -78.86
C PRO N 153 -16.80 34.87 -77.79
N PHE N 154 -17.59 35.13 -76.74
CA PHE N 154 -17.31 36.17 -75.78
C PHE N 154 -16.83 35.63 -74.44
N SER N 155 -16.18 34.48 -74.45
CA SER N 155 -15.78 33.79 -73.24
C SER N 155 -14.29 33.58 -73.22
N TYR N 156 -13.72 33.67 -72.03
CA TYR N 156 -12.30 33.53 -71.80
C TYR N 156 -11.93 32.06 -71.68
N HIS N 157 -10.79 31.71 -72.26
CA HIS N 157 -10.28 30.36 -72.27
C HIS N 157 -8.80 30.41 -71.95
N SER N 158 -8.41 29.69 -70.90
CA SER N 158 -7.01 29.56 -70.49
C SER N 158 -6.60 28.10 -70.57
N ARG N 159 -5.31 27.91 -70.87
CA ARG N 159 -4.70 26.59 -70.86
C ARG N 159 -3.31 26.74 -70.25
N TYR N 160 -3.03 25.95 -69.23
CA TYR N 160 -1.78 26.00 -68.47
C TYR N 160 -1.17 24.62 -68.49
N PHE N 161 -0.01 24.51 -69.11
CA PHE N 161 0.60 23.21 -69.37
C PHE N 161 2.10 23.38 -69.53
N THR N 162 2.78 22.25 -69.66
CA THR N 162 4.22 22.19 -69.80
C THR N 162 4.58 21.80 -71.23
N PRO N 163 5.14 22.69 -72.04
CA PRO N 163 5.45 22.30 -73.42
C PRO N 163 6.67 21.42 -73.50
N LYS N 164 6.99 20.99 -74.72
CA LYS N 164 8.12 20.14 -74.99
C LYS N 164 8.84 20.67 -76.22
N PRO N 165 10.17 20.57 -76.27
CA PRO N 165 10.88 21.06 -77.45
C PRO N 165 10.94 20.03 -78.57
N VAL N 166 11.14 20.55 -79.77
CA VAL N 166 11.21 19.76 -80.98
C VAL N 166 12.69 19.42 -81.20
N LEU N 167 13.11 18.32 -80.60
CA LEU N 167 14.49 17.87 -80.72
C LEU N 167 14.72 17.11 -82.01
N ASP N 168 13.81 16.22 -82.37
CA ASP N 168 13.86 15.50 -83.65
C ASP N 168 12.44 15.42 -84.18
N SER N 169 12.16 16.16 -85.24
CA SER N 169 10.84 16.14 -85.84
C SER N 169 10.55 14.85 -86.59
N THR N 170 11.59 14.08 -86.92
CA THR N 170 11.39 12.81 -87.62
C THR N 170 10.86 11.73 -86.68
N ILE N 171 11.35 11.69 -85.45
CA ILE N 171 10.99 10.68 -84.48
C ILE N 171 9.97 11.24 -83.51
N ASP N 172 10.09 12.52 -83.19
CA ASP N 172 9.16 13.23 -82.34
C ASP N 172 9.07 12.58 -80.96
N TYR N 173 10.19 12.64 -80.25
CA TYR N 173 10.30 12.12 -78.89
C TYR N 173 10.33 13.27 -77.90
N PHE N 174 9.76 13.03 -76.72
CA PHE N 174 9.73 14.02 -75.67
C PHE N 174 9.76 13.36 -74.31
N GLN N 175 10.04 14.11 -73.35
CA GLN N 175 10.18 13.68 -71.97
C GLN N 175 8.86 13.81 -71.22
N PRO N 176 8.60 12.96 -70.25
CA PRO N 176 7.49 13.23 -69.34
C PRO N 176 7.79 14.35 -68.37
N ASN N 177 6.79 14.76 -67.62
CA ASN N 177 6.93 15.91 -66.74
C ASN N 177 7.77 15.53 -65.52
N ASN N 178 8.91 16.17 -65.39
CA ASN N 178 9.78 15.97 -64.23
C ASN N 178 10.59 17.24 -64.09
N LYS N 179 10.38 17.97 -63.01
CA LYS N 179 11.08 19.23 -62.85
C LYS N 179 12.58 19.01 -62.65
N ARG N 180 12.97 17.88 -62.08
CA ARG N 180 14.37 17.65 -61.76
C ARG N 180 15.16 17.13 -62.94
N ASN N 181 14.50 16.47 -63.90
CA ASN N 181 15.16 15.83 -65.01
C ASN N 181 14.93 16.55 -66.34
N GLN N 182 14.25 17.69 -66.34
CA GLN N 182 13.98 18.41 -67.56
C GLN N 182 15.28 18.92 -68.17
N LEU N 183 15.41 18.74 -69.47
CA LEU N 183 16.60 19.12 -70.18
C LEU N 183 16.80 20.62 -70.17
N TRP N 184 18.05 21.04 -70.09
CA TRP N 184 18.45 22.41 -70.29
C TRP N 184 18.85 22.59 -71.75
N LEU N 185 18.22 23.54 -72.42
CA LEU N 185 18.62 23.96 -73.75
C LEU N 185 19.50 25.17 -73.65
N ARG N 186 20.17 25.48 -74.75
CA ARG N 186 20.98 26.68 -74.86
C ARG N 186 20.15 27.81 -75.42
N LEU N 187 20.34 28.98 -74.84
CA LEU N 187 19.75 30.21 -75.33
C LEU N 187 20.60 30.71 -76.48
N GLN N 188 20.21 30.30 -77.68
CA GLN N 188 20.92 30.66 -78.88
C GLN N 188 20.76 32.15 -79.16
N THR N 189 21.49 32.62 -80.16
CA THR N 189 21.45 34.03 -80.52
C THR N 189 20.24 34.34 -81.40
N ALA N 190 20.06 33.60 -82.51
CA ALA N 190 18.92 33.82 -83.39
C ALA N 190 18.34 32.53 -83.96
N GLY N 191 18.51 31.40 -83.28
CA GLY N 191 18.12 30.13 -83.83
C GLY N 191 17.52 29.15 -82.85
N ASN N 192 16.81 29.65 -81.86
CA ASN N 192 16.25 28.80 -80.83
C ASN N 192 15.20 27.85 -81.40
N VAL N 193 14.99 26.76 -80.68
CA VAL N 193 14.14 25.66 -81.14
C VAL N 193 12.70 25.93 -80.73
N ASP N 194 11.78 25.48 -81.56
CA ASP N 194 10.37 25.72 -81.35
C ASP N 194 9.82 24.74 -80.33
N HIS N 195 9.15 25.27 -79.33
CA HIS N 195 8.35 24.47 -78.41
C HIS N 195 6.93 24.41 -78.91
N VAL N 196 6.24 23.35 -78.48
CA VAL N 196 4.98 22.96 -79.09
C VAL N 196 4.06 22.48 -77.97
N GLY N 197 2.76 22.39 -78.29
CA GLY N 197 1.82 22.05 -77.25
C GLY N 197 0.41 22.60 -77.24
N LEU N 198 -0.06 23.24 -78.31
CA LEU N 198 -1.48 23.58 -78.33
C LEU N 198 -2.06 23.58 -79.74
N GLY N 199 -3.22 22.94 -79.85
CA GLY N 199 -4.02 23.01 -81.06
C GLY N 199 -5.46 23.25 -80.70
N THR N 200 -6.14 23.97 -81.59
CA THR N 200 -7.47 24.49 -81.33
C THR N 200 -8.43 24.10 -82.44
N ALA N 201 -9.71 24.19 -82.11
CA ALA N 201 -10.79 24.02 -83.08
C ALA N 201 -11.93 24.94 -82.67
N PHE N 202 -12.17 25.96 -83.47
CA PHE N 202 -13.21 26.95 -83.23
C PHE N 202 -14.36 26.74 -84.19
N GLU N 203 -15.57 26.79 -83.66
CA GLU N 203 -16.77 26.65 -84.46
C GLU N 203 -17.04 27.96 -85.19
N ASN N 204 -17.22 27.86 -86.49
CA ASN N 204 -17.43 29.04 -87.31
C ASN N 204 -18.79 29.65 -87.06
N SER N 205 -18.97 30.88 -87.55
CA SER N 205 -20.15 31.67 -87.27
C SER N 205 -20.40 32.63 -88.42
N ILE N 206 -21.58 33.23 -88.41
CA ILE N 206 -21.93 34.24 -89.40
C ILE N 206 -21.12 35.50 -89.17
N TYR N 207 -20.75 35.77 -87.93
CA TYR N 207 -19.98 36.95 -87.58
C TYR N 207 -18.53 36.58 -87.35
N ASP N 208 -17.66 37.57 -87.50
CA ASP N 208 -16.24 37.36 -87.26
C ASP N 208 -15.97 37.27 -85.78
N GLN N 209 -15.16 36.30 -85.38
CA GLN N 209 -14.79 36.06 -83.99
C GLN N 209 -13.31 36.40 -83.84
N GLU N 210 -13.02 37.50 -83.18
CA GLU N 210 -11.66 37.96 -82.95
C GLU N 210 -11.23 37.66 -81.52
N TYR N 211 -9.93 37.45 -81.35
CA TYR N 211 -9.34 37.16 -80.05
C TYR N 211 -7.99 37.85 -79.97
N ASN N 212 -7.64 38.27 -78.75
CA ASN N 212 -6.30 38.76 -78.43
C ASN N 212 -5.65 37.68 -77.56
N ILE N 213 -4.66 36.99 -78.10
CA ILE N 213 -4.06 35.85 -77.43
C ILE N 213 -2.80 36.31 -76.73
N ARG N 214 -2.74 36.08 -75.43
CA ARG N 214 -1.61 36.43 -74.59
C ARG N 214 -0.95 35.15 -74.10
N VAL N 215 0.24 34.88 -74.59
CA VAL N 215 1.04 33.73 -74.18
C VAL N 215 2.03 34.21 -73.14
N THR N 216 2.10 33.48 -72.03
CA THR N 216 3.03 33.75 -70.95
C THR N 216 3.84 32.49 -70.72
N MET N 217 5.15 32.59 -70.89
CA MET N 217 6.07 31.49 -70.65
C MET N 217 6.80 31.69 -69.33
N TYR N 218 6.75 30.66 -68.50
CA TYR N 218 7.46 30.64 -67.23
C TYR N 218 8.74 29.86 -67.43
N VAL N 219 9.86 30.56 -67.46
CA VAL N 219 11.14 30.00 -67.86
C VAL N 219 12.06 29.95 -66.66
N GLN N 220 13.16 29.24 -66.82
CA GLN N 220 14.16 29.04 -65.79
C GLN N 220 15.51 29.05 -66.47
N PHE N 221 16.31 30.05 -66.16
CA PHE N 221 17.62 30.24 -66.75
C PHE N 221 18.72 29.73 -65.83
N ARG N 222 19.95 29.71 -66.35
CA ARG N 222 21.08 29.18 -65.62
C ARG N 222 22.35 29.81 -66.16
N GLU N 223 23.34 29.94 -65.28
CA GLU N 223 24.68 30.38 -65.63
C GLU N 223 24.69 31.81 -66.22
N PHE N 224 24.41 32.74 -65.32
CA PHE N 224 24.63 34.17 -65.54
C PHE N 224 25.97 34.40 -66.20
N ASN N 225 25.95 35.04 -67.37
CA ASN N 225 27.13 35.14 -68.22
C ASN N 225 27.32 36.55 -68.75
N LEU N 226 27.14 37.53 -67.89
CA LEU N 226 27.31 38.91 -68.32
C LEU N 226 28.77 39.18 -68.67
N LYS N 227 28.96 39.98 -69.70
CA LYS N 227 30.28 40.39 -70.16
C LYS N 227 30.40 41.90 -70.07
N ASP N 228 31.47 42.35 -69.41
CA ASP N 228 31.66 43.76 -69.07
C ASP N 228 33.00 44.23 -69.64
N PRO N 229 33.04 44.61 -70.91
CA PRO N 229 34.24 45.21 -71.45
C PRO N 229 34.41 46.63 -70.95
N PRO N 230 35.60 47.21 -71.12
CA PRO N 230 35.76 48.63 -70.77
C PRO N 230 35.00 49.56 -71.71
N LEU N 231 35.12 50.85 -71.47
CA LEU N 231 34.42 51.86 -72.25
C LEU N 231 35.30 53.08 -72.50
N GLY O 43 -11.30 -7.61 -70.46
CA GLY O 43 -10.50 -6.45 -70.82
C GLY O 43 -11.31 -5.18 -70.89
N ILE O 44 -11.52 -4.58 -69.73
CA ILE O 44 -12.40 -3.44 -69.60
C ILE O 44 -11.70 -2.18 -70.05
N PHE O 45 -12.47 -1.29 -70.68
CA PHE O 45 -11.98 0.01 -71.08
C PHE O 45 -13.15 0.99 -71.03
N ASN O 46 -13.19 1.78 -69.98
CA ASN O 46 -14.17 2.84 -69.86
C ASN O 46 -13.66 4.08 -70.59
N THR O 47 -14.48 4.61 -71.48
CA THR O 47 -14.14 5.82 -72.21
C THR O 47 -15.39 6.68 -72.36
N ARG O 48 -15.28 7.69 -73.24
CA ARG O 48 -16.27 8.72 -73.40
C ARG O 48 -16.34 9.09 -74.87
N LEU O 49 -17.55 9.04 -75.43
CA LEU O 49 -17.80 9.33 -76.83
C LEU O 49 -18.85 10.40 -76.92
N SER O 50 -18.64 11.35 -77.83
CA SER O 50 -19.48 12.52 -77.98
C SER O 50 -19.93 12.68 -79.42
N ARG O 51 -20.88 13.59 -79.59
CA ARG O 51 -21.59 13.83 -80.83
C ARG O 51 -22.39 15.10 -80.65
N THR O 52 -22.45 15.92 -81.69
CA THR O 52 -23.09 17.23 -81.65
C THR O 52 -24.01 17.39 -82.85
N PHE O 53 -25.18 17.97 -82.59
CA PHE O 53 -26.17 18.18 -83.63
C PHE O 53 -27.12 19.28 -83.17
N GLY O 54 -27.94 19.74 -84.11
CA GLY O 54 -28.84 20.85 -83.88
C GLY O 54 -30.29 20.49 -83.68
N TYR O 55 -31.01 21.39 -83.01
CA TYR O 55 -32.44 21.27 -82.80
C TYR O 55 -33.02 22.67 -82.74
N THR O 56 -34.09 22.91 -83.49
CA THR O 56 -34.73 24.21 -83.56
C THR O 56 -36.22 24.06 -83.27
N ILE O 57 -36.74 25.00 -82.49
CA ILE O 57 -38.16 25.14 -82.24
C ILE O 57 -38.61 26.36 -83.04
N LYS O 58 -39.30 26.10 -84.14
CA LYS O 58 -39.73 27.17 -85.03
C LYS O 58 -40.76 28.06 -84.35
N ARG O 59 -40.88 29.28 -84.87
CA ARG O 59 -41.79 30.28 -84.34
C ARG O 59 -43.24 29.92 -84.65
N THR O 60 -44.14 30.50 -83.87
CA THR O 60 -45.58 30.33 -84.06
C THR O 60 -46.29 31.64 -83.78
N THR O 61 -47.28 31.95 -84.61
CA THR O 61 -48.15 33.09 -84.39
C THR O 61 -49.20 32.83 -83.32
N VAL O 62 -49.30 31.60 -82.81
CA VAL O 62 -50.28 31.28 -81.78
C VAL O 62 -50.03 32.13 -80.55
N LYS O 63 -51.12 32.64 -79.98
CA LYS O 63 -51.03 33.53 -78.83
C LYS O 63 -50.91 32.76 -77.53
N THR O 64 -51.58 31.63 -77.42
CA THR O 64 -51.61 30.87 -76.19
C THR O 64 -50.23 30.32 -75.84
N PRO O 65 -50.04 29.87 -74.61
CA PRO O 65 -48.84 29.10 -74.31
C PRO O 65 -49.00 27.67 -74.78
N SER O 66 -48.30 27.33 -75.85
CA SER O 66 -48.27 25.98 -76.37
C SER O 66 -46.85 25.45 -76.30
N TRP O 67 -46.73 24.13 -76.29
CA TRP O 67 -45.46 23.45 -76.17
C TRP O 67 -45.19 22.57 -77.38
N ALA O 68 -43.91 22.45 -77.71
CA ALA O 68 -43.43 21.62 -78.80
C ALA O 68 -42.77 20.39 -78.21
N VAL O 69 -43.28 19.23 -78.58
CA VAL O 69 -42.85 17.96 -78.01
C VAL O 69 -41.99 17.25 -79.03
N ASP O 70 -40.94 16.60 -78.54
CA ASP O 70 -40.06 15.81 -79.39
C ASP O 70 -39.37 14.77 -78.53
N MET O 71 -38.74 13.82 -79.21
CA MET O 71 -38.10 12.67 -78.58
C MET O 71 -36.61 12.67 -78.90
N MET O 72 -35.90 11.80 -78.18
CA MET O 72 -34.45 11.69 -78.33
C MET O 72 -34.02 10.28 -77.97
N ARG O 73 -33.51 9.55 -78.96
CA ARG O 73 -32.92 8.24 -78.79
C ARG O 73 -31.41 8.34 -78.92
N PHE O 74 -30.73 7.27 -78.52
CA PHE O 74 -29.27 7.21 -78.55
C PHE O 74 -28.85 5.86 -79.13
N ASN O 75 -28.03 5.91 -80.18
CA ASN O 75 -27.44 4.73 -80.77
C ASN O 75 -25.94 4.92 -80.88
N ILE O 76 -25.22 3.80 -80.77
CA ILE O 76 -23.76 3.84 -80.77
C ILE O 76 -23.17 3.96 -82.17
N ASN O 77 -23.95 3.74 -83.21
CA ASN O 77 -23.44 3.94 -84.56
C ASN O 77 -23.15 5.40 -84.82
N ASP O 78 -23.91 6.30 -84.19
CA ASP O 78 -23.71 7.73 -84.36
C ASP O 78 -22.51 8.27 -83.62
N PHE O 79 -21.95 7.49 -82.68
CA PHE O 79 -20.78 7.88 -81.93
C PHE O 79 -19.53 7.12 -82.32
N LEU O 80 -19.68 5.88 -82.76
CA LEU O 80 -18.56 5.01 -83.11
C LEU O 80 -18.59 4.72 -84.60
N PRO O 81 -17.66 5.21 -85.41
CA PRO O 81 -17.74 4.96 -86.83
C PRO O 81 -17.31 3.55 -87.17
N PRO O 82 -17.51 3.13 -88.42
CA PRO O 82 -16.97 1.85 -88.85
C PRO O 82 -15.45 1.91 -88.99
N GLY O 83 -14.82 0.78 -88.72
CA GLY O 83 -13.38 0.71 -88.77
C GLY O 83 -12.87 0.46 -90.17
N GLY O 84 -11.84 -0.36 -90.28
CA GLY O 84 -11.26 -0.68 -91.55
C GLY O 84 -10.51 -2.00 -91.54
N GLY O 85 -10.76 -2.83 -92.54
CA GLY O 85 -10.10 -4.10 -92.64
C GLY O 85 -10.77 -5.19 -91.83
N SER O 86 -9.96 -6.03 -91.20
CA SER O 86 -10.50 -7.14 -90.41
C SER O 86 -11.17 -6.67 -89.14
N ASN O 87 -10.93 -5.43 -88.73
CA ASN O 87 -11.59 -4.85 -87.57
C ASN O 87 -12.82 -4.08 -88.05
N PRO O 88 -14.05 -4.55 -87.79
CA PRO O 88 -15.21 -3.88 -88.38
C PRO O 88 -15.51 -2.53 -87.76
N ARG O 89 -15.04 -2.27 -86.54
CA ARG O 89 -15.28 -1.03 -85.83
C ARG O 89 -13.95 -0.38 -85.47
N SER O 90 -14.03 0.92 -85.15
CA SER O 90 -12.84 1.71 -84.91
C SER O 90 -12.29 1.52 -83.51
N VAL O 91 -13.13 1.12 -82.57
CA VAL O 91 -12.72 0.74 -81.22
C VAL O 91 -12.67 -0.77 -81.15
N PRO O 92 -11.50 -1.41 -81.04
CA PRO O 92 -11.46 -2.86 -81.21
C PRO O 92 -11.85 -3.63 -79.96
N PHE O 93 -13.17 -3.72 -79.76
CA PHE O 93 -13.75 -4.48 -78.68
C PHE O 93 -14.99 -5.20 -79.19
N GLU O 94 -15.39 -6.22 -78.43
CA GLU O 94 -16.51 -7.08 -78.81
C GLU O 94 -17.81 -6.63 -78.17
N TYR O 95 -17.81 -6.41 -76.87
CA TYR O 95 -19.02 -6.13 -76.11
C TYR O 95 -18.99 -4.69 -75.61
N TYR O 96 -20.17 -4.20 -75.25
CA TYR O 96 -20.30 -2.87 -74.69
C TYR O 96 -21.54 -2.80 -73.83
N ARG O 97 -21.58 -1.76 -73.00
CA ARG O 97 -22.79 -1.43 -72.26
C ARG O 97 -22.69 0.03 -71.87
N ILE O 98 -23.74 0.78 -72.16
CA ILE O 98 -23.75 2.21 -71.93
C ILE O 98 -24.07 2.46 -70.46
N ARG O 99 -23.17 3.15 -69.77
CA ARG O 99 -23.30 3.43 -68.36
C ARG O 99 -24.11 4.68 -68.08
N LYS O 100 -23.80 5.77 -68.78
CA LYS O 100 -24.44 7.05 -68.57
C LYS O 100 -24.48 7.80 -69.90
N VAL O 101 -25.37 8.78 -69.97
CA VAL O 101 -25.44 9.73 -71.06
C VAL O 101 -25.63 11.11 -70.46
N LYS O 102 -24.96 12.09 -71.08
CA LYS O 102 -25.08 13.50 -70.73
C LYS O 102 -25.56 14.23 -71.96
N VAL O 103 -26.80 14.67 -71.92
CA VAL O 103 -27.38 15.50 -72.96
C VAL O 103 -27.27 16.95 -72.51
N GLU O 104 -26.64 17.77 -73.34
CA GLU O 104 -26.40 19.18 -73.06
C GLU O 104 -27.08 19.99 -74.14
N PHE O 105 -28.05 20.81 -73.75
CA PHE O 105 -28.68 21.79 -74.64
C PHE O 105 -27.90 23.08 -74.52
N TRP O 106 -27.00 23.29 -75.47
CA TRP O 106 -26.24 24.53 -75.52
C TRP O 106 -27.02 25.54 -76.34
N PRO O 107 -27.41 26.68 -75.77
CA PRO O 107 -28.24 27.61 -76.54
C PRO O 107 -27.48 28.29 -77.67
N CYS O 108 -28.25 28.72 -78.64
CA CYS O 108 -27.76 29.48 -79.78
C CYS O 108 -28.30 30.90 -79.80
N SER O 109 -29.09 31.28 -78.82
CA SER O 109 -29.85 32.51 -78.82
C SER O 109 -29.23 33.51 -77.87
N PRO O 110 -29.35 34.81 -78.15
CA PRO O 110 -28.73 35.80 -77.28
C PRO O 110 -29.48 35.94 -75.98
N ILE O 111 -28.78 36.51 -74.99
CA ILE O 111 -29.41 36.74 -73.70
C ILE O 111 -30.38 37.91 -73.71
N THR O 112 -30.48 38.64 -74.80
CA THR O 112 -31.45 39.72 -74.96
C THR O 112 -32.76 39.27 -75.57
N GLN O 113 -32.90 37.99 -75.89
CA GLN O 113 -34.10 37.52 -76.57
C GLN O 113 -35.24 37.44 -75.59
N GLY O 114 -36.39 37.96 -76.00
CA GLY O 114 -37.58 37.97 -75.19
C GLY O 114 -38.52 36.83 -75.51
N ASP O 115 -39.76 36.98 -75.03
CA ASP O 115 -40.78 35.95 -75.15
C ASP O 115 -40.28 34.65 -74.55
N ARG O 116 -39.65 34.76 -73.39
CA ARG O 116 -39.09 33.61 -72.72
C ARG O 116 -40.20 32.65 -72.29
N GLY O 117 -39.77 31.45 -71.93
CA GLY O 117 -40.68 30.37 -71.64
C GLY O 117 -40.15 29.39 -70.64
N VAL O 118 -40.90 28.32 -70.41
CA VAL O 118 -40.52 27.32 -69.43
C VAL O 118 -41.03 25.96 -69.91
N GLY O 119 -40.12 24.99 -69.94
CA GLY O 119 -40.39 23.66 -70.43
C GLY O 119 -39.99 22.58 -69.48
N SER O 120 -39.87 21.36 -69.99
CA SER O 120 -39.62 20.21 -69.14
C SER O 120 -38.91 19.13 -69.97
N SER O 121 -37.95 18.47 -69.33
CA SER O 121 -37.27 17.32 -69.88
C SER O 121 -37.43 16.15 -68.93
N ALA O 122 -37.85 15.01 -69.47
CA ALA O 122 -38.10 13.82 -68.68
C ALA O 122 -37.37 12.63 -69.29
N VAL O 123 -37.19 11.60 -68.48
CA VAL O 123 -36.44 10.41 -68.81
C VAL O 123 -37.42 9.29 -69.11
N ILE O 124 -37.37 8.76 -70.32
CA ILE O 124 -38.35 7.82 -70.86
C ILE O 124 -37.60 6.60 -71.34
N LEU O 125 -37.58 5.55 -70.53
CA LEU O 125 -36.72 4.40 -70.74
C LEU O 125 -37.40 3.25 -71.47
N ASP O 126 -38.41 3.52 -72.31
CA ASP O 126 -39.23 2.43 -72.86
C ASP O 126 -39.69 2.61 -74.31
N ASP O 127 -39.28 3.66 -75.00
CA ASP O 127 -39.57 3.80 -76.42
C ASP O 127 -41.06 4.04 -76.69
N ASN O 128 -41.76 4.62 -75.72
CA ASN O 128 -43.13 5.08 -75.92
C ASN O 128 -43.15 6.49 -75.37
N PHE O 129 -42.89 7.43 -76.25
CA PHE O 129 -42.87 8.85 -75.95
C PHE O 129 -44.25 9.45 -76.18
N VAL O 130 -44.45 10.63 -75.59
CA VAL O 130 -45.60 11.44 -75.99
C VAL O 130 -45.44 11.77 -77.45
N THR O 131 -46.56 11.77 -78.17
CA THR O 131 -46.53 11.97 -79.60
C THR O 131 -45.92 13.33 -79.94
N LYS O 132 -45.13 13.35 -81.01
CA LYS O 132 -44.51 14.59 -81.44
C LYS O 132 -45.57 15.59 -81.85
N ALA O 133 -45.47 16.80 -81.30
CA ALA O 133 -46.44 17.85 -81.49
C ALA O 133 -45.73 19.16 -81.74
N THR O 134 -46.37 20.01 -82.53
CA THR O 134 -45.84 21.33 -82.84
C THR O 134 -46.30 22.37 -81.82
N ALA O 135 -47.60 22.42 -81.55
CA ALA O 135 -48.17 23.35 -80.58
C ALA O 135 -49.23 22.62 -79.78
N LEU O 136 -48.82 21.99 -78.69
CA LEU O 136 -49.71 21.31 -77.77
C LEU O 136 -50.07 22.26 -76.63
N THR O 137 -51.32 22.18 -76.19
CA THR O 137 -51.88 23.13 -75.24
C THR O 137 -51.42 22.91 -73.81
N TYR O 138 -50.46 22.04 -73.56
CA TYR O 138 -49.99 21.78 -72.21
C TYR O 138 -48.62 21.13 -72.30
N ASP O 139 -47.94 21.09 -71.16
CA ASP O 139 -46.65 20.43 -71.03
C ASP O 139 -46.86 19.01 -70.53
N PRO O 140 -46.71 17.98 -71.37
CA PRO O 140 -47.02 16.64 -70.89
C PRO O 140 -46.01 16.12 -69.88
N TYR O 141 -44.76 16.53 -69.99
CA TYR O 141 -43.69 16.03 -69.15
C TYR O 141 -43.55 16.79 -67.85
N VAL O 142 -44.54 17.57 -67.46
CA VAL O 142 -44.40 18.46 -66.31
C VAL O 142 -44.58 17.70 -65.01
N ASN O 143 -45.53 16.77 -64.96
CA ASN O 143 -45.82 16.03 -63.75
C ASN O 143 -45.00 14.76 -63.64
N TYR O 144 -44.08 14.52 -64.56
CA TYR O 144 -43.23 13.35 -64.48
C TYR O 144 -42.26 13.47 -63.33
N SER O 145 -42.00 12.34 -62.69
CA SER O 145 -41.09 12.29 -61.55
C SER O 145 -39.66 12.65 -61.94
N SER O 146 -39.30 12.50 -63.22
CA SER O 146 -37.98 12.83 -63.72
C SER O 146 -37.95 14.14 -64.46
N ARG O 147 -38.89 15.03 -64.18
CA ARG O 147 -38.94 16.31 -64.86
C ARG O 147 -37.92 17.26 -64.27
N HIS O 148 -37.15 17.89 -65.16
CA HIS O 148 -36.33 19.04 -64.84
C HIS O 148 -36.85 20.19 -65.67
N THR O 149 -36.90 21.37 -65.07
CA THR O 149 -37.37 22.55 -65.76
C THR O 149 -36.35 23.03 -66.76
N ILE O 150 -36.83 23.37 -67.95
CA ILE O 150 -36.02 23.99 -68.99
C ILE O 150 -36.41 25.46 -69.02
N THR O 151 -35.50 26.30 -68.57
CA THR O 151 -35.59 27.72 -68.84
C THR O 151 -35.17 27.98 -70.28
N GLN O 152 -35.93 28.81 -70.96
CA GLN O 152 -35.75 29.10 -72.38
C GLN O 152 -35.58 30.60 -72.55
N PRO O 153 -34.96 31.04 -73.66
CA PRO O 153 -34.26 30.33 -74.73
C PRO O 153 -32.75 30.29 -74.58
N PHE O 154 -32.20 31.12 -73.70
CA PHE O 154 -30.77 31.37 -73.63
C PHE O 154 -30.11 30.71 -72.44
N SER O 155 -30.66 29.59 -71.98
CA SER O 155 -30.19 28.95 -70.77
C SER O 155 -29.78 27.52 -71.07
N TYR O 156 -28.75 27.08 -70.37
CA TYR O 156 -28.18 25.76 -70.53
C TYR O 156 -28.95 24.74 -69.71
N HIS O 157 -29.14 23.57 -70.29
CA HIS O 157 -29.87 22.48 -69.67
C HIS O 157 -29.09 21.19 -69.88
N SER O 158 -28.76 20.54 -68.78
CA SER O 158 -28.07 19.25 -68.80
C SER O 158 -28.96 18.19 -68.16
N ARG O 159 -28.82 16.96 -68.64
CA ARG O 159 -29.46 15.80 -68.07
C ARG O 159 -28.46 14.66 -68.09
N TYR O 160 -28.23 14.04 -66.93
CA TYR O 160 -27.26 12.98 -66.75
C TYR O 160 -27.97 11.79 -66.15
N PHE O 161 -28.03 10.71 -66.91
CA PHE O 161 -28.84 9.55 -66.54
C PHE O 161 -28.27 8.32 -67.20
N THR O 162 -28.87 7.19 -66.84
CA THR O 162 -28.48 5.87 -67.34
C THR O 162 -29.53 5.36 -68.31
N PRO O 163 -29.25 5.26 -69.61
CA PRO O 163 -30.28 4.80 -70.53
C PRO O 163 -30.49 3.30 -70.46
N LYS O 164 -31.43 2.81 -71.25
CA LYS O 164 -31.76 1.40 -71.28
C LYS O 164 -31.93 1.00 -72.74
N PRO O 165 -31.53 -0.22 -73.11
CA PRO O 165 -31.71 -0.65 -74.50
C PRO O 165 -33.09 -1.18 -74.79
N VAL O 166 -33.43 -1.13 -76.07
CA VAL O 166 -34.73 -1.59 -76.56
C VAL O 166 -34.54 -3.04 -76.96
N LEU O 167 -34.75 -3.93 -76.00
CA LEU O 167 -34.63 -5.36 -76.24
C LEU O 167 -35.88 -5.93 -76.88
N ASP O 168 -37.05 -5.55 -76.38
CA ASP O 168 -38.32 -5.95 -76.95
C ASP O 168 -39.26 -4.74 -76.90
N SER O 169 -39.53 -4.16 -78.06
CA SER O 169 -40.42 -3.01 -78.13
C SER O 169 -41.87 -3.37 -77.87
N THR O 170 -42.23 -4.65 -77.98
CA THR O 170 -43.60 -5.08 -77.74
C THR O 170 -43.92 -5.09 -76.26
N ILE O 171 -42.98 -5.54 -75.44
CA ILE O 171 -43.17 -5.69 -74.00
C ILE O 171 -42.55 -4.50 -73.27
N ASP O 172 -41.44 -4.01 -73.80
CA ASP O 172 -40.74 -2.84 -73.28
C ASP O 172 -40.33 -3.05 -71.83
N TYR O 173 -39.43 -4.01 -71.64
CA TYR O 173 -38.87 -4.32 -70.33
C TYR O 173 -37.45 -3.80 -70.24
N PHE O 174 -37.06 -3.39 -69.03
CA PHE O 174 -35.73 -2.89 -68.78
C PHE O 174 -35.31 -3.20 -67.37
N GLN O 175 -34.07 -3.10 -67.14
CA GLN O 175 -33.44 -3.40 -65.88
C GLN O 175 -33.34 -2.17 -64.99
N PRO O 176 -33.39 -2.32 -63.68
CA PRO O 176 -33.04 -1.20 -62.82
C PRO O 176 -31.55 -0.93 -62.81
N ASN O 177 -31.15 0.15 -62.16
CA ASN O 177 -29.76 0.58 -62.19
C ASN O 177 -28.93 -0.31 -61.28
N ASN O 178 -27.99 -1.03 -61.88
CA ASN O 178 -27.07 -1.88 -61.13
C ASN O 178 -25.82 -2.00 -61.99
N LYS O 179 -24.72 -1.45 -61.50
CA LYS O 179 -23.52 -1.48 -62.30
C LYS O 179 -22.99 -2.90 -62.46
N ARG O 180 -23.23 -3.77 -61.49
CA ARG O 180 -22.67 -5.10 -61.52
C ARG O 180 -23.49 -6.06 -62.37
N ASN O 181 -24.78 -5.80 -62.53
CA ASN O 181 -25.70 -6.70 -63.22
C ASN O 181 -26.14 -6.18 -64.58
N GLN O 182 -25.62 -5.04 -65.02
CA GLN O 182 -26.02 -4.50 -66.31
C GLN O 182 -25.59 -5.40 -67.43
N LEU O 183 -26.50 -5.62 -68.37
CA LEU O 183 -26.26 -6.51 -69.48
C LEU O 183 -25.17 -5.97 -70.39
N TRP O 184 -24.38 -6.90 -70.93
CA TRP O 184 -23.44 -6.59 -71.99
C TRP O 184 -24.11 -6.88 -73.32
N LEU O 185 -24.11 -5.89 -74.19
CA LEU O 185 -24.54 -6.06 -75.56
C LEU O 185 -23.32 -6.27 -76.45
N ARG O 186 -23.59 -6.74 -77.65
CA ARG O 186 -22.55 -6.89 -78.67
C ARG O 186 -22.46 -5.64 -79.49
N LEU O 187 -21.22 -5.24 -79.77
CA LEU O 187 -20.92 -4.16 -80.67
C LEU O 187 -21.01 -4.69 -82.09
N GLN O 188 -22.20 -4.55 -82.67
CA GLN O 188 -22.46 -5.04 -84.01
C GLN O 188 -21.70 -4.20 -85.02
N THR O 189 -21.76 -4.64 -86.28
CA THR O 189 -21.05 -3.94 -87.34
C THR O 189 -21.85 -2.74 -87.84
N ALA O 190 -23.12 -2.95 -88.22
CA ALA O 190 -23.96 -1.85 -88.69
C ALA O 190 -25.40 -1.94 -88.23
N GLY O 191 -25.67 -2.61 -87.10
CA GLY O 191 -27.03 -2.88 -86.68
C GLY O 191 -27.28 -2.79 -85.20
N ASN O 192 -26.56 -1.90 -84.51
CA ASN O 192 -26.68 -1.80 -83.07
C ASN O 192 -28.07 -1.33 -82.66
N VAL O 193 -28.42 -1.64 -81.44
CA VAL O 193 -29.76 -1.41 -80.91
C VAL O 193 -29.85 -0.01 -80.33
N ASP O 194 -31.03 0.58 -80.45
CA ASP O 194 -31.25 1.94 -80.00
C ASP O 194 -31.45 1.98 -78.50
N HIS O 195 -30.70 2.85 -77.84
CA HIS O 195 -30.94 3.19 -76.46
C HIS O 195 -31.84 4.41 -76.38
N VAL O 196 -32.53 4.53 -75.26
CA VAL O 196 -33.63 5.45 -75.12
C VAL O 196 -33.59 6.05 -73.73
N GLY O 197 -34.32 7.15 -73.53
CA GLY O 197 -34.24 7.84 -72.27
C GLY O 197 -34.38 9.34 -72.18
N LEU O 198 -34.79 10.05 -73.22
CA LEU O 198 -35.11 11.46 -73.02
C LEU O 198 -36.22 11.95 -73.93
N GLY O 199 -37.15 12.67 -73.32
CA GLY O 199 -38.16 13.39 -74.04
C GLY O 199 -38.31 14.79 -73.50
N THR O 200 -38.64 15.71 -74.39
CA THR O 200 -38.60 17.14 -74.10
C THR O 200 -39.92 17.78 -74.45
N ALA O 201 -40.13 18.97 -73.87
CA ALA O 201 -41.26 19.82 -74.20
C ALA O 201 -40.79 21.26 -74.08
N PHE O 202 -40.71 21.95 -75.21
CA PHE O 202 -40.26 23.33 -75.28
C PHE O 202 -41.44 24.24 -75.56
N GLU O 203 -41.51 25.34 -74.84
CA GLU O 203 -42.56 26.32 -75.03
C GLU O 203 -42.24 27.17 -76.25
N ASN O 204 -43.22 27.27 -77.14
CA ASN O 204 -43.03 27.98 -78.38
C ASN O 204 -42.93 29.49 -78.14
N SER O 205 -42.50 30.21 -79.17
CA SER O 205 -42.21 31.62 -79.06
C SER O 205 -42.40 32.28 -80.42
N ILE O 206 -42.42 33.61 -80.41
CA ILE O 206 -42.51 34.37 -81.64
C ILE O 206 -41.21 34.26 -82.43
N TYR O 207 -40.09 34.06 -81.74
CA TYR O 207 -38.78 33.95 -82.36
C TYR O 207 -38.36 32.49 -82.39
N ASP O 208 -37.47 32.18 -83.33
CA ASP O 208 -36.94 30.83 -83.45
C ASP O 208 -35.94 30.58 -82.34
N GLN O 209 -36.06 29.41 -81.70
CA GLN O 209 -35.19 28.98 -80.62
C GLN O 209 -34.33 27.84 -81.13
N GLU O 210 -33.04 28.11 -81.32
CA GLU O 210 -32.10 27.11 -81.81
C GLU O 210 -31.22 26.62 -80.67
N TYR O 211 -30.78 25.38 -80.79
CA TYR O 211 -29.93 24.74 -79.81
C TYR O 211 -28.91 23.86 -80.52
N ASN O 212 -27.72 23.77 -79.94
CA ASN O 212 -26.70 22.82 -80.35
C ASN O 212 -26.62 21.76 -79.26
N ILE O 213 -27.08 20.56 -79.57
CA ILE O 213 -27.20 19.49 -78.59
C ILE O 213 -25.98 18.60 -78.68
N ARG O 214 -25.27 18.46 -77.56
CA ARG O 214 -24.09 17.63 -77.45
C ARG O 214 -24.40 16.46 -76.53
N VAL O 215 -24.45 15.27 -77.11
CA VAL O 215 -24.67 14.04 -76.36
C VAL O 215 -23.31 13.39 -76.13
N THR O 216 -23.07 13.00 -74.88
CA THR O 216 -21.85 12.33 -74.47
C THR O 216 -22.26 11.03 -73.82
N MET O 217 -21.82 9.91 -74.38
CA MET O 217 -22.07 8.59 -73.83
C MET O 217 -20.83 8.06 -73.15
N TYR O 218 -21.01 7.62 -71.91
CA TYR O 218 -19.95 7.00 -71.13
C TYR O 218 -20.13 5.50 -71.20
N VAL O 219 -19.27 4.84 -71.96
CA VAL O 219 -19.43 3.45 -72.32
C VAL O 219 -18.36 2.62 -71.64
N GLN O 220 -18.55 1.32 -71.68
CA GLN O 220 -17.65 0.35 -71.06
C GLN O 220 -17.59 -0.84 -71.99
N PHE O 221 -16.41 -1.09 -72.55
CA PHE O 221 -16.18 -2.16 -73.50
C PHE O 221 -15.54 -3.35 -72.81
N ARG O 222 -15.44 -4.45 -73.55
CA ARG O 222 -14.92 -5.70 -73.02
C ARG O 222 -14.37 -6.53 -74.17
N GLU O 223 -13.35 -7.33 -73.87
CA GLU O 223 -12.78 -8.32 -74.78
C GLU O 223 -12.20 -7.66 -76.03
N PHE O 224 -11.09 -6.96 -75.80
CA PHE O 224 -10.19 -6.50 -76.84
C PHE O 224 -9.97 -7.59 -77.88
N ASN O 225 -10.28 -7.28 -79.14
CA ASN O 225 -10.34 -8.28 -80.19
C ASN O 225 -9.65 -7.81 -81.45
N LEU O 226 -8.51 -7.17 -81.30
CA LEU O 226 -7.80 -6.68 -82.47
C LEU O 226 -7.30 -7.84 -83.32
N LYS O 227 -7.35 -7.65 -84.63
CA LYS O 227 -6.89 -8.64 -85.59
C LYS O 227 -5.76 -8.04 -86.41
N ASP O 228 -4.64 -8.76 -86.48
CA ASP O 228 -3.41 -8.27 -87.08
C ASP O 228 -2.96 -9.24 -88.16
N PRO O 229 -3.50 -9.11 -89.38
CA PRO O 229 -3.00 -9.89 -90.48
C PRO O 229 -1.66 -9.38 -90.96
N PRO O 230 -0.94 -10.15 -91.78
CA PRO O 230 0.29 -9.62 -92.35
C PRO O 230 0.04 -8.54 -93.38
N LEU O 231 1.11 -8.04 -93.98
CA LEU O 231 1.04 -6.95 -94.95
C LEU O 231 2.02 -7.16 -96.10
N GLY P 43 -40.71 7.13 -58.89
CA GLY P 43 -41.95 7.33 -58.15
C GLY P 43 -42.67 6.04 -57.85
N ILE P 44 -42.24 5.37 -56.81
CA ILE P 44 -42.73 4.04 -56.49
C ILE P 44 -44.07 4.13 -55.80
N PHE P 45 -44.94 3.17 -56.09
CA PHE P 45 -46.23 3.04 -55.44
C PHE P 45 -46.58 1.56 -55.40
N ASN P 46 -46.41 0.95 -54.24
CA ASN P 46 -46.82 -0.41 -54.02
C ASN P 46 -48.29 -0.44 -53.63
N THR P 47 -49.08 -1.23 -54.33
CA THR P 47 -50.50 -1.37 -54.03
C THR P 47 -50.90 -2.82 -54.21
N ARG P 48 -52.21 -3.04 -54.24
CA ARG P 48 -52.81 -4.37 -54.24
C ARG P 48 -54.06 -4.33 -55.10
N LEU P 49 -54.12 -5.24 -56.06
CA LEU P 49 -55.23 -5.34 -57.00
C LEU P 49 -55.80 -6.74 -56.95
N SER P 50 -57.11 -6.84 -56.97
CA SER P 50 -57.82 -8.09 -56.82
C SER P 50 -58.82 -8.30 -57.94
N ARG P 51 -59.35 -9.51 -57.99
CA ARG P 51 -60.20 -10.00 -59.06
C ARG P 51 -60.76 -11.34 -58.60
N THR P 52 -62.02 -11.58 -58.90
CA THR P 52 -62.74 -12.75 -58.44
C THR P 52 -63.46 -13.42 -59.61
N PHE P 53 -63.41 -14.74 -59.65
CA PHE P 53 -64.05 -15.51 -60.71
C PHE P 53 -64.27 -16.93 -60.21
N GLY P 54 -65.03 -17.68 -60.99
CA GLY P 54 -65.44 -19.02 -60.63
C GLY P 54 -64.70 -20.14 -61.33
N TYR P 55 -64.70 -21.30 -60.70
CA TYR P 55 -64.14 -22.53 -61.26
C TYR P 55 -64.92 -23.70 -60.71
N THR P 56 -65.35 -24.59 -61.59
CA THR P 56 -66.14 -25.75 -61.23
C THR P 56 -65.50 -27.01 -61.77
N ILE P 57 -65.50 -28.04 -60.95
CA ILE P 57 -65.08 -29.38 -61.32
C ILE P 57 -66.37 -30.20 -61.43
N LYS P 58 -66.78 -30.48 -62.66
CA LYS P 58 -68.02 -31.19 -62.89
C LYS P 58 -67.94 -32.62 -62.38
N ARG P 59 -69.11 -33.21 -62.15
CA ARG P 59 -69.21 -34.56 -61.64
C ARG P 59 -68.84 -35.58 -62.70
N THR P 60 -68.51 -36.79 -62.25
CA THR P 60 -68.17 -37.90 -63.11
C THR P 60 -68.72 -39.19 -62.52
N THR P 61 -69.27 -40.03 -63.38
CA THR P 61 -69.71 -41.37 -63.00
C THR P 61 -68.54 -42.34 -62.86
N VAL P 62 -67.31 -41.93 -63.23
CA VAL P 62 -66.16 -42.81 -63.12
C VAL P 62 -65.96 -43.23 -61.68
N LYS P 63 -65.67 -44.52 -61.49
CA LYS P 63 -65.51 -45.07 -60.15
C LYS P 63 -64.11 -44.83 -59.60
N THR P 64 -63.10 -44.91 -60.45
CA THR P 64 -61.73 -44.79 -60.02
C THR P 64 -61.44 -43.41 -59.46
N PRO P 65 -60.32 -43.25 -58.75
CA PRO P 65 -59.86 -41.90 -58.42
C PRO P 65 -59.17 -41.28 -59.60
N SER P 66 -59.83 -40.32 -60.23
CA SER P 66 -59.27 -39.56 -61.32
C SER P 66 -59.19 -38.10 -60.92
N TRP P 67 -58.29 -37.37 -61.57
CA TRP P 67 -58.05 -35.98 -61.29
C TRP P 67 -58.33 -35.11 -62.51
N ALA P 68 -58.77 -33.89 -62.23
CA ALA P 68 -59.06 -32.88 -63.23
C ALA P 68 -57.97 -31.83 -63.20
N VAL P 69 -57.30 -31.66 -64.32
CA VAL P 69 -56.14 -30.79 -64.41
C VAL P 69 -56.54 -29.52 -65.15
N ASP P 70 -56.01 -28.40 -64.68
CA ASP P 70 -56.26 -27.11 -65.30
C ASP P 70 -55.11 -26.19 -64.97
N MET P 71 -55.07 -25.07 -65.68
CA MET P 71 -54.01 -24.08 -65.59
C MET P 71 -54.56 -22.74 -65.14
N MET P 72 -53.64 -21.84 -64.79
CA MET P 72 -54.01 -20.52 -64.29
C MET P 72 -52.89 -19.55 -64.61
N ARG P 73 -53.18 -18.58 -65.48
CA ARG P 73 -52.30 -17.48 -65.81
C ARG P 73 -52.81 -16.20 -65.16
N PHE P 74 -51.96 -15.18 -65.17
CA PHE P 74 -52.28 -13.89 -64.56
C PHE P 74 -51.86 -12.79 -65.52
N ASN P 75 -52.79 -11.92 -65.86
CA ASN P 75 -52.52 -10.73 -66.67
C ASN P 75 -53.07 -9.51 -65.95
N ILE P 76 -52.41 -8.38 -66.17
CA ILE P 76 -52.78 -7.15 -65.48
C ILE P 76 -53.96 -6.44 -66.12
N ASN P 77 -54.33 -6.81 -67.34
CA ASN P 77 -55.52 -6.23 -67.95
C ASN P 77 -56.77 -6.62 -67.19
N ASP P 78 -56.78 -7.81 -66.60
CA ASP P 78 -57.93 -8.29 -65.86
C ASP P 78 -58.06 -7.65 -64.49
N PHE P 79 -57.03 -6.97 -64.01
CA PHE P 79 -57.04 -6.29 -62.72
C PHE P 79 -57.08 -4.77 -62.85
N LEU P 80 -56.49 -4.24 -63.91
CA LEU P 80 -56.39 -2.81 -64.13
C LEU P 80 -57.21 -2.41 -65.35
N PRO P 81 -58.32 -1.70 -65.23
CA PRO P 81 -59.11 -1.39 -66.40
C PRO P 81 -58.47 -0.29 -67.23
N PRO P 82 -59.00 -0.02 -68.41
CA PRO P 82 -58.54 1.13 -69.18
C PRO P 82 -59.03 2.42 -68.56
N GLY P 83 -58.21 3.46 -68.70
CA GLY P 83 -58.53 4.74 -68.14
C GLY P 83 -59.44 5.55 -69.02
N GLY P 84 -59.19 6.85 -69.08
CA GLY P 84 -59.99 7.74 -69.89
C GLY P 84 -59.25 9.00 -70.26
N GLY P 85 -59.29 9.36 -71.54
CA GLY P 85 -58.64 10.56 -72.00
C GLY P 85 -57.19 10.35 -72.35
N SER P 86 -56.36 11.33 -71.99
CA SER P 86 -54.94 11.25 -72.28
C SER P 86 -54.23 10.21 -71.44
N ASN P 87 -54.85 9.75 -70.36
CA ASN P 87 -54.30 8.70 -69.53
C ASN P 87 -54.86 7.36 -70.00
N PRO P 88 -54.08 6.48 -70.63
CA PRO P 88 -54.68 5.27 -71.19
C PRO P 88 -55.11 4.27 -70.15
N ARG P 89 -54.56 4.32 -68.95
CA ARG P 89 -54.88 3.40 -67.88
C ARG P 89 -55.38 4.16 -66.66
N SER P 90 -56.04 3.41 -65.77
CA SER P 90 -56.70 4.03 -64.63
C SER P 90 -55.73 4.33 -63.49
N VAL P 91 -54.61 3.63 -63.43
CA VAL P 91 -53.52 3.91 -62.50
C VAL P 91 -52.44 4.66 -63.27
N PRO P 92 -52.22 5.96 -63.01
CA PRO P 92 -51.33 6.71 -63.90
C PRO P 92 -49.85 6.50 -63.64
N PHE P 93 -49.35 5.38 -64.14
CA PHE P 93 -47.95 5.04 -64.05
C PHE P 93 -47.50 4.41 -65.36
N GLU P 94 -46.20 4.41 -65.58
CA GLU P 94 -45.60 3.92 -66.81
C GLU P 94 -45.17 2.46 -66.71
N TYR P 95 -44.43 2.13 -65.67
CA TYR P 95 -43.82 0.82 -65.52
C TYR P 95 -44.47 0.06 -64.38
N TYR P 96 -44.27 -1.25 -64.39
CA TYR P 96 -44.78 -2.09 -63.32
C TYR P 96 -43.94 -3.35 -63.24
N ARG P 97 -44.08 -4.04 -62.11
CA ARG P 97 -43.52 -5.37 -61.95
C ARG P 97 -44.29 -6.05 -60.83
N ILE P 98 -44.76 -7.25 -61.10
CA ILE P 98 -45.58 -7.98 -60.14
C ILE P 98 -44.66 -8.65 -59.13
N ARG P 99 -44.88 -8.33 -57.86
CA ARG P 99 -44.06 -8.83 -56.77
C ARG P 99 -44.55 -10.18 -56.26
N LYS P 100 -45.85 -10.29 -56.01
CA LYS P 100 -46.44 -11.49 -55.45
C LYS P 100 -47.85 -11.63 -55.98
N VAL P 101 -48.36 -12.86 -55.90
CA VAL P 101 -49.76 -13.16 -56.18
C VAL P 101 -50.26 -14.09 -55.09
N LYS P 102 -51.51 -13.87 -54.69
CA LYS P 102 -52.21 -14.70 -53.72
C LYS P 102 -53.45 -15.24 -54.39
N VAL P 103 -53.43 -16.53 -54.69
CA VAL P 103 -54.59 -17.23 -55.23
C VAL P 103 -55.30 -17.90 -54.07
N GLU P 104 -56.59 -17.60 -53.92
CA GLU P 104 -57.42 -18.11 -52.84
C GLU P 104 -58.56 -18.89 -53.46
N PHE P 105 -58.62 -20.18 -53.16
CA PHE P 105 -59.76 -21.01 -53.54
C PHE P 105 -60.75 -20.98 -52.39
N TRP P 106 -61.76 -20.14 -52.53
CA TRP P 106 -62.82 -20.06 -51.55
C TRP P 106 -63.90 -21.06 -51.92
N PRO P 107 -64.20 -22.05 -51.09
CA PRO P 107 -65.17 -23.06 -51.49
C PRO P 107 -66.59 -22.52 -51.56
N CYS P 108 -67.39 -23.21 -52.36
CA CYS P 108 -68.80 -22.94 -52.51
C CYS P 108 -69.67 -24.07 -52.00
N SER P 109 -69.07 -25.12 -51.45
CA SER P 109 -69.74 -26.35 -51.13
C SER P 109 -69.93 -26.47 -49.63
N PRO P 110 -70.98 -27.14 -49.17
CA PRO P 110 -71.21 -27.24 -47.74
C PRO P 110 -70.23 -28.19 -47.08
N ILE P 111 -70.11 -28.04 -45.76
CA ILE P 111 -69.24 -28.92 -44.99
C ILE P 111 -69.81 -30.31 -44.81
N THR P 112 -71.05 -30.54 -45.22
CA THR P 112 -71.67 -31.86 -45.17
C THR P 112 -71.48 -32.66 -46.45
N GLN P 113 -70.78 -32.11 -47.45
CA GLN P 113 -70.65 -32.79 -48.72
C GLN P 113 -69.65 -33.93 -48.59
N GLY P 114 -70.03 -35.09 -49.11
CA GLY P 114 -69.19 -36.27 -49.07
C GLY P 114 -68.42 -36.48 -50.34
N ASP P 115 -67.90 -37.69 -50.49
CA ASP P 115 -67.04 -38.07 -51.60
C ASP P 115 -65.84 -37.13 -51.67
N ARG P 116 -65.26 -36.86 -50.51
CA ARG P 116 -64.14 -35.95 -50.41
C ARG P 116 -62.93 -36.52 -51.15
N GLY P 117 -61.96 -35.65 -51.36
CA GLY P 117 -60.81 -35.99 -52.15
C GLY P 117 -59.57 -35.24 -51.75
N VAL P 118 -58.51 -35.41 -52.51
CA VAL P 118 -57.22 -34.80 -52.21
C VAL P 118 -56.51 -34.50 -53.51
N GLY P 119 -56.07 -33.25 -53.65
CA GLY P 119 -55.43 -32.77 -54.86
C GLY P 119 -54.12 -32.08 -54.60
N SER P 120 -53.66 -31.31 -55.57
CA SER P 120 -52.36 -30.70 -55.50
C SER P 120 -52.33 -29.44 -56.34
N SER P 121 -51.67 -28.40 -55.82
CA SER P 121 -51.41 -27.17 -56.53
C SER P 121 -49.92 -26.92 -56.58
N ALA P 122 -49.40 -26.65 -57.78
CA ALA P 122 -47.99 -26.44 -57.99
C ALA P 122 -47.76 -25.14 -58.73
N VAL P 123 -46.53 -24.65 -58.65
CA VAL P 123 -46.12 -23.37 -59.21
C VAL P 123 -45.32 -23.63 -60.47
N ILE P 124 -45.81 -23.11 -61.59
CA ILE P 124 -45.30 -23.42 -62.92
C ILE P 124 -44.96 -22.09 -63.60
N LEU P 125 -43.68 -21.73 -63.59
CA LEU P 125 -43.24 -20.41 -63.98
C LEU P 125 -42.79 -20.31 -65.43
N ASP P 126 -43.32 -21.15 -66.34
CA ASP P 126 -42.76 -21.24 -67.68
C ASP P 126 -43.76 -21.46 -68.81
N ASP P 127 -45.07 -21.48 -68.55
CA ASP P 127 -46.07 -21.53 -69.60
C ASP P 127 -46.08 -22.87 -70.32
N ASN P 128 -45.64 -23.93 -69.65
CA ASN P 128 -45.78 -25.30 -70.15
C ASN P 128 -46.36 -26.09 -69.00
N PHE P 129 -47.68 -26.14 -68.98
CA PHE P 129 -48.45 -26.86 -67.99
C PHE P 129 -48.70 -28.29 -68.44
N VAL P 130 -49.06 -29.13 -67.47
CA VAL P 130 -49.62 -30.43 -67.82
C VAL P 130 -50.90 -30.18 -68.60
N THR P 131 -51.12 -31.01 -69.61
CA THR P 131 -52.26 -30.82 -70.49
C THR P 131 -53.56 -30.87 -69.71
N LYS P 132 -54.49 -30.01 -70.08
CA LYS P 132 -55.79 -29.99 -69.44
C LYS P 132 -56.52 -31.31 -69.65
N ALA P 133 -56.98 -31.89 -68.55
CA ALA P 133 -57.62 -33.19 -68.56
C ALA P 133 -58.86 -33.14 -67.69
N THR P 134 -59.85 -33.96 -68.07
CA THR P 134 -61.08 -34.08 -67.32
C THR P 134 -60.99 -35.16 -66.24
N ALA P 135 -60.53 -36.35 -66.61
CA ALA P 135 -60.38 -37.45 -65.67
C ALA P 135 -59.07 -38.17 -66.00
N LEU P 136 -57.99 -37.70 -65.39
CA LEU P 136 -56.68 -38.33 -65.52
C LEU P 136 -56.46 -39.30 -64.37
N THR P 137 -55.81 -40.41 -64.66
CA THR P 137 -55.68 -41.52 -63.72
C THR P 137 -54.67 -41.29 -62.62
N TYR P 138 -54.11 -40.08 -62.50
CA TYR P 138 -53.12 -39.81 -61.48
C TYR P 138 -53.05 -38.30 -61.28
N ASP P 139 -52.39 -37.91 -60.19
CA ASP P 139 -52.17 -36.51 -59.87
C ASP P 139 -50.79 -36.11 -60.40
N PRO P 140 -50.70 -35.35 -61.48
CA PRO P 140 -49.36 -35.05 -62.02
C PRO P 140 -48.56 -34.13 -61.15
N TYR P 141 -49.20 -33.22 -60.42
CA TYR P 141 -48.52 -32.22 -59.64
C TYR P 141 -48.20 -32.69 -58.23
N VAL P 142 -48.23 -34.00 -57.99
CA VAL P 142 -48.09 -34.51 -56.63
C VAL P 142 -46.62 -34.54 -56.21
N ASN P 143 -45.73 -34.92 -57.11
CA ASN P 143 -44.33 -35.04 -56.80
C ASN P 143 -43.56 -33.75 -57.05
N TYR P 144 -44.25 -32.68 -57.41
CA TYR P 144 -43.59 -31.41 -57.61
C TYR P 144 -43.10 -30.84 -56.29
N SER P 145 -41.93 -30.20 -56.35
CA SER P 145 -41.34 -29.59 -55.16
C SER P 145 -42.19 -28.46 -54.60
N SER P 146 -43.04 -27.86 -55.41
CA SER P 146 -43.92 -26.77 -54.99
C SER P 146 -45.35 -27.24 -54.78
N ARG P 147 -45.55 -28.52 -54.52
CA ARG P 147 -46.89 -29.05 -54.32
C ARG P 147 -47.37 -28.72 -52.92
N HIS P 148 -48.59 -28.20 -52.86
CA HIS P 148 -49.35 -28.09 -51.63
C HIS P 148 -50.59 -28.94 -51.81
N THR P 149 -50.98 -29.66 -50.77
CA THR P 149 -52.16 -30.49 -50.81
C THR P 149 -53.41 -29.65 -50.79
N ILE P 150 -54.36 -30.02 -51.66
CA ILE P 150 -55.68 -29.43 -51.70
C ILE P 150 -56.61 -30.45 -51.07
N THR P 151 -57.11 -30.14 -49.88
CA THR P 151 -58.25 -30.86 -49.34
C THR P 151 -59.51 -30.35 -50.01
N GLN P 152 -60.38 -31.27 -50.38
CA GLN P 152 -61.59 -30.99 -51.13
C GLN P 152 -62.79 -31.53 -50.37
N PRO P 153 -63.99 -31.00 -50.62
CA PRO P 153 -64.40 -29.86 -51.44
C PRO P 153 -64.61 -28.57 -50.68
N PHE P 154 -64.71 -28.66 -49.35
CA PHE P 154 -65.18 -27.56 -48.53
C PHE P 154 -64.06 -26.89 -47.75
N SER P 155 -62.84 -26.92 -48.28
CA SER P 155 -61.68 -26.43 -47.58
C SER P 155 -61.00 -25.34 -48.39
N TYR P 156 -60.46 -24.37 -47.67
CA TYR P 156 -59.79 -23.22 -48.25
C TYR P 156 -58.35 -23.56 -48.57
N HIS P 157 -57.89 -23.06 -49.72
CA HIS P 157 -56.55 -23.28 -50.21
C HIS P 157 -55.98 -21.97 -50.71
N SER P 158 -54.85 -21.56 -50.15
CA SER P 158 -54.14 -20.37 -50.56
C SER P 158 -52.77 -20.74 -51.08
N ARG P 159 -52.29 -19.94 -52.04
CA ARG P 159 -50.94 -20.06 -52.57
C ARG P 159 -50.40 -18.65 -52.75
N TYR P 160 -49.24 -18.38 -52.17
CA TYR P 160 -48.61 -17.07 -52.18
C TYR P 160 -47.21 -17.23 -52.74
N PHE P 161 -46.97 -16.62 -53.89
CA PHE P 161 -45.75 -16.85 -54.63
C PHE P 161 -45.46 -15.65 -55.52
N THR P 162 -44.31 -15.68 -56.16
CA THR P 162 -43.84 -14.64 -57.05
C THR P 162 -43.91 -15.12 -58.49
N PRO P 163 -44.79 -14.59 -59.33
CA PRO P 163 -44.88 -15.09 -60.70
C PRO P 163 -43.74 -14.57 -61.56
N LYS P 164 -43.73 -15.00 -62.82
CA LYS P 164 -42.71 -14.61 -63.77
C LYS P 164 -43.39 -14.31 -65.09
N PRO P 165 -42.91 -13.32 -65.84
CA PRO P 165 -43.52 -13.01 -67.13
C PRO P 165 -43.03 -13.89 -68.25
N VAL P 166 -43.87 -13.98 -69.28
CA VAL P 166 -43.59 -14.79 -70.45
C VAL P 166 -42.91 -13.86 -71.46
N LEU P 167 -41.58 -13.80 -71.36
CA LEU P 167 -40.79 -12.96 -72.26
C LEU P 167 -40.55 -13.66 -73.59
N ASP P 168 -40.19 -14.93 -73.55
CA ASP P 168 -40.02 -15.74 -74.76
C ASP P 168 -40.60 -17.12 -74.47
N SER P 169 -41.72 -17.43 -75.10
CA SER P 169 -42.35 -18.72 -74.91
C SER P 169 -41.60 -19.85 -75.60
N THR P 170 -40.71 -19.52 -76.54
CA THR P 170 -39.92 -20.55 -77.22
C THR P 170 -38.82 -21.09 -76.33
N ILE P 171 -38.18 -20.22 -75.57
CA ILE P 171 -37.04 -20.57 -74.72
C ILE P 171 -37.50 -20.73 -73.29
N ASP P 172 -38.47 -19.91 -72.88
CA ASP P 172 -39.07 -19.98 -71.56
C ASP P 172 -38.01 -19.78 -70.47
N TYR P 173 -37.44 -18.58 -70.45
CA TYR P 173 -36.46 -18.20 -69.46
C TYR P 173 -37.08 -17.23 -68.46
N PHE P 174 -36.63 -17.31 -67.22
CA PHE P 174 -37.12 -16.45 -66.16
C PHE P 174 -36.02 -16.20 -65.15
N GLN P 175 -36.23 -15.23 -64.37
CA GLN P 175 -35.30 -14.77 -63.36
C GLN P 175 -35.56 -15.43 -62.02
N PRO P 176 -34.54 -15.64 -61.20
CA PRO P 176 -34.81 -16.03 -59.82
C PRO P 176 -35.33 -14.88 -59.00
N ASN P 177 -35.72 -15.17 -57.76
CA ASN P 177 -36.35 -14.17 -56.92
C ASN P 177 -35.31 -13.21 -56.40
N ASN P 178 -35.45 -11.94 -56.78
CA ASN P 178 -34.57 -10.89 -56.32
C ASN P 178 -35.37 -9.60 -56.42
N LYS P 179 -35.67 -8.99 -55.27
CA LYS P 179 -36.48 -7.79 -55.31
C LYS P 179 -35.74 -6.63 -55.96
N ARG P 180 -34.41 -6.61 -55.87
CA ARG P 180 -33.64 -5.49 -56.37
C ARG P 180 -33.37 -5.58 -57.86
N ASN P 181 -33.36 -6.79 -58.42
CA ASN P 181 -33.01 -7.03 -59.80
C ASN P 181 -34.19 -7.40 -60.68
N GLN P 182 -35.40 -7.41 -60.13
CA GLN P 182 -36.57 -7.79 -60.90
C GLN P 182 -36.82 -6.77 -62.01
N LEU P 183 -37.11 -7.29 -63.20
CA LEU P 183 -37.31 -6.45 -64.35
C LEU P 183 -38.56 -5.61 -64.20
N TRP P 184 -38.48 -4.39 -64.74
CA TRP P 184 -39.63 -3.52 -64.89
C TRP P 184 -40.19 -3.72 -66.28
N LEU P 185 -41.47 -4.03 -66.36
CA LEU P 185 -42.20 -4.07 -67.61
C LEU P 185 -42.94 -2.76 -67.79
N ARG P 186 -43.39 -2.54 -69.03
CA ARG P 186 -44.22 -1.40 -69.34
C ARG P 186 -45.68 -1.76 -69.19
N LEU P 187 -46.42 -0.83 -68.62
CA LEU P 187 -47.87 -0.93 -68.52
C LEU P 187 -48.44 -0.49 -69.85
N GLN P 188 -48.66 -1.47 -70.72
CA GLN P 188 -49.20 -1.22 -72.03
C GLN P 188 -50.65 -0.77 -71.95
N THR P 189 -51.19 -0.39 -73.10
CA THR P 189 -52.57 0.08 -73.15
C THR P 189 -53.55 -1.08 -73.20
N ALA P 190 -53.37 -2.01 -74.15
CA ALA P 190 -54.25 -3.16 -74.26
C ALA P 190 -53.53 -4.46 -74.63
N GLY P 191 -52.24 -4.57 -74.34
CA GLY P 191 -51.45 -5.69 -74.80
C GLY P 191 -50.43 -6.22 -73.83
N ASN P 192 -50.74 -6.14 -72.53
CA ASN P 192 -49.79 -6.56 -71.52
C ASN P 192 -49.51 -8.06 -71.59
N VAL P 193 -48.37 -8.44 -71.07
CA VAL P 193 -47.85 -9.79 -71.18
C VAL P 193 -48.40 -10.64 -70.04
N ASP P 194 -48.61 -11.93 -70.33
CA ASP P 194 -49.20 -12.83 -69.36
C ASP P 194 -48.15 -13.30 -68.38
N HIS P 195 -48.45 -13.18 -67.11
CA HIS P 195 -47.68 -13.81 -66.05
C HIS P 195 -48.26 -15.17 -65.74
N VAL P 196 -47.42 -16.03 -65.19
CA VAL P 196 -47.70 -17.45 -65.10
C VAL P 196 -47.16 -17.94 -63.76
N GLY P 197 -47.61 -19.13 -63.35
CA GLY P 197 -47.24 -19.61 -62.04
C GLY P 197 -48.17 -20.47 -61.22
N LEU P 198 -49.28 -20.98 -61.76
CA LEU P 198 -50.05 -21.94 -60.99
C LEU P 198 -50.74 -22.97 -61.85
N GLY P 199 -50.60 -24.23 -61.44
CA GLY P 199 -51.36 -25.31 -62.03
C GLY P 199 -51.92 -26.19 -60.93
N THR P 200 -53.08 -26.76 -61.20
CA THR P 200 -53.88 -27.45 -60.20
C THR P 200 -54.26 -28.84 -60.69
N ALA P 201 -54.63 -29.68 -59.73
CA ALA P 201 -55.18 -30.99 -60.00
C ALA P 201 -56.19 -31.31 -58.91
N PHE P 202 -57.46 -31.34 -59.30
CA PHE P 202 -58.56 -31.62 -58.39
C PHE P 202 -59.10 -33.01 -58.62
N GLU P 203 -59.35 -33.73 -57.53
CA GLU P 203 -59.92 -35.06 -57.61
C GLU P 203 -61.41 -34.96 -57.86
N ASN P 204 -61.86 -35.68 -58.87
CA ASN P 204 -63.25 -35.63 -59.27
C ASN P 204 -64.14 -36.31 -58.23
N SER P 205 -65.44 -36.08 -58.36
CA SER P 205 -66.41 -36.53 -57.37
C SER P 205 -67.75 -36.75 -58.05
N ILE P 206 -68.65 -37.41 -57.32
CA ILE P 206 -70.01 -37.61 -57.81
C ILE P 206 -70.77 -36.30 -57.84
N TYR P 207 -70.43 -35.38 -56.96
CA TYR P 207 -71.07 -34.08 -56.86
C TYR P 207 -70.19 -33.02 -57.51
N ASP P 208 -70.83 -31.94 -57.93
CA ASP P 208 -70.11 -30.81 -58.50
C ASP P 208 -69.40 -30.03 -57.41
N GLN P 209 -68.14 -29.70 -57.67
CA GLN P 209 -67.30 -28.95 -56.74
C GLN P 209 -67.07 -27.57 -57.33
N GLU P 210 -67.69 -26.55 -56.75
CA GLU P 210 -67.56 -25.18 -57.20
C GLU P 210 -66.64 -24.40 -56.28
N TYR P 211 -65.96 -23.41 -56.85
CA TYR P 211 -65.05 -22.55 -56.12
C TYR P 211 -65.18 -21.13 -56.65
N ASN P 212 -64.99 -20.16 -55.75
CA ASN P 212 -64.85 -18.75 -56.10
C ASN P 212 -63.40 -18.39 -55.88
N ILE P 213 -62.68 -18.16 -56.96
CA ILE P 213 -61.25 -17.94 -56.91
C ILE P 213 -60.97 -16.45 -56.90
N ARG P 214 -60.27 -15.98 -55.89
CA ARG P 214 -59.90 -14.57 -55.72
C ARG P 214 -58.40 -14.46 -55.85
N VAL P 215 -57.96 -13.84 -56.93
CA VAL P 215 -56.55 -13.57 -57.20
C VAL P 215 -56.25 -12.15 -56.77
N THR P 216 -55.19 -11.98 -56.00
CA THR P 216 -54.73 -10.69 -55.53
C THR P 216 -53.28 -10.54 -55.97
N MET P 217 -53.01 -9.53 -56.77
CA MET P 217 -51.67 -9.22 -57.23
C MET P 217 -51.11 -8.02 -56.49
N TYR P 218 -49.93 -8.20 -55.93
CA TYR P 218 -49.20 -7.14 -55.24
C TYR P 218 -48.18 -6.56 -56.21
N VAL P 219 -48.45 -5.37 -56.70
CA VAL P 219 -47.71 -4.78 -57.79
C VAL P 219 -46.92 -3.58 -57.28
N GLN P 220 -45.99 -3.12 -58.12
CA GLN P 220 -45.12 -2.00 -57.81
C GLN P 220 -44.96 -1.21 -59.09
N PHE P 221 -45.46 0.02 -59.08
CA PHE P 221 -45.41 0.89 -60.24
C PHE P 221 -44.27 1.89 -60.11
N ARG P 222 -44.05 2.64 -61.19
CA ARG P 222 -42.95 3.58 -61.27
C ARG P 222 -43.29 4.65 -62.28
N GLU P 223 -42.77 5.85 -62.05
CA GLU P 223 -42.85 6.98 -62.97
C GLU P 223 -44.30 7.39 -63.23
N PHE P 224 -44.88 7.97 -62.19
CA PHE P 224 -46.13 8.73 -62.26
C PHE P 224 -46.14 9.63 -63.48
N ASN P 225 -47.14 9.43 -64.35
CA ASN P 225 -47.16 10.06 -65.66
C ASN P 225 -48.52 10.65 -65.98
N LEU P 226 -49.12 11.30 -65.00
CA LEU P 226 -50.42 11.91 -65.22
C LEU P 226 -50.32 13.03 -66.24
N LYS P 227 -51.34 13.15 -67.07
CA LYS P 227 -51.44 14.18 -68.09
C LYS P 227 -52.67 15.03 -67.82
N ASP P 228 -52.48 16.34 -67.76
CA ASP P 228 -53.52 17.28 -67.36
C ASP P 228 -53.70 18.32 -68.46
N PRO P 229 -54.50 18.01 -69.48
CA PRO P 229 -54.83 19.02 -70.47
C PRO P 229 -55.83 20.02 -69.90
N PRO P 230 -56.03 21.15 -70.58
CA PRO P 230 -57.08 22.07 -70.14
C PRO P 230 -58.47 21.53 -70.38
N LEU P 231 -59.48 22.32 -70.03
CA LEU P 231 -60.87 21.92 -70.16
C LEU P 231 -61.75 23.07 -70.63
N GLY Q 43 -22.63 -40.75 -54.80
CA GLY Q 43 -23.53 -39.73 -55.34
C GLY Q 43 -24.92 -39.81 -54.77
N ILE Q 44 -25.08 -39.23 -53.59
CA ILE Q 44 -26.32 -39.35 -52.84
C ILE Q 44 -27.36 -38.40 -53.39
N PHE Q 45 -28.61 -38.85 -53.37
CA PHE Q 45 -29.74 -38.02 -53.76
C PHE Q 45 -30.95 -38.49 -52.95
N ASN Q 46 -31.28 -37.73 -51.92
CA ASN Q 46 -32.47 -37.97 -51.14
C ASN Q 46 -33.66 -37.30 -51.82
N THR Q 47 -34.71 -38.06 -52.07
CA THR Q 47 -35.93 -37.54 -52.66
C THR Q 47 -37.14 -38.18 -51.99
N ARG Q 48 -38.29 -37.98 -52.63
CA ARG Q 48 -39.58 -38.37 -52.09
C ARG Q 48 -40.46 -38.85 -53.22
N LEU Q 49 -41.01 -40.05 -53.07
CA LEU Q 49 -41.85 -40.69 -54.06
C LEU Q 49 -43.16 -41.06 -53.42
N SER Q 50 -44.25 -40.82 -54.14
CA SER Q 50 -45.60 -41.01 -53.64
C SER Q 50 -46.41 -41.89 -54.59
N ARG Q 51 -47.57 -42.29 -54.09
CA ARG Q 51 -48.46 -43.24 -54.74
C ARG Q 51 -49.77 -43.22 -53.96
N THR Q 52 -50.88 -43.31 -54.67
CA THR Q 52 -52.21 -43.20 -54.09
C THR Q 52 -53.09 -44.34 -54.59
N PHE Q 53 -53.86 -44.90 -53.67
CA PHE Q 53 -54.75 -46.01 -54.00
C PHE Q 53 -55.85 -46.06 -52.95
N GLY Q 54 -56.85 -46.88 -53.23
CA GLY Q 54 -58.03 -46.99 -52.40
C GLY Q 54 -58.11 -48.21 -51.52
N TYR Q 55 -58.89 -48.11 -50.45
CA TYR Q 55 -59.16 -49.21 -49.54
C TYR Q 55 -60.55 -49.00 -48.95
N THR Q 56 -61.37 -50.04 -49.00
CA THR Q 56 -62.74 -49.98 -48.51
C THR Q 56 -62.98 -51.10 -47.52
N ILE Q 57 -63.68 -50.77 -46.46
CA ILE Q 57 -64.18 -51.72 -45.47
C ILE Q 57 -65.67 -51.84 -45.72
N LYS Q 58 -66.07 -52.96 -46.31
CA LYS Q 58 -67.46 -53.17 -46.67
C LYS Q 58 -68.33 -53.29 -45.43
N ARG Q 59 -69.62 -53.04 -45.60
CA ARG Q 59 -70.59 -53.09 -44.53
C ARG Q 59 -70.85 -54.53 -44.10
N THR Q 60 -71.37 -54.66 -42.88
CA THR Q 60 -71.75 -55.94 -42.30
C THR Q 60 -73.02 -55.79 -41.50
N THR Q 61 -73.92 -56.78 -41.63
CA THR Q 61 -75.10 -56.86 -40.80
C THR Q 61 -74.82 -57.38 -39.40
N VAL Q 62 -73.59 -57.80 -39.12
CA VAL Q 62 -73.25 -58.31 -37.80
C VAL Q 62 -73.46 -57.22 -36.75
N LYS Q 63 -74.05 -57.61 -35.62
CA LYS Q 63 -74.38 -56.67 -34.57
C LYS Q 63 -73.20 -56.40 -33.66
N THR Q 64 -72.39 -57.41 -33.40
CA THR Q 64 -71.28 -57.28 -32.48
C THR Q 64 -70.23 -56.31 -33.00
N PRO Q 65 -69.33 -55.86 -32.13
CA PRO Q 65 -68.15 -55.14 -32.63
C PRO Q 65 -67.12 -56.11 -33.17
N SER Q 66 -67.00 -56.16 -34.48
CA SER Q 66 -66.00 -56.96 -35.16
C SER Q 66 -65.06 -56.05 -35.92
N TRP Q 67 -63.86 -56.56 -36.17
CA TRP Q 67 -62.82 -55.81 -36.85
C TRP Q 67 -62.41 -56.50 -38.13
N ALA Q 68 -62.01 -55.68 -39.10
CA ALA Q 68 -61.52 -56.11 -40.40
C ALA Q 68 -60.02 -55.92 -40.44
N VAL Q 69 -59.30 -57.00 -40.67
CA VAL Q 69 -57.85 -57.01 -40.62
C VAL Q 69 -57.32 -57.08 -42.04
N ASP Q 70 -56.24 -56.35 -42.28
CA ASP Q 70 -55.58 -56.35 -43.57
C ASP Q 70 -54.14 -55.93 -43.38
N MET Q 71 -53.35 -56.16 -44.42
CA MET Q 71 -51.92 -55.92 -44.42
C MET Q 71 -51.55 -54.88 -45.46
N MET Q 72 -50.30 -54.42 -45.37
CA MET Q 72 -49.80 -53.39 -46.27
C MET Q 72 -48.30 -53.54 -46.41
N ARG Q 73 -47.86 -53.87 -47.62
CA ARG Q 73 -46.45 -53.94 -47.99
C ARG Q 73 -46.11 -52.75 -48.88
N PHE Q 74 -44.81 -52.54 -49.07
CA PHE Q 74 -44.30 -51.43 -49.86
C PHE Q 74 -43.20 -51.95 -50.78
N ASN Q 75 -43.36 -51.71 -52.08
CA ASN Q 75 -42.36 -52.03 -53.07
C ASN Q 75 -42.07 -50.79 -53.92
N ILE Q 76 -40.83 -50.69 -54.39
CA ILE Q 76 -40.40 -49.51 -55.13
C ILE Q 76 -40.83 -49.55 -56.58
N ASN Q 77 -41.26 -50.71 -57.09
CA ASN Q 77 -41.77 -50.76 -58.45
C ASN Q 77 -43.05 -49.96 -58.60
N ASP Q 78 -43.84 -49.88 -57.53
CA ASP Q 78 -45.10 -49.15 -57.56
C ASP Q 78 -44.90 -47.65 -57.46
N PHE Q 79 -43.71 -47.18 -57.10
CA PHE Q 79 -43.40 -45.77 -57.00
C PHE Q 79 -42.48 -45.29 -58.11
N LEU Q 80 -41.61 -46.16 -58.60
CA LEU Q 80 -40.60 -45.82 -59.62
C LEU Q 80 -40.90 -46.58 -60.90
N PRO Q 81 -41.33 -45.95 -61.99
CA PRO Q 81 -41.65 -46.70 -63.18
C PRO Q 81 -40.41 -47.15 -63.90
N PRO Q 82 -40.56 -47.99 -64.92
CA PRO Q 82 -39.42 -48.33 -65.76
C PRO Q 82 -39.05 -47.16 -66.65
N GLY Q 83 -37.76 -47.07 -66.94
CA GLY Q 83 -37.26 -45.99 -67.75
C GLY Q 83 -37.39 -46.26 -69.23
N GLY Q 84 -36.37 -45.87 -69.99
CA GLY Q 84 -36.38 -46.07 -71.41
C GLY Q 84 -34.98 -46.07 -71.99
N GLY Q 85 -34.69 -47.07 -72.83
CA GLY Q 85 -33.40 -47.17 -73.47
C GLY Q 85 -32.38 -47.88 -72.62
N SER Q 86 -31.15 -47.36 -72.63
CA SER Q 86 -30.07 -47.97 -71.88
C SER Q 86 -30.22 -47.77 -70.39
N ASN Q 87 -31.09 -46.85 -69.96
CA ASN Q 87 -31.38 -46.64 -68.56
C ASN Q 87 -32.62 -47.45 -68.19
N PRO Q 88 -32.51 -48.53 -67.41
CA PRO Q 88 -33.68 -49.38 -67.19
C PRO Q 88 -34.73 -48.74 -66.31
N ARG Q 89 -34.36 -47.76 -65.48
CA ARG Q 89 -35.27 -47.10 -64.57
C ARG Q 89 -35.29 -45.60 -64.85
N SER Q 90 -36.32 -44.94 -64.35
CA SER Q 90 -36.54 -43.54 -64.64
C SER Q 90 -35.69 -42.62 -63.77
N VAL Q 91 -35.27 -43.09 -62.62
CA VAL Q 91 -34.31 -42.38 -61.76
C VAL Q 91 -32.95 -43.02 -61.97
N PRO Q 92 -31.98 -42.34 -62.60
CA PRO Q 92 -30.75 -43.03 -62.98
C PRO Q 92 -29.76 -43.21 -61.85
N PHE Q 93 -30.03 -44.20 -61.01
CA PHE Q 93 -29.15 -44.56 -59.92
C PHE Q 93 -29.10 -46.08 -59.82
N GLU Q 94 -28.07 -46.57 -59.14
CA GLU Q 94 -27.81 -47.99 -58.99
C GLU Q 94 -28.39 -48.57 -57.71
N TYR Q 95 -28.11 -47.94 -56.59
CA TYR Q 95 -28.47 -48.44 -55.27
C TYR Q 95 -29.53 -47.57 -54.64
N TYR Q 96 -30.20 -48.13 -53.64
CA TYR Q 96 -31.20 -47.40 -52.91
C TYR Q 96 -31.34 -47.99 -51.52
N ARG Q 97 -31.97 -47.22 -50.64
CA ARG Q 97 -32.38 -47.72 -49.35
C ARG Q 97 -33.48 -46.81 -48.84
N ILE Q 98 -34.58 -47.42 -48.41
CA ILE Q 98 -35.75 -46.66 -47.98
C ILE Q 98 -35.53 -46.22 -46.54
N ARG Q 99 -35.60 -44.91 -46.33
CA ARG Q 99 -35.36 -44.32 -45.03
C ARG Q 99 -36.63 -44.27 -44.18
N LYS Q 100 -37.73 -43.80 -44.76
CA LYS Q 100 -38.97 -43.65 -44.04
C LYS Q 100 -40.12 -43.87 -45.00
N VAL Q 101 -41.29 -44.15 -44.45
CA VAL Q 101 -42.54 -44.21 -45.19
C VAL Q 101 -43.59 -43.48 -44.37
N LYS Q 102 -44.46 -42.76 -45.07
CA LYS Q 102 -45.59 -42.06 -44.50
C LYS Q 102 -46.85 -42.61 -45.16
N VAL Q 103 -47.61 -43.38 -44.41
CA VAL Q 103 -48.91 -43.86 -44.84
C VAL Q 103 -49.97 -42.93 -44.30
N GLU Q 104 -50.79 -42.40 -45.20
CA GLU Q 104 -51.85 -41.46 -44.86
C GLU Q 104 -53.17 -42.06 -45.28
N PHE Q 105 -54.05 -42.28 -44.32
CA PHE Q 105 -55.43 -42.69 -44.59
C PHE Q 105 -56.27 -41.43 -44.69
N TRP Q 106 -56.51 -41.00 -45.90
CA TRP Q 106 -57.36 -39.86 -46.15
C TRP Q 106 -58.81 -40.34 -46.28
N PRO Q 107 -59.72 -39.91 -45.42
CA PRO Q 107 -61.07 -40.44 -45.48
C PRO Q 107 -61.82 -39.98 -46.71
N CYS Q 108 -62.82 -40.79 -47.06
CA CYS Q 108 -63.73 -40.51 -48.14
C CYS Q 108 -65.16 -40.30 -47.66
N SER Q 109 -65.39 -40.35 -46.37
CA SER Q 109 -66.70 -40.39 -45.77
C SER Q 109 -67.04 -39.05 -45.14
N PRO Q 110 -68.31 -38.67 -45.12
CA PRO Q 110 -68.67 -37.38 -44.55
C PRO Q 110 -68.55 -37.37 -43.03
N ILE Q 111 -68.46 -36.16 -42.49
CA ILE Q 111 -68.39 -36.01 -41.03
C ILE Q 111 -69.72 -36.26 -40.35
N THR Q 112 -70.80 -36.45 -41.10
CA THR Q 112 -72.10 -36.79 -40.55
C THR Q 112 -72.36 -38.27 -40.47
N GLN Q 113 -71.40 -39.10 -40.86
CA GLN Q 113 -71.62 -40.54 -40.88
C GLN Q 113 -71.57 -41.08 -39.47
N GLY Q 114 -72.53 -41.92 -39.13
CA GLY Q 114 -72.63 -42.52 -37.83
C GLY Q 114 -72.05 -43.92 -37.79
N ASP Q 115 -72.40 -44.63 -36.72
CA ASP Q 115 -71.88 -45.96 -36.45
C ASP Q 115 -70.36 -45.93 -36.41
N ARG Q 116 -69.82 -44.91 -35.75
CA ARG Q 116 -68.40 -44.72 -35.66
C ARG Q 116 -67.75 -45.87 -34.89
N GLY Q 117 -66.44 -45.94 -34.99
CA GLY Q 117 -65.69 -47.03 -34.44
C GLY Q 117 -64.29 -46.65 -34.04
N VAL Q 118 -63.51 -47.65 -33.63
CA VAL Q 118 -62.15 -47.41 -33.16
C VAL Q 118 -61.31 -48.62 -33.52
N GLY Q 119 -60.18 -48.36 -34.16
CA GLY Q 119 -59.29 -49.39 -34.64
C GLY Q 119 -57.87 -49.18 -34.22
N SER Q 120 -56.95 -49.85 -34.91
CA SER Q 120 -55.56 -49.84 -34.52
C SER Q 120 -54.69 -50.10 -35.74
N SER Q 121 -53.56 -49.39 -35.81
CA SER Q 121 -52.54 -49.60 -36.82
C SER Q 121 -51.21 -49.88 -36.12
N ALA Q 122 -50.55 -50.96 -36.53
CA ALA Q 122 -49.30 -51.38 -35.93
C ALA Q 122 -48.25 -51.59 -37.02
N VAL Q 123 -47.00 -51.59 -36.58
CA VAL Q 123 -45.84 -51.69 -37.46
C VAL Q 123 -45.29 -53.10 -37.36
N ILE Q 124 -45.25 -53.79 -38.50
CA ILE Q 124 -44.93 -55.21 -38.58
C ILE Q 124 -43.80 -55.37 -39.57
N LEU Q 125 -42.58 -55.51 -39.07
CA LEU Q 125 -41.38 -55.45 -39.88
C LEU Q 125 -40.86 -56.80 -40.31
N ASP Q 126 -41.72 -57.83 -40.45
CA ASP Q 126 -41.23 -59.19 -40.66
C ASP Q 126 -42.06 -60.06 -41.60
N ASP Q 127 -43.10 -59.54 -42.23
CA ASP Q 127 -43.85 -60.28 -43.25
C ASP Q 127 -44.62 -61.45 -42.66
N ASN Q 128 -45.00 -61.35 -41.39
CA ASN Q 128 -45.92 -62.30 -40.77
C ASN Q 128 -46.96 -61.44 -40.06
N PHE Q 129 -48.03 -61.16 -40.80
CA PHE Q 129 -49.14 -60.38 -40.33
C PHE Q 129 -50.19 -61.29 -39.71
N VAL Q 130 -51.07 -60.67 -38.93
CA VAL Q 130 -52.29 -61.35 -38.53
C VAL Q 130 -53.07 -61.68 -39.79
N THR Q 131 -53.69 -62.85 -39.80
CA THR Q 131 -54.38 -63.31 -40.99
C THR Q 131 -55.48 -62.36 -41.37
N LYS Q 132 -55.64 -62.14 -42.67
CA LYS Q 132 -56.69 -61.26 -43.17
C LYS Q 132 -58.05 -61.81 -42.79
N ALA Q 133 -58.88 -60.95 -42.20
CA ALA Q 133 -60.18 -61.32 -41.69
C ALA Q 133 -61.18 -60.25 -42.06
N THR Q 134 -62.42 -60.69 -42.25
CA THR Q 134 -63.52 -59.79 -42.58
C THR Q 134 -64.21 -59.27 -41.32
N ALA Q 135 -64.57 -60.16 -40.40
CA ALA Q 135 -65.21 -59.79 -39.14
C ALA Q 135 -64.61 -60.65 -38.04
N LEU Q 136 -63.53 -60.16 -37.44
CA LEU Q 136 -62.90 -60.80 -36.32
C LEU Q 136 -63.42 -60.19 -35.01
N THR Q 137 -63.59 -61.04 -34.01
CA THR Q 137 -64.25 -60.67 -32.76
C THR Q 137 -63.40 -59.82 -31.84
N TYR Q 138 -62.23 -59.37 -32.28
CA TYR Q 138 -61.36 -58.56 -31.43
C TYR Q 138 -60.38 -57.82 -32.33
N ASP Q 139 -59.71 -56.83 -31.73
CA ASP Q 139 -58.69 -56.05 -32.40
C ASP Q 139 -57.34 -56.68 -32.09
N PRO Q 140 -56.69 -57.37 -33.03
CA PRO Q 140 -55.44 -58.03 -32.68
C PRO Q 140 -54.30 -57.06 -32.45
N TYR Q 141 -54.29 -55.93 -33.13
CA TYR Q 141 -53.20 -54.98 -33.06
C TYR Q 141 -53.35 -53.98 -31.93
N VAL Q 142 -54.21 -54.26 -30.95
CA VAL Q 142 -54.53 -53.28 -29.93
C VAL Q 142 -53.44 -53.24 -28.87
N ASN Q 143 -52.92 -54.39 -28.48
CA ASN Q 143 -51.91 -54.47 -27.43
C ASN Q 143 -50.50 -54.37 -27.96
N TYR Q 144 -50.34 -54.12 -29.24
CA TYR Q 144 -49.01 -53.95 -29.82
C TYR Q 144 -48.38 -52.66 -29.34
N SER Q 145 -47.07 -52.72 -29.11
CA SER Q 145 -46.34 -51.56 -28.65
C SER Q 145 -46.33 -50.42 -29.66
N SER Q 146 -46.54 -50.72 -30.93
CA SER Q 146 -46.59 -49.73 -32.00
C SER Q 146 -48.01 -49.41 -32.42
N ARG Q 147 -48.98 -49.62 -31.56
CA ARG Q 147 -50.36 -49.36 -31.90
C ARG Q 147 -50.65 -47.88 -31.79
N HIS Q 148 -51.28 -47.34 -32.82
CA HIS Q 148 -51.90 -46.04 -32.81
C HIS Q 148 -53.37 -46.24 -33.06
N THR Q 149 -54.20 -45.51 -32.33
CA THR Q 149 -55.64 -45.62 -32.47
C THR Q 149 -56.09 -44.99 -33.78
N ILE Q 150 -56.99 -45.69 -34.47
CA ILE Q 150 -57.64 -45.20 -35.66
C ILE Q 150 -59.07 -44.84 -35.25
N THR Q 151 -59.33 -43.55 -35.22
CA THR Q 151 -60.71 -43.09 -35.17
C THR Q 151 -61.34 -43.20 -36.56
N GLN Q 152 -62.55 -43.71 -36.60
CA GLN Q 152 -63.26 -44.00 -37.83
C GLN Q 152 -64.59 -43.26 -37.83
N PRO Q 153 -65.17 -43.02 -39.01
CA PRO Q 153 -64.72 -43.22 -40.39
C PRO Q 153 -64.14 -41.99 -41.06
N PHE Q 154 -64.37 -40.82 -40.47
CA PHE Q 154 -64.11 -39.54 -41.13
C PHE Q 154 -62.90 -38.84 -40.57
N SER Q 155 -61.92 -39.59 -40.09
CA SER Q 155 -60.76 -39.03 -39.41
C SER Q 155 -59.49 -39.48 -40.10
N TYR Q 156 -58.52 -38.59 -40.13
CA TYR Q 156 -57.24 -38.80 -40.77
C TYR Q 156 -56.30 -39.54 -39.83
N HIS Q 157 -55.55 -40.47 -40.41
CA HIS Q 157 -54.60 -41.30 -39.68
C HIS Q 157 -53.31 -41.36 -40.47
N SER Q 158 -52.22 -40.96 -39.83
CA SER Q 158 -50.89 -41.02 -40.40
C SER Q 158 -50.00 -41.93 -39.58
N ARG Q 159 -49.07 -42.58 -40.25
CA ARG Q 159 -48.05 -43.39 -39.61
C ARG Q 159 -46.74 -43.13 -40.33
N TYR Q 160 -45.71 -42.76 -39.58
CA TYR Q 160 -44.40 -42.41 -40.10
C TYR Q 160 -43.37 -43.28 -39.42
N PHE Q 161 -42.71 -44.13 -40.19
CA PHE Q 161 -41.84 -45.14 -39.64
C PHE Q 161 -40.80 -45.54 -40.68
N THR Q 162 -39.87 -46.38 -40.26
CA THR Q 162 -38.79 -46.87 -41.09
C THR Q 162 -39.04 -48.33 -41.44
N PRO Q 163 -39.33 -48.68 -42.68
CA PRO Q 163 -39.59 -50.08 -43.00
C PRO Q 163 -38.32 -50.90 -43.06
N LYS Q 164 -38.47 -52.19 -43.31
CA LYS Q 164 -37.37 -53.13 -43.39
C LYS Q 164 -37.60 -54.03 -44.60
N PRO Q 165 -36.55 -54.43 -45.30
CA PRO Q 165 -36.73 -55.32 -46.44
C PRO Q 165 -36.82 -56.78 -46.04
N VAL Q 166 -37.44 -57.54 -46.93
CA VAL Q 166 -37.63 -58.97 -46.74
C VAL Q 166 -36.45 -59.66 -47.41
N LEU Q 167 -35.38 -59.84 -46.64
CA LEU Q 167 -34.19 -60.49 -47.12
C LEU Q 167 -34.32 -62.01 -47.09
N ASP Q 168 -34.84 -62.56 -46.00
CA ASP Q 168 -35.12 -63.98 -45.89
C ASP Q 168 -36.44 -64.14 -45.17
N SER Q 169 -37.47 -64.56 -45.90
CA SER Q 169 -38.78 -64.75 -45.31
C SER Q 169 -38.84 -65.97 -44.40
N THR Q 170 -37.88 -66.89 -44.51
CA THR Q 170 -37.85 -68.07 -43.66
C THR Q 170 -37.40 -67.73 -42.25
N ILE Q 171 -36.41 -66.86 -42.12
CA ILE Q 171 -35.82 -66.49 -40.84
C ILE Q 171 -36.39 -65.17 -40.37
N ASP Q 172 -36.66 -64.27 -41.32
CA ASP Q 172 -37.28 -62.98 -41.06
C ASP Q 172 -36.42 -62.16 -40.08
N TYR Q 173 -35.23 -61.81 -40.55
CA TYR Q 173 -34.29 -60.98 -39.80
C TYR Q 173 -34.26 -59.58 -40.37
N PHE Q 174 -34.06 -58.60 -39.50
CA PHE Q 174 -33.98 -57.21 -39.91
C PHE Q 174 -33.05 -56.45 -38.99
N GLN Q 175 -32.67 -55.33 -39.42
CA GLN Q 175 -31.73 -54.45 -38.75
C GLN Q 175 -32.46 -53.46 -37.86
N PRO Q 176 -31.86 -53.03 -36.76
CA PRO Q 176 -32.42 -51.89 -36.05
C PRO Q 176 -32.17 -50.59 -36.77
N ASN Q 177 -32.76 -49.52 -36.27
CA ASN Q 177 -32.69 -48.23 -36.94
C ASN Q 177 -31.31 -47.62 -36.75
N ASN Q 178 -30.61 -47.44 -37.86
CA ASN Q 178 -29.29 -46.81 -37.85
C ASN Q 178 -29.10 -46.22 -39.23
N LYS Q 179 -29.05 -44.90 -39.32
CA LYS Q 179 -28.92 -44.28 -40.62
C LYS Q 179 -27.58 -44.58 -41.27
N ARG Q 180 -26.55 -44.78 -40.45
CA ARG Q 180 -25.20 -44.96 -40.98
C ARG Q 180 -24.94 -46.40 -41.42
N ASN Q 181 -25.64 -47.36 -40.83
CA ASN Q 181 -25.40 -48.77 -41.08
C ASN Q 181 -26.49 -49.43 -41.90
N GLN Q 182 -27.48 -48.69 -42.37
CA GLN Q 182 -28.56 -49.27 -43.14
C GLN Q 182 -28.04 -49.80 -44.46
N LEU Q 183 -28.49 -51.01 -44.81
CA LEU Q 183 -28.03 -51.67 -46.01
C LEU Q 183 -28.48 -50.92 -47.25
N TRP Q 184 -27.63 -50.94 -48.25
CA TRP Q 184 -27.98 -50.49 -49.59
C TRP Q 184 -28.41 -51.69 -50.41
N LEU Q 185 -29.60 -51.60 -50.98
CA LEU Q 185 -30.09 -52.56 -51.93
C LEU Q 185 -29.83 -52.07 -53.33
N ARG Q 186 -29.95 -52.97 -54.29
CA ARG Q 186 -29.86 -52.64 -55.70
C ARG Q 186 -31.23 -52.32 -56.25
N LEU Q 187 -31.28 -51.27 -57.06
CA LEU Q 187 -32.46 -50.90 -57.80
C LEU Q 187 -32.54 -51.79 -59.03
N GLN Q 188 -33.25 -52.91 -58.87
CA GLN Q 188 -33.41 -53.87 -59.93
C GLN Q 188 -34.27 -53.30 -61.05
N THR Q 189 -34.36 -54.05 -62.13
CA THR Q 189 -35.13 -53.60 -63.29
C THR Q 189 -36.62 -53.88 -63.11
N ALA Q 190 -36.98 -55.14 -62.79
CA ALA Q 190 -38.38 -55.49 -62.57
C ALA Q 190 -38.59 -56.49 -61.44
N GLY Q 191 -37.68 -56.55 -60.47
CA GLY Q 191 -37.73 -57.58 -59.45
C GLY Q 191 -37.34 -57.13 -58.06
N ASN Q 192 -37.63 -55.88 -57.73
CA ASN Q 192 -37.25 -55.35 -56.44
C ASN Q 192 -37.96 -56.07 -55.30
N VAL Q 193 -37.34 -55.99 -54.13
CA VAL Q 193 -37.78 -56.73 -52.95
C VAL Q 193 -38.82 -55.93 -52.20
N ASP Q 194 -39.76 -56.63 -51.58
CA ASP Q 194 -40.86 -55.99 -50.89
C ASP Q 194 -40.41 -55.53 -49.51
N HIS Q 195 -40.69 -54.27 -49.22
CA HIS Q 195 -40.56 -53.74 -47.87
C HIS Q 195 -41.88 -53.87 -47.15
N VAL Q 196 -41.80 -53.90 -45.83
CA VAL Q 196 -42.91 -54.30 -44.99
C VAL Q 196 -42.91 -53.42 -43.75
N GLY Q 197 -44.04 -53.41 -43.04
CA GLY Q 197 -44.14 -52.52 -41.91
C GLY Q 197 -45.47 -51.91 -41.51
N LEU Q 198 -46.61 -52.34 -42.06
CA LEU Q 198 -47.86 -51.85 -41.51
C LEU Q 198 -48.98 -52.88 -41.61
N GLY Q 199 -49.69 -53.03 -40.51
CA GLY Q 199 -50.91 -53.80 -40.47
C GLY Q 199 -51.98 -53.04 -39.71
N THR Q 200 -53.22 -53.24 -40.14
CA THR Q 200 -54.34 -52.45 -39.69
C THR Q 200 -55.47 -53.34 -39.18
N ALA Q 201 -56.36 -52.72 -38.41
CA ALA Q 201 -57.58 -53.35 -37.97
C ALA Q 201 -58.64 -52.28 -37.88
N PHE Q 202 -59.63 -52.36 -38.76
CA PHE Q 202 -60.72 -51.40 -38.83
C PHE Q 202 -62.00 -52.04 -38.31
N GLU Q 203 -62.72 -51.28 -37.48
CA GLU Q 203 -63.99 -51.74 -36.95
C GLU Q 203 -65.07 -51.60 -38.00
N ASN Q 204 -65.79 -52.68 -38.23
CA ASN Q 204 -66.81 -52.71 -39.26
C ASN Q 204 -68.00 -51.85 -38.86
N SER Q 205 -68.86 -51.59 -39.83
CA SER Q 205 -69.97 -50.67 -39.67
C SER Q 205 -71.10 -51.07 -40.60
N ILE Q 206 -72.26 -50.47 -40.38
CA ILE Q 206 -73.41 -50.68 -41.24
C ILE Q 206 -73.19 -50.03 -42.60
N TYR Q 207 -72.42 -48.95 -42.63
CA TYR Q 207 -72.11 -48.23 -43.85
C TYR Q 207 -70.71 -48.59 -44.34
N ASP Q 208 -70.50 -48.40 -45.64
CA ASP Q 208 -69.19 -48.64 -46.22
C ASP Q 208 -68.24 -47.52 -45.85
N GLN Q 209 -67.04 -47.89 -45.44
CA GLN Q 209 -65.98 -46.96 -45.05
C GLN Q 209 -64.89 -47.01 -46.11
N GLU Q 210 -64.79 -45.95 -46.90
CA GLU Q 210 -63.80 -45.85 -47.96
C GLU Q 210 -62.67 -44.92 -47.55
N TYR Q 211 -61.48 -45.20 -48.07
CA TYR Q 211 -60.29 -44.42 -47.79
C TYR Q 211 -59.47 -44.31 -49.06
N ASN Q 212 -58.78 -43.18 -49.21
CA ASN Q 212 -57.77 -42.96 -50.24
C ASN Q 212 -56.43 -42.95 -49.53
N ILE Q 213 -55.63 -43.98 -49.75
CA ILE Q 213 -54.39 -44.17 -49.02
C ILE Q 213 -53.25 -43.64 -49.88
N ARG Q 214 -52.49 -42.71 -49.33
CA ARG Q 214 -51.34 -42.10 -49.99
C ARG Q 214 -50.09 -42.51 -49.24
N VAL Q 215 -49.27 -43.33 -49.89
CA VAL Q 215 -48.00 -43.76 -49.34
C VAL Q 215 -46.92 -42.91 -49.95
N THR Q 216 -46.05 -42.38 -49.11
CA THR Q 216 -44.91 -41.56 -49.50
C THR Q 216 -43.66 -42.23 -48.94
N MET Q 217 -42.76 -42.61 -49.83
CA MET Q 217 -41.49 -43.19 -49.45
C MET Q 217 -40.36 -42.18 -49.60
N TYR Q 218 -39.60 -42.01 -48.54
CA TYR Q 218 -38.43 -41.15 -48.53
C TYR Q 218 -37.20 -42.01 -48.74
N VAL Q 219 -36.61 -41.94 -49.93
CA VAL Q 219 -35.58 -42.86 -50.37
C VAL Q 219 -34.27 -42.10 -50.49
N GLN Q 220 -33.20 -42.86 -50.63
CA GLN Q 220 -31.84 -42.35 -50.73
C GLN Q 220 -31.13 -43.22 -51.74
N PHE Q 221 -30.74 -42.63 -52.86
CA PHE Q 221 -30.08 -43.33 -53.94
C PHE Q 221 -28.57 -43.09 -53.89
N ARG Q 222 -27.85 -43.81 -54.74
CA ARG Q 222 -26.40 -43.76 -54.77
C ARG Q 222 -25.91 -44.18 -56.14
N GLU Q 223 -24.78 -43.61 -56.54
CA GLU Q 223 -24.07 -43.99 -57.76
C GLU Q 223 -24.91 -43.73 -59.01
N PHE Q 224 -25.08 -42.44 -59.29
CA PHE Q 224 -25.58 -41.94 -60.56
C PHE Q 224 -24.94 -42.69 -61.72
N ASN Q 225 -25.76 -43.30 -62.56
CA ASN Q 225 -25.29 -44.23 -63.57
C ASN Q 225 -25.95 -43.98 -64.91
N LEU Q 226 -26.08 -42.73 -65.28
CA LEU Q 226 -26.70 -42.40 -66.55
C LEU Q 226 -25.84 -42.90 -67.70
N LYS Q 227 -26.50 -43.37 -68.74
CA LYS Q 227 -25.85 -43.85 -69.95
C LYS Q 227 -26.30 -43.01 -71.13
N ASP Q 228 -25.34 -42.50 -71.88
CA ASP Q 228 -25.59 -41.53 -72.95
C ASP Q 228 -25.00 -42.07 -74.26
N PRO Q 229 -25.73 -42.92 -74.95
CA PRO Q 229 -25.28 -43.35 -76.28
C PRO Q 229 -25.48 -42.23 -77.29
N PRO Q 230 -24.87 -42.35 -78.48
CA PRO Q 230 -25.15 -41.36 -79.52
C PRO Q 230 -26.55 -41.48 -80.08
N LEU Q 231 -26.87 -40.64 -81.06
CA LEU Q 231 -28.19 -40.60 -81.67
C LEU Q 231 -28.12 -40.39 -83.17
N GLY R 43 -38.90 -59.46 -10.62
CA GLY R 43 -38.93 -59.34 -12.06
C GLY R 43 -40.10 -58.54 -12.56
N ILE R 44 -39.97 -57.23 -12.52
CA ILE R 44 -41.07 -56.33 -12.82
C ILE R 44 -41.24 -56.21 -14.32
N PHE R 45 -42.50 -56.09 -14.74
CA PHE R 45 -42.85 -55.84 -16.13
C PHE R 45 -44.13 -55.03 -16.16
N ASN R 46 -43.99 -53.74 -16.39
CA ASN R 46 -45.14 -52.87 -16.58
C ASN R 46 -45.60 -52.94 -18.03
N THR R 47 -46.88 -53.21 -18.23
CA THR R 47 -47.45 -53.26 -19.56
C THR R 47 -48.85 -52.64 -19.53
N ARG R 48 -49.59 -52.88 -20.61
CA ARG R 48 -50.87 -52.25 -20.86
C ARG R 48 -51.78 -53.25 -21.55
N LEU R 49 -52.95 -53.46 -20.98
CA LEU R 49 -53.94 -54.41 -21.48
C LEU R 49 -55.25 -53.68 -21.70
N SER R 50 -55.89 -53.98 -22.82
CA SER R 50 -57.10 -53.31 -23.25
C SER R 50 -58.20 -54.30 -23.55
N ARG R 51 -59.40 -53.76 -23.73
CA ARG R 51 -60.64 -54.50 -23.89
C ARG R 51 -61.70 -53.51 -24.31
N THR R 52 -62.58 -53.93 -25.22
CA THR R 52 -63.58 -53.07 -25.80
C THR R 52 -64.93 -53.75 -25.76
N PHE R 53 -65.96 -52.98 -25.42
CA PHE R 53 -67.32 -53.50 -25.34
C PHE R 53 -68.29 -52.34 -25.46
N GLY R 54 -69.57 -52.68 -25.62
CA GLY R 54 -70.61 -51.72 -25.85
C GLY R 54 -71.50 -51.40 -24.67
N TYR R 55 -72.11 -50.22 -24.71
CA TYR R 55 -73.08 -49.78 -23.72
C TYR R 55 -74.07 -48.86 -24.41
N THR R 56 -75.35 -49.13 -24.19
CA THR R 56 -76.43 -48.36 -24.81
C THR R 56 -77.38 -47.86 -23.75
N ILE R 57 -77.81 -46.61 -23.91
CA ILE R 57 -78.85 -46.00 -23.10
C ILE R 57 -80.08 -45.93 -23.99
N LYS R 58 -81.05 -46.81 -23.74
CA LYS R 58 -82.23 -46.89 -24.56
C LYS R 58 -83.09 -45.63 -24.42
N ARG R 59 -83.92 -45.40 -25.42
CA ARG R 59 -84.78 -44.25 -25.47
C ARG R 59 -85.91 -44.35 -24.45
N THR R 60 -86.49 -43.21 -24.12
CA THR R 60 -87.62 -43.12 -23.21
C THR R 60 -88.58 -42.04 -23.69
N THR R 61 -89.88 -42.34 -23.59
CA THR R 61 -90.92 -41.37 -23.87
C THR R 61 -91.12 -40.38 -22.72
N VAL R 62 -90.45 -40.59 -21.59
CA VAL R 62 -90.59 -39.70 -20.45
C VAL R 62 -90.16 -38.29 -20.85
N LYS R 63 -90.95 -37.30 -20.42
CA LYS R 63 -90.70 -35.91 -20.77
C LYS R 63 -89.67 -35.27 -19.87
N THR R 64 -89.68 -35.61 -18.59
CA THR R 64 -88.81 -34.99 -17.62
C THR R 64 -87.35 -35.31 -17.92
N PRO R 65 -86.42 -34.57 -17.30
CA PRO R 65 -85.02 -35.00 -17.34
C PRO R 65 -84.79 -36.08 -16.31
N SER R 66 -84.62 -37.31 -16.80
CA SER R 66 -84.28 -38.45 -15.98
C SER R 66 -82.93 -38.99 -16.39
N TRP R 67 -82.29 -39.68 -15.47
CA TRP R 67 -80.96 -40.23 -15.67
C TRP R 67 -80.97 -41.75 -15.54
N ALA R 68 -80.08 -42.36 -16.30
CA ALA R 68 -79.88 -43.81 -16.30
C ALA R 68 -78.58 -44.12 -15.58
N VAL R 69 -78.68 -44.91 -14.53
CA VAL R 69 -77.55 -45.20 -13.66
C VAL R 69 -77.07 -46.60 -13.94
N ASP R 70 -75.75 -46.78 -13.91
CA ASP R 70 -75.14 -48.08 -14.12
C ASP R 70 -73.77 -48.08 -13.46
N MET R 71 -73.21 -49.27 -13.33
CA MET R 71 -71.95 -49.51 -12.65
C MET R 71 -70.94 -50.10 -13.62
N MET R 72 -69.69 -50.13 -13.16
CA MET R 72 -68.59 -50.63 -13.98
C MET R 72 -67.50 -51.17 -13.06
N ARG R 73 -67.28 -52.48 -13.13
CA ARG R 73 -66.19 -53.14 -12.43
C ARG R 73 -65.12 -53.56 -13.43
N PHE R 74 -63.96 -53.93 -12.91
CA PHE R 74 -62.81 -54.32 -13.72
C PHE R 74 -62.21 -55.59 -13.15
N ASN R 75 -62.09 -56.62 -13.98
CA ASN R 75 -61.43 -57.86 -13.62
C ASN R 75 -60.38 -58.18 -14.67
N ILE R 76 -59.31 -58.84 -14.24
CA ILE R 76 -58.19 -59.15 -15.12
C ILE R 76 -58.44 -60.37 -15.99
N ASN R 77 -59.46 -61.18 -15.69
CA ASN R 77 -59.78 -62.30 -16.56
C ASN R 77 -60.29 -61.82 -17.91
N ASP R 78 -60.93 -60.66 -17.94
CA ASP R 78 -61.46 -60.11 -19.17
C ASP R 78 -60.39 -59.47 -20.05
N PHE R 79 -59.19 -59.24 -19.51
CA PHE R 79 -58.08 -58.68 -20.25
C PHE R 79 -56.99 -59.68 -20.54
N LEU R 80 -56.79 -60.66 -19.66
CA LEU R 80 -55.75 -61.65 -19.76
C LEU R 80 -56.35 -63.03 -19.99
N PRO R 81 -56.21 -63.65 -21.16
CA PRO R 81 -56.84 -64.93 -21.37
C PRO R 81 -56.10 -66.05 -20.67
N PRO R 82 -56.66 -67.24 -20.63
CA PRO R 82 -55.92 -68.38 -20.12
C PRO R 82 -54.83 -68.81 -21.09
N GLY R 83 -53.75 -69.31 -20.54
CA GLY R 83 -52.62 -69.73 -21.34
C GLY R 83 -52.78 -71.12 -21.89
N GLY R 84 -51.70 -71.87 -21.91
CA GLY R 84 -51.72 -73.23 -22.41
C GLY R 84 -50.59 -74.06 -21.86
N GLY R 85 -50.91 -75.26 -21.40
CA GLY R 85 -49.92 -76.15 -20.87
C GLY R 85 -49.62 -75.91 -19.41
N SER R 86 -48.35 -76.01 -19.05
CA SER R 86 -47.93 -75.82 -17.67
C SER R 86 -48.05 -74.37 -17.24
N ASN R 87 -48.17 -73.44 -18.17
CA ASN R 87 -48.38 -72.04 -17.85
C ASN R 87 -49.88 -71.74 -17.86
N PRO R 88 -50.51 -71.51 -16.71
CA PRO R 88 -51.97 -71.37 -16.71
C PRO R 88 -52.46 -70.10 -17.36
N ARG R 89 -51.63 -69.06 -17.44
CA ARG R 89 -52.00 -67.79 -18.02
C ARG R 89 -51.05 -67.43 -19.16
N SER R 90 -51.50 -66.49 -19.99
CA SER R 90 -50.78 -66.16 -21.20
C SER R 90 -49.61 -65.22 -20.95
N VAL R 91 -49.66 -64.47 -19.85
CA VAL R 91 -48.53 -63.65 -19.41
C VAL R 91 -47.85 -64.39 -18.27
N PRO R 92 -46.62 -64.90 -18.46
CA PRO R 92 -46.07 -65.80 -17.44
C PRO R 92 -45.47 -65.08 -16.23
N PHE R 93 -46.37 -64.67 -15.34
CA PHE R 93 -45.98 -64.03 -14.10
C PHE R 93 -46.89 -64.55 -13.00
N GLU R 94 -46.43 -64.38 -11.76
CA GLU R 94 -47.13 -64.86 -10.57
C GLU R 94 -48.03 -63.81 -9.95
N TYR R 95 -47.50 -62.63 -9.71
CA TYR R 95 -48.18 -61.58 -8.98
C TYR R 95 -48.53 -60.42 -9.92
N TYR R 96 -49.47 -59.61 -9.47
CA TYR R 96 -49.85 -58.43 -10.23
C TYR R 96 -50.44 -57.40 -9.28
N ARG R 97 -50.51 -56.16 -9.77
CA ARG R 97 -51.23 -55.12 -9.09
C ARG R 97 -51.57 -54.06 -10.12
N ILE R 98 -52.83 -53.67 -10.16
CA ILE R 98 -53.31 -52.72 -11.15
C ILE R 98 -52.98 -51.31 -10.69
N ARG R 99 -52.24 -50.59 -11.52
CA ARG R 99 -51.78 -49.25 -11.20
C ARG R 99 -52.80 -48.20 -11.58
N LYS R 100 -53.33 -48.27 -12.80
CA LYS R 100 -54.26 -47.29 -13.32
C LYS R 100 -55.22 -47.97 -14.26
N VAL R 101 -56.35 -47.32 -14.50
CA VAL R 101 -57.31 -47.71 -15.51
C VAL R 101 -57.74 -46.46 -16.25
N LYS R 102 -57.92 -46.61 -17.57
CA LYS R 102 -58.42 -45.56 -18.44
C LYS R 102 -59.69 -46.08 -19.09
N VAL R 103 -60.81 -45.54 -18.68
CA VAL R 103 -62.10 -45.84 -19.30
C VAL R 103 -62.40 -44.74 -20.31
N GLU R 104 -62.64 -45.14 -21.55
CA GLU R 104 -62.89 -44.23 -22.65
C GLU R 104 -64.28 -44.54 -23.20
N PHE R 105 -65.18 -43.57 -23.13
CA PHE R 105 -66.48 -43.65 -23.76
C PHE R 105 -66.36 -43.06 -25.15
N TRP R 106 -66.19 -43.93 -26.13
CA TRP R 106 -66.13 -43.50 -27.51
C TRP R 106 -67.55 -43.47 -28.08
N PRO R 107 -68.06 -42.33 -28.52
CA PRO R 107 -69.44 -42.29 -28.97
C PRO R 107 -69.65 -43.03 -30.27
N CYS R 108 -70.90 -43.44 -30.45
CA CYS R 108 -71.37 -44.08 -31.66
C CYS R 108 -72.38 -43.25 -32.41
N SER R 109 -72.70 -42.06 -31.93
CA SER R 109 -73.79 -41.25 -32.40
C SER R 109 -73.27 -40.08 -33.23
N PRO R 110 -74.03 -39.62 -34.21
CA PRO R 110 -73.55 -38.51 -35.04
C PRO R 110 -73.56 -37.20 -34.30
N ILE R 111 -72.79 -36.25 -34.83
CA ILE R 111 -72.75 -34.92 -34.23
C ILE R 111 -74.00 -34.10 -34.53
N THR R 112 -74.90 -34.61 -35.37
CA THR R 112 -76.16 -33.95 -35.66
C THR R 112 -77.29 -34.40 -34.75
N GLN R 113 -77.02 -35.30 -33.81
CA GLN R 113 -78.09 -35.83 -32.97
C GLN R 113 -78.48 -34.79 -31.93
N GLY R 114 -79.79 -34.60 -31.78
CA GLY R 114 -80.32 -33.66 -30.84
C GLY R 114 -80.74 -34.29 -29.53
N ASP R 115 -81.54 -33.55 -28.77
CA ASP R 115 -81.97 -33.95 -27.45
C ASP R 115 -80.76 -34.25 -26.57
N ARG R 116 -79.76 -33.38 -26.65
CA ARG R 116 -78.54 -33.55 -25.91
C ARG R 116 -78.81 -33.45 -24.42
N GLY R 117 -77.81 -33.88 -23.65
CA GLY R 117 -77.94 -33.99 -22.22
C GLY R 117 -76.64 -33.80 -21.49
N VAL R 118 -76.67 -34.00 -20.18
CA VAL R 118 -75.51 -33.80 -19.34
C VAL R 118 -75.57 -34.78 -18.18
N GLY R 119 -74.48 -35.51 -18.00
CA GLY R 119 -74.39 -36.55 -17.00
C GLY R 119 -73.17 -36.42 -16.12
N SER R 120 -72.82 -37.50 -15.44
CA SER R 120 -71.75 -37.47 -14.47
C SER R 120 -71.15 -38.86 -14.33
N SER R 121 -69.82 -38.89 -14.19
CA SER R 121 -69.08 -40.10 -13.90
C SER R 121 -68.27 -39.90 -12.64
N ALA R 122 -68.39 -40.84 -11.70
CA ALA R 122 -67.71 -40.75 -10.43
C ALA R 122 -66.95 -42.04 -10.15
N VAL R 123 -66.01 -41.93 -9.23
CA VAL R 123 -65.10 -43.02 -8.88
C VAL R 123 -65.54 -43.62 -7.56
N ILE R 124 -65.85 -44.91 -7.58
CA ILE R 124 -66.48 -45.61 -6.46
C ILE R 124 -65.62 -46.82 -6.14
N LEU R 125 -64.79 -46.69 -5.12
CA LEU R 125 -63.75 -47.66 -4.83
C LEU R 125 -64.15 -48.71 -3.79
N ASP R 126 -65.44 -49.04 -3.66
CA ASP R 126 -65.90 -49.87 -2.54
C ASP R 126 -67.01 -50.86 -2.85
N ASP R 127 -67.46 -50.98 -4.09
CA ASP R 127 -68.42 -52.01 -4.48
C ASP R 127 -69.80 -51.77 -3.88
N ASN R 128 -70.13 -50.52 -3.59
CA ASN R 128 -71.49 -50.12 -3.20
C ASN R 128 -71.82 -48.91 -4.07
N PHE R 129 -72.42 -49.22 -5.20
CA PHE R 129 -72.84 -48.24 -6.18
C PHE R 129 -74.27 -47.81 -5.89
N VAL R 130 -74.63 -46.67 -6.47
CA VAL R 130 -76.04 -46.30 -6.54
C VAL R 130 -76.76 -47.37 -7.34
N THR R 131 -77.96 -47.71 -6.90
CA THR R 131 -78.71 -48.79 -7.52
C THR R 131 -78.95 -48.50 -8.99
N LYS R 132 -78.85 -49.55 -9.81
CA LYS R 132 -79.08 -49.41 -11.23
C LYS R 132 -80.51 -48.97 -11.48
N ALA R 133 -80.66 -47.92 -12.27
CA ALA R 133 -81.95 -47.31 -12.55
C ALA R 133 -82.05 -46.99 -14.04
N THR R 134 -83.28 -47.06 -14.54
CA THR R 134 -83.56 -46.75 -15.93
C THR R 134 -83.85 -45.26 -16.12
N ALA R 135 -84.76 -44.71 -15.31
CA ALA R 135 -85.12 -43.30 -15.38
C ALA R 135 -85.28 -42.78 -13.96
N LEU R 136 -84.17 -42.31 -13.40
CA LEU R 136 -84.15 -41.70 -12.08
C LEU R 136 -84.28 -40.19 -12.21
N THR R 137 -85.00 -39.58 -11.29
CA THR R 137 -85.38 -38.18 -11.37
C THR R 137 -84.25 -37.22 -11.04
N TYR R 138 -83.03 -37.70 -10.86
CA TYR R 138 -81.92 -36.82 -10.52
C TYR R 138 -80.62 -37.54 -10.87
N ASP R 139 -79.54 -36.78 -10.87
CA ASP R 139 -78.20 -37.30 -11.11
C ASP R 139 -77.56 -37.58 -9.76
N PRO R 140 -77.42 -38.84 -9.35
CA PRO R 140 -76.87 -39.08 -8.00
C PRO R 140 -75.40 -38.74 -7.90
N TYR R 141 -74.64 -38.91 -8.97
CA TYR R 141 -73.20 -38.72 -8.95
C TYR R 141 -72.78 -37.29 -9.21
N VAL R 142 -73.71 -36.33 -9.08
CA VAL R 142 -73.41 -34.97 -9.47
C VAL R 142 -72.62 -34.25 -8.39
N ASN R 143 -72.95 -34.47 -7.13
CA ASN R 143 -72.30 -33.79 -6.02
C ASN R 143 -71.09 -34.55 -5.51
N TYR R 144 -70.71 -35.64 -6.16
CA TYR R 144 -69.53 -36.38 -5.77
C TYR R 144 -68.27 -35.58 -6.06
N SER R 145 -67.30 -35.70 -5.16
CA SER R 145 -66.04 -35.01 -5.31
C SER R 145 -65.26 -35.46 -6.53
N SER R 146 -65.52 -36.67 -7.02
CA SER R 146 -64.87 -37.22 -8.20
C SER R 146 -65.73 -37.14 -9.44
N ARG R 147 -66.70 -36.24 -9.47
CA ARG R 147 -67.59 -36.12 -10.60
C ARG R 147 -66.90 -35.38 -11.72
N HIS R 148 -66.99 -35.95 -12.92
CA HIS R 148 -66.66 -35.28 -14.17
C HIS R 148 -67.93 -35.25 -14.99
N THR R 149 -68.17 -34.12 -15.64
CA THR R 149 -69.35 -33.97 -16.47
C THR R 149 -69.23 -34.78 -17.74
N ILE R 150 -70.31 -35.47 -18.09
CA ILE R 150 -70.43 -36.20 -19.34
C ILE R 150 -71.34 -35.36 -20.22
N THR R 151 -70.76 -34.77 -21.26
CA THR R 151 -71.56 -34.22 -22.34
C THR R 151 -72.01 -35.36 -23.24
N GLN R 152 -73.27 -35.32 -23.63
CA GLN R 152 -73.91 -36.37 -24.39
C GLN R 152 -74.49 -35.78 -25.67
N PRO R 153 -74.71 -36.61 -26.70
CA PRO R 153 -74.39 -38.01 -26.92
C PRO R 153 -73.12 -38.26 -27.72
N PHE R 154 -72.62 -37.22 -28.39
CA PHE R 154 -71.58 -37.37 -29.40
C PHE R 154 -70.22 -36.87 -28.91
N SER R 155 -69.97 -36.95 -27.62
CA SER R 155 -68.77 -36.40 -27.02
C SER R 155 -68.00 -37.48 -26.29
N TYR R 156 -66.69 -37.37 -26.36
CA TYR R 156 -65.77 -38.31 -25.75
C TYR R 156 -65.57 -37.99 -24.28
N HIS R 157 -65.51 -39.04 -23.46
CA HIS R 157 -65.34 -38.93 -22.03
C HIS R 157 -64.30 -39.95 -21.59
N SER R 158 -63.25 -39.47 -20.94
CA SER R 158 -62.21 -40.30 -20.39
C SER R 158 -62.15 -40.12 -18.89
N ARG R 159 -61.76 -41.20 -18.20
CA ARG R 159 -61.52 -41.18 -16.77
C ARG R 159 -60.27 -42.01 -16.51
N TYR R 160 -59.30 -41.44 -15.82
CA TYR R 160 -58.02 -42.06 -15.54
C TYR R 160 -57.80 -42.03 -14.04
N PHE R 161 -57.75 -43.20 -13.43
CA PHE R 161 -57.75 -43.30 -11.99
C PHE R 161 -57.10 -44.62 -11.59
N THR R 162 -56.93 -44.79 -10.29
CA THR R 162 -56.33 -45.96 -9.68
C THR R 162 -57.41 -46.79 -9.00
N PRO R 163 -57.75 -47.98 -9.49
CA PRO R 163 -58.80 -48.75 -8.83
C PRO R 163 -58.31 -49.42 -7.56
N LYS R 164 -59.22 -50.11 -6.88
CA LYS R 164 -58.92 -50.80 -5.65
C LYS R 164 -59.57 -52.17 -5.70
N PRO R 165 -58.95 -53.20 -5.14
CA PRO R 165 -59.56 -54.52 -5.15
C PRO R 165 -60.56 -54.73 -4.03
N VAL R 166 -61.46 -55.67 -4.27
CA VAL R 166 -62.51 -56.02 -3.32
C VAL R 166 -61.95 -57.15 -2.46
N LEU R 167 -61.29 -56.78 -1.38
CA LEU R 167 -60.73 -57.74 -0.46
C LEU R 167 -61.76 -58.28 0.50
N ASP R 168 -62.60 -57.41 1.06
CA ASP R 168 -63.70 -57.80 1.92
C ASP R 168 -64.89 -56.92 1.57
N SER R 169 -65.90 -57.50 0.95
CA SER R 169 -67.08 -56.76 0.58
C SER R 169 -67.96 -56.42 1.78
N THR R 170 -67.76 -57.09 2.91
CA THR R 170 -68.54 -56.80 4.11
C THR R 170 -68.08 -55.51 4.77
N ILE R 171 -66.77 -55.29 4.81
CA ILE R 171 -66.18 -54.13 5.49
C ILE R 171 -65.83 -53.07 4.46
N ASP R 172 -65.42 -53.50 3.27
CA ASP R 172 -65.12 -52.61 2.16
C ASP R 172 -64.02 -51.62 2.53
N TYR R 173 -62.83 -52.16 2.78
CA TYR R 173 -61.65 -51.39 3.09
C TYR R 173 -60.71 -51.36 1.90
N PHE R 174 -60.00 -50.24 1.74
CA PHE R 174 -59.06 -50.08 0.66
C PHE R 174 -57.93 -49.17 1.10
N GLN R 175 -56.90 -49.20 0.36
CA GLN R 175 -55.68 -48.47 0.61
C GLN R 175 -55.69 -47.12 -0.09
N PRO R 176 -55.05 -46.11 0.45
CA PRO R 176 -54.83 -44.89 -0.32
C PRO R 176 -53.77 -45.09 -1.39
N ASN R 177 -53.61 -44.08 -2.23
CA ASN R 177 -52.71 -44.20 -3.37
C ASN R 177 -51.27 -44.10 -2.90
N ASN R 178 -50.52 -45.18 -3.11
CA ASN R 178 -49.11 -45.22 -2.77
C ASN R 178 -48.49 -46.26 -3.67
N LYS R 179 -47.63 -45.84 -4.59
CA LYS R 179 -47.05 -46.78 -5.52
C LYS R 179 -46.14 -47.77 -4.82
N ARG R 180 -45.51 -47.37 -3.72
CA ARG R 180 -44.53 -48.21 -3.05
C ARG R 180 -45.18 -49.22 -2.12
N ASN R 181 -46.37 -48.93 -1.61
CA ASN R 181 -47.04 -49.75 -0.62
C ASN R 181 -48.25 -50.50 -1.17
N GLN R 182 -48.52 -50.39 -2.46
CA GLN R 182 -49.67 -51.06 -3.04
C GLN R 182 -49.49 -52.57 -2.97
N LEU R 183 -50.56 -53.24 -2.57
CA LEU R 183 -50.54 -54.68 -2.39
C LEU R 183 -50.33 -55.39 -3.72
N TRP R 184 -49.60 -56.50 -3.66
CA TRP R 184 -49.48 -57.43 -4.75
C TRP R 184 -50.52 -58.53 -4.57
N LEU R 185 -51.35 -58.73 -5.57
CA LEU R 185 -52.26 -59.84 -5.62
C LEU R 185 -51.65 -60.96 -6.44
N ARG R 186 -52.23 -62.14 -6.32
CA ARG R 186 -51.84 -63.28 -7.12
C ARG R 186 -52.67 -63.33 -8.39
N LEU R 187 -52.00 -63.64 -9.49
CA LEU R 187 -52.65 -63.88 -10.77
C LEU R 187 -53.18 -65.31 -10.75
N GLN R 188 -54.44 -65.44 -10.34
CA GLN R 188 -55.07 -66.74 -10.24
C GLN R 188 -55.31 -67.31 -11.64
N THR R 189 -55.76 -68.55 -11.66
CA THR R 189 -56.01 -69.23 -12.93
C THR R 189 -57.36 -68.84 -13.52
N ALA R 190 -58.44 -68.96 -12.74
CA ALA R 190 -59.77 -68.59 -13.22
C ALA R 190 -60.63 -67.93 -12.15
N GLY R 191 -60.03 -67.30 -11.15
CA GLY R 191 -60.79 -66.77 -10.02
C GLY R 191 -60.31 -65.44 -9.48
N ASN R 192 -59.79 -64.59 -10.35
CA ASN R 192 -59.24 -63.33 -9.90
C ASN R 192 -60.33 -62.42 -9.32
N VAL R 193 -59.88 -61.50 -8.50
CA VAL R 193 -60.78 -60.64 -7.72
C VAL R 193 -61.15 -59.41 -8.53
N ASP R 194 -62.37 -58.93 -8.32
CA ASP R 194 -62.88 -57.80 -9.08
C ASP R 194 -62.34 -56.51 -8.52
N HIS R 195 -61.80 -55.69 -9.40
CA HIS R 195 -61.47 -54.31 -9.08
C HIS R 195 -62.64 -53.42 -9.44
N VAL R 196 -62.68 -52.27 -8.79
CA VAL R 196 -63.86 -51.43 -8.78
C VAL R 196 -63.41 -49.97 -8.83
N GLY R 197 -64.34 -49.08 -9.16
CA GLY R 197 -63.96 -47.69 -9.32
C GLY R 197 -64.64 -46.80 -10.34
N LEU R 198 -65.75 -47.20 -10.95
CA LEU R 198 -66.48 -46.23 -11.76
C LEU R 198 -67.97 -46.48 -11.76
N GLY R 199 -68.70 -45.39 -11.57
CA GLY R 199 -70.14 -45.37 -11.74
C GLY R 199 -70.56 -44.16 -12.53
N THR R 200 -71.62 -44.35 -13.31
CA THR R 200 -72.04 -43.37 -14.31
C THR R 200 -73.51 -43.02 -14.12
N ALA R 201 -73.87 -41.88 -14.71
CA ALA R 201 -75.27 -41.46 -14.79
C ALA R 201 -75.44 -40.71 -16.11
N PHE R 202 -76.19 -41.31 -17.03
CA PHE R 202 -76.45 -40.74 -18.33
C PHE R 202 -77.87 -40.23 -18.41
N GLU R 203 -78.03 -39.04 -18.97
CA GLU R 203 -79.35 -38.45 -19.15
C GLU R 203 -80.02 -39.09 -20.35
N ASN R 204 -81.25 -39.56 -20.14
CA ASN R 204 -81.98 -40.25 -21.17
C ASN R 204 -82.41 -39.29 -22.27
N SER R 205 -82.85 -39.86 -23.38
CA SER R 205 -83.16 -39.10 -24.58
C SER R 205 -84.22 -39.83 -25.39
N ILE R 206 -84.78 -39.13 -26.37
CA ILE R 206 -85.74 -39.73 -27.27
C ILE R 206 -85.06 -40.72 -28.19
N TYR R 207 -83.79 -40.51 -28.50
CA TYR R 207 -83.01 -41.38 -29.36
C TYR R 207 -82.10 -42.27 -28.52
N ASP R 208 -81.73 -43.41 -29.10
CA ASP R 208 -80.81 -44.31 -28.44
C ASP R 208 -79.40 -43.76 -28.49
N GLN R 209 -78.72 -43.82 -27.35
CA GLN R 209 -77.35 -43.35 -27.19
C GLN R 209 -76.45 -44.55 -27.01
N GLU R 210 -75.65 -44.87 -28.03
CA GLU R 210 -74.74 -45.99 -27.99
C GLU R 210 -73.31 -45.51 -27.77
N TYR R 211 -72.52 -46.36 -27.14
CA TYR R 211 -71.12 -46.09 -26.85
C TYR R 211 -70.32 -47.36 -27.02
N ASN R 212 -69.07 -47.20 -27.46
CA ASN R 212 -68.07 -48.26 -27.46
C ASN R 212 -67.07 -47.94 -26.38
N ILE R 213 -67.07 -48.72 -25.31
CA ILE R 213 -66.26 -48.43 -24.15
C ILE R 213 -64.99 -49.24 -24.22
N ARG R 214 -63.85 -48.56 -24.17
CA ARG R 214 -62.53 -49.17 -24.22
C ARG R 214 -61.87 -48.95 -22.88
N VAL R 215 -61.68 -50.02 -22.12
CA VAL R 215 -61.00 -50.01 -20.85
C VAL R 215 -59.58 -50.46 -21.07
N THR R 216 -58.63 -49.69 -20.55
CA THR R 216 -57.21 -49.98 -20.62
C THR R 216 -56.68 -50.03 -19.20
N MET R 217 -56.15 -51.18 -18.81
CA MET R 217 -55.54 -51.36 -17.50
C MET R 217 -54.03 -51.35 -17.60
N TYR R 218 -53.40 -50.52 -16.80
CA TYR R 218 -51.96 -50.44 -16.70
C TYR R 218 -51.51 -51.24 -15.49
N VAL R 219 -50.93 -52.40 -15.75
CA VAL R 219 -50.65 -53.38 -14.72
C VAL R 219 -49.15 -53.50 -14.53
N GLN R 220 -48.77 -54.17 -13.44
CA GLN R 220 -47.39 -54.36 -13.06
C GLN R 220 -47.29 -55.77 -12.49
N PHE R 221 -46.55 -56.62 -13.17
CA PHE R 221 -46.38 -58.01 -12.79
C PHE R 221 -45.06 -58.21 -12.06
N ARG R 222 -44.88 -59.42 -11.52
CA ARG R 222 -43.71 -59.75 -10.74
C ARG R 222 -43.49 -61.25 -10.79
N GLU R 223 -42.22 -61.64 -10.70
CA GLU R 223 -41.81 -63.04 -10.58
C GLU R 223 -42.22 -63.86 -11.80
N PHE R 224 -41.54 -63.56 -12.89
CA PHE R 224 -41.52 -64.39 -14.09
C PHE R 224 -41.39 -65.86 -13.74
N ASN R 225 -42.36 -66.65 -14.16
CA ASN R 225 -42.49 -68.03 -13.72
C ASN R 225 -42.75 -68.98 -14.87
N LEU R 226 -42.06 -68.79 -15.97
CA LEU R 226 -42.25 -69.65 -17.12
C LEU R 226 -41.79 -71.07 -16.79
N LYS R 227 -42.51 -72.03 -17.33
CA LYS R 227 -42.22 -73.44 -17.16
C LYS R 227 -41.97 -74.07 -18.52
N ASP R 228 -40.84 -74.75 -18.65
CA ASP R 228 -40.37 -75.27 -19.93
C ASP R 228 -40.13 -76.77 -19.81
N PRO R 229 -41.19 -77.57 -19.97
CA PRO R 229 -41.00 -79.01 -20.01
C PRO R 229 -40.40 -79.43 -21.33
N PRO R 230 -39.90 -80.67 -21.43
CA PRO R 230 -39.44 -81.16 -22.73
C PRO R 230 -40.56 -81.38 -23.72
N LEU R 231 -40.22 -81.84 -24.91
CA LEU R 231 -41.19 -82.07 -25.98
C LEU R 231 -40.88 -83.34 -26.75
N GLY S 43 -66.60 -23.65 13.46
CA GLY S 43 -66.42 -24.88 12.71
C GLY S 43 -66.79 -24.75 11.26
N ILE S 44 -65.87 -24.21 10.48
CA ILE S 44 -66.13 -23.87 9.09
C ILE S 44 -66.06 -25.11 8.22
N PHE S 45 -66.93 -25.16 7.22
CA PHE S 45 -66.92 -26.22 6.23
C PHE S 45 -67.41 -25.63 4.92
N ASN S 46 -66.48 -25.35 4.02
CA ASN S 46 -66.81 -24.92 2.68
C ASN S 46 -67.08 -26.13 1.81
N THR S 47 -68.23 -26.14 1.15
CA THR S 47 -68.59 -27.22 0.23
C THR S 47 -69.29 -26.64 -0.98
N ARG S 48 -69.91 -27.53 -1.75
CA ARG S 48 -70.50 -27.21 -3.03
C ARG S 48 -71.76 -28.04 -3.21
N LEU S 49 -72.87 -27.36 -3.50
CA LEU S 49 -74.17 -27.98 -3.67
C LEU S 49 -74.71 -27.59 -5.03
N SER S 50 -75.31 -28.57 -5.71
CA SER S 50 -75.78 -28.41 -7.08
C SER S 50 -77.24 -28.84 -7.19
N ARG S 51 -77.81 -28.52 -8.34
CA ARG S 51 -79.22 -28.69 -8.65
C ARG S 51 -79.39 -28.44 -10.12
N THR S 52 -80.25 -29.22 -10.76
CA THR S 52 -80.45 -29.17 -12.21
C THR S 52 -81.93 -29.11 -12.52
N PHE S 53 -82.28 -28.28 -13.49
CA PHE S 53 -83.67 -28.12 -13.90
C PHE S 53 -83.70 -27.55 -15.32
N GLY S 54 -84.88 -27.55 -15.90
CA GLY S 54 -85.07 -27.13 -17.27
C GLY S 54 -85.68 -25.76 -17.47
N TYR S 55 -85.42 -25.19 -18.64
CA TYR S 55 -85.99 -23.93 -19.06
C TYR S 55 -86.13 -23.94 -20.57
N THR S 56 -87.31 -23.58 -21.05
CA THR S 56 -87.62 -23.58 -22.47
C THR S 56 -88.15 -22.23 -22.89
N ILE S 57 -87.69 -21.78 -24.05
CA ILE S 57 -88.19 -20.58 -24.72
C ILE S 57 -89.03 -21.09 -25.89
N LYS S 58 -90.34 -20.99 -25.75
CA LYS S 58 -91.24 -21.51 -26.77
C LYS S 58 -91.14 -20.68 -28.05
N ARG S 59 -91.55 -21.31 -29.14
CA ARG S 59 -91.51 -20.68 -30.45
C ARG S 59 -92.55 -19.58 -30.58
N THR S 60 -92.31 -18.70 -31.55
CA THR S 60 -93.22 -17.60 -31.86
C THR S 60 -93.26 -17.38 -33.37
N THR S 61 -94.46 -17.15 -33.88
CA THR S 61 -94.64 -16.76 -35.28
C THR S 61 -94.30 -15.30 -35.54
N VAL S 62 -94.00 -14.52 -34.49
CA VAL S 62 -93.65 -13.12 -34.68
C VAL S 62 -92.42 -13.00 -35.54
N LYS S 63 -92.45 -12.04 -36.47
CA LYS S 63 -91.36 -11.86 -37.41
C LYS S 63 -90.24 -11.01 -36.84
N THR S 64 -90.59 -10.01 -36.04
CA THR S 64 -89.62 -9.10 -35.50
C THR S 64 -88.65 -9.79 -34.56
N PRO S 65 -87.53 -9.16 -34.23
CA PRO S 65 -86.70 -9.66 -33.14
C PRO S 65 -87.29 -9.25 -31.81
N SER S 66 -87.87 -10.22 -31.10
CA SER S 66 -88.39 -10.02 -29.77
C SER S 66 -87.63 -10.90 -28.80
N TRP S 67 -87.65 -10.50 -27.53
CA TRP S 67 -86.94 -11.19 -26.47
C TRP S 67 -87.90 -11.68 -25.41
N ALA S 68 -87.51 -12.81 -24.81
CA ALA S 68 -88.25 -13.43 -23.73
C ALA S 68 -87.51 -13.20 -22.43
N VAL S 69 -88.16 -12.56 -21.49
CA VAL S 69 -87.55 -12.15 -20.23
C VAL S 69 -88.03 -13.08 -19.13
N ASP S 70 -87.11 -13.41 -18.23
CA ASP S 70 -87.43 -14.25 -17.08
C ASP S 70 -86.41 -13.97 -16.00
N MET S 71 -86.74 -14.46 -14.80
CA MET S 71 -85.96 -14.23 -13.60
C MET S 71 -85.45 -15.54 -13.03
N MET S 72 -84.54 -15.43 -12.07
CA MET S 72 -83.92 -16.59 -11.46
C MET S 72 -83.49 -16.24 -10.04
N ARG S 73 -84.12 -16.87 -9.06
CA ARG S 73 -83.76 -16.76 -7.66
C ARG S 73 -83.09 -18.04 -7.21
N PHE S 74 -82.47 -17.99 -6.03
CA PHE S 74 -81.74 -19.12 -5.46
C PHE S 74 -82.11 -19.25 -4.00
N ASN S 75 -82.59 -20.43 -3.61
CA ASN S 75 -82.87 -20.76 -2.22
C ASN S 75 -82.16 -22.06 -1.87
N ILE S 76 -81.77 -22.17 -0.60
CA ILE S 76 -81.01 -23.32 -0.13
C ILE S 76 -81.88 -24.53 0.15
N ASN S 77 -83.21 -24.36 0.23
CA ASN S 77 -84.07 -25.53 0.40
C ASN S 77 -84.04 -26.42 -0.83
N ASP S 78 -83.83 -25.84 -2.00
CA ASP S 78 -83.77 -26.59 -3.24
C ASP S 78 -82.47 -27.35 -3.43
N PHE S 79 -81.45 -27.03 -2.64
CA PHE S 79 -80.16 -27.70 -2.70
C PHE S 79 -79.90 -28.61 -1.51
N LEU S 80 -80.44 -28.25 -0.34
CA LEU S 80 -80.23 -28.99 0.90
C LEU S 80 -81.53 -29.61 1.36
N PRO S 81 -81.70 -30.94 1.34
CA PRO S 81 -82.97 -31.50 1.72
C PRO S 81 -83.15 -31.49 3.23
N PRO S 82 -84.34 -31.82 3.72
CA PRO S 82 -84.51 -32.00 5.15
C PRO S 82 -83.84 -33.27 5.63
N GLY S 83 -83.36 -33.21 6.87
CA GLY S 83 -82.68 -34.34 7.45
C GLY S 83 -83.61 -35.36 8.04
N GLY S 84 -83.23 -35.92 9.18
CA GLY S 84 -84.04 -36.91 9.84
C GLY S 84 -83.73 -37.00 11.31
N GLY S 85 -84.77 -37.00 12.13
CA GLY S 85 -84.61 -37.11 13.56
C GLY S 85 -84.35 -35.77 14.23
N SER S 86 -83.45 -35.78 15.21
CA SER S 86 -83.14 -34.57 15.94
C SER S 86 -82.37 -33.56 15.11
N ASN S 87 -81.80 -33.99 13.98
CA ASN S 87 -81.12 -33.10 13.07
C ASN S 87 -82.11 -32.66 11.99
N PRO S 88 -82.56 -31.40 11.97
CA PRO S 88 -83.61 -31.04 11.01
C PRO S 88 -83.15 -30.99 9.58
N ARG S 89 -81.85 -30.82 9.34
CA ARG S 89 -81.28 -30.73 8.00
C ARG S 89 -80.23 -31.82 7.81
N SER S 90 -79.92 -32.07 6.55
CA SER S 90 -79.03 -33.17 6.19
C SER S 90 -77.56 -32.82 6.37
N VAL S 91 -77.22 -31.53 6.33
CA VAL S 91 -75.88 -31.04 6.64
C VAL S 91 -75.92 -30.49 8.06
N PRO S 92 -75.27 -31.13 9.03
CA PRO S 92 -75.49 -30.71 10.42
C PRO S 92 -74.70 -29.48 10.84
N PHE S 93 -75.21 -28.32 10.44
CA PHE S 93 -74.63 -27.05 10.80
C PHE S 93 -75.76 -26.08 11.10
N GLU S 94 -75.42 -25.01 11.81
CA GLU S 94 -76.36 -24.01 12.26
C GLU S 94 -76.48 -22.83 11.31
N TYR S 95 -75.34 -22.25 10.94
CA TYR S 95 -75.29 -21.03 10.15
C TYR S 95 -74.76 -21.31 8.76
N TYR S 96 -75.02 -20.39 7.85
CA TYR S 96 -74.53 -20.50 6.50
C TYR S 96 -74.43 -19.11 5.88
N ARG S 97 -73.68 -19.03 4.80
CA ARG S 97 -73.64 -17.84 3.97
C ARG S 97 -73.16 -18.25 2.60
N ILE S 98 -73.89 -17.85 1.58
CA ILE S 98 -73.59 -18.26 0.21
C ILE S 98 -72.49 -17.35 -0.32
N ARG S 99 -71.39 -17.96 -0.75
CA ARG S 99 -70.23 -17.24 -1.24
C ARG S 99 -70.34 -16.92 -2.72
N LYS S 100 -70.69 -17.92 -3.52
CA LYS S 100 -70.75 -17.77 -4.97
C LYS S 100 -71.84 -18.68 -5.50
N VAL S 101 -72.29 -18.37 -6.71
CA VAL S 101 -73.19 -19.23 -7.47
C VAL S 101 -72.68 -19.29 -8.89
N LYS S 102 -72.79 -20.48 -9.49
CA LYS S 102 -72.45 -20.72 -10.89
C LYS S 102 -73.70 -21.23 -11.58
N VAL S 103 -74.28 -20.40 -12.41
CA VAL S 103 -75.39 -20.79 -13.25
C VAL S 103 -74.86 -21.17 -14.62
N GLU S 104 -75.18 -22.38 -15.05
CA GLU S 104 -74.72 -22.94 -16.30
C GLU S 104 -75.93 -23.25 -17.16
N PHE S 105 -76.03 -22.59 -18.31
CA PHE S 105 -77.05 -22.91 -19.30
C PHE S 105 -76.45 -23.93 -20.26
N TRP S 106 -76.78 -25.19 -20.02
CA TRP S 106 -76.33 -26.26 -20.89
C TRP S 106 -77.37 -26.44 -22.00
N PRO S 107 -77.01 -26.26 -23.27
CA PRO S 107 -78.02 -26.34 -24.32
C PRO S 107 -78.53 -27.75 -24.53
N CYS S 108 -79.74 -27.81 -25.06
CA CYS S 108 -80.39 -29.04 -25.46
C CYS S 108 -80.60 -29.14 -26.95
N SER S 109 -80.14 -28.18 -27.71
CA SER S 109 -80.44 -28.02 -29.12
C SER S 109 -79.24 -28.40 -29.96
N PRO S 110 -79.45 -28.92 -31.16
CA PRO S 110 -78.32 -29.32 -32.00
C PRO S 110 -77.59 -28.13 -32.56
N ILE S 111 -76.34 -28.38 -32.97
CA ILE S 111 -75.54 -27.32 -33.58
C ILE S 111 -75.97 -26.99 -34.99
N THR S 112 -76.91 -27.73 -35.57
CA THR S 112 -77.45 -27.45 -36.88
C THR S 112 -78.70 -26.58 -36.83
N GLN S 113 -79.14 -26.16 -35.65
CA GLN S 113 -80.37 -25.40 -35.54
C GLN S 113 -80.13 -23.97 -36.00
N GLY S 114 -81.05 -23.47 -36.82
CA GLY S 114 -80.96 -22.14 -37.35
C GLY S 114 -81.81 -21.15 -36.58
N ASP S 115 -82.03 -20.00 -37.22
CA ASP S 115 -82.73 -18.88 -36.59
C ASP S 115 -82.06 -18.49 -35.29
N ARG S 116 -80.74 -18.43 -35.32
CA ARG S 116 -79.96 -18.11 -34.16
C ARG S 116 -80.24 -16.69 -33.70
N GLY S 117 -79.80 -16.39 -32.48
CA GLY S 117 -80.11 -15.14 -31.85
C GLY S 117 -79.04 -14.69 -30.88
N VAL S 118 -79.32 -13.61 -30.17
CA VAL S 118 -78.36 -13.03 -29.24
C VAL S 118 -79.13 -12.40 -28.10
N GLY S 119 -78.75 -12.76 -26.88
CA GLY S 119 -79.42 -12.32 -25.68
C GLY S 119 -78.46 -11.75 -24.66
N SER S 120 -78.92 -11.66 -23.42
CA SER S 120 -78.16 -11.01 -22.37
C SER S 120 -78.57 -11.58 -21.02
N SER S 121 -77.58 -11.77 -20.17
CA SER S 121 -77.77 -12.16 -18.78
C SER S 121 -77.13 -11.13 -17.88
N ALA S 122 -77.89 -10.66 -16.89
CA ALA S 122 -77.44 -9.63 -15.97
C ALA S 122 -77.66 -10.07 -14.54
N VAL S 123 -76.95 -9.42 -13.64
CA VAL S 123 -76.94 -9.75 -12.21
C VAL S 123 -77.78 -8.72 -11.49
N ILE S 124 -78.83 -9.19 -10.81
CA ILE S 124 -79.85 -8.34 -10.20
C ILE S 124 -79.96 -8.73 -8.74
N LEU S 125 -79.34 -7.95 -7.88
CA LEU S 125 -79.16 -8.32 -6.47
C LEU S 125 -80.21 -7.74 -5.55
N ASP S 126 -81.43 -7.47 -6.03
CA ASP S 126 -82.41 -6.72 -5.24
C ASP S 126 -83.86 -7.15 -5.37
N ASP S 127 -84.17 -8.20 -6.11
CA ASP S 127 -85.52 -8.75 -6.16
C ASP S 127 -86.50 -7.82 -6.86
N ASN S 128 -86.00 -6.98 -7.77
CA ASN S 128 -86.85 -6.19 -8.65
C ASN S 128 -86.29 -6.40 -10.05
N PHE S 129 -86.83 -7.40 -10.71
CA PHE S 129 -86.46 -7.77 -12.05
C PHE S 129 -87.33 -7.04 -13.06
N VAL S 130 -86.86 -7.00 -14.30
CA VAL S 130 -87.73 -6.61 -15.40
C VAL S 130 -88.86 -7.60 -15.46
N THR S 131 -90.06 -7.08 -15.75
CA THR S 131 -91.26 -7.91 -15.74
C THR S 131 -91.13 -9.05 -16.74
N LYS S 132 -91.62 -10.21 -16.35
CA LYS S 132 -91.58 -11.37 -17.23
C LYS S 132 -92.40 -11.11 -18.47
N ALA S 133 -91.80 -11.35 -19.62
CA ALA S 133 -92.40 -11.08 -20.91
C ALA S 133 -92.13 -12.24 -21.85
N THR S 134 -93.08 -12.46 -22.76
CA THR S 134 -92.98 -13.49 -23.76
C THR S 134 -92.27 -13.00 -25.02
N ALA S 135 -92.71 -11.86 -25.55
CA ALA S 135 -92.11 -11.26 -26.75
C ALA S 135 -92.04 -9.76 -26.54
N LEU S 136 -90.94 -9.31 -25.95
CA LEU S 136 -90.67 -7.90 -25.76
C LEU S 136 -89.82 -7.38 -26.91
N THR S 137 -90.09 -6.15 -27.33
CA THR S 137 -89.50 -5.58 -28.53
C THR S 137 -88.06 -5.14 -28.36
N TYR S 138 -87.42 -5.44 -27.24
CA TYR S 138 -86.04 -5.04 -27.02
C TYR S 138 -85.46 -5.91 -25.93
N ASP S 139 -84.13 -5.85 -25.81
CA ASP S 139 -83.40 -6.56 -24.77
C ASP S 139 -83.19 -5.62 -23.60
N PRO S 140 -83.89 -5.79 -22.47
CA PRO S 140 -83.74 -4.81 -21.40
C PRO S 140 -82.40 -4.89 -20.71
N TYR S 141 -81.82 -6.08 -20.64
CA TYR S 141 -80.59 -6.31 -19.91
C TYR S 141 -79.34 -6.04 -20.74
N VAL S 142 -79.48 -5.34 -21.86
CA VAL S 142 -78.36 -5.20 -22.79
C VAL S 142 -77.40 -4.12 -22.32
N ASN S 143 -77.92 -3.01 -21.80
CA ASN S 143 -77.08 -1.91 -21.37
C ASN S 143 -76.66 -2.02 -19.91
N TYR S 144 -76.99 -3.12 -19.25
CA TYR S 144 -76.56 -3.32 -17.88
C TYR S 144 -75.06 -3.54 -17.81
N SER S 145 -74.46 -3.00 -16.75
CA SER S 145 -73.03 -3.13 -16.54
C SER S 145 -72.59 -4.56 -16.33
N SER S 146 -73.50 -5.43 -15.89
CA SER S 146 -73.22 -6.84 -15.67
C SER S 146 -73.74 -7.72 -16.78
N ARG S 147 -73.92 -7.17 -17.98
CA ARG S 147 -74.45 -7.93 -19.09
C ARG S 147 -73.35 -8.79 -19.69
N HIS S 148 -73.65 -10.06 -19.89
CA HIS S 148 -72.87 -10.96 -20.71
C HIS S 148 -73.76 -11.40 -21.85
N THR S 149 -73.19 -11.48 -23.04
CA THR S 149 -73.94 -11.89 -24.22
C THR S 149 -74.23 -13.38 -24.17
N ILE S 150 -75.46 -13.73 -24.51
CA ILE S 150 -75.90 -15.11 -24.65
C ILE S 150 -76.00 -15.35 -26.15
N THR S 151 -75.09 -16.16 -26.67
CA THR S 151 -75.27 -16.74 -27.99
C THR S 151 -76.26 -17.89 -27.90
N GLN S 152 -77.18 -17.94 -28.84
CA GLN S 152 -78.26 -18.92 -28.86
C GLN S 152 -78.22 -19.67 -30.18
N PRO S 153 -78.81 -20.88 -30.21
CA PRO S 153 -79.40 -21.72 -29.17
C PRO S 153 -78.50 -22.80 -28.62
N PHE S 154 -77.41 -23.08 -29.32
CA PHE S 154 -76.59 -24.26 -29.07
C PHE S 154 -75.28 -23.93 -28.39
N SER S 155 -75.25 -22.87 -27.59
CA SER S 155 -74.02 -22.38 -26.99
C SER S 155 -74.16 -22.33 -25.49
N TYR S 156 -73.07 -22.63 -24.82
CA TYR S 156 -72.99 -22.67 -23.37
C TYR S 156 -72.77 -21.28 -22.81
N HIS S 157 -73.45 -21.00 -21.70
CA HIS S 157 -73.39 -19.72 -21.03
C HIS S 157 -73.25 -19.96 -19.54
N SER S 158 -72.19 -19.43 -18.95
CA SER S 158 -71.95 -19.49 -17.52
C SER S 158 -71.93 -18.10 -16.93
N ARG S 159 -72.36 -18.01 -15.68
CA ARG S 159 -72.28 -16.78 -14.90
C ARG S 159 -71.87 -17.17 -13.49
N TYR S 160 -70.81 -16.53 -13.00
CA TYR S 160 -70.23 -16.81 -11.70
C TYR S 160 -70.18 -15.51 -10.91
N PHE S 161 -70.93 -15.46 -9.83
CA PHE S 161 -71.11 -14.22 -9.09
C PHE S 161 -71.47 -14.54 -7.66
N THR S 162 -71.57 -13.48 -6.86
CA THR S 162 -71.88 -13.56 -5.44
C THR S 162 -73.29 -13.05 -5.20
N PRO S 163 -74.25 -13.89 -4.83
CA PRO S 163 -75.60 -13.38 -4.64
C PRO S 163 -75.76 -12.64 -3.33
N LYS S 164 -76.95 -12.13 -3.10
CA LYS S 164 -77.27 -11.38 -1.90
C LYS S 164 -78.62 -11.83 -1.39
N PRO S 165 -78.82 -11.88 -0.08
CA PRO S 165 -80.12 -12.29 0.43
C PRO S 165 -81.13 -11.16 0.50
N VAL S 166 -82.40 -11.56 0.50
CA VAL S 166 -83.52 -10.63 0.54
C VAL S 166 -83.87 -10.46 2.01
N LEU S 167 -83.22 -9.49 2.63
CA LEU S 167 -83.46 -9.18 4.04
C LEU S 167 -84.70 -8.31 4.21
N ASP S 168 -84.84 -7.28 3.39
CA ASP S 168 -86.04 -6.44 3.40
C ASP S 168 -86.38 -6.13 1.95
N SER S 169 -87.47 -6.71 1.46
CA SER S 169 -87.90 -6.47 0.09
C SER S 169 -88.47 -5.07 -0.10
N THR S 170 -88.84 -4.38 0.97
CA THR S 170 -89.38 -3.03 0.86
C THR S 170 -88.28 -2.02 0.57
N ILE S 171 -87.12 -2.18 1.19
CA ILE S 171 -86.01 -1.25 1.07
C ILE S 171 -84.98 -1.80 0.10
N ASP S 172 -84.83 -3.12 0.10
CA ASP S 172 -83.94 -3.81 -0.82
C ASP S 172 -82.49 -3.32 -0.67
N TYR S 173 -81.93 -3.59 0.51
CA TYR S 173 -80.56 -3.26 0.82
C TYR S 173 -79.70 -4.50 0.82
N PHE S 174 -78.45 -4.34 0.41
CA PHE S 174 -77.51 -5.44 0.37
C PHE S 174 -76.10 -4.93 0.62
N GLN S 175 -75.26 -5.82 0.93
CA GLN S 175 -73.87 -5.56 1.26
C GLN S 175 -72.98 -5.64 0.03
N PRO S 176 -71.90 -4.89 -0.02
CA PRO S 176 -70.90 -5.14 -1.05
C PRO S 176 -70.10 -6.39 -0.79
N ASN S 177 -69.27 -6.77 -1.74
CA ASN S 177 -68.54 -8.02 -1.65
C ASN S 177 -67.40 -7.88 -0.66
N ASN S 178 -67.47 -8.66 0.42
CA ASN S 178 -66.43 -8.70 1.42
C ASN S 178 -66.51 -10.05 2.08
N LYS S 179 -65.49 -10.87 1.90
CA LYS S 179 -65.54 -12.21 2.45
C LYS S 179 -65.51 -12.20 3.97
N ARG S 180 -64.87 -11.18 4.56
CA ARG S 180 -64.70 -11.15 6.00
C ARG S 180 -65.91 -10.59 6.72
N ASN S 181 -66.71 -9.76 6.04
CA ASN S 181 -67.83 -9.07 6.65
C ASN S 181 -69.18 -9.60 6.20
N GLN S 182 -69.21 -10.65 5.38
CA GLN S 182 -70.47 -11.18 4.89
C GLN S 182 -71.28 -11.76 6.04
N LEU S 183 -72.56 -11.44 6.05
CA LEU S 183 -73.44 -11.87 7.11
C LEU S 183 -73.61 -13.38 7.11
N TRP S 184 -73.73 -13.93 8.31
CA TRP S 184 -74.12 -15.32 8.50
C TRP S 184 -75.62 -15.36 8.71
N LEU S 185 -76.30 -16.16 7.91
CA LEU S 185 -77.70 -16.46 8.10
C LEU S 185 -77.84 -17.78 8.84
N ARG S 186 -79.04 -18.01 9.34
CA ARG S 186 -79.37 -19.28 9.98
C ARG S 186 -79.93 -20.24 8.95
N LEU S 187 -79.50 -21.49 9.05
CA LEU S 187 -80.04 -22.57 8.27
C LEU S 187 -81.33 -23.02 8.92
N GLN S 188 -82.43 -22.44 8.46
CA GLN S 188 -83.74 -22.74 8.99
C GLN S 188 -84.15 -24.15 8.61
N THR S 189 -85.28 -24.59 9.17
CA THR S 189 -85.77 -25.93 8.91
C THR S 189 -86.52 -26.00 7.58
N ALA S 190 -87.51 -25.13 7.38
CA ALA S 190 -88.27 -25.11 6.13
C ALA S 190 -88.63 -23.70 5.66
N GLY S 191 -87.87 -22.69 6.03
CA GLY S 191 -88.23 -21.32 5.76
C GLY S 191 -87.09 -20.40 5.39
N ASN S 192 -86.08 -20.93 4.73
CA ASN S 192 -84.90 -20.15 4.40
C ASN S 192 -85.24 -19.03 3.42
N VAL S 193 -84.39 -18.01 3.42
CA VAL S 193 -84.63 -16.79 2.68
C VAL S 193 -84.09 -16.93 1.27
N ASP S 194 -84.75 -16.29 0.33
CA ASP S 194 -84.38 -16.39 -1.07
C ASP S 194 -83.21 -15.49 -1.38
N HIS S 195 -82.19 -16.05 -2.00
CA HIS S 195 -81.11 -15.28 -2.59
C HIS S 195 -81.43 -14.99 -4.04
N VAL S 196 -80.82 -13.93 -4.54
CA VAL S 196 -81.21 -13.32 -5.79
C VAL S 196 -79.95 -12.88 -6.53
N GLY S 197 -80.09 -12.61 -7.83
CA GLY S 197 -78.92 -12.28 -8.61
C GLY S 197 -78.81 -12.67 -10.06
N LEU S 198 -79.86 -13.13 -10.73
CA LEU S 198 -79.75 -13.31 -12.17
C LEU S 198 -81.06 -13.08 -12.89
N GLY S 199 -80.97 -12.31 -13.96
CA GLY S 199 -82.07 -12.14 -14.89
C GLY S 199 -81.58 -12.26 -16.30
N THR S 200 -82.44 -12.79 -17.17
CA THR S 200 -82.07 -13.19 -18.51
C THR S 200 -83.01 -12.57 -19.53
N ALA S 201 -82.53 -12.55 -20.78
CA ALA S 201 -83.34 -12.15 -21.92
C ALA S 201 -82.89 -12.98 -23.11
N PHE S 202 -83.77 -13.86 -23.57
CA PHE S 202 -83.50 -14.75 -24.68
C PHE S 202 -84.29 -14.30 -25.90
N GLU S 203 -83.62 -14.28 -27.04
CA GLU S 203 -84.25 -13.92 -28.29
C GLU S 203 -85.07 -15.09 -28.81
N ASN S 204 -86.33 -14.82 -29.12
CA ASN S 204 -87.24 -15.86 -29.55
C ASN S 204 -86.88 -16.35 -30.94
N SER S 205 -87.47 -17.48 -31.32
CA SER S 205 -87.13 -18.17 -32.55
C SER S 205 -88.33 -18.94 -33.04
N ILE S 206 -88.23 -19.41 -34.29
CA ILE S 206 -89.27 -20.25 -34.87
C ILE S 206 -89.28 -21.62 -34.21
N TYR S 207 -88.13 -22.07 -33.74
CA TYR S 207 -87.99 -23.36 -33.08
C TYR S 207 -87.91 -23.18 -31.57
N ASP S 208 -88.27 -24.24 -30.86
CA ASP S 208 -88.18 -24.22 -29.42
C ASP S 208 -86.73 -24.34 -28.97
N GLN S 209 -86.35 -23.50 -28.02
CA GLN S 209 -85.00 -23.47 -27.46
C GLN S 209 -85.06 -23.99 -26.03
N GLU S 210 -84.55 -25.19 -25.81
CA GLU S 210 -84.54 -25.81 -24.49
C GLU S 210 -83.15 -25.75 -23.88
N TYR S 211 -83.12 -25.70 -22.56
CA TYR S 211 -81.88 -25.63 -21.80
C TYR S 211 -82.03 -26.47 -20.54
N ASN S 212 -80.92 -27.06 -20.11
CA ASN S 212 -80.81 -27.73 -18.82
C ASN S 212 -79.92 -26.86 -17.96
N ILE S 213 -80.51 -26.21 -16.95
CA ILE S 213 -79.80 -25.23 -16.15
C ILE S 213 -79.32 -25.90 -14.88
N ARG S 214 -78.01 -25.83 -14.65
CA ARG S 214 -77.36 -26.41 -13.49
C ARG S 214 -76.82 -25.27 -12.63
N VAL S 215 -77.42 -25.08 -11.46
CA VAL S 215 -76.99 -24.10 -10.50
C VAL S 215 -76.14 -24.79 -9.46
N THR S 216 -74.98 -24.22 -9.19
CA THR S 216 -74.05 -24.70 -8.19
C THR S 216 -73.79 -23.58 -7.20
N MET S 217 -74.12 -23.81 -5.94
CA MET S 217 -73.89 -22.86 -4.87
C MET S 217 -72.69 -23.27 -4.04
N TYR S 218 -71.77 -22.36 -3.86
CA TYR S 218 -70.60 -22.56 -3.02
C TYR S 218 -70.86 -21.90 -1.68
N VAL S 219 -71.10 -22.73 -0.67
CA VAL S 219 -71.60 -22.28 0.61
C VAL S 219 -70.52 -22.47 1.67
N GLN S 220 -70.75 -21.86 2.82
CA GLN S 220 -69.83 -21.90 3.94
C GLN S 220 -70.68 -21.99 5.20
N PHE S 221 -70.56 -23.10 5.91
CA PHE S 221 -71.32 -23.36 7.10
C PHE S 221 -70.49 -23.08 8.35
N ARG S 222 -71.15 -23.14 9.50
CA ARG S 222 -70.51 -22.82 10.77
C ARG S 222 -71.27 -23.53 11.89
N GLU S 223 -70.54 -23.87 12.94
CA GLU S 223 -71.10 -24.42 14.17
C GLU S 223 -71.81 -25.76 13.93
N PHE S 224 -70.99 -26.75 13.64
CA PHE S 224 -71.37 -28.16 13.66
C PHE S 224 -72.22 -28.47 14.88
N ASN S 225 -73.44 -28.96 14.66
CA ASN S 225 -74.43 -29.09 15.71
C ASN S 225 -75.12 -30.44 15.67
N LEU S 226 -74.36 -31.49 15.46
CA LEU S 226 -74.93 -32.81 15.41
C LEU S 226 -75.49 -33.20 16.76
N LYS S 227 -76.61 -33.91 16.75
CA LYS S 227 -77.27 -34.39 17.94
C LYS S 227 -77.33 -35.91 17.90
N ASP S 228 -76.87 -36.55 18.96
CA ASP S 228 -76.70 -38.00 19.01
C ASP S 228 -77.46 -38.54 20.22
N PRO S 229 -78.77 -38.78 20.07
CA PRO S 229 -79.51 -39.44 21.12
C PRO S 229 -79.18 -40.93 21.17
N PRO S 230 -79.56 -41.62 22.24
CA PRO S 230 -79.37 -43.07 22.25
C PRO S 230 -80.30 -43.79 21.29
N LEU S 231 -80.21 -45.12 21.28
CA LEU S 231 -81.00 -45.94 20.38
C LEU S 231 -81.48 -47.22 21.07
N GLY T 43 -67.73 17.41 -16.82
CA GLY T 43 -68.30 16.21 -16.21
C GLY T 43 -68.41 15.06 -17.17
N ILE T 44 -67.31 14.36 -17.35
CA ILE T 44 -67.20 13.32 -18.36
C ILE T 44 -67.86 12.05 -17.87
N PHE T 45 -68.49 11.34 -18.79
CA PHE T 45 -69.08 10.04 -18.51
C PHE T 45 -69.00 9.21 -19.78
N ASN T 46 -68.04 8.31 -19.84
CA ASN T 46 -67.94 7.37 -20.93
C ASN T 46 -68.83 6.18 -20.65
N THR T 47 -69.69 5.85 -21.62
CA THR T 47 -70.57 4.70 -21.51
C THR T 47 -70.68 4.01 -22.85
N ARG T 48 -71.67 3.12 -22.95
CA ARG T 48 -71.83 2.23 -24.09
C ARG T 48 -73.32 2.05 -24.34
N LEU T 49 -73.74 2.30 -25.57
CA LEU T 49 -75.12 2.22 -25.99
C LEU T 49 -75.22 1.28 -27.17
N SER T 50 -76.24 0.43 -27.17
CA SER T 50 -76.42 -0.61 -28.16
C SER T 50 -77.82 -0.54 -28.77
N ARG T 51 -77.98 -1.31 -29.83
CA ARG T 51 -79.16 -1.31 -30.67
C ARG T 51 -79.03 -2.49 -31.62
N THR T 52 -80.14 -3.16 -31.88
CA THR T 52 -80.16 -4.38 -32.67
C THR T 52 -81.27 -4.30 -33.72
N PHE T 53 -80.95 -4.76 -34.92
CA PHE T 53 -81.89 -4.74 -36.03
C PHE T 53 -81.46 -5.76 -37.06
N GLY T 54 -82.35 -6.00 -38.01
CA GLY T 54 -82.15 -7.02 -39.02
C GLY T 54 -81.75 -6.52 -40.39
N TYR T 55 -81.11 -7.40 -41.15
CA TYR T 55 -80.73 -7.14 -42.53
C TYR T 55 -80.75 -8.47 -43.28
N THR T 56 -81.41 -8.49 -44.43
CA THR T 56 -81.55 -9.68 -45.24
C THR T 56 -81.10 -9.39 -46.66
N ILE T 57 -80.38 -10.35 -47.23
CA ILE T 57 -79.98 -10.36 -48.63
C ILE T 57 -80.85 -11.40 -49.30
N LYS T 58 -81.84 -10.94 -50.06
CA LYS T 58 -82.79 -11.84 -50.70
C LYS T 58 -82.09 -12.68 -51.77
N ARG T 59 -82.72 -13.80 -52.08
CA ARG T 59 -82.21 -14.74 -53.06
C ARG T 59 -82.34 -14.18 -54.47
N THR T 60 -81.53 -14.75 -55.38
CA THR T 60 -81.53 -14.38 -56.78
C THR T 60 -81.33 -15.63 -57.63
N THR T 61 -82.08 -15.72 -58.73
CA THR T 61 -81.88 -16.77 -59.72
C THR T 61 -80.69 -16.51 -60.62
N VAL T 62 -80.04 -15.35 -60.50
CA VAL T 62 -78.90 -15.03 -61.34
C VAL T 62 -77.79 -16.05 -61.10
N LYS T 63 -77.16 -16.49 -62.18
CA LYS T 63 -76.12 -17.52 -62.10
C LYS T 63 -74.77 -16.93 -61.75
N THR T 64 -74.47 -15.73 -62.27
CA THR T 64 -73.18 -15.13 -62.09
C THR T 64 -72.92 -14.79 -60.62
N PRO T 65 -71.67 -14.52 -60.26
CA PRO T 65 -71.42 -13.94 -58.94
C PRO T 65 -71.72 -12.46 -58.97
N SER T 66 -72.82 -12.07 -58.33
CA SER T 66 -73.20 -10.68 -58.17
C SER T 66 -73.22 -10.34 -56.69
N TRP T 67 -73.07 -9.05 -56.41
CA TRP T 67 -73.02 -8.55 -55.05
C TRP T 67 -74.15 -7.57 -54.79
N ALA T 68 -74.60 -7.56 -53.54
CA ALA T 68 -75.64 -6.67 -53.07
C ALA T 68 -75.00 -5.60 -52.20
N VAL T 69 -75.19 -4.35 -52.59
CA VAL T 69 -74.54 -3.22 -51.94
C VAL T 69 -75.57 -2.49 -51.10
N ASP T 70 -75.12 -2.03 -49.93
CA ASP T 70 -75.98 -1.27 -49.04
C ASP T 70 -75.09 -0.42 -48.15
N MET T 71 -75.72 0.53 -47.46
CA MET T 71 -75.07 1.51 -46.63
C MET T 71 -75.52 1.38 -45.18
N MET T 72 -74.81 2.06 -44.31
CA MET T 72 -75.10 2.01 -42.88
C MET T 72 -74.63 3.31 -42.23
N ARG T 73 -75.58 4.09 -41.73
CA ARG T 73 -75.33 5.29 -40.96
C ARG T 73 -75.65 5.03 -39.49
N PHE T 74 -75.21 5.96 -38.64
CA PHE T 74 -75.39 5.86 -37.21
C PHE T 74 -75.86 7.19 -36.67
N ASN T 75 -76.99 7.19 -35.97
CA ASN T 75 -77.52 8.35 -35.29
C ASN T 75 -77.80 8.00 -33.84
N ILE T 76 -77.65 9.00 -32.97
CA ILE T 76 -77.81 8.79 -31.54
C ILE T 76 -79.26 8.76 -31.10
N ASN T 77 -80.20 9.21 -31.94
CA ASN T 77 -81.60 9.11 -31.58
C ASN T 77 -82.04 7.66 -31.51
N ASP T 78 -81.43 6.78 -32.31
CA ASP T 78 -81.78 5.37 -32.32
C ASP T 78 -81.22 4.62 -31.14
N PHE T 79 -80.29 5.20 -30.40
CA PHE T 79 -79.69 4.59 -29.22
C PHE T 79 -80.14 5.24 -27.92
N LEU T 80 -80.42 6.53 -27.95
CA LEU T 80 -80.79 7.31 -26.78
C LEU T 80 -82.23 7.78 -26.90
N PRO T 81 -83.19 7.27 -26.11
CA PRO T 81 -84.57 7.69 -26.30
C PRO T 81 -84.79 9.08 -25.72
N PRO T 82 -85.96 9.66 -25.97
CA PRO T 82 -86.31 10.91 -25.31
C PRO T 82 -86.61 10.68 -23.85
N GLY T 83 -86.29 11.69 -23.05
CA GLY T 83 -86.50 11.61 -21.63
C GLY T 83 -87.91 11.95 -21.21
N GLY T 84 -88.03 12.66 -20.10
CA GLY T 84 -89.33 13.06 -19.60
C GLY T 84 -89.24 14.26 -18.70
N GLY T 85 -90.12 15.23 -18.93
CA GLY T 85 -90.16 16.42 -18.12
C GLY T 85 -89.17 17.47 -18.58
N SER T 86 -88.55 18.13 -17.61
CA SER T 86 -87.60 19.20 -17.92
C SER T 86 -86.31 18.66 -18.52
N ASN T 87 -86.06 17.36 -18.41
CA ASN T 87 -84.91 16.73 -19.04
C ASN T 87 -85.32 16.17 -20.39
N PRO T 88 -84.90 16.76 -21.51
CA PRO T 88 -85.42 16.30 -22.80
C PRO T 88 -84.92 14.92 -23.21
N ARG T 89 -83.79 14.48 -22.67
CA ARG T 89 -83.21 13.19 -23.00
C ARG T 89 -83.04 12.35 -21.75
N SER T 90 -82.86 11.05 -21.96
CA SER T 90 -82.84 10.10 -20.86
C SER T 90 -81.49 10.06 -20.16
N VAL T 91 -80.43 10.45 -20.86
CA VAL T 91 -79.10 10.60 -20.27
C VAL T 91 -78.88 12.09 -20.03
N PRO T 92 -78.84 12.56 -18.78
CA PRO T 92 -78.85 14.00 -18.56
C PRO T 92 -77.48 14.67 -18.75
N PHE T 93 -77.15 14.89 -20.01
CA PHE T 93 -75.92 15.57 -20.39
C PHE T 93 -76.22 16.49 -21.56
N GLU T 94 -75.33 17.46 -21.76
CA GLU T 94 -75.48 18.47 -22.79
C GLU T 94 -74.77 18.11 -24.08
N TYR T 95 -73.50 17.74 -23.99
CA TYR T 95 -72.65 17.51 -25.13
C TYR T 95 -72.31 16.04 -25.25
N TYR T 96 -71.88 15.65 -26.44
CA TYR T 96 -71.46 14.29 -26.69
C TYR T 96 -70.47 14.26 -27.84
N ARG T 97 -69.77 13.15 -27.95
CA ARG T 97 -68.94 12.87 -29.11
C ARG T 97 -68.72 11.38 -29.17
N ILE T 98 -68.98 10.79 -30.33
CA ILE T 98 -68.90 9.34 -30.49
C ILE T 98 -67.44 8.97 -30.71
N ARG T 99 -66.92 8.10 -29.85
CA ARG T 99 -65.54 7.69 -29.88
C ARG T 99 -65.32 6.50 -30.82
N LYS T 100 -66.15 5.48 -30.72
CA LYS T 100 -66.02 4.26 -31.50
C LYS T 100 -67.39 3.69 -31.75
N VAL T 101 -67.48 2.84 -32.77
CA VAL T 101 -68.66 2.04 -33.05
C VAL T 101 -68.19 0.62 -33.36
N LYS T 102 -68.97 -0.34 -32.89
CA LYS T 102 -68.76 -1.76 -33.15
C LYS T 102 -70.01 -2.29 -33.84
N VAL T 103 -69.88 -2.57 -35.12
CA VAL T 103 -70.94 -3.21 -35.88
C VAL T 103 -70.66 -4.69 -35.92
N GLU T 104 -71.63 -5.48 -35.49
CA GLU T 104 -71.53 -6.93 -35.41
C GLU T 104 -72.61 -7.53 -36.28
N PHE T 105 -72.20 -8.27 -37.30
CA PHE T 105 -73.12 -9.05 -38.13
C PHE T 105 -73.22 -10.44 -37.52
N TRP T 106 -74.28 -10.64 -36.75
CA TRP T 106 -74.54 -11.94 -36.16
C TRP T 106 -75.38 -12.75 -37.13
N PRO T 107 -74.90 -13.90 -37.62
CA PRO T 107 -75.66 -14.62 -38.63
C PRO T 107 -76.92 -15.24 -38.06
N CYS T 108 -77.86 -15.47 -38.97
CA CYS T 108 -79.11 -16.14 -38.68
C CYS T 108 -79.23 -17.47 -39.40
N SER T 109 -78.21 -17.88 -40.15
CA SER T 109 -78.26 -18.99 -41.06
C SER T 109 -77.50 -20.17 -40.49
N PRO T 110 -77.90 -21.40 -40.79
CA PRO T 110 -77.20 -22.55 -40.24
C PRO T 110 -75.85 -22.77 -40.87
N ILE T 111 -75.00 -23.52 -40.16
CA ILE T 111 -73.69 -23.83 -40.68
C ILE T 111 -73.72 -24.86 -41.79
N THR T 112 -74.87 -25.44 -42.09
CA THR T 112 -75.03 -26.37 -43.20
C THR T 112 -75.45 -25.70 -44.50
N GLN T 113 -75.62 -24.38 -44.51
CA GLN T 113 -76.12 -23.70 -45.68
C GLN T 113 -75.02 -23.61 -46.72
N GLY T 114 -75.35 -23.93 -47.95
CA GLY T 114 -74.43 -23.90 -49.05
C GLY T 114 -74.52 -22.64 -49.86
N ASP T 115 -73.93 -22.69 -51.05
CA ASP T 115 -73.83 -21.55 -51.94
C ASP T 115 -73.15 -20.38 -51.24
N ARG T 116 -72.08 -20.70 -50.52
CA ARG T 116 -71.35 -19.71 -49.76
C ARG T 116 -70.73 -18.68 -50.68
N GLY T 117 -70.28 -17.59 -50.08
CA GLY T 117 -69.78 -16.47 -50.82
C GLY T 117 -68.75 -15.67 -50.06
N VAL T 118 -68.34 -14.55 -50.64
CA VAL T 118 -67.29 -13.72 -50.06
C VAL T 118 -67.57 -12.28 -50.42
N GLY T 119 -67.60 -11.42 -49.40
CA GLY T 119 -67.91 -10.02 -49.55
C GLY T 119 -66.90 -9.11 -48.92
N SER T 120 -67.29 -7.87 -48.70
CA SER T 120 -66.36 -6.86 -48.22
C SER T 120 -67.13 -5.78 -47.46
N SER T 121 -66.53 -5.32 -46.37
CA SER T 121 -67.03 -4.20 -45.60
C SER T 121 -65.95 -3.14 -45.51
N ALA T 122 -66.31 -1.90 -45.84
CA ALA T 122 -65.39 -0.79 -45.86
C ALA T 122 -65.94 0.37 -45.04
N VAL T 123 -65.04 1.27 -44.66
CA VAL T 123 -65.34 2.40 -43.80
C VAL T 123 -65.40 3.64 -44.66
N ILE T 124 -66.55 4.31 -44.64
CA ILE T 124 -66.87 5.41 -45.54
C ILE T 124 -67.30 6.59 -44.68
N LEU T 125 -66.39 7.52 -44.45
CA LEU T 125 -66.58 8.58 -43.47
C LEU T 125 -67.10 9.88 -44.06
N ASP T 126 -67.86 9.84 -45.17
CA ASP T 126 -68.20 11.06 -45.89
C ASP T 126 -69.59 11.12 -46.50
N ASP T 127 -70.45 10.12 -46.30
CA ASP T 127 -71.83 10.18 -46.74
C ASP T 127 -71.96 10.14 -48.26
N ASN T 128 -70.98 9.54 -48.95
CA ASN T 128 -71.09 9.27 -50.37
C ASN T 128 -70.69 7.81 -50.53
N PHE T 129 -71.69 6.95 -50.47
CA PHE T 129 -71.54 5.52 -50.61
C PHE T 129 -71.69 5.13 -52.07
N VAL T 130 -71.21 3.92 -52.37
CA VAL T 130 -71.56 3.29 -53.62
C VAL T 130 -73.07 3.11 -53.65
N THR T 131 -73.66 3.34 -54.82
CA THR T 131 -75.10 3.30 -54.95
C THR T 131 -75.63 1.94 -54.56
N LYS T 132 -76.77 1.94 -53.87
CA LYS T 132 -77.40 0.70 -53.46
C LYS T 132 -77.79 -0.11 -54.68
N ALA T 133 -77.39 -1.38 -54.69
CA ALA T 133 -77.59 -2.27 -55.80
C ALA T 133 -78.05 -3.62 -55.28
N THR T 134 -78.85 -4.30 -56.09
CA THR T 134 -79.36 -5.62 -55.78
C THR T 134 -78.42 -6.71 -56.27
N ALA T 135 -78.00 -6.64 -57.54
CA ALA T 135 -77.08 -7.62 -58.12
C ALA T 135 -76.11 -6.85 -59.01
N LEU T 136 -75.02 -6.41 -58.41
CA LEU T 136 -73.93 -5.75 -59.13
C LEU T 136 -72.86 -6.77 -59.50
N THR T 137 -72.28 -6.60 -60.69
CA THR T 137 -71.39 -7.59 -61.27
C THR T 137 -70.00 -7.59 -60.65
N TYR T 138 -69.77 -6.86 -59.56
CA TYR T 138 -68.45 -6.83 -58.95
C TYR T 138 -68.61 -6.33 -57.52
N ASP T 139 -67.56 -6.51 -56.73
CA ASP T 139 -67.50 -6.04 -55.37
C ASP T 139 -66.84 -4.67 -55.35
N PRO T 140 -67.57 -3.58 -55.15
CA PRO T 140 -66.92 -2.27 -55.22
C PRO T 140 -65.98 -1.99 -54.08
N TYR T 141 -66.26 -2.54 -52.91
CA TYR T 141 -65.49 -2.25 -51.70
C TYR T 141 -64.30 -3.18 -51.54
N VAL T 142 -63.89 -3.88 -52.59
CA VAL T 142 -62.86 -4.91 -52.46
C VAL T 142 -61.48 -4.29 -52.42
N ASN T 143 -61.23 -3.27 -53.23
CA ASN T 143 -59.93 -2.65 -53.30
C ASN T 143 -59.77 -1.51 -52.34
N TYR T 144 -60.76 -1.27 -51.47
CA TYR T 144 -60.64 -0.23 -50.47
C TYR T 144 -59.61 -0.59 -49.42
N SER T 145 -58.88 0.42 -48.96
CA SER T 145 -57.86 0.22 -47.96
C SER T 145 -58.44 -0.25 -46.63
N SER T 146 -59.71 0.01 -46.37
CA SER T 146 -60.39 -0.42 -45.16
C SER T 146 -61.27 -1.62 -45.36
N ARG T 147 -60.98 -2.42 -46.37
CA ARG T 147 -61.78 -3.60 -46.66
C ARG T 147 -61.42 -4.73 -45.71
N HIS T 148 -62.44 -5.33 -45.12
CA HIS T 148 -62.33 -6.59 -44.43
C HIS T 148 -63.22 -7.57 -45.16
N THR T 149 -62.74 -8.80 -45.31
CA THR T 149 -63.50 -9.82 -46.00
C THR T 149 -64.65 -10.30 -45.14
N ILE T 150 -65.81 -10.45 -45.76
CA ILE T 150 -66.99 -11.02 -45.15
C ILE T 150 -67.12 -12.42 -45.72
N THR T 151 -66.88 -13.42 -44.88
CA THR T 151 -67.28 -14.78 -45.18
C THR T 151 -68.77 -14.91 -44.93
N GLN T 152 -69.46 -15.56 -45.85
CA GLN T 152 -70.90 -15.70 -45.84
C GLN T 152 -71.25 -17.18 -45.89
N PRO T 153 -72.45 -17.55 -45.43
CA PRO T 153 -73.52 -16.82 -44.75
C PRO T 153 -73.53 -16.96 -43.24
N PHE T 154 -72.80 -17.94 -42.72
CA PHE T 154 -72.91 -18.38 -41.34
C PHE T 154 -71.74 -17.94 -40.49
N SER T 155 -71.11 -16.83 -40.84
CA SER T 155 -69.89 -16.39 -40.19
C SER T 155 -70.08 -15.00 -39.62
N TYR T 156 -69.45 -14.77 -38.48
CA TYR T 156 -69.53 -13.51 -37.76
C TYR T 156 -68.53 -12.52 -38.32
N HIS T 157 -68.95 -11.27 -38.41
CA HIS T 157 -68.16 -10.18 -38.94
C HIS T 157 -68.31 -8.98 -38.02
N SER T 158 -67.19 -8.50 -37.50
CA SER T 158 -67.14 -7.31 -36.67
C SER T 158 -66.30 -6.24 -37.34
N ARG T 159 -66.67 -4.99 -37.09
CA ARG T 159 -65.90 -3.83 -37.53
C ARG T 159 -65.91 -2.83 -36.39
N TYR T 160 -64.73 -2.38 -35.98
CA TYR T 160 -64.53 -1.47 -34.87
C TYR T 160 -63.74 -0.28 -35.37
N PHE T 161 -64.37 0.89 -35.36
CA PHE T 161 -63.79 2.07 -35.97
C PHE T 161 -64.37 3.31 -35.31
N THR T 162 -63.85 4.45 -35.72
CA THR T 162 -64.24 5.76 -35.21
C THR T 162 -65.03 6.50 -36.28
N PRO T 163 -66.34 6.71 -36.11
CA PRO T 163 -67.09 7.40 -37.14
C PRO T 163 -66.84 8.90 -37.15
N LYS T 164 -67.46 9.59 -38.09
CA LYS T 164 -67.32 11.01 -38.24
C LYS T 164 -68.71 11.61 -38.50
N PRO T 165 -68.99 12.80 -37.99
CA PRO T 165 -70.29 13.40 -38.22
C PRO T 165 -70.37 14.13 -39.55
N VAL T 166 -71.61 14.27 -40.01
CA VAL T 166 -71.91 14.93 -41.28
C VAL T 166 -72.17 16.39 -40.94
N LEU T 167 -71.11 17.19 -40.95
CA LEU T 167 -71.20 18.61 -40.66
C LEU T 167 -71.64 19.39 -41.89
N ASP T 168 -71.05 19.09 -43.05
CA ASP T 168 -71.46 19.70 -44.31
C ASP T 168 -71.42 18.61 -45.37
N SER T 169 -72.61 18.21 -45.82
CA SER T 169 -72.70 17.19 -46.86
C SER T 169 -72.27 17.69 -48.22
N THR T 170 -72.20 19.00 -48.42
CA THR T 170 -71.76 19.56 -49.69
C THR T 170 -70.27 19.43 -49.88
N ILE T 171 -69.51 19.66 -48.81
CA ILE T 171 -68.05 19.66 -48.85
C ILE T 171 -67.52 18.33 -48.32
N ASP T 172 -68.21 17.78 -47.33
CA ASP T 172 -67.89 16.48 -46.76
C ASP T 172 -66.48 16.48 -46.19
N TYR T 173 -66.29 17.29 -45.16
CA TYR T 173 -65.03 17.38 -44.44
C TYR T 173 -65.13 16.69 -43.09
N PHE T 174 -64.03 16.11 -42.65
CA PHE T 174 -63.98 15.41 -41.38
C PHE T 174 -62.58 15.51 -40.79
N GLN T 175 -62.51 15.24 -39.57
CA GLN T 175 -61.29 15.31 -38.78
C GLN T 175 -60.56 13.97 -38.76
N PRO T 176 -59.24 13.98 -38.67
CA PRO T 176 -58.55 12.73 -38.39
C PRO T 176 -58.72 12.29 -36.95
N ASN T 177 -58.24 11.10 -36.64
CA ASN T 177 -58.45 10.52 -35.33
C ASN T 177 -57.55 11.20 -34.32
N ASN T 178 -58.17 11.86 -33.34
CA ASN T 178 -57.45 12.51 -32.26
C ASN T 178 -58.39 12.58 -31.09
N LYS T 179 -58.10 11.85 -30.02
CA LYS T 179 -59.01 11.83 -28.90
C LYS T 179 -59.09 13.19 -28.21
N ARG T 180 -58.01 13.96 -28.26
CA ARG T 180 -57.95 15.22 -27.53
C ARG T 180 -58.60 16.36 -28.29
N ASN T 181 -58.64 16.27 -29.63
CA ASN T 181 -59.14 17.34 -30.47
C ASN T 181 -60.49 17.04 -31.10
N GLN T 182 -61.10 15.92 -30.77
CA GLN T 182 -62.39 15.56 -31.36
C GLN T 182 -63.46 16.55 -30.92
N LEU T 183 -64.25 16.98 -31.88
CA LEU T 183 -65.29 17.95 -31.64
C LEU T 183 -66.36 17.40 -30.70
N TRP T 184 -66.88 18.28 -29.86
CA TRP T 184 -68.06 18.00 -29.06
C TRP T 184 -69.27 18.53 -29.80
N LEU T 185 -70.24 17.66 -30.02
CA LEU T 185 -71.53 18.03 -30.56
C LEU T 185 -72.51 18.21 -29.41
N ARG T 186 -73.64 18.84 -29.72
CA ARG T 186 -74.72 18.99 -28.77
C ARG T 186 -75.69 17.83 -28.91
N LEU T 187 -76.13 17.33 -27.76
CA LEU T 187 -77.17 16.32 -27.69
C LEU T 187 -78.51 17.03 -27.85
N GLN T 188 -78.97 17.11 -29.09
CA GLN T 188 -80.21 17.77 -29.41
C GLN T 188 -81.39 16.97 -28.86
N THR T 189 -82.57 17.57 -28.97
CA THR T 189 -83.78 16.92 -28.48
C THR T 189 -84.31 15.88 -29.45
N ALA T 190 -84.53 16.28 -30.72
CA ALA T 190 -85.02 15.36 -31.73
C ALA T 190 -84.39 15.57 -33.11
N GLY T 191 -83.19 16.12 -33.18
CA GLY T 191 -82.61 16.49 -34.45
C GLY T 191 -81.12 16.26 -34.57
N ASN T 192 -80.61 15.23 -33.91
CA ASN T 192 -79.19 14.97 -33.90
C ASN T 192 -78.68 14.61 -35.30
N VAL T 193 -77.39 14.82 -35.50
CA VAL T 193 -76.75 14.69 -36.80
C VAL T 193 -76.33 13.25 -37.01
N ASP T 194 -76.37 12.82 -38.27
CA ASP T 194 -76.06 11.44 -38.62
C ASP T 194 -74.56 11.25 -38.68
N HIS T 195 -74.07 10.24 -37.99
CA HIS T 195 -72.71 9.77 -38.14
C HIS T 195 -72.68 8.66 -39.17
N VAL T 196 -71.50 8.49 -39.76
CA VAL T 196 -71.35 7.70 -40.97
C VAL T 196 -70.03 6.93 -40.87
N GLY T 197 -69.89 5.91 -41.72
CA GLY T 197 -68.71 5.08 -41.60
C GLY T 197 -68.75 3.60 -41.93
N LEU T 198 -69.82 3.07 -42.53
CA LEU T 198 -69.75 1.70 -42.99
C LEU T 198 -70.58 1.45 -44.25
N GLY T 199 -69.95 0.77 -45.20
CA GLY T 199 -70.64 0.27 -46.36
C GLY T 199 -70.23 -1.16 -46.62
N THR T 200 -71.17 -1.92 -47.16
CA THR T 200 -71.04 -3.36 -47.28
C THR T 200 -71.31 -3.81 -48.70
N ALA T 201 -70.84 -5.02 -49.00
CA ALA T 201 -71.14 -5.69 -50.25
C ALA T 201 -71.22 -7.18 -49.97
N PHE T 202 -72.42 -7.74 -50.08
CA PHE T 202 -72.69 -9.14 -49.83
C PHE T 202 -72.93 -9.87 -51.14
N GLU T 203 -72.32 -11.04 -51.28
CA GLU T 203 -72.51 -11.86 -52.46
C GLU T 203 -73.84 -12.58 -52.37
N ASN T 204 -74.63 -12.46 -53.43
CA ASN T 204 -75.95 -13.04 -53.44
C ASN T 204 -75.88 -14.55 -53.52
N SER T 205 -77.01 -15.19 -53.28
CA SER T 205 -77.10 -16.63 -53.16
C SER T 205 -78.48 -17.11 -53.55
N ILE T 206 -78.61 -18.42 -53.75
CA ILE T 206 -79.90 -19.01 -54.05
C ILE T 206 -80.80 -18.96 -52.83
N TYR T 207 -80.22 -18.99 -51.64
CA TYR T 207 -80.96 -18.95 -50.39
C TYR T 207 -80.89 -17.55 -49.79
N ASP T 208 -81.88 -17.24 -48.95
CA ASP T 208 -81.90 -15.96 -48.26
C ASP T 208 -80.88 -15.96 -47.14
N GLN T 209 -80.12 -14.87 -47.05
CA GLN T 209 -79.09 -14.68 -46.04
C GLN T 209 -79.57 -13.60 -45.09
N GLU T 210 -79.93 -13.99 -43.87
CA GLU T 210 -80.40 -13.06 -42.86
C GLU T 210 -79.32 -12.81 -41.83
N TYR T 211 -79.35 -11.62 -41.24
CA TYR T 211 -78.41 -11.20 -40.22
C TYR T 211 -79.13 -10.38 -39.17
N ASN T 212 -78.67 -10.49 -37.94
CA ASN T 212 -79.08 -9.63 -36.83
C ASN T 212 -77.90 -8.72 -36.52
N ILE T 213 -78.03 -7.44 -36.84
CA ILE T 213 -76.94 -6.50 -36.74
C ILE T 213 -77.07 -5.75 -35.43
N ARG T 214 -76.02 -5.83 -34.61
CA ARG T 214 -75.94 -5.16 -33.32
C ARG T 214 -74.89 -4.08 -33.39
N VAL T 215 -75.31 -2.83 -33.34
CA VAL T 215 -74.43 -1.68 -33.33
C VAL T 215 -74.27 -1.23 -31.90
N THR T 216 -73.03 -1.02 -31.49
CA THR T 216 -72.68 -0.55 -30.16
C THR T 216 -71.85 0.71 -30.33
N MET T 217 -72.34 1.83 -29.80
CA MET T 217 -71.63 3.09 -29.84
C MET T 217 -71.03 3.40 -28.49
N TYR T 218 -69.75 3.70 -28.49
CA TYR T 218 -69.02 4.09 -27.29
C TYR T 218 -68.91 5.60 -27.29
N VAL T 219 -69.68 6.24 -26.41
CA VAL T 219 -69.87 7.67 -26.43
C VAL T 219 -69.23 8.28 -25.19
N GLN T 220 -69.11 9.60 -25.21
CA GLN T 220 -68.48 10.37 -24.15
C GLN T 220 -69.29 11.65 -24.02
N PHE T 221 -69.95 11.82 -22.89
CA PHE T 221 -70.79 12.96 -22.61
C PHE T 221 -70.05 13.98 -21.75
N ARG T 222 -70.68 15.14 -21.58
CA ARG T 222 -70.08 16.24 -20.86
C ARG T 222 -71.18 17.14 -20.33
N GLU T 223 -70.91 17.78 -19.18
CA GLU T 223 -71.77 18.78 -18.58
C GLU T 223 -73.14 18.21 -18.20
N PHE T 224 -73.11 17.37 -17.18
CA PHE T 224 -74.28 16.93 -16.44
C PHE T 224 -75.21 18.10 -16.18
N ASN T 225 -76.46 17.98 -16.65
CA ASN T 225 -77.39 19.10 -16.67
C ASN T 225 -78.76 18.70 -16.18
N LEU T 226 -78.80 17.92 -15.11
CA LEU T 226 -80.08 17.48 -14.58
C LEU T 226 -80.83 18.68 -14.02
N LYS T 227 -82.15 18.65 -14.20
CA LYS T 227 -83.05 19.68 -13.72
C LYS T 227 -84.04 19.06 -12.75
N ASP T 228 -84.15 19.65 -11.57
CA ASP T 228 -84.93 19.08 -10.46
C ASP T 228 -85.95 20.12 -10.00
N PRO T 229 -87.10 20.19 -10.66
CA PRO T 229 -88.17 21.04 -10.17
C PRO T 229 -88.83 20.44 -8.96
N PRO T 230 -89.64 21.21 -8.23
CA PRO T 230 -90.40 20.61 -7.12
C PRO T 230 -91.51 19.68 -7.61
N LEU T 231 -92.26 19.13 -6.67
CA LEU T 231 -93.33 18.19 -6.98
C LEU T 231 -94.54 18.42 -6.08
N GLY U 43 38.85 -37.11 -47.76
CA GLY U 43 38.87 -38.33 -46.97
C GLY U 43 40.05 -38.39 -46.03
N ILE U 44 39.92 -37.73 -44.88
CA ILE U 44 41.02 -37.57 -43.96
C ILE U 44 41.20 -38.83 -43.14
N PHE U 45 42.45 -39.14 -42.83
CA PHE U 45 42.79 -40.26 -41.97
C PHE U 45 44.08 -39.89 -41.23
N ASN U 46 43.94 -39.49 -39.98
CA ASN U 46 45.09 -39.24 -39.13
C ASN U 46 45.54 -40.55 -38.51
N THR U 47 46.82 -40.86 -38.66
CA THR U 47 47.40 -42.06 -38.06
C THR U 47 48.79 -41.74 -37.54
N ARG U 48 49.53 -42.81 -37.23
CA ARG U 48 50.81 -42.72 -36.55
C ARG U 48 51.72 -43.81 -37.11
N LEU U 49 52.90 -43.41 -37.56
CA LEU U 49 53.87 -44.30 -38.16
C LEU U 49 55.18 -44.16 -37.41
N SER U 50 55.83 -45.29 -37.15
CA SER U 50 57.04 -45.34 -36.35
C SER U 50 58.14 -46.08 -37.09
N ARG U 51 59.34 -45.99 -36.52
CA ARG U 51 60.57 -46.48 -37.10
C ARG U 51 61.64 -46.38 -36.02
N THR U 52 62.50 -47.37 -35.97
CA THR U 52 63.52 -47.49 -34.92
C THR U 52 64.87 -47.78 -35.55
N PHE U 53 65.90 -47.11 -35.02
CA PHE U 53 67.26 -47.28 -35.53
C PHE U 53 68.23 -46.85 -34.44
N GLY U 54 69.50 -47.15 -34.67
CA GLY U 54 70.54 -46.90 -33.70
C GLY U 54 71.44 -45.71 -33.99
N TYR U 55 72.05 -45.19 -32.94
CA TYR U 55 73.02 -44.11 -33.02
C TYR U 55 74.00 -44.28 -31.89
N THR U 56 75.29 -44.22 -32.22
CA THR U 56 76.36 -44.40 -31.26
C THR U 56 77.33 -43.23 -31.31
N ILE U 57 77.75 -42.78 -30.14
CA ILE U 57 78.79 -41.79 -29.99
C ILE U 57 80.02 -42.53 -29.50
N LYS U 58 80.98 -42.73 -30.39
CA LYS U 58 82.17 -43.49 -30.07
C LYS U 58 83.02 -42.78 -29.03
N ARG U 59 83.86 -43.56 -28.36
CA ARG U 59 84.73 -43.04 -27.31
C ARG U 59 85.85 -42.20 -27.89
N THR U 60 86.43 -41.38 -27.04
CA THR U 60 87.56 -40.52 -27.39
C THR U 60 88.53 -40.44 -26.23
N THR U 61 89.82 -40.51 -26.53
CA THR U 61 90.86 -40.28 -25.54
C THR U 61 91.07 -38.80 -25.22
N VAL U 62 90.40 -37.90 -25.93
CA VAL U 62 90.54 -36.48 -25.68
C VAL U 62 90.12 -36.16 -24.26
N LYS U 63 90.90 -35.31 -23.59
CA LYS U 63 90.65 -34.98 -22.20
C LYS U 63 89.62 -33.87 -22.06
N THR U 64 89.63 -32.90 -22.98
CA THR U 64 88.76 -31.76 -22.89
C THR U 64 87.30 -32.16 -23.03
N PRO U 65 86.38 -31.27 -22.66
CA PRO U 65 84.98 -31.50 -23.03
C PRO U 65 84.74 -31.13 -24.47
N SER U 66 84.57 -32.12 -25.32
CA SER U 66 84.24 -31.95 -26.72
C SER U 66 82.88 -32.56 -26.99
N TRP U 67 82.24 -32.08 -28.05
CA TRP U 67 80.91 -32.51 -28.43
C TRP U 67 80.91 -33.11 -29.82
N ALA U 68 80.03 -34.08 -30.01
CA ALA U 68 79.83 -34.76 -31.28
C ALA U 68 78.54 -34.26 -31.89
N VAL U 69 78.63 -33.71 -33.08
CA VAL U 69 77.50 -33.08 -33.76
C VAL U 69 77.02 -34.00 -34.86
N ASP U 70 75.71 -34.05 -35.03
CA ASP U 70 75.10 -34.85 -36.09
C ASP U 70 73.73 -34.28 -36.38
N MET U 71 73.17 -34.72 -37.50
CA MET U 71 71.91 -34.24 -38.02
C MET U 71 70.89 -35.36 -38.10
N MET U 72 69.64 -34.98 -38.33
CA MET U 72 68.54 -35.93 -38.39
C MET U 72 67.44 -35.38 -39.29
N ARG U 73 67.22 -36.05 -40.41
CA ARG U 73 66.15 -35.76 -41.34
C ARG U 73 65.07 -36.83 -41.22
N PHE U 74 63.91 -36.54 -41.80
CA PHE U 74 62.76 -37.45 -41.77
C PHE U 74 62.16 -37.54 -43.15
N ASN U 75 62.03 -38.76 -43.66
CA ASN U 75 61.38 -39.04 -44.93
C ASN U 75 60.33 -40.12 -44.71
N ILE U 76 59.26 -40.04 -45.50
CA ILE U 76 58.14 -40.95 -45.35
C ILE U 76 58.39 -42.30 -46.01
N ASN U 77 59.40 -42.42 -46.86
CA ASN U 77 59.72 -43.72 -47.44
C ASN U 77 60.22 -44.68 -46.37
N ASP U 78 60.88 -44.16 -45.34
CA ASP U 78 61.40 -44.98 -44.27
C ASP U 78 60.32 -45.45 -43.30
N PHE U 79 59.13 -44.86 -43.35
CA PHE U 79 58.02 -45.24 -42.50
C PHE U 79 56.92 -45.98 -43.25
N LEU U 80 56.73 -45.66 -44.52
CA LEU U 80 55.67 -46.22 -45.35
C LEU U 80 56.28 -47.08 -46.45
N PRO U 81 56.14 -48.40 -46.44
CA PRO U 81 56.78 -49.19 -47.47
C PRO U 81 56.03 -49.10 -48.79
N PRO U 82 56.59 -49.64 -49.86
CA PRO U 82 55.85 -49.74 -51.10
C PRO U 82 54.77 -50.79 -51.02
N GLY U 83 53.68 -50.53 -51.73
CA GLY U 83 52.56 -51.44 -51.72
C GLY U 83 52.72 -52.60 -52.68
N GLY U 84 51.62 -52.96 -53.33
CA GLY U 84 51.64 -54.04 -54.29
C GLY U 84 50.51 -53.95 -55.27
N GLY U 85 50.84 -54.11 -56.56
CA GLY U 85 49.85 -54.07 -57.60
C GLY U 85 49.55 -52.66 -58.07
N SER U 86 48.27 -52.40 -58.33
CA SER U 86 47.86 -51.09 -58.82
C SER U 86 47.98 -50.01 -57.75
N ASN U 87 48.10 -50.40 -56.49
CA ASN U 87 48.31 -49.45 -55.40
C ASN U 87 49.80 -49.32 -55.14
N PRO U 88 50.45 -48.20 -55.48
CA PRO U 88 51.90 -48.15 -55.35
C PRO U 88 52.40 -48.11 -53.92
N ARG U 89 51.56 -47.69 -52.98
CA ARG U 89 51.93 -47.60 -51.58
C ARG U 89 51.00 -48.44 -50.73
N SER U 90 51.43 -48.71 -49.51
CA SER U 90 50.71 -49.62 -48.63
C SER U 90 49.54 -48.95 -47.93
N VAL U 91 49.59 -47.64 -47.79
CA VAL U 91 48.47 -46.84 -47.27
C VAL U 91 47.78 -46.20 -48.46
N PRO U 92 46.56 -46.60 -48.83
CA PRO U 92 46.00 -46.14 -50.11
C PRO U 92 45.42 -44.73 -50.05
N PHE U 93 46.31 -43.75 -50.10
CA PHE U 93 45.93 -42.35 -50.13
C PHE U 93 46.84 -41.63 -51.11
N GLU U 94 46.38 -40.45 -51.55
CA GLU U 94 47.07 -39.65 -52.54
C GLU U 94 47.98 -38.60 -51.91
N TYR U 95 47.46 -37.83 -50.98
CA TYR U 95 48.14 -36.69 -50.40
C TYR U 95 48.47 -36.96 -48.95
N TYR U 96 49.42 -36.19 -48.43
CA TYR U 96 49.81 -36.29 -47.04
C TYR U 96 50.39 -34.97 -46.58
N ARG U 97 50.47 -34.82 -45.26
CA ARG U 97 51.19 -33.73 -44.66
C ARG U 97 51.53 -34.12 -43.24
N ILE U 98 52.79 -33.98 -42.87
CA ILE U 98 53.27 -34.41 -41.57
C ILE U 98 52.93 -33.33 -40.56
N ARG U 99 52.19 -33.72 -39.53
CA ARG U 99 51.74 -32.81 -38.49
C ARG U 99 52.76 -32.64 -37.38
N LYS U 100 53.29 -33.75 -36.87
CA LYS U 100 54.21 -33.74 -35.76
C LYS U 100 55.17 -34.91 -35.92
N VAL U 101 56.31 -34.80 -35.23
CA VAL U 101 57.26 -35.89 -35.10
C VAL U 101 57.69 -35.95 -33.64
N LYS U 102 57.87 -37.16 -33.15
CA LYS U 102 58.37 -37.44 -31.81
C LYS U 102 59.64 -38.27 -31.96
N VAL U 103 60.76 -37.65 -31.68
CA VAL U 103 62.04 -38.32 -31.64
C VAL U 103 62.34 -38.70 -30.20
N GLU U 104 62.58 -39.98 -29.97
CA GLU U 104 62.84 -40.51 -28.64
C GLU U 104 64.22 -41.15 -28.66
N PHE U 105 65.11 -40.62 -27.84
CA PHE U 105 66.42 -41.23 -27.61
C PHE U 105 66.29 -42.17 -26.42
N TRP U 106 66.13 -43.45 -26.72
CA TRP U 106 66.07 -44.46 -25.69
C TRP U 106 67.48 -44.94 -25.40
N PRO U 107 68.00 -44.80 -24.18
CA PRO U 107 69.37 -45.18 -23.93
C PRO U 107 69.59 -46.67 -23.97
N CYS U 108 70.83 -47.03 -24.24
CA CYS U 108 71.30 -48.40 -24.23
C CYS U 108 72.32 -48.67 -23.14
N SER U 109 72.63 -47.68 -22.32
CA SER U 109 73.72 -47.72 -21.39
C SER U 109 73.19 -47.88 -19.97
N PRO U 110 73.96 -48.53 -19.10
CA PRO U 110 73.47 -48.74 -17.74
C PRO U 110 73.49 -47.46 -16.93
N ILE U 111 72.72 -47.48 -15.84
CA ILE U 111 72.68 -46.33 -14.95
C ILE U 111 73.92 -46.20 -14.08
N THR U 112 74.82 -47.18 -14.13
CA THR U 112 76.09 -47.12 -13.42
C THR U 112 77.22 -46.53 -14.25
N GLN U 113 76.96 -46.13 -15.49
CA GLN U 113 78.02 -45.64 -16.35
C GLN U 113 78.41 -44.24 -15.92
N GLY U 114 79.72 -44.02 -15.84
CA GLY U 114 80.26 -42.75 -15.45
C GLY U 114 80.68 -41.90 -16.63
N ASP U 115 81.48 -40.88 -16.33
CA ASP U 115 81.91 -39.90 -17.32
C ASP U 115 80.71 -39.26 -17.99
N ARG U 116 79.71 -38.93 -17.19
CA ARG U 116 78.49 -38.36 -17.69
C ARG U 116 78.76 -36.99 -18.31
N GLY U 117 77.75 -36.52 -19.05
CA GLY U 117 77.89 -35.32 -19.83
C GLY U 117 76.59 -34.58 -20.00
N VAL U 118 76.63 -33.52 -20.80
CA VAL U 118 75.46 -32.68 -21.02
C VAL U 118 75.53 -32.13 -22.44
N GLY U 119 74.43 -32.31 -23.17
CA GLY U 119 74.34 -31.92 -24.56
C GLY U 119 73.13 -31.09 -24.86
N SER U 120 72.78 -31.00 -26.14
CA SER U 120 71.70 -30.13 -26.57
C SER U 120 71.11 -30.66 -27.86
N SER U 121 69.78 -30.56 -27.95
CA SER U 121 69.04 -30.88 -29.16
C SER U 121 68.23 -29.66 -29.57
N ALA U 122 68.35 -29.29 -30.84
CA ALA U 122 67.68 -28.12 -31.37
C ALA U 122 66.92 -28.49 -32.64
N VAL U 123 65.97 -27.62 -32.98
CA VAL U 123 65.06 -27.83 -34.10
C VAL U 123 65.51 -26.95 -35.25
N ILE U 124 65.82 -27.58 -36.39
CA ILE U 124 66.45 -26.93 -37.52
C ILE U 124 65.59 -27.21 -38.74
N LEU U 125 64.76 -26.25 -39.13
CA LEU U 125 63.72 -26.46 -40.12
C LEU U 125 64.12 -26.04 -41.53
N ASP U 126 65.42 -26.08 -41.87
CA ASP U 126 65.87 -25.50 -43.13
C ASP U 126 66.98 -26.25 -43.86
N ASP U 127 67.43 -27.39 -43.38
CA ASP U 127 68.39 -28.22 -44.10
C ASP U 127 69.77 -27.57 -44.18
N ASN U 128 70.10 -26.73 -43.21
CA ASN U 128 71.45 -26.20 -43.04
C ASN U 128 71.79 -26.40 -41.58
N PHE U 129 72.38 -27.54 -41.30
CA PHE U 129 72.81 -27.93 -39.98
C PHE U 129 74.23 -27.48 -39.72
N VAL U 130 74.60 -27.45 -38.45
CA VAL U 130 76.01 -27.34 -38.11
C VAL U 130 76.72 -28.55 -38.66
N THR U 131 77.93 -28.33 -39.17
CA THR U 131 78.67 -29.38 -39.83
C THR U 131 78.90 -30.55 -38.87
N LYS U 132 78.81 -31.76 -39.41
CA LYS U 132 79.03 -32.94 -38.61
C LYS U 132 80.47 -32.96 -38.11
N ALA U 133 80.62 -33.16 -36.81
CA ALA U 133 81.91 -33.12 -36.14
C ALA U 133 82.00 -34.27 -35.15
N THR U 134 83.22 -34.76 -34.97
CA THR U 134 83.51 -35.83 -34.04
C THR U 134 83.81 -35.30 -32.64
N ALA U 135 84.71 -34.33 -32.54
CA ALA U 135 85.08 -33.71 -31.27
C ALA U 135 85.22 -32.22 -31.49
N LEU U 136 84.13 -31.50 -31.34
CA LEU U 136 84.12 -30.05 -31.42
C LEU U 136 84.24 -29.45 -30.02
N THR U 137 84.97 -28.35 -29.94
CA THR U 137 85.34 -27.76 -28.65
C THR U 137 84.22 -27.01 -27.96
N TYR U 138 82.99 -27.07 -28.47
CA TYR U 138 81.88 -26.36 -27.86
C TYR U 138 80.60 -27.00 -28.34
N ASP U 139 79.51 -26.65 -27.66
CA ASP U 139 78.17 -27.10 -28.01
C ASP U 139 77.52 -26.05 -28.89
N PRO U 140 77.37 -26.27 -30.20
CA PRO U 140 76.84 -25.21 -31.04
C PRO U 140 75.37 -24.95 -30.81
N TYR U 141 74.61 -25.97 -30.43
CA TYR U 141 73.17 -25.87 -30.29
C TYR U 141 72.76 -25.41 -28.90
N VAL U 142 73.67 -24.84 -28.12
CA VAL U 142 73.38 -24.54 -26.73
C VAL U 142 72.59 -23.25 -26.60
N ASN U 143 72.93 -22.24 -27.40
CA ASN U 143 72.28 -20.95 -27.33
C ASN U 143 71.06 -20.85 -28.24
N TYR U 144 70.69 -21.94 -28.90
CA TYR U 144 69.50 -21.94 -29.73
C TYR U 144 68.25 -21.83 -28.89
N SER U 145 67.28 -21.09 -29.43
CA SER U 145 66.01 -20.89 -28.74
C SER U 145 65.23 -22.18 -28.56
N SER U 146 65.49 -23.19 -29.39
CA SER U 146 64.84 -24.48 -29.31
C SER U 146 65.70 -25.53 -28.67
N ARG U 147 66.66 -25.13 -27.86
CA ARG U 147 67.56 -26.09 -27.22
C ARG U 147 66.87 -26.71 -26.02
N HIS U 148 66.95 -28.04 -25.96
CA HIS U 148 66.63 -28.81 -24.79
C HIS U 148 67.90 -29.53 -24.36
N THR U 149 68.13 -29.57 -23.07
CA THR U 149 69.32 -30.23 -22.53
C THR U 149 69.18 -31.73 -22.65
N ILE U 150 70.26 -32.37 -23.09
CA ILE U 150 70.39 -33.81 -23.13
C ILE U 150 71.29 -34.20 -21.98
N THR U 151 70.71 -34.82 -20.96
CA THR U 151 71.50 -35.52 -19.97
C THR U 151 71.95 -36.85 -20.55
N GLN U 152 73.22 -37.18 -20.34
CA GLN U 152 73.86 -38.35 -20.89
C GLN U 152 74.44 -39.19 -19.77
N PRO U 153 74.65 -40.49 -20.00
CA PRO U 153 74.33 -41.35 -21.14
C PRO U 153 73.05 -42.17 -20.98
N PHE U 154 72.56 -42.26 -19.75
CA PHE U 154 71.51 -43.22 -19.39
C PHE U 154 70.16 -42.55 -19.19
N SER U 155 69.91 -41.46 -19.87
CA SER U 155 68.71 -40.67 -19.67
C SER U 155 67.94 -40.54 -20.97
N TYR U 156 66.63 -40.53 -20.84
CA TYR U 156 65.71 -40.45 -21.96
C TYR U 156 65.51 -39.00 -22.37
N HIS U 157 65.46 -38.78 -23.69
CA HIS U 157 65.29 -37.47 -24.27
C HIS U 157 64.25 -37.56 -25.37
N SER U 158 63.20 -36.76 -25.25
CA SER U 158 62.15 -36.67 -26.25
C SER U 158 62.09 -35.26 -26.81
N ARG U 159 61.71 -35.16 -28.07
CA ARG U 159 61.47 -33.89 -28.74
C ARG U 159 60.23 -34.06 -29.60
N TYR U 160 59.26 -33.17 -29.41
CA TYR U 160 57.97 -33.22 -30.10
C TYR U 160 57.76 -31.89 -30.78
N PHE U 161 57.72 -31.90 -32.11
CA PHE U 161 57.71 -30.68 -32.89
C PHE U 161 57.06 -30.96 -34.23
N THR U 162 56.89 -29.89 -35.00
CA THR U 162 56.29 -29.92 -36.32
C THR U 162 57.36 -29.71 -37.38
N PRO U 163 57.72 -30.70 -38.19
CA PRO U 163 58.76 -30.49 -39.17
C PRO U 163 58.28 -29.69 -40.36
N LYS U 164 59.18 -29.41 -41.29
CA LYS U 164 58.88 -28.67 -42.49
C LYS U 164 59.54 -29.36 -43.67
N PRO U 165 58.91 -29.35 -44.84
CA PRO U 165 59.53 -29.99 -45.99
C PRO U 165 60.52 -29.10 -46.71
N VAL U 166 61.42 -29.76 -47.43
CA VAL U 166 62.47 -29.09 -48.19
C VAL U 166 61.91 -28.88 -49.59
N LEU U 167 61.26 -27.74 -49.78
CA LEU U 167 60.69 -27.39 -51.06
C LEU U 167 61.74 -26.79 -51.99
N ASP U 168 62.57 -25.89 -51.47
CA ASP U 168 63.67 -25.32 -52.24
C ASP U 168 64.86 -25.20 -51.30
N SER U 169 65.87 -26.04 -51.51
CA SER U 169 67.06 -26.01 -50.69
C SER U 169 67.93 -24.80 -50.96
N THR U 170 67.73 -24.12 -52.08
CA THR U 170 68.51 -22.93 -52.40
C THR U 170 68.05 -21.73 -51.57
N ILE U 171 66.74 -21.59 -51.39
CA ILE U 171 66.16 -20.45 -50.70
C ILE U 171 65.81 -20.84 -49.27
N ASP U 172 65.41 -22.10 -49.09
CA ASP U 172 65.10 -22.66 -47.78
C ASP U 172 64.00 -21.85 -47.08
N TYR U 173 62.81 -21.90 -47.68
CA TYR U 173 61.62 -21.24 -47.15
C TYR U 173 60.68 -22.28 -46.55
N PHE U 174 59.98 -21.89 -45.50
CA PHE U 174 59.03 -22.77 -44.84
C PHE U 174 57.90 -21.94 -44.25
N GLN U 175 56.88 -22.61 -43.93
CA GLN U 175 55.66 -22.04 -43.40
C GLN U 175 55.67 -22.02 -41.89
N PRO U 176 55.02 -21.05 -41.25
CA PRO U 176 54.80 -21.16 -39.82
C PRO U 176 53.75 -22.19 -39.48
N ASN U 177 53.58 -22.46 -38.19
CA ASN U 177 52.68 -23.51 -37.75
C ASN U 177 51.24 -23.04 -37.89
N ASN U 178 50.49 -23.74 -38.74
CA ASN U 178 49.08 -23.47 -38.94
C ASN U 178 48.46 -24.75 -39.42
N LYS U 179 47.59 -25.35 -38.62
CA LYS U 179 47.01 -26.61 -39.01
C LYS U 179 46.10 -26.47 -40.21
N ARG U 180 45.48 -25.31 -40.38
CA ARG U 180 44.50 -25.12 -41.45
C ARG U 180 45.15 -24.78 -42.77
N ASN U 181 46.35 -24.19 -42.75
CA ASN U 181 47.01 -23.71 -43.95
C ASN U 181 48.21 -24.56 -44.35
N GLN U 182 48.49 -25.65 -43.64
CA GLN U 182 49.64 -26.48 -43.96
C GLN U 182 49.46 -27.13 -45.31
N LEU U 183 50.53 -27.10 -46.11
CA LEU U 183 50.50 -27.62 -47.45
C LEU U 183 50.29 -29.12 -47.45
N TRP U 184 49.57 -29.59 -48.45
CA TRP U 184 49.45 -31.01 -48.75
C TRP U 184 50.48 -31.36 -49.80
N LEU U 185 51.30 -32.34 -49.50
CA LEU U 185 52.22 -32.92 -50.47
C LEU U 185 51.60 -34.17 -51.05
N ARG U 186 52.19 -34.63 -52.15
CA ARG U 186 51.80 -35.87 -52.77
C ARG U 186 52.63 -37.01 -52.22
N LEU U 187 51.95 -38.12 -51.96
CA LEU U 187 52.60 -39.37 -51.58
C LEU U 187 53.13 -40.02 -52.84
N GLN U 188 54.38 -39.72 -53.15
CA GLN U 188 55.02 -40.25 -54.34
C GLN U 188 55.25 -41.76 -54.17
N THR U 189 55.71 -42.37 -55.26
CA THR U 189 55.95 -43.80 -55.26
C THR U 189 57.29 -44.14 -54.63
N ALA U 190 58.38 -43.51 -55.12
CA ALA U 190 59.71 -43.76 -54.56
C ALA U 190 60.57 -42.51 -54.48
N GLY U 191 59.98 -41.33 -54.40
CA GLY U 191 60.73 -40.09 -54.47
C GLY U 191 60.25 -38.98 -53.57
N ASN U 192 59.74 -39.34 -52.40
CA ASN U 192 59.20 -38.35 -51.50
C ASN U 192 60.28 -37.41 -50.99
N VAL U 193 59.84 -36.24 -50.55
CA VAL U 193 60.73 -35.15 -50.17
C VAL U 193 61.10 -35.28 -48.70
N ASP U 194 62.32 -34.87 -48.38
CA ASP U 194 62.84 -35.02 -47.04
C ASP U 194 62.30 -33.90 -46.15
N HIS U 195 61.75 -34.29 -45.01
CA HIS U 195 61.43 -33.35 -43.95
C HIS U 195 62.59 -33.25 -42.99
N VAL U 196 62.64 -32.13 -42.29
CA VAL U 196 63.83 -31.72 -41.55
C VAL U 196 63.37 -31.07 -40.25
N GLY U 197 64.30 -30.95 -39.30
CA GLY U 197 63.92 -30.44 -38.01
C GLY U 197 64.60 -30.91 -36.75
N LEU U 198 65.71 -31.63 -36.81
CA LEU U 198 66.44 -31.90 -35.57
C LEU U 198 67.93 -32.01 -35.77
N GLY U 199 68.66 -31.33 -34.91
CA GLY U 199 70.10 -31.47 -34.83
C GLY U 199 70.52 -31.60 -33.38
N THR U 200 71.58 -32.36 -33.17
CA THR U 200 72.00 -32.78 -31.84
C THR U 200 73.47 -32.46 -31.61
N ALA U 201 73.83 -32.44 -30.33
CA ALA U 201 75.21 -32.31 -29.91
C ALA U 201 75.39 -33.11 -28.64
N PHE U 202 76.14 -34.20 -28.74
CA PHE U 202 76.40 -35.09 -27.62
C PHE U 202 77.82 -34.92 -27.13
N GLU U 203 77.98 -34.85 -25.82
CA GLU U 203 79.30 -34.73 -25.21
C GLU U 203 79.98 -36.09 -25.20
N ASN U 204 81.20 -36.13 -25.71
CA ASN U 204 81.92 -37.36 -25.84
C ASN U 204 82.36 -37.88 -24.47
N SER U 205 82.80 -39.13 -24.45
CA SER U 205 83.11 -39.82 -23.21
C SER U 205 84.16 -40.88 -23.47
N ILE U 206 84.72 -41.41 -22.38
CA ILE U 206 85.68 -42.50 -22.48
C ILE U 206 85.00 -43.77 -22.93
N TYR U 207 83.72 -43.93 -22.60
CA TYR U 207 82.95 -45.10 -22.95
C TYR U 207 82.04 -44.80 -24.13
N ASP U 208 81.67 -45.84 -24.85
CA ASP U 208 80.75 -45.69 -25.97
C ASP U 208 79.34 -45.46 -25.46
N GLN U 209 78.66 -44.48 -26.04
CA GLN U 209 77.29 -44.13 -25.70
C GLN U 209 76.38 -44.53 -26.86
N GLU U 210 75.59 -45.58 -26.66
CA GLU U 210 74.67 -46.08 -27.66
C GLU U 210 73.24 -45.65 -27.34
N TYR U 211 72.45 -45.50 -28.39
CA TYR U 211 71.06 -45.12 -28.28
C TYR U 211 70.25 -45.86 -29.33
N ASN U 212 69.01 -46.17 -28.98
CA ASN U 212 68.01 -46.69 -29.90
C ASN U 212 67.00 -45.58 -30.13
N ILE U 213 67.01 -45.00 -31.33
CA ILE U 213 66.20 -43.83 -31.63
C ILE U 213 64.92 -44.28 -32.31
N ARG U 214 63.80 -43.91 -31.73
CA ARG U 214 62.47 -44.24 -32.25
C ARG U 214 61.80 -42.95 -32.69
N VAL U 215 61.62 -42.80 -34.00
CA VAL U 215 60.94 -41.67 -34.59
C VAL U 215 59.51 -42.08 -34.87
N THR U 216 58.57 -41.25 -34.44
CA THR U 216 57.15 -41.45 -34.67
C THR U 216 56.63 -40.22 -35.38
N MET U 217 56.09 -40.42 -36.58
CA MET U 217 55.49 -39.35 -37.36
C MET U 217 53.97 -39.44 -37.30
N TYR U 218 53.35 -38.34 -36.96
CA TYR U 218 51.90 -38.21 -36.93
C TYR U 218 51.46 -37.52 -38.21
N VAL U 219 50.87 -38.30 -39.11
CA VAL U 219 50.60 -37.86 -40.47
C VAL U 219 49.10 -37.73 -40.65
N GLN U 220 48.72 -37.10 -41.76
CA GLN U 220 47.34 -36.85 -42.12
C GLN U 220 47.25 -37.02 -43.62
N PHE U 221 46.50 -38.02 -44.05
CA PHE U 221 46.32 -38.34 -45.45
C PHE U 221 45.01 -37.80 -45.98
N ARG U 222 44.83 -37.90 -47.30
CA ARG U 222 43.67 -37.36 -47.96
C ARG U 222 43.44 -38.12 -49.25
N GLU U 223 42.18 -38.22 -49.65
CA GLU U 223 41.76 -38.78 -50.93
C GLU U 223 42.17 -40.24 -51.08
N PHE U 224 41.48 -41.06 -50.29
CA PHE U 224 41.46 -42.51 -50.45
C PHE U 224 41.33 -42.89 -51.91
N ASN U 225 42.30 -43.65 -52.42
CA ASN U 225 42.43 -43.91 -53.84
C ASN U 225 42.69 -45.37 -54.13
N LEU U 226 41.99 -46.25 -53.43
CA LEU U 226 42.18 -47.67 -53.65
C LEU U 226 41.72 -48.06 -55.05
N LYS U 227 42.46 -48.98 -55.65
CA LYS U 227 42.15 -49.51 -56.98
C LYS U 227 41.91 -50.99 -56.87
N ASP U 228 40.77 -51.43 -57.41
CA ASP U 228 40.29 -52.80 -57.27
C ASP U 228 40.07 -53.41 -58.65
N PRO U 229 41.11 -53.93 -59.27
CA PRO U 229 40.93 -54.65 -60.51
C PRO U 229 40.32 -56.01 -60.27
N PRO U 230 39.83 -56.69 -61.31
CA PRO U 230 39.35 -58.06 -61.12
C PRO U 230 40.48 -59.03 -60.85
N LEU U 231 40.13 -60.31 -60.70
CA LEU U 231 41.10 -61.35 -60.39
C LEU U 231 40.80 -62.64 -61.14
N GLY V 43 66.39 0.70 -27.03
CA GLY V 43 66.23 -0.54 -27.78
C GLY V 43 66.61 -1.76 -26.98
N ILE V 44 65.70 -2.22 -26.15
CA ILE V 44 65.98 -3.28 -25.21
C ILE V 44 65.94 -4.62 -25.91
N PHE V 45 66.82 -5.53 -25.48
CA PHE V 45 66.83 -6.90 -25.97
C PHE V 45 67.33 -7.78 -24.82
N ASN V 46 66.42 -8.46 -24.18
CA ASN V 46 66.76 -9.44 -23.16
C ASN V 46 67.04 -10.77 -23.83
N THR V 47 68.21 -11.34 -23.52
CA THR V 47 68.58 -12.64 -24.06
C THR V 47 69.30 -13.44 -22.98
N ARG V 48 69.93 -14.52 -23.41
CA ARG V 48 70.54 -15.51 -22.53
C ARG V 48 71.81 -16.02 -23.16
N LEU V 49 72.91 -15.95 -22.42
CA LEU V 49 74.22 -16.36 -22.88
C LEU V 49 74.78 -17.39 -21.91
N SER V 50 75.39 -18.42 -22.45
CA SER V 50 75.88 -19.55 -21.68
C SER V 50 77.35 -19.82 -22.00
N ARG V 51 77.92 -20.69 -21.17
CA ARG V 51 79.34 -21.00 -21.18
C ARG V 51 79.52 -22.19 -20.26
N THR V 52 80.41 -23.11 -20.65
CA THR V 52 80.62 -24.36 -19.94
C THR V 52 82.10 -24.59 -19.73
N PHE V 53 82.45 -25.06 -18.54
CA PHE V 53 83.85 -25.32 -18.20
C PHE V 53 83.88 -26.31 -17.04
N GLY V 54 85.08 -26.81 -16.76
CA GLY V 54 85.27 -27.83 -15.76
C GLY V 54 85.86 -27.36 -14.45
N TYR V 55 85.61 -28.14 -13.39
CA TYR V 55 86.16 -27.91 -12.07
C TYR V 55 86.32 -29.26 -11.40
N THR V 56 87.50 -29.50 -10.83
CA THR V 56 87.82 -30.75 -10.18
C THR V 56 88.34 -30.49 -8.77
N ILE V 57 87.89 -31.32 -7.84
CA ILE V 57 88.38 -31.35 -6.48
C ILE V 57 89.23 -32.60 -6.37
N LYS V 58 90.55 -32.42 -6.35
CA LYS V 58 91.47 -33.54 -6.32
C LYS V 58 91.36 -34.29 -5.00
N ARG V 59 91.80 -35.54 -5.05
CA ARG V 59 91.76 -36.42 -3.88
C ARG V 59 92.78 -36.01 -2.84
N THR V 60 92.54 -36.46 -1.61
CA THR V 60 93.44 -36.21 -0.49
C THR V 60 93.50 -37.44 0.41
N THR V 61 94.70 -37.77 0.86
CA THR V 61 94.90 -38.83 1.85
C THR V 61 94.54 -38.39 3.26
N VAL V 62 94.21 -37.11 3.47
CA VAL V 62 93.84 -36.62 4.79
C VAL V 62 92.62 -37.36 5.29
N LYS V 63 92.65 -37.75 6.57
CA LYS V 63 91.56 -38.51 7.16
C LYS V 63 90.43 -37.62 7.63
N THR V 64 90.74 -36.44 8.14
CA THR V 64 89.76 -35.57 8.71
C THR V 64 88.79 -35.07 7.64
N PRO V 65 87.65 -34.51 8.05
CA PRO V 65 86.82 -33.79 7.09
C PRO V 65 87.39 -32.40 6.84
N SER V 66 87.97 -32.22 5.66
CA SER V 66 88.48 -30.94 5.23
C SER V 66 87.72 -30.50 3.99
N TRP V 67 87.72 -29.18 3.76
CA TRP V 67 87.00 -28.59 2.66
C TRP V 67 87.96 -27.85 1.73
N ALA V 68 87.59 -27.84 0.46
CA ALA V 68 88.32 -27.16 -0.60
C ALA V 68 87.55 -25.91 -0.99
N VAL V 69 88.19 -24.78 -0.86
CA VAL V 69 87.56 -23.48 -1.09
C VAL V 69 88.03 -22.93 -2.41
N ASP V 70 87.11 -22.30 -3.13
CA ASP V 70 87.43 -21.67 -4.40
C ASP V 70 86.41 -20.59 -4.67
N MET V 71 86.72 -19.75 -5.65
CA MET V 71 85.92 -18.59 -6.00
C MET V 71 85.43 -18.71 -7.44
N MET V 72 84.50 -17.82 -7.78
CA MET V 72 83.89 -17.82 -9.11
C MET V 72 83.44 -16.41 -9.45
N ARG V 73 84.07 -15.82 -10.46
CA ARG V 73 83.69 -14.54 -11.01
C ARG V 73 83.03 -14.74 -12.37
N PHE V 74 82.39 -13.68 -12.87
CA PHE V 74 81.68 -13.71 -14.13
C PHE V 74 82.03 -12.47 -14.93
N ASN V 75 82.52 -12.66 -16.16
CA ASN V 75 82.80 -11.59 -17.08
C ASN V 75 82.10 -11.88 -18.41
N ILE V 76 81.71 -10.81 -19.09
CA ILE V 76 80.96 -10.95 -20.34
C ILE V 76 81.84 -11.24 -21.53
N ASN V 77 83.15 -11.07 -21.41
CA ASN V 77 84.04 -11.44 -22.51
C ASN V 77 84.04 -12.95 -22.73
N ASP V 78 83.82 -13.72 -21.68
CA ASP V 78 83.80 -15.17 -21.78
C ASP V 78 82.51 -15.70 -22.37
N PHE V 79 81.47 -14.87 -22.47
CA PHE V 79 80.19 -15.25 -23.04
C PHE V 79 79.94 -14.63 -24.39
N LEU V 80 80.46 -13.43 -24.62
CA LEU V 80 80.24 -12.66 -25.84
C LEU V 80 81.55 -12.52 -26.60
N PRO V 81 81.74 -13.15 -27.76
CA PRO V 81 83.02 -13.04 -28.42
C PRO V 81 83.17 -11.71 -29.11
N PRO V 82 84.36 -11.41 -29.62
CA PRO V 82 84.52 -10.21 -30.44
C PRO V 82 83.86 -10.38 -31.79
N GLY V 83 83.37 -9.27 -32.32
CA GLY V 83 82.70 -9.29 -33.59
C GLY V 83 83.64 -9.23 -34.77
N GLY V 84 83.25 -8.48 -35.79
CA GLY V 84 84.07 -8.33 -36.97
C GLY V 84 83.74 -7.07 -37.74
N GLY V 85 84.78 -6.33 -38.11
CA GLY V 85 84.60 -5.11 -38.87
C GLY V 85 84.32 -3.92 -38.00
N SER V 86 83.40 -3.06 -38.46
CA SER V 86 83.06 -1.86 -37.74
C SER V 86 82.28 -2.15 -36.46
N ASN V 87 81.74 -3.36 -36.32
CA ASN V 87 81.05 -3.77 -35.11
C ASN V 87 82.05 -4.50 -34.22
N PRO V 88 82.48 -3.93 -33.09
CA PRO V 88 83.53 -4.59 -32.32
C PRO V 88 83.09 -5.85 -31.61
N ARG V 89 81.78 -6.00 -31.36
CA ARG V 89 81.24 -7.15 -30.67
C ARG V 89 80.20 -7.85 -31.55
N SER V 90 79.91 -9.09 -31.19
CA SER V 90 79.04 -9.93 -32.00
C SER V 90 77.58 -9.63 -31.80
N VAL V 91 77.22 -9.08 -30.65
CA VAL V 91 75.86 -8.60 -30.36
C VAL V 91 75.87 -7.09 -30.52
N PRO V 92 75.22 -6.53 -31.55
CA PRO V 92 75.42 -5.10 -31.81
C PRO V 92 74.60 -4.18 -30.92
N PHE V 93 75.10 -4.00 -29.71
CA PHE V 93 74.50 -3.10 -28.74
C PHE V 93 75.62 -2.36 -28.02
N GLU V 94 75.24 -1.24 -27.40
CA GLU V 94 76.17 -0.35 -26.72
C GLU V 94 76.27 -0.65 -25.23
N TYR V 95 75.15 -0.75 -24.55
CA TYR V 95 75.09 -0.87 -23.11
C TYR V 95 74.56 -2.24 -22.73
N TYR V 96 74.83 -2.62 -21.48
CA TYR V 96 74.35 -3.88 -20.95
C TYR V 96 74.23 -3.77 -19.45
N ARG V 97 73.50 -4.72 -18.88
CA ARG V 97 73.45 -4.90 -17.44
C ARG V 97 72.99 -6.32 -17.17
N ILE V 98 73.73 -7.03 -16.34
CA ILE V 98 73.45 -8.43 -16.06
C ILE V 98 72.35 -8.50 -15.02
N ARG V 99 71.27 -9.18 -15.37
CA ARG V 99 70.09 -9.30 -14.52
C ARG V 99 70.21 -10.46 -13.55
N LYS V 100 70.59 -11.63 -14.05
CA LYS V 100 70.67 -12.84 -13.26
C LYS V 100 71.77 -13.72 -13.81
N VAL V 101 72.23 -14.64 -12.98
CA VAL V 101 73.16 -15.70 -13.38
C VAL V 101 72.66 -16.99 -12.78
N LYS V 102 72.80 -18.07 -13.54
CA LYS V 102 72.48 -19.42 -13.13
C LYS V 102 73.74 -20.24 -13.25
N VAL V 103 74.32 -20.60 -12.12
CA VAL V 103 75.46 -21.51 -12.06
C VAL V 103 74.94 -22.90 -11.78
N GLU V 104 75.28 -23.83 -12.64
CA GLU V 104 74.85 -25.22 -12.56
C GLU V 104 76.08 -26.09 -12.44
N PHE V 105 76.18 -26.80 -11.33
CA PHE V 105 77.21 -27.82 -11.13
C PHE V 105 76.64 -29.15 -11.60
N TRP V 106 76.98 -29.51 -12.82
CA TRP V 106 76.57 -30.79 -13.37
C TRP V 106 77.61 -31.84 -13.02
N PRO V 107 77.27 -32.89 -12.27
CA PRO V 107 78.29 -33.83 -11.85
C PRO V 107 78.82 -34.66 -13.00
N CYS V 108 80.04 -35.15 -12.78
CA CYS V 108 80.72 -36.04 -13.69
C CYS V 108 80.94 -37.42 -13.09
N SER V 109 80.48 -37.66 -11.88
CA SER V 109 80.80 -38.82 -11.11
C SER V 109 79.61 -39.77 -11.04
N PRO V 110 79.84 -41.07 -10.95
CA PRO V 110 78.73 -42.01 -10.94
C PRO V 110 77.98 -41.97 -9.61
N ILE V 111 76.75 -42.47 -9.66
CA ILE V 111 75.94 -42.54 -8.45
C ILE V 111 76.38 -43.63 -7.50
N THR V 112 77.33 -44.47 -7.88
CA THR V 112 77.89 -45.49 -7.02
C THR V 112 79.12 -45.02 -6.26
N GLN V 113 79.54 -43.77 -6.43
CA GLN V 113 80.76 -43.30 -5.80
C GLN V 113 80.50 -43.06 -4.33
N GLY V 114 81.42 -43.53 -3.49
CA GLY V 114 81.32 -43.39 -2.07
C GLY V 114 82.15 -42.24 -1.54
N ASP V 115 82.36 -42.26 -0.22
CA ASP V 115 83.04 -41.18 0.48
C ASP V 115 82.34 -39.86 0.22
N ARG V 116 81.02 -39.89 0.28
CA ARG V 116 80.22 -38.72 0.02
C ARG V 116 80.48 -37.65 1.08
N GLY V 117 80.02 -36.44 0.77
CA GLY V 117 80.30 -35.30 1.59
C GLY V 117 79.21 -34.25 1.52
N VAL V 118 79.47 -33.11 2.16
CA VAL V 118 78.48 -32.04 2.24
C VAL V 118 79.23 -30.71 2.28
N GLY V 119 78.84 -29.81 1.38
CA GLY V 119 79.49 -28.53 1.23
C GLY V 119 78.51 -27.38 1.25
N SER V 120 78.97 -26.23 0.76
CA SER V 120 78.18 -25.01 0.85
C SER V 120 78.58 -24.07 -0.28
N SER V 121 77.58 -23.41 -0.85
CA SER V 121 77.77 -22.36 -1.84
C SER V 121 77.10 -21.10 -1.35
N ALA V 122 77.83 -20.00 -1.37
CA ALA V 122 77.35 -18.71 -0.90
C ALA V 122 77.57 -17.65 -1.96
N VAL V 123 76.84 -16.56 -1.80
CA VAL V 123 76.82 -15.45 -2.75
C VAL V 123 77.64 -14.31 -2.16
N ILE V 124 78.68 -13.90 -2.88
CA ILE V 124 79.68 -12.97 -2.41
C ILE V 124 79.79 -11.85 -3.43
N LEU V 125 79.13 -10.73 -3.14
CA LEU V 125 78.95 -9.66 -4.11
C LEU V 125 79.98 -8.55 -4.02
N ASP V 126 81.21 -8.84 -3.55
CA ASP V 126 82.15 -7.77 -3.24
C ASP V 126 83.62 -8.06 -3.55
N ASP V 127 83.95 -9.20 -4.14
CA ASP V 127 85.31 -9.47 -4.60
C ASP V 127 86.28 -9.64 -3.44
N ASN V 128 85.78 -10.07 -2.29
CA ASN V 128 86.63 -10.47 -1.16
C ASN V 128 86.09 -11.81 -0.71
N PHE V 129 86.66 -12.86 -1.28
CA PHE V 129 86.31 -14.22 -0.99
C PHE V 129 87.17 -14.76 0.13
N VAL V 130 86.71 -15.85 0.73
CA VAL V 130 87.59 -16.63 1.60
C VAL V 130 88.75 -17.13 0.76
N THR V 131 89.93 -17.12 1.35
CA THR V 131 91.14 -17.47 0.63
C THR V 131 91.04 -18.88 0.08
N LYS V 132 91.55 -19.07 -1.13
CA LYS V 132 91.53 -20.38 -1.75
C LYS V 132 92.37 -21.35 -0.94
N ALA V 133 91.79 -22.50 -0.62
CA ALA V 133 92.39 -23.50 0.22
C ALA V 133 92.16 -24.87 -0.38
N THR V 134 93.12 -25.76 -0.14
CA THR V 134 93.04 -27.14 -0.60
C THR V 134 92.35 -28.03 0.42
N ALA V 135 92.77 -27.97 1.68
CA ALA V 135 92.18 -28.77 2.75
C ALA V 135 92.08 -27.89 3.98
N LEU V 136 90.97 -27.17 4.10
CA LEU V 136 90.67 -26.36 5.27
C LEU V 136 89.83 -27.16 6.26
N THR V 137 90.08 -26.95 7.54
CA THR V 137 89.51 -27.77 8.60
C THR V 137 88.06 -27.44 8.90
N TYR V 138 87.40 -26.60 8.11
CA TYR V 138 86.02 -26.23 8.36
C TYR V 138 85.43 -25.69 7.07
N ASP V 139 84.11 -25.57 7.06
CA ASP V 139 83.37 -25.00 5.95
C ASP V 139 83.14 -23.52 6.24
N PRO V 140 83.83 -22.59 5.58
CA PRO V 140 83.64 -21.19 5.93
C PRO V 140 82.30 -20.64 5.53
N TYR V 141 81.73 -21.13 4.44
CA TYR V 141 80.49 -20.61 3.89
C TYR V 141 79.27 -21.25 4.50
N VAL V 142 79.40 -21.92 5.65
CA VAL V 142 78.29 -22.69 6.19
C VAL V 142 77.31 -21.79 6.92
N ASN V 143 77.80 -20.81 7.67
CA ASN V 143 76.95 -19.93 8.43
C ASN V 143 76.51 -18.71 7.66
N TYR V 144 76.84 -18.62 6.39
CA TYR V 144 76.40 -17.51 5.57
C TYR V 144 74.91 -17.57 5.33
N SER V 145 74.29 -16.39 5.32
CA SER V 145 72.86 -16.29 5.09
C SER V 145 72.45 -16.77 3.72
N SER V 146 73.36 -16.78 2.75
CA SER V 146 73.10 -17.24 1.39
C SER V 146 73.65 -18.62 1.13
N ARG V 147 73.83 -19.42 2.18
CA ARG V 147 74.38 -20.75 2.02
C ARG V 147 73.30 -21.70 1.53
N HIS V 148 73.63 -22.46 0.50
CA HIS V 148 72.87 -23.61 0.07
C HIS V 148 73.78 -24.82 0.22
N THR V 149 73.23 -25.91 0.70
CA THR V 149 73.99 -27.13 0.88
C THR V 149 74.30 -27.78 -0.46
N ILE V 150 75.55 -28.21 -0.60
CA ILE V 150 76.00 -28.98 -1.76
C ILE V 150 76.13 -30.41 -1.28
N THR V 151 75.24 -31.26 -1.76
CA THR V 151 75.44 -32.70 -1.66
C THR V 151 76.43 -33.13 -2.72
N GLN V 152 77.37 -33.97 -2.32
CA GLN V 152 78.47 -34.42 -3.16
C GLN V 152 78.47 -35.93 -3.23
N PRO V 153 79.07 -36.52 -4.27
CA PRO V 153 79.66 -35.98 -5.48
C PRO V 153 78.77 -36.01 -6.71
N PHE V 154 77.68 -36.77 -6.64
CA PHE V 154 76.89 -37.11 -7.81
C PHE V 154 75.56 -36.37 -7.85
N SER V 155 75.51 -35.19 -7.27
CA SER V 155 74.27 -34.45 -7.13
C SER V 155 74.39 -33.08 -7.79
N TYR V 156 73.29 -32.64 -8.36
CA TYR V 156 73.20 -31.38 -9.08
C TYR V 156 72.95 -30.25 -8.11
N HIS V 157 73.62 -29.12 -8.36
CA HIS V 157 73.52 -27.93 -7.53
C HIS V 157 73.37 -26.73 -8.43
N SER V 158 72.29 -25.98 -8.25
CA SER V 158 72.04 -24.74 -8.97
C SER V 158 71.98 -23.58 -8.01
N ARG V 159 72.40 -22.41 -8.51
CA ARG V 159 72.30 -21.16 -7.78
C ARG V 159 71.87 -20.10 -8.77
N TYR V 160 70.80 -19.38 -8.44
CA TYR V 160 70.20 -18.38 -9.30
C TYR V 160 70.13 -17.08 -8.52
N PHE V 161 70.86 -16.08 -8.96
CA PHE V 161 71.03 -14.85 -8.20
C PHE V 161 71.37 -13.71 -9.15
N THR V 162 71.43 -12.52 -8.59
CA THR V 162 71.73 -11.29 -9.31
C THR V 162 73.14 -10.82 -8.95
N PRO V 163 74.11 -10.87 -9.86
CA PRO V 163 75.44 -10.44 -9.48
C PRO V 163 75.57 -8.94 -9.43
N LYS V 164 76.75 -8.46 -9.07
CA LYS V 164 77.05 -7.05 -8.95
C LYS V 164 78.40 -6.78 -9.58
N PRO V 165 78.59 -5.65 -10.24
CA PRO V 165 79.89 -5.36 -10.84
C PRO V 165 80.87 -4.76 -9.85
N VAL V 166 82.14 -4.92 -10.20
CA VAL V 166 83.26 -4.44 -9.39
C VAL V 166 83.58 -3.04 -9.90
N LEU V 167 82.92 -2.05 -9.33
CA LEU V 167 83.13 -0.67 -9.70
C LEU V 167 84.36 -0.09 -9.01
N ASP V 168 84.50 -0.35 -7.72
CA ASP V 168 85.67 0.08 -6.96
C ASP V 168 86.03 -1.05 -6.01
N SER V 169 87.14 -1.74 -6.30
CA SER V 169 87.58 -2.83 -5.45
C SER V 169 88.14 -2.35 -4.11
N THR V 170 88.48 -1.07 -3.99
CA THR V 170 88.99 -0.53 -2.75
C THR V 170 87.89 -0.35 -1.72
N ILE V 171 86.72 0.11 -2.17
CA ILE V 171 85.61 0.42 -1.29
C ILE V 171 84.59 -0.72 -1.34
N ASP V 172 84.45 -1.34 -2.51
CA ASP V 172 83.59 -2.49 -2.71
C ASP V 172 82.14 -2.15 -2.35
N TYR V 173 81.57 -1.23 -3.13
CA TYR V 173 80.19 -0.83 -2.99
C TYR V 173 79.34 -1.43 -4.10
N PHE V 174 78.09 -1.73 -3.78
CA PHE V 174 77.17 -2.29 -4.74
C PHE V 174 75.76 -1.86 -4.43
N GLN V 175 74.92 -2.02 -5.37
CA GLN V 175 73.53 -1.62 -5.30
C GLN V 175 72.65 -2.77 -4.80
N PRO V 176 71.56 -2.48 -4.13
CA PRO V 176 70.57 -3.53 -3.87
C PRO V 176 69.80 -3.89 -5.12
N ASN V 177 68.98 -4.93 -5.02
CA ASN V 177 68.27 -5.43 -6.17
C ASN V 177 67.12 -4.51 -6.52
N ASN V 178 67.19 -3.92 -7.70
CA ASN V 178 66.13 -3.05 -8.21
C ASN V 178 66.22 -3.10 -9.72
N LYS V 179 65.21 -3.66 -10.36
CA LYS V 179 65.29 -3.79 -11.80
C LYS V 179 65.23 -2.43 -12.49
N ARG V 180 64.58 -1.46 -11.88
CA ARG V 180 64.39 -0.16 -12.52
C ARG V 180 65.59 0.76 -12.34
N ASN V 181 66.36 0.56 -11.28
CA ASN V 181 67.48 1.43 -10.95
C ASN V 181 68.84 0.81 -11.20
N GLN V 182 68.90 -0.40 -11.75
CA GLN V 182 70.17 -1.06 -11.98
C GLN V 182 70.98 -0.29 -13.03
N LEU V 183 72.25 -0.11 -12.74
CA LEU V 183 73.13 0.64 -13.61
C LEU V 183 73.31 -0.06 -14.94
N TRP V 184 73.43 0.75 -15.98
CA TRP V 184 73.84 0.29 -17.29
C TRP V 184 75.33 0.49 -17.42
N LEU V 185 76.03 -0.58 -17.75
CA LEU V 185 77.44 -0.54 -18.09
C LEU V 185 77.59 -0.48 -19.60
N ARG V 186 78.79 -0.13 -20.04
CA ARG V 186 79.13 -0.15 -21.44
C ARG V 186 79.72 -1.48 -21.81
N LEU V 187 79.31 -1.98 -22.97
CA LEU V 187 79.87 -3.17 -23.57
C LEU V 187 81.16 -2.78 -24.25
N GLN V 188 82.26 -2.89 -23.52
CA GLN V 188 83.56 -2.54 -24.02
C GLN V 188 84.00 -3.53 -25.10
N THR V 189 85.13 -3.21 -25.73
CA THR V 189 85.65 -4.06 -26.79
C THR V 189 86.41 -5.25 -26.24
N ALA V 190 87.40 -5.01 -25.36
CA ALA V 190 88.16 -6.09 -24.76
C ALA V 190 88.51 -5.86 -23.29
N GLY V 191 87.72 -5.07 -22.58
CA GLY V 191 88.08 -4.67 -21.22
C GLY V 191 86.92 -4.60 -20.25
N ASN V 192 85.92 -5.44 -20.43
CA ASN V 192 84.74 -5.39 -19.59
C ASN V 192 85.08 -5.74 -18.14
N VAL V 193 84.21 -5.28 -17.25
CA VAL V 193 84.44 -5.37 -15.82
C VAL V 193 83.90 -6.69 -15.30
N ASP V 194 84.58 -7.22 -14.28
CA ASP V 194 84.23 -8.51 -13.73
C ASP V 194 83.04 -8.39 -12.80
N HIS V 195 82.04 -9.22 -13.02
CA HIS V 195 80.96 -9.41 -12.07
C HIS V 195 81.29 -10.54 -11.14
N VAL V 196 80.67 -10.51 -9.98
CA VAL V 196 81.07 -11.34 -8.85
C VAL V 196 79.81 -11.80 -8.13
N GLY V 197 79.96 -12.83 -7.29
CA GLY V 197 78.80 -13.39 -6.65
C GLY V 197 78.70 -14.86 -6.32
N LEU V 198 79.77 -15.64 -6.41
CA LEU V 198 79.69 -17.01 -5.90
C LEU V 198 81.00 -17.52 -5.35
N GLY V 199 80.91 -18.11 -4.17
CA GLY V 199 82.02 -18.83 -3.59
C GLY V 199 81.54 -20.16 -3.05
N THR V 200 82.42 -21.15 -3.11
CA THR V 200 82.07 -22.54 -2.84
C THR V 200 83.01 -23.14 -1.81
N ALA V 201 82.56 -24.23 -1.23
CA ALA V 201 83.37 -25.04 -0.34
C ALA V 201 82.94 -26.50 -0.52
N PHE V 202 83.84 -27.29 -1.09
CA PHE V 202 83.59 -28.70 -1.36
C PHE V 202 84.39 -29.56 -0.39
N GLU V 203 83.74 -30.58 0.15
CA GLU V 203 84.39 -31.50 1.06
C GLU V 203 85.22 -32.48 0.26
N ASN V 204 86.48 -32.61 0.65
CA ASN V 204 87.40 -33.47 -0.07
C ASN V 204 87.07 -34.93 0.14
N SER V 205 87.69 -35.77 -0.68
CA SER V 205 87.37 -37.19 -0.72
C SER V 205 88.59 -37.97 -1.17
N ILE V 206 88.53 -39.29 -1.01
CA ILE V 206 89.58 -40.17 -1.48
C ILE V 206 89.59 -40.22 -3.00
N TYR V 207 88.45 -40.02 -3.62
CA TYR V 207 88.31 -40.06 -5.07
C TYR V 207 88.22 -38.64 -5.60
N ASP V 208 88.58 -38.48 -6.87
CA ASP V 208 88.48 -37.19 -7.53
C ASP V 208 87.03 -36.87 -7.85
N GLN V 209 86.61 -35.65 -7.55
CA GLN V 209 85.26 -35.17 -7.81
C GLN V 209 85.32 -34.14 -8.92
N GLU V 210 84.82 -34.51 -10.09
CA GLU V 210 84.81 -33.64 -11.25
C GLU V 210 83.41 -33.09 -11.48
N TYR V 211 83.36 -31.89 -12.05
CA TYR V 211 82.11 -31.20 -12.35
C TYR V 211 82.26 -30.47 -13.68
N ASN V 212 81.16 -30.39 -14.41
CA ASN V 212 81.03 -29.56 -15.60
C ASN V 212 80.12 -28.40 -15.23
N ILE V 213 80.69 -27.21 -15.12
CA ILE V 213 79.96 -26.05 -14.63
C ILE V 213 79.47 -25.25 -15.82
N ARG V 214 78.16 -25.03 -15.87
CA ARG V 214 77.50 -24.27 -16.92
C ARG V 214 76.94 -23.01 -16.32
N VAL V 215 77.53 -21.87 -16.69
CA VAL V 215 77.07 -20.57 -16.25
C VAL V 215 76.21 -19.98 -17.36
N THR V 216 75.04 -19.49 -16.99
CA THR V 216 74.10 -18.85 -17.90
C THR V 216 73.82 -17.46 -17.36
N MET V 217 74.14 -16.44 -18.14
CA MET V 217 73.88 -15.06 -17.78
C MET V 217 72.69 -14.53 -18.56
N TYR V 218 71.74 -13.97 -17.83
CA TYR V 218 70.57 -13.34 -18.41
C TYR V 218 70.80 -11.84 -18.45
N VAL V 219 71.04 -11.31 -19.65
CA VAL V 219 71.52 -9.96 -19.83
C VAL V 219 70.43 -9.14 -20.50
N GLN V 220 70.63 -7.83 -20.49
CA GLN V 220 69.70 -6.87 -21.05
C GLN V 220 70.53 -5.79 -21.70
N PHE V 221 70.43 -5.68 -23.02
CA PHE V 221 71.18 -4.72 -23.80
C PHE V 221 70.33 -3.50 -24.13
N ARG V 222 70.97 -2.49 -24.71
CA ARG V 222 70.32 -1.24 -25.02
C ARG V 222 71.07 -0.56 -26.16
N GLU V 223 70.33 0.20 -26.96
CA GLU V 223 70.88 1.05 -28.02
C GLU V 223 71.62 0.23 -29.08
N PHE V 224 70.82 -0.50 -29.84
CA PHE V 224 71.23 -1.12 -31.09
C PHE V 224 72.06 -0.17 -31.92
N ASN V 225 73.29 -0.58 -32.24
CA ASN V 225 74.27 0.32 -32.83
C ASN V 225 74.98 -0.34 -34.01
N LEU V 226 74.24 -1.02 -34.84
CA LEU V 226 74.84 -1.67 -35.99
C LEU V 226 75.38 -0.64 -36.96
N LYS V 227 76.51 -0.95 -37.57
CA LYS V 227 77.16 -0.11 -38.55
C LYS V 227 77.26 -0.85 -39.87
N ASP V 228 76.78 -0.21 -40.94
CA ASP V 228 76.64 -0.83 -42.24
C ASP V 228 77.40 -0.01 -43.27
N PRO V 229 78.70 -0.23 -43.41
CA PRO V 229 79.45 0.41 -44.47
C PRO V 229 79.14 -0.24 -45.81
N PRO V 230 79.51 0.40 -46.92
CA PRO V 230 79.35 -0.27 -48.22
C PRO V 230 80.31 -1.43 -48.40
N LEU V 231 80.24 -2.07 -49.57
CA LEU V 231 81.05 -3.23 -49.88
C LEU V 231 81.54 -3.20 -51.32
N GLY W 43 67.60 -6.53 23.24
CA GLY W 43 68.17 -6.56 21.91
C GLY W 43 68.28 -7.95 21.34
N ILE W 44 67.19 -8.43 20.79
CA ILE W 44 67.08 -9.81 20.35
C ILE W 44 67.75 -9.97 18.99
N PHE W 45 68.38 -11.12 18.80
CA PHE W 45 68.99 -11.47 17.53
C PHE W 45 68.90 -12.99 17.39
N ASN W 46 67.94 -13.46 16.61
CA ASN W 46 67.85 -14.87 16.28
C ASN W 46 68.75 -15.18 15.11
N THR W 47 69.61 -16.18 15.27
CA THR W 47 70.50 -16.61 14.21
C THR W 47 70.61 -18.13 14.22
N ARG W 48 71.60 -18.64 13.50
CA ARG W 48 71.77 -20.05 13.23
C ARG W 48 73.25 -20.36 13.20
N LEU W 49 73.67 -21.33 14.02
CA LEU W 49 75.06 -21.74 14.13
C LEU W 49 75.15 -23.23 13.86
N SER W 50 76.17 -23.61 13.11
CA SER W 50 76.37 -24.97 12.66
C SER W 50 77.75 -25.48 13.01
N ARG W 51 77.92 -26.78 12.83
CA ARG W 51 79.11 -27.53 13.22
C ARG W 51 78.97 -28.91 12.62
N THR W 52 80.09 -29.45 12.14
CA THR W 52 80.12 -30.72 11.44
C THR W 52 81.22 -31.60 12.01
N PHE W 53 80.90 -32.88 12.16
CA PHE W 53 81.84 -33.85 12.71
C PHE W 53 81.42 -35.24 12.28
N GLY W 54 82.31 -36.20 12.51
CA GLY W 54 82.11 -37.56 12.08
C GLY W 54 81.71 -38.54 13.16
N TYR W 55 81.07 -39.63 12.74
CA TYR W 55 80.69 -40.73 13.61
C TYR W 55 80.72 -42.01 12.78
N THR W 56 81.38 -43.03 13.32
CA THR W 56 81.52 -44.31 12.64
C THR W 56 81.06 -45.43 13.55
N ILE W 57 80.35 -46.38 12.95
CA ILE W 57 79.95 -47.62 13.60
C ILE W 57 80.82 -48.70 12.99
N LYS W 58 81.81 -49.16 13.77
CA LYS W 58 82.75 -50.14 13.27
C LYS W 58 82.08 -51.48 13.02
N ARG W 59 82.71 -52.28 12.18
CA ARG W 59 82.20 -53.59 11.80
C ARG W 59 82.31 -54.57 12.96
N THR W 60 81.51 -55.64 12.88
CA THR W 60 81.52 -56.71 13.85
C THR W 60 81.30 -58.04 13.15
N THR W 61 82.05 -59.06 13.59
CA THR W 61 81.87 -60.42 13.12
C THR W 61 80.67 -61.10 13.76
N VAL W 62 80.01 -60.45 14.73
CA VAL W 62 78.86 -61.04 15.39
C VAL W 62 77.77 -61.31 14.38
N LYS W 63 77.14 -62.47 14.49
CA LYS W 63 76.11 -62.88 13.53
C LYS W 63 74.75 -62.30 13.89
N THR W 64 74.44 -62.20 15.17
CA THR W 64 73.14 -61.76 15.62
C THR W 64 72.90 -60.31 15.24
N PRO W 65 71.65 -59.86 15.30
CA PRO W 65 71.39 -58.42 15.21
C PRO W 65 71.67 -57.75 16.53
N SER W 66 72.78 -57.01 16.58
CA SER W 66 73.16 -56.22 17.73
C SER W 66 73.18 -54.76 17.35
N TRP W 67 73.03 -53.91 18.35
CA TRP W 67 72.98 -52.46 18.17
C TRP W 67 74.09 -51.78 18.91
N ALA W 68 74.54 -50.66 18.34
CA ALA W 68 75.58 -49.82 18.92
C ALA W 68 74.94 -48.56 19.45
N VAL W 69 75.11 -48.32 20.73
CA VAL W 69 74.46 -47.23 21.43
C VAL W 69 75.48 -46.14 21.69
N ASP W 70 75.04 -44.90 21.55
CA ASP W 70 75.89 -43.74 21.80
C ASP W 70 75.00 -42.57 22.14
N MET W 71 75.63 -41.52 22.66
CA MET W 71 74.96 -40.32 23.15
C MET W 71 75.43 -39.11 22.35
N MET W 72 74.71 -38.01 22.54
CA MET W 72 75.00 -36.77 21.83
C MET W 72 74.54 -35.59 22.67
N ARG W 73 75.48 -34.79 23.14
CA ARG W 73 75.22 -33.54 23.84
C ARG W 73 75.54 -32.37 22.93
N PHE W 74 75.10 -31.18 23.34
CA PHE W 74 75.28 -29.96 22.59
C PHE W 74 75.75 -28.85 23.52
N ASN W 75 76.88 -28.24 23.19
CA ASN W 75 77.40 -27.09 23.91
C ASN W 75 77.69 -25.98 22.92
N ILE W 76 77.54 -24.75 23.40
CA ILE W 76 77.70 -23.58 22.54
C ILE W 76 79.15 -23.19 22.33
N ASN W 77 80.08 -23.73 23.12
CA ASN W 77 81.48 -23.47 22.86
C ASN W 77 81.95 -24.07 21.55
N ASP W 78 81.33 -25.19 21.16
CA ASP W 78 81.69 -25.86 19.92
C ASP W 78 81.13 -25.16 18.69
N PHE W 79 80.19 -24.23 18.86
CA PHE W 79 79.61 -23.48 17.76
C PHE W 79 80.05 -22.03 17.73
N LEU W 80 80.33 -21.45 18.89
CA LEU W 80 80.70 -20.05 19.03
C LEU W 80 82.14 -19.94 19.52
N PRO W 81 83.09 -19.48 18.71
CA PRO W 81 84.46 -19.44 19.17
C PRO W 81 84.69 -18.29 20.13
N PRO W 82 85.85 -18.24 20.77
CA PRO W 82 86.19 -17.07 21.57
C PRO W 82 86.50 -15.88 20.68
N GLY W 83 86.17 -14.70 21.20
CA GLY W 83 86.38 -13.48 20.46
C GLY W 83 87.79 -12.96 20.58
N GLY W 84 87.91 -11.65 20.69
CA GLY W 84 89.20 -11.02 20.82
C GLY W 84 89.12 -9.66 21.45
N GLY W 85 89.99 -9.40 22.44
CA GLY W 85 90.02 -8.13 23.11
C GLY W 85 89.04 -8.04 24.25
N SER W 86 88.40 -6.87 24.37
CA SER W 86 87.44 -6.66 25.45
C SER W 86 86.16 -7.44 25.26
N ASN W 87 85.92 -7.95 24.05
CA ASN W 87 84.78 -8.80 23.78
C ASN W 87 85.19 -10.25 23.92
N PRO W 88 84.75 -10.98 24.96
CA PRO W 88 85.28 -12.34 25.16
C PRO W 88 84.79 -13.33 24.12
N ARG W 89 83.66 -13.07 23.48
CA ARG W 89 83.09 -13.97 22.49
C ARG W 89 82.93 -13.24 21.16
N SER W 90 82.76 -14.04 20.11
CA SER W 90 82.74 -13.51 18.75
C SER W 90 81.39 -12.92 18.38
N VAL W 91 80.32 -13.35 19.04
CA VAL W 91 79.00 -12.77 18.90
C VAL W 91 78.77 -11.85 20.10
N PRO W 92 78.72 -10.53 19.94
CA PRO W 92 78.72 -9.66 21.11
C PRO W 92 77.36 -9.52 21.78
N PHE W 93 77.02 -10.53 22.56
CA PHE W 93 75.79 -10.55 23.33
C PHE W 93 76.08 -11.16 24.69
N GLU W 94 75.19 -10.89 25.64
CA GLU W 94 75.33 -11.32 27.02
C GLU W 94 74.62 -12.63 27.30
N TYR W 95 73.35 -12.72 26.91
CA TYR W 95 72.49 -13.85 27.25
C TYR W 95 72.17 -14.64 25.99
N TYR W 96 71.73 -15.87 26.21
CA TYR W 96 71.32 -16.73 25.11
C TYR W 96 70.34 -17.76 25.62
N ARG W 97 69.64 -18.37 24.68
CA ARG W 97 68.81 -19.53 24.98
C ARG W 97 68.60 -20.28 23.68
N ILE W 98 68.86 -21.58 23.70
CA ILE W 98 68.78 -22.40 22.50
C ILE W 98 67.32 -22.77 22.26
N ARG W 99 66.83 -22.42 21.09
CA ARG W 99 65.43 -22.64 20.73
C ARG W 99 65.22 -24.02 20.13
N LYS W 100 66.07 -24.41 19.18
CA LYS W 100 65.93 -25.66 18.47
C LYS W 100 67.31 -26.15 18.08
N VAL W 101 67.40 -27.45 17.80
CA VAL W 101 68.58 -28.07 17.23
C VAL W 101 68.12 -29.00 16.13
N LYS W 102 68.91 -29.04 15.06
CA LYS W 102 68.71 -29.93 13.91
C LYS W 102 69.95 -30.78 13.78
N VAL W 103 69.83 -32.05 14.13
CA VAL W 103 70.89 -33.02 13.93
C VAL W 103 70.61 -33.76 12.62
N GLU W 104 71.60 -33.73 11.74
CA GLU W 104 71.50 -34.34 10.41
C GLU W 104 72.58 -35.39 10.30
N PHE W 105 72.17 -36.64 10.12
CA PHE W 105 73.09 -37.73 9.82
C PHE W 105 73.21 -37.84 8.32
N TRP W 106 74.26 -37.25 7.77
CA TRP W 106 74.53 -37.34 6.36
C TRP W 106 75.37 -38.57 6.09
N PRO W 107 74.90 -39.54 5.31
CA PRO W 107 75.66 -40.77 5.14
C PRO W 107 76.93 -40.56 4.33
N CYS W 108 77.87 -41.46 4.56
CA CYS W 108 79.12 -41.52 3.85
C CYS W 108 79.24 -42.79 3.00
N SER W 109 78.24 -43.63 2.99
CA SER W 109 78.29 -44.95 2.43
C SER W 109 77.53 -45.01 1.11
N PRO W 110 77.94 -45.84 0.17
CA PRO W 110 77.25 -45.90 -1.12
C PRO W 110 75.89 -46.55 -1.01
N ILE W 111 75.06 -46.29 -2.02
CA ILE W 111 73.74 -46.89 -2.05
C ILE W 111 73.77 -48.35 -2.44
N THR W 112 74.93 -48.88 -2.82
CA THR W 112 75.09 -50.30 -3.12
C THR W 112 75.51 -51.12 -1.93
N GLN W 113 75.68 -50.52 -0.75
CA GLN W 113 76.16 -51.25 0.40
C GLN W 113 75.05 -52.12 0.97
N GLY W 114 75.39 -53.36 1.26
CA GLY W 114 74.46 -54.32 1.79
C GLY W 114 74.55 -54.45 3.29
N ASP W 115 73.96 -55.53 3.80
CA ASP W 115 73.86 -55.78 5.22
C ASP W 115 73.18 -54.61 5.91
N ARG W 116 72.10 -54.14 5.29
CA ARG W 116 71.37 -53.00 5.81
C ARG W 116 70.73 -53.33 7.15
N GLY W 117 70.29 -52.29 7.82
CA GLY W 117 69.78 -52.42 9.17
C GLY W 117 68.74 -51.39 9.51
N VAL W 118 68.32 -51.38 10.76
CA VAL W 118 67.28 -50.47 11.22
C VAL W 118 67.55 -50.12 12.68
N GLY W 119 67.57 -48.82 12.96
CA GLY W 119 67.88 -48.30 14.26
C GLY W 119 66.86 -47.32 14.76
N SER W 120 67.24 -46.54 15.76
CA SER W 120 66.31 -45.65 16.43
C SER W 120 67.08 -44.47 17.03
N SER W 121 66.47 -43.29 16.93
CA SER W 121 66.96 -42.08 17.56
C SER W 121 65.88 -41.52 18.45
N ALA W 122 66.24 -41.23 19.70
CA ALA W 122 65.30 -40.72 20.69
C ALA W 122 65.86 -39.46 21.34
N VAL W 123 64.95 -38.71 21.94
CA VAL W 123 65.25 -37.41 22.55
C VAL W 123 65.30 -37.60 24.05
N ILE W 124 66.45 -37.27 24.64
CA ILE W 124 66.76 -37.55 26.03
C ILE W 124 67.18 -36.24 26.68
N LEU W 125 66.27 -35.60 27.39
CA LEU W 125 66.45 -34.24 27.87
C LEU W 125 66.96 -34.16 29.30
N ASP W 126 67.72 -35.16 29.78
CA ASP W 126 68.05 -35.23 31.20
C ASP W 126 69.44 -35.74 31.54
N ASP W 127 70.29 -36.02 30.58
CA ASP W 127 71.69 -36.38 30.84
C ASP W 127 71.81 -37.73 31.52
N ASN W 128 70.84 -38.62 31.30
CA ASN W 128 70.94 -40.01 31.72
C ASN W 128 70.55 -40.84 30.51
N PHE W 129 71.56 -41.18 29.72
CA PHE W 129 71.42 -41.97 28.52
C PHE W 129 71.56 -43.44 28.85
N VAL W 130 71.09 -44.28 27.92
CA VAL W 130 71.44 -45.68 27.96
C VAL W 130 72.95 -45.79 27.83
N THR W 131 73.53 -46.71 28.57
CA THR W 131 74.98 -46.85 28.61
C THR W 131 75.52 -47.13 27.22
N LYS W 132 76.66 -46.53 26.91
CA LYS W 132 77.30 -46.74 25.63
C LYS W 132 77.70 -48.19 25.48
N ALA W 133 77.30 -48.78 24.36
CA ALA W 133 77.50 -50.19 24.08
C ALA W 133 77.97 -50.37 22.66
N THR W 134 78.78 -51.41 22.44
CA THR W 134 79.29 -51.74 21.12
C THR W 134 78.35 -52.68 20.38
N ALA W 135 77.94 -53.77 21.04
CA ALA W 135 77.03 -54.75 20.45
C ALA W 135 76.04 -55.17 21.53
N LEU W 136 74.94 -54.44 21.63
CA LEU W 136 73.86 -54.76 22.54
C LEU W 136 72.80 -55.57 21.81
N THR W 137 72.21 -56.54 22.51
CA THR W 137 71.32 -57.52 21.91
C THR W 137 69.93 -56.97 21.60
N TYR W 138 69.69 -55.68 21.74
CA TYR W 138 68.39 -55.11 21.48
C TYR W 138 68.55 -53.62 21.24
N ASP W 139 67.49 -53.01 20.72
CA ASP W 139 67.43 -51.58 20.49
C ASP W 139 66.76 -50.93 21.70
N PRO W 140 67.49 -50.24 22.57
CA PRO W 140 66.83 -49.70 23.76
C PRO W 140 65.89 -48.56 23.46
N TYR W 141 66.18 -47.77 22.44
CA TYR W 141 65.41 -46.57 22.12
C TYR W 141 64.23 -46.87 21.22
N VAL W 142 63.82 -48.13 21.10
CA VAL W 142 62.80 -48.49 20.12
C VAL W 142 61.41 -48.16 20.64
N ASN W 143 61.15 -48.41 21.91
CA ASN W 143 59.84 -48.18 22.49
C ASN W 143 59.68 -46.79 23.05
N TYR W 144 60.67 -45.93 22.87
CA TYR W 144 60.55 -44.55 23.32
C TYR W 144 59.52 -43.80 22.50
N SER W 145 58.79 -42.92 23.17
CA SER W 145 57.78 -42.11 22.52
C SER W 145 58.35 -41.17 21.49
N SER W 146 59.63 -40.81 21.61
CA SER W 146 60.30 -39.93 20.67
C SER W 146 61.19 -40.68 19.69
N ARG W 147 60.91 -41.96 19.45
CA ARG W 147 61.71 -42.75 18.56
C ARG W 147 61.36 -42.44 17.12
N HIS W 148 62.38 -42.20 16.31
CA HIS W 148 62.29 -42.17 14.87
C HIS W 148 63.18 -43.27 14.35
N THR W 149 62.70 -43.99 13.34
CA THR W 149 63.46 -45.06 12.75
C THR W 149 64.62 -44.52 11.93
N ILE W 150 65.78 -45.15 12.11
CA ILE W 150 66.97 -44.87 11.32
C ILE W 150 67.11 -46.02 10.34
N THR W 151 66.86 -45.75 9.08
CA THR W 151 67.27 -46.65 8.02
C THR W 151 68.77 -46.49 7.78
N GLN W 152 69.45 -47.60 7.65
CA GLN W 152 70.90 -47.66 7.52
C GLN W 152 71.27 -48.39 6.24
N PRO W 153 72.47 -48.17 5.71
CA PRO W 153 73.52 -47.21 6.05
C PRO W 153 73.53 -45.94 5.21
N PHE W 154 72.82 -45.95 4.10
CA PHE W 154 72.94 -44.93 3.07
C PHE W 154 71.76 -43.98 3.05
N SER W 155 71.12 -43.77 4.20
CA SER W 155 69.90 -42.98 4.27
C SER W 155 70.09 -41.83 5.25
N TYR W 156 69.46 -40.71 4.91
CA TYR W 156 69.53 -39.50 5.69
C TYR W 156 68.52 -39.52 6.82
N HIS W 157 68.94 -39.02 7.97
CA HIS W 157 68.14 -38.99 9.17
C HIS W 157 68.28 -37.61 9.80
N SER W 158 67.15 -36.93 9.99
CA SER W 158 67.10 -35.64 10.65
C SER W 158 66.26 -35.73 11.90
N ARG W 159 66.62 -34.93 12.89
CA ARG W 159 65.85 -34.77 14.11
C ARG W 159 65.86 -33.30 14.48
N TYR W 160 64.67 -32.74 14.67
CA TYR W 160 64.47 -31.33 14.96
C TYR W 160 63.68 -31.21 16.24
N PHE W 161 64.30 -30.65 17.26
CA PHE W 161 63.72 -30.65 18.60
C PHE W 161 64.29 -29.48 19.39
N THR W 162 63.76 -29.32 20.59
CA THR W 162 64.14 -28.26 21.51
C THR W 162 64.93 -28.85 22.66
N PRO W 163 66.23 -28.59 22.78
CA PRO W 163 66.98 -29.20 23.88
C PRO W 163 66.71 -28.51 25.20
N LYS W 164 67.34 -29.01 26.26
CA LYS W 164 67.19 -28.48 27.59
C LYS W 164 68.57 -28.43 28.24
N PRO W 165 68.84 -27.41 29.05
CA PRO W 165 70.14 -27.34 29.71
C PRO W 165 70.22 -28.18 30.98
N VAL W 166 71.46 -28.52 31.32
CA VAL W 166 71.75 -29.34 32.49
C VAL W 166 72.00 -28.35 33.63
N LEU W 167 70.94 -27.99 34.32
CA LEU W 167 71.03 -27.08 35.45
C LEU W 167 71.45 -27.79 36.72
N ASP W 168 70.87 -28.95 36.99
CA ASP W 168 71.26 -29.78 38.13
C ASP W 168 71.24 -31.23 37.66
N SER W 169 72.42 -31.83 37.52
CA SER W 169 72.52 -33.22 37.10
C SER W 169 72.08 -34.19 38.18
N THR W 170 72.00 -33.75 39.43
CA THR W 170 71.56 -34.62 40.51
C THR W 170 70.06 -34.83 40.48
N ILE W 171 69.30 -33.79 40.18
CA ILE W 171 67.85 -33.83 40.20
C ILE W 171 67.33 -33.97 38.77
N ASP W 172 68.03 -33.36 37.82
CA ASP W 172 67.72 -33.46 36.40
C ASP W 172 66.30 -32.95 36.13
N TYR W 173 66.11 -31.66 36.35
CA TYR W 173 64.84 -31.00 36.09
C TYR W 173 64.96 -30.12 34.86
N PHE W 174 63.86 -30.01 34.12
CA PHE W 174 63.82 -29.20 32.93
C PHE W 174 62.43 -28.64 32.73
N GLN W 175 62.35 -27.68 31.91
CA GLN W 175 61.13 -26.96 31.60
C GLN W 175 60.41 -27.56 30.41
N PRO W 176 59.09 -27.48 30.37
CA PRO W 176 58.40 -27.82 29.13
C PRO W 176 58.58 -26.76 28.06
N ASN W 177 58.11 -27.03 26.86
CA ASN W 177 58.33 -26.15 25.74
C ASN W 177 57.42 -24.93 25.87
N ASN W 178 58.03 -23.76 25.99
CA ASN W 178 57.30 -22.51 26.06
C ASN W 178 58.27 -21.43 25.58
N LYS W 179 57.97 -20.83 24.44
CA LYS W 179 58.89 -19.84 23.90
C LYS W 179 58.95 -18.60 24.78
N ARG W 180 57.86 -18.28 25.48
CA ARG W 180 57.80 -17.06 26.25
C ARG W 180 58.45 -17.19 27.62
N ASN W 181 58.49 -18.41 28.16
CA ASN W 181 58.98 -18.66 29.51
C ASN W 181 60.33 -19.35 29.55
N GLN W 182 60.95 -19.59 28.40
CA GLN W 182 62.23 -20.27 28.37
C GLN W 182 63.30 -19.43 29.04
N LEU W 183 64.10 -20.07 29.87
CA LEU W 183 65.13 -19.39 30.63
C LEU W 183 66.20 -18.83 29.72
N TRP W 184 66.72 -17.68 30.10
CA TRP W 184 67.90 -17.10 29.49
C TRP W 184 69.11 -17.51 30.31
N LEU W 185 70.08 -18.10 29.65
CA LEU W 185 71.37 -18.40 30.22
C LEU W 185 72.35 -17.30 29.86
N ARG W 186 73.47 -17.28 30.57
CA ARG W 186 74.56 -16.37 30.26
C ARG W 186 75.53 -17.03 29.30
N LEU W 187 75.98 -16.25 28.34
CA LEU W 187 77.03 -16.66 27.41
C LEU W 187 78.36 -16.46 28.13
N GLN W 188 78.82 -17.53 28.77
CA GLN W 188 80.05 -17.50 29.51
C GLN W 188 81.24 -17.39 28.56
N THR W 189 82.41 -17.20 29.14
CA THR W 189 83.62 -17.06 28.34
C THR W 189 84.16 -18.41 27.89
N ALA W 190 84.37 -19.35 28.83
CA ALA W 190 84.87 -20.67 28.49
C ALA W 190 84.24 -21.79 29.30
N GLY W 191 83.03 -21.59 29.83
CA GLY W 191 82.44 -22.54 30.75
C GLY W 191 80.96 -22.76 30.59
N ASN W 192 80.45 -22.67 29.37
CA ASN W 192 79.04 -22.78 29.13
C ASN W 192 78.53 -24.19 29.46
N VAL W 193 77.24 -24.26 29.73
CA VAL W 193 76.60 -25.48 30.22
C VAL W 193 76.17 -26.34 29.05
N ASP W 194 76.22 -27.65 29.25
CA ASP W 194 75.92 -28.60 28.19
C ASP W 194 74.42 -28.74 28.04
N HIS W 195 73.94 -28.61 26.82
CA HIS W 195 72.58 -28.96 26.47
C HIS W 195 72.55 -30.40 25.97
N VAL W 196 71.37 -31.00 26.09
CA VAL W 196 71.22 -32.44 25.95
C VAL W 196 69.92 -32.71 25.22
N GLY W 197 69.77 -33.93 24.71
CA GLY W 197 68.60 -34.22 23.91
C GLY W 197 68.66 -35.20 22.76
N LEU W 198 69.73 -35.98 22.58
CA LEU W 198 69.66 -37.03 21.58
C LEU W 198 70.48 -38.25 21.94
N GLY W 199 69.86 -39.40 21.79
CA GLY W 199 70.55 -40.67 21.89
C GLY W 199 70.14 -41.57 20.75
N THR W 200 71.09 -42.39 20.32
CA THR W 200 70.96 -43.18 19.11
C THR W 200 71.24 -44.64 19.38
N ALA W 201 70.78 -45.47 18.45
CA ALA W 201 71.08 -46.90 18.43
C ALA W 201 71.17 -47.34 16.98
N PHE W 202 72.38 -47.69 16.56
CA PHE W 202 72.65 -48.13 15.20
C PHE W 202 72.89 -49.62 15.18
N GLU W 203 72.29 -50.29 14.20
CA GLU W 203 72.48 -51.71 14.02
C GLU W 203 73.81 -51.97 13.34
N ASN W 204 74.60 -52.85 13.95
CA ASN W 204 75.93 -53.13 13.46
C ASN W 204 75.86 -53.91 12.15
N SER W 205 77.00 -54.00 11.48
CA SER W 205 77.09 -54.56 10.15
C SER W 205 78.48 -55.13 9.93
N ILE W 206 78.61 -55.92 8.86
CA ILE W 206 79.90 -56.45 8.47
C ILE W 206 80.81 -55.35 7.96
N TYR W 207 80.23 -54.31 7.37
CA TYR W 207 80.97 -53.18 6.84
C TYR W 207 80.90 -52.00 7.79
N ASP W 208 81.88 -51.12 7.68
CA ASP W 208 81.90 -49.91 8.48
C ASP W 208 80.88 -48.92 7.96
N GLN W 209 80.11 -48.34 8.88
CA GLN W 209 79.09 -47.34 8.57
C GLN W 209 79.56 -45.99 9.09
N GLU W 210 79.92 -45.11 8.17
CA GLU W 210 80.39 -43.77 8.52
C GLU W 210 79.31 -42.74 8.25
N TYR W 211 79.34 -41.67 9.04
CA TYR W 211 78.39 -40.58 8.92
C TYR W 211 79.11 -39.27 9.17
N ASN W 212 78.65 -38.22 8.48
CA ASN W 212 79.06 -36.85 8.75
C ASN W 212 77.89 -36.15 9.39
N ILE W 213 78.00 -35.85 10.67
CA ILE W 213 76.91 -35.31 11.45
C ILE W 213 77.02 -33.80 11.50
N ARG W 214 75.98 -33.12 11.05
CA ARG W 214 75.91 -31.66 11.03
C ARG W 214 74.84 -31.23 12.01
N VAL W 215 75.27 -30.60 13.10
CA VAL W 215 74.37 -30.05 14.11
C VAL W 215 74.21 -28.57 13.84
N THR W 216 72.97 -28.11 13.82
CA THR W 216 72.62 -26.72 13.62
C THR W 216 71.79 -26.29 14.81
N MET W 217 72.27 -25.30 15.55
CA MET W 217 71.55 -24.74 16.68
C MET W 217 70.96 -23.40 16.31
N TYR W 218 69.66 -23.27 16.57
CA TYR W 218 68.93 -22.02 16.36
C TYR W 218 68.82 -21.31 17.70
N VAL W 219 69.59 -20.24 17.85
CA VAL W 219 69.78 -19.58 19.14
C VAL W 219 69.13 -18.21 19.09
N GLN W 220 69.00 -17.62 20.27
CA GLN W 220 68.38 -16.31 20.45
C GLN W 220 69.17 -15.60 21.52
N PHE W 221 69.83 -14.52 21.15
CA PHE W 221 70.67 -13.75 22.03
C PHE W 221 69.93 -12.51 22.54
N ARG W 222 70.55 -11.81 23.48
CA ARG W 222 69.95 -10.66 24.11
C ARG W 222 71.05 -9.76 24.66
N GLU W 223 70.77 -8.46 24.68
CA GLU W 223 71.61 -7.45 25.30
C GLU W 223 72.99 -7.38 24.64
N PHE W 224 72.97 -6.88 23.41
CA PHE W 224 74.14 -6.42 22.69
C PHE W 224 75.08 -5.65 23.60
N ASN W 225 76.31 -6.12 23.73
CA ASN W 225 77.24 -5.61 24.73
C ASN W 225 78.61 -5.36 24.15
N LEU W 226 78.66 -4.78 22.96
CA LEU W 226 79.94 -4.51 22.34
C LEU W 226 80.70 -3.47 23.14
N LYS W 227 82.01 -3.63 23.21
CA LYS W 227 82.90 -2.72 23.90
C LYS W 227 83.90 -2.16 22.90
N ASP W 228 84.01 -0.84 22.86
CA ASP W 228 84.79 -0.12 21.86
C ASP W 228 85.81 0.77 22.57
N PRO W 229 86.96 0.22 22.94
CA PRO W 229 88.02 1.05 23.48
C PRO W 229 88.69 1.84 22.37
N PRO W 230 89.50 2.85 22.72
CA PRO W 230 90.26 3.55 21.68
C PRO W 230 91.37 2.69 21.10
N LEU W 231 92.13 3.26 20.17
CA LEU W 231 93.21 2.56 19.49
C LEU W 231 94.41 3.45 19.28
N GLY X 43 40.72 -48.50 34.03
CA GLY X 43 41.94 -47.74 33.85
C GLY X 43 42.67 -48.08 32.59
N ILE X 44 42.24 -47.48 31.50
CA ILE X 44 42.73 -47.83 30.17
C ILE X 44 44.07 -47.16 29.92
N PHE X 45 44.94 -47.88 29.22
CA PHE X 45 46.21 -47.33 28.80
C PHE X 45 46.58 -48.00 27.47
N ASN X 46 46.38 -47.26 26.38
CA ASN X 46 46.82 -47.72 25.08
C ASN X 46 48.28 -47.36 24.87
N THR X 47 49.07 -48.35 24.51
CA THR X 47 50.48 -48.13 24.22
C THR X 47 50.91 -48.98 23.03
N ARG X 48 52.22 -49.09 22.86
CA ARG X 48 52.82 -49.71 21.69
C ARG X 48 54.08 -50.44 22.12
N LEU X 49 54.16 -51.72 21.77
CA LEU X 49 55.26 -52.58 22.14
C LEU X 49 55.84 -53.19 20.88
N SER X 50 57.15 -53.24 20.80
CA SER X 50 57.87 -53.69 19.62
C SER X 50 58.88 -54.77 19.97
N ARG X 51 59.41 -55.38 18.92
CA ARG X 51 60.28 -56.54 19.00
C ARG X 51 60.84 -56.76 17.60
N THR X 52 62.11 -57.14 17.54
CA THR X 52 62.83 -57.29 16.27
C THR X 52 63.56 -58.61 16.25
N PHE X 53 63.51 -59.27 15.10
CA PHE X 53 64.16 -60.56 14.92
C PHE X 53 64.39 -60.79 13.44
N GLY X 54 65.16 -61.83 13.15
CA GLY X 54 65.56 -62.13 11.79
C GLY X 54 64.84 -63.30 11.14
N TYR X 55 64.84 -63.29 9.81
CA TYR X 55 64.29 -64.37 9.01
C TYR X 55 65.07 -64.42 7.71
N THR X 56 65.51 -65.62 7.34
CA THR X 56 66.30 -65.84 6.14
C THR X 56 65.67 -66.92 5.29
N ILE X 57 65.67 -66.69 3.99
CA ILE X 57 65.26 -67.66 2.98
C ILE X 57 66.55 -68.13 2.32
N LYS X 58 66.98 -69.33 2.65
CA LYS X 58 68.22 -69.85 2.13
C LYS X 58 68.13 -70.09 0.63
N ARG X 59 69.30 -70.14 0.01
CA ARG X 59 69.42 -70.33 -1.43
C ARG X 59 69.06 -71.76 -1.82
N THR X 60 68.72 -71.93 -3.10
CA THR X 60 68.40 -73.23 -3.67
C THR X 60 68.95 -73.31 -5.09
N THR X 61 69.51 -74.46 -5.43
CA THR X 61 69.94 -74.75 -6.78
C THR X 61 68.79 -75.11 -7.71
N VAL X 62 67.57 -75.25 -7.17
CA VAL X 62 66.41 -75.58 -7.99
C VAL X 62 66.20 -74.51 -9.04
N LYS X 63 65.90 -74.95 -10.27
CA LYS X 63 65.74 -74.04 -11.39
C LYS X 63 64.33 -73.46 -11.44
N THR X 64 63.33 -74.25 -11.09
CA THR X 64 61.96 -73.84 -11.20
C THR X 64 61.66 -72.69 -10.25
N PRO X 65 60.53 -72.00 -10.43
CA PRO X 65 60.06 -71.07 -9.41
C PRO X 65 59.37 -71.83 -8.30
N SER X 66 60.04 -71.93 -7.15
CA SER X 66 59.49 -72.53 -5.97
C SER X 66 59.40 -71.49 -4.87
N TRP X 67 58.51 -71.73 -3.92
CA TRP X 67 58.25 -70.82 -2.82
C TRP X 67 58.55 -71.48 -1.49
N ALA X 68 58.97 -70.65 -0.55
CA ALA X 68 59.28 -71.05 0.82
C ALA X 68 58.18 -70.55 1.73
N VAL X 69 57.51 -71.45 2.41
CA VAL X 69 56.36 -71.14 3.23
C VAL X 69 56.77 -71.18 4.69
N ASP X 70 56.22 -70.25 5.46
CA ASP X 70 56.47 -70.18 6.89
C ASP X 70 55.32 -69.46 7.55
N MET X 71 55.28 -69.56 8.87
CA MET X 71 54.21 -69.03 9.68
C MET X 71 54.75 -67.98 10.66
N MET X 72 53.82 -67.26 11.28
CA MET X 72 54.18 -66.21 12.21
C MET X 72 53.06 -66.03 13.22
N ARG X 73 53.36 -66.34 14.48
CA ARG X 73 52.48 -66.12 15.61
C ARG X 73 52.98 -64.95 16.43
N PHE X 74 52.12 -64.47 17.33
CA PHE X 74 52.43 -63.33 18.18
C PHE X 74 52.01 -63.64 19.61
N ASN X 75 52.95 -63.52 20.54
CA ASN X 75 52.69 -63.68 21.96
C ASN X 75 53.22 -62.47 22.70
N ILE X 76 52.55 -62.12 23.79
CA ILE X 76 52.91 -60.93 24.56
C ILE X 76 54.09 -61.15 25.49
N ASN X 77 54.49 -62.39 25.74
CA ASN X 77 55.67 -62.63 26.53
C ASN X 77 56.92 -62.15 25.83
N ASP X 78 56.93 -62.19 24.50
CA ASP X 78 58.07 -61.75 23.72
C ASP X 78 58.19 -60.24 23.64
N PHE X 79 57.15 -59.50 24.01
CA PHE X 79 57.14 -58.05 24.01
C PHE X 79 57.18 -57.45 25.40
N LEU X 80 56.60 -58.13 26.38
CA LEU X 80 56.49 -57.65 27.75
C LEU X 80 57.32 -58.54 28.67
N PRO X 81 58.43 -58.07 29.24
CA PRO X 81 59.23 -58.95 30.06
C PRO X 81 58.59 -59.16 31.42
N PRO X 82 59.13 -60.08 32.22
CA PRO X 82 58.67 -60.21 33.59
C PRO X 82 59.15 -59.05 34.44
N GLY X 83 58.33 -58.69 35.42
CA GLY X 83 58.65 -57.58 36.29
C GLY X 83 59.57 -57.96 37.41
N GLY X 84 59.31 -57.41 38.59
CA GLY X 84 60.11 -57.69 39.75
C GLY X 84 59.36 -57.42 41.04
N GLY X 85 59.42 -58.37 41.96
CA GLY X 85 58.78 -58.23 43.24
C GLY X 85 57.32 -58.65 43.21
N SER X 86 56.49 -57.89 43.91
CA SER X 86 55.07 -58.20 43.99
C SER X 86 54.35 -57.95 42.67
N ASN X 87 54.97 -57.20 41.75
CA ASN X 87 54.41 -56.99 40.43
C ASN X 87 54.99 -58.02 39.48
N PRO X 88 54.22 -59.00 39.01
CA PRO X 88 54.82 -60.07 38.20
C PRO X 88 55.25 -59.61 36.83
N ARG X 89 54.69 -58.54 36.30
CA ARG X 89 55.00 -58.03 34.98
C ARG X 89 55.48 -56.60 35.07
N SER X 90 56.13 -56.14 34.00
CA SER X 90 56.78 -54.85 34.00
C SER X 90 55.79 -53.72 33.73
N VAL X 91 54.67 -54.01 33.08
CA VAL X 91 53.59 -53.06 32.89
C VAL X 91 52.50 -53.39 33.91
N PRO X 92 52.27 -52.56 34.93
CA PRO X 92 51.39 -52.99 36.02
C PRO X 92 49.91 -52.88 35.71
N PHE X 93 49.42 -53.86 34.96
CA PHE X 93 48.01 -53.95 34.62
C PHE X 93 47.59 -55.41 34.70
N GLU X 94 46.29 -55.63 34.80
CA GLU X 94 45.70 -56.95 34.94
C GLU X 94 45.28 -57.55 33.62
N TYR X 95 44.52 -56.80 32.83
CA TYR X 95 43.92 -57.30 31.61
C TYR X 95 44.56 -56.63 30.40
N TYR X 96 44.37 -57.27 29.25
CA TYR X 96 44.88 -56.72 28.00
C TYR X 96 44.05 -57.26 26.86
N ARG X 97 44.16 -56.59 25.72
CA ARG X 97 43.62 -57.08 24.47
C ARG X 97 44.37 -56.41 23.35
N ILE X 98 44.85 -57.21 22.41
CA ILE X 98 45.66 -56.71 21.31
C ILE X 98 44.74 -56.14 20.25
N ARG X 99 44.94 -54.86 19.93
CA ARG X 99 44.12 -54.15 18.97
C ARG X 99 44.60 -54.34 17.55
N LYS X 100 45.90 -54.15 17.31
CA LYS X 100 46.49 -54.22 15.99
C LYS X 100 47.91 -54.74 16.12
N VAL X 101 48.43 -55.24 15.00
CA VAL X 101 49.83 -55.62 14.86
C VAL X 101 50.31 -55.09 13.53
N LYS X 102 51.56 -54.62 13.53
CA LYS X 102 52.25 -54.15 12.34
C LYS X 102 53.50 -54.99 12.19
N VAL X 103 53.50 -55.86 11.19
CA VAL X 103 54.65 -56.64 10.82
C VAL X 103 55.36 -55.94 9.68
N GLU X 104 56.64 -55.65 9.87
CA GLU X 104 57.46 -54.94 8.91
C GLU X 104 58.62 -55.84 8.52
N PHE X 105 58.68 -56.18 7.25
CA PHE X 105 59.82 -56.90 6.68
C PHE X 105 60.81 -55.87 6.16
N TRP X 106 61.82 -55.58 6.97
CA TRP X 106 62.85 -54.66 6.57
C TRP X 106 63.95 -55.45 5.87
N PRO X 107 64.25 -55.18 4.60
CA PRO X 107 65.23 -56.00 3.90
C PRO X 107 66.64 -55.79 4.41
N CYS X 108 67.45 -56.81 4.18
CA CYS X 108 68.86 -56.80 4.49
C CYS X 108 69.73 -56.88 3.25
N SER X 109 69.13 -56.90 2.07
CA SER X 109 69.80 -57.19 0.83
C SER X 109 69.97 -55.92 0.01
N PRO X 110 71.03 -55.82 -0.79
CA PRO X 110 71.24 -54.60 -1.57
C PRO X 110 70.25 -54.49 -2.71
N ILE X 111 70.12 -53.25 -3.21
CA ILE X 111 69.25 -53.01 -4.34
C ILE X 111 69.82 -53.49 -5.65
N THR X 112 71.07 -53.96 -5.67
CA THR X 112 71.69 -54.53 -6.84
C THR X 112 71.51 -56.03 -6.94
N GLN X 113 70.83 -56.66 -5.99
CA GLN X 113 70.71 -58.11 -5.98
C GLN X 113 69.72 -58.53 -7.05
N GLY X 114 70.10 -59.55 -7.82
CA GLY X 114 69.28 -60.07 -8.87
C GLY X 114 68.51 -61.30 -8.47
N ASP X 115 68.00 -62.01 -9.47
CA ASP X 115 67.15 -63.18 -9.27
C ASP X 115 65.95 -62.81 -8.41
N ARG X 116 65.37 -61.67 -8.72
CA ARG X 116 64.24 -61.16 -7.96
C ARG X 116 63.04 -62.09 -8.12
N GLY X 117 62.06 -61.88 -7.25
CA GLY X 117 60.92 -62.75 -7.16
C GLY X 117 59.68 -62.05 -6.70
N VAL X 118 58.61 -62.82 -6.48
CA VAL X 118 57.33 -62.27 -6.09
C VAL X 118 56.62 -63.29 -5.20
N GLY X 119 56.18 -62.83 -4.04
CA GLY X 119 55.56 -63.67 -3.05
C GLY X 119 54.24 -63.12 -2.56
N SER X 120 53.79 -63.62 -1.42
CA SER X 120 52.48 -63.28 -0.90
C SER X 120 52.47 -63.43 0.60
N SER X 121 51.78 -62.50 1.26
CA SER X 121 51.54 -62.54 2.70
C SER X 121 50.04 -62.48 2.93
N ALA X 122 49.53 -63.41 3.74
CA ALA X 122 48.12 -63.51 4.03
C ALA X 122 47.89 -63.56 5.53
N VAL X 123 46.66 -63.26 5.92
CA VAL X 123 46.25 -63.15 7.31
C VAL X 123 45.47 -64.41 7.67
N ILE X 124 45.96 -65.13 8.67
CA ILE X 124 45.46 -66.46 9.03
C ILE X 124 45.13 -66.43 10.51
N LEU X 125 43.86 -66.26 10.84
CA LEU X 125 43.42 -65.99 12.18
C LEU X 125 42.97 -67.23 12.95
N ASP X 126 43.52 -68.42 12.65
CA ASP X 126 42.98 -69.65 13.20
C ASP X 126 43.99 -70.74 13.55
N ASP X 127 45.29 -70.50 13.40
CA ASP X 127 46.31 -71.44 13.84
C ASP X 127 46.32 -72.71 13.01
N ASN X 128 45.88 -72.63 11.75
CA ASN X 128 46.03 -73.71 10.80
C ASN X 128 46.61 -73.07 9.54
N PHE X 129 47.93 -73.05 9.49
CA PHE X 129 48.69 -72.52 8.38
C PHE X 129 48.94 -73.59 7.34
N VAL X 130 49.30 -73.14 6.14
CA VAL X 130 49.88 -74.04 5.16
C VAL X 130 51.15 -74.60 5.74
N THR X 131 51.40 -75.88 5.49
CA THR X 131 52.54 -76.55 6.07
C THR X 131 53.84 -75.88 5.66
N LYS X 132 54.76 -75.79 6.59
CA LYS X 132 56.06 -75.19 6.30
C LYS X 132 56.79 -76.00 5.25
N ALA X 133 57.25 -75.30 4.22
CA ALA X 133 57.89 -75.91 3.07
C ALA X 133 59.12 -75.12 2.69
N THR X 134 60.11 -75.82 2.15
CA THR X 134 61.35 -75.20 1.69
C THR X 134 61.25 -74.77 0.24
N ALA X 135 60.79 -75.66 -0.64
CA ALA X 135 60.63 -75.35 -2.06
C ALA X 135 59.33 -76.00 -2.53
N LEU X 136 58.25 -75.26 -2.42
CA LEU X 136 56.95 -75.68 -2.90
C LEU X 136 56.71 -75.12 -4.30
N THR X 137 56.07 -75.92 -5.14
CA THR X 137 55.94 -75.61 -6.56
C THR X 137 54.90 -74.54 -6.87
N TYR X 138 54.35 -73.88 -5.87
CA TYR X 138 53.34 -72.86 -6.10
C TYR X 138 53.26 -71.98 -4.88
N ASP X 139 52.60 -70.83 -5.04
CA ASP X 139 52.35 -69.89 -3.96
C ASP X 139 50.99 -70.19 -3.36
N PRO X 140 50.90 -70.77 -2.17
CA PRO X 140 49.58 -71.12 -1.65
C PRO X 140 48.75 -69.93 -1.26
N TYR X 141 49.39 -68.86 -0.79
CA TYR X 141 48.70 -67.69 -0.28
C TYR X 141 48.35 -66.69 -1.37
N VAL X 142 48.39 -67.09 -2.64
CA VAL X 142 48.24 -66.13 -3.72
C VAL X 142 46.77 -65.80 -3.95
N ASN X 143 45.89 -66.79 -3.86
CA ASN X 143 44.48 -66.57 -4.11
C ASN X 143 43.71 -66.20 -2.85
N TYR X 144 44.40 -66.00 -1.74
CA TYR X 144 43.74 -65.58 -0.52
C TYR X 144 43.23 -64.15 -0.64
N SER X 145 42.07 -63.91 -0.05
CA SER X 145 41.46 -62.59 -0.08
C SER X 145 42.30 -61.55 0.64
N SER X 146 43.15 -61.97 1.57
CA SER X 146 44.02 -61.08 2.32
C SER X 146 45.45 -61.10 1.80
N ARG X 147 45.65 -61.46 0.55
CA ARG X 147 46.99 -61.53 -0.01
C ARG X 147 47.46 -60.14 -0.38
N HIS X 148 48.68 -59.82 0.04
CA HIS X 148 49.43 -58.67 -0.44
C HIS X 148 50.68 -59.22 -1.09
N THR X 149 51.04 -58.64 -2.23
CA THR X 149 52.22 -59.06 -2.95
C THR X 149 53.48 -58.64 -2.21
N ILE X 150 54.44 -59.56 -2.13
CA ILE X 150 55.76 -59.30 -1.59
C ILE X 150 56.70 -59.22 -2.79
N THR X 151 57.17 -58.03 -3.08
CA THR X 151 58.31 -57.87 -3.97
C THR X 151 59.57 -58.20 -3.21
N GLN X 152 60.45 -58.96 -3.85
CA GLN X 152 61.67 -59.48 -3.25
C GLN X 152 62.86 -59.04 -4.09
N PRO X 153 64.07 -59.00 -3.50
CA PRO X 153 64.48 -59.19 -2.12
C PRO X 153 64.68 -57.90 -1.33
N PHE X 154 64.77 -56.77 -2.03
CA PHE X 154 65.22 -55.52 -1.46
C PHE X 154 64.08 -54.53 -1.24
N SER X 155 62.88 -55.02 -1.00
CA SER X 155 61.70 -54.19 -0.91
C SER X 155 61.03 -54.39 0.44
N TYR X 156 60.47 -53.31 0.95
CA TYR X 156 59.81 -53.28 2.24
C TYR X 156 58.37 -53.74 2.10
N HIS X 157 57.92 -54.52 3.07
CA HIS X 157 56.59 -55.08 3.11
C HIS X 157 56.02 -54.89 4.51
N SER X 158 54.88 -54.23 4.60
CA SER X 158 54.17 -54.03 5.85
C SER X 158 52.81 -54.68 5.77
N ARG X 159 52.33 -55.15 6.92
CA ARG X 159 50.99 -55.68 7.08
C ARG X 159 50.45 -55.19 8.40
N TYR X 160 49.28 -54.57 8.37
CA TYR X 160 48.65 -53.96 9.54
C TYR X 160 47.25 -54.54 9.66
N PHE X 161 47.03 -55.27 10.74
CA PHE X 161 45.80 -56.04 10.89
C PHE X 161 45.53 -56.26 12.38
N THR X 162 44.38 -56.85 12.64
CA THR X 162 43.92 -57.15 13.98
C THR X 162 44.01 -58.65 14.25
N PRO X 163 44.90 -59.13 15.10
CA PRO X 163 44.99 -60.57 15.32
C PRO X 163 43.87 -61.09 16.18
N LYS X 164 43.86 -62.40 16.39
CA LYS X 164 42.86 -63.07 17.19
C LYS X 164 43.55 -64.08 18.09
N PRO X 165 43.07 -64.28 19.31
CA PRO X 165 43.70 -65.25 20.18
C PRO X 165 43.22 -66.67 19.94
N VAL X 166 44.07 -67.61 20.36
CA VAL X 166 43.81 -69.03 20.20
C VAL X 166 43.13 -69.48 21.49
N LEU X 167 41.80 -69.38 21.50
CA LEU X 167 41.02 -69.79 22.66
C LEU X 167 40.80 -71.29 22.68
N ASP X 168 40.44 -71.86 21.53
CA ASP X 168 40.29 -73.31 21.40
C ASP X 168 40.86 -73.71 20.05
N SER X 169 42.00 -74.38 20.07
CA SER X 169 42.64 -74.83 18.84
C SER X 169 41.89 -75.97 18.18
N THR X 170 41.01 -76.66 18.91
CA THR X 170 40.24 -77.75 18.33
C THR X 170 39.12 -77.24 17.43
N ILE X 171 38.47 -76.16 17.84
CA ILE X 171 37.32 -75.60 17.13
C ILE X 171 37.76 -74.41 16.31
N ASP X 172 38.73 -73.65 16.83
CA ASP X 172 39.32 -72.51 16.16
C ASP X 172 38.25 -71.47 15.82
N TYR X 173 37.68 -70.89 16.86
CA TYR X 173 36.68 -69.84 16.73
C TYR X 173 37.29 -68.49 17.11
N PHE X 174 36.82 -67.45 16.44
CA PHE X 174 37.29 -66.11 16.71
C PHE X 174 36.18 -65.11 16.46
N GLN X 175 36.39 -63.96 16.94
CA GLN X 175 35.44 -62.86 16.87
C GLN X 175 35.70 -62.00 15.65
N PRO X 176 34.67 -61.38 15.08
CA PRO X 176 34.92 -60.35 14.08
C PRO X 176 35.43 -59.07 14.71
N ASN X 177 35.82 -58.12 13.87
CA ASN X 177 36.43 -56.90 14.34
C ASN X 177 35.38 -56.00 14.96
N ASN X 178 35.52 -55.73 16.25
CA ASN X 178 34.62 -54.83 16.96
C ASN X 178 35.41 -54.29 18.14
N LYS X 179 35.70 -53.00 18.13
CA LYS X 179 36.51 -52.45 19.20
C LYS X 179 35.77 -52.49 20.53
N ARG X 180 34.45 -52.42 20.51
CA ARG X 180 33.68 -52.33 21.74
C ARG X 180 33.42 -53.69 22.36
N ASN X 181 33.42 -54.75 21.55
CA ASN X 181 33.08 -56.09 22.00
C ASN X 181 34.28 -57.02 22.08
N GLN X 182 35.48 -56.54 21.82
CA GLN X 182 36.66 -57.39 21.85
C GLN X 182 36.92 -57.87 23.26
N LEU X 183 37.22 -59.16 23.38
CA LEU X 183 37.43 -59.78 24.66
C LEU X 183 38.68 -59.23 25.34
N TRP X 184 38.60 -59.13 26.66
CA TRP X 184 39.75 -58.84 27.49
C TRP X 184 40.32 -60.16 27.98
N LEU X 185 41.60 -60.35 27.74
CA LEU X 185 42.35 -61.46 28.29
C LEU X 185 43.08 -61.01 29.53
N ARG X 186 43.54 -61.98 30.30
CA ARG X 186 44.37 -61.71 31.46
C ARG X 186 45.83 -61.72 31.07
N LEU X 187 46.57 -60.77 31.62
CA LEU X 187 48.01 -60.71 31.49
C LEU X 187 48.61 -61.68 32.50
N GLN X 188 48.83 -62.91 32.04
CA GLN X 188 49.37 -63.95 32.89
C GLN X 188 50.82 -63.64 33.23
N THR X 189 51.38 -64.46 34.12
CA THR X 189 52.75 -64.27 34.56
C THR X 189 53.74 -64.85 33.56
N ALA X 190 53.58 -66.13 33.19
CA ALA X 190 54.47 -66.76 32.22
C ALA X 190 53.76 -67.71 31.27
N GLY X 191 52.46 -67.52 31.02
CA GLY X 191 51.68 -68.47 30.26
C GLY X 191 50.65 -67.87 29.33
N ASN X 192 50.94 -66.69 28.79
CA ASN X 192 49.99 -66.01 27.94
C ASN X 192 49.72 -66.79 26.66
N VAL X 193 48.57 -66.51 26.07
CA VAL X 193 48.06 -67.26 24.93
C VAL X 193 48.60 -66.65 23.64
N ASP X 194 48.82 -67.50 22.65
CA ASP X 194 49.40 -67.09 21.40
C ASP X 194 48.33 -66.45 20.52
N HIS X 195 48.63 -65.27 20.01
CA HIS X 195 47.85 -64.64 18.97
C HIS X 195 48.43 -65.01 17.62
N VAL X 196 47.59 -64.93 16.61
CA VAL X 196 47.87 -65.52 15.31
C VAL X 196 47.32 -64.59 14.24
N GLY X 197 47.77 -64.79 13.01
CA GLY X 197 47.38 -63.87 11.96
C GLY X 197 48.32 -63.53 10.81
N LEU X 198 49.43 -64.23 10.62
CA LEU X 198 50.19 -64.00 9.39
C LEU X 198 50.90 -65.25 8.91
N GLY X 199 50.76 -65.49 7.61
CA GLY X 199 51.53 -66.50 6.92
C GLY X 199 52.08 -65.95 5.63
N THR X 200 53.26 -66.44 5.26
CA THR X 200 54.03 -65.88 4.17
C THR X 200 54.43 -66.95 3.18
N ALA X 201 54.78 -66.51 1.98
CA ALA X 201 55.35 -67.37 0.95
C ALA X 201 56.36 -66.54 0.17
N PHE X 202 57.63 -66.88 0.31
CA PHE X 202 58.72 -66.20 -0.36
C PHE X 202 59.27 -67.06 -1.48
N GLU X 203 59.51 -66.44 -2.62
CA GLU X 203 60.08 -67.12 -3.76
C GLU X 203 61.57 -67.29 -3.56
N ASN X 204 62.04 -68.51 -3.71
CA ASN X 204 63.44 -68.81 -3.49
C ASN X 204 64.31 -68.21 -4.57
N SER X 205 65.62 -68.22 -4.32
CA SER X 205 66.57 -67.54 -5.18
C SER X 205 67.92 -68.23 -5.05
N ILE X 206 68.83 -67.90 -5.97
CA ILE X 206 70.18 -68.40 -5.93
C ILE X 206 70.94 -67.80 -4.76
N TYR X 207 70.59 -66.59 -4.37
CA TYR X 207 71.23 -65.88 -3.26
C TYR X 207 70.35 -65.95 -2.02
N ASP X 208 70.99 -65.81 -0.87
CA ASP X 208 70.27 -65.80 0.38
C ASP X 208 69.54 -64.48 0.56
N GLN X 209 68.27 -64.55 0.97
CA GLN X 209 67.43 -63.39 1.20
C GLN X 209 67.19 -63.26 2.70
N GLU X 210 67.80 -62.25 3.31
CA GLU X 210 67.68 -62.01 4.73
C GLU X 210 66.75 -60.83 4.99
N TYR X 211 66.07 -60.88 6.12
CA TYR X 211 65.15 -59.84 6.55
C TYR X 211 65.28 -59.63 8.05
N ASN X 212 65.07 -58.39 8.47
CA ASN X 212 64.93 -58.03 9.87
C ASN X 212 63.48 -57.67 10.10
N ILE X 213 62.76 -58.52 10.82
CA ILE X 213 61.33 -58.39 10.99
C ILE X 213 61.06 -57.69 12.30
N ARG X 214 60.34 -56.57 12.24
CA ARG X 214 59.97 -55.78 13.39
C ARG X 214 58.46 -55.85 13.55
N VAL X 215 58.02 -56.51 14.62
CA VAL X 215 56.62 -56.62 14.97
C VAL X 215 56.32 -55.59 16.02
N THR X 216 55.25 -54.84 15.81
CA THR X 216 54.78 -53.82 16.73
C THR X 216 53.34 -54.15 17.07
N MET X 217 53.07 -54.39 18.35
CA MET X 217 51.73 -54.66 18.84
C MET X 217 51.16 -53.44 19.54
N TYR X 218 49.97 -53.04 19.13
CA TYR X 218 49.24 -51.95 19.73
C TYR X 218 48.21 -52.54 20.69
N VAL X 219 48.49 -52.40 21.98
CA VAL X 219 47.75 -53.10 23.02
C VAL X 219 46.96 -52.09 23.83
N GLN X 220 46.04 -52.62 24.63
CA GLN X 220 45.16 -51.82 25.47
C GLN X 220 45.00 -52.58 26.77
N PHE X 221 45.49 -51.99 27.85
CA PHE X 221 45.46 -52.59 29.16
C PHE X 221 44.31 -52.02 29.99
N ARG X 222 44.10 -52.63 31.16
CA ARG X 222 43.00 -52.25 32.03
C ARG X 222 43.34 -52.64 33.46
N GLU X 223 42.82 -51.87 34.40
CA GLU X 223 42.90 -52.14 35.83
C GLU X 223 44.35 -52.16 36.32
N PHE X 224 44.92 -50.96 36.33
CA PHE X 224 46.16 -50.66 37.04
C PHE X 224 46.19 -51.31 38.40
N ASN X 225 47.19 -52.15 38.64
CA ASN X 225 47.23 -53.01 39.81
C ASN X 225 48.59 -53.00 40.48
N LEU X 226 49.18 -51.81 40.60
CA LEU X 226 50.48 -51.71 41.23
C LEU X 226 50.38 -52.08 42.70
N LYS X 227 51.41 -52.75 43.20
CA LYS X 227 51.51 -53.15 44.59
C LYS X 227 52.74 -52.51 45.20
N ASP X 228 52.54 -51.82 46.33
CA ASP X 228 53.57 -51.02 46.97
C ASP X 228 53.77 -51.49 48.40
N PRO X 229 54.57 -52.52 48.61
CA PRO X 229 54.92 -52.92 49.97
C PRO X 229 55.90 -51.94 50.59
N PRO X 230 56.10 -52.00 51.90
CA PRO X 230 57.14 -51.15 52.50
C PRO X 230 58.54 -51.61 52.13
N LEU X 231 59.54 -50.92 52.67
CA LEU X 231 60.95 -51.21 52.37
C LEU X 231 61.81 -51.07 53.61
N GLY Y 43 22.91 -67.26 -10.02
CA GLY Y 43 23.79 -67.24 -8.87
C GLY Y 43 25.19 -66.77 -9.21
N ILE Y 44 25.35 -65.46 -9.27
CA ILE Y 44 26.58 -64.87 -9.74
C ILE Y 44 27.62 -64.88 -8.63
N PHE Y 45 28.88 -65.08 -9.03
CA PHE Y 45 30.00 -65.02 -8.11
C PHE Y 45 31.21 -64.53 -8.90
N ASN Y 46 31.54 -63.26 -8.73
CA ASN Y 46 32.74 -62.69 -9.31
C ASN Y 46 33.91 -62.96 -8.40
N THR Y 47 34.97 -63.54 -8.94
CA THR Y 47 36.19 -63.80 -8.19
C THR Y 47 37.40 -63.53 -9.07
N ARG Y 48 38.55 -63.99 -8.60
CA ARG Y 48 39.84 -63.70 -9.19
C ARG Y 48 40.73 -64.93 -9.06
N LEU Y 49 41.28 -65.36 -10.19
CA LEU Y 49 42.11 -66.54 -10.26
C LEU Y 49 43.44 -66.15 -10.90
N SER Y 50 44.52 -66.67 -10.34
CA SER Y 50 45.87 -66.33 -10.74
C SER Y 50 46.69 -67.57 -11.05
N ARG Y 51 47.85 -67.33 -11.64
CA ARG Y 51 48.74 -68.35 -12.16
C ARG Y 51 50.05 -67.65 -12.51
N THR Y 52 51.15 -68.32 -12.24
CA THR Y 52 52.49 -67.75 -12.42
C THR Y 52 53.37 -68.73 -13.17
N PHE Y 53 54.15 -68.20 -14.10
CA PHE Y 53 55.05 -69.01 -14.91
C PHE Y 53 56.15 -68.11 -15.47
N GLY Y 54 57.15 -68.76 -16.05
CA GLY Y 54 58.32 -68.07 -16.54
C GLY Y 54 58.41 -67.90 -18.04
N TYR Y 55 59.19 -66.89 -18.45
CA TYR Y 55 59.47 -66.63 -19.85
C TYR Y 55 60.85 -66.01 -19.93
N THR Y 56 61.68 -66.55 -20.83
CA THR Y 56 63.04 -66.09 -21.01
C THR Y 56 63.30 -65.76 -22.47
N ILE Y 57 64.00 -64.66 -22.68
CA ILE Y 57 64.49 -64.25 -23.99
C ILE Y 57 65.99 -64.53 -23.98
N LYS Y 58 66.39 -65.58 -24.66
CA LYS Y 58 67.78 -65.99 -24.68
C LYS Y 58 68.65 -64.95 -25.38
N ARG Y 59 69.93 -64.99 -25.07
CA ARG Y 59 70.91 -64.07 -25.62
C ARG Y 59 71.18 -64.38 -27.09
N THR Y 60 71.70 -63.37 -27.78
CA THR Y 60 72.08 -63.48 -29.19
C THR Y 60 73.35 -62.70 -29.44
N THR Y 61 74.25 -63.29 -30.24
CA THR Y 61 75.44 -62.60 -30.70
C THR Y 61 75.16 -61.61 -31.82
N VAL Y 62 73.93 -61.58 -32.35
CA VAL Y 62 73.59 -60.66 -33.42
C VAL Y 62 73.80 -59.22 -32.97
N LYS Y 63 74.39 -58.43 -33.86
CA LYS Y 63 74.71 -57.04 -33.53
C LYS Y 63 73.53 -56.12 -33.73
N THR Y 64 72.72 -56.38 -34.75
CA THR Y 64 71.61 -55.51 -35.08
C THR Y 64 70.57 -55.50 -33.98
N PRO Y 65 69.65 -54.53 -34.01
CA PRO Y 65 68.48 -54.62 -33.14
C PRO Y 65 67.46 -55.56 -33.74
N SER Y 66 67.33 -56.74 -33.14
CA SER Y 66 66.33 -57.72 -33.53
C SER Y 66 65.39 -57.95 -32.37
N TRP Y 67 64.19 -58.42 -32.70
CA TRP Y 67 63.14 -58.66 -31.72
C TRP Y 67 62.74 -60.11 -31.70
N ALA Y 68 62.33 -60.56 -30.53
CA ALA Y 68 61.85 -61.92 -30.29
C ALA Y 68 60.35 -61.87 -30.10
N VAL Y 69 59.64 -62.59 -30.95
CA VAL Y 69 58.19 -62.55 -30.98
C VAL Y 69 57.66 -63.83 -30.37
N ASP Y 70 56.57 -63.69 -29.62
CA ASP Y 70 55.92 -64.83 -28.99
C ASP Y 70 54.47 -64.47 -28.73
N MET Y 71 53.69 -65.48 -28.41
CA MET Y 71 52.24 -65.37 -28.23
C MET Y 71 51.88 -65.78 -26.81
N MET Y 72 50.63 -65.49 -26.45
CA MET Y 72 50.12 -65.78 -25.11
C MET Y 72 48.62 -65.99 -25.19
N ARG Y 73 48.18 -67.20 -24.90
CA ARG Y 73 46.78 -67.56 -24.79
C ARG Y 73 46.43 -67.78 -23.32
N PHE Y 74 45.13 -67.84 -23.05
CA PHE Y 74 44.61 -68.01 -21.70
C PHE Y 74 43.52 -69.06 -21.71
N ASN Y 75 43.68 -70.08 -20.88
CA ASN Y 75 42.66 -71.11 -20.69
C ASN Y 75 42.39 -71.26 -19.20
N ILE Y 76 41.15 -71.62 -18.89
CA ILE Y 76 40.71 -71.71 -17.50
C ILE Y 76 41.13 -73.01 -16.84
N ASN Y 77 41.57 -74.01 -17.61
CA ASN Y 77 42.07 -75.23 -16.99
C ASN Y 77 43.36 -74.97 -16.21
N ASP Y 78 44.14 -73.99 -16.66
CA ASP Y 78 45.39 -73.66 -16.01
C ASP Y 78 45.20 -72.86 -14.73
N PHE Y 79 44.01 -72.32 -14.50
CA PHE Y 79 43.69 -71.56 -13.31
C PHE Y 79 42.77 -72.30 -12.35
N LEU Y 80 41.89 -73.15 -12.89
CA LEU Y 80 40.90 -73.87 -12.10
C LEU Y 80 41.20 -75.36 -12.16
N PRO Y 81 41.62 -76.01 -11.08
CA PRO Y 81 41.95 -77.42 -11.17
C PRO Y 81 40.71 -78.28 -11.22
N PRO Y 82 40.86 -79.58 -11.47
CA PRO Y 82 39.73 -80.47 -11.36
C PRO Y 82 39.34 -80.70 -9.91
N GLY Y 83 38.05 -80.91 -9.69
CA GLY Y 83 37.54 -81.10 -8.37
C GLY Y 83 37.68 -82.53 -7.89
N GLY Y 84 36.66 -83.01 -7.19
CA GLY Y 84 36.67 -84.36 -6.68
C GLY Y 84 35.27 -84.87 -6.40
N GLY Y 85 34.99 -86.08 -6.88
CA GLY Y 85 33.70 -86.69 -6.67
C GLY Y 85 32.68 -86.28 -7.69
N SER Y 86 31.45 -86.06 -7.24
CA SER Y 86 30.38 -85.69 -8.14
C SER Y 86 30.53 -84.28 -8.69
N ASN Y 87 31.39 -83.47 -8.07
CA ASN Y 87 31.68 -82.13 -8.57
C ASN Y 87 32.92 -82.19 -9.45
N PRO Y 88 32.81 -82.04 -10.76
CA PRO Y 88 33.99 -82.24 -11.62
C PRO Y 88 35.04 -81.16 -11.48
N ARG Y 89 34.66 -79.97 -11.02
CA ARG Y 89 35.57 -78.85 -10.86
C ARG Y 89 35.58 -78.38 -9.42
N SER Y 90 36.61 -77.61 -9.08
CA SER Y 90 36.83 -77.20 -7.70
C SER Y 90 35.97 -76.00 -7.32
N VAL Y 91 35.55 -75.21 -8.30
CA VAL Y 91 34.59 -74.12 -8.09
C VAL Y 91 33.23 -74.61 -8.55
N PRO Y 92 32.27 -74.84 -7.65
CA PRO Y 92 31.04 -75.51 -8.08
C PRO Y 92 30.04 -74.60 -8.78
N PHE Y 93 30.32 -74.34 -10.05
CA PHE Y 93 29.44 -73.56 -10.90
C PHE Y 93 29.40 -74.20 -12.28
N GLU Y 94 28.36 -73.85 -13.03
CA GLU Y 94 28.11 -74.40 -14.35
C GLU Y 94 28.69 -73.55 -15.47
N TYR Y 95 28.41 -72.27 -15.46
CA TYR Y 95 28.76 -71.35 -16.53
C TYR Y 95 29.82 -70.38 -16.06
N TYR Y 96 30.50 -69.77 -17.03
CA TYR Y 96 31.51 -68.77 -16.74
C TYR Y 96 31.65 -67.84 -17.93
N ARG Y 97 32.26 -66.69 -17.67
CA ARG Y 97 32.67 -65.79 -18.73
C ARG Y 97 33.77 -64.90 -18.18
N ILE Y 98 34.88 -64.83 -18.91
CA ILE Y 98 36.04 -64.08 -18.45
C ILE Y 98 35.82 -62.61 -18.75
N ARG Y 99 35.89 -61.79 -17.71
CA ARG Y 99 35.65 -60.37 -17.80
C ARG Y 99 36.91 -59.60 -18.17
N LYS Y 100 38.01 -59.87 -17.48
CA LYS Y 100 39.26 -59.18 -17.67
C LYS Y 100 40.40 -60.13 -17.40
N VAL Y 101 41.58 -59.76 -17.92
CA VAL Y 101 42.83 -60.44 -17.61
C VAL Y 101 43.87 -59.37 -17.36
N LYS Y 102 44.74 -59.64 -16.39
CA LYS Y 102 45.88 -58.79 -16.05
C LYS Y 102 47.13 -59.64 -16.20
N VAL Y 103 47.89 -59.35 -17.23
CA VAL Y 103 49.19 -59.96 -17.45
C VAL Y 103 50.25 -59.04 -16.89
N GLU Y 104 51.07 -59.56 -15.99
CA GLU Y 104 52.12 -58.80 -15.32
C GLU Y 104 53.45 -59.46 -15.64
N PHE Y 105 54.33 -58.73 -16.29
CA PHE Y 105 55.70 -59.15 -16.52
C PHE Y 105 56.54 -58.63 -15.37
N TRP Y 106 56.78 -59.51 -14.40
CA TRP Y 106 57.63 -59.18 -13.28
C TRP Y 106 59.07 -59.51 -13.64
N PRO Y 107 59.99 -58.54 -13.67
CA PRO Y 107 61.34 -58.86 -14.10
C PRO Y 107 62.10 -59.71 -13.10
N CYS Y 108 63.09 -60.40 -13.64
CA CYS Y 108 64.01 -61.22 -12.87
C CYS Y 108 65.42 -60.70 -12.92
N SER Y 109 65.66 -59.58 -13.59
CA SER Y 109 66.97 -59.08 -13.90
C SER Y 109 67.30 -57.87 -13.03
N PRO Y 110 68.57 -57.67 -12.70
CA PRO Y 110 68.92 -56.54 -11.84
C PRO Y 110 68.81 -55.22 -12.55
N ILE Y 111 68.72 -54.16 -11.76
CA ILE Y 111 68.65 -52.82 -12.33
C ILE Y 111 69.98 -52.32 -12.86
N THR Y 112 71.06 -53.08 -12.66
CA THR Y 112 72.36 -52.76 -13.21
C THR Y 112 72.62 -53.39 -14.57
N GLN Y 113 71.66 -54.14 -15.10
CA GLN Y 113 71.89 -54.85 -16.36
C GLN Y 113 71.84 -53.86 -17.51
N GLY Y 114 72.81 -53.98 -18.41
CA GLY Y 114 72.91 -53.12 -19.56
C GLY Y 114 72.34 -53.75 -20.81
N ASP Y 115 72.69 -53.16 -21.94
CA ASP Y 115 72.16 -53.56 -23.24
C ASP Y 115 70.65 -53.51 -23.24
N ARG Y 116 70.11 -52.45 -22.66
CA ARG Y 116 68.68 -52.28 -22.55
C ARG Y 116 68.04 -52.15 -23.92
N GLY Y 117 66.72 -52.28 -23.93
CA GLY Y 117 65.98 -52.32 -25.17
C GLY Y 117 64.59 -51.79 -25.03
N VAL Y 118 63.81 -51.91 -26.10
CA VAL Y 118 62.45 -51.39 -26.13
C VAL Y 118 61.61 -52.29 -27.02
N GLY Y 119 60.48 -52.73 -26.48
CA GLY Y 119 59.59 -53.65 -27.15
C GLY Y 119 58.16 -53.17 -27.18
N SER Y 120 57.25 -54.11 -27.45
CA SER Y 120 55.85 -53.76 -27.62
C SER Y 120 54.99 -54.96 -27.28
N SER Y 121 53.87 -54.68 -26.62
CA SER Y 121 52.84 -55.67 -26.32
C SER Y 121 51.53 -55.19 -26.91
N ALA Y 122 50.87 -56.07 -27.65
CA ALA Y 122 49.62 -55.75 -28.32
C ALA Y 122 48.57 -56.81 -27.99
N VAL Y 123 47.32 -56.43 -28.20
CA VAL Y 123 46.16 -57.24 -27.87
C VAL Y 123 45.60 -57.84 -29.16
N ILE Y 124 45.57 -59.16 -29.22
CA ILE Y 124 45.26 -59.91 -30.43
C ILE Y 124 44.13 -60.87 -30.10
N LEU Y 125 42.91 -60.49 -30.46
CA LEU Y 125 41.71 -61.17 -30.01
C LEU Y 125 41.19 -62.21 -31.01
N ASP Y 126 42.06 -62.82 -31.83
CA ASP Y 126 41.58 -63.66 -32.93
C ASP Y 126 42.40 -64.91 -33.24
N ASP Y 127 43.45 -65.20 -32.48
CA ASP Y 127 44.19 -66.45 -32.63
C ASP Y 127 44.98 -66.49 -33.94
N ASN Y 128 45.35 -65.33 -34.47
CA ASN Y 128 46.27 -65.24 -35.59
C ASN Y 128 47.31 -64.21 -35.18
N PHE Y 129 48.37 -64.72 -34.57
CA PHE Y 129 49.50 -63.92 -34.11
C PHE Y 129 50.54 -63.81 -35.20
N VAL Y 130 51.42 -62.83 -35.04
CA VAL Y 130 52.64 -62.81 -35.82
C VAL Y 130 53.43 -64.07 -35.49
N THR Y 131 54.04 -64.65 -36.51
CA THR Y 131 54.73 -65.91 -36.35
C THR Y 131 55.85 -65.78 -35.31
N LYS Y 132 56.00 -66.82 -34.50
CA LYS Y 132 57.04 -66.83 -33.50
C LYS Y 132 58.41 -66.76 -34.15
N ALA Y 133 59.22 -65.82 -33.68
CA ALA Y 133 60.53 -65.55 -34.24
C ALA Y 133 61.53 -65.36 -33.12
N THR Y 134 62.77 -65.73 -33.40
CA THR Y 134 63.87 -65.58 -32.46
C THR Y 134 64.55 -64.23 -32.61
N ALA Y 135 64.91 -63.86 -33.83
CA ALA Y 135 65.56 -62.57 -34.09
C ALA Y 135 64.96 -62.01 -35.39
N LEU Y 136 63.88 -61.27 -35.25
CA LEU Y 136 63.25 -60.58 -36.36
C LEU Y 136 63.77 -59.15 -36.45
N THR Y 137 63.93 -58.67 -37.67
CA THR Y 137 64.60 -57.40 -37.94
C THR Y 137 63.74 -56.18 -37.64
N TYR Y 138 62.57 -56.35 -37.04
CA TYR Y 138 61.70 -55.23 -36.74
C TYR Y 138 60.72 -55.65 -35.66
N ASP Y 139 60.04 -54.66 -35.09
CA ASP Y 139 59.02 -54.88 -34.08
C ASP Y 139 57.66 -54.90 -34.79
N PRO Y 140 57.02 -56.07 -34.94
CA PRO Y 140 55.77 -56.08 -35.69
C PRO Y 140 54.63 -55.42 -34.96
N TYR Y 141 54.62 -55.47 -33.64
CA TYR Y 141 53.53 -54.95 -32.85
C TYR Y 141 53.67 -53.48 -32.51
N VAL Y 142 54.53 -52.76 -33.23
CA VAL Y 142 54.84 -51.38 -32.85
C VAL Y 142 53.76 -50.43 -33.33
N ASN Y 143 53.24 -50.64 -34.53
CA ASN Y 143 52.24 -49.76 -35.11
C ASN Y 143 50.82 -50.19 -34.76
N TYR Y 144 50.66 -51.21 -33.93
CA TYR Y 144 49.33 -51.62 -33.52
C TYR Y 144 48.70 -50.58 -32.61
N SER Y 145 47.40 -50.41 -32.77
CA SER Y 145 46.64 -49.45 -31.98
C SER Y 145 46.64 -49.79 -30.50
N SER Y 146 46.85 -51.06 -30.16
CA SER Y 146 46.89 -51.51 -28.78
C SER Y 146 48.31 -51.73 -28.28
N ARG Y 147 49.29 -51.07 -28.88
CA ARG Y 147 50.66 -51.24 -28.48
C ARG Y 147 50.95 -50.44 -27.23
N HIS Y 148 51.58 -51.09 -26.26
CA HIS Y 148 52.19 -50.45 -25.12
C HIS Y 148 53.66 -50.76 -25.18
N THR Y 149 54.49 -49.77 -24.88
CA THR Y 149 55.93 -49.94 -24.90
C THR Y 149 56.38 -50.79 -23.73
N ILE Y 150 57.27 -51.72 -24.01
CA ILE Y 150 57.93 -52.53 -23.00
C ILE Y 150 59.34 -52.00 -22.88
N THR Y 151 59.63 -51.35 -21.76
CA THR Y 151 60.99 -51.08 -21.37
C THR Y 151 61.61 -52.35 -20.81
N GLN Y 152 62.83 -52.63 -21.23
CA GLN Y 152 63.54 -53.85 -20.89
C GLN Y 152 64.87 -53.49 -20.23
N PRO Y 153 65.45 -54.41 -19.45
CA PRO Y 153 65.00 -55.71 -18.96
C PRO Y 153 64.42 -55.71 -17.57
N PHE Y 154 64.64 -54.64 -16.82
CA PHE Y 154 64.38 -54.60 -15.40
C PHE Y 154 63.16 -53.78 -15.04
N SER Y 155 62.18 -53.71 -15.94
CA SER Y 155 61.02 -52.85 -15.78
C SER Y 155 59.75 -53.68 -15.84
N TYR Y 156 58.78 -53.27 -15.05
CA TYR Y 156 57.51 -53.94 -14.94
C TYR Y 156 56.57 -53.48 -16.04
N HIS Y 157 55.82 -54.44 -16.58
CA HIS Y 157 54.88 -54.20 -17.66
C HIS Y 157 53.58 -54.91 -17.33
N SER Y 158 52.49 -54.16 -17.30
CA SER Y 158 51.16 -54.69 -17.08
C SER Y 158 50.28 -54.40 -18.28
N ARG Y 159 49.34 -55.31 -18.52
CA ARG Y 159 48.33 -55.14 -19.55
C ARG Y 159 47.01 -55.66 -18.98
N TYR Y 160 45.99 -54.82 -19.03
CA TYR Y 160 44.68 -55.11 -18.46
C TYR Y 160 43.64 -54.93 -19.56
N PHE Y 161 43.00 -56.02 -19.93
CA PHE Y 161 42.12 -56.02 -21.10
C PHE Y 161 41.10 -57.13 -20.94
N THR Y 162 40.16 -57.17 -21.89
CA THR Y 162 39.08 -58.12 -21.93
C THR Y 162 39.33 -59.14 -23.04
N PRO Y 163 39.63 -60.40 -22.75
CA PRO Y 163 39.89 -61.34 -23.83
C PRO Y 163 38.63 -61.80 -24.52
N LYS Y 164 38.79 -62.63 -25.53
CA LYS Y 164 37.68 -63.16 -26.31
C LYS Y 164 37.92 -64.64 -26.53
N PRO Y 165 36.88 -65.46 -26.55
CA PRO Y 165 37.07 -66.88 -26.77
C PRO Y 165 37.15 -67.23 -28.25
N VAL Y 166 37.77 -68.38 -28.49
CA VAL Y 166 37.97 -68.90 -29.84
C VAL Y 166 36.79 -69.82 -30.12
N LEU Y 167 35.73 -69.23 -30.65
CA LEU Y 167 34.54 -69.97 -31.00
C LEU Y 167 34.67 -70.67 -32.34
N ASP Y 168 35.21 -69.97 -33.34
CA ASP Y 168 35.48 -70.56 -34.65
C ASP Y 168 36.81 -70.00 -35.12
N SER Y 169 37.84 -70.85 -35.14
CA SER Y 169 39.15 -70.42 -35.60
C SER Y 169 39.21 -70.21 -37.10
N THR Y 170 38.25 -70.75 -37.85
CA THR Y 170 38.23 -70.56 -39.29
C THR Y 170 37.77 -69.16 -39.67
N ILE Y 171 36.79 -68.63 -38.97
CA ILE Y 171 36.19 -67.34 -39.27
C ILE Y 171 36.75 -66.29 -38.33
N ASP Y 172 37.03 -66.69 -37.08
CA ASP Y 172 37.63 -65.83 -36.07
C ASP Y 172 36.78 -64.60 -35.83
N TYR Y 173 35.58 -64.84 -35.30
CA TYR Y 173 34.64 -63.78 -34.94
C TYR Y 173 34.61 -63.61 -33.43
N PHE Y 174 34.39 -62.37 -32.99
CA PHE Y 174 34.31 -62.08 -31.58
C PHE Y 174 33.38 -60.90 -31.36
N GLN Y 175 33.00 -60.75 -30.17
CA GLN Y 175 32.06 -59.74 -29.73
C GLN Y 175 32.78 -58.47 -29.28
N PRO Y 176 32.18 -57.31 -29.44
CA PRO Y 176 32.73 -56.13 -28.77
C PRO Y 176 32.49 -56.14 -27.28
N ASN Y 177 33.06 -55.18 -26.59
CA ASN Y 177 32.99 -55.16 -25.13
C ASN Y 177 31.61 -54.70 -24.69
N ASN Y 178 30.90 -55.59 -24.00
CA ASN Y 178 29.59 -55.28 -23.46
C ASN Y 178 29.40 -56.20 -22.28
N LYS Y 179 29.34 -55.65 -21.07
CA LYS Y 179 29.21 -56.50 -19.91
C LYS Y 179 27.87 -57.21 -19.87
N ARG Y 180 26.84 -56.59 -20.44
CA ARG Y 180 25.50 -57.15 -20.35
C ARG Y 180 25.23 -58.21 -21.40
N ASN Y 181 25.94 -58.17 -22.52
CA ASN Y 181 25.71 -59.06 -23.64
C ASN Y 181 26.80 -60.11 -23.82
N GLN Y 182 27.78 -60.15 -22.94
CA GLN Y 182 28.87 -61.11 -23.07
C GLN Y 182 28.35 -62.52 -22.91
N LEU Y 183 28.80 -63.40 -23.80
CA LEU Y 183 28.35 -64.77 -23.81
C LEU Y 183 28.80 -65.50 -22.56
N TRP Y 184 27.94 -66.40 -22.10
CA TRP Y 184 28.27 -67.35 -21.06
C TRP Y 184 28.73 -68.64 -21.72
N LEU Y 185 29.91 -69.09 -21.36
CA LEU Y 185 30.41 -70.40 -21.75
C LEU Y 185 30.15 -71.39 -20.64
N ARG Y 186 30.28 -72.66 -20.97
CA ARG Y 186 30.18 -73.73 -20.01
C ARG Y 186 31.55 -74.05 -19.45
N LEU Y 187 31.59 -74.27 -18.15
CA LEU Y 187 32.78 -74.74 -17.46
C LEU Y 187 32.86 -76.25 -17.66
N GLN Y 188 33.57 -76.64 -18.70
CA GLN Y 188 33.73 -78.04 -19.04
C GLN Y 188 34.59 -78.73 -18.00
N THR Y 189 34.68 -80.05 -18.14
CA THR Y 189 35.45 -80.85 -17.20
C THR Y 189 36.94 -80.81 -17.53
N ALA Y 190 37.30 -81.14 -18.77
CA ALA Y 190 38.71 -81.11 -19.18
C ALA Y 190 38.93 -80.60 -20.60
N GLY Y 191 38.02 -79.78 -21.12
CA GLY Y 191 38.07 -79.38 -22.51
C GLY Y 191 37.68 -77.95 -22.79
N ASN Y 192 37.97 -77.05 -21.86
CA ASN Y 192 37.57 -75.66 -22.01
C ASN Y 192 38.29 -75.01 -23.18
N VAL Y 193 37.68 -73.94 -23.67
CA VAL Y 193 38.12 -73.27 -24.89
C VAL Y 193 39.15 -72.22 -24.54
N ASP Y 194 40.10 -72.02 -25.45
CA ASP Y 194 41.20 -71.10 -25.22
C ASP Y 194 40.74 -69.67 -25.47
N HIS Y 195 41.01 -68.81 -24.51
CA HIS Y 195 40.87 -67.38 -24.70
C HIS Y 195 42.20 -66.80 -25.14
N VAL Y 196 42.12 -65.65 -25.80
CA VAL Y 196 43.23 -65.11 -26.56
C VAL Y 196 43.23 -63.60 -26.38
N GLY Y 197 44.36 -62.97 -26.72
CA GLY Y 197 44.47 -61.55 -26.48
C GLY Y 197 45.78 -60.91 -26.12
N LEU Y 198 46.92 -61.59 -26.23
CA LEU Y 198 48.18 -60.88 -26.06
C LEU Y 198 49.30 -61.45 -26.90
N GLY Y 199 50.00 -60.55 -27.57
CA GLY Y 199 51.23 -60.89 -28.26
C GLY Y 199 52.29 -59.86 -27.96
N THR Y 200 53.54 -60.33 -27.93
CA THR Y 200 54.66 -59.55 -27.43
C THR Y 200 55.78 -59.53 -28.46
N ALA Y 201 56.66 -58.55 -28.29
CA ALA Y 201 57.90 -58.47 -29.05
C ALA Y 201 58.96 -57.86 -28.14
N PHE Y 202 59.95 -58.68 -27.78
CA PHE Y 202 61.04 -58.28 -26.91
C PHE Y 202 62.32 -58.12 -27.71
N GLU Y 203 63.03 -57.04 -27.45
CA GLU Y 203 64.30 -56.78 -28.10
C GLU Y 203 65.38 -57.63 -27.47
N ASN Y 204 66.12 -58.36 -28.31
CA ASN Y 204 67.13 -59.26 -27.83
C ASN Y 204 68.32 -58.51 -27.27
N SER Y 205 69.17 -59.24 -26.57
CA SER Y 205 70.28 -58.65 -25.84
C SER Y 205 71.42 -59.66 -25.73
N ILE Y 206 72.58 -59.16 -25.32
CA ILE Y 206 73.72 -60.03 -25.08
C ILE Y 206 73.49 -60.90 -23.86
N TYR Y 207 72.72 -60.41 -22.91
CA TYR Y 207 72.41 -61.14 -21.68
C TYR Y 207 71.01 -61.73 -21.76
N ASP Y 208 70.81 -62.79 -20.97
CA ASP Y 208 69.50 -63.42 -20.91
C ASP Y 208 68.54 -62.56 -20.11
N GLN Y 209 67.33 -62.38 -20.64
CA GLN Y 209 66.28 -61.60 -20.01
C GLN Y 209 65.19 -62.55 -19.54
N GLU Y 210 65.08 -62.74 -18.24
CA GLU Y 210 64.09 -63.63 -17.65
C GLU Y 210 62.96 -62.81 -17.04
N TYR Y 211 61.77 -63.41 -17.03
CA TYR Y 211 60.58 -62.80 -16.48
C TYR Y 211 59.75 -63.86 -15.78
N ASN Y 212 59.07 -63.44 -14.71
CA ASN Y 212 58.06 -64.24 -14.04
C ASN Y 212 56.71 -63.62 -14.37
N ILE Y 213 55.92 -64.31 -15.18
CA ILE Y 213 54.67 -63.77 -15.69
C ILE Y 213 53.54 -64.26 -14.83
N ARG Y 214 52.77 -63.34 -14.28
CA ARG Y 214 51.62 -63.62 -13.43
C ARG Y 214 50.37 -63.17 -14.15
N VAL Y 215 49.56 -64.13 -14.57
CA VAL Y 215 48.27 -63.87 -15.21
C VAL Y 215 47.19 -63.99 -14.17
N THR Y 216 46.33 -62.99 -14.12
CA THR Y 216 45.19 -62.95 -13.21
C THR Y 216 43.94 -62.78 -14.05
N MET Y 217 43.03 -63.75 -13.98
CA MET Y 217 41.77 -63.69 -14.69
C MET Y 217 40.64 -63.34 -13.72
N TYR Y 218 39.87 -62.34 -14.08
CA TYR Y 218 38.69 -61.92 -13.33
C TYR Y 218 37.47 -62.52 -14.00
N VAL Y 219 36.89 -63.53 -13.35
CA VAL Y 219 35.87 -64.35 -13.95
C VAL Y 219 34.55 -64.10 -13.24
N GLN Y 220 33.48 -64.59 -13.86
CA GLN Y 220 32.12 -64.43 -13.35
C GLN Y 220 31.41 -65.74 -13.64
N PHE Y 221 31.02 -66.44 -12.59
CA PHE Y 221 30.35 -67.72 -12.69
C PHE Y 221 28.85 -67.57 -12.50
N ARG Y 222 28.14 -68.66 -12.73
CA ARG Y 222 26.68 -68.66 -12.68
C ARG Y 222 26.20 -70.07 -12.38
N GLU Y 223 25.06 -70.15 -11.70
CA GLU Y 223 24.35 -71.40 -11.43
C GLU Y 223 25.19 -72.38 -10.62
N PHE Y 224 25.37 -72.00 -9.35
CA PHE Y 224 25.86 -72.88 -8.30
C PHE Y 224 25.22 -74.25 -8.39
N ASN Y 225 26.04 -75.27 -8.54
CA ASN Y 225 25.57 -76.61 -8.87
C ASN Y 225 26.23 -77.67 -8.01
N LEU Y 226 26.37 -77.39 -6.72
CA LEU Y 226 26.98 -78.35 -5.83
C LEU Y 226 26.13 -79.59 -5.71
N LYS Y 227 26.79 -80.74 -5.62
CA LYS Y 227 26.14 -82.03 -5.47
C LYS Y 227 26.59 -82.66 -4.17
N ASP Y 228 25.63 -83.07 -3.35
CA ASP Y 228 25.87 -83.55 -1.99
C ASP Y 228 25.28 -84.94 -1.84
N PRO Y 229 26.01 -85.98 -2.25
CA PRO Y 229 25.57 -87.34 -1.99
C PRO Y 229 25.75 -87.70 -0.53
N PRO Y 230 25.15 -88.79 -0.06
CA PRO Y 230 25.43 -89.23 1.30
C PRO Y 230 26.84 -89.78 1.47
N LEU Y 231 27.15 -90.23 2.68
CA LEU Y 231 28.47 -90.74 3.01
C LEU Y 231 28.39 -91.96 3.92
N GLY Z 43 41.06 -48.46 -33.77
CA GLY Z 43 41.36 -47.60 -34.90
C GLY Z 43 40.37 -47.73 -36.02
N ILE Z 44 39.25 -47.03 -35.88
CA ILE Z 44 38.13 -47.18 -36.79
C ILE Z 44 38.40 -46.39 -38.06
N PHE Z 45 37.94 -46.94 -39.18
CA PHE Z 45 38.01 -46.27 -40.47
C PHE Z 45 36.81 -46.73 -41.28
N ASN Z 46 35.79 -45.89 -41.36
CA ASN Z 46 34.66 -46.14 -42.23
C ASN Z 46 34.97 -45.65 -43.63
N THR Z 47 34.78 -46.54 -44.61
CA THR Z 47 35.00 -46.18 -46.00
C THR Z 47 33.93 -46.84 -46.86
N ARG Z 48 34.17 -46.84 -48.17
CA ARG Z 48 33.21 -47.26 -49.16
C ARG Z 48 33.95 -47.95 -50.30
N LEU Z 49 33.53 -49.16 -50.61
CA LEU Z 49 34.14 -49.99 -51.65
C LEU Z 49 33.08 -50.40 -52.63
N SER Z 50 33.42 -50.34 -53.91
CA SER Z 50 32.50 -50.59 -55.01
C SER Z 50 33.05 -51.63 -55.96
N ARG Z 51 32.18 -52.06 -56.86
CA ARG Z 51 32.41 -53.16 -57.78
C ARG Z 51 31.26 -53.16 -58.76
N THR Z 52 31.57 -53.44 -60.02
CA THR Z 52 30.60 -53.37 -61.11
C THR Z 52 30.68 -54.63 -61.95
N PHE Z 53 29.52 -55.15 -62.34
CA PHE Z 53 29.44 -56.36 -63.14
C PHE Z 53 28.09 -56.39 -63.84
N GLY Z 54 27.96 -57.31 -64.78
CA GLY Z 54 26.79 -57.42 -65.61
C GLY Z 54 25.83 -58.55 -65.26
N TYR Z 55 24.59 -58.37 -65.67
CA TYR Z 55 23.55 -59.38 -65.51
C TYR Z 55 22.56 -59.22 -66.66
N THR Z 56 22.25 -60.32 -67.33
CA THR Z 56 21.35 -60.33 -68.46
C THR Z 56 20.25 -61.34 -68.24
N ILE Z 57 19.04 -60.94 -68.62
CA ILE Z 57 17.87 -61.81 -68.66
C ILE Z 57 17.61 -62.10 -70.13
N LYS Z 58 17.94 -63.30 -70.56
CA LYS Z 58 17.81 -63.67 -71.95
C LYS Z 58 16.34 -63.73 -72.37
N ARG Z 59 16.13 -63.61 -73.67
CA ARG Z 59 14.79 -63.61 -74.24
C ARG Z 59 14.17 -65.01 -74.18
N THR Z 60 12.85 -65.04 -74.28
CA THR Z 60 12.07 -66.27 -74.29
C THR Z 60 10.92 -66.13 -75.25
N THR Z 61 10.67 -67.20 -76.02
CA THR Z 61 9.49 -67.29 -76.87
C THR Z 61 8.21 -67.61 -76.11
N VAL Z 62 8.32 -67.90 -74.81
CA VAL Z 62 7.14 -68.21 -74.01
C VAL Z 62 6.18 -67.03 -74.02
N LYS Z 63 4.89 -67.33 -74.18
CA LYS Z 63 3.87 -66.30 -74.26
C LYS Z 63 3.43 -65.82 -72.89
N THR Z 64 3.35 -66.73 -71.93
CA THR Z 64 2.86 -66.39 -70.61
C THR Z 64 3.77 -65.40 -69.91
N PRO Z 65 3.29 -64.77 -68.83
CA PRO Z 65 4.19 -64.01 -67.97
C PRO Z 65 4.95 -64.95 -67.06
N SER Z 66 6.23 -65.14 -67.34
CA SER Z 66 7.12 -65.93 -66.52
C SER Z 66 8.21 -65.04 -65.97
N TRP Z 67 8.81 -65.47 -64.87
CA TRP Z 67 9.84 -64.72 -64.19
C TRP Z 67 11.13 -65.52 -64.11
N ALA Z 68 12.23 -64.78 -64.14
CA ALA Z 68 13.58 -65.33 -64.04
C ALA Z 68 14.13 -65.02 -62.66
N VAL Z 69 14.48 -66.05 -61.93
CA VAL Z 69 14.90 -65.93 -60.54
C VAL Z 69 16.40 -66.11 -60.49
N ASP Z 70 17.05 -65.33 -59.63
CA ASP Z 70 18.48 -65.43 -59.41
C ASP Z 70 18.80 -64.87 -58.04
N MET Z 71 20.01 -65.14 -57.60
CA MET Z 71 20.50 -64.79 -56.28
C MET Z 71 21.68 -63.84 -56.38
N MET Z 72 22.04 -63.27 -55.24
CA MET Z 72 23.13 -62.31 -55.16
C MET Z 72 23.75 -62.35 -53.78
N ARG Z 73 25.00 -62.79 -53.70
CA ARG Z 73 25.80 -62.77 -52.48
C ARG Z 73 26.85 -61.68 -52.59
N PHE Z 74 27.47 -61.37 -51.44
CA PHE Z 74 28.47 -60.32 -51.34
C PHE Z 74 29.65 -60.84 -50.53
N ASN Z 75 30.84 -60.79 -51.12
CA ASN Z 75 32.08 -61.13 -50.44
C ASN Z 75 33.07 -59.99 -50.60
N ILE Z 76 33.92 -59.83 -49.58
CA ILE Z 76 34.86 -58.72 -49.55
C ILE Z 76 36.09 -58.97 -50.40
N ASN Z 77 36.33 -60.21 -50.83
CA ASN Z 77 37.45 -60.46 -51.73
C ASN Z 77 37.24 -59.80 -53.08
N ASP Z 78 35.99 -59.67 -53.50
CA ASP Z 78 35.67 -59.06 -54.78
C ASP Z 78 35.76 -57.54 -54.75
N PHE Z 79 35.85 -56.94 -53.57
CA PHE Z 79 35.98 -55.50 -53.42
C PHE Z 79 37.36 -55.07 -52.95
N LEU Z 80 38.03 -55.92 -52.18
CA LEU Z 80 39.33 -55.62 -51.60
C LEU Z 80 40.38 -56.54 -52.19
N PRO Z 81 41.32 -56.08 -53.00
CA PRO Z 81 42.28 -57.00 -53.60
C PRO Z 81 43.33 -57.42 -52.60
N PRO Z 82 44.16 -58.39 -52.95
CA PRO Z 82 45.30 -58.72 -52.10
C PRO Z 82 46.36 -57.65 -52.17
N GLY Z 83 47.06 -57.47 -51.06
CA GLY Z 83 48.08 -56.46 -50.97
C GLY Z 83 49.40 -56.91 -51.52
N GLY Z 84 50.48 -56.52 -50.85
CA GLY Z 84 51.80 -56.90 -51.28
C GLY Z 84 52.80 -56.84 -50.14
N GLY Z 85 53.59 -57.90 -50.01
CA GLY Z 85 54.60 -57.96 -48.99
C GLY Z 85 54.07 -58.48 -47.67
N SER Z 86 54.54 -57.87 -46.57
CA SER Z 86 54.13 -58.28 -45.25
C SER Z 86 52.68 -57.92 -44.96
N ASN Z 87 52.09 -57.03 -45.75
CA ASN Z 87 50.69 -56.69 -45.61
C ASN Z 87 49.87 -57.55 -46.56
N PRO Z 88 49.08 -58.52 -46.08
CA PRO Z 88 48.42 -59.43 -47.02
C PRO Z 88 47.30 -58.79 -47.81
N ARG Z 89 46.72 -57.69 -47.32
CA ARG Z 89 45.63 -57.01 -47.97
C ARG Z 89 46.01 -55.56 -48.25
N SER Z 90 45.26 -54.93 -49.15
CA SER Z 90 45.58 -53.61 -49.62
C SER Z 90 45.12 -52.52 -48.65
N VAL Z 91 44.13 -52.81 -47.83
CA VAL Z 91 43.68 -51.92 -46.75
C VAL Z 91 44.27 -52.46 -45.45
N PRO Z 92 45.23 -51.77 -44.83
CA PRO Z 92 45.94 -52.40 -43.70
C PRO Z 92 45.18 -52.35 -42.38
N PHE Z 93 44.22 -53.26 -42.26
CA PHE Z 93 43.44 -53.42 -41.05
C PHE Z 93 43.23 -54.90 -40.79
N GLU Z 94 42.89 -55.21 -39.54
CA GLU Z 94 42.72 -56.58 -39.09
C GLU Z 94 41.27 -57.04 -39.16
N TYR Z 95 40.36 -56.26 -38.62
CA TYR Z 95 38.96 -56.64 -38.48
C TYR Z 95 38.10 -55.79 -39.39
N TYR Z 96 36.89 -56.28 -39.64
CA TYR Z 96 35.93 -55.56 -40.45
C TYR Z 96 34.53 -55.99 -40.07
N ARG Z 97 33.57 -55.19 -40.48
CA ARG Z 97 32.17 -55.56 -40.40
C ARG Z 97 31.41 -54.69 -41.38
N ILE Z 98 30.60 -55.34 -42.21
CA ILE Z 98 29.88 -54.65 -43.27
C ILE Z 98 28.64 -54.02 -42.68
N ARG Z 99 28.52 -52.70 -42.83
CA ARG Z 99 27.42 -51.94 -42.27
C ARG Z 99 26.21 -51.90 -43.20
N LYS Z 100 26.45 -51.61 -44.47
CA LYS Z 100 25.37 -51.46 -45.44
C LYS Z 100 25.90 -51.90 -46.80
N VAL Z 101 24.96 -52.22 -47.68
CA VAL Z 101 25.25 -52.48 -49.09
C VAL Z 101 24.20 -51.74 -49.91
N LYS Z 102 24.64 -51.19 -51.04
CA LYS Z 102 23.80 -50.53 -52.02
C LYS Z 102 23.96 -51.26 -53.34
N VAL Z 103 22.94 -51.99 -53.72
CA VAL Z 103 22.90 -52.64 -55.02
C VAL Z 103 22.11 -51.75 -55.97
N GLU Z 104 22.74 -51.40 -57.09
CA GLU Z 104 22.16 -50.51 -58.08
C GLU Z 104 22.08 -51.27 -59.39
N PHE Z 105 20.87 -51.46 -59.89
CA PHE Z 105 20.63 -52.01 -61.22
C PHE Z 105 20.56 -50.86 -62.19
N TRP Z 106 21.67 -50.60 -62.86
CA TRP Z 106 21.72 -49.57 -63.89
C TRP Z 106 21.33 -50.19 -65.22
N PRO Z 107 20.26 -49.74 -65.87
CA PRO Z 107 19.84 -50.39 -67.10
C PRO Z 107 20.79 -50.15 -68.24
N CYS Z 108 20.74 -51.07 -69.18
CA CYS Z 108 21.48 -51.01 -70.43
C CYS Z 108 20.58 -50.86 -71.64
N SER Z 109 19.29 -50.78 -71.45
CA SER Z 109 18.29 -50.87 -72.50
C SER Z 109 17.70 -49.49 -72.77
N PRO Z 110 17.30 -49.22 -74.01
CA PRO Z 110 16.75 -47.90 -74.32
C PRO Z 110 15.37 -47.71 -73.74
N ILE Z 111 14.98 -46.44 -73.64
CA ILE Z 111 13.66 -46.12 -73.14
C ILE Z 111 12.55 -46.39 -74.15
N THR Z 112 12.91 -46.77 -75.37
CA THR Z 112 11.94 -47.13 -76.39
C THR Z 112 11.64 -48.63 -76.41
N GLN Z 113 12.26 -49.42 -75.53
CA GLN Z 113 12.08 -50.86 -75.57
C GLN Z 113 10.72 -51.22 -75.02
N GLY Z 114 10.01 -52.10 -75.72
CA GLY Z 114 8.72 -52.54 -75.33
C GLY Z 114 8.74 -53.87 -74.61
N ASP Z 115 7.56 -54.48 -74.52
CA ASP Z 115 7.37 -55.72 -73.78
C ASP Z 115 7.82 -55.55 -72.34
N ARG Z 116 7.46 -54.41 -71.76
CA ARG Z 116 7.85 -54.09 -70.40
C ARG Z 116 7.24 -55.07 -69.42
N GLY Z 117 7.75 -55.04 -68.21
CA GLY Z 117 7.39 -56.00 -67.19
C GLY Z 117 7.49 -55.46 -65.79
N VAL Z 118 7.28 -56.31 -64.81
CA VAL Z 118 7.29 -55.92 -63.41
C VAL Z 118 7.80 -57.08 -62.59
N GLY Z 119 8.80 -56.80 -61.75
CA GLY Z 119 9.45 -57.80 -60.94
C GLY Z 119 9.54 -57.42 -59.49
N SER Z 120 10.42 -58.08 -58.77
CA SER Z 120 10.51 -57.90 -57.33
C SER Z 120 11.91 -58.24 -56.86
N SER Z 121 12.41 -57.44 -55.92
CA SER Z 121 13.67 -57.69 -55.24
C SER Z 121 13.42 -57.76 -53.75
N ALA Z 122 13.93 -58.82 -53.12
CA ALA Z 122 13.74 -59.05 -51.70
C ALA Z 122 15.08 -59.30 -51.03
N VAL Z 123 15.07 -59.14 -49.71
CA VAL Z 123 16.27 -59.24 -48.88
C VAL Z 123 16.23 -60.58 -48.16
N ILE Z 124 17.26 -61.39 -48.39
CA ILE Z 124 17.32 -62.78 -47.95
C ILE Z 124 18.60 -62.96 -47.17
N LEU Z 125 18.52 -62.93 -45.85
CA LEU Z 125 19.68 -62.85 -44.99
C LEU Z 125 20.14 -64.20 -44.46
N ASP Z 126 19.90 -65.31 -45.19
CA ASP Z 126 20.15 -66.64 -44.65
C ASP Z 126 20.68 -67.69 -45.61
N ASP Z 127 20.99 -67.33 -46.86
CA ASP Z 127 21.63 -68.25 -47.78
C ASP Z 127 20.74 -69.40 -48.19
N ASN Z 128 19.42 -69.19 -48.16
CA ASN Z 128 18.46 -70.13 -48.71
C ASN Z 128 17.53 -69.30 -49.58
N PHE Z 129 17.91 -69.20 -50.84
CA PHE Z 129 17.17 -68.47 -51.85
C PHE Z 129 16.16 -69.38 -52.53
N VAL Z 130 15.19 -68.75 -53.19
CA VAL Z 130 14.37 -69.49 -54.13
C VAL Z 130 15.27 -70.03 -55.22
N THR Z 131 14.99 -71.24 -55.66
CA THR Z 131 15.84 -71.90 -56.63
C THR Z 131 15.93 -71.09 -57.91
N LYS Z 132 17.12 -71.05 -58.49
CA LYS Z 132 17.32 -70.33 -59.74
C LYS Z 132 16.47 -70.94 -60.84
N ALA Z 133 15.72 -70.10 -61.53
CA ALA Z 133 14.79 -70.52 -62.55
C ALA Z 133 14.91 -69.59 -63.75
N THR Z 134 14.65 -70.15 -64.92
CA THR Z 134 14.67 -69.40 -66.17
C THR Z 134 13.31 -68.79 -66.48
N ALA Z 135 12.25 -69.59 -66.42
CA ALA Z 135 10.89 -69.13 -66.68
C ALA Z 135 9.97 -69.80 -65.67
N LEU Z 136 9.80 -69.16 -64.52
CA LEU Z 136 8.89 -69.61 -63.49
C LEU Z 136 7.55 -68.90 -63.65
N THR Z 137 6.47 -69.62 -63.40
CA THR Z 137 5.13 -69.16 -63.68
C THR Z 137 4.59 -68.14 -62.68
N TYR Z 138 5.42 -67.64 -61.77
CA TYR Z 138 4.97 -66.67 -60.78
C TYR Z 138 6.20 -65.95 -60.23
N ASP Z 139 5.94 -64.86 -59.54
CA ASP Z 139 6.97 -64.07 -58.88
C ASP Z 139 7.06 -64.53 -57.43
N PRO Z 140 8.10 -65.27 -57.03
CA PRO Z 140 8.13 -65.78 -55.66
C PRO Z 140 8.35 -64.70 -54.63
N TYR Z 141 9.09 -63.65 -54.97
CA TYR Z 141 9.46 -62.62 -54.03
C TYR Z 141 8.42 -61.51 -53.95
N VAL Z 142 7.21 -61.74 -54.42
CA VAL Z 142 6.23 -60.67 -54.51
C VAL Z 142 5.58 -60.41 -53.16
N ASN Z 143 5.27 -61.46 -52.41
CA ASN Z 143 4.61 -61.33 -51.13
C ASN Z 143 5.58 -61.16 -49.97
N TYR Z 144 6.87 -61.06 -50.25
CA TYR Z 144 7.85 -60.84 -49.20
C TYR Z 144 7.71 -59.45 -48.61
N SER Z 145 7.91 -59.37 -47.30
CA SER Z 145 7.82 -58.11 -46.60
C SER Z 145 8.86 -57.11 -47.05
N SER Z 146 9.98 -57.58 -47.62
CA SER Z 146 11.04 -56.73 -48.11
C SER Z 146 11.01 -56.57 -49.62
N ARG Z 147 9.86 -56.77 -50.24
CA ARG Z 147 9.76 -56.66 -51.68
C ARG Z 147 9.69 -55.21 -52.10
N HIS Z 148 10.51 -54.87 -53.07
CA HIS Z 148 10.40 -53.62 -53.81
C HIS Z 148 10.14 -53.99 -55.26
N THR Z 149 9.25 -53.25 -55.89
CA THR Z 149 8.91 -53.49 -57.27
C THR Z 149 10.05 -53.07 -58.19
N ILE Z 150 10.35 -53.92 -59.16
CA ILE Z 150 11.30 -53.64 -60.22
C ILE Z 150 10.47 -53.35 -61.46
N THR Z 151 10.47 -52.10 -61.87
CA THR Z 151 10.02 -51.75 -63.21
C THR Z 151 11.12 -52.09 -64.21
N GLN Z 152 10.72 -52.69 -65.31
CA GLN Z 152 11.63 -53.19 -66.33
C GLN Z 152 11.26 -52.58 -67.67
N PRO Z 153 12.20 -52.53 -68.63
CA PRO Z 153 13.62 -52.85 -68.61
C PRO Z 153 14.55 -51.66 -68.41
N PHE Z 154 14.03 -50.45 -68.59
CA PHE Z 154 14.83 -49.25 -68.70
C PHE Z 154 14.76 -48.38 -67.45
N SER Z 155 14.55 -48.98 -66.31
CA SER Z 155 14.35 -48.25 -65.07
C SER Z 155 15.37 -48.66 -64.04
N TYR Z 156 15.78 -47.69 -63.23
CA TYR Z 156 16.78 -47.88 -62.20
C TYR Z 156 16.14 -48.42 -60.94
N HIS Z 157 16.85 -49.34 -60.29
CA HIS Z 157 16.40 -50.00 -59.09
C HIS Z 157 17.55 -50.03 -58.10
N SER Z 158 17.33 -49.45 -56.92
CA SER Z 158 18.31 -49.47 -55.84
C SER Z 158 17.74 -50.20 -54.64
N ARG Z 159 18.62 -50.84 -53.89
CA ARG Z 159 18.28 -51.47 -52.63
C ARG Z 159 19.41 -51.19 -51.66
N TYR Z 160 19.06 -50.66 -50.49
CA TYR Z 160 20.00 -50.25 -49.47
C TYR Z 160 19.63 -50.94 -48.17
N PHE Z 161 20.49 -51.82 -47.70
CA PHE Z 161 20.17 -52.68 -46.58
C PHE Z 161 21.46 -53.10 -45.89
N THR Z 162 21.29 -53.81 -44.78
CA THR Z 162 22.38 -54.30 -43.95
C THR Z 162 22.50 -55.81 -44.11
N PRO Z 163 23.55 -56.32 -44.74
CA PRO Z 163 23.65 -57.76 -44.91
C PRO Z 163 24.05 -58.48 -43.64
N LYS Z 164 24.12 -59.80 -43.71
CA LYS Z 164 24.48 -60.63 -42.59
C LYS Z 164 25.46 -61.69 -43.07
N PRO Z 165 26.44 -62.07 -42.26
CA PRO Z 165 27.37 -63.11 -42.69
C PRO Z 165 26.85 -64.51 -42.46
N VAL Z 166 27.42 -65.43 -43.23
CA VAL Z 166 27.05 -66.83 -43.18
C VAL Z 166 28.01 -67.49 -42.19
N LEU Z 167 27.61 -67.49 -40.93
CA LEU Z 167 28.40 -68.09 -39.87
C LEU Z 167 28.20 -69.59 -39.80
N ASP Z 168 26.96 -70.05 -39.89
CA ASP Z 168 26.64 -71.47 -39.94
C ASP Z 168 25.52 -71.66 -40.95
N SER Z 169 25.84 -72.25 -42.09
CA SER Z 169 24.84 -72.49 -43.12
C SER Z 169 23.87 -73.59 -42.74
N THR Z 170 24.21 -74.42 -41.76
CA THR Z 170 23.31 -75.49 -41.33
C THR Z 170 22.16 -74.94 -40.50
N ILE Z 171 22.43 -73.98 -39.63
CA ILE Z 171 21.45 -73.41 -38.72
C ILE Z 171 20.94 -72.10 -39.27
N ASP Z 172 21.81 -71.35 -39.93
CA ASP Z 172 21.47 -70.09 -40.57
C ASP Z 172 20.91 -69.10 -39.57
N TYR Z 173 21.77 -68.70 -38.63
CA TYR Z 173 21.43 -67.71 -37.62
C TYR Z 173 22.10 -66.38 -37.93
N PHE Z 174 21.42 -65.30 -37.59
CA PHE Z 174 21.96 -63.97 -37.81
C PHE Z 174 21.45 -63.03 -36.74
N GLN Z 175 22.08 -61.94 -36.64
CA GLN Z 175 21.82 -60.91 -35.66
C GLN Z 175 20.83 -59.87 -36.19
N PRO Z 176 20.03 -59.27 -35.33
CA PRO Z 176 19.26 -58.11 -35.77
C PRO Z 176 20.14 -56.88 -35.92
N ASN Z 177 19.57 -55.82 -36.44
CA ASN Z 177 20.33 -54.62 -36.75
C ASN Z 177 20.65 -53.87 -35.46
N ASN Z 178 21.94 -53.77 -35.16
CA ASN Z 178 22.41 -53.03 -34.00
C ASN Z 178 23.83 -52.59 -34.32
N LYS Z 179 24.04 -51.28 -34.46
CA LYS Z 179 25.36 -50.82 -34.82
C LYS Z 179 26.37 -51.07 -33.72
N ARG Z 180 25.92 -51.09 -32.47
CA ARG Z 180 26.85 -51.22 -31.35
C ARG Z 180 27.22 -52.66 -31.07
N ASN Z 181 26.37 -53.61 -31.43
CA ASN Z 181 26.54 -55.01 -31.11
C ASN Z 181 26.92 -55.86 -32.32
N GLN Z 182 27.10 -55.26 -33.49
CA GLN Z 182 27.43 -56.02 -34.68
C GLN Z 182 28.80 -56.67 -34.54
N LEU Z 183 28.88 -57.93 -34.92
CA LEU Z 183 30.10 -58.69 -34.79
C LEU Z 183 31.18 -58.14 -35.69
N TRP Z 184 32.42 -58.21 -35.20
CA TRP Z 184 33.60 -57.95 -35.99
C TRP Z 184 34.11 -59.26 -36.52
N LEU Z 185 34.28 -59.35 -37.82
CA LEU Z 185 34.93 -60.46 -38.47
C LEU Z 185 36.38 -60.11 -38.73
N ARG Z 186 37.16 -61.14 -39.04
CA ARG Z 186 38.55 -60.96 -39.42
C ARG Z 186 38.65 -60.82 -40.93
N LEU Z 187 39.49 -59.89 -41.35
CA LEU Z 187 39.84 -59.72 -42.75
C LEU Z 187 40.89 -60.76 -43.10
N GLN Z 188 40.41 -61.90 -43.58
CA GLN Z 188 41.28 -62.99 -43.94
C GLN Z 188 42.11 -62.63 -45.17
N THR Z 189 43.04 -63.51 -45.50
CA THR Z 189 43.92 -63.28 -46.65
C THR Z 189 43.23 -63.66 -47.96
N ALA Z 190 42.71 -64.89 -48.06
CA ALA Z 190 42.02 -65.34 -49.26
C ALA Z 190 40.80 -66.20 -48.99
N GLY Z 191 40.18 -66.07 -47.82
CA GLY Z 191 39.11 -66.98 -47.42
C GLY Z 191 37.97 -66.33 -46.67
N ASN Z 192 37.66 -65.09 -47.00
CA ASN Z 192 36.63 -64.37 -46.28
C ASN Z 192 35.25 -65.00 -46.51
N VAL Z 193 34.36 -64.74 -45.58
CA VAL Z 193 33.04 -65.37 -45.54
C VAL Z 193 32.07 -64.57 -46.38
N ASP Z 194 31.12 -65.28 -46.98
CA ASP Z 194 30.17 -64.66 -47.88
C ASP Z 194 29.06 -64.00 -47.08
N HIS Z 195 28.80 -62.74 -47.39
CA HIS Z 195 27.62 -62.05 -46.91
C HIS Z 195 26.50 -62.21 -47.92
N VAL Z 196 25.28 -62.06 -47.43
CA VAL Z 196 24.09 -62.47 -48.16
C VAL Z 196 23.00 -61.44 -47.88
N GLY Z 197 21.95 -61.46 -48.72
CA GLY Z 197 20.93 -60.45 -48.58
C GLY Z 197 20.19 -59.90 -49.78
N LEU Z 198 20.30 -60.50 -50.96
CA LEU Z 198 19.42 -60.06 -52.04
C LEU Z 198 19.06 -61.18 -52.99
N GLY Z 199 17.77 -61.26 -53.29
CA GLY Z 199 17.28 -62.13 -54.33
C GLY Z 199 16.29 -61.39 -55.20
N THR Z 200 16.26 -61.74 -56.48
CA THR Z 200 15.55 -60.99 -57.49
C THR Z 200 14.64 -61.91 -58.29
N ALA Z 201 13.67 -61.29 -58.95
CA ALA Z 201 12.80 -61.97 -59.90
C ALA Z 201 12.46 -60.99 -61.00
N PHE Z 202 12.97 -61.25 -62.20
CA PHE Z 202 12.76 -60.41 -63.37
C PHE Z 202 11.80 -61.08 -64.32
N GLU Z 203 10.85 -60.31 -64.84
CA GLU Z 203 9.90 -60.80 -65.81
C GLU Z 203 10.55 -60.88 -67.17
N ASN Z 204 10.43 -62.05 -67.79
CA ASN Z 204 11.08 -62.29 -69.07
C ASN Z 204 10.39 -61.49 -70.17
N SER Z 205 11.05 -61.42 -71.33
CA SER Z 205 10.61 -60.59 -72.43
C SER Z 205 11.10 -61.19 -73.74
N ILE Z 206 10.55 -60.67 -74.84
CA ILE Z 206 10.98 -61.09 -76.16
C ILE Z 206 12.39 -60.59 -76.45
N TYR Z 207 12.76 -59.46 -75.86
CA TYR Z 207 14.06 -58.86 -76.05
C TYR Z 207 14.95 -59.15 -74.84
N ASP Z 208 16.25 -59.10 -75.07
CA ASP Z 208 17.21 -59.29 -73.99
C ASP Z 208 17.27 -58.06 -73.11
N GLN Z 209 17.23 -58.27 -71.80
CA GLN Z 209 17.29 -57.21 -70.80
C GLN Z 209 18.64 -57.29 -70.09
N GLU Z 210 19.51 -56.33 -70.37
CA GLU Z 210 20.84 -56.27 -69.79
C GLU Z 210 20.89 -55.20 -68.71
N TYR Z 211 21.75 -55.44 -67.72
CA TYR Z 211 21.94 -54.53 -66.61
C TYR Z 211 23.41 -54.50 -66.24
N ASN Z 212 23.86 -53.33 -65.78
CA ASN Z 212 25.18 -53.16 -65.17
C ASN Z 212 24.95 -52.94 -63.69
N ILE Z 213 25.33 -53.93 -62.88
CA ILE Z 213 25.03 -53.91 -61.46
C ILE Z 213 26.25 -53.41 -60.72
N ARG Z 214 26.06 -52.34 -59.94
CA ARG Z 214 27.11 -51.72 -59.14
C ARG Z 214 26.77 -51.93 -57.68
N VAL Z 215 27.56 -52.74 -57.01
CA VAL Z 215 27.43 -53.00 -55.59
C VAL Z 215 28.43 -52.13 -54.86
N THR Z 216 27.96 -51.43 -53.83
CA THR Z 216 28.77 -50.58 -52.99
C THR Z 216 28.59 -51.05 -51.57
N MET Z 217 29.69 -51.46 -50.94
CA MET Z 217 29.69 -51.89 -49.56
C MET Z 217 30.29 -50.81 -48.67
N TYR Z 218 29.56 -50.45 -47.63
CA TYR Z 218 29.99 -49.48 -46.63
C TYR Z 218 30.51 -50.26 -45.43
N VAL Z 219 31.84 -50.27 -45.27
CA VAL Z 219 32.50 -51.14 -44.32
C VAL Z 219 33.10 -50.30 -43.22
N GLN Z 220 33.52 -50.98 -42.16
CA GLN Z 220 34.10 -50.36 -40.98
C GLN Z 220 35.21 -51.29 -40.51
N PHE Z 221 36.43 -50.81 -40.57
CA PHE Z 221 37.61 -51.57 -40.19
C PHE Z 221 38.07 -51.19 -38.80
N ARG Z 222 39.05 -51.95 -38.29
CA ARG Z 222 39.55 -51.77 -36.94
C ARG Z 222 40.96 -52.30 -36.87
N GLU Z 223 41.76 -51.69 -35.99
CA GLU Z 223 43.10 -52.14 -35.65
C GLU Z 223 44.03 -52.11 -36.87
N PHE Z 224 44.34 -50.89 -37.28
CA PHE Z 224 45.42 -50.59 -38.20
C PHE Z 224 46.66 -51.39 -37.87
N ASN Z 225 47.13 -52.19 -38.83
CA ASN Z 225 48.16 -53.18 -38.59
C ASN Z 225 49.23 -53.15 -39.67
N LEU Z 226 49.64 -51.96 -40.06
CA LEU Z 226 50.66 -51.85 -41.08
C LEU Z 226 51.99 -52.40 -40.57
N LYS Z 227 52.73 -53.05 -41.46
CA LYS Z 227 54.03 -53.61 -41.17
C LYS Z 227 55.07 -52.97 -42.07
N ASP Z 228 56.13 -52.45 -41.46
CA ASP Z 228 57.14 -51.66 -42.15
C ASP Z 228 58.50 -52.29 -41.93
N PRO Z 229 58.87 -53.28 -42.74
CA PRO Z 229 60.22 -53.81 -42.68
C PRO Z 229 61.20 -52.85 -43.31
N PRO Z 230 62.50 -53.06 -43.10
CA PRO Z 230 63.49 -52.24 -43.80
C PRO Z 230 63.54 -52.54 -45.29
N LEU Z 231 64.43 -51.85 -46.00
CA LEU Z 231 64.57 -51.99 -47.44
C LEU Z 231 66.04 -51.95 -47.86
N GLY AA 43 -8.07 -63.46 -32.59
CA GLY AA 43 -6.70 -63.50 -33.08
C GLY AA 43 -6.53 -62.87 -34.44
N ILE AA 44 -6.42 -61.55 -34.44
CA ILE AA 44 -6.41 -60.78 -35.67
C ILE AA 44 -5.05 -60.85 -36.31
N PHE AA 45 -5.04 -60.88 -37.64
CA PHE AA 45 -3.81 -60.82 -38.42
C PHE AA 45 -4.12 -60.12 -39.73
N ASN AA 46 -3.76 -58.85 -39.82
CA ASN AA 46 -3.87 -58.11 -41.06
C ASN AA 46 -2.65 -58.37 -41.92
N THR AA 47 -2.89 -58.77 -43.17
CA THR AA 47 -1.81 -59.00 -44.11
C THR AA 47 -2.23 -58.52 -45.49
N ARG AA 48 -1.44 -58.93 -46.49
CA ARG AA 48 -1.57 -58.44 -47.85
C ARG AA 48 -1.27 -59.58 -48.80
N LEU AA 49 -2.19 -59.82 -49.72
CA LEU AA 49 -2.11 -60.90 -50.69
C LEU AA 49 -2.24 -60.31 -52.08
N SER AA 50 -1.41 -60.79 -53.00
CA SER AA 50 -1.33 -60.26 -54.35
C SER AA 50 -1.48 -61.38 -55.37
N ARG AA 51 -1.63 -60.95 -56.62
CA ARG AA 51 -1.93 -61.81 -57.75
C ARG AA 51 -1.78 -60.96 -59.00
N THR AA 52 -1.24 -61.55 -60.05
CA THR AA 52 -0.93 -60.84 -61.29
C THR AA 52 -1.45 -61.63 -62.48
N PHE AA 53 -2.02 -60.92 -63.43
CA PHE AA 53 -2.58 -61.53 -64.63
C PHE AA 53 -2.67 -60.47 -65.72
N GLY AA 54 -2.95 -60.94 -66.93
CA GLY AA 54 -2.97 -60.10 -68.10
C GLY AA 54 -4.35 -59.72 -68.62
N TYR AA 55 -4.41 -58.62 -69.34
CA TYR AA 55 -5.61 -58.15 -70.00
C TYR AA 55 -5.21 -57.41 -71.26
N THR AA 56 -5.83 -57.75 -72.38
CA THR AA 56 -5.52 -57.14 -73.67
C THR AA 56 -6.79 -56.61 -74.30
N ILE AA 57 -6.67 -55.44 -74.89
CA ILE AA 57 -7.72 -54.82 -75.71
C ILE AA 57 -7.25 -54.95 -77.14
N LYS AA 58 -7.86 -55.87 -77.88
CA LYS AA 58 -7.46 -56.14 -79.25
C LYS AA 58 -7.76 -54.95 -80.15
N ARG AA 59 -7.06 -54.91 -81.27
CA ARG AA 59 -7.19 -53.83 -82.23
C ARG AA 59 -8.52 -53.93 -82.98
N THR AA 60 -8.92 -52.80 -83.57
CA THR AA 60 -10.14 -52.71 -84.36
C THR AA 60 -9.91 -51.78 -85.54
N THR AA 61 -10.41 -52.17 -86.70
CA THR AA 61 -10.41 -51.32 -87.88
C THR AA 61 -11.48 -50.24 -87.84
N VAL AA 62 -12.36 -50.26 -86.84
CA VAL AA 62 -13.41 -49.26 -86.72
C VAL AA 62 -12.79 -47.88 -86.60
N LYS AA 63 -13.37 -46.92 -87.32
CA LYS AA 63 -12.85 -45.56 -87.35
C LYS AA 63 -13.33 -44.74 -86.17
N THR AA 64 -14.57 -44.94 -85.75
CA THR AA 64 -15.16 -44.15 -84.70
C THR AA 64 -14.46 -44.37 -83.38
N PRO AA 65 -14.69 -43.50 -82.40
CA PRO AA 65 -14.25 -43.80 -81.03
C PRO AA 65 -15.23 -44.76 -80.39
N SER AA 66 -14.81 -46.00 -80.23
CA SER AA 66 -15.57 -47.02 -79.54
C SER AA 66 -14.80 -47.49 -78.31
N TRP AA 67 -15.53 -48.02 -77.35
CA TRP AA 67 -14.96 -48.47 -76.09
C TRP AA 67 -15.21 -49.96 -75.89
N ALA AA 68 -14.25 -50.58 -75.20
CA ALA AA 68 -14.30 -51.99 -74.86
C ALA AA 68 -14.60 -52.12 -73.37
N VAL AA 69 -15.69 -52.79 -73.05
CA VAL AA 69 -16.19 -52.89 -71.69
C VAL AA 69 -15.87 -54.27 -71.17
N ASP AA 70 -15.50 -54.34 -69.89
CA ASP AA 70 -15.23 -55.60 -69.23
C ASP AA 70 -15.41 -55.40 -67.74
N MET AA 71 -15.45 -56.53 -67.04
CA MET AA 71 -15.71 -56.58 -65.61
C MET AA 71 -14.53 -57.19 -64.88
N MET AA 72 -14.58 -57.06 -63.55
CA MET AA 72 -13.50 -57.56 -62.70
C MET AA 72 -14.06 -57.90 -61.34
N ARG AA 73 -14.04 -59.18 -60.99
CA ARG AA 73 -14.41 -59.68 -59.69
C ARG AA 73 -13.16 -60.10 -58.93
N PHE AA 74 -13.32 -60.33 -57.62
CA PHE AA 74 -12.23 -60.71 -56.74
C PHE AA 74 -12.67 -61.84 -55.85
N ASN AA 75 -11.93 -62.95 -55.89
CA ASN AA 75 -12.16 -64.09 -55.00
C ASN AA 75 -10.86 -64.44 -54.29
N ILE AA 76 -10.99 -64.95 -53.08
CA ILE AA 76 -9.83 -65.26 -52.26
C ILE AA 76 -9.18 -66.59 -52.62
N ASN AA 77 -9.84 -67.44 -53.40
CA ASN AA 77 -9.20 -68.66 -53.84
C ASN AA 77 -8.04 -68.37 -54.78
N ASP AA 78 -8.13 -67.28 -55.54
CA ASP AA 78 -7.08 -66.91 -56.47
C ASP AA 78 -5.88 -66.30 -55.79
N PHE AA 79 -5.99 -65.91 -54.53
CA PHE AA 79 -4.90 -65.34 -53.75
C PHE AA 79 -4.36 -66.27 -52.70
N LEU AA 80 -5.22 -67.13 -52.14
CA LEU AA 80 -4.86 -68.04 -51.06
C LEU AA 80 -4.94 -69.47 -51.54
N PRO AA 81 -3.84 -70.20 -51.70
CA PRO AA 81 -3.94 -71.55 -52.23
C PRO AA 81 -4.46 -72.51 -51.17
N PRO AA 82 -4.76 -73.75 -51.57
CA PRO AA 82 -5.10 -74.75 -50.58
C PRO AA 82 -3.87 -75.20 -49.80
N GLY AA 83 -4.10 -75.54 -48.54
CA GLY AA 83 -3.02 -75.95 -47.68
C GLY AA 83 -2.65 -77.41 -47.84
N GLY AA 84 -2.35 -78.06 -46.73
CA GLY AA 84 -1.99 -79.46 -46.75
C GLY AA 84 -2.22 -80.13 -45.42
N GLY AA 85 -2.86 -81.29 -45.45
CA GLY AA 85 -3.12 -82.05 -44.25
C GLY AA 85 -4.39 -81.61 -43.56
N SER AA 86 -4.33 -81.57 -42.23
CA SER AA 86 -5.50 -81.19 -41.44
C SER AA 86 -5.84 -79.72 -41.57
N ASN AA 87 -4.91 -78.91 -42.08
CA ASN AA 87 -5.17 -77.51 -42.34
C ASN AA 87 -5.61 -77.34 -43.79
N PRO AA 88 -6.87 -77.03 -44.08
CA PRO AA 88 -7.31 -77.02 -45.47
C PRO AA 88 -6.76 -75.87 -46.27
N ARG AA 89 -6.35 -74.78 -45.63
CA ARG AA 89 -5.81 -73.61 -46.30
C ARG AA 89 -4.41 -73.31 -45.80
N SER AA 90 -3.69 -72.50 -46.57
CA SER AA 90 -2.30 -72.24 -46.30
C SER AA 90 -2.10 -71.19 -45.21
N VAL AA 91 -3.09 -70.33 -45.01
CA VAL AA 91 -3.10 -69.37 -43.91
C VAL AA 91 -4.01 -69.93 -42.83
N PRO AA 92 -3.49 -70.35 -41.66
CA PRO AA 92 -4.35 -71.08 -40.74
C PRO AA 92 -5.25 -70.20 -39.89
N PHE AA 93 -6.34 -69.76 -40.51
CA PHE AA 93 -7.35 -68.97 -39.84
C PHE AA 93 -8.72 -69.43 -40.30
N GLU AA 94 -9.73 -69.09 -39.52
CA GLU AA 94 -11.11 -69.49 -39.76
C GLU AA 94 -11.90 -68.47 -40.54
N TYR AA 95 -11.87 -67.23 -40.10
CA TYR AA 95 -12.69 -66.16 -40.65
C TYR AA 95 -11.83 -65.14 -41.38
N TYR AA 96 -12.47 -64.37 -42.23
CA TYR AA 96 -11.79 -63.32 -42.97
C TYR AA 96 -12.79 -62.24 -43.34
N ARG AA 97 -12.25 -61.08 -43.70
CA ARG AA 97 -13.04 -60.02 -44.29
C ARG AA 97 -12.09 -59.11 -45.05
N ILE AA 98 -12.42 -58.83 -46.29
CA ILE AA 98 -11.55 -58.05 -47.16
C ILE AA 98 -11.78 -56.58 -46.86
N ARG AA 99 -10.71 -55.90 -46.49
CA ARG AA 99 -10.76 -54.49 -46.11
C ARG AA 99 -10.63 -53.57 -47.31
N LYS AA 100 -9.65 -53.83 -48.17
CA LYS AA 100 -9.38 -52.98 -49.32
C LYS AA 100 -8.83 -53.85 -50.44
N VAL AA 101 -8.93 -53.32 -51.66
CA VAL AA 101 -8.28 -53.90 -52.83
C VAL AA 101 -7.62 -52.78 -53.60
N LYS AA 102 -6.46 -53.08 -54.16
CA LYS AA 102 -5.70 -52.18 -55.01
C LYS AA 102 -5.52 -52.87 -56.35
N VAL AA 103 -6.22 -52.39 -57.35
CA VAL AA 103 -6.06 -52.85 -58.72
C VAL AA 103 -5.11 -51.90 -59.43
N GLU AA 104 -4.05 -52.45 -59.99
CA GLU AA 104 -3.02 -51.69 -60.68
C GLU AA 104 -2.95 -52.17 -62.11
N PHE AA 105 -3.23 -51.28 -63.05
CA PHE AA 105 -3.04 -51.54 -64.47
C PHE AA 105 -1.64 -51.09 -64.84
N TRP AA 106 -0.73 -52.04 -64.88
CA TRP AA 106 0.64 -51.76 -65.29
C TRP AA 106 0.73 -51.91 -66.81
N PRO AA 107 1.07 -50.87 -67.55
CA PRO AA 107 1.08 -51.00 -69.00
C PRO AA 107 2.18 -51.90 -69.52
N CYS AA 108 1.93 -52.42 -70.71
CA CYS AA 108 2.88 -53.23 -71.44
C CYS AA 108 3.33 -52.57 -72.73
N SER AA 109 2.88 -51.36 -73.00
CA SER AA 109 3.04 -50.71 -74.28
C SER AA 109 4.07 -49.60 -74.16
N PRO AA 110 4.81 -49.31 -75.23
CA PRO AA 110 5.83 -48.27 -75.16
C PRO AA 110 5.23 -46.89 -75.10
N ILE AA 111 6.05 -45.94 -74.63
CA ILE AA 111 5.60 -44.55 -74.57
C ILE AA 111 5.56 -43.87 -75.93
N THR AA 112 6.03 -44.54 -76.98
CA THR AA 112 5.95 -44.03 -78.34
C THR AA 112 4.71 -44.46 -79.07
N GLN AA 113 3.82 -45.23 -78.44
CA GLN AA 113 2.66 -45.75 -79.12
C GLN AA 113 1.63 -44.65 -79.30
N GLY AA 114 1.09 -44.56 -80.51
CA GLY AA 114 0.11 -43.56 -80.84
C GLY AA 114 -1.31 -44.08 -80.77
N ASP AA 115 -2.21 -43.33 -81.38
CA ASP AA 115 -3.65 -43.63 -81.34
C ASP AA 115 -4.11 -43.72 -79.89
N ARG AA 116 -3.65 -42.78 -79.08
CA ARG AA 116 -3.99 -42.77 -77.67
C ARG AA 116 -5.48 -42.53 -77.48
N GLY AA 117 -5.93 -42.79 -76.26
CA GLY AA 117 -7.33 -42.75 -75.94
C GLY AA 117 -7.60 -42.37 -74.50
N VAL AA 118 -8.86 -42.44 -74.12
CA VAL AA 118 -9.28 -42.05 -72.78
C VAL AA 118 -10.47 -42.90 -72.38
N GLY AA 119 -10.36 -43.51 -71.20
CA GLY AA 119 -11.36 -44.43 -70.70
C GLY AA 119 -11.79 -44.09 -69.29
N SER AA 120 -12.41 -45.06 -68.64
CA SER AA 120 -13.00 -44.84 -67.33
C SER AA 120 -13.06 -46.14 -66.56
N SER AA 121 -12.77 -46.06 -65.26
CA SER AA 121 -12.90 -47.17 -64.34
C SER AA 121 -13.83 -46.76 -63.21
N ALA AA 122 -14.82 -47.59 -62.93
CA ALA AA 122 -15.82 -47.31 -61.92
C ALA AA 122 -15.94 -48.49 -60.96
N VAL AA 123 -16.51 -48.21 -59.80
CA VAL AA 123 -16.64 -49.17 -58.71
C VAL AA 123 -18.07 -49.66 -58.66
N ILE AA 124 -18.26 -50.97 -58.82
CA ILE AA 124 -19.56 -51.58 -59.00
C ILE AA 124 -19.69 -52.69 -57.95
N LEU AA 125 -20.39 -52.37 -56.86
CA LEU AA 125 -20.41 -53.22 -55.68
C LEU AA 125 -21.60 -54.17 -55.64
N ASP AA 126 -22.16 -54.60 -56.78
CA ASP AA 126 -23.42 -55.33 -56.78
C ASP AA 126 -23.55 -56.44 -57.81
N ASP AA 127 -22.53 -56.73 -58.60
CA ASP AA 127 -22.54 -57.87 -59.51
C ASP AA 127 -23.53 -57.68 -60.65
N ASN AA 128 -23.81 -56.44 -61.02
CA ASN AA 128 -24.56 -56.12 -62.22
C ASN AA 128 -23.76 -55.05 -62.94
N PHE AA 129 -22.88 -55.53 -63.82
CA PHE AA 129 -22.03 -54.69 -64.63
C PHE AA 129 -22.71 -54.35 -65.94
N VAL AA 130 -22.19 -53.32 -66.60
CA VAL AA 130 -22.54 -53.08 -67.98
C VAL AA 130 -22.08 -54.29 -68.79
N THR AA 131 -22.91 -54.68 -69.75
CA THR AA 131 -22.64 -55.88 -70.52
C THR AA 131 -21.30 -55.77 -71.22
N LYS AA 132 -20.57 -56.89 -71.26
CA LYS AA 132 -19.29 -56.92 -71.93
C LYS AA 132 -19.47 -56.64 -73.41
N ALA AA 133 -18.68 -55.69 -73.92
CA ALA AA 133 -18.77 -55.22 -75.28
C ALA AA 133 -17.38 -55.09 -75.87
N THR AA 134 -17.28 -55.30 -77.17
CA THR AA 134 -16.03 -55.16 -77.90
C THR AA 134 -15.83 -53.75 -78.40
N ALA AA 135 -16.83 -53.18 -79.07
CA ALA AA 135 -16.78 -51.82 -79.60
C ALA AA 135 -18.13 -51.18 -79.37
N LEU AA 136 -18.28 -50.55 -78.21
CA LEU AA 136 -19.47 -49.80 -77.86
C LEU AA 136 -19.27 -48.33 -78.19
N THR AA 137 -20.33 -47.69 -78.67
CA THR AA 137 -20.26 -46.34 -79.20
C THR AA 137 -20.14 -45.25 -78.15
N TYR AA 138 -19.97 -45.60 -76.89
CA TYR AA 138 -19.86 -44.62 -75.83
C TYR AA 138 -19.19 -45.26 -74.63
N ASP AA 139 -18.78 -44.41 -73.69
CA ASP AA 139 -18.19 -44.84 -72.44
C ASP AA 139 -19.28 -44.92 -71.38
N PRO AA 140 -19.73 -46.11 -70.98
CA PRO AA 140 -20.84 -46.15 -70.02
C PRO AA 140 -20.46 -45.69 -68.64
N TYR AA 141 -19.21 -45.90 -68.23
CA TYR AA 141 -18.78 -45.60 -66.89
C TYR AA 141 -18.29 -44.17 -66.73
N VAL AA 142 -18.63 -43.29 -67.67
CA VAL AA 142 -18.05 -41.95 -67.67
C VAL AA 142 -18.77 -41.05 -66.67
N ASN AA 143 -20.09 -41.16 -66.58
CA ASN AA 143 -20.87 -40.32 -65.70
C ASN AA 143 -21.04 -40.91 -64.32
N TYR AA 144 -20.39 -42.04 -64.03
CA TYR AA 144 -20.45 -42.62 -62.70
C TYR AA 144 -19.72 -41.76 -61.70
N SER AA 145 -20.27 -41.70 -60.50
CA SER AA 145 -19.69 -40.93 -59.42
C SER AA 145 -18.32 -41.45 -59.01
N SER AA 146 -18.03 -42.71 -59.27
CA SER AA 146 -16.76 -43.33 -58.94
C SER AA 146 -15.85 -43.47 -60.15
N ARG AA 147 -16.05 -42.65 -61.17
CA ARG AA 147 -15.26 -42.74 -62.37
C ARG AA 147 -13.91 -42.07 -62.15
N HIS AA 148 -12.86 -42.77 -62.53
CA HIS AA 148 -11.53 -42.21 -62.68
C HIS AA 148 -11.13 -42.38 -64.13
N THR AA 149 -10.51 -41.36 -64.68
CA THR AA 149 -10.09 -41.39 -66.06
C THR AA 149 -8.90 -42.33 -66.25
N ILE AA 150 -8.97 -43.13 -67.29
CA ILE AA 150 -7.87 -43.99 -67.71
C ILE AA 150 -7.26 -43.33 -68.93
N THR AA 151 -6.05 -42.81 -68.77
CA THR AA 151 -5.23 -42.47 -69.90
C THR AA 151 -4.62 -43.73 -70.48
N GLN AA 152 -4.64 -43.83 -71.80
CA GLN AA 152 -4.20 -45.02 -72.52
C GLN AA 152 -3.13 -44.62 -73.52
N PRO AA 153 -2.28 -45.56 -73.95
CA PRO AA 153 -2.08 -46.95 -73.54
C PRO AA 153 -0.95 -47.18 -72.56
N PHE AA 154 -0.08 -46.18 -72.40
CA PHE AA 154 1.19 -46.34 -71.72
C PHE AA 154 1.20 -45.69 -70.35
N SER AA 155 0.05 -45.61 -69.71
CA SER AA 155 -0.10 -44.90 -68.44
C SER AA 155 -0.63 -45.83 -67.38
N TYR AA 156 -0.16 -45.61 -66.16
CA TYR AA 156 -0.51 -46.41 -65.00
C TYR AA 156 -1.82 -45.91 -64.40
N HIS AA 157 -2.65 -46.86 -63.98
CA HIS AA 157 -3.95 -46.58 -63.40
C HIS AA 157 -4.12 -47.44 -62.17
N SER AA 158 -4.36 -46.82 -61.03
CA SER AA 158 -4.62 -47.49 -59.77
C SER AA 158 -6.02 -47.15 -59.28
N ARG AA 159 -6.63 -48.10 -58.60
CA ARG AA 159 -7.91 -47.90 -57.92
C ARG AA 159 -7.82 -48.60 -56.58
N TYR AA 160 -8.13 -47.87 -55.52
CA TYR AA 160 -8.04 -48.36 -54.14
C TYR AA 160 -9.39 -48.15 -53.49
N PHE AA 161 -10.05 -49.23 -53.13
CA PHE AA 161 -11.42 -49.18 -52.67
C PHE AA 161 -11.70 -50.39 -51.79
N THR AA 162 -12.89 -50.41 -51.22
CA THR AA 162 -13.35 -51.45 -50.33
C THR AA 162 -14.41 -52.29 -51.04
N PRO AA 163 -14.15 -53.54 -51.39
CA PRO AA 163 -15.16 -54.31 -52.09
C PRO AA 163 -16.26 -54.80 -51.17
N LYS AA 164 -17.24 -55.49 -51.74
CA LYS AA 164 -18.36 -56.01 -51.01
C LYS AA 164 -18.64 -57.43 -51.49
N PRO AA 165 -19.05 -58.34 -50.60
CA PRO AA 165 -19.33 -59.69 -51.05
C PRO AA 165 -20.72 -59.86 -51.63
N VAL AA 166 -20.84 -60.91 -52.44
CA VAL AA 166 -22.10 -61.23 -53.11
C VAL AA 166 -22.82 -62.21 -52.20
N LEU AA 167 -23.62 -61.66 -51.28
CA LEU AA 167 -24.38 -62.48 -50.35
C LEU AA 167 -25.67 -62.99 -50.98
N ASP AA 168 -26.38 -62.13 -51.70
CA ASP AA 168 -27.57 -62.52 -52.44
C ASP AA 168 -27.55 -61.78 -53.77
N SER AA 169 -27.31 -62.52 -54.85
CA SER AA 169 -27.29 -61.92 -56.18
C SER AA 169 -28.66 -61.52 -56.66
N THR AA 170 -29.73 -62.05 -56.06
CA THR AA 170 -31.09 -61.69 -56.46
C THR AA 170 -31.47 -60.31 -55.98
N ILE AA 171 -31.07 -59.97 -54.74
CA ILE AA 171 -31.44 -58.71 -54.11
C ILE AA 171 -30.28 -57.73 -54.22
N ASP AA 172 -29.06 -58.25 -54.15
CA ASP AA 172 -27.84 -57.47 -54.30
C ASP AA 172 -27.77 -56.36 -53.26
N TYR AA 173 -27.68 -56.77 -52.00
CA TYR AA 173 -27.54 -55.86 -50.87
C TYR AA 173 -26.12 -55.88 -50.35
N PHE AA 174 -25.66 -54.74 -49.86
CA PHE AA 174 -24.32 -54.62 -49.30
C PHE AA 174 -24.32 -53.57 -48.21
N GLN AA 175 -23.30 -53.61 -47.45
CA GLN AA 175 -23.10 -52.75 -46.30
C GLN AA 175 -22.34 -51.50 -46.69
N PRO AA 176 -22.57 -50.38 -46.02
CA PRO AA 176 -21.67 -49.25 -46.18
C PRO AA 176 -20.34 -49.46 -45.49
N ASN AA 177 -19.42 -48.55 -45.70
CA ASN AA 177 -18.07 -48.70 -45.19
C ASN AA 177 -18.06 -48.45 -43.69
N ASN AA 178 -17.71 -49.46 -42.93
CA ASN AA 178 -17.58 -49.36 -41.48
C ASN AA 178 -16.62 -50.43 -41.05
N LYS AA 179 -15.45 -50.04 -40.56
CA LYS AA 179 -14.46 -51.03 -40.19
C LYS AA 179 -14.92 -51.86 -39.00
N ARG AA 180 -15.73 -51.29 -38.12
CA ARG AA 180 -16.12 -51.98 -36.90
C ARG AA 180 -17.28 -52.92 -37.12
N ASN AA 181 -18.12 -52.67 -38.12
CA ASN AA 181 -19.33 -53.43 -38.36
C ASN AA 181 -19.24 -54.34 -39.58
N GLN AA 182 -18.09 -54.40 -40.24
CA GLN AA 182 -17.96 -55.23 -41.44
C GLN AA 182 -18.09 -56.69 -41.08
N LEU AA 183 -18.86 -57.41 -41.89
CA LEU AA 183 -19.13 -58.81 -41.64
C LEU AA 183 -17.87 -59.64 -41.77
N TRP AA 184 -17.78 -60.66 -40.95
CA TRP AA 184 -16.78 -61.70 -41.06
C TRP AA 184 -17.37 -62.84 -41.86
N LEU AA 185 -16.69 -63.23 -42.92
CA LEU AA 185 -17.01 -64.41 -43.68
C LEU AA 185 -16.13 -65.56 -43.22
N ARG AA 186 -16.51 -66.76 -43.61
CA ARG AA 186 -15.73 -67.95 -43.36
C ARG AA 186 -14.79 -68.21 -44.52
N LEU AA 187 -13.56 -68.58 -44.18
CA LEU AA 187 -12.57 -69.01 -45.16
C LEU AA 187 -12.87 -70.46 -45.49
N GLN AA 188 -13.67 -70.65 -46.54
CA GLN AA 188 -14.05 -71.98 -46.96
C GLN AA 188 -12.85 -72.72 -47.54
N THR AA 189 -13.06 -73.99 -47.84
CA THR AA 189 -12.00 -74.82 -48.38
C THR AA 189 -11.83 -74.60 -49.88
N ALA AA 190 -12.92 -74.74 -50.66
CA ALA AA 190 -12.85 -74.53 -52.10
C ALA AA 190 -14.08 -73.83 -52.67
N GLY AA 191 -14.80 -73.05 -51.87
CA GLY AA 191 -16.06 -72.47 -52.30
C GLY AA 191 -16.32 -71.05 -51.83
N ASN AA 192 -15.27 -70.26 -51.70
CA ASN AA 192 -15.42 -68.91 -51.19
C ASN AA 192 -16.24 -68.05 -52.15
N VAL AA 193 -16.81 -67.00 -51.58
CA VAL AA 193 -17.76 -66.14 -52.28
C VAL AA 193 -17.01 -65.04 -53.02
N ASP AA 194 -17.55 -64.65 -54.16
CA ASP AA 194 -16.90 -63.67 -55.01
C ASP AA 194 -17.17 -62.26 -54.48
N HIS AA 195 -16.09 -61.50 -54.32
CA HIS AA 195 -16.19 -60.08 -54.07
C HIS AA 195 -16.14 -59.33 -55.38
N VAL AA 196 -16.69 -58.12 -55.35
CA VAL AA 196 -17.00 -57.39 -56.57
C VAL AA 196 -16.70 -55.91 -56.31
N GLY AA 197 -16.61 -55.14 -57.40
CA GLY AA 197 -16.22 -53.77 -57.24
C GLY AA 197 -15.41 -53.04 -58.29
N LEU AA 198 -15.21 -53.60 -59.48
CA LEU AA 198 -14.59 -52.79 -60.53
C LEU AA 198 -15.08 -53.15 -61.92
N GLY AA 199 -15.40 -52.10 -62.67
CA GLY AA 199 -15.69 -52.24 -64.09
C GLY AA 199 -14.98 -51.16 -64.86
N THR AA 200 -14.59 -51.50 -66.08
CA THR AA 200 -13.71 -50.69 -66.89
C THR AA 200 -14.31 -50.45 -68.26
N ALA AA 201 -13.78 -49.42 -68.91
CA ALA AA 201 -14.10 -49.12 -70.30
C ALA AA 201 -12.86 -48.53 -70.95
N PHE AA 202 -12.27 -49.29 -71.87
CA PHE AA 202 -11.07 -48.90 -72.57
C PHE AA 202 -11.40 -48.51 -74.01
N GLU AA 203 -10.83 -47.41 -74.46
CA GLU AA 203 -11.01 -46.95 -75.83
C GLU AA 203 -10.15 -47.78 -76.76
N ASN AA 204 -10.77 -48.32 -77.80
CA ASN AA 204 -10.07 -49.18 -78.73
C ASN AA 204 -9.10 -48.38 -79.57
N SER AA 205 -8.23 -49.10 -80.27
CA SER AA 205 -7.13 -48.51 -81.01
C SER AA 205 -6.75 -49.42 -82.17
N ILE AA 206 -5.95 -48.86 -83.09
CA ILE AA 206 -5.43 -49.64 -84.20
C ILE AA 206 -4.43 -50.67 -83.72
N TYR AA 207 -3.73 -50.38 -82.63
CA TYR AA 207 -2.74 -51.27 -82.07
C TYR AA 207 -3.31 -51.99 -80.84
N ASP AA 208 -2.73 -53.14 -80.55
CA ASP AA 208 -3.14 -53.89 -79.37
C ASP AA 208 -2.62 -53.23 -78.11
N GLN AA 209 -3.49 -53.11 -77.11
CA GLN AA 209 -3.16 -52.52 -75.83
C GLN AA 209 -3.15 -53.62 -74.78
N GLU AA 210 -1.97 -53.98 -74.30
CA GLU AA 210 -1.81 -55.01 -73.29
C GLU AA 210 -1.52 -54.39 -71.94
N TYR AA 211 -1.94 -55.10 -70.90
CA TYR AA 211 -1.76 -54.67 -69.53
C TYR AA 211 -1.45 -55.89 -68.66
N ASN AA 212 -0.63 -55.67 -67.65
CA ASN AA 212 -0.39 -56.64 -66.58
C ASN AA 212 -1.07 -56.12 -65.33
N ILE AA 213 -2.14 -56.78 -64.92
CA ILE AA 213 -2.98 -56.29 -63.84
C ILE AA 213 -2.57 -57.00 -62.57
N ARG AA 214 -2.21 -56.22 -61.55
CA ARG AA 214 -1.80 -56.72 -60.25
C ARG AA 214 -2.85 -56.30 -59.23
N VAL AA 215 -3.58 -57.27 -58.72
CA VAL AA 215 -4.57 -57.06 -57.67
C VAL AA 215 -3.94 -57.42 -56.35
N THR AA 216 -4.09 -56.52 -55.38
CA THR AA 216 -3.59 -56.69 -54.03
C THR AA 216 -4.77 -56.54 -53.09
N MET AA 217 -5.07 -57.59 -52.34
CA MET AA 217 -6.14 -57.57 -51.35
C MET AA 217 -5.57 -57.46 -49.95
N TYR AA 218 -6.06 -56.49 -49.20
CA TYR AA 218 -5.70 -56.28 -47.81
C TYR AA 218 -6.76 -56.90 -46.94
N VAL AA 219 -6.43 -58.04 -46.33
CA VAL AA 219 -7.40 -58.88 -45.64
C VAL AA 219 -7.13 -58.84 -44.16
N GLN AA 220 -8.08 -59.36 -43.40
CA GLN AA 220 -8.03 -59.39 -41.95
C GLN AA 220 -8.64 -60.71 -41.53
N PHE AA 221 -7.83 -61.57 -40.93
CA PHE AA 221 -8.24 -62.88 -40.50
C PHE AA 221 -8.54 -62.90 -39.00
N ARG AA 222 -9.08 -64.03 -38.54
CA ARG AA 222 -9.49 -64.16 -37.15
C ARG AA 222 -9.49 -65.64 -36.79
N GLU AA 223 -9.20 -65.92 -35.52
CA GLU AA 223 -9.30 -67.25 -34.93
C GLU AA 223 -8.34 -68.23 -35.60
N PHE AA 224 -7.06 -68.00 -35.32
CA PHE AA 224 -5.98 -68.94 -35.57
C PHE AA 224 -6.40 -70.35 -35.19
N ASN AA 225 -6.36 -71.27 -36.14
CA ASN AA 225 -6.93 -72.60 -35.97
C ASN AA 225 -6.00 -73.68 -36.46
N LEU AA 226 -4.71 -73.55 -36.15
CA LEU AA 226 -3.76 -74.55 -36.59
C LEU AA 226 -4.03 -75.87 -35.90
N LYS AA 227 -3.83 -76.95 -36.64
CA LYS AA 227 -4.01 -78.31 -36.15
C LYS AA 227 -2.69 -79.05 -36.26
N ASP AA 228 -2.26 -79.65 -35.15
CA ASP AA 228 -0.94 -80.27 -35.03
C ASP AA 228 -1.11 -81.72 -34.60
N PRO AA 229 -1.35 -82.62 -35.55
CA PRO AA 229 -1.36 -84.03 -35.23
C PRO AA 229 0.05 -84.55 -35.01
N PRO AA 230 0.20 -85.75 -34.44
CA PRO AA 230 1.54 -86.33 -34.33
C PRO AA 230 2.10 -86.75 -35.68
N LEU AA 231 3.30 -87.31 -35.65
CA LEU AA 231 3.99 -87.73 -36.87
C LEU AA 231 4.72 -89.05 -36.67
N GLY BA 43 -35.55 -27.81 -55.89
CA GLY BA 43 -34.90 -29.11 -55.80
C GLY BA 43 -33.64 -29.19 -56.63
N ILE BA 44 -32.55 -28.67 -56.08
CA ILE BA 44 -31.31 -28.52 -56.80
C ILE BA 44 -30.58 -29.85 -56.86
N PHE BA 45 -29.91 -30.10 -57.99
CA PHE BA 45 -29.08 -31.27 -58.16
C PHE BA 45 -27.95 -30.89 -59.11
N ASN BA 46 -26.77 -30.64 -58.55
CA ASN BA 46 -25.58 -30.40 -59.34
C ASN BA 46 -24.96 -31.73 -59.72
N THR BA 47 -24.71 -31.92 -61.01
CA THR BA 47 -24.06 -33.12 -61.51
C THR BA 47 -23.11 -32.76 -62.62
N ARG BA 48 -22.66 -33.79 -63.34
CA ARG BA 48 -21.60 -33.68 -64.33
C ARG BA 48 -21.93 -34.63 -65.48
N LEU BA 49 -21.96 -34.08 -66.69
CA LEU BA 49 -22.27 -34.82 -67.90
C LEU BA 49 -21.14 -34.66 -68.89
N SER BA 50 -20.78 -35.75 -69.54
CA SER BA 50 -19.64 -35.80 -70.44
C SER BA 50 -20.04 -36.36 -71.79
N ARG BA 51 -19.11 -36.24 -72.73
CA ARG BA 51 -19.31 -36.56 -74.14
C ARG BA 51 -17.94 -36.50 -74.79
N THR BA 52 -17.69 -37.43 -75.71
CA THR BA 52 -16.39 -37.57 -76.36
C THR BA 52 -16.57 -37.68 -77.86
N PHE BA 53 -15.69 -37.00 -78.59
CA PHE BA 53 -15.74 -37.00 -80.05
C PHE BA 53 -14.38 -36.61 -80.58
N GLY BA 54 -14.22 -36.78 -81.89
CA GLY BA 54 -12.95 -36.57 -82.55
C GLY BA 54 -12.84 -35.28 -83.34
N TYR BA 55 -11.60 -34.83 -83.53
CA TYR BA 55 -11.28 -33.67 -84.35
C TYR BA 55 -9.91 -33.90 -84.96
N THR BA 56 -9.80 -33.69 -86.26
CA THR BA 56 -8.56 -33.90 -86.99
C THR BA 56 -8.22 -32.66 -87.79
N ILE BA 57 -6.95 -32.31 -87.78
CA ILE BA 57 -6.39 -31.25 -88.61
C ILE BA 57 -5.60 -31.96 -89.70
N LYS BA 58 -6.14 -31.97 -90.91
CA LYS BA 58 -5.52 -32.67 -92.01
C LYS BA 58 -4.22 -32.01 -92.41
N ARG BA 59 -3.38 -32.78 -93.08
CA ARG BA 59 -2.07 -32.33 -93.52
C ARG BA 59 -2.19 -31.35 -94.67
N THR BA 60 -1.12 -30.57 -94.86
CA THR BA 60 -1.03 -29.60 -95.95
C THR BA 60 0.39 -29.56 -96.48
N THR BA 61 0.51 -29.49 -97.80
CA THR BA 61 1.80 -29.30 -98.46
C THR BA 61 2.28 -27.86 -98.39
N VAL BA 62 1.46 -26.93 -97.87
CA VAL BA 62 1.87 -25.54 -97.77
C VAL BA 62 3.10 -25.43 -96.89
N LYS BA 63 4.05 -24.60 -97.34
CA LYS BA 63 5.31 -24.44 -96.62
C LYS BA 63 5.20 -23.44 -95.49
N THR BA 64 4.43 -22.38 -95.68
CA THR BA 64 4.32 -21.32 -94.70
C THR BA 64 3.69 -21.82 -93.41
N PRO BA 65 3.81 -21.06 -92.33
CA PRO BA 65 3.00 -21.36 -91.15
C PRO BA 65 1.60 -20.84 -91.33
N SER BA 66 0.66 -21.75 -91.53
CA SER BA 66 -0.75 -21.44 -91.64
C SER BA 66 -1.50 -22.12 -90.51
N TRP BA 67 -2.66 -21.57 -90.18
CA TRP BA 67 -3.48 -22.08 -89.09
C TRP BA 67 -4.85 -22.52 -89.60
N ALA BA 68 -5.38 -23.52 -88.92
CA ALA BA 68 -6.70 -24.07 -89.20
C ALA BA 68 -7.65 -23.61 -88.12
N VAL BA 69 -8.71 -22.92 -88.51
CA VAL BA 69 -9.64 -22.31 -87.59
C VAL BA 69 -10.92 -23.14 -87.57
N ASP BA 70 -11.50 -23.28 -86.40
CA ASP BA 70 -12.75 -24.00 -86.24
C ASP BA 70 -13.43 -23.51 -84.97
N MET BA 71 -14.70 -23.87 -84.84
CA MET BA 71 -15.56 -23.43 -83.76
C MET BA 71 -16.04 -24.62 -82.95
N MET BA 72 -16.63 -24.30 -81.79
CA MET BA 72 -17.11 -25.33 -80.88
C MET BA 72 -18.27 -24.77 -80.08
N ARG BA 73 -19.46 -25.33 -80.29
CA ARG BA 73 -20.65 -25.03 -79.52
C ARG BA 73 -20.97 -26.18 -78.58
N PHE BA 74 -21.87 -25.93 -77.64
CA PHE BA 74 -22.27 -26.91 -76.64
C PHE BA 74 -23.79 -26.89 -76.51
N ASN BA 75 -24.40 -28.06 -76.69
CA ASN BA 75 -25.83 -28.24 -76.49
C ASN BA 75 -26.05 -29.42 -75.56
N ILE BA 76 -27.13 -29.34 -74.78
CA ILE BA 76 -27.42 -30.36 -73.78
C ILE BA 76 -28.08 -31.59 -74.37
N ASN BA 77 -28.57 -31.53 -75.61
CA ASN BA 77 -29.11 -32.73 -76.23
C ASN BA 77 -28.02 -33.76 -76.49
N ASP BA 78 -26.80 -33.31 -76.72
CA ASP BA 78 -25.69 -34.21 -76.98
C ASP BA 78 -25.15 -34.86 -75.71
N PHE BA 79 -25.54 -34.37 -74.54
CA PHE BA 79 -25.12 -34.93 -73.26
C PHE BA 79 -26.24 -35.66 -72.54
N LEU BA 80 -27.47 -35.23 -72.72
CA LEU BA 80 -28.64 -35.77 -72.04
C LEU BA 80 -29.56 -36.44 -73.05
N PRO BA 81 -29.70 -37.77 -73.06
CA PRO BA 81 -30.54 -38.39 -74.07
C PRO BA 81 -32.01 -38.21 -73.76
N PRO BA 82 -32.88 -38.58 -74.69
CA PRO BA 82 -34.30 -38.59 -74.39
C PRO BA 82 -34.65 -39.72 -73.45
N GLY BA 83 -35.65 -39.49 -72.61
CA GLY BA 83 -36.07 -40.48 -71.65
C GLY BA 83 -37.02 -41.48 -72.23
N GLY BA 84 -38.02 -41.86 -71.44
CA GLY BA 84 -38.99 -42.82 -71.88
C GLY BA 84 -40.30 -42.72 -71.11
N GLY BA 85 -41.41 -42.71 -71.83
CA GLY BA 85 -42.71 -42.62 -71.22
C GLY BA 85 -43.14 -41.21 -70.93
N SER BA 86 -43.77 -41.01 -69.78
CA SER BA 86 -44.25 -39.70 -69.38
C SER BA 86 -43.11 -38.75 -69.04
N ASN BA 87 -41.91 -39.26 -68.82
CA ASN BA 87 -40.75 -38.43 -68.57
C ASN BA 87 -40.02 -38.21 -69.89
N PRO BA 88 -40.04 -37.00 -70.47
CA PRO BA 88 -39.45 -36.85 -71.80
C PRO BA 88 -37.93 -36.94 -71.82
N ARG BA 89 -37.27 -36.69 -70.69
CA ARG BA 89 -35.83 -36.72 -70.59
C ARG BA 89 -35.40 -37.73 -69.54
N SER BA 90 -34.13 -38.11 -69.61
CA SER BA 90 -33.60 -39.16 -68.75
C SER BA 90 -33.26 -38.67 -67.36
N VAL BA 91 -33.00 -37.37 -67.20
CA VAL BA 91 -32.81 -36.74 -65.91
C VAL BA 91 -34.11 -36.02 -65.56
N PRO BA 92 -34.87 -36.48 -64.56
CA PRO BA 92 -36.21 -35.92 -64.37
C PRO BA 92 -36.24 -34.58 -63.64
N PHE BA 93 -35.93 -33.54 -64.40
CA PHE BA 93 -35.96 -32.18 -63.89
C PHE BA 93 -36.53 -31.27 -64.98
N GLU BA 94 -36.99 -30.10 -64.54
CA GLU BA 94 -37.64 -29.14 -65.42
C GLU BA 94 -36.67 -28.10 -65.96
N TYR BA 95 -35.90 -27.48 -65.09
CA TYR BA 95 -35.04 -26.37 -65.43
C TYR BA 95 -33.58 -26.77 -65.33
N TYR BA 96 -32.73 -25.99 -65.98
CA TYR BA 96 -31.29 -26.21 -65.93
C TYR BA 96 -30.57 -24.91 -66.18
N ARG BA 97 -29.30 -24.91 -65.83
CA ARG BA 97 -28.41 -23.82 -66.20
C ARG BA 97 -26.99 -24.35 -66.12
N ILE BA 98 -26.23 -24.15 -67.19
CA ILE BA 98 -24.88 -24.69 -67.28
C ILE BA 98 -23.94 -23.76 -66.53
N ARG BA 99 -23.23 -24.32 -65.56
CA ARG BA 99 -22.34 -23.56 -64.70
C ARG BA 99 -20.94 -23.44 -65.30
N LYS BA 100 -20.39 -24.56 -65.77
CA LYS BA 100 -19.04 -24.60 -66.30
C LYS BA 100 -18.98 -25.66 -67.38
N VAL BA 101 -17.95 -25.54 -68.23
CA VAL BA 101 -17.61 -26.56 -69.21
C VAL BA 101 -16.11 -26.75 -69.17
N LYS BA 102 -15.69 -28.00 -69.33
CA LYS BA 102 -14.28 -28.38 -69.40
C LYS BA 102 -14.09 -29.08 -70.74
N VAL BA 103 -13.41 -28.41 -71.64
CA VAL BA 103 -13.02 -28.98 -72.93
C VAL BA 103 -11.60 -29.48 -72.80
N GLU BA 104 -11.40 -30.76 -73.10
CA GLU BA 104 -10.11 -31.42 -72.99
C GLU BA 104 -9.74 -31.94 -74.36
N PHE BA 105 -8.63 -31.44 -74.90
CA PHE BA 105 -8.04 -31.96 -76.13
C PHE BA 105 -7.05 -33.04 -75.75
N TRP BA 106 -7.49 -34.28 -75.82
CA TRP BA 106 -6.62 -35.40 -75.56
C TRP BA 106 -5.93 -35.80 -76.86
N PRO BA 107 -4.60 -35.75 -76.94
CA PRO BA 107 -3.96 -36.05 -78.22
C PRO BA 107 -4.04 -37.50 -78.60
N CYS BA 108 -3.93 -37.73 -79.89
CA CYS BA 108 -3.89 -39.05 -80.48
C CYS BA 108 -2.56 -39.36 -81.13
N SER BA 109 -1.61 -38.45 -81.06
CA SER BA 109 -0.37 -38.50 -81.81
C SER BA 109 0.78 -38.87 -80.90
N PRO BA 110 1.80 -39.54 -81.42
CA PRO BA 110 2.92 -39.95 -80.56
C PRO BA 110 3.79 -38.77 -80.19
N ILE BA 111 4.56 -38.97 -79.12
CA ILE BA 111 5.49 -37.94 -78.68
C ILE BA 111 6.71 -37.81 -79.58
N THR BA 112 6.88 -38.70 -80.54
CA THR BA 112 7.96 -38.62 -81.51
C THR BA 112 7.59 -37.86 -82.77
N GLN BA 113 6.36 -37.34 -82.86
CA GLN BA 113 5.93 -36.68 -84.07
C GLN BA 113 6.57 -35.30 -84.16
N GLY BA 114 7.09 -34.98 -85.34
CA GLY BA 114 7.73 -33.73 -85.59
C GLY BA 114 6.82 -32.72 -86.26
N ASP BA 115 7.44 -31.68 -86.81
CA ASP BA 115 6.73 -30.56 -87.41
C ASP BA 115 5.76 -29.95 -86.41
N ARG BA 116 6.23 -29.80 -85.18
CA ARG BA 116 5.41 -29.26 -84.12
C ARG BA 116 5.01 -27.83 -84.42
N GLY BA 117 4.04 -27.35 -83.65
CA GLY BA 117 3.45 -26.06 -83.88
C GLY BA 117 2.92 -25.41 -82.63
N VAL BA 118 2.26 -24.27 -82.79
CA VAL BA 118 1.76 -23.51 -81.67
C VAL BA 118 0.48 -22.81 -82.11
N GLY BA 119 -0.57 -22.99 -81.33
CA GLY BA 119 -1.88 -22.45 -81.63
C GLY BA 119 -2.48 -21.69 -80.48
N SER BA 120 -3.79 -21.49 -80.54
CA SER BA 120 -4.47 -20.66 -79.56
C SER BA 120 -5.93 -21.09 -79.45
N SER BA 121 -6.43 -21.08 -78.22
CA SER BA 121 -7.83 -21.32 -77.92
C SER BA 121 -8.38 -20.14 -77.16
N ALA BA 122 -9.51 -19.62 -77.61
CA ALA BA 122 -10.14 -18.45 -77.02
C ALA BA 122 -11.60 -18.74 -76.73
N VAL BA 123 -12.16 -17.91 -75.85
CA VAL BA 123 -13.52 -18.07 -75.36
C VAL BA 123 -14.40 -17.03 -76.05
N ILE BA 124 -15.41 -17.50 -76.77
CA ILE BA 124 -16.25 -16.68 -77.64
C ILE BA 124 -17.68 -16.89 -77.23
N LEU BA 125 -18.24 -15.96 -76.46
CA LEU BA 125 -19.52 -16.14 -75.81
C LEU BA 125 -20.69 -15.53 -76.58
N ASP BA 126 -20.61 -15.43 -77.92
CA ASP BA 126 -21.60 -14.68 -78.67
C ASP BA 126 -22.00 -15.24 -80.03
N ASP BA 127 -21.49 -16.40 -80.43
CA ASP BA 127 -21.93 -17.06 -81.66
C ASP BA 127 -21.51 -16.30 -82.90
N ASN BA 128 -20.42 -15.55 -82.82
CA ASN BA 128 -19.79 -14.93 -83.98
C ASN BA 128 -18.31 -15.27 -83.88
N PHE BA 129 -17.96 -16.39 -84.48
CA PHE BA 129 -16.61 -16.89 -84.52
C PHE BA 129 -15.88 -16.36 -85.73
N VAL BA 130 -14.55 -16.44 -85.68
CA VAL BA 130 -13.76 -16.26 -86.89
C VAL BA 130 -14.16 -17.34 -87.87
N THR BA 131 -14.24 -16.96 -89.14
CA THR BA 131 -14.71 -17.88 -90.16
C THR BA 131 -13.82 -19.12 -90.22
N LYS BA 132 -14.46 -20.26 -90.43
CA LYS BA 132 -13.72 -21.51 -90.52
C LYS BA 132 -12.80 -21.47 -91.73
N ALA BA 133 -11.53 -21.80 -91.49
CA ALA BA 133 -10.49 -21.74 -92.49
C ALA BA 133 -9.62 -22.98 -92.41
N THR BA 134 -9.10 -23.39 -93.56
CA THR BA 134 -8.21 -24.53 -93.65
C THR BA 134 -6.75 -24.13 -93.44
N ALA BA 135 -6.30 -23.11 -94.15
CA ALA BA 135 -4.92 -22.61 -94.04
C ALA BA 135 -4.97 -21.10 -94.08
N LEU BA 136 -5.12 -20.48 -92.92
CA LEU BA 136 -5.08 -19.05 -92.76
C LEU BA 136 -3.68 -18.60 -92.40
N THR BA 137 -3.26 -17.46 -92.93
CA THR BA 137 -1.89 -16.99 -92.82
C THR BA 137 -1.54 -16.41 -91.45
N TYR BA 138 -2.41 -16.52 -90.47
CA TYR BA 138 -2.14 -15.97 -89.15
C TYR BA 138 -3.05 -16.66 -88.15
N ASP BA 139 -2.73 -16.47 -86.87
CA ASP BA 139 -3.52 -16.99 -85.77
C ASP BA 139 -4.47 -15.90 -85.32
N PRO BA 140 -5.78 -15.98 -85.61
CA PRO BA 140 -6.66 -14.87 -85.24
C PRO BA 140 -6.88 -14.77 -83.76
N TYR BA 141 -6.86 -15.88 -83.04
CA TYR BA 141 -7.17 -15.90 -81.62
C TYR BA 141 -5.95 -15.64 -80.75
N VAL BA 142 -4.88 -15.10 -81.30
CA VAL BA 142 -3.63 -14.98 -80.57
C VAL BA 142 -3.67 -13.78 -79.64
N ASN BA 143 -4.23 -12.66 -80.09
CA ASN BA 143 -4.26 -11.45 -79.30
C ASN BA 143 -5.50 -11.34 -78.43
N TYR BA 144 -6.33 -12.38 -78.40
CA TYR BA 144 -7.50 -12.38 -77.55
C TYR BA 144 -7.10 -12.45 -76.08
N SER BA 145 -7.85 -11.74 -75.25
CA SER BA 145 -7.59 -11.72 -73.83
C SER BA 145 -7.78 -13.08 -73.18
N SER BA 146 -8.56 -13.96 -73.79
CA SER BA 146 -8.81 -15.30 -73.29
C SER BA 146 -8.01 -16.36 -74.02
N ARG BA 147 -6.90 -15.97 -74.64
CA ARG BA 147 -6.08 -16.91 -75.39
C ARG BA 147 -5.23 -17.73 -74.45
N HIS BA 148 -5.26 -19.04 -74.65
CA HIS BA 148 -4.31 -19.97 -74.06
C HIS BA 148 -3.56 -20.62 -75.20
N THR BA 149 -2.27 -20.79 -75.04
CA THR BA 149 -1.44 -21.40 -76.05
C THR BA 149 -1.71 -22.89 -76.14
N ILE BA 150 -1.83 -23.38 -77.37
CA ILE BA 150 -1.95 -24.80 -77.65
C ILE BA 150 -0.60 -25.23 -78.20
N THR BA 151 0.12 -26.02 -77.41
CA THR BA 151 1.25 -26.77 -77.93
C THR BA 151 0.74 -27.97 -78.68
N GLN BA 152 1.32 -28.21 -79.84
CA GLN BA 152 0.91 -29.27 -80.75
C GLN BA 152 2.08 -30.18 -81.04
N PRO BA 153 1.82 -31.43 -81.46
CA PRO BA 153 0.58 -32.18 -81.60
C PRO BA 153 0.25 -33.11 -80.44
N PHE BA 154 1.25 -33.38 -79.60
CA PHE BA 154 1.17 -34.45 -78.62
C PHE BA 154 0.98 -33.92 -77.20
N SER BA 155 0.35 -32.77 -77.05
CA SER BA 155 0.22 -32.11 -75.77
C SER BA 155 -1.24 -31.90 -75.43
N TYR BA 156 -1.54 -32.02 -74.15
CA TYR BA 156 -2.88 -31.88 -73.63
C TYR BA 156 -3.22 -30.42 -73.40
N HIS BA 157 -4.46 -30.06 -73.73
CA HIS BA 157 -4.95 -28.70 -73.61
C HIS BA 157 -6.32 -28.75 -72.98
N SER BA 158 -6.50 -28.06 -71.86
CA SER BA 158 -7.76 -27.93 -71.16
C SER BA 158 -8.20 -26.48 -71.14
N ARG BA 159 -9.50 -26.27 -71.15
CA ARG BA 159 -10.11 -24.96 -70.99
C ARG BA 159 -11.32 -25.13 -70.11
N TYR BA 160 -11.39 -24.35 -69.03
CA TYR BA 160 -12.45 -24.42 -68.03
C TYR BA 160 -13.06 -23.04 -67.89
N PHE BA 161 -14.32 -22.92 -68.27
CA PHE BA 161 -14.96 -21.62 -68.36
C PHE BA 161 -16.46 -21.79 -68.20
N THR BA 162 -17.15 -20.66 -68.16
CA THR BA 162 -18.59 -20.59 -68.00
C THR BA 162 -19.23 -20.17 -69.32
N PRO BA 163 -19.96 -21.04 -70.02
CA PRO BA 163 -20.54 -20.63 -71.29
C PRO BA 163 -21.75 -19.75 -71.11
N LYS BA 164 -22.32 -19.31 -72.22
CA LYS BA 164 -23.49 -18.44 -72.23
C LYS BA 164 -24.45 -18.95 -73.29
N PRO BA 165 -25.75 -18.86 -73.06
CA PRO BA 165 -26.70 -19.31 -74.07
C PRO BA 165 -26.98 -18.27 -75.14
N VAL BA 166 -27.43 -18.78 -76.27
CA VAL BA 166 -27.75 -17.94 -77.43
C VAL BA 166 -29.23 -17.61 -77.32
N LEU BA 167 -29.52 -16.52 -76.63
CA LEU BA 167 -30.89 -16.07 -76.45
C LEU BA 167 -31.39 -15.30 -77.67
N ASP BA 168 -30.57 -14.39 -78.18
CA ASP BA 168 -30.88 -13.65 -79.41
C ASP BA 168 -29.61 -13.56 -80.22
N SER BA 169 -29.55 -14.28 -81.33
CA SER BA 169 -28.39 -14.24 -82.19
C SER BA 169 -28.27 -12.94 -82.97
N THR BA 170 -29.34 -12.15 -83.05
CA THR BA 170 -29.29 -10.88 -83.75
C THR BA 170 -28.57 -9.82 -82.93
N ILE BA 171 -28.79 -9.81 -81.62
CA ILE BA 171 -28.23 -8.80 -80.73
C ILE BA 171 -27.04 -9.39 -80.01
N ASP BA 172 -27.09 -10.67 -79.69
CA ASP BA 172 -26.00 -11.40 -79.07
C ASP BA 172 -25.64 -10.77 -77.72
N TYR BA 173 -26.58 -10.84 -76.79
CA TYR BA 173 -26.39 -10.36 -75.43
C TYR BA 173 -26.22 -11.52 -74.48
N PHE BA 174 -25.42 -11.30 -73.45
CA PHE BA 174 -25.18 -12.32 -72.44
C PHE BA 174 -24.91 -11.67 -71.10
N GLN BA 175 -25.00 -12.45 -70.11
CA GLN BA 175 -24.84 -12.03 -68.73
C GLN BA 175 -23.39 -12.19 -68.27
N PRO BA 176 -22.94 -11.36 -67.35
CA PRO BA 176 -21.66 -11.64 -66.71
C PRO BA 176 -21.76 -12.78 -65.72
N ASN BA 177 -20.62 -13.21 -65.20
CA ASN BA 177 -20.58 -14.37 -64.33
C ASN BA 177 -21.13 -14.01 -62.97
N ASN BA 178 -22.23 -14.66 -62.60
CA ASN BA 178 -22.84 -14.48 -61.30
C ASN BA 178 -23.62 -15.75 -61.00
N LYS BA 179 -23.17 -16.50 -60.00
CA LYS BA 179 -23.83 -17.76 -59.71
C LYS BA 179 -25.25 -17.55 -59.21
N ARG BA 180 -25.51 -16.43 -58.54
CA ARG BA 180 -26.80 -16.21 -57.93
C ARG BA 180 -27.83 -15.66 -58.92
N ASN BA 181 -27.38 -14.99 -59.97
CA ASN BA 181 -28.25 -14.33 -60.93
C ASN BA 181 -28.31 -15.03 -62.27
N GLN BA 182 -27.65 -16.16 -62.44
CA GLN BA 182 -27.65 -16.85 -63.71
C GLN BA 182 -29.04 -17.36 -64.04
N LEU BA 183 -29.44 -17.15 -65.28
CA LEU BA 183 -30.76 -17.52 -65.73
C LEU BA 183 -30.95 -19.03 -65.71
N TRP BA 184 -32.17 -19.43 -65.38
CA TRP BA 184 -32.60 -20.82 -65.52
C TRP BA 184 -33.29 -20.96 -66.86
N LEU BA 185 -32.83 -21.90 -67.66
CA LEU BA 185 -33.49 -22.30 -68.88
C LEU BA 185 -34.35 -23.51 -68.63
N ARG BA 186 -35.23 -23.79 -69.56
CA ARG BA 186 -36.05 -24.98 -69.53
C ARG BA 186 -35.35 -26.12 -70.27
N LEU BA 187 -35.42 -27.30 -69.68
CA LEU BA 187 -34.94 -28.52 -70.30
C LEU BA 187 -36.02 -28.99 -71.27
N GLN BA 188 -35.90 -28.56 -72.51
CA GLN BA 188 -36.85 -28.90 -73.54
C GLN BA 188 -36.75 -30.39 -73.88
N THR BA 189 -37.67 -30.84 -74.72
CA THR BA 189 -37.71 -32.23 -75.11
C THR BA 189 -36.72 -32.53 -76.22
N ALA BA 190 -36.77 -31.77 -77.32
CA ALA BA 190 -35.84 -31.97 -78.44
C ALA BA 190 -35.39 -30.67 -79.09
N GLY BA 191 -35.40 -29.56 -78.37
CA GLY BA 191 -35.14 -28.27 -78.97
C GLY BA 191 -34.34 -27.30 -78.11
N ASN BA 192 -33.44 -27.83 -77.30
CA ASN BA 192 -32.68 -26.99 -76.40
C ASN BA 192 -31.76 -26.04 -77.15
N VAL BA 193 -31.41 -24.96 -76.48
CA VAL BA 193 -30.68 -23.86 -77.08
C VAL BA 193 -29.18 -24.13 -76.99
N ASP BA 194 -28.45 -23.66 -77.99
CA ASP BA 194 -27.03 -23.91 -78.07
C ASP BA 194 -26.27 -22.94 -77.16
N HIS BA 195 -25.41 -23.50 -76.34
CA HIS BA 195 -24.44 -22.72 -75.60
C HIS BA 195 -23.14 -22.63 -76.39
N VAL BA 196 -22.38 -21.59 -76.10
CA VAL BA 196 -21.27 -21.18 -76.94
C VAL BA 196 -20.13 -20.72 -76.03
N GLY BA 197 -18.93 -20.63 -76.61
CA GLY BA 197 -17.79 -20.30 -75.78
C GLY BA 197 -16.42 -20.85 -76.09
N LEU BA 198 -16.18 -21.48 -77.24
CA LEU BA 198 -14.80 -21.82 -77.58
C LEU BA 198 -14.53 -21.79 -79.06
N GLY BA 199 -13.42 -21.15 -79.40
CA GLY BA 199 -12.90 -21.19 -80.75
C GLY BA 199 -11.40 -21.44 -80.72
N THR BA 200 -10.92 -22.14 -81.74
CA THR BA 200 -9.57 -22.67 -81.76
C THR BA 200 -8.87 -22.26 -83.05
N ALA BA 201 -7.54 -22.35 -82.99
CA ALA BA 201 -6.69 -22.17 -84.16
C ALA BA 201 -5.50 -23.09 -84.01
N PHE BA 202 -5.43 -24.10 -84.87
CA PHE BA 202 -4.37 -25.09 -84.87
C PHE BA 202 -3.44 -24.85 -86.05
N GLU BA 203 -2.14 -24.92 -85.77
CA GLU BA 203 -1.14 -24.77 -86.82
C GLU BA 203 -1.03 -26.05 -87.60
N ASN BA 204 -1.12 -25.94 -88.92
CA ASN BA 204 -1.10 -27.09 -89.79
C ASN BA 204 0.29 -27.71 -89.82
N SER BA 205 0.35 -28.93 -90.38
CA SER BA 205 1.55 -29.73 -90.36
C SER BA 205 1.56 -30.66 -91.55
N ILE BA 206 2.72 -31.26 -91.80
CA ILE BA 206 2.84 -32.25 -92.86
C ILE BA 206 2.10 -33.52 -92.50
N TYR BA 207 1.99 -33.82 -91.21
CA TYR BA 207 1.32 -35.00 -90.72
C TYR BA 207 -0.06 -34.64 -90.19
N ASP BA 208 -0.94 -35.62 -90.18
CA ASP BA 208 -2.28 -35.42 -89.64
C ASP BA 208 -2.23 -35.37 -88.12
N GLN BA 209 -2.93 -34.39 -87.56
CA GLN BA 209 -3.01 -34.19 -86.12
C GLN BA 209 -4.43 -34.52 -85.67
N GLU BA 210 -4.58 -35.64 -84.97
CA GLU BA 210 -5.86 -36.09 -84.48
C GLU BA 210 -5.98 -35.84 -82.98
N TYR BA 211 -7.21 -35.62 -82.54
CA TYR BA 211 -7.52 -35.36 -81.15
C TYR BA 211 -8.83 -36.05 -80.79
N ASN BA 212 -8.92 -36.49 -79.55
CA ASN BA 212 -10.16 -36.98 -78.95
C ASN BA 212 -10.60 -35.93 -77.95
N ILE BA 213 -11.68 -35.23 -78.26
CA ILE BA 213 -12.12 -34.11 -77.45
C ILE BA 213 -13.22 -34.57 -76.52
N ARG BA 214 -13.00 -34.37 -75.22
CA ARG BA 214 -13.93 -34.74 -74.17
C ARG BA 214 -14.46 -33.46 -73.54
N VAL BA 215 -15.74 -33.18 -73.76
CA VAL BA 215 -16.43 -32.05 -73.17
C VAL BA 215 -17.19 -32.54 -71.95
N THR BA 216 -17.02 -31.84 -70.84
CA THR BA 216 -17.70 -32.12 -69.59
C THR BA 216 -18.44 -30.87 -69.17
N MET BA 217 -19.76 -30.97 -69.06
CA MET BA 217 -20.60 -29.88 -68.62
C MET BA 217 -21.03 -30.10 -67.19
N TYR BA 218 -20.82 -29.08 -66.36
CA TYR BA 218 -21.24 -29.08 -64.97
C TYR BA 218 -22.54 -28.29 -64.88
N VAL BA 219 -23.64 -29.01 -64.69
CA VAL BA 219 -24.97 -28.44 -64.80
C VAL BA 219 -25.62 -28.42 -63.43
N GLN BA 220 -26.73 -27.70 -63.35
CA GLN BA 220 -27.49 -27.52 -62.13
C GLN BA 220 -28.95 -27.53 -62.53
N PHE BA 221 -29.68 -28.53 -62.07
CA PHE BA 221 -31.09 -28.70 -62.37
C PHE BA 221 -31.96 -28.21 -61.23
N ARG BA 222 -33.26 -28.18 -61.48
CA ARG BA 222 -34.22 -27.66 -60.52
C ARG BA 222 -35.57 -28.28 -60.81
N GLU BA 223 -36.36 -28.44 -59.74
CA GLU BA 223 -37.76 -28.88 -59.80
C GLU BA 223 -37.88 -30.28 -60.40
N PHE BA 224 -37.42 -31.24 -59.60
CA PHE BA 224 -37.70 -32.65 -59.79
C PHE BA 224 -39.15 -32.88 -60.17
N ASN BA 225 -39.38 -33.50 -61.32
CA ASN BA 225 -40.71 -33.58 -61.92
C ASN BA 225 -41.00 -34.97 -62.41
N LEU BA 226 -40.65 -35.98 -61.64
CA LEU BA 226 -40.90 -37.35 -62.04
C LEU BA 226 -42.40 -37.61 -62.08
N LYS BA 227 -42.82 -38.40 -63.06
CA LYS BA 227 -44.21 -38.79 -63.25
C LYS BA 227 -44.31 -40.31 -63.15
N ASP BA 228 -45.22 -40.77 -62.29
CA ASP BA 228 -45.34 -42.19 -61.95
C ASP BA 228 -46.77 -42.63 -62.23
N PRO BA 229 -47.07 -43.00 -63.47
CA PRO BA 229 -48.36 -43.59 -63.77
C PRO BA 229 -48.43 -45.02 -63.26
N PRO BA 230 -49.62 -45.61 -63.20
CA PRO BA 230 -49.71 -47.02 -62.85
C PRO BA 230 -49.17 -47.94 -63.93
N LEU BA 231 -49.25 -49.24 -63.70
CA LEU BA 231 -48.73 -50.23 -64.63
C LEU BA 231 -49.64 -51.45 -64.72
N GLY CA 43 -4.20 9.93 -71.06
CA GLY CA 43 -5.06 8.78 -71.27
C GLY CA 43 -4.29 7.50 -71.54
N ILE CA 44 -3.83 6.88 -70.47
CA ILE CA 44 -2.93 5.74 -70.57
C ILE CA 44 -3.73 4.49 -70.90
N PHE CA 45 -3.12 3.61 -71.69
CA PHE CA 45 -3.70 2.32 -72.01
C PHE CA 45 -2.54 1.35 -72.24
N ASN CA 46 -2.27 0.53 -71.25
CA ASN CA 46 -1.30 -0.53 -71.37
C ASN CA 46 -1.95 -1.75 -72.01
N THR CA 47 -1.35 -2.26 -73.07
CA THR CA 47 -1.83 -3.45 -73.74
C THR CA 47 -0.66 -4.31 -74.18
N ARG CA 48 -0.96 -5.28 -75.04
CA ARG CA 48 -0.03 -6.30 -75.44
C ARG CA 48 -0.27 -6.64 -76.91
N LEU CA 49 0.78 -6.56 -77.71
CA LEU CA 49 0.73 -6.81 -79.15
C LEU CA 49 1.73 -7.89 -79.48
N SER CA 50 1.32 -8.81 -80.35
CA SER CA 50 2.11 -9.98 -80.70
C SER CA 50 2.24 -10.09 -82.21
N ARG CA 51 3.13 -11.01 -82.61
CA ARG CA 51 3.54 -11.21 -83.99
C ARG CA 51 4.37 -12.47 -84.02
N THR CA 52 4.19 -13.26 -85.08
CA THR CA 52 4.82 -14.57 -85.19
C THR CA 52 5.47 -14.70 -86.57
N PHE CA 53 6.66 -15.27 -86.59
CA PHE CA 53 7.41 -15.46 -87.82
C PHE CA 53 8.42 -16.56 -87.62
N GLY CA 54 9.03 -17.00 -88.72
CA GLY CA 54 9.94 -18.11 -88.72
C GLY CA 54 11.41 -17.76 -88.83
N TYR CA 55 12.25 -18.67 -88.35
CA TYR CA 55 13.70 -18.56 -88.45
C TYR CA 55 14.27 -19.95 -88.54
N THR CA 56 15.15 -20.17 -89.52
CA THR CA 56 15.76 -21.45 -89.76
C THR CA 56 17.27 -21.32 -89.80
N ILE CA 57 17.94 -22.28 -89.19
CA ILE CA 57 19.39 -22.43 -89.24
C ILE CA 57 19.65 -23.61 -90.16
N LYS CA 58 20.10 -23.33 -91.36
CA LYS CA 58 20.31 -24.37 -92.35
C LYS CA 58 21.47 -25.28 -91.94
N ARG CA 59 21.46 -26.48 -92.51
CA ARG CA 59 22.46 -27.48 -92.21
C ARG CA 59 23.81 -27.11 -92.82
N THR CA 60 24.86 -27.73 -92.28
CA THR CA 60 26.22 -27.54 -92.75
C THR CA 60 26.98 -28.85 -92.68
N THR CA 61 27.76 -29.14 -93.71
CA THR CA 61 28.66 -30.28 -93.72
C THR CA 61 29.91 -30.04 -92.89
N VAL CA 62 30.13 -28.83 -92.38
CA VAL CA 62 31.30 -28.53 -91.58
C VAL CA 62 31.32 -29.41 -90.35
N LYS CA 63 32.51 -29.94 -90.03
CA LYS CA 63 32.67 -30.86 -88.91
C LYS CA 63 32.83 -30.13 -87.59
N THR CA 64 33.52 -28.99 -87.60
CA THR CA 64 33.81 -28.27 -86.39
C THR CA 64 32.54 -27.74 -85.75
N PRO CA 65 32.62 -27.32 -84.49
CA PRO CA 65 31.52 -26.56 -83.91
C PRO CA 65 31.57 -25.12 -84.37
N SER CA 66 30.66 -24.75 -85.25
CA SER CA 66 30.52 -23.38 -85.72
C SER CA 66 29.15 -22.87 -85.33
N TRP CA 67 29.05 -21.55 -85.26
CA TRP CA 67 27.83 -20.88 -84.84
C TRP CA 67 27.31 -19.96 -85.95
N ALA CA 68 25.99 -19.83 -85.99
CA ALA CA 68 25.29 -18.98 -86.92
C ALA CA 68 24.78 -17.77 -86.17
N VAL CA 69 25.21 -16.59 -86.60
CA VAL CA 69 24.90 -15.35 -85.93
C VAL CA 69 23.84 -14.60 -86.72
N ASP CA 70 22.93 -13.97 -86.00
CA ASP CA 70 21.88 -13.17 -86.61
C ASP CA 70 21.40 -12.14 -85.60
N MET CA 71 20.65 -11.18 -86.09
CA MET CA 71 20.16 -10.05 -85.33
C MET CA 71 18.64 -10.04 -85.31
N MET CA 72 18.09 -9.19 -84.44
CA MET CA 72 16.65 -9.10 -84.27
C MET CA 72 16.32 -7.70 -83.78
N ARG CA 73 15.61 -6.95 -84.61
CA ARG CA 73 15.07 -5.64 -84.27
C ARG CA 73 13.56 -5.74 -84.09
N PHE CA 74 12.99 -4.68 -83.52
CA PHE CA 74 11.56 -4.62 -83.24
C PHE CA 74 11.02 -3.26 -83.66
N ASN CA 75 10.01 -3.28 -84.52
CA ASN CA 75 9.31 -2.08 -84.94
C ASN CA 75 7.82 -2.28 -84.73
N ILE CA 76 7.13 -1.16 -84.44
CA ILE CA 76 5.71 -1.21 -84.12
C ILE CA 76 4.83 -1.30 -85.36
N ASN CA 77 5.38 -1.03 -86.54
CA ASN CA 77 4.59 -1.20 -87.75
C ASN CA 77 4.23 -2.66 -87.99
N ASP CA 78 5.10 -3.57 -87.55
CA ASP CA 78 4.88 -5.00 -87.73
C ASP CA 78 3.87 -5.56 -86.75
N PHE CA 79 3.52 -4.81 -85.70
CA PHE CA 79 2.54 -5.22 -84.71
C PHE CA 79 1.23 -4.46 -84.81
N LEU CA 80 1.29 -3.20 -85.24
CA LEU CA 80 0.14 -2.32 -85.32
C LEU CA 80 -0.16 -1.99 -86.77
N PRO CA 81 -1.24 -2.46 -87.37
CA PRO CA 81 -1.47 -2.18 -88.77
C PRO CA 81 -1.96 -0.76 -88.97
N PRO CA 82 -2.04 -0.31 -90.22
CA PRO CA 82 -2.65 0.99 -90.48
C PRO CA 82 -4.17 0.93 -90.29
N GLY CA 83 -4.72 2.04 -89.86
CA GLY CA 83 -6.13 2.12 -89.61
C GLY CA 83 -6.95 2.40 -90.86
N GLY CA 84 -7.97 3.22 -90.71
CA GLY CA 84 -8.81 3.57 -91.83
C GLY CA 84 -9.54 4.88 -91.61
N GLY CA 85 -9.49 5.75 -92.62
CA GLY CA 85 -10.17 7.03 -92.54
C GLY CA 85 -9.33 8.09 -91.87
N SER CA 86 -9.97 8.91 -91.06
CA SER CA 86 -9.29 9.99 -90.38
C SER CA 86 -8.36 9.49 -89.29
N ASN CA 87 -8.50 8.23 -88.86
CA ASN CA 87 -7.60 7.64 -87.89
C ASN CA 87 -6.51 6.88 -88.65
N PRO CA 88 -5.27 7.35 -88.65
CA PRO CA 88 -4.25 6.69 -89.48
C PRO CA 88 -3.84 5.32 -88.99
N ARG CA 89 -4.03 5.04 -87.70
CA ARG CA 89 -3.65 3.78 -87.11
C ARG CA 89 -4.86 3.11 -86.47
N SER CA 90 -4.73 1.81 -86.22
CA SER CA 90 -5.84 1.01 -85.75
C SER CA 90 -6.07 1.15 -84.25
N VAL CA 91 -5.05 1.54 -83.51
CA VAL CA 91 -5.17 1.87 -82.09
C VAL CA 91 -5.18 3.39 -81.97
N PRO CA 92 -6.31 4.01 -81.60
CA PRO CA 92 -6.38 5.47 -81.71
C PRO CA 92 -5.71 6.21 -80.57
N PHE CA 93 -4.39 6.29 -80.65
CA PHE CA 93 -3.58 7.03 -79.69
C PHE CA 93 -2.48 7.76 -80.43
N GLU CA 94 -1.93 8.76 -79.76
CA GLU CA 94 -0.91 9.64 -80.34
C GLU CA 94 0.49 9.17 -80.02
N TYR CA 95 0.78 8.91 -78.75
CA TYR CA 95 2.11 8.62 -78.27
C TYR CA 95 2.19 7.17 -77.82
N TYR CA 96 3.43 6.67 -77.73
CA TYR CA 96 3.67 5.32 -77.26
C TYR CA 96 5.06 5.24 -76.68
N ARG CA 97 5.28 4.18 -75.91
CA ARG CA 97 6.61 3.82 -75.46
C ARG CA 97 6.60 2.36 -75.10
N ILE CA 98 7.56 1.61 -75.63
CA ILE CA 98 7.61 0.17 -75.44
C ILE CA 98 8.24 -0.11 -74.09
N ARG CA 99 7.51 -0.82 -73.25
CA ARG CA 99 7.95 -1.14 -71.89
C ARG CA 99 8.79 -2.40 -71.84
N LYS CA 100 8.33 -3.47 -72.49
CA LYS CA 100 9.00 -4.75 -72.45
C LYS CA 100 8.75 -5.46 -73.76
N VAL CA 101 9.61 -6.43 -74.05
CA VAL CA 101 9.42 -7.35 -75.16
C VAL CA 101 9.73 -8.75 -74.66
N LYS CA 102 8.95 -9.72 -75.15
CA LYS CA 102 9.14 -11.13 -74.87
C LYS CA 102 9.34 -11.83 -76.20
N VAL CA 103 10.56 -12.26 -76.43
CA VAL CA 103 10.89 -13.07 -77.60
C VAL CA 103 10.88 -14.52 -77.17
N GLU CA 104 10.08 -15.33 -77.88
CA GLU CA 104 9.91 -16.74 -77.58
C GLU CA 104 10.34 -17.52 -78.81
N PHE CA 105 11.36 -18.35 -78.65
CA PHE CA 105 11.77 -19.30 -79.69
C PHE CA 105 11.04 -20.60 -79.44
N TRP CA 106 9.96 -20.79 -80.17
CA TRP CA 106 9.21 -22.02 -80.09
C TRP CA 106 9.78 -23.02 -81.09
N PRO CA 107 10.30 -24.17 -80.66
CA PRO CA 107 10.93 -25.07 -81.61
C PRO CA 107 9.93 -25.72 -82.56
N CYS CA 108 10.47 -26.13 -83.70
CA CYS CA 108 9.75 -26.86 -84.71
C CYS CA 108 10.27 -28.27 -84.89
N SER CA 109 11.25 -28.68 -84.12
CA SER CA 109 11.99 -29.90 -84.33
C SER CA 109 11.59 -30.93 -83.28
N PRO CA 110 11.63 -32.22 -83.62
CA PRO CA 110 11.23 -33.24 -82.67
C PRO CA 110 12.24 -33.42 -81.54
N ILE CA 111 11.76 -34.01 -80.46
CA ILE CA 111 12.65 -34.29 -79.33
C ILE CA 111 13.60 -35.44 -79.58
N THR CA 112 13.46 -36.15 -80.70
CA THR CA 112 14.36 -37.20 -81.08
C THR CA 112 15.51 -36.73 -81.96
N GLN CA 113 15.58 -35.45 -82.27
CA GLN CA 113 16.60 -34.95 -83.17
C GLN CA 113 17.94 -34.91 -82.45
N GLY CA 114 18.97 -35.41 -83.12
CA GLY CA 114 20.30 -35.44 -82.58
C GLY CA 114 21.16 -34.28 -83.06
N ASP CA 115 22.47 -34.44 -82.88
CA ASP CA 115 23.44 -33.41 -83.18
C ASP CA 115 23.09 -32.13 -82.45
N ARG CA 116 22.72 -32.27 -81.19
CA ARG CA 116 22.33 -31.14 -80.38
C ARG CA 116 23.50 -30.19 -80.18
N GLY CA 117 23.17 -29.00 -79.70
CA GLY CA 117 24.13 -27.93 -79.59
C GLY CA 117 23.82 -26.98 -78.46
N VAL CA 118 24.60 -25.91 -78.38
CA VAL CA 118 24.45 -24.94 -77.31
C VAL CA 118 24.84 -23.57 -77.85
N GLY CA 119 23.96 -22.60 -77.66
CA GLY CA 119 24.13 -21.26 -78.16
C GLY CA 119 23.94 -20.21 -77.11
N SER CA 120 23.72 -18.97 -77.55
CA SER CA 120 23.66 -17.84 -76.65
C SER CA 120 22.79 -16.75 -77.26
N SER CA 121 22.00 -16.10 -76.41
CA SER CA 121 21.21 -14.94 -76.77
C SER CA 121 21.57 -13.80 -75.85
N ALA CA 122 21.87 -12.64 -76.43
CA ALA CA 122 22.29 -11.47 -75.69
C ALA CA 122 21.45 -10.27 -76.09
N VAL CA 123 21.46 -9.26 -75.22
CA VAL CA 123 20.65 -8.06 -75.37
C VAL CA 123 21.56 -6.93 -75.83
N ILE CA 124 21.24 -6.37 -77.00
CA ILE CA 124 22.09 -5.41 -77.70
C ILE CA 124 21.25 -4.18 -77.98
N LEU CA 125 21.41 -3.16 -77.14
CA LEU CA 125 20.52 -2.00 -77.14
C LEU CA 125 21.04 -0.83 -77.97
N ASP CA 126 21.84 -1.06 -79.02
CA ASP CA 126 22.52 0.03 -79.70
C ASP CA 126 22.66 -0.10 -81.20
N ASP CA 127 22.11 -1.13 -81.83
CA ASP CA 127 22.09 -1.24 -83.29
C ASP CA 127 23.48 -1.47 -83.87
N ASN CA 128 24.38 -2.07 -83.10
CA ASN CA 128 25.67 -2.52 -83.59
C ASN CA 128 25.81 -3.95 -83.10
N PHE CA 129 25.35 -4.88 -83.93
CA PHE CA 129 25.40 -6.29 -83.68
C PHE CA 129 26.69 -6.88 -84.21
N VAL CA 130 27.02 -8.07 -83.72
CA VAL CA 130 28.04 -8.87 -84.37
C VAL CA 130 27.57 -9.17 -85.77
N THR CA 131 28.51 -9.13 -86.72
CA THR CA 131 28.17 -9.30 -88.11
C THR CA 131 27.50 -10.65 -88.35
N LYS CA 132 26.49 -10.65 -89.22
CA LYS CA 132 25.80 -11.87 -89.54
C LYS CA 132 26.75 -12.86 -90.20
N ALA CA 133 26.75 -14.08 -89.66
CA ALA CA 133 27.66 -15.12 -90.10
C ALA CA 133 26.90 -16.43 -90.22
N THR CA 134 27.36 -17.26 -91.16
CA THR CA 134 26.77 -18.57 -91.39
C THR CA 134 27.44 -19.63 -90.51
N ALA CA 135 28.77 -19.69 -90.53
CA ALA CA 135 29.52 -20.65 -89.73
C ALA CA 135 30.74 -19.93 -89.16
N LEU CA 136 30.57 -19.33 -88.00
CA LEU CA 136 31.65 -18.69 -87.27
C LEU CA 136 32.24 -19.65 -86.26
N THR CA 137 33.55 -19.58 -86.09
CA THR CA 137 34.31 -20.56 -85.31
C THR CA 137 34.16 -20.38 -83.81
N TYR CA 138 33.28 -19.52 -83.34
CA TYR CA 138 33.11 -19.29 -81.91
C TYR CA 138 31.76 -18.64 -81.69
N ASP CA 139 31.34 -18.63 -80.43
CA ASP CA 139 30.11 -18.00 -80.01
C ASP CA 139 30.44 -16.59 -79.52
N PRO CA 140 30.11 -15.54 -80.28
CA PRO CA 140 30.51 -14.21 -79.83
C PRO CA 140 29.75 -13.72 -78.63
N TYR CA 141 28.50 -14.13 -78.47
CA TYR CA 141 27.64 -13.65 -77.41
C TYR CA 141 27.78 -14.46 -76.13
N VAL CA 142 28.84 -15.24 -75.99
CA VAL CA 142 28.94 -16.16 -74.86
C VAL CA 142 29.40 -15.44 -73.61
N ASN CA 143 30.34 -14.51 -73.74
CA ASN CA 143 30.88 -13.80 -72.60
C ASN CA 143 30.12 -12.53 -72.28
N TYR CA 144 29.02 -12.27 -72.97
CA TYR CA 144 28.20 -11.10 -72.68
C TYR CA 144 27.51 -11.26 -71.34
N SER CA 145 27.40 -10.14 -70.63
CA SER CA 145 26.75 -10.13 -69.33
C SER CA 145 25.27 -10.48 -69.42
N SER CA 146 24.65 -10.29 -70.58
CA SER CA 146 23.25 -10.61 -70.79
C SER CA 146 23.05 -11.91 -71.54
N ARG CA 147 24.03 -12.81 -71.50
CA ARG CA 147 23.93 -14.06 -72.21
C ARG CA 147 23.05 -15.03 -71.44
N HIS CA 148 22.11 -15.64 -72.16
CA HIS CA 148 21.38 -16.79 -71.70
C HIS CA 148 21.69 -17.92 -72.66
N THR CA 149 21.88 -19.11 -72.11
CA THR CA 149 22.19 -20.27 -72.91
C THR CA 149 20.96 -20.73 -73.69
N ILE CA 150 21.18 -21.05 -74.95
CA ILE CA 150 20.17 -21.63 -75.82
C ILE CA 150 20.53 -23.09 -75.96
N THR CA 151 19.73 -23.95 -75.36
CA THR CA 151 19.76 -25.37 -75.68
C THR CA 151 19.04 -25.59 -76.99
N GLN CA 152 19.63 -26.40 -77.86
CA GLN CA 152 19.15 -26.66 -79.19
C GLN CA 152 18.95 -28.15 -79.38
N PRO CA 153 18.10 -28.55 -80.34
CA PRO CA 153 17.18 -27.82 -81.22
C PRO CA 153 15.75 -27.78 -80.74
N PHE CA 154 15.40 -28.64 -79.78
CA PHE CA 154 14.02 -28.90 -79.42
C PHE CA 154 13.63 -28.28 -78.10
N SER CA 155 14.26 -27.17 -77.73
CA SER CA 155 14.06 -26.55 -76.44
C SER CA 155 13.60 -25.12 -76.60
N TYR CA 156 12.75 -24.71 -75.68
CA TYR CA 156 12.16 -23.39 -75.68
C TYR CA 156 13.09 -22.39 -75.02
N HIS CA 157 13.16 -21.20 -75.59
CA HIS CA 157 14.02 -20.12 -75.12
C HIS CA 157 13.21 -18.84 -75.11
N SER CA 158 13.13 -18.21 -73.95
CA SER CA 158 12.46 -16.92 -73.79
C SER CA 158 13.46 -15.88 -73.32
N ARG CA 159 13.22 -14.65 -73.73
CA ARG CA 159 13.98 -13.49 -73.27
C ARG CA 159 13.00 -12.36 -73.04
N TYR CA 160 13.03 -11.78 -71.86
CA TYR CA 160 12.13 -10.72 -71.44
C TYR CA 160 12.95 -9.54 -70.97
N PHE CA 161 12.85 -8.44 -71.69
CA PHE CA 161 13.73 -7.30 -71.48
C PHE CA 161 13.04 -6.03 -71.96
N THR CA 162 13.70 -4.92 -71.72
CA THR CA 162 13.21 -3.59 -72.08
C THR CA 162 14.03 -3.06 -73.24
N PRO CA 163 13.47 -2.92 -74.44
CA PRO CA 163 14.28 -2.42 -75.55
C PRO CA 163 14.50 -0.94 -75.48
N LYS CA 164 15.26 -0.41 -76.45
CA LYS CA 164 15.58 1.00 -76.53
C LYS CA 164 15.44 1.44 -77.97
N PRO CA 165 14.97 2.67 -78.21
CA PRO CA 165 14.84 3.13 -79.59
C PRO CA 165 16.13 3.67 -80.16
N VAL CA 166 16.19 3.65 -81.48
CA VAL CA 166 17.35 4.13 -82.23
C VAL CA 166 17.09 5.60 -82.54
N LEU CA 167 17.50 6.46 -81.63
CA LEU CA 167 17.33 7.89 -81.79
C LEU CA 167 18.42 8.49 -82.67
N ASP CA 168 19.67 8.09 -82.43
CA ASP CA 168 20.79 8.51 -83.27
C ASP CA 168 21.70 7.31 -83.44
N SER CA 169 21.72 6.75 -84.66
CA SER CA 169 22.57 5.61 -84.94
C SER CA 169 24.04 5.98 -85.01
N THR CA 170 24.37 7.26 -85.16
CA THR CA 170 25.76 7.68 -85.20
C THR CA 170 26.40 7.66 -83.82
N ILE CA 171 25.65 8.07 -82.80
CA ILE CA 171 26.16 8.19 -81.44
C ILE CA 171 25.69 6.98 -80.63
N ASP CA 172 24.50 6.50 -80.92
CA ASP CA 172 23.94 5.31 -80.29
C ASP CA 172 23.84 5.49 -78.77
N TYR CA 173 23.01 6.43 -78.38
CA TYR CA 173 22.74 6.71 -76.97
C TYR CA 173 21.38 6.19 -76.59
N PHE CA 174 21.26 5.74 -75.34
CA PHE CA 174 20.00 5.23 -74.83
C PHE CA 174 19.91 5.51 -73.34
N GLN CA 175 18.74 5.39 -72.85
CA GLN CA 175 18.40 5.66 -71.48
C GLN CA 175 18.49 4.40 -70.62
N PRO CA 176 18.82 4.51 -69.35
CA PRO CA 176 18.66 3.36 -68.46
C PRO CA 176 17.21 3.09 -68.15
N ASN CA 177 16.96 1.99 -67.46
CA ASN CA 177 15.59 1.56 -67.19
C ASN CA 177 14.99 2.43 -66.11
N ASN CA 178 13.94 3.15 -66.46
CA ASN CA 178 13.20 3.99 -65.52
C ASN CA 178 11.80 4.12 -66.07
N LYS CA 179 10.82 3.56 -65.38
CA LYS CA 179 9.46 3.61 -65.90
C LYS CA 179 8.93 5.03 -65.90
N ARG CA 180 9.38 5.87 -64.98
CA ARG CA 180 8.83 7.22 -64.85
C ARG CA 180 9.45 8.19 -65.83
N ASN CA 181 10.68 7.94 -66.27
CA ASN CA 181 11.43 8.85 -67.12
C ASN CA 181 11.55 8.37 -68.56
N GLN CA 182 10.95 7.25 -68.91
CA GLN CA 182 11.07 6.73 -70.26
C GLN CA 182 10.41 7.68 -71.25
N LEU CA 183 11.09 7.92 -72.35
CA LEU CA 183 10.62 8.83 -73.36
C LEU CA 183 9.35 8.32 -74.02
N TRP CA 184 8.48 9.25 -74.35
CA TRP CA 184 7.32 8.98 -75.19
C TRP CA 184 7.69 9.31 -76.62
N LEU CA 185 7.51 8.34 -77.51
CA LEU CA 185 7.63 8.55 -78.93
C LEU CA 185 6.25 8.79 -79.53
N ARG CA 186 6.25 9.29 -80.75
CA ARG CA 186 5.02 9.46 -81.51
C ARG CA 186 4.73 8.22 -82.33
N LEU CA 187 3.47 7.84 -82.34
CA LEU CA 187 2.98 6.78 -83.20
C LEU CA 187 2.78 7.35 -84.59
N GLN CA 188 3.81 7.23 -85.41
CA GLN CA 188 3.77 7.75 -86.76
C GLN CA 188 2.81 6.94 -87.61
N THR CA 189 2.59 7.41 -88.83
CA THR CA 189 1.67 6.74 -89.74
C THR CA 189 2.33 5.56 -90.43
N ALA CA 190 3.51 5.78 -91.07
CA ALA CA 190 4.21 4.69 -91.74
C ALA CA 190 5.73 4.78 -91.59
N GLY CA 191 6.23 5.42 -90.53
CA GLY CA 191 7.65 5.68 -90.41
C GLY CA 191 8.21 5.56 -89.02
N ASN CA 192 7.66 4.65 -88.23
CA ASN CA 192 8.09 4.51 -86.84
C ASN CA 192 9.53 4.02 -86.76
N VAL CA 193 10.14 4.30 -85.63
CA VAL CA 193 11.56 4.06 -85.41
C VAL CA 193 11.78 2.65 -84.90
N ASP CA 194 12.90 2.06 -85.28
CA ASP CA 194 13.19 0.69 -84.94
C ASP CA 194 13.71 0.61 -83.51
N HIS CA 195 13.12 -0.28 -82.73
CA HIS CA 195 13.66 -0.65 -81.44
C HIS CA 195 14.55 -1.87 -81.60
N VAL CA 196 15.46 -2.02 -80.65
CA VAL CA 196 16.57 -2.94 -80.78
C VAL CA 196 16.82 -3.58 -79.43
N GLY CA 197 17.57 -4.68 -79.43
CA GLY CA 197 17.76 -5.41 -78.19
C GLY CA 197 17.92 -6.91 -78.17
N LEU CA 198 18.10 -7.58 -79.30
CA LEU CA 198 18.43 -8.99 -79.22
C LEU CA 198 19.32 -9.46 -80.35
N GLY CA 199 20.36 -10.20 -79.98
CA GLY CA 199 21.20 -10.90 -80.93
C GLY CA 199 21.45 -12.30 -80.45
N THR CA 200 21.58 -13.20 -81.42
CA THR CA 200 21.60 -14.64 -81.17
C THR CA 200 22.82 -15.28 -81.81
N ALA CA 201 23.13 -16.48 -81.33
CA ALA CA 201 24.17 -17.31 -81.92
C ALA CA 201 23.73 -18.76 -81.74
N PHE CA 202 23.40 -19.41 -82.85
CA PHE CA 202 22.96 -20.79 -82.86
C PHE CA 202 24.04 -21.69 -83.41
N GLU CA 203 24.26 -22.81 -82.74
CA GLU CA 203 25.24 -23.79 -83.18
C GLU CA 203 24.67 -24.60 -84.34
N ASN CA 204 25.42 -24.67 -85.41
CA ASN CA 204 24.96 -25.35 -86.61
C ASN CA 204 24.93 -26.85 -86.39
N SER CA 205 24.27 -27.54 -87.32
CA SER CA 205 24.01 -28.97 -87.19
C SER CA 205 23.89 -29.59 -88.58
N ILE CA 206 23.92 -30.92 -88.60
CA ILE CA 206 23.73 -31.64 -89.85
C ILE CA 206 22.30 -31.52 -90.33
N TYR CA 207 21.36 -31.35 -89.41
CA TYR CA 207 19.95 -31.21 -89.74
C TYR CA 207 19.53 -29.75 -89.64
N ASP CA 208 18.46 -29.43 -90.36
CA ASP CA 208 17.92 -28.08 -90.31
C ASP CA 208 17.18 -27.85 -89.00
N GLN CA 209 17.45 -26.70 -88.38
CA GLN CA 209 16.83 -26.31 -87.12
C GLN CA 209 15.88 -25.16 -87.40
N GLU CA 210 14.59 -25.42 -87.33
CA GLU CA 210 13.55 -24.42 -87.57
C GLU CA 210 12.95 -23.97 -86.25
N TYR CA 211 12.50 -22.72 -86.24
CA TYR CA 211 11.87 -22.10 -85.08
C TYR CA 211 10.74 -21.21 -85.54
N ASN CA 212 9.70 -21.13 -84.71
CA ASN CA 212 8.61 -20.17 -84.86
C ASN CA 212 8.77 -19.15 -83.75
N ILE CA 213 9.16 -17.93 -84.13
CA ILE CA 213 9.49 -16.91 -83.15
C ILE CA 213 8.28 -16.02 -82.96
N ARG CA 214 7.84 -15.90 -81.71
CA ARG CA 214 6.70 -15.08 -81.32
C ARG CA 214 7.21 -13.94 -80.47
N VAL CA 215 7.14 -12.72 -81.00
CA VAL CA 215 7.52 -11.52 -80.28
C VAL CA 215 6.26 -10.88 -79.76
N THR CA 216 6.28 -10.53 -78.47
CA THR CA 216 5.19 -9.87 -77.79
C THR CA 216 5.73 -8.59 -77.20
N MET CA 217 5.17 -7.46 -77.63
CA MET CA 217 5.55 -6.15 -77.12
C MET CA 217 4.49 -5.63 -76.17
N TYR CA 218 4.92 -5.24 -74.98
CA TYR CA 218 4.07 -4.64 -73.98
C TYR CA 218 4.23 -3.14 -74.04
N VAL CA 219 3.22 -2.46 -74.58
CA VAL CA 219 3.30 -1.06 -74.93
C VAL CA 219 2.40 -0.26 -74.00
N GLN CA 220 2.59 1.06 -74.05
CA GLN CA 220 1.85 2.00 -73.23
C GLN CA 220 1.59 3.21 -74.09
N PHE CA 221 0.32 3.47 -74.38
CA PHE CA 221 -0.09 4.57 -75.22
C PHE CA 221 -0.58 5.75 -74.38
N ARG CA 222 -0.84 6.87 -75.05
CA ARG CA 222 -1.22 8.09 -74.39
C ARG CA 222 -2.00 8.95 -75.38
N GLU CA 223 -2.93 9.74 -74.83
CA GLU CA 223 -3.68 10.75 -75.57
C GLU CA 223 -4.52 10.13 -76.69
N PHE CA 224 -5.55 9.42 -76.25
CA PHE CA 224 -6.66 8.98 -77.08
C PHE CA 224 -7.10 10.09 -78.02
N ASN CA 225 -7.06 9.83 -79.32
CA ASN CA 225 -7.24 10.86 -80.33
C ASN CA 225 -8.17 10.42 -81.43
N LEU CA 226 -9.26 9.77 -81.05
CA LEU CA 226 -10.21 9.31 -82.04
C LEU CA 226 -10.87 10.49 -82.73
N LYS CA 227 -11.11 10.34 -84.03
CA LYS CA 227 -11.76 11.35 -84.85
C LYS CA 227 -13.05 10.77 -85.42
N ASP CA 228 -14.15 11.49 -85.22
CA ASP CA 228 -15.49 11.01 -85.56
C ASP CA 228 -16.14 12.01 -86.50
N PRO CA 229 -15.89 11.92 -87.79
CA PRO CA 229 -16.60 12.73 -88.74
C PRO CA 229 -18.02 12.22 -88.93
N PRO CA 230 -18.90 13.01 -89.55
CA PRO CA 230 -20.23 12.49 -89.87
C PRO CA 230 -20.21 11.44 -90.96
N LEU CA 231 -21.39 10.95 -91.32
CA LEU CA 231 -21.52 9.89 -92.32
C LEU CA 231 -22.73 10.13 -93.22
N GLY DA 43 43.11 -3.66 -57.08
CA GLY DA 43 42.03 -3.48 -58.03
C GLY DA 43 41.41 -4.78 -58.48
N ILE DA 44 40.51 -5.29 -57.66
CA ILE DA 44 39.94 -6.60 -57.87
C ILE DA 44 38.86 -6.55 -58.94
N PHE DA 45 38.78 -7.61 -59.73
CA PHE DA 45 37.74 -7.76 -60.73
C PHE DA 45 37.46 -9.25 -60.87
N ASN DA 46 36.37 -9.70 -60.27
CA ASN DA 46 35.91 -11.07 -60.44
C ASN DA 46 35.06 -11.16 -61.69
N THR DA 47 35.40 -12.10 -62.57
CA THR DA 47 34.65 -12.32 -63.78
C THR DA 47 34.57 -13.81 -64.06
N ARG DA 48 34.15 -14.14 -65.28
CA ARG DA 48 33.85 -15.51 -65.69
C ARG DA 48 34.26 -15.68 -67.14
N LEU DA 49 35.06 -16.69 -67.40
CA LEU DA 49 35.59 -17.00 -68.71
C LEU DA 49 35.24 -18.42 -69.07
N SER DA 50 34.82 -18.63 -70.31
CA SER DA 50 34.34 -19.92 -70.78
C SER DA 50 35.07 -20.33 -72.05
N ARG DA 51 34.84 -21.59 -72.42
CA ARG DA 51 35.52 -22.27 -73.50
C ARG DA 51 34.79 -23.58 -73.73
N THR DA 52 34.66 -23.97 -74.99
CA THR DA 52 33.89 -25.14 -75.38
C THR DA 52 34.70 -25.98 -76.35
N PHE DA 53 34.64 -27.29 -76.16
CA PHE DA 53 35.37 -28.23 -77.00
C PHE DA 53 34.71 -29.59 -76.89
N GLY DA 54 35.14 -30.49 -77.76
CA GLY DA 54 34.55 -31.81 -77.87
C GLY DA 54 35.35 -32.94 -77.27
N TYR DA 55 34.66 -34.02 -76.94
CA TYR DA 55 35.27 -35.25 -76.44
C TYR DA 55 34.39 -36.41 -76.87
N THR DA 56 35.02 -37.43 -77.44
CA THR DA 56 34.31 -38.60 -77.94
C THR DA 56 34.93 -39.85 -77.35
N ILE DA 57 34.07 -40.79 -76.98
CA ILE DA 57 34.45 -42.12 -76.55
C ILE DA 57 34.06 -43.05 -77.70
N LYS DA 58 35.06 -43.50 -78.44
CA LYS DA 58 34.81 -44.33 -79.60
C LYS DA 58 34.24 -45.69 -79.18
N ARG DA 59 33.59 -46.33 -80.14
CA ARG DA 59 32.96 -47.62 -79.92
C ARG DA 59 34.00 -48.73 -79.80
N THR DA 60 33.57 -49.83 -79.20
CA THR DA 60 34.41 -51.01 -79.02
C THR DA 60 33.57 -52.26 -79.20
N THR DA 61 34.13 -53.25 -79.90
CA THR DA 61 33.52 -54.56 -80.02
C THR DA 61 33.69 -55.42 -78.77
N VAL DA 62 34.45 -54.95 -77.78
CA VAL DA 62 34.66 -55.71 -76.56
C VAL DA 62 33.32 -55.94 -75.86
N LYS DA 63 33.12 -57.16 -75.37
CA LYS DA 63 31.87 -57.54 -74.74
C LYS DA 63 31.82 -57.12 -73.28
N THR DA 64 32.95 -57.20 -72.59
CA THR DA 64 33.00 -56.93 -71.17
C THR DA 64 32.68 -55.47 -70.88
N PRO DA 65 32.38 -55.14 -69.63
CA PRO DA 65 32.32 -53.72 -69.25
C PRO DA 65 33.73 -53.19 -69.04
N SER DA 66 34.18 -52.38 -69.97
CA SER DA 66 35.46 -51.70 -69.88
C SER DA 66 35.23 -50.19 -69.84
N TRP DA 67 36.20 -49.49 -69.30
CA TRP DA 67 36.12 -48.05 -69.14
C TRP DA 67 37.26 -47.36 -69.89
N ALA DA 68 36.95 -46.15 -70.35
CA ALA DA 68 37.89 -45.30 -71.06
C ALA DA 68 38.30 -44.17 -70.14
N VAL DA 69 39.59 -44.07 -69.88
CA VAL DA 69 40.13 -43.13 -68.92
C VAL DA 69 40.79 -41.99 -69.68
N ASP DA 70 40.63 -40.78 -69.16
CA ASP DA 70 41.24 -39.60 -69.74
C ASP DA 70 41.37 -38.54 -68.66
N MET DA 71 42.15 -37.52 -68.98
CA MET DA 71 42.49 -36.45 -68.05
C MET DA 71 42.00 -35.11 -68.59
N MET DA 72 42.05 -34.11 -67.73
CA MET DA 72 41.57 -32.77 -68.07
C MET DA 72 42.32 -31.76 -67.23
N ARG DA 73 43.12 -30.93 -67.89
CA ARG DA 73 43.81 -29.80 -67.29
C ARG DA 73 43.15 -28.50 -67.72
N PHE DA 74 43.50 -27.42 -67.04
CA PHE DA 74 42.95 -26.11 -67.30
C PHE DA 74 44.07 -25.08 -67.33
N ASN DA 75 44.17 -24.34 -68.43
CA ASN DA 75 45.11 -23.24 -68.56
C ASN DA 75 44.37 -21.99 -69.00
N ILE DA 76 44.87 -20.85 -68.57
CA ILE DA 76 44.21 -19.57 -68.85
C ILE DA 76 44.51 -19.05 -70.24
N ASN DA 77 45.50 -19.59 -70.93
CA ASN DA 77 45.74 -19.18 -72.31
C ASN DA 77 44.59 -19.59 -73.22
N ASP DA 78 43.92 -20.69 -72.89
CA ASP DA 78 42.81 -21.18 -73.68
C ASP DA 78 41.53 -20.40 -73.46
N PHE DA 79 41.47 -19.58 -72.42
CA PHE DA 79 40.31 -18.76 -72.10
C PHE DA 79 40.54 -17.28 -72.36
N LEU DA 80 41.78 -16.82 -72.20
CA LEU DA 80 42.15 -15.42 -72.34
C LEU DA 80 43.07 -15.24 -73.53
N PRO DA 81 42.65 -14.61 -74.63
CA PRO DA 81 43.53 -14.51 -75.78
C PRO DA 81 44.61 -13.47 -75.57
N PRO DA 82 45.58 -13.39 -76.47
CA PRO DA 82 46.54 -12.30 -76.40
C PRO DA 82 45.91 -10.99 -76.82
N GLY DA 83 46.39 -9.92 -76.22
CA GLY DA 83 45.86 -8.60 -76.50
C GLY DA 83 46.47 -7.97 -77.73
N GLY DA 84 46.72 -6.68 -77.65
CA GLY DA 84 47.30 -5.97 -78.76
C GLY DA 84 47.99 -4.69 -78.33
N GLY DA 85 49.21 -4.49 -78.81
CA GLY DA 85 49.96 -3.31 -78.49
C GLY DA 85 50.74 -3.44 -77.20
N SER DA 86 50.76 -2.36 -76.43
CA SER DA 86 51.49 -2.35 -75.16
C SER DA 86 50.83 -3.21 -74.11
N ASN DA 87 49.56 -3.59 -74.30
CA ASN DA 87 48.89 -4.50 -73.41
C ASN DA 87 49.02 -5.92 -73.93
N PRO DA 88 49.80 -6.79 -73.28
CA PRO DA 88 50.04 -8.11 -73.88
C PRO DA 88 48.83 -9.02 -73.85
N ARG DA 89 47.89 -8.78 -72.95
CA ARG DA 89 46.69 -9.60 -72.81
C ARG DA 89 45.45 -8.75 -73.00
N SER DA 90 44.33 -9.42 -73.25
CA SER DA 90 43.09 -8.74 -73.59
C SER DA 90 42.36 -8.23 -72.35
N VAL DA 91 42.61 -8.82 -71.20
CA VAL DA 91 42.10 -8.34 -69.92
C VAL DA 91 43.24 -7.60 -69.22
N PRO DA 92 43.18 -6.28 -69.08
CA PRO DA 92 44.37 -5.55 -68.61
C PRO DA 92 44.58 -5.61 -67.10
N PHE DA 93 45.12 -6.73 -66.66
CA PHE DA 93 45.46 -6.94 -65.27
C PHE DA 93 46.78 -7.68 -65.20
N GLU DA 94 47.41 -7.60 -64.03
CA GLU DA 94 48.73 -8.18 -63.79
C GLU DA 94 48.65 -9.56 -63.19
N TYR DA 95 47.89 -9.72 -62.12
CA TYR DA 95 47.83 -10.94 -61.34
C TYR DA 95 46.48 -11.61 -61.51
N TYR DA 96 46.43 -12.89 -61.18
CA TYR DA 96 45.19 -13.65 -61.23
C TYR DA 96 45.28 -14.82 -60.27
N ARG DA 97 44.12 -15.37 -59.97
CA ARG DA 97 44.03 -16.62 -59.23
C ARG DA 97 42.67 -17.23 -59.51
N ILE DA 98 42.67 -18.50 -59.91
CA ILE DA 98 41.45 -19.17 -60.30
C ILE DA 98 40.73 -19.63 -59.05
N ARG DA 99 39.49 -19.19 -58.88
CA ARG DA 99 38.69 -19.49 -57.71
C ARG DA 99 37.93 -20.80 -57.85
N LYS DA 100 37.27 -20.99 -58.99
CA LYS DA 100 36.45 -22.16 -59.24
C LYS DA 100 36.48 -22.49 -60.71
N VAL DA 101 36.13 -23.73 -61.02
CA VAL DA 101 35.92 -24.18 -62.39
C VAL DA 101 34.65 -25.01 -62.41
N LYS DA 102 33.89 -24.85 -63.48
CA LYS DA 102 32.67 -25.62 -63.74
C LYS DA 102 32.87 -26.34 -65.06
N VAL DA 103 33.05 -27.65 -64.99
CA VAL DA 103 33.11 -28.50 -66.16
C VAL DA 103 31.74 -29.08 -66.40
N GLU DA 104 31.20 -28.87 -67.60
CA GLU DA 104 29.88 -29.33 -67.98
C GLU DA 104 30.02 -30.27 -69.16
N PHE DA 105 29.62 -31.51 -68.98
CA PHE DA 105 29.54 -32.48 -70.07
C PHE DA 105 28.14 -32.40 -70.65
N TRP DA 106 28.01 -31.66 -71.74
CA TRP DA 106 26.76 -31.56 -72.45
C TRP DA 106 26.67 -32.68 -73.46
N PRO DA 107 25.69 -33.59 -73.38
CA PRO DA 107 25.67 -34.71 -74.30
C PRO DA 107 25.33 -34.30 -75.71
N CYS DA 108 25.77 -35.15 -76.63
CA CYS DA 108 25.48 -35.02 -78.04
C CYS DA 108 24.62 -36.16 -78.57
N SER DA 109 24.21 -37.07 -77.72
CA SER DA 109 23.58 -38.31 -78.10
C SER DA 109 22.10 -38.27 -77.78
N PRO DA 110 21.27 -38.96 -78.56
CA PRO DA 110 19.84 -38.92 -78.32
C PRO DA 110 19.45 -39.70 -77.08
N ILE DA 111 18.26 -39.38 -76.57
CA ILE DA 111 17.75 -40.09 -75.41
C ILE DA 111 17.27 -41.49 -75.72
N THR DA 112 17.24 -41.87 -76.99
CA THR DA 112 16.89 -43.22 -77.41
C THR DA 112 18.08 -44.14 -77.53
N GLN DA 113 19.29 -43.66 -77.26
CA GLN DA 113 20.48 -44.48 -77.45
C GLN DA 113 20.57 -45.50 -76.34
N GLY DA 114 20.85 -46.74 -76.72
CA GLY DA 114 20.98 -47.83 -75.78
C GLY DA 114 22.42 -48.13 -75.42
N ASP DA 115 22.61 -49.31 -74.84
CA ASP DA 115 23.91 -49.73 -74.32
C ASP DA 115 24.44 -48.72 -73.33
N ARG DA 116 23.55 -48.26 -72.46
CA ARG DA 116 23.90 -47.26 -71.48
C ARG DA 116 24.94 -47.81 -70.50
N GLY DA 117 25.53 -46.89 -69.75
CA GLY DA 117 26.63 -47.22 -68.87
C GLY DA 117 26.70 -46.33 -67.67
N VAL DA 118 27.76 -46.49 -66.88
CA VAL DA 118 27.94 -45.74 -65.65
C VAL DA 118 29.42 -45.54 -65.42
N GLY DA 119 29.79 -44.29 -65.20
CA GLY DA 119 31.18 -43.91 -65.02
C GLY DA 119 31.42 -43.08 -63.79
N SER DA 120 32.54 -42.39 -63.76
CA SER DA 120 32.95 -41.67 -62.57
C SER DA 120 33.86 -40.52 -62.96
N SER DA 121 33.67 -39.38 -62.29
CA SER DA 121 34.54 -38.22 -62.42
C SER DA 121 35.08 -37.85 -61.06
N ALA DA 122 36.39 -37.68 -60.97
CA ALA DA 122 37.07 -37.38 -59.73
C ALA DA 122 37.97 -36.17 -59.90
N VAL DA 123 38.31 -35.57 -58.77
CA VAL DA 123 39.08 -34.34 -58.71
C VAL DA 123 40.52 -34.68 -58.33
N ILE DA 124 41.46 -34.32 -59.20
CA ILE DA 124 42.86 -34.74 -59.09
C ILE DA 124 43.71 -33.49 -59.14
N LEU DA 125 44.14 -33.02 -57.98
CA LEU DA 125 44.76 -31.71 -57.84
C LEU DA 125 46.29 -31.76 -57.88
N ASP DA 126 46.90 -32.74 -58.57
CA ASP DA 126 48.34 -32.94 -58.45
C ASP DA 126 49.07 -33.37 -59.72
N ASP DA 127 48.39 -33.47 -60.86
CA ASP DA 127 49.04 -33.73 -62.13
C ASP DA 127 49.62 -35.14 -62.21
N ASN DA 128 49.04 -36.08 -61.45
CA ASN DA 128 49.35 -37.49 -61.59
C ASN DA 128 48.01 -38.20 -61.69
N PHE DA 129 47.56 -38.35 -62.92
CA PHE DA 129 46.31 -39.01 -63.25
C PHE DA 129 46.53 -40.50 -63.46
N VAL DA 130 45.44 -41.25 -63.40
CA VAL DA 130 45.47 -42.62 -63.88
C VAL DA 130 45.81 -42.58 -65.36
N THR DA 131 46.63 -43.53 -65.79
CA THR DA 131 47.11 -43.54 -67.16
C THR DA 131 45.94 -43.61 -68.13
N LYS DA 132 46.07 -42.88 -69.23
CA LYS DA 132 45.04 -42.89 -70.26
C LYS DA 132 44.90 -44.28 -70.84
N ALA DA 133 43.66 -44.76 -70.88
CA ALA DA 133 43.36 -46.11 -71.33
C ALA DA 133 42.13 -46.07 -72.23
N THR DA 134 42.10 -47.00 -73.17
CA THR DA 134 40.99 -47.14 -74.10
C THR DA 134 39.92 -48.07 -73.55
N ALA DA 135 40.30 -49.25 -73.09
CA ALA DA 135 39.38 -50.22 -72.53
C ALA DA 135 40.04 -50.86 -71.31
N LEU DA 136 39.86 -50.24 -70.17
CA LEU DA 136 40.35 -50.76 -68.90
C LEU DA 136 39.26 -51.56 -68.22
N THR DA 137 39.65 -52.65 -67.56
CA THR DA 137 38.71 -53.63 -67.02
C THR DA 137 38.03 -53.17 -65.73
N TYR DA 138 38.20 -51.92 -65.32
CA TYR DA 138 37.58 -51.45 -64.09
C TYR DA 138 37.54 -49.93 -64.14
N ASP DA 139 36.76 -49.35 -63.23
CA ASP DA 139 36.65 -47.92 -63.08
C ASP DA 139 37.62 -47.48 -62.00
N PRO DA 140 38.74 -46.83 -62.33
CA PRO DA 140 39.70 -46.49 -61.29
C PRO DA 140 39.22 -45.41 -60.35
N TYR DA 141 38.41 -44.48 -60.85
CA TYR DA 141 37.97 -43.34 -60.08
C TYR DA 141 36.71 -43.61 -59.28
N VAL DA 142 36.36 -44.89 -59.07
CA VAL DA 142 35.08 -45.22 -58.46
C VAL DA 142 35.15 -45.07 -56.95
N ASN DA 143 36.26 -45.49 -56.34
CA ASN DA 143 36.41 -45.44 -54.90
C ASN DA 143 37.01 -44.14 -54.41
N TYR DA 144 37.22 -43.18 -55.30
CA TYR DA 144 37.72 -41.88 -54.89
C TYR DA 144 36.69 -41.12 -54.08
N SER DA 145 37.17 -40.40 -53.08
CA SER DA 145 36.30 -39.61 -52.22
C SER DA 145 35.59 -38.50 -52.97
N SER DA 146 36.13 -38.07 -54.10
CA SER DA 146 35.54 -37.02 -54.92
C SER DA 146 34.84 -37.58 -56.14
N ARG DA 147 34.41 -38.83 -56.10
CA ARG DA 147 33.75 -39.44 -57.24
C ARG DA 147 32.31 -39.00 -57.29
N HIS DA 148 31.90 -38.58 -58.48
CA HIS DA 148 30.50 -38.39 -58.84
C HIS DA 148 30.19 -39.34 -59.97
N THR DA 149 29.03 -39.97 -59.91
CA THR DA 149 28.62 -40.90 -60.94
C THR DA 149 28.27 -40.17 -62.22
N ILE DA 150 28.75 -40.72 -63.33
CA ILE DA 150 28.40 -40.24 -64.67
C ILE DA 150 27.43 -41.26 -65.22
N THR DA 151 26.17 -40.85 -65.36
CA THR DA 151 25.24 -41.59 -66.18
C THR DA 151 25.50 -41.27 -67.64
N GLN DA 152 25.50 -42.31 -68.46
CA GLN DA 152 25.82 -42.22 -69.87
C GLN DA 152 24.67 -42.77 -70.70
N PRO DA 153 24.57 -42.37 -71.97
CA PRO DA 153 25.30 -41.38 -72.76
C PRO DA 153 24.63 -40.02 -72.88
N PHE DA 154 23.34 -39.96 -72.54
CA PHE DA 154 22.51 -38.82 -72.84
C PHE DA 154 22.20 -37.97 -71.62
N SER DA 155 23.08 -37.96 -70.64
CA SER DA 155 22.84 -37.29 -69.38
C SER DA 155 23.91 -36.25 -69.12
N TYR DA 156 23.49 -35.17 -68.50
CA TYR DA 156 24.35 -34.05 -68.19
C TYR DA 156 25.09 -34.29 -66.89
N HIS DA 157 26.36 -33.90 -66.88
CA HIS DA 157 27.24 -34.06 -65.73
C HIS DA 157 28.01 -32.77 -65.52
N SER DA 158 27.88 -32.21 -64.32
CA SER DA 158 28.60 -31.02 -63.92
C SER DA 158 29.50 -31.33 -62.74
N ARG DA 159 30.62 -30.61 -62.68
CA ARG DA 159 31.54 -30.68 -61.56
C ARG DA 159 32.01 -29.26 -61.28
N TYR DA 160 31.86 -28.83 -60.04
CA TYR DA 160 32.19 -27.47 -59.60
C TYR DA 160 33.16 -27.58 -58.43
N PHE DA 161 34.37 -27.10 -58.64
CA PHE DA 161 35.45 -27.31 -57.69
C PHE DA 161 36.48 -26.20 -57.84
N THR DA 162 37.45 -26.21 -56.95
CA THR DA 162 38.54 -25.24 -56.91
C THR DA 162 39.83 -25.90 -57.38
N PRO DA 163 40.37 -25.55 -58.53
CA PRO DA 163 41.60 -26.20 -58.97
C PRO DA 163 42.82 -25.70 -58.23
N LYS DA 164 43.97 -26.27 -58.56
CA LYS DA 164 45.23 -25.92 -57.96
C LYS DA 164 46.28 -25.82 -59.04
N PRO DA 165 47.22 -24.89 -58.93
CA PRO DA 165 48.27 -24.79 -59.95
C PRO DA 165 49.41 -25.76 -59.74
N VAL DA 166 50.10 -26.04 -60.84
CA VAL DA 166 51.24 -26.95 -60.85
C VAL DA 166 52.48 -26.09 -60.63
N LEU DA 167 52.82 -25.91 -59.36
CA LEU DA 167 53.99 -25.12 -58.99
C LEU DA 167 55.26 -25.95 -59.09
N ASP DA 168 55.23 -27.18 -58.60
CA ASP DA 168 56.36 -28.10 -58.71
C ASP DA 168 55.79 -29.47 -59.01
N SER DA 169 55.99 -29.95 -60.23
CA SER DA 169 55.50 -31.26 -60.62
C SER DA 169 56.30 -32.39 -59.99
N THR DA 170 57.49 -32.11 -59.48
CA THR DA 170 58.30 -33.13 -58.84
C THR DA 170 57.78 -33.47 -57.45
N ILE DA 171 57.34 -32.46 -56.71
CA ILE DA 171 56.89 -32.62 -55.33
C ILE DA 171 55.37 -32.65 -55.31
N ASP DA 172 54.75 -31.88 -56.18
CA ASP DA 172 53.29 -31.83 -56.33
C ASP DA 172 52.63 -31.42 -55.02
N TYR DA 173 52.90 -30.19 -54.61
CA TYR DA 173 52.30 -29.61 -53.42
C TYR DA 173 51.25 -28.59 -53.81
N PHE DA 174 50.22 -28.48 -52.97
CA PHE DA 174 49.13 -27.55 -53.21
C PHE DA 174 48.56 -27.08 -51.89
N GLN DA 175 47.84 -26.05 -51.95
CA GLN DA 175 47.23 -25.40 -50.82
C GLN DA 175 45.82 -25.92 -50.57
N PRO DA 176 45.36 -25.94 -49.32
CA PRO DA 176 43.95 -26.19 -49.10
C PRO DA 176 43.09 -24.99 -49.47
N ASN DA 177 41.78 -25.18 -49.42
CA ASN DA 177 40.87 -24.15 -49.87
C ASN DA 177 40.80 -23.04 -48.83
N ASN DA 178 41.22 -21.84 -49.24
CA ASN DA 178 41.15 -20.67 -48.38
C ASN DA 178 41.10 -19.47 -49.31
N LYS DA 179 39.97 -18.77 -49.31
CA LYS DA 179 39.85 -17.65 -50.22
C LYS DA 179 40.80 -16.52 -49.87
N ARG DA 180 41.14 -16.38 -48.59
CA ARG DA 180 41.96 -15.26 -48.15
C ARG DA 180 43.45 -15.50 -48.35
N ASN DA 181 43.86 -16.76 -48.37
CA ASN DA 181 45.27 -17.13 -48.45
C ASN DA 181 45.67 -17.71 -49.79
N GLN DA 182 44.77 -17.75 -50.77
CA GLN DA 182 45.09 -18.32 -52.07
C GLN DA 182 46.13 -17.46 -52.77
N LEU DA 183 47.12 -18.13 -53.34
CA LEU DA 183 48.21 -17.46 -54.00
C LEU DA 183 47.73 -16.70 -55.23
N TRP DA 184 48.36 -15.56 -55.46
CA TRP DA 184 48.22 -14.81 -56.69
C TRP DA 184 49.33 -15.22 -57.64
N LEU DA 185 48.97 -15.64 -58.83
CA LEU DA 185 49.90 -15.90 -59.90
C LEU DA 185 49.96 -14.68 -60.81
N ARG DA 186 50.98 -14.65 -61.65
CA ARG DA 186 51.11 -13.62 -62.66
C ARG DA 186 50.46 -14.08 -63.95
N LEU DA 187 49.76 -13.15 -64.58
CA LEU DA 187 49.19 -13.36 -65.90
C LEU DA 187 50.30 -13.14 -66.91
N GLN DA 188 50.96 -14.23 -67.28
CA GLN DA 188 52.06 -14.18 -68.21
C GLN DA 188 51.53 -13.86 -69.61
N THR DA 189 52.48 -13.64 -70.53
CA THR DA 189 52.12 -13.30 -71.90
C THR DA 189 51.75 -14.54 -72.70
N ALA DA 190 52.63 -15.56 -72.72
CA ALA DA 190 52.35 -16.79 -73.45
C ALA DA 190 52.83 -18.05 -72.74
N GLY DA 191 52.96 -18.01 -71.41
CA GLY DA 191 53.55 -19.11 -70.68
C GLY DA 191 52.92 -19.44 -69.35
N ASN DA 192 51.61 -19.24 -69.25
CA ASN DA 192 50.92 -19.45 -67.99
C ASN DA 192 50.96 -20.92 -67.58
N VAL DA 193 50.80 -21.14 -66.29
CA VAL DA 193 50.95 -22.45 -65.68
C VAL DA 193 49.63 -23.20 -65.73
N ASP DA 194 49.73 -24.52 -65.88
CA ASP DA 194 48.56 -25.35 -66.02
C ASP DA 194 47.93 -25.61 -64.66
N HIS DA 195 46.63 -25.37 -64.58
CA HIS DA 195 45.84 -25.81 -63.44
C HIS DA 195 45.25 -27.17 -63.74
N VAL DA 196 44.92 -27.87 -62.66
CA VAL DA 196 44.62 -29.29 -62.73
C VAL DA 196 43.50 -29.58 -61.75
N GLY DA 197 42.87 -30.75 -61.92
CA GLY DA 197 41.72 -31.04 -61.10
C GLY DA 197 40.57 -31.87 -61.62
N LEU DA 198 40.67 -32.53 -62.77
CA LEU DA 198 39.62 -33.46 -63.14
C LEU DA 198 40.12 -34.63 -63.95
N GLY DA 199 39.68 -35.82 -63.54
CA GLY DA 199 39.89 -37.03 -64.31
C GLY DA 199 38.60 -37.81 -64.38
N THR DA 200 38.43 -38.50 -65.50
CA THR DA 200 37.17 -39.14 -65.86
C THR DA 200 37.39 -40.60 -66.21
N ALA DA 201 36.30 -41.35 -66.15
CA ALA DA 201 36.26 -42.73 -66.60
C ALA DA 201 34.88 -42.99 -67.19
N PHE DA 202 34.82 -43.19 -68.50
CA PHE DA 202 33.59 -43.44 -69.21
C PHE DA 202 33.52 -44.88 -69.64
N GLU DA 203 32.35 -45.49 -69.45
CA GLU DA 203 32.12 -46.86 -69.84
C GLU DA 203 31.90 -46.92 -71.35
N ASN DA 204 32.63 -47.80 -72.00
CA ASN DA 204 32.56 -47.90 -73.45
C ASN DA 204 31.24 -48.53 -73.87
N SER DA 205 30.97 -48.43 -75.17
CA SER DA 205 29.69 -48.83 -75.72
C SER DA 205 29.88 -49.25 -77.17
N ILE DA 206 28.84 -49.89 -77.72
CA ILE DA 206 28.84 -50.26 -79.12
C ILE DA 206 28.73 -49.03 -80.01
N TYR DA 207 28.09 -47.99 -79.52
CA TYR DA 207 27.91 -46.74 -80.25
C TYR DA 207 28.89 -45.69 -79.74
N ASP DA 208 29.16 -44.73 -80.61
CA ASP DA 208 30.04 -43.63 -80.24
C ASP DA 208 29.30 -42.67 -79.31
N GLN DA 209 29.98 -42.26 -78.24
CA GLN DA 209 29.44 -41.33 -77.25
C GLN DA 209 30.19 -40.02 -77.37
N GLU DA 210 29.53 -39.00 -77.90
CA GLU DA 210 30.11 -37.68 -78.08
C GLU DA 210 29.60 -36.73 -77.01
N TYR DA 211 30.45 -35.76 -76.68
CA TYR DA 211 30.13 -34.75 -75.69
C TYR DA 211 30.70 -33.41 -76.14
N ASN DA 212 30.00 -32.34 -75.79
CA ASN DA 212 30.49 -30.97 -75.93
C ASN DA 212 30.79 -30.46 -74.54
N ILE DA 213 32.06 -30.29 -74.22
CA ILE DA 213 32.49 -29.95 -72.88
C ILE DA 213 32.70 -28.45 -72.81
N ARG DA 214 32.01 -27.81 -71.87
CA ARG DA 214 32.08 -26.37 -71.64
C ARG DA 214 32.71 -26.15 -70.28
N VAL DA 215 33.93 -25.62 -70.27
CA VAL DA 215 34.64 -25.27 -69.05
C VAL DA 215 34.46 -23.79 -68.82
N THR DA 216 34.09 -23.44 -67.60
CA THR DA 216 33.91 -22.07 -67.16
C THR DA 216 34.80 -21.86 -65.95
N MET DA 217 35.74 -20.92 -66.07
CA MET DA 217 36.63 -20.56 -64.98
C MET DA 217 36.20 -19.25 -64.37
N TYR DA 218 36.05 -19.25 -63.06
CA TYR DA 218 35.72 -18.05 -62.29
C TYR DA 218 37.01 -17.52 -61.69
N VAL DA 219 37.49 -16.41 -62.24
CA VAL DA 219 38.81 -15.90 -61.94
C VAL DA 219 38.69 -14.59 -61.18
N GLN DA 220 39.81 -14.15 -60.62
CA GLN DA 220 39.90 -12.94 -59.84
C GLN DA 220 41.22 -12.29 -60.17
N PHE DA 221 41.16 -11.13 -60.78
CA PHE DA 221 42.33 -10.39 -61.20
C PHE DA 221 42.67 -9.29 -60.21
N ARG DA 222 43.83 -8.66 -60.42
CA ARG DA 222 44.34 -7.64 -59.52
C ARG DA 222 45.27 -6.73 -60.28
N GLU DA 223 45.32 -5.47 -59.86
CA GLU DA 223 46.26 -4.47 -60.36
C GLU DA 223 46.07 -4.21 -61.86
N PHE DA 224 44.95 -3.56 -62.14
CA PHE DA 224 44.68 -2.92 -63.42
C PHE DA 224 45.90 -2.19 -63.93
N ASN DA 225 46.37 -2.56 -65.11
CA ASN DA 225 47.66 -2.10 -65.63
C ASN DA 225 47.56 -1.66 -67.07
N LEU DA 226 46.51 -0.94 -67.40
CA LEU DA 226 46.35 -0.50 -68.77
C LEU DA 226 47.44 0.51 -69.13
N LYS DA 227 47.90 0.44 -70.37
CA LYS DA 227 48.91 1.34 -70.89
C LYS DA 227 48.34 2.10 -72.07
N ASP DA 228 48.45 3.43 -72.02
CA ASP DA 228 47.82 4.32 -72.99
C ASP DA 228 48.88 5.20 -73.63
N PRO DA 229 49.55 4.72 -74.66
CA PRO DA 229 50.46 5.56 -75.40
C PRO DA 229 49.70 6.53 -76.29
N PRO DA 230 50.36 7.56 -76.81
CA PRO DA 230 49.68 8.43 -77.77
C PRO DA 230 49.41 7.75 -79.10
N LEU DA 231 48.83 8.50 -80.04
CA LEU DA 231 48.46 7.96 -81.34
C LEU DA 231 48.73 8.98 -82.45
N GLY EA 43 -47.50 38.09 38.33
CA GLY EA 43 -46.59 39.18 38.59
C GLY EA 43 -45.78 39.00 39.84
N ILE EA 44 -44.72 38.23 39.74
CA ILE EA 44 -43.94 37.83 40.90
C ILE EA 44 -43.01 38.95 41.31
N PHE EA 45 -42.81 39.08 42.61
CA PHE EA 45 -41.86 40.03 43.18
C PHE EA 45 -41.33 39.43 44.47
N ASN EA 46 -40.12 38.90 44.40
CA ASN EA 46 -39.43 38.43 45.59
C ASN EA 46 -38.72 39.59 46.26
N THR EA 47 -38.97 39.76 47.55
CA THR EA 47 -38.32 40.81 48.32
C THR EA 47 -37.99 40.28 49.71
N ARG EA 48 -37.65 41.20 50.60
CA ARG EA 48 -37.14 40.89 51.93
C ARG EA 48 -37.66 41.94 52.89
N LEU EA 49 -38.28 41.47 53.97
CA LEU EA 49 -38.88 42.32 54.99
C LEU EA 49 -38.30 41.93 56.33
N SER EA 50 -37.99 42.94 57.13
CA SER EA 50 -37.32 42.77 58.41
C SER EA 50 -38.10 43.46 59.53
N ARG EA 51 -37.68 43.16 60.75
CA ARG EA 51 -38.33 43.59 61.98
C ARG EA 51 -37.39 43.24 63.12
N THR EA 52 -37.33 44.11 64.10
CA THR EA 52 -36.39 43.98 65.22
C THR EA 52 -37.13 44.19 66.53
N PHE EA 53 -36.81 43.37 67.52
CA PHE EA 53 -37.43 43.44 68.83
C PHE EA 53 -36.52 42.77 69.83
N GLY EA 54 -36.85 42.95 71.11
CA GLY EA 54 -36.04 42.47 72.21
C GLY EA 54 -36.56 41.22 72.90
N TYR EA 55 -35.64 40.52 73.55
CA TYR EA 55 -35.95 39.36 74.36
C TYR EA 55 -34.92 39.28 75.47
N THR EA 56 -35.39 39.11 76.71
CA THR EA 56 -34.54 39.05 77.87
C THR EA 56 -34.84 37.79 78.67
N ILE EA 57 -33.78 37.16 79.16
CA ILE EA 57 -33.85 36.04 80.08
C ILE EA 57 -33.43 36.59 81.43
N LYS EA 58 -34.39 36.78 82.31
CA LYS EA 58 -34.12 37.36 83.61
C LYS EA 58 -33.27 36.43 84.46
N ARG EA 59 -32.61 37.03 85.45
CA ARG EA 59 -31.73 36.30 86.34
C ARG EA 59 -32.52 35.41 87.31
N THR EA 60 -31.83 34.42 87.85
CA THR EA 60 -32.40 33.50 88.83
C THR EA 60 -31.36 33.17 89.88
N THR EA 61 -31.81 33.12 91.14
CA THR EA 61 -30.97 32.66 92.24
C THR EA 61 -30.84 31.15 92.30
N VAL EA 62 -31.57 30.42 91.45
CA VAL EA 62 -31.50 28.97 91.43
C VAL EA 62 -30.08 28.52 91.12
N LYS EA 63 -29.61 27.52 91.85
CA LYS EA 63 -28.24 27.03 91.69
C LYS EA 63 -28.11 26.05 90.56
N THR EA 64 -29.12 25.21 90.36
CA THR EA 64 -29.07 24.17 89.37
C THR EA 64 -29.00 24.73 87.96
N PRO EA 65 -28.64 23.92 86.96
CA PRO EA 65 -28.82 24.35 85.59
C PRO EA 65 -30.26 24.18 85.17
N SER EA 66 -30.97 25.30 85.04
CA SER EA 66 -32.33 25.33 84.55
C SER EA 66 -32.38 26.12 83.26
N TRP EA 67 -33.41 25.84 82.46
CA TRP EA 67 -33.58 26.47 81.17
C TRP EA 67 -34.90 27.23 81.11
N ALA EA 68 -34.87 28.31 80.34
CA ALA EA 68 -36.03 29.16 80.11
C ALA EA 68 -36.55 28.90 78.70
N VAL EA 69 -37.80 28.48 78.61
CA VAL EA 69 -38.40 28.08 77.36
C VAL EA 69 -39.34 29.17 76.89
N ASP EA 70 -39.35 29.40 75.58
CA ASP EA 70 -40.24 30.37 74.98
C ASP EA 70 -40.45 30.00 73.53
N MET EA 71 -41.43 30.64 72.92
CA MET EA 71 -41.88 30.36 71.56
C MET EA 71 -41.70 31.60 70.70
N MET EA 72 -41.84 31.39 69.39
CA MET EA 72 -41.67 32.46 68.41
C MET EA 72 -42.50 32.15 67.18
N ARG EA 73 -43.51 32.97 66.93
CA ARG EA 73 -44.33 32.92 65.73
C ARG EA 73 -43.98 34.08 64.83
N PHE EA 74 -44.46 34.01 63.59
CA PHE EA 74 -44.19 35.01 62.57
C PHE EA 74 -45.49 35.34 61.85
N ASN EA 75 -45.84 36.62 61.84
CA ASN EA 75 -46.99 37.13 61.09
C ASN EA 75 -46.54 38.28 60.21
N ILE EA 76 -47.21 38.42 59.08
CA ILE EA 76 -46.83 39.43 58.09
C ILE EA 76 -47.36 40.82 58.44
N ASN EA 77 -48.30 40.92 59.37
CA ASN EA 77 -48.76 42.24 59.79
C ASN EA 77 -47.66 43.00 60.51
N ASP EA 78 -46.76 42.29 61.19
CA ASP EA 78 -45.67 42.91 61.91
C ASP EA 78 -44.54 43.37 61.01
N PHE EA 79 -44.53 42.93 59.75
CA PHE EA 79 -43.53 43.33 58.78
C PHE EA 79 -44.06 44.25 57.72
N LEU EA 80 -45.33 44.13 57.36
CA LEU EA 80 -45.97 44.90 56.31
C LEU EA 80 -47.03 45.81 56.91
N PRO EA 81 -46.86 47.13 56.92
CA PRO EA 81 -47.85 47.98 57.56
C PRO EA 81 -49.07 48.13 56.68
N PRO EA 82 -50.14 48.73 57.20
CA PRO EA 82 -51.28 49.06 56.35
C PRO EA 82 -50.96 50.21 55.42
N GLY EA 83 -51.57 50.17 54.25
CA GLY EA 83 -51.32 51.18 53.26
C GLY EA 83 -52.16 52.41 53.46
N GLY EA 84 -52.64 52.99 52.37
CA GLY EA 84 -53.46 54.17 52.43
C GLY EA 84 -54.34 54.33 51.21
N GLY EA 85 -55.61 54.61 51.43
CA GLY EA 85 -56.54 54.81 50.34
C GLY EA 85 -57.14 53.52 49.83
N SER EA 86 -57.27 53.43 48.51
CA SER EA 86 -57.86 52.25 47.89
C SER EA 86 -56.93 51.03 47.98
N ASN EA 87 -55.66 51.24 48.27
CA ASN EA 87 -54.72 50.16 48.46
C ASN EA 87 -54.64 49.83 49.95
N PRO EA 88 -55.17 48.70 50.41
CA PRO EA 88 -55.21 48.46 51.86
C PRO EA 88 -53.86 48.19 52.47
N ARG EA 89 -52.88 47.75 51.69
CA ARG EA 89 -51.55 47.44 52.18
C ARG EA 89 -50.52 48.27 51.44
N SER EA 90 -49.33 48.35 52.02
CA SER EA 90 -48.28 49.22 51.51
C SER EA 90 -47.53 48.59 50.34
N VAL EA 91 -47.55 47.27 50.23
CA VAL EA 91 -47.00 46.56 49.08
C VAL EA 91 -48.18 46.14 48.21
N PRO EA 92 -48.36 46.72 47.02
CA PRO EA 92 -49.60 46.48 46.28
C PRO EA 92 -49.64 45.16 45.53
N PHE EA 93 -49.90 44.10 46.28
CA PHE EA 93 -50.05 42.76 45.74
C PHE EA 93 -51.19 42.07 46.45
N GLU EA 94 -51.70 41.02 45.82
CA GLU EA 94 -52.85 40.27 46.31
C GLU EA 94 -52.45 39.06 47.13
N TYR EA 95 -51.56 38.24 46.60
CA TYR EA 95 -51.19 36.97 47.20
C TYR EA 95 -49.75 37.02 47.70
N TYR EA 96 -49.44 36.08 48.59
CA TYR EA 96 -48.09 35.98 49.13
C TYR EA 96 -47.86 34.55 49.58
N ARG EA 97 -46.58 34.23 49.76
CA ARG EA 97 -46.19 32.99 50.40
C ARG EA 97 -44.78 33.17 50.92
N ILE EA 98 -44.57 32.84 52.18
CA ILE EA 98 -43.29 33.05 52.83
C ILE EA 98 -42.37 31.90 52.47
N ARG EA 99 -41.23 32.23 51.88
CA ARG EA 99 -40.26 31.26 51.42
C ARG EA 99 -39.29 30.84 52.51
N LYS EA 100 -38.73 31.81 53.22
CA LYS EA 100 -37.74 31.56 54.25
C LYS EA 100 -37.86 32.62 55.33
N VAL EA 101 -37.33 32.30 56.50
CA VAL EA 101 -37.17 33.26 57.59
C VAL EA 101 -35.77 33.09 58.16
N LYS EA 102 -35.19 34.21 58.54
CA LYS EA 102 -33.87 34.26 59.19
C LYS EA 102 -34.08 34.95 60.53
N VAL EA 103 -33.99 34.18 61.59
CA VAL EA 103 -34.02 34.70 62.95
C VAL EA 103 -32.59 34.85 63.42
N GLU EA 104 -32.24 36.06 63.85
CA GLU EA 104 -30.90 36.40 64.30
C GLU EA 104 -30.99 36.88 65.73
N PHE EA 105 -30.34 36.15 66.63
CA PHE EA 105 -30.19 36.58 68.03
C PHE EA 105 -28.91 37.37 68.12
N TRP EA 106 -29.04 38.69 68.09
CA TRP EA 106 -27.91 39.56 68.25
C TRP EA 106 -27.71 39.85 69.74
N PRO EA 107 -26.59 39.50 70.34
CA PRO EA 107 -26.45 39.68 71.78
C PRO EA 107 -26.35 41.14 72.17
N CYS EA 108 -26.71 41.38 73.42
CA CYS EA 108 -26.61 42.68 74.04
C CYS EA 108 -25.61 42.70 75.19
N SER EA 109 -24.95 41.59 75.45
CA SER EA 109 -24.14 41.39 76.63
C SER EA 109 -22.66 41.43 76.27
N PRO EA 110 -21.80 41.88 77.18
CA PRO EA 110 -20.39 41.97 76.87
C PRO EA 110 -19.73 40.61 76.81
N ILE EA 111 -18.57 40.57 76.14
CA ILE EA 111 -17.82 39.34 76.06
C ILE EA 111 -17.12 38.97 77.35
N THR EA 112 -17.15 39.84 78.36
CA THR EA 112 -16.59 39.55 79.67
C THR EA 112 -17.60 38.95 80.63
N GLN EA 113 -18.83 38.73 80.20
CA GLN EA 113 -19.87 38.25 81.10
C GLN EA 113 -19.65 36.76 81.36
N GLY EA 114 -19.73 36.38 82.63
CA GLY EA 114 -19.55 35.02 83.05
C GLY EA 114 -20.85 34.29 83.24
N ASP EA 115 -20.76 33.16 83.94
CA ASP EA 115 -21.89 32.27 84.15
C ASP EA 115 -22.50 31.85 82.82
N ARG EA 116 -21.63 31.53 81.86
CA ARG EA 116 -22.06 31.17 80.53
C ARG EA 116 -22.86 29.87 80.57
N GLY EA 117 -23.53 29.60 79.46
CA GLY EA 117 -24.45 28.50 79.37
C GLY EA 117 -24.56 27.94 77.98
N VAL EA 118 -25.48 27.00 77.80
CA VAL EA 118 -25.65 26.33 76.53
C VAL EA 118 -27.12 25.95 76.38
N GLY EA 119 -27.70 26.34 75.26
CA GLY EA 119 -29.11 26.14 74.98
C GLY EA 119 -29.36 25.49 73.65
N SER EA 120 -30.59 25.61 73.17
CA SER EA 120 -31.00 24.91 71.97
C SER EA 120 -32.14 25.66 71.31
N SER EA 121 -32.10 25.72 69.99
CA SER EA 121 -33.17 26.27 69.17
C SER EA 121 -33.63 25.22 68.19
N ALA EA 122 -34.94 24.99 68.14
CA ALA EA 122 -35.53 23.98 67.27
C ALA EA 122 -36.64 24.58 66.44
N VAL EA 123 -36.98 23.88 65.37
CA VAL EA 123 -37.96 24.33 64.38
C VAL EA 123 -39.24 23.55 64.61
N ILE EA 124 -40.32 24.28 64.89
CA ILE EA 124 -41.60 23.70 65.32
C ILE EA 124 -42.67 24.24 64.38
N LEU EA 125 -43.05 23.43 63.41
CA LEU EA 125 -43.90 23.87 62.31
C LEU EA 125 -45.39 23.59 62.52
N ASP EA 126 -45.87 23.54 63.77
CA ASP EA 126 -47.23 23.06 64.03
C ASP EA 126 -47.98 23.76 65.14
N ASP EA 127 -47.43 24.78 65.78
CA ASP EA 127 -48.16 25.58 66.77
C ASP EA 127 -48.45 24.80 68.03
N ASN EA 128 -47.63 23.80 68.34
CA ASN EA 128 -47.68 23.12 69.63
C ASN EA 128 -46.25 23.10 70.13
N PHE EA 129 -45.91 24.13 70.89
CA PHE EA 129 -44.61 24.30 71.49
C PHE EA 129 -44.57 23.66 72.86
N VAL EA 130 -43.35 23.43 73.34
CA VAL EA 130 -43.17 23.12 74.76
C VAL EA 130 -43.67 24.31 75.55
N THR EA 131 -44.33 24.01 76.67
CA THR EA 131 -44.95 25.06 77.47
C THR EA 131 -43.90 26.06 77.94
N LYS EA 132 -44.28 27.32 77.94
CA LYS EA 132 -43.38 28.37 78.39
C LYS EA 132 -43.05 28.17 79.85
N ALA EA 133 -41.75 28.19 80.16
CA ALA EA 133 -41.24 27.92 81.48
C ALA EA 133 -40.15 28.92 81.81
N THR EA 134 -40.05 29.24 83.10
CA THR EA 134 -39.03 30.16 83.61
C THR EA 134 -37.76 29.43 83.97
N ALA EA 135 -37.86 28.35 84.75
CA ALA EA 135 -36.71 27.55 85.16
C ALA EA 135 -37.12 26.08 85.10
N LEU EA 136 -36.93 25.47 83.94
CA LEU EA 136 -37.17 24.06 83.74
C LEU EA 136 -35.88 23.28 83.93
N THR EA 137 -35.99 22.10 84.52
CA THR EA 137 -34.83 21.31 84.94
C THR EA 137 -34.12 20.61 83.81
N TYR EA 138 -34.46 20.88 82.56
CA TYR EA 138 -33.83 20.23 81.42
C TYR EA 138 -34.08 21.06 80.18
N ASP EA 139 -33.33 20.75 79.13
CA ASP EA 139 -33.47 21.39 77.84
C ASP EA 139 -34.40 20.53 76.98
N PRO EA 140 -35.64 20.93 76.74
CA PRO EA 140 -36.53 20.05 75.98
C PRO EA 140 -36.17 19.92 74.53
N TYR EA 141 -35.60 20.97 73.95
CA TYR EA 141 -35.31 21.02 72.53
C TYR EA 141 -33.94 20.43 72.19
N VAL EA 142 -33.34 19.68 73.10
CA VAL EA 142 -31.96 19.24 72.91
C VAL EA 142 -31.90 18.04 71.98
N ASN EA 143 -32.83 17.10 72.11
CA ASN EA 143 -32.83 15.89 71.32
C ASN EA 143 -33.61 16.05 70.02
N TYR EA 144 -34.10 17.25 69.72
CA TYR EA 144 -34.79 17.48 68.47
C TYR EA 144 -33.84 17.40 67.29
N SER EA 145 -34.34 16.84 66.20
CA SER EA 145 -33.54 16.71 64.99
C SER EA 145 -33.14 18.04 64.40
N SER EA 146 -33.87 19.11 64.70
CA SER EA 146 -33.58 20.44 64.21
C SER EA 146 -32.92 21.32 65.26
N ARG EA 147 -32.27 20.71 66.24
CA ARG EA 147 -31.63 21.46 67.30
C ARG EA 147 -30.31 22.02 66.81
N HIS EA 148 -30.10 23.31 67.07
CA HIS EA 148 -28.82 23.96 66.96
C HIS EA 148 -28.47 24.48 68.34
N THR EA 149 -27.20 24.32 68.71
CA THR EA 149 -26.74 24.77 70.00
C THR EA 149 -26.67 26.29 70.05
N ILE EA 150 -27.15 26.84 71.15
CA ILE EA 150 -27.04 28.26 71.45
C ILE EA 150 -25.97 28.40 72.51
N THR EA 151 -24.83 28.95 72.11
CA THR EA 151 -23.86 29.44 73.08
C THR EA 151 -24.33 30.77 73.63
N GLN EA 152 -24.22 30.92 74.93
CA GLN EA 152 -24.71 32.07 75.67
C GLN EA 152 -23.57 32.70 76.44
N PRO EA 153 -23.68 33.99 76.80
CA PRO EA 153 -24.66 35.01 76.47
C PRO EA 153 -24.27 35.94 75.33
N PHE EA 154 -23.00 35.94 74.97
CA PHE EA 154 -22.42 36.95 74.09
C PHE EA 154 -22.15 36.43 72.70
N SER EA 155 -22.92 35.46 72.24
CA SER EA 155 -22.67 34.79 70.98
C SER EA 155 -23.88 34.90 70.08
N TYR EA 156 -23.61 35.02 68.79
CA TYR EA 156 -24.63 35.18 67.77
C TYR EA 156 -25.18 33.83 67.35
N HIS EA 157 -26.48 33.78 67.14
CA HIS EA 157 -27.20 32.58 66.76
C HIS EA 157 -28.16 32.92 65.64
N SER EA 158 -28.01 32.24 64.51
CA SER EA 158 -28.90 32.38 63.37
C SER EA 158 -29.60 31.07 63.08
N ARG EA 159 -30.82 31.18 62.57
CA ARG EA 159 -31.59 30.03 62.11
C ARG EA 159 -32.28 30.45 60.82
N TYR EA 160 -32.09 29.66 59.78
CA TYR EA 160 -32.61 29.93 58.44
C TYR EA 160 -33.41 28.73 58.00
N PHE EA 161 -34.72 28.92 57.83
CA PHE EA 161 -35.62 27.80 57.60
C PHE EA 161 -36.85 28.31 56.86
N THR EA 162 -37.71 27.38 56.50
CA THR EA 162 -38.94 27.64 55.77
C THR EA 162 -40.12 27.44 56.69
N PRO EA 163 -40.85 28.48 57.09
CA PRO EA 163 -41.98 28.27 58.01
C PRO EA 163 -43.18 27.69 57.31
N LYS EA 164 -44.24 27.44 58.08
CA LYS EA 164 -45.46 26.87 57.58
C LYS EA 164 -46.63 27.63 58.20
N PRO EA 165 -47.71 27.84 57.47
CA PRO EA 165 -48.86 28.55 58.04
C PRO EA 165 -49.76 27.65 58.85
N VAL EA 166 -50.50 28.29 59.75
CA VAL EA 166 -51.44 27.61 60.63
C VAL EA 166 -52.79 27.63 59.91
N LEU EA 167 -53.03 26.60 59.11
CA LEU EA 167 -54.27 26.49 58.38
C LEU EA 167 -55.37 25.89 59.25
N ASP EA 168 -55.06 24.85 60.01
CA ASP EA 168 -56.00 24.26 60.95
C ASP EA 168 -55.21 23.89 62.20
N SER EA 169 -55.44 24.63 63.28
CA SER EA 169 -54.77 24.37 64.54
C SER EA 169 -55.26 23.10 65.22
N THR EA 170 -56.43 22.60 64.83
CA THR EA 170 -56.96 21.38 65.42
C THR EA 170 -56.23 20.14 64.90
N ILE EA 171 -55.91 20.13 63.61
CA ILE EA 171 -55.29 18.99 62.95
C ILE EA 171 -53.81 19.23 62.80
N ASP EA 172 -53.44 20.50 62.57
CA ASP EA 172 -52.04 20.92 62.46
C ASP EA 172 -51.33 20.16 61.34
N TYR EA 173 -51.79 20.42 60.12
CA TYR EA 173 -51.19 19.83 58.92
C TYR EA 173 -50.39 20.89 58.18
N PHE EA 174 -49.32 20.44 57.54
CA PHE EA 174 -48.46 21.34 56.78
C PHE EA 174 -47.84 20.57 55.61
N GLN EA 175 -47.34 21.31 54.72
CA GLN EA 175 -46.75 20.82 53.48
C GLN EA 175 -45.25 20.61 53.65
N PRO EA 176 -44.66 19.65 52.95
CA PRO EA 176 -43.21 19.60 52.88
C PRO EA 176 -42.64 20.69 51.99
N ASN EA 177 -41.33 20.81 51.98
CA ASN EA 177 -40.67 21.89 51.28
C ASN EA 177 -40.71 21.62 49.78
N ASN EA 178 -41.38 22.49 49.05
CA ASN EA 178 -41.46 22.40 47.60
C ASN EA 178 -41.73 23.80 47.10
N LYS EA 179 -40.76 24.38 46.39
CA LYS EA 179 -40.95 25.75 45.94
C LYS EA 179 -42.05 25.85 44.91
N ARG EA 180 -42.27 24.80 44.14
CA ARG EA 180 -43.24 24.86 43.04
C ARG EA 180 -44.66 24.61 43.51
N ASN EA 181 -44.84 23.89 44.61
CA ASN EA 181 -46.15 23.50 45.11
C ASN EA 181 -46.57 24.25 46.36
N GLN EA 182 -45.79 25.20 46.83
CA GLN EA 182 -46.13 25.93 48.03
C GLN EA 182 -47.39 26.76 47.81
N LEU EA 183 -48.29 26.71 48.78
CA LEU EA 183 -49.56 27.39 48.69
C LEU EA 183 -49.36 28.89 48.67
N TRP EA 184 -50.22 29.57 47.91
CA TRP EA 184 -50.34 31.01 47.94
C TRP EA 184 -51.45 31.37 48.90
N LEU EA 185 -51.14 32.21 49.87
CA LEU EA 185 -52.12 32.80 50.76
C LEU EA 185 -52.50 34.18 50.24
N ARG EA 186 -53.59 34.70 50.77
CA ARG EA 186 -54.03 36.04 50.48
C ARG EA 186 -53.45 37.01 51.49
N LEU EA 187 -53.00 38.15 50.99
CA LEU EA 187 -52.55 39.25 51.82
C LEU EA 187 -53.78 40.00 52.30
N GLN EA 188 -54.26 39.61 53.47
CA GLN EA 188 -55.44 40.21 54.05
C GLN EA 188 -55.14 41.63 54.48
N THR EA 189 -56.20 42.34 54.90
CA THR EA 189 -56.06 43.72 55.32
C THR EA 189 -55.55 43.82 56.75
N ALA EA 190 -56.22 43.14 57.71
CA ALA EA 190 -55.79 43.17 59.10
C ALA EA 190 -55.95 41.83 59.81
N GLY EA 191 -55.93 40.72 59.08
CA GLY EA 191 -56.23 39.43 59.66
C GLY EA 191 -55.40 38.27 59.15
N ASN EA 192 -54.16 38.54 58.79
CA ASN EA 192 -53.31 37.51 58.21
C ASN EA 192 -53.03 36.40 59.22
N VAL EA 193 -52.69 35.24 58.69
CA VAL EA 193 -52.52 34.02 59.47
C VAL EA 193 -51.10 33.93 59.99
N ASP EA 194 -50.97 33.35 61.18
CA ASP EA 194 -49.67 33.26 61.83
C ASP EA 194 -48.87 32.12 61.25
N HIS EA 195 -47.64 32.42 60.86
CA HIS EA 195 -46.66 31.39 60.53
C HIS EA 195 -45.85 31.04 61.76
N VAL EA 196 -45.30 29.84 61.73
CA VAL EA 196 -44.74 29.22 62.93
C VAL EA 196 -43.48 28.47 62.52
N GLY EA 197 -42.66 28.12 63.52
CA GLY EA 197 -41.40 27.50 63.20
C GLY EA 197 -40.18 27.73 64.06
N LEU EA 198 -40.27 28.34 65.24
CA LEU EA 198 -39.10 28.36 66.11
C LEU EA 198 -39.46 28.33 67.58
N GLY EA 199 -38.76 27.46 68.30
CA GLY EA 199 -38.83 27.44 69.75
C GLY EA 199 -37.43 27.34 70.31
N THR EA 200 -37.25 27.95 71.48
CA THR EA 200 -35.93 28.15 72.07
C THR EA 200 -35.91 27.64 73.50
N ALA EA 201 -34.70 27.42 73.98
CA ALA EA 201 -34.45 27.09 75.38
C ALA EA 201 -33.12 27.71 75.77
N PHE EA 202 -33.17 28.70 76.64
CA PHE EA 202 -32.00 29.42 77.11
C PHE EA 202 -31.70 29.03 78.55
N GLU EA 203 -30.42 28.77 78.82
CA GLU EA 203 -29.98 28.44 80.16
C GLU EA 203 -29.90 29.70 81.00
N ASN EA 204 -30.53 29.66 82.16
CA ASN EA 204 -30.59 30.82 83.02
C ASN EA 204 -29.24 31.11 83.64
N SER EA 205 -29.12 32.28 84.24
CA SER EA 205 -27.86 32.78 84.75
C SER EA 205 -28.12 33.74 85.90
N ILE EA 206 -27.04 34.07 86.61
CA ILE EA 206 -27.13 35.04 87.69
C ILE EA 206 -27.35 36.44 87.13
N TYR EA 207 -26.86 36.69 85.92
CA TYR EA 207 -26.99 37.98 85.27
C TYR EA 207 -28.09 37.92 84.22
N ASP EA 208 -28.65 39.08 83.92
CA ASP EA 208 -29.66 39.18 82.88
C ASP EA 208 -29.03 39.04 81.50
N GLN EA 209 -29.65 38.23 80.66
CA GLN EA 209 -29.19 37.99 79.29
C GLN EA 209 -30.19 38.64 78.33
N GLU EA 210 -29.79 39.73 77.70
CA GLU EA 210 -30.63 40.44 76.76
C GLU EA 210 -30.20 40.15 75.34
N TYR EA 211 -31.16 40.21 74.43
CA TYR EA 211 -30.95 39.98 73.01
C TYR EA 211 -31.81 40.93 72.20
N ASN EA 212 -31.28 41.33 71.05
CA ASN EA 212 -32.03 42.06 70.04
C ASN EA 212 -32.27 41.11 68.88
N ILE EA 213 -33.51 40.70 68.71
CA ILE EA 213 -33.86 39.66 67.74
C ILE EA 213 -34.34 40.34 66.47
N ARG EA 214 -33.68 40.03 65.36
CA ARG EA 214 -34.00 40.56 64.04
C ARG EA 214 -34.51 39.42 63.18
N VAL EA 215 -35.80 39.46 62.86
CA VAL EA 215 -36.43 38.49 61.98
C VAL EA 215 -36.51 39.09 60.60
N THR EA 216 -36.08 38.33 59.60
CA THR EA 216 -36.11 38.71 58.21
C THR EA 216 -36.90 37.65 57.46
N MET EA 217 -38.00 38.04 56.85
CA MET EA 217 -38.82 37.15 56.04
C MET EA 217 -38.59 37.41 54.57
N TYR EA 218 -38.31 36.34 53.85
CA TYR EA 218 -38.13 36.38 52.40
C TYR EA 218 -39.42 35.92 51.76
N VAL EA 219 -40.16 36.84 51.18
CA VAL EA 219 -41.52 36.62 50.73
C VAL EA 219 -41.55 36.68 49.22
N GLN EA 220 -42.68 36.23 48.67
CA GLN EA 220 -42.90 36.18 47.23
C GLN EA 220 -44.36 36.55 47.01
N PHE EA 221 -44.59 37.67 46.36
CA PHE EA 221 -45.92 38.19 46.09
C PHE EA 221 -46.35 37.86 44.67
N ARG EA 222 -47.61 38.14 44.38
CA ARG EA 222 -48.21 37.83 43.10
C ARG EA 222 -49.38 38.75 42.84
N GLU EA 223 -49.61 39.05 41.57
CA GLU EA 223 -50.78 39.80 41.10
C GLU EA 223 -50.79 41.21 41.68
N PHE EA 224 -49.85 42.00 41.18
CA PHE EA 224 -49.84 43.46 41.32
C PHE EA 224 -51.23 44.03 41.09
N ASN EA 225 -51.75 44.73 42.10
CA ASN EA 225 -53.16 45.15 42.12
C ASN EA 225 -53.29 46.60 42.53
N LEU EA 226 -52.43 47.45 42.01
CA LEU EA 226 -52.51 48.86 42.36
C LEU EA 226 -53.79 49.47 41.82
N LYS EA 227 -54.37 50.37 42.60
CA LYS EA 227 -55.58 51.09 42.24
C LYS EA 227 -55.29 52.57 42.18
N ASP EA 228 -55.64 53.19 41.07
CA ASP EA 228 -55.29 54.58 40.78
C ASP EA 228 -56.57 55.37 40.50
N PRO EA 229 -57.25 55.85 41.53
CA PRO EA 229 -58.37 56.74 41.32
C PRO EA 229 -57.91 58.12 40.91
N PRO EA 230 -58.81 58.97 40.41
CA PRO EA 230 -58.41 60.35 40.13
C PRO EA 230 -58.16 61.15 41.39
N LEU EA 231 -57.83 62.43 41.22
CA LEU EA 231 -57.51 63.31 42.34
C LEU EA 231 -58.07 64.71 42.11
N GLY FA 43 -34.52 -4.98 62.96
CA GLY FA 43 -35.08 -3.65 62.87
C GLY FA 43 -34.20 -2.59 63.48
N ILE FA 44 -33.22 -2.15 62.72
CA ILE FA 44 -32.20 -1.25 63.21
C ILE FA 44 -32.72 0.17 63.25
N PHE FA 45 -32.29 0.91 64.27
CA PHE FA 45 -32.60 2.33 64.40
C PHE FA 45 -31.44 2.99 65.11
N ASN FA 46 -30.61 3.67 64.35
CA ASN FA 46 -29.54 4.47 64.91
C ASN FA 46 -30.07 5.84 65.28
N THR FA 47 -29.83 6.24 66.52
CA THR FA 47 -30.25 7.55 66.99
C THR FA 47 -29.17 8.13 67.91
N ARG FA 48 -29.54 9.19 68.62
CA ARG FA 48 -28.63 9.98 69.41
C ARG FA 48 -29.35 10.45 70.67
N LEU FA 49 -28.75 10.16 71.82
CA LEU FA 49 -29.32 10.50 73.12
C LEU FA 49 -28.30 11.31 73.89
N SER FA 50 -28.78 12.36 74.56
CA SER FA 50 -27.95 13.31 75.26
C SER FA 50 -28.39 13.47 76.70
N ARG FA 51 -27.56 14.17 77.46
CA ARG FA 51 -27.68 14.33 78.90
C ARG FA 51 -26.66 15.37 79.31
N THR FA 52 -27.04 16.23 80.25
CA THR FA 52 -26.21 17.35 80.67
C THR FA 52 -26.16 17.40 82.19
N PHE FA 53 -24.97 17.66 82.72
CA PHE FA 53 -24.76 17.74 84.15
C PHE FA 53 -23.51 18.55 84.42
N GLY FA 54 -23.31 18.88 85.68
CA GLY FA 54 -22.23 19.74 86.11
C GLY FA 54 -21.06 19.05 86.77
N TYR FA 55 -19.91 19.71 86.72
CA TYR FA 55 -18.70 19.25 87.38
C TYR FA 55 -17.88 20.48 87.77
N THR FA 56 -17.44 20.52 89.01
CA THR FA 56 -16.68 21.64 89.54
C THR FA 56 -15.40 21.14 90.17
N ILE FA 57 -14.33 21.87 89.93
CA ILE FA 57 -13.03 21.67 90.55
C ILE FA 57 -12.88 22.81 91.55
N LYS FA 58 -13.03 22.50 92.83
CA LYS FA 58 -12.97 23.50 93.87
C LYS FA 58 -11.58 24.09 93.99
N ARG FA 59 -11.52 25.27 94.57
CA ARG FA 59 -10.27 25.99 94.75
C ARG FA 59 -9.41 25.34 95.83
N THR FA 60 -8.12 25.65 95.78
CA THR FA 60 -7.14 25.17 96.74
C THR FA 60 -6.13 26.26 97.03
N THR FA 61 -5.77 26.40 98.31
CA THR FA 61 -4.70 27.29 98.72
C THR FA 61 -3.32 26.71 98.46
N VAL FA 62 -3.23 25.45 98.02
CA VAL FA 62 -1.94 24.83 97.74
C VAL FA 62 -1.21 25.63 96.66
N LYS FA 63 0.09 25.83 96.88
CA LYS FA 63 0.89 26.63 95.96
C LYS FA 63 1.38 25.81 94.78
N THR FA 64 1.72 24.54 95.01
CA THR FA 64 2.28 23.70 93.98
C THR FA 64 1.28 23.45 92.86
N PRO FA 65 1.75 22.95 91.71
CA PRO FA 65 0.82 22.46 90.71
C PRO FA 65 0.34 21.07 91.08
N SER FA 66 -0.90 20.98 91.51
CA SER FA 66 -1.55 19.73 91.82
C SER FA 66 -2.74 19.52 90.89
N TRP FA 67 -3.12 18.27 90.71
CA TRP FA 67 -4.20 17.89 89.82
C TRP FA 67 -5.31 17.19 90.58
N ALA FA 68 -6.52 17.39 90.09
CA ALA FA 68 -7.72 16.77 90.62
C ALA FA 68 -8.17 15.69 89.68
N VAL FA 69 -8.26 14.47 90.18
CA VAL FA 69 -8.55 13.29 89.38
C VAL FA 69 -9.98 12.88 89.65
N ASP FA 70 -10.66 12.44 88.60
CA ASP FA 70 -12.03 11.96 88.71
C ASP FA 70 -12.30 11.02 87.54
N MET FA 71 -13.39 10.31 87.65
CA MET FA 71 -13.80 9.28 86.69
C MET FA 71 -15.14 9.64 86.06
N MET FA 72 -15.47 8.90 85.01
CA MET FA 72 -16.71 9.14 84.28
C MET FA 72 -17.15 7.85 83.62
N ARG FA 73 -18.29 7.33 84.07
CA ARG FA 73 -18.95 6.17 83.49
C ARG FA 73 -20.19 6.62 82.72
N PHE FA 74 -20.72 5.71 81.93
CA PHE FA 74 -21.89 5.97 81.09
C PHE FA 74 -22.86 4.81 81.21
N ASN FA 75 -24.10 5.12 81.59
CA ASN FA 75 -25.18 4.15 81.64
C ASN FA 75 -26.36 4.69 80.85
N ILE FA 76 -27.12 3.77 80.26
CA ILE FA 76 -28.24 4.14 79.41
C ILE FA 76 -29.49 4.49 80.19
N ASN FA 77 -29.55 4.18 81.48
CA ASN FA 77 -30.69 4.60 82.28
C ASN FA 77 -30.74 6.11 82.43
N ASP FA 78 -29.58 6.76 82.42
CA ASP FA 78 -29.50 8.20 82.55
C ASP FA 78 -29.87 8.93 81.28
N PHE FA 79 -29.94 8.24 80.15
CA PHE FA 79 -30.32 8.82 78.87
C PHE FA 79 -31.69 8.40 78.40
N LEU FA 80 -32.12 7.20 78.76
CA LEU FA 80 -33.38 6.62 78.33
C LEU FA 80 -34.31 6.45 79.52
N PRO FA 81 -35.39 7.20 79.66
CA PRO FA 81 -36.21 7.06 80.84
C PRO FA 81 -37.07 5.81 80.77
N PRO FA 82 -37.75 5.46 81.85
CA PRO FA 82 -38.72 4.37 81.79
C PRO FA 82 -39.95 4.78 81.02
N GLY FA 83 -40.55 3.81 80.35
CA GLY FA 83 -41.72 4.07 79.54
C GLY FA 83 -42.99 4.06 80.36
N GLY FA 84 -44.04 3.50 79.77
CA GLY FA 84 -45.32 3.42 80.44
C GLY FA 84 -46.19 2.33 79.90
N GLY FA 85 -46.77 1.53 80.78
CA GLY FA 85 -47.64 0.45 80.39
C GLY FA 85 -46.89 -0.82 80.06
N SER FA 86 -47.34 -1.51 79.01
CA SER FA 86 -46.72 -2.75 78.61
C SER FA 86 -45.34 -2.56 78.01
N ASN FA 87 -45.00 -1.33 77.63
CA ASN FA 87 -43.68 -1.01 77.13
C ASN FA 87 -42.83 -0.51 78.28
N PRO FA 88 -41.83 -1.26 78.77
CA PRO FA 88 -41.12 -0.82 79.96
C PRO FA 88 -40.22 0.37 79.74
N ARG FA 89 -39.80 0.62 78.51
CA ARG FA 89 -38.92 1.73 78.16
C ARG FA 89 -39.59 2.63 77.14
N SER FA 90 -39.05 3.84 77.02
CA SER FA 90 -39.65 4.86 76.18
C SER FA 90 -39.30 4.70 74.71
N VAL FA 91 -38.18 4.03 74.42
CA VAL FA 91 -37.81 3.67 73.05
C VAL FA 91 -38.15 2.19 72.87
N PRO FA 92 -39.15 1.84 72.06
CA PRO FA 92 -39.60 0.45 72.06
C PRO FA 92 -38.74 -0.49 71.24
N PHE FA 93 -37.63 -0.89 71.84
CA PHE FA 93 -36.71 -1.84 71.25
C PHE FA 93 -36.21 -2.78 72.32
N GLU FA 94 -35.69 -3.92 71.89
CA GLU FA 94 -35.23 -4.99 72.78
C GLU FA 94 -33.74 -4.89 73.08
N TYR FA 95 -32.93 -4.78 72.04
CA TYR FA 95 -31.49 -4.83 72.14
C TYR FA 95 -30.88 -3.48 71.83
N TYR FA 96 -29.64 -3.30 72.26
CA TYR FA 96 -28.92 -2.07 71.99
C TYR FA 96 -27.43 -2.36 72.02
N ARG FA 97 -26.67 -1.43 71.46
CA ARG FA 97 -25.22 -1.44 71.59
C ARG FA 97 -24.73 -0.03 71.32
N ILE FA 98 -23.92 0.49 72.23
CA ILE FA 98 -23.45 1.86 72.14
C ILE FA 98 -22.28 1.91 71.17
N ARG FA 99 -22.41 2.73 70.14
CA ARG FA 99 -21.42 2.85 69.09
C ARG FA 99 -20.35 3.86 69.44
N LYS FA 100 -20.75 5.05 69.90
CA LYS FA 100 -19.84 6.13 70.20
C LYS FA 100 -20.40 6.95 71.34
N VAL FA 101 -19.53 7.70 71.99
CA VAL FA 101 -19.91 8.70 72.98
C VAL FA 101 -19.10 9.95 72.70
N LYS FA 102 -19.74 11.10 72.88
CA LYS FA 102 -19.13 12.41 72.77
C LYS FA 102 -19.30 13.12 74.09
N VAL FA 103 -18.22 13.25 74.83
CA VAL FA 103 -18.18 14.02 76.06
C VAL FA 103 -17.68 15.41 75.74
N GLU FA 104 -18.46 16.42 76.10
CA GLU FA 104 -18.16 17.81 75.84
C GLU FA 104 -18.08 18.54 77.17
N PHE FA 105 -16.91 19.08 77.47
CA PHE FA 105 -16.72 19.95 78.63
C PHE FA 105 -16.96 21.38 78.16
N TRP FA 106 -18.16 21.87 78.41
CA TRP FA 106 -18.50 23.23 78.10
C TRP FA 106 -18.14 24.12 79.28
N PRO FA 107 -17.24 25.09 79.15
CA PRO FA 107 -16.84 25.86 80.32
C PRO FA 107 -17.94 26.77 80.83
N CYS FA 108 -17.81 27.10 82.10
CA CYS FA 108 -18.69 28.04 82.77
C CYS FA 108 -17.95 29.29 83.21
N SER FA 109 -16.68 29.41 82.92
CA SER FA 109 -15.81 30.43 83.45
C SER FA 109 -15.50 31.48 82.39
N PRO FA 110 -15.28 32.72 82.78
CA PRO FA 110 -15.01 33.76 81.79
C PRO FA 110 -13.63 33.62 81.19
N ILE FA 111 -13.47 34.25 80.02
CA ILE FA 111 -12.17 34.24 79.35
C ILE FA 111 -11.15 35.15 80.02
N THR FA 112 -11.55 35.93 81.02
CA THR FA 112 -10.64 36.76 81.78
C THR FA 112 -10.10 36.08 83.02
N GLN FA 113 -10.46 34.82 83.28
CA GLN FA 113 -10.04 34.15 84.48
C GLN FA 113 -8.59 33.75 84.36
N GLY FA 114 -7.81 34.01 85.40
CA GLY FA 114 -6.41 33.69 85.45
C GLY FA 114 -6.12 32.40 86.17
N ASP FA 115 -4.86 32.23 86.53
CA ASP FA 115 -4.37 31.01 87.15
C ASP FA 115 -4.70 29.80 86.27
N ARG FA 116 -4.49 29.97 84.98
CA ARG FA 116 -4.79 28.93 84.03
C ARG FA 116 -3.90 27.71 84.27
N GLY FA 117 -4.30 26.60 83.64
CA GLY FA 117 -3.66 25.33 83.87
C GLY FA 117 -3.71 24.42 82.68
N VAL FA 118 -3.25 23.19 82.85
CA VAL FA 118 -3.19 22.23 81.77
C VAL FA 118 -3.40 20.84 82.35
N GLY FA 119 -4.33 20.11 81.78
CA GLY FA 119 -4.72 18.79 82.24
C GLY FA 119 -4.72 17.76 81.16
N SER FA 120 -5.39 16.64 81.41
CA SER FA 120 -5.36 15.51 80.51
C SER FA 120 -6.64 14.69 80.67
N SER FA 121 -7.15 14.21 79.55
CA SER FA 121 -8.28 13.30 79.51
C SER FA 121 -7.87 12.05 78.75
N ALA FA 122 -8.11 10.89 79.35
CA ALA FA 122 -7.73 9.61 78.77
C ALA FA 122 -8.93 8.68 78.76
N VAL FA 123 -8.81 7.66 77.92
CA VAL FA 123 -9.88 6.69 77.67
C VAL FA 123 -9.53 5.41 78.41
N ILE FA 124 -10.42 5.00 79.32
CA ILE FA 124 -10.18 3.90 80.25
C ILE FA 124 -11.33 2.92 80.11
N LEU FA 125 -11.11 1.85 79.37
CA LEU FA 125 -12.17 0.94 78.95
C LEU FA 125 -12.33 -0.27 79.86
N ASP FA 126 -11.98 -0.17 81.15
CA ASP FA 126 -11.91 -1.36 82.00
C ASP FA 126 -12.36 -1.19 83.44
N ASP FA 127 -12.84 -0.02 83.84
CA ASP FA 127 -13.42 0.17 85.18
C ASP FA 127 -12.36 0.08 86.27
N ASN FA 128 -11.11 0.40 85.95
CA ASN FA 128 -10.07 0.57 86.95
C ASN FA 128 -9.38 1.89 86.62
N PHE FA 129 -9.90 2.93 87.24
CA PHE FA 129 -9.42 4.28 87.10
C PHE FA 129 -8.35 4.57 88.12
N VAL FA 130 -7.56 5.62 87.86
CA VAL FA 130 -6.73 6.18 88.90
C VAL FA 130 -7.63 6.66 90.02
N THR FA 131 -7.18 6.46 91.25
CA THR FA 131 -8.00 6.77 92.40
C THR FA 131 -8.35 8.25 92.41
N LYS FA 132 -9.59 8.54 92.80
CA LYS FA 132 -10.05 9.92 92.88
C LYS FA 132 -9.22 10.68 93.91
N ALA FA 133 -8.71 11.83 93.49
CA ALA FA 133 -7.83 12.65 94.30
C ALA FA 133 -8.23 14.11 94.17
N THR FA 134 -8.00 14.85 95.24
CA THR FA 134 -8.29 16.28 95.28
C THR FA 134 -7.10 17.10 94.80
N ALA FA 135 -5.91 16.83 95.34
CA ALA FA 135 -4.68 17.53 94.96
C ALA FA 135 -3.56 16.51 94.90
N LEU FA 136 -3.39 15.91 93.73
CA LEU FA 136 -2.31 14.98 93.46
C LEU FA 136 -1.14 15.72 92.82
N THR FA 137 0.07 15.33 93.19
CA THR FA 137 1.27 16.05 92.82
C THR FA 137 1.71 15.83 91.38
N TYR FA 138 0.90 15.18 90.55
CA TYR FA 138 1.27 14.92 89.17
C TYR FA 138 0.00 14.61 88.39
N ASP FA 139 0.13 14.64 87.08
CA ASP FA 139 -0.95 14.29 86.16
C ASP FA 139 -0.81 12.82 85.78
N PRO FA 140 -1.65 11.93 86.30
CA PRO FA 140 -1.45 10.51 85.99
C PRO FA 140 -1.75 10.16 84.55
N TYR FA 141 -2.70 10.85 83.93
CA TYR FA 141 -3.15 10.53 82.60
C TYR FA 141 -2.32 11.20 81.51
N VAL FA 142 -1.14 11.70 81.85
CA VAL FA 142 -0.38 12.51 80.91
C VAL FA 142 0.35 11.63 79.91
N ASN FA 143 0.91 10.51 80.35
CA ASN FA 143 1.67 9.63 79.48
C ASN FA 143 0.81 8.56 78.83
N TYR FA 144 -0.50 8.61 79.02
CA TYR FA 144 -1.39 7.67 78.36
C TYR FA 144 -1.44 7.91 76.87
N SER FA 145 -1.53 6.82 76.13
CA SER FA 145 -1.59 6.90 74.68
C SER FA 145 -2.84 7.60 74.18
N SER FA 146 -3.90 7.63 74.99
CA SER FA 146 -5.14 8.28 74.64
C SER FA 146 -5.30 9.63 75.31
N ARG FA 147 -4.20 10.26 75.71
CA ARG FA 147 -4.27 11.54 76.38
C ARG FA 147 -4.51 12.65 75.37
N HIS FA 148 -5.46 13.50 75.68
CA HIS FA 148 -5.66 14.77 75.01
C HIS FA 148 -5.48 15.85 76.07
N THR FA 149 -4.82 16.92 75.70
CA THR FA 149 -4.58 18.02 76.62
C THR FA 149 -5.86 18.80 76.86
N ILE FA 150 -6.10 19.12 78.13
CA ILE FA 150 -7.19 19.98 78.54
C ILE FA 150 -6.57 21.32 78.89
N THR FA 151 -6.83 22.32 78.05
CA THR FA 151 -6.59 23.69 78.43
C THR FA 151 -7.70 24.16 79.35
N GLN FA 152 -7.32 24.85 80.42
CA GLN FA 152 -8.22 25.28 81.47
C GLN FA 152 -8.11 26.79 81.62
N PRO FA 153 -9.14 27.43 82.18
CA PRO FA 153 -10.48 27.00 82.59
C PRO FA 153 -11.57 27.27 81.57
N PHE FA 154 -11.29 28.14 80.61
CA PHE FA 154 -12.31 28.71 79.73
C PHE FA 154 -12.27 28.12 78.33
N SER FA 155 -11.85 26.88 78.20
CA SER FA 155 -11.64 26.25 76.91
C SER FA 155 -12.46 24.99 76.80
N TYR FA 156 -12.96 24.74 75.60
CA TYR FA 156 -13.79 23.61 75.30
C TYR FA 156 -12.94 22.37 75.01
N HIS FA 157 -13.40 21.23 75.51
CA HIS FA 157 -12.72 19.97 75.37
C HIS FA 157 -13.75 18.91 74.99
N SER FA 158 -13.51 18.26 73.86
CA SER FA 158 -14.34 17.16 73.38
C SER FA 158 -13.53 15.89 73.29
N ARG FA 159 -14.21 14.77 73.52
CA ARG FA 159 -13.63 13.44 73.35
C ARG FA 159 -14.69 12.58 72.70
N TYR FA 160 -14.32 11.93 71.60
CA TYR FA 160 -15.22 11.11 70.80
C TYR FA 160 -14.58 9.74 70.66
N PHE FA 161 -15.23 8.73 71.22
CA PHE FA 161 -14.64 7.41 71.31
C PHE FA 161 -15.75 6.38 71.42
N THR FA 162 -15.35 5.12 71.41
CA THR FA 162 -16.24 3.98 71.49
C THR FA 162 -16.12 3.32 72.85
N PRO FA 163 -17.11 3.39 73.72
CA PRO FA 163 -16.97 2.78 75.03
C PRO FA 163 -17.09 1.27 74.99
N LYS FA 164 -16.94 0.64 76.14
CA LYS FA 164 -17.03 -0.80 76.28
C LYS FA 164 -17.84 -1.12 77.52
N PRO FA 165 -18.64 -2.18 77.51
CA PRO FA 165 -19.42 -2.51 78.69
C PRO FA 165 -18.63 -3.34 79.70
N VAL FA 166 -19.11 -3.26 80.94
CA VAL FA 166 -18.50 -3.96 82.06
C VAL FA 166 -19.21 -5.29 82.17
N LEU FA 167 -18.68 -6.28 81.45
CA LEU FA 167 -19.25 -7.62 81.47
C LEU FA 167 -18.78 -8.41 82.68
N ASP FA 168 -17.49 -8.34 82.99
CA ASP FA 168 -16.92 -8.97 84.18
C ASP FA 168 -15.90 -8.01 84.76
N SER FA 169 -16.22 -7.42 85.90
CA SER FA 169 -15.31 -6.50 86.56
C SER FA 169 -14.13 -7.20 87.19
N THR FA 170 -14.20 -8.51 87.39
CA THR FA 170 -13.09 -9.26 87.96
C THR FA 170 -11.97 -9.47 86.96
N ILE FA 171 -12.33 -9.75 85.71
CA ILE FA 171 -11.37 -10.05 84.65
C ILE FA 171 -11.16 -8.81 83.79
N ASP FA 172 -12.22 -8.04 83.60
CA ASP FA 172 -12.19 -6.79 82.86
C ASP FA 172 -11.70 -7.02 81.42
N TYR FA 173 -12.51 -7.76 80.68
CA TYR FA 173 -12.26 -8.04 79.27
C TYR FA 173 -13.19 -7.22 78.39
N PHE FA 174 -12.69 -6.83 77.23
CA PHE FA 174 -13.46 -6.06 76.29
C PHE FA 174 -13.03 -6.38 74.86
N GLN FA 175 -13.83 -6.02 73.97
CA GLN FA 175 -13.65 -6.27 72.55
C GLN FA 175 -12.93 -5.12 71.87
N PRO FA 176 -12.16 -5.38 70.83
CA PRO FA 176 -11.67 -4.28 70.01
C PRO FA 176 -12.77 -3.68 69.14
N ASN FA 177 -12.44 -2.59 68.48
CA ASN FA 177 -13.43 -1.87 67.71
C ASN FA 177 -13.75 -2.61 66.43
N ASN FA 178 -15.00 -3.05 66.30
CA ASN FA 178 -15.48 -3.73 65.10
C ASN FA 178 -16.97 -3.49 65.05
N LYS FA 179 -17.43 -2.75 64.05
CA LYS FA 179 -18.84 -2.43 63.98
C LYS FA 179 -19.67 -3.68 63.70
N ARG FA 180 -19.11 -4.66 63.01
CA ARG FA 180 -19.86 -5.83 62.60
C ARG FA 180 -19.94 -6.88 63.70
N ASN FA 181 -18.97 -6.90 64.60
CA ASN FA 181 -18.87 -7.93 65.64
C ASN FA 181 -19.20 -7.42 67.02
N GLN FA 182 -19.61 -6.16 67.16
CA GLN FA 182 -19.91 -5.61 68.47
C GLN FA 182 -21.13 -6.31 69.06
N LEU FA 183 -21.01 -6.65 70.34
CA LEU FA 183 -22.06 -7.37 71.03
C LEU FA 183 -23.32 -6.52 71.15
N TRP FA 184 -24.45 -7.20 71.07
CA TRP FA 184 -25.74 -6.62 71.39
C TRP FA 184 -26.07 -6.94 72.83
N LEU FA 185 -26.35 -5.92 73.60
CA LEU FA 185 -26.85 -6.07 74.96
C LEU FA 185 -28.36 -5.93 74.94
N ARG FA 186 -28.98 -6.35 76.04
CA ARG FA 186 -30.40 -6.18 76.23
C ARG FA 186 -30.68 -4.87 76.93
N LEU FA 187 -31.71 -4.19 76.46
CA LEU FA 187 -32.23 -2.99 77.08
C LEU FA 187 -33.10 -3.42 78.26
N GLN FA 188 -32.49 -3.51 79.42
CA GLN FA 188 -33.19 -3.93 80.62
C GLN FA 188 -34.18 -2.86 81.05
N THR FA 189 -34.97 -3.21 82.06
CA THR FA 189 -35.99 -2.29 82.57
C THR FA 189 -35.39 -1.26 83.52
N ALA FA 190 -34.66 -1.72 84.55
CA ALA FA 190 -34.04 -0.81 85.50
C ALA FA 190 -32.66 -1.26 85.96
N GLY FA 191 -31.95 -2.06 85.17
CA GLY FA 191 -30.70 -2.67 85.61
C GLY FA 191 -29.62 -2.75 84.57
N ASN FA 192 -29.58 -1.79 83.65
CA ASN FA 192 -28.61 -1.83 82.58
C ASN FA 192 -27.19 -1.71 83.09
N VAL FA 193 -26.26 -2.19 82.29
CA VAL FA 193 -24.87 -2.31 82.66
C VAL FA 193 -24.13 -1.02 82.35
N ASP FA 194 -23.15 -0.71 83.18
CA ASP FA 194 -22.41 0.54 83.04
C ASP FA 194 -21.37 0.41 81.96
N HIS FA 195 -21.37 1.37 81.04
CA HIS FA 195 -20.29 1.53 80.09
C HIS FA 195 -19.27 2.50 80.65
N VAL FA 196 -18.05 2.38 80.15
CA VAL FA 196 -16.88 3.00 80.76
C VAL FA 196 -15.98 3.49 79.65
N GLY FA 197 -15.04 4.38 80.00
CA GLY FA 197 -14.21 4.97 78.98
C GLY FA 197 -13.69 6.39 79.10
N LEU FA 198 -13.82 7.06 80.24
CA LEU FA 198 -13.15 8.35 80.35
C LEU FA 198 -12.69 8.64 81.77
N GLY FA 199 -11.45 9.08 81.88
CA GLY FA 199 -10.91 9.60 83.12
C GLY FA 199 -10.17 10.88 82.85
N THR FA 200 -10.22 11.78 83.84
CA THR FA 200 -9.76 13.15 83.68
C THR FA 200 -8.78 13.51 84.78
N ALA FA 201 -8.01 14.56 84.52
CA ALA FA 201 -7.13 15.17 85.51
C ALA FA 201 -7.09 16.66 85.24
N PHE FA 202 -7.66 17.43 86.15
CA PHE FA 202 -7.73 18.88 86.05
C PHE FA 202 -6.76 19.52 87.04
N GLU FA 203 -6.04 20.52 86.57
CA GLU FA 203 -5.12 21.25 87.41
C GLU FA 203 -5.88 22.23 88.27
N ASN FA 204 -5.63 22.19 89.57
CA ASN FA 204 -6.34 23.02 90.50
C ASN FA 204 -5.93 24.47 90.36
N SER FA 205 -6.70 25.35 90.99
CA SER FA 205 -6.54 26.78 90.84
C SER FA 205 -7.04 27.48 92.09
N ILE FA 206 -6.71 28.78 92.18
CA ILE FA 206 -7.20 29.60 93.29
C ILE FA 206 -8.68 29.84 93.15
N TYR FA 207 -9.20 29.85 91.93
CA TYR FA 207 -10.60 30.08 91.65
C TYR FA 207 -11.29 28.76 91.33
N ASP FA 208 -12.59 28.74 91.54
CA ASP FA 208 -13.38 27.56 91.21
C ASP FA 208 -13.56 27.44 89.72
N GLN FA 209 -13.37 26.24 89.20
CA GLN FA 209 -13.51 25.94 87.78
C GLN FA 209 -14.75 25.06 87.60
N GLU FA 210 -15.79 25.63 87.03
CA GLU FA 210 -17.04 24.93 86.79
C GLU FA 210 -17.17 24.55 85.32
N TYR FA 211 -17.86 23.45 85.08
CA TYR FA 211 -18.10 22.95 83.74
C TYR FA 211 -19.51 22.38 83.66
N ASN FA 212 -20.12 22.51 82.48
CA ASN FA 212 -21.37 21.85 82.14
C ASN FA 212 -21.03 20.76 81.15
N ILE FA 213 -21.14 19.51 81.57
CA ILE FA 213 -20.71 18.37 80.77
C ILE FA 213 -21.92 17.79 80.07
N ARG FA 214 -21.85 17.72 78.74
CA ARG FA 214 -22.89 17.18 77.90
C ARG FA 214 -22.37 15.91 77.26
N VAL FA 215 -22.94 14.78 77.67
CA VAL FA 215 -22.61 13.48 77.11
C VAL FA 215 -23.67 13.14 76.08
N THR FA 216 -23.23 12.72 74.90
CA THR FA 216 -24.09 12.30 73.81
C THR FA 216 -23.69 10.89 73.43
N MET FA 217 -24.62 9.96 73.55
CA MET FA 217 -24.41 8.58 73.16
C MET FA 217 -25.09 8.28 71.84
N TYR FA 218 -24.33 7.72 70.92
CA TYR FA 218 -24.83 7.31 69.62
C TYR FA 218 -25.08 5.81 69.68
N VAL FA 219 -26.35 5.42 69.74
CA VAL FA 219 -26.75 4.06 70.02
C VAL FA 219 -27.38 3.45 68.78
N GLN FA 220 -27.55 2.14 68.82
CA GLN FA 220 -28.10 1.36 67.73
C GLN FA 220 -28.97 0.29 68.37
N PHE FA 221 -30.27 0.37 68.11
CA PHE FA 221 -31.25 -0.55 68.67
C PHE FA 221 -31.62 -1.62 67.64
N ARG FA 222 -32.39 -2.61 68.11
CA ARG FA 222 -32.76 -3.73 67.29
C ARG FA 222 -34.05 -4.33 67.84
N GLU FA 223 -34.85 -4.90 66.93
CA GLU FA 223 -36.06 -5.65 67.26
C GLU FA 223 -37.09 -4.78 67.98
N PHE FA 224 -37.66 -3.88 67.19
CA PHE FA 224 -38.87 -3.15 67.54
C PHE FA 224 -39.89 -4.06 68.16
N ASN FA 225 -40.31 -3.75 69.38
CA ASN FA 225 -41.12 -4.65 70.20
C ASN FA 225 -42.28 -3.93 70.85
N LEU FA 226 -42.93 -3.06 70.10
CA LEU FA 226 -44.06 -2.32 70.66
C LEU FA 226 -45.20 -3.28 70.96
N LYS FA 227 -45.90 -3.00 72.06
CA LYS FA 227 -47.04 -3.78 72.50
C LYS FA 227 -48.27 -2.88 72.54
N ASP FA 228 -49.34 -3.32 71.89
CA ASP FA 228 -50.54 -2.52 71.68
C ASP FA 228 -51.74 -3.27 72.23
N PRO FA 229 -52.00 -3.17 73.53
CA PRO FA 229 -53.21 -3.73 74.08
C PRO FA 229 -54.42 -2.89 73.71
N PRO FA 230 -55.64 -3.41 73.89
CA PRO FA 230 -56.82 -2.58 73.67
C PRO FA 230 -56.97 -1.50 74.73
N LEU FA 231 -58.04 -0.71 74.61
CA LEU FA 231 -58.30 0.39 75.53
C LEU FA 231 -59.79 0.51 75.85
N GLY GA 43 16.09 -4.00 69.93
CA GLY GA 43 14.71 -3.88 70.38
C GLY GA 43 14.29 -2.44 70.61
N ILE GA 44 13.93 -1.78 69.54
CA ILE GA 44 13.64 -0.35 69.58
C ILE GA 44 12.26 -0.10 70.14
N PHE GA 45 12.13 0.98 70.89
CA PHE GA 45 10.85 1.42 71.40
C PHE GA 45 10.89 2.95 71.51
N ASN GA 46 10.27 3.61 70.55
CA ASN GA 46 10.11 5.05 70.60
C ASN GA 46 8.88 5.40 71.43
N THR GA 47 9.08 6.27 72.42
CA THR GA 47 7.98 6.73 73.25
C THR GA 47 8.16 8.21 73.54
N ARG GA 48 7.38 8.68 74.53
CA ARG GA 48 7.27 10.09 74.85
C ARG GA 48 7.12 10.23 76.35
N LEU GA 49 7.99 11.04 76.95
CA LEU GA 49 8.02 11.27 78.39
C LEU GA 49 7.90 12.76 78.65
N SER GA 50 7.10 13.12 79.64
CA SER GA 50 6.78 14.50 79.94
C SER GA 50 7.04 14.80 81.41
N ARG GA 51 6.99 16.09 81.72
CA ARG GA 51 7.35 16.63 83.02
C ARG GA 51 6.92 18.09 83.02
N THR GA 52 6.40 18.56 84.14
CA THR GA 52 5.83 19.89 84.26
C THR GA 52 6.38 20.57 85.50
N PHE GA 53 6.71 21.85 85.38
CA PHE GA 53 7.26 22.63 86.47
C PHE GA 53 7.03 24.10 86.18
N GLY GA 54 7.28 24.91 87.20
CA GLY GA 54 7.03 26.33 87.14
C GLY GA 54 8.24 27.21 86.96
N TYR GA 55 8.02 28.41 86.43
CA TYR GA 55 9.04 29.43 86.26
C TYR GA 55 8.36 30.79 86.38
N THR GA 56 8.93 31.65 87.20
CA THR GA 56 8.39 32.99 87.44
C THR GA 56 9.47 34.03 87.21
N ILE GA 57 9.05 35.12 86.57
CA ILE GA 57 9.88 36.30 86.38
C ILE GA 57 9.31 37.35 87.33
N LYS GA 58 10.01 37.60 88.42
CA LYS GA 58 9.54 38.51 89.44
C LYS GA 58 9.52 39.94 88.91
N ARG GA 59 8.71 40.77 89.56
CA ARG GA 59 8.54 42.16 89.19
C ARG GA 59 9.78 42.97 89.53
N THR GA 60 9.89 44.12 88.85
CA THR GA 60 10.98 45.06 89.08
C THR GA 60 10.45 46.48 88.98
N THR GA 61 10.92 47.34 89.88
CA THR GA 61 10.63 48.77 89.83
C THR GA 61 11.47 49.50 88.78
N VAL GA 62 12.42 48.81 88.15
CA VAL GA 62 13.26 49.44 87.13
C VAL GA 62 12.40 49.95 85.99
N LYS GA 63 12.69 51.16 85.53
CA LYS GA 63 11.91 51.79 84.48
C LYS GA 63 12.33 51.33 83.09
N THR GA 64 13.63 51.11 82.90
CA THR GA 64 14.15 50.76 81.59
C THR GA 64 13.63 49.41 81.14
N PRO GA 65 13.78 49.10 79.85
CA PRO GA 65 13.55 47.73 79.41
C PRO GA 65 14.75 46.86 79.73
N SER GA 66 14.61 46.01 80.73
CA SER GA 66 15.61 45.04 81.11
C SER GA 66 15.07 43.64 80.91
N TRP GA 67 15.98 42.70 80.74
CA TRP GA 67 15.65 41.30 80.49
C TRP GA 67 16.19 40.41 81.59
N ALA GA 68 15.46 39.34 81.84
CA ALA GA 68 15.81 38.32 82.81
C ALA GA 68 16.27 37.08 82.07
N VAL GA 69 17.50 36.67 82.33
CA VAL GA 69 18.14 35.58 81.61
C VAL GA 69 18.16 34.35 82.51
N ASP GA 70 17.93 33.19 81.91
CA ASP GA 70 17.97 31.93 82.62
C ASP GA 70 18.26 30.82 81.63
N MET GA 71 18.59 29.66 82.16
CA MET GA 71 19.00 28.49 81.40
C MET GA 71 18.04 27.35 81.64
N MET GA 72 18.17 26.32 80.81
CA MET GA 72 17.30 25.15 80.88
C MET GA 72 18.06 23.95 80.35
N ARG GA 73 18.32 22.98 81.22
CA ARG GA 73 18.91 21.70 80.88
C ARG GA 73 17.85 20.62 80.96
N PHE GA 74 18.17 19.45 80.42
CA PHE GA 74 17.26 18.31 80.38
C PHE GA 74 18.01 17.05 80.78
N ASN GA 75 17.50 16.36 81.80
CA ASN GA 75 18.03 15.08 82.23
C ASN GA 75 16.91 14.07 82.29
N ILE GA 76 17.25 12.81 82.03
CA ILE GA 76 16.26 11.75 81.98
C ILE GA 76 15.85 11.24 83.34
N ASN GA 77 16.59 11.56 84.39
CA ASN GA 77 16.17 11.17 85.72
C ASN GA 77 14.90 11.89 86.14
N ASP GA 78 14.69 13.10 85.64
CA ASP GA 78 13.51 13.87 85.97
C ASP GA 78 12.27 13.40 85.22
N PHE GA 79 12.44 12.57 84.20
CA PHE GA 79 11.32 12.03 83.42
C PHE GA 79 11.09 10.56 83.68
N LEU GA 80 12.14 9.81 83.98
CA LEU GA 80 12.09 8.37 84.18
C LEU GA 80 12.40 8.03 85.63
N PRO GA 81 11.46 7.57 86.45
CA PRO GA 81 11.77 7.33 87.84
C PRO GA 81 12.57 6.04 88.01
N PRO GA 82 13.07 5.79 89.20
CA PRO GA 82 13.69 4.50 89.47
C PRO GA 82 12.66 3.40 89.54
N GLY GA 83 13.07 2.21 89.13
CA GLY GA 83 12.18 1.08 89.12
C GLY GA 83 12.10 0.38 90.45
N GLY GA 84 12.04 -0.94 90.42
CA GLY GA 84 11.96 -1.72 91.63
C GLY GA 84 12.45 -3.14 91.43
N GLY GA 85 13.30 -3.60 92.35
CA GLY GA 85 13.82 -4.94 92.28
C GLY GA 85 15.04 -5.06 91.40
N SER GA 86 15.10 -6.15 90.64
CA SER GA 86 16.24 -6.38 89.77
C SER GA 86 16.27 -5.44 88.57
N ASN GA 87 15.16 -4.76 88.29
CA ASN GA 87 15.11 -3.76 87.24
C ASN GA 87 15.36 -2.39 87.84
N PRO GA 88 16.51 -1.76 87.59
CA PRO GA 88 16.80 -0.51 88.30
C PRO GA 88 15.96 0.66 87.85
N ARG GA 89 15.40 0.61 86.64
CA ARG GA 89 14.58 1.68 86.10
C ARG GA 89 13.20 1.14 85.74
N SER GA 90 12.26 2.08 85.57
CA SER GA 90 10.87 1.73 85.36
C SER GA 90 10.58 1.34 83.92
N VAL GA 91 11.39 1.81 82.99
CA VAL GA 91 11.32 1.39 81.58
C VAL GA 91 12.42 0.38 81.35
N PRO GA 92 12.11 -0.91 81.13
CA PRO GA 92 13.18 -1.91 81.12
C PRO GA 92 13.97 -1.98 79.83
N PHE GA 93 14.88 -1.03 79.68
CA PHE GA 93 15.78 -0.97 78.54
C PHE GA 93 17.16 -0.57 79.02
N GLU GA 94 18.15 -0.86 78.19
CA GLU GA 94 19.55 -0.62 78.50
C GLU GA 94 20.05 0.72 77.99
N TYR GA 95 19.81 1.00 76.72
CA TYR GA 95 20.35 2.17 76.05
C TYR GA 95 19.24 3.13 75.70
N TYR GA 96 19.63 4.38 75.44
CA TYR GA 96 18.69 5.41 75.06
C TYR GA 96 19.41 6.47 74.25
N ARG GA 97 18.63 7.27 73.54
CA ARG GA 97 19.13 8.47 72.90
C ARG GA 97 17.95 9.39 72.67
N ILE GA 98 18.09 10.64 73.08
CA ILE GA 98 17.01 11.60 73.01
C ILE GA 98 16.97 12.16 71.59
N ARG GA 99 15.82 12.02 70.95
CA ARG GA 99 15.62 12.44 69.57
C ARG GA 99 15.20 13.89 69.48
N LYS GA 100 14.22 14.29 70.27
CA LYS GA 100 13.67 15.63 70.24
C LYS GA 100 13.21 16.01 71.63
N VAL GA 101 13.06 17.32 71.85
CA VAL GA 101 12.45 17.87 73.04
C VAL GA 101 11.50 18.97 72.61
N LYS GA 102 10.37 19.06 73.30
CA LYS GA 102 9.37 20.09 73.11
C LYS GA 102 9.20 20.81 74.43
N VAL GA 103 9.70 22.03 74.49
CA VAL GA 103 9.50 22.90 75.64
C VAL GA 103 8.32 23.81 75.35
N GLU GA 104 7.34 23.79 76.24
CA GLU GA 104 6.11 24.56 76.10
C GLU GA 104 6.01 25.49 77.29
N PHE GA 105 6.01 26.78 77.03
CA PHE GA 105 5.74 27.80 78.05
C PHE GA 105 4.26 28.07 78.04
N TRP GA 106 3.54 27.44 78.96
CA TRP GA 106 2.12 27.67 79.11
C TRP GA 106 1.92 28.83 80.07
N PRO GA 107 1.29 29.93 79.65
CA PRO GA 107 1.19 31.08 80.55
C PRO GA 107 0.24 30.83 81.70
N CYS GA 108 0.47 31.59 82.76
CA CYS GA 108 -0.37 31.60 83.95
C CYS GA 108 -1.07 32.92 84.15
N SER GA 109 -0.89 33.87 83.25
CA SER GA 109 -1.30 35.24 83.42
C SER GA 109 -2.51 35.54 82.55
N PRO GA 110 -3.40 36.44 82.98
CA PRO GA 110 -4.59 36.72 82.20
C PRO GA 110 -4.27 37.51 80.94
N ILE GA 111 -5.21 37.46 80.00
CA ILE GA 111 -5.04 38.21 78.76
C ILE GA 111 -5.27 39.70 78.94
N THR GA 112 -5.69 40.15 80.12
CA THR GA 112 -5.85 41.55 80.43
C THR GA 112 -4.62 42.17 81.06
N GLN GA 113 -3.55 41.42 81.25
CA GLN GA 113 -2.37 41.93 81.92
C GLN GA 113 -1.61 42.85 80.98
N GLY GA 114 -1.21 44.00 81.50
CA GLY GA 114 -0.49 44.98 80.75
C GLY GA 114 1.00 44.92 80.98
N ASP GA 115 1.68 45.99 80.58
CA ASP GA 115 3.14 46.07 80.64
C ASP GA 115 3.76 44.91 79.87
N ARG GA 116 3.20 44.63 78.71
CA ARG GA 116 3.66 43.54 77.89
C ARG GA 116 5.08 43.77 77.41
N GLY GA 117 5.68 42.71 76.91
CA GLY GA 117 7.07 42.73 76.54
C GLY GA 117 7.40 41.79 75.41
N VAL GA 118 8.69 41.67 75.10
CA VAL GA 118 9.15 40.84 74.00
C VAL GA 118 10.51 40.28 74.36
N GLY GA 119 10.64 38.97 74.24
CA GLY GA 119 11.84 38.25 74.59
C GLY GA 119 12.34 37.34 73.51
N SER GA 120 13.20 36.41 73.88
CA SER GA 120 13.86 35.55 72.91
C SER GA 120 14.23 34.24 73.57
N SER GA 121 14.07 33.15 72.82
CA SER GA 121 14.50 31.82 73.22
C SER GA 121 15.44 31.28 72.16
N ALA GA 122 16.60 30.79 72.58
CA ALA GA 122 17.62 30.28 71.68
C ALA GA 122 18.06 28.90 72.13
N VAL GA 123 18.67 28.18 71.19
CA VAL GA 123 19.09 26.80 71.38
C VAL GA 123 20.59 26.78 71.59
N ILE GA 124 21.01 26.26 72.74
CA ILE GA 124 22.39 26.33 73.20
C ILE GA 124 22.84 24.91 73.52
N LEU GA 125 23.57 24.30 72.59
CA LEU GA 125 23.87 22.88 72.65
C LEU GA 125 25.22 22.56 73.28
N ASP GA 126 25.74 23.40 74.18
CA ASP GA 126 27.11 23.26 74.65
C ASP GA 126 27.36 23.56 76.12
N ASP GA 127 26.35 23.87 76.92
CA ASP GA 127 26.50 24.03 78.36
C ASP GA 127 27.31 25.27 78.70
N ASN GA 128 27.30 26.28 77.84
CA ASN GA 128 27.86 27.59 78.15
C ASN GA 128 26.80 28.60 77.75
N PHE GA 129 25.95 28.91 78.73
CA PHE GA 129 24.87 29.86 78.58
C PHE GA 129 25.34 31.25 78.93
N VAL GA 130 24.56 32.24 78.49
CA VAL GA 130 24.73 33.59 79.02
C VAL GA 130 24.45 33.53 80.50
N THR GA 131 25.23 34.29 81.26
CA THR GA 131 25.13 34.25 82.71
C THR GA 131 23.74 34.65 83.16
N LYS GA 132 23.25 33.96 84.18
CA LYS GA 132 21.94 34.26 84.73
C LYS GA 132 21.91 35.66 85.29
N ALA GA 133 20.91 36.43 84.87
CA ALA GA 133 20.77 37.83 85.22
C ALA GA 133 19.33 38.12 85.58
N THR GA 134 19.15 39.08 86.48
CA THR GA 134 17.84 39.51 86.91
C THR GA 134 17.31 40.64 86.03
N ALA GA 135 18.12 41.68 85.82
CA ALA GA 135 17.74 42.82 84.99
C ALA GA 135 18.95 43.22 84.16
N LEU GA 136 19.09 42.61 83.00
CA LEU GA 136 20.13 42.93 82.04
C LEU GA 136 19.61 43.94 81.03
N THR GA 137 20.47 44.87 80.64
CA THR GA 137 20.08 46.02 79.82
C THR GA 137 19.86 45.68 78.36
N TYR GA 138 19.88 44.40 77.97
CA TYR GA 138 19.68 44.02 76.58
C TYR GA 138 19.27 42.56 76.54
N ASP GA 139 18.79 42.15 75.37
CA ASP GA 139 18.42 40.77 75.12
C ASP GA 139 19.60 40.06 74.48
N PRO GA 140 20.32 39.19 75.19
CA PRO GA 140 21.50 38.59 74.58
C PRO GA 140 21.17 37.60 73.48
N TYR GA 141 20.05 36.92 73.57
CA TYR GA 141 19.68 35.87 72.65
C TYR GA 141 18.94 36.40 71.42
N VAL GA 142 18.99 37.70 71.17
CA VAL GA 142 18.17 38.30 70.13
C VAL GA 142 18.79 38.07 68.75
N ASN GA 143 20.11 38.18 68.65
CA ASN GA 143 20.79 38.03 67.37
C ASN GA 143 21.21 36.61 67.09
N TYR GA 144 20.82 35.67 67.94
CA TYR GA 144 21.13 34.27 67.69
C TYR GA 144 20.34 33.74 66.52
N SER GA 145 20.98 32.87 65.75
CA SER GA 145 20.35 32.28 64.58
C SER GA 145 19.17 31.41 64.93
N SER GA 146 19.12 30.89 66.17
CA SER GA 146 18.03 30.07 66.65
C SER GA 146 17.05 30.83 67.53
N ARG GA 147 16.99 32.14 67.38
CA ARG GA 147 16.10 32.95 68.20
C ARG GA 147 14.69 32.86 67.68
N HIS GA 148 13.76 32.61 68.59
CA HIS GA 148 12.34 32.77 68.36
C HIS GA 148 11.85 33.82 69.34
N THR GA 149 10.99 34.69 68.86
CA THR GA 149 10.45 35.75 69.70
C THR GA 149 9.46 35.19 70.71
N ILE GA 150 9.58 35.65 71.94
CA ILE GA 150 8.65 35.34 73.01
C ILE GA 150 7.80 36.58 73.20
N THR GA 151 6.54 36.49 72.82
CA THR GA 151 5.56 37.46 73.25
C THR GA 151 5.15 37.17 74.67
N GLN GA 152 5.07 38.21 75.48
CA GLN GA 152 4.81 38.12 76.90
C GLN GA 152 3.58 38.95 77.25
N PRO GA 153 2.90 38.66 78.37
CA PRO GA 153 3.02 37.56 79.31
C PRO GA 153 2.05 36.41 79.09
N PHE GA 154 1.03 36.63 78.29
CA PHE GA 154 -0.11 35.73 78.18
C PHE GA 154 -0.12 34.93 76.90
N SER GA 155 1.05 34.66 76.34
CA SER GA 155 1.17 34.01 75.05
C SER GA 155 1.99 32.74 75.18
N TYR GA 156 1.59 31.75 74.39
CA TYR GA 156 2.21 30.44 74.38
C TYR GA 156 3.44 30.44 73.49
N HIS GA 157 4.48 29.76 73.94
CA HIS GA 157 5.75 29.68 73.25
C HIS GA 157 6.21 28.22 73.28
N SER GA 158 6.43 27.65 72.10
CA SER GA 158 6.94 26.30 71.95
C SER GA 158 8.28 26.34 71.23
N ARG GA 159 9.13 25.38 71.57
CA ARG GA 159 10.40 25.17 70.90
C ARG GA 159 10.59 23.67 70.76
N TYR GA 160 10.85 23.23 69.53
CA TYR GA 160 10.98 21.81 69.20
C TYR GA 160 12.32 21.63 68.50
N PHE GA 161 13.21 20.89 69.14
CA PHE GA 161 14.58 20.79 68.68
C PHE GA 161 15.18 19.48 69.17
N THR GA 162 16.40 19.22 68.73
CA THR GA 162 17.15 18.02 69.06
C THR GA 162 18.27 18.38 70.02
N PRO GA 163 18.24 17.96 71.28
CA PRO GA 163 19.32 18.33 72.19
C PRO GA 163 20.56 17.53 71.97
N LYS GA 164 21.61 17.82 72.73
CA LYS GA 164 22.87 17.15 72.64
C LYS GA 164 23.37 16.86 74.05
N PRO GA 165 24.03 15.73 74.27
CA PRO GA 165 24.54 15.43 75.60
C PRO GA 165 25.87 16.09 75.90
N VAL GA 166 26.13 16.25 77.20
CA VAL GA 166 27.35 16.87 77.69
C VAL GA 166 28.34 15.74 77.92
N LEU GA 167 29.09 15.42 76.88
CA LEU GA 167 30.09 14.36 76.96
C LEU GA 167 31.38 14.86 77.58
N ASP GA 168 31.84 16.04 77.17
CA ASP GA 168 33.01 16.68 77.77
C ASP GA 168 32.71 18.17 77.88
N SER GA 169 32.53 18.64 79.11
CA SER GA 169 32.25 20.04 79.34
C SER GA 169 33.47 20.92 79.12
N THR GA 170 34.67 20.34 79.11
CA THR GA 170 35.89 21.12 78.88
C THR GA 170 36.02 21.50 77.41
N ILE GA 171 35.70 20.59 76.51
CA ILE GA 171 35.86 20.79 75.07
C ILE GA 171 34.53 21.17 74.45
N ASP GA 172 33.45 20.60 74.99
CA ASP GA 172 32.08 20.91 74.57
C ASP GA 172 31.90 20.61 73.08
N TYR GA 173 32.01 19.33 72.74
CA TYR GA 173 31.81 18.84 71.39
C TYR GA 173 30.47 18.13 71.28
N PHE GA 174 29.85 18.23 70.11
CA PHE GA 174 28.57 17.58 69.87
C PHE GA 174 28.47 17.21 68.41
N GLN GA 175 27.55 16.38 68.14
CA GLN GA 175 27.30 15.84 66.82
C GLN GA 175 26.26 16.66 66.07
N PRO GA 176 26.34 16.73 64.76
CA PRO GA 176 25.22 17.30 64.01
C PRO GA 176 24.04 16.36 63.96
N ASN GA 177 22.93 16.83 63.42
CA ASN GA 177 21.70 16.07 63.42
C ASN GA 177 21.78 14.95 62.40
N ASN GA 178 21.71 13.72 62.87
CA ASN GA 178 21.71 12.56 62.00
C ASN GA 178 21.02 11.46 62.77
N LYS GA 179 19.85 11.03 62.30
CA LYS GA 179 19.12 10.02 63.04
C LYS GA 179 19.84 8.69 63.02
N ARG GA 180 20.61 8.41 61.98
CA ARG GA 180 21.24 7.11 61.83
C ARG GA 180 22.55 7.01 62.60
N ASN GA 181 23.21 8.13 62.85
CA ASN GA 181 24.52 8.16 63.48
C ASN GA 181 24.49 8.68 64.90
N GLN GA 182 23.32 8.99 65.45
CA GLN GA 182 23.24 9.52 66.79
C GLN GA 182 23.70 8.48 67.80
N LEU GA 183 24.51 8.93 68.75
CA LEU GA 183 25.07 8.05 69.75
C LEU GA 183 24.00 7.49 70.66
N TRP GA 184 24.20 6.24 71.06
CA TRP GA 184 23.41 5.61 72.10
C TRP GA 184 24.14 5.79 73.42
N LEU GA 185 23.45 6.34 74.40
CA LEU GA 185 23.93 6.41 75.76
C LEU GA 185 23.33 5.26 76.55
N ARG GA 186 23.92 5.03 77.73
CA ARG GA 186 23.40 4.05 78.66
C ARG GA 186 22.43 4.71 79.62
N LEU GA 187 21.34 4.01 79.87
CA LEU GA 187 20.37 4.40 80.88
C LEU GA 187 20.92 3.97 82.23
N GLN GA 188 21.63 4.89 82.87
CA GLN GA 188 22.23 4.63 84.16
C GLN GA 188 21.15 4.50 85.23
N THR GA 189 21.58 4.13 86.43
CA THR GA 189 20.65 3.95 87.54
C THR GA 189 20.30 5.27 88.19
N ALA GA 190 21.31 6.06 88.60
CA ALA GA 190 21.07 7.34 89.23
C ALA GA 190 22.07 8.42 88.82
N GLY GA 191 22.69 8.30 87.64
CA GLY GA 191 23.76 9.19 87.25
C GLY GA 191 23.78 9.59 85.80
N ASN GA 192 22.61 9.70 85.18
CA ASN GA 192 22.54 10.01 83.77
C ASN GA 192 23.08 11.41 83.48
N VAL GA 193 23.49 11.60 82.24
CA VAL GA 193 24.17 12.80 81.80
C VAL GA 193 23.14 13.84 81.38
N ASP GA 194 23.49 15.10 81.62
CA ASP GA 194 22.58 16.20 81.33
C ASP GA 194 22.61 16.53 79.86
N HIS GA 195 21.43 16.61 79.25
CA HIS GA 195 21.26 17.16 77.93
C HIS GA 195 20.94 18.64 78.04
N VAL GA 196 21.24 19.34 76.96
CA VAL GA 196 21.28 20.80 76.98
C VAL GA 196 20.72 21.30 75.65
N GLY GA 197 20.37 22.59 75.61
CA GLY GA 197 19.74 23.11 74.42
C GLY GA 197 18.70 24.20 74.50
N LEU GA 198 18.51 24.86 75.64
CA LEU GA 198 17.63 26.04 75.61
C LEU GA 198 18.05 27.10 76.61
N GLY GA 199 18.09 28.33 76.12
CA GLY GA 199 18.26 29.49 76.97
C GLY GA 199 17.27 30.57 76.58
N THR GA 200 16.85 31.32 77.58
CA THR GA 200 15.74 32.26 77.44
C THR GA 200 16.15 33.65 77.93
N ALA GA 201 15.37 34.63 77.48
CA ALA GA 201 15.48 36.00 77.96
C ALA GA 201 14.09 36.60 77.97
N PHE GA 202 13.59 36.86 79.17
CA PHE GA 202 12.26 37.43 79.37
C PHE GA 202 12.38 38.88 79.80
N GLU GA 203 11.56 39.73 79.20
CA GLU GA 203 11.52 41.14 79.54
C GLU GA 203 10.75 41.32 80.84
N ASN GA 204 11.36 42.03 81.78
CA ASN GA 204 10.76 42.21 83.08
C ASN GA 204 9.57 43.15 82.99
N SER GA 205 8.80 43.18 84.08
CA SER GA 205 7.54 43.91 84.11
C SER GA 205 7.24 44.33 85.54
N ILE GA 206 6.25 45.22 85.68
CA ILE GA 206 5.80 45.65 86.98
C ILE GA 206 5.07 44.52 87.70
N TYR GA 207 4.44 43.64 86.94
CA TYR GA 207 3.70 42.51 87.49
C TYR GA 207 4.53 41.23 87.34
N ASP GA 208 4.21 40.27 88.20
CA ASP GA 208 4.87 38.98 88.14
C ASP GA 208 4.35 38.17 86.97
N GLN GA 209 5.27 37.57 86.22
CA GLN GA 209 4.96 36.75 85.06
C GLN GA 209 5.28 35.31 85.40
N GLU GA 210 4.23 34.50 85.57
CA GLU GA 210 4.38 33.09 85.90
C GLU GA 210 4.10 32.23 84.67
N TYR GA 211 4.76 31.08 84.64
CA TYR GA 211 4.62 30.12 83.56
C TYR GA 211 4.64 28.72 84.13
N ASN GA 212 3.90 27.82 83.49
CA ASN GA 212 3.96 26.39 83.74
C ASN GA 212 4.65 25.75 82.54
N ILE GA 213 5.86 25.28 82.74
CA ILE GA 213 6.68 24.78 81.65
C ILE GA 213 6.55 23.26 81.59
N ARG GA 214 6.14 22.77 80.44
CA ARG GA 214 5.96 21.34 80.18
C ARG GA 214 7.00 20.92 79.16
N VAL GA 215 7.96 20.11 79.60
CA VAL GA 215 8.98 19.55 78.74
C VAL GA 215 8.57 18.15 78.37
N THR GA 216 8.63 17.83 77.08
CA THR GA 216 8.31 16.52 76.55
C THR GA 216 9.52 16.04 75.78
N MET GA 217 10.10 14.92 76.20
CA MET GA 217 11.23 14.31 75.52
C MET GA 217 10.77 13.11 74.73
N TYR GA 218 11.15 13.08 73.46
CA TYR GA 218 10.87 11.97 72.57
C TYR GA 218 12.13 11.12 72.49
N VAL GA 219 12.08 9.95 73.13
CA VAL GA 219 13.26 9.13 73.34
C VAL GA 219 13.13 7.86 72.53
N GLN GA 220 14.24 7.14 72.43
CA GLN GA 220 14.33 5.91 71.68
C GLN GA 220 15.24 4.98 72.47
N PHE GA 221 14.68 3.88 72.95
CA PHE GA 221 15.38 2.91 73.76
C PHE GA 221 15.81 1.72 72.91
N ARG GA 222 16.61 0.85 73.53
CA ARG GA 222 17.16 -0.30 72.85
C ARG GA 222 17.49 -1.37 73.87
N GLU GA 223 17.40 -2.63 73.43
CA GLU GA 223 17.81 -3.79 74.21
C GLU GA 223 17.00 -3.94 75.50
N PHE GA 224 15.74 -4.28 75.30
CA PHE GA 224 14.85 -4.77 76.35
C PHE GA 224 15.57 -5.76 77.25
N ASN GA 225 15.63 -5.45 78.54
CA ASN GA 225 16.46 -6.18 79.48
C ASN GA 225 15.72 -6.51 80.76
N LEU GA 226 14.47 -6.93 80.62
CA LEU GA 226 13.69 -7.27 81.80
C LEU GA 226 14.29 -8.49 82.49
N LYS GA 227 14.24 -8.47 83.82
CA LYS GA 227 14.72 -9.56 84.65
C LYS GA 227 13.58 -10.11 85.48
N ASP GA 228 13.38 -11.42 85.41
CA ASP GA 228 12.24 -12.10 86.01
C ASP GA 228 12.72 -13.17 86.97
N PRO GA 229 13.05 -12.81 88.20
CA PRO GA 229 13.36 -13.81 89.20
C PRO GA 229 12.12 -14.54 89.67
N PRO GA 230 12.27 -15.65 90.36
CA PRO GA 230 11.08 -16.31 90.95
C PRO GA 230 10.49 -15.51 92.09
N LEU GA 231 9.43 -16.05 92.69
CA LEU GA 231 8.73 -15.38 93.78
C LEU GA 231 8.28 -16.38 94.84
N GLY HA 43 34.51 39.16 49.51
CA GLY HA 43 34.13 38.31 50.62
C GLY HA 43 32.83 38.74 51.26
N ILE HA 44 31.74 38.31 50.66
CA ILE HA 44 30.41 38.76 51.05
C ILE HA 44 29.96 38.00 52.29
N PHE HA 45 29.24 38.71 53.16
CA PHE HA 45 28.62 38.11 54.33
C PHE HA 45 27.35 38.88 54.63
N ASN HA 46 26.22 38.30 54.25
CA ASN HA 46 24.93 38.86 54.60
C ASN HA 46 24.54 38.40 56.00
N THR HA 47 24.19 39.35 56.85
CA THR HA 47 23.74 39.04 58.19
C THR HA 47 22.61 39.97 58.59
N ARG HA 48 22.30 39.98 59.88
CA ARG HA 48 21.16 40.68 60.43
C ARG HA 48 21.53 41.23 61.79
N LEU HA 49 21.32 42.53 61.97
CA LEU HA 49 21.64 43.23 63.19
C LEU HA 49 20.39 43.94 63.70
N SER HA 50 20.18 43.88 65.00
CA SER HA 50 18.99 44.39 65.64
C SER HA 50 19.35 45.33 66.78
N ARG HA 51 18.31 46.01 67.27
CA ARG HA 51 18.41 47.06 68.26
C ARG HA 51 17.01 47.39 68.71
N THR HA 52 16.84 47.65 70.00
CA THR HA 52 15.53 47.88 70.60
C THR HA 52 15.57 49.13 71.46
N PHE HA 53 14.51 49.91 71.37
CA PHE HA 53 14.40 51.15 72.13
C PHE HA 53 12.94 51.54 72.23
N GLY HA 54 12.67 52.52 73.07
CA GLY HA 54 11.32 52.94 73.37
C GLY HA 54 10.88 54.24 72.73
N TYR HA 55 9.56 54.39 72.60
CA TYR HA 55 8.94 55.59 72.08
C TYR HA 55 7.58 55.73 72.73
N THR HA 56 7.30 56.91 73.26
CA THR HA 56 6.06 57.19 73.96
C THR HA 56 5.40 58.42 73.35
N ILE HA 57 4.08 58.34 73.20
CA ILE HA 57 3.24 59.45 72.80
C ILE HA 57 2.49 59.87 74.06
N LYS HA 58 2.89 60.99 74.65
CA LYS HA 58 2.31 61.45 75.88
C LYS HA 58 0.86 61.87 75.68
N ARG HA 59 0.12 61.88 76.78
CA ARG HA 59 -1.29 62.23 76.78
C ARG HA 59 -1.49 63.72 76.53
N THR HA 60 -2.69 64.07 76.09
CA THR HA 60 -3.08 65.45 75.85
C THR HA 60 -4.54 65.64 76.27
N THR HA 61 -4.81 66.77 76.92
CA THR HA 61 -6.17 67.18 77.24
C THR HA 61 -6.92 67.75 76.04
N VAL HA 62 -6.25 67.93 74.90
CA VAL HA 62 -6.90 68.46 73.72
C VAL HA 62 -8.03 67.54 73.29
N LYS HA 63 -9.16 68.15 72.93
CA LYS HA 63 -10.35 67.39 72.56
C LYS HA 63 -10.31 66.95 71.10
N THR HA 64 -9.78 67.78 70.24
CA THR HA 64 -9.78 67.50 68.81
C THR HA 64 -8.93 66.29 68.49
N PRO HA 65 -9.08 65.74 67.28
CA PRO HA 65 -8.11 64.74 66.82
C PRO HA 65 -6.85 65.43 66.33
N SER HA 66 -5.79 65.33 67.10
CA SER HA 66 -4.48 65.84 66.74
C SER HA 66 -3.50 64.69 66.64
N TRP HA 67 -2.44 64.90 65.88
CA TRP HA 67 -1.42 63.90 65.64
C TRP HA 67 -0.07 64.37 66.12
N ALA HA 68 0.73 63.40 66.56
CA ALA HA 68 2.09 63.61 67.02
C ALA HA 68 3.05 63.10 65.97
N VAL HA 69 3.89 63.99 65.47
CA VAL HA 69 4.79 63.69 64.37
C VAL HA 69 6.19 63.52 64.92
N ASP HA 70 6.92 62.56 64.36
CA ASP HA 70 8.30 62.31 64.74
C ASP HA 70 8.99 61.62 63.58
N MET HA 71 10.31 61.57 63.68
CA MET HA 71 11.19 61.04 62.65
C MET HA 71 11.97 59.86 63.17
N MET HA 72 12.61 59.15 62.23
CA MET HA 72 13.38 57.96 62.57
C MET HA 72 14.48 57.78 61.55
N ARG HA 73 15.73 57.90 61.99
CA ARG HA 73 16.92 57.64 61.19
C ARG HA 73 17.55 56.34 61.66
N PHE HA 74 18.49 55.84 60.85
CA PHE HA 74 19.18 54.58 61.11
C PHE HA 74 20.66 54.76 60.86
N ASN HA 75 21.47 54.46 61.87
CA ASN HA 75 22.91 54.47 61.76
C ASN HA 75 23.46 53.14 62.24
N ILE HA 76 24.58 52.73 61.65
CA ILE HA 76 25.17 51.43 61.94
C ILE HA 76 25.98 51.44 63.22
N ASN HA 77 26.31 52.60 63.77
CA ASN HA 77 27.01 52.63 65.05
C ASN HA 77 26.12 52.12 66.17
N ASP HA 78 24.82 52.31 66.05
CA ASP HA 78 23.88 51.86 67.06
C ASP HA 78 23.62 50.36 67.01
N PHE HA 79 24.03 49.70 65.94
CA PHE HA 79 23.87 48.26 65.79
C PHE HA 79 25.17 47.50 65.89
N LEU HA 80 26.27 48.11 65.49
CA LEU HA 80 27.59 47.50 65.46
C LEU HA 80 28.51 48.18 66.47
N PRO HA 81 28.90 47.55 67.57
CA PRO HA 81 29.73 48.26 68.53
C PRO HA 81 31.16 48.37 68.05
N PRO HA 82 31.98 49.14 68.75
CA PRO HA 82 33.41 49.15 68.44
C PRO HA 82 34.07 47.85 68.88
N GLY HA 83 35.09 47.46 68.12
CA GLY HA 83 35.79 46.24 68.41
C GLY HA 83 36.86 46.40 69.46
N GLY HA 84 37.99 45.74 69.26
CA GLY HA 84 39.08 45.81 70.19
C GLY HA 84 40.40 45.46 69.56
N GLY HA 85 41.41 46.29 69.80
CA GLY HA 85 42.73 46.07 69.26
C GLY HA 85 42.90 46.61 67.86
N SER HA 86 43.60 45.86 67.03
CA SER HA 86 43.85 46.28 65.66
C SER HA 86 42.60 46.25 64.80
N ASN HA 87 41.55 45.57 65.25
CA ASN HA 87 40.28 45.55 64.55
C ASN HA 87 39.39 46.63 65.13
N PRO HA 88 39.11 47.73 64.42
CA PRO HA 88 38.36 48.82 65.06
C PRO HA 88 36.90 48.50 65.30
N ARG HA 89 36.33 47.55 64.58
CA ARG HA 89 34.94 47.17 64.72
C ARG HA 89 34.82 45.69 65.06
N SER HA 90 33.66 45.31 65.55
CA SER HA 90 33.44 43.96 66.05
C SER HA 90 33.16 42.98 64.94
N VAL HA 91 32.67 43.44 63.80
CA VAL HA 91 32.50 42.62 62.60
C VAL HA 91 33.66 42.93 61.66
N PRO HA 92 34.61 42.01 61.45
CA PRO HA 92 35.83 42.40 60.72
C PRO HA 92 35.67 42.45 59.21
N PHE HA 93 35.08 43.55 58.76
CA PHE HA 93 34.90 43.82 57.34
C PHE HA 93 35.16 45.29 57.09
N GLU HA 94 35.44 45.60 55.82
CA GLU HA 94 35.78 46.95 55.39
C GLU HA 94 34.59 47.74 54.91
N TYR HA 95 33.80 47.16 54.01
CA TYR HA 95 32.71 47.84 53.35
C TYR HA 95 31.37 47.27 53.79
N TYR HA 96 30.32 48.05 53.57
CA TYR HA 96 28.98 47.61 53.89
C TYR HA 96 27.99 48.35 53.01
N ARG HA 97 26.78 47.81 52.96
CA ARG HA 97 25.67 48.49 52.34
C ARG HA 97 24.39 47.88 52.91
N ILE HA 98 23.50 48.74 53.37
CA ILE HA 98 22.28 48.29 54.02
C ILE HA 98 21.26 47.94 52.95
N ARG HA 99 20.80 46.70 52.99
CA ARG HA 99 19.86 46.18 52.01
C ARG HA 99 18.41 46.48 52.37
N LYS HA 100 18.04 46.21 53.62
CA LYS HA 100 16.67 46.38 54.08
C LYS HA 100 16.69 46.75 55.55
N VAL HA 101 15.59 47.32 56.01
CA VAL HA 101 15.35 47.59 57.42
C VAL HA 101 13.92 47.17 57.72
N LYS HA 102 13.73 46.59 58.91
CA LYS HA 102 12.44 46.20 59.43
C LYS HA 102 12.24 46.94 60.74
N VAL HA 103 11.35 47.91 60.72
CA VAL HA 103 10.95 48.62 61.92
C VAL HA 103 9.66 48.00 62.44
N GLU HA 104 9.70 47.57 63.69
CA GLU HA 104 8.58 46.91 64.34
C GLU HA 104 8.16 47.73 65.54
N PHE HA 105 6.93 48.22 65.52
CA PHE HA 105 6.33 48.88 66.66
C PHE HA 105 5.61 47.83 67.48
N TRP HA 106 6.27 47.36 68.53
CA TRP HA 106 5.67 46.41 69.43
C TRP HA 106 4.93 47.16 70.53
N PRO HA 107 3.62 47.01 70.68
CA PRO HA 107 2.91 47.81 71.66
C PRO HA 107 3.24 47.42 73.09
N CYS HA 108 3.04 48.39 73.97
CA CYS HA 108 3.19 48.22 75.40
C CYS HA 108 1.88 48.35 76.14
N SER HA 109 0.78 48.57 75.45
CA SER HA 109 -0.49 48.93 76.02
C SER HA 109 -1.45 47.76 75.98
N PRO HA 110 -2.36 47.66 76.93
CA PRO HA 110 -3.28 46.52 76.94
C PRO HA 110 -4.32 46.62 75.85
N ILE HA 111 -4.92 45.47 75.55
CA ILE HA 111 -5.98 45.45 74.54
C ILE HA 111 -7.29 46.02 75.04
N THR HA 112 -7.38 46.37 76.32
CA THR HA 112 -8.56 47.02 76.88
C THR HA 112 -8.48 48.53 76.85
N GLN HA 113 -7.40 49.11 76.33
CA GLN HA 113 -7.24 50.55 76.36
C GLN HA 113 -8.13 51.18 75.33
N GLY HA 114 -8.82 52.24 75.73
CA GLY HA 114 -9.73 52.96 74.87
C GLY HA 114 -9.10 54.20 74.27
N ASP HA 115 -9.97 55.06 73.74
CA ASP HA 115 -9.55 56.27 73.05
C ASP HA 115 -8.62 55.91 71.90
N ARG HA 116 -8.98 54.87 71.17
CA ARG HA 116 -8.16 54.40 70.08
C ARG HA 116 -8.09 55.44 68.97
N GLY HA 117 -7.16 55.22 68.07
CA GLY HA 117 -6.85 56.18 67.02
C GLY HA 117 -6.33 55.54 65.77
N VAL HA 118 -5.93 56.38 64.83
CA VAL HA 118 -5.46 55.90 63.53
C VAL HA 118 -4.40 56.87 63.03
N GLY HA 119 -3.25 56.32 62.65
CA GLY HA 119 -2.12 57.09 62.21
C GLY HA 119 -1.56 56.62 60.90
N SER HA 120 -0.32 57.02 60.62
CA SER HA 120 0.29 56.75 59.33
C SER HA 120 1.79 56.72 59.47
N SER HA 121 2.43 55.78 58.77
CA SER HA 121 3.87 55.68 58.66
C SER HA 121 4.25 55.73 57.20
N ALA HA 122 5.21 56.60 56.87
CA ALA HA 122 5.66 56.80 55.51
C ALA HA 122 7.16 56.69 55.44
N VAL HA 123 7.65 56.47 54.22
CA VAL HA 123 9.06 56.24 53.94
C VAL HA 123 9.63 57.51 53.33
N ILE HA 124 10.64 58.07 53.98
CA ILE HA 124 11.19 59.38 53.66
C ILE HA 124 12.69 59.21 53.47
N LEU HA 125 13.13 59.13 52.22
CA LEU HA 125 14.48 58.74 51.89
C LEU HA 125 15.42 59.92 51.65
N ASP HA 126 15.18 61.08 52.28
CA ASP HA 126 15.92 62.28 51.93
C ASP HA 126 16.27 63.22 53.07
N ASP HA 127 15.96 62.89 54.32
CA ASP HA 127 16.39 63.68 55.47
C ASP HA 127 15.69 65.02 55.53
N ASN HA 128 14.50 65.12 54.97
CA ASN HA 128 13.64 66.30 55.14
C ASN HA 128 12.28 65.75 55.52
N PHE HA 129 12.08 65.63 56.82
CA PHE HA 129 10.86 65.15 57.42
C PHE HA 129 9.91 66.30 57.68
N VAL HA 130 8.64 65.97 57.87
CA VAL HA 130 7.70 66.92 58.44
C VAL HA 130 8.20 67.29 59.82
N THR HA 131 8.06 68.56 60.17
CA THR HA 131 8.59 69.07 61.42
C THR HA 131 7.96 68.32 62.59
N LYS HA 132 8.78 68.04 63.60
CA LYS HA 132 8.30 67.36 64.78
C LYS HA 132 7.26 68.21 65.49
N ALA HA 133 6.12 67.60 65.78
CA ALA HA 133 4.98 68.28 66.37
C ALA HA 133 4.39 67.42 67.46
N THR HA 134 3.82 68.09 68.47
CA THR HA 134 3.17 67.43 69.58
C THR HA 134 1.70 67.17 69.30
N ALA HA 135 0.98 68.20 68.86
CA ALA HA 135 -0.45 68.07 68.53
C ALA HA 135 -0.70 68.89 67.27
N LEU HA 136 -0.55 68.24 66.12
CA LEU HA 136 -0.85 68.83 64.84
C LEU HA 136 -2.26 68.46 64.42
N THR HA 137 -2.94 69.40 63.78
CA THR HA 137 -4.37 69.28 63.48
C THR HA 137 -4.68 68.35 62.32
N TYR HA 138 -3.69 67.64 61.80
CA TYR HA 138 -3.93 66.74 60.67
C TYR HA 138 -2.80 65.73 60.62
N ASP HA 139 -3.01 64.68 59.83
CA ASP HA 139 -2.01 63.65 59.60
C ASP HA 139 -1.25 64.00 58.33
N PRO HA 140 0.00 64.45 58.42
CA PRO HA 140 0.68 64.86 57.19
C PRO HA 140 1.04 63.70 56.29
N TYR HA 141 1.32 62.53 56.86
CA TYR HA 141 1.77 61.39 56.10
C TYR HA 141 0.63 60.55 55.55
N VAL HA 142 -0.58 61.09 55.51
CA VAL HA 142 -1.74 60.28 55.15
C VAL HA 142 -1.85 60.11 53.65
N ASN HA 143 -1.57 61.15 52.88
CA ASN HA 143 -1.68 61.11 51.44
C ASN HA 143 -0.40 60.66 50.77
N TYR HA 144 0.61 60.27 51.53
CA TYR HA 144 1.84 59.78 50.95
C TYR HA 144 1.62 58.43 50.29
N SER HA 145 2.31 58.22 49.17
CA SER HA 145 2.21 56.98 48.43
C SER HA 145 2.72 55.79 49.22
N SER HA 146 3.58 56.02 50.20
CA SER HA 146 4.14 54.97 51.04
C SER HA 146 3.48 54.91 52.40
N ARG HA 147 2.26 55.40 52.52
CA ARG HA 147 1.57 55.42 53.80
C ARG HA 147 1.00 54.04 54.09
N HIS HA 148 1.25 53.56 55.29
CA HIS HA 148 0.58 52.43 55.88
C HIS HA 148 -0.15 52.92 57.11
N THR HA 149 -1.36 52.44 57.30
CA THR HA 149 -2.16 52.84 58.45
C THR HA 149 -1.61 52.22 59.72
N ILE HA 150 -1.53 53.02 60.77
CA ILE HA 150 -1.17 52.59 62.11
C ILE HA 150 -2.46 52.56 62.90
N THR HA 151 -2.93 51.37 63.23
CA THR HA 151 -3.93 51.21 64.25
C THR HA 151 -3.28 51.35 65.62
N GLN HA 152 -3.93 52.09 66.50
CA GLN HA 152 -3.41 52.41 67.81
C GLN HA 152 -4.41 51.97 68.86
N PRO HA 153 -3.96 51.76 70.11
CA PRO HA 153 -2.62 51.74 70.68
C PRO HA 153 -2.00 50.36 70.82
N PHE HA 154 -2.83 49.32 70.72
CA PHE HA 154 -2.44 47.97 71.09
C PHE HA 154 -2.22 47.07 69.88
N SER HA 155 -1.80 47.64 68.77
CA SER HA 155 -1.66 46.91 67.52
C SER HA 155 -0.24 47.02 67.00
N TYR HA 156 0.21 45.93 66.40
CA TYR HA 156 1.55 45.82 65.85
C TYR HA 156 1.62 46.43 64.46
N HIS HA 157 2.71 47.12 64.20
CA HIS HA 157 2.95 47.79 62.94
C HIS HA 157 4.37 47.50 62.50
N SER HA 158 4.51 46.93 61.31
CA SER HA 158 5.80 46.66 60.71
C SER HA 158 5.95 47.44 59.40
N ARG HA 159 7.18 47.81 59.10
CA ARG HA 159 7.53 48.44 57.83
C ARG HA 159 8.85 47.85 57.38
N TYR HA 160 8.87 47.34 56.15
CA TYR HA 160 10.03 46.67 55.58
C TYR HA 160 10.36 47.36 54.27
N PHE HA 161 11.53 47.97 54.21
CA PHE HA 161 11.89 48.83 53.10
C PHE HA 161 13.41 48.90 53.00
N THR HA 162 13.86 49.57 51.95
CA THR HA 162 15.27 49.74 51.65
C THR HA 162 15.67 51.18 51.91
N PRO HA 163 16.49 51.48 52.92
CA PRO HA 163 16.83 52.86 53.19
C PRO HA 163 17.86 53.39 52.21
N LYS HA 164 18.22 54.66 52.36
CA LYS HA 164 19.18 55.32 51.51
C LYS HA 164 20.10 56.16 52.39
N PRO HA 165 21.38 56.25 52.05
CA PRO HA 165 22.29 57.06 52.86
C PRO HA 165 22.24 58.53 52.50
N VAL HA 166 22.65 59.33 53.48
CA VAL HA 166 22.69 60.79 53.36
C VAL HA 166 24.09 61.14 52.85
N LEU HA 167 24.23 61.16 51.53
CA LEU HA 167 25.49 61.50 50.91
C LEU HA 167 25.70 63.00 50.83
N ASP HA 168 24.66 63.74 50.44
CA ASP HA 168 24.69 65.19 50.42
C ASP HA 168 23.35 65.69 50.90
N SER HA 169 23.33 66.26 52.10
CA SER HA 169 22.08 66.79 52.66
C SER HA 169 21.62 68.06 51.97
N THR HA 170 22.51 68.73 51.24
CA THR HA 170 22.14 69.96 50.54
C THR HA 170 21.31 69.64 49.30
N ILE HA 171 21.68 68.59 48.57
CA ILE HA 171 21.03 68.24 47.32
C ILE HA 171 20.05 67.10 47.56
N ASP HA 172 20.39 66.20 48.47
CA ASP HA 172 19.53 65.10 48.88
C ASP HA 172 19.20 64.21 47.69
N TYR HA 173 20.23 63.57 47.15
CA TYR HA 173 20.10 62.63 46.05
C TYR HA 173 20.27 61.21 46.55
N PHE HA 174 19.55 60.30 45.91
CA PHE HA 174 19.61 58.89 46.27
C PHE HA 174 19.38 58.04 45.05
N GLN HA 175 19.71 56.82 45.16
CA GLN HA 175 19.63 55.84 44.12
C GLN HA 175 18.30 55.09 44.16
N PRO HA 176 17.78 54.64 43.02
CA PRO HA 176 16.66 53.71 43.08
C PRO HA 176 17.09 52.33 43.51
N ASN HA 177 16.12 51.45 43.71
CA ASN HA 177 16.39 50.14 44.24
C ASN HA 177 17.01 49.27 43.16
N ASN HA 178 18.25 48.84 43.40
CA ASN HA 178 18.95 47.95 42.49
C ASN HA 178 19.98 47.21 43.33
N LYS HA 179 19.81 45.91 43.48
CA LYS HA 179 20.72 45.17 44.32
C LYS HA 179 22.12 45.12 43.72
N ARG HA 180 22.23 45.17 42.40
CA ARG HA 180 23.51 45.02 41.76
C ARG HA 180 24.30 46.31 41.69
N ASN HA 181 23.62 47.45 41.73
CA ASN HA 181 24.24 48.76 41.58
C ASN HA 181 24.29 49.55 42.86
N GLN HA 182 23.85 49.00 43.98
CA GLN HA 182 23.84 49.72 45.24
C GLN HA 182 25.27 50.02 45.68
N LEU HA 183 25.48 51.25 46.12
CA LEU HA 183 26.79 51.70 46.51
C LEU HA 183 27.27 50.97 47.75
N TRP HA 184 28.58 50.72 47.79
CA TRP HA 184 29.25 50.23 48.98
C TRP HA 184 29.81 51.42 49.73
N LEU HA 185 29.45 51.53 51.00
CA LEU HA 185 30.04 52.50 51.90
C LEU HA 185 31.14 51.83 52.70
N ARG HA 186 31.95 52.66 53.33
CA ARG HA 186 32.99 52.19 54.24
C ARG HA 186 32.45 52.11 55.64
N LEU HA 187 32.80 51.04 56.32
CA LEU HA 187 32.51 50.86 57.74
C LEU HA 187 33.55 51.65 58.52
N GLN HA 188 33.21 52.89 58.82
CA GLN HA 188 34.10 53.77 59.55
C GLN HA 188 34.25 53.29 60.99
N THR HA 189 35.16 53.95 61.71
CA THR HA 189 35.42 53.59 63.09
C THR HA 189 34.39 54.19 64.03
N ALA HA 190 34.18 55.51 63.96
CA ALA HA 190 33.19 56.17 64.82
C ALA HA 190 32.42 57.28 64.12
N GLY HA 191 32.30 57.23 62.80
CA GLY HA 191 31.73 58.33 62.04
C GLY HA 191 30.86 57.94 60.88
N ASN HA 192 30.17 56.82 61.00
CA ASN HA 192 29.36 56.33 59.90
C ASN HA 192 28.20 57.27 59.59
N VAL HA 193 27.71 57.17 58.37
CA VAL HA 193 26.72 58.09 57.83
C VAL HA 193 25.33 57.59 58.17
N ASP HA 194 24.41 58.53 58.39
CA ASP HA 194 23.06 58.21 58.80
C ASP HA 194 22.24 57.77 57.59
N HIS HA 195 21.59 56.64 57.73
CA HIS HA 195 20.57 56.21 56.79
C HIS HA 195 19.21 56.68 57.26
N VAL HA 196 18.30 56.80 56.32
CA VAL HA 196 17.05 57.51 56.54
C VAL HA 196 15.95 56.75 55.80
N GLY HA 197 14.69 57.05 56.16
CA GLY HA 197 13.61 56.30 55.57
C GLY HA 197 12.34 56.03 56.35
N LEU HA 198 12.11 56.64 57.52
CA LEU HA 198 10.80 56.48 58.13
C LEU HA 198 10.36 57.69 58.91
N GLY HA 199 9.13 58.09 58.68
CA GLY HA 199 8.47 59.10 59.47
C GLY HA 199 7.07 58.66 59.83
N THR HA 200 6.64 59.08 61.01
CA THR HA 200 5.41 58.59 61.62
C THR HA 200 4.51 59.73 62.02
N ALA HA 201 3.24 59.39 62.22
CA ALA HA 201 2.25 60.31 62.77
C ALA HA 201 1.28 59.49 63.60
N PHE HA 202 1.32 59.70 64.91
CA PHE HA 202 0.47 58.99 65.86
C PHE HA 202 -0.60 59.93 66.38
N GLU HA 203 -1.83 59.42 66.45
CA GLU HA 203 -2.94 60.18 66.97
C GLU HA 203 -2.89 60.18 68.49
N ASN HA 204 -2.96 61.37 69.06
CA ASN HA 204 -2.84 61.52 70.50
C ASN HA 204 -4.08 60.97 71.20
N SER HA 205 -3.96 60.82 72.52
CA SER HA 205 -4.98 60.17 73.32
C SER HA 205 -4.94 60.71 74.73
N ILE HA 206 -5.98 60.40 75.50
CA ILE HA 206 -6.02 60.77 76.90
C ILE HA 206 -5.01 59.97 77.71
N TYR HA 207 -4.72 58.75 77.27
CA TYR HA 207 -3.77 57.88 77.92
C TYR HA 207 -2.44 57.89 77.19
N ASP HA 208 -1.39 57.55 77.92
CA ASP HA 208 -0.06 57.45 77.32
C ASP HA 208 0.04 56.20 76.48
N GLN HA 209 0.59 56.34 75.28
CA GLN HA 209 0.79 55.24 74.34
C GLN HA 209 2.28 54.96 74.24
N GLU HA 210 2.72 53.85 74.80
CA GLU HA 210 4.11 53.45 74.78
C GLU HA 210 4.33 52.34 73.77
N TYR HA 211 5.54 52.31 73.22
CA TYR HA 211 5.94 51.32 72.24
C TYR HA 211 7.38 50.93 72.48
N ASN HA 212 7.70 49.67 72.19
CA ASN HA 212 9.06 49.16 72.15
C ASN HA 212 9.40 48.92 70.69
N ILE HA 213 10.28 49.74 70.14
CA ILE HA 213 10.58 49.72 68.73
C ILE HA 213 11.83 48.90 68.51
N ARG HA 214 11.72 47.87 67.68
CA ARG HA 214 12.82 46.97 67.33
C ARG HA 214 13.16 47.18 65.87
N VAL HA 215 14.33 47.75 65.61
CA VAL HA 215 14.84 47.95 64.26
C VAL HA 215 15.80 46.82 63.95
N THR HA 216 15.63 46.21 62.80
CA THR HA 216 16.48 45.13 62.31
C THR HA 216 17.00 45.56 60.96
N MET HA 217 18.31 45.67 60.84
CA MET HA 217 18.97 46.00 59.59
C MET HA 217 19.60 44.76 58.96
N TYR HA 218 19.27 44.53 57.70
CA TYR HA 218 19.84 43.45 56.93
C TYR HA 218 20.95 44.01 56.07
N VAL HA 219 22.19 43.70 56.45
CA VAL HA 219 23.36 44.34 55.89
C VAL HA 219 24.14 43.31 55.07
N GLN HA 220 25.10 43.83 54.30
CA GLN HA 220 25.93 43.02 53.42
C GLN HA 220 27.31 43.63 53.47
N PHE HA 221 28.27 42.89 54.00
CA PHE HA 221 29.63 43.33 54.16
C PHE HA 221 30.51 42.78 53.04
N ARG HA 222 31.75 43.25 53.00
CA ARG HA 222 32.69 42.89 51.96
C ARG HA 222 34.10 43.07 52.47
N GLU HA 223 35.01 42.26 51.96
CA GLU HA 223 36.45 42.36 52.21
C GLU HA 223 36.77 42.19 53.70
N PHE HA 224 36.61 40.94 54.14
CA PHE HA 224 37.13 40.45 55.40
C PHE HA 224 38.55 40.93 55.63
N ASN HA 225 38.76 41.64 56.73
CA ASN HA 225 40.01 42.35 56.96
C ASN HA 225 40.53 42.14 58.37
N LEU HA 226 40.45 40.90 58.85
CA LEU HA 226 40.93 40.61 60.19
C LEU HA 226 42.43 40.80 60.26
N LYS HA 227 42.89 41.31 61.40
CA LYS HA 227 44.29 41.55 61.67
C LYS HA 227 44.70 40.73 62.89
N ASP HA 228 45.77 39.94 62.73
CA ASP HA 228 46.20 38.98 63.73
C ASP HA 228 47.65 39.25 64.10
N PRO HA 229 47.88 40.18 65.02
CA PRO HA 229 49.23 40.38 65.54
C PRO HA 229 49.62 39.25 66.47
N PRO HA 230 50.91 39.13 66.80
CA PRO HA 230 51.30 38.14 67.81
C PRO HA 230 50.84 38.50 69.20
N LEU HA 231 51.19 37.67 70.17
CA LEU HA 231 50.77 37.86 71.56
C LEU HA 231 51.90 37.50 72.52
N GLY IA 43 -4.80 65.02 30.15
CA GLY IA 43 -3.77 64.77 31.14
C GLY IA 43 -4.32 64.19 32.42
N ILE IA 44 -4.53 62.89 32.42
CA ILE IA 44 -5.21 62.21 33.51
C ILE IA 44 -4.24 61.99 34.66
N PHE IA 45 -4.77 62.09 35.87
CA PHE IA 45 -4.00 61.79 37.08
C PHE IA 45 -4.98 61.27 38.12
N ASN IA 46 -4.98 59.96 38.30
CA ASN IA 46 -5.76 59.33 39.35
C ASN IA 46 -4.96 59.36 40.65
N THR IA 47 -5.58 59.88 41.71
CA THR IA 47 -4.95 59.91 43.01
C THR IA 47 -5.99 59.61 44.08
N ARG IA 48 -5.61 59.88 45.33
CA ARG IA 48 -6.38 59.52 46.50
C ARG IA 48 -6.24 60.62 47.53
N LEU IA 49 -7.37 61.12 48.02
CA LEU IA 49 -7.43 62.20 48.99
C LEU IA 49 -8.25 61.74 50.17
N SER IA 50 -7.78 62.06 51.36
CA SER IA 50 -8.37 61.61 52.61
C SER IA 50 -8.65 62.79 53.53
N ARG IA 51 -9.39 62.49 54.59
CA ARG IA 51 -9.91 63.45 55.54
C ARG IA 51 -10.49 62.66 56.70
N THR IA 52 -10.29 63.17 57.91
CA THR IA 52 -10.68 62.48 59.13
C THR IA 52 -11.43 63.43 60.04
N PHE IA 53 -12.50 62.93 60.65
CA PHE IA 53 -13.32 63.72 61.54
C PHE IA 53 -14.09 62.78 62.46
N GLY IA 54 -14.72 63.37 63.46
CA GLY IA 54 -15.41 62.63 64.49
C GLY IA 54 -16.92 62.61 64.39
N TYR IA 55 -17.52 61.59 64.98
CA TYR IA 55 -18.98 61.46 65.07
C TYR IA 55 -19.29 60.70 66.35
N THR IA 56 -20.22 61.24 67.13
CA THR IA 56 -20.60 60.67 68.41
C THR IA 56 -22.11 60.48 68.46
N ILE IA 57 -22.52 59.33 69.00
CA ILE IA 57 -23.91 59.03 69.29
C ILE IA 57 -24.05 59.14 70.80
N LYS IA 58 -24.67 60.21 71.26
CA LYS IA 58 -24.81 60.46 72.68
C LYS IA 58 -25.71 59.42 73.34
N ARG IA 59 -25.55 59.29 74.64
CA ARG IA 59 -26.31 58.32 75.43
C ARG IA 59 -27.77 58.77 75.57
N THR IA 60 -28.62 57.80 75.89
CA THR IA 60 -30.04 58.03 76.12
C THR IA 60 -30.52 57.14 77.25
N THR IA 61 -31.36 57.71 78.12
CA THR IA 61 -32.02 56.95 79.17
C THR IA 61 -33.21 56.15 78.65
N VAL IA 62 -33.57 56.31 77.37
CA VAL IA 62 -34.69 55.57 76.81
C VAL IA 62 -34.42 54.08 76.89
N LYS IA 63 -35.44 53.32 77.28
CA LYS IA 63 -35.30 51.88 77.46
C LYS IA 63 -35.45 51.13 76.14
N THR IA 64 -36.33 51.59 75.28
CA THR IA 64 -36.62 50.90 74.04
C THR IA 64 -35.41 50.88 73.12
N PRO IA 65 -35.42 50.02 72.10
CA PRO IA 65 -34.42 50.14 71.05
C PRO IA 65 -34.79 51.25 70.09
N SER IA 66 -34.07 52.36 70.17
CA SER IA 66 -34.22 53.48 69.27
C SER IA 66 -32.94 53.68 68.50
N TRP IA 67 -33.07 54.32 67.33
CA TRP IA 67 -31.95 54.55 66.44
C TRP IA 67 -31.74 56.04 66.21
N ALA IA 68 -30.49 56.39 66.01
CA ALA IA 68 -30.05 57.75 65.73
C ALA IA 68 -29.69 57.85 64.26
N VAL IA 69 -30.37 58.74 63.55
CA VAL IA 69 -30.23 58.87 62.11
C VAL IA 69 -29.42 60.11 61.81
N ASP IA 70 -28.57 60.01 60.81
CA ASP IA 70 -27.76 61.14 60.37
C ASP IA 70 -27.36 60.90 58.92
N MET IA 71 -26.85 61.96 58.31
CA MET IA 71 -26.50 61.99 56.90
C MET IA 71 -25.01 62.28 56.73
N MET IA 72 -24.55 62.08 55.50
CA MET IA 72 -23.13 62.27 55.19
C MET IA 72 -23.00 62.65 53.72
N ARG IA 73 -22.55 63.87 53.47
CA ARG IA 73 -22.22 64.36 52.15
C ARG IA 73 -20.71 64.45 51.98
N PHE IA 74 -20.28 64.62 50.74
CA PHE IA 74 -18.87 64.69 50.40
C PHE IA 74 -18.64 65.85 49.44
N ASN IA 75 -17.73 66.75 49.82
CA ASN IA 75 -17.31 67.85 48.98
C ASN IA 75 -15.80 67.86 48.87
N ILE IA 76 -15.31 68.31 47.73
CA ILE IA 76 -13.87 68.30 47.46
C ILE IA 76 -13.14 69.46 48.11
N ASN IA 77 -13.84 70.48 48.59
CA ASN IA 77 -13.17 71.55 49.30
C ASN IA 77 -12.59 71.07 50.62
N ASP IA 78 -13.22 70.07 51.22
CA ASP IA 78 -12.76 69.53 52.49
C ASP IA 78 -11.57 68.61 52.33
N PHE IA 79 -11.25 68.18 51.11
CA PHE IA 79 -10.11 67.33 50.84
C PHE IA 79 -8.98 68.05 50.12
N LEU IA 80 -9.31 69.05 49.30
CA LEU IA 80 -8.35 69.78 48.50
C LEU IA 80 -8.28 71.23 48.96
N PRO IA 81 -7.20 71.69 49.58
CA PRO IA 81 -7.18 73.05 50.08
C PRO IA 81 -6.99 74.04 48.96
N PRO IA 82 -7.13 75.33 49.24
CA PRO IA 82 -6.79 76.34 48.24
C PRO IA 82 -5.29 76.43 48.04
N GLY IA 83 -4.90 76.76 46.82
CA GLY IA 83 -3.51 76.85 46.49
C GLY IA 83 -2.91 78.20 46.84
N GLY IA 84 -2.04 78.70 45.98
CA GLY IA 84 -1.41 79.97 46.21
C GLY IA 84 -0.91 80.60 44.93
N GLY IA 85 -1.22 81.88 44.74
CA GLY IA 85 -0.79 82.60 43.57
C GLY IA 85 -1.73 82.44 42.40
N SER IA 86 -1.16 82.29 41.21
CA SER IA 86 -1.95 82.15 40.00
C SER IA 86 -2.66 80.81 39.93
N ASN IA 87 -2.23 79.84 40.74
CA ASN IA 87 -2.89 78.55 40.81
C ASN IA 87 -3.90 78.58 41.95
N PRO IA 88 -5.21 78.59 41.67
CA PRO IA 88 -6.17 78.75 42.78
C PRO IA 88 -6.26 77.55 43.68
N ARG IA 89 -5.90 76.37 43.22
CA ARG IA 89 -5.96 75.14 43.99
C ARG IA 89 -4.60 74.50 44.09
N SER IA 90 -4.46 73.60 45.06
CA SER IA 90 -3.17 73.00 45.37
C SER IA 90 -2.80 71.88 44.41
N VAL IA 91 -3.80 71.25 43.79
CA VAL IA 91 -3.59 70.26 42.73
C VAL IA 91 -3.83 70.95 41.40
N PRO IA 92 -2.80 71.18 40.57
CA PRO IA 92 -3.01 72.03 39.40
C PRO IA 92 -3.68 71.32 38.23
N PHE IA 93 -5.00 71.19 38.33
CA PHE IA 93 -5.81 70.62 37.29
C PHE IA 93 -7.10 71.40 37.17
N GLU IA 94 -7.76 71.26 36.02
CA GLU IA 94 -8.97 71.98 35.71
C GLU IA 94 -10.23 71.22 36.05
N TYR IA 95 -10.32 69.97 35.61
CA TYR IA 95 -11.51 69.16 35.74
C TYR IA 95 -11.28 68.03 36.71
N TYR IA 96 -12.38 67.47 37.19
CA TYR IA 96 -12.31 66.33 38.10
C TYR IA 96 -13.60 65.53 37.99
N ARG IA 97 -13.54 64.31 38.49
CA ARG IA 97 -14.73 63.49 38.67
C ARG IA 97 -14.40 62.43 39.70
N ILE IA 98 -15.26 62.31 40.70
CA ILE IA 98 -15.03 61.39 41.80
C ILE IA 98 -15.45 60.01 41.37
N ARG IA 99 -14.51 59.07 41.45
CA ARG IA 99 -14.73 57.70 41.02
C ARG IA 99 -15.32 56.84 42.13
N LYS IA 100 -14.74 56.91 43.33
CA LYS IA 100 -15.16 56.10 44.45
C LYS IA 100 -14.93 56.88 45.73
N VAL IA 101 -15.61 56.46 46.78
CA VAL IA 101 -15.39 56.95 48.13
C VAL IA 101 -15.38 55.74 49.06
N LYS IA 102 -14.50 55.80 50.06
CA LYS IA 102 -14.39 54.80 51.11
C LYS IA 102 -14.61 55.51 52.43
N VAL IA 103 -15.74 55.25 53.04
CA VAL IA 103 -16.05 55.75 54.37
C VAL IA 103 -15.72 54.65 55.36
N GLU IA 104 -14.88 54.97 56.33
CA GLU IA 104 -14.41 54.03 57.34
C GLU IA 104 -14.83 54.57 58.70
N PHE IA 105 -15.65 53.82 59.41
CA PHE IA 105 -16.00 54.11 60.79
C PHE IA 105 -15.01 53.38 61.68
N TRP IA 106 -14.00 54.09 62.12
CA TRP IA 106 -13.04 53.54 63.04
C TRP IA 106 -13.52 53.75 64.47
N PRO IA 107 -13.76 52.70 65.24
CA PRO IA 107 -14.32 52.91 66.58
C PRO IA 107 -13.34 53.55 67.53
N CYS IA 108 -13.92 54.18 68.54
CA CYS IA 108 -13.18 54.80 69.63
C CYS IA 108 -13.46 54.13 70.96
N SER IA 109 -14.26 53.08 70.98
CA SER IA 109 -14.77 52.48 72.18
C SER IA 109 -14.08 51.15 72.45
N PRO IA 110 -13.93 50.77 73.72
CA PRO IA 110 -13.24 49.51 74.02
C PRO IA 110 -14.07 48.30 73.66
N ILE IA 111 -13.39 47.18 73.52
CA ILE IA 111 -14.07 45.92 73.23
C ILE IA 111 -14.81 45.35 74.42
N THR IA 112 -14.67 45.95 75.60
CA THR IA 112 -15.40 45.56 76.78
C THR IA 112 -16.70 46.31 76.97
N GLN IA 113 -17.04 47.22 76.07
CA GLN IA 113 -18.23 48.03 76.24
C GLN IA 113 -19.47 47.20 75.94
N GLY IA 114 -20.46 47.31 76.81
CA GLY IA 114 -21.69 46.59 76.68
C GLY IA 114 -22.80 47.42 76.07
N ASP IA 115 -24.02 46.92 76.22
CA ASP IA 115 -25.20 47.54 75.62
C ASP IA 115 -25.01 47.66 74.12
N ARG IA 116 -24.49 46.59 73.52
CA ARG IA 116 -24.22 46.58 72.10
C ARG IA 116 -25.52 46.68 71.30
N GLY IA 117 -25.36 46.96 70.02
CA GLY IA 117 -26.48 47.22 69.15
C GLY IA 117 -26.23 46.84 67.72
N VAL IA 118 -27.18 47.18 66.85
CA VAL IA 118 -27.09 46.81 65.45
C VAL IA 118 -27.78 47.89 64.64
N GLY IA 119 -27.08 48.40 63.63
CA GLY IA 119 -27.54 49.48 62.81
C GLY IA 119 -27.43 49.17 61.33
N SER IA 120 -27.49 50.22 60.53
CA SER IA 120 -27.54 50.07 59.08
C SER IA 120 -26.97 51.30 58.41
N SER IA 121 -26.21 51.08 57.35
CA SER IA 121 -25.69 52.13 56.48
C SER IA 121 -26.16 51.88 55.07
N ALA IA 122 -26.73 52.90 54.44
CA ALA IA 122 -27.26 52.81 53.10
C ALA IA 122 -26.71 53.92 52.23
N VAL IA 123 -26.81 53.71 50.92
CA VAL IA 123 -26.26 54.61 49.92
C VAL IA 123 -27.40 55.41 49.31
N ILE IA 124 -27.31 56.74 49.44
CA ILE IA 124 -28.40 57.65 49.10
C ILE IA 124 -27.84 58.68 48.13
N LEU IA 125 -28.09 58.48 46.85
CA LEU IA 125 -27.43 59.24 45.79
C LEU IA 125 -28.24 60.44 45.30
N ASP IA 126 -29.10 61.04 46.14
CA ASP IA 126 -30.04 62.04 45.66
C ASP IA 126 -30.31 63.21 46.59
N ASP IA 127 -29.66 63.31 47.74
CA ASP IA 127 -29.78 64.47 48.61
C ASP IA 127 -31.16 64.58 49.25
N ASN IA 128 -31.83 63.45 49.42
CA ASN IA 128 -33.07 63.39 50.20
C ASN IA 128 -32.89 62.20 51.14
N PHE IA 129 -32.37 62.51 52.31
CA PHE IA 129 -32.13 61.56 53.37
C PHE IA 129 -33.34 61.46 54.28
N VAL IA 130 -33.39 60.37 55.04
CA VAL IA 130 -34.32 60.30 56.16
C VAL IA 130 -33.95 61.42 57.11
N THR IA 131 -34.97 62.04 57.68
CA THR IA 131 -34.77 63.19 58.55
C THR IA 131 -33.89 62.82 59.73
N LYS IA 132 -33.01 63.73 60.10
CA LYS IA 132 -32.13 63.51 61.24
C LYS IA 132 -32.95 63.37 62.51
N ALA IA 133 -32.68 62.30 63.25
CA ALA IA 133 -33.42 61.94 64.44
C ALA IA 133 -32.46 61.51 65.53
N THR IA 134 -32.85 61.78 66.77
CA THR IA 134 -32.06 61.40 67.93
C THR IA 134 -32.43 60.01 68.41
N ALA IA 135 -33.72 59.74 68.60
CA ALA IA 135 -34.20 58.43 69.05
C ALA IA 135 -35.45 58.10 68.26
N LEU IA 136 -35.26 57.46 67.11
CA LEU IA 136 -36.35 56.98 66.28
C LEU IA 136 -36.65 55.53 66.60
N THR IA 137 -37.93 55.17 66.58
CA THR IA 137 -38.40 53.87 67.05
C THR IA 137 -38.12 52.73 66.09
N TYR IA 138 -37.37 52.96 65.01
CA TYR IA 138 -37.09 51.92 64.04
C TYR IA 138 -35.86 52.31 63.25
N ASP IA 139 -35.32 51.35 62.52
CA ASP IA 139 -34.18 51.56 61.65
C ASP IA 139 -34.70 51.82 60.24
N PRO IA 140 -34.66 53.06 59.74
CA PRO IA 140 -35.25 53.30 58.42
C PRO IA 140 -34.47 52.68 57.29
N TYR IA 141 -33.15 52.58 57.43
CA TYR IA 141 -32.29 52.11 56.37
C TYR IA 141 -32.13 50.60 56.36
N VAL IA 142 -33.01 49.87 57.05
CA VAL IA 142 -32.82 48.44 57.22
C VAL IA 142 -33.26 47.67 55.98
N ASN IA 143 -34.36 48.08 55.37
CA ASN IA 143 -34.90 47.40 54.21
C ASN IA 143 -34.34 47.92 52.91
N TYR IA 144 -33.40 48.85 52.96
CA TYR IA 144 -32.78 49.36 51.75
C TYR IA 144 -31.92 48.29 51.09
N SER IA 145 -31.94 48.29 49.76
CA SER IA 145 -31.17 47.35 48.99
C SER IA 145 -29.68 47.50 49.18
N SER IA 146 -29.22 48.70 49.59
CA SER IA 146 -27.82 48.98 49.84
C SER IA 146 -27.48 48.97 51.31
N ARG IA 147 -28.26 48.29 52.13
CA ARG IA 147 -28.01 48.25 53.56
C ARG IA 147 -26.90 47.28 53.86
N HIS IA 148 -25.95 47.74 54.67
CA HIS IA 148 -24.96 46.90 55.32
C HIS IA 148 -25.16 47.06 56.81
N THR IA 149 -25.07 45.95 57.53
CA THR IA 149 -25.25 45.97 58.97
C THR IA 149 -24.05 46.61 59.65
N ILE IA 150 -24.34 47.47 60.62
CA ILE IA 150 -23.35 48.09 61.47
C ILE IA 150 -23.45 47.38 62.81
N THR IA 151 -22.44 46.58 63.12
CA THR IA 151 -22.26 46.12 64.49
C THR IA 151 -21.64 47.24 65.31
N GLN IA 152 -22.17 47.42 66.51
CA GLN IA 152 -21.80 48.51 67.40
C GLN IA 152 -21.35 47.93 68.73
N PRO IA 153 -20.56 48.68 69.51
CA PRO IA 153 -19.89 49.96 69.28
C PRO IA 153 -18.44 49.86 68.84
N PHE IA 154 -17.84 48.69 69.02
CA PHE IA 154 -16.40 48.52 68.91
C PHE IA 154 -15.99 47.80 67.63
N SER IA 155 -16.77 47.95 66.57
CA SER IA 155 -16.55 47.22 65.34
C SER IA 155 -16.38 48.18 64.18
N TYR IA 156 -15.52 47.80 63.26
CA TYR IA 156 -15.19 48.58 62.10
C TYR IA 156 -16.21 48.36 60.99
N HIS IA 157 -16.56 49.45 60.31
CA HIS IA 157 -17.53 49.44 59.24
C HIS IA 157 -16.99 50.25 58.08
N SER IA 158 -16.89 49.62 56.91
CA SER IA 158 -16.46 50.28 55.70
C SER IA 158 -17.57 50.23 54.67
N ARG IA 159 -17.61 51.26 53.82
CA ARG IA 159 -18.51 51.33 52.69
C ARG IA 159 -17.74 51.91 51.53
N TYR IA 160 -17.75 51.20 50.40
CA TYR IA 160 -17.01 51.58 49.21
C TYR IA 160 -17.98 51.65 48.05
N PHE IA 161 -18.16 52.83 47.49
CA PHE IA 161 -19.21 53.07 46.52
C PHE IA 161 -18.81 54.26 45.66
N THR IA 162 -19.64 54.51 44.65
CA THR IA 162 -19.44 55.59 43.69
C THR IA 162 -20.47 56.67 43.94
N PRO IA 163 -20.09 57.86 44.42
CA PRO IA 163 -21.08 58.89 44.69
C PRO IA 163 -21.57 59.55 43.43
N LYS IA 164 -22.50 60.48 43.57
CA LYS IA 164 -23.08 61.21 42.47
C LYS IA 164 -23.18 62.67 42.86
N PRO IA 165 -22.98 63.60 41.92
CA PRO IA 165 -23.08 65.01 42.27
C PRO IA 165 -24.51 65.52 42.23
N VAL IA 166 -24.72 66.62 42.97
CA VAL IA 166 -26.01 67.26 43.09
C VAL IA 166 -26.06 68.33 42.01
N LEU IA 167 -26.52 67.92 40.83
CA LEU IA 167 -26.63 68.84 39.70
C LEU IA 167 -27.90 69.66 39.78
N ASP IA 168 -29.02 69.03 40.11
CA ASP IA 168 -30.29 69.73 40.32
C ASP IA 168 -30.97 69.09 41.50
N SER IA 169 -31.03 69.80 42.62
CA SER IA 169 -31.68 69.30 43.81
C SER IA 169 -33.20 69.25 43.68
N THR IA 170 -33.76 69.98 42.72
CA THR IA 170 -35.21 69.97 42.52
C THR IA 170 -35.67 68.69 41.86
N ILE IA 171 -34.91 68.19 40.90
CA ILE IA 171 -35.27 67.01 40.12
C ILE IA 171 -34.52 65.81 40.65
N ASP IA 172 -33.28 66.02 41.09
CA ASP IA 172 -32.45 64.99 41.69
C ASP IA 172 -32.23 63.84 40.72
N TYR IA 173 -31.54 64.14 39.63
CA TYR IA 173 -31.18 63.17 38.62
C TYR IA 173 -29.69 62.83 38.72
N PHE IA 174 -29.36 61.59 38.41
CA PHE IA 174 -27.99 61.13 38.44
C PHE IA 174 -27.78 60.06 37.39
N GLN IA 175 -26.57 59.81 37.13
CA GLN IA 175 -26.13 58.86 36.12
C GLN IA 175 -25.91 57.48 36.72
N PRO IA 176 -26.10 56.42 35.97
CA PRO IA 176 -25.64 55.12 36.45
C PRO IA 176 -24.14 54.98 36.36
N ASN IA 177 -23.61 53.88 36.89
CA ASN IA 177 -22.18 53.70 36.97
C ASN IA 177 -21.62 53.36 35.59
N ASN IA 178 -20.77 54.23 35.09
CA ASN IA 178 -20.11 54.01 33.81
C ASN IA 178 -18.82 54.81 33.86
N LYS IA 179 -17.68 54.12 33.86
CA LYS IA 179 -16.43 54.84 33.97
C LYS IA 179 -16.15 55.68 32.74
N ARG IA 180 -16.66 55.27 31.58
CA ARG IA 180 -16.35 55.95 30.32
C ARG IA 180 -17.24 57.16 30.09
N ASN IA 181 -18.44 57.16 30.66
CA ASN IA 181 -19.43 58.19 30.42
C ASN IA 181 -19.63 59.12 31.61
N GLN IA 182 -18.87 58.96 32.69
CA GLN IA 182 -19.04 59.80 33.86
C GLN IA 182 -18.67 61.23 33.55
N LEU IA 183 -19.51 62.15 34.00
CA LEU IA 183 -19.33 63.56 33.73
C LEU IA 183 -18.07 64.08 34.40
N TRP IA 184 -17.41 65.02 33.71
CA TRP IA 184 -16.33 65.79 34.27
C TRP IA 184 -16.90 67.08 34.81
N LEU IA 185 -16.65 67.36 36.07
CA LEU IA 185 -16.96 68.64 36.68
C LEU IA 185 -15.73 69.52 36.67
N ARG IA 186 -15.94 70.81 36.91
CA ARG IA 186 -14.86 71.75 37.05
C ARG IA 186 -14.45 71.85 38.51
N LEU IA 187 -13.15 71.91 38.71
CA LEU IA 187 -12.56 72.16 40.02
C LEU IA 187 -12.62 73.66 40.26
N GLN IA 188 -13.69 74.10 40.90
CA GLN IA 188 -13.90 75.49 41.19
C GLN IA 188 -12.91 75.96 42.24
N THR IA 189 -12.91 77.28 42.48
CA THR IA 189 -11.99 77.86 43.44
C THR IA 189 -12.50 77.70 44.87
N ALA IA 190 -13.76 78.12 45.14
CA ALA IA 190 -14.32 77.99 46.47
C ALA IA 190 -15.80 77.63 46.47
N GLY IA 191 -16.29 76.98 45.42
CA GLY IA 191 -17.71 76.74 45.27
C GLY IA 191 -18.09 75.40 44.68
N ASN IA 192 -17.30 74.38 44.95
CA ASN IA 192 -17.54 73.07 44.37
C ASN IA 192 -18.85 72.47 44.87
N VAL IA 193 -19.37 71.55 44.08
CA VAL IA 193 -20.69 70.98 44.30
C VAL IA 193 -20.58 69.78 45.23
N ASP IA 194 -21.62 69.59 46.04
CA ASP IA 194 -21.62 68.53 47.03
C ASP IA 194 -21.95 67.21 46.38
N HIS IA 195 -21.13 66.21 46.64
CA HIS IA 195 -21.44 64.83 46.31
C HIS IA 195 -22.10 64.16 47.50
N VAL IA 196 -22.87 63.13 47.21
CA VAL IA 196 -23.80 62.55 48.15
C VAL IA 196 -23.78 61.04 47.99
N GLY IA 197 -24.31 60.33 48.98
CA GLY IA 197 -24.23 58.89 48.93
C GLY IA 197 -24.10 58.06 50.20
N LEU IA 198 -24.28 58.63 51.39
CA LEU IA 198 -24.34 57.76 52.56
C LEU IA 198 -25.25 58.30 53.64
N GLY IA 199 -26.08 57.41 54.16
CA GLY IA 199 -26.88 57.68 55.33
C GLY IA 199 -26.81 56.52 56.29
N THR IA 200 -26.88 56.83 57.57
CA THR IA 200 -26.61 55.88 58.64
C THR IA 200 -27.76 55.86 59.64
N ALA IA 201 -27.79 54.78 60.41
CA ALA IA 201 -28.71 54.64 61.53
C ALA IA 201 -28.00 53.83 62.59
N PHE IA 202 -27.68 54.48 63.71
CA PHE IA 202 -27.00 53.86 64.82
C PHE IA 202 -27.96 53.65 65.99
N GLU IA 203 -27.89 52.48 66.59
CA GLU IA 203 -28.71 52.15 67.74
C GLU IA 203 -28.13 52.81 68.98
N ASN IA 204 -28.97 53.53 69.69
CA ASN IA 204 -28.54 54.27 70.85
C ASN IA 204 -28.20 53.31 72.00
N SER IA 205 -27.54 53.86 73.01
CA SER IA 205 -27.01 53.07 74.11
C SER IA 205 -26.93 53.93 75.36
N ILE IA 206 -26.71 53.26 76.50
CA ILE IA 206 -26.53 53.96 77.76
C ILE IA 206 -25.21 54.71 77.77
N TYR IA 207 -24.22 54.20 77.05
CA TYR IA 207 -22.90 54.81 76.97
C TYR IA 207 -22.75 55.57 75.65
N ASP IA 208 -21.85 56.53 75.66
CA ASP IA 208 -21.57 57.29 74.46
C ASP IA 208 -20.74 56.45 73.49
N GLN IA 209 -21.13 56.48 72.22
CA GLN IA 209 -20.47 55.75 71.15
C GLN IA 209 -19.78 56.76 70.24
N GLU IA 210 -18.46 56.81 70.30
CA GLU IA 210 -17.66 57.72 69.49
C GLU IA 210 -17.01 56.97 68.35
N TYR IA 211 -16.80 57.69 67.25
CA TYR IA 211 -16.18 57.16 66.06
C TYR IA 211 -15.27 58.21 65.45
N ASN IA 212 -14.19 57.76 64.83
CA ASN IA 212 -13.31 58.58 64.01
C ASN IA 212 -13.54 58.16 62.57
N ILE IA 213 -14.17 59.02 61.79
CA ILE IA 213 -14.59 58.69 60.44
C ILE IA 213 -13.54 59.20 59.47
N ARG IA 214 -12.99 58.30 58.66
CA ARG IA 214 -11.99 58.62 57.66
C ARG IA 214 -12.60 58.39 56.29
N VAL IA 215 -12.81 59.48 55.55
CA VAL IA 215 -13.32 59.44 54.20
C VAL IA 215 -12.15 59.56 53.26
N THR IA 216 -12.10 58.67 52.27
CA THR IA 216 -11.08 58.65 51.24
C THR IA 216 -11.78 58.72 49.90
N MET IA 217 -11.50 59.76 49.14
CA MET IA 217 -12.05 59.93 47.81
C MET IA 217 -10.99 59.60 46.75
N TYR IA 218 -11.36 58.73 45.83
CA TYR IA 218 -10.52 58.37 44.71
C TYR IA 218 -10.97 59.17 43.50
N VAL IA 219 -10.17 60.16 43.12
CA VAL IA 219 -10.54 61.16 42.14
C VAL IA 219 -9.71 60.98 40.89
N GLN IA 220 -10.13 61.65 39.84
CA GLN IA 220 -9.49 61.59 38.53
C GLN IA 220 -9.55 62.99 37.95
N PHE IA 221 -8.40 63.60 37.78
CA PHE IA 221 -8.29 64.95 37.27
C PHE IA 221 -7.93 64.94 35.79
N ARG IA 222 -7.96 66.14 35.19
CA ARG IA 222 -7.73 66.29 33.76
C ARG IA 222 -7.24 67.70 33.50
N GLU IA 223 -6.41 67.83 32.46
CA GLU IA 223 -5.95 69.11 31.94
C GLU IA 223 -5.13 69.88 32.98
N PHE IA 224 -3.95 69.35 33.23
CA PHE IA 224 -2.88 70.03 33.94
C PHE IA 224 -2.76 71.47 33.47
N ASN IA 225 -2.89 72.41 34.40
CA ASN IA 225 -3.02 73.82 34.06
C ASN IA 225 -2.15 74.69 34.94
N LEU IA 226 -0.92 74.24 35.18
CA LEU IA 226 -0.01 75.03 36.00
C LEU IA 226 0.33 76.33 35.31
N LYS IA 227 0.46 77.38 36.12
CA LYS IA 227 0.83 78.70 35.65
C LYS IA 227 2.11 79.13 36.32
N ASP IA 228 3.09 79.55 35.51
CA ASP IA 228 4.44 79.84 35.96
C ASP IA 228 4.80 81.27 35.56
N PRO IA 229 4.42 82.25 36.37
CA PRO IA 229 4.87 83.60 36.13
C PRO IA 229 6.33 83.76 36.52
N PRO IA 230 6.97 84.86 36.11
CA PRO IA 230 8.33 85.11 36.58
C PRO IA 230 8.38 85.47 38.06
N LEU IA 231 9.59 85.75 38.55
CA LEU IA 231 9.80 86.06 39.95
C LEU IA 231 10.85 87.16 40.12
N GLY JA 43 -32.52 47.44 43.12
CA GLY JA 43 -33.76 46.70 43.19
C GLY JA 43 -34.75 47.07 42.11
N ILE JA 44 -34.55 46.50 40.94
CA ILE JA 44 -35.31 46.88 39.77
C ILE JA 44 -36.68 46.22 39.80
N PHE JA 45 -37.68 46.95 39.31
CA PHE JA 45 -39.03 46.43 39.16
C PHE JA 45 -39.65 47.13 37.96
N ASN JA 46 -39.70 46.43 36.84
CA ASN JA 46 -40.40 46.91 35.67
C ASN JA 46 -41.87 46.57 35.77
N THR JA 47 -42.73 47.57 35.61
CA THR JA 47 -44.16 47.36 35.63
C THR JA 47 -44.82 48.24 34.58
N ARG JA 48 -46.14 48.36 34.69
CA ARG JA 48 -46.98 49.01 33.69
C ARG JA 48 -48.11 49.74 34.41
N LEU JA 49 -48.24 51.02 34.11
CA LEU JA 49 -49.24 51.88 34.72
C LEU JA 49 -50.06 52.52 33.63
N SER JA 50 -51.37 52.58 33.84
CA SER JA 50 -52.32 53.06 32.85
C SER JA 50 -53.21 54.15 33.44
N ARG JA 51 -53.95 54.78 32.54
CA ARG JA 51 -54.77 55.94 32.83
C ARG JA 51 -55.62 56.20 31.60
N THR JA 52 -56.87 56.58 31.80
CA THR JA 52 -57.84 56.76 30.74
C THR JA 52 -58.55 58.09 30.90
N PHE JA 53 -58.74 58.79 29.78
CA PHE JA 53 -59.40 60.08 29.78
C PHE JA 53 -59.94 60.35 28.39
N GLY JA 54 -60.74 61.40 28.29
CA GLY JA 54 -61.43 61.74 27.06
C GLY JA 54 -60.86 62.91 26.30
N TYR JA 55 -61.14 62.94 25.00
CA TYR JA 55 -60.76 64.03 24.12
C TYR JA 55 -61.80 64.13 23.03
N THR JA 56 -62.30 65.34 22.79
CA THR JA 56 -63.32 65.58 21.79
C THR JA 56 -62.88 66.69 20.85
N ILE JA 57 -63.16 66.49 19.58
CA ILE JA 57 -62.97 67.48 18.53
C ILE JA 57 -64.37 67.97 18.17
N LYS JA 58 -64.70 69.17 18.61
CA LYS JA 58 -66.02 69.72 18.39
C LYS JA 58 -66.26 69.99 16.91
N ARG JA 59 -67.54 70.05 16.55
CA ARG JA 59 -67.95 70.29 15.18
C ARG JA 59 -67.67 71.72 14.75
N THR JA 60 -67.62 71.93 13.43
CA THR JA 60 -67.41 73.23 12.84
C THR JA 60 -68.25 73.35 11.58
N THR JA 61 -68.86 74.52 11.40
CA THR JA 61 -69.57 74.84 10.17
C THR JA 61 -68.63 75.22 9.02
N VAL JA 62 -67.33 75.34 9.29
CA VAL JA 62 -66.38 75.68 8.25
C VAL JA 62 -66.40 74.64 7.15
N LYS JA 63 -66.37 75.12 5.90
CA LYS JA 63 -66.45 74.23 4.75
C LYS JA 63 -65.10 73.65 4.39
N THR JA 64 -64.04 74.42 4.53
CA THR JA 64 -62.73 74.01 4.12
C THR JA 64 -62.23 72.83 4.96
N PRO JA 65 -61.18 72.14 4.51
CA PRO JA 65 -60.52 71.19 5.39
C PRO JA 65 -59.60 71.92 6.35
N SER JA 66 -60.01 71.99 7.61
CA SER JA 66 -59.21 72.56 8.67
C SER JA 66 -58.89 71.49 9.70
N TRP JA 67 -57.82 71.71 10.44
CA TRP JA 67 -57.34 70.76 11.43
C TRP JA 67 -57.33 71.39 12.82
N ALA JA 68 -57.56 70.54 13.80
CA ALA JA 68 -57.56 70.91 15.21
C ALA JA 68 -56.29 70.37 15.85
N VAL JA 69 -55.49 71.26 16.40
CA VAL JA 69 -54.18 70.93 16.94
C VAL JA 69 -54.27 70.93 18.45
N ASP JA 70 -53.58 69.97 19.07
CA ASP JA 70 -53.53 69.87 20.52
C ASP JA 70 -52.26 69.13 20.89
N MET JA 71 -51.94 69.19 22.18
CA MET JA 71 -50.73 68.63 22.74
C MET JA 71 -51.05 67.57 23.77
N MET JA 72 -50.03 66.84 24.17
CA MET JA 72 -50.19 65.75 25.12
C MET JA 72 -48.88 65.55 25.88
N ARG JA 73 -48.90 65.82 27.17
CA ARG JA 73 -47.79 65.58 28.08
C ARG JA 73 -48.12 64.37 28.96
N PHE JA 74 -47.09 63.87 29.64
CA PHE JA 74 -47.22 62.71 30.52
C PHE JA 74 -46.50 62.99 31.82
N ASN JA 75 -47.21 62.86 32.93
CA ASN JA 75 -46.66 62.96 34.26
C ASN JA 75 -47.03 61.75 35.07
N ILE JA 76 -46.14 61.36 35.99
CA ILE JA 76 -46.35 60.16 36.78
C ILE JA 76 -47.29 60.36 37.95
N ASN JA 77 -47.61 61.60 38.30
CA ASN JA 77 -48.60 61.82 39.35
C ASN JA 77 -49.97 61.36 38.91
N ASP JA 78 -50.26 61.43 37.62
CA ASP JA 78 -51.55 61.02 37.09
C ASP JA 78 -51.70 59.51 37.00
N PHE JA 79 -50.61 58.76 37.13
CA PHE JA 79 -50.62 57.31 37.09
C PHE JA 79 -50.36 56.68 38.44
N LEU JA 80 -49.58 57.32 39.29
CA LEU JA 80 -49.19 56.82 40.59
C LEU JA 80 -49.79 57.67 41.69
N PRO JA 81 -50.75 57.20 42.47
CA PRO JA 81 -51.35 58.06 43.47
C PRO JA 81 -50.43 58.24 44.66
N PRO JA 82 -50.79 59.14 45.58
CA PRO JA 82 -50.04 59.23 46.82
C PRO JA 82 -50.34 58.05 47.72
N GLY JA 83 -49.33 57.67 48.50
CA GLY JA 83 -49.46 56.54 49.39
C GLY JA 83 -50.11 56.89 50.69
N GLY JA 84 -49.61 56.31 51.77
CA GLY JA 84 -50.14 56.56 53.09
C GLY JA 84 -49.14 56.26 54.18
N GLY JA 85 -49.00 57.19 55.11
CA GLY JA 85 -48.09 57.02 56.22
C GLY JA 85 -46.67 57.42 55.89
N SER JA 86 -45.71 56.64 56.38
CA SER JA 86 -44.31 56.94 56.15
C SER JA 86 -43.89 56.72 54.71
N ASN JA 87 -44.70 56.01 53.93
CA ASN JA 87 -44.44 55.82 52.51
C ASN JA 87 -45.20 56.87 51.73
N PRO JA 88 -44.54 57.86 51.13
CA PRO JA 88 -45.29 58.96 50.50
C PRO JA 88 -46.01 58.54 49.23
N ARG JA 89 -45.57 57.48 48.57
CA ARG JA 89 -46.17 57.01 47.33
C ARG JA 89 -46.64 55.57 47.50
N SER JA 90 -47.50 55.15 46.58
CA SER JA 90 -48.15 53.85 46.68
C SER JA 90 -47.26 52.72 46.18
N VAL JA 91 -46.31 53.03 45.32
CA VAL JA 91 -45.29 52.08 44.88
C VAL JA 91 -44.01 52.38 45.65
N PRO JA 92 -43.57 51.53 46.58
CA PRO JA 92 -42.48 51.92 47.46
C PRO JA 92 -41.09 51.81 46.84
N PHE JA 93 -40.77 52.81 46.02
CA PHE JA 93 -39.47 52.90 45.39
C PHE JA 93 -39.03 54.36 45.41
N GLU JA 94 -37.73 54.57 45.23
CA GLU JA 94 -37.11 55.88 45.28
C GLU JA 94 -36.97 56.52 43.91
N TYR JA 95 -36.42 55.80 42.97
CA TYR JA 95 -36.08 56.31 41.65
C TYR JA 95 -36.97 55.68 40.59
N TYR JA 96 -37.03 56.34 39.44
CA TYR JA 96 -37.80 55.84 38.32
C TYR JA 96 -37.22 56.39 37.04
N ARG JA 97 -37.59 55.76 35.94
CA ARG JA 97 -37.32 56.27 34.61
C ARG JA 97 -38.30 55.63 33.66
N ILE JA 98 -38.96 56.46 32.86
CA ILE JA 98 -40.00 55.99 31.96
C ILE JA 98 -39.33 55.44 30.70
N ARG JA 99 -39.60 54.19 30.41
CA ARG JA 99 -39.02 53.49 29.28
C ARG JA 99 -39.79 53.71 27.99
N LYS JA 100 -41.11 53.54 28.04
CA LYS JA 100 -41.97 53.65 26.88
C LYS JA 100 -43.32 54.17 27.32
N VAL JA 101 -44.06 54.70 26.35
CA VAL JA 101 -45.45 55.08 26.53
C VAL JA 101 -46.23 54.59 25.32
N LYS JA 102 -47.45 54.12 25.57
CA LYS JA 102 -48.38 53.69 24.54
C LYS JA 102 -49.63 54.54 24.68
N VAL JA 103 -49.82 55.43 23.74
CA VAL JA 103 -51.03 56.23 23.65
C VAL JA 103 -51.97 55.56 22.66
N GLU JA 104 -53.18 55.27 23.12
CA GLU JA 104 -54.20 54.58 22.34
C GLU JA 104 -55.40 55.50 22.23
N PHE JA 105 -55.74 55.88 21.00
CA PHE JA 105 -56.96 56.61 20.72
C PHE JA 105 -58.04 55.60 20.41
N TRP JA 106 -58.85 55.29 21.39
CA TRP JA 106 -59.98 54.39 21.21
C TRP JA 106 -61.19 55.20 20.77
N PRO JA 107 -61.75 54.96 19.59
CA PRO JA 107 -62.85 55.80 19.13
C PRO JA 107 -64.12 55.59 19.94
N CYS JA 108 -64.95 56.62 19.91
CA CYS JA 108 -66.26 56.61 20.51
C CYS JA 108 -67.38 56.72 19.49
N SER JA 109 -67.05 56.77 18.21
CA SER JA 109 -67.96 57.10 17.15
C SER JA 109 -68.31 55.84 16.36
N PRO JA 110 -69.52 55.77 15.80
CA PRO JA 110 -69.90 54.57 15.07
C PRO JA 110 -69.19 54.48 13.73
N ILE JA 111 -69.18 53.27 13.19
CA ILE JA 111 -68.57 53.04 11.89
C ILE JA 111 -69.41 53.57 10.74
N THR JA 112 -70.62 54.03 11.01
CA THR JA 112 -71.48 54.63 10.00
C THR JA 112 -71.32 56.13 9.90
N GLN JA 113 -70.44 56.74 10.71
CA GLN JA 113 -70.31 58.18 10.71
C GLN JA 113 -69.56 58.64 9.47
N GLY JA 114 -70.09 59.67 8.82
CA GLY JA 114 -69.51 60.22 7.63
C GLY JA 114 -68.66 61.44 7.90
N ASP JA 115 -68.36 62.17 6.82
CA ASP JA 115 -67.49 63.33 6.87
C ASP JA 115 -66.13 62.93 7.44
N ARG JA 116 -65.63 61.78 6.99
CA ARG JA 116 -64.37 61.26 7.47
C ARG JA 116 -63.22 62.19 7.08
N GLY JA 117 -62.08 61.95 7.71
CA GLY JA 117 -60.94 62.82 7.57
C GLY JA 117 -59.64 62.10 7.75
N VAL JA 118 -58.55 62.86 7.75
CA VAL JA 118 -57.22 62.29 7.85
C VAL JA 118 -56.33 63.29 8.58
N GLY JA 119 -55.65 62.80 9.62
CA GLY JA 119 -54.82 63.61 10.47
C GLY JA 119 -53.44 63.04 10.65
N SER JA 120 -52.75 63.51 11.68
CA SER JA 120 -51.36 63.16 11.88
C SER JA 120 -51.02 63.26 13.36
N SER JA 121 -50.22 62.31 13.83
CA SER JA 121 -49.67 62.32 15.18
C SER JA 121 -48.16 62.24 15.08
N ALA JA 122 -47.49 63.15 15.79
CA ALA JA 122 -46.04 63.24 15.77
C ALA JA 122 -45.49 63.25 17.19
N VAL JA 123 -44.22 62.93 17.30
CA VAL JA 123 -43.52 62.80 18.57
C VAL JA 123 -42.66 64.02 18.79
N ILE JA 124 -42.93 64.74 19.88
CA ILE JA 124 -42.35 66.05 20.15
C ILE JA 124 -41.71 65.98 21.53
N LEU JA 125 -40.39 65.80 21.56
CA LEU JA 125 -39.67 65.49 22.78
C LEU JA 125 -39.07 66.71 23.48
N ASP JA 126 -39.66 67.90 23.31
CA ASP JA 126 -38.99 69.13 23.77
C ASP JA 126 -39.90 70.20 24.36
N ASP JA 127 -41.19 69.98 24.48
CA ASP JA 127 -42.09 70.91 25.15
C ASP JA 127 -42.27 72.21 24.37
N ASN JA 128 -42.11 72.14 23.06
CA ASN JA 128 -42.46 73.26 22.17
C ASN JA 128 -43.29 72.65 21.06
N PHE JA 129 -44.60 72.65 21.29
CA PHE JA 129 -45.57 72.13 20.36
C PHE JA 129 -46.05 73.23 19.43
N VAL JA 130 -46.65 72.81 18.32
CA VAL JA 130 -47.42 73.75 17.51
C VAL JA 130 -48.54 74.29 18.36
N THR JA 131 -48.81 75.58 18.20
CA THR JA 131 -49.79 76.24 19.03
C THR JA 131 -51.15 75.58 18.88
N LYS JA 132 -51.86 75.48 20.00
CA LYS JA 132 -53.19 74.88 19.98
C LYS JA 132 -54.13 75.72 19.12
N ALA JA 133 -54.81 75.06 18.20
CA ALA JA 133 -55.67 75.70 17.23
C ALA JA 133 -56.96 74.91 17.11
N THR JA 134 -58.04 75.64 16.81
CA THR JA 134 -59.35 75.04 16.61
C THR JA 134 -59.57 74.64 15.15
N ALA JA 135 -59.31 75.55 14.23
CA ALA JA 135 -59.46 75.29 12.80
C ALA JA 135 -58.28 75.94 12.07
N LEU JA 136 -57.21 75.19 11.94
CA LEU JA 136 -56.03 75.61 11.20
C LEU JA 136 -56.11 75.09 9.77
N THR JA 137 -55.66 75.90 8.82
CA THR JA 137 -55.83 75.64 7.40
C THR JA 137 -54.90 74.57 6.86
N TYR JA 138 -54.15 73.89 7.69
CA TYR JA 138 -53.23 72.86 7.22
C TYR JA 138 -52.89 71.95 8.38
N ASP JA 139 -52.29 70.81 8.05
CA ASP JA 139 -51.83 69.84 9.03
C ASP JA 139 -50.36 70.11 9.33
N PRO JA 140 -50.02 70.67 10.50
CA PRO JA 140 -48.61 71.01 10.72
C PRO JA 140 -47.73 69.79 10.90
N TYR JA 141 -48.27 68.71 11.46
CA TYR JA 141 -47.49 67.54 11.79
C TYR JA 141 -47.40 66.55 10.64
N VAL JA 142 -47.70 66.99 9.41
CA VAL JA 142 -47.80 66.06 8.29
C VAL JA 142 -46.42 65.72 7.75
N ASN JA 143 -45.53 66.71 7.67
CA ASN JA 143 -44.20 66.49 7.12
C ASN JA 143 -43.19 66.08 8.17
N TYR JA 144 -43.62 65.86 9.40
CA TYR JA 144 -42.71 65.41 10.44
C TYR JA 144 -42.26 63.99 10.18
N SER JA 145 -41.00 63.72 10.50
CA SER JA 145 -40.43 62.41 10.31
C SER JA 145 -41.10 61.34 11.17
N SER JA 146 -41.74 61.74 12.26
CA SER JA 146 -42.43 60.84 13.16
C SER JA 146 -43.94 60.87 12.97
N ARG JA 147 -44.40 61.27 11.80
CA ARG JA 147 -45.81 61.36 11.54
C ARG JA 147 -46.38 59.98 11.24
N HIS JA 148 -47.47 59.66 11.91
CA HIS JA 148 -48.32 58.54 11.57
C HIS JA 148 -49.68 59.09 11.21
N THR JA 149 -50.28 58.54 10.18
CA THR JA 149 -51.59 58.99 9.73
C THR JA 149 -52.67 58.55 10.71
N ILE JA 150 -53.56 59.46 11.02
CA ILE JA 150 -54.75 59.20 11.82
C ILE JA 150 -55.92 59.16 10.85
N THR JA 151 -56.46 57.97 10.64
CA THR JA 151 -57.76 57.85 10.02
C THR JA 151 -58.84 58.17 11.04
N GLN JA 152 -59.82 58.95 10.62
CA GLN JA 152 -60.88 59.45 11.48
C GLN JA 152 -62.22 59.04 10.91
N PRO JA 153 -63.27 58.99 11.73
CA PRO JA 153 -63.38 59.14 13.19
C PRO JA 153 -63.43 57.84 13.96
N PHE JA 154 -63.66 56.73 13.26
CA PHE JA 154 -64.00 55.46 13.89
C PHE JA 154 -62.85 54.46 13.84
N SER JA 155 -61.62 54.95 13.82
CA SER JA 155 -60.45 54.11 13.64
C SER JA 155 -59.50 54.27 14.82
N TYR JA 156 -58.86 53.17 15.17
CA TYR JA 156 -57.94 53.11 16.28
C TYR JA 156 -56.56 53.57 15.85
N HIS JA 157 -55.90 54.31 16.73
CA HIS JA 157 -54.59 54.87 16.49
C HIS JA 157 -53.74 54.65 17.73
N SER JA 158 -52.62 53.97 17.56
CA SER JA 158 -51.65 53.75 18.62
C SER JA 158 -50.32 54.39 18.27
N ARG JA 159 -49.61 54.82 19.30
CA ARG JA 159 -48.27 55.35 19.18
C ARG JA 159 -47.46 54.81 20.34
N TYR JA 160 -46.33 54.19 20.05
CA TYR JA 160 -45.46 53.56 21.03
C TYR JA 160 -44.07 54.12 20.87
N PHE JA 161 -43.61 54.83 21.89
CA PHE JA 161 -42.37 55.59 21.80
C PHE JA 161 -41.79 55.77 23.18
N THR JA 162 -40.61 56.35 23.23
CA THR JA 162 -39.86 56.61 24.43
C THR JA 162 -39.88 58.10 24.74
N PRO JA 163 -40.56 58.57 25.80
CA PRO JA 163 -40.59 59.99 26.05
C PRO JA 163 -39.30 60.50 26.66
N LYS JA 164 -39.24 61.80 26.90
CA LYS JA 164 -38.08 62.44 27.48
C LYS JA 164 -38.56 63.43 28.53
N PRO JA 165 -37.82 63.60 29.62
CA PRO JA 165 -38.24 64.56 30.64
C PRO JA 165 -37.81 65.98 30.33
N VAL JA 166 -38.54 66.90 30.94
CA VAL JA 166 -38.31 68.34 30.77
C VAL JA 166 -37.37 68.75 31.89
N LEU JA 167 -36.08 68.64 31.62
CA LEU JA 167 -35.06 69.01 32.59
C LEU JA 167 -34.81 70.51 32.59
N ASP JA 168 -34.71 71.12 31.41
CA ASP JA 168 -34.57 72.56 31.29
C ASP JA 168 -35.42 73.00 30.11
N SER JA 169 -36.52 73.68 30.39
CA SER JA 169 -37.41 74.16 29.34
C SER JA 169 -36.80 75.32 28.55
N THR JA 170 -35.78 75.98 29.08
CA THR JA 170 -35.14 77.08 28.38
C THR JA 170 -34.25 76.59 27.25
N ILE JA 171 -33.53 75.49 27.49
CA ILE JA 171 -32.58 74.95 26.53
C ILE JA 171 -33.19 73.78 25.81
N ASP JA 172 -34.03 73.02 26.51
CA ASP JA 172 -34.76 71.90 25.94
C ASP JA 172 -33.81 70.86 25.35
N TYR JA 173 -33.02 70.26 26.24
CA TYR JA 173 -32.09 69.20 25.88
C TYR JA 173 -32.61 67.85 26.34
N PHE JA 174 -32.30 66.81 25.57
CA PHE JA 174 -32.73 65.47 25.89
C PHE JA 174 -31.71 64.47 25.38
N GLN JA 175 -31.81 63.31 25.87
CA GLN JA 175 -30.91 62.22 25.57
C GLN JA 175 -31.43 61.38 24.41
N PRO JA 176 -30.55 60.77 23.63
CA PRO JA 176 -31.02 59.77 22.68
C PRO JA 176 -31.40 58.48 23.37
N ASN JA 177 -31.96 57.55 22.61
CA ASN JA 177 -32.48 56.32 23.18
C ASN JA 177 -31.33 55.40 23.52
N ASN JA 178 -31.19 55.11 24.81
CA ASN JA 178 -30.17 54.18 25.29
C ASN JA 178 -30.69 53.62 26.60
N LYS JA 179 -30.99 52.33 26.63
CA LYS JA 179 -31.54 51.75 27.83
C LYS JA 179 -30.55 51.75 28.97
N ARG JA 180 -29.26 51.67 28.67
CA ARG JA 180 -28.24 51.55 29.69
C ARG JA 180 -27.85 52.90 30.28
N ASN JA 181 -28.01 53.98 29.52
CA ASN JA 181 -27.57 55.31 29.92
C ASN JA 181 -28.71 56.23 30.28
N GLN JA 182 -29.95 55.76 30.26
CA GLN JA 182 -31.09 56.62 30.57
C GLN JA 182 -31.03 57.07 32.01
N LEU JA 183 -31.29 58.35 32.21
CA LEU JA 183 -31.21 58.95 33.53
C LEU JA 183 -32.28 58.38 34.45
N TRP JA 184 -31.93 58.24 35.71
CA TRP JA 184 -32.87 57.93 36.77
C TRP JA 184 -33.32 59.24 37.41
N LEU JA 185 -34.62 59.46 37.45
CA LEU JA 185 -35.22 60.56 38.18
C LEU JA 185 -35.67 60.07 39.53
N ARG JA 186 -35.95 61.02 40.41
CA ARG JA 186 -36.51 60.73 41.72
C ARG JA 186 -38.02 60.75 41.65
N LEU JA 187 -38.64 59.80 42.31
CA LEU JA 187 -40.07 59.75 42.50
C LEU JA 187 -40.42 60.69 43.62
N GLN JA 188 -40.74 61.93 43.26
CA GLN JA 188 -41.07 62.95 44.23
C GLN JA 188 -42.41 62.63 44.87
N THR JA 189 -42.75 63.44 45.88
CA THR JA 189 -44.01 63.24 46.59
C THR JA 189 -45.19 63.85 45.84
N ALA JA 190 -45.09 65.14 45.47
CA ALA JA 190 -46.17 65.80 44.74
C ALA JA 190 -45.66 66.77 43.67
N GLY JA 191 -44.45 66.57 43.16
CA GLY JA 191 -43.84 67.55 42.26
C GLY JA 191 -43.04 66.96 41.12
N ASN JA 192 -43.46 65.81 40.63
CA ASN JA 192 -42.71 65.13 39.58
C ASN JA 192 -42.72 65.94 38.29
N VAL JA 193 -41.72 65.68 37.46
CA VAL JA 193 -41.46 66.45 36.25
C VAL JA 193 -42.27 65.88 35.10
N ASP JA 194 -42.69 66.76 34.20
CA ASP JA 194 -43.53 66.38 33.09
C ASP JA 194 -42.69 65.76 31.98
N HIS JA 195 -43.10 64.59 31.53
CA HIS JA 195 -42.56 63.99 30.34
C HIS JA 195 -43.42 64.40 29.14
N VAL JA 196 -42.80 64.34 27.98
CA VAL JA 196 -43.36 64.97 26.78
C VAL JA 196 -43.06 64.05 25.60
N GLY JA 197 -43.77 64.29 24.50
CA GLY JA 197 -43.62 63.39 23.37
C GLY JA 197 -44.77 63.09 22.44
N LEU JA 198 -45.90 63.80 22.51
CA LEU JA 198 -46.91 63.60 21.47
C LEU JA 198 -47.70 64.86 21.17
N GLY JA 199 -47.84 65.13 19.88
CA GLY JA 199 -48.73 66.17 19.41
C GLY JA 199 -49.54 65.64 18.25
N THR JA 200 -50.77 66.16 18.15
CA THR JA 200 -51.77 65.63 17.23
C THR JA 200 -52.35 66.73 16.38
N ALA JA 201 -52.96 66.31 15.28
CA ALA JA 201 -53.73 67.20 14.41
C ALA JA 201 -54.88 66.40 13.85
N PHE JA 202 -56.10 66.74 14.26
CA PHE JA 202 -57.30 66.08 13.83
C PHE JA 202 -58.08 66.97 12.87
N GLU JA 203 -58.56 66.37 11.80
CA GLU JA 203 -59.36 67.10 10.81
C GLU JA 203 -60.78 67.26 11.33
N ASN JA 204 -61.26 68.50 11.31
CA ASN JA 204 -62.56 68.80 11.86
C ASN JA 204 -63.66 68.23 10.96
N SER JA 205 -64.87 68.22 11.49
CA SER JA 205 -66.00 67.58 10.85
C SER JA 205 -67.29 68.27 11.27
N ILE JA 206 -68.36 67.95 10.55
CA ILE JA 206 -69.68 68.47 10.90
C ILE JA 206 -70.17 67.84 12.19
N TYR JA 207 -69.76 66.61 12.46
CA TYR JA 207 -70.15 65.89 13.66
C TYR JA 207 -69.03 65.93 14.69
N ASP JA 208 -69.41 65.76 15.95
CA ASP JA 208 -68.43 65.71 17.02
C ASP JA 208 -67.69 64.38 17.00
N GLN JA 209 -66.38 64.44 17.14
CA GLN JA 209 -65.51 63.27 17.16
C GLN JA 209 -64.96 63.10 18.56
N GLU JA 210 -65.43 62.08 19.26
CA GLU JA 210 -65.00 61.81 20.63
C GLU JA 210 -64.05 60.62 20.64
N TYR JA 211 -63.16 60.62 21.61
CA TYR JA 211 -62.16 59.57 21.80
C TYR JA 211 -61.97 59.32 23.29
N ASN JA 212 -61.69 58.08 23.62
CA ASN JA 212 -61.26 57.68 24.96
C ASN JA 212 -59.79 57.31 24.86
N ILE JA 213 -58.93 58.14 25.43
CA ILE JA 213 -57.50 58.00 25.27
C ILE JA 213 -56.96 57.26 26.48
N ARG JA 214 -56.28 56.15 26.23
CA ARG JA 214 -55.67 55.32 27.27
C ARG JA 214 -54.17 55.38 27.11
N VAL JA 215 -53.52 56.02 28.07
CA VAL JA 215 -52.06 56.12 28.11
C VAL JA 215 -51.55 55.05 29.05
N THR JA 216 -50.56 54.30 28.59
CA THR JA 216 -49.91 53.25 29.37
C THR JA 216 -48.43 53.57 29.40
N MET JA 217 -47.88 53.78 30.59
CA MET JA 217 -46.47 54.03 30.79
C MET JA 217 -45.78 52.79 31.33
N TYR JA 218 -44.70 52.40 30.66
CA TYR JA 218 -43.87 51.29 31.07
C TYR JA 218 -42.67 51.85 31.80
N VAL JA 219 -42.66 51.69 33.12
CA VAL JA 219 -41.71 52.35 33.99
C VAL JA 219 -40.77 51.31 34.58
N GLN JA 220 -39.69 51.82 35.18
CA GLN JA 220 -38.66 51.00 35.79
C GLN JA 220 -38.22 51.72 37.05
N PHE JA 221 -38.47 51.10 38.19
CA PHE JA 221 -38.15 51.67 39.49
C PHE JA 221 -36.86 51.08 40.02
N ARG JA 222 -36.39 51.65 41.14
CA ARG JA 222 -35.13 51.25 41.75
C ARG JA 222 -35.17 51.60 43.22
N GLU JA 223 -34.45 50.80 44.01
CA GLU JA 223 -34.23 51.05 45.43
C GLU JA 223 -35.55 51.06 46.22
N PHE JA 224 -36.10 49.86 46.33
CA PHE JA 224 -37.17 49.55 47.27
C PHE JA 224 -36.90 50.17 48.62
N ASN JA 225 -37.82 51.00 49.10
CA ASN JA 225 -37.59 51.83 50.27
C ASN JA 225 -38.78 51.80 51.21
N LEU JA 226 -39.34 50.63 51.42
CA LEU JA 226 -40.48 50.52 52.32
C LEU JA 226 -40.07 50.84 53.74
N LYS JA 227 -40.96 51.50 54.46
CA LYS JA 227 -40.75 51.86 55.86
C LYS JA 227 -41.83 51.21 56.70
N ASP JA 228 -41.40 50.50 57.75
CA ASP JA 228 -42.28 49.69 58.57
C ASP JA 228 -42.15 50.11 60.02
N PRO JA 229 -42.88 51.15 60.43
CA PRO JA 229 -42.92 51.50 61.83
C PRO JA 229 -43.76 50.52 62.62
N PRO JA 230 -43.68 50.54 63.95
CA PRO JA 230 -44.57 49.69 64.74
C PRO JA 230 -46.01 50.16 64.69
N LEU JA 231 -46.88 49.46 65.41
CA LEU JA 231 -48.31 49.76 65.43
C LEU JA 231 -48.90 49.60 66.82
N GLY KA 43 -24.24 67.57 -3.27
CA GLY KA 43 -24.87 67.53 -1.96
C GLY KA 43 -26.30 67.07 -2.01
N ILE KA 44 -26.47 65.76 -2.06
CA ILE KA 44 -27.79 65.17 -2.27
C ILE KA 44 -28.57 65.16 -0.97
N PHE KA 45 -29.88 65.36 -1.09
CA PHE KA 45 -30.79 65.28 0.04
C PHE KA 45 -32.13 64.80 -0.49
N ASN KA 46 -32.42 63.53 -0.28
CA ASN KA 46 -33.72 62.97 -0.61
C ASN KA 46 -34.67 63.22 0.53
N THR KA 47 -35.83 63.81 0.22
CA THR KA 47 -36.85 64.05 1.22
C THR KA 47 -38.23 63.79 0.61
N ARG KA 48 -39.25 64.24 1.32
CA ARG KA 48 -40.64 63.95 1.00
C ARG KA 48 -41.47 65.18 1.33
N LEU KA 49 -42.25 65.64 0.35
CA LEU KA 49 -43.08 66.81 0.46
C LEU KA 49 -44.51 66.43 0.11
N SER KA 50 -45.46 66.94 0.90
CA SER KA 50 -46.86 66.59 0.78
C SER KA 50 -47.71 67.83 0.66
N ARG KA 51 -48.98 67.60 0.33
CA ARG KA 51 -49.96 68.63 0.02
C ARG KA 51 -51.31 67.94 -0.06
N THR KA 52 -52.34 68.60 0.44
CA THR KA 52 -53.67 68.03 0.53
C THR KA 52 -54.70 69.02 -0.01
N PHE KA 53 -55.66 68.50 -0.76
CA PHE KA 53 -56.69 69.32 -1.35
C PHE KA 53 -57.88 68.44 -1.68
N GLY KA 54 -58.99 69.08 -2.03
CA GLY KA 54 -60.24 68.40 -2.28
C GLY KA 54 -60.63 68.25 -3.73
N TYR KA 55 -61.48 67.26 -3.99
CA TYR KA 55 -62.05 67.01 -5.30
C TYR KA 55 -63.42 66.40 -5.11
N THR KA 56 -64.41 66.94 -5.81
CA THR KA 56 -65.78 66.49 -5.71
C THR KA 56 -66.33 66.18 -7.09
N ILE KA 57 -67.07 65.09 -7.18
CA ILE KA 57 -67.81 64.70 -8.36
C ILE KA 57 -69.27 64.97 -8.03
N LYS KA 58 -69.82 66.04 -8.60
CA LYS KA 58 -71.19 66.44 -8.32
C LYS KA 58 -72.18 65.42 -8.85
N ARG KA 59 -73.38 65.45 -8.27
CA ARG KA 59 -74.44 64.53 -8.63
C ARG KA 59 -75.01 64.86 -10.00
N THR KA 60 -75.67 63.86 -10.58
CA THR KA 60 -76.32 64.01 -11.88
C THR KA 60 -77.62 63.22 -11.88
N THR KA 61 -78.66 63.82 -12.46
CA THR KA 61 -79.93 63.13 -12.68
C THR KA 61 -79.89 62.17 -13.86
N VAL KA 62 -78.79 62.15 -14.62
CA VAL KA 62 -78.68 61.24 -15.76
C VAL KA 62 -78.80 59.81 -15.30
N LYS KA 63 -79.56 59.02 -16.05
CA LYS KA 63 -79.81 57.62 -15.69
C LYS KA 63 -78.68 56.71 -16.15
N THR KA 64 -78.11 56.99 -17.31
CA THR KA 64 -77.10 56.13 -17.89
C THR KA 64 -75.84 56.10 -17.02
N PRO KA 65 -74.96 55.14 -17.25
CA PRO KA 65 -73.63 55.21 -16.65
C PRO KA 65 -72.76 56.17 -17.44
N SER KA 66 -72.51 57.33 -16.85
CA SER KA 66 -71.62 58.32 -17.42
C SER KA 66 -70.44 58.54 -16.48
N TRP KA 67 -69.34 59.02 -17.04
CA TRP KA 67 -68.12 59.23 -16.29
C TRP KA 67 -67.71 60.69 -16.35
N ALA KA 68 -67.07 61.13 -15.26
CA ALA KA 68 -66.56 62.48 -15.11
C ALA KA 68 -65.04 62.43 -15.24
N VAL KA 69 -64.52 63.15 -16.20
CA VAL KA 69 -63.11 63.14 -16.54
C VAL KA 69 -62.46 64.40 -16.02
N ASP KA 70 -61.25 64.25 -15.51
CA ASP KA 70 -60.46 65.38 -15.02
C ASP KA 70 -59.00 65.02 -15.07
N MET KA 71 -58.17 66.03 -14.90
CA MET KA 71 -56.72 65.93 -15.02
C MET KA 71 -56.06 66.31 -13.70
N MET KA 72 -54.77 66.02 -13.61
CA MET KA 72 -54.00 66.28 -12.41
C MET KA 72 -52.55 66.49 -12.79
N ARG KA 73 -52.05 67.70 -12.58
CA ARG KA 73 -50.66 68.07 -12.76
C ARG KA 73 -50.01 68.25 -11.39
N PHE KA 74 -48.68 68.32 -11.39
CA PHE KA 74 -47.89 68.47 -10.18
C PHE KA 74 -46.83 69.52 -10.40
N ASN KA 75 -46.81 70.53 -9.53
CA ASN KA 75 -45.78 71.55 -9.53
C ASN KA 75 -45.20 71.68 -8.13
N ILE KA 76 -43.92 72.04 -8.08
CA ILE KA 76 -43.21 72.11 -6.81
C ILE KA 76 -43.48 73.39 -6.05
N ASN KA 77 -44.07 74.40 -6.70
CA ASN KA 77 -44.43 75.61 -5.97
C ASN KA 77 -45.52 75.34 -4.95
N ASP KA 78 -46.39 74.36 -5.24
CA ASP KA 78 -47.47 74.02 -4.34
C ASP KA 78 -47.03 73.19 -3.15
N PHE KA 79 -45.81 72.66 -3.19
CA PHE KA 79 -45.25 71.88 -2.09
C PHE KA 79 -44.15 72.60 -1.34
N LEU KA 80 -43.41 73.46 -2.03
CA LEU KA 80 -42.27 74.18 -1.46
C LEU KA 80 -42.57 75.67 -1.43
N PRO KA 81 -42.76 76.29 -0.27
CA PRO KA 81 -43.10 77.70 -0.26
C PRO KA 81 -41.89 78.57 -0.55
N PRO KA 82 -42.10 79.87 -0.74
CA PRO KA 82 -40.97 80.76 -0.86
C PRO KA 82 -40.29 80.97 0.48
N GLY KA 83 -38.99 81.18 0.43
CA GLY KA 83 -38.21 81.35 1.64
C GLY KA 83 -38.24 82.77 2.15
N GLY KA 84 -37.10 83.24 2.63
CA GLY KA 84 -37.00 84.57 3.15
C GLY KA 84 -35.57 85.08 3.14
N GLY KA 85 -35.39 86.31 2.65
CA GLY KA 85 -34.09 86.91 2.59
C GLY KA 85 -33.30 86.53 1.36
N SER KA 86 -32.01 86.30 1.55
CA SER KA 86 -31.13 85.95 0.44
C SER KA 86 -31.41 84.55 -0.08
N ASN KA 87 -32.11 83.72 0.68
CA ASN KA 87 -32.51 82.39 0.23
C ASN KA 87 -33.90 82.48 -0.36
N PRO KA 88 -34.07 82.34 -1.68
CA PRO KA 88 -35.40 82.55 -2.26
C PRO KA 88 -36.40 81.47 -1.93
N ARG KA 89 -35.93 80.27 -1.58
CA ARG KA 89 -36.79 79.15 -1.26
C ARG KA 89 -36.50 78.65 0.15
N SER KA 90 -37.45 77.87 0.68
CA SER KA 90 -37.37 77.43 2.06
C SER KA 90 -36.45 76.24 2.24
N VAL KA 91 -36.24 75.46 1.18
CA VAL KA 91 -35.27 74.37 1.18
C VAL KA 91 -34.03 74.87 0.44
N PRO KA 92 -32.90 75.09 1.13
CA PRO KA 92 -31.79 75.77 0.46
C PRO KA 92 -30.95 74.87 -0.44
N PHE KA 93 -31.49 74.64 -1.64
CA PHE KA 93 -30.81 73.88 -2.66
C PHE KA 93 -31.05 74.54 -4.01
N GLU KA 94 -30.20 74.20 -4.96
CA GLU KA 94 -30.22 74.78 -6.30
C GLU KA 94 -31.02 73.95 -7.28
N TYR KA 95 -30.75 72.65 -7.35
CA TYR KA 95 -31.32 71.76 -8.34
C TYR KA 95 -32.26 70.78 -7.69
N TYR KA 96 -33.12 70.18 -8.50
CA TYR KA 96 -34.04 69.17 -8.03
C TYR KA 96 -34.43 68.27 -9.18
N ARG KA 97 -34.98 67.12 -8.82
CA ARG KA 97 -35.60 66.23 -9.79
C ARG KA 97 -36.56 65.33 -9.02
N ILE KA 98 -37.80 65.26 -9.52
CA ILE KA 98 -38.84 64.51 -8.84
C ILE KA 98 -38.69 63.05 -9.21
N ARG KA 99 -38.54 62.21 -8.19
CA ARG KA 99 -38.33 60.79 -8.36
C ARG KA 99 -39.64 60.01 -8.47
N LYS KA 100 -40.57 60.28 -7.56
CA LYS KA 100 -41.84 59.58 -7.50
C LYS KA 100 -42.90 60.52 -6.98
N VAL KA 101 -44.15 60.17 -7.24
CA VAL KA 101 -45.31 60.83 -6.67
C VAL KA 101 -46.29 59.76 -6.23
N LYS KA 102 -46.93 60.01 -5.09
CA LYS KA 102 -47.96 59.15 -4.54
C LYS KA 102 -49.22 60.00 -4.42
N VAL KA 103 -50.19 59.72 -5.27
CA VAL KA 103 -51.50 60.33 -5.21
C VAL KA 103 -52.43 59.40 -4.46
N GLU KA 104 -53.04 59.90 -3.39
CA GLU KA 104 -53.93 59.14 -2.53
C GLU KA 104 -55.29 59.80 -2.57
N PHE KA 105 -56.29 59.07 -3.04
CA PHE KA 105 -57.68 59.50 -2.97
C PHE KA 105 -58.26 58.96 -1.67
N TRP KA 106 -58.30 59.81 -0.66
CA TRP KA 106 -58.89 59.45 0.60
C TRP KA 106 -60.37 59.79 0.57
N PRO KA 107 -61.28 58.82 0.71
CA PRO KA 107 -62.69 59.14 0.57
C PRO KA 107 -63.22 59.97 1.71
N CYS KA 108 -64.30 60.68 1.41
CA CYS KA 108 -65.04 61.47 2.36
C CYS KA 108 -66.45 60.94 2.60
N SER KA 109 -66.81 59.85 1.98
CA SER KA 109 -68.16 59.35 1.94
C SER KA 109 -68.31 58.13 2.84
N PRO KA 110 -69.48 57.90 3.42
CA PRO KA 110 -69.65 56.77 4.32
C PRO KA 110 -69.68 55.46 3.57
N ILE KA 111 -69.43 54.38 4.30
CA ILE KA 111 -69.48 53.05 3.71
C ILE KA 111 -70.89 52.56 3.45
N THR KA 112 -71.92 53.31 3.89
CA THR KA 112 -73.30 52.99 3.62
C THR KA 112 -73.83 53.65 2.35
N GLN KA 113 -73.01 54.41 1.64
CA GLN KA 113 -73.48 55.15 0.47
C GLN KA 113 -73.68 54.18 -0.68
N GLY KA 114 -74.81 54.30 -1.36
CA GLY KA 114 -75.14 53.47 -2.47
C GLY KA 114 -74.85 54.12 -3.80
N ASP KA 115 -75.43 53.55 -4.85
CA ASP KA 115 -75.18 53.98 -6.22
C ASP KA 115 -73.69 53.93 -6.53
N ARG KA 116 -73.06 52.85 -6.10
CA ARG KA 116 -71.63 52.69 -6.28
C ARG KA 116 -71.30 52.59 -7.77
N GLY KA 117 -70.01 52.72 -8.05
CA GLY KA 117 -69.54 52.78 -9.41
C GLY KA 117 -68.14 52.26 -9.58
N VAL KA 118 -67.60 52.40 -10.77
CA VAL KA 118 -66.28 51.88 -11.10
C VAL KA 118 -65.64 52.79 -12.12
N GLY KA 119 -64.43 53.23 -11.83
CA GLY KA 119 -63.70 54.16 -12.66
C GLY KA 119 -62.30 53.69 -12.98
N SER KA 120 -61.47 54.63 -13.41
CA SER KA 120 -60.14 54.29 -13.89
C SER KA 120 -59.22 55.49 -13.70
N SER KA 121 -57.98 55.20 -13.30
CA SER KA 121 -56.92 56.18 -13.21
C SER KA 121 -55.75 55.73 -14.05
N ALA KA 122 -55.26 56.62 -14.90
CA ALA KA 122 -54.17 56.31 -15.82
C ALA KA 122 -53.08 57.36 -15.70
N VAL KA 123 -51.90 56.99 -16.18
CA VAL KA 123 -50.70 57.81 -16.08
C VAL KA 123 -50.43 58.42 -17.44
N ILE KA 124 -50.40 59.76 -17.48
CA ILE KA 124 -50.35 60.53 -18.71
C ILE KA 124 -49.17 61.48 -18.61
N LEU KA 125 -48.05 61.11 -19.23
CA LEU KA 125 -46.79 61.79 -19.03
C LEU KA 125 -46.49 62.84 -20.09
N ASP KA 126 -47.50 63.47 -20.70
CA ASP KA 126 -47.27 64.32 -21.86
C ASP KA 126 -48.13 65.56 -21.97
N ASP KA 127 -48.99 65.86 -21.00
CA ASP KA 127 -49.76 67.09 -20.99
C ASP KA 127 -50.79 67.16 -22.10
N ASN KA 128 -51.27 66.01 -22.56
CA ASN KA 128 -52.40 65.93 -23.46
C ASN KA 128 -53.35 64.90 -22.87
N PHE KA 129 -54.25 65.38 -22.04
CA PHE KA 129 -55.25 64.59 -21.37
C PHE KA 129 -56.50 64.48 -22.21
N VAL KA 130 -57.33 63.50 -21.89
CA VAL KA 130 -58.69 63.49 -22.41
C VAL KA 130 -59.38 64.74 -21.90
N THR KA 131 -60.19 65.34 -22.76
CA THR KA 131 -60.84 66.60 -22.44
C THR KA 131 -61.71 66.44 -21.20
N LYS KA 132 -61.69 67.47 -20.36
CA LYS KA 132 -62.50 67.46 -19.16
C LYS KA 132 -63.98 67.40 -19.51
N ALA KA 133 -64.67 66.44 -18.90
CA ALA KA 133 -66.07 66.18 -19.19
C ALA KA 133 -66.82 65.97 -17.88
N THR KA 134 -68.09 66.35 -17.90
CA THR KA 134 -68.97 66.18 -16.76
C THR KA 134 -69.66 64.83 -16.77
N ALA KA 135 -70.27 64.47 -17.90
CA ALA KA 135 -70.96 63.19 -18.06
C ALA KA 135 -70.65 62.66 -19.45
N LEU KA 136 -69.57 61.91 -19.55
CA LEU KA 136 -69.18 61.24 -20.78
C LEU KA 136 -69.70 59.82 -20.79
N THR KA 137 -70.12 59.35 -21.95
CA THR KA 137 -70.83 58.09 -22.10
C THR KA 137 -69.92 56.86 -22.00
N TYR KA 138 -68.65 57.03 -21.65
CA TYR KA 138 -67.74 55.90 -21.57
C TYR KA 138 -66.57 56.31 -20.70
N ASP KA 139 -65.79 55.31 -20.30
CA ASP KA 139 -64.56 55.51 -19.53
C ASP KA 139 -63.40 55.55 -20.49
N PRO KA 140 -62.80 56.72 -20.76
CA PRO KA 140 -61.73 56.76 -21.75
C PRO KA 140 -60.46 56.07 -21.29
N TYR KA 141 -60.18 56.11 -20.00
CA TYR KA 141 -58.94 55.59 -19.45
C TYR KA 141 -59.01 54.10 -19.13
N VAL KA 142 -60.01 53.39 -19.65
CA VAL KA 142 -60.23 52.01 -19.25
C VAL KA 142 -59.27 51.06 -19.96
N ASN KA 143 -59.01 51.30 -21.24
CA ASN KA 143 -58.15 50.44 -22.02
C ASN KA 143 -56.70 50.85 -21.98
N TYR KA 144 -56.36 51.85 -21.17
CA TYR KA 144 -54.98 52.27 -21.03
C TYR KA 144 -54.17 51.21 -20.31
N SER KA 145 -52.92 51.05 -20.74
CA SER KA 145 -52.03 50.09 -20.13
C SER KA 145 -51.72 50.40 -18.68
N SER KA 146 -51.86 51.66 -18.28
CA SER KA 146 -51.61 52.08 -16.91
C SER KA 146 -52.89 52.29 -16.12
N ARG KA 147 -53.98 51.64 -16.53
CA ARG KA 147 -55.24 51.80 -15.85
C ARG KA 147 -55.25 50.98 -14.58
N HIS KA 148 -55.67 51.60 -13.49
CA HIS KA 148 -56.03 50.94 -12.25
C HIS KA 148 -57.50 51.25 -12.00
N THR KA 149 -58.24 50.25 -11.56
CA THR KA 149 -59.65 50.43 -11.27
C THR KA 149 -59.85 51.25 -10.02
N ILE KA 150 -60.78 52.18 -10.10
CA ILE KA 150 -61.21 52.98 -8.96
C ILE KA 150 -62.57 52.43 -8.55
N THR KA 151 -62.61 51.77 -7.41
CA THR KA 151 -63.87 51.50 -6.75
C THR KA 151 -64.36 52.75 -6.05
N GLN KA 152 -65.64 53.04 -6.20
CA GLN KA 152 -66.26 54.25 -5.70
C GLN KA 152 -67.42 53.87 -4.79
N PRO KA 153 -67.83 54.78 -3.89
CA PRO KA 153 -67.29 56.07 -3.49
C PRO KA 153 -66.43 56.04 -2.24
N PHE KA 154 -66.49 54.96 -1.49
CA PHE KA 154 -65.94 54.89 -0.14
C PHE KA 154 -64.67 54.07 -0.06
N SER KA 155 -63.90 54.02 -1.15
CA SER KA 155 -62.73 53.17 -1.24
C SER KA 155 -61.50 54.00 -1.56
N TYR KA 156 -60.40 53.58 -0.99
CA TYR KA 156 -59.12 54.25 -1.13
C TYR KA 156 -58.43 53.81 -2.41
N HIS KA 157 -57.80 54.77 -3.08
CA HIS KA 157 -57.12 54.56 -4.34
C HIS KA 157 -55.77 55.27 -4.28
N SER KA 158 -54.71 54.52 -4.47
CA SER KA 158 -53.35 55.06 -4.52
C SER KA 158 -52.74 54.79 -5.89
N ARG KA 159 -51.88 55.70 -6.31
CA ARG KA 159 -51.09 55.56 -7.53
C ARG KA 159 -49.70 56.06 -7.23
N TYR KA 160 -48.70 55.23 -7.50
CA TYR KA 160 -47.31 55.51 -7.22
C TYR KA 160 -46.52 55.36 -8.51
N PHE KA 161 -45.96 56.45 -9.00
CA PHE KA 161 -45.35 56.48 -10.31
C PHE KA 161 -44.31 57.58 -10.35
N THR KA 162 -43.60 57.64 -11.48
CA THR KA 162 -42.55 58.60 -11.72
C THR KA 162 -43.02 59.63 -12.73
N PRO KA 163 -43.24 60.89 -12.36
CA PRO KA 163 -43.73 61.85 -13.34
C PRO KA 163 -42.64 62.31 -14.28
N LYS KA 164 -43.00 63.17 -15.22
CA LYS KA 164 -42.08 63.72 -16.20
C LYS KA 164 -42.37 65.20 -16.35
N PRO KA 165 -41.33 66.02 -16.56
CA PRO KA 165 -41.57 67.45 -16.73
C PRO KA 165 -41.95 67.83 -18.13
N VAL KA 166 -42.62 68.98 -18.22
CA VAL KA 166 -43.09 69.52 -19.50
C VAL KA 166 -41.99 70.44 -20.00
N LEU KA 167 -41.06 69.86 -20.75
CA LEU KA 167 -39.96 70.62 -21.32
C LEU KA 167 -40.37 71.34 -22.60
N ASP KA 168 -41.10 70.66 -23.47
CA ASP KA 168 -41.65 71.27 -24.68
C ASP KA 168 -43.04 70.71 -24.88
N SER KA 169 -44.05 71.55 -24.68
CA SER KA 169 -45.43 71.13 -24.85
C SER KA 169 -45.80 70.95 -26.32
N THR KA 170 -45.02 71.50 -27.24
CA THR KA 170 -45.29 71.35 -28.66
C THR KA 170 -44.93 69.95 -29.15
N ILE KA 171 -43.82 69.41 -28.68
CA ILE KA 171 -43.31 68.13 -29.12
C ILE KA 171 -43.66 67.05 -28.10
N ASP KA 172 -43.67 67.43 -26.82
CA ASP KA 172 -44.05 66.56 -25.72
C ASP KA 172 -43.16 65.32 -25.68
N TYR KA 173 -41.89 65.55 -25.41
CA TYR KA 173 -40.89 64.49 -25.26
C TYR KA 173 -40.54 64.30 -23.80
N PHE KA 174 -40.25 63.06 -23.44
CA PHE KA 174 -39.87 62.73 -22.07
C PHE KA 174 -38.91 61.55 -22.07
N GLN KA 175 -38.29 61.39 -20.99
CA GLN KA 175 -37.29 60.37 -20.78
C GLN KA 175 -37.90 59.10 -20.19
N PRO KA 176 -37.35 57.92 -20.50
CA PRO KA 176 -37.75 56.74 -19.76
C PRO KA 176 -37.20 56.72 -18.36
N ASN KA 177 -37.63 55.75 -17.57
CA ASN KA 177 -37.25 55.70 -16.17
C ASN KA 177 -35.81 55.25 -16.03
N ASN KA 178 -34.97 56.12 -15.49
CA ASN KA 178 -33.58 55.81 -15.23
C ASN KA 178 -33.14 56.71 -14.10
N LYS KA 179 -32.84 56.14 -12.95
CA LYS KA 179 -32.46 56.97 -11.82
C LYS KA 179 -31.15 57.68 -12.04
N ARG KA 180 -30.25 57.08 -12.83
CA ARG KA 180 -28.92 57.64 -13.01
C ARG KA 180 -28.88 58.72 -14.07
N ASN KA 181 -29.80 58.69 -15.02
CA ASN KA 181 -29.81 59.60 -16.15
C ASN KA 181 -30.92 60.64 -16.08
N GLN KA 182 -31.70 60.67 -15.01
CA GLN KA 182 -32.78 61.63 -14.90
C GLN KA 182 -32.24 63.05 -14.83
N LEU KA 183 -32.86 63.93 -15.58
CA LEU KA 183 -32.43 65.31 -15.67
C LEU KA 183 -32.61 66.02 -14.34
N TRP KA 184 -31.67 66.91 -14.05
CA TRP KA 184 -31.79 67.84 -12.94
C TRP KA 184 -32.36 69.14 -13.48
N LEU KA 185 -33.45 69.59 -12.87
CA LEU KA 185 -34.01 70.89 -13.13
C LEU KA 185 -33.53 71.87 -12.07
N ARG KA 186 -33.72 73.14 -12.36
CA ARG KA 186 -33.42 74.19 -11.41
C ARG KA 186 -34.64 74.51 -10.58
N LEU KA 187 -34.41 74.70 -9.30
CA LEU KA 187 -35.44 75.16 -8.36
C LEU KA 187 -35.56 76.66 -8.52
N GLN KA 188 -36.47 77.07 -9.39
CA GLN KA 188 -36.69 78.47 -9.66
C GLN KA 188 -37.32 79.15 -8.45
N THR KA 189 -37.43 80.47 -8.54
CA THR KA 189 -37.99 81.25 -7.45
C THR KA 189 -39.51 81.22 -7.46
N ALA KA 190 -40.13 81.57 -8.60
CA ALA KA 190 -41.59 81.55 -8.70
C ALA KA 190 -42.09 81.05 -10.06
N GLY KA 191 -41.31 80.24 -10.77
CA GLY KA 191 -41.65 79.86 -12.12
C GLY KA 191 -41.33 78.44 -12.50
N ASN KA 192 -41.42 77.53 -11.54
CA ASN KA 192 -41.07 76.15 -11.80
C ASN KA 192 -42.01 75.51 -12.81
N VAL KA 193 -41.51 74.46 -13.44
CA VAL KA 193 -42.20 73.80 -14.54
C VAL KA 193 -43.14 72.73 -14.01
N ASP KA 194 -44.26 72.55 -14.71
CA ASP KA 194 -45.28 71.63 -14.27
C ASP KA 194 -44.89 70.21 -14.63
N HIS KA 195 -44.95 69.32 -13.66
CA HIS KA 195 -44.86 67.90 -13.89
C HIS KA 195 -46.26 67.33 -14.07
N VAL KA 196 -46.31 66.19 -14.74
CA VAL KA 196 -47.55 65.66 -15.27
C VAL KA 196 -47.52 64.15 -15.11
N GLY KA 197 -48.69 63.52 -15.22
CA GLY KA 197 -48.75 62.09 -14.98
C GLY KA 197 -49.97 61.44 -14.38
N LEU KA 198 -51.11 62.13 -14.24
CA LEU KA 198 -52.30 61.41 -13.83
C LEU KA 198 -53.57 61.99 -14.40
N GLY KA 199 -54.40 61.10 -14.93
CA GLY KA 199 -55.74 61.44 -15.35
C GLY KA 199 -56.71 60.41 -14.85
N THR KA 200 -57.93 60.87 -14.55
CA THR KA 200 -58.92 60.08 -13.85
C THR KA 200 -60.24 60.08 -14.62
N ALA KA 201 -61.06 59.09 -14.28
CA ALA KA 201 -62.43 59.01 -14.78
C ALA KA 201 -63.28 58.41 -13.68
N PHE KA 202 -64.16 59.21 -13.10
CA PHE KA 202 -65.06 58.79 -12.04
C PHE KA 202 -66.47 58.64 -12.56
N GLU KA 203 -67.12 57.55 -12.16
CA GLU KA 203 -68.50 57.30 -12.55
C GLU KA 203 -69.41 58.14 -11.69
N ASN KA 204 -70.30 58.87 -12.35
CA ASN KA 204 -71.20 59.78 -11.66
C ASN KA 204 -72.25 58.99 -10.87
N SER KA 205 -72.95 59.72 -10.00
CA SER KA 205 -73.87 59.11 -9.06
C SER KA 205 -74.96 60.12 -8.70
N ILE KA 206 -76.01 59.61 -8.07
CA ILE KA 206 -77.08 60.47 -7.58
C ILE KA 206 -76.60 61.32 -6.41
N TYR KA 207 -75.65 60.82 -5.65
CA TYR KA 207 -75.09 61.52 -4.51
C TYR KA 207 -73.74 62.12 -4.87
N ASP KA 208 -73.37 63.17 -4.13
CA ASP KA 208 -72.09 63.80 -4.32
C ASP KA 208 -70.98 62.92 -3.75
N GLN KA 209 -69.91 62.76 -4.52
CA GLN KA 209 -68.75 61.97 -4.14
C GLN KA 209 -67.58 62.92 -3.90
N GLU KA 210 -67.21 63.09 -2.64
CA GLU KA 210 -66.12 63.95 -2.25
C GLU KA 210 -64.88 63.14 -1.90
N TYR KA 211 -63.72 63.74 -2.13
CA TYR KA 211 -62.43 63.12 -1.85
C TYR KA 211 -61.48 64.18 -1.32
N ASN KA 212 -60.59 63.74 -0.43
CA ASN KA 212 -59.46 64.53 0.04
C ASN KA 212 -58.21 63.92 -0.57
N ILE KA 213 -57.61 64.62 -1.52
CA ILE KA 213 -56.49 64.09 -2.29
C ILE KA 213 -55.20 64.58 -1.67
N ARG KA 214 -54.34 63.65 -1.30
CA ARG KA 214 -53.04 63.92 -0.70
C ARG KA 214 -51.97 63.48 -1.68
N VAL KA 215 -51.26 64.45 -2.24
CA VAL KA 215 -50.14 64.20 -3.14
C VAL KA 215 -48.86 64.31 -2.34
N THR KA 216 -48.00 63.32 -2.49
CA THR KA 216 -46.70 63.26 -1.84
C THR KA 216 -45.66 63.11 -2.93
N MET KA 217 -44.75 64.07 -3.03
CA MET KA 217 -43.66 64.03 -3.97
C MET KA 217 -42.36 63.68 -3.27
N TYR KA 218 -41.68 62.68 -3.81
CA TYR KA 218 -40.38 62.24 -3.33
C TYR KA 218 -39.32 62.86 -4.21
N VAL KA 219 -38.63 63.85 -3.70
CA VAL KA 219 -37.74 64.69 -4.48
C VAL KA 219 -36.30 64.44 -4.06
N GLN KA 220 -35.38 64.95 -4.87
CA GLN KA 220 -33.95 64.78 -4.66
C GLN KA 220 -33.31 66.09 -5.07
N PHE KA 221 -32.72 66.78 -4.10
CA PHE KA 221 -32.08 68.06 -4.32
C PHE KA 221 -30.57 67.91 -4.45
N ARG KA 222 -29.92 69.01 -4.80
CA ARG KA 222 -28.48 69.01 -5.05
C ARG KA 222 -27.95 70.41 -4.84
N GLU KA 223 -26.70 70.49 -4.41
CA GLU KA 223 -25.95 71.73 -4.28
C GLU KA 223 -26.60 72.69 -3.28
N PHE KA 224 -26.50 72.30 -2.02
CA PHE KA 224 -26.77 73.15 -0.87
C PHE KA 224 -26.16 74.53 -1.08
N ASN KA 225 -26.99 75.56 -1.02
CA ASN KA 225 -26.60 76.90 -1.42
C ASN KA 225 -27.07 77.95 -0.42
N LEU KA 226 -26.93 77.64 0.86
CA LEU KA 226 -27.35 78.58 1.88
C LEU KA 226 -26.48 79.83 1.83
N LYS KA 227 -27.11 80.96 2.08
CA LYS KA 227 -26.44 82.25 2.12
C LYS KA 227 -26.61 82.87 3.49
N ASP KA 228 -25.50 83.26 4.10
CA ASP KA 228 -25.45 83.72 5.48
C ASP KA 228 -24.85 85.11 5.54
N PRO KA 229 -25.65 86.15 5.30
CA PRO KA 229 -25.16 87.50 5.49
C PRO KA 229 -25.04 87.84 6.97
N PRO KA 230 -24.35 88.92 7.31
CA PRO KA 230 -24.34 89.35 8.72
C PRO KA 230 -25.68 89.88 9.19
N LEU KA 231 -25.73 90.31 10.43
CA LEU KA 231 -26.96 90.81 11.04
C LEU KA 231 -26.69 92.02 11.94
N GLY LA 43 -48.03 38.29 -37.26
CA GLY LA 43 -47.90 39.49 -36.44
C GLY LA 43 -48.85 39.53 -35.28
N ILE LA 44 -48.48 38.86 -34.22
CA ILE LA 44 -49.36 38.66 -33.07
C ILE LA 44 -49.38 39.92 -32.22
N PHE LA 45 -50.55 40.20 -31.65
CA PHE LA 45 -50.72 41.30 -30.71
C PHE LA 45 -51.81 40.90 -29.74
N ASN LA 46 -51.42 40.49 -28.55
CA ASN LA 46 -52.36 40.22 -27.48
C ASN LA 46 -52.69 41.51 -26.76
N THR LA 47 -53.97 41.80 -26.62
CA THR LA 47 -54.43 42.98 -25.90
C THR LA 47 -55.68 42.64 -25.12
N ARG LA 48 -56.34 43.69 -24.64
CA ARG LA 48 -57.46 43.59 -23.72
C ARG LA 48 -58.47 44.68 -24.05
N LEU LA 49 -59.71 44.26 -24.26
CA LEU LA 49 -60.80 45.16 -24.63
C LEU LA 49 -61.93 44.99 -23.62
N SER LA 50 -62.51 46.11 -23.22
CA SER LA 50 -63.53 46.14 -22.19
C SER LA 50 -64.77 46.87 -22.66
N ARG LA 51 -65.82 46.76 -21.86
CA ARG LA 51 -67.14 47.24 -22.16
C ARG LA 51 -67.97 47.12 -20.90
N THR LA 52 -68.82 48.10 -20.64
CA THR LA 52 -69.59 48.18 -19.42
C THR LA 52 -71.04 48.47 -19.74
N PHE LA 53 -71.94 47.79 -19.04
CA PHE LA 53 -73.37 47.94 -19.23
C PHE LA 53 -74.09 47.48 -17.99
N GLY LA 54 -75.39 47.77 -17.94
CA GLY LA 54 -76.21 47.50 -16.79
C GLY LA 54 -77.13 46.30 -16.91
N TYR LA 55 -77.51 45.76 -15.75
CA TYR LA 55 -78.47 44.67 -15.65
C TYR LA 55 -79.20 44.82 -14.33
N THR LA 56 -80.52 44.74 -14.40
CA THR LA 56 -81.37 44.90 -13.22
C THR LA 56 -82.32 43.71 -13.11
N ILE LA 57 -82.50 43.24 -11.89
CA ILE LA 57 -83.48 42.23 -11.54
C ILE LA 57 -84.57 42.96 -10.79
N LYS LA 58 -85.70 43.15 -11.46
CA LYS LA 58 -86.80 43.90 -10.89
C LYS LA 58 -87.42 43.16 -9.71
N ARG LA 59 -88.10 43.92 -8.87
CA ARG LA 59 -88.73 43.38 -7.67
C ARG LA 59 -89.95 42.53 -8.03
N THR LA 60 -90.34 41.68 -7.08
CA THR LA 60 -91.51 40.83 -7.21
C THR LA 60 -92.21 40.71 -5.87
N THR LA 61 -93.54 40.77 -5.90
CA THR LA 61 -94.35 40.52 -4.73
C THR LA 61 -94.48 39.04 -4.39
N VAL LA 62 -93.96 38.15 -5.24
CA VAL LA 62 -94.04 36.72 -5.00
C VAL LA 62 -93.32 36.38 -3.69
N LYS LA 63 -93.95 35.52 -2.91
CA LYS LA 63 -93.41 35.15 -1.59
C LYS LA 63 -92.37 34.06 -1.70
N THR LA 64 -92.56 33.11 -2.60
CA THR LA 64 -91.68 31.98 -2.72
C THR LA 64 -90.28 32.39 -3.15
N PRO LA 65 -89.30 31.51 -3.00
CA PRO LA 65 -88.01 31.76 -3.64
C PRO LA 65 -88.07 31.41 -5.11
N SER LA 66 -88.09 32.43 -5.95
CA SER LA 66 -88.05 32.28 -7.39
C SER LA 66 -86.79 32.91 -7.93
N TRP LA 67 -86.37 32.44 -9.10
CA TRP LA 67 -85.16 32.90 -9.75
C TRP LA 67 -85.45 33.53 -11.10
N ALA LA 68 -84.62 34.51 -11.45
CA ALA LA 68 -84.70 35.21 -12.72
C ALA LA 68 -83.56 34.74 -13.59
N VAL LA 69 -83.89 34.21 -14.74
CA VAL LA 69 -82.92 33.61 -15.64
C VAL LA 69 -82.69 34.54 -16.81
N ASP LA 70 -81.43 34.62 -17.25
CA ASP LA 70 -81.06 35.44 -18.39
C ASP LA 70 -79.78 34.88 -18.98
N MET LA 71 -79.47 35.36 -20.18
CA MET LA 71 -78.34 34.89 -20.96
C MET LA 71 -77.37 36.03 -21.22
N MET LA 72 -76.19 35.66 -21.71
CA MET LA 72 -75.13 36.63 -21.98
C MET LA 72 -74.24 36.10 -23.10
N ARG LA 73 -74.26 36.80 -24.23
CA ARG LA 73 -73.40 36.53 -25.36
C ARG LA 73 -72.33 37.61 -25.45
N PHE LA 74 -71.32 37.35 -26.26
CA PHE LA 74 -70.18 38.26 -26.45
C PHE LA 74 -69.88 38.39 -27.93
N ASN LA 75 -69.88 39.61 -28.43
CA ASN LA 75 -69.50 39.92 -29.79
C ASN LA 75 -68.44 41.01 -29.79
N ILE LA 76 -67.55 40.95 -30.77
CA ILE LA 76 -66.43 41.89 -30.84
C ILE LA 76 -66.82 43.24 -31.42
N ASN LA 77 -67.99 43.35 -32.04
CA ASN LA 77 -68.43 44.66 -32.51
C ASN LA 77 -68.71 45.60 -31.34
N ASP LA 78 -69.13 45.06 -30.20
CA ASP LA 78 -69.42 45.86 -29.04
C ASP LA 78 -68.18 46.32 -28.30
N PHE LA 79 -67.02 45.75 -28.61
CA PHE LA 79 -65.76 46.12 -28.00
C PHE LA 79 -64.84 46.88 -28.95
N LEU LA 80 -64.92 46.59 -30.24
CA LEU LA 80 -64.06 47.17 -31.25
C LEU LA 80 -64.89 48.05 -32.19
N PRO LA 81 -64.76 49.36 -32.19
CA PRO LA 81 -65.60 50.17 -33.06
C PRO LA 81 -65.13 50.11 -34.49
N PRO LA 82 -65.92 50.66 -35.41
CA PRO LA 82 -65.45 50.78 -36.79
C PRO LA 82 -64.38 51.84 -36.90
N GLY LA 83 -63.46 51.61 -37.83
CA GLY LA 83 -62.36 52.53 -38.03
C GLY LA 83 -62.73 53.70 -38.92
N GLY LA 84 -61.80 54.08 -39.78
CA GLY LA 84 -62.02 55.18 -40.68
C GLY LA 84 -61.12 55.13 -41.89
N GLY LA 85 -61.71 55.30 -43.07
CA GLY LA 85 -60.95 55.28 -44.30
C GLY LA 85 -60.74 53.90 -44.85
N SER LA 86 -59.54 53.64 -45.37
CA SER LA 86 -59.24 52.35 -45.95
C SER LA 86 -59.11 51.26 -44.91
N ASN LA 87 -58.99 51.62 -43.63
CA ASN LA 87 -58.96 50.66 -42.55
C ASN LA 87 -60.37 50.51 -41.99
N PRO LA 88 -61.05 49.38 -42.21
CA PRO LA 88 -62.45 49.31 -41.78
C PRO LA 88 -62.64 49.24 -40.28
N ARG LA 89 -61.63 48.82 -39.54
CA ARG LA 89 -61.69 48.70 -38.09
C ARG LA 89 -60.61 49.53 -37.45
N SER LA 90 -60.78 49.78 -36.16
CA SER LA 90 -59.91 50.69 -35.42
C SER LA 90 -58.62 50.01 -35.00
N VAL LA 91 -58.62 48.70 -34.87
CA VAL LA 91 -57.41 47.91 -34.61
C VAL LA 91 -56.98 47.29 -35.94
N PRO LA 92 -55.86 47.72 -36.53
CA PRO LA 92 -55.58 47.27 -37.90
C PRO LA 92 -54.97 45.88 -38.00
N PHE LA 93 -55.85 44.88 -37.89
CA PHE LA 93 -55.49 43.49 -38.02
C PHE LA 93 -56.57 42.77 -38.80
N GLU LA 94 -56.20 41.61 -39.34
CA GLU LA 94 -57.08 40.81 -40.19
C GLU LA 94 -57.83 39.75 -39.40
N TYR LA 95 -57.11 38.97 -38.61
CA TYR LA 95 -57.66 37.82 -37.92
C TYR LA 95 -57.69 38.05 -36.43
N TYR LA 96 -58.50 37.26 -35.75
CA TYR LA 96 -58.59 37.35 -34.30
C TYR LA 96 -59.06 36.01 -33.75
N ARG LA 97 -58.86 35.83 -32.45
CA ARG LA 97 -59.43 34.72 -31.73
C ARG LA 97 -59.47 35.09 -30.27
N ILE LA 98 -60.64 34.93 -29.65
CA ILE LA 98 -60.84 35.33 -28.27
C ILE LA 98 -60.29 34.25 -27.37
N ARG LA 99 -59.36 34.61 -26.51
CA ARG LA 99 -58.69 33.69 -25.61
C ARG LA 99 -59.45 33.50 -24.31
N LYS LA 100 -59.88 34.59 -23.68
CA LYS LA 100 -60.55 34.56 -22.40
C LYS LA 100 -61.54 35.71 -22.34
N VAL LA 101 -62.50 35.58 -21.43
CA VAL LA 101 -63.41 36.65 -21.08
C VAL LA 101 -63.53 36.68 -19.57
N LYS LA 102 -63.62 37.89 -19.03
CA LYS LA 102 -63.83 38.14 -17.62
C LYS LA 102 -65.11 38.96 -17.48
N VAL LA 103 -66.15 38.32 -17.00
CA VAL LA 103 -67.40 38.99 -16.68
C VAL LA 103 -67.40 39.33 -15.20
N GLU LA 104 -67.60 40.60 -14.90
CA GLU LA 104 -67.58 41.12 -13.54
C GLU LA 104 -68.93 41.73 -13.25
N PHE LA 105 -69.63 41.19 -12.27
CA PHE LA 105 -70.87 41.77 -11.77
C PHE LA 105 -70.52 42.69 -10.62
N TRP LA 106 -70.42 43.97 -10.93
CA TRP LA 106 -70.15 44.97 -9.91
C TRP LA 106 -71.48 45.44 -9.32
N PRO LA 107 -71.73 45.26 -8.03
CA PRO LA 107 -73.03 45.62 -7.50
C PRO LA 107 -73.26 47.12 -7.46
N CYS LA 108 -74.54 47.46 -7.46
CA CYS LA 108 -75.00 48.83 -7.33
C CYS LA 108 -75.77 49.07 -6.05
N SER LA 109 -75.90 48.06 -5.21
CA SER LA 109 -76.78 48.07 -4.07
C SER LA 109 -75.97 48.22 -2.78
N PRO LA 110 -76.54 48.85 -1.75
CA PRO LA 110 -75.79 49.04 -0.52
C PRO LA 110 -75.63 47.75 0.25
N ILE LA 111 -74.65 47.76 1.16
CA ILE LA 111 -74.42 46.59 1.99
C ILE LA 111 -75.46 46.44 3.10
N THR LA 112 -76.35 47.41 3.26
CA THR LA 112 -77.44 47.32 4.21
C THR LA 112 -78.71 46.73 3.63
N GLN LA 113 -78.71 46.36 2.36
CA GLN LA 113 -79.92 45.87 1.72
C GLN LA 113 -80.22 44.46 2.19
N GLY LA 114 -81.47 44.22 2.55
CA GLY LA 114 -81.91 42.93 3.01
C GLY LA 114 -82.56 42.10 1.92
N ASP LA 115 -83.27 41.07 2.36
CA ASP LA 115 -83.88 40.10 1.47
C ASP LA 115 -82.84 39.49 0.55
N ARG LA 116 -81.70 39.15 1.13
CA ARG LA 116 -80.60 38.60 0.37
C ARG LA 116 -80.99 37.25 -0.22
N GLY LA 117 -80.15 36.80 -1.15
CA GLY LA 117 -80.45 35.60 -1.90
C GLY LA 117 -79.20 34.88 -2.35
N VAL LA 118 -79.39 33.84 -3.15
CA VAL LA 118 -78.30 33.02 -3.62
C VAL LA 118 -78.64 32.49 -5.00
N GLY LA 119 -77.73 32.69 -5.95
CA GLY LA 119 -77.92 32.33 -7.33
C GLY LA 119 -76.79 31.51 -7.88
N SER LA 120 -76.70 31.45 -9.21
CA SER LA 120 -75.75 30.59 -9.87
C SER LA 120 -75.42 31.15 -11.24
N SER LA 121 -74.15 31.07 -11.61
CA SER LA 121 -73.68 31.42 -12.94
C SER LA 121 -72.96 30.22 -13.53
N ALA LA 122 -73.33 29.86 -14.75
CA ALA LA 122 -72.78 28.71 -15.44
C ALA LA 122 -72.29 29.10 -16.82
N VAL LA 123 -71.43 28.27 -17.38
CA VAL LA 123 -70.78 28.50 -18.66
C VAL LA 123 -71.45 27.63 -19.70
N ILE LA 124 -71.99 28.28 -20.73
CA ILE LA 124 -72.84 27.63 -21.73
C ILE LA 124 -72.25 27.95 -23.10
N LEU LA 125 -71.51 27.01 -23.66
CA LEU LA 125 -70.70 27.24 -24.84
C LEU LA 125 -71.38 26.84 -26.14
N ASP LA 126 -72.72 26.88 -26.22
CA ASP LA 126 -73.42 26.31 -27.36
C ASP LA 126 -74.66 27.05 -27.83
N ASP LA 127 -75.01 28.19 -27.25
CA ASP LA 127 -76.11 29.01 -27.74
C ASP LA 127 -77.46 28.36 -27.54
N ASN LA 128 -77.58 27.49 -26.54
CA ASN LA 128 -78.86 26.94 -26.11
C ASN LA 128 -78.89 27.11 -24.61
N PHE LA 129 -79.43 28.25 -24.19
CA PHE LA 129 -79.57 28.61 -22.80
C PHE LA 129 -80.91 28.14 -22.27
N VAL LA 130 -81.02 28.08 -20.94
CA VAL LA 130 -82.31 27.95 -20.32
C VAL LA 130 -83.14 29.16 -20.70
N THR LA 131 -84.42 28.94 -20.95
CA THR LA 131 -85.29 30.00 -21.42
C THR LA 131 -85.34 31.14 -20.41
N LYS LA 132 -85.35 32.35 -20.94
CA LYS LA 132 -85.42 33.53 -20.08
C LYS LA 132 -86.73 33.53 -19.30
N ALA LA 133 -86.60 33.70 -17.99
CA ALA LA 133 -87.72 33.63 -17.07
C ALA LA 133 -87.63 34.77 -16.07
N THR LA 134 -88.79 35.24 -15.62
CA THR LA 134 -88.88 36.30 -14.63
C THR LA 134 -88.87 35.73 -13.21
N ALA LA 135 -89.73 34.74 -12.94
CA ALA LA 135 -89.82 34.11 -11.64
C ALA LA 135 -90.01 32.62 -11.86
N LEU LA 136 -88.90 31.91 -11.95
CA LEU LA 136 -88.89 30.46 -12.06
C LEU LA 136 -88.72 29.83 -10.68
N THR LA 137 -89.40 28.72 -10.45
CA THR LA 137 -89.50 28.11 -9.13
C THR LA 137 -88.25 27.36 -8.71
N TYR LA 138 -87.16 27.45 -9.45
CA TYR LA 138 -85.94 26.74 -9.10
C TYR LA 138 -84.78 27.40 -9.83
N ASP LA 139 -83.57 27.05 -9.39
CA ASP LA 139 -82.35 27.52 -10.00
C ASP LA 139 -81.88 26.49 -11.02
N PRO LA 140 -82.02 26.74 -12.32
CA PRO LA 140 -81.65 25.70 -13.28
C PRO LA 140 -80.16 25.45 -13.35
N TYR LA 141 -79.34 26.47 -13.13
CA TYR LA 141 -77.91 26.39 -13.28
C TYR LA 141 -77.21 25.91 -12.02
N VAL LA 142 -77.95 25.32 -11.08
CA VAL LA 142 -77.37 25.00 -9.78
C VAL LA 142 -76.57 23.71 -9.85
N ASN LA 143 -77.05 22.72 -10.57
CA ASN LA 143 -76.38 21.43 -10.67
C ASN LA 143 -75.39 21.36 -11.81
N TYR LA 144 -75.16 22.46 -12.51
CA TYR LA 144 -74.18 22.49 -13.56
C TYR LA 144 -72.77 22.37 -13.01
N SER LA 145 -71.93 21.66 -13.74
CA SER LA 145 -70.56 21.46 -13.33
C SER LA 145 -69.76 22.75 -13.30
N SER LA 146 -70.19 23.77 -14.05
CA SER LA 146 -69.55 25.07 -14.07
C SER LA 146 -70.27 26.11 -13.24
N ARG LA 147 -71.04 25.68 -12.26
CA ARG LA 147 -71.79 26.61 -11.43
C ARG LA 147 -70.87 27.24 -10.40
N HIS LA 148 -70.95 28.55 -10.30
CA HIS LA 148 -70.40 29.31 -9.19
C HIS LA 148 -71.55 30.00 -8.51
N THR LA 149 -71.52 30.02 -7.19
CA THR LA 149 -72.57 30.66 -6.42
C THR LA 149 -72.48 32.16 -6.53
N ILE LA 150 -73.63 32.79 -6.72
CA ILE LA 150 -73.77 34.24 -6.71
C ILE LA 150 -74.43 34.59 -5.38
N THR LA 151 -73.66 35.21 -4.51
CA THR LA 151 -74.22 35.88 -3.35
C THR LA 151 -74.80 37.22 -3.80
N GLN LA 152 -75.99 37.53 -3.33
CA GLN LA 152 -76.74 38.70 -3.72
C GLN LA 152 -77.08 39.52 -2.48
N PRO LA 153 -77.35 40.82 -2.65
CA PRO LA 153 -77.27 41.70 -3.81
C PRO LA 153 -76.01 42.52 -3.90
N PHE LA 154 -75.26 42.61 -2.80
CA PHE LA 154 -74.18 43.57 -2.65
C PHE LA 154 -72.80 42.93 -2.74
N SER LA 155 -72.69 41.84 -3.48
CA SER LA 155 -71.47 41.05 -3.55
C SER LA 155 -70.98 40.96 -4.98
N TYR LA 156 -69.68 40.97 -5.13
CA TYR LA 156 -69.01 40.91 -6.41
C TYR LA 156 -68.89 39.47 -6.88
N HIS LA 157 -69.10 39.27 -8.18
CA HIS LA 157 -69.05 37.97 -8.80
C HIS LA 157 -68.26 38.09 -10.10
N SER LA 158 -67.20 37.30 -10.22
CA SER LA 158 -66.39 37.24 -11.41
C SER LA 158 -66.43 35.83 -11.99
N ARG LA 159 -66.31 35.77 -13.32
CA ARG LA 159 -66.20 34.51 -14.04
C ARG LA 159 -65.17 34.71 -15.13
N TYR LA 160 -64.18 33.83 -15.17
CA TYR LA 160 -63.06 33.90 -16.10
C TYR LA 160 -62.98 32.58 -16.84
N PHE LA 161 -63.21 32.62 -18.14
CA PHE LA 161 -63.35 31.41 -18.92
C PHE LA 161 -63.01 31.72 -20.37
N THR LA 162 -63.00 30.66 -21.18
CA THR LA 162 -62.68 30.72 -22.59
C THR LA 162 -63.94 30.51 -23.41
N PRO LA 163 -64.46 31.52 -24.11
CA PRO LA 163 -65.69 31.31 -24.86
C PRO LA 163 -65.45 30.53 -26.14
N LYS LA 164 -66.52 30.28 -26.88
CA LYS LA 164 -66.48 29.53 -28.12
C LYS LA 164 -67.37 30.24 -29.13
N PRO LA 165 -66.99 30.26 -30.40
CA PRO LA 165 -67.84 30.91 -31.39
C PRO LA 165 -68.95 30.02 -31.90
N VAL LA 166 -69.99 30.69 -32.40
CA VAL LA 166 -71.17 30.02 -32.94
C VAL LA 166 -70.91 29.83 -34.43
N LEU LA 167 -70.30 28.71 -34.77
CA LEU LA 167 -70.01 28.38 -36.15
C LEU LA 167 -71.22 27.79 -36.86
N ASP LA 168 -71.92 26.87 -36.20
CA ASP LA 168 -73.15 26.30 -36.73
C ASP LA 168 -74.11 26.16 -35.56
N SER LA 169 -75.15 26.99 -35.55
CA SER LA 169 -76.15 26.93 -34.49
C SER LA 169 -77.05 25.71 -34.61
N THR LA 170 -77.08 25.05 -35.76
CA THR LA 170 -77.90 23.85 -35.93
C THR LA 170 -77.27 22.65 -35.24
N ILE LA 171 -75.95 22.52 -35.33
CA ILE LA 171 -75.22 21.38 -34.79
C ILE LA 171 -74.60 21.76 -33.47
N ASP LA 172 -74.16 23.00 -33.35
CA ASP LA 172 -73.60 23.55 -32.12
C ASP LA 172 -72.38 22.75 -31.68
N TYR LA 173 -71.33 22.81 -32.51
CA TYR LA 173 -70.06 22.17 -32.24
C TYR LA 173 -69.02 23.21 -31.83
N PHE LA 174 -68.12 22.80 -30.95
CA PHE LA 174 -67.06 23.68 -30.49
C PHE LA 174 -65.83 22.86 -30.16
N GLN LA 175 -64.76 23.53 -30.05
CA GLN LA 175 -63.46 22.96 -29.80
C GLN LA 175 -63.16 22.92 -28.31
N PRO LA 176 -62.38 21.95 -27.85
CA PRO LA 176 -61.87 22.04 -26.48
C PRO LA 176 -60.78 23.07 -26.35
N ASN LA 177 -60.35 23.32 -25.12
CA ASN LA 177 -59.39 24.37 -24.86
C ASN LA 177 -58.00 23.93 -25.30
N ASN LA 178 -57.46 24.65 -26.28
CA ASN LA 178 -56.11 24.39 -26.76
C ASN LA 178 -55.61 25.70 -27.35
N LYS LA 179 -54.61 26.29 -26.72
CA LYS LA 179 -54.13 27.57 -27.19
C LYS LA 179 -53.48 27.45 -28.57
N ARG LA 180 -52.91 26.30 -28.88
CA ARG LA 180 -52.16 26.14 -30.12
C ARG LA 180 -53.07 25.82 -31.30
N ASN LA 181 -54.22 25.21 -31.05
CA ASN LA 181 -55.12 24.74 -32.08
C ASN LA 181 -56.38 25.58 -32.21
N GLN LA 182 -56.52 26.66 -31.44
CA GLN LA 182 -57.71 27.48 -31.51
C GLN LA 182 -57.83 28.15 -32.86
N LEU LA 183 -59.03 28.12 -33.40
CA LEU LA 183 -59.29 28.67 -34.73
C LEU LA 183 -59.10 30.17 -34.74
N TRP LA 184 -58.60 30.67 -35.85
CA TRP LA 184 -58.56 32.08 -36.14
C TRP LA 184 -59.78 32.45 -36.96
N LEU LA 185 -60.53 33.41 -36.47
CA LEU LA 185 -61.63 33.99 -37.21
C LEU LA 185 -61.17 35.26 -37.89
N ARG LA 186 -61.97 35.73 -38.84
CA ARG LA 186 -61.72 36.99 -39.51
C ARG LA 186 -62.42 38.11 -38.78
N LEU LA 187 -61.73 39.22 -38.65
CA LEU LA 187 -62.29 40.45 -38.11
C LEU LA 187 -63.06 41.12 -39.23
N GLN LA 188 -64.36 40.82 -39.28
CA GLN LA 188 -65.23 41.36 -40.29
C GLN LA 188 -65.44 42.85 -40.06
N THR LA 189 -66.11 43.49 -41.02
CA THR LA 189 -66.35 44.92 -40.94
C THR LA 189 -67.55 45.23 -40.04
N ALA LA 190 -68.70 44.59 -40.30
CA ALA LA 190 -69.89 44.82 -39.48
C ALA LA 190 -70.72 43.56 -39.24
N GLY LA 191 -70.11 42.38 -39.31
CA GLY LA 191 -70.85 41.13 -39.26
C GLY LA 191 -70.18 40.02 -38.48
N ASN LA 192 -69.44 40.36 -37.44
CA ASN LA 192 -68.71 39.36 -36.68
C ASN LA 192 -69.66 38.40 -35.98
N VAL LA 193 -69.13 37.24 -35.67
CA VAL LA 193 -69.92 36.12 -35.13
C VAL LA 193 -69.97 36.24 -33.61
N ASP LA 194 -71.10 35.81 -33.05
CA ASP LA 194 -71.33 35.92 -31.64
C ASP LA 194 -70.61 34.80 -30.89
N HIS LA 195 -69.84 35.17 -29.88
CA HIS LA 195 -69.30 34.22 -28.94
C HIS LA 195 -70.24 34.09 -27.76
N VAL LA 196 -70.14 32.95 -27.09
CA VAL LA 196 -71.14 32.52 -26.13
C VAL LA 196 -70.42 31.86 -24.96
N GLY LA 197 -71.13 31.70 -23.84
CA GLY LA 197 -70.49 31.18 -22.66
C GLY LA 197 -70.90 31.62 -21.28
N LEU LA 198 -72.01 32.34 -21.10
CA LEU LA 198 -72.46 32.57 -19.73
C LEU LA 198 -73.97 32.67 -19.62
N GLY LA 199 -74.50 31.97 -18.63
CA GLY LA 199 -75.89 32.09 -18.26
C GLY LA 199 -76.00 32.19 -16.75
N THR LA 200 -77.00 32.94 -16.31
CA THR LA 200 -77.14 33.33 -14.92
C THR LA 200 -78.52 32.99 -14.40
N ALA LA 201 -78.62 32.94 -13.07
CA ALA LA 201 -79.89 32.80 -12.38
C ALA LA 201 -79.80 33.58 -11.08
N PHE LA 202 -80.56 34.66 -11.00
CA PHE LA 202 -80.58 35.53 -9.83
C PHE LA 202 -81.89 35.33 -9.07
N GLU LA 203 -81.77 35.24 -7.75
CA GLU LA 203 -82.93 35.09 -6.89
C GLU LA 203 -83.60 36.44 -6.71
N ASN LA 204 -84.90 36.47 -6.96
CA ASN LA 204 -85.65 37.70 -6.92
C ASN LA 204 -85.78 38.19 -5.47
N SER LA 205 -86.22 39.44 -5.34
CA SER LA 205 -86.27 40.11 -4.05
C SER LA 205 -87.37 41.15 -4.07
N ILE LA 206 -87.69 41.65 -2.88
CA ILE LA 206 -88.67 42.74 -2.76
C ILE LA 206 -88.10 44.03 -3.31
N TYR LA 207 -86.79 44.20 -3.25
CA TYR LA 207 -86.11 45.38 -3.74
C TYR LA 207 -85.46 45.10 -5.08
N ASP LA 208 -85.25 46.17 -5.84
CA ASP LA 208 -84.58 46.04 -7.12
C ASP LA 208 -83.10 45.83 -6.93
N GLN LA 209 -82.55 44.87 -7.67
CA GLN LA 209 -81.13 44.52 -7.61
C GLN LA 209 -80.49 44.95 -8.93
N GLU LA 210 -79.68 46.00 -8.87
CA GLU LA 210 -78.99 46.53 -10.04
C GLU LA 210 -77.53 46.12 -10.02
N TYR LA 211 -76.97 45.99 -11.22
CA TYR LA 211 -75.57 45.62 -11.40
C TYR LA 211 -75.00 46.39 -12.58
N ASN LA 212 -73.72 46.71 -12.48
CA ASN LA 212 -72.94 47.25 -13.60
C ASN LA 212 -72.00 46.15 -14.04
N ILE LA 213 -72.24 45.59 -15.22
CA ILE LA 213 -71.51 44.44 -15.70
C ILE LA 213 -70.40 44.91 -16.63
N ARG LA 214 -69.17 44.55 -16.30
CA ARG LA 214 -67.99 44.91 -17.07
C ARG LA 214 -67.42 43.63 -17.67
N VAL LA 215 -67.51 43.50 -18.98
CA VAL LA 215 -66.95 42.39 -19.73
C VAL LA 215 -65.62 42.82 -20.29
N THR LA 216 -64.61 42.00 -20.08
CA THR LA 216 -63.26 42.22 -20.59
C THR LA 216 -62.88 41.00 -21.42
N MET LA 217 -62.60 41.23 -22.70
CA MET LA 217 -62.17 40.18 -23.61
C MET LA 217 -60.69 40.28 -23.85
N TYR LA 218 -59.99 39.18 -23.67
CA TYR LA 218 -58.57 39.07 -23.94
C TYR LA 218 -58.40 38.41 -25.30
N VAL LA 219 -58.01 39.21 -26.28
CA VAL LA 219 -58.02 38.80 -27.68
C VAL LA 219 -56.60 38.69 -28.18
N GLN LA 220 -56.46 38.07 -29.34
CA GLN LA 220 -55.17 37.85 -29.98
C GLN LA 220 -55.39 38.04 -31.47
N PHE LA 221 -54.75 39.06 -32.03
CA PHE LA 221 -54.88 39.40 -33.43
C PHE LA 221 -53.69 38.88 -34.22
N ARG LA 222 -53.79 39.01 -35.54
CA ARG LA 222 -52.78 38.49 -36.45
C ARG LA 222 -52.83 39.28 -37.75
N GLU LA 223 -51.68 39.40 -38.39
CA GLU LA 223 -51.54 39.98 -39.72
C GLU LA 223 -51.98 41.44 -39.75
N PHE LA 224 -51.15 42.26 -39.11
CA PHE LA 224 -51.18 43.71 -39.25
C PHE LA 224 -51.36 44.12 -40.70
N ASN LA 225 -52.41 44.87 -40.98
CA ASN LA 225 -52.84 45.15 -42.34
C ASN LA 225 -53.17 46.62 -42.53
N LEU LA 226 -52.34 47.49 -41.99
CA LEU LA 226 -52.59 48.91 -42.13
C LEU LA 226 -52.43 49.32 -43.59
N LYS LA 227 -53.27 50.25 -44.01
CA LYS LA 227 -53.25 50.80 -45.35
C LYS LA 227 -53.00 52.30 -45.28
N ASP LA 228 -52.01 52.75 -46.04
CA ASP LA 228 -51.52 54.13 -45.97
C ASP LA 228 -51.59 54.75 -47.35
N PRO LA 229 -52.75 55.27 -47.75
CA PRO LA 229 -52.83 56.02 -48.98
C PRO LA 229 -52.19 57.38 -48.84
N PRO LA 230 -51.93 58.07 -49.94
CA PRO LA 230 -51.44 59.46 -49.83
C PRO LA 230 -52.50 60.41 -49.32
N LEU LA 231 -52.13 61.69 -49.22
CA LEU LA 231 -53.02 62.71 -48.69
C LEU LA 231 -52.88 64.02 -49.47
N GLY MA 43 -70.72 0.35 -12.78
CA GLY MA 43 -70.72 1.60 -13.51
C GLY MA 43 -70.93 2.80 -12.61
N ILE MA 44 -69.85 3.23 -11.99
CA ILE MA 44 -69.92 4.27 -10.98
C ILE MA 44 -70.03 5.64 -11.63
N PHE MA 45 -70.79 6.53 -10.99
CA PHE MA 45 -70.91 7.91 -11.42
C PHE MA 45 -71.15 8.75 -10.17
N ASN MA 46 -70.10 9.41 -9.72
CA ASN MA 46 -70.22 10.36 -8.63
C ASN MA 46 -70.64 11.71 -9.18
N THR MA 47 -71.71 12.27 -8.61
CA THR MA 47 -72.18 13.59 -9.01
C THR MA 47 -72.65 14.34 -7.78
N ARG MA 48 -73.37 15.44 -8.04
CA ARG MA 48 -73.76 16.40 -7.01
C ARG MA 48 -75.14 16.93 -7.35
N LEU MA 49 -76.05 16.83 -6.39
CA LEU MA 49 -77.43 17.25 -6.54
C LEU MA 49 -77.76 18.24 -5.45
N SER MA 50 -78.47 19.29 -5.81
CA SER MA 50 -78.79 20.39 -4.92
C SER MA 50 -80.28 20.68 -4.91
N ARG MA 51 -80.67 21.51 -3.96
CA ARG MA 51 -82.04 21.83 -3.65
C ARG MA 51 -82.03 22.99 -2.68
N THR MA 52 -82.97 23.91 -2.84
CA THR MA 52 -83.02 25.14 -2.06
C THR MA 52 -84.42 25.37 -1.54
N PHE MA 53 -84.51 25.79 -0.28
CA PHE MA 53 -85.80 26.04 0.36
C PHE MA 53 -85.57 26.99 1.52
N GLY MA 54 -86.68 27.48 2.07
CA GLY MA 54 -86.65 28.47 3.11
C GLY MA 54 -86.95 27.96 4.51
N TYR MA 55 -86.47 28.71 5.50
CA TYR MA 55 -86.73 28.44 6.91
C TYR MA 55 -86.74 29.76 7.64
N THR MA 56 -87.77 29.98 8.45
CA THR MA 56 -87.94 31.22 9.19
C THR MA 56 -88.15 30.92 10.67
N ILE MA 57 -87.51 31.72 11.51
CA ILE MA 57 -87.70 31.70 12.95
C ILE MA 57 -88.50 32.95 13.27
N LYS MA 58 -89.77 32.76 13.57
CA LYS MA 58 -90.66 33.88 13.83
C LYS MA 58 -90.28 34.60 15.11
N ARG MA 59 -90.71 35.84 15.20
CA ARG MA 59 -90.42 36.68 16.36
C ARG MA 59 -91.20 36.24 17.58
N THR MA 60 -90.71 36.65 18.74
CA THR MA 60 -91.34 36.38 20.02
C THR MA 60 -91.20 37.58 20.94
N THR MA 61 -92.28 37.89 21.66
CA THR MA 61 -92.25 38.92 22.69
C THR MA 61 -91.59 38.44 23.98
N VAL MA 62 -91.24 37.16 24.08
CA VAL MA 62 -90.60 36.63 25.28
C VAL MA 62 -89.29 37.36 25.52
N LYS MA 63 -89.05 37.69 26.78
CA LYS MA 63 -87.86 38.45 27.15
C LYS MA 63 -86.65 37.55 27.34
N THR MA 64 -86.86 36.36 27.88
CA THR MA 64 -85.77 35.46 28.20
C THR MA 64 -85.05 35.01 26.92
N PRO MA 65 -83.85 34.43 27.06
CA PRO MA 65 -83.25 33.74 25.93
C PRO MA 65 -83.86 32.37 25.76
N SER MA 66 -84.68 32.21 24.74
CA SER MA 66 -85.28 30.95 24.38
C SER MA 66 -84.80 30.54 23.00
N TRP MA 67 -84.86 29.24 22.73
CA TRP MA 67 -84.40 28.67 21.49
C TRP MA 67 -85.54 27.96 20.77
N ALA MA 68 -85.44 28.00 19.44
CA ALA MA 68 -86.39 27.34 18.55
C ALA MA 68 -85.73 26.12 17.96
N VAL MA 69 -86.33 24.96 18.19
CA VAL MA 69 -85.76 23.68 17.80
C VAL MA 69 -86.51 23.17 16.59
N ASP MA 70 -85.77 22.57 15.67
CA ASP MA 70 -86.35 21.96 14.48
C ASP MA 70 -85.41 20.90 13.97
N MET MA 71 -85.93 20.09 13.05
CA MET MA 71 -85.23 18.95 12.50
C MET MA 71 -85.06 19.10 11.00
N MET MA 72 -84.23 18.23 10.44
CA MET MA 72 -83.93 18.27 9.01
C MET MA 72 -83.55 16.88 8.55
N ARG MA 73 -84.38 16.32 7.68
CA ARG MA 73 -84.14 15.04 7.01
C ARG MA 73 -83.78 15.29 5.55
N PHE MA 74 -83.28 14.25 4.90
CA PHE MA 74 -82.85 14.33 3.51
C PHE MA 74 -83.37 13.10 2.77
N ASN MA 75 -84.10 13.34 1.69
CA ASN MA 75 -84.57 12.29 0.81
C ASN MA 75 -84.18 12.62 -0.62
N ILE MA 76 -83.95 11.57 -1.41
CA ILE MA 76 -83.48 11.74 -2.78
C ILE MA 76 -84.60 12.07 -3.75
N ASN MA 77 -85.86 11.90 -3.35
CA ASN MA 77 -86.96 12.30 -4.22
C ASN MA 77 -86.99 13.81 -4.40
N ASP MA 78 -86.56 14.55 -3.39
CA ASP MA 78 -86.55 16.00 -3.45
C ASP MA 78 -85.42 16.55 -4.29
N PHE MA 79 -84.43 15.73 -4.63
CA PHE MA 79 -83.30 16.14 -5.45
C PHE MA 79 -83.34 15.54 -6.85
N LEU MA 80 -83.91 14.35 -6.99
CA LEU MA 80 -83.95 13.63 -8.25
C LEU MA 80 -85.40 13.50 -8.72
N PRO MA 81 -85.82 14.16 -9.79
CA PRO MA 81 -87.22 14.08 -10.18
C PRO MA 81 -87.52 12.76 -10.86
N PRO MA 82 -88.79 12.47 -11.11
CA PRO MA 82 -89.13 11.30 -11.91
C PRO MA 82 -88.78 11.51 -13.36
N GLY MA 83 -88.41 10.41 -14.02
CA GLY MA 83 -88.03 10.48 -15.40
C GLY MA 83 -89.20 10.45 -16.35
N GLY MA 84 -89.04 9.73 -17.45
CA GLY MA 84 -90.09 9.61 -18.43
C GLY MA 84 -89.94 8.38 -19.29
N GLY MA 85 -91.03 7.64 -19.45
CA GLY MA 85 -91.02 6.46 -20.26
C GLY MA 85 -90.57 5.23 -19.51
N SER MA 86 -89.78 4.39 -20.18
CA SER MA 86 -89.30 3.17 -19.58
C SER MA 86 -88.26 3.42 -18.50
N ASN MA 87 -87.69 4.63 -18.44
CA ASN MA 87 -86.77 5.01 -17.39
C ASN MA 87 -87.54 5.71 -16.29
N PRO MA 88 -87.72 5.10 -15.11
CA PRO MA 88 -88.59 5.73 -14.11
C PRO MA 88 -88.00 6.98 -13.48
N ARG MA 89 -86.67 7.12 -13.51
CA ARG MA 89 -85.98 8.26 -12.93
C ARG MA 89 -85.16 8.98 -13.98
N SER MA 90 -84.79 10.21 -13.66
CA SER MA 90 -84.11 11.08 -14.62
C SER MA 90 -82.63 10.78 -14.72
N VAL MA 91 -82.04 10.19 -13.70
CA VAL MA 91 -80.67 9.72 -13.72
C VAL MA 91 -80.70 8.21 -13.93
N PRO MA 92 -80.29 7.68 -15.09
CA PRO MA 92 -80.55 6.26 -15.35
C PRO MA 92 -79.57 5.31 -14.67
N PHE MA 93 -79.80 5.10 -13.39
CA PHE MA 93 -79.01 4.16 -12.60
C PHE MA 93 -79.94 3.40 -11.68
N GLU MA 94 -79.45 2.27 -11.20
CA GLU MA 94 -80.20 1.35 -10.35
C GLU MA 94 -79.99 1.61 -8.87
N TYR MA 95 -78.74 1.68 -8.44
CA TYR MA 95 -78.37 1.77 -7.04
C TYR MA 95 -77.78 3.14 -6.74
N TYR MA 96 -77.77 3.47 -5.46
CA TYR MA 96 -77.18 4.71 -5.01
C TYR MA 96 -76.74 4.57 -3.56
N ARG MA 97 -75.90 5.49 -3.13
CA ARG MA 97 -75.55 5.64 -1.74
C ARG MA 97 -75.03 7.05 -1.54
N ILE MA 98 -75.58 7.73 -0.53
CA ILE MA 98 -75.24 9.12 -0.29
C ILE MA 98 -73.94 9.17 0.49
N ARG MA 99 -72.95 9.86 -0.07
CA ARG MA 99 -71.63 9.96 0.53
C ARG MA 99 -71.53 11.09 1.54
N LYS MA 100 -72.00 12.27 1.15
CA LYS MA 100 -71.91 13.46 1.98
C LYS MA 100 -73.11 14.35 1.70
N VAL MA 101 -73.38 15.24 2.65
CA VAL MA 101 -74.36 16.30 2.48
C VAL MA 101 -73.74 17.59 3.01
N LYS MA 102 -74.03 18.68 2.32
CA LYS MA 102 -73.62 20.03 2.69
C LYS MA 102 -74.88 20.86 2.86
N VAL MA 103 -75.20 21.17 4.11
CA VAL MA 103 -76.30 22.07 4.44
C VAL MA 103 -75.73 23.45 4.64
N GLU MA 104 -76.25 24.41 3.89
CA GLU MA 104 -75.79 25.80 3.92
C GLU MA 104 -76.96 26.67 4.34
N PHE MA 105 -76.82 27.35 5.46
CA PHE MA 105 -77.78 28.35 5.90
C PHE MA 105 -77.33 29.69 5.36
N TRP MA 106 -77.92 30.09 4.25
CA TRP MA 106 -77.63 31.39 3.66
C TRP MA 106 -78.57 32.41 4.27
N PRO MA 107 -78.08 33.44 4.96
CA PRO MA 107 -78.99 34.37 5.61
C PRO MA 107 -79.75 35.24 4.64
N CYS MA 108 -80.88 35.71 5.11
CA CYS MA 108 -81.73 36.63 4.39
C CYS MA 108 -81.82 37.99 5.07
N SER MA 109 -81.12 38.19 6.16
CA SER MA 109 -81.25 39.33 7.03
C SER MA 109 -80.08 40.29 6.85
N PRO MA 110 -80.27 41.58 7.04
CA PRO MA 110 -79.18 42.52 6.85
C PRO MA 110 -78.16 42.45 7.97
N ILE MA 111 -76.97 42.95 7.68
CA ILE MA 111 -75.92 42.99 8.69
C ILE MA 111 -76.15 44.05 9.75
N THR MA 112 -77.16 44.89 9.59
CA THR MA 112 -77.52 45.89 10.58
C THR MA 112 -78.56 45.39 11.58
N GLN MA 113 -79.01 44.14 11.47
CA GLN MA 113 -80.06 43.66 12.33
C GLN MA 113 -79.50 43.37 13.71
N GLY MA 114 -80.21 43.82 14.73
CA GLY MA 114 -79.82 43.63 16.10
C GLY MA 114 -80.51 42.46 16.75
N ASP MA 115 -80.43 42.44 18.08
CA ASP MA 115 -80.95 41.35 18.89
C ASP MA 115 -80.33 40.03 18.45
N ARG MA 116 -79.03 40.06 18.22
CA ARG MA 116 -78.31 38.89 17.76
C ARG MA 116 -78.34 37.80 18.81
N GLY MA 117 -77.97 36.61 18.38
CA GLY MA 117 -78.06 35.43 19.21
C GLY MA 117 -77.02 34.40 18.88
N VAL MA 118 -77.13 33.24 19.52
CA VAL MA 118 -76.16 32.17 19.35
C VAL MA 118 -76.89 30.84 19.51
N GLY MA 119 -76.70 29.96 18.53
CA GLY MA 119 -77.37 28.68 18.49
C GLY MA 119 -76.42 27.54 18.26
N SER MA 120 -76.96 26.40 17.85
CA SER MA 120 -76.19 25.18 17.72
C SER MA 120 -76.81 24.28 16.68
N SER MA 121 -75.96 23.64 15.88
CA SER MA 121 -76.36 22.62 14.93
C SER MA 121 -75.61 21.34 15.23
N ALA MA 122 -76.34 20.24 15.33
CA ALA MA 122 -75.77 18.95 15.66
C ALA MA 122 -76.21 17.90 14.64
N VAL MA 123 -75.47 16.81 14.61
CA VAL MA 123 -75.66 15.74 13.64
C VAL MA 123 -76.32 14.57 14.35
N ILE MA 124 -77.50 14.19 13.86
CA ILE MA 124 -78.39 13.24 14.51
C ILE MA 124 -78.72 12.15 13.50
N LEU MA 125 -78.01 11.02 13.61
CA LEU MA 125 -78.04 9.98 12.59
C LEU MA 125 -79.04 8.86 12.87
N ASP MA 126 -80.13 9.13 13.60
CA ASP MA 126 -80.99 8.06 14.08
C ASP MA 126 -82.49 8.35 14.09
N ASP MA 127 -82.94 9.51 13.61
CA ASP MA 127 -84.37 9.79 13.48
C ASP MA 127 -85.06 9.93 14.83
N ASN MA 128 -84.33 10.32 15.85
CA ASN MA 128 -84.91 10.67 17.15
C ASN MA 128 -84.29 12.01 17.52
N PHE MA 129 -84.96 13.07 17.11
CA PHE MA 129 -84.55 14.44 17.35
C PHE MA 129 -85.16 14.93 18.66
N VAL MA 130 -84.57 16.01 19.17
CA VAL MA 130 -85.24 16.76 20.22
C VAL MA 130 -86.55 17.27 19.67
N THR MA 131 -87.58 17.24 20.50
CA THR MA 131 -88.91 17.61 20.07
C THR MA 131 -88.93 19.04 19.55
N LYS MA 132 -89.68 19.27 18.48
CA LYS MA 132 -89.81 20.59 17.91
C LYS MA 132 -90.44 21.54 18.91
N ALA MA 133 -89.78 22.68 19.13
CA ALA MA 133 -90.20 23.65 20.12
C ALA MA 133 -90.09 25.04 19.52
N THR MA 134 -90.98 25.92 19.99
CA THR MA 134 -91.01 27.31 19.56
C THR MA 134 -90.10 28.17 20.43
N ALA MA 135 -90.25 28.07 21.74
CA ALA MA 135 -89.43 28.84 22.69
C ALA MA 135 -89.08 27.92 23.85
N LEU MA 136 -87.96 27.21 23.71
CA LEU MA 136 -87.43 26.37 24.75
C LEU MA 136 -86.39 27.14 25.56
N THR MA 137 -86.37 26.89 26.87
CA THR MA 137 -85.57 27.67 27.80
C THR MA 137 -84.10 27.34 27.78
N TYR MA 138 -83.63 26.52 26.84
CA TYR MA 138 -82.22 26.16 26.77
C TYR MA 138 -81.93 25.65 25.37
N ASP MA 139 -80.64 25.53 25.08
CA ASP MA 139 -80.16 25.00 23.82
C ASP MA 139 -79.88 23.52 24.00
N PRO MA 140 -80.70 22.61 23.48
CA PRO MA 140 -80.45 21.19 23.75
C PRO MA 140 -79.22 20.65 23.05
N TYR MA 141 -78.90 21.19 21.88
CA TYR MA 141 -77.81 20.68 21.07
C TYR MA 141 -76.47 21.31 21.42
N VAL MA 142 -76.36 21.95 22.58
CA VAL MA 142 -75.16 22.70 22.89
C VAL MA 142 -74.04 21.79 23.37
N ASN MA 143 -74.37 20.79 24.17
CA ASN MA 143 -73.37 19.88 24.72
C ASN MA 143 -73.12 18.68 23.83
N TYR MA 144 -73.72 18.64 22.65
CA TYR MA 144 -73.46 17.54 21.73
C TYR MA 144 -72.05 17.62 21.18
N SER MA 145 -71.46 16.44 21.00
CA SER MA 145 -70.11 16.36 20.47
C SER MA 145 -69.99 16.88 19.05
N SER MA 146 -71.09 16.91 18.31
CA SER MA 146 -71.12 17.41 16.95
C SER MA 146 -71.71 18.80 16.85
N ARG MA 147 -71.67 19.56 17.93
CA ARG MA 147 -72.23 20.90 17.92
C ARG MA 147 -71.28 21.86 17.25
N HIS MA 148 -71.82 22.66 16.33
CA HIS MA 148 -71.17 23.83 15.80
C HIS MA 148 -72.02 25.02 16.16
N THR MA 149 -71.37 26.11 16.55
CA THR MA 149 -72.07 27.31 16.92
C THR MA 149 -72.67 27.99 15.70
N ILE MA 150 -73.91 28.43 15.84
CA ILE MA 150 -74.60 29.23 14.83
C ILE MA 150 -74.61 30.65 15.37
N THR MA 151 -73.85 31.52 14.74
CA THR MA 151 -74.02 32.94 14.92
C THR MA 151 -75.22 33.40 14.11
N GLN MA 152 -76.04 34.23 14.72
CA GLN MA 152 -77.28 34.70 14.15
C GLN MA 152 -77.29 36.22 14.13
N PRO MA 153 -78.10 36.84 13.26
CA PRO MA 153 -78.95 36.32 12.18
C PRO MA 153 -78.34 36.39 10.80
N PHE MA 154 -77.27 37.16 10.65
CA PHE MA 154 -76.73 37.54 9.35
C PHE MA 154 -75.45 36.81 9.01
N SER MA 155 -75.27 35.60 9.52
CA SER MA 155 -74.04 34.86 9.38
C SER MA 155 -74.30 33.52 8.72
N TYR MA 156 -73.35 33.10 7.91
CA TYR MA 156 -73.42 31.86 7.16
C TYR MA 156 -72.97 30.70 8.02
N HIS MA 157 -73.68 29.58 7.88
CA HIS MA 157 -73.42 28.36 8.63
C HIS MA 157 -73.47 27.19 7.68
N SER MA 158 -72.38 26.44 7.61
CA SER MA 158 -72.28 25.24 6.81
C SER MA 158 -72.03 24.03 7.71
N ARG MA 159 -72.55 22.88 7.27
CA ARG MA 159 -72.30 21.61 7.93
C ARG MA 159 -72.09 20.58 6.83
N TYR MA 160 -70.99 19.86 6.90
CA TYR MA 160 -70.59 18.87 5.91
C TYR MA 160 -70.35 17.56 6.62
N PHE MA 161 -71.17 16.57 6.32
CA PHE MA 161 -71.17 15.31 7.05
C PHE MA 161 -71.70 14.21 6.17
N THR MA 162 -71.66 13.00 6.70
CA THR MA 162 -72.11 11.80 6.03
C THR MA 162 -73.40 11.30 6.66
N PRO MA 163 -74.55 11.38 5.99
CA PRO MA 163 -75.78 10.93 6.61
C PRO MA 163 -75.90 9.43 6.66
N LYS MA 164 -76.98 8.94 7.25
CA LYS MA 164 -77.24 7.52 7.38
C LYS MA 164 -78.69 7.28 7.05
N PRO MA 165 -79.02 6.16 6.41
CA PRO MA 165 -80.42 5.87 6.10
C PRO MA 165 -81.18 5.25 7.26
N VAL MA 166 -82.50 5.42 7.19
CA VAL MA 166 -83.40 4.91 8.22
C VAL MA 166 -83.85 3.53 7.73
N LEU MA 167 -83.07 2.52 8.12
CA LEU MA 167 -83.37 1.15 7.76
C LEU MA 167 -84.41 0.54 8.69
N ASP MA 168 -84.27 0.76 9.99
CA ASP MA 168 -85.26 0.32 10.96
C ASP MA 168 -85.40 1.42 12.00
N SER MA 169 -86.54 2.10 11.98
CA SER MA 169 -86.78 3.17 12.94
C SER MA 169 -87.05 2.65 14.34
N THR MA 170 -87.36 1.36 14.49
CA THR MA 170 -87.60 0.79 15.80
C THR MA 170 -86.30 0.58 16.57
N ILE MA 171 -85.26 0.13 15.87
CA ILE MA 171 -83.98 -0.19 16.47
C ILE MA 171 -83.00 0.95 16.25
N ASP MA 172 -83.11 1.60 15.10
CA ASP MA 172 -82.31 2.76 14.75
C ASP MA 172 -80.81 2.41 14.77
N TYR MA 173 -80.42 1.53 13.86
CA TYR MA 173 -79.04 1.12 13.69
C TYR MA 173 -78.46 1.75 12.44
N PHE MA 174 -77.17 2.05 12.50
CA PHE MA 174 -76.47 2.64 11.37
C PHE MA 174 -75.02 2.20 11.37
N GLN MA 175 -74.41 2.40 10.29
CA GLN MA 175 -73.04 2.00 10.03
C GLN MA 175 -72.07 3.13 10.36
N PRO MA 176 -70.86 2.82 10.79
CA PRO MA 176 -69.84 3.87 10.86
C PRO MA 176 -69.34 4.27 9.48
N ASN MA 177 -68.52 5.30 9.44
CA ASN MA 177 -68.07 5.85 8.17
C ASN MA 177 -67.03 4.94 7.56
N ASN MA 178 -67.35 4.39 6.40
CA ASN MA 178 -66.43 3.54 5.66
C ASN MA 178 -66.84 3.63 4.20
N LYS MA 179 -66.00 4.22 3.37
CA LYS MA 179 -66.36 4.38 1.98
C LYS MA 179 -66.47 3.05 1.26
N ARG MA 180 -65.70 2.06 1.69
CA ARG MA 180 -65.66 0.78 0.99
C ARG MA 180 -66.79 -0.14 1.39
N ASN MA 181 -67.33 0.03 2.60
CA ASN MA 181 -68.34 -0.87 3.14
C ASN MA 181 -69.72 -0.24 3.20
N GLN MA 182 -69.89 0.99 2.71
CA GLN MA 182 -71.19 1.64 2.77
C GLN MA 182 -72.20 0.91 1.90
N LEU MA 183 -73.38 0.72 2.46
CA LEU MA 183 -74.43 -0.01 1.78
C LEU MA 183 -74.90 0.72 0.54
N TRP MA 184 -75.23 -0.06 -0.49
CA TRP MA 184 -75.92 0.44 -1.66
C TRP MA 184 -77.40 0.25 -1.47
N LEU MA 185 -78.16 1.32 -1.61
CA LEU MA 185 -79.60 1.28 -1.65
C LEU MA 185 -80.07 1.27 -3.09
N ARG MA 186 -81.33 0.93 -3.27
CA ARG MA 186 -81.97 0.99 -4.57
C ARG MA 186 -82.62 2.33 -4.76
N LEU MA 187 -82.46 2.87 -5.97
CA LEU MA 187 -83.13 4.08 -6.40
C LEU MA 187 -84.55 3.69 -6.80
N GLN MA 188 -85.46 3.79 -5.84
CA GLN MA 188 -86.84 3.44 -6.06
C GLN MA 188 -87.49 4.46 -7.00
N THR MA 189 -88.73 4.17 -7.38
CA THR MA 189 -89.47 5.04 -8.29
C THR MA 189 -90.10 6.21 -7.54
N ALA MA 190 -90.86 5.93 -6.48
CA ALA MA 190 -91.48 7.00 -5.70
C ALA MA 190 -91.51 6.72 -4.20
N GLY MA 191 -90.59 5.91 -3.69
CA GLY MA 191 -90.64 5.47 -2.31
C GLY MA 191 -89.31 5.37 -1.61
N ASN MA 192 -88.37 6.22 -1.97
CA ASN MA 192 -87.04 6.16 -1.40
C ASN MA 192 -87.05 6.46 0.09
N VAL MA 193 -86.02 5.97 0.77
CA VAL MA 193 -85.93 6.02 2.21
C VAL MA 193 -85.30 7.34 2.64
N ASP MA 194 -85.73 7.83 3.80
CA ASP MA 194 -85.27 9.11 4.29
C ASP MA 194 -83.91 8.96 4.95
N HIS MA 195 -82.98 9.80 4.55
CA HIS MA 195 -81.72 9.96 5.24
C HIS MA 195 -81.84 11.07 6.26
N VAL MA 196 -80.97 11.01 7.27
CA VAL MA 196 -81.13 11.80 8.47
C VAL MA 196 -79.75 12.24 8.92
N GLY MA 197 -79.70 13.24 9.80
CA GLY MA 197 -78.43 13.78 10.19
C GLY MA 197 -78.26 15.24 10.54
N LEU MA 198 -79.33 16.02 10.70
CA LEU MA 198 -79.12 17.37 11.22
C LEU MA 198 -80.29 17.86 12.06
N GLY MA 199 -79.95 18.43 13.20
CA GLY MA 199 -80.91 19.13 14.03
C GLY MA 199 -80.31 20.44 14.50
N THR MA 200 -81.18 21.43 14.66
CA THR MA 200 -80.79 22.80 14.88
C THR MA 200 -81.48 23.37 16.10
N ALA MA 201 -80.91 24.45 16.62
CA ALA MA 201 -81.50 25.24 17.68
C ALA MA 201 -81.12 26.69 17.45
N PHE MA 202 -82.11 27.50 17.11
CA PHE MA 202 -81.93 28.92 16.84
C PHE MA 202 -82.49 29.74 17.98
N GLU MA 203 -81.74 30.75 18.40
CA GLU MA 203 -82.18 31.64 19.44
C GLU MA 203 -83.17 32.65 18.88
N ASN MA 204 -84.31 32.76 19.54
CA ASN MA 204 -85.36 33.63 19.06
C ASN MA 204 -84.98 35.09 19.24
N SER MA 205 -85.76 35.96 18.59
CA SER MA 205 -85.45 37.37 18.53
C SER MA 205 -86.74 38.16 18.36
N ILE MA 206 -86.63 39.48 18.56
CA ILE MA 206 -87.77 40.37 18.34
C ILE MA 206 -88.10 40.46 16.87
N TYR MA 207 -87.11 40.29 16.00
CA TYR MA 207 -87.31 40.36 14.57
C TYR MA 207 -87.32 38.96 13.98
N ASP MA 208 -87.95 38.84 12.82
CA ASP MA 208 -87.99 37.57 12.12
C ASP MA 208 -86.65 37.28 11.47
N GLN MA 209 -86.19 36.04 11.64
CA GLN MA 209 -84.92 35.57 11.10
C GLN MA 209 -85.22 34.57 9.99
N GLU MA 210 -84.98 34.99 8.75
CA GLU MA 210 -85.21 34.14 7.59
C GLU MA 210 -83.90 33.60 7.05
N TYR MA 211 -83.98 32.42 6.45
CA TYR MA 211 -82.84 31.75 5.86
C TYR MA 211 -83.26 31.06 4.58
N ASN MA 212 -82.34 31.01 3.63
CA ASN MA 212 -82.48 30.20 2.42
C ASN MA 212 -81.52 29.04 2.55
N ILE MA 213 -82.05 27.84 2.74
CA ILE MA 213 -81.24 26.68 3.03
C ILE MA 213 -81.01 25.91 1.73
N ARG MA 214 -79.74 25.69 1.40
CA ARG MA 214 -79.33 24.97 0.21
C ARG MA 214 -78.66 23.69 0.64
N VAL MA 215 -79.31 22.57 0.37
CA VAL MA 215 -78.77 21.25 0.66
C VAL MA 215 -78.18 20.70 -0.63
N THR MA 216 -76.95 20.20 -0.53
CA THR MA 216 -76.24 19.59 -1.63
C THR MA 216 -75.85 18.18 -1.20
N MET MA 217 -76.34 17.19 -1.93
CA MET MA 217 -76.01 15.79 -1.68
C MET MA 217 -75.01 15.30 -2.71
N TYR MA 218 -73.92 14.72 -2.22
CA TYR MA 218 -72.91 14.11 -3.05
C TYR MA 218 -73.16 12.60 -3.08
N VAL MA 219 -73.65 12.13 -4.22
CA VAL MA 219 -74.15 10.77 -4.34
C VAL MA 219 -73.24 9.97 -5.25
N GLN MA 220 -73.44 8.67 -5.23
CA GLN MA 220 -72.65 7.72 -6.02
C GLN MA 220 -73.61 6.65 -6.50
N PHE MA 221 -73.78 6.59 -7.81
CA PHE MA 221 -74.69 5.65 -8.44
C PHE MA 221 -73.93 4.45 -8.98
N ARG MA 222 -74.69 3.45 -9.44
CA ARG MA 222 -74.13 2.21 -9.92
C ARG MA 222 -75.12 1.57 -10.89
N GLU MA 223 -74.56 0.83 -11.85
CA GLU MA 223 -75.33 0.02 -12.79
C GLU MA 223 -76.27 0.86 -13.64
N PHE MA 224 -75.65 1.62 -14.53
CA PHE MA 224 -76.32 2.28 -15.65
C PHE MA 224 -77.32 1.34 -16.30
N ASN MA 225 -78.58 1.75 -16.35
CA ASN MA 225 -79.67 0.88 -16.75
C ASN MA 225 -80.61 1.56 -17.72
N LEU MA 226 -80.05 2.27 -18.68
CA LEU MA 226 -80.88 2.95 -19.65
C LEU MA 226 -81.63 1.94 -20.51
N LYS MA 227 -82.87 2.28 -20.85
CA LYS MA 227 -83.71 1.46 -21.70
C LYS MA 227 -84.08 2.25 -22.94
N ASP MA 228 -83.85 1.64 -24.10
CA ASP MA 228 -84.00 2.30 -25.40
C ASP MA 228 -84.96 1.50 -26.26
N PRO MA 229 -86.26 1.73 -26.10
CA PRO MA 229 -87.22 1.11 -27.01
C PRO MA 229 -87.19 1.80 -28.35
N PRO MA 230 -87.80 1.19 -29.37
CA PRO MA 230 -87.92 1.90 -30.66
C PRO MA 230 -88.88 3.06 -30.61
N LEU MA 231 -89.07 3.73 -31.74
CA LEU MA 231 -89.93 4.90 -31.83
C LEU MA 231 -90.71 4.92 -33.14
N GLY NA 43 -60.87 5.68 37.34
CA GLY NA 43 -61.72 5.74 36.17
C GLY NA 43 -61.95 7.15 35.68
N ILE NA 44 -60.99 7.64 34.93
CA ILE NA 44 -61.00 9.04 34.51
C ILE NA 44 -61.94 9.23 33.33
N PHE NA 45 -62.59 10.38 33.31
CA PHE NA 45 -63.45 10.78 32.21
C PHE NA 45 -63.40 12.30 32.11
N ASN NA 46 -62.64 12.78 31.15
CA ASN NA 46 -62.61 14.20 30.84
C ASN NA 46 -63.76 14.54 29.90
N THR NA 47 -64.55 15.54 30.28
CA THR NA 47 -65.64 16.00 29.46
C THR NA 47 -65.74 17.52 29.54
N ARG NA 48 -66.87 18.04 29.06
CA ARG NA 48 -67.09 19.46 28.89
C ARG NA 48 -68.54 19.77 29.19
N LEU NA 49 -68.76 20.72 30.10
CA LEU NA 49 -70.08 21.12 30.54
C LEU NA 49 -70.23 22.61 30.33
N SER NA 50 -71.39 23.02 29.84
CA SER NA 50 -71.67 24.39 29.48
C SER NA 50 -72.95 24.89 30.14
N ARG NA 51 -73.14 26.19 30.03
CA ARG NA 51 -74.20 26.93 30.70
C ARG NA 51 -74.21 28.33 30.12
N THR NA 52 -75.39 28.88 29.92
CA THR NA 52 -75.58 30.17 29.28
C THR NA 52 -76.51 31.03 30.09
N PHE NA 53 -76.17 32.31 30.21
CA PHE NA 53 -76.96 33.26 30.98
C PHE NA 53 -76.63 34.66 30.51
N GLY NA 54 -77.44 35.61 30.96
CA GLY NA 54 -77.33 36.99 30.53
C GLY NA 54 -76.70 37.94 31.51
N TYR NA 55 -76.17 39.04 30.99
CA TYR NA 55 -75.60 40.11 31.78
C TYR NA 55 -75.80 41.41 31.03
N THR NA 56 -76.31 42.43 31.71
CA THR NA 56 -76.60 43.71 31.12
C THR NA 56 -75.94 44.82 31.93
N ILE NA 57 -75.38 45.78 31.23
CA ILE NA 57 -74.83 47.00 31.79
C ILE NA 57 -75.83 48.10 31.43
N LYS NA 58 -76.60 48.53 32.41
CA LYS NA 58 -77.63 49.53 32.17
C LYS NA 58 -77.02 50.87 31.81
N ARG NA 59 -77.82 51.70 31.16
CA ARG NA 59 -77.40 53.01 30.71
C ARG NA 59 -77.25 53.97 31.89
N THR NA 60 -76.48 55.04 31.66
CA THR NA 60 -76.26 56.08 32.64
C THR NA 60 -76.21 57.43 31.94
N THR NA 61 -76.84 58.43 32.56
CA THR NA 61 -76.76 59.81 32.10
C THR NA 61 -75.44 60.47 32.48
N VAL NA 62 -74.59 59.80 33.27
CA VAL NA 62 -73.31 60.37 33.66
C VAL NA 62 -72.47 60.66 32.44
N LYS NA 63 -71.83 61.83 32.44
CA LYS NA 63 -71.03 62.26 31.30
C LYS NA 63 -69.63 61.67 31.32
N THR NA 64 -69.04 61.54 32.51
CA THR NA 64 -67.69 61.09 32.64
C THR NA 64 -67.54 59.65 32.17
N PRO NA 65 -66.30 59.20 31.95
CA PRO NA 65 -66.09 57.76 31.76
C PRO NA 65 -66.08 57.05 33.10
N SER NA 66 -67.14 56.32 33.37
CA SER NA 66 -67.25 55.49 34.55
C SER NA 66 -67.36 54.04 34.14
N TRP NA 67 -67.00 53.15 35.07
CA TRP NA 67 -67.00 51.73 34.83
C TRP NA 67 -67.93 51.01 35.80
N ALA NA 68 -68.50 49.92 35.31
CA ALA NA 68 -69.39 49.06 36.07
C ALA NA 68 -68.65 47.79 36.42
N VAL NA 69 -68.54 47.52 37.70
CA VAL NA 69 -67.76 46.40 38.21
C VAL NA 69 -68.70 45.30 38.65
N ASP NA 70 -68.31 44.06 38.39
CA ASP NA 70 -69.08 42.91 38.79
C ASP NA 70 -68.15 41.72 38.89
N MET NA 71 -68.66 40.66 39.50
CA MET NA 71 -67.91 39.45 39.80
C MET NA 71 -68.54 38.26 39.10
N MET NA 72 -67.80 37.15 39.10
CA MET NA 72 -68.24 35.93 38.44
C MET NA 72 -67.61 34.74 39.12
N ARG NA 73 -68.44 33.91 39.76
CA ARG NA 73 -68.04 32.66 40.35
C ARG NA 73 -68.55 31.50 39.49
N PHE NA 74 -68.04 30.30 39.77
CA PHE NA 74 -68.38 29.10 39.05
C PHE NA 74 -68.64 27.98 40.03
N ASN NA 75 -69.82 27.37 39.94
CA ASN NA 75 -70.17 26.20 40.73
C ASN NA 75 -70.67 25.11 39.80
N ILE NA 76 -70.43 23.87 40.20
CA ILE NA 76 -70.79 22.73 39.37
C ILE NA 76 -72.25 22.34 39.47
N ASN NA 77 -72.98 22.86 40.46
CA ASN NA 77 -74.40 22.60 40.52
C ASN NA 77 -75.14 23.24 39.35
N ASP NA 78 -74.63 24.37 38.86
CA ASP NA 78 -75.24 25.07 37.75
C ASP NA 78 -74.98 24.42 36.42
N PHE NA 79 -74.03 23.48 36.35
CA PHE NA 79 -73.70 22.75 35.12
C PHE NA 79 -74.15 21.31 35.16
N LEU NA 80 -74.17 20.70 36.33
CA LEU NA 80 -74.51 19.29 36.52
C LEU NA 80 -75.80 19.16 37.31
N PRO NA 81 -76.91 18.72 36.72
CA PRO NA 81 -78.15 18.67 37.47
C PRO NA 81 -78.16 17.50 38.43
N PRO NA 82 -79.16 17.43 39.30
CA PRO NA 82 -79.32 16.24 40.12
C PRO NA 82 -79.82 15.07 39.30
N GLY NA 83 -79.39 13.88 39.71
CA GLY NA 83 -79.76 12.68 38.99
C GLY NA 83 -81.12 12.15 39.41
N GLY NA 84 -81.22 10.83 39.50
CA GLY NA 84 -82.45 10.20 39.89
C GLY NA 84 -82.24 8.82 40.46
N GLY NA 85 -82.86 8.54 41.60
CA GLY NA 85 -82.76 7.25 42.23
C GLY NA 85 -81.54 7.13 43.12
N SER NA 86 -80.90 5.97 43.08
CA SER NA 86 -79.73 5.72 43.90
C SER NA 86 -78.52 6.51 43.45
N ASN NA 87 -78.55 7.06 42.24
CA ASN NA 87 -77.48 7.91 41.74
C ASN NA 87 -77.86 9.36 42.01
N PRO NA 88 -77.20 10.05 42.94
CA PRO NA 88 -77.66 11.41 43.29
C PRO NA 88 -77.40 12.43 42.20
N ARG NA 89 -76.44 12.19 41.32
CA ARG NA 89 -76.10 13.11 40.25
C ARG NA 89 -76.25 12.43 38.90
N SER NA 90 -76.30 13.26 37.86
CA SER NA 90 -76.59 12.76 36.52
C SER NA 90 -75.36 12.18 35.84
N VAL NA 91 -74.17 12.60 36.26
CA VAL NA 91 -72.91 12.01 35.81
C VAL NA 91 -72.42 11.07 36.90
N PRO NA 92 -72.43 9.75 36.69
CA PRO NA 92 -72.17 8.85 37.82
C PRO NA 92 -70.70 8.69 38.17
N PHE NA 93 -70.18 9.69 38.88
CA PHE NA 93 -68.82 9.68 39.36
C PHE NA 93 -68.79 10.25 40.77
N GLU NA 94 -67.72 9.95 41.48
CA GLU NA 94 -67.55 10.35 42.87
C GLU NA 94 -66.78 11.65 43.02
N TYR NA 95 -65.63 11.76 42.38
CA TYR NA 95 -64.72 12.87 42.53
C TYR NA 95 -64.67 13.70 41.26
N TYR NA 96 -64.20 14.92 41.40
CA TYR NA 96 -64.04 15.82 40.27
C TYR NA 96 -62.95 16.83 40.58
N ARG NA 97 -62.47 17.47 39.52
CA ARG NA 97 -61.60 18.63 39.66
C ARG NA 97 -61.68 19.41 38.36
N ILE NA 98 -61.92 20.71 38.49
CA ILE NA 98 -62.11 21.56 37.32
C ILE NA 98 -60.74 21.93 36.78
N ARG NA 99 -60.50 21.61 35.51
CA ARG NA 99 -59.23 21.86 34.85
C ARG NA 99 -59.15 23.25 34.26
N LYS NA 100 -60.18 23.66 33.52
CA LYS NA 100 -60.21 24.93 32.84
C LYS NA 100 -61.63 25.44 32.78
N VAL NA 101 -61.77 26.73 32.57
CA VAL NA 101 -63.04 27.38 32.29
C VAL NA 101 -62.84 28.33 31.13
N LYS NA 102 -63.84 28.41 30.26
CA LYS NA 102 -63.89 29.32 29.14
C LYS NA 102 -65.14 30.18 29.30
N VAL NA 103 -64.92 31.43 29.65
CA VAL NA 103 -66.00 32.41 29.71
C VAL NA 103 -66.02 33.18 28.40
N GLU NA 104 -67.18 33.18 27.75
CA GLU NA 104 -67.37 33.82 26.46
C GLU NA 104 -68.45 34.87 26.62
N PHE NA 105 -68.09 36.13 26.38
CA PHE NA 105 -69.04 37.23 26.32
C PHE NA 105 -69.48 37.37 24.89
N TRP NA 106 -70.64 36.80 24.58
CA TRP NA 106 -71.21 36.92 23.26
C TRP NA 106 -72.09 38.17 23.22
N PRO NA 107 -71.80 39.16 22.38
CA PRO NA 107 -72.58 40.39 22.41
C PRO NA 107 -73.99 40.20 21.90
N CYS NA 108 -74.85 41.10 22.36
CA CYS NA 108 -76.23 41.18 21.93
C CYS NA 108 -76.54 42.46 21.18
N SER NA 109 -75.54 43.31 20.97
CA SER NA 109 -75.71 44.65 20.46
C SER NA 109 -75.26 44.73 19.01
N PRO NA 110 -75.86 45.60 18.21
CA PRO NA 110 -75.48 45.69 16.81
C PRO NA 110 -74.13 46.34 16.63
N ILE NA 111 -73.54 46.10 15.46
CA ILE NA 111 -72.26 46.71 15.14
C ILE NA 111 -72.37 48.19 14.80
N THR NA 112 -73.58 48.72 14.71
CA THR NA 112 -73.80 50.14 14.49
C THR NA 112 -73.94 50.94 15.78
N GLN NA 113 -73.84 50.30 16.94
CA GLN NA 113 -74.05 50.98 18.20
C GLN NA 113 -72.85 51.85 18.52
N GLY NA 114 -73.11 53.09 18.91
CA GLY NA 114 -72.08 54.03 19.25
C GLY NA 114 -71.83 54.11 20.74
N ASP NA 115 -71.13 55.19 21.12
CA ASP NA 115 -70.72 55.39 22.51
C ASP NA 115 -69.90 54.21 23.00
N ARG NA 116 -69.01 53.74 22.14
CA ARG NA 116 -68.18 52.60 22.45
C ARG NA 116 -67.26 52.90 23.62
N GLY NA 117 -66.67 51.84 24.16
CA GLY NA 117 -65.89 51.93 25.35
C GLY NA 117 -64.80 50.89 25.43
N VAL NA 118 -64.11 50.85 26.56
CA VAL NA 118 -63.00 49.93 26.75
C VAL NA 118 -62.94 49.54 28.21
N GLY NA 119 -62.90 48.24 28.46
CA GLY NA 119 -62.92 47.67 29.79
C GLY NA 119 -61.81 46.68 30.03
N SER NA 120 -61.97 45.88 31.06
CA SER NA 120 -60.93 44.97 31.48
C SER NA 120 -61.54 43.78 32.20
N SER NA 121 -60.98 42.60 31.94
CA SER NA 121 -61.33 41.38 32.63
C SER NA 121 -60.08 40.78 33.24
N ALA NA 122 -60.15 40.46 34.53
CA ALA NA 122 -59.02 39.92 35.27
C ALA NA 122 -59.42 38.65 35.99
N VAL NA 123 -58.41 37.88 36.36
CA VAL NA 123 -58.57 36.57 36.98
C VAL NA 123 -58.29 36.70 38.47
N ILE NA 124 -59.28 36.37 39.28
CA ILE NA 124 -59.27 36.61 40.72
C ILE NA 124 -59.55 35.28 41.40
N LEU NA 125 -58.50 34.62 41.88
CA LEU NA 125 -58.58 33.25 42.35
C LEU NA 125 -58.76 33.12 43.86
N ASP NA 126 -59.39 34.11 44.52
CA ASP NA 126 -59.40 34.13 45.98
C ASP NA 126 -60.68 34.64 46.64
N ASP NA 127 -61.72 34.95 45.89
CA ASP NA 127 -63.02 35.30 46.46
C ASP NA 127 -62.98 36.63 47.19
N ASN NA 128 -62.08 37.53 46.79
CA ASN NA 128 -62.08 38.91 47.26
C ASN NA 128 -61.96 39.76 46.01
N PHE NA 129 -63.11 40.13 45.48
CA PHE NA 129 -63.25 40.95 44.31
C PHE NA 129 -63.30 42.41 44.69
N VAL NA 130 -63.05 43.27 43.70
CA VAL NA 130 -63.38 44.68 43.86
C VAL NA 130 -64.87 44.78 44.06
N THR NA 131 -65.27 45.69 44.95
CA THR NA 131 -66.66 45.82 45.31
C THR NA 131 -67.51 46.14 44.08
N LYS NA 132 -68.68 45.54 44.02
CA LYS NA 132 -69.60 45.79 42.91
C LYS NA 132 -70.01 47.25 42.90
N ALA NA 133 -69.86 47.87 41.72
CA ALA NA 133 -70.12 49.29 41.55
C ALA NA 133 -70.89 49.51 40.26
N THR NA 134 -71.72 50.54 40.26
CA THR NA 134 -72.50 50.91 39.10
C THR NA 134 -71.75 51.87 38.19
N ALA NA 135 -71.19 52.94 38.77
CA ALA NA 135 -70.44 53.94 38.01
C ALA NA 135 -69.23 54.33 38.86
N LEU NA 136 -68.14 53.60 38.71
CA LEU NA 136 -66.88 53.90 39.36
C LEU NA 136 -66.01 54.73 38.43
N THR NA 137 -65.27 55.68 39.01
CA THR NA 137 -64.53 56.67 38.25
C THR NA 137 -63.25 56.14 37.63
N TYR NA 138 -63.00 54.85 37.68
CA TYR NA 138 -61.78 54.29 37.12
C TYR NA 138 -62.00 52.80 36.89
N ASP NA 139 -61.09 52.21 36.13
CA ASP NA 139 -61.09 50.79 35.86
C ASP NA 139 -60.16 50.10 36.85
N PRO NA 140 -60.69 49.38 37.85
CA PRO NA 140 -59.79 48.82 38.85
C PRO NA 140 -58.94 47.68 38.32
N TYR NA 141 -59.45 46.93 37.37
CA TYR NA 141 -58.78 45.74 36.86
C TYR NA 141 -57.82 46.06 35.72
N VAL NA 142 -57.45 47.32 35.54
CA VAL NA 142 -56.67 47.71 34.37
C VAL NA 142 -55.20 47.38 34.55
N ASN NA 143 -54.66 47.58 35.76
CA ASN NA 143 -53.26 47.34 36.02
C ASN NA 143 -52.98 45.94 36.49
N TYR NA 144 -53.99 45.07 36.50
CA TYR NA 144 -53.79 43.68 36.89
C TYR NA 144 -52.97 42.95 35.84
N SER NA 145 -52.11 42.06 36.31
CA SER NA 145 -51.27 41.28 35.43
C SER NA 145 -52.06 40.36 34.52
N SER NA 146 -53.28 40.00 34.91
CA SER NA 146 -54.15 39.14 34.13
C SER NA 146 -55.23 39.92 33.39
N ARG NA 147 -55.00 41.20 33.14
CA ARG NA 147 -55.99 42.01 32.46
C ARG NA 147 -55.96 41.75 30.97
N HIS NA 148 -57.13 41.52 30.41
CA HIS NA 148 -57.36 41.54 28.97
C HIS NA 148 -58.34 42.65 28.69
N THR NA 149 -58.10 43.39 27.63
CA THR NA 149 -58.96 44.48 27.25
C THR NA 149 -60.27 43.97 26.69
N ILE NA 150 -61.36 44.59 27.14
CA ILE NA 150 -62.70 44.34 26.62
C ILE NA 150 -63.05 45.51 25.73
N THR NA 151 -63.09 45.27 24.44
CA THR NA 151 -63.72 46.20 23.53
C THR NA 151 -65.23 46.04 23.62
N GLN NA 152 -65.93 47.16 23.67
CA GLN NA 152 -67.36 47.22 23.87
C GLN NA 152 -68.00 47.98 22.72
N PRO NA 153 -69.29 47.77 22.46
CA PRO NA 153 -70.26 46.81 23.00
C PRO NA 153 -70.46 45.56 22.15
N PHE NA 154 -70.00 45.60 20.91
CA PHE NA 154 -70.36 44.61 19.91
C PHE NA 154 -69.21 43.66 19.60
N SER NA 155 -68.34 43.42 20.56
CA SER NA 155 -67.14 42.63 20.36
C SER NA 155 -67.11 41.45 21.31
N TYR NA 156 -66.58 40.35 20.82
CA TYR NA 156 -66.48 39.11 21.55
C TYR NA 156 -65.24 39.11 22.44
N HIS NA 157 -65.40 38.57 23.64
CA HIS NA 157 -64.35 38.50 24.64
C HIS NA 157 -64.35 37.12 25.24
N SER NA 158 -63.23 36.43 25.15
CA SER NA 158 -63.04 35.12 25.75
C SER NA 158 -61.93 35.18 26.79
N ARG NA 159 -62.06 34.35 27.81
CA ARG NA 159 -61.05 34.16 28.83
C ARG NA 159 -60.98 32.68 29.14
N TYR NA 160 -59.78 32.12 29.05
CA TYR NA 160 -59.53 30.69 29.25
C TYR NA 160 -58.47 30.53 30.32
N PHE NA 161 -58.84 29.95 31.44
CA PHE NA 161 -57.99 29.92 32.61
C PHE NA 161 -58.38 28.73 33.47
N THR NA 162 -57.59 28.52 34.52
CA THR NA 162 -57.77 27.45 35.48
C THR NA 162 -58.28 28.01 36.79
N PRO NA 163 -59.52 27.75 37.19
CA PRO NA 163 -60.01 28.31 38.45
C PRO NA 163 -59.46 27.59 39.66
N LYS NA 164 -59.82 28.06 40.83
CA LYS NA 164 -59.39 27.50 42.09
C LYS NA 164 -60.59 27.43 43.03
N PRO NA 165 -60.68 26.39 43.85
CA PRO NA 165 -61.81 26.31 44.78
C PRO NA 165 -61.59 27.10 46.05
N VAL NA 166 -62.72 27.43 46.67
CA VAL NA 166 -62.75 28.21 47.90
C VAL NA 166 -62.75 27.20 49.04
N LEU NA 167 -61.55 26.82 49.47
CA LEU NA 167 -61.40 25.87 50.56
C LEU NA 167 -61.52 26.55 51.91
N ASP NA 168 -60.90 27.71 52.08
CA ASP NA 168 -61.02 28.51 53.29
C ASP NA 168 -61.10 29.97 52.87
N SER NA 169 -62.28 30.56 53.02
CA SER NA 169 -62.46 31.96 52.66
C SER NA 169 -61.78 32.91 53.65
N THR NA 170 -61.43 32.43 54.84
CA THR NA 170 -60.77 33.27 55.82
C THR NA 170 -59.30 33.50 55.46
N ILE NA 171 -58.63 32.45 54.97
CA ILE NA 171 -57.22 32.49 54.66
C ILE NA 171 -57.03 32.68 53.16
N ASP NA 172 -57.92 32.09 52.38
CA ASP NA 172 -57.93 32.22 50.93
C ASP NA 172 -56.62 31.74 50.33
N TYR NA 173 -56.38 30.43 50.48
CA TYR NA 173 -55.21 29.78 49.92
C TYR NA 173 -55.60 28.93 48.72
N PHE NA 174 -54.69 28.85 47.76
CA PHE NA 174 -54.92 28.07 46.56
C PHE NA 174 -53.60 27.52 46.04
N GLN NA 175 -53.72 26.60 45.20
CA GLN NA 175 -52.61 25.87 44.62
C GLN NA 175 -52.16 26.51 43.31
N PRO NA 176 -50.88 26.43 42.97
CA PRO NA 176 -50.48 26.79 41.62
C PRO NA 176 -50.90 25.77 40.60
N ASN NA 177 -50.71 26.08 39.33
CA ASN NA 177 -51.17 25.22 38.25
C ASN NA 177 -50.26 24.01 38.14
N ASN NA 178 -50.84 22.83 38.37
CA ASN NA 178 -50.12 21.58 38.24
C ASN NA 178 -51.17 20.52 37.96
N LYS NA 179 -51.14 19.94 36.77
CA LYS NA 179 -52.16 18.97 36.42
C LYS NA 179 -52.04 17.71 37.25
N ARG NA 180 -50.83 17.37 37.69
CA ARG NA 180 -50.59 16.12 38.40
C ARG NA 180 -50.92 16.22 39.88
N ASN NA 181 -50.84 17.43 40.45
CA ASN NA 181 -51.01 17.64 41.87
C ASN NA 181 -52.32 18.33 42.23
N GLN NA 182 -53.18 18.60 41.26
CA GLN NA 182 -54.44 19.28 41.53
C GLN NA 182 -55.33 18.41 42.40
N LEU NA 183 -55.92 19.03 43.40
CA LEU NA 183 -56.76 18.34 44.35
C LEU NA 183 -58.00 17.79 43.68
N TRP NA 184 -58.44 16.63 44.14
CA TRP NA 184 -59.72 16.06 43.79
C TRP NA 184 -60.72 16.46 44.87
N LEU NA 185 -61.81 17.07 44.45
CA LEU NA 185 -62.94 17.34 45.32
C LEU NA 185 -63.98 16.26 45.14
N ARG NA 186 -64.91 16.21 46.08
CA ARG NA 186 -66.04 15.31 45.99
C ARG NA 186 -67.20 16.00 45.30
N LEU NA 187 -67.86 15.24 44.43
CA LEU NA 187 -69.08 15.67 43.79
C LEU NA 187 -70.23 15.46 44.76
N GLN NA 188 -70.52 16.51 45.52
CA GLN NA 188 -71.57 16.45 46.52
C GLN NA 188 -72.92 16.36 45.84
N THR NA 189 -73.95 16.17 46.66
CA THR NA 189 -75.31 16.04 46.15
C THR NA 189 -75.93 17.40 45.87
N ALA NA 190 -75.92 18.32 46.86
CA ALA NA 190 -76.48 19.64 46.67
C ALA NA 190 -75.67 20.75 47.36
N GLY NA 191 -74.38 20.53 47.60
CA GLY NA 191 -73.60 21.46 48.39
C GLY NA 191 -72.18 21.68 47.90
N ASN NA 192 -71.97 21.61 46.60
CA ASN NA 192 -70.63 21.75 46.06
C ASN NA 192 -70.06 23.14 46.31
N VAL NA 193 -68.74 23.22 46.28
CA VAL NA 193 -68.01 24.41 46.65
C VAL NA 193 -67.84 25.31 45.44
N ASP NA 194 -67.84 26.61 45.69
CA ASP NA 194 -67.77 27.58 44.61
C ASP NA 194 -66.34 27.74 44.14
N HIS NA 195 -66.15 27.64 42.83
CA HIS NA 195 -64.90 28.01 42.20
C HIS NA 195 -64.97 29.45 41.75
N VAL NA 196 -63.79 30.06 41.63
CA VAL NA 196 -63.67 31.49 41.49
C VAL NA 196 -62.56 31.78 40.50
N GLY NA 197 -62.52 33.02 40.01
CA GLY NA 197 -61.56 33.34 38.97
C GLY NA 197 -61.87 34.35 37.89
N LEU NA 198 -62.94 35.13 37.97
CA LEU NA 198 -63.09 36.21 37.01
C LEU NA 198 -63.81 37.41 37.59
N GLY NA 199 -63.23 38.57 37.32
CA GLY NA 199 -63.87 39.84 37.61
C GLY NA 199 -63.73 40.77 36.44
N THR NA 200 -64.74 41.61 36.25
CA THR NA 200 -64.89 42.42 35.06
C THR NA 200 -65.08 43.88 35.41
N ALA NA 201 -64.84 44.73 34.43
CA ALA NA 201 -65.12 46.16 34.52
C ALA NA 201 -65.53 46.63 33.15
N PHE NA 202 -66.80 47.00 33.01
CA PHE NA 202 -67.36 47.47 31.75
C PHE NA 202 -67.60 48.97 31.82
N GLU NA 203 -67.22 49.66 30.76
CA GLU NA 203 -67.44 51.10 30.67
C GLU NA 203 -68.88 51.37 30.31
N ASN NA 204 -69.52 52.22 31.10
CA ASN NA 204 -70.92 52.52 30.91
C ASN NA 204 -71.14 53.34 29.65
N SER NA 205 -72.40 53.43 29.26
CA SER NA 205 -72.78 54.05 27.99
C SER NA 205 -74.18 54.61 28.10
N ILE NA 206 -74.54 55.43 27.11
CA ILE NA 206 -75.89 55.97 27.04
C ILE NA 206 -76.89 54.88 26.69
N TYR NA 207 -76.46 53.86 25.98
CA TYR NA 207 -77.30 52.75 25.58
C TYR NA 207 -77.03 51.54 26.46
N ASP NA 208 -78.03 50.66 26.55
CA ASP NA 208 -77.87 49.44 27.30
C ASP NA 208 -76.99 48.46 26.54
N GLN NA 209 -76.05 47.85 27.26
CA GLN NA 209 -75.12 46.87 26.69
C GLN NA 209 -75.47 45.50 27.27
N GLU NA 210 -76.03 44.64 26.44
CA GLU NA 210 -76.42 43.30 26.84
C GLU NA 210 -75.43 42.27 26.32
N TYR NA 211 -75.29 41.18 27.05
CA TYR NA 211 -74.39 40.09 26.70
C TYR NA 211 -75.05 38.78 27.07
N ASN NA 212 -74.76 37.76 26.27
CA ASN NA 212 -75.11 36.37 26.58
C ASN NA 212 -73.81 35.65 26.92
N ILE NA 213 -73.65 35.31 28.20
CA ILE NA 213 -72.41 34.76 28.69
C ILE NA 213 -72.52 33.25 28.73
N ARG NA 214 -71.61 32.58 28.03
CA ARG NA 214 -71.55 31.12 27.97
C ARG NA 214 -70.29 30.66 28.67
N VAL NA 215 -70.46 30.00 29.81
CA VAL NA 215 -69.37 29.43 30.58
C VAL NA 215 -69.28 27.96 30.24
N THR NA 216 -68.08 27.51 29.94
CA THR NA 216 -67.79 26.12 29.63
C THR NA 216 -66.71 25.65 30.59
N MET NA 217 -67.03 24.65 31.39
CA MET NA 217 -66.09 24.05 32.32
C MET NA 217 -65.58 22.72 31.79
N TYR NA 218 -64.28 22.58 31.75
CA TYR NA 218 -63.62 21.35 31.36
C TYR NA 218 -63.22 20.60 32.61
N VAL NA 219 -63.94 19.53 32.91
CA VAL NA 219 -63.83 18.84 34.18
C VAL NA 219 -63.22 17.47 33.96
N GLN NA 220 -62.83 16.83 35.06
CA GLN NA 220 -62.19 15.53 35.06
C GLN NA 220 -62.74 14.79 36.26
N PHE NA 221 -63.47 13.72 36.01
CA PHE NA 221 -64.09 12.92 37.05
C PHE NA 221 -63.26 11.66 37.34
N ARG NA 222 -63.67 10.94 38.38
CA ARG NA 222 -62.94 9.78 38.83
C ARG NA 222 -63.90 8.87 39.58
N GLU NA 223 -63.63 7.57 39.51
CA GLU NA 223 -64.33 6.54 40.28
C GLU NA 223 -65.82 6.48 39.92
N PHE NA 224 -66.06 6.01 38.71
CA PHE NA 224 -67.38 5.58 38.26
C PHE NA 224 -68.08 4.78 39.33
N ASN NA 225 -69.26 5.24 39.74
CA ASN NA 225 -69.94 4.70 40.92
C ASN NA 225 -71.41 4.47 40.65
N LEU NA 226 -71.72 3.92 39.48
CA LEU NA 226 -73.10 3.67 39.15
C LEU NA 226 -73.69 2.60 40.07
N LYS NA 227 -74.94 2.77 40.43
CA LYS NA 227 -75.67 1.83 41.27
C LYS NA 227 -76.86 1.30 40.50
N ASP NA 228 -76.98 -0.02 40.46
CA ASP NA 228 -77.97 -0.72 39.64
C ASP NA 228 -78.81 -1.62 40.52
N PRO NA 229 -79.84 -1.08 41.17
CA PRO NA 229 -80.77 -1.94 41.89
C PRO NA 229 -81.67 -2.70 40.95
N PRO NA 230 -82.38 -3.71 41.44
CA PRO NA 230 -83.37 -4.38 40.58
C PRO NA 230 -84.57 -3.51 40.27
N LEU NA 231 -85.52 -4.05 39.53
CA LEU NA 231 -86.71 -3.33 39.12
C LEU NA 231 -87.94 -4.22 39.16
N GLY OA 43 35.89 60.10 -16.74
CA GLY OA 43 35.61 60.02 -18.17
C GLY OA 43 36.65 59.24 -18.93
N ILE OA 44 36.52 57.93 -18.89
CA ILE OA 44 37.53 57.03 -19.43
C ILE OA 44 37.39 56.95 -20.94
N PHE OA 45 38.53 56.84 -21.61
CA PHE OA 45 38.56 56.63 -23.05
C PHE OA 45 39.81 55.82 -23.36
N ASN OA 46 39.62 54.54 -23.60
CA ASN OA 46 40.70 53.67 -24.05
C ASN OA 46 40.83 53.78 -25.55
N THR OA 47 42.05 54.06 -26.02
CA THR OA 47 42.33 54.14 -27.45
C THR OA 47 43.70 53.53 -27.72
N ARG OA 48 44.19 53.79 -28.93
CA ARG OA 48 45.39 53.17 -29.47
C ARG OA 48 46.13 54.18 -30.32
N LEU OA 49 47.40 54.39 -30.00
CA LEU OA 49 48.25 55.35 -30.68
C LEU OA 49 49.48 54.63 -31.19
N SER OA 50 49.88 54.95 -32.41
CA SER OA 50 50.96 54.30 -33.11
C SER OA 50 51.98 55.31 -33.61
N ARG OA 51 53.10 54.76 -34.06
CA ARG OA 51 54.29 55.51 -34.46
C ARG OA 51 55.23 54.52 -35.12
N THR OA 52 55.90 54.97 -36.18
CA THR OA 52 56.75 54.12 -36.99
C THR OA 52 58.09 54.81 -37.23
N PHE OA 53 59.16 54.04 -37.13
CA PHE OA 53 60.50 54.56 -37.32
C PHE OA 53 61.42 53.40 -37.68
N GLY OA 54 62.63 53.75 -38.09
CA GLY OA 54 63.60 52.79 -38.56
C GLY OA 54 64.72 52.46 -37.61
N TYR OA 55 65.31 51.28 -37.81
CA TYR OA 55 66.46 50.82 -37.05
C TYR OA 55 67.29 49.92 -37.96
N THR OA 56 68.58 50.18 -38.01
CA THR OA 56 69.50 49.43 -38.87
C THR OA 56 70.66 48.92 -38.04
N ILE OA 57 71.04 47.68 -38.32
CA ILE OA 57 72.23 47.05 -37.77
C ILE OA 57 73.23 47.01 -38.91
N LYS OA 58 74.23 47.87 -38.83
CA LYS OA 58 75.22 47.97 -39.90
C LYS OA 58 76.07 46.71 -39.96
N ARG OA 59 76.68 46.51 -41.13
CA ARG OA 59 77.51 45.36 -41.38
C ARG OA 59 78.83 45.45 -40.63
N THR OA 60 79.47 44.29 -40.46
CA THR OA 60 80.76 44.19 -39.81
C THR OA 60 81.60 43.13 -40.51
N THR OA 61 82.89 43.43 -40.68
CA THR OA 61 83.84 42.46 -41.20
C THR OA 61 84.28 41.45 -40.14
N VAL OA 62 83.87 41.62 -38.89
CA VAL OA 62 84.25 40.70 -37.83
C VAL OA 62 83.74 39.31 -38.16
N LYS OA 63 84.60 38.31 -37.93
CA LYS OA 63 84.28 36.94 -38.26
C LYS OA 63 83.46 36.27 -37.16
N THR OA 64 83.74 36.59 -35.91
CA THR OA 64 83.10 35.94 -34.79
C THR OA 64 81.61 36.26 -34.75
N PRO OA 65 80.83 35.51 -33.97
CA PRO OA 65 79.46 35.93 -33.71
C PRO OA 65 79.45 37.00 -32.63
N SER OA 66 79.18 38.23 -33.04
CA SER OA 66 79.03 39.35 -32.14
C SER OA 66 77.62 39.89 -32.24
N TRP OA 67 77.20 40.57 -31.19
CA TRP OA 67 75.85 41.12 -31.09
C TRP OA 67 75.89 42.62 -30.93
N ALA OA 68 74.86 43.26 -31.46
CA ALA OA 68 74.67 44.70 -31.40
C ALA OA 68 73.56 44.99 -30.41
N VAL OA 69 73.88 45.75 -29.38
CA VAL OA 69 72.96 46.03 -28.28
C VAL OA 69 72.44 47.44 -28.42
N ASP OA 70 71.16 47.60 -28.12
CA ASP OA 70 70.52 48.91 -28.15
C ASP OA 70 69.32 48.89 -27.22
N MET OA 71 68.81 50.08 -26.95
CA MET OA 71 67.73 50.30 -26.01
C MET OA 71 66.52 50.91 -26.72
N MET OA 72 65.40 50.92 -26.01
CA MET OA 72 64.16 51.44 -26.56
C MET OA 72 63.28 51.95 -25.42
N ARG OA 73 63.06 53.26 -25.41
CA ARG OA 73 62.15 53.91 -24.48
C ARG OA 73 60.89 54.34 -25.22
N PHE OA 74 59.87 54.71 -24.46
CA PHE OA 74 58.57 55.11 -24.99
C PHE OA 74 58.11 56.36 -24.27
N ASN OA 75 57.83 57.41 -25.04
CA ASN OA 75 57.25 58.64 -24.52
C ASN OA 75 56.01 58.98 -25.33
N ILE OA 76 55.06 59.64 -24.65
CA ILE OA 76 53.78 59.96 -25.26
C ILE OA 76 53.84 61.20 -26.14
N ASN OA 77 54.90 61.99 -26.04
CA ASN OA 77 55.03 63.14 -26.94
C ASN OA 77 55.23 62.69 -28.38
N ASP OA 78 55.86 61.53 -28.57
CA ASP OA 78 56.10 61.01 -29.90
C ASP OA 78 54.87 60.40 -30.54
N PHE OA 79 53.82 60.15 -29.77
CA PHE OA 79 52.57 59.60 -30.26
C PHE OA 79 51.45 60.61 -30.28
N LEU OA 80 51.45 61.55 -29.36
CA LEU OA 80 50.39 62.55 -29.21
C LEU OA 80 50.94 63.94 -29.54
N PRO OA 81 50.56 64.58 -30.64
CA PRO OA 81 51.14 65.87 -30.95
C PRO OA 81 50.56 66.97 -30.08
N PRO OA 82 51.12 68.16 -30.14
CA PRO OA 82 50.50 69.29 -29.46
C PRO OA 82 49.24 69.73 -30.16
N GLY OA 83 48.29 70.23 -29.37
CA GLY OA 83 47.03 70.66 -29.91
C GLY OA 83 47.08 72.06 -30.46
N GLY OA 84 46.01 72.81 -30.23
CA GLY OA 84 45.93 74.17 -30.69
C GLY OA 84 44.94 74.99 -29.89
N GLY OA 85 45.36 76.18 -29.48
CA GLY OA 85 44.51 77.06 -28.73
C GLY OA 85 44.52 76.78 -27.25
N SER OA 86 43.35 76.87 -26.61
CA SER OA 86 43.24 76.65 -25.19
C SER OA 86 43.44 75.19 -24.81
N ASN OA 87 43.37 74.28 -25.79
CA ASN OA 87 43.64 72.87 -25.54
C ASN OA 87 45.09 72.59 -25.88
N PRO OA 88 45.96 72.32 -24.90
CA PRO OA 88 47.38 72.19 -25.22
C PRO OA 88 47.72 70.94 -25.99
N ARG OA 89 46.90 69.90 -25.90
CA ARG OA 89 47.12 68.64 -26.57
C ARG OA 89 45.96 68.32 -27.50
N SER OA 90 46.22 67.38 -28.42
CA SER OA 90 45.25 67.08 -29.47
C SER OA 90 44.16 66.13 -28.98
N VAL OA 91 44.43 65.36 -27.94
CA VAL OA 91 43.43 64.52 -27.29
C VAL OA 91 43.01 65.23 -26.02
N PRO OA 92 41.78 65.75 -25.93
CA PRO OA 92 41.44 66.62 -24.79
C PRO OA 92 41.13 65.88 -23.50
N PHE OA 93 42.18 65.45 -22.83
CA PHE OA 93 42.08 64.78 -21.55
C PHE OA 93 43.20 65.27 -20.65
N GLU OA 94 43.02 65.06 -19.35
CA GLU OA 94 43.95 65.53 -18.34
C GLU OA 94 44.96 64.47 -17.94
N TYR OA 95 44.49 63.28 -17.63
CA TYR OA 95 45.31 62.21 -17.08
C TYR OA 95 45.44 61.09 -18.08
N TYR OA 96 46.46 60.26 -17.88
CA TYR OA 96 46.68 59.10 -18.72
C TYR OA 96 47.44 58.05 -17.95
N ARG OA 97 47.40 56.83 -18.47
CA ARG OA 97 48.25 55.76 -17.98
C ARG OA 97 48.36 54.73 -19.08
N ILE OA 98 49.59 54.35 -19.40
CA ILE OA 98 49.85 53.43 -20.50
C ILE OA 98 49.61 52.01 -20.00
N ARG OA 99 48.71 51.30 -20.67
CA ARG OA 99 48.32 49.95 -20.30
C ARG OA 99 49.24 48.91 -20.91
N LYS OA 100 49.50 49.02 -22.21
CA LYS OA 100 50.29 48.04 -22.93
C LYS OA 100 51.03 48.76 -24.06
N VAL OA 101 52.08 48.11 -24.53
CA VAL OA 101 52.80 48.53 -25.72
C VAL OA 101 53.06 47.30 -26.57
N LYS OA 102 52.96 47.47 -27.88
CA LYS OA 102 53.26 46.45 -28.87
C LYS OA 102 54.36 46.98 -29.77
N VAL OA 103 55.54 46.44 -29.61
CA VAL OA 103 56.67 46.74 -30.48
C VAL OA 103 56.74 45.68 -31.56
N GLU OA 104 56.72 46.10 -32.81
CA GLU OA 104 56.73 45.22 -33.96
C GLU OA 104 57.96 45.54 -34.79
N PHE OA 105 58.85 44.57 -34.93
CA PHE OA 105 60.00 44.68 -35.82
C PHE OA 105 59.58 44.11 -37.17
N TRP OA 106 59.21 45.00 -38.07
CA TRP OA 106 58.86 44.60 -39.42
C TRP OA 106 60.11 44.60 -40.27
N PRO OA 107 60.51 43.46 -40.85
CA PRO OA 107 61.78 43.43 -41.58
C PRO OA 107 61.70 44.21 -42.87
N CYS OA 108 62.89 44.63 -43.31
CA CYS OA 108 63.08 45.30 -44.57
C CYS OA 108 63.92 44.48 -45.55
N SER OA 109 64.31 43.29 -45.17
CA SER OA 109 65.28 42.50 -45.89
C SER OA 109 64.60 41.33 -46.60
N PRO OA 110 65.12 40.90 -47.73
CA PRO OA 110 64.48 39.82 -48.48
C PRO OA 110 64.65 38.48 -47.78
N ILE OA 111 63.78 37.55 -48.16
CA ILE OA 111 63.86 36.21 -47.60
C ILE OA 111 65.01 35.39 -48.17
N THR OA 112 65.71 35.92 -49.17
CA THR OA 112 66.89 35.27 -49.74
C THR OA 112 68.19 35.70 -49.07
N GLN OA 113 68.13 36.58 -48.07
CA GLN OA 113 69.34 37.09 -47.47
C GLN OA 113 69.95 36.04 -46.57
N GLY OA 114 71.26 35.85 -46.70
CA GLY OA 114 71.98 34.89 -45.92
C GLY OA 114 72.68 35.49 -44.73
N ASP OA 115 73.61 34.73 -44.17
CA ASP OA 115 74.32 35.10 -42.95
C ASP OA 115 73.33 35.38 -41.83
N ARG OA 116 72.33 34.51 -41.72
CA ARG OA 116 71.29 34.65 -40.73
C ARG OA 116 71.86 34.53 -39.33
N GLY OA 117 71.06 34.93 -38.36
CA GLY OA 117 71.50 35.01 -36.99
C GLY OA 117 70.38 34.80 -36.00
N VAL OA 118 70.70 34.98 -34.72
CA VAL OA 118 69.74 34.75 -33.66
C VAL OA 118 70.05 35.71 -32.52
N GLY OA 119 69.02 36.43 -32.09
CA GLY OA 119 69.15 37.45 -31.07
C GLY OA 119 68.14 37.29 -29.96
N SER OA 120 67.94 38.36 -29.20
CA SER OA 120 67.11 38.30 -28.01
C SER OA 120 66.56 39.68 -27.72
N SER OA 121 65.30 39.72 -27.30
CA SER OA 121 64.63 40.92 -26.83
C SER OA 121 64.10 40.68 -25.43
N ALA OA 122 64.42 41.59 -24.52
CA ALA OA 122 64.04 41.48 -23.13
C ALA OA 122 63.35 42.75 -22.68
N VAL OA 123 62.62 42.63 -21.57
CA VAL OA 123 61.82 43.70 -21.01
C VAL OA 123 62.54 44.27 -19.80
N ILE OA 124 62.84 45.57 -19.86
CA ILE OA 124 63.69 46.24 -18.89
C ILE OA 124 62.92 47.44 -18.36
N LEU OA 125 62.33 47.29 -17.19
CA LEU OA 125 61.37 48.26 -16.66
C LEU OA 125 62.00 49.27 -15.71
N ASP OA 126 63.29 49.60 -15.86
CA ASP OA 126 63.97 50.41 -14.84
C ASP OA 126 64.99 51.41 -15.36
N ASP OA 127 65.17 51.56 -16.66
CA ASP OA 127 66.03 52.59 -17.22
C ASP OA 127 67.49 52.35 -16.92
N ASN OA 128 67.87 51.08 -16.75
CA ASN OA 128 69.28 50.69 -16.66
C ASN OA 128 69.43 49.51 -17.61
N PHE OA 129 69.76 49.84 -18.84
CA PHE OA 129 69.97 48.88 -19.91
C PHE OA 129 71.43 48.44 -19.94
N VAL OA 130 71.66 47.31 -20.61
CA VAL OA 130 73.02 46.96 -20.98
C VAL OA 130 73.55 48.05 -21.89
N THR OA 131 74.82 48.39 -21.72
CA THR OA 131 75.41 49.48 -22.45
C THR OA 131 75.33 49.23 -23.95
N LYS OA 132 75.06 50.28 -24.70
CA LYS OA 132 74.99 50.17 -26.14
C LYS OA 132 76.34 49.75 -26.71
N ALA OA 133 76.31 48.72 -27.54
CA ALA OA 133 77.51 48.12 -28.10
C ALA OA 133 77.28 47.84 -29.57
N THR OA 134 78.38 47.91 -30.33
CA THR OA 134 78.35 47.63 -31.75
C THR OA 134 78.60 46.16 -32.04
N ALA OA 135 79.65 45.59 -31.45
CA ALA OA 135 79.99 44.18 -31.63
C ALA OA 135 80.44 43.64 -30.28
N LEU OA 136 79.49 43.15 -29.50
CA LEU OA 136 79.75 42.50 -28.23
C LEU OA 136 79.84 41.00 -28.43
N THR OA 137 80.75 40.37 -27.69
CA THR OA 137 81.10 38.98 -27.88
C THR OA 137 80.05 38.00 -27.34
N TYR OA 138 78.91 38.47 -26.89
CA TYR OA 138 77.89 37.59 -26.35
C TYR OA 138 76.56 38.32 -26.39
N ASP OA 139 75.49 37.54 -26.19
CA ASP OA 139 74.13 38.08 -26.12
C ASP OA 139 73.79 38.32 -24.66
N PRO OA 140 73.73 39.57 -24.19
CA PRO OA 140 73.49 39.77 -22.76
C PRO OA 140 72.08 39.44 -22.34
N TYR OA 141 71.11 39.62 -23.23
CA TYR OA 141 69.71 39.43 -22.91
C TYR OA 141 69.25 38.00 -23.10
N VAL OA 142 70.17 37.05 -23.20
CA VAL OA 142 69.80 35.68 -23.54
C VAL OA 142 69.25 34.94 -22.34
N ASN OA 143 69.85 35.14 -21.17
CA ASN OA 143 69.44 34.43 -19.98
C ASN OA 143 68.37 35.17 -19.20
N TYR OA 144 67.86 36.28 -19.73
CA TYR OA 144 66.80 37.01 -19.07
C TYR OA 144 65.51 36.22 -19.11
N SER OA 145 64.75 36.31 -18.02
CA SER OA 145 63.47 35.62 -17.91
C SER OA 145 62.46 36.10 -18.93
N SER OA 146 62.61 37.31 -19.44
CA SER OA 146 61.72 37.89 -20.43
C SER OA 146 62.30 37.85 -21.83
N ARG OA 147 63.24 36.95 -22.08
CA ARG OA 147 63.87 36.86 -23.39
C ARG OA 147 62.95 36.14 -24.36
N HIS OA 148 62.78 36.73 -25.53
CA HIS OA 148 62.20 36.10 -26.69
C HIS OA 148 63.27 36.08 -27.76
N THR OA 149 63.36 34.98 -28.47
CA THR OA 149 64.34 34.84 -29.54
C THR OA 149 63.95 35.68 -30.74
N ILE OA 150 64.93 36.38 -31.30
CA ILE OA 150 64.78 37.13 -32.53
C ILE OA 150 65.48 36.32 -33.60
N THR OA 151 64.70 35.74 -34.50
CA THR OA 151 65.23 35.23 -35.75
C THR OA 151 65.49 36.39 -36.68
N GLN OA 152 66.64 36.37 -37.34
CA GLN OA 152 67.11 37.43 -38.20
C GLN OA 152 67.40 36.87 -39.58
N PRO OA 153 67.39 37.72 -40.62
CA PRO OA 153 67.03 39.13 -40.73
C PRO OA 153 65.63 39.40 -41.23
N PHE OA 154 64.99 38.37 -41.80
CA PHE OA 154 63.76 38.53 -42.57
C PHE OA 154 62.53 38.02 -41.82
N SER OA 155 62.57 38.07 -40.49
CA SER OA 155 61.52 37.51 -39.67
C SER OA 155 60.93 38.57 -38.77
N TYR OA 156 59.62 38.46 -38.55
CA TYR OA 156 58.87 39.38 -37.74
C TYR OA 156 58.98 39.02 -36.27
N HIS OA 157 59.10 40.06 -35.44
CA HIS OA 157 59.25 39.91 -34.00
C HIS OA 157 58.33 40.92 -33.33
N SER OA 158 57.43 40.42 -32.48
CA SER OA 158 56.53 41.23 -31.70
C SER OA 158 56.79 41.02 -30.22
N ARG OA 159 56.57 42.08 -29.45
CA ARG OA 159 56.63 42.03 -28.00
C ARG OA 159 55.47 42.86 -27.46
N TYR OA 160 54.67 42.26 -26.59
CA TYR OA 160 53.48 42.87 -26.03
C TYR OA 160 53.59 42.81 -24.52
N PHE OA 161 53.68 43.96 -23.88
CA PHE OA 161 53.97 44.04 -22.47
C PHE OA 161 53.43 45.35 -21.92
N THR OA 162 53.55 45.49 -20.60
CA THR OA 162 53.09 46.64 -19.86
C THR OA 162 54.28 47.45 -19.39
N PRO OA 163 54.52 48.65 -19.92
CA PRO OA 163 55.69 49.41 -19.48
C PRO OA 163 55.48 50.04 -18.13
N LYS OA 164 56.51 50.73 -17.65
CA LYS OA 164 56.49 51.39 -16.36
C LYS OA 164 57.12 52.76 -16.52
N PRO OA 165 56.63 53.78 -15.81
CA PRO OA 165 57.23 55.10 -15.93
C PRO OA 165 58.44 55.29 -15.05
N VAL OA 166 59.27 56.24 -15.44
CA VAL OA 166 60.50 56.57 -14.74
C VAL OA 166 60.15 57.68 -13.75
N LEU OA 167 59.73 57.28 -12.56
CA LEU OA 167 59.38 58.22 -11.52
C LEU OA 167 60.61 58.74 -10.79
N ASP OA 168 61.52 57.85 -10.44
CA ASP OA 168 62.79 58.23 -9.82
C ASP OA 168 63.88 57.36 -10.44
N SER OA 169 64.73 57.97 -11.26
CA SER OA 169 65.81 57.23 -11.88
C SER OA 169 66.92 56.86 -10.91
N THR OA 170 66.96 57.52 -9.74
CA THR OA 170 67.98 57.19 -8.74
C THR OA 170 67.67 55.89 -8.02
N ILE OA 171 66.40 55.66 -7.72
CA ILE OA 171 65.97 54.49 -6.96
C ILE OA 171 65.41 53.44 -7.91
N ASP OA 172 64.75 53.90 -8.97
CA ASP OA 172 64.21 53.04 -10.01
C ASP OA 172 63.22 52.03 -9.44
N TYR OA 173 62.12 52.58 -8.94
CA TYR OA 173 61.02 51.79 -8.40
C TYR OA 173 59.85 51.78 -9.37
N PHE OA 174 59.13 50.66 -9.39
CA PHE OA 174 57.97 50.53 -10.25
C PHE OA 174 56.95 49.60 -9.60
N GLN OA 175 55.80 49.66 -10.09
CA GLN OA 175 54.66 48.92 -9.61
C GLN OA 175 54.52 47.58 -10.33
N PRO OA 176 54.00 46.56 -9.67
CA PRO OA 176 53.62 45.36 -10.41
C PRO OA 176 52.35 45.57 -11.23
N ASN OA 177 52.01 44.58 -12.04
CA ASN OA 177 50.89 44.71 -12.95
C ASN OA 177 49.59 44.61 -12.20
N ASN OA 178 48.81 45.69 -12.21
CA ASN OA 178 47.50 45.72 -11.58
C ASN OA 178 46.71 46.78 -12.32
N LYS OA 179 45.67 46.37 -13.02
CA LYS OA 179 44.91 47.34 -13.79
C LYS OA 179 44.17 48.31 -12.89
N ARG OA 180 43.79 47.88 -11.69
CA ARG OA 180 42.98 48.71 -10.82
C ARG OA 180 43.81 49.71 -10.02
N ASN OA 181 45.08 49.39 -9.78
CA ASN OA 181 45.96 50.20 -8.94
C ASN OA 181 47.01 50.96 -9.72
N GLN OA 182 47.00 50.89 -11.04
CA GLN OA 182 48.00 51.58 -11.83
C GLN OA 182 47.86 53.08 -11.70
N LEU OA 183 48.99 53.75 -11.51
CA LEU OA 183 49.00 55.17 -11.30
C LEU OA 183 48.52 55.92 -12.54
N TRP OA 184 47.82 57.02 -12.30
CA TRP OA 184 47.48 57.98 -13.32
C TRP OA 184 48.53 59.07 -13.33
N LEU OA 185 49.12 59.30 -14.49
CA LEU OA 185 50.01 60.42 -14.72
C LEU OA 185 49.24 61.55 -15.35
N ARG OA 186 49.83 62.73 -15.34
CA ARG OA 186 49.29 63.89 -16.01
C ARG OA 186 49.83 63.97 -17.42
N LEU OA 187 48.94 64.29 -18.35
CA LEU OA 187 49.30 64.57 -19.72
C LEU OA 187 49.82 66.00 -19.79
N GLN OA 188 51.14 66.13 -19.65
CA GLN OA 188 51.79 67.42 -19.66
C GLN OA 188 51.72 68.02 -21.06
N THR OA 189 52.16 69.27 -21.16
CA THR OA 189 52.14 69.97 -22.43
C THR OA 189 53.32 69.60 -23.31
N ALA OA 190 54.55 69.71 -22.78
CA ALA OA 190 55.74 69.35 -23.52
C ALA OA 190 56.82 68.66 -22.69
N GLY OA 191 56.44 68.00 -21.59
CA GLY OA 191 57.41 67.47 -20.66
C GLY OA 191 57.06 66.12 -20.07
N ASN OA 192 56.36 65.29 -20.82
CA ASN OA 192 55.92 64.01 -20.29
C ASN OA 192 57.11 63.10 -19.98
N VAL OA 193 56.85 62.15 -19.10
CA VAL OA 193 57.88 61.28 -18.55
C VAL OA 193 58.07 60.07 -19.46
N ASP OA 194 59.30 59.60 -19.52
CA ASP OA 194 59.64 58.49 -20.40
C ASP OA 194 59.23 57.17 -19.77
N HIS OA 195 58.51 56.36 -20.53
CA HIS OA 195 58.26 54.99 -20.17
C HIS OA 195 59.31 54.10 -20.80
N VAL OA 196 59.50 52.94 -20.19
CA VAL OA 196 60.65 52.10 -20.45
C VAL OA 196 60.20 50.65 -20.44
N GLY OA 197 61.03 49.76 -20.99
CA GLY OA 197 60.62 48.39 -21.09
C GLY OA 197 61.08 47.52 -22.25
N LEU OA 198 62.02 47.94 -23.08
CA LEU OA 198 62.56 46.99 -24.05
C LEU OA 198 64.02 47.23 -24.36
N GLY OA 199 64.77 46.14 -24.35
CA GLY OA 199 66.14 46.14 -24.82
C GLY OA 199 66.37 44.95 -25.72
N THR OA 200 67.25 45.14 -26.70
CA THR OA 200 67.44 44.20 -27.78
C THR OA 200 68.92 43.85 -27.93
N ALA OA 201 69.15 42.72 -28.60
CA ALA OA 201 70.48 42.30 -28.99
C ALA OA 201 70.36 41.58 -30.33
N PHE OA 202 70.91 42.20 -31.37
CA PHE OA 202 70.88 41.67 -32.72
C PHE OA 202 72.26 41.16 -33.11
N GLU OA 203 72.29 39.99 -33.72
CA GLU OA 203 73.53 39.41 -34.19
C GLU OA 203 73.95 40.08 -35.49
N ASN OA 204 75.18 40.54 -35.54
CA ASN OA 204 75.68 41.26 -36.68
C ASN OA 204 75.86 40.32 -37.87
N SER OA 205 76.06 40.92 -39.03
CA SER OA 205 76.11 40.19 -40.29
C SER OA 205 76.97 40.95 -41.29
N ILE OA 206 77.30 40.26 -42.38
CA ILE OA 206 78.05 40.89 -43.45
C ILE OA 206 77.19 41.90 -44.19
N TYR OA 207 75.89 41.69 -44.21
CA TYR OA 207 74.94 42.57 -44.87
C TYR OA 207 74.24 43.44 -43.84
N ASP OA 208 73.75 44.59 -44.30
CA ASP OA 208 73.00 45.49 -43.44
C ASP OA 208 71.61 44.93 -43.20
N GLN OA 209 71.18 44.96 -41.94
CA GLN OA 209 69.88 44.48 -41.51
C GLN OA 209 69.04 45.68 -41.10
N GLU OA 210 68.05 46.02 -41.92
CA GLU OA 210 67.16 47.14 -41.66
C GLU OA 210 65.82 46.65 -41.16
N TYR OA 211 65.17 47.48 -40.34
CA TYR OA 211 63.88 47.20 -39.78
C TYR OA 211 63.06 48.47 -39.73
N ASN OA 212 61.75 48.32 -39.91
CA ASN OA 212 60.77 49.37 -39.68
C ASN OA 212 60.01 49.02 -38.41
N ILE OA 213 60.26 49.78 -37.35
CA ILE OA 213 59.71 49.46 -36.05
C ILE OA 213 58.46 50.28 -35.83
N ARG OA 214 57.35 49.59 -35.55
CA ARG OA 214 56.05 50.19 -35.30
C ARG OA 214 55.69 49.94 -33.85
N VAL OA 215 55.68 51.00 -33.06
CA VAL OA 215 55.27 50.95 -31.67
C VAL OA 215 53.83 51.41 -31.57
N THR OA 216 53.02 50.62 -30.87
CA THR OA 216 51.62 50.92 -30.64
C THR OA 216 51.40 50.92 -29.14
N MET OA 217 50.98 52.06 -28.61
CA MET OA 217 50.66 52.21 -27.21
C MET OA 217 49.16 52.20 -26.98
N TYR OA 218 48.71 51.35 -26.08
CA TYR OA 218 47.33 51.26 -25.68
C TYR OA 218 47.16 52.04 -24.39
N VAL OA 219 46.52 53.20 -24.48
CA VAL OA 219 46.48 54.16 -23.39
C VAL OA 219 45.06 54.27 -22.88
N GLN OA 220 44.93 54.91 -21.73
CA GLN OA 220 43.66 55.09 -21.05
C GLN OA 220 43.69 56.48 -20.45
N PHE OA 221 42.81 57.35 -20.94
CA PHE OA 221 42.73 58.73 -20.49
C PHE OA 221 41.60 58.91 -19.50
N ARG OA 222 41.53 60.11 -18.91
CA ARG OA 222 40.57 60.42 -17.89
C ARG OA 222 40.34 61.92 -17.85
N GLU OA 223 39.13 62.31 -17.47
CA GLU OA 223 38.74 63.70 -17.24
C GLU OA 223 38.89 64.55 -18.50
N PHE OA 224 37.99 64.27 -19.44
CA PHE OA 224 37.72 65.12 -20.59
C PHE OA 224 37.67 66.58 -20.17
N ASN OA 225 38.53 67.40 -20.78
CA ASN OA 225 38.76 68.76 -20.34
C ASN OA 225 38.77 69.74 -21.50
N LEU OA 226 37.85 69.57 -22.43
CA LEU OA 226 37.80 70.46 -23.58
C LEU OA 226 37.42 71.85 -23.13
N LYS OA 227 38.02 72.84 -23.78
CA LYS OA 227 37.77 74.25 -23.52
C LYS OA 227 37.24 74.90 -24.78
N ASP OA 228 36.10 75.58 -24.66
CA ASP OA 228 35.37 76.13 -25.79
C ASP OA 228 35.18 77.62 -25.58
N PRO OA 229 36.17 78.44 -25.94
CA PRO OA 229 35.98 79.87 -25.91
C PRO OA 229 35.10 80.33 -27.07
N PRO OA 230 34.61 81.57 -27.04
CA PRO OA 230 33.87 82.08 -28.20
C PRO OA 230 34.77 82.33 -29.39
N LEU OA 231 34.18 82.83 -30.48
CA LEU OA 231 34.90 83.07 -31.72
C LEU OA 231 34.43 84.36 -32.38
N GLY PA 43 67.85 23.29 -0.17
CA GLY PA 43 67.53 24.54 -0.83
C GLY PA 43 67.59 24.47 -2.33
N ILE PA 44 66.53 23.96 -2.92
CA ILE PA 44 66.50 23.66 -4.34
C ILE PA 44 66.27 24.93 -5.13
N PHE PA 45 66.91 25.02 -6.29
CA PHE PA 45 66.71 26.11 -7.22
C PHE PA 45 66.91 25.56 -8.63
N ASN PA 46 65.81 25.32 -9.33
CA ASN PA 46 65.86 24.93 -10.72
C ASN PA 46 65.95 26.18 -11.59
N THR PA 47 66.95 26.20 -12.47
CA THR PA 47 67.11 27.31 -13.39
C THR PA 47 67.56 26.77 -14.75
N ARG PA 48 68.01 27.69 -15.60
CA ARG PA 48 68.33 27.42 -16.99
C ARG PA 48 69.53 28.24 -17.39
N LEU PA 49 70.54 27.58 -17.93
CA LEU PA 49 71.79 28.19 -18.34
C LEU PA 49 72.04 27.86 -19.80
N SER PA 50 72.48 28.86 -20.55
CA SER PA 50 72.67 28.75 -21.98
C SER PA 50 74.08 29.17 -22.38
N ARG PA 51 74.39 28.90 -23.64
CA ARG PA 51 75.71 29.07 -24.21
C ARG PA 51 75.57 28.87 -25.71
N THR PA 52 76.29 29.66 -26.48
CA THR PA 52 76.19 29.66 -27.94
C THR PA 52 77.57 29.63 -28.55
N PHE PA 53 77.71 28.82 -29.60
CA PHE PA 53 78.98 28.66 -30.29
C PHE PA 53 78.71 28.14 -31.70
N GLY PA 54 79.76 28.17 -32.51
CA GLY PA 54 79.65 27.80 -33.91
C GLY PA 54 80.19 26.43 -34.28
N TYR PA 55 79.70 25.91 -35.39
CA TYR PA 55 80.15 24.65 -35.95
C TYR PA 55 79.98 24.73 -37.46
N THR PA 56 81.03 24.38 -38.19
CA THR PA 56 81.03 24.43 -39.64
C THR PA 56 81.46 23.09 -40.20
N ILE PA 57 80.77 22.68 -41.26
CA ILE PA 57 81.11 21.51 -42.05
C ILE PA 57 81.70 22.04 -43.35
N LYS PA 58 83.01 21.95 -43.49
CA LYS PA 58 83.68 22.49 -44.65
C LYS PA 58 83.31 21.72 -45.91
N ARG PA 59 83.50 22.37 -47.05
CA ARG PA 59 83.17 21.81 -48.35
C ARG PA 59 84.16 20.70 -48.72
N THR PA 60 83.73 19.85 -49.66
CA THR PA 60 84.53 18.77 -50.18
C THR PA 60 84.27 18.60 -51.66
N THR PA 61 85.33 18.37 -52.43
CA THR PA 61 85.22 18.04 -53.83
C THR PA 61 84.81 16.59 -54.08
N VAL PA 62 84.74 15.78 -53.02
CA VAL PA 62 84.35 14.39 -53.16
C VAL PA 62 82.95 14.30 -53.77
N LYS PA 63 82.79 13.38 -54.71
CA LYS PA 63 81.52 13.23 -55.42
C LYS PA 63 80.54 12.37 -54.65
N THR PA 64 81.03 11.34 -53.97
CA THR PA 64 80.18 10.40 -53.28
C THR PA 64 79.44 11.08 -52.14
N PRO PA 65 78.39 10.43 -51.61
CA PRO PA 65 77.81 10.90 -50.36
C PRO PA 65 78.66 10.44 -49.19
N SER PA 66 79.38 11.38 -48.59
CA SER PA 66 80.16 11.13 -47.40
C SER PA 66 79.63 11.98 -46.26
N TRP PA 67 79.91 11.53 -45.05
CA TRP PA 67 79.43 12.19 -43.84
C TRP PA 67 80.59 12.64 -42.97
N ALA PA 68 80.35 13.74 -42.27
CA ALA PA 68 81.31 14.33 -41.34
C ALA PA 68 80.84 14.05 -39.93
N VAL PA 69 81.67 13.38 -39.16
CA VAL PA 69 81.32 12.93 -37.82
C VAL PA 69 82.02 13.81 -36.81
N ASP PA 70 81.32 14.12 -35.73
CA ASP PA 70 81.87 14.92 -34.65
C ASP PA 70 81.11 14.60 -33.38
N MET PA 71 81.66 15.04 -32.26
CA MET PA 71 81.16 14.77 -30.94
C MET PA 71 80.79 16.07 -30.23
N MET PA 72 80.08 15.92 -29.12
CA MET PA 72 79.62 17.07 -28.34
C MET PA 72 79.48 16.67 -26.88
N ARG PA 73 80.30 17.25 -26.03
CA ARG PA 73 80.24 17.10 -24.59
C ARG PA 73 79.69 18.37 -23.97
N PHE PA 74 79.32 18.27 -22.69
CA PHE PA 74 78.74 19.38 -21.95
C PHE PA 74 79.41 19.47 -20.58
N ASN PA 75 79.95 20.63 -20.27
CA ASN PA 75 80.53 20.92 -18.96
C ASN PA 75 79.92 22.19 -18.42
N ILE PA 76 79.81 22.26 -17.09
CA ILE PA 76 79.16 23.40 -16.44
C ILE PA 76 80.08 24.60 -16.31
N ASN PA 77 81.39 24.42 -16.50
CA ASN PA 77 82.29 25.57 -16.48
C ASN PA 77 82.01 26.51 -17.63
N ASP PA 78 81.55 25.97 -18.76
CA ASP PA 78 81.26 26.77 -19.94
C ASP PA 78 79.96 27.53 -19.83
N PHE PA 79 79.11 27.19 -18.85
CA PHE PA 79 77.84 27.87 -18.62
C PHE PA 79 77.84 28.74 -17.37
N LEU PA 80 78.61 28.34 -16.36
CA LEU PA 80 78.66 29.02 -15.07
C LEU PA 80 80.04 29.63 -14.87
N PRO PA 81 80.21 30.95 -14.88
CA PRO PA 81 81.54 31.50 -14.75
C PRO PA 81 82.02 31.44 -13.31
N PRO PA 82 83.29 31.74 -13.07
CA PRO PA 82 83.76 31.87 -11.69
C PRO PA 82 83.22 33.13 -11.04
N GLY PA 83 83.01 33.03 -9.74
CA GLY PA 83 82.45 34.14 -9.00
C GLY PA 83 83.50 35.14 -8.57
N GLY PA 84 83.37 35.66 -7.37
CA GLY PA 84 84.31 36.61 -6.84
C GLY PA 84 84.31 36.65 -5.33
N GLY PA 85 85.50 36.63 -4.75
CA GLY PA 85 85.63 36.68 -3.31
C GLY PA 85 85.50 35.33 -2.65
N SER PA 86 84.82 35.30 -1.51
CA SER PA 86 84.66 34.06 -0.76
C SER PA 86 83.72 33.09 -1.47
N ASN PA 87 82.94 33.57 -2.43
CA ASN PA 87 82.07 32.70 -3.22
C ASN PA 87 82.81 32.30 -4.49
N PRO PA 88 83.24 31.04 -4.65
CA PRO PA 88 84.07 30.71 -5.80
C PRO PA 88 83.32 30.72 -7.13
N ARG PA 89 82.00 30.55 -7.09
CA ARG PA 89 81.17 30.53 -8.28
C ARG PA 89 80.11 31.61 -8.22
N SER PA 90 79.54 31.91 -9.39
CA SER PA 90 78.61 33.02 -9.51
C SER PA 90 77.22 32.67 -9.05
N VAL PA 91 76.87 31.39 -9.06
CA VAL PA 91 75.61 30.89 -8.50
C VAL PA 91 75.93 30.29 -7.15
N PRO PA 92 75.51 30.90 -6.03
CA PRO PA 92 75.99 30.43 -4.73
C PRO PA 92 75.29 29.19 -4.20
N PHE PA 93 75.70 28.04 -4.74
CA PHE PA 93 75.20 26.75 -4.32
C PHE PA 93 76.36 25.77 -4.28
N GLU PA 94 76.14 24.68 -3.55
CA GLU PA 94 77.16 23.66 -3.34
C GLU PA 94 77.06 22.52 -4.33
N TYR PA 95 75.88 21.95 -4.50
CA TYR PA 95 75.66 20.76 -5.28
C TYR PA 95 74.84 21.10 -6.52
N TYR PA 96 74.92 20.21 -7.50
CA TYR PA 96 74.15 20.36 -8.72
C TYR PA 96 73.91 19.00 -9.35
N ARG PA 97 72.95 18.96 -10.25
CA ARG PA 97 72.74 17.80 -11.10
C ARG PA 97 71.98 18.26 -12.32
N ILE PA 98 72.49 17.89 -13.49
CA ILE PA 98 71.92 18.34 -14.75
C ILE PA 98 70.73 17.46 -15.08
N ARG PA 99 69.57 18.08 -15.25
CA ARG PA 99 68.33 17.38 -15.51
C ARG PA 99 68.12 17.12 -17.00
N LYS PA 100 68.31 18.14 -17.82
CA LYS PA 100 68.07 18.05 -19.25
C LYS PA 100 69.04 18.97 -19.96
N VAL PA 101 69.23 18.71 -21.25
CA VAL PA 101 69.96 19.60 -22.14
C VAL PA 101 69.17 19.70 -23.43
N LYS PA 102 69.17 20.91 -24.00
CA LYS PA 102 68.55 21.20 -25.28
C LYS PA 102 69.63 21.73 -26.20
N VAL PA 103 70.02 20.93 -27.16
CA VAL PA 103 70.95 21.34 -28.20
C VAL PA 103 70.14 21.78 -29.42
N GLU PA 104 70.38 23.00 -29.86
CA GLU PA 104 69.67 23.60 -30.99
C GLU PA 104 70.69 23.94 -32.05
N PHE PA 105 70.55 23.33 -33.22
CA PHE PA 105 71.34 23.68 -34.39
C PHE PA 105 70.58 24.73 -35.16
N TRP PA 106 70.95 25.98 -34.95
CA TRP PA 106 70.35 27.08 -35.68
C TRP PA 106 71.13 27.30 -36.97
N PRO PA 107 70.53 27.16 -38.15
CA PRO PA 107 71.30 27.28 -39.37
C PRO PA 107 71.77 28.69 -39.64
N CYS PA 108 72.85 28.76 -40.42
CA CYS PA 108 73.41 30.01 -40.89
C CYS PA 108 73.31 30.17 -42.38
N SER PA 109 72.70 29.22 -43.08
CA SER PA 109 72.70 29.13 -44.51
C SER PA 109 71.36 29.53 -45.08
N PRO PA 110 71.32 30.09 -46.28
CA PRO PA 110 70.04 30.52 -46.85
C PRO PA 110 69.20 29.35 -47.29
N ILE PA 111 67.90 29.62 -47.43
CA ILE PA 111 66.98 28.59 -47.89
C ILE PA 111 67.11 28.30 -49.38
N THR PA 112 67.92 29.07 -50.10
CA THR PA 112 68.17 28.83 -51.51
C THR PA 112 69.40 27.95 -51.75
N GLN PA 113 70.07 27.49 -50.69
CA GLN PA 113 71.28 26.72 -50.87
C GLN PA 113 70.94 25.31 -51.32
N GLY PA 114 71.66 24.85 -52.33
CA GLY PA 114 71.46 23.53 -52.88
C GLY PA 114 72.43 22.51 -52.32
N ASP PA 115 72.51 21.38 -53.03
CA ASP PA 115 73.32 20.25 -52.61
C ASP PA 115 72.92 19.81 -51.21
N ARG PA 116 71.62 19.76 -50.98
CA ARG PA 116 71.10 19.39 -49.68
C ARG PA 116 71.45 17.95 -49.34
N GLY PA 117 71.27 17.62 -48.08
CA GLY PA 117 71.68 16.34 -47.56
C GLY PA 117 70.83 15.87 -46.40
N VAL PA 118 71.24 14.76 -45.80
CA VAL PA 118 70.48 14.15 -44.72
C VAL PA 118 71.47 13.47 -43.77
N GLY PA 119 71.35 13.80 -42.50
CA GLY PA 119 72.24 13.30 -41.47
C GLY PA 119 71.51 12.71 -40.30
N SER PA 120 72.22 12.56 -39.19
CA SER PA 120 71.68 11.89 -38.03
C SER PA 120 72.36 12.41 -36.77
N SER PA 121 71.57 12.56 -35.71
CA SER PA 121 72.06 12.91 -34.39
C SER PA 121 71.60 11.85 -33.41
N ALA PA 122 72.54 11.34 -32.62
CA ALA PA 122 72.27 10.29 -31.67
C ALA PA 122 72.79 10.68 -30.29
N VAL PA 123 72.28 9.99 -29.29
CA VAL PA 123 72.56 10.27 -27.88
C VAL PA 123 73.53 9.21 -27.37
N ILE PA 124 74.69 9.65 -26.91
CA ILE PA 124 75.81 8.79 -26.56
C ILE PA 124 76.23 9.12 -25.14
N LEU PA 125 75.78 8.33 -24.19
CA LEU PA 125 75.89 8.63 -22.77
C LEU PA 125 77.11 8.01 -22.11
N ASP PA 126 78.21 7.76 -22.84
CA ASP PA 126 79.31 6.98 -22.28
C ASP PA 126 80.71 7.42 -22.70
N ASP PA 127 80.88 8.49 -23.45
CA ASP PA 127 82.19 9.04 -23.76
C ASP PA 127 82.99 8.13 -24.68
N ASN PA 128 82.31 7.32 -25.49
CA ASN PA 128 82.95 6.56 -26.55
C ASN PA 128 82.12 6.81 -27.79
N PHE PA 129 82.53 7.84 -28.52
CA PHE PA 129 81.90 8.27 -29.75
C PHE PA 129 82.53 7.55 -30.93
N VAL PA 130 81.81 7.57 -32.06
CA VAL PA 130 82.43 7.21 -33.32
C VAL PA 130 83.54 8.20 -33.58
N THR PA 131 84.64 7.70 -34.13
CA THR PA 131 85.83 8.52 -34.33
C THR PA 131 85.50 9.68 -35.24
N LYS PA 132 86.07 10.84 -34.92
CA LYS PA 132 85.88 12.03 -35.73
C LYS PA 132 86.43 11.81 -37.13
N ALA PA 133 85.59 12.09 -38.13
CA ALA PA 133 85.91 11.86 -39.52
C ALA PA 133 85.48 13.06 -40.34
N THR PA 134 86.22 13.30 -41.43
CA THR PA 134 85.92 14.38 -42.35
C THR PA 134 84.97 13.93 -43.44
N ALA PA 135 85.27 12.80 -44.10
CA ALA PA 135 84.43 12.26 -45.16
C ALA PA 135 84.40 10.75 -44.99
N LEU PA 136 83.44 10.28 -44.21
CA LEU PA 136 83.19 8.86 -44.01
C LEU PA 136 82.12 8.39 -44.98
N THR PA 137 82.28 7.17 -45.49
CA THR PA 137 81.46 6.64 -46.56
C THR PA 137 80.08 6.20 -46.12
N TYR PA 138 79.68 6.46 -44.88
CA TYR PA 138 78.38 6.05 -44.39
C TYR PA 138 78.04 6.89 -43.18
N ASP PA 139 76.77 6.83 -42.78
CA ASP PA 139 76.27 7.51 -41.60
C ASP PA 139 76.30 6.53 -40.44
N PRO PA 140 77.22 6.65 -39.49
CA PRO PA 140 77.28 5.65 -38.43
C PRO PA 140 76.11 5.71 -37.48
N TYR PA 141 75.57 6.89 -37.25
CA TYR PA 141 74.51 7.09 -36.26
C TYR PA 141 73.13 6.86 -36.84
N VAL PA 142 73.02 6.20 -37.99
CA VAL PA 142 71.73 6.10 -38.67
C VAL PA 142 70.87 5.00 -38.05
N ASN PA 143 71.48 3.87 -37.68
CA ASN PA 143 70.75 2.76 -37.12
C ASN PA 143 70.63 2.83 -35.62
N TYR PA 144 71.10 3.89 -35.00
CA TYR PA 144 70.96 4.05 -33.56
C TYR PA 144 69.51 4.27 -33.17
N SER PA 145 69.14 3.69 -32.03
CA SER PA 145 67.78 3.82 -31.53
C SER PA 145 67.41 5.25 -31.19
N SER PA 146 68.40 6.10 -30.93
CA SER PA 146 68.19 7.50 -30.59
C SER PA 146 68.47 8.42 -31.77
N ARG PA 147 68.41 7.91 -32.98
CA ARG PA 147 68.69 8.71 -34.16
C ARG PA 147 67.50 9.59 -34.48
N HIS PA 148 67.77 10.87 -34.71
CA HIS PA 148 66.85 11.80 -35.31
C HIS PA 148 67.49 12.28 -36.60
N THR PA 149 66.69 12.40 -37.65
CA THR PA 149 67.18 12.84 -38.93
C THR PA 149 67.49 14.33 -38.89
N ILE PA 150 68.63 14.69 -39.46
CA ILE PA 150 69.05 16.07 -39.65
C ILE PA 150 68.84 16.37 -41.13
N THR PA 151 67.85 17.19 -41.43
CA THR PA 151 67.76 17.82 -42.73
C THR PA 151 68.74 18.97 -42.80
N GLN PA 152 69.46 19.04 -43.91
CA GLN PA 152 70.52 20.02 -44.12
C GLN PA 152 70.23 20.82 -45.37
N PRO PA 153 70.80 22.02 -45.49
CA PRO PA 153 71.61 22.83 -44.56
C PRO PA 153 70.84 23.89 -43.81
N PHE PA 154 69.63 24.20 -44.25
CA PHE PA 154 68.90 25.37 -43.80
C PHE PA 154 67.75 25.02 -42.88
N SER PA 155 67.88 23.93 -42.14
CA SER PA 155 66.80 23.42 -41.31
C SER PA 155 67.24 23.33 -39.87
N TYR PA 156 66.31 23.59 -38.98
CA TYR PA 156 66.54 23.60 -37.55
C TYR PA 156 66.42 22.18 -36.99
N HIS PA 157 67.31 21.85 -36.06
CA HIS PA 157 67.38 20.55 -35.43
C HIS PA 157 67.55 20.75 -33.95
N SER PA 158 66.63 20.19 -33.17
CA SER PA 158 66.68 20.21 -31.71
C SER PA 158 66.77 18.80 -31.17
N ARG PA 159 67.45 18.66 -30.05
CA ARG PA 159 67.52 17.41 -29.31
C ARG PA 159 67.41 17.75 -27.83
N TYR PA 160 66.47 17.10 -27.16
CA TYR PA 160 66.17 17.33 -25.75
C TYR PA 160 66.27 16.01 -25.02
N PHE PA 161 67.22 15.91 -24.11
CA PHE PA 161 67.54 14.64 -23.47
C PHE PA 161 68.19 14.92 -22.13
N THR PA 162 68.44 13.83 -21.41
CA THR PA 162 69.03 13.86 -20.08
C THR PA 162 70.45 13.33 -20.15
N PRO PA 163 71.48 14.16 -19.97
CA PRO PA 163 72.85 13.65 -20.07
C PRO PA 163 73.26 12.85 -18.86
N LYS PA 164 74.47 12.32 -18.88
CA LYS PA 164 75.02 11.53 -17.80
C LYS PA 164 76.45 11.96 -17.57
N PRO PA 165 76.91 11.97 -16.33
CA PRO PA 165 78.30 12.36 -16.07
C PRO PA 165 79.28 11.23 -16.26
N VAL PA 166 80.52 11.62 -16.51
CA VAL PA 166 81.63 10.69 -16.73
C VAL PA 166 82.26 10.46 -15.37
N LEU PA 167 81.75 9.47 -14.66
CA LEU PA 167 82.27 9.11 -13.35
C LEU PA 167 83.51 8.23 -13.45
N ASP PA 168 83.48 7.24 -14.33
CA ASP PA 168 84.63 6.39 -14.60
C ASP PA 168 84.67 6.12 -16.09
N SER PA 169 85.64 6.72 -16.78
CA SER PA 169 85.78 6.53 -18.21
C SER PA 169 86.29 5.14 -18.56
N THR PA 170 86.86 4.42 -17.61
CA THR PA 170 87.35 3.07 -17.87
C THR PA 170 86.20 2.07 -17.98
N ILE PA 171 85.20 2.21 -17.11
CA ILE PA 171 84.08 1.29 -17.04
C ILE PA 171 82.88 1.88 -17.76
N ASP PA 172 82.74 3.19 -17.68
CA ASP PA 172 81.69 3.92 -18.38
C ASP PA 172 80.30 3.43 -17.95
N TYR PA 173 80.00 3.65 -16.68
CA TYR PA 173 78.71 3.31 -16.10
C TYR PA 173 77.88 4.56 -15.89
N PHE PA 174 76.57 4.42 -16.02
CA PHE PA 174 75.65 5.52 -15.83
C PHE PA 174 74.33 5.01 -15.32
N GLN PA 175 73.57 5.89 -14.82
CA GLN PA 175 72.28 5.63 -14.22
C GLN PA 175 71.16 5.75 -15.24
N PRO PA 176 70.09 5.00 -15.08
CA PRO PA 176 68.90 5.28 -15.88
C PRO PA 176 68.18 6.54 -15.41
N ASN PA 177 67.18 6.95 -16.17
CA ASN PA 177 66.50 8.19 -15.88
C ASN PA 177 65.58 8.02 -14.68
N ASN PA 178 65.88 8.77 -13.62
CA ASN PA 178 65.06 8.77 -12.41
C ASN PA 178 65.29 10.11 -11.74
N LYS PA 179 64.26 10.93 -11.69
CA LYS PA 179 64.44 12.24 -11.11
C LYS PA 179 64.72 12.18 -9.63
N ARG PA 180 64.20 11.15 -8.95
CA ARG PA 180 64.34 11.07 -7.50
C ARG PA 180 65.66 10.47 -7.07
N ASN PA 181 66.29 9.66 -7.91
CA ASN PA 181 67.51 8.95 -7.58
C ASN PA 181 68.75 9.50 -8.29
N GLN PA 182 68.62 10.57 -9.05
CA GLN PA 182 69.76 11.12 -9.77
C GLN PA 182 70.79 11.65 -8.79
N LEU PA 183 72.04 11.34 -9.06
CA LEU PA 183 73.13 11.72 -8.20
C LEU PA 183 73.31 13.23 -8.17
N TRP PA 184 73.68 13.73 -7.01
CA TRP PA 184 74.11 15.11 -6.84
C TRP PA 184 75.62 15.15 -6.95
N LEU PA 185 76.13 15.97 -7.85
CA LEU PA 185 77.54 16.26 -7.94
C LEU PA 185 77.84 17.55 -7.20
N ARG PA 186 79.12 17.77 -6.95
CA ARG PA 186 79.59 19.00 -6.35
C ARG PA 186 79.94 20.00 -7.44
N LEU PA 187 79.55 21.24 -7.20
CA LEU PA 187 79.92 22.36 -8.05
C LEU PA 187 81.33 22.78 -7.67
N GLN PA 188 82.30 22.21 -8.36
CA GLN PA 188 83.69 22.49 -8.09
C GLN PA 188 84.03 23.92 -8.51
N THR PA 189 85.25 24.33 -8.18
CA THR PA 189 85.70 25.67 -8.49
C THR PA 189 86.16 25.78 -9.94
N ALA PA 190 87.08 24.91 -10.36
CA ALA PA 190 87.57 24.94 -11.75
C ALA PA 190 87.81 23.55 -12.33
N GLY PA 191 87.13 22.53 -11.84
CA GLY PA 191 87.41 21.17 -12.23
C GLY PA 191 86.22 20.27 -12.39
N ASN PA 192 85.09 20.83 -12.80
CA ASN PA 192 83.86 20.05 -12.92
C ASN PA 192 83.98 18.97 -13.97
N VAL PA 193 83.15 17.96 -13.84
CA VAL PA 193 83.22 16.76 -14.65
C VAL PA 193 82.39 16.95 -15.91
N ASP PA 194 82.85 16.34 -17.00
CA ASP PA 194 82.20 16.50 -18.29
C ASP PA 194 80.97 15.60 -18.38
N HIS PA 195 79.86 16.20 -18.76
CA HIS PA 195 78.67 15.46 -19.14
C HIS PA 195 78.69 15.21 -20.63
N VAL PA 196 77.97 14.17 -21.03
CA VAL PA 196 78.10 13.61 -22.36
C VAL PA 196 76.71 13.19 -22.83
N GLY PA 197 76.58 12.97 -24.14
CA GLY PA 197 75.27 12.68 -24.67
C GLY PA 197 74.85 13.11 -26.06
N LEU PA 198 75.75 13.59 -26.91
CA LEU PA 198 75.35 13.82 -28.29
C LEU PA 198 76.49 13.61 -29.28
N GLY PA 199 76.17 12.88 -30.33
CA GLY PA 199 77.06 12.74 -31.47
C GLY PA 199 76.28 12.92 -32.76
N THR PA 200 76.95 13.47 -33.74
CA THR PA 200 76.32 13.92 -34.97
C THR PA 200 77.03 13.33 -36.19
N ALA PA 201 76.31 13.36 -37.31
CA ALA PA 201 76.86 12.99 -38.61
C ALA PA 201 76.18 13.87 -39.64
N PHE PA 202 76.95 14.77 -40.25
CA PHE PA 202 76.46 15.69 -41.26
C PHE PA 202 76.99 15.28 -42.62
N GLU PA 203 76.10 15.31 -43.60
CA GLU PA 203 76.45 14.98 -44.97
C GLU PA 203 77.17 16.17 -45.60
N ASN PA 204 78.33 15.92 -46.17
CA ASN PA 204 79.14 16.96 -46.74
C ASN PA 204 78.50 17.51 -48.02
N SER PA 205 79.02 18.64 -48.47
CA SER PA 205 78.44 19.38 -49.58
C SER PA 205 79.52 20.17 -50.28
N ILE PA 206 79.18 20.67 -51.47
CA ILE PA 206 80.09 21.54 -52.21
C ILE PA 206 80.25 22.88 -51.52
N TYR PA 207 79.22 23.31 -50.81
CA TYR PA 207 79.23 24.58 -50.10
C TYR PA 207 79.45 24.34 -48.62
N ASP PA 208 79.97 25.37 -47.95
CA ASP PA 208 80.18 25.30 -46.52
C ASP PA 208 78.85 25.42 -45.78
N GLN PA 209 78.65 24.54 -44.80
CA GLN PA 209 77.45 24.51 -43.98
C GLN PA 209 77.82 24.97 -42.57
N GLU PA 210 77.37 26.17 -42.21
CA GLU PA 210 77.64 26.75 -40.91
C GLU PA 210 76.40 26.66 -40.03
N TYR PA 211 76.65 26.56 -38.72
CA TYR PA 211 75.59 26.47 -37.73
C TYR PA 211 76.01 27.26 -36.50
N ASN PA 212 75.01 27.85 -35.84
CA ASN PA 212 75.17 28.46 -34.52
C ASN PA 212 74.47 27.56 -33.53
N ILE PA 213 75.24 26.88 -32.69
CA ILE PA 213 74.71 25.88 -31.79
C ILE PA 213 74.50 26.51 -30.43
N ARG PA 214 73.26 26.44 -29.94
CA ARG PA 214 72.87 26.97 -28.64
C ARG PA 214 72.52 25.80 -27.73
N VAL PA 215 73.34 25.57 -26.73
CA VAL PA 215 73.10 24.55 -25.73
C VAL PA 215 72.49 25.21 -24.51
N THR PA 216 71.41 24.63 -24.03
CA THR PA 216 70.71 25.09 -22.83
C THR PA 216 70.65 23.93 -21.87
N MET PA 217 71.24 24.11 -20.69
CA MET PA 217 71.21 23.11 -19.63
C MET PA 217 70.22 23.51 -18.55
N TYR PA 218 69.34 22.60 -18.22
CA TYR PA 218 68.37 22.77 -17.15
C TYR PA 218 68.90 22.07 -15.91
N VAL PA 219 69.35 22.85 -14.95
CA VAL PA 219 70.09 22.36 -13.81
C VAL PA 219 69.26 22.51 -12.55
N GLN PA 220 69.71 21.86 -11.49
CA GLN PA 220 69.03 21.87 -10.20
C GLN PA 220 70.13 21.91 -9.15
N PHE PA 221 70.17 23.00 -8.39
CA PHE PA 221 71.16 23.21 -7.37
C PHE PA 221 70.60 22.89 -5.99
N ARG PA 222 71.48 22.91 -5.00
CA ARG PA 222 71.12 22.54 -3.64
C ARG PA 222 72.10 23.21 -2.68
N GLU PA 223 71.60 23.53 -1.49
CA GLU PA 223 72.40 24.03 -0.38
C GLU PA 223 73.07 25.36 -0.71
N PHE PA 224 72.21 26.37 -0.80
CA PHE PA 224 72.61 27.78 -0.81
C PHE PA 224 73.70 28.03 0.23
N ASN PA 225 74.84 28.53 -0.23
CA ASN PA 225 76.04 28.62 0.60
C ASN PA 225 76.71 29.97 0.47
N LEU PA 226 75.93 31.03 0.45
CA LEU PA 226 76.50 32.36 0.33
C LEU PA 226 77.33 32.69 1.56
N LYS PA 227 78.43 33.40 1.33
CA LYS PA 227 79.32 33.84 2.39
C LYS PA 227 79.39 35.35 2.38
N ASP PA 228 79.15 35.96 3.54
CA ASP PA 228 79.02 37.41 3.68
C ASP PA 228 80.03 37.90 4.71
N PRO PA 229 81.26 38.14 4.30
CA PRO PA 229 82.21 38.77 5.20
C PRO PA 229 81.92 40.25 5.36
N PRO PA 230 82.51 40.90 6.36
CA PRO PA 230 82.35 42.35 6.46
C PRO PA 230 83.07 43.10 5.36
N LEU PA 231 83.00 44.43 5.41
CA LEU PA 231 83.59 45.28 4.39
C LEU PA 231 84.21 46.52 5.01
N GLY QA 43 62.52 -16.64 -31.20
CA GLY QA 43 63.20 -15.46 -30.69
C GLY QA 43 63.11 -14.28 -31.62
N ILE QA 44 61.99 -13.58 -31.54
CA ILE QA 44 61.68 -12.51 -32.48
C ILE QA 44 62.42 -11.26 -32.09
N PHE QA 45 62.85 -10.51 -33.10
CA PHE QA 45 63.48 -9.21 -32.92
C PHE QA 45 63.14 -8.35 -34.12
N ASN QA 46 62.18 -7.45 -33.94
CA ASN QA 46 61.86 -6.47 -34.96
C ASN QA 46 62.80 -5.29 -34.84
N THR QA 47 63.43 -4.93 -35.95
CA THR QA 47 64.32 -3.78 -35.98
C THR QA 47 64.14 -3.04 -37.30
N ARG QA 48 65.08 -2.15 -37.58
CA ARG QA 48 65.01 -1.22 -38.70
C ARG QA 48 66.41 -1.02 -39.25
N LEU QA 49 66.56 -1.24 -40.55
CA LEU QA 49 67.83 -1.13 -41.25
C LEU QA 49 67.67 -0.16 -42.40
N SER QA 50 68.66 0.70 -42.58
CA SER QA 50 68.63 1.77 -43.55
C SER QA 50 69.87 1.73 -44.43
N ARG QA 51 69.81 2.53 -45.49
CA ARG QA 51 70.79 2.57 -46.55
C ARG QA 51 70.46 3.77 -47.42
N THR QA 52 71.50 4.47 -47.88
CA THR QA 52 71.35 5.70 -48.62
C THR QA 52 72.21 5.66 -49.88
N PHE QA 53 71.66 6.15 -50.98
CA PHE QA 53 72.34 6.17 -52.25
C PHE QA 53 71.71 7.23 -53.14
N GLY QA 54 72.37 7.50 -54.25
CA GLY QA 54 71.96 8.55 -55.16
C GLY QA 54 71.29 8.09 -56.43
N TYR QA 55 70.50 8.99 -57.02
CA TYR QA 55 69.84 8.77 -58.29
C TYR QA 55 69.71 10.11 -58.99
N THR QA 56 70.11 10.17 -60.25
CA THR QA 56 70.07 11.38 -61.04
C THR QA 56 69.33 11.14 -62.34
N ILE QA 57 68.51 12.12 -62.70
CA ILE QA 57 67.83 12.17 -63.99
C ILE QA 57 68.55 13.24 -64.80
N LYS QA 58 69.34 12.81 -65.76
CA LYS QA 58 70.13 13.73 -66.56
C LYS QA 58 69.24 14.59 -67.43
N ARG QA 59 69.80 15.73 -67.84
CA ARG QA 59 69.09 16.70 -68.66
C ARG QA 59 68.91 16.18 -70.08
N THR QA 60 67.94 16.77 -70.77
CA THR QA 60 67.64 16.45 -72.16
C THR QA 60 67.26 17.72 -72.90
N THR QA 61 67.76 17.85 -74.13
CA THR QA 61 67.37 18.92 -75.03
C THR QA 61 66.00 18.69 -75.67
N VAL QA 62 65.40 17.52 -75.47
CA VAL QA 62 64.09 17.22 -76.04
C VAL QA 62 63.07 18.22 -75.53
N LYS QA 63 62.23 18.70 -76.45
CA LYS QA 63 61.24 19.71 -76.12
C LYS QA 63 59.98 19.11 -75.52
N THR QA 64 59.59 17.93 -76.00
CA THR QA 64 58.36 17.31 -75.57
C THR QA 64 58.41 16.92 -74.10
N PRO QA 65 57.28 16.63 -73.49
CA PRO QA 65 57.30 16.00 -72.16
C PRO QA 65 57.59 14.52 -72.29
N SER QA 66 58.80 14.13 -71.92
CA SER QA 66 59.20 12.74 -71.89
C SER QA 66 59.53 12.35 -70.46
N TRP QA 67 59.45 11.05 -70.19
CA TRP QA 67 59.68 10.51 -68.87
C TRP QA 67 60.84 9.53 -68.88
N ALA QA 68 61.54 9.48 -67.75
CA ALA QA 68 62.66 8.59 -67.53
C ALA QA 68 62.21 7.48 -66.58
N VAL QA 69 62.31 6.25 -67.04
CA VAL QA 69 61.81 5.10 -66.32
C VAL QA 69 63.00 4.35 -65.72
N ASP QA 70 62.81 3.86 -64.51
CA ASP QA 70 63.83 3.06 -63.84
C ASP QA 70 63.14 2.18 -62.81
N MET QA 71 63.91 1.23 -62.30
CA MET QA 71 63.43 0.21 -61.38
C MET QA 71 64.19 0.30 -60.07
N MET QA 72 63.67 -0.41 -59.07
CA MET QA 72 64.26 -0.41 -57.74
C MET QA 72 63.94 -1.73 -57.05
N ARG QA 73 64.98 -2.50 -56.78
CA ARG QA 73 64.90 -3.74 -56.02
C ARG QA 73 65.50 -3.52 -54.64
N PHE QA 74 65.26 -4.48 -53.75
CA PHE QA 74 65.73 -4.42 -52.37
C PHE QA 74 66.30 -5.78 -51.99
N ASN QA 75 67.56 -5.77 -51.54
CA ASN QA 75 68.22 -6.96 -51.03
C ASN QA 75 68.80 -6.65 -49.66
N ILE QA 76 68.83 -7.68 -48.81
CA ILE QA 76 69.29 -7.50 -47.44
C ILE QA 76 70.80 -7.49 -47.31
N ASN QA 77 71.54 -7.90 -48.34
CA ASN QA 77 72.99 -7.80 -48.28
C ASN QA 77 73.43 -6.35 -48.26
N ASP QA 78 72.67 -5.46 -48.88
CA ASP QA 78 73.00 -4.05 -48.93
C ASP QA 78 72.71 -3.33 -47.62
N PHE QA 79 71.95 -3.95 -46.73
CA PHE QA 79 71.61 -3.38 -45.43
C PHE QA 79 72.32 -4.06 -44.28
N LEU QA 80 72.60 -5.35 -44.41
CA LEU QA 80 73.21 -6.16 -43.36
C LEU QA 80 74.59 -6.61 -43.80
N PRO QA 81 75.68 -6.13 -43.21
CA PRO QA 81 76.98 -6.53 -43.69
C PRO QA 81 77.33 -7.93 -43.23
N PRO QA 82 78.42 -8.50 -43.73
CA PRO QA 82 78.90 -9.76 -43.20
C PRO QA 82 79.51 -9.59 -41.82
N GLY QA 83 79.36 -10.62 -41.01
CA GLY QA 83 79.86 -10.57 -39.66
C GLY QA 83 81.32 -10.92 -39.56
N GLY QA 84 81.68 -11.66 -38.52
CA GLY QA 84 83.05 -12.07 -38.32
C GLY QA 84 83.15 -13.29 -37.45
N GLY QA 85 83.96 -14.25 -37.89
CA GLY QA 85 84.17 -15.47 -37.15
C GLY QA 85 83.12 -16.52 -37.42
N SER QA 86 82.70 -17.21 -36.37
CA SER QA 86 81.71 -18.26 -36.50
C SER QA 86 80.33 -17.72 -36.81
N ASN QA 87 80.11 -16.43 -36.61
CA ASN QA 87 78.85 -15.79 -36.95
C ASN QA 87 78.97 -15.18 -38.34
N PRO QA 88 78.32 -15.74 -39.37
CA PRO QA 88 78.56 -15.23 -40.73
C PRO QA 88 77.99 -13.85 -40.98
N ARG QA 89 77.00 -13.43 -40.20
CA ARG QA 89 76.35 -12.14 -40.37
C ARG QA 89 76.45 -11.34 -39.08
N SER QA 90 76.24 -10.03 -39.21
CA SER QA 90 76.44 -9.11 -38.10
C SER QA 90 75.28 -9.11 -37.13
N VAL QA 91 74.08 -9.48 -37.60
CA VAL QA 91 72.91 -9.66 -36.75
C VAL QA 91 72.74 -11.16 -36.52
N PRO QA 92 72.97 -11.66 -35.29
CA PRO QA 92 73.02 -13.12 -35.13
C PRO QA 92 71.65 -13.78 -35.05
N PHE QA 93 71.06 -13.96 -36.22
CA PHE QA 93 69.78 -14.65 -36.35
C PHE QA 93 69.82 -15.52 -37.60
N GLU QA 94 68.91 -16.49 -37.63
CA GLU QA 94 68.84 -17.47 -38.70
C GLU QA 94 67.88 -17.07 -39.80
N TYR QA 95 66.66 -16.72 -39.43
CA TYR QA 95 65.59 -16.46 -40.37
C TYR QA 95 65.23 -14.98 -40.37
N TYR QA 96 64.55 -14.56 -41.43
CA TYR QA 96 64.10 -13.19 -41.54
C TYR QA 96 62.90 -13.14 -42.46
N ARG QA 97 62.17 -12.03 -42.38
CA ARG QA 97 61.13 -11.72 -43.33
C ARG QA 97 60.90 -10.22 -43.29
N ILE QA 98 60.91 -9.61 -44.47
CA ILE QA 98 60.79 -8.16 -44.57
C ILE QA 98 59.32 -7.79 -44.46
N ARG QA 99 59.00 -6.95 -43.48
CA ARG QA 99 57.63 -6.53 -43.21
C ARG QA 99 57.23 -5.33 -44.05
N LYS QA 100 58.07 -4.30 -44.09
CA LYS QA 100 57.76 -3.06 -44.78
C LYS QA 100 59.06 -2.47 -45.30
N VAL QA 101 58.92 -1.59 -46.28
CA VAL QA 101 60.02 -0.77 -46.78
C VAL QA 101 59.50 0.65 -46.94
N LYS QA 102 60.37 1.60 -46.62
CA LYS QA 102 60.10 3.02 -46.78
C LYS QA 102 61.18 3.58 -47.69
N VAL QA 103 60.79 3.91 -48.91
CA VAL QA 103 61.65 4.57 -49.87
C VAL QA 103 61.38 6.06 -49.80
N GLU QA 104 62.42 6.83 -49.55
CA GLU QA 104 62.34 8.28 -49.41
C GLU QA 104 63.22 8.91 -50.48
N PHE QA 105 62.60 9.68 -51.36
CA PHE QA 105 63.32 10.49 -52.33
C PHE QA 105 63.55 11.85 -51.71
N TRP QA 106 64.74 12.05 -51.17
CA TRP QA 106 65.12 13.33 -50.62
C TRP QA 106 65.74 14.18 -51.71
N PRO QA 107 65.16 15.33 -52.05
CA PRO QA 107 65.71 16.09 -53.17
C PRO QA 107 67.06 16.71 -52.87
N CYS QA 108 67.78 16.96 -53.95
CA CYS QA 108 69.05 17.64 -53.91
C CYS QA 108 69.02 18.99 -54.59
N SER QA 109 67.89 19.41 -55.09
CA SER QA 109 67.73 20.55 -55.96
C SER QA 109 67.11 21.71 -55.20
N PRO QA 110 67.43 22.95 -55.55
CA PRO QA 110 66.87 24.09 -54.83
C PRO QA 110 65.42 24.30 -55.15
N ILE QA 111 64.74 25.03 -54.26
CA ILE QA 111 63.34 25.34 -54.48
C ILE QA 111 63.13 26.41 -55.55
N THR QA 112 64.21 27.01 -56.07
CA THR QA 112 64.13 27.98 -57.14
C THR QA 112 64.27 27.34 -58.52
N GLN QA 113 64.44 26.03 -58.60
CA GLN QA 113 64.67 25.39 -59.88
C GLN QA 113 63.38 25.32 -60.66
N GLY QA 114 63.45 25.68 -61.93
CA GLY QA 114 62.32 25.68 -62.82
C GLY QA 114 62.24 24.43 -63.67
N ASP QA 115 61.41 24.52 -64.71
CA ASP QA 115 61.13 23.41 -65.60
C ASP QA 115 60.61 22.23 -64.80
N ARG QA 116 59.72 22.52 -63.86
CA ARG QA 116 59.16 21.49 -63.00
C ARG QA 116 58.35 20.50 -63.80
N GLY QA 117 58.05 19.38 -63.15
CA GLY QA 117 57.40 18.27 -63.81
C GLY QA 117 56.54 17.45 -62.88
N VAL QA 118 56.02 16.35 -63.39
CA VAL QA 118 55.13 15.49 -62.63
C VAL QA 118 55.33 14.06 -63.08
N GLY QA 119 55.56 13.18 -62.12
CA GLY QA 119 55.84 11.78 -62.38
C GLY QA 119 54.98 10.85 -61.58
N SER QA 120 55.40 9.60 -61.48
CA SER QA 120 54.60 8.57 -60.85
C SER QA 120 55.51 7.48 -60.30
N SER QA 121 55.15 6.98 -59.13
CA SER QA 121 55.80 5.83 -58.51
C SER QA 121 54.76 4.76 -58.24
N ALA QA 122 55.05 3.55 -58.67
CA ALA QA 122 54.14 2.43 -58.53
C ALA QA 122 54.85 1.24 -57.88
N VAL QA 123 54.05 0.34 -57.35
CA VAL QA 123 54.52 -0.82 -56.61
C VAL QA 123 54.41 -2.05 -57.49
N ILE QA 124 55.53 -2.70 -57.74
CA ILE QA 124 55.66 -3.78 -58.72
C ILE QA 124 56.26 -4.98 -58.01
N LEU QA 125 55.42 -5.92 -57.62
CA LEU QA 125 55.80 -7.01 -56.74
C LEU QA 125 56.18 -8.28 -57.47
N ASP QA 126 56.70 -8.20 -58.72
CA ASP QA 126 56.88 -9.40 -59.52
C ASP QA 126 58.11 -9.43 -60.41
N ASP QA 127 58.99 -8.43 -60.37
CA ASP QA 127 60.25 -8.46 -61.09
C ASP QA 127 60.06 -8.38 -62.60
N ASN QA 128 58.97 -7.78 -63.04
CA ASN QA 128 58.77 -7.45 -64.44
C ASN QA 128 58.34 -6.00 -64.48
N PHE QA 129 59.33 -5.14 -64.60
CA PHE QA 129 59.16 -3.70 -64.66
C PHE QA 129 59.00 -3.26 -66.10
N VAL QA 130 58.47 -2.04 -66.25
CA VAL QA 130 58.54 -1.38 -67.54
C VAL QA 130 60.02 -1.20 -67.88
N THR QA 131 60.34 -1.38 -69.15
CA THR QA 131 61.73 -1.33 -69.58
C THR QA 131 62.33 0.03 -69.26
N LYS QA 132 63.59 0.02 -68.84
CA LYS QA 132 64.30 1.25 -68.52
C LYS QA 132 64.42 2.10 -69.77
N ALA QA 133 64.03 3.35 -69.65
CA ALA QA 133 64.00 4.29 -70.76
C ALA QA 133 64.55 5.63 -70.31
N THR QA 134 65.17 6.33 -71.24
CA THR QA 134 65.72 7.65 -71.00
C THR QA 134 64.69 8.74 -71.25
N ALA QA 135 64.03 8.71 -72.41
CA ALA QA 135 63.01 9.69 -72.76
C ALA QA 135 61.87 8.96 -73.43
N LEU QA 136 60.92 8.49 -72.63
CA LEU QA 136 59.71 7.85 -73.13
C LEU QA 136 58.60 8.87 -73.24
N THR QA 137 57.78 8.73 -74.27
CA THR QA 137 56.78 9.72 -74.63
C THR QA 137 55.55 9.71 -73.74
N TYR QA 138 55.55 8.94 -72.65
CA TYR QA 138 54.40 8.88 -71.77
C TYR QA 138 54.86 8.35 -70.43
N ASP QA 139 53.98 8.48 -69.44
CA ASP QA 139 54.22 7.98 -68.10
C ASP QA 139 53.56 6.61 -67.99
N PRO QA 140 54.32 5.51 -67.97
CA PRO QA 140 53.67 4.20 -67.96
C PRO QA 140 52.99 3.89 -66.65
N TYR QA 141 53.52 4.39 -65.54
CA TYR QA 141 53.01 4.07 -64.22
C TYR QA 141 51.89 4.98 -63.78
N VAL QA 142 51.26 5.71 -64.70
CA VAL QA 142 50.29 6.73 -64.33
C VAL QA 142 48.95 6.10 -64.01
N ASN QA 143 48.53 5.11 -64.79
CA ASN QA 143 47.23 4.48 -64.60
C ASN QA 143 47.29 3.30 -63.66
N TYR QA 144 48.44 3.04 -63.03
CA TYR QA 144 48.53 1.97 -62.06
C TYR QA 144 47.74 2.30 -60.81
N SER QA 145 47.13 1.27 -60.24
CA SER QA 145 46.34 1.43 -59.03
C SER QA 145 47.18 1.86 -57.84
N SER QA 146 48.48 1.61 -57.87
CA SER QA 146 49.40 1.99 -56.81
C SER QA 146 50.21 3.22 -57.15
N ARG QA 147 49.72 4.05 -58.06
CA ARG QA 147 50.45 5.23 -58.47
C ARG QA 147 50.29 6.33 -57.43
N HIS QA 148 51.41 6.92 -57.05
CA HIS QA 148 51.45 8.17 -56.31
C HIS QA 148 52.17 9.17 -57.18
N THR QA 149 51.67 10.40 -57.19
CA THR QA 149 52.26 11.45 -57.98
C THR QA 149 53.57 11.90 -57.37
N ILE QA 150 54.57 12.08 -58.22
CA ILE QA 150 55.85 12.64 -57.85
C ILE QA 150 55.87 14.06 -58.39
N THR QA 151 55.80 15.02 -57.49
CA THR QA 151 56.13 16.39 -57.82
C THR QA 151 57.64 16.54 -57.88
N GLN QA 152 58.12 17.21 -58.91
CA GLN QA 152 59.54 17.37 -59.19
C GLN QA 152 59.87 18.85 -59.27
N PRO QA 153 61.15 19.21 -59.07
CA PRO QA 153 62.33 18.46 -58.65
C PRO QA 153 62.65 18.55 -57.16
N PHE QA 154 62.06 19.53 -56.48
CA PHE QA 154 62.46 19.91 -55.14
C PHE QA 154 61.47 19.44 -54.08
N SER QA 155 60.79 18.34 -54.32
CA SER QA 155 59.74 17.87 -53.44
C SER QA 155 60.04 16.46 -52.98
N TYR QA 156 59.66 16.20 -51.74
CA TYR QA 156 59.89 14.92 -51.09
C TYR QA 156 58.79 13.94 -51.45
N HIS QA 157 59.19 12.69 -51.67
CA HIS QA 157 58.29 11.61 -52.05
C HIS QA 157 58.64 10.39 -51.23
N SER QA 158 57.65 9.89 -50.50
CA SER QA 158 57.79 8.67 -49.71
C SER QA 158 56.82 7.62 -50.23
N ARG QA 159 57.23 6.36 -50.10
CA ARG QA 159 56.38 5.21 -50.40
C ARG QA 159 56.64 4.17 -49.32
N TYR QA 160 55.56 3.71 -48.69
CA TYR QA 160 55.61 2.76 -47.59
C TYR QA 160 54.73 1.58 -47.95
N PHE QA 161 55.35 0.42 -48.10
CA PHE QA 161 54.66 -0.74 -48.62
C PHE QA 161 55.35 -2.00 -48.14
N THR QA 162 54.76 -3.13 -48.46
CA THR QA 162 55.25 -4.45 -48.09
C THR QA 162 55.81 -5.16 -49.32
N PRO QA 163 57.11 -5.37 -49.42
CA PRO QA 163 57.63 -6.02 -50.63
C PRO QA 163 57.37 -7.51 -50.63
N LYS QA 164 57.79 -8.17 -51.70
CA LYS QA 164 57.63 -9.60 -51.86
C LYS QA 164 58.92 -10.17 -52.41
N PRO QA 165 59.30 -11.38 -52.01
CA PRO QA 165 60.53 -11.96 -52.54
C PRO QA 165 60.33 -12.66 -53.88
N VAL QA 166 61.45 -12.77 -54.59
CA VAL QA 166 61.47 -13.39 -55.92
C VAL QA 166 61.80 -14.86 -55.69
N LEU QA 167 60.76 -15.65 -55.49
CA LEU QA 167 60.91 -17.08 -55.28
C LEU QA 167 61.08 -17.83 -56.59
N ASP QA 168 60.27 -17.50 -57.59
CA ASP QA 168 60.39 -18.06 -58.93
C ASP QA 168 60.15 -16.94 -59.92
N SER QA 169 61.20 -16.52 -60.61
CA SER QA 169 61.08 -15.46 -61.60
C SER QA 169 60.37 -15.93 -62.86
N THR QA 170 60.26 -17.23 -63.08
CA THR QA 170 59.57 -17.75 -64.25
C THR QA 170 58.06 -17.63 -64.11
N ILE QA 171 57.54 -17.90 -62.92
CA ILE QA 171 56.11 -17.91 -62.66
C ILE QA 171 55.72 -16.61 -61.98
N ASP QA 172 56.60 -16.08 -61.15
CA ASP QA 172 56.40 -14.80 -60.48
C ASP QA 172 55.14 -14.82 -59.61
N TYR QA 173 55.17 -15.66 -58.59
CA TYR QA 173 54.09 -15.78 -57.63
C TYR QA 173 54.47 -15.14 -56.33
N PHE QA 174 53.48 -14.56 -55.64
CA PHE QA 174 53.70 -13.92 -54.37
C PHE QA 174 52.46 -14.05 -53.51
N GLN QA 175 52.64 -13.80 -52.28
CA GLN QA 175 51.62 -13.92 -51.26
C GLN QA 175 50.91 -12.59 -51.04
N PRO QA 176 49.63 -12.60 -50.67
CA PRO QA 176 49.01 -11.36 -50.22
C PRO QA 176 49.49 -10.97 -48.83
N ASN QA 177 49.08 -9.79 -48.40
CA ASN QA 177 49.56 -9.25 -47.14
C ASN QA 177 48.89 -9.97 -45.99
N ASN QA 178 49.70 -10.65 -45.18
CA ASN QA 178 49.22 -11.33 -43.99
C ASN QA 178 50.40 -11.44 -43.05
N LYS QA 179 50.33 -10.74 -41.92
CA LYS QA 179 51.46 -10.75 -41.02
C LYS QA 179 51.67 -12.13 -40.40
N ARG QA 180 50.61 -12.91 -40.24
CA ARG QA 180 50.70 -14.19 -39.56
C ARG QA 180 51.18 -15.30 -40.48
N ASN QA 181 50.95 -15.17 -41.78
CA ASN QA 181 51.25 -16.21 -42.75
C ASN QA 181 52.44 -15.89 -43.64
N GLN QA 182 53.11 -14.76 -43.41
CA GLN QA 182 54.24 -14.39 -44.25
C GLN QA 182 55.38 -15.37 -44.07
N LEU QA 183 55.96 -15.77 -45.19
CA LEU QA 183 57.02 -16.75 -45.19
C LEU QA 183 58.27 -16.22 -44.49
N TRP QA 184 58.95 -17.12 -43.81
CA TRP QA 184 60.27 -16.86 -43.27
C TRP QA 184 61.30 -17.35 -44.26
N LEU QA 185 62.20 -16.47 -44.64
CA LEU QA 185 63.35 -16.82 -45.45
C LEU QA 185 64.55 -17.02 -44.54
N ARG QA 186 65.58 -17.63 -45.10
CA ARG QA 186 66.84 -17.81 -44.41
C ARG QA 186 67.76 -16.64 -44.70
N LEU QA 187 68.43 -16.18 -43.67
CA LEU QA 187 69.47 -15.17 -43.78
C LEU QA 187 70.74 -15.86 -44.24
N GLN QA 188 70.93 -15.89 -45.56
CA GLN QA 188 72.08 -16.54 -46.14
C GLN QA 188 73.34 -15.75 -45.83
N THR QA 189 74.48 -16.33 -46.20
CA THR QA 189 75.77 -15.69 -45.95
C THR QA 189 76.08 -14.63 -46.99
N ALA QA 190 76.03 -14.99 -48.27
CA ALA QA 190 76.30 -14.02 -49.34
C ALA QA 190 75.39 -14.19 -50.56
N GLY QA 191 74.21 -14.75 -50.39
CA GLY QA 191 73.36 -15.09 -51.52
C GLY QA 191 71.88 -14.86 -51.32
N ASN QA 192 71.53 -13.86 -50.54
CA ASN QA 192 70.14 -13.60 -50.23
C ASN QA 192 69.35 -13.20 -51.48
N VAL QA 193 68.05 -13.41 -51.41
CA VAL QA 193 67.16 -13.25 -52.55
C VAL QA 193 66.68 -11.81 -52.62
N ASP QA 194 66.48 -11.34 -53.84
CA ASP QA 194 66.09 -9.96 -54.07
C ASP QA 194 64.61 -9.78 -53.81
N HIS QA 195 64.28 -8.79 -53.00
CA HIS QA 195 62.92 -8.32 -52.85
C HIS QA 195 62.66 -7.19 -53.83
N VAL QA 196 61.39 -7.00 -54.15
CA VAL QA 196 60.98 -6.17 -55.27
C VAL QA 196 59.73 -5.42 -54.87
N GLY QA 197 59.40 -4.37 -55.63
CA GLY QA 197 58.28 -3.55 -55.26
C GLY QA 197 58.26 -2.07 -55.53
N LEU QA 198 59.17 -1.51 -56.33
CA LEU QA 198 59.01 -0.12 -56.72
C LEU QA 198 59.55 0.17 -58.11
N GLY QA 199 58.74 0.87 -58.88
CA GLY QA 199 59.17 1.41 -60.15
C GLY QA 199 58.71 2.85 -60.28
N THR QA 200 59.52 3.64 -60.97
CA THR QA 200 59.37 5.07 -61.02
C THR QA 200 59.34 5.57 -62.45
N ALA QA 201 58.81 6.78 -62.61
CA ALA QA 201 58.84 7.50 -63.88
C ALA QA 201 58.99 8.98 -63.57
N PHE QA 202 60.14 9.54 -63.91
CA PHE QA 202 60.44 10.94 -63.67
C PHE QA 202 60.41 11.71 -64.99
N GLU QA 203 59.79 12.87 -64.96
CA GLU QA 203 59.72 13.73 -66.12
C GLU QA 203 61.04 14.46 -66.29
N ASN QA 204 61.60 14.38 -67.49
CA ASN QA 204 62.88 14.97 -67.77
C ASN QA 204 62.79 16.49 -67.78
N SER QA 205 63.96 17.13 -67.77
CA SER QA 205 64.06 18.56 -67.62
C SER QA 205 65.33 19.05 -68.28
N ILE QA 206 65.41 20.37 -68.46
CA ILE QA 206 66.62 20.98 -68.99
C ILE QA 206 67.76 20.89 -68.00
N TYR QA 207 67.43 20.89 -66.71
CA TYR QA 207 68.42 20.81 -65.65
C TYR QA 207 68.48 19.40 -65.09
N ASP QA 208 69.62 19.07 -64.50
CA ASP QA 208 69.79 17.77 -63.86
C ASP QA 208 69.02 17.72 -62.55
N GLN QA 209 68.30 16.63 -62.34
CA GLN QA 209 67.51 16.40 -61.13
C GLN QA 209 68.17 15.28 -60.35
N GLU QA 210 68.78 15.64 -59.22
CA GLU QA 210 69.46 14.69 -58.36
C GLU QA 210 68.61 14.40 -57.12
N TYR QA 211 68.77 13.19 -56.60
CA TYR QA 211 68.06 12.74 -55.42
C TYR QA 211 68.99 11.90 -54.57
N ASN QA 212 68.79 11.95 -53.26
CA ASN QA 212 69.42 11.06 -52.30
C ASN QA 212 68.33 10.15 -51.78
N ILE QA 213 68.40 8.88 -52.17
CA ILE QA 213 67.35 7.93 -51.85
C ILE QA 213 67.74 7.14 -50.62
N ARG QA 214 66.89 7.18 -49.60
CA ARG QA 214 67.10 6.47 -48.34
C ARG QA 214 66.04 5.39 -48.23
N VAL QA 215 66.47 4.15 -48.31
CA VAL QA 215 65.61 2.99 -48.15
C VAL QA 215 65.75 2.49 -46.73
N THR QA 216 64.62 2.27 -46.08
CA THR QA 216 64.56 1.74 -44.72
C THR QA 216 63.71 0.49 -44.76
N MET QA 217 64.30 -0.64 -44.38
CA MET QA 217 63.61 -1.91 -44.31
C MET QA 217 63.30 -2.26 -42.86
N TYR QA 218 62.05 -2.56 -42.60
CA TYR QA 218 61.58 -3.00 -41.30
C TYR QA 218 61.48 -4.51 -41.31
N VAL QA 219 62.41 -5.17 -40.65
CA VAL QA 219 62.60 -6.60 -40.75
C VAL QA 219 62.22 -7.25 -39.42
N GLN QA 220 62.10 -8.57 -39.47
CA GLN QA 220 61.72 -9.37 -38.31
C GLN QA 220 62.54 -10.65 -38.39
N PHE QA 221 63.41 -10.85 -37.43
CA PHE QA 221 64.29 -12.00 -37.37
C PHE QA 221 63.75 -13.05 -36.41
N ARG QA 222 64.40 -14.21 -36.41
CA ARG QA 222 63.97 -15.34 -35.61
C ARG QA 222 65.16 -16.24 -35.35
N GLU QA 223 65.13 -16.91 -34.20
CA GLU QA 223 66.09 -17.94 -33.82
C GLU QA 223 67.51 -17.37 -33.72
N PHE QA 224 67.70 -16.56 -32.69
CA PHE QA 224 69.00 -16.13 -32.21
C PHE QA 224 69.96 -17.30 -32.18
N ASN QA 225 71.08 -17.17 -32.90
CA ASN QA 225 71.98 -18.28 -33.14
C ASN QA 225 73.43 -17.88 -32.93
N LEU QA 226 73.69 -17.13 -31.88
CA LEU QA 226 75.06 -16.72 -31.61
C LEU QA 226 75.92 -17.91 -31.26
N LYS QA 227 77.17 -17.87 -31.72
CA LYS QA 227 78.15 -18.91 -31.45
C LYS QA 227 79.32 -18.31 -30.71
N ASP QA 228 79.68 -18.93 -29.58
CA ASP QA 228 80.67 -18.40 -28.66
C ASP QA 228 81.76 -19.44 -28.45
N PRO QA 229 82.75 -19.49 -29.34
CA PRO QA 229 83.89 -20.35 -29.12
C PRO QA 229 84.80 -19.77 -28.05
N PRO QA 230 85.74 -20.56 -27.52
CA PRO QA 230 86.71 -19.99 -26.59
C PRO QA 230 87.69 -19.05 -27.27
N LEU QA 231 88.63 -18.52 -26.48
CA LEU QA 231 89.61 -17.56 -26.97
C LEU QA 231 90.98 -17.80 -26.36
N GLY RA 43 27.16 -5.42 -66.27
CA GLY RA 43 28.53 -5.66 -65.81
C GLY RA 43 29.32 -4.38 -65.65
N ILE RA 44 29.12 -3.73 -64.52
CA ILE RA 44 29.68 -2.41 -64.28
C ILE RA 44 31.13 -2.54 -63.89
N PHE RA 45 31.93 -1.57 -64.33
CA PHE RA 45 33.33 -1.46 -63.96
C PHE RA 45 33.70 0.02 -63.96
N ASN RA 46 33.76 0.59 -62.77
CA ASN RA 46 34.24 1.95 -62.61
C ASN RA 46 35.76 1.95 -62.54
N THR RA 47 36.39 2.77 -63.37
CA THR RA 47 37.84 2.90 -63.36
C THR RA 47 38.21 4.36 -63.60
N ARG RA 48 39.50 4.56 -63.90
CA ARG RA 48 40.09 5.88 -63.99
C ARG RA 48 41.13 5.86 -65.09
N LEU RA 49 41.00 6.80 -66.02
CA LEU RA 49 41.88 6.91 -67.18
C LEU RA 49 42.46 8.31 -67.20
N SER RA 50 43.75 8.40 -67.50
CA SER RA 50 44.49 9.65 -67.47
C SER RA 50 45.22 9.88 -68.77
N ARG RA 51 45.74 11.10 -68.90
CA ARG RA 51 46.36 11.61 -70.12
C ARG RA 51 47.02 12.92 -69.75
N THR RA 52 48.20 13.18 -70.31
CA THR RA 52 49.00 14.33 -69.98
C THR RA 52 49.46 15.02 -71.25
N PHE RA 53 49.42 16.35 -71.25
CA PHE RA 53 49.83 17.14 -72.39
C PHE RA 53 50.16 18.55 -71.92
N GLY RA 54 50.75 19.31 -72.83
CA GLY RA 54 51.24 20.63 -72.52
C GLY RA 54 50.39 21.78 -73.03
N TYR RA 55 50.53 22.93 -72.38
CA TYR RA 55 49.88 24.16 -72.78
C TYR RA 55 50.77 25.32 -72.37
N THR RA 56 51.01 26.23 -73.30
CA THR RA 56 51.87 27.38 -73.08
C THR RA 56 51.14 28.66 -73.44
N ILE RA 57 51.32 29.68 -72.62
CA ILE RA 57 50.85 31.02 -72.87
C ILE RA 57 52.10 31.83 -73.22
N LYS RA 58 52.24 32.15 -74.49
CA LYS RA 58 53.42 32.85 -74.97
C LYS RA 58 53.46 34.28 -74.42
N ARG RA 59 54.65 34.84 -74.41
CA ARG RA 59 54.88 36.18 -73.90
C ARG RA 59 54.31 37.23 -74.85
N THR RA 60 54.08 38.43 -74.29
CA THR RA 60 53.59 39.57 -75.04
C THR RA 60 54.26 40.84 -74.55
N THR RA 61 54.62 41.71 -75.49
CA THR RA 61 55.13 43.03 -75.17
C THR RA 61 54.04 44.01 -74.76
N VAL RA 62 52.77 43.60 -74.87
CA VAL RA 62 51.67 44.48 -74.51
C VAL RA 62 51.78 44.87 -73.04
N LYS RA 63 51.54 46.15 -72.76
CA LYS RA 63 51.68 46.67 -71.41
C LYS RA 63 50.42 46.43 -70.58
N THR RA 64 49.26 46.51 -71.20
CA THR RA 64 48.01 46.41 -70.49
C THR RA 64 47.83 45.00 -69.91
N PRO RA 65 46.88 44.83 -68.98
CA PRO RA 65 46.49 43.49 -68.59
C PRO RA 65 45.55 42.89 -69.63
N SER RA 66 46.07 41.95 -70.41
CA SER RA 66 45.28 41.22 -71.38
C SER RA 66 45.26 39.75 -71.00
N TRP RA 67 44.25 39.05 -71.48
CA TRP RA 67 44.06 37.64 -71.18
C TRP RA 67 44.06 36.81 -72.45
N ALA RA 68 44.54 35.58 -72.29
CA ALA RA 68 44.60 34.60 -73.36
C ALA RA 68 43.53 33.55 -73.13
N VAL RA 69 42.64 33.42 -74.09
CA VAL RA 69 41.48 32.55 -73.97
C VAL RA 69 41.71 31.30 -74.79
N ASP RA 70 41.27 30.17 -74.26
CA ASP RA 70 41.37 28.90 -74.95
C ASP RA 70 40.30 27.96 -74.40
N MET RA 71 40.10 26.88 -75.12
CA MET RA 71 39.08 25.89 -74.83
C MET RA 71 39.70 24.53 -74.54
N MET RA 72 38.86 23.63 -74.03
CA MET RA 72 39.31 22.30 -73.65
C MET RA 72 38.14 21.34 -73.76
N ARG RA 73 38.24 20.39 -74.69
CA ARG RA 73 37.29 19.31 -74.85
C ARG RA 73 37.92 18.01 -74.37
N PHE RA 74 37.08 17.00 -74.22
CA PHE RA 74 37.50 15.69 -73.73
C PHE RA 74 36.87 14.61 -74.59
N ASN RA 75 37.70 13.74 -75.16
CA ASN RA 75 37.26 12.59 -75.90
C ASN RA 75 37.94 11.34 -75.36
N ILE RA 76 37.23 10.22 -75.46
CA ILE RA 76 37.72 8.96 -74.89
C ILE RA 76 38.73 8.26 -75.79
N ASN RA 77 38.85 8.68 -77.05
CA ASN RA 77 39.87 8.10 -77.90
C ASN RA 77 41.27 8.47 -77.43
N ASP RA 78 41.41 9.63 -76.82
CA ASP RA 78 42.69 10.09 -76.32
C ASP RA 78 43.10 9.42 -75.03
N PHE RA 79 42.18 8.72 -74.35
CA PHE RA 79 42.46 8.01 -73.13
C PHE RA 79 42.46 6.51 -73.30
N LEU RA 80 41.65 5.99 -74.22
CA LEU RA 80 41.49 4.56 -74.46
C LEU RA 80 42.03 4.20 -75.83
N PRO RA 81 43.13 3.48 -75.96
CA PRO RA 81 43.65 3.20 -77.28
C PRO RA 81 42.84 2.13 -77.98
N PRO RA 82 43.11 1.89 -79.26
CA PRO RA 82 42.48 0.76 -79.93
C PRO RA 82 43.08 -0.55 -79.47
N GLY RA 83 42.25 -1.57 -79.46
CA GLY RA 83 42.67 -2.88 -79.01
C GLY RA 83 43.37 -3.67 -80.08
N GLY RA 84 43.09 -4.96 -80.12
CA GLY RA 84 43.68 -5.83 -81.10
C GLY RA 84 42.87 -7.08 -81.34
N GLY RA 85 42.64 -7.41 -82.60
CA GLY RA 85 41.90 -8.59 -82.95
C GLY RA 85 40.41 -8.36 -82.98
N SER RA 86 39.66 -9.35 -82.49
CA SER RA 86 38.22 -9.25 -82.47
C SER RA 86 37.70 -8.24 -81.47
N ASN RA 87 38.54 -7.81 -80.53
CA ASN RA 87 38.20 -6.77 -79.58
C ASN RA 87 38.66 -5.43 -80.12
N PRO RA 88 37.78 -4.53 -80.55
CA PRO RA 88 38.24 -3.31 -81.19
C PRO RA 88 38.90 -2.33 -80.25
N ARG RA 89 38.61 -2.41 -78.96
CA ARG RA 89 39.17 -1.51 -77.95
C ARG RA 89 39.90 -2.31 -76.88
N SER RA 90 40.74 -1.61 -76.14
CA SER RA 90 41.61 -2.25 -75.17
C SER RA 90 40.91 -2.58 -73.86
N VAL RA 91 39.83 -1.88 -73.56
CA VAL RA 91 38.97 -2.18 -72.42
C VAL RA 91 37.73 -2.90 -72.96
N PRO RA 92 37.56 -4.20 -72.70
CA PRO RA 92 36.49 -4.93 -73.40
C PRO RA 92 35.10 -4.71 -72.82
N PHE RA 93 34.53 -3.58 -73.18
CA PHE RA 93 33.17 -3.24 -72.78
C PHE RA 93 32.48 -2.56 -73.96
N GLU RA 94 31.15 -2.56 -73.90
CA GLU RA 94 30.31 -2.03 -74.96
C GLU RA 94 29.92 -0.58 -74.75
N TYR RA 95 29.42 -0.26 -73.56
CA TYR RA 95 28.87 1.05 -73.25
C TYR RA 95 29.76 1.76 -72.24
N TYR RA 96 29.58 3.07 -72.18
CA TYR RA 96 30.31 3.89 -71.24
C TYR RA 96 29.52 5.15 -70.94
N ARG RA 97 29.90 5.80 -69.85
CA ARG RA 97 29.40 7.13 -69.54
C ARG RA 97 30.39 7.78 -68.60
N ILE RA 98 30.81 8.98 -68.92
CA ILE RA 98 31.82 9.69 -68.14
C ILE RA 98 31.15 10.33 -66.94
N ARG RA 99 31.62 9.98 -65.76
CA ARG RA 99 31.05 10.45 -64.51
C ARG RA 99 31.65 11.78 -64.08
N LYS RA 100 32.97 11.89 -64.10
CA LYS RA 100 33.68 13.06 -63.65
C LYS RA 100 34.96 13.22 -64.47
N VAL RA 101 35.48 14.44 -64.46
CA VAL RA 101 36.79 14.74 -65.01
C VAL RA 101 37.52 15.63 -64.03
N LYS RA 102 38.82 15.40 -63.92
CA LYS RA 102 39.71 16.20 -63.09
C LYS RA 102 40.80 16.76 -64.00
N VAL RA 103 40.73 18.05 -64.25
CA VAL RA 103 41.75 18.75 -65.00
C VAL RA 103 42.71 19.40 -64.00
N GLU RA 104 43.99 19.09 -64.13
CA GLU RA 104 45.02 19.57 -63.24
C GLU RA 104 46.03 20.35 -64.07
N PHE RA 105 46.16 21.63 -63.76
CA PHE RA 105 47.20 22.47 -64.34
C PHE RA 105 48.41 22.41 -63.44
N TRP RA 106 49.36 21.56 -63.81
CA TRP RA 106 50.60 21.46 -63.08
C TRP RA 106 51.59 22.45 -63.64
N PRO RA 107 52.07 23.42 -62.85
CA PRO RA 107 52.95 24.43 -63.42
C PRO RA 107 54.31 23.89 -63.81
N CYS RA 108 54.93 24.60 -64.74
CA CYS RA 108 56.27 24.33 -65.20
C CYS RA 108 57.24 25.44 -64.86
N SER RA 109 56.79 26.48 -64.17
CA SER RA 109 57.52 27.69 -63.96
C SER RA 109 58.02 27.77 -62.52
N PRO RA 110 59.15 28.42 -62.28
CA PRO RA 110 59.68 28.49 -60.93
C PRO RA 110 58.87 29.42 -60.06
N ILE RA 111 59.02 29.23 -58.74
CA ILE RA 111 58.35 30.10 -57.80
C ILE RA 111 58.97 31.48 -57.70
N THR RA 112 60.09 31.73 -58.35
CA THR RA 112 60.72 33.02 -58.41
C THR RA 112 60.27 33.86 -59.60
N GLN RA 113 59.38 33.35 -60.43
CA GLN RA 113 58.99 34.06 -61.63
C GLN RA 113 58.05 35.20 -61.26
N GLY RA 114 58.31 36.37 -61.83
CA GLY RA 114 57.53 37.55 -61.58
C GLY RA 114 56.49 37.80 -62.65
N ASP RA 115 55.98 39.03 -62.66
CA ASP RA 115 54.91 39.43 -63.55
C ASP RA 115 53.70 38.50 -63.39
N ARG RA 116 53.39 38.20 -62.14
CA ARG RA 116 52.30 37.29 -61.83
C ARG RA 116 50.97 37.89 -62.28
N GLY RA 117 49.96 37.03 -62.31
CA GLY RA 117 48.67 37.40 -62.84
C GLY RA 117 47.54 36.64 -62.19
N VAL RA 118 46.33 36.84 -62.71
CA VAL RA 118 45.15 36.22 -62.16
C VAL RA 118 44.17 35.96 -63.28
N GLY RA 119 43.70 34.72 -63.37
CA GLY RA 119 42.82 34.28 -64.42
C GLY RA 119 41.58 33.59 -63.90
N SER RA 120 40.93 32.85 -64.78
CA SER RA 120 39.65 32.24 -64.46
C SER RA 120 39.45 30.99 -65.31
N SER RA 121 38.89 29.96 -64.68
CA SER RA 121 38.48 28.74 -65.36
C SER RA 121 37.00 28.50 -65.09
N ALA RA 122 36.25 28.26 -66.15
CA ALA RA 122 34.81 28.07 -66.08
C ALA RA 122 34.42 26.79 -66.78
N VAL RA 123 33.23 26.30 -66.46
CA VAL RA 123 32.70 25.04 -66.95
C VAL RA 123 31.65 25.34 -68.01
N ILE RA 124 31.89 24.85 -69.22
CA ILE RA 124 31.11 25.20 -70.41
C ILE RA 124 30.63 23.89 -71.03
N LEU RA 125 29.38 23.53 -70.76
CA LEU RA 125 28.86 22.22 -71.08
C LEU RA 125 28.11 22.17 -72.41
N ASP RA 126 28.44 23.03 -73.38
CA ASP RA 126 27.62 23.16 -74.58
C ASP RA 126 28.36 23.40 -75.90
N ASP RA 127 29.68 23.41 -75.90
CA ASP RA 127 30.45 23.49 -77.14
C ASP RA 127 30.31 24.85 -77.81
N ASN RA 128 30.04 25.89 -77.04
CA ASN RA 128 30.08 27.27 -77.52
C ASN RA 128 30.90 28.03 -76.50
N PHE RA 129 32.20 28.08 -76.76
CA PHE RA 129 33.17 28.76 -75.93
C PHE RA 129 33.33 30.19 -76.39
N VAL RA 130 33.89 31.01 -75.51
CA VAL RA 130 34.39 32.31 -75.93
C VAL RA 130 35.47 32.09 -76.96
N THR RA 131 35.49 32.93 -77.97
CA THR RA 131 36.40 32.76 -79.09
C THR RA 131 37.84 32.80 -78.59
N LYS RA 132 38.66 31.94 -79.17
CA LYS RA 132 40.07 31.88 -78.81
C LYS RA 132 40.74 33.21 -79.14
N ALA RA 133 41.44 33.75 -78.16
CA ALA RA 133 42.08 35.06 -78.26
C ALA RA 133 43.47 34.99 -77.67
N THR RA 134 44.35 35.80 -78.22
CA THR RA 134 45.73 35.90 -77.76
C THR RA 134 45.88 36.94 -76.66
N ALA RA 135 45.36 38.14 -76.89
CA ALA RA 135 45.42 39.23 -75.91
C ALA RA 135 44.08 39.96 -75.94
N LEU RA 136 43.16 39.49 -75.13
CA LEU RA 136 41.86 40.11 -74.96
C LEU RA 136 41.89 41.05 -73.76
N THR RA 137 41.21 42.19 -73.88
CA THR RA 137 41.28 43.26 -72.91
C THR RA 137 40.52 43.00 -71.63
N TYR RA 138 39.99 41.81 -71.43
CA TYR RA 138 39.23 41.50 -70.23
C TYR RA 138 39.19 39.99 -70.05
N ASP RA 139 38.78 39.57 -68.86
CA ASP RA 139 38.60 38.16 -68.54
C ASP RA 139 37.15 37.79 -68.78
N PRO RA 140 36.82 37.05 -69.83
CA PRO RA 140 35.40 36.78 -70.09
C PRO RA 140 34.78 35.84 -69.09
N TYR RA 141 35.56 34.91 -68.54
CA TYR RA 141 35.05 33.88 -67.65
C TYR RA 141 35.03 34.32 -66.20
N VAL RA 142 35.13 35.62 -65.93
CA VAL RA 142 35.28 36.09 -64.56
C VAL RA 142 33.94 36.12 -63.84
N ASN RA 143 32.89 36.54 -64.52
CA ASN RA 143 31.57 36.65 -63.92
C ASN RA 143 30.76 35.37 -64.04
N TYR RA 144 31.35 34.31 -64.57
CA TYR RA 144 30.64 33.04 -64.66
C TYR RA 144 30.44 32.44 -63.28
N SER RA 145 29.28 31.80 -63.10
CA SER RA 145 28.94 31.17 -61.84
C SER RA 145 29.88 30.03 -61.49
N SER RA 146 30.53 29.43 -62.48
CA SER RA 146 31.47 28.34 -62.29
C SER RA 146 32.92 28.80 -62.36
N ARG RA 147 33.18 30.07 -62.11
CA ARG RA 147 34.53 30.58 -62.19
C ARG RA 147 35.30 30.22 -60.94
N HIS RA 148 36.50 29.70 -61.14
CA HIS RA 148 37.50 29.55 -60.11
C HIS RA 148 38.70 30.39 -60.52
N THR RA 149 39.28 31.08 -59.57
CA THR RA 149 40.43 31.91 -59.84
C THR RA 149 41.67 31.05 -60.11
N ILE RA 150 42.41 31.44 -61.14
CA ILE RA 150 43.69 30.85 -61.46
C ILE RA 150 44.74 31.85 -61.02
N THR RA 151 45.47 31.51 -59.98
CA THR RA 151 46.71 32.20 -59.67
C THR RA 151 47.80 31.70 -60.60
N GLN RA 152 48.58 32.63 -61.13
CA GLN RA 152 49.60 32.36 -62.12
C GLN RA 152 50.94 32.88 -61.62
N PRO RA 153 52.05 32.35 -62.12
CA PRO RA 153 52.28 31.24 -63.05
C PRO RA 153 52.63 29.92 -62.38
N PHE RA 154 53.01 29.98 -61.11
CA PHE RA 154 53.62 28.85 -60.42
C PHE RA 154 52.68 28.17 -59.44
N SER RA 155 51.40 28.21 -59.71
CA SER RA 155 50.39 27.71 -58.79
C SER RA 155 49.54 26.64 -59.46
N TYR RA 156 49.15 25.66 -58.67
CA TYR RA 156 48.37 24.54 -59.12
C TYR RA 156 46.89 24.89 -59.13
N HIS RA 157 46.20 24.42 -60.16
CA HIS RA 157 44.78 24.67 -60.36
C HIS RA 157 44.12 23.37 -60.76
N SER RA 158 43.13 22.95 -59.99
CA SER RA 158 42.33 21.78 -60.27
C SER RA 158 40.88 22.16 -60.48
N ARG RA 159 40.21 21.40 -61.33
CA ARG RA 159 38.77 21.52 -61.55
C ARG RA 159 38.20 20.13 -61.66
N TYR RA 160 37.18 19.85 -60.86
CA TYR RA 160 36.55 18.54 -60.78
C TYR RA 160 35.07 18.72 -61.02
N PHE RA 161 34.58 18.15 -62.12
CA PHE RA 161 33.23 18.40 -62.57
C PHE RA 161 32.76 17.22 -63.40
N THR RA 162 31.49 17.29 -63.78
CA THR RA 162 30.83 16.27 -64.59
C THR RA 162 30.61 16.79 -66.00
N PRO RA 163 31.29 16.28 -67.02
CA PRO RA 163 31.08 16.81 -68.36
C PRO RA 163 29.80 16.32 -68.98
N LYS RA 164 29.52 16.78 -70.18
CA LYS RA 164 28.32 16.43 -70.92
C LYS RA 164 28.70 16.15 -72.36
N PRO RA 165 28.06 15.19 -73.01
CA PRO RA 165 28.39 14.91 -74.40
C PRO RA 165 27.68 15.83 -75.38
N VAL RA 166 28.28 15.94 -76.55
CA VAL RA 166 27.77 16.78 -77.62
C VAL RA 166 26.88 15.89 -78.48
N LEU RA 167 25.61 15.82 -78.12
CA LEU RA 167 24.64 15.02 -78.85
C LEU RA 167 24.12 15.75 -80.07
N ASP RA 168 23.80 17.03 -79.93
CA ASP RA 168 23.39 17.87 -81.05
C ASP RA 168 24.02 19.23 -80.86
N SER RA 169 24.99 19.55 -81.70
CA SER RA 169 25.67 20.84 -81.62
C SER RA 169 24.79 21.98 -82.11
N THR RA 170 23.72 21.69 -82.84
CA THR RA 170 22.82 22.73 -83.32
C THR RA 170 21.94 23.26 -82.20
N ILE RA 171 21.46 22.37 -81.34
CA ILE RA 171 20.53 22.71 -80.28
C ILE RA 171 21.28 22.82 -78.97
N ASP RA 172 22.31 21.99 -78.79
CA ASP RA 172 23.18 22.01 -77.63
C ASP RA 172 22.37 21.80 -76.34
N TYR RA 173 21.81 20.60 -76.24
CA TYR RA 173 21.05 20.18 -75.07
C TYR RA 173 21.85 19.20 -74.24
N PHE RA 174 21.67 19.25 -72.93
CA PHE RA 174 22.36 18.35 -72.03
C PHE RA 174 21.50 18.08 -70.81
N GLN RA 175 21.86 17.08 -70.12
CA GLN RA 175 21.16 16.60 -68.95
C GLN RA 175 21.71 17.23 -67.68
N PRO RA 176 20.88 17.43 -66.66
CA PRO RA 176 21.44 17.77 -65.35
C PRO RA 176 22.11 16.60 -64.69
N ASN RA 177 22.76 16.86 -63.57
CA ASN RA 177 23.54 15.83 -62.89
C ASN RA 177 22.62 14.85 -62.20
N ASN RA 178 22.66 13.60 -62.62
CA ASN RA 178 21.89 12.53 -62.00
C ASN RA 178 22.63 11.25 -62.30
N LYS RA 179 23.16 10.61 -61.27
CA LYS RA 179 23.94 9.40 -61.50
C LYS RA 179 23.06 8.27 -62.01
N ARG RA 180 21.79 8.25 -61.64
CA ARG RA 180 20.91 7.14 -62.01
C ARG RA 180 20.33 7.28 -63.40
N ASN RA 181 20.22 8.51 -63.91
CA ASN RA 181 19.59 8.79 -65.18
C ASN RA 181 20.57 9.17 -66.27
N GLN RA 182 21.87 9.17 -66.00
CA GLN RA 182 22.85 9.56 -67.00
C GLN RA 182 22.85 8.57 -68.15
N LEU RA 183 22.89 9.12 -69.36
CA LEU RA 183 22.84 8.32 -70.56
C LEU RA 183 24.08 7.45 -70.69
N TRP RA 184 23.88 6.26 -71.22
CA TRP RA 184 24.95 5.38 -71.64
C TRP RA 184 25.21 5.61 -73.11
N LEU RA 185 26.45 5.93 -73.46
CA LEU RA 185 26.90 6.00 -74.82
C LEU RA 185 27.57 4.69 -75.20
N ARG RA 186 27.75 4.50 -76.50
CA ARG RA 186 28.48 3.36 -77.01
C ARG RA 186 29.95 3.71 -77.16
N LEU RA 187 30.79 2.76 -76.78
CA LEU RA 187 32.22 2.85 -76.99
C LEU RA 187 32.51 2.45 -78.43
N GLN RA 188 32.54 3.45 -79.29
CA GLN RA 188 32.78 3.23 -80.70
C GLN RA 188 34.21 2.79 -80.93
N THR RA 189 34.50 2.42 -82.17
CA THR RA 189 35.83 1.94 -82.53
C THR RA 189 36.79 3.11 -82.76
N ALA RA 190 36.43 4.06 -83.63
CA ALA RA 190 37.28 5.21 -83.88
C ALA RA 190 36.50 6.51 -84.07
N GLY RA 191 35.30 6.62 -83.50
CA GLY RA 191 34.45 7.76 -83.77
C GLY RA 191 33.67 8.28 -82.57
N ASN RA 192 34.24 8.16 -81.39
CA ASN RA 192 33.53 8.56 -80.18
C ASN RA 192 33.25 10.05 -80.17
N VAL RA 193 32.25 10.43 -79.39
CA VAL RA 193 31.74 11.79 -79.36
C VAL RA 193 32.51 12.60 -78.34
N ASP RA 194 32.68 13.89 -78.64
CA ASP RA 194 33.46 14.77 -77.79
C ASP RA 194 32.64 15.22 -76.60
N HIS RA 195 33.22 15.06 -75.41
CA HIS RA 195 32.69 15.66 -74.22
C HIS RA 195 33.34 17.01 -74.00
N VAL RA 196 32.63 17.86 -73.25
CA VAL RA 196 32.94 19.28 -73.18
C VAL RA 196 32.70 19.74 -71.76
N GLY RA 197 33.25 20.91 -71.42
CA GLY RA 197 33.16 21.36 -70.06
C GLY RA 197 34.25 22.19 -69.42
N LEU RA 198 35.23 22.70 -70.17
CA LEU RA 198 36.15 23.65 -69.54
C LEU RA 198 36.67 24.69 -70.52
N GLY RA 199 36.62 25.93 -70.06
CA GLY RA 199 37.25 27.03 -70.76
C GLY RA 199 38.03 27.88 -69.78
N THR RA 200 39.12 28.45 -70.28
CA THR RA 200 40.12 29.12 -69.45
C THR RA 200 40.40 30.51 -69.97
N ALA RA 201 40.97 31.33 -69.09
CA ALA RA 201 41.47 32.65 -69.44
C ALA RA 201 42.69 32.91 -68.59
N PHE RA 202 43.85 32.97 -69.23
CA PHE RA 202 45.12 33.20 -68.56
C PHE RA 202 45.62 34.61 -68.86
N GLU RA 203 46.09 35.29 -67.84
CA GLU RA 203 46.64 36.62 -67.99
C GLU RA 203 48.05 36.52 -68.55
N ASN RA 204 48.29 37.26 -69.63
CA ASN RA 204 49.56 37.22 -70.31
C ASN RA 204 50.65 37.86 -69.46
N SER RA 205 51.90 37.64 -69.87
CA SER RA 205 53.06 38.05 -69.10
C SER RA 205 54.22 38.28 -70.04
N ILE RA 206 55.27 38.92 -69.51
CA ILE RA 206 56.50 39.13 -70.26
C ILE RA 206 57.22 37.82 -70.48
N TYR RA 207 57.06 36.87 -69.57
CA TYR RA 207 57.69 35.57 -69.65
C TYR RA 207 56.70 34.52 -70.11
N ASP RA 208 57.21 33.45 -70.70
CA ASP RA 208 56.38 32.35 -71.14
C ASP RA 208 55.90 31.55 -69.93
N GLN RA 209 54.61 31.23 -69.92
CA GLN RA 209 53.98 30.45 -68.86
C GLN RA 209 53.61 29.09 -69.42
N GLU RA 210 54.33 28.05 -69.01
CA GLU RA 210 54.09 26.69 -69.46
C GLU RA 210 53.39 25.90 -68.38
N TYR RA 211 52.60 24.92 -68.82
CA TYR RA 211 51.84 24.05 -67.94
C TYR RA 211 51.85 22.64 -68.53
N ASN RA 212 51.84 21.66 -67.63
CA ASN RA 212 51.62 20.26 -67.97
C ASN RA 212 50.23 19.89 -67.47
N ILE RA 213 49.30 19.69 -68.38
CA ILE RA 213 47.91 19.48 -68.03
C ILE RA 213 47.64 17.98 -68.01
N ARG RA 214 47.15 17.50 -66.87
CA ARG RA 214 46.82 16.10 -66.67
C ARG RA 214 45.32 15.99 -66.49
N VAL RA 215 44.65 15.40 -67.47
CA VAL RA 215 43.21 15.15 -67.43
C VAL RA 215 43.01 13.72 -66.99
N THR RA 216 42.13 13.53 -66.02
CA THR RA 216 41.75 12.22 -65.49
C THR RA 216 40.25 12.09 -65.62
N MET RA 217 39.81 11.10 -66.38
CA MET RA 217 38.39 10.82 -66.56
C MET RA 217 38.00 9.60 -65.73
N TYR RA 218 36.95 9.76 -64.94
CA TYR RA 218 36.38 8.69 -64.14
C TYR RA 218 35.17 8.15 -64.88
N VAL RA 219 35.32 6.96 -65.45
CA VAL RA 219 34.35 6.41 -66.38
C VAL RA 219 33.68 5.21 -65.74
N GLN RA 220 32.60 4.78 -66.38
CA GLN RA 220 31.81 3.65 -65.91
C GLN RA 220 31.36 2.90 -67.15
N PHE RA 221 31.84 1.67 -67.28
CA PHE RA 221 31.54 0.82 -68.42
C PHE RA 221 30.43 -0.17 -68.09
N ARG RA 222 29.99 -0.89 -69.12
CA ARG RA 222 28.89 -1.83 -68.99
C ARG RA 222 29.00 -2.88 -70.08
N GLU RA 223 28.53 -4.08 -69.76
CA GLU RA 223 28.40 -5.18 -70.71
C GLU RA 223 29.76 -5.60 -71.28
N PHE RA 224 30.54 -6.21 -70.40
CA PHE RA 224 31.73 -6.96 -70.75
C PHE RA 224 31.48 -7.82 -71.97
N ASN RA 225 32.27 -7.61 -73.02
CA ASN RA 225 32.01 -8.20 -74.33
C ASN RA 225 33.27 -8.79 -74.94
N LEU RA 226 34.06 -9.48 -74.13
CA LEU RA 226 35.27 -10.08 -74.64
C LEU RA 226 34.95 -11.17 -75.63
N LYS RA 227 35.78 -11.27 -76.67
CA LYS RA 227 35.64 -12.28 -77.71
C LYS RA 227 36.89 -13.13 -77.73
N ASP RA 228 36.71 -14.46 -77.66
CA ASP RA 228 37.81 -15.41 -77.51
C ASP RA 228 37.74 -16.42 -78.65
N PRO RA 229 38.30 -16.09 -79.80
CA PRO RA 229 38.41 -17.07 -80.86
C PRO RA 229 39.49 -18.09 -80.55
N PRO RA 230 39.53 -19.20 -81.28
CA PRO RA 230 40.65 -20.14 -81.10
C PRO RA 230 41.96 -19.59 -81.61
N LEU RA 231 43.01 -20.40 -81.51
CA LEU RA 231 44.35 -20.00 -81.91
C LEU RA 231 45.09 -21.15 -82.59
N GLY SA 43 10.74 42.17 -57.32
CA GLY SA 43 11.49 41.16 -58.05
C GLY SA 43 12.98 41.21 -57.78
N ILE SA 44 13.37 40.62 -56.68
CA ILE SA 44 14.74 40.72 -56.20
C ILE SA 44 15.63 39.77 -56.97
N PHE SA 45 16.87 40.22 -57.21
CA PHE SA 45 17.88 39.38 -57.84
C PHE SA 45 19.24 39.82 -57.29
N ASN SA 46 19.76 39.04 -56.35
CA ASN SA 46 21.10 39.27 -55.84
C ASN SA 46 22.11 38.59 -56.75
N THR SA 47 23.09 39.36 -57.20
CA THR SA 47 24.16 38.82 -58.05
C THR SA 47 25.49 39.45 -57.64
N ARG SA 48 26.48 39.27 -58.51
CA ARG SA 48 27.86 39.63 -58.24
C ARG SA 48 28.49 40.13 -59.52
N LEU SA 49 29.06 41.31 -59.47
CA LEU SA 49 29.69 41.97 -60.62
C LEU SA 49 31.11 42.32 -60.25
N SER SA 50 32.03 42.08 -61.20
CA SER SA 50 33.45 42.26 -60.98
C SER SA 50 34.05 43.14 -62.06
N ARG SA 51 35.29 43.52 -61.81
CA ARG SA 51 36.04 44.48 -62.60
C ARG SA 51 37.48 44.43 -62.13
N THR SA 52 38.42 44.53 -63.06
CA THR SA 52 39.84 44.40 -62.76
C THR SA 52 40.60 45.53 -63.41
N PHE SA 53 41.57 46.08 -62.68
CA PHE SA 53 42.38 47.19 -63.15
C PHE SA 53 43.67 47.22 -62.36
N GLY SA 54 44.61 48.03 -62.84
CA GLY SA 54 45.93 48.11 -62.26
C GLY SA 54 46.20 49.33 -61.40
N TYR SA 55 47.18 49.19 -60.52
CA TYR SA 55 47.65 50.28 -59.67
C TYR SA 55 49.13 50.04 -59.39
N THR SA 56 49.93 51.08 -59.59
CA THR SA 56 51.36 51.00 -59.40
C THR SA 56 51.83 52.11 -58.47
N ILE SA 57 52.74 51.75 -57.58
CA ILE SA 57 53.43 52.68 -56.70
C ILE SA 57 54.84 52.81 -57.25
N LYS SA 58 55.13 53.93 -57.91
CA LYS SA 58 56.41 54.13 -58.54
C LYS SA 58 57.52 54.23 -57.50
N ARG SA 59 58.74 53.97 -57.95
CA ARG SA 59 59.91 54.00 -57.10
C ARG SA 59 60.28 55.42 -56.70
N THR SA 60 61.04 55.53 -55.62
CA THR SA 60 61.53 56.80 -55.12
C THR SA 60 62.96 56.63 -54.60
N THR SA 61 63.81 57.60 -54.89
CA THR SA 61 65.15 57.66 -54.34
C THR SA 61 65.17 58.16 -52.90
N VAL SA 62 64.03 58.59 -52.36
CA VAL SA 62 63.98 59.08 -50.99
C VAL SA 62 64.39 57.98 -50.03
N LYS SA 63 65.21 58.35 -49.05
CA LYS SA 63 65.73 57.38 -48.09
C LYS SA 63 64.76 57.10 -46.97
N THR SA 64 64.03 58.11 -46.52
CA THR SA 64 63.15 57.98 -45.39
C THR SA 64 62.00 57.02 -45.70
N PRO SA 65 61.29 56.56 -44.67
CA PRO SA 65 60.04 55.85 -44.92
C PRO SA 65 58.93 56.85 -45.21
N SER SA 66 58.53 56.91 -46.48
CA SER SA 66 57.43 57.74 -46.92
C SER SA 66 56.33 56.85 -47.48
N TRP SA 67 55.11 57.37 -47.47
CA TRP SA 67 53.94 56.64 -47.92
C TRP SA 67 53.27 57.35 -49.08
N ALA SA 68 52.68 56.54 -49.95
CA ALA SA 68 51.94 57.01 -51.12
C ALA SA 68 50.47 56.83 -50.86
N VAL SA 69 49.73 57.92 -50.91
CA VAL SA 69 48.32 57.94 -50.56
C VAL SA 69 47.50 58.04 -51.83
N ASP SA 70 46.38 57.32 -51.86
CA ASP SA 70 45.48 57.35 -52.98
C ASP SA 70 44.09 56.95 -52.50
N MET SA 71 43.12 57.17 -53.35
CA MET SA 71 41.71 56.96 -53.05
C MET SA 71 41.12 55.93 -54.00
N MET SA 72 39.91 55.48 -53.67
CA MET SA 72 39.23 54.46 -54.45
C MET SA 72 37.72 54.63 -54.28
N ARG SA 73 37.05 54.99 -55.36
CA ARG SA 73 35.60 55.07 -55.43
C ARG SA 73 35.07 53.91 -56.25
N PHE SA 74 33.75 53.71 -56.16
CA PHE SA 74 33.08 52.61 -56.85
C PHE SA 74 31.81 53.15 -57.52
N ASN SA 75 31.70 52.94 -58.82
CA ASN SA 75 30.51 53.28 -59.57
C ASN SA 75 30.05 52.06 -60.36
N ILE SA 76 28.73 51.97 -60.56
CA ILE SA 76 28.15 50.82 -61.22
C ILE SA 76 28.25 50.88 -62.74
N ASN SA 77 28.59 52.04 -63.30
CA ASN SA 77 28.80 52.10 -64.73
C ASN SA 77 30.01 51.31 -65.16
N ASP SA 78 31.01 51.20 -64.28
CA ASP SA 78 32.22 50.47 -64.58
C ASP SA 78 32.04 48.96 -64.47
N PHE SA 79 30.95 48.51 -63.87
CA PHE SA 79 30.64 47.09 -63.75
C PHE SA 79 29.51 46.63 -64.64
N LEU SA 80 28.56 47.51 -64.92
CA LEU SA 80 27.37 47.20 -65.71
C LEU SA 80 27.40 47.98 -67.01
N PRO SA 81 27.59 47.36 -68.17
CA PRO SA 81 27.67 48.13 -69.39
C PRO SA 81 26.30 48.60 -69.84
N PRO SA 82 26.25 49.46 -70.85
CA PRO SA 82 24.96 49.81 -71.43
C PRO SA 82 24.39 48.67 -72.25
N GLY SA 83 23.08 48.60 -72.25
CA GLY SA 83 22.39 47.53 -72.96
C GLY SA 83 22.22 47.82 -74.43
N GLY SA 84 21.07 47.45 -74.96
CA GLY SA 84 20.77 47.69 -76.36
C GLY SA 84 19.29 47.70 -76.63
N GLY SA 85 18.85 48.70 -77.37
CA GLY SA 85 17.45 48.83 -77.72
C GLY SA 85 16.63 49.53 -76.67
N SER SA 86 15.42 49.02 -76.44
CA SER SA 86 14.53 49.63 -75.47
C SER SA 86 15.00 49.41 -74.04
N ASN SA 87 15.91 48.46 -73.82
CA ASN SA 87 16.50 48.23 -72.51
C ASN SA 87 17.78 49.03 -72.40
N PRO SA 88 17.85 50.10 -71.60
CA PRO SA 88 19.06 50.92 -71.62
C PRO SA 88 20.26 50.27 -70.98
N ARG SA 89 20.06 49.29 -70.11
CA ARG SA 89 21.14 48.60 -69.42
C ARG SA 89 21.07 47.10 -69.72
N SER SA 90 22.19 46.43 -69.44
CA SER SA 90 22.33 45.02 -69.80
C SER SA 90 21.66 44.10 -68.79
N VAL SA 91 21.50 44.56 -67.56
CA VAL SA 91 20.73 43.84 -66.54
C VAL SA 91 19.36 44.49 -66.45
N PRO SA 92 18.28 43.83 -66.88
CA PRO SA 92 17.01 44.54 -66.99
C PRO SA 92 16.27 44.71 -65.67
N PHE SA 93 16.72 45.68 -64.88
CA PHE SA 93 16.09 46.03 -63.63
C PHE SA 93 16.08 47.55 -63.49
N GLU SA 94 15.22 48.03 -62.61
CA GLU SA 94 15.01 49.45 -62.40
C GLU SA 94 15.85 50.00 -61.26
N TYR SA 95 15.81 49.35 -60.11
CA TYR SA 95 16.42 49.84 -58.89
C TYR SA 95 17.59 48.94 -58.50
N TYR SA 96 18.46 49.48 -57.66
CA TYR SA 96 19.60 48.73 -57.16
C TYR SA 96 20.02 49.30 -55.82
N ARG SA 97 20.81 48.51 -55.10
CA ARG SA 97 21.48 48.97 -53.91
C ARG SA 97 22.66 48.06 -53.66
N ILE SA 98 23.83 48.65 -53.47
CA ILE SA 98 25.05 47.88 -53.30
C ILE SA 98 25.13 47.41 -51.86
N ARG SA 99 25.23 46.10 -51.67
CA ARG SA 99 25.26 45.48 -50.37
C ARG SA 99 26.68 45.42 -49.80
N LYS SA 100 27.63 44.95 -50.60
CA LYS SA 100 29.00 44.76 -50.16
C LYS SA 100 29.92 45.00 -51.35
N VAL SA 101 31.18 45.26 -51.04
CA VAL SA 101 32.25 45.33 -52.02
C VAL SA 101 33.44 44.57 -51.45
N LYS SA 102 34.14 43.86 -52.33
CA LYS SA 102 35.37 43.14 -52.02
C LYS SA 102 36.45 43.69 -52.92
N VAL SA 103 37.37 44.44 -52.33
CA VAL SA 103 38.54 44.93 -53.02
C VAL SA 103 39.70 43.98 -52.72
N GLU SA 104 40.30 43.45 -53.77
CA GLU SA 104 41.39 42.50 -53.68
C GLU SA 104 42.60 43.10 -54.37
N PHE SA 105 43.67 43.30 -53.60
CA PHE SA 105 44.96 43.70 -54.14
C PHE SA 105 45.75 42.44 -54.44
N TRP SA 106 45.73 42.03 -55.69
CA TRP SA 106 46.50 40.89 -56.12
C TRP SA 106 47.89 41.35 -56.54
N PRO SA 107 48.96 40.90 -55.89
CA PRO SA 107 50.28 41.43 -56.23
C PRO SA 107 50.75 40.98 -57.60
N CYS SA 108 51.66 41.79 -58.14
CA CYS SA 108 52.33 41.53 -59.39
C CYS SA 108 53.81 41.30 -59.22
N SER SA 109 54.31 41.33 -58.00
CA SER SA 109 55.72 41.35 -57.70
C SER SA 109 56.17 40.00 -57.16
N PRO SA 110 57.41 39.60 -57.41
CA PRO SA 110 57.86 38.30 -56.94
C PRO SA 110 58.06 38.27 -55.45
N ILE SA 111 58.08 37.05 -54.91
CA ILE SA 111 58.32 36.88 -53.48
C ILE SA 111 59.76 37.10 -53.08
N THR SA 112 60.66 37.29 -54.05
CA THR SA 112 62.06 37.60 -53.78
C THR SA 112 62.33 39.10 -53.71
N GLN SA 113 61.32 39.94 -53.89
CA GLN SA 113 61.55 41.38 -53.93
C GLN SA 113 61.80 41.90 -52.53
N GLY SA 114 62.82 42.72 -52.39
CA GLY SA 114 63.19 43.30 -51.13
C GLY SA 114 62.66 44.70 -50.94
N ASP SA 115 63.23 45.39 -49.96
CA ASP SA 115 62.78 46.73 -49.57
C ASP SA 115 61.31 46.70 -49.22
N ARG SA 116 60.92 45.68 -48.47
CA ARG SA 116 59.54 45.49 -48.09
C ARG SA 116 59.08 46.63 -47.18
N GLY SA 117 57.77 46.71 -47.01
CA GLY SA 117 57.16 47.80 -46.30
C GLY SA 117 55.87 47.42 -45.62
N VAL SA 118 55.21 48.42 -45.05
CA VAL SA 118 53.98 48.18 -44.31
C VAL SA 118 53.08 49.40 -44.45
N GLY SA 119 51.85 49.16 -44.85
CA GLY SA 119 50.88 50.20 -45.13
C GLY SA 119 49.57 49.99 -44.42
N SER SA 120 48.55 50.68 -44.89
CA SER SA 120 47.26 50.68 -44.22
C SER SA 120 46.16 50.97 -45.22
N SER SA 121 45.04 50.27 -45.08
CA SER SA 121 43.83 50.50 -45.84
C SER SA 121 42.70 50.78 -44.88
N ALA SA 122 41.97 51.86 -45.13
CA ALA SA 122 40.88 52.29 -44.28
C ALA SA 122 39.63 52.53 -45.11
N VAL SA 123 38.49 52.53 -44.43
CA VAL SA 123 37.17 52.65 -45.04
C VAL SA 123 36.67 54.07 -44.80
N ILE SA 124 36.40 54.78 -45.90
CA ILE SA 124 36.09 56.20 -45.89
C ILE SA 124 34.77 56.38 -46.63
N LEU SA 125 33.69 56.52 -45.87
CA LEU SA 125 32.34 56.48 -46.42
C LEU SA 125 31.76 57.85 -46.71
N ASP SA 126 32.58 58.86 -47.02
CA ASP SA 126 32.08 60.24 -47.10
C ASP SA 126 32.70 61.12 -48.17
N ASP SA 127 33.58 60.60 -49.01
CA ASP SA 127 34.11 61.35 -50.15
C ASP SA 127 35.00 62.50 -49.72
N ASN SA 128 35.63 62.38 -48.56
CA ASN SA 128 36.67 63.32 -48.13
C ASN SA 128 37.83 62.45 -47.67
N PHE SA 129 38.71 62.17 -48.61
CA PHE SA 129 39.89 61.36 -48.40
C PHE SA 129 41.06 62.25 -48.00
N VAL SA 130 42.08 61.62 -47.43
CA VAL SA 130 43.36 62.29 -47.29
C VAL SA 130 43.87 62.63 -48.67
N THR SA 131 44.47 63.79 -48.80
CA THR SA 131 44.91 64.28 -50.09
C THR SA 131 45.90 63.30 -50.72
N LYS SA 132 45.78 63.12 -52.02
CA LYS SA 132 46.69 62.25 -52.74
C LYS SA 132 48.11 62.77 -52.65
N ALA SA 133 49.02 61.90 -52.25
CA ALA SA 133 50.41 62.25 -52.02
C ALA SA 133 51.31 61.18 -52.60
N THR SA 134 52.49 61.61 -53.05
CA THR SA 134 53.48 60.71 -53.61
C THR SA 134 54.40 60.16 -52.54
N ALA SA 135 54.96 61.04 -51.69
CA ALA SA 135 55.85 60.64 -50.61
C ALA SA 135 55.51 61.49 -49.40
N LEU SA 136 54.57 60.99 -48.59
CA LEU SA 136 54.19 61.62 -47.33
C LEU SA 136 54.96 60.99 -46.20
N THR SA 137 55.35 61.81 -45.22
CA THR SA 137 56.25 61.41 -44.16
C THR SA 137 55.59 60.56 -43.09
N TYR SA 138 54.36 60.12 -43.27
CA TYR SA 138 53.68 59.31 -42.28
C TYR SA 138 52.53 58.58 -42.96
N ASP SA 139 51.99 57.60 -42.25
CA ASP SA 139 50.84 56.84 -42.70
C ASP SA 139 49.58 57.46 -42.12
N PRO SA 140 48.77 58.17 -42.89
CA PRO SA 140 47.61 58.84 -42.28
C PRO SA 140 46.54 57.89 -41.82
N TYR SA 141 46.38 56.75 -42.50
CA TYR SA 141 45.31 55.81 -42.23
C TYR SA 141 45.69 54.80 -41.16
N VAL SA 142 46.74 55.06 -40.39
CA VAL SA 142 47.25 54.05 -39.46
C VAL SA 142 46.41 54.00 -38.20
N ASN SA 143 46.00 55.16 -37.68
CA ASN SA 143 45.24 55.22 -36.46
C ASN SA 143 43.74 55.13 -36.68
N TYR SA 144 43.31 54.91 -37.91
CA TYR SA 144 41.89 54.76 -38.19
C TYR SA 144 41.36 53.46 -37.61
N SER SA 145 40.13 53.52 -37.12
CA SER SA 145 39.48 52.36 -36.53
C SER SA 145 39.26 51.25 -37.53
N SER SA 146 39.21 51.57 -38.82
CA SER SA 146 39.02 50.60 -39.88
C SER SA 146 40.31 50.27 -40.61
N ARG SA 147 41.45 50.46 -39.96
CA ARG SA 147 42.73 50.19 -40.58
C ARG SA 147 43.01 48.71 -40.56
N HIS SA 148 43.40 48.19 -41.71
CA HIS SA 148 44.01 46.88 -41.85
C HIS SA 148 45.40 47.08 -42.39
N THR SA 149 46.35 46.33 -41.86
CA THR SA 149 47.73 46.42 -42.30
C THR SA 149 47.89 45.82 -43.69
N ILE SA 150 48.63 46.53 -44.53
CA ILE SA 150 49.02 46.05 -45.85
C ILE SA 150 50.48 45.67 -45.74
N THR SA 151 50.76 44.38 -45.80
CA THR SA 151 52.10 43.91 -46.04
C THR SA 151 52.42 44.04 -47.51
N GLN SA 152 53.61 44.54 -47.81
CA GLN SA 152 54.05 44.85 -49.16
C GLN SA 152 55.34 44.10 -49.45
N PRO SA 153 55.66 43.87 -50.73
CA PRO SA 153 54.93 44.09 -51.98
C PRO SA 153 54.21 42.88 -52.52
N PHE SA 154 54.55 41.70 -52.02
CA PHE SA 154 54.15 40.43 -52.62
C PHE SA 154 53.05 39.73 -51.83
N SER SA 155 52.22 40.48 -51.15
CA SER SA 155 51.22 39.92 -50.26
C SER SA 155 49.83 40.39 -50.66
N TYR SA 156 48.88 39.50 -50.49
CA TYR SA 156 47.50 39.73 -50.85
C TYR SA 156 46.77 40.47 -49.74
N HIS SA 157 45.93 41.42 -50.12
CA HIS SA 157 45.17 42.24 -49.20
C HIS SA 157 43.74 42.32 -49.70
N SER SA 158 42.80 41.91 -48.85
CA SER SA 158 41.38 41.99 -49.13
C SER SA 158 40.70 42.90 -48.12
N ARG SA 159 39.65 43.56 -48.57
CA ARG SA 159 38.79 44.38 -47.72
C ARG SA 159 37.36 44.13 -48.16
N TYR SA 160 36.51 43.77 -47.22
CA TYR SA 160 35.11 43.42 -47.45
C TYR SA 160 34.25 44.29 -46.57
N PHE SA 161 33.46 45.16 -47.18
CA PHE SA 161 32.73 46.17 -46.43
C PHE SA 161 31.51 46.58 -47.23
N THR SA 162 30.70 47.43 -46.61
CA THR SA 162 29.46 47.94 -47.19
C THR SA 162 29.65 49.42 -47.55
N PRO SA 163 29.68 49.78 -48.84
CA PRO SA 163 29.88 51.18 -49.18
C PRO SA 163 28.64 52.02 -48.96
N LYS SA 164 28.75 53.31 -49.22
CA LYS SA 164 27.67 54.25 -49.06
C LYS SA 164 27.65 55.17 -50.26
N PRO SA 165 26.48 55.59 -50.72
CA PRO SA 165 26.43 56.49 -51.88
C PRO SA 165 26.61 57.95 -51.48
N VAL SA 166 27.04 58.73 -52.47
CA VAL SA 166 27.28 60.15 -52.29
C VAL SA 166 25.99 60.85 -52.69
N LEU SA 167 25.12 61.03 -51.71
CA LEU SA 167 23.85 61.70 -51.93
C LEU SA 167 24.00 63.21 -51.90
N ASP SA 168 24.75 63.73 -50.94
CA ASP SA 168 25.06 65.16 -50.86
C ASP SA 168 26.51 65.29 -50.44
N SER SA 169 27.36 65.73 -51.35
CA SER SA 169 28.77 65.91 -51.05
C SER SA 169 29.02 67.11 -50.16
N THR SA 170 28.07 68.03 -50.05
CA THR SA 170 28.24 69.19 -49.19
C THR SA 170 28.09 68.83 -47.72
N ILE SA 171 27.13 67.96 -47.41
CA ILE SA 171 26.82 67.59 -46.04
C ILE SA 171 27.46 66.24 -45.71
N ASP SA 172 27.52 65.36 -46.71
CA ASP SA 172 28.16 64.06 -46.60
C ASP SA 172 27.52 63.24 -45.48
N TYR SA 173 26.25 62.90 -45.70
CA TYR SA 173 25.50 62.06 -44.78
C TYR SA 173 25.32 60.67 -45.36
N PHE SA 174 25.29 59.68 -44.47
CA PHE SA 174 25.12 58.30 -44.88
C PHE SA 174 24.39 57.53 -43.80
N GLN SA 175 23.92 56.42 -44.16
CA GLN SA 175 23.13 55.54 -43.31
C GLN SA 175 24.02 54.52 -42.62
N PRO SA 176 23.65 54.08 -41.42
CA PRO SA 176 24.33 52.92 -40.85
C PRO SA 176 23.94 51.64 -41.53
N ASN SA 177 24.60 50.55 -41.18
CA ASN SA 177 24.39 49.28 -41.84
C ASN SA 177 23.07 48.68 -41.38
N ASN SA 178 22.15 48.53 -42.32
CA ASN SA 178 20.86 47.90 -42.04
C ASN SA 178 20.37 47.34 -43.37
N LYS SA 179 20.29 46.01 -43.46
CA LYS SA 179 19.89 45.42 -44.71
C LYS SA 179 18.44 45.74 -45.05
N ARG SA 180 17.61 45.93 -44.05
CA ARG SA 180 16.18 46.13 -44.28
C ARG SA 180 15.84 47.57 -44.63
N ASN SA 181 16.67 48.52 -44.19
CA ASN SA 181 16.40 49.94 -44.36
C ASN SA 181 17.29 50.61 -45.38
N GLN SA 182 18.16 49.86 -46.06
CA GLN SA 182 19.07 50.45 -47.03
C GLN SA 182 18.28 51.01 -48.21
N LEU SA 183 18.66 52.22 -48.62
CA LEU SA 183 17.97 52.91 -49.69
C LEU SA 183 18.15 52.18 -51.00
N TRP SA 184 17.10 52.22 -51.81
CA TRP SA 184 17.15 51.78 -53.20
C TRP SA 184 17.43 53.00 -54.07
N LEU SA 185 18.46 52.91 -54.88
CA LEU SA 185 18.76 53.89 -55.90
C LEU SA 185 18.22 53.41 -57.23
N ARG SA 186 18.14 54.34 -58.17
CA ARG SA 186 17.74 54.02 -59.52
C ARG SA 186 18.97 53.69 -60.35
N LEU SA 187 18.84 52.67 -61.18
CA LEU SA 187 19.84 52.30 -62.15
C LEU SA 187 19.67 53.22 -63.35
N GLN SA 188 20.41 54.32 -63.33
CA GLN SA 188 20.35 55.30 -64.39
C GLN SA 188 20.95 54.74 -65.67
N THR SA 189 20.82 55.51 -66.74
CA THR SA 189 21.33 55.09 -68.04
C THR SA 189 22.82 55.35 -68.16
N ALA SA 190 23.26 56.59 -67.91
CA ALA SA 190 24.68 56.93 -67.99
C ALA SA 190 25.13 57.91 -66.91
N GLY SA 191 24.45 57.96 -65.77
CA GLY SA 191 24.72 58.97 -64.76
C GLY SA 191 24.62 58.50 -63.33
N ASN SA 192 24.96 57.25 -63.08
CA ASN SA 192 24.85 56.69 -61.75
C ASN SA 192 25.79 57.39 -60.77
N VAL SA 193 25.44 57.30 -59.50
CA VAL SA 193 26.11 58.02 -58.43
C VAL SA 193 27.28 57.18 -57.92
N ASP SA 194 28.33 57.88 -57.51
CA ASP SA 194 29.55 57.23 -57.07
C ASP SA 194 29.39 56.74 -55.64
N HIS SA 195 29.70 55.47 -55.42
CA HIS SA 195 29.85 54.93 -54.09
C HIS SA 195 31.30 55.02 -53.66
N VAL SA 196 31.49 55.03 -52.35
CA VAL SA 196 32.76 55.42 -51.75
C VAL SA 196 33.02 54.51 -50.56
N GLY SA 197 34.26 54.49 -50.09
CA GLY SA 197 34.59 53.57 -49.03
C GLY SA 197 35.97 52.94 -48.93
N LEU SA 198 36.97 53.37 -49.70
CA LEU SA 198 38.31 52.87 -49.42
C LEU SA 198 39.38 53.88 -49.73
N GLY SA 199 40.31 54.01 -48.80
CA GLY SA 199 41.53 54.78 -49.01
C GLY SA 199 42.71 54.00 -48.50
N THR SA 200 43.85 54.20 -49.17
CA THR SA 200 45.03 53.39 -48.98
C THR SA 200 46.24 54.26 -48.71
N ALA SA 201 47.26 53.62 -48.15
CA ALA SA 201 48.57 54.24 -47.96
C ALA SA 201 49.62 53.16 -48.11
N PHE SA 202 50.39 53.23 -49.18
CA PHE SA 202 51.44 52.29 -49.49
C PHE SA 202 52.80 52.89 -49.23
N GLU SA 203 53.67 52.12 -48.59
CA GLU SA 203 55.02 52.56 -48.32
C GLU SA 203 55.86 52.44 -49.58
N ASN SA 204 56.54 53.52 -49.94
CA ASN SA 204 57.31 53.54 -51.16
C ASN SA 204 58.55 52.68 -51.02
N SER SA 205 59.19 52.43 -52.17
CA SER SA 205 60.30 51.50 -52.25
C SER SA 205 61.20 51.90 -53.40
N ILE SA 206 62.39 51.29 -53.41
CA ILE SA 206 63.34 51.51 -54.51
C ILE SA 206 62.83 50.89 -55.79
N TYR SA 207 62.05 49.81 -55.68
CA TYR SA 207 61.50 49.11 -56.82
C TYR SA 207 60.03 49.48 -57.00
N ASP SA 208 59.55 49.32 -58.23
CA ASP SA 208 58.15 49.58 -58.53
C ASP SA 208 57.28 48.46 -57.98
N GLN SA 209 56.19 48.84 -57.32
CA GLN SA 209 55.23 47.90 -56.74
C GLN SA 209 53.95 47.98 -57.54
N GLU SA 210 53.67 46.94 -58.32
CA GLU SA 210 52.48 46.86 -59.14
C GLU SA 210 51.45 45.93 -58.50
N TYR SA 211 50.19 46.23 -58.78
CA TYR SA 211 49.06 45.45 -58.27
C TYR SA 211 47.99 45.36 -59.34
N ASN SA 212 47.29 44.24 -59.36
CA ASN SA 212 46.09 44.06 -60.15
C ASN SA 212 44.92 44.04 -59.19
N ILE SA 213 44.11 45.08 -59.22
CA ILE SA 213 43.05 45.27 -58.24
C ILE SA 213 41.74 44.76 -58.85
N ARG SA 214 41.11 43.82 -58.17
CA ARG SA 214 39.84 43.23 -58.59
C ARG SA 214 38.78 43.64 -57.59
N VAL SA 215 37.85 44.48 -58.03
CA VAL SA 215 36.72 44.92 -57.23
C VAL SA 215 35.52 44.07 -57.61
N THR SA 216 34.85 43.54 -56.61
CA THR SA 216 33.64 42.74 -56.78
C THR SA 216 32.55 43.39 -55.96
N MET SA 217 31.48 43.80 -56.63
CA MET SA 217 30.32 44.40 -55.98
C MET SA 217 29.18 43.39 -55.92
N TYR SA 218 28.65 43.21 -54.72
CA TYR SA 218 27.50 42.36 -54.48
C TYR SA 218 26.26 43.23 -54.42
N VAL SA 219 25.45 43.18 -55.46
CA VAL SA 219 24.36 44.11 -55.66
C VAL SA 219 23.04 43.37 -55.51
N GLN SA 220 21.97 44.15 -55.41
CA GLN SA 220 20.62 43.64 -55.24
C GLN SA 220 19.71 44.53 -56.06
N PHE SA 221 19.10 43.97 -57.09
CA PHE SA 221 18.23 44.69 -57.99
C PHE SA 221 16.77 44.46 -57.63
N ARG SA 222 15.89 45.20 -58.30
CA ARG SA 222 14.47 45.16 -58.03
C ARG SA 222 13.71 45.60 -59.27
N GLU SA 223 12.51 45.05 -59.43
CA GLU SA 223 11.56 45.45 -60.47
C GLU SA 223 12.13 45.21 -61.87
N PHE SA 224 12.22 43.92 -62.19
CA PHE SA 224 12.43 43.44 -63.55
C PHE SA 224 11.58 44.21 -64.54
N ASN SA 225 12.21 44.84 -65.52
CA ASN SA 225 11.54 45.80 -66.40
C ASN SA 225 11.91 45.56 -67.85
N LEU SA 226 11.96 44.30 -68.26
CA LEU SA 226 12.29 44.00 -69.64
C LEU SA 226 11.21 44.52 -70.57
N LYS SA 227 11.64 45.01 -71.73
CA LYS SA 227 10.76 45.51 -72.76
C LYS SA 227 10.95 44.69 -74.02
N ASP SA 228 9.85 44.18 -74.57
CA ASP SA 228 9.86 43.25 -75.68
C ASP SA 228 9.02 43.81 -76.82
N PRO SA 229 9.59 44.67 -77.65
CA PRO SA 229 8.88 45.11 -78.84
C PRO SA 229 8.86 44.02 -79.89
N PRO SA 230 8.02 44.16 -80.91
CA PRO SA 230 8.06 43.20 -82.02
C PRO SA 230 9.32 43.31 -82.86
N LEU SA 231 9.42 42.48 -83.89
CA LEU SA 231 10.58 42.44 -84.76
C LEU SA 231 10.19 42.25 -86.21
N GLY TA 43 34.39 53.39 -33.54
CA GLY TA 43 34.96 53.94 -32.33
C GLY TA 43 34.08 54.99 -31.68
N ILE TA 44 33.11 54.51 -30.93
CA ILE TA 44 32.08 55.39 -30.37
C ILE TA 44 32.61 56.09 -29.14
N PHE TA 45 32.19 57.34 -28.97
CA PHE TA 45 32.50 58.12 -27.79
C PHE TA 45 31.34 59.06 -27.54
N ASN TA 46 30.51 58.71 -26.57
CA ASN TA 46 29.44 59.58 -26.13
C ASN TA 46 29.97 60.56 -25.10
N THR TA 47 29.74 61.85 -25.33
CA THR TA 47 30.16 62.88 -24.41
C THR TA 47 29.08 63.96 -24.33
N ARG TA 48 29.44 65.09 -23.73
CA ARG TA 48 28.53 66.17 -23.41
C ARG TA 48 29.25 67.49 -23.61
N LEU TA 49 28.64 68.37 -24.40
CA LEU TA 49 29.20 69.67 -24.72
C LEU TA 49 28.18 70.73 -24.37
N SER TA 50 28.66 71.82 -23.77
CA SER TA 50 27.84 72.88 -23.26
C SER TA 50 28.28 74.23 -23.80
N ARG TA 51 27.44 75.23 -23.55
CA ARG TA 51 27.56 76.57 -24.09
C ARG TA 51 26.54 77.43 -23.37
N THR TA 52 26.92 78.66 -23.05
CA THR TA 52 26.09 79.57 -22.27
C THR TA 52 26.04 80.92 -22.95
N PHE TA 53 24.84 81.51 -22.95
CA PHE TA 53 24.63 82.81 -23.57
C PHE TA 53 23.37 83.43 -22.97
N GLY TA 54 23.17 84.71 -23.29
CA GLY TA 54 22.08 85.48 -22.73
C GLY TA 54 20.92 85.73 -23.65
N TYR TA 55 19.77 85.99 -23.04
CA TYR TA 55 18.55 86.36 -23.74
C TYR TA 55 17.74 87.27 -22.85
N THR TA 56 17.29 88.40 -23.41
CA THR TA 56 16.54 89.39 -22.66
C THR TA 56 15.25 89.71 -23.39
N ILE TA 57 14.18 89.84 -22.63
CA ILE TA 57 12.89 90.29 -23.10
C ILE TA 57 12.73 91.70 -22.57
N LYS TA 58 12.87 92.68 -23.46
CA LYS TA 58 12.82 94.08 -23.07
C LYS TA 58 11.42 94.46 -22.61
N ARG TA 59 11.37 95.53 -21.83
CA ARG TA 59 10.12 96.03 -21.27
C ARG TA 59 9.25 96.67 -22.35
N THR TA 60 7.96 96.76 -22.05
CA THR TA 60 6.99 97.39 -22.93
C THR TA 60 5.97 98.15 -22.11
N THR TA 61 5.61 99.34 -22.59
CA THR TA 61 4.54 100.13 -22.00
C THR TA 61 3.15 99.62 -22.37
N VAL TA 62 3.07 98.64 -23.26
CA VAL TA 62 1.78 98.10 -23.67
C VAL TA 62 1.05 97.52 -22.47
N LYS TA 63 -0.25 97.80 -22.37
CA LYS TA 63 -1.04 97.36 -21.24
C LYS TA 63 -1.54 95.94 -21.40
N THR TA 64 -1.87 95.54 -22.62
CA THR TA 64 -2.44 94.23 -22.88
C THR TA 64 -1.44 93.14 -22.56
N PRO TA 65 -1.91 91.88 -22.44
CA PRO TA 65 -0.97 90.76 -22.41
C PRO TA 65 -0.49 90.44 -23.81
N SER TA 66 0.75 90.78 -24.11
CA SER TA 66 1.40 90.46 -25.36
C SER TA 66 2.58 89.54 -25.09
N TRP TA 67 2.96 88.79 -26.12
CA TRP TA 67 4.04 87.83 -26.03
C TRP TA 67 5.14 88.17 -27.02
N ALA TA 68 6.36 87.82 -26.61
CA ALA TA 68 7.56 88.02 -27.41
C ALA TA 68 8.01 86.66 -27.92
N VAL TA 69 8.08 86.54 -29.23
CA VAL TA 69 8.38 85.28 -29.89
C VAL TA 69 9.81 85.31 -30.39
N ASP TA 70 10.49 84.18 -30.28
CA ASP TA 70 11.85 84.04 -30.76
C ASP TA 70 12.13 82.57 -31.03
N MET TA 71 13.23 82.33 -31.72
CA MET TA 71 13.62 81.00 -32.17
C MET TA 71 14.96 80.62 -31.57
N MET TA 72 15.31 79.35 -31.71
CA MET TA 72 16.54 78.82 -31.15
C MET TA 72 16.99 77.64 -32.00
N ARG TA 73 18.12 77.78 -32.66
CA ARG TA 73 18.79 76.73 -33.41
C ARG TA 73 20.02 76.26 -32.65
N PHE TA 74 20.57 75.13 -33.08
CA PHE TA 74 21.73 74.52 -32.45
C PHE TA 74 22.70 74.08 -33.53
N ASN TA 75 23.94 74.56 -33.45
CA ASN TA 75 25.02 74.14 -34.33
C ASN TA 75 26.20 73.70 -33.50
N ILE TA 76 26.96 72.75 -34.03
CA ILE TA 76 28.08 72.17 -33.30
C ILE TA 76 29.34 73.04 -33.37
N ASN TA 77 29.38 74.03 -34.26
CA ASN TA 77 30.52 74.94 -34.27
C ASN TA 77 30.57 75.78 -33.02
N ASP TA 78 29.42 76.08 -32.44
CA ASP TA 78 29.35 76.88 -31.23
C ASP TA 78 29.72 76.10 -29.98
N PHE TA 79 29.79 74.78 -30.06
CA PHE TA 79 30.17 73.94 -28.94
C PHE TA 79 31.55 73.33 -29.09
N LEU TA 80 31.97 73.07 -30.32
CA LEU TA 80 33.23 72.42 -30.63
C LEU TA 80 34.15 73.39 -31.36
N PRO TA 81 35.24 73.87 -30.76
CA PRO TA 81 36.06 74.84 -31.45
C PRO TA 81 36.91 74.19 -32.52
N PRO TA 82 37.58 74.99 -33.34
CA PRO TA 82 38.55 74.41 -34.28
C PRO TA 82 39.79 73.93 -33.55
N GLY TA 83 40.38 72.88 -34.09
CA GLY TA 83 41.56 72.29 -33.49
C GLY TA 83 42.83 73.00 -33.89
N GLY TA 84 43.88 72.23 -34.11
CA GLY TA 84 45.15 72.79 -34.50
C GLY TA 84 46.02 71.78 -35.21
N GLY TA 85 46.59 72.19 -36.34
CA GLY TA 85 47.46 71.33 -37.11
C GLY TA 85 46.72 70.44 -38.06
N SER TA 86 47.16 69.20 -38.17
CA SER TA 86 46.54 68.25 -39.08
C SER TA 86 45.17 67.82 -38.61
N ASN TA 87 44.84 68.05 -37.35
CA ASN TA 87 43.50 67.76 -36.83
C ASN TA 87 42.65 69.01 -36.92
N PRO TA 88 41.66 69.08 -37.82
CA PRO TA 88 40.94 70.34 -37.99
C PRO TA 88 40.05 70.71 -36.83
N ARG TA 89 39.63 69.74 -36.01
CA ARG TA 89 38.76 69.97 -34.88
C ARG TA 89 39.43 69.49 -33.61
N SER TA 90 38.90 69.96 -32.48
CA SER TA 90 39.51 69.71 -31.18
C SER TA 90 39.16 68.33 -30.64
N VAL TA 91 38.04 67.76 -31.08
CA VAL TA 91 37.67 66.39 -30.74
C VAL TA 91 38.01 65.53 -31.96
N PRO TA 92 39.01 64.64 -31.89
CA PRO TA 92 39.46 63.98 -33.11
C PRO TA 92 38.60 62.81 -33.55
N PHE TA 93 37.48 63.15 -34.18
CA PHE TA 93 36.57 62.18 -34.73
C PHE TA 93 36.05 62.68 -36.07
N GLU TA 94 35.54 61.75 -36.87
CA GLU TA 94 35.07 62.03 -38.21
C GLU TA 94 33.58 62.33 -38.27
N TYR TA 95 32.77 61.47 -37.66
CA TYR TA 95 31.32 61.53 -37.76
C TYR TA 95 30.73 61.90 -36.42
N TYR TA 96 29.49 62.36 -36.46
CA TYR TA 96 28.77 62.70 -35.25
C TYR TA 96 27.28 62.59 -35.51
N ARG TA 97 26.52 62.54 -34.43
CA ARG TA 97 25.08 62.65 -34.48
C ARG TA 97 24.59 63.08 -33.11
N ILE TA 98 23.77 64.13 -33.09
CA ILE TA 98 23.30 64.70 -31.83
C ILE TA 98 22.14 63.87 -31.33
N ARG TA 99 22.29 63.35 -30.12
CA ARG TA 99 21.30 62.49 -29.50
C ARG TA 99 20.22 63.27 -28.77
N LYS TA 100 20.63 64.23 -27.94
CA LYS TA 100 19.72 65.01 -27.13
C LYS TA 100 20.28 66.40 -26.96
N VAL TA 101 19.41 67.33 -26.60
CA VAL TA 101 19.79 68.67 -26.19
C VAL TA 101 18.98 69.03 -24.95
N LYS TA 102 19.63 69.74 -24.04
CA LYS TA 102 19.02 70.25 -22.82
C LYS TA 102 19.19 71.76 -22.84
N VAL TA 103 18.10 72.46 -23.06
CA VAL TA 103 18.07 73.91 -22.97
C VAL TA 103 17.56 74.29 -21.59
N GLU TA 104 18.35 75.09 -20.89
CA GLU TA 104 18.06 75.52 -19.52
C GLU TA 104 17.98 77.02 -19.52
N PHE TA 105 16.80 77.55 -19.18
CA PHE TA 105 16.61 78.98 -18.96
C PHE TA 105 16.86 79.26 -17.48
N TRP TA 106 18.06 79.71 -17.18
CA TRP TA 106 18.40 80.08 -15.82
C TRP TA 106 18.05 81.55 -15.62
N PRO TA 107 17.15 81.89 -14.69
CA PRO TA 107 16.75 83.27 -14.57
C PRO TA 107 17.85 84.16 -14.01
N CYS TA 108 17.71 85.43 -14.33
CA CYS TA 108 18.58 86.48 -13.83
C CYS TA 108 17.86 87.46 -12.92
N SER TA 109 16.58 87.26 -12.68
CA SER TA 109 15.71 88.21 -12.03
C SER TA 109 15.41 87.76 -10.61
N PRO TA 110 15.20 88.71 -9.69
CA PRO TA 110 14.94 88.32 -8.31
C PRO TA 110 13.56 87.72 -8.13
N ILE TA 111 13.40 87.00 -7.03
CA ILE TA 111 12.12 86.41 -6.71
C ILE TA 111 11.09 87.42 -6.23
N THR TA 112 11.50 88.67 -6.02
CA THR TA 112 10.58 89.73 -5.64
C THR TA 112 10.02 90.49 -6.83
N GLN TA 113 10.39 90.12 -8.06
CA GLN TA 113 9.96 90.87 -9.22
C GLN TA 113 8.50 90.56 -9.51
N GLY TA 114 7.73 91.61 -9.77
CA GLY TA 114 6.33 91.49 -10.06
C GLY TA 114 6.03 91.52 -11.54
N ASP TA 115 4.75 91.74 -11.85
CA ASP TA 115 4.27 91.71 -13.22
C ASP TA 115 4.59 90.38 -13.87
N ARG TA 116 4.38 89.31 -13.11
CA ARG TA 116 4.69 87.97 -13.58
C ARG TA 116 3.80 87.61 -14.77
N GLY TA 117 4.19 86.53 -15.44
CA GLY TA 117 3.55 86.12 -16.65
C GLY TA 117 3.61 84.64 -16.90
N VAL TA 118 3.14 84.22 -18.05
CA VAL TA 118 3.08 82.80 -18.39
C VAL TA 118 3.28 82.66 -19.88
N GLY TA 119 4.22 81.80 -20.26
CA GLY TA 119 4.59 81.59 -21.64
C GLY TA 119 4.60 80.14 -22.04
N SER TA 120 5.26 79.84 -23.14
CA SER TA 120 5.24 78.51 -23.70
C SER TA 120 6.49 78.26 -24.51
N SER TA 121 7.03 77.05 -24.40
CA SER TA 121 8.15 76.58 -25.20
C SER TA 121 7.73 75.32 -25.93
N ALA TA 122 7.97 75.30 -27.24
CA ALA TA 122 7.59 74.19 -28.09
C ALA TA 122 8.79 73.72 -28.91
N VAL TA 123 8.67 72.51 -29.41
CA VAL TA 123 9.74 71.84 -30.14
C VAL TA 123 9.39 71.87 -31.62
N ILE TA 124 10.26 72.48 -32.42
CA ILE TA 124 10.02 72.78 -33.82
C ILE TA 124 11.17 72.19 -34.63
N LEU TA 125 10.94 71.03 -35.22
CA LEU TA 125 12.00 70.24 -35.83
C LEU TA 125 12.15 70.45 -37.32
N ASP TA 126 11.80 71.64 -37.85
CA ASP TA 126 11.72 71.82 -39.30
C ASP TA 126 12.17 73.17 -39.83
N ASP TA 127 12.65 74.08 -38.99
CA ASP TA 127 13.22 75.34 -39.46
C ASP TA 127 12.17 76.27 -40.05
N ASN TA 128 10.92 76.13 -39.61
CA ASN TA 128 9.86 77.08 -39.94
C ASN TA 128 9.20 77.41 -38.62
N PHE TA 129 9.71 78.46 -37.99
CA PHE TA 129 9.23 78.97 -36.74
C PHE TA 129 8.15 80.01 -36.97
N VAL TA 130 7.38 80.28 -35.91
CA VAL TA 130 6.54 81.47 -35.91
C VAL TA 130 7.44 82.68 -36.03
N THR TA 131 6.99 83.66 -36.79
CA THR TA 131 7.79 84.83 -37.06
C THR TA 131 8.16 85.54 -35.76
N LYS TA 132 9.39 86.02 -35.71
CA LYS TA 132 9.85 86.75 -34.53
C LYS TA 132 9.02 88.01 -34.34
N ALA TA 133 8.52 88.19 -33.13
CA ALA TA 133 7.63 89.29 -32.79
C ALA TA 133 8.05 89.86 -31.45
N THR TA 134 7.81 91.17 -31.30
CA THR TA 134 8.10 91.87 -30.07
C THR TA 134 6.92 91.85 -29.12
N ALA TA 135 5.73 92.19 -29.60
CA ALA TA 135 4.51 92.19 -28.79
C ALA TA 135 3.38 91.64 -29.66
N LEU TA 136 3.22 90.33 -29.63
CA LEU TA 136 2.13 89.64 -30.31
C LEU TA 136 0.98 89.44 -29.35
N THR TA 137 -0.24 89.56 -29.86
CA THR TA 137 -1.45 89.58 -29.05
C THR TA 137 -1.87 88.21 -28.55
N TYR TA 138 -1.07 87.17 -28.76
CA TYR TA 138 -1.44 85.84 -28.31
C TYR TA 138 -0.17 85.00 -28.22
N ASP TA 139 -0.29 83.86 -27.57
CA ASP TA 139 0.80 82.89 -27.45
C ASP TA 139 0.66 81.87 -28.56
N PRO TA 140 1.49 81.90 -29.60
CA PRO TA 140 1.28 80.95 -30.70
C PRO TA 140 1.59 79.51 -30.32
N TYR TA 141 2.54 79.31 -29.43
CA TYR TA 141 3.00 77.98 -29.08
C TYR TA 141 2.19 77.34 -27.96
N VAL TA 142 0.99 77.88 -27.68
CA VAL TA 142 0.24 77.42 -26.52
C VAL TA 142 -0.49 76.12 -26.82
N ASN TA 143 -1.04 75.99 -28.01
CA ASN TA 143 -1.81 74.80 -28.37
C ASN TA 143 -0.95 73.72 -29.00
N TYR TA 144 0.37 73.91 -29.05
CA TYR TA 144 1.24 72.90 -29.57
C TYR TA 144 1.30 71.70 -28.66
N SER TA 145 1.39 70.51 -29.26
CA SER TA 145 1.46 69.27 -28.50
C SER TA 145 2.71 69.17 -27.65
N SER TA 146 3.76 69.90 -28.02
CA SER TA 146 5.02 69.91 -27.28
C SER TA 146 5.17 71.14 -26.41
N ARG TA 147 4.08 71.78 -26.04
CA ARG TA 147 4.14 72.97 -25.24
C ARG TA 147 4.39 72.62 -23.78
N HIS TA 148 5.35 73.30 -23.18
CA HIS TA 148 5.55 73.33 -21.75
C HIS TA 148 5.37 74.76 -21.31
N THR TA 149 4.71 74.95 -20.18
CA THR TA 149 4.48 76.27 -19.65
C THR TA 149 5.76 76.86 -19.08
N ILE TA 150 5.99 78.12 -19.41
CA ILE TA 150 7.09 78.91 -18.85
C ILE TA 150 6.47 79.84 -17.84
N THR TA 151 6.74 79.58 -16.57
CA THR TA 151 6.50 80.57 -15.53
C THR TA 151 7.60 81.60 -15.57
N GLN TA 152 7.23 82.86 -15.47
CA GLN TA 152 8.12 83.99 -15.59
C GLN TA 152 8.02 84.85 -14.33
N PRO TA 153 9.04 85.65 -14.03
CA PRO TA 153 10.37 85.80 -14.61
C PRO TA 153 11.48 85.05 -13.89
N PHE TA 154 11.21 84.60 -12.68
CA PHE TA 154 12.23 84.10 -11.76
C PHE TA 154 12.19 82.59 -11.61
N SER TA 155 11.76 81.89 -12.64
CA SER TA 155 11.56 80.45 -12.57
C SER TA 155 12.38 79.77 -13.64
N TYR TA 156 12.88 78.59 -13.30
CA TYR TA 156 13.72 77.78 -14.15
C TYR TA 156 12.86 76.95 -15.09
N HIS TA 157 13.31 76.85 -16.33
CA HIS TA 157 12.63 76.11 -17.38
C HIS TA 157 13.65 75.28 -18.14
N SER TA 158 13.42 73.97 -18.17
CA SER TA 158 14.25 73.04 -18.91
C SER TA 158 13.44 72.36 -19.99
N ARG TA 159 14.11 72.03 -21.08
CA ARG TA 159 13.52 71.25 -22.17
C ARG TA 159 14.58 70.26 -22.63
N TYR TA 160 14.21 68.99 -22.67
CA TYR TA 160 15.11 67.89 -23.02
C TYR TA 160 14.48 67.11 -24.15
N PHE TA 161 15.12 67.13 -25.31
CA PHE TA 161 14.52 66.58 -26.51
C PHE TA 161 15.64 66.20 -27.48
N THR TA 162 15.23 65.59 -28.58
CA THR TA 162 16.11 65.11 -29.62
C THR TA 162 15.98 66.00 -30.85
N PRO TA 163 16.97 66.79 -31.21
CA PRO TA 163 16.81 67.66 -32.37
C PRO TA 163 16.95 66.91 -33.67
N LYS TA 164 16.78 67.62 -34.77
CA LYS TA 164 16.87 67.05 -36.11
C LYS TA 164 17.67 68.00 -36.98
N PRO TA 165 18.48 67.48 -37.91
CA PRO TA 165 19.24 68.37 -38.77
C PRO TA 165 18.45 68.87 -39.97
N VAL TA 166 18.92 70.00 -40.49
CA VAL TA 166 18.30 70.65 -41.64
C VAL TA 166 19.01 70.11 -42.88
N LEU TA 167 18.49 69.02 -43.39
CA LEU TA 167 19.05 68.39 -44.59
C LEU TA 167 18.56 69.08 -45.86
N ASP TA 168 17.27 69.38 -45.93
CA ASP TA 168 16.71 70.13 -47.05
C ASP TA 168 15.69 71.09 -46.48
N SER TA 169 16.01 72.38 -46.51
CA SER TA 169 15.09 73.39 -46.00
C SER TA 169 13.89 73.61 -46.91
N THR TA 170 13.97 73.17 -48.16
CA THR TA 170 12.86 73.32 -49.09
C THR TA 170 11.74 72.33 -48.78
N ILE TA 171 12.10 71.10 -48.44
CA ILE TA 171 11.14 70.03 -48.20
C ILE TA 171 10.94 69.85 -46.70
N ASP TA 172 12.01 70.05 -45.94
CA ASP TA 172 11.97 69.99 -44.48
C ASP TA 172 11.50 68.62 -44.00
N TYR TA 173 12.31 67.61 -44.30
CA TYR TA 173 12.06 66.24 -43.88
C TYR TA 173 13.00 65.87 -42.74
N PHE TA 174 12.49 65.02 -41.85
CA PHE TA 174 13.28 64.56 -40.72
C PHE TA 174 12.85 63.15 -40.33
N GLN TA 175 13.66 62.54 -39.59
CA GLN TA 175 13.49 61.18 -39.13
C GLN TA 175 12.77 61.12 -37.80
N PRO TA 176 12.01 60.08 -37.53
CA PRO TA 176 11.52 59.88 -36.16
C PRO TA 176 12.62 59.41 -35.24
N ASN TA 177 12.31 59.33 -33.96
CA ASN TA 177 13.30 59.01 -32.96
C ASN TA 177 13.63 57.52 -33.02
N ASN TA 178 14.88 57.21 -33.34
CA ASN TA 178 15.35 55.84 -33.36
C ASN TA 178 16.84 55.90 -33.15
N LYS TA 179 17.30 55.38 -32.01
CA LYS TA 179 18.72 55.46 -31.72
C LYS TA 179 19.55 54.63 -32.68
N ARG TA 180 18.98 53.55 -33.21
CA ARG TA 180 19.74 52.64 -34.05
C ARG TA 180 19.81 53.11 -35.49
N ASN TA 181 18.84 53.89 -35.95
CA ASN TA 181 18.73 54.31 -37.32
C ASN TA 181 19.06 55.78 -37.54
N GLN TA 182 19.47 56.49 -36.50
CA GLN TA 182 19.77 57.91 -36.64
C GLN TA 182 20.97 58.11 -37.55
N LEU TA 183 20.86 59.07 -38.46
CA LEU TA 183 21.90 59.33 -39.41
C LEU TA 183 23.16 59.84 -38.75
N TRP TA 184 24.29 59.44 -39.30
CA TRP TA 184 25.58 60.01 -38.95
C TRP TA 184 25.90 61.12 -39.92
N LEU TA 185 26.18 62.29 -39.39
CA LEU TA 185 26.68 63.41 -40.16
C LEU TA 185 28.19 63.46 -40.05
N ARG TA 186 28.80 64.24 -40.93
CA ARG TA 186 30.22 64.49 -40.89
C ARG TA 186 30.51 65.73 -40.06
N LEU TA 187 31.54 65.63 -39.25
CA LEU TA 187 32.06 66.76 -38.49
C LEU TA 187 32.92 67.58 -39.43
N GLN TA 188 32.31 68.57 -40.06
CA GLN TA 188 33.00 69.43 -41.00
C GLN TA 188 33.99 70.31 -40.27
N THR TA 189 34.78 71.04 -41.06
CA THR TA 189 35.79 71.92 -40.49
C THR TA 189 35.20 73.24 -40.04
N ALA TA 190 34.46 73.94 -40.93
CA ALA TA 190 33.84 75.20 -40.58
C ALA TA 190 32.45 75.40 -41.19
N GLY TA 191 31.75 74.32 -41.52
CA GLY TA 191 30.50 74.41 -42.25
C GLY TA 191 29.43 73.45 -41.82
N ASN TA 192 29.39 73.11 -40.54
CA ASN TA 192 28.42 72.14 -40.06
C ASN TA 192 26.99 72.65 -40.20
N VAL TA 193 26.07 71.71 -40.23
CA VAL TA 193 24.66 71.98 -40.51
C VAL TA 193 23.94 72.31 -39.22
N ASP TA 194 22.96 73.19 -39.33
CA ASP TA 194 22.22 73.66 -38.17
C ASP TA 194 21.18 72.64 -37.76
N HIS TA 195 21.19 72.29 -36.49
CA HIS TA 195 20.11 71.53 -35.89
C HIS TA 195 19.09 72.48 -35.28
N VAL TA 196 17.88 71.98 -35.16
CA VAL TA 196 16.72 72.82 -34.89
C VAL TA 196 15.80 72.06 -33.92
N GLY TA 197 14.88 72.79 -33.30
CA GLY TA 197 14.05 72.17 -32.30
C GLY TA 197 13.55 72.95 -31.11
N LEU TA 198 13.66 74.27 -31.05
CA LEU TA 198 12.99 74.98 -29.98
C LEU TA 198 12.54 76.37 -30.40
N GLY TA 199 11.30 76.67 -30.05
CA GLY TA 199 10.76 78.00 -30.17
C GLY TA 199 10.02 78.38 -28.91
N THR TA 200 10.06 79.67 -28.60
CA THR TA 200 9.60 80.19 -27.32
C THR TA 200 8.63 81.33 -27.51
N ALA TA 201 7.86 81.59 -26.46
CA ALA TA 201 6.98 82.75 -26.40
C ALA TA 201 6.95 83.23 -24.95
N PHE TA 202 7.53 84.40 -24.71
CA PHE TA 202 7.59 84.99 -23.39
C PHE TA 202 6.63 86.16 -23.29
N GLU TA 203 5.91 86.22 -22.18
CA GLU TA 203 4.98 87.30 -21.94
C GLU TA 203 5.74 88.53 -21.49
N ASN TA 204 5.49 89.65 -22.14
CA ASN TA 204 6.20 90.87 -21.86
C ASN TA 204 5.78 91.44 -20.51
N SER TA 205 6.56 92.41 -20.04
CA SER TA 205 6.40 92.95 -18.70
C SER TA 205 6.91 94.38 -18.68
N ILE TA 206 6.57 95.08 -17.59
CA ILE TA 206 7.06 96.44 -17.40
C ILE TA 206 8.55 96.44 -17.12
N TYR TA 207 9.07 95.38 -16.53
CA TYR TA 207 10.47 95.24 -16.21
C TYR TA 207 11.16 94.33 -17.22
N ASP TA 208 12.46 94.51 -17.34
CA ASP TA 208 13.25 93.68 -18.24
C ASP TA 208 13.44 92.30 -17.62
N GLN TA 209 13.24 91.27 -18.44
CA GLN TA 209 13.39 89.87 -18.04
C GLN TA 209 14.62 89.30 -18.72
N GLU TA 210 15.67 89.08 -17.95
CA GLU TA 210 16.92 88.53 -18.47
C GLU TA 210 17.05 87.07 -18.09
N TYR TA 211 17.74 86.32 -18.95
CA TYR TA 211 17.99 84.91 -18.76
C TYR TA 211 19.40 84.57 -19.23
N ASN TA 212 20.00 83.60 -18.56
CA ASN TA 212 21.25 82.99 -18.98
C ASN TA 212 20.91 81.59 -19.47
N ILE TA 213 21.02 81.37 -20.78
CA ILE TA 213 20.58 80.14 -21.39
C ILE TA 213 21.80 79.24 -21.57
N ARG TA 214 21.73 78.04 -21.01
CA ARG TA 214 22.78 77.04 -21.08
C ARG TA 214 22.26 75.87 -21.90
N VAL TA 215 22.82 75.69 -23.08
CA VAL TA 215 22.49 74.58 -23.96
C VAL TA 215 23.56 73.52 -23.78
N THR TA 216 23.12 72.29 -23.58
CA THR TA 216 23.97 71.13 -23.44
C THR TA 216 23.58 70.12 -24.49
N MET TA 217 24.51 69.78 -25.38
CA MET TA 217 24.28 68.78 -26.41
C MET TA 217 24.98 67.49 -26.05
N TYR TA 218 24.22 66.40 -26.09
CA TYR TA 218 24.72 65.06 -25.85
C TYR TA 218 24.97 64.40 -27.20
N VAL TA 219 26.23 64.27 -27.57
CA VAL TA 219 26.63 63.89 -28.91
C VAL TA 219 27.25 62.50 -28.86
N GLN TA 220 27.43 61.92 -30.04
CA GLN TA 220 27.99 60.59 -30.20
C GLN TA 220 28.85 60.64 -31.45
N PHE TA 221 30.15 60.46 -31.27
CA PHE TA 221 31.11 60.51 -32.34
C PHE TA 221 31.49 59.10 -32.80
N ARG TA 222 32.25 59.04 -33.88
CA ARG TA 222 32.64 57.78 -34.49
C ARG TA 222 33.91 57.99 -35.28
N GLU TA 223 34.71 56.92 -35.36
CA GLU TA 223 35.91 56.85 -36.19
C GLU TA 223 36.95 57.90 -35.76
N PHE TA 224 37.52 57.65 -34.61
CA PHE TA 224 38.73 58.30 -34.12
C PHE TA 224 39.75 58.41 -35.23
N ASN TA 225 40.16 59.65 -35.54
CA ASN TA 225 40.97 59.93 -36.72
C ASN TA 225 42.13 60.85 -36.40
N LEU TA 226 42.79 60.60 -35.29
CA LEU TA 226 43.92 61.44 -34.90
C LEU TA 226 45.05 61.26 -35.90
N LYS TA 227 45.75 62.36 -36.18
CA LYS TA 227 46.89 62.38 -37.08
C LYS TA 227 48.10 62.85 -36.31
N ASP TA 228 49.18 62.07 -36.39
CA ASP TA 228 50.39 62.27 -35.59
C ASP TA 228 51.59 62.39 -36.52
N PRO TA 229 51.83 63.59 -37.05
CA PRO TA 229 53.05 63.80 -37.81
C PRO TA 229 54.26 63.88 -36.91
N PRO TA 230 55.46 63.80 -37.46
CA PRO TA 230 56.66 64.00 -36.62
C PRO TA 230 56.81 65.45 -36.17
N LEU TA 231 57.88 65.71 -35.43
CA LEU TA 231 58.14 67.05 -34.90
C LEU TA 231 59.63 67.40 -34.96
N GLY UA 43 -16.05 59.86 -36.58
CA GLY UA 43 -14.68 60.32 -36.68
C GLY UA 43 -14.27 61.19 -35.52
N ILE UA 44 -13.90 60.55 -34.43
CA ILE UA 44 -13.64 61.24 -33.18
C ILE UA 44 -12.25 61.85 -33.21
N PHE UA 45 -12.12 63.03 -32.60
CA PHE UA 45 -10.83 63.69 -32.44
C PHE UA 45 -10.89 64.48 -31.14
N ASN UA 46 -10.27 63.96 -30.10
CA ASN UA 46 -10.13 64.66 -28.85
C ASN UA 46 -8.91 65.56 -28.92
N THR UA 47 -9.10 66.84 -28.61
CA THR UA 47 -8.00 67.79 -28.59
C THR UA 47 -8.19 68.75 -27.41
N ARG UA 48 -7.42 69.83 -27.44
CA ARG UA 48 -7.31 70.77 -26.35
C ARG UA 48 -7.16 72.17 -26.92
N LEU UA 49 -8.02 73.07 -26.49
CA LEU UA 49 -8.05 74.46 -26.96
C LEU UA 49 -7.94 75.37 -25.76
N SER UA 50 -7.14 76.42 -25.90
CA SER UA 50 -6.83 77.34 -24.81
C SER UA 50 -7.09 78.77 -25.24
N ARG UA 51 -7.04 79.65 -24.24
CA ARG UA 51 -7.39 81.06 -24.36
C ARG UA 51 -6.97 81.72 -23.07
N THR UA 52 -6.45 82.94 -23.19
CA THR UA 52 -5.90 83.67 -22.05
C THR UA 52 -6.45 85.09 -22.03
N PHE UA 53 -6.78 85.56 -20.84
CA PHE UA 53 -7.33 86.90 -20.67
C PHE UA 53 -7.12 87.32 -19.23
N GLY UA 54 -7.37 88.61 -18.98
CA GLY UA 54 -7.12 89.21 -17.70
C GLY UA 54 -8.34 89.46 -16.84
N TYR UA 55 -8.12 89.55 -15.53
CA TYR UA 55 -9.15 89.88 -14.56
C TYR UA 55 -8.49 90.61 -13.41
N THR UA 56 -9.06 91.74 -13.03
CA THR UA 56 -8.52 92.57 -11.96
C THR UA 56 -9.60 92.86 -10.93
N ILE UA 57 -9.20 92.79 -9.66
CA ILE UA 57 -10.03 93.18 -8.54
C ILE UA 57 -9.46 94.51 -8.05
N LYS UA 58 -10.17 95.59 -8.35
CA LYS UA 58 -9.70 96.91 -8.00
C LYS UA 58 -9.68 97.11 -6.49
N ARG UA 59 -8.88 98.08 -6.06
CA ARG UA 59 -8.72 98.39 -4.65
C ARG UA 59 -9.96 99.07 -4.10
N THR UA 60 -10.08 99.02 -2.78
CA THR UA 60 -11.18 99.65 -2.05
C THR UA 60 -10.65 100.22 -0.74
N THR UA 61 -11.13 101.42 -0.41
CA THR UA 61 -10.85 102.03 0.88
C THR UA 61 -11.68 101.45 2.01
N VAL UA 62 -12.64 100.57 1.69
CA VAL UA 62 -13.48 99.96 2.72
C VAL UA 62 -12.62 99.19 3.71
N LYS UA 63 -12.94 99.34 4.99
CA LYS UA 63 -12.16 98.70 6.04
C LYS UA 63 -12.59 97.26 6.28
N THR UA 64 -13.88 96.99 6.18
CA THR UA 64 -14.41 95.68 6.47
C THR UA 64 -13.88 94.64 5.48
N PRO UA 65 -14.02 93.36 5.80
CA PRO UA 65 -13.79 92.32 4.79
C PRO UA 65 -14.98 92.21 3.88
N SER UA 66 -14.83 92.70 2.65
CA SER UA 66 -15.83 92.58 1.62
C SER UA 66 -15.28 91.76 0.47
N TRP UA 67 -16.19 91.17 -0.29
CA TRP UA 67 -15.84 90.30 -1.41
C TRP UA 67 -16.39 90.85 -2.71
N ALA UA 68 -15.64 90.58 -3.78
CA ALA UA 68 -16.00 90.96 -5.13
C ALA UA 68 -16.45 89.73 -5.89
N VAL UA 69 -17.67 89.77 -6.37
CA VAL UA 69 -18.30 88.62 -7.01
C VAL UA 69 -18.31 88.84 -8.51
N ASP UA 70 -18.08 87.77 -9.26
CA ASP UA 70 -18.11 87.81 -10.71
C ASP UA 70 -18.40 86.42 -11.22
N MET UA 71 -18.72 86.36 -12.51
CA MET UA 71 -19.13 85.14 -13.19
C MET UA 71 -18.16 84.81 -14.31
N MET UA 72 -18.29 83.61 -14.84
CA MET UA 72 -17.41 83.12 -15.89
C MET UA 72 -18.16 82.08 -16.72
N ARG UA 73 -18.42 82.42 -17.98
CA ARG UA 73 -19.00 81.51 -18.96
C ARG UA 73 -17.92 81.09 -19.95
N PHE UA 74 -18.25 80.06 -20.73
CA PHE UA 74 -17.33 79.48 -21.71
C PHE UA 74 -18.08 79.27 -23.02
N ASN UA 75 -17.56 79.84 -24.10
CA ASN UA 75 -18.08 79.63 -25.43
C ASN UA 75 -16.94 79.21 -26.35
N ILE UA 76 -17.29 78.41 -27.35
CA ILE UA 76 -16.29 77.85 -28.25
C ILE UA 76 -15.87 78.82 -29.34
N ASN UA 77 -16.62 79.91 -29.55
CA ASN UA 77 -16.19 80.90 -30.51
C ASN UA 77 -14.91 81.60 -30.07
N ASP UA 78 -14.71 81.72 -28.76
CA ASP UA 78 -13.54 82.37 -28.22
C ASP UA 78 -12.30 81.49 -28.28
N PHE UA 79 -12.45 80.19 -28.53
CA PHE UA 79 -11.35 79.26 -28.65
C PHE UA 79 -11.11 78.80 -30.07
N LEU UA 80 -12.15 78.73 -30.88
CA LEU UA 80 -12.08 78.24 -32.26
C LEU UA 80 -12.40 79.36 -33.22
N PRO UA 81 -11.45 79.87 -34.00
CA PRO UA 81 -11.75 80.98 -34.87
C PRO UA 81 -12.54 80.54 -36.09
N PRO UA 82 -13.03 81.48 -36.88
CA PRO UA 82 -13.65 81.11 -38.15
C PRO UA 82 -12.62 80.66 -39.15
N GLY UA 83 -13.02 79.74 -40.01
CA GLY UA 83 -12.12 79.20 -41.00
C GLY UA 83 -12.03 80.07 -42.24
N GLY UA 84 -11.97 79.42 -43.39
CA GLY UA 84 -11.88 80.13 -44.64
C GLY UA 84 -12.37 79.30 -45.80
N GLY UA 85 -13.21 79.89 -46.64
CA GLY UA 85 -13.72 79.20 -47.80
C GLY UA 85 -14.95 78.37 -47.50
N SER UA 86 -15.01 77.19 -48.12
CA SER UA 86 -16.14 76.30 -47.93
C SER UA 86 -16.17 75.69 -46.54
N ASN UA 87 -15.07 75.75 -45.80
CA ASN UA 87 -15.03 75.28 -44.43
C ASN UA 87 -15.29 76.46 -43.50
N PRO UA 88 -16.44 76.54 -42.83
CA PRO UA 88 -16.74 77.74 -42.05
C PRO UA 88 -15.90 77.89 -40.81
N ARG UA 89 -15.34 76.80 -40.28
CA ARG UA 89 -14.53 76.81 -39.08
C ARG UA 89 -13.15 76.25 -39.37
N SER UA 90 -12.23 76.53 -38.46
CA SER UA 90 -10.83 76.19 -38.67
C SER UA 90 -10.54 74.73 -38.34
N VAL UA 91 -11.36 74.12 -37.50
CA VAL UA 91 -11.28 72.68 -37.21
C VAL UA 91 -12.38 72.01 -38.00
N PRO UA 92 -12.07 71.21 -39.03
CA PRO UA 92 -13.13 70.74 -39.93
C PRO UA 92 -13.93 69.55 -39.39
N PHE UA 93 -14.85 69.87 -38.49
CA PHE UA 93 -15.74 68.88 -37.91
C PHE UA 93 -17.12 69.50 -37.79
N GLU UA 94 -18.12 68.63 -37.67
CA GLU UA 94 -19.52 69.02 -37.61
C GLU UA 94 -20.02 69.19 -36.18
N TYR UA 95 -19.79 68.19 -35.34
CA TYR UA 95 -20.34 68.13 -34.00
C TYR UA 95 -19.23 68.29 -32.97
N TYR UA 96 -19.64 68.64 -31.76
CA TYR UA 96 -18.70 68.77 -30.66
C TYR UA 96 -19.43 68.56 -29.35
N ARG UA 97 -18.65 68.31 -28.32
CA ARG UA 97 -19.16 68.29 -26.96
C ARG UA 97 -17.99 68.51 -26.03
N ILE UA 98 -18.13 69.47 -25.11
CA ILE UA 98 -17.05 69.84 -24.22
C ILE UA 98 -17.02 68.86 -23.06
N ARG UA 99 -15.87 68.22 -22.89
CA ARG UA 99 -15.68 67.19 -21.87
C ARG UA 99 -15.27 67.79 -20.53
N LYS UA 100 -14.29 68.68 -20.55
CA LYS UA 100 -13.75 69.27 -19.34
C LYS UA 100 -13.28 70.68 -19.65
N VAL UA 101 -13.15 71.48 -18.59
CA VAL UA 101 -12.53 72.79 -18.66
C VAL UA 101 -11.59 72.92 -17.47
N LYS UA 102 -10.46 73.58 -17.71
CA LYS UA 102 -9.47 73.89 -16.70
C LYS UA 102 -9.30 75.39 -16.68
N VAL UA 103 -9.80 76.02 -15.63
CA VAL UA 103 -9.60 77.44 -15.39
C VAL UA 103 -8.44 77.60 -14.45
N GLU UA 104 -7.44 78.38 -14.88
CA GLU UA 104 -6.23 78.61 -14.12
C GLU UA 104 -6.13 80.10 -13.86
N PHE UA 105 -6.13 80.48 -12.59
CA PHE UA 105 -5.86 81.85 -12.16
C PHE UA 105 -4.38 81.96 -11.90
N TRP UA 106 -3.67 82.49 -12.88
CA TRP UA 106 -2.25 82.73 -12.74
C TRP UA 106 -2.04 84.12 -12.16
N PRO UA 107 -1.43 84.26 -10.99
CA PRO UA 107 -1.32 85.59 -10.39
C PRO UA 107 -0.37 86.49 -11.14
N CYS UA 108 -0.60 87.78 -10.97
CA CYS UA 108 0.23 88.84 -11.50
C CYS UA 108 0.93 89.64 -10.42
N SER UA 109 0.74 89.28 -9.17
CA SER UA 109 1.15 90.07 -8.03
C SER UA 109 2.36 89.45 -7.36
N PRO UA 110 3.23 90.25 -6.75
CA PRO UA 110 4.42 89.68 -6.13
C PRO UA 110 4.10 88.94 -4.84
N ILE UA 111 5.03 88.08 -4.44
CA ILE UA 111 4.86 87.34 -3.20
C ILE UA 111 5.08 88.19 -1.97
N THR UA 112 5.50 89.43 -2.12
CA THR UA 112 5.65 90.36 -1.03
C THR UA 112 4.41 91.21 -0.77
N GLN UA 113 3.35 91.02 -1.54
CA GLN UA 113 2.17 91.85 -1.40
C GLN UA 113 1.40 91.45 -0.16
N GLY UA 114 1.00 92.45 0.62
CA GLY UA 114 0.27 92.24 1.84
C GLY UA 114 -1.22 92.42 1.66
N ASP UA 115 -1.90 92.56 2.79
CA ASP UA 115 -3.36 92.65 2.82
C ASP UA 115 -3.98 91.43 2.15
N ARG UA 116 -3.42 90.27 2.45
CA ARG UA 116 -3.87 89.03 1.86
C ARG UA 116 -5.30 88.72 2.28
N GLY UA 117 -5.90 87.78 1.58
CA GLY UA 117 -7.29 87.47 1.75
C GLY UA 117 -7.62 86.02 1.44
N VAL UA 118 -8.91 85.70 1.47
CA VAL UA 118 -9.36 84.34 1.24
C VAL UA 118 -10.72 84.39 0.58
N GLY UA 119 -10.84 83.67 -0.53
CA GLY UA 119 -12.05 83.66 -1.34
C GLY UA 119 -12.54 82.27 -1.64
N SER UA 120 -13.39 82.17 -2.65
CA SER UA 120 -14.04 80.91 -2.96
C SER UA 120 -14.41 80.88 -4.43
N SER UA 121 -14.25 79.71 -5.04
CA SER UA 121 -14.67 79.45 -6.40
C SER UA 121 -15.60 78.25 -6.39
N ALA UA 122 -16.77 78.41 -7.03
CA ALA UA 122 -17.78 77.37 -7.07
C ALA UA 122 -18.21 77.12 -8.51
N VAL UA 123 -18.81 75.96 -8.71
CA VAL UA 123 -19.23 75.48 -10.01
C VAL UA 123 -20.73 75.66 -10.15
N ILE UA 124 -21.15 76.43 -11.14
CA ILE UA 124 -22.52 76.87 -11.31
C ILE UA 124 -22.96 76.49 -12.71
N LEU UA 125 -23.69 75.39 -12.83
CA LEU UA 125 -23.98 74.77 -14.11
C LEU UA 125 -25.33 75.18 -14.70
N ASP UA 126 -25.85 76.38 -14.38
CA ASP UA 126 -27.22 76.72 -14.73
C ASP UA 126 -27.47 78.17 -15.15
N ASP UA 127 -26.46 79.01 -15.24
CA ASP UA 127 -26.61 80.36 -15.76
C ASP UA 127 -27.42 81.25 -14.84
N ASN UA 128 -27.42 80.96 -13.55
CA ASN UA 128 -27.99 81.84 -12.53
C ASN UA 128 -26.93 81.96 -11.45
N PHE UA 129 -26.09 82.96 -11.62
CA PHE UA 129 -25.01 83.27 -10.70
C PHE UA 129 -25.49 84.24 -9.63
N VAL UA 130 -24.72 84.30 -8.55
CA VAL UA 130 -24.88 85.40 -7.61
C VAL UA 130 -24.61 86.69 -8.35
N THR UA 131 -25.39 87.71 -8.03
CA THR UA 131 -25.29 88.98 -8.74
C THR UA 131 -23.89 89.55 -8.59
N LYS UA 132 -23.40 90.15 -9.68
CA LYS UA 132 -22.08 90.76 -9.66
C LYS UA 132 -22.06 91.92 -8.67
N ALA UA 133 -21.07 91.89 -7.79
CA ALA UA 133 -20.94 92.86 -6.72
C ALA UA 133 -19.50 93.31 -6.62
N THR UA 134 -19.32 94.56 -6.19
CA THR UA 134 -18.01 95.14 -5.99
C THR UA 134 -17.49 94.89 -4.59
N ALA UA 135 -18.31 95.19 -3.57
CA ALA UA 135 -17.93 94.98 -2.17
C ALA UA 135 -19.16 94.44 -1.44
N LEU UA 136 -19.29 93.12 -1.44
CA LEU UA 136 -20.34 92.43 -0.71
C LEU UA 136 -19.83 92.00 0.65
N THR UA 137 -20.69 92.08 1.65
CA THR UA 137 -20.31 91.89 3.05
C THR UA 137 -20.08 90.44 3.43
N TYR UA 138 -20.09 89.51 2.49
CA TYR UA 138 -19.91 88.10 2.80
C TYR UA 138 -19.49 87.39 1.53
N ASP UA 139 -19.02 86.16 1.71
CA ASP UA 139 -18.63 85.30 0.61
C ASP UA 139 -19.81 84.40 0.27
N PRO UA 140 -20.52 84.61 -0.84
CA PRO UA 140 -21.70 83.80 -1.10
C PRO UA 140 -21.37 82.37 -1.45
N TYR UA 141 -20.24 82.14 -2.10
CA TYR UA 141 -19.86 80.82 -2.59
C TYR UA 141 -19.13 79.99 -1.54
N VAL UA 142 -19.20 80.37 -0.28
CA VAL UA 142 -18.38 79.72 0.74
C VAL UA 142 -19.01 78.40 1.18
N ASN UA 143 -20.32 78.36 1.31
CA ASN UA 143 -21.01 77.17 1.78
C ASN UA 143 -21.42 76.25 0.64
N TYR UA 144 -21.02 76.56 -0.58
CA TYR UA 144 -21.33 75.70 -1.71
C TYR UA 144 -20.54 74.40 -1.62
N SER UA 145 -21.18 73.32 -2.04
CA SER UA 145 -20.55 72.01 -2.01
C SER UA 145 -19.36 71.92 -2.95
N SER UA 146 -19.29 72.78 -3.96
CA SER UA 146 -18.20 72.81 -4.92
C SER UA 146 -17.23 73.94 -4.65
N ARG UA 147 -17.18 74.43 -3.41
CA ARG UA 147 -16.29 75.53 -3.08
C ARG UA 147 -14.88 75.03 -2.90
N HIS UA 148 -13.95 75.71 -3.55
CA HIS UA 148 -12.53 75.59 -3.29
C HIS UA 148 -12.04 76.94 -2.81
N THR UA 149 -11.18 76.93 -1.82
CA THR UA 149 -10.64 78.16 -1.27
C THR UA 149 -9.65 78.79 -2.22
N ILE UA 150 -9.77 80.10 -2.38
CA ILE UA 150 -8.83 80.90 -3.16
C ILE UA 150 -7.99 81.65 -2.14
N THR UA 151 -6.73 81.27 -2.03
CA THR UA 151 -5.75 82.09 -1.36
C THR UA 151 -5.34 83.23 -2.29
N GLN UA 152 -5.27 84.43 -1.74
CA GLN UA 152 -4.99 85.64 -2.49
C GLN UA 152 -3.78 86.34 -1.90
N PRO UA 153 -3.09 87.18 -2.67
CA PRO UA 153 -3.20 87.51 -4.09
C PRO UA 153 -2.23 86.78 -5.00
N PHE UA 154 -1.20 86.17 -4.42
CA PHE UA 154 -0.06 85.67 -5.16
C PHE UA 154 -0.05 84.16 -5.27
N SER UA 155 -1.22 83.54 -5.26
CA SER UA 155 -1.35 82.10 -5.23
C SER UA 155 -2.14 81.61 -6.42
N TYR UA 156 -1.76 80.46 -6.93
CA TYR UA 156 -2.37 79.83 -8.08
C TYR UA 156 -3.60 79.04 -7.67
N HIS UA 157 -4.63 79.13 -8.50
CA HIS UA 157 -5.91 78.47 -8.26
C HIS UA 157 -6.35 77.82 -9.56
N SER UA 158 -6.57 76.52 -9.52
CA SER UA 158 -7.08 75.75 -10.65
C SER UA 158 -8.41 75.13 -10.29
N ARG UA 159 -9.26 74.99 -11.31
CA ARG UA 159 -10.53 74.30 -11.19
C ARG UA 159 -10.71 73.47 -12.46
N TYR UA 160 -10.97 72.19 -12.28
CA TYR UA 160 -11.10 71.22 -13.36
C TYR UA 160 -12.45 70.53 -13.21
N PHE UA 161 -13.32 70.75 -14.17
CA PHE UA 161 -14.70 70.29 -14.05
C PHE UA 161 -15.29 70.11 -15.44
N THR UA 162 -16.50 69.61 -15.48
CA THR UA 162 -17.25 69.34 -16.70
C THR UA 162 -18.38 70.35 -16.84
N PRO UA 163 -18.32 71.28 -17.79
CA PRO UA 163 -19.40 72.25 -17.90
C PRO UA 163 -20.65 71.67 -18.51
N LYS UA 164 -21.69 72.50 -18.61
CA LYS UA 164 -22.96 72.10 -19.18
C LYS UA 164 -23.45 73.22 -20.09
N PRO UA 165 -24.11 72.88 -21.20
CA PRO UA 165 -24.60 73.93 -22.08
C PRO UA 165 -25.94 74.49 -21.64
N VAL UA 166 -26.20 75.71 -22.10
CA VAL UA 166 -27.42 76.44 -21.80
C VAL UA 166 -28.40 76.12 -22.91
N LEU UA 167 -29.15 75.04 -22.72
CA LEU UA 167 -30.15 74.62 -23.69
C LEU UA 167 -31.44 75.40 -23.55
N ASP UA 168 -31.91 75.60 -22.32
CA ASP UA 168 -33.08 76.42 -22.04
C ASP UA 168 -32.78 77.21 -20.78
N SER UA 169 -32.60 78.51 -20.93
CA SER UA 169 -32.33 79.38 -19.79
C SER UA 169 -33.56 79.59 -18.92
N THR UA 170 -34.76 79.31 -19.43
CA THR UA 170 -35.97 79.46 -18.65
C THR UA 170 -36.12 78.35 -17.63
N ILE UA 171 -35.79 77.12 -18.01
CA ILE UA 171 -35.96 75.95 -17.17
C ILE UA 171 -34.63 75.58 -16.53
N ASP UA 172 -33.54 75.79 -17.28
CA ASP UA 172 -32.18 75.55 -16.80
C ASP UA 172 -32.00 74.10 -16.37
N TYR UA 173 -32.10 73.21 -17.35
CA TYR UA 173 -31.90 71.79 -17.15
C TYR UA 173 -30.56 71.36 -17.73
N PHE UA 174 -29.95 70.37 -17.09
CA PHE UA 174 -28.67 69.85 -17.54
C PHE UA 174 -28.56 68.39 -17.18
N GLN UA 175 -27.64 67.76 -17.79
CA GLN UA 175 -27.39 66.35 -17.65
C GLN UA 175 -26.36 66.07 -16.57
N PRO UA 176 -26.45 64.93 -15.89
CA PRO UA 176 -25.33 64.53 -15.04
C PRO UA 176 -24.14 64.06 -15.84
N ASN UA 177 -23.04 63.80 -15.16
CA ASN UA 177 -21.80 63.44 -15.83
C ASN UA 177 -21.88 62.01 -16.33
N ASN UA 178 -21.80 61.86 -17.65
CA ASN UA 178 -21.79 60.54 -18.27
C ASN UA 178 -21.10 60.72 -19.61
N LYS UA 179 -19.93 60.11 -19.75
CA LYS UA 179 -19.20 60.29 -20.99
C LYS UA 179 -19.91 59.65 -22.17
N ARG UA 180 -20.67 58.59 -21.93
CA ARG UA 180 -21.30 57.86 -23.02
C ARG UA 180 -22.60 58.50 -23.48
N ASN UA 181 -23.27 59.24 -22.60
CA ASN UA 181 -24.57 59.81 -22.87
C ASN UA 181 -24.55 61.31 -23.08
N GLN UA 182 -23.39 61.94 -23.05
CA GLN UA 182 -23.30 63.39 -23.21
C GLN UA 182 -23.75 63.79 -24.60
N LEU UA 183 -24.56 64.83 -24.65
CA LEU UA 183 -25.12 65.31 -25.89
C LEU UA 183 -24.03 65.85 -26.81
N TRP UA 184 -24.22 65.63 -28.10
CA TRP UA 184 -23.43 66.26 -29.14
C TRP UA 184 -24.15 67.50 -29.61
N LEU UA 185 -23.47 68.62 -29.56
CA LEU UA 185 -23.94 69.86 -30.13
C LEU UA 185 -23.34 70.04 -31.52
N ARG UA 186 -23.92 70.96 -32.27
CA ARG UA 186 -23.39 71.33 -33.58
C ARG UA 186 -22.43 72.48 -33.42
N LEU UA 187 -21.33 72.39 -34.16
CA LEU UA 187 -20.36 73.46 -34.28
C LEU UA 187 -20.90 74.46 -35.29
N GLN UA 188 -21.61 75.45 -34.78
CA GLN UA 188 -22.21 76.47 -35.61
C GLN UA 188 -21.12 77.36 -36.22
N THR UA 189 -21.55 78.24 -37.11
CA THR UA 189 -20.62 79.14 -37.78
C THR UA 189 -20.27 80.34 -36.91
N ALA UA 190 -21.29 81.06 -36.42
CA ALA UA 190 -21.05 82.22 -35.56
C ALA UA 190 -22.05 82.35 -34.42
N GLY UA 191 -22.67 81.26 -33.99
CA GLY UA 191 -23.76 81.33 -33.03
C GLY UA 191 -23.79 80.23 -32.00
N ASN UA 192 -22.62 79.74 -31.61
CA ASN UA 192 -22.55 78.63 -30.67
C ASN UA 192 -23.10 79.02 -29.30
N VAL UA 193 -23.51 78.01 -28.56
CA VAL UA 193 -24.21 78.19 -27.29
C VAL UA 193 -23.19 78.31 -26.17
N ASP UA 194 -23.53 79.09 -25.17
CA ASP UA 194 -22.64 79.36 -24.05
C ASP UA 194 -22.67 78.21 -23.07
N HIS UA 195 -21.50 77.71 -22.73
CA HIS UA 195 -21.33 76.79 -21.62
C HIS UA 195 -21.02 77.57 -20.36
N VAL UA 196 -21.33 76.95 -19.23
CA VAL UA 196 -21.37 77.63 -17.95
C VAL UA 196 -20.82 76.70 -16.89
N GLY UA 197 -20.48 77.26 -15.73
CA GLY UA 197 -19.85 76.46 -14.72
C GLY UA 197 -18.82 77.03 -13.77
N LEU UA 198 -18.62 78.35 -13.71
CA LEU UA 198 -17.76 78.87 -12.65
C LEU UA 198 -18.18 80.25 -12.18
N GLY UA 199 -18.22 80.40 -10.87
CA GLY UA 199 -18.40 81.68 -10.24
C GLY UA 199 -17.42 81.84 -9.10
N THR UA 200 -16.99 83.08 -8.89
CA THR UA 200 -15.90 83.39 -7.99
C THR UA 200 -16.31 84.46 -6.99
N ALA UA 201 -15.54 84.52 -5.92
CA ALA UA 201 -15.66 85.58 -4.92
C ALA UA 201 -14.28 85.88 -4.39
N PHE UA 202 -13.76 87.07 -4.70
CA PHE UA 202 -12.44 87.50 -4.29
C PHE UA 202 -12.57 88.56 -3.21
N GLU UA 203 -11.74 88.42 -2.17
CA GLU UA 203 -11.72 89.38 -1.08
C GLU UA 203 -10.94 90.62 -1.52
N ASN UA 204 -11.56 91.77 -1.34
CA ASN UA 204 -10.96 93.01 -1.78
C ASN UA 204 -9.77 93.37 -0.90
N SER UA 205 -8.99 94.34 -1.37
CA SER UA 205 -7.74 94.71 -0.74
C SER UA 205 -7.44 96.17 -1.02
N ILE UA 206 -6.46 96.70 -0.29
CA ILE UA 206 -6.01 98.07 -0.51
C ILE UA 206 -5.27 98.17 -1.84
N TYR UA 207 -4.63 97.10 -2.28
CA TYR UA 207 -3.89 97.05 -3.52
C TYR UA 207 -4.70 96.34 -4.59
N ASP UA 208 -4.39 96.65 -5.84
CA ASP UA 208 -5.04 95.99 -6.96
C ASP UA 208 -4.52 94.58 -7.12
N GLN UA 209 -5.44 93.63 -7.30
CA GLN UA 209 -5.12 92.22 -7.49
C GLN UA 209 -5.42 91.84 -8.93
N GLU UA 210 -4.37 91.62 -9.72
CA GLU UA 210 -4.52 91.25 -11.12
C GLU UA 210 -4.24 89.77 -11.30
N TYR UA 211 -4.89 89.21 -12.32
CA TYR UA 211 -4.75 87.80 -12.66
C TYR UA 211 -4.77 87.66 -14.17
N ASN UA 212 -4.02 86.67 -14.66
CA ASN UA 212 -4.06 86.23 -16.04
C ASN UA 212 -4.75 84.88 -16.05
N ILE UA 213 -5.96 84.83 -16.58
CA ILE UA 213 -6.78 83.63 -16.51
C ILE UA 213 -6.65 82.88 -17.82
N ARG UA 214 -6.23 81.61 -17.72
CA ARG UA 214 -6.05 80.73 -18.86
C ARG UA 214 -7.08 79.62 -18.77
N VAL UA 215 -8.04 79.64 -19.69
CA VAL UA 215 -9.06 78.62 -19.80
C VAL UA 215 -8.64 77.63 -20.87
N THR UA 216 -8.70 76.36 -20.54
CA THR UA 216 -8.38 75.28 -21.45
C THR UA 216 -9.59 74.36 -21.52
N MET UA 217 -10.16 74.22 -22.72
CA MET UA 217 -11.29 73.34 -22.95
C MET UA 217 -10.83 72.06 -23.65
N TYR UA 218 -11.20 70.94 -23.08
CA TYR UA 218 -10.93 69.62 -23.65
C TYR UA 218 -12.18 69.16 -24.37
N VAL UA 219 -12.12 69.19 -25.70
CA VAL UA 219 -13.29 68.99 -26.53
C VAL UA 219 -13.16 67.68 -27.29
N GLN UA 220 -14.27 67.26 -27.88
CA GLN UA 220 -14.36 66.01 -28.63
C GLN UA 220 -15.25 66.29 -29.81
N PHE UA 221 -14.68 66.20 -31.00
CA PHE UA 221 -15.38 66.47 -32.25
C PHE UA 221 -15.80 65.17 -32.91
N ARG UA 222 -16.59 65.30 -33.98
CA ARG UA 222 -17.15 64.16 -34.68
C ARG UA 222 -17.47 64.57 -36.11
N GLU UA 223 -17.36 63.60 -37.01
CA GLU UA 223 -17.78 63.74 -38.41
C GLU UA 223 -16.96 64.82 -39.13
N PHE UA 224 -15.69 64.47 -39.34
CA PHE UA 224 -14.80 65.17 -40.25
C PHE UA 224 -15.51 65.52 -41.54
N ASN UA 225 -15.56 66.80 -41.87
CA ASN UA 225 -16.39 67.30 -42.96
C ASN UA 225 -15.64 68.28 -43.85
N LEU UA 226 -14.40 67.96 -44.15
CA LEU UA 226 -13.62 68.84 -44.99
C LEU UA 226 -14.20 68.89 -46.40
N LYS UA 227 -14.14 70.07 -47.00
CA LYS UA 227 -14.62 70.30 -48.35
C LYS UA 227 -13.47 70.78 -49.21
N ASP UA 228 -13.27 70.11 -50.35
CA ASP UA 228 -12.11 70.33 -51.21
C ASP UA 228 -12.60 70.68 -52.61
N PRO UA 229 -12.92 71.94 -52.87
CA PRO UA 229 -13.23 72.35 -54.22
C PRO UA 229 -11.97 72.43 -55.07
N PRO UA 230 -12.11 72.52 -56.39
CA PRO UA 230 -10.92 72.73 -57.23
C PRO UA 230 -10.33 74.12 -57.05
N LEU UA 231 -9.26 74.39 -57.80
CA LEU UA 231 -8.56 75.67 -57.71
C LEU UA 231 -8.11 76.15 -59.10
N GLY VA 43 -34.74 62.25 11.17
CA GLY VA 43 -34.34 62.82 9.88
C GLY VA 43 -33.04 63.58 9.94
N ILE VA 44 -31.95 62.84 9.87
CA ILE VA 44 -30.63 63.39 10.08
C ILE VA 44 -30.16 64.10 8.82
N PHE VA 45 -29.43 65.19 9.02
CA PHE VA 45 -28.81 65.92 7.93
C PHE VA 45 -27.53 66.55 8.47
N ASN VA 46 -26.41 65.94 8.15
CA ASN VA 46 -25.12 66.50 8.48
C ASN VA 46 -24.70 67.49 7.39
N THR VA 47 -24.36 68.70 7.80
CA THR VA 47 -23.90 69.72 6.88
C THR VA 47 -22.76 70.52 7.52
N ARG VA 48 -22.45 71.64 6.89
CA ARG VA 48 -21.29 72.46 7.23
C ARG VA 48 -21.66 73.92 7.06
N LEU VA 49 -21.45 74.70 8.10
CA LEU VA 49 -21.76 76.11 8.13
C LEU VA 49 -20.52 76.89 8.50
N SER VA 50 -20.29 78.00 7.80
CA SER VA 50 -19.10 78.80 7.94
C SER VA 50 -19.45 80.26 8.20
N ARG VA 51 -18.42 81.01 8.56
CA ARG VA 51 -18.51 82.39 9.00
C ARG VA 51 -17.09 82.93 9.08
N THR VA 52 -16.92 84.18 8.68
CA THR VA 52 -15.61 84.80 8.59
C THR VA 52 -15.64 86.17 9.26
N PHE VA 53 -14.58 86.47 10.00
CA PHE VA 53 -14.47 87.74 10.71
C PHE VA 53 -13.01 88.01 11.00
N GLY VA 54 -12.74 89.22 11.46
CA GLY VA 54 -11.39 89.68 11.69
C GLY VA 54 -10.96 89.74 13.14
N TYR VA 55 -9.64 89.70 13.34
CA TYR VA 55 -9.02 89.83 14.65
C TYR VA 55 -7.66 90.46 14.45
N THR VA 56 -7.37 91.49 15.23
CA THR VA 56 -6.12 92.23 15.14
C THR VA 56 -5.47 92.30 16.51
N ILE VA 57 -4.15 92.12 16.52
CA ILE VA 57 -3.32 92.32 17.70
C ILE VA 57 -2.56 93.61 17.45
N LYS VA 58 -2.97 94.67 18.14
CA LYS VA 58 -2.37 95.98 17.95
C LYS VA 58 -0.92 95.99 18.41
N ARG VA 59 -0.18 96.95 17.89
CA ARG VA 59 1.23 97.11 18.21
C ARG VA 59 1.42 97.62 19.63
N THR VA 60 2.62 97.40 20.15
CA THR VA 60 3.01 97.86 21.47
C THR VA 60 4.47 98.31 21.45
N THR VA 61 4.74 99.42 22.13
CA THR VA 61 6.10 99.90 22.32
C THR VA 61 6.84 99.12 23.40
N VAL VA 62 6.16 98.22 24.12
CA VAL VA 62 6.80 97.44 25.17
C VAL VA 62 7.93 96.61 24.59
N LYS VA 63 9.06 96.59 25.29
CA LYS VA 63 10.24 95.89 24.82
C LYS VA 63 10.20 94.41 25.14
N THR VA 64 9.66 94.05 26.30
CA THR VA 64 9.64 92.68 26.75
C THR VA 64 8.79 91.81 25.84
N PRO VA 65 8.93 90.48 25.94
CA PRO VA 65 7.96 89.60 25.29
C PRO VA 65 6.70 89.51 26.13
N SER VA 66 5.65 90.15 25.65
CA SER VA 66 4.34 90.09 26.27
C SER VA 66 3.35 89.45 25.31
N TRP VA 67 2.29 88.90 25.87
CA TRP VA 67 1.28 88.20 25.10
C TRP VA 67 -0.09 88.85 25.26
N ALA VA 68 -0.87 88.77 24.20
CA ALA VA 68 -2.23 89.29 24.16
C ALA VA 68 -3.20 88.12 24.22
N VAL VA 69 -4.04 88.13 25.22
CA VAL VA 69 -4.95 87.03 25.50
C VAL VA 69 -6.35 87.43 25.07
N ASP VA 70 -7.08 86.48 24.50
CA ASP VA 70 -8.45 86.70 24.08
C ASP VA 70 -9.16 85.35 24.05
N MET VA 71 -10.47 85.42 23.95
CA MET VA 71 -11.36 84.27 23.99
C MET VA 71 -12.13 84.15 22.69
N MET VA 72 -12.78 83.00 22.53
CA MET VA 72 -13.55 82.71 21.32
C MET VA 72 -14.66 81.74 21.66
N ARG VA 73 -15.90 82.19 21.55
CA ARG VA 73 -17.08 81.38 21.69
C ARG VA 73 -17.72 81.14 20.33
N PHE VA 74 -18.65 80.20 20.28
CA PHE VA 74 -19.33 79.82 19.06
C PHE VA 74 -20.82 79.70 19.33
N ASN VA 75 -21.62 80.44 18.56
CA ASN VA 75 -23.07 80.36 18.62
C ASN VA 75 -23.61 80.13 17.21
N ILE VA 76 -24.74 79.42 17.15
CA ILE VA 76 -25.32 79.05 15.86
C ILE VA 76 -26.13 80.18 15.23
N ASN VA 77 -26.46 81.22 15.98
CA ASN VA 77 -27.14 82.36 15.38
C ASN VA 77 -26.25 83.08 14.40
N ASP VA 78 -24.94 83.06 14.63
CA ASP VA 78 -23.99 83.72 13.75
C ASP VA 78 -23.73 82.94 12.47
N PHE VA 79 -24.15 81.68 12.41
CA PHE VA 79 -23.98 80.85 11.22
C PHE VA 79 -25.29 80.58 10.50
N LEU VA 80 -26.39 80.53 11.23
CA LEU VA 80 -27.71 80.21 10.69
C LEU VA 80 -28.62 81.43 10.80
N PRO VA 81 -29.01 82.09 9.71
CA PRO VA 81 -29.83 83.28 9.85
C PRO VA 81 -31.26 82.92 10.17
N PRO VA 82 -32.08 83.91 10.49
CA PRO VA 82 -33.50 83.66 10.65
C PRO VA 82 -34.16 83.40 9.30
N GLY VA 83 -35.19 82.57 9.33
CA GLY VA 83 -35.88 82.22 8.11
C GLY VA 83 -36.94 83.22 7.73
N GLY VA 84 -38.06 82.73 7.25
CA GLY VA 84 -39.15 83.59 6.85
C GLY VA 84 -40.48 82.86 6.86
N GLY VA 85 -41.48 83.50 7.45
CA GLY VA 85 -42.81 82.92 7.51
C GLY VA 85 -42.99 81.97 8.66
N SER VA 86 -43.69 80.88 8.40
CA SER VA 86 -43.97 79.90 9.44
C SER VA 86 -42.73 79.12 9.84
N ASN VA 87 -41.67 79.17 9.03
CA ASN VA 87 -40.40 78.54 9.37
C ASN VA 87 -39.51 79.58 10.04
N PRO VA 88 -39.23 79.49 11.34
CA PRO VA 88 -38.49 80.57 11.99
C PRO VA 88 -37.02 80.62 11.59
N ARG VA 89 -36.46 79.53 11.12
CA ARG VA 89 -35.06 79.44 10.73
C ARG VA 89 -34.94 79.02 9.27
N SER VA 90 -33.76 79.27 8.71
CA SER VA 90 -33.55 79.04 7.29
C SER VA 90 -33.28 77.59 6.97
N VAL VA 91 -32.80 76.81 7.93
CA VAL VA 91 -32.63 75.37 7.81
C VAL VA 91 -33.80 74.71 8.53
N PRO VA 92 -34.74 74.08 7.83
CA PRO VA 92 -35.97 73.64 8.51
C PRO VA 92 -35.82 72.35 9.29
N PHE VA 93 -35.23 72.48 10.48
CA PHE VA 93 -35.07 71.37 11.40
C PHE VA 93 -35.35 71.87 12.81
N GLU VA 94 -35.63 70.92 13.69
CA GLU VA 94 -35.98 71.21 15.08
C GLU VA 94 -34.78 71.17 16.01
N TYR VA 95 -34.01 70.10 15.95
CA TYR VA 95 -32.93 69.84 16.88
C TYR VA 95 -31.59 69.95 16.17
N TYR VA 96 -30.54 70.12 16.97
CA TYR VA 96 -29.19 70.18 16.44
C TYR VA 96 -28.22 69.76 17.51
N ARG VA 97 -27.00 69.45 17.07
CA ARG VA 97 -25.89 69.23 17.97
C ARG VA 97 -24.62 69.42 17.18
N ILE VA 98 -23.72 70.24 17.70
CA ILE VA 98 -22.49 70.59 17.00
C ILE VA 98 -21.48 69.48 17.22
N ARG VA 99 -21.00 68.90 16.13
CA ARG VA 99 -20.08 67.78 16.16
C ARG VA 99 -18.64 68.24 16.25
N LYS VA 100 -18.24 69.19 15.41
CA LYS VA 100 -16.87 69.67 15.34
C LYS VA 100 -16.90 71.14 14.95
N VAL VA 101 -15.78 71.80 15.23
CA VAL VA 101 -15.53 73.16 14.77
C VAL VA 101 -14.11 73.21 14.26
N LYS VA 102 -13.91 73.97 13.19
CA LYS VA 102 -12.60 74.22 12.59
C LYS VA 102 -12.39 75.73 12.60
N VAL VA 103 -11.51 76.18 13.47
CA VAL VA 103 -11.10 77.57 13.51
C VAL VA 103 -9.82 77.71 12.71
N GLU VA 104 -9.83 78.60 11.73
CA GLU VA 104 -8.70 78.83 10.83
C GLU VA 104 -8.28 80.28 10.98
N PHE VA 105 -7.05 80.49 11.42
CA PHE VA 105 -6.44 81.82 11.44
C PHE VA 105 -5.71 82.01 10.13
N TRP VA 106 -6.36 82.69 9.21
CA TRP VA 106 -5.75 83.02 7.94
C TRP VA 106 -5.01 84.34 8.06
N PRO VA 107 -3.69 84.38 7.87
CA PRO VA 107 -2.98 85.64 8.10
C PRO VA 107 -3.30 86.69 7.06
N CYS VA 108 -3.09 87.93 7.47
CA CYS VA 108 -3.23 89.09 6.62
C CYS VA 108 -1.91 89.81 6.38
N SER VA 109 -0.82 89.29 6.91
CA SER VA 109 0.45 89.96 6.97
C SER VA 109 1.41 89.35 5.96
N PRO VA 110 2.34 90.13 5.41
CA PRO VA 110 3.25 89.58 4.43
C PRO VA 110 4.29 88.67 5.05
N ILE VA 111 4.89 87.84 4.21
CA ILE VA 111 5.94 86.94 4.67
C ILE VA 111 7.26 87.64 4.95
N THR VA 112 7.36 88.93 4.62
CA THR VA 112 8.53 89.73 4.91
C THR VA 112 8.45 90.45 6.25
N GLN VA 113 7.36 90.28 7.01
CA GLN VA 113 7.19 91.01 8.24
C GLN VA 113 8.09 90.41 9.31
N GLY VA 114 8.78 91.27 10.04
CA GLY VA 114 9.67 90.86 11.10
C GLY VA 114 9.04 90.95 12.46
N ASP VA 115 9.90 90.92 13.47
CA ASP VA 115 9.48 90.89 14.87
C ASP VA 115 8.54 89.73 15.12
N ARG VA 116 8.89 88.58 14.56
CA ARG VA 116 8.07 87.39 14.68
C ARG VA 116 7.99 86.94 16.12
N GLY VA 117 7.04 86.04 16.37
CA GLY VA 117 6.73 85.61 17.71
C GLY VA 117 6.20 84.20 17.77
N VAL VA 118 5.79 83.79 18.95
CA VAL VA 118 5.30 82.44 19.17
C VAL VA 118 4.24 82.47 20.26
N GLY VA 119 3.10 81.88 19.95
CA GLY VA 119 1.95 81.88 20.84
C GLY VA 119 1.38 80.51 21.06
N SER VA 120 0.15 80.46 21.54
CA SER VA 120 -0.47 79.22 21.93
C SER VA 120 -1.98 79.33 21.81
N SER VA 121 -2.61 78.26 21.34
CA SER VA 121 -4.06 78.13 21.30
C SER VA 121 -4.46 76.88 22.05
N ALA VA 122 -5.40 77.02 22.97
CA ALA VA 122 -5.87 75.94 23.80
C ALA VA 122 -7.38 75.83 23.73
N VAL VA 123 -7.88 74.66 24.13
CA VAL VA 123 -9.29 74.31 24.06
C VAL VA 123 -9.87 74.40 25.46
N ILE VA 124 -10.88 75.25 25.62
CA ILE VA 124 -11.44 75.61 26.92
C ILE VA 124 -12.93 75.38 26.86
N LEU VA 125 -13.38 74.25 27.39
CA LEU VA 125 -14.74 73.77 27.21
C LEU VA 125 -15.67 74.14 28.35
N ASP VA 126 -15.43 75.26 29.05
CA ASP VA 126 -16.17 75.54 30.27
C ASP VA 126 -16.52 77.01 30.54
N ASP VA 127 -16.20 77.93 29.64
CA ASP VA 127 -16.62 79.31 29.76
C ASP VA 127 -15.93 80.03 30.91
N ASN VA 128 -14.74 79.58 31.28
CA ASN VA 128 -13.88 80.29 32.22
C ASN VA 128 -12.51 80.35 31.58
N PHE VA 129 -12.30 81.43 30.83
CA PHE VA 129 -11.08 81.70 30.13
C PHE VA 129 -10.13 82.49 31.02
N VAL VA 130 -8.85 82.49 30.64
CA VAL VA 130 -7.92 83.44 31.20
C VAL VA 130 -8.40 84.83 30.83
N THR VA 131 -8.27 85.75 31.79
CA THR VA 131 -8.79 87.10 31.60
C THR VA 131 -8.15 87.75 30.38
N LYS VA 132 -8.96 88.50 29.64
CA LYS VA 132 -8.46 89.20 28.48
C LYS VA 132 -7.42 90.22 28.89
N ALA VA 133 -6.28 90.18 28.22
CA ALA VA 133 -5.14 91.01 28.53
C ALA VA 133 -4.53 91.54 27.25
N THR VA 134 -3.97 92.75 27.35
CA THR VA 134 -3.31 93.38 26.22
C THR VA 134 -1.83 93.01 26.15
N ALA VA 135 -1.11 93.12 27.27
CA ALA VA 135 0.31 92.77 27.33
C ALA VA 135 0.55 92.06 28.65
N LEU VA 136 0.39 90.75 28.64
CA LEU VA 136 0.68 89.90 29.78
C LEU VA 136 2.09 89.35 29.68
N THR VA 137 2.77 89.25 30.82
CA THR VA 137 4.19 88.92 30.87
C THR VA 137 4.49 87.46 30.62
N TYR VA 138 3.50 86.65 30.24
CA TYR VA 138 3.73 85.23 30.01
C TYR VA 138 2.60 84.70 29.15
N ASP VA 139 2.81 83.50 28.63
CA ASP VA 139 1.82 82.80 27.83
C ASP VA 139 1.04 81.87 28.75
N PRO VA 140 -0.21 82.17 29.10
CA PRO VA 140 -0.91 81.30 30.04
C PRO VA 140 -1.27 79.95 29.47
N TYR VA 141 -1.53 79.88 28.18
CA TYR VA 141 -2.00 78.67 27.54
C TYR VA 141 -0.86 77.77 27.08
N VAL VA 142 0.36 77.99 27.57
CA VAL VA 142 1.52 77.28 27.06
C VAL VA 142 1.60 75.88 27.65
N ASN VA 143 1.32 75.73 28.92
CA ASN VA 143 1.42 74.44 29.59
C ASN VA 143 0.13 73.64 29.52
N TYR VA 144 -0.87 74.13 28.81
CA TYR VA 144 -2.11 73.38 28.65
C TYR VA 144 -1.88 72.15 27.80
N SER VA 145 -2.59 71.08 28.16
CA SER VA 145 -2.48 69.82 27.43
C SER VA 145 -2.99 69.93 26.01
N SER VA 146 -3.84 70.91 25.72
CA SER VA 146 -4.39 71.13 24.39
C SER VA 146 -3.72 72.29 23.67
N ARG VA 147 -2.50 72.63 24.06
CA ARG VA 147 -1.80 73.74 23.45
C ARG VA 147 -1.22 73.32 22.12
N HIS VA 148 -1.47 74.14 21.11
CA HIS VA 148 -0.78 74.08 19.84
C HIS VA 148 -0.06 75.41 19.67
N THR VA 149 1.16 75.33 19.16
CA THR VA 149 1.97 76.53 18.95
C THR VA 149 1.44 77.33 17.79
N ILE VA 150 1.36 78.64 17.99
CA ILE VA 150 1.01 79.60 16.94
C ILE VA 150 2.31 80.27 16.54
N THR VA 151 2.78 79.97 15.34
CA THR VA 151 3.80 80.78 14.72
C THR VA 151 3.16 82.03 14.16
N GLN VA 152 3.80 83.17 14.38
CA GLN VA 152 3.30 84.48 14.02
C GLN VA 152 4.32 85.17 13.13
N PRO VA 153 3.88 86.16 12.33
CA PRO VA 153 2.53 86.66 12.03
C PRO VA 153 1.92 86.10 10.75
N PHE VA 154 2.75 85.50 9.90
CA PHE VA 154 2.36 85.18 8.54
C PHE VA 154 2.12 83.69 8.34
N SER VA 155 1.70 82.99 9.38
CA SER VA 155 1.56 81.56 9.35
C SER VA 155 0.14 81.16 9.69
N TYR VA 156 -0.31 80.10 9.03
CA TYR VA 156 -1.65 79.58 9.19
C TYR VA 156 -1.75 78.67 10.40
N HIS VA 157 -2.84 78.78 11.13
CA HIS VA 157 -3.09 78.00 12.33
C HIS VA 157 -4.52 77.48 12.28
N SER VA 158 -4.66 76.17 12.37
CA SER VA 158 -5.96 75.52 12.41
C SER VA 158 -6.11 74.77 13.73
N ARG VA 159 -7.34 74.69 14.20
CA ARG VA 159 -7.71 73.90 15.35
C ARG VA 159 -9.03 73.22 15.05
N TYR VA 160 -9.06 71.90 15.21
CA TYR VA 160 -10.22 71.08 14.90
C TYR VA 160 -10.57 70.27 16.14
N PHE VA 161 -11.74 70.54 16.69
CA PHE VA 161 -12.11 69.98 17.99
C PHE VA 161 -13.63 69.94 18.09
N THR VA 162 -14.10 69.34 19.18
CA THR VA 162 -15.51 69.18 19.48
C THR VA 162 -15.91 70.11 20.60
N PRO VA 163 -16.71 71.15 20.35
CA PRO VA 163 -17.06 72.05 21.44
C PRO VA 163 -18.10 71.47 22.36
N LYS VA 164 -18.45 72.21 23.40
CA LYS VA 164 -19.42 71.80 24.38
C LYS VA 164 -20.34 72.98 24.68
N PRO VA 165 -21.63 72.74 24.91
CA PRO VA 165 -22.53 73.85 25.23
C PRO VA 165 -22.49 74.26 26.69
N VAL VA 166 -22.90 75.50 26.91
CA VAL VA 166 -22.93 76.09 28.23
C VAL VA 166 -24.32 75.84 28.78
N LEU VA 167 -24.48 74.70 29.44
CA LEU VA 167 -25.75 74.33 30.03
C LEU VA 167 -25.96 75.00 31.38
N ASP VA 168 -24.94 75.01 32.22
CA ASP VA 168 -24.97 75.70 33.50
C ASP VA 168 -23.62 76.36 33.71
N SER VA 169 -23.58 77.68 33.61
CA SER VA 169 -22.34 78.42 33.81
C SER VA 169 -21.90 78.43 35.26
N THR VA 170 -22.79 78.13 36.20
CA THR VA 170 -22.43 78.11 37.61
C THR VA 170 -21.61 76.87 37.95
N ILE VA 171 -21.98 75.73 37.39
CA ILE VA 171 -21.35 74.46 37.69
C ILE VA 171 -20.35 74.11 36.59
N ASP VA 172 -20.69 74.47 35.36
CA ASP VA 172 -19.83 74.28 34.20
C ASP VA 172 -19.50 72.81 34.00
N TYR VA 173 -20.54 72.04 33.71
CA TYR VA 173 -20.41 70.62 33.43
C TYR VA 173 -20.57 70.36 31.94
N PHE VA 174 -19.85 69.34 31.45
CA PHE VA 174 -19.92 68.98 30.05
C PHE VA 174 -19.68 67.49 29.90
N GLN VA 175 -20.02 67.01 28.78
CA GLN VA 175 -19.94 65.60 28.43
C GLN VA 175 -18.61 65.27 27.77
N PRO VA 176 -18.10 64.06 27.94
CA PRO VA 176 -16.98 63.64 27.11
C PRO VA 176 -17.39 63.35 25.69
N ASN VA 177 -16.42 63.09 24.83
CA ASN VA 177 -16.69 62.91 23.42
C ASN VA 177 -17.32 61.54 23.18
N ASN VA 178 -18.55 61.55 22.70
CA ASN VA 178 -19.26 60.33 22.35
C ASN VA 178 -20.28 60.71 21.29
N LYS VA 179 -20.09 60.20 20.08
CA LYS VA 179 -21.00 60.58 19.02
C LYS VA 179 -22.40 60.05 19.26
N ARG VA 180 -22.53 58.92 19.94
CA ARG VA 180 -23.82 58.28 20.13
C ARG VA 180 -24.60 58.87 21.28
N ASN VA 181 -23.93 59.45 22.26
CA ASN VA 181 -24.55 59.96 23.47
C ASN VA 181 -24.59 61.47 23.54
N GLN VA 182 -24.14 62.18 22.51
CA GLN VA 182 -24.13 63.63 22.54
C GLN VA 182 -25.55 64.16 22.56
N LEU VA 183 -25.76 65.14 23.43
CA LEU VA 183 -27.07 65.72 23.62
C LEU VA 183 -27.54 66.44 22.37
N TRP VA 184 -28.83 66.37 22.12
CA TRP VA 184 -29.50 67.17 21.11
C TRP VA 184 -30.05 68.41 21.79
N LEU VA 185 -29.69 69.56 21.26
CA LEU VA 185 -30.28 70.83 21.67
C LEU VA 185 -31.37 71.21 20.68
N ARG VA 186 -32.18 72.17 21.09
CA ARG VA 186 -33.20 72.73 20.23
C ARG VA 186 -32.65 73.92 19.48
N LEU VA 187 -33.01 74.00 18.22
CA LEU VA 187 -32.71 75.15 17.37
C LEU VA 187 -33.73 76.22 17.68
N GLN VA 188 -33.39 77.09 18.62
CA GLN VA 188 -34.28 78.15 19.02
C GLN VA 188 -34.42 79.18 17.90
N THR VA 189 -35.32 80.14 18.11
CA THR VA 189 -35.58 81.17 17.13
C THR VA 189 -34.53 82.28 17.19
N ALA VA 190 -34.32 82.86 18.39
CA ALA VA 190 -33.33 83.92 18.55
C ALA VA 190 -32.57 83.85 19.87
N GLY VA 191 -32.47 82.67 20.48
CA GLY VA 191 -31.90 82.55 21.80
C GLY VA 191 -31.03 81.33 22.03
N ASN VA 192 -30.34 80.88 20.99
CA ASN VA 192 -29.54 79.68 21.11
C ASN VA 192 -28.38 79.86 22.09
N VAL VA 193 -27.91 78.74 22.60
CA VAL VA 193 -26.92 78.72 23.67
C VAL VA 193 -25.52 78.77 23.08
N ASP VA 194 -24.62 79.41 23.79
CA ASP VA 194 -23.26 79.59 23.32
C ASP VA 194 -22.45 78.33 23.53
N HIS VA 195 -21.79 77.88 22.48
CA HIS VA 195 -20.77 76.85 22.58
C HIS VA 195 -19.42 77.49 22.75
N VAL VA 196 -18.50 76.72 23.33
CA VAL VA 196 -17.26 77.25 23.85
C VAL VA 196 -16.16 76.23 23.56
N GLY VA 197 -14.91 76.68 23.65
CA GLY VA 197 -13.83 75.80 23.29
C GLY VA 197 -12.55 76.33 22.67
N LEU VA 198 -12.31 77.64 22.63
CA LEU VA 198 -10.99 78.09 22.21
C LEU VA 198 -10.56 79.37 22.90
N GLY VA 199 -9.32 79.35 23.37
CA GLY VA 199 -8.67 80.54 23.87
C GLY VA 199 -7.26 80.63 23.31
N THR VA 200 -6.81 81.86 23.11
CA THR VA 200 -5.59 82.14 22.38
C THR VA 200 -4.68 83.05 23.19
N ALA VA 201 -3.41 83.04 22.80
CA ALA VA 201 -2.42 83.96 23.33
C ALA VA 201 -1.44 84.28 22.22
N PHE VA 202 -1.46 85.53 21.76
CA PHE VA 202 -0.61 86.01 20.69
C PHE VA 202 0.46 86.91 21.26
N GLU VA 203 1.69 86.72 20.79
CA GLU VA 203 2.81 87.54 21.20
C GLU VA 203 2.77 88.86 20.47
N ASN VA 204 2.85 89.95 21.23
CA ASN VA 204 2.73 91.27 20.65
C ASN VA 204 3.98 91.61 19.84
N SER VA 205 3.87 92.68 19.06
CA SER VA 205 4.90 93.06 18.12
C SER VA 205 4.86 94.57 17.90
N ILE VA 206 5.91 95.07 17.26
CA ILE VA 206 5.97 96.48 16.90
C ILE VA 206 4.97 96.79 15.80
N TYR VA 207 4.67 95.82 14.95
CA TYR VA 207 3.73 95.98 13.87
C TYR VA 207 2.40 95.34 14.21
N ASP VA 208 1.34 95.82 13.57
CA ASP VA 208 0.03 95.26 13.77
C ASP VA 208 -0.09 93.91 13.07
N GLN VA 209 -0.65 92.94 13.78
CA GLN VA 209 -0.86 91.59 13.28
C GLN VA 209 -2.35 91.36 13.08
N GLU VA 210 -2.77 91.31 11.83
CA GLU VA 210 -4.16 91.11 11.48
C GLU VA 210 -4.39 89.68 11.01
N TYR VA 211 -5.61 89.20 11.24
CA TYR VA 211 -6.01 87.86 10.86
C TYR VA 211 -7.46 87.89 10.39
N ASN VA 212 -7.76 87.02 9.42
CA ASN VA 212 -9.13 86.75 9.00
C ASN VA 212 -9.48 85.37 9.50
N ILE VA 213 -10.37 85.29 10.47
CA ILE VA 213 -10.68 84.05 11.14
C ILE VA 213 -11.93 83.46 10.53
N ARG VA 214 -11.83 82.23 10.03
CA ARG VA 214 -12.93 81.51 9.42
C ARG VA 214 -13.27 80.33 10.31
N VAL VA 215 -14.44 80.39 10.92
CA VAL VA 215 -14.96 79.32 11.75
C VAL VA 215 -15.93 78.50 10.91
N THR VA 216 -15.76 77.18 10.93
CA THR VA 216 -16.62 76.25 10.24
C THR VA 216 -17.15 75.27 11.27
N MET VA 217 -18.47 75.22 11.41
CA MET VA 217 -19.14 74.31 12.31
C MET VA 217 -19.76 73.16 11.54
N TYR VA 218 -19.45 71.95 11.94
CA TYR VA 218 -20.01 70.74 11.37
C TYR VA 218 -21.14 70.27 12.27
N VAL VA 219 -22.37 70.46 11.81
CA VAL VA 219 -23.55 70.28 12.64
C VAL VA 219 -24.33 69.09 12.14
N GLN VA 220 -25.29 68.66 12.95
CA GLN VA 220 -26.13 67.51 12.68
C GLN VA 220 -27.52 67.87 13.18
N PHE VA 221 -28.46 67.96 12.26
CA PHE VA 221 -29.83 68.32 12.57
C PHE VA 221 -30.72 67.09 12.63
N ARG VA 222 -31.96 67.29 13.05
CA ARG VA 222 -32.91 66.21 13.24
C ARG VA 222 -34.31 66.76 13.14
N GLU VA 223 -35.23 65.91 12.66
CA GLU VA 223 -36.66 66.19 12.62
C GLU VA 223 -36.98 67.40 11.74
N PHE VA 224 -36.80 67.18 10.44
CA PHE VA 224 -37.31 68.05 9.39
C PHE VA 224 -38.73 68.49 9.70
N ASN VA 225 -38.94 69.80 9.78
CA ASN VA 225 -40.19 70.36 10.28
C ASN VA 225 -40.68 71.49 9.40
N LEU VA 226 -40.61 71.30 8.09
CA LEU VA 226 -41.07 72.33 7.18
C LEU VA 226 -42.57 72.50 7.30
N LYS VA 227 -43.02 73.75 7.19
CA LYS VA 227 -44.42 74.10 7.25
C LYS VA 227 -44.82 74.76 5.94
N ASP VA 228 -45.89 74.25 5.33
CA ASP VA 228 -46.32 74.65 4.00
C ASP VA 228 -47.76 75.12 4.05
N PRO VA 229 -47.99 76.38 4.40
CA PRO VA 229 -49.32 76.93 4.32
C PRO VA 229 -49.71 77.20 2.88
N PRO VA 230 -50.99 77.44 2.60
CA PRO VA 230 -51.38 77.84 1.25
C PRO VA 230 -50.90 79.23 0.89
N LEU VA 231 -51.24 79.67 -0.32
CA LEU VA 231 -50.82 80.97 -0.83
C LEU VA 231 -51.93 81.65 -1.62
N GLY WA 43 4.75 56.78 43.51
CA GLY WA 43 3.71 57.54 42.81
C GLY WA 43 4.26 58.39 41.70
N ILE WA 44 4.49 57.77 40.56
CA ILE WA 44 5.16 58.42 39.45
C ILE WA 44 4.19 59.32 38.70
N PHE WA 45 4.70 60.44 38.22
CA PHE WA 45 3.94 61.36 37.39
C PHE WA 45 4.92 62.03 36.44
N ASN WA 46 4.93 61.57 35.20
CA ASN WA 46 5.71 62.21 34.15
C ASN WA 46 4.91 63.36 33.56
N THR WA 47 5.51 64.53 33.51
CA THR WA 47 4.87 65.70 32.92
C THR WA 47 5.90 66.51 32.16
N ARG WA 48 5.52 67.73 31.80
CA ARG WA 48 6.29 68.60 30.93
C ARG WA 48 6.12 70.03 31.40
N LEU WA 49 7.24 70.69 31.63
CA LEU WA 49 7.29 72.07 32.12
C LEU WA 49 8.10 72.91 31.16
N SER WA 50 7.62 74.10 30.88
CA SER WA 50 8.21 75.00 29.89
C SER WA 50 8.47 76.36 30.49
N ARG WA 51 9.20 77.16 29.72
CA ARG WA 51 9.70 78.46 30.13
C ARG WA 51 10.28 79.12 28.89
N THR WA 52 10.07 80.42 28.76
CA THR WA 52 10.47 81.17 27.58
C THR WA 52 11.20 82.43 27.99
N PHE WA 53 12.27 82.75 27.27
CA PHE WA 53 13.08 83.92 27.55
C PHE WA 53 13.85 84.28 26.30
N GLY WA 54 14.47 85.46 26.33
CA GLY WA 54 15.16 86.01 25.21
C GLY WA 54 16.68 85.94 25.25
N TYR WA 55 17.29 85.98 24.07
CA TYR WA 55 18.72 86.01 23.92
C TYR WA 55 19.05 86.79 22.65
N THR WA 56 19.96 87.74 22.76
CA THR WA 56 20.35 88.59 21.66
C THR WA 56 21.85 88.56 21.48
N ILE WA 57 22.28 88.51 20.23
CA ILE WA 57 23.66 88.63 19.83
C ILE WA 57 23.79 90.01 19.20
N LYS WA 58 24.40 90.94 19.94
CA LYS WA 58 24.52 92.31 19.48
C LYS WA 58 25.44 92.40 18.27
N ARG WA 59 25.27 93.48 17.52
CA ARG WA 59 26.04 93.73 16.32
C ARG WA 59 27.49 94.08 16.65
N THR WA 60 28.35 93.91 15.64
CA THR WA 60 29.76 94.24 15.76
C THR WA 60 30.25 94.83 14.44
N THR WA 61 31.07 95.87 14.54
CA THR WA 61 31.74 96.44 13.37
C THR WA 61 32.94 95.62 12.92
N VAL WA 62 33.31 94.58 13.68
CA VAL WA 62 34.44 93.73 13.30
C VAL WA 62 34.18 93.10 11.94
N LYS WA 63 35.22 93.10 11.10
CA LYS WA 63 35.09 92.56 9.75
C LYS WA 63 35.26 91.06 9.71
N THR WA 64 36.14 90.52 10.54
CA THR WA 64 36.45 89.11 10.51
C THR WA 64 35.24 88.28 10.92
N PRO WA 65 35.27 86.97 10.65
CA PRO WA 65 34.27 86.09 11.25
C PRO WA 65 34.64 85.79 12.69
N SER WA 66 33.90 86.36 13.61
CA SER WA 66 34.05 86.11 15.02
C SER WA 66 32.77 85.51 15.57
N TRP WA 67 32.90 84.78 16.67
CA TRP WA 67 31.78 84.09 17.30
C TRP WA 67 31.56 84.61 18.71
N ALA WA 68 30.29 84.56 19.11
CA ALA WA 68 29.85 84.96 20.44
C ALA WA 68 29.50 83.71 21.22
N VAL WA 69 30.17 83.51 22.34
CA VAL WA 69 30.04 82.32 23.13
C VAL WA 69 29.22 82.63 24.36
N ASP WA 70 28.36 81.69 24.76
CA ASP WA 70 27.55 81.83 25.95
C ASP WA 70 27.17 80.44 26.43
N MET WA 71 26.65 80.39 27.64
CA MET WA 71 26.31 79.17 28.33
C MET WA 71 24.82 79.14 28.65
N MET WA 72 24.35 77.95 29.05
CA MET WA 72 22.95 77.74 29.36
C MET WA 72 22.82 76.63 30.39
N ARG WA 73 22.35 76.99 31.58
CA ARG WA 73 22.03 76.05 32.64
C ARG WA 73 20.52 75.93 32.77
N PHE WA 74 20.10 74.91 33.52
CA PHE WA 74 18.69 74.63 33.73
C PHE WA 74 18.45 74.33 35.21
N ASN WA 75 17.53 75.08 35.81
CA ASN WA 75 17.10 74.86 37.18
C ASN WA 75 15.59 74.75 37.22
N ILE WA 76 15.09 73.95 38.16
CA ILE WA 76 13.66 73.69 38.26
C ILE WA 76 12.91 74.80 38.96
N ASN WA 77 13.60 75.71 39.65
CA ASN WA 77 12.91 76.84 40.25
C ASN WA 77 12.33 77.76 39.19
N ASP WA 78 12.96 77.84 38.03
CA ASP WA 78 12.50 78.69 36.95
C ASP WA 78 11.31 78.10 36.20
N PHE WA 79 11.01 76.82 36.40
CA PHE WA 79 9.88 76.16 35.78
C PHE WA 79 8.76 75.86 36.74
N LEU WA 80 9.08 75.62 38.01
CA LEU WA 80 8.11 75.24 39.03
C LEU WA 80 8.03 76.35 40.08
N PRO WA 81 6.93 77.09 40.18
CA PRO WA 81 6.90 78.17 41.15
C PRO WA 81 6.70 77.65 42.56
N PRO WA 82 6.82 78.52 43.56
CA PRO WA 82 6.47 78.11 44.92
C PRO WA 82 4.98 77.97 45.09
N GLY WA 83 4.59 77.04 45.95
CA GLY WA 83 3.20 76.77 46.18
C GLY WA 83 2.58 77.72 47.18
N GLY WA 84 1.71 77.18 48.02
CA GLY WA 84 1.06 77.98 49.03
C GLY WA 84 0.57 77.14 50.19
N GLY WA 85 0.86 77.59 51.41
CA GLY WA 85 0.43 76.89 52.59
C GLY WA 85 1.38 75.80 53.01
N SER WA 86 0.82 74.69 53.46
CA SER WA 86 1.62 73.56 53.90
C SER WA 86 2.33 72.86 52.76
N ASN WA 87 1.92 73.11 51.52
CA ASN WA 87 2.60 72.57 50.36
C ASN WA 87 3.61 73.59 49.84
N PRO WA 88 4.92 73.38 49.99
CA PRO WA 88 5.86 74.43 49.63
C PRO WA 88 5.97 74.67 48.14
N ARG WA 89 5.62 73.69 47.32
CA ARG WA 89 5.70 73.79 45.87
C ARG WA 89 4.33 73.56 45.25
N SER WA 90 4.20 73.98 44.00
CA SER WA 90 2.92 73.95 43.31
C SER WA 90 2.57 72.58 42.77
N VAL WA 91 3.57 71.74 42.53
CA VAL WA 91 3.39 70.34 42.15
C VAL WA 91 3.62 69.50 43.39
N PRO WA 92 2.61 68.87 43.98
CA PRO WA 92 2.81 68.24 45.28
C PRO WA 92 3.50 66.88 45.23
N PHE WA 93 4.81 66.93 45.07
CA PHE WA 93 5.64 65.73 45.07
C PHE WA 93 6.92 66.03 45.82
N GLU WA 94 7.59 64.96 46.24
CA GLU WA 94 8.80 65.03 47.05
C GLU WA 94 10.06 65.00 46.21
N TYR WA 95 10.16 64.01 45.33
CA TYR WA 95 11.37 63.76 44.56
C TYR WA 95 11.14 64.07 43.10
N TYR WA 96 12.24 64.25 42.38
CA TYR WA 96 12.19 64.49 40.96
C TYR WA 96 13.49 64.04 40.32
N ARG WA 97 13.44 63.89 39.00
CA ARG WA 97 14.63 63.68 38.21
C ARG WA 97 14.32 64.09 36.77
N ILE WA 98 15.17 64.92 36.21
CA ILE WA 98 14.94 65.46 34.87
C ILE WA 98 15.38 64.42 33.86
N ARG WA 99 14.46 64.03 32.99
CA ARG WA 99 14.70 63.01 31.98
C ARG WA 99 15.28 63.59 30.71
N LYS WA 100 14.69 64.67 30.20
CA LYS WA 100 15.12 65.28 28.96
C LYS WA 100 14.87 66.77 29.05
N VAL WA 101 15.56 67.50 28.17
CA VAL WA 101 15.31 68.92 27.96
C VAL WA 101 15.31 69.16 26.46
N LYS WA 102 14.43 70.06 26.03
CA LYS WA 102 14.32 70.52 24.66
C LYS WA 102 14.52 72.01 24.65
N VAL WA 103 15.65 72.44 24.15
CA VAL WA 103 15.95 73.86 23.95
C VAL WA 103 15.63 74.20 22.51
N GLU WA 104 14.77 75.20 22.33
CA GLU WA 104 14.32 75.64 21.02
C GLU WA 104 14.70 77.09 20.86
N PHE WA 105 15.54 77.36 19.87
CA PHE WA 105 15.88 78.73 19.47
C PHE WA 105 14.89 79.15 18.39
N TRP WA 106 13.87 79.87 18.80
CA TRP WA 106 12.90 80.40 17.86
C TRP WA 106 13.38 81.76 17.38
N PRO WA 107 13.63 81.95 16.09
CA PRO WA 107 14.17 83.23 15.65
C PRO WA 107 13.18 84.37 15.75
N CYS WA 108 13.74 85.57 15.84
CA CYS WA 108 12.99 86.80 15.86
C CYS WA 108 13.26 87.66 14.64
N SER WA 109 14.08 87.19 13.71
CA SER WA 109 14.60 87.97 12.62
C SER WA 109 13.91 87.57 11.31
N PRO WA 110 13.76 88.49 10.38
CA PRO WA 110 13.08 88.15 9.13
C PRO WA 110 13.94 87.28 8.24
N ILE WA 111 13.26 86.61 7.30
CA ILE WA 111 13.96 85.77 6.35
C ILE WA 111 14.71 86.56 5.29
N THR WA 112 14.55 87.88 5.25
CA THR WA 112 15.28 88.74 4.34
C THR WA 112 16.56 89.28 4.93
N GLN WA 113 16.91 88.92 6.16
CA GLN WA 113 18.07 89.48 6.81
C GLN WA 113 19.33 88.83 6.23
N GLY WA 114 20.31 89.67 5.91
CA GLY WA 114 21.56 89.21 5.35
C GLY WA 114 22.64 89.08 6.38
N ASP WA 115 23.87 89.00 5.89
CA ASP WA 115 25.05 88.78 6.72
C ASP WA 115 24.88 87.50 7.54
N ARG WA 116 24.37 86.47 6.88
CA ARG WA 116 24.11 85.21 7.54
C ARG WA 116 25.42 84.57 8.01
N GLY WA 117 25.26 83.56 8.86
CA GLY WA 117 26.38 82.95 9.52
C GLY WA 117 26.15 81.50 9.85
N VAL WA 118 27.09 80.91 10.57
CA VAL WA 118 27.03 79.50 10.91
C VAL WA 118 27.71 79.30 12.26
N GLY WA 119 27.00 78.65 13.17
CA GLY WA 119 27.45 78.44 14.52
C GLY WA 119 27.37 77.00 14.95
N SER WA 120 27.41 76.79 16.26
CA SER WA 120 27.47 75.44 16.80
C SER WA 120 26.89 75.43 18.20
N SER WA 121 26.14 74.37 18.51
CA SER WA 121 25.62 74.12 19.84
C SER WA 121 26.09 72.74 20.30
N ALA WA 122 26.66 72.68 21.49
CA ALA WA 122 27.21 71.46 22.05
C ALA WA 122 26.64 71.23 23.44
N VAL WA 123 26.75 69.98 23.88
CA VAL WA 123 26.19 69.51 25.14
C VAL WA 123 27.33 69.38 26.14
N ILE WA 124 27.23 70.11 27.25
CA ILE WA 124 28.31 70.25 28.22
C ILE WA 124 27.74 69.88 29.58
N LEU WA 125 28.00 68.66 30.02
CA LEU WA 125 27.35 68.09 31.19
C LEU WA 125 28.14 68.23 32.48
N ASP WA 126 28.99 69.27 32.62
CA ASP WA 126 29.92 69.33 33.73
C ASP WA 126 30.17 70.71 34.32
N ASP WA 127 29.51 71.76 33.86
CA ASP WA 127 29.60 73.08 34.47
C ASP WA 127 30.97 73.70 34.27
N ASN WA 128 31.67 73.33 33.20
CA ASN WA 128 32.90 74.00 32.79
C ASN WA 128 32.73 74.27 31.30
N PHE WA 129 32.19 75.44 31.01
CA PHE WA 129 31.95 75.91 29.67
C PHE WA 129 33.17 76.68 29.15
N VAL WA 130 33.22 76.83 27.83
CA VAL WA 130 34.14 77.80 27.26
C VAL WA 130 33.76 79.17 27.78
N THR WA 131 34.77 79.98 28.06
CA THR WA 131 34.55 81.28 28.67
C THR WA 131 33.66 82.13 27.77
N LYS WA 132 32.77 82.89 28.40
CA LYS WA 132 31.89 83.76 27.65
C LYS WA 132 32.70 84.83 26.92
N ALA WA 133 32.44 84.97 25.63
CA ALA WA 133 33.18 85.86 24.76
C ALA WA 133 32.21 86.61 23.87
N THR WA 134 32.59 87.82 23.51
CA THR WA 134 31.81 88.66 22.63
C THR WA 134 32.17 88.43 21.16
N ALA WA 135 33.47 88.47 20.85
CA ALA WA 135 33.96 88.26 19.49
C ALA WA 135 35.23 87.41 19.59
N LEU WA 136 35.05 86.10 19.57
CA LEU WA 136 36.16 85.16 19.55
C LEU WA 136 36.46 84.76 18.11
N THR WA 137 37.75 84.59 17.82
CA THR WA 137 38.23 84.39 16.47
C THR WA 137 37.98 82.99 15.92
N TYR WA 138 37.23 82.15 16.61
CA TYR WA 138 36.97 80.80 16.15
C TYR WA 138 35.74 80.28 16.88
N ASP WA 139 35.21 79.17 16.36
CA ASP WA 139 34.08 78.48 16.95
C ASP WA 139 34.61 77.37 17.86
N PRO WA 140 34.56 77.51 19.18
CA PRO WA 140 35.15 76.48 20.03
C PRO WA 140 34.37 75.18 20.01
N TYR WA 141 33.07 75.24 19.84
CA TYR WA 141 32.21 74.07 19.93
C TYR WA 141 32.07 73.35 18.59
N VAL WA 142 32.96 73.62 17.64
CA VAL WA 142 32.78 73.09 16.29
C VAL WA 142 33.25 71.65 16.21
N ASN WA 143 34.35 71.31 16.88
CA ASN WA 143 34.89 69.98 16.81
C ASN WA 143 34.35 69.06 17.90
N TYR WA 144 33.39 69.54 18.69
CA TYR WA 144 32.77 68.71 19.70
C TYR WA 144 31.93 67.62 19.07
N SER WA 145 31.96 66.44 19.70
CA SER WA 145 31.20 65.31 19.22
C SER WA 145 29.70 65.54 19.26
N SER WA 146 29.23 66.46 20.11
CA SER WA 146 27.84 66.78 20.23
C SER WA 146 27.48 68.09 19.53
N ARG WA 147 28.27 68.48 18.54
CA ARG WA 147 28.01 69.72 17.83
C ARG WA 147 26.90 69.52 16.82
N HIS WA 148 25.95 70.43 16.84
CA HIS WA 148 24.96 70.60 15.78
C HIS WA 148 25.15 71.99 15.21
N THR WA 149 25.07 72.09 13.90
CA THR WA 149 25.24 73.37 13.23
C THR WA 149 24.03 74.26 13.47
N ILE WA 150 24.31 75.52 13.77
CA ILE WA 150 23.29 76.55 13.89
C ILE WA 150 23.40 77.40 12.64
N THR WA 151 22.39 77.29 11.78
CA THR WA 151 22.20 78.27 10.73
C THR WA 151 21.57 79.52 11.32
N GLN WA 152 22.09 80.67 10.92
CA GLN WA 152 21.70 81.96 11.45
C GLN WA 152 21.25 82.85 10.30
N PRO WA 153 20.44 83.88 10.59
CA PRO WA 153 19.75 84.27 11.82
C PRO WA 153 18.31 83.83 11.92
N PHE WA 154 17.72 83.42 10.81
CA PHE WA 154 16.29 83.22 10.70
C PHE WA 154 15.90 81.75 10.67
N SER WA 155 16.69 80.90 11.30
CA SER WA 155 16.49 79.47 11.25
C SER WA 155 16.30 78.91 12.64
N TYR WA 156 15.46 77.90 12.73
CA TYR WA 156 15.12 77.24 13.97
C TYR WA 156 16.16 76.18 14.31
N HIS WA 157 16.49 76.10 15.59
CA HIS WA 157 17.48 75.17 16.11
C HIS WA 157 16.93 74.53 17.36
N SER WA 158 16.85 73.21 17.36
CA SER WA 158 16.41 72.43 18.52
C SER WA 158 17.53 71.51 18.97
N ARG WA 159 17.56 71.27 20.28
CA ARG WA 159 18.48 70.30 20.89
C ARG WA 159 17.71 69.55 21.94
N TYR WA 160 17.73 68.23 21.85
CA TYR WA 160 16.99 67.33 22.74
C TYR WA 160 17.98 66.36 23.35
N PHE WA 161 18.15 66.45 24.66
CA PHE WA 161 19.19 65.71 25.34
C PHE WA 161 18.79 65.50 26.80
N THR WA 162 19.61 64.75 27.50
CA THR WA 162 19.42 64.41 28.90
C THR WA 162 20.43 65.17 29.75
N PRO WA 163 20.02 66.14 30.56
CA PRO WA 163 21.01 66.88 31.35
C PRO WA 163 21.49 66.09 32.54
N LYS WA 164 22.41 66.66 33.29
CA LYS WA 164 22.99 66.05 34.47
C LYS WA 164 23.07 67.09 35.57
N PRO WA 165 22.86 66.70 36.82
CA PRO WA 165 22.95 67.67 37.90
C PRO WA 165 24.36 67.90 38.38
N VAL WA 166 24.55 69.06 38.99
CA VAL WA 166 25.84 69.49 39.51
C VAL WA 166 25.88 69.04 40.97
N LEU WA 167 26.35 67.82 41.17
CA LEU WA 167 26.47 67.27 42.52
C LEU WA 167 27.73 67.75 43.22
N ASP WA 168 28.86 67.75 42.52
CA ASP WA 168 30.11 68.27 43.04
C ASP WA 168 30.80 69.02 41.91
N SER WA 169 30.83 70.35 42.02
CA SER WA 169 31.48 71.16 41.01
C SER WA 169 33.00 71.05 41.04
N THR WA 170 33.56 70.55 42.14
CA THR WA 170 35.01 70.39 42.24
C THR WA 170 35.49 69.20 41.42
N ILE WA 171 34.75 68.11 41.43
CA ILE WA 171 35.12 66.87 40.78
C ILE WA 171 34.38 66.75 39.45
N ASP WA 172 33.14 67.23 39.43
CA ASP WA 172 32.32 67.27 38.23
C ASP WA 172 32.11 65.86 37.68
N TYR WA 173 31.43 65.03 38.45
CA TYR WA 173 31.09 63.68 38.07
C TYR WA 173 29.61 63.59 37.71
N PHE WA 174 29.30 62.71 36.76
CA PHE WA 174 27.93 62.52 36.34
C PHE WA 174 27.74 61.09 35.88
N GLN WA 175 26.53 60.72 35.78
CA GLN WA 175 26.11 59.38 35.42
C GLN WA 175 25.90 59.26 33.92
N PRO WA 176 26.12 58.09 33.34
CA PRO WA 176 25.66 57.88 31.97
C PRO WA 176 24.16 57.72 31.88
N ASN WA 177 23.65 57.66 30.66
CA ASN WA 177 22.22 57.63 30.45
C ASN WA 177 21.68 56.26 30.79
N ASN WA 178 20.81 56.21 31.81
CA ASN WA 178 20.16 54.97 32.20
C ASN WA 178 18.86 55.39 32.88
N LYS WA 179 17.73 55.05 32.27
CA LYS WA 179 16.47 55.46 32.83
C LYS WA 179 16.20 54.78 34.16
N ARG WA 180 16.71 53.57 34.34
CA ARG WA 180 16.40 52.79 35.53
C ARG WA 180 17.28 53.16 36.71
N ASN WA 181 18.48 53.68 36.45
CA ASN WA 181 19.46 53.97 37.49
C ASN WA 181 19.64 55.46 37.74
N GLN WA 182 18.88 56.32 37.08
CA GLN WA 182 19.03 57.74 37.27
C GLN WA 182 18.64 58.14 38.67
N LEU WA 183 19.47 58.99 39.28
CA LEU WA 183 19.26 59.42 40.64
C LEU WA 183 18.00 60.24 40.78
N TRP WA 184 17.34 60.07 41.91
CA TRP WA 184 16.24 60.92 42.33
C TRP WA 184 16.80 62.02 43.22
N LEU WA 185 16.53 63.25 42.86
CA LEU WA 185 16.82 64.40 43.70
C LEU WA 185 15.58 64.79 44.46
N ARG WA 186 15.78 65.62 45.48
CA ARG WA 186 14.69 66.18 46.24
C ARG WA 186 14.26 67.50 45.65
N LEU WA 187 12.95 67.69 45.58
CA LEU WA 187 12.36 68.95 45.18
C LEU WA 187 12.39 69.88 46.39
N GLN WA 188 13.46 70.67 46.48
CA GLN WA 188 13.65 71.59 47.57
C GLN WA 188 12.63 72.73 47.48
N THR WA 189 12.63 73.55 48.52
CA THR WA 189 11.70 74.67 48.58
C THR WA 189 12.20 75.85 47.76
N ALA WA 190 13.43 76.31 48.01
CA ALA WA 190 14.00 77.43 47.27
C ALA WA 190 15.48 77.27 46.95
N GLY WA 191 15.99 76.04 46.89
CA GLY WA 191 17.42 75.81 46.76
C GLY WA 191 17.81 74.66 45.86
N ASN WA 192 17.02 74.41 44.83
CA ASN WA 192 17.28 73.28 43.96
C ASN WA 192 18.60 73.45 43.21
N VAL WA 193 19.14 72.33 42.77
CA VAL WA 193 20.47 72.26 42.17
C VAL WA 193 20.37 72.52 40.68
N ASP WA 194 21.40 73.15 40.14
CA ASP WA 194 21.40 73.52 38.73
C ASP WA 194 21.77 72.32 37.88
N HIS WA 195 20.95 72.07 36.87
CA HIS WA 195 21.28 71.13 35.82
C HIS WA 195 21.95 71.86 34.67
N VAL WA 196 22.72 71.12 33.89
CA VAL WA 196 23.65 71.69 32.95
C VAL WA 196 23.65 70.83 31.70
N GLY WA 197 24.19 71.37 30.61
CA GLY WA 197 24.12 70.65 29.36
C GLY WA 197 24.00 71.37 28.04
N LEU WA 198 24.16 72.69 27.96
CA LEU WA 198 24.23 73.31 26.65
C LEU WA 198 25.13 74.53 26.61
N GLY WA 199 25.96 74.57 25.60
CA GLY WA 199 26.75 75.74 25.28
C GLY WA 199 26.69 76.03 23.80
N THR WA 200 26.75 77.32 23.47
CA THR WA 200 26.49 77.80 22.13
C THR WA 200 27.62 78.68 21.65
N ALA WA 201 27.66 78.84 20.33
CA ALA WA 201 28.57 79.78 19.67
C ALA WA 201 27.87 80.33 18.45
N PHE WA 202 27.53 81.61 18.49
CA PHE WA 202 26.85 82.29 17.42
C PHE WA 202 27.80 83.22 16.69
N GLU WA 203 27.74 83.19 15.37
CA GLU WA 203 28.57 84.06 14.55
C GLU WA 203 27.97 85.45 14.53
N ASN WA 204 28.80 86.44 14.83
CA ASN WA 204 28.34 87.81 14.92
C ASN WA 204 28.01 88.36 13.54
N SER WA 205 27.33 89.50 13.53
CA SER WA 205 26.80 90.08 12.32
C SER WA 205 26.71 91.60 12.48
N ILE WA 206 26.49 92.28 11.35
CA ILE WA 206 26.29 93.71 11.37
C ILE WA 206 24.96 94.06 12.01
N TYR WA 207 23.98 93.18 11.90
CA TYR WA 207 22.66 93.38 12.46
C TYR WA 207 22.51 92.58 13.75
N ASP WA 208 21.59 93.04 14.59
CA ASP WA 208 21.31 92.33 15.83
C ASP WA 208 20.50 91.08 15.54
N GLN WA 209 20.91 89.98 16.17
CA GLN WA 209 20.25 88.68 16.03
C GLN WA 209 19.56 88.35 17.34
N GLU WA 210 18.23 88.41 17.35
CA GLU WA 210 17.44 88.12 18.52
C GLU WA 210 16.80 86.75 18.41
N TYR WA 211 16.58 86.12 19.55
CA TYR WA 211 15.98 84.81 19.66
C TYR WA 211 15.06 84.77 20.87
N ASN WA 212 13.99 84.00 20.74
CA ASN WA 212 13.11 83.65 21.86
C ASN WA 212 13.36 82.19 22.17
N ILE WA 213 13.99 81.91 23.30
CA ILE WA 213 14.41 80.57 23.64
C ILE WA 213 13.36 79.95 24.56
N ARG WA 214 12.84 78.81 24.14
CA ARG WA 214 11.83 78.06 24.90
C ARG WA 214 12.46 76.75 25.35
N VAL WA 215 12.66 76.62 26.65
CA VAL WA 215 13.18 75.41 27.26
C VAL WA 215 12.01 74.63 27.81
N THR WA 216 11.98 73.34 27.48
CA THR WA 216 10.96 72.42 27.94
C THR WA 216 11.67 71.27 28.65
N MET WA 217 11.37 71.10 29.93
CA MET WA 217 11.92 70.01 30.72
C MET WA 217 10.89 68.93 30.92
N TYR WA 218 11.28 67.70 30.60
CA TYR WA 218 10.45 66.52 30.80
C TYR WA 218 10.90 65.85 32.09
N VAL WA 219 10.08 65.97 33.12
CA VAL WA 219 10.46 65.59 34.47
C VAL WA 219 9.63 64.40 34.90
N GLN WA 220 10.06 63.78 36.00
CA GLN WA 220 9.42 62.60 36.56
C GLN WA 220 9.47 62.75 38.06
N PHE WA 221 8.31 62.88 38.68
CA PHE WA 221 8.18 63.07 40.11
C PHE WA 221 7.85 61.76 40.80
N ARG WA 222 7.86 61.79 42.13
CA ARG WA 222 7.64 60.61 42.94
C ARG WA 222 7.13 61.04 44.30
N GLU WA 223 6.31 60.18 44.90
CA GLU WA 223 5.83 60.32 46.28
C GLU WA 223 5.01 61.60 46.45
N PHE WA 224 3.82 61.55 45.85
CA PHE WA 224 2.74 62.48 46.12
C PHE WA 224 2.60 62.75 47.59
N ASN WA 225 2.72 64.01 47.99
CA ASN WA 225 2.83 64.40 49.39
C ASN WA 225 1.94 65.56 49.73
N LEU WA 226 0.71 65.55 49.23
CA LEU WA 226 -0.20 66.63 49.51
C LEU WA 226 -0.56 66.65 50.98
N LYS WA 227 -0.71 67.85 51.52
CA LYS WA 227 -1.08 68.06 52.91
C LYS WA 227 -2.39 68.83 52.96
N ASP WA 228 -3.35 68.30 53.70
CA ASP WA 228 -4.72 68.82 53.73
C ASP WA 228 -5.09 69.15 55.17
N PRO WA 229 -4.72 70.33 55.66
CA PRO WA 229 -5.19 70.75 56.97
C PRO WA 229 -6.66 71.17 56.91
N PRO WA 230 -7.31 71.31 58.06
CA PRO WA 230 -8.68 71.83 58.05
C PRO WA 230 -8.75 73.30 57.67
N LEU WA 231 -9.96 73.85 57.67
CA LEU WA 231 -10.18 75.23 57.27
C LEU WA 231 -11.24 75.89 58.16
N GLY XA 43 47.29 51.86 15.71
CA GLY XA 43 46.37 52.59 16.56
C GLY XA 43 45.57 53.62 15.81
N ILE XA 44 44.51 53.17 15.17
CA ILE XA 44 43.72 53.99 14.27
C ILE XA 44 42.79 54.88 15.07
N PHE XA 45 42.60 56.10 14.56
CA PHE XA 45 41.64 57.04 15.15
C PHE XA 45 41.11 57.90 14.01
N ASN XA 46 39.90 57.59 13.56
CA ASN XA 46 39.22 58.41 12.58
C ASN XA 46 38.50 59.55 13.30
N THR XA 47 38.75 60.77 12.85
CA THR XA 47 38.10 61.94 13.39
C THR XA 47 37.76 62.92 12.28
N ARG XA 48 37.42 64.14 12.68
CA ARG XA 48 36.91 65.16 11.79
C ARG XA 48 37.43 66.51 12.25
N LEU XA 49 38.06 67.23 11.34
CA LEU XA 49 38.65 68.53 11.60
C LEU XA 49 38.07 69.54 10.63
N SER XA 50 37.76 70.73 11.14
CA SER XA 50 37.10 71.77 10.38
C SER XA 50 37.87 73.07 10.49
N ARG XA 51 37.45 74.02 9.65
CA ARG XA 51 38.09 75.30 9.44
C ARG XA 51 37.16 76.14 8.60
N THR XA 52 37.09 77.43 8.91
CA THR XA 52 36.16 78.35 8.26
C THR XA 52 36.89 79.60 7.84
N PHE XA 53 36.57 80.09 6.64
CA PHE XA 53 37.19 81.27 6.10
C PHE XA 53 36.28 81.85 5.03
N GLY XA 54 36.61 83.06 4.59
CA GLY XA 54 35.80 83.80 3.65
C GLY XA 54 36.32 83.84 2.23
N TYR XA 55 35.41 84.07 1.30
CA TYR XA 55 35.72 84.24 -0.11
C TYR XA 55 34.68 85.19 -0.71
N THR XA 56 35.17 86.19 -1.43
CA THR XA 56 34.31 87.20 -2.03
C THR XA 56 34.61 87.32 -3.52
N ILE XA 57 33.56 87.45 -4.31
CA ILE XA 57 33.63 87.73 -5.73
C ILE XA 57 33.20 89.18 -5.88
N LYS XA 58 34.17 90.06 -6.12
CA LYS XA 58 33.89 91.47 -6.22
C LYS XA 58 33.05 91.79 -7.45
N ARG XA 59 32.37 92.93 -7.39
CA ARG XA 59 31.50 93.38 -8.45
C ARG XA 59 32.30 93.81 -9.68
N THR XA 60 31.61 93.84 -10.82
CA THR XA 60 32.18 94.26 -12.08
C THR XA 60 31.14 95.03 -12.88
N THR XA 61 31.58 96.13 -13.51
CA THR XA 61 30.75 96.88 -14.42
C THR XA 61 30.62 96.21 -15.79
N VAL XA 62 31.35 95.13 -16.03
CA VAL XA 62 31.28 94.43 -17.31
C VAL XA 62 29.87 93.94 -17.55
N LYS XA 63 29.40 94.12 -18.79
CA LYS XA 63 28.04 93.75 -19.14
C LYS XA 63 27.91 92.28 -19.49
N THR XA 64 28.92 91.71 -20.12
CA THR XA 64 28.87 90.34 -20.59
C THR XA 64 28.80 89.38 -19.41
N PRO XA 65 28.45 88.12 -19.68
CA PRO XA 65 28.62 87.10 -18.65
C PRO XA 65 30.07 86.65 -18.60
N SER XA 66 30.77 87.06 -17.55
CA SER XA 66 32.13 86.65 -17.29
C SER XA 66 32.18 85.87 -15.98
N TRP XA 67 33.20 85.05 -15.85
CA TRP XA 67 33.39 84.20 -14.69
C TRP XA 67 34.70 84.52 -13.99
N ALA XA 68 34.67 84.33 -12.67
CA ALA XA 68 35.82 84.52 -11.81
C ALA XA 68 36.34 83.16 -11.38
N VAL XA 69 37.59 82.90 -11.71
CA VAL XA 69 38.20 81.60 -11.47
C VAL XA 69 39.14 81.69 -10.28
N ASP XA 70 39.15 80.65 -9.48
CA ASP XA 70 40.03 80.58 -8.32
C ASP XA 70 40.24 79.11 -7.98
N MET XA 71 41.23 78.89 -7.12
CA MET XA 71 41.67 77.57 -6.72
C MET XA 71 41.50 77.37 -5.23
N MET XA 72 41.63 76.12 -4.80
CA MET XA 72 41.46 75.76 -3.40
C MET XA 72 42.29 74.53 -3.09
N ARG XA 73 43.30 74.70 -2.25
CA ARG XA 73 44.13 73.62 -1.72
C ARG XA 73 43.77 73.36 -0.27
N PHE XA 74 44.25 72.23 0.25
CA PHE XA 74 43.99 71.81 1.61
C PHE XA 74 45.27 71.33 2.25
N ASN XA 75 45.62 71.92 3.38
CA ASN XA 75 46.76 71.50 4.18
C ASN XA 75 46.31 71.27 5.61
N ILE XA 76 46.98 70.32 6.27
CA ILE XA 76 46.61 69.93 7.62
C ILE XA 76 47.14 70.89 8.67
N ASN XA 77 48.07 71.77 8.34
CA ASN XA 77 48.52 72.76 9.30
C ASN XA 77 47.42 73.74 9.63
N ASP XA 78 46.53 74.01 8.69
CA ASP XA 78 45.43 74.94 8.89
C ASP XA 78 44.30 74.35 9.72
N PHE XA 79 44.30 73.04 9.92
CA PHE XA 79 43.29 72.36 10.73
C PHE XA 79 43.82 71.86 12.05
N LEU XA 80 45.10 71.50 12.10
CA LEU XA 80 45.73 70.93 13.28
C LEU XA 80 46.80 71.88 13.81
N PRO XA 81 46.61 72.52 14.96
CA PRO XA 81 47.61 73.47 15.41
C PRO XA 81 48.83 72.77 15.97
N PRO XA 82 49.89 73.52 16.25
CA PRO XA 82 51.03 72.92 16.95
C PRO XA 82 50.71 72.65 18.39
N GLY XA 83 51.32 71.60 18.92
CA GLY XA 83 51.08 71.19 20.28
C GLY XA 83 51.92 71.96 21.27
N GLY XA 84 52.39 71.26 22.29
CA GLY XA 84 53.21 71.86 23.30
C GLY XA 84 54.07 70.86 24.02
N GLY XA 85 55.35 71.19 24.16
CA GLY XA 85 56.28 70.32 24.85
C GLY XA 85 56.88 69.27 23.95
N SER XA 86 57.02 68.06 24.50
CA SER XA 86 57.61 66.96 23.74
C SER XA 86 56.68 66.47 22.64
N ASN XA 87 55.41 66.82 22.68
CA ASN XA 87 54.47 66.48 21.62
C ASN XA 87 54.40 67.64 20.64
N PRO XA 88 54.93 67.51 19.42
CA PRO XA 88 54.96 68.68 18.54
C PRO XA 88 53.62 69.10 18.00
N ARG XA 89 52.64 68.20 17.98
CA ARG XA 89 51.31 68.48 17.48
C ARG XA 89 50.27 68.21 18.56
N SER XA 90 49.08 68.77 18.34
CA SER XA 90 48.03 68.72 19.35
C SER XA 90 47.29 67.39 19.35
N VAL XA 91 47.30 66.68 18.23
CA VAL XA 91 46.76 65.32 18.13
C VAL XA 91 47.94 64.36 18.18
N PRO XA 92 48.12 63.59 19.26
CA PRO XA 92 49.37 62.82 19.39
C PRO XA 92 49.41 61.54 18.57
N PHE XA 93 49.67 61.71 17.28
CA PHE XA 93 49.82 60.60 16.36
C PHE XA 93 50.97 60.90 15.42
N GLU XA 94 51.48 59.85 14.79
CA GLU XA 94 52.63 59.93 13.90
C GLU XA 94 52.23 60.09 12.44
N TYR XA 95 51.35 59.24 11.97
CA TYR XA 95 50.97 59.16 10.57
C TYR XA 95 49.54 59.63 10.37
N TYR XA 96 49.23 59.98 9.13
CA TYR XA 96 47.89 60.39 8.78
C TYR XA 96 47.65 60.13 7.31
N ARG XA 97 46.38 60.13 6.94
CA ARG XA 97 45.98 60.11 5.54
C ARG XA 97 44.57 60.66 5.45
N ILE XA 98 44.37 61.62 4.57
CA ILE XA 98 43.09 62.30 4.45
C ILE XA 98 42.17 61.43 3.61
N ARG XA 99 41.02 61.07 4.17
CA ARG XA 99 40.07 60.19 3.52
C ARG XA 99 39.10 60.96 2.63
N LYS XA 100 38.53 62.05 3.16
CA LYS XA 100 37.53 62.83 2.46
C LYS XA 100 37.66 64.28 2.89
N VAL XA 101 37.12 65.16 2.06
CA VAL XA 101 36.96 66.57 2.39
C VAL XA 101 35.57 66.99 1.96
N LYS XA 102 34.97 67.85 2.78
CA LYS XA 102 33.67 68.46 2.52
C LYS XA 102 33.86 69.96 2.49
N VAL XA 103 33.78 70.54 1.31
CA VAL XA 103 33.81 71.98 1.14
C VAL XA 103 32.38 72.47 1.04
N GLU XA 104 32.02 73.41 1.91
CA GLU XA 104 30.68 73.96 2.00
C GLU XA 104 30.77 75.46 1.74
N PHE XA 105 30.12 75.91 0.68
CA PHE XA 105 29.97 77.33 0.40
C PHE XA 105 28.68 77.79 1.05
N TRP XA 106 28.82 78.38 2.23
CA TRP XA 106 27.67 78.94 2.92
C TRP XA 106 27.49 80.39 2.48
N PRO XA 107 26.35 80.75 1.88
CA PRO XA 107 26.22 82.11 1.37
C PRO XA 107 26.11 83.13 2.48
N CYS XA 108 26.48 84.35 2.10
CA CYS XA 108 26.37 85.52 2.96
C CYS XA 108 25.37 86.53 2.43
N SER XA 109 24.71 86.24 1.33
CA SER XA 109 23.91 87.18 0.59
C SER XA 109 22.42 86.89 0.80
N PRO XA 110 21.57 87.90 0.76
CA PRO XA 110 20.15 87.66 0.99
C PRO XA 110 19.49 86.97 -0.19
N ILE XA 111 18.34 86.37 0.09
CA ILE XA 111 17.59 85.70 -0.97
C ILE XA 111 16.89 86.67 -1.90
N THR XA 112 16.92 87.97 -1.61
CA THR XA 112 16.36 88.99 -2.47
C THR XA 112 17.37 89.55 -3.45
N GLN XA 113 18.61 89.08 -3.44
CA GLN XA 113 19.64 89.65 -4.29
C GLN XA 113 19.42 89.19 -5.72
N GLY XA 114 19.51 90.13 -6.66
CA GLY XA 114 19.33 89.85 -8.05
C GLY XA 114 20.64 89.69 -8.78
N ASP XA 115 20.55 89.76 -10.12
CA ASP XA 115 21.68 89.53 -10.99
C ASP XA 115 22.29 88.16 -10.72
N ARG XA 116 21.41 87.17 -10.56
CA ARG XA 116 21.85 85.83 -10.27
C ARG XA 116 22.65 85.25 -11.43
N GLY XA 117 23.32 84.15 -11.13
CA GLY XA 117 24.24 83.55 -12.08
C GLY XA 117 24.35 82.05 -11.92
N VAL XA 118 25.27 81.46 -12.66
CA VAL XA 118 25.45 80.02 -12.65
C VAL XA 118 26.92 79.72 -12.91
N GLY XA 119 27.50 78.92 -12.04
CA GLY XA 119 28.91 78.58 -12.09
C GLY XA 119 29.16 77.10 -12.04
N SER XA 120 30.39 76.73 -11.71
CA SER XA 120 30.80 75.34 -11.75
C SER XA 120 31.95 75.12 -10.78
N SER XA 121 31.91 73.97 -10.10
CA SER XA 121 32.98 73.51 -9.23
C SER XA 121 33.43 72.15 -9.70
N ALA XA 122 34.75 71.99 -9.88
CA ALA XA 122 35.33 70.77 -10.36
C ALA XA 122 36.46 70.32 -9.44
N VAL XA 123 36.79 69.04 -9.55
CA VAL XA 123 37.77 68.39 -8.69
C VAL XA 123 39.07 68.22 -9.48
N ILE XA 124 40.14 68.80 -8.96
CA ILE XA 124 41.41 68.92 -9.67
C ILE XA 124 42.49 68.34 -8.76
N LEU XA 125 42.88 67.11 -9.01
CA LEU XA 125 43.72 66.34 -8.11
C LEU XA 125 45.20 66.40 -8.46
N ASP XA 126 45.69 67.48 -9.09
CA ASP XA 126 47.05 67.49 -9.62
C ASP XA 126 47.80 68.81 -9.53
N ASP XA 127 47.24 69.84 -8.93
CA ASP XA 127 47.97 71.08 -8.67
C ASP XA 127 48.27 71.84 -9.97
N ASN XA 128 47.44 71.65 -10.99
CA ASN XA 128 47.50 72.46 -12.21
C ASN XA 128 46.07 72.89 -12.47
N PHE XA 129 45.73 74.04 -11.91
CA PHE XA 129 44.42 74.65 -12.04
C PHE XA 129 44.38 75.56 -13.25
N VAL XA 130 43.17 75.88 -13.68
CA VAL XA 130 42.98 76.98 -14.62
C VAL XA 130 43.49 78.24 -13.94
N THR XA 131 44.14 79.09 -14.72
CA THR XA 131 44.76 80.28 -14.18
C THR XA 131 43.70 81.17 -13.52
N LYS XA 132 44.08 81.76 -12.39
CA LYS XA 132 43.18 82.65 -11.69
C LYS XA 132 42.84 83.85 -12.55
N ALA XA 133 41.55 84.13 -12.68
CA ALA XA 133 41.04 85.17 -13.54
C ALA XA 133 39.95 85.94 -12.81
N THR XA 134 39.84 87.22 -13.14
CA THR XA 134 38.82 88.09 -12.57
C THR XA 134 37.54 88.06 -13.39
N ALA XA 135 37.66 88.25 -14.70
CA ALA XA 135 36.51 88.24 -15.61
C ALA XA 135 36.92 87.50 -16.87
N LEU XA 136 36.73 86.18 -16.87
CA LEU XA 136 36.98 85.34 -18.02
C LEU XA 136 35.69 85.14 -18.80
N THR XA 137 35.80 85.11 -20.11
CA THR XA 137 34.65 85.11 -21.01
C THR XA 137 33.92 83.78 -21.09
N TYR XA 138 34.28 82.80 -20.28
CA TYR XA 138 33.64 81.50 -20.32
C TYR XA 138 33.89 80.79 -19.00
N ASP XA 139 33.14 79.71 -18.78
CA ASP XA 139 33.29 78.87 -17.61
C ASP XA 139 34.21 77.72 -17.96
N PRO XA 140 35.46 77.69 -17.49
CA PRO XA 140 36.36 76.61 -17.92
C PRO XA 140 35.99 75.27 -17.35
N TYR XA 141 35.42 75.24 -16.14
CA TYR XA 141 35.12 74.01 -15.45
C TYR XA 141 33.76 73.44 -15.80
N VAL XA 142 33.16 73.89 -16.90
CA VAL XA 142 31.79 73.51 -17.20
C VAL XA 142 31.72 72.13 -17.82
N ASN XA 143 32.66 71.81 -18.70
CA ASN XA 143 32.67 70.54 -19.39
C ASN XA 143 33.45 69.46 -18.65
N TYR XA 144 33.93 69.76 -17.45
CA TYR XA 144 34.62 68.77 -16.66
C TYR XA 144 33.67 67.70 -16.18
N SER XA 145 34.17 66.46 -16.14
CA SER XA 145 33.37 65.33 -15.72
C SER XA 145 32.98 65.43 -14.25
N SER XA 146 33.70 66.20 -13.45
CA SER XA 146 33.40 66.40 -12.05
C SER XA 146 32.74 67.74 -11.77
N ARG XA 147 32.09 68.31 -12.77
CA ARG XA 147 31.45 69.60 -12.60
C ARG XA 147 30.13 69.43 -11.88
N HIS XA 148 29.92 70.26 -10.87
CA HIS XA 148 28.63 70.47 -10.24
C HIS XA 148 28.27 71.92 -10.43
N THR XA 149 27.01 72.18 -10.74
CA THR XA 149 26.55 73.54 -10.96
C THR XA 149 26.48 74.29 -9.64
N ILE XA 150 26.95 75.52 -9.67
CA ILE XA 150 26.84 76.45 -8.55
C ILE XA 150 25.76 77.45 -8.94
N THR XA 151 24.62 77.36 -8.27
CA THR XA 151 23.65 78.43 -8.28
C THR XA 151 24.12 79.55 -7.37
N GLN XA 152 24.01 80.77 -7.86
CA GLN XA 152 24.49 81.96 -7.17
C GLN XA 152 23.36 82.94 -6.99
N PRO XA 153 23.46 83.85 -6.01
CA PRO XA 153 24.45 84.05 -4.96
C PRO XA 153 24.06 83.48 -3.61
N PHE XA 154 22.78 83.15 -3.44
CA PHE XA 154 22.20 82.86 -2.14
C PHE XA 154 21.93 81.37 -1.94
N SER XA 155 22.70 80.52 -2.59
CA SER XA 155 22.45 79.09 -2.59
C SER XA 155 23.66 78.35 -2.06
N TYR XA 156 23.40 77.27 -1.34
CA TYR XA 156 24.42 76.45 -0.73
C TYR XA 156 24.97 75.45 -1.72
N HIS XA 157 26.27 75.24 -1.66
CA HIS XA 157 26.99 74.33 -2.54
C HIS XA 157 27.95 73.51 -1.72
N SER XA 158 27.81 72.20 -1.79
CA SER XA 158 28.69 71.26 -1.11
C SER XA 158 29.39 70.40 -2.14
N ARG XA 159 30.61 69.99 -1.81
CA ARG XA 159 31.39 69.04 -2.60
C ARG XA 159 32.08 68.10 -1.63
N TYR XA 160 31.89 66.81 -1.83
CA TYR XA 160 32.41 65.77 -0.97
C TYR XA 160 33.23 64.81 -1.82
N PHE XA 161 34.52 64.74 -1.57
CA PHE XA 161 35.43 64.01 -2.44
C PHE XA 161 36.65 63.62 -1.64
N THR XA 162 37.52 62.85 -2.29
CA THR XA 162 38.75 62.34 -1.73
C THR XA 162 39.94 63.06 -2.34
N PRO XA 163 40.66 63.90 -1.60
CA PRO XA 163 41.78 64.61 -2.21
C PRO XA 163 42.98 63.73 -2.39
N LYS XA 164 44.04 64.29 -2.97
CA LYS XA 164 45.27 63.58 -3.24
C LYS XA 164 46.43 64.48 -2.85
N PRO XA 165 47.52 63.94 -2.31
CA PRO XA 165 48.66 64.78 -1.96
C PRO XA 165 49.57 65.07 -3.13
N VAL XA 166 50.31 66.16 -2.98
CA VAL XA 166 51.25 66.62 -4.00
C VAL XA 166 52.59 66.01 -3.65
N LEU XA 167 52.84 64.82 -4.17
CA LEU XA 167 54.08 64.12 -3.93
C LEU XA 167 55.18 64.61 -4.86
N ASP XA 168 54.88 64.79 -6.14
CA ASP XA 168 55.81 65.35 -7.10
C ASP XA 168 55.02 66.28 -8.01
N SER XA 169 55.25 67.58 -7.87
CA SER XA 169 54.58 68.57 -8.69
C SER XA 169 55.07 68.57 -10.12
N THR XA 170 56.25 68.00 -10.38
CA THR XA 170 56.78 67.94 -11.74
C THR XA 170 56.06 66.90 -12.59
N ILE XA 171 55.74 65.76 -11.99
CA ILE XA 171 55.13 64.64 -12.70
C ILE XA 171 53.63 64.62 -12.41
N ASP XA 172 53.27 65.00 -11.19
CA ASP XA 172 51.87 65.11 -10.77
C ASP XA 172 51.15 63.77 -10.91
N TYR XA 173 51.61 62.80 -10.11
CA TYR XA 173 51.02 61.47 -10.07
C TYR XA 173 50.21 61.31 -8.78
N PHE XA 174 49.14 60.53 -8.88
CA PHE XA 174 48.29 60.27 -7.74
C PHE XA 174 47.67 58.89 -7.86
N GLN XA 175 47.17 58.44 -6.79
CA GLN XA 175 46.57 57.13 -6.66
C GLN XA 175 45.08 57.17 -6.92
N PRO XA 176 44.50 56.09 -7.44
CA PRO XA 176 43.04 56.01 -7.45
C PRO XA 176 42.47 55.75 -6.07
N ASN XA 177 41.16 55.79 -5.97
CA ASN XA 177 40.50 55.67 -4.68
C ASN XA 177 40.54 54.23 -4.22
N ASN XA 178 41.21 53.98 -3.10
CA ASN XA 178 41.28 52.66 -2.50
C ASN XA 178 41.54 52.88 -1.03
N LYS XA 179 40.59 52.53 -0.18
CA LYS XA 179 40.76 52.77 1.23
C LYS XA 179 41.86 51.91 1.81
N ARG XA 180 42.09 50.74 1.24
CA ARG XA 180 43.06 49.80 1.81
C ARG XA 180 44.48 50.10 1.39
N ASN XA 181 44.66 50.74 0.22
CA ASN XA 181 45.97 50.99 -0.35
C ASN XA 181 46.39 52.44 -0.27
N GLN XA 182 45.61 53.31 0.34
CA GLN XA 182 45.95 54.72 0.42
C GLN XA 182 47.21 54.91 1.26
N LEU XA 183 48.10 55.74 0.76
CA LEU XA 183 49.37 55.98 1.41
C LEU XA 183 49.17 56.68 2.75
N TRP XA 184 50.02 56.33 3.69
CA TRP XA 184 50.14 57.02 4.95
C TRP XA 184 51.25 58.05 4.82
N LEU XA 185 50.94 59.29 5.12
CA LEU XA 185 51.92 60.35 5.22
C LEU XA 185 52.30 60.55 6.67
N ARG XA 186 53.39 61.26 6.89
CA ARG XA 186 53.82 61.64 8.22
C ARG XA 186 53.23 62.98 8.59
N LEU XA 187 52.78 63.07 9.83
CA LEU XA 187 52.33 64.32 10.41
C LEU XA 187 53.56 65.09 10.86
N GLN XA 188 54.04 65.95 9.95
CA GLN XA 188 55.21 66.75 10.22
C GLN XA 188 54.92 67.79 11.28
N THR XA 189 55.97 68.50 11.69
CA THR XA 189 55.82 69.52 12.72
C THR XA 189 55.31 70.83 12.14
N ALA XA 190 55.99 71.35 11.10
CA ALA XA 190 55.55 72.60 10.46
C ALA XA 190 55.71 72.59 8.95
N GLY XA 191 55.70 71.42 8.31
CA GLY XA 191 56.01 71.33 6.89
C GLY XA 191 55.18 70.33 6.12
N ASN XA 192 53.93 70.14 6.52
CA ASN XA 192 53.09 69.15 5.88
C ASN XA 192 52.81 69.52 4.42
N VAL XA 193 52.47 68.50 3.65
CA VAL XA 193 52.32 68.61 2.21
C VAL XA 193 50.89 69.03 1.88
N ASP XA 194 50.75 69.80 0.81
CA ASP XA 194 49.47 70.34 0.42
C ASP XA 194 48.67 69.29 -0.31
N HIS XA 195 47.43 69.09 0.12
CA HIS XA 195 46.46 68.31 -0.62
C HIS XA 195 45.65 69.23 -1.51
N VAL XA 196 45.10 68.65 -2.57
CA VAL XA 196 44.55 69.41 -3.67
C VAL XA 196 43.29 68.70 -4.14
N GLY XA 197 42.47 69.42 -4.92
CA GLY XA 197 41.21 68.84 -5.32
C GLY XA 197 39.98 69.70 -5.52
N LEU XA 198 40.08 71.02 -5.54
CA LEU XA 198 38.90 71.80 -5.94
C LEU XA 198 39.26 73.08 -6.65
N GLY XA 199 38.56 73.32 -7.75
CA GLY XA 199 38.62 74.58 -8.46
C GLY XA 199 37.23 75.03 -8.82
N THR XA 200 37.05 76.34 -8.82
CA THR XA 200 35.73 76.96 -8.93
C THR XA 200 35.71 77.99 -10.05
N ALA XA 201 34.50 78.31 -10.47
CA ALA XA 201 34.25 79.38 -11.43
C ALA XA 201 32.92 80.02 -11.06
N PHE XA 202 32.96 81.25 -10.58
CA PHE XA 202 31.79 82.00 -10.19
C PHE XA 202 31.49 83.08 -11.21
N GLU XA 203 30.22 83.21 -11.55
CA GLU XA 203 29.77 84.23 -12.48
C GLU XA 203 29.69 85.57 -11.77
N ASN XA 204 30.32 86.57 -12.35
CA ASN XA 204 30.38 87.88 -11.73
C ASN XA 204 29.02 88.56 -11.76
N SER XA 205 28.90 89.64 -11.01
CA SER XA 205 27.64 90.32 -10.81
C SER XA 205 27.89 91.78 -10.50
N ILE XA 206 26.82 92.57 -10.56
CA ILE XA 206 26.89 93.98 -10.20
C ILE XA 206 27.12 94.13 -8.71
N TYR XA 207 26.63 93.19 -7.91
CA TYR XA 207 26.76 93.21 -6.47
C TYR XA 207 27.86 92.26 -6.03
N ASP XA 208 28.41 92.54 -4.85
CA ASP XA 208 29.43 91.67 -4.29
C ASP XA 208 28.80 90.40 -3.76
N GLN XA 209 29.41 89.26 -4.07
CA GLN XA 209 28.96 87.94 -3.65
C GLN XA 209 29.96 87.40 -2.62
N GLU XA 210 29.55 87.36 -1.37
CA GLU XA 210 30.39 86.86 -0.29
C GLU XA 210 29.96 85.47 0.13
N TYR XA 211 30.93 84.70 0.60
CA TYR XA 211 30.72 83.34 1.06
C TYR XA 211 31.57 83.07 2.28
N ASN XA 212 31.04 82.24 3.18
CA ASN XA 212 31.80 81.69 4.30
C ASN XA 212 32.04 80.23 4.00
N ILE XA 213 33.28 79.87 3.72
CA ILE XA 213 33.62 78.53 3.26
C ILE XA 213 34.11 77.73 4.46
N ARG XA 214 33.45 76.60 4.71
CA ARG XA 214 33.78 75.70 5.80
C ARG XA 214 34.29 74.40 5.19
N VAL XA 215 35.57 74.14 5.38
CA VAL XA 215 36.20 72.91 4.93
C VAL XA 215 36.29 71.97 6.12
N THR XA 216 35.86 70.74 5.91
CA THR XA 216 35.90 69.68 6.90
C THR XA 216 36.68 68.52 6.32
N MET XA 217 37.78 68.17 6.96
CA MET XA 217 38.61 67.05 6.55
C MET XA 217 38.38 65.86 7.46
N TYR XA 218 38.09 64.72 6.86
CA TYR XA 218 37.92 63.46 7.57
C TYR XA 218 39.21 62.68 7.46
N VAL XA 219 39.95 62.61 8.57
CA VAL XA 219 41.30 62.10 8.58
C VAL XA 219 41.35 60.80 9.35
N GLN XA 220 42.47 60.10 9.21
CA GLN XA 220 42.69 58.81 9.84
C GLN XA 220 44.15 58.79 10.27
N PHE XA 221 44.37 58.74 11.58
CA PHE XA 221 45.70 58.76 12.15
C PHE XA 221 46.14 57.34 12.53
N ARG XA 222 47.40 57.23 12.92
CA ARG XA 222 47.99 55.94 13.24
C ARG XA 222 49.16 56.15 14.19
N GLU XA 223 49.39 55.17 15.04
CA GLU XA 223 50.56 55.11 15.93
C GLU XA 223 50.58 56.28 16.91
N PHE XA 224 49.63 56.21 17.84
CA PHE XA 224 49.62 57.02 19.05
C PHE XA 224 51.00 57.09 19.67
N ASN XA 225 51.52 58.31 19.82
CA ASN XA 225 52.92 58.53 20.17
C ASN XA 225 53.06 59.57 21.27
N LEU XA 226 52.19 59.52 22.26
CA LEU XA 226 52.27 60.48 23.34
C LEU XA 226 53.55 60.29 24.13
N LYS XA 227 54.12 61.41 24.57
CA LYS XA 227 55.33 61.42 25.37
C LYS XA 227 55.04 62.08 26.71
N ASP XA 228 55.39 61.38 27.78
CA ASP XA 228 55.04 61.77 29.14
C ASP XA 228 56.30 61.90 29.98
N PRO XA 229 56.98 63.04 29.91
CA PRO XA 229 58.11 63.27 30.80
C PRO XA 229 57.64 63.56 32.21
N PRO XA 230 58.54 63.52 33.20
CA PRO XA 230 58.14 63.92 34.54
C PRO XA 230 57.89 65.41 34.66
N LEU XA 231 57.55 65.85 35.87
CA LEU XA 231 57.24 67.25 36.12
C LEU XA 231 57.80 67.71 37.47
N GLY YA 43 -43.14 -52.41 23.94
CA GLY YA 43 -42.06 -53.17 24.55
C GLY YA 43 -41.44 -54.17 23.62
N ILE YA 44 -40.54 -53.68 22.79
CA ILE YA 44 -39.96 -54.49 21.72
C ILE YA 44 -38.88 -55.40 22.28
N PHE YA 45 -38.79 -56.59 21.71
CA PHE YA 45 -37.74 -57.54 22.05
C PHE YA 45 -37.46 -58.37 20.80
N ASN YA 46 -36.37 -58.04 20.12
CA ASN YA 46 -35.91 -58.83 19.01
C ASN YA 46 -35.06 -59.98 19.51
N THR YA 47 -35.40 -61.20 19.09
CA THR YA 47 -34.64 -62.37 19.46
C THR YA 47 -34.55 -63.32 18.28
N ARG YA 48 -34.13 -64.55 18.55
CA ARG YA 48 -33.82 -65.55 17.56
C ARG YA 48 -34.23 -66.91 18.07
N LEU YA 49 -35.04 -67.61 17.29
CA LEU YA 49 -35.56 -68.92 17.64
C LEU YA 49 -35.20 -69.90 16.54
N SER YA 50 -34.79 -71.09 16.94
CA SER YA 50 -34.29 -72.11 16.04
C SER YA 50 -35.02 -73.43 16.25
N ARG YA 51 -34.79 -74.34 15.32
CA ARG YA 51 -35.47 -75.62 15.22
C ARG YA 51 -34.74 -76.43 14.17
N THR YA 52 -34.60 -77.73 14.43
CA THR YA 52 -33.82 -78.62 13.57
C THR YA 52 -34.62 -79.86 13.28
N PHE YA 53 -34.57 -80.32 12.03
CA PHE YA 53 -35.29 -81.50 11.59
C PHE YA 53 -34.62 -82.04 10.33
N GLY YA 54 -35.04 -83.23 9.95
CA GLY YA 54 -34.45 -83.94 8.84
C GLY YA 54 -35.24 -83.95 7.56
N TYR YA 55 -34.55 -84.16 6.45
CA TYR YA 55 -35.15 -84.28 5.13
C TYR YA 55 -34.27 -85.21 4.31
N THR YA 56 -34.89 -86.20 3.67
CA THR YA 56 -34.18 -87.18 2.88
C THR YA 56 -34.78 -87.26 1.49
N ILE YA 57 -33.92 -87.35 0.50
CA ILE YA 57 -34.28 -87.60 -0.89
C ILE YA 57 -33.90 -89.05 -1.17
N LYS YA 58 -34.89 -89.92 -1.24
CA LYS YA 58 -34.64 -91.34 -1.42
C LYS YA 58 -34.06 -91.60 -2.80
N ARG YA 59 -33.40 -92.75 -2.92
CA ARG YA 59 -32.77 -93.17 -4.16
C ARG YA 59 -33.81 -93.56 -5.20
N THR YA 60 -33.38 -93.55 -6.46
CA THR YA 60 -34.20 -93.95 -7.59
C THR YA 60 -33.35 -94.69 -8.61
N THR YA 61 -33.91 -95.77 -9.15
CA THR YA 61 -33.29 -96.49 -10.25
C THR YA 61 -33.45 -95.79 -11.60
N VAL YA 62 -34.22 -94.70 -11.65
CA VAL YA 62 -34.42 -93.97 -12.89
C VAL YA 62 -33.09 -93.46 -13.41
N LYS YA 63 -32.88 -93.61 -14.72
CA LYS YA 63 -31.62 -93.22 -15.35
C LYS YA 63 -31.58 -91.73 -15.67
N THR YA 64 -32.70 -91.16 -16.06
CA THR YA 64 -32.75 -89.78 -16.49
C THR YA 64 -32.44 -88.85 -15.33
N PRO YA 65 -32.14 -87.58 -15.62
CA PRO YA 65 -32.10 -86.58 -14.55
C PRO YA 65 -33.50 -86.15 -14.18
N SER YA 66 -33.96 -86.59 -13.03
CA SER YA 66 -35.25 -86.20 -12.48
C SER YA 66 -35.02 -85.46 -11.17
N TRP YA 67 -36.00 -84.64 -10.80
CA TRP YA 67 -35.93 -83.82 -9.61
C TRP YA 67 -37.06 -84.17 -8.65
N ALA YA 68 -36.76 -84.02 -7.38
CA ALA YA 68 -37.70 -84.25 -6.29
C ALA YA 68 -38.12 -82.90 -5.72
N VAL YA 69 -39.41 -82.63 -5.77
CA VAL YA 69 -39.96 -81.34 -5.38
C VAL YA 69 -40.63 -81.48 -4.02
N ASP YA 70 -40.47 -80.46 -3.20
CA ASP YA 70 -41.09 -80.42 -1.88
C ASP YA 70 -41.22 -78.97 -1.45
N MET YA 71 -42.01 -78.77 -0.40
CA MET YA 71 -42.35 -77.46 0.11
C MET YA 71 -41.87 -77.30 1.54
N MET YA 72 -41.91 -76.07 2.02
CA MET YA 72 -41.45 -75.75 3.36
C MET YA 72 -42.20 -74.53 3.87
N ARG YA 73 -43.01 -74.73 4.91
CA ARG YA 73 -43.71 -73.67 5.61
C ARG YA 73 -43.05 -73.45 6.97
N PHE YA 74 -43.41 -72.34 7.61
CA PHE YA 74 -42.86 -71.95 8.89
C PHE YA 74 -44.00 -71.49 9.80
N ASN YA 75 -44.10 -72.12 10.97
CA ASN YA 75 -45.04 -71.72 12.00
C ASN YA 75 -44.31 -71.53 13.30
N ILE YA 76 -44.83 -70.61 14.13
CA ILE YA 76 -44.17 -70.26 15.38
C ILE YA 76 -44.46 -71.24 16.49
N ASN YA 77 -45.46 -72.12 16.33
CA ASN YA 77 -45.69 -73.14 17.34
C ASN YA 77 -44.55 -74.13 17.41
N ASP YA 78 -43.87 -74.36 16.28
CA ASP YA 78 -42.76 -75.28 16.23
C ASP YA 78 -41.48 -74.72 16.82
N PHE YA 79 -41.43 -73.41 17.06
CA PHE YA 79 -40.27 -72.75 17.65
C PHE YA 79 -40.53 -72.29 19.07
N LEU YA 80 -41.76 -71.93 19.40
CA LEU YA 80 -42.13 -71.40 20.70
C LEU YA 80 -43.05 -72.37 21.41
N PRO YA 81 -42.64 -73.05 22.48
CA PRO YA 81 -43.52 -74.01 23.10
C PRO YA 81 -44.60 -73.34 23.92
N PRO YA 82 -45.57 -74.10 24.40
CA PRO YA 82 -46.54 -73.53 25.33
C PRO YA 82 -45.92 -73.29 26.69
N GLY YA 83 -46.40 -72.25 27.35
CA GLY YA 83 -45.89 -71.89 28.64
C GLY YA 83 -46.49 -72.69 29.77
N GLY YA 84 -46.75 -72.01 30.89
CA GLY YA 84 -47.34 -72.66 32.03
C GLY YA 84 -48.04 -71.68 32.94
N GLY YA 85 -49.25 -72.02 33.35
CA GLY YA 85 -50.02 -71.18 34.24
C GLY YA 85 -50.79 -70.10 33.52
N SER YA 86 -50.82 -68.90 34.11
CA SER YA 86 -51.54 -67.79 33.52
C SER YA 86 -50.88 -67.26 32.27
N ASN YA 87 -49.61 -67.62 32.02
CA ASN YA 87 -48.92 -67.24 30.81
C ASN YA 87 -49.06 -68.36 29.80
N PRO YA 88 -49.83 -68.21 28.72
CA PRO YA 88 -50.06 -69.35 27.83
C PRO YA 88 -48.84 -69.75 27.02
N ARG YA 89 -47.90 -68.84 26.81
CA ARG YA 89 -46.70 -69.10 26.04
C ARG YA 89 -45.46 -68.86 26.88
N SER YA 90 -44.34 -69.40 26.41
CA SER YA 90 -43.11 -69.37 27.17
C SER YA 90 -42.38 -68.04 27.05
N VAL YA 91 -42.63 -67.29 25.99
CA VAL YA 91 -42.12 -65.94 25.82
C VAL YA 91 -43.26 -64.98 26.14
N PRO YA 92 -43.21 -64.24 27.25
CA PRO YA 92 -44.40 -63.49 27.66
C PRO YA 92 -44.61 -62.18 26.90
N PHE YA 93 -45.15 -62.32 25.69
CA PHE YA 93 -45.48 -61.19 24.86
C PHE YA 93 -46.81 -61.46 24.17
N GLU YA 94 -47.43 -60.40 23.69
CA GLU YA 94 -48.74 -60.47 23.06
C GLU YA 94 -48.66 -60.59 21.55
N TYR YA 95 -47.89 -59.71 20.91
CA TYR YA 95 -47.82 -59.60 19.47
C TYR YA 95 -46.46 -60.06 18.97
N TYR YA 96 -46.41 -60.36 17.68
CA TYR YA 96 -45.17 -60.77 17.05
C TYR YA 96 -45.26 -60.45 15.57
N ARG YA 97 -44.09 -60.44 14.93
CA ARG YA 97 -43.99 -60.38 13.49
C ARG YA 97 -42.63 -60.91 13.09
N ILE YA 98 -42.63 -61.85 12.15
CA ILE YA 98 -41.40 -62.51 11.75
C ILE YA 98 -40.68 -61.61 10.75
N ARG YA 99 -39.44 -61.27 11.08
CA ARG YA 99 -38.63 -60.37 10.27
C ARG YA 99 -37.87 -61.11 9.18
N LYS YA 100 -37.21 -62.20 9.54
CA LYS YA 100 -36.38 -62.96 8.62
C LYS YA 100 -36.41 -64.42 9.03
N VAL YA 101 -36.06 -65.28 8.08
CA VAL YA 101 -35.84 -66.70 8.34
C VAL YA 101 -34.57 -67.10 7.62
N LYS YA 102 -33.81 -67.98 8.26
CA LYS YA 102 -32.60 -68.56 7.70
C LYS YA 102 -32.79 -70.07 7.69
N VAL YA 103 -32.95 -70.61 6.50
CA VAL YA 103 -33.02 -72.05 6.30
C VAL YA 103 -31.63 -72.52 5.89
N GLU YA 104 -31.11 -73.49 6.63
CA GLU YA 104 -29.79 -74.04 6.42
C GLU YA 104 -29.92 -75.52 6.15
N PHE YA 105 -29.51 -75.94 4.96
CA PHE YA 105 -29.43 -77.35 4.62
C PHE YA 105 -28.03 -77.83 4.97
N TRP YA 106 -27.91 -78.44 6.14
CA TRP YA 106 -26.65 -79.02 6.56
C TRP YA 106 -26.56 -80.45 6.05
N PRO YA 107 -25.58 -80.79 5.21
CA PRO YA 107 -25.55 -82.13 4.65
C PRO YA 107 -25.21 -83.18 5.68
N CYS YA 108 -25.65 -84.39 5.36
CA CYS YA 108 -25.36 -85.58 6.14
C CYS YA 108 -24.50 -86.58 5.39
N SER YA 109 -24.09 -86.25 4.17
CA SER YA 109 -23.45 -87.17 3.26
C SER YA 109 -21.96 -86.87 3.16
N PRO YA 110 -21.13 -87.88 2.91
CA PRO YA 110 -19.69 -87.64 2.85
C PRO YA 110 -19.30 -86.91 1.58
N ILE YA 111 -18.12 -86.30 1.62
CA ILE YA 111 -17.60 -85.61 0.46
C ILE YA 111 -17.11 -86.55 -0.63
N THR YA 112 -17.08 -87.85 -0.37
CA THR YA 112 -16.71 -88.85 -1.36
C THR YA 112 -17.91 -89.39 -2.14
N GLN YA 113 -19.12 -88.93 -1.84
CA GLN YA 113 -20.30 -89.47 -2.48
C GLN YA 113 -20.38 -88.97 -3.91
N GLY YA 114 -20.67 -89.89 -4.82
CA GLY YA 114 -20.78 -89.58 -6.22
C GLY YA 114 -22.22 -89.40 -6.66
N ASP YA 115 -22.41 -89.44 -7.98
CA ASP YA 115 -23.71 -89.18 -8.60
C ASP YA 115 -24.24 -87.83 -8.18
N ARG YA 116 -23.36 -86.85 -8.17
CA ARG YA 116 -23.72 -85.51 -7.75
C ARG YA 116 -24.74 -84.90 -8.70
N GLY YA 117 -25.33 -83.81 -8.24
CA GLY YA 117 -26.43 -83.19 -8.94
C GLY YA 117 -26.51 -81.71 -8.73
N VAL YA 118 -27.57 -81.10 -9.25
CA VAL YA 118 -27.74 -79.66 -9.16
C VAL YA 118 -29.23 -79.36 -9.10
N GLY YA 119 -29.62 -78.58 -8.10
CA GLY YA 119 -31.00 -78.25 -7.84
C GLY YA 119 -31.23 -76.77 -7.69
N SER YA 120 -32.37 -76.42 -7.11
CA SER YA 120 -32.78 -75.04 -7.02
C SER YA 120 -33.70 -74.85 -5.83
N SER YA 121 -33.52 -73.72 -5.14
CA SER YA 121 -34.38 -73.29 -4.05
C SER YA 121 -34.93 -71.92 -4.38
N ALA YA 122 -36.25 -71.77 -4.27
CA ALA YA 122 -36.92 -70.52 -4.59
C ALA YA 122 -37.82 -70.11 -3.44
N VAL YA 123 -38.18 -68.84 -3.44
CA VAL YA 123 -38.95 -68.20 -2.38
C VAL YA 123 -40.38 -68.03 -2.88
N ILE YA 124 -41.32 -68.64 -2.16
CA ILE YA 124 -42.72 -68.74 -2.58
C ILE YA 124 -43.57 -68.20 -1.46
N LEU YA 125 -44.01 -66.95 -1.58
CA LEU YA 125 -44.64 -66.22 -0.50
C LEU YA 125 -46.17 -66.27 -0.53
N ASP YA 126 -46.78 -67.34 -1.08
CA ASP YA 126 -48.22 -67.34 -1.31
C ASP YA 126 -48.94 -68.66 -1.10
N ASP YA 127 -48.26 -69.71 -0.67
CA ASP YA 127 -48.92 -70.97 -0.30
C ASP YA 127 -49.48 -71.69 -1.52
N ASN YA 128 -48.89 -71.46 -2.69
CA ASN YA 128 -49.20 -72.24 -3.89
C ASN YA 128 -47.85 -72.66 -4.45
N PHE YA 129 -47.41 -73.82 -4.02
CA PHE YA 129 -46.16 -74.42 -4.43
C PHE YA 129 -46.38 -75.30 -5.65
N VAL YA 130 -45.27 -75.59 -6.33
CA VAL YA 130 -45.30 -76.67 -7.32
C VAL YA 130 -45.64 -77.94 -6.59
N THR YA 131 -46.44 -78.78 -7.24
CA THR YA 131 -46.93 -79.99 -6.61
C THR YA 131 -45.77 -80.89 -6.21
N LYS YA 132 -45.90 -81.51 -5.05
CA LYS YA 132 -44.86 -82.42 -4.57
C LYS YA 132 -44.72 -83.60 -5.52
N ALA YA 133 -43.48 -83.85 -5.93
CA ALA YA 133 -43.16 -84.87 -6.90
C ALA YA 133 -41.94 -85.65 -6.44
N THR YA 134 -41.91 -86.93 -6.82
CA THR YA 134 -40.80 -87.80 -6.50
C THR YA 134 -39.72 -87.75 -7.57
N ALA YA 135 -40.11 -87.90 -8.84
CA ALA YA 135 -39.18 -87.85 -9.96
C ALA YA 135 -39.84 -87.07 -11.09
N LEU YA 136 -39.65 -85.77 -11.09
CA LEU YA 136 -40.13 -84.90 -12.14
C LEU YA 136 -39.04 -84.67 -13.16
N THR YA 137 -39.42 -84.60 -14.43
CA THR YA 137 -38.48 -84.57 -15.54
C THR YA 137 -37.80 -83.23 -15.74
N TYR YA 138 -37.98 -82.28 -14.83
CA TYR YA 138 -37.36 -80.97 -14.98
C TYR YA 138 -37.33 -80.31 -13.61
N ASP YA 139 -36.55 -79.23 -13.53
CA ASP YA 139 -36.45 -78.42 -12.32
C ASP YA 139 -37.42 -77.26 -12.44
N PRO YA 140 -38.55 -77.26 -11.73
CA PRO YA 140 -39.50 -76.17 -11.92
C PRO YA 140 -39.03 -74.84 -11.40
N TYR YA 141 -38.22 -74.84 -10.35
CA TYR YA 141 -37.79 -73.62 -9.69
C TYR YA 141 -36.53 -73.04 -10.31
N VAL YA 142 -36.17 -73.46 -11.52
CA VAL YA 142 -34.88 -73.06 -12.09
C VAL YA 142 -34.96 -71.67 -12.67
N ASN YA 143 -36.06 -71.33 -13.33
CA ASN YA 143 -36.21 -70.03 -13.97
C ASN YA 143 -36.82 -68.99 -13.05
N TYR YA 144 -37.03 -69.32 -11.79
CA TYR YA 144 -37.55 -68.36 -10.84
C TYR YA 144 -36.52 -67.28 -10.54
N SER YA 145 -37.00 -66.06 -10.37
CA SER YA 145 -36.14 -64.93 -10.07
C SER YA 145 -35.42 -65.07 -8.74
N SER YA 146 -35.97 -65.87 -7.82
CA SER YA 146 -35.39 -66.11 -6.51
C SER YA 146 -34.68 -67.45 -6.43
N ARG YA 147 -34.26 -68.00 -7.55
CA ARG YA 147 -33.59 -69.28 -7.56
C ARG YA 147 -32.15 -69.13 -7.13
N HIS YA 148 -31.74 -69.98 -6.20
CA HIS YA 148 -30.34 -70.20 -5.86
C HIS YA 148 -30.04 -71.65 -6.18
N THR YA 149 -28.87 -71.88 -6.74
CA THR YA 149 -28.46 -73.23 -7.09
C THR YA 149 -28.11 -74.01 -5.84
N ILE YA 150 -28.58 -75.25 -5.81
CA ILE YA 150 -28.24 -76.21 -4.76
C ILE YA 150 -27.26 -77.19 -5.39
N THR YA 151 -26.01 -77.11 -4.96
CA THR YA 151 -25.07 -78.17 -5.23
C THR YA 151 -25.33 -79.32 -4.27
N GLN YA 152 -25.33 -80.53 -4.79
CA GLN YA 152 -25.66 -81.74 -4.06
C GLN YA 152 -24.51 -82.72 -4.14
N PRO YA 153 -24.40 -83.66 -3.21
CA PRO YA 153 -25.14 -83.88 -1.96
C PRO YA 153 -24.47 -83.35 -0.71
N PHE YA 154 -23.19 -83.03 -0.81
CA PHE YA 154 -22.36 -82.76 0.36
C PHE YA 154 -22.05 -81.29 0.53
N SER YA 155 -22.93 -80.42 0.09
CA SER YA 155 -22.70 -78.99 0.08
C SER YA 155 -23.77 -78.27 0.87
N TYR YA 156 -23.36 -77.21 1.55
CA TYR YA 156 -24.22 -76.41 2.38
C TYR YA 156 -24.97 -75.38 1.55
N HIS YA 157 -26.24 -75.18 1.90
CA HIS YA 157 -27.12 -74.27 1.21
C HIS YA 157 -27.89 -73.47 2.24
N SER YA 158 -27.76 -72.15 2.17
CA SER YA 158 -28.49 -71.24 3.04
C SER YA 158 -29.39 -70.34 2.21
N ARG YA 159 -30.52 -69.96 2.80
CA ARG YA 159 -31.43 -68.99 2.22
C ARG YA 159 -31.91 -68.09 3.34
N TYR YA 160 -31.76 -66.79 3.14
CA TYR YA 160 -32.10 -65.76 4.13
C TYR YA 160 -33.06 -64.79 3.49
N PHE YA 161 -34.28 -64.75 4.00
CA PHE YA 161 -35.35 -64.00 3.37
C PHE YA 161 -36.38 -63.62 4.42
N THR YA 162 -37.36 -62.85 3.98
CA THR YA 162 -38.45 -62.36 4.81
C THR YA 162 -39.73 -63.07 4.44
N PRO YA 163 -40.29 -63.94 5.29
CA PRO YA 163 -41.51 -64.63 4.91
C PRO YA 163 -42.73 -63.75 5.00
N LYS YA 164 -43.88 -64.31 4.64
CA LYS YA 164 -45.14 -63.60 4.66
C LYS YA 164 -46.20 -64.53 5.26
N PRO YA 165 -47.15 -64.00 6.02
CA PRO YA 165 -48.18 -64.85 6.58
C PRO YA 165 -49.32 -65.11 5.62
N VAL YA 166 -50.02 -66.22 5.89
CA VAL YA 166 -51.14 -66.66 5.09
C VAL YA 166 -52.39 -66.07 5.73
N LEU YA 167 -52.73 -64.86 5.30
CA LEU YA 167 -53.91 -64.16 5.81
C LEU YA 167 -55.17 -64.65 5.13
N ASP YA 168 -55.14 -64.78 3.80
CA ASP YA 168 -56.26 -65.33 3.04
C ASP YA 168 -55.68 -66.23 1.97
N SER YA 169 -55.87 -67.53 2.13
CA SER YA 169 -55.38 -68.48 1.15
C SER YA 169 -56.17 -68.46 -0.15
N THR YA 170 -57.37 -67.88 -0.15
CA THR YA 170 -58.18 -67.79 -1.36
C THR YA 170 -57.64 -66.73 -2.30
N ILE YA 171 -57.22 -65.60 -1.76
CA ILE YA 171 -56.76 -64.46 -2.55
C ILE YA 171 -55.24 -64.43 -2.57
N ASP YA 172 -54.62 -64.85 -1.47
CA ASP YA 172 -53.17 -64.95 -1.36
C ASP YA 172 -52.51 -63.61 -1.61
N TYR YA 173 -52.78 -62.67 -0.71
CA TYR YA 173 -52.20 -61.34 -0.75
C TYR YA 173 -51.14 -61.20 0.34
N PHE YA 174 -50.11 -60.42 0.04
CA PHE YA 174 -49.04 -60.19 0.98
C PHE YA 174 -48.45 -58.80 0.78
N GLN YA 175 -47.75 -58.37 1.73
CA GLN YA 175 -47.13 -57.06 1.77
C GLN YA 175 -45.72 -57.08 1.20
N PRO YA 176 -45.27 -55.99 0.61
CA PRO YA 176 -43.85 -55.91 0.28
C PRO YA 176 -43.00 -55.67 1.52
N ASN YA 177 -41.69 -55.71 1.35
CA ASN YA 177 -40.78 -55.63 2.47
C ASN YA 177 -40.72 -54.19 2.97
N ASN YA 178 -41.14 -53.98 4.21
CA ASN YA 178 -41.08 -52.68 4.84
C ASN YA 178 -41.04 -52.94 6.34
N LYS YA 179 -39.92 -52.61 6.98
CA LYS YA 179 -39.80 -52.89 8.39
C LYS YA 179 -40.75 -52.05 9.21
N ARG YA 180 -41.10 -50.86 8.74
CA ARG YA 180 -41.92 -49.94 9.52
C ARG YA 180 -43.40 -50.24 9.39
N ASN YA 181 -43.82 -50.85 8.27
CA ASN YA 181 -45.22 -51.10 7.98
C ASN YA 181 -45.62 -52.55 8.10
N GLN YA 182 -44.72 -53.43 8.52
CA GLN YA 182 -45.05 -54.84 8.63
C GLN YA 182 -46.09 -55.07 9.70
N LEU YA 183 -47.07 -55.89 9.38
CA LEU YA 183 -48.17 -56.16 10.28
C LEU YA 183 -47.70 -56.89 11.52
N TRP YA 184 -48.34 -56.55 12.63
CA TRP YA 184 -48.19 -57.30 13.88
C TRP YA 184 -49.30 -58.33 13.95
N LEU YA 185 -48.93 -59.58 14.14
CA LEU YA 185 -49.87 -60.64 14.41
C LEU YA 185 -49.93 -60.88 15.91
N ARG YA 186 -50.95 -61.61 16.33
CA ARG YA 186 -51.09 -62.02 17.70
C ARG YA 186 -50.44 -63.37 17.91
N LEU YA 187 -49.74 -63.50 19.02
CA LEU YA 187 -49.18 -64.76 19.46
C LEU YA 187 -50.28 -65.55 20.13
N GLN YA 188 -50.94 -66.38 19.33
CA GLN YA 188 -52.04 -67.19 19.81
C GLN YA 188 -51.52 -68.27 20.75
N THR YA 189 -52.47 -68.98 21.36
CA THR YA 189 -52.11 -70.03 22.30
C THR YA 189 -51.74 -71.32 21.59
N ALA YA 190 -52.61 -71.82 20.70
CA ALA YA 190 -52.32 -73.04 19.95
C ALA YA 190 -52.79 -73.00 18.50
N GLY YA 191 -52.92 -71.81 17.92
CA GLY YA 191 -53.51 -71.69 16.60
C GLY YA 191 -52.87 -70.67 15.69
N ASN YA 192 -51.57 -70.47 15.83
CA ASN YA 192 -50.88 -69.46 15.05
C ASN YA 192 -50.91 -69.79 13.56
N VAL YA 193 -50.74 -68.74 12.77
CA VAL YA 193 -50.89 -68.82 11.32
C VAL YA 193 -49.57 -69.22 10.69
N ASP YA 194 -49.65 -69.96 9.59
CA ASP YA 194 -48.48 -70.48 8.93
C ASP YA 194 -47.85 -69.40 8.06
N HIS YA 195 -46.55 -69.21 8.24
CA HIS YA 195 -45.76 -68.40 7.34
C HIS YA 195 -45.16 -69.30 6.28
N VAL YA 196 -44.83 -68.68 5.14
CA VAL YA 196 -44.52 -69.40 3.93
C VAL YA 196 -43.40 -68.68 3.21
N GLY YA 197 -42.76 -69.36 2.26
CA GLY YA 197 -41.61 -68.77 1.62
C GLY YA 197 -40.45 -69.62 1.15
N LEU YA 198 -40.55 -70.95 1.10
CA LEU YA 198 -39.49 -71.70 0.46
C LEU YA 198 -39.99 -72.97 -0.21
N GLY YA 199 -39.54 -73.17 -1.43
CA GLY YA 199 -39.74 -74.41 -2.15
C GLY YA 199 -38.46 -74.84 -2.80
N THR YA 200 -38.28 -76.16 -2.89
CA THR YA 200 -37.02 -76.76 -3.28
C THR YA 200 -37.23 -77.76 -4.40
N ALA YA 201 -36.13 -78.05 -5.09
CA ALA YA 201 -36.08 -79.10 -6.10
C ALA YA 201 -34.70 -79.73 -6.04
N PHE YA 202 -34.65 -80.99 -5.60
CA PHE YA 202 -33.42 -81.74 -5.48
C PHE YA 202 -33.34 -82.80 -6.56
N GLU YA 203 -32.17 -82.90 -7.18
CA GLU YA 203 -31.93 -83.90 -8.21
C GLU YA 203 -31.70 -85.25 -7.56
N ASN YA 204 -32.44 -86.24 -8.01
CA ASN YA 204 -32.37 -87.57 -7.44
C ASN YA 204 -31.05 -88.24 -7.79
N SER YA 205 -30.78 -89.33 -7.09
CA SER YA 205 -29.50 -90.01 -7.19
C SER YA 205 -29.67 -91.48 -6.87
N ILE YA 206 -28.64 -92.26 -7.17
CA ILE YA 206 -28.64 -93.69 -6.85
C ILE YA 206 -28.54 -93.89 -5.35
N TYR YA 207 -27.90 -92.96 -4.65
CA TYR YA 207 -27.72 -93.02 -3.21
C TYR YA 207 -28.70 -92.08 -2.52
N ASP YA 208 -29.00 -92.40 -1.27
CA ASP YA 208 -29.87 -91.56 -0.47
C ASP YA 208 -29.14 -90.29 -0.05
N GLN YA 209 -29.82 -89.16 -0.20
CA GLN YA 209 -29.29 -87.85 0.16
C GLN YA 209 -30.05 -87.35 1.38
N GLU YA 210 -29.39 -87.32 2.53
CA GLU YA 210 -29.98 -86.87 3.77
C GLU YA 210 -29.47 -85.48 4.12
N TYR YA 211 -30.31 -84.73 4.81
CA TYR YA 211 -30.01 -83.38 5.26
C TYR YA 211 -30.58 -83.15 6.64
N ASN YA 212 -29.89 -82.34 7.43
CA ASN YA 212 -30.39 -81.83 8.70
C ASN YA 212 -30.69 -80.36 8.49
N ILE YA 213 -31.96 -80.01 8.48
CA ILE YA 213 -32.38 -78.66 8.15
C ILE YA 213 -32.61 -77.89 9.44
N ARG YA 214 -31.92 -76.77 9.58
CA ARG YA 214 -32.01 -75.89 10.74
C ARG YA 214 -32.63 -74.58 10.29
N VAL YA 215 -33.85 -74.34 10.75
CA VAL YA 215 -34.57 -73.10 10.48
C VAL YA 215 -34.40 -72.19 11.69
N THR YA 216 -34.02 -70.95 11.42
CA THR YA 216 -33.86 -69.92 12.43
C THR YA 216 -34.74 -68.75 12.05
N MET YA 217 -35.68 -68.42 12.93
CA MET YA 217 -36.57 -67.29 12.73
C MET YA 217 -36.15 -66.13 13.61
N TYR YA 218 -36.00 -64.98 13.00
CA TYR YA 218 -35.68 -63.74 13.69
C TYR YA 218 -36.97 -62.95 13.87
N VAL YA 219 -37.47 -62.93 15.11
CA VAL YA 219 -38.79 -62.42 15.42
C VAL YA 219 -38.66 -61.14 16.21
N GLN YA 220 -39.79 -60.44 16.33
CA GLN YA 220 -39.88 -59.18 17.04
C GLN YA 220 -41.21 -59.18 17.77
N PHE YA 221 -41.16 -59.17 19.08
CA PHE YA 221 -42.33 -59.20 19.93
C PHE YA 221 -42.68 -57.81 20.43
N ARG YA 222 -43.83 -57.71 21.08
CA ARG YA 222 -44.34 -56.43 21.55
C ARG YA 222 -45.29 -56.69 22.71
N GLU YA 223 -45.34 -55.72 23.63
CA GLU YA 223 -46.28 -55.69 24.74
C GLU YA 223 -46.11 -56.89 25.67
N PHE YA 224 -44.98 -56.84 26.38
CA PHE YA 224 -44.72 -57.68 27.55
C PHE YA 224 -45.94 -57.78 28.43
N ASN YA 225 -46.41 -59.00 28.65
CA ASN YA 225 -47.71 -59.24 29.29
C ASN YA 225 -47.62 -60.31 30.35
N LEU YA 226 -46.56 -60.28 31.15
CA LEU YA 226 -46.41 -61.27 32.20
C LEU YA 226 -47.50 -61.11 33.24
N LYS YA 227 -47.97 -62.24 33.75
CA LYS YA 227 -48.98 -62.29 34.79
C LYS YA 227 -48.41 -62.97 36.01
N ASP YA 228 -48.53 -62.31 37.17
CA ASP YA 228 -47.90 -62.74 38.41
C ASP YA 228 -48.97 -62.90 39.49
N PRO YA 229 -49.64 -64.03 39.53
CA PRO YA 229 -50.56 -64.30 40.63
C PRO YA 229 -49.80 -64.62 41.90
N PRO YA 230 -50.47 -64.61 43.05
CA PRO YA 230 -49.80 -65.05 44.28
C PRO YA 230 -49.52 -66.54 44.30
N LEU YA 231 -48.95 -67.02 45.39
CA LEU YA 231 -48.58 -68.42 45.53
C LEU YA 231 -48.84 -68.92 46.95
N GLY ZA 43 -40.87 -52.64 -27.06
CA GLY ZA 43 -41.17 -53.22 -25.76
C GLY ZA 43 -40.17 -54.29 -25.35
N ILE ZA 44 -39.06 -53.83 -24.80
CA ILE ZA 44 -37.94 -54.70 -24.50
C ILE ZA 44 -38.21 -55.44 -23.20
N PHE ZA 45 -37.75 -56.69 -23.16
CA PHE ZA 45 -37.81 -57.51 -21.95
C PHE ZA 45 -36.62 -58.46 -21.97
N ASN ZA 46 -35.61 -58.13 -21.19
CA ASN ZA 46 -34.47 -59.00 -21.01
C ASN ZA 46 -34.78 -60.01 -19.92
N THR ZA 47 -34.60 -61.29 -20.23
CA THR ZA 47 -34.81 -62.35 -19.26
C THR ZA 47 -33.74 -63.42 -19.44
N ARG ZA 48 -33.98 -64.57 -18.81
CA ARG ZA 48 -33.02 -65.65 -18.72
C ARG ZA 48 -33.77 -66.97 -18.78
N LEU ZA 49 -33.35 -67.83 -19.71
CA LEU ZA 49 -33.96 -69.12 -19.95
C LEU ZA 49 -32.90 -70.19 -19.84
N SER ZA 50 -33.24 -71.29 -19.18
CA SER ZA 50 -32.32 -72.37 -18.88
C SER ZA 50 -32.88 -73.70 -19.35
N ARG ZA 51 -32.00 -74.70 -19.31
CA ARG ZA 51 -32.23 -76.03 -19.84
C ARG ZA 51 -31.08 -76.90 -19.37
N THR ZA 52 -31.40 -78.14 -19.02
CA THR ZA 52 -30.43 -79.07 -18.44
C THR ZA 52 -30.51 -80.40 -19.15
N PHE ZA 53 -29.35 -80.99 -19.43
CA PHE ZA 53 -29.27 -82.27 -20.11
C PHE ZA 53 -27.92 -82.90 -19.81
N GLY ZA 54 -27.81 -84.17 -20.18
CA GLY ZA 54 -26.63 -84.95 -19.89
C GLY ZA 54 -25.67 -85.17 -21.04
N TYR ZA 55 -24.42 -85.45 -20.70
CA TYR ZA 55 -23.38 -85.80 -21.66
C TYR ZA 55 -22.40 -86.73 -20.97
N THR ZA 56 -22.08 -87.84 -21.64
CA THR ZA 56 -21.19 -88.84 -21.11
C THR ZA 56 -20.09 -89.14 -22.10
N ILE ZA 57 -18.88 -89.28 -21.57
CA ILE ZA 57 -17.72 -89.73 -22.32
C ILE ZA 57 -17.45 -91.15 -21.87
N LYS ZA 58 -17.79 -92.11 -22.73
CA LYS ZA 58 -17.65 -93.51 -22.40
C LYS ZA 58 -16.19 -93.90 -22.25
N ARG ZA 59 -15.97 -94.99 -21.53
CA ARG ZA 59 -14.64 -95.49 -21.27
C ARG ZA 59 -14.02 -96.10 -22.52
N THR ZA 60 -12.70 -96.20 -22.50
CA THR ZA 60 -11.93 -96.80 -23.59
C THR ZA 60 -10.76 -97.59 -23.01
N THR ZA 61 -10.52 -98.76 -23.59
CA THR ZA 61 -9.34 -99.56 -23.26
C THR ZA 61 -8.07 -99.04 -23.90
N VAL ZA 62 -8.17 -98.03 -24.77
CA VAL ZA 62 -7.00 -97.47 -25.43
C VAL ZA 62 -6.03 -96.93 -24.39
N LYS ZA 63 -4.75 -97.21 -24.59
CA LYS ZA 63 -3.72 -96.79 -23.63
C LYS ZA 63 -3.28 -95.37 -23.85
N THR ZA 64 -3.21 -94.94 -25.11
CA THR ZA 64 -2.71 -93.62 -25.44
C THR ZA 64 -3.61 -92.54 -24.90
N PRO ZA 65 -3.13 -91.29 -24.86
CA PRO ZA 65 -4.04 -90.17 -24.59
C PRO ZA 65 -4.80 -89.81 -25.86
N SER ZA 66 -6.07 -90.16 -25.88
CA SER ZA 66 -6.96 -89.79 -26.97
C SER ZA 66 -8.06 -88.90 -26.43
N TRP ZA 67 -8.65 -88.12 -27.34
CA TRP ZA 67 -9.69 -87.17 -27.01
C TRP ZA 67 -10.98 -87.48 -27.73
N ALA ZA 68 -12.07 -87.15 -27.07
CA ALA ZA 68 -13.42 -87.32 -27.61
C ALA ZA 68 -13.97 -85.97 -27.97
N VAL ZA 69 -14.32 -85.81 -29.23
CA VAL ZA 69 -14.74 -84.53 -29.79
C VAL ZA 69 -16.25 -84.55 -29.98
N ASP ZA 70 -16.89 -83.43 -29.69
CA ASP ZA 70 -18.32 -83.29 -29.87
C ASP ZA 70 -18.64 -81.81 -30.03
N MET ZA 71 -19.86 -81.55 -30.47
CA MET ZA 71 -20.33 -80.22 -30.80
C MET ZA 71 -21.53 -79.86 -29.91
N MET ZA 72 -21.89 -78.58 -29.94
CA MET ZA 72 -22.97 -78.07 -29.14
C MET ZA 72 -23.58 -76.86 -29.83
N ARG ZA 73 -24.84 -77.00 -30.25
CA ARG ZA 73 -25.63 -75.93 -30.81
C ARG ZA 73 -26.68 -75.49 -29.79
N PHE ZA 74 -27.31 -74.34 -30.07
CA PHE ZA 74 -28.31 -73.76 -29.20
C PHE ZA 74 -29.48 -73.29 -30.04
N ASN ZA 75 -30.67 -73.77 -29.70
CA ASN ZA 75 -31.92 -73.34 -30.32
C ASN ZA 75 -32.90 -72.94 -29.25
N ILE ZA 76 -33.75 -71.97 -29.59
CA ILE ZA 76 -34.69 -71.41 -28.63
C ILE ZA 76 -35.93 -72.28 -28.44
N ASN ZA 77 -36.17 -73.25 -29.33
CA ASN ZA 77 -37.29 -74.15 -29.12
C ASN ZA 77 -37.07 -75.03 -27.90
N ASP ZA 78 -35.82 -75.34 -27.59
CA ASP ZA 78 -35.49 -76.17 -26.45
C ASP ZA 78 -35.59 -75.43 -25.13
N PHE ZA 79 -35.68 -74.10 -25.16
CA PHE ZA 79 -35.81 -73.29 -23.96
C PHE ZA 79 -37.19 -72.68 -23.80
N LEU ZA 80 -37.86 -72.39 -24.91
CA LEU ZA 80 -39.16 -71.74 -24.92
C LEU ZA 80 -40.21 -72.70 -25.46
N PRO ZA 81 -41.15 -73.20 -24.66
CA PRO ZA 81 -42.10 -74.15 -25.19
C PRO ZA 81 -43.16 -73.47 -26.03
N PRO ZA 82 -43.99 -74.25 -26.72
CA PRO ZA 82 -45.13 -73.65 -27.41
C PRO ZA 82 -46.19 -73.20 -26.43
N GLY ZA 83 -46.89 -72.13 -26.81
CA GLY ZA 83 -47.90 -71.58 -25.95
C GLY ZA 83 -49.23 -72.27 -26.09
N GLY ZA 84 -50.30 -71.50 -26.07
CA GLY ZA 84 -51.63 -72.04 -26.19
C GLY ZA 84 -52.63 -71.02 -26.68
N GLY ZA 85 -53.42 -71.41 -27.66
CA GLY ZA 85 -54.43 -70.53 -28.21
C GLY ZA 85 -53.90 -69.61 -29.28
N SER ZA 86 -54.37 -68.37 -29.26
CA SER ZA 86 -53.95 -67.40 -30.26
C SER ZA 86 -52.50 -66.96 -30.08
N ASN ZA 87 -51.91 -67.25 -28.92
CA ASN ZA 87 -50.51 -66.96 -28.69
C ASN ZA 87 -49.69 -68.21 -28.99
N PRO ZA 88 -48.91 -68.24 -30.08
CA PRO ZA 88 -48.25 -69.50 -30.44
C PRO ZA 88 -47.12 -69.90 -29.50
N ARG ZA 89 -46.56 -68.94 -28.77
CA ARG ZA 89 -45.46 -69.19 -27.85
C ARG ZA 89 -45.84 -68.75 -26.45
N SER ZA 90 -45.08 -69.25 -25.47
CA SER ZA 90 -45.41 -69.03 -24.08
C SER ZA 90 -44.94 -67.68 -23.57
N VAL ZA 91 -43.94 -67.09 -24.23
CA VAL ZA 91 -43.50 -65.72 -23.95
C VAL ZA 91 -44.09 -64.83 -25.04
N PRO ZA 92 -45.05 -63.96 -24.74
CA PRO ZA 92 -45.75 -63.26 -25.82
C PRO ZA 92 -45.00 -62.07 -26.40
N PHE ZA 93 -44.04 -62.39 -27.26
CA PHE ZA 93 -43.26 -61.41 -27.97
C PHE ZA 93 -43.04 -61.87 -29.40
N GLU ZA 94 -42.71 -60.93 -30.26
CA GLU ZA 94 -42.54 -61.18 -31.69
C GLU ZA 94 -41.10 -61.47 -32.06
N TYR ZA 95 -40.18 -60.61 -31.63
CA TYR ZA 95 -38.78 -60.67 -32.02
C TYR ZA 95 -37.92 -61.08 -30.85
N TYR ZA 96 -36.71 -61.53 -31.17
CA TYR ZA 96 -35.75 -61.90 -30.15
C TYR ZA 96 -34.35 -61.78 -30.72
N ARG ZA 97 -33.39 -61.75 -29.81
CA ARG ZA 97 -31.99 -61.85 -30.18
C ARG ZA 97 -31.22 -62.32 -28.95
N ILE ZA 98 -30.42 -63.35 -29.12
CA ILE ZA 98 -29.70 -63.95 -28.02
C ILE ZA 98 -28.45 -63.13 -27.74
N ARG ZA 99 -28.33 -62.65 -26.51
CA ARG ZA 99 -27.23 -61.79 -26.11
C ARG ZA 99 -26.04 -62.59 -25.64
N LYS ZA 100 -26.26 -63.58 -24.77
CA LYS ZA 100 -25.19 -64.37 -24.20
C LYS ZA 100 -25.71 -65.77 -23.93
N VAL ZA 101 -24.78 -66.71 -23.79
CA VAL ZA 101 -25.07 -68.05 -23.35
C VAL ZA 101 -24.02 -68.44 -22.32
N LYS ZA 102 -24.47 -69.17 -21.30
CA LYS ZA 102 -23.61 -69.71 -20.26
C LYS ZA 102 -23.78 -71.22 -20.27
N VAL ZA 103 -22.76 -71.92 -20.73
CA VAL ZA 103 -22.72 -73.37 -20.69
C VAL ZA 103 -21.94 -73.78 -19.46
N GLU ZA 104 -22.56 -74.59 -18.62
CA GLU ZA 104 -21.98 -75.06 -17.36
C GLU ZA 104 -21.90 -76.57 -17.42
N PHE ZA 105 -20.69 -77.10 -17.35
CA PHE ZA 105 -20.46 -78.53 -17.21
C PHE ZA 105 -20.39 -78.84 -15.72
N TRP ZA 106 -21.50 -79.30 -15.18
CA TRP ZA 106 -21.55 -79.72 -13.80
C TRP ZA 106 -21.16 -81.18 -13.70
N PRO ZA 107 -20.09 -81.55 -13.00
CA PRO ZA 107 -19.66 -82.94 -12.99
C PRO ZA 107 -20.62 -83.83 -12.24
N CYS ZA 108 -20.56 -85.10 -12.60
CA CYS ZA 108 -21.31 -86.16 -11.96
C CYS ZA 108 -20.41 -87.16 -11.26
N SER ZA 109 -19.12 -86.96 -11.28
CA SER ZA 109 -18.13 -87.92 -10.86
C SER ZA 109 -17.53 -87.52 -9.52
N PRO ZA 110 -17.13 -88.47 -8.70
CA PRO ZA 110 -16.58 -88.13 -7.39
C PRO ZA 110 -15.20 -87.53 -7.50
N ILE ZA 111 -14.80 -86.83 -6.43
CA ILE ZA 111 -13.48 -86.24 -6.38
C ILE ZA 111 -12.38 -87.27 -6.15
N THR ZA 112 -12.73 -88.52 -5.89
CA THR ZA 112 -11.77 -89.59 -5.74
C THR ZA 112 -11.47 -90.32 -7.04
N GLN ZA 113 -12.09 -89.92 -8.15
CA GLN ZA 113 -11.92 -90.64 -9.40
C GLN ZA 113 -10.55 -90.31 -9.98
N GLY ZA 114 -9.85 -91.36 -10.42
CA GLY ZA 114 -8.55 -91.22 -11.00
C GLY ZA 114 -8.57 -91.22 -12.51
N ASP ZA 115 -7.39 -91.42 -13.09
CA ASP ZA 115 -7.20 -91.36 -14.54
C ASP ZA 115 -7.66 -90.01 -15.06
N ARG ZA 116 -7.29 -88.96 -14.35
CA ARG ZA 116 -7.68 -87.62 -14.70
C ARG ZA 116 -7.07 -87.22 -16.03
N GLY ZA 117 -7.58 -86.13 -16.58
CA GLY ZA 117 -7.22 -85.69 -17.90
C GLY ZA 117 -7.32 -84.20 -18.08
N VAL ZA 118 -7.12 -83.74 -19.31
CA VAL ZA 118 -7.12 -82.33 -19.62
C VAL ZA 118 -7.63 -82.15 -21.03
N GLY ZA 119 -8.63 -81.28 -21.18
CA GLY ZA 119 -9.28 -81.04 -22.44
C GLY ZA 119 -9.37 -79.58 -22.79
N SER ZA 120 -10.25 -79.26 -23.72
CA SER ZA 120 -10.33 -77.90 -24.24
C SER ZA 120 -11.74 -77.65 -24.76
N SER ZA 121 -12.24 -76.44 -24.50
CA SER ZA 121 -13.50 -75.95 -25.04
C SER ZA 121 -13.25 -74.68 -25.81
N ALA ZA 122 -13.76 -74.62 -27.03
CA ALA ZA 122 -13.57 -73.48 -27.91
C ALA ZA 122 -14.90 -73.01 -28.46
N VAL ZA 123 -14.90 -71.77 -28.93
CA VAL ZA 123 -16.09 -71.09 -29.42
C VAL ZA 123 -16.07 -71.09 -30.94
N ILE ZA 124 -17.09 -71.68 -31.55
CA ILE ZA 124 -17.15 -71.95 -32.97
C ILE ZA 124 -18.44 -71.34 -33.50
N LEU ZA 125 -18.34 -70.16 -34.09
CA LEU ZA 125 -19.51 -69.37 -34.44
C LEU ZA 125 -19.97 -69.54 -35.88
N ASP ZA 126 -19.74 -70.71 -36.50
CA ASP ZA 126 -19.97 -70.85 -37.94
C ASP ZA 126 -20.52 -72.20 -38.39
N ASP ZA 127 -20.82 -73.13 -37.50
CA ASP ZA 127 -21.48 -74.38 -37.87
C ASP ZA 127 -20.58 -75.29 -38.69
N ASN ZA 128 -19.27 -75.16 -38.52
CA ASN ZA 128 -18.30 -76.10 -39.09
C ASN ZA 128 -17.37 -76.47 -37.95
N PHE ZA 129 -17.74 -77.52 -37.25
CA PHE ZA 129 -17.01 -78.06 -36.14
C PHE ZA 129 -16.01 -79.09 -36.62
N VAL ZA 130 -15.03 -79.38 -35.76
CA VAL ZA 130 -14.20 -80.56 -35.96
C VAL ZA 130 -15.11 -81.78 -35.92
N THR ZA 131 -14.84 -82.75 -36.78
CA THR ZA 131 -15.69 -83.91 -36.90
C THR ZA 131 -15.77 -84.65 -35.58
N LYS ZA 132 -16.97 -85.14 -35.26
CA LYS ZA 132 -17.17 -85.90 -34.05
C LYS ZA 132 -16.32 -87.16 -34.07
N ALA ZA 133 -15.57 -87.36 -32.99
CA ALA ZA 133 -14.63 -88.47 -32.88
C ALA ZA 133 -14.75 -89.08 -31.49
N THR ZA 134 -14.50 -90.38 -31.44
CA THR ZA 134 -14.51 -91.12 -30.18
C THR ZA 134 -13.16 -91.11 -29.50
N ALA ZA 135 -12.10 -91.45 -30.24
CA ALA ZA 135 -10.75 -91.46 -29.71
C ALA ZA 135 -9.81 -90.89 -30.78
N LEU ZA 136 -9.65 -89.57 -30.75
CA LEU ZA 136 -8.73 -88.87 -31.63
C LEU ZA 136 -7.39 -88.67 -30.93
N THR ZA 137 -6.32 -88.79 -31.70
CA THR ZA 137 -4.97 -88.83 -31.16
C THR ZA 137 -4.44 -87.47 -30.72
N TYR ZA 138 -5.27 -86.42 -30.72
CA TYR ZA 138 -4.82 -85.10 -30.34
C TYR ZA 138 -6.04 -84.27 -29.95
N ASP ZA 139 -5.77 -83.14 -29.32
CA ASP ZA 139 -6.81 -82.18 -28.95
C ASP ZA 139 -6.90 -81.13 -30.04
N PRO ZA 140 -7.94 -81.13 -30.88
CA PRO ZA 140 -7.96 -80.15 -31.97
C PRO ZA 140 -8.19 -78.74 -31.51
N TYR ZA 141 -8.92 -78.55 -30.43
CA TYR ZA 141 -9.30 -77.24 -29.95
C TYR ZA 141 -8.27 -76.63 -29.02
N VAL ZA 142 -7.04 -77.15 -29.01
CA VAL ZA 142 -6.06 -76.73 -28.02
C VAL ZA 142 -5.41 -75.42 -28.43
N ASN ZA 143 -5.11 -75.25 -29.72
CA ASN ZA 143 -4.44 -74.06 -30.20
C ASN ZA 143 -5.41 -72.97 -30.60
N TYR ZA 144 -6.70 -73.17 -30.38
CA TYR ZA 144 -7.68 -72.14 -30.69
C TYR ZA 144 -7.54 -70.96 -29.74
N SER ZA 145 -7.74 -69.77 -30.28
CA SER ZA 145 -7.64 -68.55 -29.50
C SER ZA 145 -8.69 -68.46 -28.41
N SER ZA 146 -9.80 -69.18 -28.56
CA SER ZA 146 -10.87 -69.22 -27.57
C SER ZA 146 -10.84 -70.48 -26.71
N ARG ZA 147 -9.69 -71.12 -26.61
CA ARG ZA 147 -9.58 -72.34 -25.83
C ARG ZA 147 -9.51 -72.01 -24.36
N HIS ZA 148 -10.33 -72.72 -23.58
CA HIS ZA 148 -10.23 -72.77 -22.14
C HIS ZA 148 -9.96 -74.22 -21.78
N THR ZA 149 -9.08 -74.43 -20.83
CA THR ZA 149 -8.74 -75.77 -20.39
C THR ZA 149 -9.87 -76.37 -19.58
N ILE ZA 150 -10.17 -77.63 -19.87
CA ILE ZA 150 -11.12 -78.42 -19.12
C ILE ZA 150 -10.30 -79.39 -18.28
N THR ZA 151 -10.30 -79.16 -16.97
CA THR ZA 151 -9.85 -80.17 -16.04
C THR ZA 151 -10.94 -81.21 -15.86
N GLN ZA 152 -10.55 -82.47 -15.88
CA GLN ZA 152 -11.45 -83.60 -15.83
C GLN ZA 152 -11.09 -84.48 -14.65
N PRO ZA 153 -12.04 -85.30 -14.16
CA PRO ZA 153 -13.45 -85.43 -14.45
C PRO ZA 153 -14.38 -84.71 -13.49
N PHE ZA 154 -13.85 -84.29 -12.35
CA PHE ZA 154 -14.66 -83.82 -11.24
C PHE ZA 154 -14.58 -82.31 -11.05
N SER ZA 155 -14.38 -81.58 -12.13
CA SER ZA 155 -14.16 -80.14 -12.07
C SER ZA 155 -15.20 -79.43 -12.93
N TYR ZA 156 -15.61 -78.27 -12.45
CA TYR ZA 156 -16.60 -77.44 -13.10
C TYR ZA 156 -15.97 -76.58 -14.18
N HIS ZA 157 -16.68 -76.46 -15.30
CA HIS ZA 157 -16.22 -75.70 -16.44
C HIS ZA 157 -17.38 -74.84 -16.94
N SER ZA 158 -17.17 -73.54 -16.99
CA SER ZA 158 -18.12 -72.58 -17.51
C SER ZA 158 -17.55 -71.88 -18.73
N ARG ZA 159 -18.44 -71.51 -19.65
CA ARG ZA 159 -18.10 -70.71 -20.80
C ARG ZA 159 -19.23 -69.72 -21.01
N TYR ZA 160 -18.88 -68.44 -21.09
CA TYR ZA 160 -19.82 -67.34 -21.22
C TYR ZA 160 -19.45 -66.53 -22.44
N PHE ZA 161 -20.32 -66.53 -23.44
CA PHE ZA 161 -20.00 -65.95 -24.73
C PHE ZA 161 -21.28 -65.54 -25.42
N THR ZA 162 -21.10 -64.90 -26.57
CA THR ZA 162 -22.20 -64.40 -27.39
C THR ZA 162 -22.32 -65.25 -28.64
N PRO ZA 163 -23.38 -66.05 -28.80
CA PRO ZA 163 -23.47 -66.89 -29.99
C PRO ZA 163 -23.87 -66.10 -31.21
N LYS ZA 164 -23.95 -66.79 -32.35
CA LYS ZA 164 -24.31 -66.19 -33.61
C LYS ZA 164 -25.29 -67.11 -34.32
N PRO ZA 165 -26.27 -66.58 -35.04
CA PRO ZA 165 -27.21 -67.44 -35.75
C PRO ZA 165 -26.68 -67.91 -37.10
N VAL ZA 166 -27.26 -69.03 -37.53
CA VAL ZA 166 -26.89 -69.65 -38.79
C VAL ZA 166 -27.85 -69.08 -39.84
N LEU ZA 167 -27.45 -67.98 -40.44
CA LEU ZA 167 -28.25 -67.32 -41.47
C LEU ZA 167 -28.04 -67.98 -42.82
N ASP ZA 168 -26.79 -68.27 -43.18
CA ASP ZA 168 -26.48 -68.99 -44.41
C ASP ZA 168 -25.36 -69.96 -44.10
N SER ZA 169 -25.69 -71.25 -44.07
CA SER ZA 169 -24.69 -72.27 -43.81
C SER ZA 169 -23.71 -72.47 -44.96
N THR ZA 170 -24.05 -72.00 -46.15
CA THR ZA 170 -23.16 -72.11 -47.29
C THR ZA 170 -22.00 -71.13 -47.21
N ILE ZA 171 -22.28 -69.91 -46.77
CA ILE ZA 171 -21.29 -68.84 -46.71
C ILE ZA 171 -20.78 -68.70 -45.28
N ASP ZA 172 -21.66 -68.93 -44.31
CA ASP ZA 172 -21.31 -68.90 -42.90
C ASP ZA 172 -20.74 -67.55 -42.50
N TYR ZA 173 -21.60 -66.53 -42.59
CA TYR ZA 173 -21.26 -65.17 -42.20
C TYR ZA 173 -21.94 -64.82 -40.89
N PHE ZA 174 -21.26 -64.00 -40.10
CA PHE ZA 174 -21.79 -63.57 -38.82
C PHE ZA 174 -21.28 -62.17 -38.50
N GLN ZA 175 -21.91 -61.58 -37.58
CA GLN ZA 175 -21.64 -60.23 -37.14
C GLN ZA 175 -20.66 -60.20 -35.99
N PRO ZA 176 -19.84 -59.16 -35.86
CA PRO ZA 176 -19.09 -59.00 -34.63
C PRO ZA 176 -19.96 -58.55 -33.47
N ASN ZA 177 -19.39 -58.50 -32.28
CA ASN ZA 177 -20.15 -58.21 -31.09
C ASN ZA 177 -20.47 -56.72 -31.04
N ASN ZA 178 -21.75 -56.41 -31.08
CA ASN ZA 178 -22.23 -55.04 -30.98
C ASN ZA 178 -23.64 -55.11 -30.45
N LYS ZA 179 -23.85 -54.61 -29.23
CA LYS ZA 179 -25.17 -54.72 -28.65
C LYS ZA 179 -26.18 -53.86 -29.39
N ARG ZA 180 -25.74 -52.77 -30.00
CA ARG ZA 180 -26.66 -51.84 -30.64
C ARG ZA 180 -27.03 -52.27 -32.05
N ASN ZA 181 -26.17 -53.04 -32.71
CA ASN ZA 181 -26.36 -53.42 -34.10
C ASN ZA 181 -26.74 -54.88 -34.27
N GLN ZA 182 -26.92 -55.63 -33.19
CA GLN ZA 182 -27.25 -57.04 -33.30
C GLN ZA 182 -28.62 -57.21 -33.93
N LEU ZA 183 -28.70 -58.15 -34.86
CA LEU ZA 183 -29.91 -58.40 -35.60
C LEU ZA 183 -31.00 -58.94 -34.68
N TRP ZA 184 -32.23 -58.53 -34.97
CA TRP ZA 184 -33.41 -59.10 -34.36
C TRP ZA 184 -33.93 -60.19 -35.28
N LEU ZA 185 -34.10 -61.38 -34.73
CA LEU ZA 185 -34.76 -62.47 -35.41
C LEU ZA 185 -36.21 -62.54 -34.97
N ARG ZA 186 -36.99 -63.28 -35.73
CA ARG ZA 186 -38.38 -63.54 -35.38
C ARG ZA 186 -38.48 -64.81 -34.56
N LEU ZA 187 -39.32 -64.73 -33.54
CA LEU ZA 187 -39.67 -65.89 -32.72
C LEU ZA 187 -40.71 -66.69 -33.46
N GLN ZA 188 -40.25 -67.65 -34.25
CA GLN ZA 188 -41.12 -68.49 -35.04
C GLN ZA 188 -41.94 -69.39 -34.13
N THR ZA 189 -42.87 -70.11 -34.75
CA THR ZA 189 -43.75 -71.01 -34.00
C THR ZA 189 -43.07 -72.33 -33.72
N ALA ZA 190 -42.55 -73.01 -34.77
CA ALA ZA 190 -41.86 -74.28 -34.58
C ALA ZA 190 -40.64 -74.45 -35.48
N GLY ZA 191 -40.02 -73.36 -35.92
CA GLY ZA 191 -38.95 -73.44 -36.90
C GLY ZA 191 -37.80 -72.48 -36.69
N ASN ZA 192 -37.50 -72.17 -35.44
CA ASN ZA 192 -36.46 -71.21 -35.15
C ASN ZA 192 -35.09 -71.70 -35.60
N VAL ZA 193 -34.19 -70.77 -35.80
CA VAL ZA 193 -32.88 -71.02 -36.39
C VAL ZA 193 -31.90 -71.39 -35.28
N ASP ZA 194 -30.96 -72.26 -35.62
CA ASP ZA 194 -30.00 -72.76 -34.66
C ASP ZA 194 -28.89 -71.74 -34.45
N HIS ZA 195 -28.63 -71.42 -33.19
CA HIS ZA 195 -27.45 -70.68 -32.82
C HIS ZA 195 -26.33 -71.63 -32.47
N VAL ZA 196 -25.11 -71.14 -32.59
CA VAL ZA 196 -23.92 -71.97 -32.59
C VAL ZA 196 -22.83 -71.24 -31.83
N GLY ZA 197 -21.79 -71.99 -31.44
CA GLY ZA 197 -20.77 -71.39 -30.62
C GLY ZA 197 -20.02 -72.19 -29.58
N LEU ZA 198 -20.14 -73.51 -29.53
CA LEU ZA 198 -19.25 -74.26 -28.64
C LEU ZA 198 -18.89 -75.63 -29.17
N GLY ZA 199 -17.61 -75.93 -29.11
CA GLY ZA 199 -17.11 -77.26 -29.38
C GLY ZA 199 -16.12 -77.67 -28.31
N THR ZA 200 -16.10 -78.96 -28.02
CA THR ZA 200 -15.38 -79.50 -26.88
C THR ZA 200 -14.47 -80.64 -27.32
N ALA ZA 201 -13.51 -80.93 -26.46
CA ALA ZA 201 -12.63 -82.09 -26.60
C ALA ZA 201 -12.30 -82.60 -25.21
N PHE ZA 202 -12.81 -83.77 -24.88
CA PHE ZA 202 -12.59 -84.40 -23.60
C PHE ZA 202 -11.64 -85.57 -23.74
N GLU ZA 203 -10.69 -85.65 -22.80
CA GLU ZA 203 -9.73 -86.74 -22.79
C GLU ZA 203 -10.39 -87.98 -22.22
N ASN ZA 204 -10.28 -89.09 -22.94
CA ASN ZA 204 -10.92 -90.31 -22.55
C ASN ZA 204 -10.23 -90.91 -21.33
N SER ZA 205 -10.89 -91.89 -20.72
CA SER ZA 205 -10.46 -92.47 -19.46
C SER ZA 205 -10.95 -93.91 -19.38
N ILE ZA 206 -10.39 -94.63 -18.40
CA ILE ZA 206 -10.83 -95.99 -18.14
C ILE ZA 206 -12.23 -96.01 -17.55
N TYR ZA 207 -12.60 -94.96 -16.83
CA TYR ZA 207 -13.91 -94.84 -16.23
C TYR ZA 207 -14.79 -93.90 -17.04
N ASP ZA 208 -16.10 -94.09 -16.89
CA ASP ZA 208 -17.04 -93.23 -17.58
C ASP ZA 208 -17.10 -91.86 -16.90
N GLN ZA 209 -17.08 -90.82 -17.71
CA GLN ZA 209 -17.13 -89.44 -17.25
C GLN ZA 209 -18.48 -88.85 -17.65
N GLU ZA 210 -19.35 -88.64 -16.67
CA GLU ZA 210 -20.67 -88.09 -16.90
C GLU ZA 210 -20.72 -86.63 -16.47
N TYR ZA 211 -21.57 -85.87 -17.14
CA TYR ZA 211 -21.77 -84.46 -16.87
C TYR ZA 211 -23.24 -84.12 -17.02
N ASN ZA 212 -23.69 -83.17 -16.21
CA ASN ZA 212 -25.00 -82.55 -16.34
C ASN ZA 212 -24.78 -81.14 -16.85
N ILE ZA 213 -25.15 -80.89 -18.10
CA ILE ZA 213 -24.86 -79.64 -18.76
C ILE ZA 213 -26.07 -78.74 -18.66
N ARG ZA 214 -25.89 -77.55 -18.10
CA ARG ZA 214 -26.93 -76.56 -17.93
C ARG ZA 214 -26.59 -75.37 -18.80
N VAL ZA 215 -27.39 -75.16 -19.84
CA VAL ZA 215 -27.26 -74.03 -20.74
C VAL ZA 215 -28.26 -72.97 -20.31
N THR ZA 216 -27.78 -71.75 -20.18
CA THR ZA 216 -28.59 -70.59 -19.83
C THR ZA 216 -28.42 -69.56 -20.92
N MET ZA 217 -29.51 -69.20 -21.58
CA MET ZA 217 -29.51 -68.18 -22.61
C MET ZA 217 -30.11 -66.89 -22.07
N TYR ZA 218 -29.37 -65.81 -22.25
CA TYR ZA 218 -29.81 -64.47 -21.88
C TYR ZA 218 -30.33 -63.79 -23.13
N VAL ZA 219 -31.65 -63.64 -23.21
CA VAL ZA 219 -32.32 -63.23 -24.43
C VAL ZA 219 -32.92 -61.84 -24.21
N GLN ZA 220 -33.33 -61.23 -25.31
CA GLN ZA 220 -33.92 -59.91 -25.32
C GLN ZA 220 -35.02 -59.93 -26.36
N PHE ZA 221 -36.25 -59.75 -25.90
CA PHE ZA 221 -37.43 -59.77 -26.75
C PHE ZA 221 -37.88 -58.36 -27.08
N ARG ZA 222 -38.86 -58.28 -27.99
CA ARG ZA 222 -39.35 -57.01 -28.46
C ARG ZA 222 -40.78 -57.19 -28.97
N GLU ZA 223 -41.57 -56.13 -28.84
CA GLU ZA 223 -42.92 -56.04 -29.40
C GLU ZA 223 -43.85 -57.11 -28.80
N PHE ZA 224 -44.16 -56.88 -27.53
CA PHE ZA 224 -45.24 -57.55 -26.83
C PHE ZA 224 -46.47 -57.65 -27.70
N ASN ZA 225 -46.94 -58.87 -27.93
CA ASN ZA 225 -47.98 -59.12 -28.93
C ASN ZA 225 -49.04 -60.06 -28.39
N LEU ZA 226 -49.46 -59.84 -27.16
CA LEU ZA 226 -50.49 -60.69 -26.57
C LEU ZA 226 -51.80 -60.49 -27.30
N LYS ZA 227 -52.54 -61.58 -27.44
CA LYS ZA 227 -53.85 -61.59 -28.08
C LYS ZA 227 -54.88 -62.07 -27.08
N ASP ZA 228 -55.95 -61.29 -26.91
CA ASP ZA 228 -56.95 -61.52 -25.89
C ASP ZA 228 -58.32 -61.63 -26.54
N PRO ZA 229 -58.68 -62.81 -27.04
CA PRO ZA 229 -60.04 -63.01 -27.53
C PRO ZA 229 -61.02 -63.11 -26.39
N PRO ZA 230 -62.32 -63.02 -26.67
CA PRO ZA 230 -63.30 -63.25 -25.61
C PRO ZA 230 -63.36 -64.70 -25.17
N LEU ZA 231 -64.25 -64.99 -24.23
CA LEU ZA 231 -64.40 -66.34 -23.67
C LEU ZA 231 -65.86 -66.68 -23.43
N GLY AB 43 7.82 -58.74 -40.61
CA GLY AB 43 6.46 -59.20 -40.43
C GLY AB 43 6.30 -60.10 -39.24
N ILE AB 44 6.17 -59.51 -38.07
CA ILE AB 44 6.17 -60.25 -36.82
C ILE AB 44 4.81 -60.86 -36.58
N PHE AB 45 4.80 -62.04 -36.00
CA PHE AB 45 3.58 -62.73 -35.59
C PHE AB 45 3.90 -63.56 -34.36
N ASN AB 46 3.52 -63.06 -33.20
CA ASN AB 46 3.63 -63.81 -31.97
C ASN AB 46 2.43 -64.71 -31.81
N THR AB 47 2.67 -66.00 -31.59
CA THR AB 47 1.61 -66.96 -31.36
C THR AB 47 2.03 -67.95 -30.29
N ARG AB 48 1.27 -69.03 -30.20
CA ARG AB 48 1.40 -70.01 -29.13
C ARG AB 48 1.12 -71.39 -29.70
N LEU AB 49 2.06 -72.30 -29.49
CA LEU AB 49 1.98 -73.67 -29.99
C LEU AB 49 2.12 -74.62 -28.83
N SER AB 50 1.31 -75.67 -28.83
CA SER AB 50 1.23 -76.62 -27.74
C SER AB 50 1.40 -78.05 -28.26
N ARG AB 51 1.56 -78.95 -27.30
CA ARG AB 51 1.88 -80.35 -27.53
C ARG AB 51 1.73 -81.06 -26.20
N THR AB 52 1.20 -82.27 -26.24
CA THR AB 52 0.89 -83.04 -25.04
C THR AB 52 1.42 -84.46 -25.19
N PHE AB 53 2.01 -84.97 -24.11
CA PHE AB 53 2.57 -86.31 -24.09
C PHE AB 53 2.67 -86.78 -22.65
N GLY AB 54 2.96 -88.06 -22.50
CA GLY AB 54 2.99 -88.71 -21.22
C GLY AB 54 4.37 -88.97 -20.64
N TYR AB 55 4.42 -89.11 -19.32
CA TYR AB 55 5.62 -89.46 -18.59
C TYR AB 55 5.21 -90.23 -17.36
N THR AB 56 5.85 -91.37 -17.13
CA THR AB 56 5.55 -92.24 -16.01
C THR AB 56 6.82 -92.55 -15.23
N ILE AB 57 6.70 -92.53 -13.92
CA ILE AB 57 7.73 -92.95 -12.99
C ILE AB 57 7.28 -94.30 -12.44
N LYS AB 58 7.91 -95.36 -12.91
CA LYS AB 58 7.52 -96.70 -12.53
C LYS AB 58 7.81 -96.95 -11.05
N ARG AB 59 7.12 -97.92 -10.49
CA ARG AB 59 7.25 -98.29 -9.09
C ARG AB 59 8.59 -98.97 -8.83
N THR AB 60 8.98 -98.96 -7.55
CA THR AB 60 10.20 -99.61 -7.10
C THR AB 60 9.97 -100.23 -5.73
N THR AB 61 10.50 -101.43 -5.53
CA THR AB 61 10.49 -102.08 -4.24
C THR AB 61 11.54 -101.53 -3.29
N VAL AB 62 12.42 -100.64 -3.77
CA VAL AB 62 13.45 -100.06 -2.92
C VAL AB 62 12.81 -99.32 -1.75
N LYS AB 63 13.39 -99.51 -0.56
CA LYS AB 63 12.85 -98.91 0.64
C LYS AB 63 13.31 -97.48 0.83
N THR AB 64 14.55 -97.19 0.46
CA THR AB 64 15.13 -95.89 0.68
C THR AB 64 14.42 -94.82 -0.14
N PRO AB 65 14.62 -93.55 0.19
CA PRO AB 65 14.19 -92.49 -0.72
C PRO AB 65 15.16 -92.34 -1.86
N SER AB 66 14.76 -92.78 -3.03
CA SER AB 66 15.53 -92.63 -4.26
C SER AB 66 14.76 -91.77 -5.24
N TRP AB 67 15.48 -91.16 -6.15
CA TRP AB 67 14.90 -90.26 -7.14
C TRP AB 67 15.17 -90.77 -8.55
N ALA AB 68 14.22 -90.46 -9.42
CA ALA AB 68 14.28 -90.81 -10.84
C ALA AB 68 14.57 -89.55 -11.63
N VAL AB 69 15.67 -89.56 -12.36
CA VAL AB 69 16.15 -88.39 -13.08
C VAL AB 69 15.85 -88.57 -14.55
N ASP AB 70 15.46 -87.48 -15.21
CA ASP AB 70 15.20 -87.48 -16.62
C ASP AB 70 15.37 -86.07 -17.15
N MET AB 71 15.41 -85.95 -18.47
CA MET AB 71 15.66 -84.71 -19.18
C MET AB 71 14.49 -84.37 -20.06
N MET AB 72 14.51 -83.13 -20.57
CA MET AB 72 13.44 -82.62 -21.40
C MET AB 72 13.99 -81.56 -22.33
N ARG AB 73 13.98 -81.85 -23.63
CA ARG AB 73 14.34 -80.91 -24.68
C ARG AB 73 13.09 -80.45 -25.41
N PHE AB 74 13.25 -79.41 -26.21
CA PHE AB 74 12.14 -78.81 -26.96
C PHE AB 74 12.60 -78.54 -28.38
N ASN AB 75 11.87 -79.09 -29.35
CA ASN AB 75 12.10 -78.83 -30.76
C ASN AB 75 10.81 -78.39 -31.41
N ILE AB 76 10.93 -77.55 -32.42
CA ILE AB 76 9.76 -76.97 -33.09
C ILE AB 76 9.14 -77.91 -34.10
N ASN AB 77 9.82 -78.99 -34.48
CA ASN AB 77 9.20 -79.96 -35.37
C ASN AB 77 8.04 -80.67 -34.68
N ASP AB 78 8.13 -80.84 -33.38
CA ASP AB 78 7.08 -81.51 -32.62
C ASP AB 78 5.86 -80.63 -32.39
N PHE AB 79 5.96 -79.33 -32.64
CA PHE AB 79 4.85 -78.40 -32.49
C PHE AB 79 4.32 -77.89 -33.82
N LEU AB 80 5.18 -77.79 -34.82
CA LEU AB 80 4.82 -77.26 -36.13
C LEU AB 80 4.93 -78.36 -37.18
N PRO AB 81 3.83 -78.84 -37.76
CA PRO AB 81 3.95 -79.93 -38.71
C PRO AB 81 4.47 -79.44 -40.05
N PRO AB 82 4.80 -80.35 -40.96
CA PRO AB 82 5.13 -79.94 -42.31
C PRO AB 82 3.90 -79.46 -43.06
N GLY AB 83 4.13 -78.52 -43.96
CA GLY AB 83 3.04 -77.95 -44.72
C GLY AB 83 2.70 -78.77 -45.94
N GLY AB 84 2.39 -78.10 -47.03
CA GLY AB 84 2.05 -78.77 -48.26
C GLY AB 84 2.28 -77.89 -49.48
N GLY AB 85 2.92 -78.45 -50.49
CA GLY AB 85 3.19 -77.74 -51.71
C GLY AB 85 4.44 -76.90 -51.65
N SER AB 86 4.37 -75.70 -52.22
CA SER AB 86 5.53 -74.82 -52.24
C SER AB 86 5.85 -74.25 -50.87
N ASN AB 87 4.93 -74.34 -49.92
CA ASN AB 87 5.17 -73.91 -48.55
C ASN AB 87 5.62 -75.12 -47.74
N PRO AB 88 6.89 -75.20 -47.33
CA PRO AB 88 7.33 -76.43 -46.67
C PRO AB 88 6.77 -76.62 -45.27
N ARG AB 89 6.34 -75.55 -44.62
CA ARG AB 89 5.81 -75.60 -43.27
C ARG AB 89 4.38 -75.04 -43.25
N SER AB 90 3.67 -75.36 -42.17
CA SER AB 90 2.27 -75.02 -42.08
C SER AB 90 2.05 -73.58 -41.65
N VAL AB 91 3.03 -72.98 -40.98
CA VAL AB 91 3.01 -71.56 -40.63
C VAL AB 91 3.93 -70.84 -41.63
N PRO AB 92 3.40 -70.03 -42.54
CA PRO AB 92 4.26 -69.52 -43.62
C PRO AB 92 5.15 -68.36 -43.21
N PHE AB 93 6.24 -68.68 -42.54
CA PHE AB 93 7.23 -67.72 -42.14
C PHE AB 93 8.61 -68.32 -42.32
N GLU AB 94 9.61 -67.46 -42.38
CA GLU AB 94 10.99 -67.84 -42.63
C GLU AB 94 11.78 -68.05 -41.34
N TYR AB 95 11.73 -67.08 -40.44
CA TYR AB 95 12.54 -67.07 -39.24
C TYR AB 95 11.68 -67.26 -38.01
N TYR AB 96 12.32 -67.65 -36.92
CA TYR AB 96 11.63 -67.81 -35.66
C TYR AB 96 12.62 -67.64 -34.52
N ARG AB 97 12.08 -67.43 -33.33
CA ARG AB 97 12.86 -67.44 -32.11
C ARG AB 97 11.91 -67.70 -30.96
N ILE AB 98 12.24 -68.68 -30.14
CA ILE AB 98 11.37 -69.10 -29.04
C ILE AB 98 11.58 -68.14 -27.88
N ARG AB 99 10.49 -67.52 -27.45
CA ARG AB 99 10.52 -66.53 -26.38
C ARG AB 99 10.39 -67.17 -25.01
N LYS AB 100 9.43 -68.07 -24.84
CA LYS AB 100 9.16 -68.69 -23.57
C LYS AB 100 8.63 -70.10 -23.82
N VAL AB 101 8.71 -70.92 -22.79
CA VAL AB 101 8.10 -72.24 -22.76
C VAL AB 101 7.43 -72.41 -21.41
N LYS AB 102 6.26 -73.06 -21.44
CA LYS AB 102 5.51 -73.42 -20.24
C LYS AB 102 5.35 -74.92 -20.24
N VAL AB 103 6.06 -75.57 -19.33
CA VAL AB 103 5.91 -77.00 -19.11
C VAL AB 103 4.96 -77.21 -17.95
N GLU AB 104 3.90 -77.97 -18.18
CA GLU AB 104 2.87 -78.23 -17.21
C GLU AB 104 2.82 -79.73 -16.96
N PHE AB 105 3.09 -80.14 -15.73
CA PHE AB 105 2.92 -81.53 -15.30
C PHE AB 105 1.52 -81.66 -14.75
N TRP AB 106 0.61 -82.16 -15.58
CA TRP AB 106 -0.74 -82.41 -15.15
C TRP AB 106 -0.82 -83.82 -14.59
N PRO AB 107 -1.17 -84.01 -13.32
CA PRO AB 107 -1.16 -85.35 -12.75
C PRO AB 107 -2.25 -86.23 -13.32
N CYS AB 108 -1.98 -87.53 -13.23
CA CYS AB 108 -2.92 -88.57 -13.62
C CYS AB 108 -3.37 -89.40 -12.44
N SER AB 109 -2.93 -89.09 -11.24
CA SER AB 109 -3.09 -89.92 -10.07
C SER AB 109 -4.13 -89.31 -9.14
N PRO AB 110 -4.86 -90.13 -8.40
CA PRO AB 110 -5.90 -89.60 -7.52
C PRO AB 110 -5.31 -88.90 -6.31
N ILE AB 111 -6.14 -88.06 -5.70
CA ILE AB 111 -5.71 -87.36 -4.50
C ILE AB 111 -5.66 -88.25 -3.27
N THR AB 112 -6.12 -89.49 -3.38
CA THR AB 112 -6.04 -90.45 -2.29
C THR AB 112 -4.78 -91.30 -2.33
N GLN AB 113 -3.89 -91.08 -3.30
CA GLN AB 113 -2.71 -91.91 -3.44
C GLN AB 113 -1.70 -91.55 -2.36
N GLY AB 114 -1.15 -92.56 -1.72
CA GLY AB 114 -0.17 -92.39 -0.68
C GLY AB 114 1.24 -92.55 -1.17
N ASP AB 115 2.15 -92.73 -0.21
CA ASP AB 115 3.58 -92.80 -0.48
C ASP AB 115 4.04 -91.56 -1.23
N ARG AB 116 3.56 -90.41 -0.79
CA ARG AB 116 3.89 -89.16 -1.42
C ARG AB 116 5.37 -88.86 -1.29
N GLY AB 117 5.81 -87.89 -2.08
CA GLY AB 117 7.21 -87.57 -2.19
C GLY AB 117 7.46 -86.13 -2.51
N VAL AB 118 8.73 -85.79 -2.75
CA VAL AB 118 9.12 -84.42 -3.01
C VAL AB 118 10.32 -84.45 -3.95
N GLY AB 119 10.21 -83.69 -5.03
CA GLY AB 119 11.22 -83.65 -6.08
C GLY AB 119 11.63 -82.25 -6.43
N SER AB 120 12.25 -82.10 -7.59
CA SER AB 120 12.83 -80.84 -7.99
C SER AB 120 12.90 -80.76 -9.50
N SER AB 121 12.60 -79.58 -10.03
CA SER AB 121 12.74 -79.26 -11.44
C SER AB 121 13.65 -78.07 -11.59
N ALA AB 122 14.65 -78.19 -12.46
CA ALA AB 122 15.63 -77.15 -12.67
C ALA AB 122 15.76 -76.85 -14.15
N VAL AB 123 16.31 -75.68 -14.45
CA VAL AB 123 16.44 -75.15 -15.80
C VAL AB 123 17.88 -75.32 -16.24
N ILE AB 124 18.08 -76.06 -17.32
CA ILE AB 124 19.40 -76.49 -17.79
C ILE AB 124 19.54 -76.07 -19.24
N LEU AB 125 20.22 -74.96 -19.47
CA LEU AB 125 20.25 -74.30 -20.77
C LEU AB 125 21.44 -74.68 -21.63
N ASP AB 126 22.01 -75.89 -21.46
CA ASP AB 126 23.28 -76.21 -22.11
C ASP AB 126 23.43 -77.64 -22.62
N ASP AB 127 22.42 -78.48 -22.51
CA ASP AB 127 22.45 -79.82 -23.10
C ASP AB 127 23.45 -80.73 -22.40
N ASN AB 128 23.72 -80.48 -21.12
CA ASN AB 128 24.49 -81.39 -20.28
C ASN AB 128 23.67 -81.55 -19.01
N PHE AB 129 22.81 -82.55 -19.02
CA PHE AB 129 21.95 -82.89 -17.91
C PHE AB 129 22.64 -83.89 -17.00
N VAL AB 130 22.11 -83.99 -15.78
CA VAL AB 130 22.47 -85.11 -14.93
C VAL AB 130 22.04 -86.38 -15.63
N THR AB 131 22.87 -87.41 -15.52
CA THR AB 131 22.62 -88.66 -16.23
C THR AB 131 21.28 -89.24 -15.82
N LYS AB 132 20.57 -89.80 -16.79
CA LYS AB 132 19.30 -90.43 -16.52
C LYS AB 132 19.48 -91.62 -15.58
N ALA AB 133 18.69 -91.64 -14.52
CA ALA AB 133 18.79 -92.63 -13.47
C ALA AB 133 17.40 -93.09 -13.08
N THR AB 134 17.31 -94.35 -12.68
CA THR AB 134 16.07 -94.94 -12.23
C THR AB 134 15.85 -94.74 -10.73
N ALA AB 135 16.86 -95.07 -9.92
CA ALA AB 135 16.79 -94.89 -8.48
C ALA AB 135 18.14 -94.37 -8.00
N LEU AB 136 18.27 -93.06 -7.99
CA LEU AB 136 19.45 -92.39 -7.47
C LEU AB 136 19.23 -92.01 -6.01
N THR AB 137 20.28 -92.11 -5.22
CA THR AB 137 20.20 -91.97 -3.77
C THR AB 137 20.07 -90.53 -3.30
N TYR AB 138 19.88 -89.57 -4.20
CA TYR AB 138 19.76 -88.17 -3.81
C TYR AB 138 19.09 -87.42 -4.94
N ASP AB 139 18.67 -86.21 -4.63
CA ASP AB 139 18.06 -85.30 -5.59
C ASP AB 139 19.15 -84.39 -6.15
N PRO AB 140 19.61 -84.58 -7.38
CA PRO AB 140 20.71 -83.74 -7.86
C PRO AB 140 20.32 -82.30 -8.09
N TYR AB 141 19.07 -82.05 -8.47
CA TYR AB 141 18.61 -80.72 -8.83
C TYR AB 141 18.11 -79.93 -7.64
N VAL AB 142 18.44 -80.35 -6.42
CA VAL AB 142 17.85 -79.74 -5.23
C VAL AB 142 18.55 -78.43 -4.90
N ASN AB 143 19.88 -78.39 -5.03
CA ASN AB 143 20.64 -77.20 -4.69
C ASN AB 143 20.80 -76.24 -5.85
N TYR AB 144 20.16 -76.53 -6.98
CA TYR AB 144 20.22 -75.62 -8.12
C TYR AB 144 19.47 -74.34 -7.83
N SER AB 145 20.02 -73.24 -8.33
CA SER AB 145 19.41 -71.93 -8.14
C SER AB 145 18.04 -71.82 -8.80
N SER AB 146 17.77 -72.65 -9.80
CA SER AB 146 16.50 -72.66 -10.51
C SER AB 146 15.60 -73.81 -10.08
N ARG AB 147 15.81 -74.33 -8.88
CA ARG AB 147 15.02 -75.44 -8.41
C ARG AB 147 13.67 -74.95 -7.93
N HIS AB 148 12.62 -75.63 -8.38
CA HIS AB 148 11.29 -75.52 -7.83
C HIS AB 148 10.92 -76.88 -7.30
N THR AB 149 10.28 -76.91 -6.15
CA THR AB 149 9.86 -78.16 -5.54
C THR AB 149 8.70 -78.76 -6.29
N ILE AB 150 8.77 -80.06 -6.51
CA ILE AB 150 7.70 -80.85 -7.09
C ILE AB 150 7.09 -81.64 -5.95
N THR AB 151 5.88 -81.26 -5.57
CA THR AB 151 5.06 -82.12 -4.74
C THR AB 151 4.46 -83.22 -5.60
N GLN AB 152 4.50 -84.44 -5.08
CA GLN AB 152 4.08 -85.63 -5.80
C GLN AB 152 3.01 -86.35 -4.99
N PRO AB 153 2.18 -87.17 -5.62
CA PRO AB 153 1.98 -87.46 -7.05
C PRO AB 153 0.85 -86.71 -7.71
N PHE AB 154 -0.03 -86.13 -6.91
CA PHE AB 154 -1.30 -85.60 -7.38
C PHE AB 154 -1.33 -84.08 -7.44
N SER AB 155 -0.18 -83.46 -7.66
CA SER AB 155 -0.06 -82.01 -7.60
C SER AB 155 0.48 -81.49 -8.92
N TYR AB 156 -0.01 -80.32 -9.30
CA TYR AB 156 0.35 -79.66 -10.53
C TYR AB 156 1.64 -78.88 -10.36
N HIS AB 157 2.48 -78.93 -11.39
CA HIS AB 157 3.78 -78.28 -11.40
C HIS AB 157 3.94 -77.58 -12.74
N SER AB 158 4.16 -76.27 -12.71
CA SER AB 158 4.42 -75.47 -13.89
C SER AB 158 5.81 -74.86 -13.80
N ARG AB 159 6.42 -74.69 -14.96
CA ARG AB 159 7.69 -73.99 -15.10
C ARG AB 159 7.61 -73.12 -16.34
N TYR AB 160 7.89 -71.84 -16.18
CA TYR AB 160 7.80 -70.84 -17.24
C TYR AB 160 9.14 -70.15 -17.34
N PHE AB 161 9.81 -70.32 -18.48
CA PHE AB 161 11.18 -69.87 -18.64
C PHE AB 161 11.46 -69.65 -20.11
N THR AB 162 12.65 -69.14 -20.38
CA THR AB 162 13.13 -68.83 -21.71
C THR AB 162 14.20 -69.83 -22.13
N PRO AB 163 13.95 -70.72 -23.07
CA PRO AB 163 14.98 -71.69 -23.43
C PRO AB 163 16.07 -71.08 -24.27
N LYS AB 164 17.06 -71.90 -24.62
CA LYS AB 164 18.19 -71.48 -25.41
C LYS AB 164 18.47 -72.55 -26.45
N PRO AB 165 18.89 -72.19 -27.66
CA PRO AB 165 19.19 -73.20 -28.67
C PRO AB 165 20.59 -73.77 -28.53
N VAL AB 166 20.74 -74.97 -29.07
CA VAL AB 166 22.00 -75.70 -29.04
C VAL AB 166 22.73 -75.34 -30.33
N LEU AB 167 23.51 -74.27 -30.26
CA LEU AB 167 24.27 -73.81 -31.41
C LEU AB 167 25.57 -74.59 -31.57
N ASP AB 168 26.28 -74.82 -30.47
CA ASP AB 168 27.49 -75.65 -30.46
C ASP AB 168 27.46 -76.48 -29.20
N SER AB 169 27.25 -77.78 -29.35
CA SER AB 169 27.22 -78.68 -28.20
C SER AB 169 28.60 -78.92 -27.62
N THR AB 170 29.66 -78.61 -28.35
CA THR AB 170 31.02 -78.78 -27.84
C THR AB 170 31.38 -77.69 -26.84
N ILE AB 171 30.97 -76.47 -27.11
CA ILE AB 171 31.32 -75.32 -26.28
C ILE AB 171 30.14 -74.97 -25.38
N ASP AB 172 28.93 -75.16 -25.88
CA ASP AB 172 27.71 -74.95 -25.13
C ASP AB 172 27.62 -73.51 -24.62
N TYR AB 173 27.51 -72.59 -25.58
CA TYR AB 173 27.36 -71.17 -25.29
C TYR AB 173 25.93 -70.73 -25.56
N PHE AB 174 25.46 -69.77 -24.78
CA PHE AB 174 24.12 -69.25 -24.93
C PHE AB 174 24.09 -67.79 -24.52
N GLN AB 175 23.07 -67.15 -24.90
CA GLN AB 175 22.85 -65.74 -24.67
C GLN AB 175 22.06 -65.51 -23.39
N PRO AB 176 22.29 -64.39 -22.71
CA PRO AB 176 21.37 -64.02 -21.63
C PRO AB 176 20.04 -63.53 -22.15
N ASN AB 177 19.11 -63.31 -21.25
CA ASN AB 177 17.76 -62.93 -21.64
C ASN AB 177 17.73 -61.48 -22.10
N ASN AB 178 17.39 -61.29 -23.36
CA ASN AB 178 17.25 -59.96 -23.92
C ASN AB 178 16.29 -60.09 -25.10
N LYS AB 179 15.12 -59.48 -24.97
CA LYS AB 179 14.14 -59.63 -26.03
C LYS AB 179 14.59 -58.95 -27.31
N ARG AB 180 15.39 -57.90 -27.21
CA ARG AB 180 15.78 -57.13 -28.38
C ARG AB 180 16.96 -57.74 -29.11
N ASN AB 181 17.79 -58.51 -28.42
CA ASN AB 181 19.02 -59.07 -28.98
C ASN AB 181 18.94 -60.56 -29.22
N GLN AB 182 17.81 -61.19 -28.97
CA GLN AB 182 17.69 -62.63 -29.15
C GLN AB 182 17.84 -62.99 -30.62
N LEU AB 183 18.63 -64.03 -30.87
CA LEU AB 183 18.90 -64.46 -32.22
C LEU AB 183 17.66 -64.99 -32.90
N TRP AB 184 17.57 -64.72 -34.20
CA TRP AB 184 16.58 -65.32 -35.07
C TRP AB 184 17.19 -66.55 -35.72
N LEU AB 185 16.52 -67.67 -35.56
CA LEU AB 185 16.87 -68.89 -36.27
C LEU AB 185 15.99 -69.03 -37.49
N ARG AB 186 16.40 -69.92 -38.38
CA ARG AB 186 15.62 -70.25 -39.55
C ARG AB 186 14.69 -71.42 -39.25
N LEU AB 187 13.48 -71.31 -39.74
CA LEU AB 187 12.51 -72.38 -39.69
C LEU AB 187 12.81 -73.34 -40.81
N GLN AB 188 13.62 -74.35 -40.49
CA GLN AB 188 14.02 -75.34 -41.46
C GLN AB 188 12.83 -76.21 -41.85
N THR AB 189 13.07 -77.06 -42.85
CA THR AB 189 12.01 -77.94 -43.34
C THR AB 189 11.86 -79.16 -42.46
N ALA AB 190 12.95 -79.90 -42.20
CA ALA AB 190 12.90 -81.09 -41.36
C ALA AB 190 14.12 -81.25 -40.46
N GLY AB 191 14.82 -80.17 -40.14
CA GLY AB 191 16.08 -80.27 -39.41
C GLY AB 191 16.32 -79.20 -38.37
N ASN AB 192 15.26 -78.73 -37.74
CA ASN AB 192 15.38 -77.65 -36.78
C ASN AB 192 16.20 -78.07 -35.57
N VAL AB 193 16.76 -77.09 -34.90
CA VAL AB 193 17.70 -77.30 -33.81
C VAL AB 193 16.95 -77.45 -32.50
N ASP AB 194 17.50 -78.28 -31.62
CA ASP AB 194 16.85 -78.58 -30.36
C ASP AB 194 17.08 -77.46 -29.36
N HIS AB 195 16.02 -76.98 -28.76
CA HIS AB 195 16.09 -76.10 -27.62
C HIS AB 195 16.04 -76.91 -26.34
N VAL AB 196 16.58 -76.33 -25.29
CA VAL AB 196 16.89 -77.05 -24.06
C VAL AB 196 16.57 -76.16 -22.88
N GLY AB 197 16.47 -76.76 -21.70
CA GLY AB 197 16.07 -75.98 -20.55
C GLY AB 197 15.26 -76.60 -19.43
N LEU AB 198 15.08 -77.91 -19.37
CA LEU AB 198 14.46 -78.47 -18.17
C LEU AB 198 14.96 -79.87 -17.85
N GLY AB 199 15.28 -80.04 -16.58
CA GLY AB 199 15.59 -81.35 -16.03
C GLY AB 199 14.86 -81.55 -14.72
N THR AB 200 14.49 -82.80 -14.47
CA THR AB 200 13.61 -83.14 -13.37
C THR AB 200 14.21 -84.24 -12.52
N ALA AB 201 13.67 -84.35 -11.30
CA ALA AB 201 14.01 -85.44 -10.39
C ALA AB 201 12.76 -85.75 -9.59
N PHE AB 202 12.19 -86.93 -9.83
CA PHE AB 202 10.99 -87.39 -9.17
C PHE AB 202 11.32 -88.48 -8.16
N GLU AB 203 10.74 -88.38 -6.98
CA GLU AB 203 10.94 -89.37 -5.94
C GLU AB 203 10.09 -90.59 -6.24
N ASN AB 204 10.73 -91.76 -6.23
CA ASN AB 204 10.05 -92.98 -6.57
C ASN AB 204 9.07 -93.38 -5.47
N SER AB 205 8.22 -94.35 -5.80
CA SER AB 205 7.12 -94.73 -4.94
C SER AB 205 6.76 -96.19 -5.20
N ILE AB 206 5.96 -96.75 -4.30
CA ILE AB 206 5.46 -98.11 -4.48
C ILE AB 206 4.47 -98.17 -5.62
N TYR AB 207 3.76 -97.08 -5.87
CA TYR AB 207 2.77 -97.01 -6.93
C TYR AB 207 3.34 -96.25 -8.13
N ASP AB 208 2.77 -96.52 -9.29
CA ASP AB 208 3.18 -95.83 -10.50
C ASP AB 208 2.64 -94.41 -10.50
N GLN AB 209 3.49 -93.46 -10.85
CA GLN AB 209 3.15 -92.04 -10.92
C GLN AB 209 3.15 -91.63 -12.38
N GLU AB 210 1.97 -91.39 -12.93
CA GLU AB 210 1.80 -90.98 -14.31
C GLU AB 210 1.51 -89.49 -14.39
N TYR AB 211 1.92 -88.89 -15.49
CA TYR AB 211 1.72 -87.47 -15.76
C TYR AB 211 1.42 -87.29 -17.23
N ASN AB 212 0.59 -86.28 -17.52
CA ASN AB 212 0.34 -85.79 -18.88
C ASN AB 212 1.02 -84.44 -18.98
N ILE AB 213 2.09 -84.37 -19.74
CA ILE AB 213 2.92 -83.18 -19.81
C ILE AB 213 2.50 -82.38 -21.04
N ARG AB 214 2.12 -81.12 -20.83
CA ARG AB 214 1.70 -80.20 -21.87
C ARG AB 214 2.74 -79.09 -21.96
N VAL AB 215 3.48 -79.08 -23.06
CA VAL AB 215 4.47 -78.04 -23.34
C VAL AB 215 3.83 -77.04 -24.27
N THR AB 216 3.96 -75.76 -23.92
CA THR AB 216 3.46 -74.66 -24.71
C THR AB 216 4.63 -73.74 -25.01
N MET AB 217 4.93 -73.55 -26.28
CA MET AB 217 5.99 -72.66 -26.71
C MET AB 217 5.40 -71.37 -27.26
N TYR AB 218 5.88 -70.25 -26.75
CA TYR AB 218 5.49 -68.93 -27.21
C TYR AB 218 6.56 -68.44 -28.17
N VAL AB 219 6.23 -68.42 -29.45
CA VAL AB 219 7.20 -68.19 -30.50
C VAL AB 219 6.92 -66.85 -31.16
N GLN AB 220 7.88 -66.41 -31.97
CA GLN AB 220 7.81 -65.14 -32.67
C GLN AB 220 8.44 -65.37 -34.03
N PHE AB 221 7.63 -65.26 -35.07
CA PHE AB 221 8.06 -65.47 -36.44
C PHE AB 221 8.35 -64.15 -37.14
N ARG AB 222 8.88 -64.25 -38.35
CA ARG AB 222 9.29 -63.09 -39.12
C ARG AB 222 9.30 -63.44 -40.59
N GLU AB 223 9.02 -62.45 -41.42
CA GLU AB 223 9.12 -62.54 -42.87
C GLU AB 223 8.17 -63.61 -43.44
N PHE AB 224 6.90 -63.26 -43.37
CA PHE AB 224 5.83 -63.94 -44.11
C PHE AB 224 6.26 -64.24 -45.53
N ASN AB 225 6.23 -65.51 -45.90
CA ASN AB 225 6.82 -65.97 -47.15
C ASN AB 225 5.90 -66.92 -47.90
N LEU AB 226 4.62 -66.60 -47.92
CA LEU AB 226 3.67 -67.46 -48.61
C LEU AB 226 3.96 -67.46 -50.11
N LYS AB 227 3.78 -68.63 -50.72
CA LYS AB 227 3.96 -68.81 -52.15
C LYS AB 227 2.66 -69.26 -52.76
N ASP AB 228 2.22 -68.56 -53.80
CA ASP AB 228 0.91 -68.76 -54.43
C ASP AB 228 1.09 -69.06 -55.90
N PRO AB 229 1.34 -70.31 -56.26
CA PRO AB 229 1.38 -70.68 -57.66
C PRO AB 229 -0.03 -70.74 -58.23
N PRO AB 230 -0.17 -70.79 -59.55
CA PRO AB 230 -1.51 -70.98 -60.12
C PRO AB 230 -2.05 -72.37 -59.88
N LEU AB 231 -3.24 -72.64 -60.40
CA LEU AB 231 -3.92 -73.91 -60.22
C LEU AB 231 -4.64 -74.35 -61.48
N GLY BB 43 36.09 -62.14 2.07
CA GLY BB 43 35.46 -62.69 0.89
C GLY BB 43 34.20 -63.46 1.21
N ILE BB 44 33.12 -62.74 1.38
CA ILE BB 44 31.87 -63.32 1.85
C ILE BB 44 31.16 -64.01 0.70
N PHE BB 45 30.50 -65.11 1.03
CA PHE BB 45 29.67 -65.83 0.08
C PHE BB 45 28.54 -66.49 0.86
N ASN BB 46 27.37 -65.89 0.79
CA ASN BB 46 26.17 -66.48 1.36
C ASN BB 46 25.56 -67.45 0.38
N THR BB 47 25.32 -68.67 0.83
CA THR BB 47 24.69 -69.69 0.01
C THR BB 47 23.72 -70.50 0.86
N ARG BB 48 23.29 -71.63 0.30
CA ARG BB 48 22.24 -72.46 0.86
C ARG BB 48 22.57 -73.91 0.59
N LEU BB 49 22.59 -74.72 1.66
CA LEU BB 49 22.92 -76.13 1.59
C LEU BB 49 21.79 -76.92 2.20
N SER BB 50 21.43 -78.02 1.56
CA SER BB 50 20.30 -78.85 1.93
C SER BB 50 20.71 -80.29 2.10
N ARG BB 51 19.78 -81.06 2.64
CA ARG BB 51 19.97 -82.45 3.04
C ARG BB 51 18.62 -83.01 3.40
N THR BB 52 18.37 -84.25 3.03
CA THR BB 52 17.08 -84.90 3.20
C THR BB 52 17.26 -86.26 3.83
N PHE BB 53 16.39 -86.59 4.77
CA PHE BB 53 16.44 -87.86 5.47
C PHE BB 53 15.06 -88.15 6.05
N GLY BB 54 14.90 -89.37 6.53
CA GLY BB 54 13.64 -89.86 7.03
C GLY BB 54 13.50 -89.93 8.53
N TYR BB 55 12.27 -89.90 9.00
CA TYR BB 55 11.92 -90.06 10.41
C TYR BB 55 10.56 -90.71 10.49
N THR BB 56 10.45 -91.75 11.30
CA THR BB 56 9.21 -92.50 11.47
C THR BB 56 8.86 -92.60 12.94
N ILE BB 57 7.58 -92.44 13.22
CA ILE BB 57 7.00 -92.65 14.54
C ILE BB 57 6.22 -93.95 14.44
N LYS BB 58 6.77 -95.01 15.02
CA LYS BB 58 6.17 -96.32 14.93
C LYS BB 58 4.84 -96.36 15.68
N ARG BB 59 4.01 -97.32 15.32
CA ARG BB 59 2.70 -97.49 15.91
C ARG BB 59 2.81 -98.03 17.34
N THR BB 60 1.73 -97.83 18.10
CA THR BB 60 1.63 -98.31 19.47
C THR BB 60 0.21 -98.77 19.73
N THR BB 61 0.10 -99.90 20.44
CA THR BB 61 -1.20 -100.39 20.91
C THR BB 61 -1.70 -99.64 22.13
N VAL BB 62 -0.89 -98.74 22.70
CA VAL BB 62 -1.32 -97.98 23.87
C VAL BB 62 -2.56 -97.16 23.53
N LYS BB 63 -3.51 -97.15 24.46
CA LYS BB 63 -4.77 -96.46 24.25
C LYS BB 63 -4.68 -94.98 24.58
N THR BB 64 -3.91 -94.64 25.60
CA THR BB 64 -3.82 -93.27 26.05
C THR BB 64 -3.19 -92.37 25.00
N PRO BB 65 -3.32 -91.06 25.15
CA PRO BB 65 -2.50 -90.16 24.33
C PRO BB 65 -1.10 -90.06 24.88
N SER BB 66 -0.16 -90.68 24.20
CA SER BB 66 1.25 -90.61 24.53
C SER BB 66 2.00 -89.95 23.40
N TRP BB 67 3.16 -89.39 23.73
CA TRP BB 67 3.99 -88.66 22.78
C TRP BB 67 5.35 -89.31 22.65
N ALA BB 68 5.91 -89.20 21.45
CA ALA BB 68 7.22 -89.71 21.12
C ALA BB 68 8.18 -88.52 21.00
N VAL BB 69 9.22 -88.53 21.81
CA VAL BB 69 10.15 -87.42 21.91
C VAL BB 69 11.43 -87.80 21.20
N ASP BB 70 12.02 -86.83 20.51
CA ASP BB 70 13.28 -87.03 19.82
C ASP BB 70 13.95 -85.68 19.65
N MET BB 71 15.22 -85.73 19.27
CA MET BB 71 16.08 -84.57 19.16
C MET BB 71 16.57 -84.43 17.73
N MET BB 72 17.16 -83.27 17.44
CA MET BB 72 17.65 -82.96 16.11
C MET BB 72 18.80 -81.96 16.22
N ARG BB 73 20.00 -82.41 15.85
CA ARG BB 73 21.19 -81.58 15.76
C ARG BB 73 21.51 -81.32 14.30
N PHE BB 74 22.41 -80.37 14.08
CA PHE BB 74 22.83 -79.97 12.73
C PHE BB 74 24.34 -79.84 12.70
N ASN BB 75 24.97 -80.56 11.78
CA ASN BB 75 26.40 -80.46 11.53
C ASN BB 75 26.63 -80.20 10.06
N ILE BB 76 27.71 -79.48 9.76
CA ILE BB 76 28.01 -79.10 8.39
C ILE BB 76 28.69 -80.20 7.61
N ASN BB 77 29.17 -81.25 8.25
CA ASN BB 77 29.73 -82.37 7.51
C ASN BB 77 28.67 -83.09 6.72
N ASP BB 78 27.43 -83.09 7.22
CA ASP BB 78 26.33 -83.75 6.54
C ASP BB 78 25.80 -82.97 5.35
N PHE BB 79 26.18 -81.71 5.22
CA PHE BB 79 25.77 -80.86 4.11
C PHE BB 79 26.89 -80.57 3.13
N LEU BB 80 28.13 -80.52 3.62
CA LEU BB 80 29.30 -80.17 2.84
C LEU BB 80 30.23 -81.38 2.73
N PRO BB 81 30.40 -82.02 1.58
CA PRO BB 81 31.23 -83.20 1.53
C PRO BB 81 32.70 -82.83 1.56
N PRO BB 82 33.58 -83.82 1.69
CA PRO BB 82 35.00 -83.54 1.55
C PRO BB 82 35.37 -83.27 0.10
N GLY BB 83 36.36 -82.42 -0.08
CA GLY BB 83 36.80 -82.05 -1.40
C GLY BB 83 37.76 -83.04 -2.01
N GLY BB 84 38.75 -82.52 -2.71
CA GLY BB 84 39.75 -83.36 -3.32
C GLY BB 84 41.04 -82.63 -3.59
N GLY BB 85 42.15 -83.25 -3.21
CA GLY BB 85 43.46 -82.66 -3.43
C GLY BB 85 43.86 -81.72 -2.32
N SER BB 86 44.49 -80.62 -2.71
CA SER BB 86 44.95 -79.64 -1.73
C SER BB 86 43.82 -78.88 -1.07
N ASN BB 87 42.62 -78.94 -1.65
CA ASN BB 87 41.44 -78.33 -1.04
C ASN BB 87 40.71 -79.39 -0.23
N PRO BB 88 40.71 -79.31 1.11
CA PRO BB 88 40.12 -80.40 1.87
C PRO BB 88 38.61 -80.47 1.79
N ARG BB 89 37.95 -79.37 1.46
CA ARG BB 89 36.50 -79.31 1.36
C ARG BB 89 36.08 -78.88 -0.03
N SER BB 90 34.81 -79.13 -0.33
CA SER BB 90 34.30 -78.89 -1.68
C SER BB 90 33.96 -77.43 -1.92
N VAL BB 91 33.69 -76.68 -0.87
CA VAL BB 91 33.49 -75.23 -0.94
C VAL BB 91 34.77 -74.57 -0.47
N PRO BB 92 35.54 -73.92 -1.35
CA PRO BB 92 36.87 -73.48 -0.93
C PRO BB 92 36.87 -72.19 -0.10
N PHE BB 93 36.55 -72.35 1.17
CA PHE BB 93 36.57 -71.25 2.12
C PHE BB 93 37.13 -71.75 3.44
N GLU BB 94 37.58 -70.82 4.27
CA GLU BB 94 38.22 -71.10 5.54
C GLU BB 94 37.24 -71.09 6.70
N TYR BB 95 36.45 -70.03 6.81
CA TYR BB 95 35.58 -69.80 7.95
C TYR BB 95 34.13 -69.91 7.53
N TYR BB 96 33.27 -70.11 8.52
CA TYR BB 96 31.84 -70.18 8.27
C TYR BB 96 31.09 -69.79 9.53
N ARG BB 97 29.82 -69.48 9.35
CA ARG BB 97 28.90 -69.29 10.46
C ARG BB 97 27.50 -69.49 9.95
N ILE BB 98 26.74 -70.32 10.64
CA ILE BB 98 25.39 -70.68 10.20
C ILE BB 98 24.44 -69.58 10.63
N ARG BB 99 23.74 -69.00 9.67
CA ARG BB 99 22.84 -67.90 9.90
C ARG BB 99 21.45 -68.37 10.28
N LYS BB 100 20.90 -69.32 9.53
CA LYS BB 100 19.56 -69.81 9.73
C LYS BB 100 19.51 -71.27 9.33
N VAL BB 101 18.48 -71.96 9.82
CA VAL BB 101 18.16 -73.32 9.41
C VAL BB 101 16.65 -73.38 9.21
N LYS BB 102 16.25 -74.13 8.19
CA LYS BB 102 14.85 -74.39 7.87
C LYS BB 102 14.66 -75.90 7.90
N VAL BB 103 13.98 -76.38 8.92
CA VAL BB 103 13.60 -77.77 9.02
C VAL BB 103 12.18 -77.91 8.51
N GLU BB 104 12.00 -78.79 7.54
CA GLU BB 104 10.72 -79.02 6.89
C GLU BB 104 10.36 -80.49 7.10
N PHE BB 105 9.24 -80.71 7.78
CA PHE BB 105 8.67 -82.05 7.92
C PHE BB 105 7.68 -82.25 6.78
N TRP BB 106 8.14 -82.90 5.73
CA TRP BB 106 7.28 -83.22 4.60
C TRP BB 106 6.60 -84.55 4.88
N PRO BB 107 5.27 -84.61 4.95
CA PRO BB 107 4.63 -85.87 5.30
C PRO BB 107 4.74 -86.92 4.20
N CYS BB 108 4.63 -88.16 4.64
CA CYS BB 108 4.60 -89.32 3.76
C CYS BB 108 3.27 -90.04 3.79
N SER BB 109 2.32 -89.55 4.54
CA SER BB 109 1.08 -90.24 4.84
C SER BB 109 -0.08 -89.61 4.07
N PRO BB 110 -1.09 -90.40 3.71
CA PRO BB 110 -2.19 -89.86 2.93
C PRO BB 110 -3.09 -88.97 3.78
N ILE BB 111 -3.85 -88.14 3.08
CA ILE BB 111 -4.79 -87.26 3.76
C ILE BB 111 -6.01 -87.99 4.29
N THR BB 112 -6.16 -89.27 3.98
CA THR BB 112 -7.25 -90.08 4.50
C THR BB 112 -6.88 -90.81 5.79
N GLN BB 113 -5.67 -90.63 6.30
CA GLN BB 113 -5.24 -91.38 7.47
C GLN BB 113 -5.90 -90.80 8.71
N GLY BB 114 -6.42 -91.68 9.55
CA GLY BB 114 -7.08 -91.30 10.76
C GLY BB 114 -6.19 -91.39 11.97
N ASP BB 115 -6.82 -91.37 13.14
CA ASP BB 115 -6.11 -91.35 14.42
C ASP BB 115 -5.16 -90.19 14.48
N ARG BB 116 -5.63 -89.03 14.02
CA ARG BB 116 -4.82 -87.84 13.99
C ARG BB 116 -4.44 -87.40 15.39
N GLY BB 117 -3.47 -86.49 15.44
CA GLY BB 117 -2.90 -86.07 16.70
C GLY BB 117 -2.38 -84.66 16.67
N VAL BB 118 -1.74 -84.25 17.75
CA VAL BB 118 -1.24 -82.89 17.87
C VAL BB 118 0.02 -82.93 18.72
N GLY BB 119 1.09 -82.32 18.20
CA GLY BB 119 2.39 -82.32 18.82
C GLY BB 119 2.97 -80.94 18.94
N SER BB 120 4.28 -80.88 19.16
CA SER BB 120 4.95 -79.62 19.43
C SER BB 120 6.41 -79.73 19.01
N SER BB 121 6.91 -78.65 18.43
CA SER BB 121 8.32 -78.49 18.10
C SER BB 121 8.85 -77.25 18.77
N ALA BB 122 9.98 -77.39 19.46
CA ALA BB 122 10.58 -76.29 20.20
C ALA BB 122 12.05 -76.17 19.82
N VAL BB 123 12.60 -75.00 20.12
CA VAL BB 123 13.97 -74.64 19.77
C VAL BB 123 14.83 -74.72 21.01
N ILE BB 124 15.85 -75.58 20.96
CA ILE BB 124 16.67 -75.95 22.11
C ILE BB 124 18.12 -75.68 21.75
N LEU BB 125 18.65 -74.56 22.19
CA LEU BB 125 19.94 -74.06 21.74
C LEU BB 125 21.10 -74.44 22.65
N ASP BB 126 21.02 -75.56 23.38
CA ASP BB 126 22.00 -75.85 24.42
C ASP BB 126 22.40 -77.30 24.59
N ASP BB 127 21.91 -78.22 23.76
CA ASP BB 127 22.36 -79.61 23.77
C ASP BB 127 21.93 -80.34 25.04
N ASN BB 128 20.83 -79.91 25.65
CA ASN BB 128 20.20 -80.64 26.74
C ASN BB 128 18.73 -80.72 26.38
N PHE BB 129 18.38 -81.78 25.68
CA PHE BB 129 17.04 -82.07 25.25
C PHE BB 129 16.30 -82.89 26.29
N VAL BB 130 14.98 -82.88 26.19
CA VAL BB 130 14.19 -83.85 26.92
C VAL BB 130 14.60 -85.24 26.45
N THR BB 131 14.68 -86.17 27.40
CA THR BB 131 15.15 -87.50 27.09
C THR BB 131 14.29 -88.16 26.02
N LYS BB 132 14.93 -88.88 25.12
CA LYS BB 132 14.22 -89.58 24.07
C LYS BB 132 13.29 -90.63 24.67
N ALA BB 133 12.04 -90.58 24.25
CA ALA BB 133 10.99 -91.43 24.79
C ALA BB 133 10.15 -91.97 23.65
N THR BB 134 9.62 -93.17 23.85
CA THR BB 134 8.74 -93.81 22.88
C THR BB 134 7.28 -93.45 23.11
N ALA BB 135 6.81 -93.58 24.34
CA ALA BB 135 5.43 -93.25 24.70
C ALA BB 135 5.46 -92.56 26.06
N LEU BB 136 5.61 -91.24 26.03
CA LEU BB 136 5.55 -90.41 27.22
C LEU BB 136 4.14 -89.88 27.42
N THR BB 137 3.71 -89.80 28.66
CA THR BB 137 2.33 -89.49 29.01
C THR BB 137 1.97 -88.03 28.86
N TYR BB 138 2.84 -87.19 28.29
CA TYR BB 138 2.56 -85.78 28.13
C TYR BB 138 3.48 -85.23 27.06
N ASP BB 139 3.16 -84.03 26.61
CA ASP BB 139 3.96 -83.31 25.64
C ASP BB 139 4.90 -82.37 26.38
N PRO BB 140 6.20 -82.67 26.46
CA PRO BB 140 7.06 -81.80 27.25
C PRO BB 140 7.29 -80.43 26.64
N TYR BB 141 7.28 -80.35 25.32
CA TYR BB 141 7.59 -79.12 24.61
C TYR BB 141 6.37 -78.23 24.41
N VAL BB 142 5.29 -78.48 25.15
CA VAL BB 142 4.04 -77.77 24.88
C VAL BB 142 4.06 -76.38 25.49
N ASN BB 143 4.61 -76.24 26.69
CA ASN BB 143 4.63 -74.96 27.37
C ASN BB 143 5.86 -74.14 27.05
N TYR BB 144 6.70 -74.61 26.14
CA TYR BB 144 7.86 -73.85 25.75
C TYR BB 144 7.47 -72.60 24.97
N SER BB 145 8.21 -71.53 25.20
CA SER BB 145 7.95 -70.27 24.52
C SER BB 145 8.16 -70.36 23.02
N SER BB 146 8.95 -71.32 22.56
CA SER BB 146 9.21 -71.53 21.14
C SER BB 146 8.42 -72.68 20.56
N ARG BB 147 7.31 -73.04 21.18
CA ARG BB 147 6.51 -74.16 20.71
C ARG BB 147 5.67 -73.73 19.53
N HIS BB 148 5.71 -74.54 18.49
CA HIS BB 148 4.77 -74.47 17.38
C HIS BB 148 4.03 -75.80 17.35
N THR BB 149 2.74 -75.74 17.10
CA THR BB 149 1.92 -76.94 17.05
C THR BB 149 2.21 -77.73 15.79
N ILE BB 150 2.34 -79.04 15.96
CA ILE BB 150 2.48 -79.97 14.85
C ILE BB 150 1.14 -80.67 14.72
N THR BB 151 0.42 -80.36 13.65
CA THR BB 151 -0.69 -81.17 13.23
C THR BB 151 -0.17 -82.42 12.54
N GLN BB 152 -0.75 -83.56 12.88
CA GLN BB 152 -0.31 -84.86 12.40
C GLN BB 152 -1.48 -85.56 11.72
N PRO BB 153 -1.21 -86.53 10.84
CA PRO BB 153 0.05 -87.00 10.27
C PRO BB 153 0.38 -86.44 8.90
N PHE BB 154 -0.61 -85.84 8.25
CA PHE BB 154 -0.52 -85.49 6.83
C PHE BB 154 -0.34 -84.00 6.61
N SER BB 155 0.28 -83.31 7.55
CA SER BB 155 0.40 -81.86 7.51
C SER BB 155 1.86 -81.46 7.55
N TYR BB 156 2.15 -80.39 6.84
CA TYR BB 156 3.50 -79.85 6.72
C TYR BB 156 3.81 -78.95 7.90
N HIS BB 157 5.05 -79.05 8.38
CA HIS BB 157 5.53 -78.29 9.52
C HIS BB 157 6.90 -77.75 9.19
N SER BB 158 7.06 -76.44 9.25
CA SER BB 158 8.32 -75.77 9.04
C SER BB 158 8.74 -75.03 10.30
N ARG BB 159 10.05 -74.94 10.51
CA ARG BB 159 10.63 -74.15 11.58
C ARG BB 159 11.86 -73.46 11.02
N TYR BB 160 11.91 -72.15 11.19
CA TYR BB 160 12.97 -71.29 10.65
C TYR BB 160 13.55 -70.50 11.80
N PHE BB 161 14.82 -70.76 12.11
CA PHE BB 161 15.44 -70.21 13.30
C PHE BB 161 16.94 -70.14 13.09
N THR BB 162 17.62 -69.56 14.07
CA THR BB 162 19.06 -69.38 14.07
C THR BB 162 19.69 -70.33 15.07
N PRO BB 163 20.43 -71.34 14.66
CA PRO BB 163 21.02 -72.26 15.64
C PRO BB 163 22.20 -71.66 16.34
N LYS BB 164 22.77 -72.42 17.27
CA LYS BB 164 23.93 -72.00 18.04
C LYS BB 164 24.90 -73.18 18.12
N PRO BB 165 26.20 -72.93 18.10
CA PRO BB 165 27.15 -74.01 18.20
C PRO BB 165 27.42 -74.44 19.63
N VAL BB 166 27.88 -75.69 19.74
CA VAL BB 166 28.19 -76.29 21.03
C VAL BB 166 29.67 -76.03 21.28
N LEU BB 167 29.95 -74.89 21.91
CA LEU BB 167 31.31 -74.51 22.23
C LEU BB 167 31.79 -75.19 23.50
N ASP BB 168 30.96 -75.22 24.54
CA ASP BB 168 31.27 -75.93 25.77
C ASP BB 168 29.99 -76.60 26.24
N SER BB 169 29.95 -77.93 26.14
CA SER BB 169 28.79 -78.68 26.57
C SER BB 169 28.65 -78.72 28.10
N THR BB 170 29.71 -78.41 28.83
CA THR BB 170 29.65 -78.41 30.29
C THR BB 170 28.91 -77.19 30.80
N ILE BB 171 29.14 -76.04 30.19
CA ILE BB 171 28.57 -74.77 30.63
C ILE BB 171 27.36 -74.42 29.76
N ASP BB 172 27.44 -74.78 28.48
CA ASP BB 172 26.36 -74.58 27.53
C ASP BB 172 25.98 -73.11 27.43
N TYR BB 173 26.93 -72.32 26.93
CA TYR BB 173 26.74 -70.90 26.70
C TYR BB 173 26.58 -70.63 25.21
N PHE BB 174 25.77 -69.61 24.90
CA PHE BB 174 25.54 -69.24 23.52
C PHE BB 174 25.27 -67.75 23.44
N GLN BB 175 25.36 -67.25 22.28
CA GLN BB 175 25.20 -65.84 21.97
C GLN BB 175 23.76 -65.53 21.61
N PRO BB 176 23.29 -64.32 21.88
CA PRO BB 176 22.01 -63.91 21.31
C PRO BB 176 22.13 -63.59 19.84
N ASN BB 177 20.99 -63.34 19.20
CA ASN BB 177 20.96 -63.14 17.77
C ASN BB 177 21.51 -61.76 17.43
N ASN BB 178 22.62 -61.75 16.69
CA ASN BB 178 23.23 -60.52 16.23
C ASN BB 178 24.01 -60.87 14.98
N LYS BB 179 23.58 -60.36 13.84
CA LYS BB 179 24.25 -60.71 12.60
C LYS BB 179 25.67 -60.16 12.55
N ARG BB 180 25.92 -59.04 13.22
CA ARG BB 180 27.21 -58.39 13.13
C ARG BB 180 28.23 -58.98 14.09
N ASN BB 181 27.77 -59.58 15.19
CA ASN BB 181 28.64 -60.09 16.24
C ASN BB 181 28.71 -61.60 16.28
N GLN BB 182 28.06 -62.30 15.36
CA GLN BB 182 28.07 -63.75 15.36
C GLN BB 182 29.46 -64.28 15.10
N LEU BB 183 29.86 -65.27 15.88
CA LEU BB 183 31.19 -65.83 15.79
C LEU BB 183 31.39 -66.53 14.46
N TRP BB 184 32.61 -66.43 13.96
CA TRP BB 184 33.07 -67.21 12.83
C TRP BB 184 33.76 -68.45 13.36
N LEU BB 185 33.31 -69.61 12.90
CA LEU BB 185 33.98 -70.87 13.16
C LEU BB 185 34.85 -71.23 11.98
N ARG BB 186 35.73 -72.19 12.19
CA ARG BB 186 36.57 -72.72 11.14
C ARG BB 186 35.89 -73.91 10.50
N LEU BB 187 35.97 -73.97 9.19
CA LEU BB 187 35.52 -75.11 8.41
C LEU BB 187 36.60 -76.17 8.47
N GLN BB 188 36.46 -77.06 9.45
CA GLN BB 188 37.43 -78.12 9.65
C GLN BB 188 37.34 -79.13 8.52
N THR BB 189 38.28 -80.07 8.54
CA THR BB 189 38.34 -81.09 7.50
C THR BB 189 37.34 -82.21 7.77
N ALA BB 190 37.38 -82.82 8.97
CA ALA BB 190 36.46 -83.89 9.32
C ALA BB 190 35.99 -83.84 10.77
N GLY BB 191 35.99 -82.67 11.39
CA GLY BB 191 35.71 -82.57 12.81
C GLY BB 191 34.91 -81.37 13.23
N ASN BB 192 34.01 -80.92 12.37
CA ASN BB 192 33.23 -79.72 12.66
C ASN BB 192 32.31 -79.93 13.85
N VAL BB 193 31.94 -78.82 14.46
CA VAL BB 193 31.19 -78.82 15.72
C VAL BB 193 29.70 -78.87 15.41
N ASP BB 194 28.96 -79.53 16.30
CA ASP BB 194 27.54 -79.74 16.11
C ASP BB 194 26.78 -78.49 16.50
N HIS BB 195 25.91 -78.04 15.62
CA HIS BB 195 24.94 -77.03 15.93
C HIS BB 195 23.64 -77.68 16.38
N VAL BB 196 22.86 -76.92 17.13
CA VAL BB 196 21.75 -77.47 17.89
C VAL BB 196 20.61 -76.47 17.84
N GLY BB 197 19.40 -76.93 18.19
CA GLY BB 197 18.26 -76.06 18.06
C GLY BB 197 16.90 -76.60 17.71
N LEU BB 198 16.67 -77.92 17.72
CA LEU BB 198 15.29 -78.38 17.57
C LEU BB 198 15.02 -79.67 18.31
N GLY BB 199 13.90 -79.67 19.02
CA GLY BB 199 13.38 -80.87 19.62
C GLY BB 199 11.89 -80.96 19.37
N THR BB 200 11.42 -82.20 19.25
CA THR BB 200 10.08 -82.49 18.79
C THR BB 200 9.37 -83.43 19.76
N ALA BB 201 8.04 -83.43 19.63
CA ALA BB 201 7.19 -84.37 20.35
C ALA BB 201 6.01 -84.69 19.46
N PHE BB 202 5.96 -85.93 18.99
CA PHE BB 202 4.90 -86.41 18.11
C PHE BB 202 3.98 -87.33 18.87
N GLU BB 203 2.67 -87.14 18.67
CA GLU BB 203 1.68 -87.98 19.29
C GLU BB 203 1.58 -89.30 18.55
N ASN BB 204 1.67 -90.40 19.29
CA ASN BB 204 1.68 -91.71 18.69
C ASN BB 204 0.29 -92.06 18.15
N SER BB 205 0.25 -93.12 17.36
CA SER BB 205 -0.95 -93.50 16.62
C SER BB 205 -0.94 -95.00 16.39
N ILE BB 206 -2.10 -95.52 15.97
CA ILE BB 206 -2.21 -96.92 15.62
C ILE BB 206 -1.45 -97.21 14.34
N TYR BB 207 -1.34 -96.22 13.45
CA TYR BB 207 -0.65 -96.36 12.18
C TYR BB 207 0.72 -95.71 12.27
N ASP BB 208 1.62 -96.17 11.41
CA ASP BB 208 2.95 -95.59 11.34
C ASP BB 208 2.91 -94.23 10.66
N GLN BB 209 3.59 -93.26 11.25
CA GLN BB 209 3.67 -91.91 10.73
C GLN BB 209 5.09 -91.66 10.23
N GLU BB 210 5.25 -91.59 8.92
CA GLU BB 210 6.54 -91.37 8.30
C GLU BB 210 6.65 -89.94 7.81
N TYR BB 211 7.89 -89.44 7.79
CA TYR BB 211 8.19 -88.09 7.35
C TYR BB 211 9.50 -88.10 6.59
N ASN BB 212 9.60 -87.22 5.60
CA ASN BB 212 10.84 -86.93 4.90
C ASN BB 212 11.28 -85.54 5.34
N ILE BB 213 12.34 -85.47 6.12
CA ILE BB 213 12.77 -84.22 6.72
C ILE BB 213 13.87 -83.61 5.87
N ARG BB 214 13.65 -82.38 5.42
CA ARG BB 214 14.59 -81.64 4.60
C ARG BB 214 15.10 -80.46 5.42
N VAL BB 215 16.37 -80.51 5.78
CA VAL BB 215 17.04 -79.44 6.50
C VAL BB 215 17.81 -78.61 5.49
N THR BB 216 17.63 -77.30 5.56
CA THR BB 216 18.32 -76.34 4.72
C THR BB 216 19.04 -75.37 5.63
N MET BB 217 20.36 -75.31 5.50
CA MET BB 217 21.18 -74.38 6.25
C MET BB 217 21.62 -73.23 5.38
N TYR BB 218 21.39 -72.02 5.86
CA TYR BB 218 21.82 -70.81 5.19
C TYR BB 218 23.10 -70.33 5.85
N VAL BB 219 24.21 -70.50 5.15
CA VAL BB 219 25.54 -70.32 5.71
C VAL BB 219 26.19 -69.10 5.08
N GLN BB 220 27.28 -68.68 5.69
CA GLN BB 220 28.04 -67.51 5.26
C GLN BB 220 29.50 -67.85 5.46
N PHE BB 221 30.25 -67.93 4.37
CA PHE BB 221 31.65 -68.27 4.37
C PHE BB 221 32.52 -67.03 4.27
N ARG BB 222 33.82 -67.22 4.43
CA ARG BB 222 34.77 -66.13 4.43
C ARG BB 222 36.14 -66.66 4.03
N GLU BB 223 36.93 -65.80 3.40
CA GLU BB 223 38.32 -66.06 3.06
C GLU BB 223 38.47 -67.26 2.12
N PHE BB 224 38.02 -67.02 0.89
CA PHE BB 224 38.32 -67.88 -0.26
C PHE BB 224 39.76 -68.31 -0.26
N ASN BB 225 40.00 -69.60 -0.24
CA ASN BB 225 41.33 -70.16 -0.01
C ASN BB 225 41.65 -71.27 -0.99
N LEU BB 226 41.30 -71.08 -2.25
CA LEU BB 226 41.58 -72.09 -3.24
C LEU BB 226 43.08 -72.24 -3.44
N LYS BB 227 43.50 -73.48 -3.66
CA LYS BB 227 44.90 -73.82 -3.90
C LYS BB 227 45.02 -74.46 -5.27
N ASP BB 228 45.94 -73.93 -6.07
CA ASP BB 228 46.08 -74.31 -7.47
C ASP BB 228 47.51 -74.77 -7.73
N PRO BB 229 47.81 -76.02 -7.44
CA PRO BB 229 49.12 -76.55 -7.81
C PRO BB 229 49.21 -76.80 -9.29
N PRO BB 230 50.41 -77.03 -9.83
CA PRO BB 230 50.51 -77.40 -11.24
C PRO BB 230 49.98 -78.80 -11.52
N LEU BB 231 50.07 -79.22 -12.77
CA LEU BB 231 49.57 -80.53 -13.19
C LEU BB 231 50.50 -81.18 -14.21
N GLY CB 43 4.44 -58.34 41.78
CA GLY CB 43 5.29 -59.08 40.87
C GLY CB 43 4.52 -59.90 39.87
N ILE CB 44 4.06 -59.25 38.82
CA ILE CB 44 3.17 -59.87 37.85
C ILE CB 44 3.97 -60.75 36.90
N PHE CB 45 3.36 -61.86 36.51
CA PHE CB 45 3.92 -62.75 35.51
C PHE CB 45 2.77 -63.40 34.76
N ASN CB 46 2.51 -62.91 33.57
CA ASN CB 46 1.52 -63.52 32.70
C ASN CB 46 2.18 -64.65 31.92
N THR CB 47 1.57 -65.83 31.97
CA THR CB 47 2.06 -66.98 31.24
C THR CB 47 0.87 -67.76 30.67
N ARG CB 48 1.18 -68.98 30.22
CA ARG CB 48 0.24 -69.82 29.50
C ARG CB 48 0.48 -71.27 29.90
N LEU CB 49 -0.58 -71.94 30.34
CA LEU CB 49 -0.53 -73.32 30.79
C LEU CB 49 -1.53 -74.13 30.00
N SER CB 50 -1.13 -75.32 29.60
CA SER CB 50 -1.91 -76.19 28.73
C SER CB 50 -2.05 -77.57 29.33
N ARG CB 51 -2.93 -78.34 28.72
CA ARG CB 51 -3.35 -79.65 29.19
C ARG CB 51 -4.18 -80.28 28.08
N THR CB 52 -4.01 -81.58 27.88
CA THR CB 52 -4.64 -82.30 26.79
C THR CB 52 -5.29 -83.56 27.31
N PHE CB 53 -6.49 -83.85 26.81
CA PHE CB 53 -7.23 -85.02 27.23
C PHE CB 53 -8.25 -85.36 26.15
N GLY CB 54 -8.85 -86.54 26.29
CA GLY CB 54 -9.78 -87.05 25.31
C GLY CB 54 -11.23 -86.97 25.66
N TYR CB 55 -12.08 -86.99 24.64
CA TYR CB 55 -13.53 -87.01 24.78
C TYR CB 55 -14.11 -87.75 23.60
N THR CB 56 -14.98 -88.71 23.87
CA THR CB 56 -15.60 -89.53 22.84
C THR CB 56 -17.11 -89.49 22.98
N ILE CB 57 -17.78 -89.40 21.84
CA ILE CB 57 -19.22 -89.51 21.74
C ILE CB 57 -19.49 -90.87 21.12
N LYS CB 58 -19.94 -91.82 21.94
CA LYS CB 58 -20.16 -93.18 21.48
C LYS CB 58 -21.31 -93.23 20.48
N ARG CB 59 -21.30 -94.29 19.69
CA ARG CB 59 -22.31 -94.50 18.67
C ARG CB 59 -23.66 -94.87 19.28
N THR CB 60 -24.71 -94.67 18.49
CA THR CB 60 -26.08 -95.00 18.87
C THR CB 60 -26.83 -95.54 17.67
N THR CB 61 -27.61 -96.58 17.91
CA THR CB 61 -28.51 -97.13 16.89
C THR CB 61 -29.77 -96.28 16.71
N VAL CB 62 -29.97 -95.27 17.55
CA VAL CB 62 -31.15 -94.41 17.44
C VAL CB 62 -31.17 -93.73 16.08
N LYS CB 63 -32.36 -93.71 15.47
CA LYS CB 63 -32.51 -93.15 14.13
C LYS CB 63 -32.67 -91.64 14.16
N THR CB 64 -33.35 -91.12 15.16
CA THR CB 64 -33.65 -89.71 15.23
C THR CB 64 -32.37 -88.89 15.41
N PRO CB 65 -32.45 -87.57 15.18
CA PRO CB 65 -31.33 -86.71 15.58
C PRO CB 65 -31.40 -86.44 17.07
N SER CB 66 -30.49 -87.05 17.81
CA SER CB 66 -30.35 -86.84 19.23
C SER CB 66 -28.98 -86.24 19.51
N TRP CB 67 -28.87 -85.56 20.64
CA TRP CB 67 -27.65 -84.88 21.04
C TRP CB 67 -27.14 -85.43 22.36
N ALA CB 68 -25.82 -85.41 22.50
CA ALA CB 68 -25.12 -85.83 23.70
C ALA CB 68 -24.60 -84.61 24.41
N VAL CB 69 -25.03 -84.43 25.65
CA VAL CB 69 -24.73 -83.25 26.43
C VAL CB 69 -23.67 -83.61 27.46
N ASP CB 70 -22.76 -82.67 27.69
CA ASP CB 70 -21.70 -82.85 28.68
C ASP CB 70 -21.22 -81.47 29.11
N MET CB 71 -20.46 -81.46 30.19
CA MET CB 71 -19.98 -80.25 30.83
C MET CB 71 -18.46 -80.23 30.83
N MET CB 72 -17.91 -79.07 31.16
CA MET CB 72 -16.47 -78.87 31.17
C MET CB 72 -16.12 -77.79 32.18
N ARG CB 73 -15.42 -78.17 33.24
CA ARG CB 73 -14.88 -77.27 34.24
C ARG CB 73 -13.37 -77.15 34.06
N PHE CB 74 -12.80 -76.15 34.72
CA PHE CB 74 -11.37 -75.88 34.65
C PHE CB 74 -10.83 -75.63 36.05
N ASN CB 75 -9.82 -76.39 36.43
CA ASN CB 75 -9.11 -76.20 37.69
C ASN CB 75 -7.62 -76.10 37.42
N ILE CB 76 -6.94 -75.33 38.27
CA ILE CB 76 -5.52 -75.08 38.07
C ILE CB 76 -4.64 -76.20 38.58
N ASN CB 77 -5.19 -77.13 39.37
CA ASN CB 77 -4.40 -78.28 39.78
C ASN CB 77 -4.05 -79.17 38.60
N ASP CB 78 -4.92 -79.22 37.60
CA ASP CB 78 -4.70 -80.04 36.42
C ASP CB 78 -3.68 -79.43 35.47
N PHE CB 79 -3.33 -78.17 35.64
CA PHE CB 79 -2.35 -77.49 34.80
C PHE CB 79 -1.04 -77.22 35.52
N LEU CB 80 -1.10 -77.01 36.84
CA LEU CB 80 0.05 -76.67 37.65
C LEU CB 80 0.35 -77.79 38.63
N PRO CB 81 1.43 -78.55 38.49
CA PRO CB 81 1.66 -79.65 39.40
C PRO CB 81 2.14 -79.16 40.75
N PRO CB 82 2.23 -80.06 41.74
CA PRO CB 82 2.85 -79.68 43.00
C PRO CB 82 4.34 -79.55 42.86
N GLY CB 83 4.90 -78.65 43.65
CA GLY CB 83 6.32 -78.40 43.59
C GLY CB 83 7.12 -79.36 44.42
N GLY CB 84 8.15 -78.85 45.09
CA GLY CB 84 8.99 -79.67 45.92
C GLY CB 84 9.71 -78.87 46.97
N GLY CB 85 9.68 -79.36 48.21
CA GLY CB 85 10.35 -78.68 49.30
C GLY CB 85 9.51 -77.60 49.93
N SER CB 86 10.17 -76.50 50.27
CA SER CB 86 9.48 -75.38 50.91
C SER CB 86 8.55 -74.65 49.95
N ASN CB 87 8.70 -74.87 48.65
CA ASN CB 87 7.80 -74.30 47.66
C ASN CB 87 6.71 -75.31 47.34
N PRO CB 88 5.45 -75.09 47.76
CA PRO CB 88 4.45 -76.13 47.58
C PRO CB 88 4.03 -76.33 46.13
N ARG CB 89 4.23 -75.33 45.28
CA ARG CB 89 3.84 -75.39 43.88
C ARG CB 89 5.05 -75.16 43.00
N SER CB 90 4.92 -75.54 41.73
CA SER CB 90 6.03 -75.50 40.80
C SER CB 90 6.27 -74.11 40.23
N VAL CB 91 5.24 -73.27 40.22
CA VAL CB 91 5.36 -71.87 39.85
C VAL CB 91 5.39 -71.05 41.13
N PRO CB 92 6.51 -70.44 41.51
CA PRO CB 92 6.59 -69.84 42.84
C PRO CB 92 5.92 -68.48 42.96
N PHE CB 93 4.60 -68.52 43.08
CA PHE CB 93 3.80 -67.33 43.27
C PHE CB 93 2.70 -67.63 44.27
N GLU CB 94 2.14 -66.56 44.84
CA GLU CB 94 1.13 -66.66 45.88
C GLU CB 94 -0.28 -66.60 45.32
N TYR CB 95 -0.56 -65.60 44.50
CA TYR CB 95 -1.89 -65.30 44.01
C TYR CB 95 -1.97 -65.59 42.51
N TYR CB 96 -3.21 -65.74 42.04
CA TYR CB 96 -3.45 -65.95 40.63
C TYR CB 96 -4.85 -65.48 40.28
N ARG CB 97 -5.07 -65.30 38.98
CA ARG CB 97 -6.39 -65.06 38.46
C ARG CB 97 -6.38 -65.43 36.99
N ILE CB 98 -7.34 -66.25 36.59
CA ILE CB 98 -7.39 -66.75 35.22
C ILE CB 98 -8.02 -65.69 34.34
N ARG CB 99 -7.29 -65.28 33.31
CA ARG CB 99 -7.72 -64.24 32.41
C ARG CB 99 -8.57 -64.77 31.26
N LYS CB 100 -8.11 -65.84 30.62
CA LYS CB 100 -8.78 -66.42 29.47
C LYS CB 100 -8.54 -67.92 29.46
N VAL CB 101 -9.39 -68.62 28.74
CA VAL CB 101 -9.22 -70.03 28.45
C VAL CB 101 -9.51 -70.25 26.98
N LYS CB 102 -8.74 -71.14 26.36
CA LYS CB 102 -8.93 -71.55 24.97
C LYS CB 102 -9.14 -73.05 24.97
N VAL CB 103 -10.36 -73.46 24.70
CA VAL CB 103 -10.69 -74.86 24.54
C VAL CB 103 -10.68 -75.17 23.06
N GLU CB 104 -9.89 -76.17 22.68
CA GLU CB 104 -9.71 -76.58 21.29
C GLU CB 104 -10.15 -78.03 21.18
N PHE CB 105 -11.17 -78.27 20.37
CA PHE CB 105 -11.59 -79.63 20.01
C PHE CB 105 -10.85 -80.02 18.76
N TRP CB 106 -9.77 -80.76 18.93
CA TRP CB 106 -9.02 -81.27 17.80
C TRP CB 106 -9.60 -82.62 17.39
N PRO CB 107 -10.11 -82.77 16.17
CA PRO CB 107 -10.75 -84.03 15.82
C PRO CB 107 -9.76 -85.18 15.70
N CYS CB 108 -10.30 -86.37 15.87
CA CYS CB 108 -9.58 -87.62 15.71
C CYS CB 108 -10.10 -88.44 14.54
N SER CB 109 -11.08 -87.95 13.81
CA SER CB 109 -11.82 -88.69 12.83
C SER CB 109 -11.42 -88.26 11.43
N PRO CB 110 -11.47 -89.16 10.45
CA PRO CB 110 -11.06 -88.80 9.11
C PRO CB 110 -12.07 -87.90 8.43
N ILE CB 111 -11.59 -87.21 7.39
CA ILE CB 111 -12.47 -86.34 6.63
C ILE CB 111 -13.43 -87.10 5.72
N THR CB 112 -13.28 -88.42 5.61
CA THR CB 112 -14.19 -89.26 4.85
C THR CB 112 -15.34 -89.81 5.68
N GLN CB 113 -15.41 -89.47 6.97
CA GLN CB 113 -16.43 -90.04 7.83
C GLN CB 113 -17.77 -89.38 7.53
N GLY CB 114 -18.81 -90.20 7.40
CA GLY CB 114 -20.13 -89.73 7.12
C GLY CB 114 -21.00 -89.62 8.36
N ASP CB 115 -22.30 -89.52 8.13
CA ASP CB 115 -23.27 -89.31 9.20
C ASP CB 115 -22.92 -88.06 9.98
N ARG CB 116 -22.55 -87.01 9.26
CA ARG CB 116 -22.16 -85.77 9.88
C ARG CB 116 -23.33 -85.14 10.63
N GLY CB 117 -22.99 -84.17 11.46
CA GLY CB 117 -23.95 -83.56 12.34
C GLY CB 117 -23.63 -82.11 12.67
N VAL CB 118 -24.41 -81.54 13.56
CA VAL CB 118 -24.26 -80.14 13.93
C VAL CB 118 -24.65 -79.98 15.38
N GLY CB 119 -23.77 -79.35 16.14
CA GLY CB 119 -23.93 -79.17 17.57
C GLY CB 119 -23.74 -77.75 18.00
N SER CB 120 -23.52 -77.56 19.31
CA SER CB 120 -23.45 -76.23 19.87
C SER CB 120 -22.60 -76.26 21.12
N SER CB 121 -21.80 -75.21 21.30
CA SER CB 121 -21.01 -74.98 22.50
C SER CB 121 -21.37 -73.63 23.07
N ALA CB 122 -21.67 -73.60 24.37
CA ALA CB 122 -22.08 -72.40 25.05
C ALA CB 122 -21.24 -72.19 26.30
N VAL CB 123 -21.25 -70.95 26.78
CA VAL CB 123 -20.44 -70.52 27.91
C VAL CB 123 -21.35 -70.40 29.13
N ILE CB 124 -21.03 -71.16 30.18
CA ILE CB 124 -21.88 -71.33 31.34
C ILE CB 124 -21.04 -71.00 32.57
N LEU CB 125 -21.20 -69.78 33.08
CA LEU CB 125 -20.32 -69.24 34.09
C LEU CB 125 -20.83 -69.42 35.52
N ASP CB 126 -21.63 -70.46 35.80
CA ASP CB 126 -22.32 -70.54 37.09
C ASP CB 126 -22.46 -71.94 37.68
N ASP CB 127 -21.91 -72.97 37.06
CA ASP CB 127 -21.89 -74.32 37.65
C ASP CB 127 -23.28 -74.93 37.72
N ASN CB 128 -24.18 -74.52 36.83
CA ASN CB 128 -25.47 -75.18 36.66
C ASN CB 128 -25.62 -75.41 35.17
N PHE CB 129 -25.16 -76.57 34.75
CA PHE CB 129 -25.20 -77.02 33.37
C PHE CB 129 -26.50 -77.75 33.10
N VAL CB 130 -26.82 -77.88 31.82
CA VAL CB 130 -27.85 -78.83 31.42
C VAL CB 130 -27.39 -80.21 31.82
N THR CB 131 -28.32 -81.03 32.28
CA THR CB 131 -28.00 -82.34 32.80
C THR CB 131 -27.32 -83.17 31.72
N LYS CB 132 -26.32 -83.95 32.12
CA LYS CB 132 -25.62 -84.82 31.19
C LYS CB 132 -26.58 -85.86 30.63
N ALA CB 133 -26.59 -85.96 29.30
CA ALA CB 133 -27.49 -86.83 28.59
C ALA CB 133 -26.74 -87.55 27.49
N THR CB 134 -27.19 -88.77 27.20
CA THR CB 134 -26.61 -89.58 26.14
C THR CB 134 -27.28 -89.31 24.80
N ALA CB 135 -28.60 -89.34 24.76
CA ALA CB 135 -29.36 -89.09 23.54
C ALA CB 135 -30.58 -88.24 23.90
N LEU CB 136 -30.40 -86.93 23.88
CA LEU CB 136 -31.47 -85.99 24.11
C LEU CB 136 -32.07 -85.55 22.78
N THR CB 137 -33.38 -85.36 22.77
CA THR CB 137 -34.13 -85.13 21.54
C THR CB 137 -33.98 -83.72 20.98
N TYR CB 138 -33.10 -82.90 21.54
CA TYR CB 138 -32.93 -81.54 21.06
C TYR CB 138 -31.58 -81.03 21.53
N ASP CB 139 -31.15 -79.93 20.94
CA ASP CB 139 -29.91 -79.26 21.31
C ASP CB 139 -30.24 -78.17 22.32
N PRO CB 140 -29.92 -78.34 23.60
CA PRO CB 140 -30.32 -77.32 24.58
C PRO CB 140 -29.55 -76.03 24.44
N TYR CB 141 -28.30 -76.09 24.01
CA TYR CB 141 -27.44 -74.93 23.94
C TYR CB 141 -27.57 -74.18 22.63
N VAL CB 142 -28.64 -74.41 21.86
CA VAL CB 142 -28.73 -73.85 20.52
C VAL CB 142 -29.19 -72.40 20.58
N ASN CB 143 -30.13 -72.08 21.46
CA ASN CB 143 -30.67 -70.74 21.55
C ASN CB 143 -29.91 -69.86 22.51
N TYR CB 144 -28.81 -70.37 23.07
CA TYR CB 144 -27.98 -69.56 23.96
C TYR CB 144 -27.29 -68.46 23.21
N SER CB 145 -27.17 -67.30 23.85
CA SER CB 145 -26.52 -66.15 23.25
C SER CB 145 -25.05 -66.39 22.98
N SER CB 146 -24.42 -67.33 23.69
CA SER CB 146 -23.02 -67.67 23.51
C SER CB 146 -22.83 -68.94 22.71
N ARG CB 147 -23.81 -69.32 21.90
CA ARG CB 147 -23.72 -70.54 21.13
C ARG CB 147 -22.84 -70.32 19.92
N HIS CB 148 -21.91 -71.23 19.72
CA HIS CB 148 -21.16 -71.38 18.48
C HIS CB 148 -21.48 -72.74 17.93
N THR CB 149 -21.67 -72.83 16.62
CA THR CB 149 -21.98 -74.08 15.97
C THR CB 149 -20.76 -74.98 15.94
N ILE CB 150 -20.98 -76.25 16.26
CA ILE CB 150 -19.97 -77.29 16.14
C ILE CB 150 -20.34 -78.10 14.92
N THR CB 151 -19.54 -77.97 13.88
CA THR CB 151 -19.57 -78.93 12.78
C THR CB 151 -18.84 -80.19 13.19
N GLN CB 152 -19.44 -81.33 12.89
CA GLN CB 152 -18.96 -82.63 13.29
C GLN CB 152 -18.76 -83.49 12.06
N PRO CB 153 -17.92 -84.54 12.15
CA PRO CB 153 -17.00 -84.96 13.20
C PRO CB 153 -15.56 -84.53 13.02
N PHE CB 154 -15.21 -84.09 11.81
CA PHE CB 154 -13.83 -83.90 11.41
C PHE CB 154 -13.44 -82.43 11.34
N SER CB 155 -14.07 -81.59 12.15
CA SER CB 155 -13.88 -80.15 12.08
C SER CB 155 -13.42 -79.63 13.43
N TYR CB 156 -12.55 -78.63 13.36
CA TYR CB 156 -11.96 -78.01 14.53
C TYR CB 156 -12.90 -76.95 15.10
N HIS CB 157 -12.96 -76.90 16.42
CA HIS CB 157 -13.82 -75.98 17.14
C HIS CB 157 -13.01 -75.37 18.28
N SER CB 158 -12.92 -74.05 18.29
CA SER CB 158 -12.25 -73.31 19.34
C SER CB 158 -13.26 -72.40 20.05
N ARG CB 159 -13.01 -72.18 21.34
CA ARG CB 159 -13.77 -71.23 22.14
C ARG CB 159 -12.79 -70.51 23.04
N TYR CB 160 -12.82 -69.18 22.98
CA TYR CB 160 -11.91 -68.32 23.72
C TYR CB 160 -12.74 -67.36 24.54
N PHE CB 161 -12.64 -67.47 25.86
CA PHE CB 161 -13.51 -66.75 26.77
C PHE CB 161 -12.82 -66.59 28.10
N THR CB 162 -13.48 -65.84 28.98
CA THR CB 162 -12.99 -65.54 30.32
C THR CB 162 -13.81 -66.31 31.34
N PRO CB 163 -13.26 -67.31 32.02
CA PRO CB 163 -14.06 -68.06 32.98
C PRO CB 163 -14.29 -67.29 34.27
N LYS CB 164 -15.04 -67.89 35.17
CA LYS CB 164 -15.36 -67.30 36.46
C LYS CB 164 -15.22 -68.38 37.52
N PRO CB 165 -14.76 -68.02 38.72
CA PRO CB 165 -14.63 -69.01 39.77
C PRO CB 165 -15.92 -69.26 40.53
N VAL CB 166 -15.98 -70.44 41.13
CA VAL CB 166 -17.15 -70.87 41.91
C VAL CB 166 -16.88 -70.46 43.34
N LEU CB 167 -17.29 -69.24 43.68
CA LEU CB 167 -17.12 -68.72 45.02
C LEU CB 167 -18.21 -69.21 45.95
N ASP CB 168 -19.46 -69.19 45.50
CA ASP CB 168 -20.58 -69.73 46.26
C ASP CB 168 -21.49 -70.44 45.28
N SER CB 169 -21.52 -71.77 45.36
CA SER CB 169 -22.37 -72.56 44.48
C SER CB 169 -23.84 -72.44 44.83
N THR CB 170 -24.17 -71.97 46.03
CA THR CB 170 -25.56 -71.80 46.42
C THR CB 170 -26.19 -70.60 45.76
N ILE CB 171 -25.45 -69.50 45.65
CA ILE CB 171 -25.95 -68.25 45.11
C ILE CB 171 -25.48 -68.09 43.67
N ASP CB 172 -24.29 -68.59 43.38
CA ASP CB 172 -23.72 -68.59 42.03
C ASP CB 172 -23.64 -67.17 41.48
N TYR CB 173 -22.79 -66.37 42.12
CA TYR CB 173 -22.52 -65.00 41.71
C TYR CB 173 -21.15 -64.90 41.07
N PHE CB 174 -21.03 -64.02 40.09
CA PHE CB 174 -19.78 -63.81 39.39
C PHE CB 174 -19.67 -62.36 38.94
N GLN CB 175 -18.51 -62.00 38.61
CA GLN CB 175 -18.16 -60.65 38.20
C GLN CB 175 -18.26 -60.49 36.69
N PRO CB 176 -18.59 -59.31 36.20
CA PRO CB 176 -18.42 -59.07 34.77
C PRO CB 176 -16.97 -58.91 34.37
N ASN CB 177 -16.72 -58.82 33.07
CA ASN CB 177 -15.36 -58.79 32.57
C ASN CB 177 -14.74 -57.42 32.84
N ASN CB 178 -13.69 -57.40 33.64
CA ASN CB 178 -12.96 -56.18 33.94
C ASN CB 178 -11.56 -56.62 34.31
N LYS CB 179 -10.58 -56.27 33.49
CA LYS CB 179 -9.23 -56.70 33.78
C LYS CB 179 -8.68 -56.05 35.03
N ARG CB 180 -9.14 -54.84 35.35
CA ARG CB 180 -8.58 -54.10 36.47
C ARG CB 180 -9.20 -54.50 37.79
N ASN CB 181 -10.43 -55.00 37.77
CA ASN CB 181 -11.18 -55.32 38.98
C ASN CB 181 -11.32 -56.81 39.23
N GLN CB 182 -10.71 -57.66 38.41
CA GLN CB 182 -10.84 -59.09 38.58
C GLN CB 182 -10.17 -59.53 39.88
N LEU CB 183 -10.87 -60.39 40.61
CA LEU CB 183 -10.39 -60.84 41.89
C LEU CB 183 -9.13 -61.68 41.75
N TRP CB 184 -8.25 -61.54 42.73
CA TRP CB 184 -7.09 -62.41 42.88
C TRP CB 184 -7.46 -63.51 43.85
N LEU CB 185 -7.28 -64.75 43.41
CA LEU CB 185 -7.41 -65.91 44.26
C LEU CB 185 -6.04 -66.33 44.75
N ARG CB 186 -6.03 -67.18 45.77
CA ARG CB 186 -4.81 -67.76 46.27
C ARG CB 186 -4.54 -69.07 45.57
N LEU CB 187 -3.27 -69.27 45.23
CA LEU CB 187 -2.78 -70.52 44.69
C LEU CB 187 -2.57 -71.48 45.86
N GLN CB 188 -3.60 -72.26 46.14
CA GLN CB 188 -3.58 -73.20 47.22
C GLN CB 188 -2.61 -74.34 46.90
N THR CB 189 -2.40 -75.19 47.90
CA THR CB 189 -1.49 -76.32 47.73
C THR CB 189 -2.15 -77.48 47.01
N ALA CB 190 -3.31 -77.94 47.50
CA ALA CB 190 -4.03 -79.03 46.86
C ALA CB 190 -5.54 -78.86 46.86
N GLY CB 191 -6.04 -77.64 46.94
CA GLY CB 191 -7.47 -77.40 47.11
C GLY CB 191 -8.02 -76.23 46.34
N ASN CB 192 -7.46 -75.95 45.17
CA ASN CB 192 -7.89 -74.79 44.40
C ASN CB 192 -9.34 -74.95 43.93
N VAL CB 193 -9.94 -73.81 43.64
CA VAL CB 193 -11.36 -73.73 43.34
C VAL CB 193 -11.57 -73.93 41.84
N ASP CB 194 -12.70 -74.54 41.50
CA ASP CB 194 -13.00 -74.89 40.13
C ASP CB 194 -13.52 -73.67 39.39
N HIS CB 195 -12.92 -73.39 38.25
CA HIS CB 195 -13.45 -72.43 37.31
C HIS CB 195 -14.34 -73.13 36.30
N VAL CB 196 -15.26 -72.37 35.73
CA VAL CB 196 -16.37 -72.91 34.98
C VAL CB 196 -16.61 -72.01 33.78
N GLY CB 197 -17.37 -72.53 32.80
CA GLY CB 197 -17.55 -71.77 31.59
C GLY CB 197 -17.71 -72.46 30.24
N LEU CB 198 -17.90 -73.78 30.18
CA LEU CB 198 -18.24 -74.37 28.89
C LEU CB 198 -19.13 -75.58 29.01
N GLY CB 199 -20.16 -75.59 28.18
CA GLY CB 199 -21.01 -76.76 28.02
C GLY CB 199 -21.26 -77.01 26.55
N THR CB 200 -21.40 -78.28 26.21
CA THR CB 200 -21.41 -78.73 24.83
C THR CB 200 -22.63 -79.60 24.56
N ALA CB 201 -22.94 -79.72 23.28
CA ALA CB 201 -23.98 -80.64 22.81
C ALA CB 201 -23.54 -81.16 21.46
N PHE CB 202 -23.22 -82.44 21.40
CA PHE CB 202 -22.77 -83.10 20.18
C PHE CB 202 -23.86 -84.01 19.65
N GLU CB 203 -24.08 -83.95 18.34
CA GLU CB 203 -25.06 -84.79 17.69
C GLU CB 203 -24.50 -86.18 17.51
N ASN CB 204 -25.25 -87.18 17.96
CA ASN CB 204 -24.79 -88.55 17.92
C ASN CB 204 -24.76 -89.06 16.48
N SER CB 205 -24.11 -90.21 16.31
CA SER CB 205 -23.85 -90.77 15.00
C SER CB 205 -23.74 -92.27 15.09
N ILE CB 206 -23.76 -92.92 13.93
CA ILE CB 206 -23.58 -94.37 13.88
C ILE CB 206 -22.15 -94.74 14.22
N TYR CB 207 -21.21 -93.85 13.93
CA TYR CB 207 -19.79 -94.07 14.20
C TYR CB 207 -19.37 -93.31 15.45
N ASP CB 208 -18.31 -93.79 16.08
CA ASP CB 208 -17.77 -93.12 17.25
C ASP CB 208 -17.03 -91.85 16.83
N GLN CB 209 -17.29 -90.77 17.55
CA GLN CB 209 -16.66 -89.47 17.31
C GLN CB 209 -15.71 -89.18 18.46
N GLU CB 210 -14.42 -89.24 18.20
CA GLU CB 210 -13.39 -88.99 19.19
C GLU CB 210 -12.77 -87.61 18.98
N TYR CB 211 -12.33 -87.02 20.07
CA TYR CB 211 -11.69 -85.71 20.07
C TYR CB 211 -10.56 -85.70 21.07
N ASN CB 212 -9.53 -84.93 20.75
CA ASN CB 212 -8.44 -84.61 21.67
C ASN CB 212 -8.59 -83.15 22.06
N ILE CB 213 -8.98 -82.92 23.30
CA ILE CB 213 -9.31 -81.58 23.76
C ILE CB 213 -8.09 -80.98 24.45
N ARG CB 214 -7.66 -79.83 23.97
CA ARG CB 214 -6.50 -79.11 24.52
C ARG CB 214 -7.01 -77.81 25.12
N VAL CB 215 -6.95 -77.72 26.43
CA VAL CB 215 -7.32 -76.52 27.17
C VAL CB 215 -6.06 -75.75 27.49
N THR CB 216 -6.08 -74.46 27.19
CA THR CB 216 -4.98 -73.56 27.46
C THR CB 216 -5.52 -72.43 28.31
N MET CB 217 -4.96 -72.28 29.51
CA MET CB 217 -5.33 -71.21 30.42
C MET CB 217 -4.27 -70.12 30.43
N TYR CB 218 -4.71 -68.90 30.23
CA TYR CB 218 -3.85 -67.73 30.28
C TYR CB 218 -4.01 -67.08 31.65
N VAL CB 219 -3.01 -67.24 32.49
CA VAL CB 219 -3.09 -66.89 33.90
C VAL CB 219 -2.18 -65.70 34.18
N GLN CB 220 -2.37 -65.13 35.35
CA GLN CB 220 -1.62 -63.96 35.80
C GLN CB 220 -1.37 -64.15 37.27
N PHE CB 221 -0.10 -64.30 37.63
CA PHE CB 221 0.32 -64.51 39.01
C PHE CB 221 0.80 -63.22 39.65
N ARG CB 222 1.06 -63.29 40.96
CA ARG CB 222 1.45 -62.14 41.73
C ARG CB 222 2.22 -62.60 42.95
N GLU CB 223 3.15 -61.75 43.39
CA GLU CB 223 3.91 -61.94 44.62
C GLU CB 223 4.74 -63.22 44.60
N PHE CB 224 5.78 -63.16 43.77
CA PHE CB 224 6.88 -64.10 43.78
C PHE CB 224 7.32 -64.41 45.20
N ASN CB 225 7.27 -65.68 45.57
CA ASN CB 225 7.44 -66.09 46.96
C ASN CB 225 8.38 -67.28 47.08
N LEU CB 226 9.47 -67.25 46.33
CA LEU CB 226 10.42 -68.35 46.40
C LEU CB 226 11.08 -68.40 47.77
N LYS CB 227 11.32 -69.61 48.23
CA LYS CB 227 11.97 -69.87 49.51
C LYS CB 227 13.25 -70.65 49.27
N ASP CB 228 14.35 -70.14 49.81
CA ASP CB 228 15.68 -70.66 49.55
C ASP CB 228 16.35 -71.03 50.87
N PRO CB 229 16.09 -72.22 51.39
CA PRO CB 229 16.81 -72.68 52.56
C PRO CB 229 18.22 -73.09 52.21
N PRO CB 230 19.10 -73.27 53.19
CA PRO CB 230 20.43 -73.79 52.89
C PRO CB 230 20.40 -75.25 52.46
N LEU CB 231 21.58 -75.80 52.20
CA LEU CB 231 21.71 -77.17 51.73
C LEU CB 231 22.92 -77.87 52.36
N GLY DB 43 -27.27 -61.13 26.35
CA GLY DB 43 -28.63 -60.84 25.95
C GLY DB 43 -29.41 -60.09 26.99
N ILE DB 44 -29.22 -58.79 27.03
CA ILE DB 44 -29.77 -57.96 28.09
C ILE DB 44 -31.24 -57.67 27.81
N PHE DB 45 -32.02 -57.62 28.88
CA PHE DB 45 -33.42 -57.24 28.80
C PHE DB 45 -33.79 -56.55 30.11
N ASN DB 46 -33.86 -55.23 30.06
CA ASN DB 46 -34.33 -54.45 31.19
C ASN DB 46 -35.84 -54.38 31.16
N THR DB 47 -36.46 -54.74 32.27
CA THR DB 47 -37.91 -54.68 32.40
C THR DB 47 -38.28 -54.19 33.79
N ARG DB 48 -39.56 -54.36 34.12
CA ARG DB 48 -40.16 -53.82 35.34
C ARG DB 48 -41.18 -54.80 35.85
N LEU DB 49 -41.04 -55.18 37.11
CA LEU DB 49 -41.92 -56.15 37.77
C LEU DB 49 -42.49 -55.52 39.02
N SER DB 50 -43.78 -55.74 39.25
CA SER DB 50 -44.50 -55.12 40.34
C SER DB 50 -45.23 -56.16 41.16
N ARG DB 51 -45.74 -55.71 42.30
CA ARG DB 51 -46.35 -56.54 43.33
C ARG DB 51 -47.00 -55.59 44.32
N THR DB 52 -48.17 -55.98 44.82
CA THR DB 52 -48.98 -55.14 45.69
C THR DB 52 -49.43 -55.94 46.89
N PHE DB 53 -49.39 -55.31 48.06
CA PHE DB 53 -49.77 -55.95 49.30
C PHE DB 53 -50.11 -54.88 50.32
N GLY DB 54 -50.69 -55.31 51.43
CA GLY DB 54 -51.17 -54.42 52.46
C GLY DB 54 -50.31 -54.32 53.70
N TYR DB 55 -50.44 -53.21 54.41
CA TYR DB 55 -49.78 -52.98 55.68
C TYR DB 55 -50.68 -52.08 56.52
N THR DB 56 -50.90 -52.47 57.76
CA THR DB 56 -51.76 -51.73 58.68
C THR DB 56 -51.02 -51.46 59.97
N ILE DB 57 -51.21 -50.25 60.48
CA ILE DB 57 -50.73 -49.83 61.78
C ILE DB 57 -51.96 -49.76 62.66
N LYS DB 58 -52.10 -50.73 63.55
CA LYS DB 58 -53.27 -50.83 64.41
C LYS DB 58 -53.30 -49.67 65.40
N ARG DB 59 -54.50 -49.40 65.90
CA ARG DB 59 -54.71 -48.32 66.85
C ARG DB 59 -54.13 -48.65 68.22
N THR DB 60 -53.90 -47.60 69.00
CA THR DB 60 -53.40 -47.73 70.36
C THR DB 60 -54.06 -46.70 71.25
N THR DB 61 -54.42 -47.12 72.46
CA THR DB 61 -54.93 -46.21 73.48
C THR DB 61 -53.83 -45.39 74.15
N VAL DB 62 -52.56 -45.67 73.84
CA VAL DB 62 -51.46 -44.93 74.43
C VAL DB 62 -51.57 -43.46 74.08
N LYS DB 63 -51.33 -42.61 75.07
CA LYS DB 63 -51.46 -41.17 74.89
C LYS DB 63 -50.22 -40.55 74.28
N THR DB 64 -49.05 -41.05 74.65
CA THR DB 64 -47.80 -40.49 74.21
C THR DB 64 -47.63 -40.63 72.70
N PRO DB 65 -46.70 -39.89 72.11
CA PRO DB 65 -46.31 -40.18 70.73
C PRO DB 65 -45.38 -41.37 70.69
N SER DB 66 -45.89 -42.50 70.22
CA SER DB 66 -45.11 -43.71 70.03
C SER DB 66 -45.10 -44.06 68.56
N TRP DB 67 -44.08 -44.81 68.15
CA TRP DB 67 -43.90 -45.21 66.77
C TRP DB 67 -43.90 -46.72 66.64
N ALA DB 68 -44.39 -47.16 65.48
CA ALA DB 68 -44.45 -48.57 65.12
C ALA DB 68 -43.38 -48.86 64.09
N VAL DB 69 -42.49 -49.76 64.41
CA VAL DB 69 -41.33 -50.06 63.58
C VAL DB 69 -41.57 -51.38 62.86
N ASP DB 70 -41.14 -51.44 61.62
CA ASP DB 70 -41.24 -52.65 60.82
C ASP DB 70 -40.18 -52.60 59.73
N MET DB 71 -39.99 -53.75 59.09
CA MET DB 71 -38.96 -53.95 58.09
C MET DB 71 -39.60 -54.33 56.76
N MET DB 72 -38.77 -54.31 55.73
CA MET DB 72 -39.23 -54.61 54.37
C MET DB 72 -38.06 -55.16 53.56
N ARG DB 73 -38.16 -56.41 53.17
CA ARG DB 73 -37.22 -57.07 52.28
C ARG DB 73 -37.85 -57.26 50.92
N PHE DB 74 -37.02 -57.60 49.94
CA PHE DB 74 -37.44 -57.78 48.56
C PHE DB 74 -36.82 -59.05 48.01
N ASN DB 75 -37.65 -59.96 47.52
CA ASN DB 75 -37.21 -61.17 46.85
C ASN DB 75 -37.90 -61.27 45.50
N ILE DB 76 -37.20 -61.89 44.54
CA ILE DB 76 -37.70 -61.98 43.18
C ILE DB 76 -38.70 -63.10 42.99
N ASN DB 77 -38.82 -64.03 43.95
CA ASN DB 77 -39.84 -65.05 43.85
C ASN DB 77 -41.23 -64.46 43.96
N ASP DB 78 -41.37 -63.37 44.70
CA ASP DB 78 -42.65 -62.72 44.88
C ASP DB 78 -43.07 -61.90 43.68
N PHE DB 79 -42.17 -61.63 42.75
CA PHE DB 79 -42.45 -60.88 41.54
C PHE DB 79 -42.46 -61.74 40.29
N LEU DB 80 -41.65 -62.79 40.27
CA LEU DB 80 -41.50 -63.67 39.12
C LEU DB 80 -42.04 -65.06 39.45
N PRO DB 81 -43.14 -65.52 38.88
CA PRO DB 81 -43.66 -66.81 39.27
C PRO DB 81 -42.85 -67.93 38.64
N PRO DB 82 -43.11 -69.18 39.04
CA PRO DB 82 -42.49 -70.30 38.35
C PRO DB 82 -43.09 -70.50 36.98
N GLY DB 83 -42.26 -70.98 36.07
CA GLY DB 83 -42.69 -71.20 34.71
C GLY DB 83 -43.38 -72.52 34.52
N GLY DB 84 -43.12 -73.17 33.39
CA GLY DB 84 -43.72 -74.44 33.09
C GLY DB 84 -42.90 -75.23 32.10
N GLY DB 85 -42.68 -76.50 32.41
CA GLY DB 85 -41.93 -77.37 31.53
C GLY DB 85 -40.44 -77.28 31.72
N SER DB 86 -39.70 -77.31 30.62
CA SER DB 86 -38.26 -77.24 30.68
C SER DB 86 -37.75 -75.87 31.10
N ASN DB 87 -38.59 -74.85 31.04
CA ASN DB 87 -38.24 -73.53 31.51
C ASN DB 87 -38.70 -73.37 32.95
N PRO DB 88 -37.80 -73.33 33.93
CA PRO DB 88 -38.26 -73.32 35.32
C PRO DB 88 -38.92 -72.02 35.75
N ARG DB 89 -38.64 -70.93 35.07
CA ARG DB 89 -39.19 -69.62 35.38
C ARG DB 89 -39.94 -69.05 34.19
N SER DB 90 -40.77 -68.06 34.46
CA SER DB 90 -41.66 -67.51 33.45
C SER DB 90 -40.96 -66.52 32.53
N VAL DB 91 -39.88 -65.92 33.01
CA VAL DB 91 -39.02 -65.05 32.20
C VAL DB 91 -37.80 -65.87 31.80
N PRO DB 92 -37.62 -66.24 30.53
CA PRO DB 92 -36.57 -67.21 30.21
C PRO DB 92 -35.17 -66.60 30.12
N PHE DB 93 -34.58 -66.37 31.28
CA PHE DB 93 -33.23 -65.86 31.39
C PHE DB 93 -32.52 -66.59 32.53
N GLU DB 94 -31.19 -66.52 32.50
CA GLU DB 94 -30.35 -67.21 33.46
C GLU DB 94 -29.96 -66.32 34.63
N TYR DB 95 -29.46 -65.13 34.36
CA TYR DB 95 -28.90 -64.24 35.36
C TYR DB 95 -29.79 -63.02 35.52
N TYR DB 96 -29.61 -62.35 36.65
CA TYR DB 96 -30.34 -61.13 36.93
C TYR DB 96 -29.54 -60.27 37.89
N ARG DB 97 -29.92 -59.00 37.96
CA ARG DB 97 -29.42 -58.11 38.98
C ARG DB 97 -30.40 -56.96 39.11
N ILE DB 98 -30.82 -56.69 40.34
CA ILE DB 98 -31.83 -55.68 40.59
C ILE DB 98 -31.16 -54.32 40.59
N ARG DB 99 -31.65 -53.43 39.73
CA ARG DB 99 -31.08 -52.11 39.56
C ARG DB 99 -31.67 -51.10 40.53
N LYS DB 100 -33.00 -51.08 40.64
CA LYS DB 100 -33.70 -50.13 41.47
C LYS DB 100 -34.96 -50.77 42.00
N VAL DB 101 -35.49 -50.19 43.08
CA VAL DB 101 -36.79 -50.55 43.61
C VAL DB 101 -37.52 -49.26 43.94
N LYS DB 102 -38.83 -49.26 43.69
CA LYS DB 102 -39.73 -48.16 44.02
C LYS DB 102 -40.80 -48.71 44.95
N VAL DB 103 -40.72 -48.33 46.20
CA VAL DB 103 -41.73 -48.65 47.18
C VAL DB 103 -42.68 -47.47 47.29
N GLU DB 104 -43.97 -47.74 47.08
CA GLU DB 104 -45.01 -46.72 47.09
C GLU DB 104 -46.00 -47.08 48.18
N PHE DB 105 -46.14 -46.22 49.17
CA PHE DB 105 -47.16 -46.34 50.20
C PHE DB 105 -48.38 -45.57 49.72
N TRP DB 106 -49.32 -46.29 49.15
CA TRP DB 106 -50.57 -45.70 48.72
C TRP DB 106 -51.56 -45.73 49.88
N PRO DB 107 -52.04 -44.59 50.37
CA PRO DB 107 -52.91 -44.61 51.54
C PRO DB 107 -54.27 -45.20 51.24
N CYS DB 108 -54.87 -45.70 52.32
CA CYS DB 108 -56.22 -46.23 52.30
C CYS DB 108 -57.18 -45.40 53.13
N SER DB 109 -56.73 -44.31 53.71
CA SER DB 109 -57.46 -43.55 54.69
C SER DB 109 -57.96 -42.25 54.09
N PRO DB 110 -59.09 -41.74 54.56
CA PRO DB 110 -59.63 -40.51 53.98
C PRO DB 110 -58.82 -39.30 54.39
N ILE DB 111 -58.99 -38.24 53.60
CA ILE DB 111 -58.31 -36.98 53.92
C ILE DB 111 -58.91 -36.24 55.10
N THR DB 112 -60.03 -36.72 55.62
CA THR DB 112 -60.66 -36.15 56.81
C THR DB 112 -60.19 -36.80 58.10
N GLN DB 113 -59.30 -37.78 58.04
CA GLN DB 113 -58.90 -38.50 59.22
C GLN DB 113 -57.96 -37.63 60.05
N GLY DB 114 -58.21 -37.58 61.35
CA GLY DB 114 -57.41 -36.81 62.27
C GLY DB 114 -56.38 -37.64 62.99
N ASP DB 115 -55.86 -37.05 64.07
CA ASP DB 115 -54.78 -37.66 64.83
C ASP DB 115 -53.59 -37.96 63.93
N ARG DB 116 -53.27 -37.00 63.07
CA ARG DB 116 -52.20 -37.14 62.13
C ARG DB 116 -50.86 -37.26 62.84
N GLY DB 117 -49.86 -37.68 62.10
CA GLY DB 117 -48.56 -37.97 62.66
C GLY DB 117 -47.44 -37.76 61.68
N VAL DB 118 -46.23 -38.12 62.09
CA VAL DB 118 -45.04 -37.92 61.28
C VAL DB 118 -44.06 -39.04 61.58
N GLY DB 119 -43.59 -39.70 60.52
CA GLY DB 119 -42.71 -40.83 60.61
C GLY DB 119 -41.49 -40.70 59.76
N SER DB 120 -40.83 -41.82 59.51
CA SER DB 120 -39.56 -41.81 58.80
C SER DB 120 -39.35 -43.15 58.10
N SER DB 121 -38.81 -43.08 56.90
CA SER DB 121 -38.40 -44.25 56.14
C SER DB 121 -36.94 -44.13 55.79
N ALA DB 122 -36.17 -45.18 56.08
CA ALA DB 122 -34.74 -45.20 55.86
C ALA DB 122 -34.35 -46.43 55.06
N VAL DB 123 -33.17 -46.36 54.46
CA VAL DB 123 -32.63 -47.39 53.59
C VAL DB 123 -31.58 -48.18 54.35
N ILE DB 124 -31.81 -49.48 54.47
CA ILE DB 124 -31.03 -50.37 55.33
C ILE DB 124 -30.55 -51.52 54.47
N LEU DB 125 -29.31 -51.46 54.03
CA LEU DB 125 -28.78 -52.36 53.01
C LEU DB 125 -28.02 -53.55 53.59
N ASP DB 126 -28.35 -54.00 54.81
CA ASP DB 126 -27.52 -55.00 55.48
C ASP DB 126 -28.25 -56.04 56.31
N ASP DB 127 -29.57 -56.05 56.33
CA ASP DB 127 -30.34 -57.11 57.00
C ASP DB 127 -30.19 -57.06 58.51
N ASN DB 128 -29.92 -55.89 59.06
CA ASN DB 128 -29.95 -55.66 60.51
C ASN DB 128 -30.78 -54.40 60.70
N PHE DB 129 -32.07 -54.62 60.88
CA PHE DB 129 -33.04 -53.57 61.10
C PHE DB 129 -33.19 -53.29 62.59
N VAL DB 130 -33.75 -52.13 62.89
CA VAL DB 130 -34.23 -51.89 64.24
C VAL DB 130 -35.31 -52.91 64.54
N THR DB 131 -35.32 -53.40 65.76
CA THR DB 131 -36.23 -54.46 66.14
C THR DB 131 -37.68 -54.01 65.95
N LYS DB 132 -38.50 -54.94 65.46
CA LYS DB 132 -39.91 -54.65 65.26
C LYS DB 132 -40.57 -54.31 66.59
N ALA DB 133 -41.27 -53.19 66.61
CA ALA DB 133 -41.90 -52.67 67.81
C ALA DB 133 -43.29 -52.19 67.49
N THR DB 134 -44.18 -52.29 68.47
CA THR DB 134 -45.55 -51.83 68.34
C THR DB 134 -45.70 -50.38 68.75
N ALA DB 135 -45.17 -50.01 69.92
CA ALA DB 135 -45.23 -48.64 70.41
C ALA DB 135 -43.89 -48.32 71.06
N LEU DB 136 -42.97 -47.82 70.25
CA LEU DB 136 -41.67 -47.37 70.73
C LEU DB 136 -41.71 -45.88 70.99
N THR DB 137 -41.02 -45.45 72.03
CA THR DB 137 -41.09 -44.08 72.53
C THR DB 137 -40.33 -43.07 71.69
N TYR DB 138 -39.81 -43.46 70.54
CA TYR DB 138 -39.06 -42.54 69.70
C TYR DB 138 -39.03 -43.10 68.28
N ASP DB 139 -38.62 -42.25 67.35
CA ASP DB 139 -38.46 -42.62 65.95
C ASP DB 139 -37.00 -43.00 65.72
N PRO DB 140 -36.67 -44.28 65.56
CA PRO DB 140 -35.26 -44.64 65.44
C PRO DB 140 -34.65 -44.19 64.13
N TYR DB 141 -35.43 -44.15 63.06
CA TYR DB 141 -34.94 -43.85 61.73
C TYR DB 141 -34.92 -42.36 61.44
N VAL DB 142 -35.01 -41.52 62.45
CA VAL DB 142 -35.17 -40.08 62.23
C VAL DB 142 -33.84 -39.43 61.90
N ASN DB 143 -32.77 -39.84 62.59
CA ASN DB 143 -31.47 -39.25 62.39
C ASN DB 143 -30.65 -39.95 61.32
N TYR DB 144 -31.24 -40.93 60.63
CA TYR DB 144 -30.55 -41.60 59.54
C TYR DB 144 -30.35 -40.66 58.37
N SER DB 145 -29.20 -40.80 57.72
CA SER DB 145 -28.87 -39.98 56.56
C SER DB 145 -29.81 -40.22 55.40
N SER DB 146 -30.47 -41.38 55.34
CA SER DB 146 -31.41 -41.72 54.29
C SER DB 146 -32.85 -41.57 54.73
N ARG DB 147 -33.11 -40.76 55.75
CA ARG DB 147 -34.47 -40.58 56.24
C ARG DB 147 -35.23 -39.65 55.34
N HIS DB 148 -36.44 -40.08 54.98
CA HIS DB 148 -37.45 -39.24 54.37
C HIS DB 148 -38.63 -39.22 55.31
N THR DB 149 -39.23 -38.05 55.48
CA THR DB 149 -40.37 -37.90 56.35
C THR DB 149 -41.61 -38.54 55.74
N ILE DB 150 -42.33 -39.27 56.56
CA ILE DB 150 -43.62 -39.85 56.20
C ILE DB 150 -44.68 -38.99 56.89
N THR DB 151 -45.40 -38.22 56.09
CA THR DB 151 -46.64 -37.63 56.57
C THR DB 151 -47.73 -38.69 56.58
N GLN DB 152 -48.50 -38.72 57.66
CA GLN DB 152 -49.52 -39.72 57.90
C GLN DB 152 -50.86 -39.03 58.12
N PRO DB 153 -51.98 -39.74 57.90
CA PRO DB 153 -52.20 -41.07 57.36
C PRO DB 153 -52.56 -41.10 55.88
N PHE DB 154 -52.94 -39.95 55.33
CA PHE DB 154 -53.57 -39.88 54.02
C PHE DB 154 -52.64 -39.34 52.95
N SER DB 155 -51.34 -39.54 53.11
CA SER DB 155 -50.35 -38.97 52.22
C SER DB 155 -49.50 -40.06 51.60
N TYR DB 156 -49.13 -39.82 50.36
CA TYR DB 156 -48.35 -40.76 49.56
C TYR DB 156 -46.86 -40.60 49.87
N HIS DB 157 -46.17 -41.73 49.93
CA HIS DB 157 -44.75 -41.78 50.24
C HIS DB 157 -44.09 -42.74 49.27
N SER DB 158 -43.11 -42.25 48.53
CA SER DB 158 -42.31 -43.05 47.62
C SER DB 158 -40.86 -43.06 48.05
N ARG DB 159 -40.19 -44.16 47.77
CA ARG DB 159 -38.75 -44.30 47.99
C ARG DB 159 -38.19 -45.05 46.79
N TYR DB 160 -37.18 -44.48 46.17
CA TYR DB 160 -36.55 -45.01 44.96
C TYR DB 160 -35.06 -45.14 45.23
N PHE DB 161 -34.58 -46.37 45.23
CA PHE DB 161 -33.23 -46.66 45.66
C PHE DB 161 -32.75 -47.95 45.02
N THR DB 162 -31.49 -48.25 45.24
CA THR DB 162 -30.83 -49.44 44.72
C THR DB 162 -30.59 -50.43 45.84
N PRO DB 163 -31.27 -51.58 45.87
CA PRO DB 163 -31.05 -52.51 46.98
C PRO DB 163 -29.76 -53.28 46.82
N LYS DB 164 -29.48 -54.12 47.80
CA LYS DB 164 -28.27 -54.94 47.82
C LYS DB 164 -28.65 -56.34 48.26
N PRO DB 165 -28.01 -57.37 47.71
CA PRO DB 165 -28.34 -58.73 48.12
C PRO DB 165 -27.62 -59.15 49.39
N VAL DB 166 -28.22 -60.15 50.04
CA VAL DB 166 -27.69 -60.69 51.29
C VAL DB 166 -26.80 -61.87 50.90
N LEU DB 167 -25.54 -61.57 50.66
CA LEU DB 167 -24.56 -62.59 50.29
C LEU DB 167 -24.04 -63.32 51.51
N ASP DB 168 -23.71 -62.60 52.56
CA ASP DB 168 -23.28 -63.19 53.83
C ASP DB 168 -23.92 -62.38 54.95
N SER DB 169 -24.89 -62.97 55.63
CA SER DB 169 -25.55 -62.30 56.73
C SER DB 169 -24.67 -62.19 57.97
N THR DB 170 -23.60 -62.97 58.05
CA THR DB 170 -22.69 -62.90 59.18
C THR DB 170 -21.80 -61.66 59.12
N ILE DB 171 -21.33 -61.32 57.93
CA ILE DB 171 -20.40 -60.22 57.72
C ILE DB 171 -21.17 -59.01 57.20
N ASP DB 172 -22.19 -59.25 56.40
CA ASP DB 172 -23.07 -58.22 55.87
C ASP DB 172 -22.27 -57.18 55.07
N TYR DB 173 -21.71 -57.65 53.96
CA TYR DB 173 -20.97 -56.81 53.04
C TYR DB 173 -21.79 -56.55 51.78
N PHE DB 174 -21.61 -55.37 51.21
CA PHE DB 174 -22.31 -54.99 50.00
C PHE DB 174 -21.46 -54.05 49.19
N GLN DB 175 -21.82 -53.91 47.98
CA GLN DB 175 -21.13 -53.10 47.00
C GLN DB 175 -21.68 -51.69 46.96
N PRO DB 176 -20.86 -50.70 46.63
CA PRO DB 176 -21.42 -49.38 46.33
C PRO DB 176 -22.11 -49.35 44.99
N ASN DB 177 -22.75 -48.24 44.70
CA ASN DB 177 -23.55 -48.13 43.48
C ASN DB 177 -22.64 -47.97 42.29
N ASN DB 178 -22.69 -48.94 41.39
CA ASN DB 178 -21.92 -48.90 40.15
C ASN DB 178 -22.66 -49.77 39.16
N LYS DB 179 -23.21 -49.16 38.11
CA LYS DB 179 -23.98 -49.93 37.16
C LYS DB 179 -23.12 -50.91 36.40
N ARG DB 180 -21.84 -50.60 36.20
CA ARG DB 180 -20.97 -51.43 35.38
C ARG DB 180 -20.38 -52.60 36.15
N ASN DB 181 -20.26 -52.46 37.48
CA ASN DB 181 -19.63 -53.47 38.32
C ASN DB 181 -20.60 -54.24 39.18
N GLN DB 182 -21.90 -54.01 39.06
CA GLN DB 182 -22.87 -54.71 39.87
C GLN DB 182 -22.87 -56.19 39.55
N LEU DB 183 -22.90 -56.99 40.60
CA LEU DB 183 -22.84 -58.43 40.45
C LEU DB 183 -24.09 -58.96 39.76
N TRP DB 184 -23.89 -59.99 38.96
CA TRP DB 184 -24.97 -60.77 38.40
C TRP DB 184 -25.22 -61.96 39.30
N LEU DB 185 -26.46 -62.12 39.74
CA LEU DB 185 -26.89 -63.29 40.45
C LEU DB 185 -27.58 -64.24 39.48
N ARG DB 186 -27.74 -65.48 39.92
CA ARG DB 186 -28.47 -66.48 39.17
C ARG DB 186 -29.94 -66.44 39.55
N LEU DB 187 -30.79 -66.55 38.54
CA LEU DB 187 -32.23 -66.70 38.72
C LEU DB 187 -32.50 -68.16 39.06
N GLN DB 188 -32.53 -68.45 40.35
CA GLN DB 188 -32.76 -69.79 40.82
C GLN DB 188 -34.20 -70.21 40.54
N THR DB 189 -34.48 -71.48 40.82
CA THR DB 189 -35.81 -72.02 40.57
C THR DB 189 -36.76 -71.67 41.70
N ALA DB 190 -36.39 -71.99 42.96
CA ALA DB 190 -37.23 -71.68 44.10
C ALA DB 190 -36.45 -71.22 45.33
N GLY DB 191 -35.26 -70.67 45.16
CA GLY DB 191 -34.39 -70.36 46.28
C GLY DB 191 -33.60 -69.08 46.16
N ASN DB 192 -34.18 -68.08 45.50
CA ASN DB 192 -33.48 -66.83 45.28
C ASN DB 192 -33.20 -66.10 46.59
N VAL DB 193 -32.21 -65.25 46.55
CA VAL DB 193 -31.68 -64.58 47.73
C VAL DB 193 -32.46 -63.30 47.98
N ASP DB 194 -32.62 -62.95 49.25
CA ASP DB 194 -33.39 -61.80 49.64
C ASP DB 194 -32.58 -60.53 49.45
N HIS DB 195 -33.16 -59.56 48.77
CA HIS DB 195 -32.64 -58.21 48.74
C HIS DB 195 -33.28 -57.38 49.83
N VAL DB 196 -32.58 -56.34 50.22
CA VAL DB 196 -32.87 -55.60 51.44
C VAL DB 196 -32.64 -54.13 51.17
N GLY DB 197 -33.18 -53.28 52.05
CA GLY DB 197 -33.10 -51.87 51.81
C GLY DB 197 -34.19 -50.92 52.25
N LEU DB 198 -35.16 -51.34 53.05
CA LEU DB 198 -36.08 -50.34 53.61
C LEU DB 198 -36.58 -50.71 54.99
N GLY DB 199 -36.53 -49.72 55.87
CA GLY DB 199 -37.15 -49.82 57.17
C GLY DB 199 -37.94 -48.56 57.46
N THR DB 200 -39.03 -48.74 58.20
CA THR DB 200 -40.01 -47.69 58.41
C THR DB 200 -40.28 -47.49 59.89
N ALA DB 201 -40.85 -46.34 60.19
CA ALA DB 201 -41.35 -46.02 61.53
C ALA DB 201 -42.58 -45.14 61.37
N PHE DB 202 -43.73 -45.69 61.72
CA PHE DB 202 -45.00 -45.00 61.63
C PHE DB 202 -45.49 -44.61 63.02
N GLU DB 203 -45.96 -43.38 63.14
CA GLU DB 203 -46.51 -42.89 64.39
C GLU DB 203 -47.91 -43.43 64.59
N ASN DB 204 -48.14 -44.02 65.74
CA ASN DB 204 -49.41 -44.65 66.03
C ASN DB 204 -50.50 -43.61 66.20
N SER DB 205 -51.74 -44.07 66.21
CA SER DB 205 -52.91 -43.20 66.22
C SER DB 205 -54.07 -43.93 66.88
N ILE DB 206 -55.12 -43.15 67.19
CA ILE DB 206 -56.33 -43.72 67.73
C ILE DB 206 -57.07 -44.53 66.69
N TYR DB 207 -56.92 -44.18 65.43
CA TYR DB 207 -57.56 -44.86 64.32
C TYR DB 207 -56.56 -45.76 63.61
N ASP DB 208 -57.09 -46.78 62.94
CA ASP DB 208 -56.25 -47.68 62.17
C ASP DB 208 -55.79 -47.00 60.89
N GLN DB 209 -54.50 -47.14 60.60
CA GLN DB 209 -53.87 -46.57 59.41
C GLN DB 209 -53.51 -47.71 58.48
N GLU DB 210 -54.23 -47.83 57.37
CA GLU DB 210 -54.01 -48.87 56.39
C GLU DB 210 -53.31 -48.29 55.17
N TYR DB 211 -52.52 -49.14 54.51
CA TYR DB 211 -51.78 -48.77 53.32
C TYR DB 211 -51.79 -49.95 52.34
N ASN DB 212 -51.79 -49.63 51.06
CA ASN DB 212 -51.57 -50.59 49.99
C ASN DB 212 -50.20 -50.31 49.42
N ILE DB 213 -49.25 -51.20 49.65
CA ILE DB 213 -47.87 -50.99 49.29
C ILE DB 213 -47.60 -51.68 47.97
N ARG DB 214 -47.13 -50.91 46.99
CA ARG DB 214 -46.80 -51.39 45.67
C ARG DB 214 -45.30 -51.28 45.48
N VAL DB 215 -44.63 -52.41 45.41
CA VAL DB 215 -43.20 -52.49 45.16
C VAL DB 215 -43.00 -52.78 43.68
N THR DB 216 -42.14 -52.01 43.05
CA THR DB 216 -41.77 -52.16 41.66
C THR DB 216 -40.26 -52.34 41.59
N MET DB 217 -39.82 -53.47 41.08
CA MET DB 217 -38.41 -53.76 40.89
C MET DB 217 -38.02 -53.60 39.43
N TYR DB 218 -36.99 -52.83 39.19
CA TYR DB 218 -36.43 -52.63 37.87
C TYR DB 218 -35.21 -53.53 37.73
N VAL DB 219 -35.37 -54.60 36.95
CA VAL DB 219 -34.39 -55.67 36.90
C VAL DB 219 -33.73 -55.67 35.53
N GLN DB 220 -32.65 -56.44 35.44
CA GLN DB 220 -31.85 -56.55 34.22
C GLN DB 220 -31.42 -58.00 34.14
N PHE DB 221 -31.90 -58.69 33.12
CA PHE DB 221 -31.60 -60.09 32.90
C PHE DB 221 -30.50 -60.26 31.86
N ARG DB 222 -30.05 -61.52 31.71
CA ARG DB 222 -28.96 -61.84 30.81
C ARG DB 222 -29.07 -63.29 30.41
N GLU DB 223 -28.60 -63.58 29.20
CA GLU DB 223 -28.48 -64.93 28.67
C GLU DB 223 -29.84 -65.64 28.58
N PHE DB 224 -30.62 -65.15 27.63
CA PHE DB 224 -31.82 -65.82 27.14
C PHE DB 224 -31.57 -67.30 26.95
N ASN DB 225 -32.36 -68.13 27.64
CA ASN DB 225 -32.09 -69.56 27.73
C ASN DB 225 -33.35 -70.38 27.51
N LEU DB 226 -34.14 -69.98 26.52
CA LEU DB 226 -35.36 -70.72 26.25
C LEU DB 226 -35.04 -72.11 25.75
N LYS DB 227 -35.86 -73.07 26.15
CA LYS DB 227 -35.72 -74.47 25.75
C LYS DB 227 -36.99 -74.89 25.01
N ASP DB 228 -36.81 -75.45 23.82
CA ASP DB 228 -37.90 -75.77 22.91
C ASP DB 228 -37.84 -77.24 22.56
N PRO DB 229 -38.40 -78.11 23.40
CA PRO DB 229 -38.50 -79.51 23.03
C PRO DB 229 -39.59 -79.73 21.99
N PRO DB 230 -39.63 -80.89 21.36
CA PRO DB 230 -40.74 -81.17 20.45
C PRO DB 230 -42.07 -81.37 21.19
N LEU DB 231 -43.12 -81.66 20.42
CA LEU DB 231 -44.45 -81.83 20.99
C LEU DB 231 -45.20 -82.97 20.30
N GLY EB 43 -10.92 -30.99 63.93
CA GLY EB 43 -11.68 -32.11 63.41
C GLY EB 43 -13.16 -31.84 63.34
N ILE EB 44 -13.56 -31.17 62.28
CA ILE EB 44 -14.92 -30.68 62.14
C ILE EB 44 -15.83 -31.82 61.70
N PHE EB 45 -17.06 -31.80 62.21
CA PHE EB 45 -18.08 -32.74 61.79
C PHE EB 45 -19.43 -32.04 61.92
N ASN EB 46 -19.96 -31.61 60.79
CA ASN EB 46 -21.29 -31.04 60.74
C ASN EB 46 -22.31 -32.16 60.61
N THR EB 47 -23.30 -32.17 61.50
CA THR EB 47 -24.36 -33.15 61.45
C THR EB 47 -25.69 -32.49 61.81
N ARG EB 48 -26.68 -33.32 62.09
CA ARG EB 48 -28.05 -32.90 62.28
C ARG EB 48 -28.69 -33.77 63.34
N LEU EB 49 -29.25 -33.14 64.36
CA LEU EB 49 -29.87 -33.82 65.49
C LEU EB 49 -31.30 -33.32 65.63
N SER EB 50 -32.21 -34.24 65.88
CA SER EB 50 -33.62 -33.96 65.94
C SER EB 50 -34.23 -34.47 67.24
N ARG EB 51 -35.48 -34.05 67.46
CA ARG EB 51 -36.21 -34.28 68.69
C ARG EB 51 -37.64 -33.87 68.43
N THR EB 52 -38.59 -34.62 68.98
CA THR EB 52 -40.01 -34.42 68.73
C THR EB 52 -40.76 -34.43 70.04
N PHE EB 53 -41.72 -33.50 70.16
CA PHE EB 53 -42.52 -33.38 71.36
C PHE EB 53 -43.81 -32.66 71.01
N GLY EB 54 -44.74 -32.67 71.96
CA GLY EB 54 -46.06 -32.12 71.77
C GLY EB 54 -46.32 -30.78 72.40
N TYR EB 55 -47.30 -30.06 71.86
CA TYR EB 55 -47.76 -28.79 72.38
C TYR EB 55 -49.23 -28.65 72.06
N THR EB 56 -50.03 -28.31 73.06
CA THR EB 56 -51.47 -28.17 72.91
C THR EB 56 -51.91 -26.80 73.42
N ILE EB 57 -52.82 -26.20 72.68
CA ILE EB 57 -53.51 -24.98 73.07
C ILE EB 57 -54.91 -25.39 73.45
N LYS EB 58 -55.19 -25.40 74.75
CA LYS EB 58 -56.47 -25.85 75.24
C LYS EB 58 -57.59 -24.88 74.83
N ARG EB 59 -58.80 -25.40 74.83
CA ARG EB 59 -59.97 -24.64 74.45
C ARG EB 59 -60.33 -23.59 75.49
N THR EB 60 -61.09 -22.59 75.06
CA THR EB 60 -61.57 -21.52 75.92
C THR EB 60 -62.98 -21.14 75.54
N THR EB 61 -63.83 -20.92 76.54
CA THR EB 61 -65.17 -20.39 76.32
C THR EB 61 -65.19 -18.90 76.04
N VAL EB 62 -64.04 -18.23 76.15
CA VAL EB 62 -63.98 -16.79 75.91
C VAL EB 62 -64.40 -16.49 74.48
N LYS EB 63 -65.20 -15.45 74.33
CA LYS EB 63 -65.74 -15.09 73.02
C LYS EB 63 -64.77 -14.24 72.21
N THR EB 64 -64.02 -13.37 72.88
CA THR EB 64 -63.13 -12.46 72.20
C THR EB 64 -62.00 -13.20 71.50
N PRO EB 65 -61.29 -12.53 70.60
CA PRO EB 65 -60.04 -13.10 70.10
C PRO EB 65 -58.93 -12.89 71.10
N SER EB 66 -58.54 -13.96 71.77
CA SER EB 66 -57.42 -13.95 72.70
C SER EB 66 -56.34 -14.88 72.19
N TRP EB 67 -55.11 -14.63 72.63
CA TRP EB 67 -53.95 -15.38 72.22
C TRP EB 67 -53.29 -16.06 73.40
N ALA EB 68 -52.70 -17.21 73.12
CA ALA EB 68 -51.96 -18.01 74.09
C ALA EB 68 -50.48 -17.87 73.79
N VAL EB 69 -49.73 -17.39 74.77
CA VAL EB 69 -48.32 -17.08 74.61
C VAL EB 69 -47.51 -18.15 75.30
N ASP EB 70 -46.40 -18.53 74.68
CA ASP EB 70 -45.49 -19.51 75.25
C ASP EB 70 -44.11 -19.30 74.66
N MET EB 71 -43.13 -19.93 75.27
CA MET EB 71 -41.73 -19.79 74.93
C MET EB 71 -41.15 -21.13 74.50
N MET EB 72 -39.95 -21.06 73.93
CA MET EB 72 -39.28 -22.25 73.43
C MET EB 72 -37.78 -22.03 73.48
N ARG EB 73 -37.09 -22.80 74.31
CA ARG EB 73 -35.65 -22.83 74.41
C ARG EB 73 -35.13 -24.11 73.79
N PHE EB 74 -33.81 -24.16 73.57
CA PHE EB 74 -33.14 -25.30 72.95
C PHE EB 74 -31.89 -25.62 73.73
N ASN EB 75 -31.78 -26.86 74.19
CA ASN EB 75 -30.59 -27.36 74.84
C ASN EB 75 -30.14 -28.64 74.17
N ILE EB 76 -28.83 -28.87 74.18
CA ILE EB 76 -28.26 -30.02 73.49
C ILE EB 76 -28.36 -31.31 74.29
N ASN EB 77 -28.68 -31.23 75.57
CA ASN EB 77 -28.90 -32.45 76.35
C ASN EB 77 -30.13 -33.20 75.86
N ASP EB 78 -31.12 -32.47 75.35
CA ASP EB 78 -32.33 -33.09 74.85
C ASP EB 78 -32.18 -33.72 73.49
N PHE EB 79 -31.08 -33.45 72.79
CA PHE EB 79 -30.79 -34.02 71.49
C PHE EB 79 -29.66 -35.04 71.52
N LEU EB 80 -28.71 -34.86 72.42
CA LEU EB 80 -27.52 -35.70 72.53
C LEU EB 80 -27.55 -36.46 73.84
N PRO EB 81 -27.75 -37.78 73.88
CA PRO EB 81 -27.83 -38.46 75.15
C PRO EB 81 -26.45 -38.63 75.77
N PRO EB 82 -26.40 -39.08 77.02
CA PRO EB 82 -25.11 -39.43 77.60
C PRO EB 82 -24.55 -40.71 77.00
N GLY EB 83 -23.23 -40.76 76.93
CA GLY EB 83 -22.57 -41.90 76.34
C GLY EB 83 -22.40 -43.03 77.32
N GLY EB 84 -21.25 -43.69 77.24
CA GLY EB 84 -20.96 -44.80 78.13
C GLY EB 84 -19.47 -45.04 78.27
N GLY EB 85 -19.02 -45.20 79.51
CA GLY EB 85 -17.63 -45.45 79.78
C GLY EB 85 -16.80 -44.20 79.87
N SER EB 86 -15.60 -44.25 79.30
CA SER EB 86 -14.70 -43.12 79.36
C SER EB 86 -15.16 -41.97 78.45
N ASN EB 87 -16.08 -42.25 77.54
CA ASN EB 87 -16.66 -41.20 76.70
C ASN EB 87 -17.95 -40.72 77.34
N PRO EB 88 -18.00 -39.50 77.89
CA PRO EB 88 -19.19 -39.09 78.63
C PRO EB 88 -20.41 -38.85 77.75
N ARG EB 89 -20.21 -38.57 76.46
CA ARG EB 89 -21.29 -38.31 75.52
C ARG EB 89 -21.24 -39.29 74.37
N SER EB 90 -22.36 -39.39 73.67
CA SER EB 90 -22.51 -40.38 72.61
C SER EB 90 -21.85 -39.96 71.31
N VAL EB 91 -21.67 -38.66 71.11
CA VAL EB 91 -20.92 -38.13 69.97
C VAL EB 91 -19.54 -37.74 70.49
N PRO EB 92 -18.47 -38.44 70.11
CA PRO EB 92 -17.19 -38.20 70.77
C PRO EB 92 -16.44 -36.97 70.26
N PHE EB 93 -16.88 -35.82 70.74
CA PHE EB 93 -16.25 -34.55 70.42
C PHE EB 93 -16.23 -33.69 71.68
N GLU EB 94 -15.34 -32.69 71.66
CA GLU EB 94 -15.13 -31.81 72.79
C GLU EB 94 -15.97 -30.54 72.72
N TYR EB 95 -15.92 -29.85 71.59
CA TYR EB 95 -16.54 -28.56 71.41
C TYR EB 95 -17.70 -28.65 70.45
N TYR EB 96 -18.57 -27.64 70.52
CA TYR EB 96 -19.71 -27.56 69.62
C TYR EB 96 -20.13 -26.12 69.48
N ARG EB 97 -20.91 -25.87 68.44
CA ARG EB 97 -21.58 -24.59 68.27
C ARG EB 97 -22.77 -24.82 67.34
N ILE EB 98 -23.93 -24.35 67.77
CA ILE EB 98 -25.16 -24.58 67.03
C ILE EB 98 -25.24 -23.55 65.91
N ARG EB 99 -25.36 -24.03 64.68
CA ARG EB 99 -25.39 -23.19 63.50
C ARG EB 99 -26.79 -22.72 63.18
N LYS EB 100 -27.75 -23.64 63.17
CA LYS EB 100 -29.13 -23.34 62.81
C LYS EB 100 -30.05 -24.25 63.59
N VAL EB 101 -31.31 -23.84 63.68
CA VAL EB 101 -32.38 -24.66 64.22
C VAL EB 101 -33.58 -24.52 63.30
N LYS EB 102 -34.28 -25.63 63.12
CA LYS EB 102 -35.52 -25.70 62.34
C LYS EB 102 -36.60 -26.21 63.26
N VAL EB 103 -37.50 -25.32 63.63
CA VAL EB 103 -38.68 -25.68 64.40
C VAL EB 103 -39.83 -25.88 63.44
N GLU EB 104 -40.45 -27.05 63.51
CA GLU EB 104 -41.55 -27.42 62.63
C GLU EB 104 -42.76 -27.72 63.50
N PHE EB 105 -43.82 -26.95 63.30
CA PHE EB 105 -45.11 -27.20 63.93
C PHE EB 105 -45.91 -28.08 62.98
N TRP EB 106 -45.90 -29.37 63.24
CA TRP EB 106 -46.68 -30.30 62.45
C TRP EB 106 -48.07 -30.42 63.08
N PRO EB 107 -49.13 -30.08 62.37
CA PRO EB 107 -50.45 -30.10 63.00
C PRO EB 107 -50.94 -31.51 63.29
N CYS EB 108 -51.83 -31.58 64.26
CA CYS EB 108 -52.51 -32.80 64.65
C CYS EB 108 -54.00 -32.75 64.38
N SER EB 109 -54.49 -31.67 63.81
CA SER EB 109 -55.90 -31.39 63.69
C SER EB 109 -56.35 -31.58 62.26
N PRO EB 110 -57.60 -31.97 62.04
CA PRO EB 110 -58.07 -32.21 60.68
C PRO EB 110 -58.27 -30.92 59.91
N ILE EB 111 -58.29 -31.04 58.58
CA ILE EB 111 -58.53 -29.88 57.75
C ILE EB 111 -59.97 -29.42 57.75
N THR EB 112 -60.87 -30.15 58.39
CA THR EB 112 -62.26 -29.75 58.54
C THR EB 112 -62.52 -28.97 59.82
N GLN EB 113 -61.51 -28.72 60.64
CA GLN EB 113 -61.72 -28.05 61.90
C GLN EB 113 -61.96 -26.57 61.67
N GLY EB 114 -62.97 -26.04 62.34
CA GLY EB 114 -63.33 -24.65 62.22
C GLY EB 114 -62.78 -23.80 63.35
N ASP EB 115 -63.34 -22.61 63.47
CA ASP EB 115 -62.88 -21.62 64.44
C ASP EB 115 -61.41 -21.33 64.23
N ARG EB 116 -61.03 -21.19 62.97
CA ARG EB 116 -59.64 -20.95 62.62
C ARG EB 116 -59.17 -19.61 63.16
N GLY EB 117 -57.87 -19.43 63.14
CA GLY EB 117 -57.25 -18.28 63.74
C GLY EB 117 -55.96 -17.88 63.07
N VAL EB 118 -55.28 -16.90 63.65
CA VAL EB 118 -54.05 -16.37 63.07
C VAL EB 118 -53.15 -15.92 64.21
N GLY EB 119 -51.91 -16.40 64.18
CA GLY EB 119 -50.94 -16.12 65.22
C GLY EB 119 -49.63 -15.63 64.68
N SER EB 120 -48.60 -15.70 65.51
CA SER EB 120 -47.31 -15.12 65.17
C SER EB 120 -46.21 -15.87 65.91
N SER EB 121 -45.10 -16.08 65.21
CA SER EB 121 -43.89 -16.65 65.79
C SER EB 121 -42.73 -15.69 65.55
N ALA EB 122 -42.01 -15.38 66.61
CA ALA EB 122 -40.91 -14.44 66.55
C ALA EB 122 -39.67 -15.05 67.16
N VAL EB 123 -38.52 -14.46 66.83
CA VAL EB 123 -37.21 -14.95 67.22
C VAL EB 123 -36.69 -14.06 68.34
N ILE EB 124 -36.42 -14.66 69.49
CA ILE EB 124 -36.10 -13.96 70.72
C ILE EB 124 -34.78 -14.52 71.24
N LEU EB 125 -33.69 -13.80 70.98
CA LEU EB 125 -32.35 -14.31 71.20
C LEU EB 125 -31.75 -13.90 72.54
N ASP EB 126 -32.57 -13.66 73.58
CA ASP EB 126 -32.05 -13.06 74.81
C ASP EB 126 -32.67 -13.56 76.10
N ASP EB 127 -33.56 -14.54 76.07
CA ASP EB 127 -34.08 -15.17 77.29
C ASP EB 127 -34.97 -14.22 78.09
N ASN EB 128 -35.59 -13.26 77.43
CA ASN EB 128 -36.62 -12.42 78.02
C ASN EB 128 -37.78 -12.44 77.06
N PHE EB 129 -38.67 -13.39 77.28
CA PHE EB 129 -39.86 -13.59 76.48
C PHE EB 129 -41.02 -12.79 77.06
N VAL EB 130 -42.04 -12.60 76.24
CA VAL EB 130 -43.31 -12.13 76.76
C VAL EB 130 -43.82 -13.19 77.73
N THR EB 131 -44.41 -12.71 78.83
CA THR EB 131 -44.85 -13.61 79.88
C THR EB 131 -45.86 -14.61 79.35
N LYS EB 132 -45.74 -15.84 79.83
CA LYS EB 132 -46.66 -16.89 79.42
C LYS EB 132 -48.07 -16.54 79.84
N ALA EB 133 -49.00 -16.62 78.89
CA ALA EB 133 -50.37 -16.23 79.09
C ALA EB 133 -51.29 -17.27 78.46
N THR EB 134 -52.46 -17.43 79.05
CA THR EB 134 -53.48 -18.35 78.55
C THR EB 134 -54.39 -17.67 77.55
N ALA EB 135 -54.93 -16.51 77.91
CA ALA EB 135 -55.83 -15.75 77.03
C ALA EB 135 -55.48 -14.28 77.16
N LEU EB 136 -54.54 -13.83 76.35
CA LEU EB 136 -54.15 -12.43 76.27
C LEU EB 136 -54.92 -11.73 75.17
N THR EB 137 -55.30 -10.49 75.42
CA THR EB 137 -56.20 -9.75 74.55
C THR EB 137 -55.55 -9.24 73.26
N TYR EB 138 -54.32 -9.63 72.98
CA TYR EB 138 -53.64 -9.16 71.78
C TYR EB 138 -52.51 -10.12 71.47
N ASP EB 139 -51.97 -9.98 70.26
CA ASP EB 139 -50.83 -10.76 69.81
C ASP EB 139 -49.56 -9.95 70.06
N PRO EB 140 -48.75 -10.28 71.06
CA PRO EB 140 -47.59 -9.44 71.32
C PRO EB 140 -46.52 -9.51 70.26
N TYR EB 141 -46.37 -10.66 69.61
CA TYR EB 141 -45.32 -10.89 68.65
C TYR EB 141 -45.69 -10.45 67.24
N VAL EB 142 -46.73 -9.65 67.09
CA VAL EB 142 -47.25 -9.32 65.77
C VAL EB 142 -46.41 -8.25 65.10
N ASN EB 143 -45.98 -7.25 65.85
CA ASN EB 143 -45.21 -6.16 65.30
C ASN EB 143 -43.72 -6.40 65.32
N TYR EB 144 -43.29 -7.58 65.74
CA TYR EB 144 -41.88 -7.92 65.73
C TYR EB 144 -41.36 -8.04 64.31
N SER EB 145 -40.13 -7.59 64.12
CA SER EB 145 -39.50 -7.65 62.82
C SER EB 145 -39.29 -9.08 62.33
N SER EB 146 -39.23 -10.04 63.24
CA SER EB 146 -39.06 -11.45 62.91
C SER EB 146 -40.35 -12.23 62.99
N ARG EB 147 -41.49 -11.56 62.84
CA ARG EB 147 -42.77 -12.22 62.93
C ARG EB 147 -43.07 -12.94 61.62
N HIS EB 148 -43.47 -14.19 61.74
CA HIS EB 148 -44.08 -14.95 60.66
C HIS EB 148 -45.48 -15.31 61.12
N THR EB 149 -46.43 -15.21 60.21
CA THR EB 149 -47.81 -15.53 60.52
C THR EB 149 -47.99 -17.04 60.67
N ILE EB 150 -48.72 -17.42 61.70
CA ILE EB 150 -49.12 -18.80 61.93
C ILE EB 150 -50.59 -18.88 61.56
N THR EB 151 -50.86 -19.56 60.46
CA THR EB 151 -52.23 -20.00 60.18
C THR EB 151 -52.54 -21.21 61.02
N GLN EB 152 -53.72 -21.21 61.61
CA GLN EB 152 -54.16 -22.24 62.54
C GLN EB 152 -55.46 -22.85 62.03
N PRO EB 153 -55.80 -24.08 62.47
CA PRO EB 153 -55.07 -25.05 63.27
C PRO EB 153 -54.36 -26.14 62.48
N PHE EB 154 -54.71 -26.27 61.20
CA PHE EB 154 -54.32 -27.41 60.40
C PHE EB 154 -53.23 -27.09 59.39
N SER EB 155 -52.39 -26.12 59.70
CA SER EB 155 -51.39 -25.63 58.77
C SER EB 155 -50.01 -25.77 59.37
N TYR EB 156 -49.05 -26.06 58.51
CA TYR EB 156 -47.66 -26.27 58.88
C TYR EB 156 -46.94 -24.93 58.96
N HIS EB 157 -46.09 -24.82 59.97
CA HIS EB 157 -45.31 -23.61 60.24
C HIS EB 157 -43.88 -24.03 60.54
N SER EB 158 -42.95 -23.49 59.76
CA SER EB 158 -41.53 -23.71 59.95
C SER EB 158 -40.83 -22.39 60.25
N ARG EB 159 -39.78 -22.47 61.05
CA ARG EB 159 -38.91 -21.34 61.33
C ARG EB 159 -37.48 -21.85 61.32
N TYR EB 160 -36.63 -21.20 60.53
CA TYR EB 160 -35.24 -21.59 60.35
C TYR EB 160 -34.37 -20.40 60.66
N PHE EB 161 -33.58 -20.51 61.71
CA PHE EB 161 -32.83 -19.37 62.23
C PHE EB 161 -31.61 -19.87 62.97
N THR EB 162 -30.78 -18.92 63.40
CA THR EB 162 -29.56 -19.18 64.12
C THR EB 162 -29.72 -18.79 65.58
N PRO EB 163 -29.75 -19.72 66.53
CA PRO EB 163 -29.95 -19.32 67.92
C PRO EB 163 -28.69 -18.74 68.52
N LYS EB 164 -28.80 -18.33 69.78
CA LYS EB 164 -27.69 -17.74 70.51
C LYS EB 164 -27.68 -18.33 71.92
N PRO EB 165 -26.50 -18.55 72.50
CA PRO EB 165 -26.46 -19.09 73.85
C PRO EB 165 -26.62 -18.04 74.93
N VAL EB 166 -27.04 -18.52 76.09
CA VAL EB 166 -27.28 -17.67 77.24
C VAL EB 166 -25.98 -17.68 78.05
N LEU EB 167 -25.10 -16.74 77.71
CA LEU EB 167 -23.82 -16.61 78.40
C LEU EB 167 -23.97 -15.85 79.71
N ASP EB 168 -24.71 -14.75 79.69
CA ASP EB 168 -25.00 -13.98 80.90
C ASP EB 168 -26.44 -13.53 80.81
N SER EB 169 -27.30 -14.13 81.64
CA SER EB 169 -28.70 -13.75 81.66
C SER EB 169 -28.95 -12.39 82.28
N THR EB 170 -27.99 -11.85 83.02
CA THR EB 170 -28.13 -10.53 83.61
C THR EB 170 -27.98 -9.43 82.58
N ILE EB 171 -27.04 -9.58 81.65
CA ILE EB 171 -26.72 -8.57 80.66
C ILE EB 171 -27.37 -8.95 79.33
N ASP EB 172 -27.44 -10.25 79.05
CA ASP EB 172 -28.10 -10.78 77.87
C ASP EB 172 -27.46 -10.22 76.60
N TYR EB 173 -26.20 -10.57 76.40
CA TYR EB 173 -25.44 -10.19 75.22
C TYR EB 173 -25.29 -11.38 74.29
N PHE EB 174 -25.26 -11.09 72.99
CA PHE EB 174 -25.10 -12.12 71.99
C PHE EB 174 -24.38 -11.56 70.78
N GLN EB 175 -23.91 -12.44 70.00
CA GLN EB 175 -23.14 -12.13 68.81
C GLN EB 175 -24.03 -12.01 67.59
N PRO EB 176 -23.66 -11.19 66.61
CA PRO EB 176 -24.36 -11.26 65.33
C PRO EB 176 -23.97 -12.49 64.53
N ASN EB 177 -24.64 -12.70 63.42
CA ASN EB 177 -24.44 -13.90 62.63
C ASN EB 177 -23.13 -13.81 61.87
N ASN EB 178 -22.21 -14.71 62.19
CA ASN EB 178 -20.93 -14.78 61.50
C ASN EB 178 -20.45 -16.21 61.66
N LYS EB 179 -20.39 -16.95 60.55
CA LYS EB 179 -20.00 -18.34 60.64
C LYS EB 179 -18.55 -18.49 61.08
N ARG EB 180 -17.70 -17.52 60.75
CA ARG EB 180 -16.28 -17.63 61.03
C ARG EB 180 -15.93 -17.23 62.46
N ASN EB 181 -16.74 -16.38 63.08
CA ASN EB 181 -16.46 -15.83 64.39
C ASN EB 181 -17.36 -16.40 65.48
N GLN EB 182 -18.22 -17.34 65.17
CA GLN EB 182 -19.13 -17.89 66.16
C GLN EB 182 -18.34 -18.65 67.22
N LEU EB 183 -18.72 -18.41 68.47
CA LEU EB 183 -18.03 -19.01 69.59
C LEU EB 183 -18.21 -20.52 69.60
N TRP EB 184 -17.16 -21.21 70.04
CA TRP EB 184 -17.22 -22.62 70.34
C TRP EB 184 -17.50 -22.79 71.82
N LEU EB 185 -18.53 -23.53 72.14
CA LEU EB 185 -18.82 -23.94 73.50
C LEU EB 185 -18.29 -25.34 73.74
N ARG EB 186 -18.20 -25.71 75.00
CA ARG EB 186 -17.82 -27.04 75.39
C ARG EB 186 -19.04 -27.92 75.52
N LEU EB 187 -18.92 -29.14 75.02
CA LEU EB 187 -19.94 -30.17 75.19
C LEU EB 187 -19.77 -30.77 76.57
N GLN EB 188 -20.49 -30.20 77.53
CA GLN EB 188 -20.42 -30.63 78.90
C GLN EB 188 -21.04 -32.02 79.04
N THR EB 189 -20.90 -32.59 80.24
CA THR EB 189 -21.42 -33.92 80.51
C THR EB 189 -22.91 -33.88 80.81
N ALA EB 190 -23.34 -33.05 81.77
CA ALA EB 190 -24.75 -32.94 82.11
C ALA EB 190 -25.19 -31.52 82.44
N GLY EB 191 -24.50 -30.51 81.92
CA GLY EB 191 -24.77 -29.13 82.31
C GLY EB 191 -24.67 -28.12 81.20
N ASN EB 192 -25.02 -28.51 79.99
CA ASN EB 192 -24.90 -27.62 78.85
C ASN EB 192 -25.83 -26.42 78.98
N VAL EB 193 -25.48 -25.37 78.28
CA VAL EB 193 -26.14 -24.08 78.39
C VAL EB 193 -27.32 -24.03 77.42
N ASP EB 194 -28.36 -23.32 77.82
CA ASP EB 194 -29.58 -23.25 77.05
C ASP EB 194 -29.43 -22.25 75.92
N HIS EB 195 -29.75 -22.67 74.72
CA HIS EB 195 -29.90 -21.77 73.59
C HIS EB 195 -31.34 -21.34 73.47
N VAL EB 196 -31.54 -20.19 72.84
CA VAL EB 196 -32.80 -19.48 72.89
C VAL EB 196 -33.05 -18.88 71.51
N GLY EB 197 -34.29 -18.48 71.27
CA GLY EB 197 -34.64 -17.99 69.95
C GLY EB 197 -36.02 -18.21 69.37
N LEU EB 198 -37.01 -18.65 70.12
CA LEU EB 198 -38.36 -18.66 69.56
C LEU EB 198 -39.42 -18.42 70.61
N GLY EB 199 -40.34 -17.54 70.27
CA GLY EB 199 -41.55 -17.33 71.04
C GLY EB 199 -42.75 -17.27 70.13
N THR EB 200 -43.88 -17.74 70.64
CA THR EB 200 -45.07 -17.97 69.84
C THR EB 200 -46.28 -17.29 70.48
N ALA EB 201 -47.29 -17.11 69.65
CA ALA EB 201 -48.60 -16.62 70.11
C ALA EB 201 -49.65 -17.29 69.24
N PHE EB 202 -50.44 -18.18 69.85
CA PHE EB 202 -51.49 -18.90 69.18
C PHE EB 202 -52.85 -18.37 69.58
N GLU EB 203 -53.72 -18.18 68.60
CA GLU EB 203 -55.07 -17.72 68.86
C GLU EB 203 -55.92 -18.88 69.38
N ASN EB 204 -56.58 -18.65 70.50
CA ASN EB 204 -57.35 -19.69 71.13
C ASN EB 204 -58.60 -20.00 70.32
N SER EB 205 -59.25 -21.11 70.66
CA SER EB 205 -60.36 -21.63 69.89
C SER EB 205 -61.28 -22.42 70.81
N ILE EB 206 -62.47 -22.73 70.30
CA ILE EB 206 -63.41 -23.57 71.03
C ILE EB 206 -62.91 -25.00 71.11
N TYR EB 207 -62.15 -25.44 70.12
CA TYR EB 207 -61.60 -26.77 70.06
C TYR EB 207 -60.13 -26.76 70.46
N ASP EB 208 -59.66 -27.92 70.92
CA ASP EB 208 -58.26 -28.05 71.29
C ASP EB 208 -57.41 -28.13 70.04
N GLN EB 209 -56.30 -27.38 70.03
CA GLN EB 209 -55.35 -27.34 68.93
C GLN EB 209 -54.06 -28.02 69.38
N GLU EB 210 -53.80 -29.21 68.85
CA GLU EB 210 -52.62 -29.97 69.18
C GLU EB 210 -51.60 -29.88 68.06
N TYR EB 211 -50.33 -29.98 68.43
CA TYR EB 211 -49.22 -29.93 67.50
C TYR EB 211 -48.14 -30.91 67.95
N ASN EB 212 -47.45 -31.47 66.97
CA ASN EB 212 -46.24 -32.27 67.19
C ASN EB 212 -45.08 -31.44 66.70
N ILE EB 213 -44.25 -30.96 67.62
CA ILE EB 213 -43.19 -30.04 67.29
C ILE EB 213 -41.90 -30.82 67.15
N ARG EB 214 -41.26 -30.70 65.98
CA ARG EB 214 -40.00 -31.36 65.67
C ARG EB 214 -38.93 -30.29 65.53
N VAL EB 215 -38.01 -30.27 66.47
CA VAL EB 215 -36.87 -29.37 66.45
C VAL EB 215 -35.68 -30.13 65.89
N THR EB 216 -35.00 -29.51 64.93
CA THR EB 216 -33.81 -30.06 64.30
C THR EB 216 -32.70 -29.04 64.47
N MET EB 217 -31.63 -29.43 65.15
CA MET EB 217 -30.47 -28.58 65.33
C MET EB 217 -29.34 -29.02 64.42
N TYR EB 218 -28.80 -28.07 63.68
CA TYR EB 218 -27.66 -28.30 62.81
C TYR EB 218 -26.41 -27.82 63.53
N VAL EB 219 -25.60 -28.76 63.99
CA VAL EB 219 -24.51 -28.48 64.89
C VAL EB 219 -23.19 -28.73 64.17
N GLN EB 220 -22.12 -28.27 64.79
CA GLN EB 220 -20.77 -28.38 64.25
C GLN EB 220 -19.86 -28.66 65.43
N PHE EB 221 -19.25 -29.84 65.44
CA PHE EB 221 -18.38 -30.28 66.51
C PHE EB 221 -16.92 -30.09 66.12
N ARG EB 222 -16.04 -30.31 67.09
CA ARG EB 222 -14.61 -30.11 66.91
C ARG EB 222 -13.86 -30.98 67.90
N GLU EB 223 -12.66 -31.40 67.49
CA GLU EB 223 -11.71 -32.11 68.34
C GLU EB 223 -12.28 -33.45 68.82
N PHE EB 224 -12.40 -34.36 67.86
CA PHE EB 224 -12.62 -35.78 68.10
C PHE EB 224 -11.76 -36.27 69.25
N ASN EB 225 -12.39 -36.80 70.28
CA ASN EB 225 -11.72 -37.11 71.54
C ASN EB 225 -12.09 -38.49 72.05
N LEU EB 226 -12.15 -39.47 71.16
CA LEU EB 226 -12.49 -40.81 71.57
C LEU EB 226 -11.41 -41.38 72.47
N LYS EB 227 -11.84 -42.15 73.47
CA LYS EB 227 -10.95 -42.80 74.40
C LYS EB 227 -11.15 -44.30 74.31
N ASP EB 228 -10.06 -45.03 74.14
CA ASP EB 228 -10.08 -46.47 73.86
C ASP EB 228 -9.24 -47.19 74.90
N PRO EB 229 -9.81 -47.49 76.06
CA PRO EB 229 -9.10 -48.31 77.03
C PRO EB 229 -9.08 -49.76 76.60
N PRO EB 230 -8.25 -50.60 77.21
CA PRO EB 230 -8.30 -52.03 76.91
C PRO EB 230 -9.57 -52.69 77.43
N LEU EB 231 -9.67 -53.99 77.21
CA LEU EB 231 -10.84 -54.76 77.61
C LEU EB 231 -10.45 -56.13 78.16
N GLY FB 43 -36.04 13.34 60.62
CA GLY FB 43 -35.76 12.04 61.20
C GLY FB 43 -36.80 11.01 60.88
N ILE FB 44 -36.68 10.42 59.70
CA ILE FB 44 -37.69 9.52 59.17
C ILE FB 44 -37.54 8.15 59.81
N PHE FB 45 -38.68 7.50 60.04
CA PHE FB 45 -38.71 6.13 60.54
C PHE FB 45 -39.96 5.47 59.97
N ASN FB 46 -39.78 4.67 58.94
CA ASN FB 46 -40.86 3.87 58.41
C ASN FB 46 -41.00 2.58 59.21
N THR FB 47 -42.20 2.31 59.68
CA THR FB 47 -42.47 1.08 60.42
C THR FB 47 -43.84 0.55 60.02
N ARG FB 48 -44.32 -0.40 60.82
CA ARG FB 48 -45.53 -1.16 60.53
C ARG FB 48 -46.26 -1.43 61.83
N LEU FB 49 -47.53 -1.06 61.87
CA LEU FB 49 -48.38 -1.21 63.05
C LEU FB 49 -49.61 -2.00 62.66
N SER FB 50 -50.00 -2.92 63.53
CA SER FB 50 -51.08 -3.85 63.28
C SER FB 50 -52.10 -3.82 64.41
N ARG FB 51 -53.22 -4.47 64.15
CA ARG FB 51 -54.39 -4.48 65.00
C ARG FB 51 -55.35 -5.52 64.46
N THR FB 52 -56.00 -6.24 65.36
CA THR FB 52 -56.86 -7.37 64.99
C THR FB 52 -58.18 -7.25 65.71
N PHE FB 53 -59.27 -7.53 65.00
CA PHE FB 53 -60.60 -7.45 65.55
C PHE FB 53 -61.53 -8.31 64.71
N GLY FB 54 -62.74 -8.51 65.22
CA GLY FB 54 -63.71 -9.39 64.61
C GLY FB 54 -64.84 -8.70 63.86
N TYR FB 55 -65.43 -9.43 62.92
CA TYR FB 55 -66.59 -8.98 62.17
C TYR FB 55 -67.41 -10.20 61.81
N THR FB 56 -68.72 -10.13 62.07
CA THR FB 56 -69.62 -11.23 61.82
C THR FB 56 -70.79 -10.75 60.98
N ILE FB 57 -71.18 -11.58 60.02
CA ILE FB 57 -72.37 -11.39 59.21
C ILE FB 57 -73.38 -12.41 59.72
N LYS FB 58 -74.37 -11.95 60.46
CA LYS FB 58 -75.35 -12.84 61.05
C LYS FB 58 -76.21 -13.49 59.98
N ARG FB 59 -76.81 -14.61 60.36
CA ARG FB 59 -77.66 -15.38 59.46
C ARG FB 59 -78.98 -14.67 59.19
N THR FB 60 -79.61 -15.06 58.10
CA THR FB 60 -80.92 -14.54 57.71
C THR FB 60 -81.75 -15.65 57.11
N THR FB 61 -83.04 -15.67 57.46
CA THR FB 61 -84.00 -16.58 56.85
C THR FB 61 -84.45 -16.12 55.48
N VAL FB 62 -84.04 -14.94 55.04
CA VAL FB 62 -84.43 -14.43 53.73
C VAL FB 62 -83.93 -15.37 52.65
N LYS FB 63 -84.79 -15.64 51.66
CA LYS FB 63 -84.47 -16.58 50.60
C LYS FB 63 -83.67 -15.93 49.49
N THR FB 64 -83.95 -14.67 49.19
CA THR FB 64 -83.32 -13.99 48.09
C THR FB 64 -81.83 -13.80 48.35
N PRO FB 65 -81.06 -13.47 47.30
CA PRO FB 65 -79.69 -13.03 47.53
C PRO FB 65 -79.67 -11.58 47.98
N SER FB 66 -79.40 -11.36 49.26
CA SER FB 66 -79.25 -10.05 49.82
C SER FB 66 -77.82 -9.88 50.35
N TRP FB 67 -77.40 -8.63 50.44
CA TRP FB 67 -76.06 -8.28 50.87
C TRP FB 67 -76.10 -7.43 52.13
N ALA FB 68 -75.06 -7.61 52.93
CA ALA FB 68 -74.86 -6.87 54.17
C ALA FB 68 -73.75 -5.85 53.95
N VAL FB 69 -74.07 -4.59 54.14
CA VAL FB 69 -73.15 -3.50 53.86
C VAL FB 69 -72.61 -2.96 55.17
N ASP FB 70 -71.34 -2.60 55.17
CA ASP FB 70 -70.70 -2.02 56.33
C ASP FB 70 -69.50 -1.21 55.87
N MET FB 71 -68.98 -0.41 56.78
CA MET FB 71 -67.90 0.52 56.53
C MET FB 71 -66.69 0.18 57.40
N MET FB 72 -65.57 0.81 57.07
CA MET FB 72 -64.32 0.58 57.78
C MET FB 72 -63.45 1.82 57.68
N ARG FB 73 -63.22 2.45 58.83
CA ARG FB 73 -62.31 3.57 58.97
C ARG FB 73 -61.05 3.12 59.69
N PHE FB 74 -60.03 3.97 59.63
CA PHE FB 74 -58.73 3.69 60.24
C PHE FB 74 -58.26 4.92 61.00
N ASN FB 75 -57.96 4.72 62.29
CA ASN FB 75 -57.39 5.76 63.13
C ASN FB 75 -56.14 5.22 63.80
N ILE FB 76 -55.19 6.12 64.04
CA ILE FB 76 -53.90 5.72 64.61
C ILE FB 76 -53.95 5.54 66.12
N ASN FB 77 -55.01 6.00 66.79
CA ASN FB 77 -55.13 5.75 68.21
C ASN FB 77 -55.32 4.27 68.49
N ASP FB 78 -55.96 3.55 67.57
CA ASP FB 78 -56.20 2.13 67.74
C ASP FB 78 -54.97 1.28 67.48
N PHE FB 79 -53.92 1.85 66.89
CA PHE FB 79 -52.67 1.15 66.63
C PHE FB 79 -51.54 1.60 67.53
N LEU FB 80 -51.54 2.86 67.93
CA LEU FB 80 -50.49 3.47 68.73
C LEU FB 80 -51.02 3.83 70.11
N PRO FB 81 -50.63 3.16 71.19
CA PRO FB 81 -51.20 3.49 72.48
C PRO FB 81 -50.62 4.77 73.03
N PRO FB 82 -51.18 5.28 74.12
CA PRO FB 82 -50.56 6.41 74.80
C PRO FB 82 -49.29 6.00 75.51
N GLY FB 83 -48.34 6.93 75.57
CA GLY FB 83 -47.07 6.66 76.20
C GLY FB 83 -47.10 6.84 77.69
N GLY FB 84 -46.03 7.39 78.23
CA GLY FB 84 -45.94 7.63 79.65
C GLY FB 84 -44.96 8.72 79.99
N GLY FB 85 -45.38 9.64 80.85
CA GLY FB 85 -44.52 10.72 81.28
C GLY FB 85 -44.55 11.90 80.33
N SER FB 86 -43.37 12.48 80.11
CA SER FB 86 -43.27 13.64 79.24
C SER FB 86 -43.48 13.29 77.78
N ASN FB 87 -43.40 12.01 77.43
CA ASN FB 87 -43.68 11.56 76.08
C ASN FB 87 -45.14 11.13 75.99
N PRO FB 88 -46.01 11.87 75.31
CA PRO FB 88 -47.44 11.52 75.35
C PRO FB 88 -47.78 10.25 74.60
N ARG FB 89 -46.95 9.84 73.65
CA ARG FB 89 -47.19 8.65 72.84
C ARG FB 89 -46.03 7.68 72.99
N SER FB 90 -46.28 6.44 72.60
CA SER FB 90 -45.32 5.37 72.81
C SER FB 90 -44.23 5.35 71.74
N VAL FB 91 -44.52 5.91 70.57
CA VAL FB 91 -43.53 6.09 69.51
C VAL FB 91 -43.10 7.55 69.54
N PRO FB 92 -41.86 7.88 69.95
CA PRO FB 92 -41.54 9.28 70.19
C PRO FB 92 -41.22 10.07 68.93
N PHE FB 93 -42.29 10.46 68.23
CA PHE FB 93 -42.19 11.29 67.05
C PHE FB 93 -43.31 12.30 67.07
N GLU FB 94 -43.13 13.36 66.28
CA GLU FB 94 -44.07 14.47 66.20
C GLU FB 94 -45.09 14.32 65.09
N TYR FB 95 -44.63 14.05 63.89
CA TYR FB 95 -45.45 14.02 62.71
C TYR FB 95 -45.59 12.60 62.18
N TYR FB 96 -46.60 12.40 61.36
CA TYR FB 96 -46.83 11.11 60.74
C TYR FB 96 -47.60 11.30 59.45
N ARG FB 97 -47.57 10.27 58.62
CA ARG FB 97 -48.43 10.20 57.45
C ARG FB 97 -48.54 8.74 57.05
N ILE FB 98 -49.77 8.27 56.87
CA ILE FB 98 -50.02 6.88 56.57
C ILE FB 98 -49.80 6.65 55.09
N ARG FB 99 -48.90 5.73 54.78
CA ARG FB 99 -48.52 5.42 53.41
C ARG FB 99 -49.44 4.38 52.78
N LYS FB 100 -49.69 3.29 53.48
CA LYS FB 100 -50.49 2.19 52.98
C LYS FB 100 -51.22 1.55 54.13
N VAL FB 101 -52.28 0.81 53.80
CA VAL FB 101 -52.99 -0.05 54.73
C VAL FB 101 -53.25 -1.37 54.04
N LYS FB 102 -53.15 -2.44 54.81
CA LYS FB 102 -53.44 -3.79 54.37
C LYS FB 102 -54.54 -4.34 55.28
N VAL FB 103 -55.73 -4.46 54.73
CA VAL FB 103 -56.85 -5.08 55.42
C VAL FB 103 -56.92 -6.53 54.97
N GLU FB 104 -56.89 -7.44 55.94
CA GLU FB 104 -56.90 -8.87 55.70
C GLU FB 104 -58.12 -9.44 56.39
N PHE FB 105 -59.02 -10.03 55.60
CA PHE FB 105 -60.16 -10.77 56.13
C PHE FB 105 -59.74 -12.23 56.25
N TRP FB 106 -59.36 -12.61 57.46
CA TRP FB 106 -59.00 -13.98 57.74
C TRP FB 106 -60.26 -14.75 58.14
N PRO FB 107 -60.67 -15.77 57.42
CA PRO FB 107 -61.93 -16.44 57.74
C PRO FB 107 -61.85 -17.22 59.04
N CYS FB 108 -63.02 -17.41 59.62
CA CYS FB 108 -63.22 -18.21 60.81
C CYS FB 108 -64.05 -19.46 60.55
N SER FB 109 -64.46 -19.68 59.32
CA SER FB 109 -65.43 -20.68 58.96
C SER FB 109 -64.74 -21.86 58.27
N PRO FB 110 -65.27 -23.07 58.42
CA PRO FB 110 -64.63 -24.22 57.81
C PRO FB 110 -64.81 -24.25 56.31
N ILE FB 111 -63.94 -25.01 55.65
CA ILE FB 111 -64.03 -25.15 54.20
C ILE FB 111 -65.19 -26.04 53.76
N THR FB 112 -65.88 -26.68 54.71
CA THR FB 112 -67.05 -27.48 54.40
C THR FB 112 -68.35 -26.69 54.48
N GLN FB 113 -68.30 -25.40 54.79
CA GLN FB 113 -69.51 -24.63 54.97
C GLN FB 113 -70.12 -24.33 53.62
N GLY FB 114 -71.44 -24.53 53.52
CA GLY FB 114 -72.17 -24.30 52.31
C GLY FB 114 -72.86 -22.95 52.29
N ASP FB 115 -73.80 -22.82 51.36
CA ASP FB 115 -74.51 -21.58 51.12
C ASP FB 115 -73.52 -20.46 50.83
N ARG FB 116 -72.54 -20.77 50.01
CA ARG FB 116 -71.49 -19.82 49.66
C ARG FB 116 -72.08 -18.64 48.90
N GLY FB 117 -71.28 -17.60 48.79
CA GLY FB 117 -71.72 -16.35 48.22
C GLY FB 117 -70.61 -15.58 47.57
N VAL FB 118 -70.93 -14.37 47.12
CA VAL FB 118 -69.97 -13.53 46.41
C VAL FB 118 -70.27 -12.09 46.73
N GLY FB 119 -69.25 -11.36 47.16
CA GLY FB 119 -69.37 -9.98 47.57
C GLY FB 119 -68.37 -9.08 46.91
N SER FB 120 -68.17 -7.90 47.49
CA SER FB 120 -67.34 -6.88 46.88
C SER FB 120 -66.78 -5.97 47.95
N SER FB 121 -65.52 -5.59 47.78
CA SER FB 121 -64.85 -4.61 48.62
C SER FB 121 -64.34 -3.48 47.74
N ALA FB 122 -64.65 -2.25 48.13
CA ALA FB 122 -64.27 -1.07 47.37
C ALA FB 122 -63.58 -0.07 48.27
N VAL FB 123 -62.86 0.85 47.64
CA VAL FB 123 -62.04 1.84 48.32
C VAL FB 123 -62.76 3.17 48.26
N ILE FB 124 -63.06 3.74 49.43
CA ILE FB 124 -63.91 4.91 49.58
C ILE FB 124 -63.14 5.93 50.38
N LEU FB 125 -62.55 6.91 49.69
CA LEU FB 125 -61.60 7.83 50.29
C LEU FB 125 -62.21 9.14 50.74
N ASP FB 126 -63.51 9.17 51.11
CA ASP FB 126 -64.19 10.43 51.35
C ASP FB 126 -65.20 10.45 52.48
N ASP FB 127 -65.37 9.37 53.24
CA ASP FB 127 -66.22 9.36 54.42
C ASP FB 127 -67.69 9.50 54.08
N ASN FB 128 -68.08 9.07 52.88
CA ASN FB 128 -69.49 8.95 52.50
C ASN FB 128 -69.64 7.56 51.91
N PHE FB 129 -69.97 6.63 52.77
CA PHE FB 129 -70.18 5.24 52.43
C PHE FB 129 -71.63 5.00 52.08
N VAL FB 130 -71.87 3.88 51.39
CA VAL FB 130 -73.23 3.39 51.26
C VAL FB 130 -73.75 3.10 52.65
N THR FB 131 -75.02 3.41 52.88
CA THR FB 131 -75.61 3.28 54.20
C THR FB 131 -75.52 1.84 54.67
N LYS FB 132 -75.24 1.66 55.95
CA LYS FB 132 -75.16 0.34 56.54
C LYS FB 132 -76.51 -0.36 56.45
N ALA FB 133 -76.49 -1.58 55.91
CA ALA FB 133 -77.69 -2.36 55.66
C ALA FB 133 -77.46 -3.78 56.10
N THR FB 134 -78.54 -4.42 56.53
CA THR FB 134 -78.52 -5.82 56.96
C THR FB 134 -78.78 -6.75 55.79
N ALA FB 135 -79.84 -6.50 55.01
CA ALA FB 135 -80.18 -7.32 53.86
C ALA FB 135 -80.64 -6.38 52.75
N LEU FB 136 -79.69 -5.93 51.95
CA LEU FB 136 -79.96 -5.11 50.78
C LEU FB 136 -80.06 -5.99 49.54
N THR FB 137 -80.97 -5.63 48.64
CA THR FB 137 -81.32 -6.46 47.51
C THR FB 137 -80.30 -6.44 46.38
N TYR FB 138 -79.13 -5.82 46.58
CA TYR FB 138 -78.13 -5.75 45.54
C TYR FB 138 -76.79 -5.45 46.19
N ASP FB 139 -75.73 -5.63 45.41
CA ASP FB 139 -74.38 -5.32 45.83
C ASP FB 139 -74.03 -3.91 45.36
N PRO FB 140 -73.98 -2.91 46.25
CA PRO FB 140 -73.74 -1.56 45.75
C PRO FB 140 -72.33 -1.35 45.25
N TYR FB 141 -71.36 -2.04 45.82
CA TYR FB 141 -69.96 -1.84 45.50
C TYR FB 141 -69.50 -2.69 44.32
N VAL FB 142 -70.43 -3.22 43.52
CA VAL FB 142 -70.06 -4.17 42.49
C VAL FB 142 -69.53 -3.46 41.26
N ASN FB 143 -70.13 -2.33 40.89
CA ASN FB 143 -69.72 -1.60 39.70
C ASN FB 143 -68.66 -0.56 39.99
N TYR FB 144 -68.14 -0.51 41.21
CA TYR FB 144 -67.08 0.41 41.53
C TYR FB 144 -65.79 0.01 40.84
N SER FB 145 -65.03 1.01 40.41
CA SER FB 145 -63.77 0.78 39.73
C SER FB 145 -62.75 0.11 40.63
N SER FB 146 -62.89 0.24 41.94
CA SER FB 146 -61.99 -0.38 42.91
C SER FB 146 -62.57 -1.63 43.54
N ARG FB 147 -63.51 -2.28 42.86
CA ARG FB 147 -64.12 -3.46 43.40
C ARG FB 147 -63.22 -4.66 43.22
N HIS FB 148 -63.04 -5.41 44.30
CA HIS FB 148 -62.45 -6.74 44.27
C HIS FB 148 -63.51 -7.70 44.78
N THR FB 149 -63.62 -8.85 44.13
CA THR FB 149 -64.58 -9.85 44.52
C THR FB 149 -64.18 -10.52 45.82
N ILE FB 150 -65.16 -10.68 46.70
CA ILE FB 150 -65.01 -11.41 47.94
C ILE FB 150 -65.70 -12.75 47.74
N THR FB 151 -64.92 -13.80 47.64
CA THR FB 151 -65.45 -15.14 47.79
C THR FB 151 -65.70 -15.43 49.25
N GLN FB 152 -66.84 -16.01 49.54
CA GLN FB 152 -67.31 -16.28 50.90
C GLN FB 152 -67.60 -17.76 51.05
N PRO FB 153 -67.58 -18.28 52.28
CA PRO FB 153 -67.21 -17.72 53.58
C PRO FB 153 -65.80 -18.04 54.04
N PHE FB 154 -65.16 -19.01 53.40
CA PHE FB 154 -63.93 -19.61 53.89
C PHE FB 154 -62.71 -19.19 53.08
N SER FB 155 -62.75 -18.00 52.51
CA SER FB 155 -61.71 -17.54 51.61
C SER FB 155 -61.12 -16.24 52.12
N TYR FB 156 -59.82 -16.10 51.91
CA TYR FB 156 -59.06 -14.96 52.34
C TYR FB 156 -59.18 -13.82 51.33
N HIS FB 157 -59.30 -12.61 51.86
CA HIS FB 157 -59.44 -11.40 51.07
C HIS FB 157 -58.52 -10.33 51.62
N SER FB 158 -57.63 -9.82 50.78
CA SER FB 158 -56.74 -8.75 51.13
C SER FB 158 -57.00 -7.54 50.25
N ARG FB 159 -56.77 -6.37 50.81
CA ARG FB 159 -56.84 -5.10 50.08
C ARG FB 159 -55.69 -4.25 50.56
N TYR FB 160 -54.89 -3.76 49.62
CA TYR FB 160 -53.69 -2.97 49.88
C TYR FB 160 -53.80 -1.66 49.12
N PHE FB 161 -53.90 -0.57 49.85
CA PHE FB 161 -54.20 0.73 49.25
C PHE FB 161 -53.65 1.82 50.14
N THR FB 162 -53.77 3.05 49.65
CA THR FB 162 -53.30 4.25 50.32
C THR FB 162 -54.50 5.04 50.83
N PRO FB 163 -54.74 5.14 52.13
CA PRO FB 163 -55.89 5.87 52.60
C PRO FB 163 -55.69 7.37 52.52
N LYS FB 164 -56.72 8.12 52.91
CA LYS FB 164 -56.69 9.56 52.89
C LYS FB 164 -57.32 10.07 54.18
N PRO FB 165 -56.82 11.17 54.74
CA PRO FB 165 -57.42 11.69 55.97
C PRO FB 165 -58.64 12.56 55.72
N VAL FB 166 -59.45 12.65 56.75
CA VAL FB 166 -60.68 13.43 56.72
C VAL FB 166 -60.33 14.81 57.24
N LEU FB 167 -59.92 15.68 56.33
CA LEU FB 167 -59.56 17.05 56.66
C LEU FB 167 -60.79 17.94 56.78
N ASP FB 168 -61.72 17.82 55.85
CA ASP FB 168 -62.99 18.54 55.90
C ASP FB 168 -64.07 17.59 55.43
N SER FB 169 -64.92 17.15 56.34
CA SER FB 169 -66.00 16.26 56.00
C SER FB 169 -67.11 16.95 55.23
N THR FB 170 -67.16 18.27 55.25
CA THR FB 170 -68.19 19.01 54.51
C THR FB 170 -67.88 19.02 53.02
N ILE FB 171 -66.61 19.19 52.66
CA ILE FB 171 -66.19 19.32 51.28
C ILE FB 171 -65.63 17.98 50.79
N ASP FB 172 -64.97 17.26 51.69
CA ASP FB 172 -64.44 15.93 51.42
C ASP FB 172 -63.45 15.98 50.26
N TYR FB 173 -62.35 16.67 50.49
CA TYR FB 173 -61.26 16.78 49.52
C TYR FB 173 -60.08 15.93 49.96
N PHE FB 174 -59.37 15.38 48.99
CA PHE FB 174 -58.20 14.56 49.26
C PHE FB 174 -57.20 14.70 48.14
N GLN FB 175 -56.04 14.27 48.41
CA GLN FB 175 -54.91 14.36 47.51
C GLN FB 175 -54.77 13.10 46.68
N PRO FB 176 -54.26 13.20 45.46
CA PRO FB 176 -53.88 11.98 44.75
C PRO FB 176 -52.62 11.36 45.31
N ASN FB 177 -52.27 10.19 44.82
CA ASN FB 177 -51.16 9.44 45.35
C ASN FB 177 -49.85 10.07 44.90
N ASN FB 178 -49.07 10.56 45.84
CA ASN FB 178 -47.76 11.12 45.57
C ASN FB 178 -46.95 10.98 46.85
N LYS FB 179 -45.92 10.16 46.81
CA LYS FB 179 -45.15 9.94 48.03
C LYS FB 179 -44.41 11.19 48.46
N ARG FB 180 -44.04 12.05 47.51
CA ARG FB 180 -43.23 13.22 47.82
C ARG FB 180 -44.05 14.38 48.32
N ASN FB 181 -45.33 14.44 47.95
CA ASN FB 181 -46.19 15.56 48.28
C ASN FB 181 -47.25 15.23 49.32
N GLN FB 182 -47.23 14.03 49.87
CA GLN FB 182 -48.23 13.66 50.87
C GLN FB 182 -48.08 14.49 52.13
N LEU FB 183 -49.20 14.96 52.63
CA LEU FB 183 -49.20 15.81 53.80
C LEU FB 183 -48.72 15.08 55.03
N TRP FB 184 -48.02 15.80 55.89
CA TRP FB 184 -47.66 15.34 57.21
C TRP FB 184 -48.71 15.85 58.19
N LEU FB 185 -49.29 14.94 58.93
CA LEU FB 185 -50.17 15.26 60.03
C LEU FB 185 -49.38 15.23 61.33
N ARG FB 186 -49.99 15.80 62.36
CA ARG FB 186 -49.42 15.75 63.70
C ARG FB 186 -49.96 14.54 64.44
N LEU FB 187 -49.07 13.88 65.16
CA LEU FB 187 -49.42 12.79 66.05
C LEU FB 187 -49.94 13.41 67.34
N GLN FB 188 -51.24 13.59 67.40
CA GLN FB 188 -51.88 14.18 68.55
C GLN FB 188 -51.81 13.23 69.74
N THR FB 189 -52.24 13.73 70.89
CA THR FB 189 -52.21 12.94 72.12
C THR FB 189 -53.40 11.98 72.20
N ALA FB 190 -54.62 12.51 72.05
CA ALA FB 190 -55.82 11.67 72.10
C ALA FB 190 -56.90 12.09 71.11
N GLY FB 191 -56.53 12.75 70.02
CA GLY FB 191 -57.51 13.31 69.11
C GLY FB 191 -57.17 13.22 67.64
N ASN FB 192 -56.47 12.16 67.25
CA ASN FB 192 -56.04 12.01 65.88
C ASN FB 192 -57.23 11.87 64.94
N VAL FB 193 -56.99 12.20 63.67
CA VAL FB 193 -58.03 12.27 62.66
C VAL FB 193 -58.21 10.92 62.01
N ASP FB 194 -59.44 10.63 61.63
CA ASP FB 194 -59.80 9.33 61.07
C ASP FB 194 -59.39 9.27 59.61
N HIS FB 195 -58.67 8.22 59.25
CA HIS FB 195 -58.42 7.89 57.86
C HIS FB 195 -59.48 6.91 57.39
N VAL FB 196 -59.68 6.91 56.08
CA VAL FB 196 -60.84 6.28 55.46
C VAL FB 196 -60.39 5.61 54.17
N GLY FB 197 -61.23 4.72 53.65
CA GLY FB 197 -60.82 3.97 52.48
C GLY FB 197 -61.27 2.55 52.27
N LEU FB 198 -62.22 2.01 53.02
CA LEU FB 198 -62.76 0.71 52.66
C LEU FB 198 -64.21 0.54 53.03
N GLY FB 199 -64.98 0.03 52.06
CA GLY FB 199 -66.34 -0.38 52.30
C GLY FB 199 -66.58 -1.73 51.66
N THR FB 200 -67.45 -2.50 52.30
CA THR FB 200 -67.64 -3.91 51.98
C THR FB 200 -69.12 -4.20 51.75
N ALA FB 201 -69.35 -5.33 51.07
CA ALA FB 201 -70.69 -5.87 50.89
C ALA FB 201 -70.58 -7.39 50.89
N PHE FB 202 -71.10 -8.01 51.93
CA PHE FB 202 -71.08 -9.45 52.09
C PHE FB 202 -72.46 -10.04 51.84
N GLU FB 203 -72.49 -11.13 51.09
CA GLU FB 203 -73.73 -11.82 50.80
C GLU FB 203 -74.14 -12.65 52.00
N ASN FB 204 -75.38 -12.47 52.44
CA ASN FB 204 -75.86 -13.15 53.62
C ASN FB 204 -76.05 -14.63 53.35
N SER FB 205 -76.23 -15.39 54.43
CA SER FB 205 -76.27 -16.83 54.37
C SER FB 205 -77.13 -17.37 55.51
N ILE FB 206 -77.47 -18.65 55.42
CA ILE FB 206 -78.20 -19.31 56.49
C ILE FB 206 -77.35 -19.47 57.72
N TYR FB 207 -76.04 -19.60 57.55
CA TYR FB 207 -75.09 -19.75 58.62
C TYR FB 207 -74.38 -18.44 58.90
N ASP FB 208 -73.89 -18.31 60.13
CA ASP FB 208 -73.13 -17.13 60.50
C ASP FB 208 -71.73 -17.17 59.89
N GLN FB 209 -71.32 -16.05 59.32
CA GLN FB 209 -70.03 -15.90 58.69
C GLN FB 209 -69.18 -14.97 59.56
N GLU FB 210 -68.18 -15.53 60.23
CA GLU FB 210 -67.29 -14.78 61.09
C GLU FB 210 -65.95 -14.57 60.41
N TYR FB 211 -65.32 -13.46 60.76
CA TYR FB 211 -64.01 -13.09 60.24
C TYR FB 211 -63.19 -12.45 61.34
N ASN FB 212 -61.87 -12.68 61.27
CA ASN FB 212 -60.89 -11.98 62.09
C ASN FB 212 -60.14 -11.02 61.18
N ILE FB 213 -60.38 -9.73 61.35
CA ILE FB 213 -59.85 -8.72 60.45
C ILE FB 213 -58.58 -8.14 61.06
N ARG FB 214 -57.49 -8.23 60.31
CA ARG FB 214 -56.19 -7.71 60.72
C ARG FB 214 -55.83 -6.55 59.82
N VAL FB 215 -55.81 -5.36 60.38
CA VAL FB 215 -55.42 -4.15 59.68
C VAL FB 215 -53.98 -3.86 60.03
N THR FB 216 -53.18 -3.61 58.99
CA THR FB 216 -51.77 -3.26 59.13
C THR FB 216 -51.56 -1.93 58.43
N MET FB 217 -51.12 -0.93 59.19
CA MET FB 217 -50.81 0.39 58.66
C MET FB 217 -49.32 0.58 58.54
N TYR FB 218 -48.88 0.98 57.36
CA TYR FB 218 -47.49 1.28 57.09
C TYR FB 218 -47.32 2.79 57.16
N VAL FB 219 -46.69 3.25 58.23
CA VAL FB 219 -46.65 4.66 58.57
C VAL FB 219 -45.22 5.17 58.41
N GLN FB 220 -45.10 6.49 58.43
CA GLN FB 220 -43.82 7.17 58.27
C GLN FB 220 -43.84 8.36 59.22
N PHE FB 221 -42.97 8.34 60.20
CA PHE FB 221 -42.88 9.37 61.20
C PHE FB 221 -41.75 10.34 60.89
N ARG FB 222 -41.69 11.42 61.67
CA ARG FB 222 -40.71 12.48 61.45
C ARG FB 222 -40.48 13.21 62.76
N GLU FB 223 -39.27 13.72 62.93
CA GLU FB 223 -38.88 14.58 64.04
C GLU FB 223 -39.02 13.86 65.39
N PHE FB 224 -38.11 12.92 65.57
CA PHE FB 224 -37.83 12.30 66.87
C PHE FB 224 -37.78 13.34 67.96
N ASN FB 225 -38.62 13.19 68.97
CA ASN FB 225 -38.84 14.23 69.97
C ASN FB 225 -38.85 13.66 71.37
N LEU FB 226 -37.92 12.76 71.65
CA LEU FB 226 -37.87 12.17 72.98
C LEU FB 226 -37.48 13.21 74.00
N LYS FB 227 -38.07 13.11 75.18
CA LYS FB 227 -37.81 14.00 76.30
C LYS FB 227 -37.28 13.18 77.46
N ASP FB 228 -36.14 13.61 78.00
CA ASP FB 228 -35.40 12.88 79.01
C ASP FB 228 -35.20 13.76 80.23
N PRO FB 229 -36.18 13.82 81.13
CA PRO FB 229 -35.99 14.52 82.38
C PRO FB 229 -35.10 13.72 83.32
N PRO FB 230 -34.61 14.33 84.39
CA PRO FB 230 -33.86 13.55 85.38
C PRO FB 230 -34.75 12.61 86.17
N LEU FB 231 -34.15 11.88 87.11
CA LEU FB 231 -34.86 10.91 87.91
C LEU FB 231 -34.38 10.93 89.36
N GLY GB 43 -68.02 10.49 21.04
CA GLY GB 43 -67.68 10.49 22.45
C GLY GB 43 -67.75 9.13 23.08
N ILE GB 44 -66.69 8.37 22.91
CA ILE GB 44 -66.66 6.97 23.30
C ILE GB 44 -66.42 6.86 24.80
N PHE GB 45 -67.05 5.87 25.41
CA PHE GB 45 -66.84 5.56 26.82
C PHE GB 45 -67.05 4.06 26.98
N ASN GB 46 -65.95 3.33 27.09
CA ASN GB 46 -65.99 1.92 27.40
C ASN GB 46 -66.08 1.73 28.90
N THR GB 47 -67.07 0.96 29.34
CA THR GB 47 -67.23 0.66 30.75
C THR GB 47 -67.67 -0.79 30.92
N ARG GB 48 -68.12 -1.11 32.12
CA ARG GB 48 -68.43 -2.47 32.53
C ARG GB 48 -69.63 -2.44 33.46
N LEU GB 49 -70.64 -3.23 33.12
CA LEU GB 49 -71.88 -3.30 33.87
C LEU GB 49 -72.13 -4.75 34.25
N SER GB 50 -72.58 -4.95 35.48
CA SER GB 50 -72.76 -6.27 36.06
C SER GB 50 -74.16 -6.42 36.63
N ARG GB 51 -74.48 -7.66 36.97
CA ARG GB 51 -75.80 -8.09 37.40
C ARG GB 51 -75.65 -9.51 37.92
N THR GB 52 -76.37 -9.82 38.99
CA THR GB 52 -76.26 -11.11 39.67
C THR GB 52 -77.64 -11.67 39.92
N PHE GB 53 -77.79 -12.97 39.70
CA PHE GB 53 -79.05 -13.66 39.89
C PHE GB 53 -78.78 -15.13 40.08
N GLY GB 54 -79.82 -15.85 40.49
CA GLY GB 54 -79.72 -17.25 40.82
C GLY GB 54 -80.27 -18.21 39.78
N TYR GB 55 -79.77 -19.44 39.83
CA TYR GB 55 -80.24 -20.54 38.98
C TYR GB 55 -80.05 -21.83 39.75
N THR GB 56 -81.11 -22.63 39.79
CA THR GB 56 -81.11 -23.90 40.50
C THR GB 56 -81.53 -25.02 39.59
N ILE GB 57 -80.85 -26.15 39.71
CA ILE GB 57 -81.20 -27.39 39.04
C ILE GB 57 -81.77 -28.29 40.13
N LYS GB 58 -83.09 -28.46 40.12
CA LYS GB 58 -83.76 -29.24 41.15
C LYS GB 58 -83.38 -30.71 41.05
N ARG GB 59 -83.56 -31.41 42.16
CA ARG GB 59 -83.24 -32.82 42.25
C ARG GB 59 -84.23 -33.67 41.46
N THR GB 60 -83.80 -34.88 41.14
CA THR GB 60 -84.61 -35.85 40.43
C THR GB 60 -84.34 -37.25 40.97
N THR GB 61 -85.41 -38.03 41.13
CA THR GB 61 -85.29 -39.43 41.50
C THR GB 61 -84.89 -40.31 40.33
N VAL GB 62 -84.82 -39.77 39.11
CA VAL GB 62 -84.43 -40.55 37.94
C VAL GB 62 -83.04 -41.12 38.14
N LYS GB 63 -82.89 -42.39 37.77
CA LYS GB 63 -81.62 -43.08 37.95
C LYS GB 63 -80.64 -42.80 36.83
N THR GB 64 -81.14 -42.68 35.61
CA THR GB 64 -80.29 -42.50 34.45
C THR GB 64 -79.54 -41.18 34.51
N PRO GB 65 -78.51 -41.01 33.69
CA PRO GB 65 -77.93 -39.69 33.51
C PRO GB 65 -78.78 -38.87 32.57
N SER GB 66 -79.50 -37.90 33.12
CA SER GB 66 -80.28 -36.96 32.36
C SER GB 66 -79.75 -35.56 32.57
N TRP GB 67 -80.03 -34.69 31.61
CA TRP GB 67 -79.56 -33.32 31.63
C TRP GB 67 -80.71 -32.34 31.63
N ALA GB 68 -80.47 -31.21 32.27
CA ALA GB 68 -81.43 -30.11 32.36
C ALA GB 68 -80.96 -28.99 31.46
N VAL GB 69 -81.80 -28.62 30.51
CA VAL GB 69 -81.46 -27.65 29.49
C VAL GB 69 -82.15 -26.34 29.81
N ASP GB 70 -81.45 -25.24 29.57
CA ASP GB 70 -82.00 -23.92 29.77
C ASP GB 70 -81.24 -22.94 28.90
N MET GB 71 -81.80 -21.75 28.77
CA MET GB 71 -81.29 -20.70 27.91
C MET GB 71 -80.92 -19.47 28.73
N MET GB 72 -80.21 -18.55 28.07
CA MET GB 72 -79.75 -17.33 28.72
C MET GB 72 -79.62 -16.23 27.69
N ARG GB 73 -80.44 -15.20 27.82
CA ARG GB 73 -80.38 -13.99 27.01
C ARG GB 73 -79.83 -12.85 27.84
N PHE GB 74 -79.46 -11.77 27.16
CA PHE GB 74 -78.88 -10.59 27.78
C PHE GB 74 -79.54 -9.35 27.23
N ASN GB 75 -80.09 -8.53 28.12
CA ASN GB 75 -80.66 -7.24 27.76
C ASN GB 75 -80.04 -6.16 28.64
N ILE GB 76 -79.94 -4.96 28.07
CA ILE GB 76 -79.29 -3.85 28.78
C ILE GB 76 -80.22 -3.17 29.78
N ASN GB 77 -81.51 -3.42 29.73
CA ASN GB 77 -82.40 -2.88 30.74
C ASN GB 77 -82.12 -3.47 32.10
N ASP GB 78 -81.67 -4.71 32.15
CA ASP GB 78 -81.36 -5.37 33.40
C ASP GB 78 -80.05 -4.92 34.02
N PHE GB 79 -79.21 -4.22 33.27
CA PHE GB 79 -77.95 -3.70 33.74
C PHE GB 79 -77.94 -2.19 33.92
N LEU GB 80 -78.71 -1.48 33.11
CA LEU GB 80 -78.76 -0.03 33.12
C LEU GB 80 -80.14 0.44 33.56
N PRO GB 81 -80.31 1.04 34.75
CA PRO GB 81 -81.64 1.42 35.17
C PRO GB 81 -82.12 2.67 34.45
N PRO GB 82 -83.39 3.02 34.62
CA PRO GB 82 -83.85 4.29 34.09
C PRO GB 82 -83.31 5.46 34.89
N GLY GB 83 -83.10 6.56 34.20
CA GLY GB 83 -82.54 7.74 34.83
C GLY GB 83 -83.59 8.57 35.52
N GLY GB 84 -83.45 9.89 35.41
CA GLY GB 84 -84.40 10.79 36.03
C GLY GB 84 -84.39 12.16 35.37
N GLY GB 85 -85.58 12.66 35.07
CA GLY GB 85 -85.72 13.96 34.45
C GLY GB 85 -85.61 13.91 32.95
N SER GB 86 -84.93 14.91 32.38
CA SER GB 86 -84.77 14.99 30.94
C SER GB 86 -83.83 13.92 30.40
N ASN GB 87 -83.05 13.28 31.27
CA ASN GB 87 -82.19 12.18 30.87
C ASN GB 87 -82.93 10.87 31.11
N PRO GB 88 -83.36 10.15 30.07
CA PRO GB 88 -84.19 8.96 30.32
C PRO GB 88 -83.43 7.81 30.93
N ARG GB 89 -82.11 7.76 30.77
CA ARG GB 89 -81.28 6.69 31.29
C ARG GB 89 -80.22 7.25 32.22
N SER GB 90 -79.64 6.36 33.02
CA SER GB 90 -78.71 6.76 34.07
C SER GB 90 -77.32 7.01 33.53
N VAL GB 91 -76.98 6.40 32.40
CA VAL GB 91 -75.72 6.67 31.69
C VAL GB 91 -76.04 7.58 30.52
N PRO GB 92 -75.62 8.85 30.54
CA PRO GB 92 -76.11 9.78 29.52
C PRO GB 92 -75.42 9.67 28.17
N PHE GB 93 -75.83 8.66 27.42
CA PHE GB 93 -75.34 8.43 26.08
C PHE GB 93 -76.50 8.01 25.19
N GLU GB 94 -76.31 8.15 23.89
CA GLU GB 94 -77.32 7.87 22.89
C GLU GB 94 -77.23 6.45 22.34
N TYR GB 95 -76.04 6.05 21.92
CA TYR GB 95 -75.82 4.79 21.22
C TYR GB 95 -75.01 3.85 22.10
N TYR GB 96 -75.07 2.57 21.76
CA TYR GB 96 -74.31 1.57 22.47
C TYR GB 96 -74.08 0.37 21.55
N ARG GB 97 -73.12 -0.45 21.93
CA ARG GB 97 -72.91 -1.73 21.30
C ARG GB 97 -72.15 -2.61 22.27
N ILE GB 98 -72.66 -3.81 22.50
CA ILE GB 98 -72.07 -4.71 23.48
C ILE GB 98 -70.89 -5.41 22.84
N ARG GB 99 -69.73 -5.28 23.47
CA ARG GB 99 -68.49 -5.84 22.96
C ARG GB 99 -68.27 -7.27 23.42
N LYS GB 100 -68.45 -7.52 24.71
CA LYS GB 100 -68.22 -8.83 25.30
C LYS GB 100 -69.18 -9.03 26.45
N VAL GB 101 -69.37 -10.30 26.82
CA VAL GB 101 -70.10 -10.67 28.02
C VAL GB 101 -69.30 -11.76 28.71
N LYS GB 102 -69.29 -11.71 30.04
CA LYS GB 102 -68.67 -12.71 30.89
C LYS GB 102 -69.75 -13.26 31.80
N VAL GB 103 -70.13 -14.49 31.55
CA VAL GB 103 -71.07 -15.22 32.40
C VAL GB 103 -70.25 -16.09 33.33
N GLU GB 104 -70.49 -15.92 34.64
CA GLU GB 104 -69.76 -16.63 35.68
C GLU GB 104 -70.79 -17.42 36.48
N PHE GB 105 -70.64 -18.73 36.49
CA PHE GB 105 -71.43 -19.61 37.35
C PHE GB 105 -70.65 -19.80 38.63
N TRP GB 106 -71.02 -19.04 39.64
CA TRP GB 106 -70.41 -19.17 40.95
C TRP GB 106 -71.20 -20.20 41.76
N PRO GB 107 -70.58 -21.30 42.17
CA PRO GB 107 -71.36 -22.33 42.85
C PRO GB 107 -71.82 -21.92 44.23
N CYS GB 108 -72.89 -22.57 44.66
CA CYS GB 108 -73.45 -22.40 45.99
C CYS GB 108 -73.34 -23.66 46.83
N SER GB 109 -72.74 -24.71 46.31
CA SER GB 109 -72.74 -26.02 46.89
C SER GB 109 -71.39 -26.34 47.50
N PRO GB 110 -71.34 -27.14 48.55
CA PRO GB 110 -70.08 -27.44 49.20
C PRO GB 110 -69.23 -28.38 48.36
N ILE GB 111 -67.92 -28.38 48.66
CA ILE GB 111 -67.02 -29.27 47.96
C ILE GB 111 -67.14 -30.72 48.40
N THR GB 112 -67.94 -31.00 49.42
CA THR GB 112 -68.20 -32.35 49.86
C THR GB 112 -69.42 -32.97 49.20
N GLN GB 113 -70.09 -32.26 48.31
CA GLN GB 113 -71.32 -32.77 47.71
C GLN GB 113 -70.99 -33.82 46.68
N GLY GB 114 -71.71 -34.93 46.73
CA GLY GB 114 -71.51 -36.03 45.82
C GLY GB 114 -72.49 -36.02 44.68
N ASP GB 115 -72.57 -37.17 44.00
CA ASP GB 115 -73.39 -37.32 42.80
C ASP GB 115 -73.00 -36.29 41.76
N ARG GB 116 -71.69 -36.11 41.61
CA ARG GB 116 -71.17 -35.13 40.67
C ARG GB 116 -71.54 -35.50 39.25
N GLY GB 117 -71.36 -34.53 38.36
CA GLY GB 117 -71.78 -34.68 36.99
C GLY GB 117 -70.94 -33.88 36.03
N VAL GB 118 -71.35 -33.86 34.77
CA VAL GB 118 -70.60 -33.18 33.73
C VAL GB 118 -71.59 -32.67 32.69
N GLY GB 119 -71.47 -31.38 32.38
CA GLY GB 119 -72.37 -30.70 31.47
C GLY GB 119 -71.64 -29.95 30.39
N SER GB 120 -72.35 -29.03 29.76
CA SER GB 120 -71.83 -28.32 28.61
C SER GB 120 -72.50 -26.96 28.49
N SER GB 121 -71.71 -25.96 28.13
CA SER GB 121 -72.20 -24.62 27.82
C SER GB 121 -71.75 -24.24 26.42
N ALA GB 122 -72.70 -23.79 25.61
CA ALA GB 122 -72.43 -23.44 24.23
C ALA GB 122 -72.96 -22.04 23.94
N VAL GB 123 -72.44 -21.46 22.86
CA VAL GB 123 -72.73 -20.09 22.45
C VAL GB 123 -73.70 -20.14 21.28
N ILE GB 124 -74.86 -19.52 21.47
CA ILE GB 124 -75.99 -19.61 20.55
C ILE GB 124 -76.40 -18.20 20.18
N LEU GB 125 -75.96 -17.74 19.03
CA LEU GB 125 -76.08 -16.34 18.65
C LEU GB 125 -77.30 -16.03 17.79
N ASP GB 126 -78.40 -16.79 17.92
CA ASP GB 126 -79.51 -16.68 16.98
C ASP GB 126 -80.91 -16.84 17.56
N ASP GB 127 -81.07 -17.00 18.87
CA ASP GB 127 -82.38 -17.01 19.50
C ASP GB 127 -83.19 -18.25 19.12
N ASN GB 128 -82.50 -19.34 18.78
CA ASN GB 128 -83.14 -20.64 18.61
C ASN GB 128 -82.31 -21.62 19.41
N PHE GB 129 -82.70 -21.79 20.66
CA PHE GB 129 -82.07 -22.68 21.60
C PHE GB 129 -82.70 -24.05 21.54
N VAL GB 130 -81.99 -25.04 22.07
CA VAL GB 130 -82.60 -26.33 22.35
C VAL GB 130 -83.71 -26.10 23.34
N THR GB 131 -84.81 -26.81 23.15
CA THR GB 131 -85.99 -26.62 23.98
C THR GB 131 -85.66 -26.88 25.44
N LYS GB 132 -86.23 -26.05 26.31
CA LYS GB 132 -86.02 -26.22 27.74
C LYS GB 132 -86.57 -27.56 28.20
N ALA GB 133 -85.73 -28.30 28.91
CA ALA GB 133 -86.04 -29.65 29.35
C ALA GB 133 -85.61 -29.81 30.80
N THR GB 134 -86.34 -30.65 31.52
CA THR GB 134 -86.03 -30.97 32.91
C THR GB 134 -85.09 -32.16 33.02
N ALA GB 135 -85.40 -33.25 32.32
CA ALA GB 135 -84.56 -34.45 32.34
C ALA GB 135 -84.52 -35.00 30.92
N LEU GB 136 -83.57 -34.53 30.13
CA LEU GB 136 -83.33 -35.02 28.78
C LEU GB 136 -82.26 -36.10 28.81
N THR GB 137 -82.44 -37.11 27.97
CA THR GB 137 -81.61 -38.31 28.00
C THR GB 137 -80.23 -38.12 27.40
N TYR GB 138 -79.83 -36.90 27.05
CA TYR GB 138 -78.53 -36.66 26.45
C TYR GB 138 -78.19 -35.20 26.63
N ASP GB 139 -76.93 -34.88 26.38
CA ASP GB 139 -76.42 -33.52 26.43
C ASP GB 139 -76.46 -32.95 25.02
N PRO GB 140 -77.38 -32.05 24.69
CA PRO GB 140 -77.45 -31.58 23.31
C PRO GB 140 -76.29 -30.71 22.90
N TYR GB 141 -75.73 -29.95 23.85
CA TYR GB 141 -74.67 -29.00 23.56
C TYR GB 141 -73.29 -29.60 23.61
N VAL GB 142 -73.18 -30.93 23.57
CA VAL GB 142 -71.90 -31.58 23.78
C VAL GB 142 -71.06 -31.55 22.52
N ASN GB 143 -71.66 -31.75 21.37
CA ASN GB 143 -70.94 -31.77 20.11
C ASN GB 143 -70.81 -30.41 19.46
N TYR GB 144 -71.28 -29.36 20.13
CA TYR GB 144 -71.15 -28.02 19.59
C TYR GB 144 -69.70 -27.58 19.59
N SER GB 145 -69.33 -26.83 18.56
CA SER GB 145 -67.97 -26.33 18.42
C SER GB 145 -67.59 -25.36 19.53
N SER GB 146 -68.58 -24.72 20.16
CA SER GB 146 -68.36 -23.79 21.25
C SER GB 146 -68.64 -24.39 22.60
N ARG GB 147 -68.57 -25.71 22.73
CA ARG GB 147 -68.85 -26.37 23.98
C ARG GB 147 -67.66 -26.26 24.91
N HIS GB 148 -67.92 -25.86 26.13
CA HIS GB 148 -66.99 -25.96 27.24
C HIS GB 148 -67.63 -26.87 28.27
N THR GB 149 -66.83 -27.75 28.85
CA THR GB 149 -67.32 -28.67 29.86
C THR GB 149 -67.62 -27.95 31.15
N ILE GB 150 -68.75 -28.28 31.73
CA ILE GB 150 -69.15 -27.80 33.05
C ILE GB 150 -68.95 -28.98 34.00
N THR GB 151 -67.95 -28.85 34.87
CA THR GB 151 -67.85 -29.72 36.02
C THR GB 151 -68.84 -29.24 37.08
N GLN GB 152 -69.54 -30.19 37.68
CA GLN GB 152 -70.60 -29.92 38.63
C GLN GB 152 -70.31 -30.65 39.93
N PRO GB 153 -70.88 -30.20 41.06
CA PRO GB 153 -71.68 -29.01 41.33
C PRO GB 153 -70.92 -27.84 41.91
N PHE GB 154 -69.70 -28.09 42.39
CA PHE GB 154 -68.96 -27.15 43.22
C PHE GB 154 -67.82 -26.49 42.47
N SER GB 155 -67.94 -26.34 41.16
CA SER GB 155 -66.87 -25.84 40.32
C SER GB 155 -67.33 -24.62 39.56
N TYR GB 156 -66.39 -23.70 39.38
CA TYR GB 156 -66.63 -22.43 38.71
C TYR GB 156 -66.51 -22.60 37.21
N HIS GB 157 -67.40 -21.93 36.49
CA HIS GB 157 -67.48 -21.99 35.04
C HIS GB 157 -67.65 -20.58 34.53
N SER GB 158 -66.73 -20.15 33.67
CA SER GB 158 -66.80 -18.85 33.01
C SER GB 158 -66.89 -19.04 31.51
N ARG GB 159 -67.57 -18.10 30.86
CA ARG GB 159 -67.66 -18.03 29.41
C ARG GB 159 -67.54 -16.58 29.02
N TYR GB 160 -66.61 -16.28 28.13
CA TYR GB 160 -66.31 -14.93 27.68
C TYR GB 160 -66.41 -14.89 26.16
N PHE GB 161 -67.37 -14.13 25.67
CA PHE GB 161 -67.70 -14.16 24.25
C PHE GB 161 -68.34 -12.84 23.87
N THR GB 162 -68.60 -12.70 22.57
CA THR GB 162 -69.21 -11.52 21.98
C THR GB 162 -70.63 -11.83 21.56
N PRO GB 163 -71.65 -11.28 22.21
CA PRO GB 163 -73.01 -11.61 21.80
C PRO GB 163 -73.43 -10.91 20.53
N LYS GB 164 -74.65 -11.18 20.09
CA LYS GB 164 -75.20 -10.59 18.89
C LYS GB 164 -76.64 -10.18 19.17
N PRO GB 165 -77.10 -9.08 18.60
CA PRO GB 165 -78.49 -8.67 18.84
C PRO GB 165 -79.48 -9.37 17.92
N VAL GB 166 -80.71 -9.39 18.40
CA VAL GB 166 -81.81 -10.02 17.68
C VAL GB 166 -82.46 -8.93 16.85
N LEU GB 167 -81.95 -8.76 15.63
CA LEU GB 167 -82.48 -7.77 14.72
C LEU GB 167 -83.72 -8.27 13.99
N ASP GB 168 -83.69 -9.51 13.52
CA ASP GB 168 -84.85 -10.14 12.89
C ASP GB 168 -84.88 -11.59 13.36
N SER GB 169 -85.85 -11.91 14.22
CA SER GB 169 -85.98 -13.27 14.71
C SER GB 169 -86.51 -14.24 13.65
N THR GB 170 -87.08 -13.73 12.57
CA THR GB 170 -87.58 -14.59 11.50
C THR GB 170 -86.44 -15.14 10.66
N ILE GB 171 -85.43 -14.32 10.37
CA ILE GB 171 -84.32 -14.68 9.52
C ILE GB 171 -83.12 -15.05 10.37
N ASP GB 172 -82.97 -14.36 11.50
CA ASP GB 172 -81.91 -14.64 12.46
C ASP GB 172 -80.53 -14.49 11.81
N TYR GB 173 -80.22 -13.26 11.42
CA TYR GB 173 -78.94 -12.91 10.84
C TYR GB 173 -78.10 -12.13 11.84
N PHE GB 174 -76.79 -12.33 11.78
CA PHE GB 174 -75.87 -11.64 12.66
C PHE GB 174 -74.55 -11.43 11.96
N GLN GB 175 -73.79 -10.57 12.51
CA GLN GB 175 -72.51 -10.16 11.98
C GLN GB 175 -71.38 -11.01 12.56
N PRO GB 176 -70.31 -11.23 11.81
CA PRO GB 176 -69.12 -11.80 12.44
C PRO GB 176 -68.40 -10.80 13.31
N ASN GB 177 -67.39 -11.27 14.03
CA ASN GB 177 -66.69 -10.44 14.99
C ASN GB 177 -65.79 -9.46 14.28
N ASN GB 178 -66.08 -8.18 14.44
CA ASN GB 178 -65.27 -7.11 13.87
C ASN GB 178 -65.49 -5.89 14.75
N LYS GB 179 -64.46 -5.46 15.45
CA LYS GB 179 -64.63 -4.34 16.35
C LYS GB 179 -64.91 -3.05 15.59
N ARG GB 180 -64.41 -2.94 14.37
CA ARG GB 180 -64.55 -1.70 13.62
C ARG GB 180 -65.88 -1.58 12.90
N ASN GB 181 -66.51 -2.71 12.59
CA ASN GB 181 -67.73 -2.75 11.80
C ASN GB 181 -68.96 -3.12 12.62
N GLN GB 182 -68.83 -3.29 13.93
CA GLN GB 182 -69.96 -3.67 14.75
C GLN GB 182 -70.99 -2.55 14.78
N LEU GB 183 -72.25 -2.95 14.62
CA LEU GB 183 -73.33 -2.00 14.57
C LEU GB 183 -73.50 -1.28 15.90
N TRP GB 184 -73.87 -0.01 15.81
CA TRP GB 184 -74.30 0.77 16.95
C TRP GB 184 -75.81 0.70 17.03
N LEU GB 185 -76.31 0.29 18.18
CA LEU GB 185 -77.73 0.35 18.49
C LEU GB 185 -78.02 1.60 19.29
N ARG GB 186 -79.30 1.93 19.38
CA ARG GB 186 -79.76 3.03 20.19
C ARG GB 186 -80.11 2.53 21.58
N LEU GB 187 -79.70 3.32 22.57
CA LEU GB 187 -80.08 3.09 23.96
C LEU GB 187 -81.48 3.63 24.16
N GLN GB 188 -82.46 2.75 23.98
CA GLN GB 188 -83.85 3.11 24.11
C GLN GB 188 -84.18 3.41 25.57
N THR GB 189 -85.40 3.89 25.78
CA THR GB 189 -85.84 4.25 27.13
C THR GB 189 -86.30 3.01 27.90
N ALA GB 190 -87.22 2.23 27.33
CA ALA GB 190 -87.71 1.02 28.00
C ALA GB 190 -87.95 -0.14 27.05
N GLY GB 191 -87.27 -0.18 25.91
CA GLY GB 191 -87.57 -1.17 24.89
C GLY GB 191 -86.37 -1.72 24.15
N ASN GB 192 -85.24 -1.83 24.84
CA ASN GB 192 -84.02 -2.29 24.20
C ASN GB 192 -84.14 -3.73 23.75
N VAL GB 193 -83.31 -4.09 22.77
CA VAL GB 193 -83.38 -5.37 22.09
C VAL GB 193 -82.55 -6.39 22.84
N ASP GB 194 -83.00 -7.63 22.81
CA ASP GB 194 -82.36 -8.70 23.55
C ASP GB 194 -81.14 -9.19 22.79
N HIS GB 195 -80.01 -9.25 23.49
CA HIS GB 195 -78.84 -9.94 23.00
C HIS GB 195 -78.85 -11.37 23.48
N VAL GB 196 -78.13 -12.22 22.75
CA VAL GB 196 -78.26 -13.66 22.87
C VAL GB 196 -76.88 -14.27 22.71
N GLY GB 197 -76.74 -15.53 23.12
CA GLY GB 197 -75.43 -16.14 23.10
C GLY GB 197 -75.01 -17.16 24.13
N LEU GB 198 -75.91 -17.68 24.95
CA LEU GB 198 -75.51 -18.80 25.80
C LEU GB 198 -76.64 -19.77 26.09
N GLY GB 199 -76.32 -21.04 25.93
CA GLY GB 199 -77.21 -22.12 26.35
C GLY GB 199 -76.42 -23.17 27.08
N THR GB 200 -77.09 -23.80 28.05
CA THR GB 200 -76.46 -24.67 29.01
C THR GB 200 -77.16 -26.01 29.06
N ALA GB 201 -76.44 -27.00 29.60
CA ALA GB 201 -76.99 -28.31 29.89
C ALA GB 201 -76.31 -28.83 31.15
N PHE GB 202 -77.07 -28.93 32.22
CA PHE GB 202 -76.58 -29.40 33.50
C PHE GB 202 -77.09 -30.80 33.78
N GLU GB 203 -76.21 -31.66 34.26
CA GLU GB 203 -76.57 -33.02 34.61
C GLU GB 203 -77.27 -33.02 35.96
N ASN GB 204 -78.43 -33.65 36.00
CA ASN GB 204 -79.23 -33.66 37.21
C ASN GB 204 -78.59 -34.54 38.27
N SER GB 205 -79.11 -34.41 39.49
CA SER GB 205 -78.52 -35.05 40.65
C SER GB 205 -79.60 -35.30 41.69
N ILE GB 206 -79.24 -36.11 42.69
CA ILE GB 206 -80.15 -36.37 43.79
C ILE GB 206 -80.30 -35.14 44.66
N TYR GB 207 -79.27 -34.31 44.72
CA TYR GB 207 -79.27 -33.09 45.50
C TYR GB 207 -79.51 -31.88 44.61
N ASP GB 208 -80.01 -30.81 45.22
CA ASP GB 208 -80.23 -29.57 44.49
C ASP GB 208 -78.90 -28.87 44.24
N GLN GB 209 -78.72 -28.42 43.00
CA GLN GB 209 -77.52 -27.70 42.58
C GLN GB 209 -77.88 -26.25 42.34
N GLU GB 210 -77.43 -25.37 43.23
CA GLU GB 210 -77.70 -23.94 43.13
C GLU GB 210 -76.47 -23.20 42.63
N TYR GB 211 -76.71 -22.10 41.94
CA TYR GB 211 -75.66 -21.26 41.40
C TYR GB 211 -76.07 -19.80 41.53
N ASN GB 212 -75.08 -18.95 41.73
CA ASN GB 212 -75.23 -17.50 41.67
C ASN GB 212 -74.54 -17.04 40.40
N ILE GB 213 -75.32 -16.60 39.42
CA ILE GB 213 -74.80 -16.28 38.10
C ILE GB 213 -74.59 -14.78 38.02
N ARG GB 214 -73.35 -14.39 37.72
CA ARG GB 214 -72.96 -12.99 37.58
C ARG GB 214 -72.61 -12.73 36.14
N VAL GB 215 -73.43 -11.95 35.46
CA VAL GB 215 -73.21 -11.53 34.09
C VAL GB 215 -72.59 -10.15 34.10
N THR GB 216 -71.51 -9.99 33.36
CA THR GB 216 -70.81 -8.73 33.21
C THR GB 216 -70.76 -8.40 31.73
N MET GB 217 -71.35 -7.28 31.34
CA MET GB 217 -71.34 -6.81 29.98
C MET GB 217 -70.35 -5.67 29.82
N TYR GB 218 -69.47 -5.80 28.84
CA TYR GB 218 -68.50 -4.78 28.49
C TYR GB 218 -69.04 -4.01 27.30
N VAL GB 219 -69.48 -2.79 27.55
CA VAL GB 219 -70.24 -2.01 26.58
C VAL GB 219 -69.40 -0.83 26.13
N GLN GB 220 -69.86 -0.19 25.06
CA GLN GB 220 -69.18 0.95 24.46
C GLN GB 220 -70.27 1.90 24.01
N PHE GB 221 -70.31 3.08 24.62
CA PHE GB 221 -71.31 4.08 24.34
C PHE GB 221 -70.76 5.15 23.41
N ARG GB 222 -71.64 6.04 22.96
CA ARG GB 222 -71.29 7.07 22.01
C ARG GB 222 -72.26 8.23 22.17
N GLU GB 223 -71.76 9.43 21.88
CA GLU GB 223 -72.56 10.65 21.81
C GLU GB 223 -73.22 10.98 23.15
N PHE GB 224 -72.36 11.37 24.09
CA PHE GB 224 -72.76 12.02 25.33
C PHE GB 224 -73.83 13.05 25.08
N ASN GB 225 -74.98 12.89 25.74
CA ASN GB 225 -76.18 13.66 25.44
C ASN GB 225 -76.85 14.17 26.70
N LEU GB 226 -76.05 14.64 27.64
CA LEU GB 226 -76.62 15.15 28.88
C LEU GB 226 -77.44 16.40 28.61
N LYS GB 227 -78.54 16.54 29.34
CA LYS GB 227 -79.44 17.68 29.24
C LYS GB 227 -79.51 18.36 30.59
N ASP GB 228 -79.26 19.68 30.58
CA ASP GB 228 -79.12 20.47 31.80
C ASP GB 228 -80.12 21.62 31.77
N PRO GB 229 -81.36 21.37 32.18
CA PRO GB 229 -82.31 22.46 32.31
C PRO GB 229 -82.01 23.29 33.54
N PRO GB 230 -82.61 24.48 33.66
CA PRO GB 230 -82.44 25.24 34.89
C PRO GB 230 -83.14 24.62 36.07
N LEU GB 231 -83.06 25.28 37.23
CA LEU GB 231 -83.66 24.78 38.46
C LEU GB 231 -84.28 25.90 39.28
N GLY HB 43 -62.07 -35.66 -0.05
CA GLY HB 43 -62.78 -34.68 0.76
C GLY HB 43 -62.69 -34.95 2.24
N ILE HB 44 -61.59 -34.55 2.83
CA ILE HB 44 -61.28 -34.88 4.21
C ILE HB 44 -62.06 -33.96 5.14
N PHE HB 45 -62.47 -34.53 6.27
CA PHE HB 45 -63.13 -33.77 7.33
C PHE HB 45 -62.78 -34.44 8.65
N ASN HB 46 -61.86 -33.85 9.38
CA ASN HB 46 -61.53 -34.29 10.71
C ASN HB 46 -62.48 -33.67 11.71
N THR HB 47 -63.11 -34.50 12.53
CA THR HB 47 -64.02 -34.02 13.56
C THR HB 47 -63.83 -34.84 14.82
N ARG HB 48 -64.79 -34.70 15.74
CA ARG HB 48 -64.71 -35.26 17.07
C ARG HB 48 -66.10 -35.69 17.50
N LEU HB 49 -66.23 -36.94 17.90
CA LEU HB 49 -67.49 -37.54 18.31
C LEU HB 49 -67.34 -38.11 19.71
N SER HB 50 -68.34 -37.90 20.53
CA SER HB 50 -68.32 -38.28 21.93
C SER HB 50 -69.54 -39.10 22.29
N ARG HB 51 -69.48 -39.66 23.49
CA ARG HB 51 -70.45 -40.61 24.01
C ARG HB 51 -70.13 -40.81 25.48
N THR HB 52 -71.17 -40.93 26.30
CA THR HB 52 -71.03 -41.01 27.74
C THR HB 52 -71.87 -42.16 28.27
N PHE HB 53 -71.30 -42.90 29.22
CA PHE HB 53 -71.98 -44.04 29.82
C PHE HB 53 -71.34 -44.33 31.17
N GLY HB 54 -71.99 -45.20 31.92
CA GLY HB 54 -71.59 -45.51 33.27
C GLY HB 54 -70.89 -46.85 33.46
N TYR HB 55 -70.12 -46.94 34.53
CA TYR HB 55 -69.43 -48.15 34.93
C TYR HB 55 -69.31 -48.15 36.44
N THR HB 56 -69.70 -49.25 37.07
CA THR HB 56 -69.67 -49.38 38.51
C THR HB 56 -68.90 -50.64 38.91
N ILE HB 57 -68.10 -50.50 39.94
CA ILE HB 57 -67.40 -51.60 40.58
C ILE HB 57 -68.12 -51.85 41.90
N LYS HB 58 -68.90 -52.91 41.95
CA LYS HB 58 -69.69 -53.20 43.13
C LYS HB 58 -68.80 -53.57 44.32
N ARG HB 59 -69.37 -53.42 45.51
CA ARG HB 59 -68.67 -53.68 46.74
C ARG HB 59 -68.46 -55.19 46.94
N THR HB 60 -67.48 -55.51 47.79
CA THR HB 60 -67.16 -56.88 48.15
C THR HB 60 -66.79 -56.95 49.62
N THR HB 61 -67.29 -57.99 50.29
CA THR HB 61 -66.89 -58.28 51.67
C THR HB 61 -65.52 -58.94 51.77
N VAL HB 62 -64.90 -59.27 50.63
CA VAL HB 62 -63.58 -59.90 50.65
C VAL HB 62 -62.58 -58.97 51.31
N LYS HB 63 -61.74 -59.55 52.16
CA LYS HB 63 -60.76 -58.77 52.92
C LYS HB 63 -59.51 -58.49 52.11
N THR HB 64 -59.08 -59.45 51.30
CA THR HB 64 -57.85 -59.33 50.56
C THR HB 64 -57.93 -58.20 49.54
N PRO HB 65 -56.78 -57.77 49.00
CA PRO HB 65 -56.82 -56.89 47.84
C PRO HB 65 -57.08 -57.69 46.58
N SER HB 66 -58.29 -57.56 46.05
CA SER HB 66 -58.67 -58.18 44.80
C SER HB 66 -59.02 -57.09 43.79
N TRP HB 67 -58.92 -57.46 42.51
CA TRP HB 67 -59.16 -56.54 41.42
C TRP HB 67 -60.30 -57.02 40.55
N ALA HB 68 -61.02 -56.05 39.98
CA ALA HB 68 -62.13 -56.29 39.08
C ALA HB 68 -61.67 -55.95 37.67
N VAL HB 69 -61.74 -56.93 36.79
CA VAL HB 69 -61.23 -56.80 35.43
C VAL HB 69 -62.42 -56.65 34.49
N ASP HB 70 -62.24 -55.80 33.49
CA ASP HB 70 -63.26 -55.58 32.47
C ASP HB 70 -62.57 -55.06 31.21
N MET HB 71 -63.32 -55.07 30.13
CA MET HB 71 -62.85 -54.71 28.80
C MET HB 71 -63.62 -53.51 28.27
N MET HB 72 -63.11 -52.95 27.19
CA MET HB 72 -63.71 -51.77 26.57
C MET HB 72 -63.37 -51.77 25.09
N ARG HB 73 -64.41 -51.91 24.26
CA ARG HB 73 -64.31 -51.79 22.81
C ARG HB 73 -64.95 -50.48 22.37
N PHE HB 74 -64.69 -50.13 21.11
CA PHE HB 74 -65.19 -48.89 20.53
C PHE HB 74 -65.74 -49.17 19.15
N ASN HB 75 -67.00 -48.81 18.93
CA ASN HB 75 -67.65 -48.91 17.62
C ASN HB 75 -68.26 -47.57 17.27
N ILE HB 76 -68.29 -47.28 15.97
CA ILE HB 76 -68.77 -46.00 15.49
C ILE HB 76 -70.28 -45.90 15.43
N ASN HB 77 -70.99 -47.02 15.54
CA ASN HB 77 -72.44 -46.96 15.59
C ASN HB 77 -72.92 -46.28 16.85
N ASP HB 78 -72.16 -46.40 17.94
CA ASP HB 78 -72.52 -45.81 19.20
C ASP HB 78 -72.25 -44.31 19.25
N PHE HB 79 -71.49 -43.78 18.29
CA PHE HB 79 -71.19 -42.36 18.21
C PHE HB 79 -71.90 -41.67 17.07
N LEU HB 80 -72.15 -42.38 15.98
CA LEU HB 80 -72.76 -41.83 14.77
C LEU HB 80 -74.13 -42.46 14.56
N PRO HB 81 -75.24 -41.74 14.71
CA PRO HB 81 -76.53 -42.38 14.56
C PRO HB 81 -76.86 -42.62 13.10
N PRO HB 82 -77.94 -43.35 12.83
CA PRO HB 82 -78.40 -43.47 11.45
C PRO HB 82 -79.02 -42.18 10.97
N GLY HB 83 -78.87 -41.93 9.68
CA GLY HB 83 -79.39 -40.71 9.09
C GLY HB 83 -80.85 -40.82 8.73
N GLY HB 84 -81.21 -40.24 7.59
CA GLY HB 84 -82.57 -40.28 7.12
C GLY HB 84 -82.67 -40.07 5.63
N GLY HB 85 -83.46 -40.93 4.99
CA GLY HB 85 -83.65 -40.83 3.56
C GLY HB 85 -82.58 -41.53 2.76
N SER HB 86 -82.17 -40.91 1.66
CA SER HB 86 -81.16 -41.49 0.80
C SER HB 86 -79.78 -41.49 1.43
N ASN HB 87 -79.58 -40.70 2.49
CA ASN HB 87 -78.33 -40.70 3.23
C ASN HB 87 -78.45 -41.66 4.40
N PRO HB 88 -77.77 -42.81 4.39
CA PRO HB 88 -78.00 -43.78 5.46
C PRO HB 88 -77.45 -43.36 6.81
N ARG HB 89 -76.47 -42.46 6.84
CA ARG HB 89 -75.85 -41.99 8.06
C ARG HB 89 -75.99 -40.48 8.18
N SER HB 90 -75.79 -40.00 9.39
CA SER HB 90 -76.02 -38.59 9.70
C SER HB 90 -74.86 -37.70 9.27
N VAL HB 91 -73.67 -38.27 9.16
CA VAL HB 91 -72.50 -37.58 8.63
C VAL HB 91 -72.32 -38.05 7.19
N PRO HB 92 -72.54 -37.21 6.17
CA PRO HB 92 -72.57 -37.73 4.81
C PRO HB 92 -71.20 -37.95 4.19
N PHE HB 93 -70.58 -39.05 4.57
CA PHE HB 93 -69.29 -39.46 4.03
C PHE HB 93 -69.31 -40.96 3.83
N GLU HB 94 -68.38 -41.43 3.00
CA GLU HB 94 -68.27 -42.82 2.62
C GLU HB 94 -67.30 -43.60 3.49
N TYR HB 95 -66.09 -43.08 3.65
CA TYR HB 95 -65.01 -43.77 4.31
C TYR HB 95 -64.68 -43.08 5.63
N TYR HB 96 -64.00 -43.82 6.49
CA TYR HB 96 -63.57 -43.28 7.77
C TYR HB 96 -62.35 -44.05 8.25
N ARG HB 97 -61.65 -43.45 9.20
CA ARG HB 97 -60.59 -44.14 9.92
C ARG HB 97 -60.38 -43.41 11.23
N ILE HB 98 -60.39 -44.16 12.32
CA ILE HB 98 -60.30 -43.58 13.66
C ILE HB 98 -58.84 -43.29 13.94
N ARG HB 99 -58.54 -42.03 14.25
CA ARG HB 99 -57.20 -41.57 14.50
C ARG HB 99 -56.78 -41.75 15.95
N LYS HB 100 -57.65 -41.33 16.87
CA LYS HB 100 -57.36 -41.37 18.30
C LYS HB 100 -58.65 -41.58 19.05
N VAL HB 101 -58.52 -42.04 20.29
CA VAL HB 101 -59.62 -42.14 21.23
C VAL HB 101 -59.12 -41.61 22.57
N LYS HB 102 -60.01 -40.90 23.26
CA LYS HB 102 -59.76 -40.39 24.61
C LYS HB 102 -60.84 -40.97 25.51
N VAL HB 103 -60.43 -41.89 26.36
CA VAL HB 103 -61.29 -42.44 27.39
C VAL HB 103 -61.05 -41.70 28.68
N GLU HB 104 -62.11 -41.14 29.25
CA GLU HB 104 -62.04 -40.34 30.47
C GLU HB 104 -62.92 -41.01 31.50
N PHE HB 105 -62.30 -41.43 32.60
CA PHE HB 105 -63.02 -41.94 33.76
C PHE HB 105 -63.28 -40.77 34.69
N TRP HB 106 -64.49 -40.22 34.60
CA TRP HB 106 -64.89 -39.15 35.47
C TRP HB 106 -65.51 -39.74 36.74
N PRO HB 107 -64.96 -39.50 37.92
CA PRO HB 107 -65.49 -40.16 39.10
C PRO HB 107 -66.85 -39.63 39.50
N CYS HB 108 -67.57 -40.48 40.22
CA CYS HB 108 -68.87 -40.16 40.78
C CYS HB 108 -68.84 -40.15 42.30
N SER HB 109 -67.69 -40.38 42.92
CA SER HB 109 -67.56 -40.62 44.33
C SER HB 109 -66.95 -39.40 45.01
N PRO HB 110 -67.30 -39.14 46.27
CA PRO HB 110 -66.77 -37.97 46.94
C PRO HB 110 -65.31 -38.13 47.30
N ILE HB 111 -64.67 -36.99 47.54
CA ILE HB 111 -63.27 -37.01 47.94
C ILE HB 111 -63.06 -37.46 49.37
N THR HB 112 -64.13 -37.66 50.14
CA THR HB 112 -64.06 -38.18 51.49
C THR HB 112 -64.17 -39.69 51.57
N GLN HB 113 -64.31 -40.38 50.43
CA GLN HB 113 -64.52 -41.82 50.45
C GLN HB 113 -63.21 -42.51 50.76
N GLY HB 114 -63.27 -43.48 51.67
CA GLY HB 114 -62.12 -44.23 52.08
C GLY HB 114 -62.00 -45.56 51.37
N ASP HB 115 -61.18 -46.43 51.94
CA ASP HB 115 -60.86 -47.73 51.35
C ASP HB 115 -60.34 -47.54 49.94
N ARG HB 116 -59.46 -46.57 49.77
CA ARG HB 116 -58.90 -46.26 48.48
C ARG HB 116 -58.06 -47.42 47.96
N GLY HB 117 -57.75 -47.35 46.67
CA GLY HB 117 -57.08 -48.43 45.99
C GLY HB 117 -56.22 -47.96 44.85
N VAL HB 118 -55.67 -48.91 44.12
CA VAL HB 118 -54.77 -48.61 43.01
C VAL HB 118 -54.94 -49.69 41.95
N GLY HB 119 -55.17 -49.24 40.72
CA GLY HB 119 -55.43 -50.12 39.60
C GLY HB 119 -54.55 -49.82 38.40
N SER HB 120 -54.97 -50.31 37.25
CA SER HB 120 -54.16 -50.21 36.05
C SER HB 120 -55.06 -50.25 34.83
N SER HB 121 -54.70 -49.43 33.84
CA SER HB 121 -55.34 -49.42 32.53
C SER HB 121 -54.29 -49.64 31.47
N ALA HB 122 -54.55 -50.59 30.58
CA ALA HB 122 -53.62 -50.97 29.53
C ALA HB 122 -54.33 -50.95 28.19
N VAL HB 123 -53.52 -50.89 27.14
CA VAL HB 123 -53.98 -50.76 25.76
C VAL HB 123 -53.83 -52.12 25.08
N ILE HB 124 -54.95 -52.66 24.61
CA ILE HB 124 -55.04 -54.03 24.11
C ILE HB 124 -55.64 -53.96 22.71
N LEU HB 125 -54.78 -54.03 21.70
CA LEU HB 125 -55.16 -53.76 20.32
C LEU HB 125 -55.52 -55.00 19.53
N ASP HB 126 -56.01 -56.08 20.16
CA ASP HB 126 -56.17 -57.35 19.47
C ASP HB 126 -57.38 -58.18 19.84
N ASP HB 127 -58.27 -57.69 20.70
CA ASP HB 127 -59.53 -58.38 20.99
C ASP HB 127 -59.31 -59.67 21.76
N ASN HB 128 -58.23 -59.76 22.52
CA ASN HB 128 -58.01 -60.87 23.45
C ASN HB 128 -57.61 -60.21 24.76
N PHE HB 129 -58.62 -59.94 25.57
CA PHE HB 129 -58.47 -59.33 26.87
C PHE HB 129 -58.28 -60.40 27.93
N VAL HB 130 -57.77 -59.97 29.09
CA VAL HB 130 -57.85 -60.81 30.27
C VAL HB 130 -59.31 -61.05 30.58
N THR HB 131 -59.62 -62.27 31.00
CA THR HB 131 -61.00 -62.66 31.22
C THR HB 131 -61.63 -61.76 32.28
N LYS HB 132 -62.90 -61.42 32.06
CA LYS HB 132 -63.62 -60.59 33.00
C LYS HB 132 -63.75 -61.30 34.33
N ALA HB 133 -63.37 -60.61 35.40
CA ALA HB 133 -63.34 -61.15 36.73
C ALA HB 133 -63.93 -60.15 37.71
N THR HB 134 -64.54 -60.68 38.76
CA THR HB 134 -65.12 -59.87 39.82
C THR HB 134 -64.11 -59.56 40.91
N ALA HB 135 -63.42 -60.58 41.42
CA ALA HB 135 -62.42 -60.43 42.46
C ALA HB 135 -61.25 -61.35 42.13
N LEU HB 136 -60.31 -60.84 41.36
CA LEU HB 136 -59.09 -61.54 41.02
C LEU HB 136 -57.99 -61.15 41.99
N THR HB 137 -57.15 -62.12 42.35
CA THR HB 137 -56.16 -61.95 43.40
C THR HB 137 -54.94 -61.14 42.99
N TYR HB 138 -54.94 -60.53 41.81
CA TYR HB 138 -53.80 -59.76 41.35
C TYR HB 138 -54.27 -58.82 40.26
N ASP HB 139 -53.42 -57.85 39.94
CA ASP HB 139 -53.67 -56.91 38.87
C ASP HB 139 -53.00 -57.43 37.60
N PRO HB 140 -53.74 -57.94 36.62
CA PRO HB 140 -53.06 -58.51 35.45
C PRO HB 140 -52.39 -57.49 34.58
N TYR HB 141 -52.94 -56.27 34.51
CA TYR HB 141 -52.46 -55.24 33.63
C TYR HB 141 -51.35 -54.40 34.23
N VAL HB 142 -50.72 -54.88 35.32
CA VAL HB 142 -49.77 -54.06 36.05
C VAL HB 142 -48.42 -54.04 35.37
N ASN HB 143 -47.97 -55.18 34.84
CA ASN HB 143 -46.68 -55.28 34.21
C ASN HB 143 -46.72 -54.98 32.73
N TYR HB 144 -47.87 -54.57 32.20
CA TYR HB 144 -47.97 -54.21 30.81
C TYR HB 144 -47.20 -52.93 30.52
N SER HB 145 -46.58 -52.89 29.35
CA SER HB 145 -45.81 -51.72 28.94
C SER HB 145 -46.67 -50.48 28.78
N SER HB 146 -47.97 -50.65 28.55
CA SER HB 146 -48.90 -49.55 28.39
C SER HB 146 -49.73 -49.31 29.64
N ARG HB 147 -49.25 -49.72 30.80
CA ARG HB 147 -49.99 -49.55 32.02
C ARG HB 147 -49.85 -48.12 32.52
N HIS HB 148 -50.99 -47.54 32.87
CA HIS HB 148 -51.06 -46.31 33.62
C HIS HB 148 -51.79 -46.63 34.91
N THR HB 149 -51.30 -46.07 36.01
CA THR HB 149 -51.91 -46.30 37.30
C THR HB 149 -53.24 -45.56 37.42
N ILE HB 150 -54.22 -46.26 37.95
CA ILE HB 150 -55.52 -45.70 38.28
C ILE HB 150 -55.55 -45.52 39.78
N THR HB 151 -55.51 -44.28 40.23
CA THR HB 151 -55.87 -43.96 41.59
C THR HB 151 -57.37 -43.98 41.73
N GLN HB 152 -57.85 -44.58 42.80
CA GLN HB 152 -59.26 -44.79 43.06
C GLN HB 152 -59.63 -44.19 44.40
N PRO HB 153 -60.90 -43.87 44.63
CA PRO HB 153 -62.07 -43.86 43.75
C PRO HB 153 -62.42 -42.50 43.15
N PHE HB 154 -61.85 -41.44 43.70
CA PHE HB 154 -62.27 -40.07 43.43
C PHE HB 154 -61.30 -39.32 42.53
N SER HB 155 -60.59 -40.04 41.66
CA SER HB 155 -59.54 -39.46 40.85
C SER HB 155 -59.84 -39.69 39.38
N TYR HB 156 -59.47 -38.71 38.58
CA TYR HB 156 -59.68 -38.73 37.15
C TYR HB 156 -58.56 -39.49 36.45
N HIS HB 157 -58.95 -40.25 35.44
CA HIS HB 157 -58.03 -41.07 34.67
C HIS HB 157 -58.35 -40.91 33.20
N SER HB 158 -57.37 -40.48 32.42
CA SER HB 158 -57.49 -40.35 30.98
C SER HB 158 -56.51 -41.27 30.29
N ARG HB 159 -56.90 -41.73 29.12
CA ARG HB 159 -56.04 -42.52 28.24
C ARG HB 159 -56.28 -42.04 26.82
N TYR HB 160 -55.21 -41.68 26.12
CA TYR HB 160 -55.26 -41.14 24.78
C TYR HB 160 -54.35 -41.98 23.90
N PHE HB 161 -54.94 -42.67 22.94
CA PHE HB 161 -54.23 -43.65 22.15
C PHE HB 161 -54.92 -43.81 20.81
N THR HB 162 -54.30 -44.61 19.96
CA THR HB 162 -54.77 -44.90 18.61
C THR HB 162 -55.30 -46.32 18.55
N PRO HB 163 -56.60 -46.54 18.40
CA PRO HB 163 -57.09 -47.92 18.37
C PRO HB 163 -56.82 -48.59 17.05
N LYS HB 164 -57.21 -49.86 16.94
CA LYS HB 164 -57.01 -50.66 15.76
C LYS HB 164 -58.29 -51.44 15.50
N PRO HB 165 -58.65 -51.64 14.24
CA PRO HB 165 -59.87 -52.40 13.95
C PRO HB 165 -59.64 -53.91 13.96
N VAL HB 166 -60.74 -54.62 14.17
CA VAL HB 166 -60.74 -56.07 14.23
C VAL HB 166 -61.05 -56.56 12.83
N LEU HB 167 -60.00 -56.73 12.04
CA LEU HB 167 -60.13 -57.20 10.67
C LEU HB 167 -60.26 -58.72 10.61
N ASP HB 168 -59.44 -59.43 11.37
CA ASP HB 168 -59.54 -60.88 11.47
C ASP HB 168 -59.30 -61.25 12.93
N SER HB 169 -60.35 -61.68 13.62
CA SER HB 169 -60.23 -62.07 15.00
C SER HB 169 -59.50 -63.38 15.18
N THR HB 170 -59.36 -64.19 14.12
CA THR HB 170 -58.64 -65.45 14.21
C THR HB 170 -57.15 -65.23 14.27
N ILE HB 171 -56.64 -64.28 13.49
CA ILE HB 171 -55.21 -64.03 13.36
C ILE HB 171 -54.84 -62.83 14.22
N ASP HB 172 -55.75 -61.86 14.30
CA ASP HB 172 -55.58 -60.67 15.12
C ASP HB 172 -54.33 -59.90 14.72
N TYR HB 173 -54.36 -59.38 13.50
CA TYR HB 173 -53.29 -58.56 12.95
C TYR HB 173 -53.70 -57.10 12.92
N PHE HB 174 -52.73 -56.22 13.12
CA PHE HB 174 -52.98 -54.79 13.11
C PHE HB 174 -51.75 -54.06 12.61
N GLN HB 175 -51.95 -52.86 12.26
CA GLN HB 175 -50.93 -51.99 11.70
C GLN HB 175 -50.25 -51.18 12.79
N PRO HB 176 -48.98 -50.83 12.62
CA PRO HB 176 -48.39 -49.84 13.51
C PRO HB 176 -48.89 -48.44 13.22
N ASN HB 177 -48.51 -47.50 14.07
CA ASN HB 177 -49.02 -46.14 13.96
C ASN HB 177 -48.36 -45.43 12.80
N ASN HB 178 -49.17 -45.05 11.82
CA ASN HB 178 -48.68 -44.30 10.67
C ASN HB 178 -49.88 -43.54 10.13
N LYS HB 179 -49.83 -42.21 10.23
CA LYS HB 179 -50.97 -41.44 9.79
C LYS HB 179 -51.17 -41.53 8.28
N ARG HB 180 -50.10 -41.73 7.53
CA ARG HB 180 -50.19 -41.71 6.08
C ARG HB 180 -50.63 -43.05 5.51
N ASN HB 181 -50.38 -44.14 6.23
CA ASN HB 181 -50.65 -45.49 5.75
C ASN HB 181 -51.84 -46.15 6.44
N GLN HB 182 -52.53 -45.44 7.32
CA GLN HB 182 -53.65 -46.04 8.03
C GLN HB 182 -54.78 -46.36 7.07
N LEU HB 183 -55.33 -47.54 7.23
CA LEU HB 183 -56.39 -48.02 6.34
C LEU HB 183 -57.64 -47.17 6.48
N TRP HB 184 -58.32 -47.00 5.36
CA TRP HB 184 -59.66 -46.42 5.33
C TRP HB 184 -60.66 -47.55 5.35
N LEU HB 185 -61.57 -47.51 6.31
CA LEU HB 185 -62.71 -48.40 6.35
C LEU HB 185 -63.92 -47.71 5.74
N ARG HB 186 -64.93 -48.51 5.45
CA ARG HB 186 -66.19 -48.00 4.96
C ARG HB 186 -67.12 -47.74 6.13
N LEU HB 187 -67.82 -46.63 6.06
CA LEU HB 187 -68.87 -46.29 7.00
C LEU HB 187 -70.13 -47.03 6.58
N GLN HB 188 -70.30 -48.22 7.16
CA GLN HB 188 -71.43 -49.06 6.85
C GLN HB 188 -72.71 -48.44 7.39
N THR HB 189 -73.83 -49.07 7.05
CA THR HB 189 -75.13 -48.56 7.48
C THR HB 189 -75.45 -49.00 8.90
N ALA HB 190 -75.37 -50.31 9.18
CA ALA HB 190 -75.63 -50.82 10.52
C ALA HB 190 -74.72 -51.97 10.94
N GLY HB 191 -73.52 -52.06 10.37
CA GLY HB 191 -72.65 -53.20 10.60
C GLY HB 191 -71.18 -52.89 10.72
N ASN HB 192 -70.86 -51.72 11.26
CA ASN HB 192 -69.47 -51.30 11.35
C ASN HB 192 -68.68 -52.21 12.28
N VAL HB 193 -67.37 -52.22 12.08
CA VAL HB 193 -66.47 -53.13 12.75
C VAL HB 193 -66.01 -52.53 14.07
N ASP HB 194 -65.79 -53.40 15.06
CA ASP HB 194 -65.44 -52.95 16.39
C ASP HB 194 -63.96 -52.61 16.44
N HIS HB 195 -63.66 -51.42 16.95
CA HIS HB 195 -62.30 -51.05 17.31
C HIS HB 195 -62.06 -51.39 18.77
N VAL HB 196 -60.79 -51.56 19.09
CA VAL HB 196 -60.38 -52.17 20.34
C VAL HB 196 -59.14 -51.45 20.84
N GLY HB 197 -58.82 -51.64 22.12
CA GLY HB 197 -57.72 -50.89 22.68
C GLY HB 197 -57.72 -50.46 24.14
N LEU HB 198 -58.63 -50.93 24.98
CA LEU HB 198 -58.47 -50.64 26.40
C LEU HB 198 -59.01 -51.74 27.30
N GLY HB 199 -58.20 -52.10 28.28
CA GLY HB 199 -58.61 -52.98 29.34
C GLY HB 199 -58.18 -52.43 30.67
N THR HB 200 -58.99 -52.69 31.69
CA THR HB 200 -58.86 -52.06 32.99
C THR HB 200 -58.82 -53.11 34.09
N ALA HB 201 -58.32 -52.68 35.24
CA ALA HB 201 -58.35 -53.47 36.46
C ALA HB 201 -58.51 -52.52 37.63
N PHE HB 202 -59.66 -52.59 38.28
CA PHE HB 202 -60.00 -51.74 39.41
C PHE HB 202 -59.96 -52.56 40.69
N GLU HB 203 -59.36 -51.98 41.72
CA GLU HB 203 -59.29 -52.62 43.02
C GLU HB 203 -60.61 -52.46 43.73
N ASN HB 204 -61.15 -53.57 44.21
CA ASN HB 204 -62.45 -53.57 44.85
C ASN HB 204 -62.38 -52.89 46.21
N SER HB 205 -63.55 -52.60 46.75
CA SER HB 205 -63.68 -51.82 47.96
C SER HB 205 -64.96 -52.20 48.69
N ILE HB 206 -65.06 -51.75 49.94
CA ILE HB 206 -66.27 -51.97 50.73
C ILE HB 206 -67.41 -51.14 50.18
N TYR HB 207 -67.11 -50.00 49.58
CA TYR HB 207 -68.10 -49.11 49.01
C TYR HB 207 -68.15 -49.27 47.50
N ASP HB 208 -69.30 -48.91 46.93
CA ASP HB 208 -69.45 -48.95 45.49
C ASP HB 208 -68.71 -47.79 44.84
N GLN HB 209 -67.96 -48.11 43.78
CA GLN HB 209 -67.19 -47.12 43.03
C GLN HB 209 -67.85 -46.94 41.67
N GLU HB 210 -68.47 -45.79 41.47
CA GLU HB 210 -69.14 -45.47 40.22
C GLU HB 210 -68.31 -44.50 39.41
N TYR HB 211 -68.46 -44.59 38.09
CA TYR HB 211 -67.76 -43.73 37.15
C TYR HB 211 -68.68 -43.40 35.99
N ASN HB 212 -68.50 -42.20 35.45
CA ASN HB 212 -69.13 -41.77 34.21
C ASN HB 212 -68.04 -41.70 33.16
N ILE HB 213 -68.07 -42.63 32.21
CA ILE HB 213 -67.01 -42.78 31.23
C ILE HB 213 -67.42 -42.05 29.96
N ARG HB 214 -66.58 -41.12 29.53
CA ARG HB 214 -66.79 -40.32 28.33
C ARG HB 214 -65.71 -40.70 27.33
N VAL HB 215 -66.13 -41.36 26.25
CA VAL HB 215 -65.24 -41.73 25.16
C VAL HB 215 -65.41 -40.71 24.06
N THR HB 216 -64.28 -40.20 23.57
CA THR HB 216 -64.23 -39.24 22.48
C THR HB 216 -63.35 -39.83 21.40
N MET HB 217 -63.94 -40.03 20.22
CA MET HB 217 -63.22 -40.53 19.06
C MET HB 217 -62.93 -39.40 18.08
N TYR HB 218 -61.67 -39.29 17.71
CA TYR HB 218 -61.22 -38.32 16.72
C TYR HB 218 -61.09 -39.03 15.38
N VAL HB 219 -62.03 -38.76 14.49
CA VAL HB 219 -62.18 -39.51 13.26
C VAL HB 219 -61.82 -38.63 12.07
N GLN HB 220 -61.67 -39.26 10.93
CA GLN HB 220 -61.30 -38.61 9.68
C GLN HB 220 -62.09 -39.29 8.59
N PHE HB 221 -62.97 -38.54 7.96
CA PHE HB 221 -63.84 -39.04 6.91
C PHE HB 221 -63.29 -38.66 5.53
N ARG HB 222 -63.92 -39.20 4.50
CA ARG HB 222 -63.49 -39.01 3.13
C ARG HB 222 -64.67 -39.21 2.20
N GLU HB 223 -64.63 -38.49 1.08
CA GLU HB 223 -65.59 -38.65 -0.01
C GLU HB 223 -67.02 -38.33 0.43
N PHE HB 224 -67.23 -37.04 0.67
CA PHE HB 224 -68.54 -36.44 0.81
C PHE HB 224 -69.49 -36.97 -0.24
N ASN HB 225 -70.60 -37.58 0.20
CA ASN HB 225 -71.48 -38.33 -0.69
C ASN HB 225 -72.94 -37.98 -0.44
N LEU HB 226 -73.22 -36.71 -0.26
CA LEU HB 226 -74.60 -36.30 -0.03
C LEU HB 226 -75.45 -36.56 -1.25
N LYS HB 227 -76.69 -36.97 -1.02
CA LYS HB 227 -77.66 -37.24 -2.07
C LYS HB 227 -78.85 -36.32 -1.89
N ASP HB 228 -79.21 -35.62 -2.96
CA ASP HB 228 -80.22 -34.57 -2.93
C ASP HB 228 -81.30 -34.89 -3.95
N PRO HB 229 -82.27 -35.72 -3.59
CA PRO HB 229 -83.41 -35.93 -4.47
C PRO HB 229 -84.34 -34.74 -4.46
N PRO HB 230 -85.27 -34.66 -5.41
CA PRO HB 230 -86.27 -33.59 -5.35
C PRO HB 230 -87.25 -33.76 -4.20
N LEU HB 231 -88.21 -32.85 -4.10
CA LEU HB 231 -89.20 -32.87 -3.03
C LEU HB 231 -90.58 -32.47 -3.54
C1 SGN IB . 83.52 -11.77 48.36
C2 SGN IB . 84.77 -11.78 47.45
C3 SGN IB . 85.75 -10.63 47.77
C4 SGN IB . 84.97 -9.29 47.71
C5 SGN IB . 83.86 -9.41 48.79
C6 SGN IB . 83.04 -8.10 48.88
N2 SGN IB . 85.50 -13.04 47.57
O1 SGN IB . 84.02 -12.12 49.66
O3 SGN IB . 86.87 -10.69 46.88
O4 SGN IB . 85.77 -8.08 47.86
O5 SGN IB . 82.92 -10.45 48.43
O6 SGN IB . 82.51 -7.77 47.59
S1 SGN IB . 86.59 -13.64 46.29
O1S SGN IB . 86.39 -12.79 45.13
O2S SGN IB . 86.20 -15.02 46.15
O3S SGN IB . 87.91 -13.54 46.90
S2 SGN IB . 81.55 -6.62 47.48
O4S SGN IB . 80.32 -7.12 48.06
O5S SGN IB . 81.49 -6.39 46.04
O6S SGN IB . 82.16 -5.52 48.22
C1 IDS IB . 86.58 -7.77 46.69
C2 IDS IB . 86.83 -6.23 46.56
C3 IDS IB . 87.98 -5.75 47.49
C4 IDS IB . 89.22 -6.67 47.35
C5 IDS IB . 88.76 -8.12 47.63
C6 IDS IB . 89.95 -9.05 47.56
O2 IDS IB . 87.17 -5.89 45.21
O3 IDS IB . 87.55 -5.77 48.87
O4 IDS IB . 89.79 -6.60 46.02
O5 IDS IB . 87.82 -8.48 46.61
O6A IDS IB . 89.83 -10.12 46.89
O6B IDS IB . 91.01 -8.72 48.17
S IDS IB . 86.08 -5.54 44.21
O1S IDS IB . 84.97 -6.44 44.46
O2S IDS IB . 86.72 -5.74 42.93
O3S IDS IB . 85.77 -4.16 44.51
C1 SGN IB . 90.85 -5.61 45.88
C2 SGN IB . 90.90 -5.05 44.44
C3 SGN IB . 91.60 -6.01 43.45
C4 SGN IB . 92.98 -6.40 44.04
C5 SGN IB . 92.69 -7.13 45.38
C6 SGN IB . 93.98 -7.74 45.97
N2 SGN IB . 89.55 -4.78 43.96
O3 SGN IB . 91.67 -5.37 42.16
O4 SGN IB . 93.77 -7.16 43.08
O5 SGN IB . 92.12 -6.18 46.31
O6 SGN IB . 95.06 -6.79 46.05
S1 SGN IB . 89.18 -3.53 42.76
O1S SGN IB . 89.20 -4.27 41.51
O2S SGN IB . 87.84 -3.08 43.09
O3S SGN IB . 90.25 -2.55 42.85
S2 SGN IB . 95.29 -6.05 47.34
O4S SGN IB . 96.12 -4.93 46.94
O5S SGN IB . 94.00 -5.66 47.85
O6S SGN IB . 95.98 -7.02 48.18
C1 IDS IB . 94.57 -6.33 42.18
C2 IDS IB . 96.06 -6.27 42.60
C3 IDS IB . 96.82 -7.56 42.16
C4 IDS IB . 96.57 -7.88 40.66
C5 IDS IB . 95.04 -7.96 40.45
C6 IDS IB . 94.77 -8.27 39.00
O2 IDS IB . 96.75 -5.14 42.04
O3 IDS IB . 96.37 -8.70 42.93
O4 IDS IB . 97.16 -6.88 39.79
O5 IDS IB . 94.43 -6.70 40.79
O6A IDS IB . 94.21 -7.39 38.29
O6B IDS IB . 95.13 -9.40 38.56
S IDS IB . 96.34 -3.73 42.41
O1S IDS IB . 95.47 -3.32 41.33
O2S IDS IB . 95.69 -3.81 43.71
O3S IDS IB . 97.60 -3.01 42.44
#